data_9N4V
#
_entry.id   9N4V
#
_cell.length_a   1.00
_cell.length_b   1.00
_cell.length_c   1.00
_cell.angle_alpha   90.00
_cell.angle_beta   90.00
_cell.angle_gamma   90.00
#
_symmetry.space_group_name_H-M   'P 1'
#
loop_
_entity.id
_entity.type
_entity.pdbx_description
1 polymer 'DUF877 family protein'
2 polymer 'Type VI secretion system contractile sheath small subunit'
3 water water
#
loop_
_entity_poly.entity_id
_entity_poly.type
_entity_poly.pdbx_seq_one_letter_code
_entity_poly.pdbx_strand_id
1 'polypeptide(L)'
;MAQPSAGETQASENITLSLLDRIIAEGRMAHDDSQQDYARDMLAEFATQVLDEGMAIDKDTVSMINDRIAQIDALIGAQL
DEILHHPELQKLEASWRGLHMLVKNTETGARLKLRLLNVTQKELLIDLEKAVEFDQSALFKKIYEEEYGTFGGHPFSLLV
GDYSFGRHPQDIGLLEKLSNVAAAAHAPFIAAASPRLFDMGSFTELAVPRDLAKIFESQELIKWRAFRESEDSRYVSLVL
PHVLLRLPYGPDTCPVEGMDYVEDVNGRDHARYLWGNAAWALTQRITEAFARYGWCAAIRGVEGGGAVEGLPAHSFRTSS
GDLSLKCPTEVAITDRREKELDALGFIALCHKKNSDLAVFFGSQTTNRPRVYNTNEANANARISAMLPYVLAASRFAHYL
KVIMRDKVGSFMTRDNVQTYLNNWIADYVLINDNAPQEIKAQYPLREARVDVSEVVGKPGVYRATVFLRPHFQLEELTAS
IRLVATLPPPAAA
;
A,C,E,G,I,K,M,O,Q,S,U,W,Y,a,c,e,g,i,k,m,o,q,s,u
2 'polypeptide(L)'
;MAESTQHKLDRIRPPRVQITYDVETGNAIEKKELPLVVGILADLSGKPEKPLPKLMERRFVEINRDNFNDVLASIAPRAA
LQVDNTLSQDGSKLNIELHFDHIDDFDPVNIVRQVTPLRRLFEARQRLRDLLTKLDGNDDLDKLLQDVVANTEGLQEIRS
ARPQAENPAGAPGAEPAADEPAAEPQA
;
B,D,F,H,J,L,N,P,R,T,V,X,Z,b,d,f,h,j,l,n,p,r,t,v
#
# COMPACT_ATOMS: atom_id res chain seq x y z
N GLN A 90 13.23 -46.14 98.62
CA GLN A 90 13.87 -45.43 97.52
C GLN A 90 12.97 -45.36 96.30
N LYS A 91 12.48 -46.52 95.85
CA LYS A 91 11.65 -46.56 94.65
C LYS A 91 10.35 -45.80 94.85
N LEU A 92 9.71 -45.96 96.01
CA LEU A 92 8.52 -45.18 96.31
C LEU A 92 8.85 -43.72 96.49
N GLU A 93 9.92 -43.41 97.24
CA GLU A 93 10.29 -42.02 97.47
C GLU A 93 10.65 -41.32 96.17
N ALA A 94 11.38 -42.00 95.29
CA ALA A 94 11.76 -41.41 94.01
C ALA A 94 10.53 -41.08 93.18
N SER A 95 9.54 -41.97 93.17
CA SER A 95 8.30 -41.70 92.44
C SER A 95 7.56 -40.49 93.01
N TRP A 96 7.44 -40.42 94.33
CA TRP A 96 6.73 -39.31 94.94
C TRP A 96 7.52 -38.01 94.80
N ARG A 97 8.84 -38.06 94.98
CA ARG A 97 9.64 -36.85 94.84
C ARG A 97 9.68 -36.36 93.41
N GLY A 98 9.79 -37.28 92.45
CA GLY A 98 9.71 -36.88 91.06
C GLY A 98 8.38 -36.25 90.72
N LEU A 99 7.28 -36.84 91.22
CA LEU A 99 5.97 -36.27 91.02
C LEU A 99 5.85 -34.91 91.69
N HIS A 100 6.35 -34.79 92.92
CA HIS A 100 6.26 -33.51 93.64
C HIS A 100 7.01 -32.42 92.91
N MET A 101 8.21 -32.73 92.41
CA MET A 101 8.98 -31.75 91.64
C MET A 101 8.23 -31.30 90.39
N LEU A 102 7.61 -32.24 89.67
CA LEU A 102 6.86 -31.88 88.48
C LEU A 102 5.68 -30.97 88.83
N VAL A 103 4.94 -31.34 89.87
CA VAL A 103 3.76 -30.55 90.26
C VAL A 103 4.18 -29.16 90.71
N LYS A 104 5.22 -29.07 91.54
CA LYS A 104 5.65 -27.79 92.08
C LYS A 104 6.20 -26.86 91.00
N ASN A 105 6.82 -27.42 89.97
CA ASN A 105 7.47 -26.63 88.93
C ASN A 105 6.58 -26.41 87.70
N THR A 106 5.33 -26.85 87.74
CA THR A 106 4.41 -26.69 86.63
C THR A 106 3.38 -25.63 86.97
N GLU A 107 3.20 -24.67 86.05
CA GLU A 107 2.22 -23.60 86.23
C GLU A 107 0.82 -24.13 85.91
N THR A 108 0.31 -24.95 86.83
CA THR A 108 -1.05 -25.46 86.69
C THR A 108 -2.06 -24.32 86.81
N GLY A 109 -3.20 -24.50 86.15
CA GLY A 109 -4.22 -23.45 86.16
C GLY A 109 -5.31 -23.74 85.16
N ALA A 110 -5.95 -22.68 84.68
CA ALA A 110 -7.03 -22.84 83.72
C ALA A 110 -6.55 -23.52 82.45
N ARG A 111 -5.34 -23.18 82.01
CA ARG A 111 -4.80 -23.66 80.74
C ARG A 111 -3.97 -24.93 80.85
N LEU A 112 -3.66 -25.38 82.05
CA LEU A 112 -2.72 -26.48 82.24
C LEU A 112 -3.17 -27.33 83.41
N LYS A 113 -3.42 -28.61 83.16
CA LYS A 113 -3.90 -29.54 84.19
C LYS A 113 -3.04 -30.78 84.23
N LEU A 114 -2.79 -31.27 85.43
CA LEU A 114 -2.14 -32.55 85.66
C LEU A 114 -3.16 -33.50 86.30
N ARG A 115 -3.28 -34.69 85.74
CA ARG A 115 -4.21 -35.70 86.25
C ARG A 115 -3.44 -37.00 86.50
N LEU A 116 -3.67 -37.62 87.64
CA LEU A 116 -2.84 -38.71 88.13
C LEU A 116 -3.67 -39.98 88.26
N LEU A 117 -3.16 -41.08 87.70
CA LEU A 117 -3.75 -42.40 87.85
C LEU A 117 -2.76 -43.29 88.60
N ASN A 118 -3.14 -43.72 89.79
CA ASN A 118 -2.29 -44.55 90.63
C ASN A 118 -2.50 -46.01 90.23
N VAL A 119 -1.49 -46.61 89.60
CA VAL A 119 -1.61 -47.95 89.04
C VAL A 119 -0.21 -48.52 88.86
N THR A 120 -0.06 -49.81 89.13
CA THR A 120 1.22 -50.48 88.97
C THR A 120 1.40 -50.96 87.53
N GLN A 121 2.64 -51.28 87.18
CA GLN A 121 2.95 -51.77 85.84
C GLN A 121 2.24 -53.09 85.56
N LYS A 122 2.21 -53.99 86.55
CA LYS A 122 1.54 -55.27 86.39
C LYS A 122 0.04 -55.09 86.18
N GLU A 123 -0.57 -54.14 86.91
CA GLU A 123 -1.99 -53.88 86.73
C GLU A 123 -2.30 -53.37 85.32
N LEU A 124 -1.45 -52.47 84.81
CA LEU A 124 -1.62 -52.01 83.43
C LEU A 124 -1.50 -53.17 82.44
N LEU A 125 -0.51 -54.03 82.64
CA LEU A 125 -0.33 -55.17 81.76
C LEU A 125 -1.56 -56.06 81.77
N ILE A 126 -2.08 -56.34 82.97
CA ILE A 126 -3.25 -57.21 83.09
C ILE A 126 -4.46 -56.58 82.41
N ASP A 127 -4.70 -55.28 82.69
CA ASP A 127 -5.85 -54.60 82.11
C ASP A 127 -5.78 -54.62 80.59
N LEU A 128 -4.60 -54.38 80.02
CA LEU A 128 -4.48 -54.31 78.58
C LEU A 128 -4.53 -55.69 77.92
N GLU A 129 -3.97 -56.70 78.57
CA GLU A 129 -3.95 -58.04 77.98
C GLU A 129 -5.30 -58.74 78.09
N LYS A 130 -6.03 -58.53 79.19
CA LYS A 130 -7.26 -59.28 79.44
C LYS A 130 -8.50 -58.61 78.86
N ALA A 131 -8.36 -57.44 78.27
CA ALA A 131 -9.51 -56.77 77.69
C ALA A 131 -10.11 -57.61 76.57
N VAL A 132 -11.44 -57.67 76.52
CA VAL A 132 -12.12 -58.45 75.49
C VAL A 132 -11.76 -57.91 74.10
N GLU A 133 -11.78 -56.58 73.95
CA GLU A 133 -11.39 -55.92 72.71
C GLU A 133 -10.49 -54.75 73.06
N PHE A 134 -9.78 -54.21 72.07
CA PHE A 134 -8.80 -53.17 72.34
C PHE A 134 -9.43 -51.94 72.96
N ASP A 135 -10.69 -51.65 72.64
CA ASP A 135 -11.36 -50.47 73.15
C ASP A 135 -12.09 -50.72 74.47
N GLN A 136 -11.96 -51.90 75.04
CA GLN A 136 -12.67 -52.25 76.26
C GLN A 136 -11.80 -52.15 77.52
N SER A 137 -10.50 -51.93 77.37
CA SER A 137 -9.61 -51.86 78.53
C SER A 137 -9.92 -50.62 79.36
N ALA A 138 -9.64 -50.71 80.66
CA ALA A 138 -9.84 -49.58 81.55
C ALA A 138 -9.03 -48.38 81.08
N LEU A 139 -7.79 -48.62 80.65
CA LEU A 139 -6.96 -47.53 80.15
C LEU A 139 -7.57 -46.89 78.92
N PHE A 140 -8.05 -47.69 77.97
CA PHE A 140 -8.68 -47.11 76.79
C PHE A 140 -9.89 -46.27 77.17
N LYS A 141 -10.76 -46.81 78.03
CA LYS A 141 -11.92 -46.04 78.46
C LYS A 141 -11.49 -44.70 79.05
N LYS A 142 -10.59 -44.75 80.03
CA LYS A 142 -10.25 -43.55 80.79
C LYS A 142 -9.53 -42.52 79.94
N ILE A 143 -8.66 -42.96 79.03
CA ILE A 143 -7.84 -42.03 78.27
C ILE A 143 -8.56 -41.57 77.00
N TYR A 144 -9.09 -42.50 76.21
CA TYR A 144 -9.77 -42.14 74.97
C TYR A 144 -11.21 -41.73 75.24
N GLU A 145 -12.04 -42.64 75.76
CA GLU A 145 -13.47 -42.43 75.69
C GLU A 145 -13.90 -41.29 76.60
N GLU A 146 -13.37 -41.23 77.81
CA GLU A 146 -13.88 -40.29 78.79
C GLU A 146 -13.48 -38.85 78.49
N GLU A 147 -12.39 -38.62 77.76
CA GLU A 147 -11.98 -37.26 77.44
C GLU A 147 -12.00 -36.98 75.96
N TYR A 148 -11.20 -37.69 75.16
CA TYR A 148 -11.12 -37.38 73.74
C TYR A 148 -12.43 -37.71 73.03
N GLY A 149 -13.09 -38.79 73.44
CA GLY A 149 -14.29 -39.25 72.76
C GLY A 149 -15.60 -38.86 73.41
N THR A 150 -15.60 -37.87 74.28
CA THR A 150 -16.82 -37.43 74.97
C THR A 150 -17.06 -35.95 74.75
N PHE A 151 -18.32 -35.60 74.49
CA PHE A 151 -18.73 -34.20 74.37
C PHE A 151 -18.36 -33.43 75.63
N GLY A 152 -17.59 -32.36 75.46
CA GLY A 152 -17.14 -31.56 76.58
C GLY A 152 -15.86 -32.02 77.24
N GLY A 153 -15.26 -33.12 76.77
CA GLY A 153 -14.02 -33.58 77.37
C GLY A 153 -12.83 -32.73 76.98
N HIS A 154 -11.82 -32.73 77.87
CA HIS A 154 -10.54 -32.08 77.59
C HIS A 154 -9.53 -33.17 77.30
N PRO A 155 -9.18 -33.41 76.03
CA PRO A 155 -8.35 -34.57 75.70
C PRO A 155 -7.00 -34.52 76.39
N PHE A 156 -6.52 -35.68 76.80
CA PHE A 156 -5.17 -35.80 77.32
C PHE A 156 -4.17 -35.40 76.24
N SER A 157 -3.36 -34.39 76.53
CA SER A 157 -2.34 -33.96 75.58
C SER A 157 -1.13 -34.89 75.57
N LEU A 158 -0.80 -35.47 76.72
CA LEU A 158 0.44 -36.21 76.90
C LEU A 158 0.22 -37.23 78.02
N LEU A 159 0.95 -38.34 77.95
CA LEU A 159 0.96 -39.33 79.01
C LEU A 159 2.40 -39.57 79.45
N VAL A 160 2.65 -39.54 80.74
CA VAL A 160 3.95 -39.87 81.29
C VAL A 160 3.80 -41.08 82.20
N GLY A 161 4.59 -42.10 81.95
CA GLY A 161 4.58 -43.29 82.78
C GLY A 161 5.84 -43.38 83.62
N ASP A 162 5.68 -43.42 84.93
CA ASP A 162 6.81 -43.60 85.85
C ASP A 162 7.18 -45.08 85.94
N TYR A 163 7.60 -45.63 84.80
CA TYR A 163 8.01 -47.01 84.71
C TYR A 163 9.24 -47.11 83.83
N SER A 164 9.99 -48.19 84.03
CA SER A 164 11.13 -48.53 83.18
C SER A 164 10.78 -49.77 82.37
N PHE A 165 11.23 -49.80 81.12
CA PHE A 165 10.90 -50.88 80.20
C PHE A 165 12.18 -51.57 79.76
N GLY A 166 12.29 -52.86 80.05
CA GLY A 166 13.43 -53.67 79.66
C GLY A 166 13.18 -54.45 78.39
N ARG A 167 14.01 -55.46 78.16
CA ARG A 167 13.89 -56.31 76.99
C ARG A 167 12.95 -57.48 77.20
N HIS A 168 12.35 -57.60 78.39
CA HIS A 168 11.49 -58.72 78.69
C HIS A 168 10.28 -58.74 77.75
N PRO A 169 9.82 -59.92 77.33
CA PRO A 169 8.67 -59.96 76.41
C PRO A 169 7.44 -59.26 76.94
N GLN A 170 7.15 -59.37 78.23
CA GLN A 170 5.98 -58.67 78.76
C GLN A 170 6.20 -57.17 78.79
N ASP A 171 7.44 -56.71 78.97
CA ASP A 171 7.71 -55.27 78.91
C ASP A 171 7.41 -54.72 77.52
N ILE A 172 7.90 -55.39 76.48
CA ILE A 172 7.66 -54.92 75.12
C ILE A 172 6.18 -55.07 74.75
N GLY A 173 5.53 -56.13 75.24
CA GLY A 173 4.10 -56.27 74.99
C GLY A 173 3.29 -55.16 75.61
N LEU A 174 3.61 -54.81 76.86
CA LEU A 174 2.95 -53.69 77.52
C LEU A 174 3.22 -52.39 76.77
N LEU A 175 4.45 -52.19 76.31
CA LEU A 175 4.76 -51.00 75.53
C LEU A 175 3.91 -50.94 74.25
N GLU A 176 3.73 -52.08 73.59
CA GLU A 176 2.91 -52.12 72.38
C GLU A 176 1.46 -51.75 72.67
N LYS A 177 0.87 -52.35 73.71
CA LYS A 177 -0.51 -52.02 74.07
C LYS A 177 -0.66 -50.56 74.46
N LEU A 178 0.27 -50.04 75.26
CA LEU A 178 0.25 -48.64 75.64
C LEU A 178 0.35 -47.74 74.41
N SER A 179 1.20 -48.12 73.45
CA SER A 179 1.32 -47.35 72.23
C SER A 179 -0.01 -47.34 71.47
N ASN A 180 -0.72 -48.46 71.47
CA ASN A 180 -2.01 -48.50 70.79
C ASN A 180 -2.99 -47.52 71.43
N VAL A 181 -3.07 -47.54 72.77
CA VAL A 181 -3.98 -46.61 73.45
C VAL A 181 -3.55 -45.16 73.20
N ALA A 182 -2.25 -44.88 73.29
CA ALA A 182 -1.76 -43.54 73.06
C ALA A 182 -2.04 -43.06 71.64
N ALA A 183 -1.86 -43.93 70.66
CA ALA A 183 -2.14 -43.58 69.28
C ALA A 183 -3.62 -43.29 69.07
N ALA A 184 -4.50 -44.10 69.66
CA ALA A 184 -5.93 -43.89 69.47
C ALA A 184 -6.35 -42.51 69.93
N ALA A 185 -5.85 -42.08 71.10
CA ALA A 185 -6.22 -40.79 71.66
C ALA A 185 -5.30 -39.65 71.22
N HIS A 186 -4.32 -39.92 70.36
CA HIS A 186 -3.33 -38.92 69.97
C HIS A 186 -2.67 -38.28 71.19
N ALA A 187 -2.21 -39.13 72.11
CA ALA A 187 -1.63 -38.68 73.37
C ALA A 187 -0.29 -39.36 73.55
N PRO A 188 0.79 -38.76 73.09
CA PRO A 188 2.11 -39.42 73.14
C PRO A 188 2.48 -39.83 74.57
N PHE A 189 3.11 -40.99 74.67
CA PHE A 189 3.44 -41.62 75.94
C PHE A 189 4.95 -41.54 76.16
N ILE A 190 5.36 -41.17 77.36
CA ILE A 190 6.77 -41.02 77.72
C ILE A 190 7.04 -41.86 78.96
N ALA A 191 8.08 -42.68 78.88
CA ALA A 191 8.51 -43.49 80.03
C ALA A 191 10.04 -43.60 79.97
N ALA A 192 10.59 -44.50 80.78
CA ALA A 192 12.02 -44.66 80.91
C ALA A 192 12.48 -45.98 80.31
N ALA A 193 13.70 -45.97 79.76
CA ALA A 193 14.35 -47.17 79.30
C ALA A 193 15.09 -47.81 80.46
N SER A 194 14.89 -49.10 80.65
CA SER A 194 15.65 -49.81 81.67
C SER A 194 17.06 -50.10 81.17
N PRO A 195 18.05 -50.13 82.07
CA PRO A 195 19.38 -50.61 81.64
C PRO A 195 19.35 -52.04 81.16
N ARG A 196 18.39 -52.85 81.61
CA ARG A 196 18.28 -54.20 81.11
C ARG A 196 17.94 -54.25 79.62
N LEU A 197 17.33 -53.18 79.09
CA LEU A 197 17.12 -53.11 77.65
C LEU A 197 18.44 -53.13 76.89
N PHE A 198 19.50 -52.60 77.51
CA PHE A 198 20.83 -52.57 76.93
C PHE A 198 21.70 -53.72 77.42
N ASP A 199 21.11 -54.71 78.10
CA ASP A 199 21.85 -55.80 78.73
C ASP A 199 22.89 -55.27 79.72
N MET A 200 22.48 -54.26 80.49
CA MET A 200 23.32 -53.63 81.50
C MET A 200 22.64 -53.71 82.85
N GLY A 201 23.43 -53.90 83.90
CA GLY A 201 22.89 -53.81 85.24
C GLY A 201 22.58 -52.39 85.65
N SER A 202 23.32 -51.43 85.12
CA SER A 202 23.15 -50.03 85.46
C SER A 202 23.64 -49.19 84.29
N PHE A 203 23.09 -47.99 84.17
CA PHE A 203 23.54 -47.10 83.10
C PHE A 203 24.93 -46.52 83.36
N THR A 204 25.53 -46.81 84.52
CA THR A 204 26.94 -46.46 84.71
C THR A 204 27.83 -47.22 83.73
N GLU A 205 27.32 -48.29 83.12
CA GLU A 205 28.05 -49.06 82.12
C GLU A 205 27.80 -48.58 80.70
N LEU A 206 27.09 -47.46 80.52
CA LEU A 206 26.66 -47.04 79.18
C LEU A 206 27.84 -46.70 78.28
N ALA A 207 28.96 -46.24 78.86
CA ALA A 207 30.11 -45.87 78.03
C ALA A 207 31.00 -47.06 77.70
N VAL A 208 30.73 -48.23 78.26
CA VAL A 208 31.60 -49.40 78.09
C VAL A 208 31.55 -49.98 76.68
N PRO A 209 30.39 -50.31 76.11
CA PRO A 209 30.39 -50.96 74.79
C PRO A 209 31.00 -50.08 73.73
N ARG A 210 31.73 -50.71 72.80
CA ARG A 210 32.29 -49.96 71.67
C ARG A 210 31.17 -49.45 70.77
N ASP A 211 30.20 -50.29 70.44
CA ASP A 211 29.13 -49.96 69.51
C ASP A 211 27.79 -50.32 70.11
N LEU A 212 26.96 -49.31 70.39
CA LEU A 212 25.66 -49.55 70.99
C LEU A 212 24.72 -50.27 70.02
N ALA A 213 24.75 -49.90 68.74
CA ALA A 213 23.84 -50.50 67.77
C ALA A 213 24.02 -52.01 67.69
N LYS A 214 25.24 -52.49 67.91
CA LYS A 214 25.50 -53.92 67.91
C LYS A 214 24.69 -54.65 68.97
N ILE A 215 24.47 -54.02 70.12
CA ILE A 215 23.69 -54.63 71.20
C ILE A 215 22.29 -54.97 70.70
N PHE A 216 21.69 -54.08 69.92
CA PHE A 216 20.30 -54.21 69.53
C PHE A 216 20.11 -55.12 68.32
N GLU A 217 21.16 -55.83 67.90
CA GLU A 217 21.04 -56.89 66.91
C GLU A 217 20.72 -58.23 67.54
N SER A 218 20.71 -58.30 68.86
CA SER A 218 20.56 -59.57 69.57
C SER A 218 19.19 -60.19 69.29
N GLN A 219 19.17 -61.53 69.27
CA GLN A 219 17.91 -62.25 69.14
C GLN A 219 16.96 -61.98 70.29
N GLU A 220 17.48 -61.56 71.44
CA GLU A 220 16.61 -61.17 72.55
C GLU A 220 15.84 -59.88 72.26
N LEU A 221 16.22 -59.12 71.24
CA LEU A 221 15.58 -57.85 70.93
C LEU A 221 14.76 -57.91 69.65
N ILE A 222 14.33 -59.10 69.24
CA ILE A 222 13.46 -59.24 68.08
C ILE A 222 12.16 -58.48 68.29
N LYS A 223 11.54 -58.66 69.45
CA LYS A 223 10.26 -58.00 69.72
C LYS A 223 10.43 -56.50 69.77
N TRP A 224 11.53 -56.01 70.36
CA TRP A 224 11.77 -54.58 70.42
C TRP A 224 11.94 -53.98 69.02
N ARG A 225 12.68 -54.67 68.15
CA ARG A 225 12.85 -54.16 66.78
C ARG A 225 11.51 -54.16 66.04
N ALA A 226 10.71 -55.21 66.21
CA ALA A 226 9.39 -55.24 65.61
C ALA A 226 8.53 -54.08 66.12
N PHE A 227 8.59 -53.80 67.42
CA PHE A 227 7.85 -52.68 67.98
C PHE A 227 8.30 -51.37 67.34
N ARG A 228 9.61 -51.19 67.20
CA ARG A 228 10.13 -49.98 66.56
C ARG A 228 9.58 -49.83 65.15
N GLU A 229 9.37 -50.95 64.44
CA GLU A 229 8.83 -50.85 63.09
C GLU A 229 7.33 -50.50 63.06
N SER A 230 6.61 -50.65 64.17
CA SER A 230 5.18 -50.42 64.15
C SER A 230 4.85 -48.95 64.00
N GLU A 231 3.67 -48.67 63.44
CA GLU A 231 3.23 -47.29 63.28
C GLU A 231 3.02 -46.60 64.62
N ASP A 232 2.36 -47.27 65.56
CA ASP A 232 1.99 -46.62 66.81
C ASP A 232 3.18 -46.39 67.74
N SER A 233 4.37 -46.90 67.39
CA SER A 233 5.55 -46.64 68.22
C SER A 233 5.96 -45.17 68.21
N ARG A 234 5.49 -44.37 67.25
CA ARG A 234 5.78 -42.94 67.28
C ARG A 234 5.10 -42.24 68.45
N TYR A 235 4.19 -42.89 69.14
CA TYR A 235 3.55 -42.36 70.34
C TYR A 235 4.20 -42.84 71.62
N VAL A 236 5.39 -43.42 71.53
CA VAL A 236 6.15 -43.87 72.70
C VAL A 236 7.55 -43.28 72.61
N SER A 237 7.98 -42.60 73.66
CA SER A 237 9.34 -42.13 73.79
C SER A 237 9.93 -42.68 75.08
N LEU A 238 11.19 -43.11 75.02
CA LEU A 238 11.88 -43.66 76.18
C LEU A 238 13.10 -42.81 76.48
N VAL A 239 13.22 -42.38 77.74
CA VAL A 239 14.29 -41.50 78.17
C VAL A 239 15.27 -42.28 79.03
N LEU A 240 16.52 -41.81 79.03
CA LEU A 240 17.58 -42.39 79.85
C LEU A 240 18.67 -41.35 80.03
N PRO A 241 19.53 -41.51 81.04
CA PRO A 241 19.48 -42.45 82.15
C PRO A 241 18.73 -41.83 83.33
N HIS A 242 18.91 -42.33 84.55
CA HIS A 242 18.24 -41.75 85.70
C HIS A 242 18.85 -40.40 86.07
N VAL A 243 18.07 -39.60 86.77
CA VAL A 243 18.48 -38.28 87.21
C VAL A 243 18.48 -38.24 88.73
N LEU A 244 19.51 -37.63 89.30
CA LEU A 244 19.64 -37.54 90.75
C LEU A 244 18.57 -36.61 91.30
N LEU A 245 17.84 -37.07 92.30
CA LEU A 245 16.80 -36.26 92.92
C LEU A 245 17.34 -35.64 94.21
N ALA A 271 23.99 -47.37 94.41
CA ALA A 271 22.55 -47.32 94.57
C ALA A 271 22.14 -46.57 95.84
N ARG A 272 23.13 -45.96 96.50
CA ARG A 272 22.86 -45.21 97.71
C ARG A 272 22.30 -43.82 97.45
N TYR A 273 22.31 -43.37 96.19
CA TYR A 273 21.72 -42.09 95.84
C TYR A 273 20.28 -42.29 95.39
N LEU A 274 19.47 -41.24 95.55
CA LEU A 274 18.06 -41.29 95.17
C LEU A 274 17.93 -40.97 93.69
N TRP A 275 17.88 -42.00 92.86
CA TRP A 275 17.79 -41.85 91.42
C TRP A 275 16.33 -41.85 90.99
N GLY A 276 15.94 -40.88 90.17
CA GLY A 276 14.59 -40.75 89.70
C GLY A 276 14.48 -41.00 88.19
N ASN A 277 13.24 -41.13 87.75
CA ASN A 277 12.94 -41.29 86.34
C ASN A 277 13.15 -39.97 85.61
N ALA A 278 13.90 -39.99 84.51
CA ALA A 278 14.13 -38.77 83.74
C ALA A 278 12.88 -38.36 82.95
N ALA A 279 11.87 -39.23 82.88
CA ALA A 279 10.61 -38.85 82.26
C ALA A 279 9.97 -37.67 82.98
N TRP A 280 10.15 -37.58 84.31
CA TRP A 280 9.66 -36.41 85.03
C TRP A 280 10.33 -35.14 84.52
N ALA A 281 11.64 -35.18 84.31
CA ALA A 281 12.36 -34.00 83.82
C ALA A 281 11.92 -33.61 82.41
N LEU A 282 11.76 -34.60 81.52
CA LEU A 282 11.28 -34.28 80.18
C LEU A 282 9.86 -33.71 80.22
N THR A 283 9.00 -34.31 81.05
CA THR A 283 7.64 -33.79 81.20
C THR A 283 7.66 -32.35 81.69
N GLN A 284 8.57 -32.04 82.62
CA GLN A 284 8.70 -30.67 83.11
C GLN A 284 9.12 -29.73 81.99
N ARG A 285 10.04 -30.17 81.14
CA ARG A 285 10.39 -29.37 79.96
C ARG A 285 9.17 -29.10 79.10
N ILE A 286 8.33 -30.12 78.91
CA ILE A 286 7.14 -29.98 78.07
C ILE A 286 6.15 -28.99 78.69
N THR A 287 5.91 -29.11 80.01
CA THR A 287 4.94 -28.22 80.65
C THR A 287 5.46 -26.79 80.72
N GLU A 288 6.76 -26.61 80.93
CA GLU A 288 7.32 -25.27 80.87
C GLU A 288 7.18 -24.65 79.48
N ALA A 289 7.47 -25.44 78.44
CA ALA A 289 7.30 -24.94 77.08
C ALA A 289 5.86 -24.53 76.84
N PHE A 290 4.91 -25.36 77.26
CA PHE A 290 3.50 -24.98 77.07
C PHE A 290 3.16 -23.71 77.85
N ALA A 291 3.62 -23.61 79.09
CA ALA A 291 3.29 -22.44 79.90
C ALA A 291 3.83 -21.16 79.27
N ARG A 292 5.06 -21.22 78.75
CA ARG A 292 5.67 -20.01 78.20
C ARG A 292 5.17 -19.69 76.80
N TYR A 293 4.91 -20.70 75.98
CA TYR A 293 4.68 -20.48 74.55
C TYR A 293 3.35 -21.00 74.02
N GLY A 294 2.63 -21.83 74.78
CA GLY A 294 1.39 -22.40 74.31
C GLY A 294 1.56 -23.63 73.43
N TRP A 295 2.79 -24.04 73.14
CA TRP A 295 3.07 -25.22 72.34
C TRP A 295 4.31 -25.90 72.90
N CYS A 296 4.46 -27.18 72.59
CA CYS A 296 5.44 -28.05 73.25
C CYS A 296 6.58 -28.46 72.32
N ALA A 297 6.87 -27.68 71.28
CA ALA A 297 7.97 -28.03 70.39
C ALA A 297 9.33 -27.75 71.03
N ALA A 298 9.46 -26.64 71.76
CA ALA A 298 10.74 -26.16 72.24
C ALA A 298 11.11 -26.92 73.52
N ILE A 299 11.51 -28.18 73.34
CA ILE A 299 11.82 -29.04 74.48
C ILE A 299 13.16 -29.74 74.32
N ARG A 300 14.08 -29.16 73.55
CA ARG A 300 15.37 -29.82 73.34
C ARG A 300 16.47 -28.80 73.12
N GLY A 301 17.67 -29.17 73.51
CA GLY A 301 18.84 -28.35 73.27
C GLY A 301 19.13 -27.37 74.39
N VAL A 302 20.34 -26.80 74.34
CA VAL A 302 20.77 -25.84 75.35
C VAL A 302 19.88 -24.61 75.32
N GLU A 303 19.59 -24.10 74.13
CA GLU A 303 18.80 -22.89 73.96
C GLU A 303 17.40 -23.15 73.45
N GLY A 304 17.07 -24.37 73.07
CA GLY A 304 15.78 -24.70 72.52
C GLY A 304 14.80 -25.31 73.50
N GLY A 305 15.06 -25.23 74.80
CA GLY A 305 14.14 -25.73 75.80
C GLY A 305 14.46 -27.08 76.40
N GLY A 306 15.63 -27.65 76.11
CA GLY A 306 16.02 -28.94 76.65
C GLY A 306 16.85 -28.91 77.93
N ALA A 307 17.08 -27.74 78.51
CA ALA A 307 17.99 -27.64 79.64
C ALA A 307 17.28 -27.98 80.95
N VAL A 308 17.85 -28.91 81.71
CA VAL A 308 17.38 -29.28 83.04
C VAL A 308 18.40 -28.72 84.03
N GLU A 309 18.04 -27.61 84.67
CA GLU A 309 18.97 -26.87 85.51
C GLU A 309 18.75 -27.16 86.98
N GLY A 310 19.72 -26.74 87.79
CA GLY A 310 19.60 -26.86 89.23
C GLY A 310 19.70 -28.25 89.78
N LEU A 311 20.42 -29.14 89.08
CA LEU A 311 20.58 -30.51 89.54
C LEU A 311 21.50 -30.56 90.76
N PRO A 312 21.37 -31.58 91.61
CA PRO A 312 22.29 -31.72 92.74
C PRO A 312 23.72 -31.92 92.25
N ALA A 313 24.64 -31.14 92.82
CA ALA A 313 26.06 -31.23 92.49
C ALA A 313 26.81 -31.65 93.75
N HIS A 314 26.97 -32.95 93.93
CA HIS A 314 27.64 -33.48 95.11
C HIS A 314 29.14 -33.57 94.89
N LYS A 326 30.74 -35.94 90.73
CA LYS A 326 29.75 -36.97 90.49
C LYS A 326 28.68 -36.53 89.50
N CYS A 327 28.48 -37.32 88.45
CA CYS A 327 27.47 -36.98 87.45
C CYS A 327 26.08 -37.03 88.07
N PRO A 328 25.30 -35.95 87.97
CA PRO A 328 23.88 -36.02 88.40
C PRO A 328 23.01 -36.86 87.49
N THR A 329 23.53 -37.39 86.39
CA THR A 329 22.77 -38.20 85.44
C THR A 329 23.35 -39.61 85.29
N GLU A 330 24.03 -40.10 86.33
CA GLU A 330 24.55 -41.46 86.44
C GLU A 330 25.74 -41.79 85.54
N VAL A 331 25.91 -41.03 84.46
CA VAL A 331 26.98 -41.34 83.50
C VAL A 331 27.11 -40.20 82.50
N ALA A 332 28.33 -39.86 82.14
CA ALA A 332 28.57 -38.87 81.09
C ALA A 332 28.26 -39.50 79.74
N ILE A 333 27.62 -38.73 78.86
CA ILE A 333 27.26 -39.19 77.54
C ILE A 333 27.93 -38.27 76.53
N THR A 334 28.90 -38.81 75.80
CA THR A 334 29.59 -38.05 74.77
C THR A 334 28.65 -37.71 73.62
N ASP A 335 29.07 -36.76 72.79
CA ASP A 335 28.27 -36.40 71.61
C ASP A 335 28.02 -37.60 70.72
N ARG A 336 29.06 -38.40 70.47
CA ARG A 336 28.91 -39.57 69.62
C ARG A 336 27.93 -40.58 70.23
N ARG A 337 28.02 -40.79 71.54
CA ARG A 337 27.10 -41.74 72.18
C ARG A 337 25.68 -41.21 72.20
N GLU A 338 25.50 -39.90 72.41
CA GLU A 338 24.15 -39.34 72.33
C GLU A 338 23.57 -39.55 70.94
N LYS A 339 24.38 -39.36 69.90
CA LYS A 339 23.88 -39.58 68.54
C LYS A 339 23.53 -41.05 68.30
N GLU A 340 24.37 -41.98 68.77
CA GLU A 340 24.03 -43.39 68.71
C GLU A 340 22.67 -43.66 69.35
N LEU A 341 22.48 -43.16 70.57
CA LEU A 341 21.25 -43.42 71.31
C LEU A 341 20.04 -42.83 70.60
N ASP A 342 20.20 -41.63 70.05
CA ASP A 342 19.14 -41.03 69.25
C ASP A 342 18.79 -41.92 68.07
N ALA A 343 19.80 -42.47 67.40
CA ALA A 343 19.54 -43.35 66.26
C ALA A 343 18.83 -44.65 66.69
N LEU A 344 19.00 -45.06 67.93
CA LEU A 344 18.40 -46.30 68.41
C LEU A 344 17.02 -46.09 69.01
N GLY A 345 16.48 -44.86 68.98
CA GLY A 345 15.14 -44.61 69.43
C GLY A 345 15.00 -44.17 70.87
N PHE A 346 15.97 -43.43 71.40
CA PHE A 346 15.96 -43.02 72.79
C PHE A 346 16.21 -41.52 72.88
N ILE A 347 15.76 -40.93 73.99
CA ILE A 347 16.01 -39.53 74.32
C ILE A 347 16.96 -39.52 75.51
N ALA A 348 18.19 -39.08 75.29
CA ALA A 348 19.22 -39.14 76.32
C ALA A 348 19.37 -37.79 77.02
N LEU A 349 19.55 -37.84 78.33
CA LEU A 349 19.83 -36.67 79.15
C LEU A 349 21.34 -36.58 79.36
N CYS A 350 21.95 -35.49 78.90
CA CYS A 350 23.40 -35.36 78.84
C CYS A 350 23.89 -34.30 79.83
N HIS A 351 24.69 -34.73 80.80
CA HIS A 351 25.23 -33.82 81.79
C HIS A 351 26.29 -32.92 81.17
N LYS A 352 26.20 -31.61 81.44
CA LYS A 352 27.27 -30.71 81.08
C LYS A 352 28.39 -30.82 82.11
N LYS A 353 29.58 -31.16 81.65
CA LYS A 353 30.70 -31.39 82.56
C LYS A 353 30.96 -30.16 83.41
N ASN A 354 31.25 -30.40 84.70
CA ASN A 354 31.59 -29.34 85.64
C ASN A 354 30.47 -28.33 85.80
N SER A 355 29.24 -28.83 85.91
CA SER A 355 28.06 -27.97 86.01
C SER A 355 26.97 -28.71 86.74
N ASP A 356 25.91 -27.98 87.10
CA ASP A 356 24.71 -28.57 87.67
C ASP A 356 23.59 -28.63 86.65
N LEU A 357 23.93 -28.90 85.40
CA LEU A 357 23.00 -28.79 84.28
C LEU A 357 23.12 -30.01 83.39
N ALA A 358 21.99 -30.44 82.83
CA ALA A 358 21.95 -31.48 81.82
C ALA A 358 20.93 -31.08 80.75
N VAL A 359 21.08 -31.63 79.55
CA VAL A 359 20.32 -31.20 78.39
C VAL A 359 19.81 -32.42 77.63
N PHE A 360 18.54 -32.40 77.25
CA PHE A 360 17.98 -33.32 76.26
C PHE A 360 18.34 -32.76 74.88
N PHE A 361 19.37 -33.30 74.26
CA PHE A 361 19.74 -32.82 72.92
C PHE A 361 18.77 -33.34 71.86
N GLY A 362 18.41 -34.62 71.93
CA GLY A 362 17.52 -35.23 70.97
C GLY A 362 16.09 -35.30 71.49
N SER A 363 15.16 -35.52 70.57
CA SER A 363 13.76 -35.69 70.93
C SER A 363 13.12 -36.76 70.03
N GLN A 364 13.82 -37.86 69.84
CA GLN A 364 13.39 -38.94 68.95
C GLN A 364 12.46 -39.91 69.70
N THR A 365 11.33 -40.25 69.08
CA THR A 365 10.47 -41.29 69.65
C THR A 365 11.09 -42.66 69.43
N THR A 366 10.41 -43.72 69.88
CA THR A 366 10.93 -45.06 69.63
C THR A 366 10.73 -45.51 68.19
N ASN A 367 9.95 -44.77 67.39
CA ASN A 367 9.65 -45.19 66.03
C ASN A 367 10.90 -45.14 65.17
N ARG A 368 11.12 -46.21 64.40
CA ARG A 368 12.19 -46.23 63.42
C ARG A 368 11.62 -45.85 62.07
N PRO A 369 11.96 -44.70 61.50
CA PRO A 369 11.35 -44.29 60.23
C PRO A 369 11.68 -45.26 59.10
N ARG A 370 10.71 -45.47 58.23
CA ARG A 370 10.95 -46.24 57.02
C ARG A 370 11.77 -45.41 56.04
N VAL A 371 12.48 -46.10 55.15
CA VAL A 371 13.38 -45.46 54.18
C VAL A 371 12.79 -45.67 52.78
N TYR A 372 12.68 -44.58 52.04
CA TYR A 372 12.01 -44.57 50.75
C TYR A 372 12.96 -44.11 49.65
N ASN A 373 12.48 -44.16 48.42
CA ASN A 373 13.26 -43.76 47.27
C ASN A 373 13.06 -42.29 46.89
N THR A 374 12.30 -41.52 47.65
CA THR A 374 12.14 -40.09 47.38
C THR A 374 12.52 -39.28 48.62
N ASN A 375 13.09 -38.11 48.36
CA ASN A 375 13.48 -37.22 49.45
C ASN A 375 12.28 -36.80 50.29
N GLU A 376 11.16 -36.51 49.64
CA GLU A 376 9.97 -36.05 50.37
C GLU A 376 9.46 -37.11 51.33
N ALA A 377 9.39 -38.36 50.87
CA ALA A 377 8.89 -39.43 51.74
C ALA A 377 9.86 -39.67 52.89
N ASN A 378 11.17 -39.64 52.62
CA ASN A 378 12.14 -39.82 53.70
C ASN A 378 12.02 -38.71 54.73
N ALA A 379 11.96 -37.46 54.27
CA ALA A 379 11.81 -36.33 55.19
C ALA A 379 10.54 -36.47 56.03
N ASN A 380 9.42 -36.82 55.38
CA ASN A 380 8.17 -36.93 56.12
C ASN A 380 8.23 -38.07 57.14
N ALA A 381 8.83 -39.20 56.76
CA ALA A 381 8.97 -40.31 57.69
C ALA A 381 9.81 -39.92 58.89
N ARG A 382 10.90 -39.18 58.66
CA ARG A 382 11.80 -38.83 59.75
C ARG A 382 11.14 -37.90 60.75
N ILE A 383 10.48 -36.84 60.28
CA ILE A 383 9.88 -35.88 61.19
C ILE A 383 8.65 -36.44 61.90
N SER A 384 8.01 -37.46 61.33
CA SER A 384 6.89 -38.11 61.98
C SER A 384 7.33 -39.05 63.09
N ALA A 385 8.64 -39.16 63.32
CA ALA A 385 9.18 -39.93 64.44
C ALA A 385 9.80 -39.04 65.51
N MET A 386 9.59 -37.73 65.43
CA MET A 386 10.16 -36.79 66.39
C MET A 386 9.10 -36.33 67.39
N LEU A 387 9.42 -36.43 68.67
CA LEU A 387 8.47 -36.08 69.72
C LEU A 387 7.88 -34.68 69.61
N PRO A 388 8.66 -33.61 69.36
CA PRO A 388 8.03 -32.28 69.27
C PRO A 388 6.96 -32.19 68.21
N TYR A 389 7.25 -32.68 67.01
CA TYR A 389 6.30 -32.58 65.91
C TYR A 389 5.11 -33.49 66.13
N VAL A 390 5.33 -34.68 66.68
CA VAL A 390 4.23 -35.58 66.99
C VAL A 390 3.31 -34.95 68.03
N LEU A 391 3.88 -34.29 69.03
CA LEU A 391 3.07 -33.59 70.03
C LEU A 391 2.22 -32.50 69.39
N ALA A 392 2.82 -31.71 68.49
CA ALA A 392 2.05 -30.68 67.80
C ALA A 392 0.91 -31.28 66.96
N ALA A 393 1.21 -32.34 66.22
CA ALA A 393 0.19 -32.99 65.41
C ALA A 393 -0.94 -33.52 66.28
N SER A 394 -0.59 -34.09 67.43
CA SER A 394 -1.60 -34.59 68.36
C SER A 394 -2.49 -33.47 68.89
N ARG A 395 -1.89 -32.33 69.24
CA ARG A 395 -2.70 -31.18 69.67
C ARG A 395 -3.66 -30.77 68.58
N PHE A 396 -3.20 -30.74 67.34
CA PHE A 396 -4.11 -30.38 66.26
C PHE A 396 -5.22 -31.42 66.09
N ALA A 397 -4.93 -32.69 66.34
CA ALA A 397 -5.98 -33.71 66.34
C ALA A 397 -7.04 -33.40 67.40
N HIS A 398 -6.60 -33.02 68.59
CA HIS A 398 -7.55 -32.71 69.67
C HIS A 398 -8.43 -31.53 69.31
N TYR A 399 -7.81 -30.47 68.78
CA TYR A 399 -8.56 -29.28 68.38
C TYR A 399 -9.55 -29.62 67.28
N LEU A 400 -9.12 -30.39 66.29
CA LEU A 400 -10.01 -30.76 65.20
C LEU A 400 -11.20 -31.56 65.70
N LYS A 401 -10.95 -32.52 66.58
CA LYS A 401 -12.04 -33.28 67.18
C LYS A 401 -13.06 -32.35 67.82
N VAL A 402 -12.59 -31.43 68.68
CA VAL A 402 -13.52 -30.60 69.44
C VAL A 402 -14.30 -29.66 68.52
N ILE A 403 -13.61 -28.95 67.63
CA ILE A 403 -14.30 -27.95 66.82
C ILE A 403 -15.24 -28.61 65.80
N MET A 404 -14.80 -29.71 65.17
CA MET A 404 -15.67 -30.38 64.22
C MET A 404 -16.87 -31.02 64.91
N ARG A 405 -16.69 -31.54 66.13
CA ARG A 405 -17.84 -31.97 66.91
C ARG A 405 -18.82 -30.83 67.09
N ASP A 406 -18.31 -29.62 67.35
CA ASP A 406 -19.20 -28.47 67.46
C ASP A 406 -19.91 -28.17 66.14
N LYS A 407 -19.32 -28.56 65.01
CA LYS A 407 -19.95 -28.24 63.73
C LYS A 407 -20.90 -29.32 63.20
N VAL A 408 -20.98 -30.49 63.83
CA VAL A 408 -21.91 -31.53 63.38
C VAL A 408 -23.34 -31.00 63.48
N GLY A 409 -24.11 -31.19 62.41
CA GLY A 409 -25.49 -30.78 62.36
C GLY A 409 -25.73 -29.42 61.75
N SER A 410 -24.70 -28.59 61.61
CA SER A 410 -24.83 -27.32 60.91
C SER A 410 -24.86 -27.55 59.40
N PHE A 411 -25.49 -26.61 58.70
CA PHE A 411 -25.54 -26.64 57.23
C PHE A 411 -24.14 -26.35 56.69
N MET A 412 -23.48 -27.35 56.12
CA MET A 412 -22.11 -27.19 55.65
C MET A 412 -21.91 -27.99 54.37
N THR A 413 -21.45 -27.32 53.32
CA THR A 413 -20.97 -27.99 52.13
C THR A 413 -19.52 -28.41 52.33
N ARG A 414 -18.97 -29.14 51.36
CA ARG A 414 -17.55 -29.47 51.38
C ARG A 414 -16.70 -28.21 51.41
N ASP A 415 -17.07 -27.22 50.61
CA ASP A 415 -16.32 -25.96 50.59
C ASP A 415 -16.44 -25.21 51.90
N ASN A 416 -17.62 -25.26 52.55
CA ASN A 416 -17.76 -24.62 53.85
C ASN A 416 -16.79 -25.22 54.85
N VAL A 417 -16.70 -26.54 54.88
CA VAL A 417 -15.79 -27.21 55.81
C VAL A 417 -14.35 -26.82 55.51
N GLN A 418 -13.98 -26.84 54.23
CA GLN A 418 -12.60 -26.52 53.86
C GLN A 418 -12.24 -25.09 54.24
N THR A 419 -13.13 -24.15 53.93
CA THR A 419 -12.89 -22.75 54.26
C THR A 419 -12.77 -22.55 55.77
N TYR A 420 -13.68 -23.16 56.52
CA TYR A 420 -13.64 -23.02 57.98
C TYR A 420 -12.32 -23.56 58.53
N LEU A 421 -11.91 -24.75 58.11
CA LEU A 421 -10.72 -25.36 58.69
C LEU A 421 -9.46 -24.61 58.28
N ASN A 422 -9.38 -24.13 57.04
CA ASN A 422 -8.21 -23.37 56.64
C ASN A 422 -8.15 -22.03 57.34
N ASN A 423 -9.31 -21.40 57.56
CA ASN A 423 -9.36 -20.16 58.31
C ASN A 423 -8.92 -20.37 59.76
N TRP A 424 -9.38 -21.46 60.37
CA TRP A 424 -9.09 -21.70 61.77
C TRP A 424 -7.60 -21.96 62.00
N ILE A 425 -6.97 -22.75 61.13
CA ILE A 425 -5.57 -23.13 61.34
C ILE A 425 -4.61 -22.00 61.00
N ALA A 426 -5.05 -20.98 60.27
CA ALA A 426 -4.15 -19.93 59.84
C ALA A 426 -3.54 -19.17 61.01
N ASP A 427 -4.23 -19.13 62.14
CA ASP A 427 -3.72 -18.38 63.30
C ASP A 427 -2.46 -18.99 63.89
N TYR A 428 -2.14 -20.24 63.57
CA TYR A 428 -1.00 -20.93 64.15
C TYR A 428 0.22 -20.97 63.24
N VAL A 429 0.18 -20.24 62.13
CA VAL A 429 1.22 -20.28 61.11
C VAL A 429 2.06 -19.02 61.23
N LEU A 430 3.39 -19.20 61.21
CA LEU A 430 4.35 -18.10 61.20
C LEU A 430 5.27 -18.26 60.00
N ILE A 431 5.25 -17.27 59.10
CA ILE A 431 6.02 -17.36 57.86
C ILE A 431 7.46 -16.90 58.04
N ASN A 432 7.73 -16.06 59.05
CA ASN A 432 9.03 -15.41 59.17
C ASN A 432 10.06 -16.38 59.75
N ASP A 433 10.93 -16.91 58.89
CA ASP A 433 11.98 -17.80 59.34
C ASP A 433 13.14 -17.08 60.01
N ASN A 434 13.14 -15.75 60.02
CA ASN A 434 14.14 -14.97 60.74
C ASN A 434 13.69 -14.57 62.13
N ALA A 435 12.49 -14.98 62.55
CA ALA A 435 12.03 -14.68 63.90
C ALA A 435 12.94 -15.38 64.91
N PRO A 436 13.12 -14.78 66.09
CA PRO A 436 13.96 -15.41 67.11
C PRO A 436 13.36 -16.72 67.60
N GLN A 437 14.16 -17.44 68.38
CA GLN A 437 13.75 -18.73 68.90
C GLN A 437 12.47 -18.64 69.71
N GLU A 438 12.38 -17.63 70.59
CA GLU A 438 11.23 -17.50 71.48
C GLU A 438 9.94 -17.21 70.70
N ILE A 439 10.04 -16.60 69.52
CA ILE A 439 8.85 -16.37 68.71
C ILE A 439 8.45 -17.64 67.98
N LYS A 440 9.42 -18.30 67.34
CA LYS A 440 9.12 -19.55 66.64
C LYS A 440 8.52 -20.59 67.57
N ALA A 441 8.92 -20.58 68.84
CA ALA A 441 8.37 -21.52 69.81
C ALA A 441 6.86 -21.35 70.00
N GLN A 442 6.33 -20.16 69.75
CA GLN A 442 4.92 -19.89 69.94
C GLN A 442 4.04 -20.28 68.75
N TYR A 443 4.63 -20.65 67.62
CA TYR A 443 3.87 -20.97 66.42
C TYR A 443 4.27 -22.35 65.93
N PRO A 444 3.41 -23.35 66.06
CA PRO A 444 3.81 -24.72 65.68
C PRO A 444 4.01 -24.91 64.18
N LEU A 445 3.52 -24.01 63.34
CA LEU A 445 3.48 -24.24 61.90
C LEU A 445 4.23 -23.16 61.13
N ARG A 446 4.95 -23.59 60.10
CA ARG A 446 5.46 -22.69 59.09
C ARG A 446 4.55 -22.64 57.86
N GLU A 447 3.70 -23.65 57.69
CA GLU A 447 2.80 -23.76 56.57
C GLU A 447 1.76 -24.82 56.89
N ALA A 448 0.53 -24.62 56.40
CA ALA A 448 -0.51 -25.59 56.61
C ALA A 448 -1.54 -25.48 55.49
N ARG A 449 -2.23 -26.59 55.22
CA ARG A 449 -3.32 -26.58 54.26
C ARG A 449 -4.24 -27.75 54.58
N VAL A 450 -5.54 -27.52 54.45
CA VAL A 450 -6.56 -28.54 54.64
C VAL A 450 -7.29 -28.73 53.33
N ASP A 451 -7.34 -29.99 52.88
CA ASP A 451 -8.06 -30.36 51.67
C ASP A 451 -9.25 -31.23 52.06
N VAL A 452 -10.43 -30.88 51.59
CA VAL A 452 -11.67 -31.58 51.96
C VAL A 452 -12.35 -32.10 50.70
N SER A 453 -12.82 -33.34 50.77
CA SER A 453 -13.49 -33.99 49.65
C SER A 453 -14.80 -34.60 50.12
N GLU A 454 -15.74 -34.74 49.19
CA GLU A 454 -17.02 -35.38 49.48
C GLU A 454 -16.89 -36.89 49.38
N VAL A 455 -17.80 -37.58 50.04
CA VAL A 455 -17.94 -39.04 49.93
C VAL A 455 -19.18 -39.29 49.08
N VAL A 456 -18.98 -39.98 47.95
CA VAL A 456 -20.08 -40.16 47.01
C VAL A 456 -21.21 -40.94 47.66
N GLY A 457 -22.44 -40.52 47.40
CA GLY A 457 -23.61 -41.20 47.89
C GLY A 457 -23.96 -40.92 49.33
N LYS A 458 -23.23 -40.04 50.02
CA LYS A 458 -23.45 -39.76 51.43
C LYS A 458 -23.47 -38.25 51.66
N PRO A 459 -24.64 -37.62 51.55
CA PRO A 459 -24.71 -36.17 51.79
C PRO A 459 -24.24 -35.82 53.20
N GLY A 460 -23.45 -34.76 53.29
CA GLY A 460 -22.94 -34.30 54.56
C GLY A 460 -21.82 -35.14 55.17
N VAL A 461 -21.23 -36.05 54.42
CA VAL A 461 -20.12 -36.88 54.89
C VAL A 461 -18.87 -36.48 54.09
N TYR A 462 -17.79 -36.16 54.80
CA TYR A 462 -16.60 -35.59 54.17
C TYR A 462 -15.33 -36.27 54.68
N ARG A 463 -14.28 -36.16 53.88
CA ARG A 463 -12.95 -36.59 54.23
C ARG A 463 -11.99 -35.43 54.06
N ALA A 464 -11.06 -35.29 54.99
CA ALA A 464 -10.10 -34.19 54.96
C ALA A 464 -8.68 -34.73 55.15
N THR A 465 -7.74 -34.03 54.54
CA THR A 465 -6.32 -34.22 54.80
C THR A 465 -5.74 -32.91 55.33
N VAL A 466 -5.04 -32.99 56.44
CA VAL A 466 -4.49 -31.83 57.12
C VAL A 466 -2.97 -31.92 57.01
N PHE A 467 -2.37 -31.08 56.17
CA PHE A 467 -0.93 -31.03 55.99
C PHE A 467 -0.35 -29.99 56.93
N LEU A 468 0.59 -30.41 57.78
CA LEU A 468 1.22 -29.54 58.76
C LEU A 468 2.72 -29.50 58.49
N ARG A 469 3.24 -28.30 58.21
CA ARG A 469 4.68 -28.14 58.03
C ARG A 469 5.25 -27.36 59.21
N PRO A 470 5.93 -28.01 60.14
CA PRO A 470 6.42 -27.32 61.33
C PRO A 470 7.68 -26.52 61.04
N HIS A 471 8.10 -25.75 62.04
CA HIS A 471 9.43 -25.15 62.03
C HIS A 471 10.42 -26.22 62.49
N PHE A 472 11.44 -26.48 61.69
CA PHE A 472 12.34 -27.60 61.95
C PHE A 472 13.50 -27.19 62.85
N GLN A 473 13.91 -28.11 63.70
CA GLN A 473 14.97 -27.87 64.68
C GLN A 473 16.28 -28.47 64.19
N LEU A 474 17.38 -27.78 64.47
CA LEU A 474 18.68 -28.23 64.01
C LEU A 474 19.01 -29.59 64.58
N GLU A 475 19.41 -30.52 63.71
CA GLU A 475 19.73 -31.88 64.09
C GLU A 475 21.21 -32.21 63.96
N GLU A 476 21.83 -31.85 62.83
CA GLU A 476 23.20 -32.23 62.56
C GLU A 476 23.86 -31.15 61.71
N LEU A 477 25.18 -31.05 61.85
CA LEU A 477 25.97 -30.16 61.00
C LEU A 477 27.32 -30.82 60.74
N THR A 478 27.64 -31.02 59.47
CA THR A 478 28.94 -31.50 59.06
C THR A 478 29.69 -30.33 58.42
N ALA A 479 30.85 -30.00 58.97
CA ALA A 479 31.58 -28.81 58.55
C ALA A 479 32.98 -29.18 58.07
N SER A 480 33.44 -28.49 57.04
CA SER A 480 34.80 -28.63 56.52
C SER A 480 35.49 -27.28 56.63
N ILE A 481 36.59 -27.24 57.36
CA ILE A 481 37.38 -26.02 57.54
C ILE A 481 38.54 -26.04 56.55
N ARG A 482 38.76 -24.93 55.85
CA ARG A 482 39.76 -24.88 54.79
C ARG A 482 40.50 -23.56 54.85
N LEU A 483 41.81 -23.62 55.05
CA LEU A 483 42.66 -22.44 54.93
C LEU A 483 42.88 -22.15 53.44
N VAL A 484 42.68 -20.90 53.05
CA VAL A 484 42.84 -20.50 51.66
C VAL A 484 43.63 -19.20 51.58
N ALA A 485 44.44 -19.07 50.53
CA ALA A 485 45.07 -17.79 50.24
C ALA A 485 44.08 -16.81 49.65
N THR A 486 43.10 -17.30 48.89
CA THR A 486 42.03 -16.47 48.34
C THR A 486 40.71 -17.20 48.53
N LEU A 487 39.66 -16.44 48.85
CA LEU A 487 38.33 -17.02 49.03
C LEU A 487 37.78 -17.48 47.68
N PRO A 488 37.45 -18.76 47.51
CA PRO A 488 36.78 -19.19 46.28
C PRO A 488 35.35 -18.70 46.25
N PRO A 489 34.74 -18.59 45.06
CA PRO A 489 33.32 -18.24 45.00
C PRO A 489 32.47 -19.35 45.58
N PRO A 490 31.29 -19.02 46.14
CA PRO A 490 30.42 -20.01 46.76
C PRO A 490 29.85 -21.02 45.77
N GLU B 3 -30.46 -16.75 73.26
CA GLU B 3 -30.92 -15.53 72.61
C GLU B 3 -31.16 -14.41 73.62
N SER B 4 -30.68 -13.21 73.29
CA SER B 4 -30.94 -12.04 74.12
C SER B 4 -32.43 -11.74 74.15
N THR B 5 -32.92 -11.29 75.31
CA THR B 5 -34.33 -10.89 75.40
C THR B 5 -34.63 -9.73 74.46
N GLN B 6 -33.63 -8.93 74.10
CA GLN B 6 -33.84 -7.87 73.12
C GLN B 6 -34.31 -8.45 71.79
N HIS B 7 -33.69 -9.53 71.35
CA HIS B 7 -34.06 -10.14 70.08
C HIS B 7 -35.37 -10.92 70.18
N LYS B 8 -35.79 -11.35 71.36
CA LYS B 8 -37.12 -11.91 71.51
C LYS B 8 -38.18 -10.88 71.18
N LEU B 9 -37.96 -9.63 71.58
CA LEU B 9 -38.88 -8.55 71.26
C LEU B 9 -38.91 -8.20 69.79
N ASP B 10 -37.96 -8.69 68.99
CA ASP B 10 -38.10 -8.59 67.54
C ASP B 10 -39.35 -9.29 67.05
N ARG B 11 -39.75 -10.38 67.70
CA ARG B 11 -40.81 -11.25 67.22
C ARG B 11 -42.10 -11.14 68.02
N ILE B 12 -42.04 -10.95 69.33
CA ILE B 12 -43.20 -11.02 70.20
C ILE B 12 -43.71 -9.61 70.43
N ARG B 13 -44.79 -9.26 69.72
CA ARG B 13 -45.42 -7.95 69.82
C ARG B 13 -44.41 -6.81 69.78
N PRO B 14 -43.65 -6.68 68.69
CA PRO B 14 -42.56 -5.71 68.66
C PRO B 14 -43.10 -4.29 68.59
N PRO B 15 -42.35 -3.32 69.12
CA PRO B 15 -42.72 -1.91 68.95
C PRO B 15 -42.34 -1.42 67.56
N ARG B 16 -42.82 -0.23 67.24
CA ARG B 16 -42.42 0.40 65.98
C ARG B 16 -40.91 0.65 65.95
N VAL B 17 -40.36 1.15 67.04
CA VAL B 17 -38.93 1.44 67.15
C VAL B 17 -38.33 0.38 68.05
N GLN B 18 -37.65 -0.59 67.45
CA GLN B 18 -37.12 -1.75 68.16
C GLN B 18 -35.60 -1.68 68.13
N ILE B 19 -34.97 -1.67 69.31
CA ILE B 19 -33.54 -1.42 69.45
C ILE B 19 -32.90 -2.58 70.21
N THR B 20 -31.78 -3.07 69.69
CA THR B 20 -31.00 -4.12 70.34
C THR B 20 -29.55 -3.71 70.40
N TYR B 21 -28.81 -4.34 71.32
CA TYR B 21 -27.36 -4.21 71.35
C TYR B 21 -26.73 -5.45 70.74
N ASP B 22 -25.69 -5.27 69.93
CA ASP B 22 -25.00 -6.40 69.33
C ASP B 22 -23.50 -6.16 69.31
N VAL B 23 -22.75 -7.25 69.38
CA VAL B 23 -21.29 -7.22 69.26
C VAL B 23 -20.96 -7.31 67.78
N GLU B 24 -20.22 -6.33 67.27
CA GLU B 24 -19.79 -6.34 65.87
C GLU B 24 -18.62 -7.31 65.74
N THR B 25 -18.87 -8.48 65.16
CA THR B 25 -17.82 -9.47 64.98
C THR B 25 -17.46 -9.71 63.53
N GLY B 26 -18.16 -9.09 62.58
CA GLY B 26 -17.84 -9.28 61.17
C GLY B 26 -17.91 -10.75 60.77
N ASN B 27 -16.87 -11.21 60.09
CA ASN B 27 -16.77 -12.60 59.67
C ASN B 27 -15.86 -13.42 60.58
N ALA B 28 -15.64 -12.97 61.80
CA ALA B 28 -14.74 -13.67 62.72
C ALA B 28 -15.37 -14.97 63.21
N ILE B 29 -14.52 -15.95 63.49
CA ILE B 29 -14.95 -17.22 64.08
C ILE B 29 -14.41 -17.29 65.51
N GLU B 30 -15.18 -17.96 66.37
CA GLU B 30 -14.77 -18.14 67.75
C GLU B 30 -13.58 -19.08 67.83
N LYS B 31 -12.67 -18.80 68.76
CA LYS B 31 -11.45 -19.59 68.93
C LYS B 31 -11.48 -20.19 70.33
N LYS B 32 -12.06 -21.38 70.45
CA LYS B 32 -12.05 -22.08 71.73
C LYS B 32 -10.67 -22.68 71.98
N GLU B 33 -10.14 -22.45 73.17
CA GLU B 33 -8.85 -22.99 73.57
C GLU B 33 -9.02 -24.25 74.39
N LEU B 34 -8.11 -25.19 74.21
CA LEU B 34 -8.07 -26.38 75.04
C LEU B 34 -6.91 -26.29 76.01
N PRO B 35 -7.11 -26.70 77.27
CA PRO B 35 -5.98 -26.78 78.19
C PRO B 35 -5.03 -27.90 77.79
N LEU B 36 -3.79 -27.77 78.24
CA LEU B 36 -2.88 -28.90 78.22
C LEU B 36 -3.21 -29.81 79.39
N VAL B 37 -3.44 -31.09 79.12
CA VAL B 37 -3.75 -32.07 80.14
C VAL B 37 -2.70 -33.17 80.08
N VAL B 38 -1.94 -33.31 81.16
CA VAL B 38 -0.92 -34.34 81.26
C VAL B 38 -1.48 -35.48 82.10
N GLY B 39 -1.58 -36.66 81.52
CA GLY B 39 -1.95 -37.84 82.27
C GLY B 39 -0.73 -38.52 82.85
N ILE B 40 -0.71 -38.70 84.16
CA ILE B 40 0.41 -39.31 84.86
C ILE B 40 0.01 -40.70 85.32
N LEU B 41 0.83 -41.69 85.00
CA LEU B 41 0.60 -43.08 85.41
C LEU B 41 1.77 -43.48 86.30
N ALA B 42 1.50 -43.71 87.59
CA ALA B 42 2.57 -43.99 88.53
C ALA B 42 2.09 -44.95 89.60
N ASP B 43 3.02 -45.79 90.07
CA ASP B 43 2.76 -46.77 91.13
C ASP B 43 3.10 -46.11 92.46
N LEU B 44 2.11 -45.46 93.06
CA LEU B 44 2.35 -44.65 94.25
C LEU B 44 1.89 -45.32 95.53
N MET B 56 -10.68 -50.34 86.77
CA MET B 56 -11.89 -49.75 86.23
C MET B 56 -12.53 -48.79 87.23
N GLU B 57 -12.23 -49.01 88.52
CA GLU B 57 -12.86 -48.25 89.59
C GLU B 57 -12.10 -46.96 89.88
N ARG B 58 -10.81 -46.93 89.58
CA ARG B 58 -9.97 -45.77 89.85
C ARG B 58 -10.22 -44.70 88.80
N ARG B 59 -9.55 -43.56 88.97
CA ARG B 59 -9.78 -42.44 88.07
C ARG B 59 -8.53 -41.57 88.05
N PHE B 60 -8.45 -40.73 87.03
CA PHE B 60 -7.41 -39.72 86.93
C PHE B 60 -7.79 -38.54 87.82
N VAL B 61 -7.15 -38.41 88.96
CA VAL B 61 -7.49 -37.34 89.91
C VAL B 61 -6.60 -36.13 89.64
N GLU B 62 -7.21 -34.96 89.55
CA GLU B 62 -6.46 -33.74 89.27
C GLU B 62 -5.56 -33.42 90.46
N ILE B 63 -4.30 -33.10 90.17
CA ILE B 63 -3.29 -32.85 91.19
C ILE B 63 -2.59 -31.53 90.88
N ASN B 64 -2.30 -30.77 91.92
CA ASN B 64 -1.65 -29.48 91.77
C ASN B 64 -0.96 -29.14 93.08
N ARG B 65 -0.27 -28.00 93.10
CA ARG B 65 0.49 -27.61 94.28
C ARG B 65 -0.40 -27.40 95.51
N ASP B 66 -1.69 -27.13 95.32
CA ASP B 66 -2.58 -26.88 96.45
C ASP B 66 -3.02 -28.16 97.13
N ASN B 67 -3.42 -29.17 96.36
CA ASN B 67 -4.02 -30.38 96.93
C ASN B 67 -3.05 -31.55 96.97
N PHE B 68 -1.75 -31.30 96.77
CA PHE B 68 -0.79 -32.39 96.63
C PHE B 68 -0.79 -33.29 97.86
N ASN B 69 -0.76 -32.69 99.04
CA ASN B 69 -0.69 -33.50 100.25
C ASN B 69 -2.00 -34.22 100.53
N ASP B 70 -3.13 -33.64 100.12
CA ASP B 70 -4.39 -34.37 100.23
C ASP B 70 -4.39 -35.62 99.35
N VAL B 71 -3.84 -35.52 98.14
CA VAL B 71 -3.75 -36.70 97.28
C VAL B 71 -2.77 -37.71 97.86
N LEU B 72 -1.66 -37.24 98.42
CA LEU B 72 -0.74 -38.14 99.09
C LEU B 72 -1.41 -38.87 100.25
N ALA B 73 -2.22 -38.15 101.03
CA ALA B 73 -2.93 -38.77 102.15
C ALA B 73 -3.94 -39.79 101.66
N SER B 74 -4.70 -39.45 100.61
CA SER B 74 -5.70 -40.37 100.10
C SER B 74 -5.07 -41.61 99.50
N ILE B 75 -3.91 -41.48 98.85
CA ILE B 75 -3.17 -42.66 98.42
C ILE B 75 -2.59 -43.39 99.62
N ALA B 76 -2.04 -42.65 100.59
CA ALA B 76 -1.51 -43.17 101.84
C ALA B 76 -0.43 -44.23 101.60
N PRO B 77 0.72 -43.86 101.03
CA PRO B 77 1.78 -44.85 100.83
C PRO B 77 2.38 -45.34 102.16
N GLN C 90 115.36 -1.33 -7.03
CA GLN C 90 114.28 -0.36 -7.09
C GLN C 90 112.93 -1.03 -6.82
N LYS C 91 112.64 -2.10 -7.56
CA LYS C 91 111.35 -2.76 -7.43
C LYS C 91 111.16 -3.35 -6.04
N LEU C 92 112.21 -3.97 -5.49
CA LEU C 92 112.12 -4.48 -4.13
C LEU C 92 112.10 -3.35 -3.12
N GLU C 93 112.94 -2.33 -3.32
CA GLU C 93 112.97 -1.20 -2.39
C GLU C 93 111.63 -0.47 -2.37
N ALA C 94 111.02 -0.29 -3.54
CA ALA C 94 109.73 0.39 -3.60
C ALA C 94 108.66 -0.39 -2.85
N SER C 95 108.66 -1.72 -2.97
CA SER C 95 107.70 -2.53 -2.25
C SER C 95 107.88 -2.42 -0.75
N TRP C 96 109.13 -2.49 -0.28
CA TRP C 96 109.38 -2.40 1.15
C TRP C 96 109.11 -0.99 1.67
N ARG C 97 109.53 0.02 0.92
CA ARG C 97 109.29 1.40 1.34
C ARG C 97 107.81 1.74 1.31
N GLY C 98 107.09 1.30 0.28
CA GLY C 98 105.66 1.49 0.25
C GLY C 98 104.97 0.81 1.41
N LEU C 99 105.40 -0.42 1.71
CA LEU C 99 104.86 -1.12 2.87
C LEU C 99 105.23 -0.40 4.17
N HIS C 100 106.48 0.04 4.30
CA HIS C 100 106.90 0.70 5.53
C HIS C 100 106.11 1.98 5.77
N MET C 101 105.86 2.76 4.71
CA MET C 101 105.08 3.98 4.85
C MET C 101 103.65 3.68 5.29
N LEU C 102 103.04 2.64 4.72
CA LEU C 102 101.70 2.27 5.12
C LEU C 102 101.65 1.85 6.59
N VAL C 103 102.60 1.02 7.00
CA VAL C 103 102.64 0.54 8.39
C VAL C 103 102.86 1.70 9.34
N LYS C 104 103.82 2.58 9.02
CA LYS C 104 104.16 3.68 9.90
C LYS C 104 103.02 4.69 10.04
N ASN C 105 102.21 4.85 8.99
CA ASN C 105 101.15 5.84 8.98
C ASN C 105 99.78 5.26 9.32
N THR C 106 99.71 4.02 9.77
CA THR C 106 98.45 3.38 10.13
C THR C 106 98.40 3.19 11.64
N GLU C 107 97.29 3.64 12.24
CA GLU C 107 97.08 3.49 13.67
C GLU C 107 96.64 2.06 13.99
N THR C 108 97.61 1.15 13.88
CA THR C 108 97.36 -0.25 14.21
C THR C 108 97.11 -0.40 15.71
N GLY C 109 96.29 -1.39 16.06
CA GLY C 109 95.95 -1.60 17.46
C GLY C 109 94.85 -2.62 17.60
N ALA C 110 94.05 -2.44 18.65
CA ALA C 110 92.97 -3.37 18.93
C ALA C 110 91.95 -3.40 17.79
N ARG C 111 91.66 -2.24 17.22
CA ARG C 111 90.63 -2.11 16.19
C ARG C 111 91.16 -2.18 14.77
N LEU C 112 92.47 -2.21 14.57
CA LEU C 112 93.05 -2.12 13.24
C LEU C 112 94.26 -3.03 13.15
N LYS C 113 94.23 -3.98 12.23
CA LYS C 113 95.32 -4.92 12.05
C LYS C 113 95.74 -4.96 10.58
N LEU C 114 97.04 -5.06 10.35
CA LEU C 114 97.61 -5.32 9.04
C LEU C 114 98.25 -6.71 9.05
N ARG C 115 97.92 -7.51 8.05
CA ARG C 115 98.46 -8.86 7.94
C ARG C 115 99.09 -9.03 6.56
N LEU C 116 100.28 -9.61 6.53
CA LEU C 116 101.11 -9.61 5.33
C LEU C 116 101.38 -11.04 4.86
N LEU C 117 101.11 -11.28 3.58
CA LEU C 117 101.44 -12.55 2.93
C LEU C 117 102.51 -12.29 1.87
N ASN C 118 103.67 -12.91 2.04
CA ASN C 118 104.79 -12.73 1.13
C ASN C 118 104.65 -13.73 -0.01
N VAL C 119 104.32 -13.25 -1.21
CA VAL C 119 104.02 -14.12 -2.33
C VAL C 119 104.19 -13.34 -3.63
N THR C 120 104.73 -13.99 -4.65
CA THR C 120 104.93 -13.39 -5.95
C THR C 120 103.66 -13.53 -6.80
N GLN C 121 103.60 -12.72 -7.86
CA GLN C 121 102.45 -12.75 -8.76
C GLN C 121 102.32 -14.11 -9.44
N LYS C 122 103.45 -14.69 -9.87
CA LYS C 122 103.43 -15.98 -10.51
C LYS C 122 102.96 -17.07 -9.56
N GLU C 123 103.40 -17.02 -8.30
CA GLU C 123 102.93 -18.00 -7.32
C GLU C 123 101.42 -17.89 -7.11
N LEU C 124 100.90 -16.67 -7.06
CA LEU C 124 99.46 -16.48 -6.95
C LEU C 124 98.74 -17.09 -8.14
N LEU C 125 99.25 -16.83 -9.34
CA LEU C 125 98.62 -17.36 -10.55
C LEU C 125 98.62 -18.89 -10.52
N ILE C 126 99.75 -19.49 -10.11
CA ILE C 126 99.85 -20.94 -10.08
C ILE C 126 98.87 -21.52 -9.07
N ASP C 127 98.84 -20.94 -7.86
CA ASP C 127 97.94 -21.44 -6.83
C ASP C 127 96.49 -21.36 -7.27
N LEU C 128 96.11 -20.26 -7.92
CA LEU C 128 94.71 -20.11 -8.31
C LEU C 128 94.35 -20.99 -9.50
N GLU C 129 95.25 -21.15 -10.46
CA GLU C 129 94.93 -21.93 -11.65
C GLU C 129 94.96 -23.43 -11.38
N LYS C 130 95.89 -23.90 -10.55
CA LYS C 130 96.07 -25.33 -10.35
C LYS C 130 95.18 -25.91 -9.27
N ALA C 131 94.42 -25.08 -8.57
CA ALA C 131 93.51 -25.58 -7.55
C ALA C 131 92.50 -26.52 -8.19
N VAL C 132 92.25 -27.65 -7.51
CA VAL C 132 91.31 -28.63 -8.06
C VAL C 132 89.89 -28.08 -8.09
N GLU C 133 89.55 -27.17 -7.17
CA GLU C 133 88.26 -26.49 -7.15
C GLU C 133 88.50 -25.09 -6.59
N PHE C 134 87.55 -24.20 -6.84
CA PHE C 134 87.77 -22.79 -6.50
C PHE C 134 88.00 -22.59 -5.00
N ASP C 135 87.42 -23.43 -4.16
CA ASP C 135 87.58 -23.27 -2.73
C ASP C 135 88.76 -24.04 -2.16
N GLN C 136 89.59 -24.65 -3.02
CA GLN C 136 90.72 -25.43 -2.58
C GLN C 136 92.05 -24.69 -2.67
N SER C 137 92.08 -23.53 -3.31
CA SER C 137 93.33 -22.79 -3.46
C SER C 137 93.83 -22.28 -2.12
N ALA C 138 95.15 -22.12 -2.00
CA ALA C 138 95.74 -21.62 -0.77
C ALA C 138 95.19 -20.24 -0.44
N LEU C 139 95.00 -19.40 -1.45
CA LEU C 139 94.41 -18.08 -1.23
C LEU C 139 93.00 -18.20 -0.67
N PHE C 140 92.17 -19.07 -1.25
CA PHE C 140 90.81 -19.20 -0.75
C PHE C 140 90.82 -19.67 0.69
N LYS C 141 91.63 -20.69 1.01
CA LYS C 141 91.72 -21.15 2.39
C LYS C 141 92.09 -20.00 3.32
N LYS C 142 93.20 -19.33 3.03
CA LYS C 142 93.75 -18.33 3.95
C LYS C 142 92.83 -17.12 4.11
N ILE C 143 92.20 -16.69 3.02
CA ILE C 143 91.40 -15.47 3.07
C ILE C 143 89.97 -15.75 3.50
N TYR C 144 89.30 -16.71 2.86
CA TYR C 144 87.92 -17.02 3.21
C TYR C 144 87.85 -17.92 4.45
N GLU C 145 88.40 -19.14 4.36
CA GLU C 145 88.06 -20.16 5.34
C GLU C 145 88.62 -19.83 6.70
N GLU C 146 89.88 -19.41 6.77
CA GLU C 146 90.55 -19.28 8.06
C GLU C 146 90.05 -18.08 8.87
N GLU C 147 89.49 -17.06 8.21
CA GLU C 147 88.99 -15.91 8.95
C GLU C 147 87.48 -15.72 8.79
N TYR C 148 86.99 -15.50 7.58
CA TYR C 148 85.58 -15.26 7.40
C TYR C 148 84.76 -16.51 7.71
N GLY C 149 85.27 -17.67 7.33
CA GLY C 149 84.53 -18.90 7.47
C GLY C 149 84.86 -19.74 8.69
N THR C 150 85.45 -19.14 9.72
CA THR C 150 85.84 -19.85 10.92
C THR C 150 85.30 -19.15 12.17
N PHE C 151 84.77 -19.94 13.10
CA PHE C 151 84.31 -19.45 14.39
C PHE C 151 85.44 -18.72 15.12
N GLY C 152 85.19 -17.47 15.49
CA GLY C 152 86.19 -16.65 16.14
C GLY C 152 87.10 -15.89 15.20
N GLY C 153 86.98 -16.07 13.89
CA GLY C 153 87.83 -15.36 12.96
C GLY C 153 87.48 -13.88 12.86
N HIS C 154 88.48 -13.09 12.48
CA HIS C 154 88.30 -11.67 12.18
C HIS C 154 88.40 -11.50 10.66
N PRO C 155 87.28 -11.35 9.95
CA PRO C 155 87.33 -11.37 8.49
C PRO C 155 88.22 -10.27 7.93
N PHE C 156 88.93 -10.59 6.86
CA PHE C 156 89.69 -9.60 6.13
C PHE C 156 88.75 -8.54 5.58
N SER C 157 88.97 -7.29 5.97
CA SER C 157 88.13 -6.19 5.49
C SER C 157 88.48 -5.79 4.06
N LEU C 158 89.76 -5.88 3.71
CA LEU C 158 90.28 -5.35 2.46
C LEU C 158 91.55 -6.12 2.11
N LEU C 159 91.84 -6.22 0.82
CA LEU C 159 93.07 -6.82 0.34
C LEU C 159 93.77 -5.81 -0.56
N VAL C 160 95.07 -5.62 -0.35
CA VAL C 160 95.86 -4.77 -1.23
C VAL C 160 96.95 -5.63 -1.85
N GLY C 161 97.03 -5.59 -3.17
CA GLY C 161 98.06 -6.34 -3.87
C GLY C 161 99.09 -5.41 -4.46
N ASP C 162 100.34 -5.56 -4.02
CA ASP C 162 101.45 -4.79 -4.58
C ASP C 162 101.90 -5.39 -5.91
N TYR C 163 101.00 -5.33 -6.88
CA TYR C 163 101.26 -5.84 -8.22
C TYR C 163 100.62 -4.91 -9.23
N SER C 164 101.15 -4.94 -10.45
CA SER C 164 100.57 -4.22 -11.58
C SER C 164 100.00 -5.23 -12.56
N PHE C 165 98.83 -4.91 -13.12
CA PHE C 165 98.13 -5.80 -14.03
C PHE C 165 98.04 -5.16 -15.40
N GLY C 166 98.57 -5.86 -16.40
CA GLY C 166 98.54 -5.41 -17.78
C GLY C 166 97.44 -6.09 -18.58
N ARG C 167 97.57 -6.01 -19.90
CA ARG C 167 96.60 -6.60 -20.81
C ARG C 167 96.88 -8.06 -21.12
N HIS C 168 97.97 -8.61 -20.59
CA HIS C 168 98.33 -9.99 -20.89
C HIS C 168 97.22 -10.93 -20.44
N PRO C 169 96.95 -12.01 -21.20
CA PRO C 169 95.86 -12.93 -20.80
C PRO C 169 96.04 -13.51 -19.41
N GLN C 170 97.28 -13.83 -19.00
CA GLN C 170 97.46 -14.36 -17.65
C GLN C 170 97.23 -13.29 -16.59
N ASP C 171 97.51 -12.03 -16.90
CA ASP C 171 97.22 -10.95 -15.95
C ASP C 171 95.71 -10.81 -15.71
N ILE C 172 94.92 -10.80 -16.79
CA ILE C 172 93.47 -10.69 -16.64
C ILE C 172 92.91 -11.95 -16.00
N GLY C 173 93.46 -13.12 -16.33
CA GLY C 173 93.00 -14.35 -15.69
C GLY C 173 93.27 -14.35 -14.19
N LEU C 174 94.46 -13.91 -13.80
CA LEU C 174 94.77 -13.78 -12.38
C LEU C 174 93.82 -12.79 -11.71
N LEU C 175 93.55 -11.66 -12.37
CA LEU C 175 92.61 -10.69 -11.83
C LEU C 175 91.24 -11.32 -11.62
N GLU C 176 90.79 -12.15 -12.56
CA GLU C 176 89.49 -12.80 -12.44
C GLU C 176 89.47 -13.75 -11.24
N LYS C 177 90.50 -14.59 -11.10
CA LYS C 177 90.54 -15.53 -9.98
C LYS C 177 90.60 -14.78 -8.63
N LEU C 178 91.43 -13.75 -8.55
CA LEU C 178 91.51 -12.95 -7.34
C LEU C 178 90.18 -12.30 -7.04
N SER C 179 89.47 -11.83 -8.07
CA SER C 179 88.16 -11.24 -7.86
C SER C 179 87.20 -12.27 -7.30
N ASN C 180 87.31 -13.52 -7.74
CA ASN C 180 86.44 -14.57 -7.20
C ASN C 180 86.70 -14.78 -5.72
N VAL C 181 87.97 -14.88 -5.33
CA VAL C 181 88.29 -15.06 -3.91
C VAL C 181 87.83 -13.84 -3.11
N ALA C 182 88.08 -12.64 -3.63
CA ALA C 182 87.68 -11.41 -2.94
C ALA C 182 86.16 -11.34 -2.77
N ALA C 183 85.42 -11.69 -3.82
CA ALA C 183 83.97 -11.69 -3.74
C ALA C 183 83.46 -12.69 -2.72
N ALA C 184 84.05 -13.88 -2.70
CA ALA C 184 83.59 -14.91 -1.76
C ALA C 184 83.70 -14.42 -0.32
N ALA C 185 84.82 -13.82 0.05
CA ALA C 185 85.04 -13.37 1.41
C ALA C 185 84.56 -11.96 1.67
N HIS C 186 83.94 -11.30 0.68
CA HIS C 186 83.52 -9.90 0.80
C HIS C 186 84.69 -9.01 1.23
N ALA C 187 85.82 -9.16 0.54
CA ALA C 187 87.04 -8.42 0.88
C ALA C 187 87.56 -7.77 -0.39
N PRO C 188 87.17 -6.53 -0.66
CA PRO C 188 87.58 -5.86 -1.91
C PRO C 188 89.09 -5.83 -2.06
N PHE C 189 89.54 -6.00 -3.30
CA PHE C 189 90.95 -6.13 -3.64
C PHE C 189 91.39 -4.90 -4.41
N ILE C 190 92.54 -4.35 -4.05
CA ILE C 190 93.08 -3.15 -4.66
C ILE C 190 94.49 -3.45 -5.16
N ALA C 191 94.76 -3.11 -6.41
CA ALA C 191 96.09 -3.24 -6.98
C ALA C 191 96.31 -2.10 -7.97
N ALA C 192 97.37 -2.20 -8.76
CA ALA C 192 97.75 -1.15 -9.68
C ALA C 192 97.51 -1.57 -11.13
N ALA C 193 97.19 -0.58 -11.96
CA ALA C 193 97.10 -0.79 -13.40
C ALA C 193 98.49 -0.61 -14.00
N SER C 194 98.87 -1.52 -14.87
CA SER C 194 100.11 -1.35 -15.59
C SER C 194 99.90 -0.37 -16.76
N PRO C 195 100.94 0.40 -17.12
CA PRO C 195 100.85 1.17 -18.36
C PRO C 195 100.66 0.30 -19.59
N ARG C 196 101.08 -0.97 -19.54
CA ARG C 196 100.86 -1.87 -20.65
C ARG C 196 99.38 -2.10 -20.90
N LEU C 197 98.55 -1.99 -19.86
CA LEU C 197 97.10 -2.09 -20.06
C LEU C 197 96.60 -1.02 -21.03
N PHE C 198 97.27 0.13 -21.06
CA PHE C 198 96.93 1.24 -21.93
C PHE C 198 97.77 1.25 -23.20
N ASP C 199 98.53 0.19 -23.45
CA ASP C 199 99.47 0.12 -24.58
C ASP C 199 100.52 1.23 -24.50
N MET C 200 100.97 1.54 -23.29
CA MET C 200 101.99 2.53 -23.04
C MET C 200 103.18 1.90 -22.35
N GLY C 201 104.37 2.40 -22.64
CA GLY C 201 105.55 1.99 -21.90
C GLY C 201 105.61 2.60 -20.51
N SER C 202 105.06 3.79 -20.34
CA SER C 202 105.04 4.47 -19.07
C SER C 202 103.83 5.39 -19.02
N PHE C 203 103.37 5.67 -17.80
CA PHE C 203 102.25 6.59 -17.65
C PHE C 203 102.64 8.03 -17.93
N THR C 204 103.92 8.32 -18.21
CA THR C 204 104.28 9.65 -18.70
C THR C 204 103.62 9.95 -20.04
N GLU C 205 103.16 8.92 -20.76
CA GLU C 205 102.47 9.08 -22.03
C GLU C 205 100.96 9.17 -21.88
N LEU C 206 100.44 9.25 -20.65
CA LEU C 206 99.01 9.16 -20.42
C LEU C 206 98.26 10.33 -21.05
N ALA C 207 98.89 11.50 -21.15
CA ALA C 207 98.22 12.65 -21.74
C ALA C 207 98.23 12.65 -23.26
N VAL C 208 99.02 11.77 -23.89
CA VAL C 208 99.20 11.79 -25.34
C VAL C 208 97.95 11.42 -26.12
N PRO C 209 97.28 10.28 -25.86
CA PRO C 209 96.14 9.91 -26.70
C PRO C 209 95.03 10.95 -26.64
N ARG C 210 94.38 11.18 -27.80
CA ARG C 210 93.24 12.07 -27.81
C ARG C 210 92.07 11.49 -27.02
N ASP C 211 91.80 10.20 -27.18
CA ASP C 211 90.64 9.56 -26.57
C ASP C 211 91.07 8.24 -25.93
N LEU C 212 91.03 8.19 -24.60
CA LEU C 212 91.41 6.98 -23.87
C LEU C 212 90.46 5.82 -24.16
N ALA C 213 89.16 6.10 -24.24
CA ALA C 213 88.18 5.02 -24.44
C ALA C 213 88.46 4.24 -25.72
N LYS C 214 89.02 4.91 -26.74
CA LYS C 214 89.35 4.25 -27.99
C LYS C 214 90.35 3.13 -27.78
N ILE C 215 91.31 3.32 -26.87
CA ILE C 215 92.32 2.31 -26.61
C ILE C 215 91.66 1.00 -26.20
N PHE C 216 90.61 1.08 -25.39
CA PHE C 216 90.00 -0.11 -24.81
C PHE C 216 88.99 -0.77 -25.73
N GLU C 217 88.92 -0.33 -26.99
CA GLU C 217 88.17 -1.04 -28.02
C GLU C 217 89.01 -2.10 -28.71
N SER C 218 90.30 -2.18 -28.40
CA SER C 218 91.20 -3.08 -29.10
C SER C 218 90.82 -4.54 -28.87
N GLN C 219 91.04 -5.36 -29.89
CA GLN C 219 90.82 -6.80 -29.75
C GLN C 219 91.72 -7.41 -28.68
N GLU C 220 92.85 -6.77 -28.37
CA GLU C 220 93.71 -7.24 -27.29
C GLU C 220 93.04 -7.10 -25.92
N LEU C 221 91.98 -6.30 -25.82
CA LEU C 221 91.33 -6.05 -24.54
C LEU C 221 89.96 -6.72 -24.45
N ILE C 222 89.75 -7.79 -25.22
CA ILE C 222 88.50 -8.54 -25.15
C ILE C 222 88.32 -9.12 -23.75
N LYS C 223 89.37 -9.78 -23.23
CA LYS C 223 89.28 -10.39 -21.92
C LYS C 223 89.07 -9.35 -20.83
N TRP C 224 89.72 -8.20 -20.95
CA TRP C 224 89.53 -7.13 -19.96
C TRP C 224 88.10 -6.63 -19.94
N ARG C 225 87.50 -6.42 -21.11
CA ARG C 225 86.11 -5.98 -21.17
C ARG C 225 85.17 -7.04 -20.59
N ALA C 226 85.42 -8.31 -20.91
CA ALA C 226 84.64 -9.39 -20.32
C ALA C 226 84.76 -9.38 -18.80
N PHE C 227 85.98 -9.19 -18.28
CA PHE C 227 86.15 -9.11 -16.83
C PHE C 227 85.36 -7.96 -16.25
N ARG C 228 85.41 -6.79 -16.90
CA ARG C 228 84.62 -5.65 -16.43
C ARG C 228 83.13 -5.98 -16.39
N GLU C 229 82.67 -6.85 -17.28
CA GLU C 229 81.25 -7.24 -17.26
C GLU C 229 80.90 -8.19 -16.12
N SER C 230 81.87 -8.87 -15.52
CA SER C 230 81.57 -9.87 -14.52
C SER C 230 81.08 -9.23 -13.22
N GLU C 231 80.29 -10.00 -12.47
CA GLU C 231 79.78 -9.51 -11.18
C GLU C 231 80.92 -9.28 -10.20
N ASP C 232 81.84 -10.23 -10.10
CA ASP C 232 82.87 -10.18 -9.08
C ASP C 232 83.92 -9.09 -9.34
N SER C 233 83.89 -8.45 -10.50
CA SER C 233 84.83 -7.35 -10.78
C SER C 233 84.59 -6.14 -9.87
N ARG C 234 83.44 -6.05 -9.22
CA ARG C 234 83.23 -4.96 -8.27
C ARG C 234 84.11 -5.09 -7.03
N TYR C 235 84.75 -6.24 -6.83
CA TYR C 235 85.68 -6.45 -5.73
C TYR C 235 87.14 -6.23 -6.15
N VAL C 236 87.37 -5.60 -7.29
CA VAL C 236 88.70 -5.28 -7.78
C VAL C 236 88.73 -3.82 -8.17
N SER C 237 89.70 -3.08 -7.64
CA SER C 237 89.95 -1.69 -8.03
C SER C 237 91.39 -1.56 -8.47
N LEU C 238 91.61 -0.81 -9.53
CA LEU C 238 92.95 -0.61 -10.07
C LEU C 238 93.28 0.88 -10.03
N VAL C 239 94.41 1.21 -9.43
CA VAL C 239 94.83 2.59 -9.25
C VAL C 239 95.98 2.89 -10.20
N LEU C 240 96.12 4.17 -10.53
CA LEU C 240 97.20 4.65 -11.38
C LEU C 240 97.34 6.16 -11.15
N PRO C 241 98.48 6.74 -11.50
CA PRO C 241 99.75 6.12 -11.92
C PRO C 241 100.64 5.86 -10.71
N HIS C 242 101.95 5.69 -10.90
CA HIS C 242 102.85 5.49 -9.77
C HIS C 242 103.04 6.79 -8.99
N VAL C 243 103.42 6.64 -7.73
CA VAL C 243 103.64 7.76 -6.82
C VAL C 243 105.10 7.75 -6.39
N LEU C 244 105.71 8.94 -6.37
CA LEU C 244 107.11 9.06 -6.01
C LEU C 244 107.30 8.74 -4.53
N LEU C 245 108.23 7.86 -4.23
CA LEU C 245 108.51 7.50 -2.84
C LEU C 245 109.71 8.29 -2.33
N ALA C 271 113.13 6.67 -15.14
CA ALA C 271 113.20 5.48 -14.31
C ALA C 271 114.22 5.63 -13.18
N ARG C 272 114.89 6.77 -13.14
CA ARG C 272 115.89 7.01 -12.10
C ARG C 272 115.27 7.33 -10.74
N TYR C 273 113.98 7.66 -10.69
CA TYR C 273 113.30 7.94 -9.44
C TYR C 273 112.67 6.67 -8.87
N LEU C 274 112.46 6.67 -7.56
CA LEU C 274 111.88 5.51 -6.88
C LEU C 274 110.36 5.64 -6.93
N TRP C 275 109.75 4.97 -7.91
CA TRP C 275 108.31 5.02 -8.12
C TRP C 275 107.66 3.85 -7.41
N GLY C 276 106.60 4.13 -6.65
CA GLY C 276 105.89 3.13 -5.89
C GLY C 276 104.47 2.90 -6.40
N ASN C 277 103.90 1.81 -5.93
CA ASN C 277 102.50 1.49 -6.23
C ASN C 277 101.58 2.46 -5.49
N ALA C 278 100.64 3.07 -6.21
CA ALA C 278 99.69 3.98 -5.58
C ALA C 278 98.63 3.26 -4.76
N ALA C 279 98.57 1.92 -4.87
CA ALA C 279 97.69 1.15 -4.02
C ALA C 279 98.04 1.35 -2.55
N TRP C 280 99.33 1.52 -2.23
CA TRP C 280 99.71 1.81 -0.86
C TRP C 280 99.07 3.11 -0.38
N ALA C 281 99.09 4.15 -1.22
CA ALA C 281 98.51 5.43 -0.84
C ALA C 281 96.99 5.33 -0.66
N LEU C 282 96.31 4.62 -1.56
CA LEU C 282 94.87 4.44 -1.39
C LEU C 282 94.57 3.64 -0.12
N THR C 283 95.35 2.59 0.14
CA THR C 283 95.17 1.81 1.37
C THR C 283 95.36 2.69 2.59
N GLN C 284 96.34 3.59 2.55
CA GLN C 284 96.56 4.51 3.66
C GLN C 284 95.36 5.43 3.85
N ARG C 285 94.78 5.91 2.76
CA ARG C 285 93.55 6.69 2.86
C ARG C 285 92.46 5.88 3.56
N ILE C 286 92.33 4.61 3.19
CA ILE C 286 91.30 3.75 3.77
C ILE C 286 91.53 3.54 5.27
N THR C 287 92.78 3.26 5.66
CA THR C 287 93.08 3.01 7.07
C THR C 287 92.94 4.28 7.90
N GLU C 288 93.32 5.43 7.35
CA GLU C 288 93.10 6.68 8.05
C GLU C 288 91.61 6.96 8.25
N ALA C 289 90.81 6.72 7.21
CA ALA C 289 89.37 6.90 7.34
C ALA C 289 88.82 5.99 8.43
N PHE C 290 89.25 4.73 8.45
CA PHE C 290 88.75 3.83 9.50
C PHE C 290 89.19 4.30 10.89
N ALA C 291 90.45 4.71 11.02
CA ALA C 291 90.94 5.13 12.33
C ALA C 291 90.18 6.34 12.85
N ARG C 292 89.87 7.28 11.96
CA ARG C 292 89.20 8.51 12.39
C ARG C 292 87.70 8.35 12.55
N TYR C 293 87.06 7.54 11.72
CA TYR C 293 85.60 7.51 11.65
C TYR C 293 84.98 6.15 11.88
N GLY C 294 85.76 5.07 11.86
CA GLY C 294 85.22 3.74 12.02
C GLY C 294 84.63 3.15 10.75
N TRP C 295 84.65 3.89 9.64
CA TRP C 295 84.15 3.41 8.36
C TRP C 295 85.04 3.99 7.26
N CYS C 296 85.00 3.34 6.10
CA CYS C 296 85.97 3.58 5.03
C CYS C 296 85.36 4.26 3.81
N ALA C 297 84.25 4.99 3.98
CA ALA C 297 83.66 5.66 2.83
C ALA C 297 84.43 6.91 2.44
N ALA C 298 84.94 7.65 3.43
CA ALA C 298 85.52 8.98 3.19
C ALA C 298 86.95 8.82 2.70
N ILE C 299 87.10 8.41 1.44
CA ILE C 299 88.42 8.12 0.90
C ILE C 299 88.63 8.78 -0.47
N ARG C 300 87.91 9.88 -0.75
CA ARG C 300 88.06 10.50 -2.05
C ARG C 300 87.82 12.00 -1.95
N GLY C 301 88.46 12.76 -2.84
CA GLY C 301 88.26 14.18 -2.93
C GLY C 301 89.18 14.97 -2.03
N VAL C 302 89.22 16.28 -2.29
CA VAL C 302 90.09 17.17 -1.53
C VAL C 302 89.67 17.20 -0.07
N GLU C 303 88.37 17.31 0.18
CA GLU C 303 87.85 17.39 1.55
C GLU C 303 87.18 16.10 2.01
N GLY C 304 86.98 15.13 1.13
CA GLY C 304 86.31 13.90 1.48
C GLY C 304 87.20 12.75 1.85
N GLY C 305 88.50 12.98 2.07
CA GLY C 305 89.41 11.94 2.49
C GLY C 305 90.31 11.36 1.42
N GLY C 306 90.34 11.95 0.22
CA GLY C 306 91.19 11.46 -0.84
C GLY C 306 92.54 12.14 -0.97
N ALA C 307 92.91 13.02 -0.04
CA ALA C 307 94.14 13.80 -0.19
C ALA C 307 95.34 13.01 0.29
N VAL C 308 96.35 12.91 -0.58
CA VAL C 308 97.64 12.28 -0.28
C VAL C 308 98.65 13.42 -0.15
N GLU C 309 98.99 13.78 1.07
CA GLU C 309 99.78 14.96 1.36
C GLU C 309 101.24 14.60 1.62
N GLY C 310 102.10 15.62 1.57
CA GLY C 310 103.50 15.45 1.91
C GLY C 310 104.33 14.70 0.89
N LEU C 311 103.95 14.74 -0.37
CA LEU C 311 104.71 14.05 -1.41
C LEU C 311 106.04 14.76 -1.67
N PRO C 312 107.04 14.02 -2.14
CA PRO C 312 108.32 14.67 -2.51
C PRO C 312 108.09 15.73 -3.58
N ALA C 313 108.74 16.87 -3.42
CA ALA C 313 108.65 17.98 -4.36
C ALA C 313 110.06 18.32 -4.83
N HIS C 314 110.52 17.63 -5.86
CA HIS C 314 111.85 17.87 -6.40
C HIS C 314 111.83 19.05 -7.36
N LYS C 326 108.59 18.93 -11.16
CA LYS C 326 108.44 17.50 -11.41
C LYS C 326 107.21 16.91 -10.73
N CYS C 327 106.32 16.33 -11.51
CA CYS C 327 105.11 15.75 -10.94
C CYS C 327 105.47 14.58 -10.03
N PRO C 328 105.03 14.59 -8.76
CA PRO C 328 105.25 13.40 -7.91
C PRO C 328 104.37 12.21 -8.28
N THR C 329 103.51 12.33 -9.28
CA THR C 329 102.63 11.25 -9.72
C THR C 329 102.87 10.86 -11.18
N GLU C 330 104.07 11.11 -11.69
CA GLU C 330 104.53 10.71 -13.02
C GLU C 330 103.92 11.49 -14.17
N VAL C 331 102.76 12.10 -13.96
CA VAL C 331 102.06 12.78 -15.05
C VAL C 331 100.91 13.58 -14.48
N ALA C 332 100.67 14.77 -15.01
CA ALA C 332 99.53 15.57 -14.63
C ALA C 332 98.28 15.01 -15.31
N ILE C 333 97.20 14.89 -14.56
CA ILE C 333 95.94 14.36 -15.07
C ILE C 333 94.90 15.48 -15.01
N THR C 334 94.44 15.92 -16.17
CA THR C 334 93.42 16.94 -16.23
C THR C 334 92.09 16.40 -15.71
N ASP C 335 91.16 17.32 -15.43
CA ASP C 335 89.81 16.93 -15.00
C ASP C 335 89.15 16.02 -16.03
N ARG C 336 89.25 16.38 -17.31
CA ARG C 336 88.64 15.57 -18.35
C ARG C 336 89.28 14.19 -18.43
N ARG C 337 90.61 14.14 -18.30
CA ARG C 337 91.30 12.85 -18.32
C ARG C 337 90.94 12.01 -17.12
N GLU C 338 90.82 12.63 -15.94
CA GLU C 338 90.40 11.90 -14.75
C GLU C 338 89.01 11.31 -14.94
N LYS C 339 88.09 12.08 -15.53
CA LYS C 339 86.75 11.57 -15.76
C LYS C 339 86.76 10.41 -16.76
N GLU C 340 87.55 10.51 -17.83
CA GLU C 340 87.72 9.39 -18.74
C GLU C 340 88.19 8.15 -18.01
N LEU C 341 89.24 8.28 -17.19
CA LEU C 341 89.79 7.13 -16.50
C LEU C 341 88.78 6.52 -15.54
N ASP C 342 88.02 7.37 -14.85
CA ASP C 342 86.95 6.88 -13.98
C ASP C 342 85.92 6.08 -14.78
N ALA C 343 85.54 6.58 -15.95
CA ALA C 343 84.58 5.85 -16.79
C ALA C 343 85.14 4.51 -17.24
N LEU C 344 86.46 4.38 -17.37
CA LEU C 344 87.06 3.15 -17.85
C LEU C 344 87.35 2.16 -16.72
N GLY C 345 86.98 2.47 -15.48
CA GLY C 345 87.16 1.55 -14.39
C GLY C 345 88.45 1.67 -13.61
N PHE C 346 88.98 2.89 -13.48
CA PHE C 346 90.23 3.11 -12.77
C PHE C 346 90.06 4.19 -11.73
N ILE C 347 90.93 4.17 -10.72
CA ILE C 347 91.03 5.21 -9.71
C ILE C 347 92.33 5.95 -9.95
N ALA C 348 92.25 7.20 -10.36
CA ALA C 348 93.44 7.97 -10.72
C ALA C 348 93.87 8.88 -9.58
N LEU C 349 95.18 8.96 -9.36
CA LEU C 349 95.76 9.90 -8.40
C LEU C 349 96.19 11.15 -9.15
N CYS C 350 95.65 12.29 -8.76
CA CYS C 350 95.78 13.54 -9.51
C CYS C 350 96.60 14.55 -8.71
N HIS C 351 97.75 14.92 -9.26
CA HIS C 351 98.63 15.90 -8.62
C HIS C 351 98.01 17.29 -8.69
N LYS C 352 97.99 17.99 -7.56
CA LYS C 352 97.65 19.40 -7.57
C LYS C 352 98.86 20.20 -8.03
N LYS C 353 98.68 20.98 -9.09
CA LYS C 353 99.79 21.71 -9.69
C LYS C 353 100.43 22.65 -8.67
N ASN C 354 101.76 22.73 -8.72
CA ASN C 354 102.54 23.62 -7.84
C ASN C 354 102.28 23.29 -6.36
N SER C 355 102.33 22.01 -6.03
CA SER C 355 102.07 21.59 -4.66
C SER C 355 102.73 20.24 -4.42
N ASP C 356 102.73 19.83 -3.15
CA ASP C 356 103.18 18.50 -2.76
C ASP C 356 102.01 17.60 -2.39
N LEU C 357 100.89 17.76 -3.08
CA LEU C 357 99.65 17.06 -2.76
C LEU C 357 99.05 16.45 -4.02
N ALA C 358 98.46 15.27 -3.86
CA ALA C 358 97.69 14.64 -4.91
C ALA C 358 96.41 14.08 -4.30
N VAL C 359 95.39 13.90 -5.12
CA VAL C 359 94.05 13.57 -4.65
C VAL C 359 93.47 12.45 -5.50
N PHE C 360 92.87 11.46 -4.84
CA PHE C 360 91.99 10.48 -5.48
C PHE C 360 90.62 11.11 -5.60
N PHE C 361 90.28 11.62 -6.80
CA PHE C 361 88.96 12.21 -6.97
C PHE C 361 87.87 11.16 -7.08
N GLY C 362 88.13 10.09 -7.82
CA GLY C 362 87.15 9.03 -8.02
C GLY C 362 87.44 7.83 -7.15
N SER C 363 86.45 6.95 -7.02
CA SER C 363 86.61 5.71 -6.28
C SER C 363 85.85 4.58 -6.97
N GLN C 364 85.98 4.49 -8.28
CA GLN C 364 85.27 3.51 -9.08
C GLN C 364 86.04 2.19 -9.12
N THR C 365 85.34 1.08 -8.91
CA THR C 365 85.94 -0.23 -9.07
C THR C 365 86.11 -0.55 -10.55
N THR C 366 86.64 -1.73 -10.87
CA THR C 366 86.76 -2.10 -12.27
C THR C 366 85.43 -2.53 -12.88
N ASN C 367 84.39 -2.70 -12.08
CA ASN C 367 83.10 -3.15 -12.58
C ASN C 367 82.47 -2.11 -13.51
N ARG C 368 81.95 -2.58 -14.64
CA ARG C 368 81.19 -1.72 -15.52
C ARG C 368 79.72 -1.94 -15.25
N PRO C 369 78.99 -0.97 -14.70
CA PRO C 369 77.59 -1.20 -14.36
C PRO C 369 76.76 -1.50 -15.59
N ARG C 370 75.80 -2.40 -15.43
CA ARG C 370 74.81 -2.64 -16.47
C ARG C 370 73.83 -1.48 -16.55
N VAL C 371 73.27 -1.28 -17.73
CA VAL C 371 72.34 -0.18 -17.99
C VAL C 371 70.95 -0.75 -18.19
N TYR C 372 69.98 -0.19 -17.46
CA TYR C 372 68.62 -0.70 -17.41
C TYR C 372 67.64 0.35 -17.89
N ASN C 373 66.36 -0.03 -17.93
CA ASN C 373 65.30 0.85 -18.37
C ASN C 373 64.60 1.56 -17.22
N THR C 374 65.08 1.41 -15.98
CA THR C 374 64.50 2.13 -14.85
C THR C 374 65.58 2.90 -14.11
N ASN C 375 65.20 4.07 -13.60
CA ASN C 375 66.14 4.90 -12.85
C ASN C 375 66.67 4.18 -11.62
N GLU C 376 65.79 3.46 -10.91
CA GLU C 376 66.21 2.78 -9.68
C GLU C 376 67.26 1.72 -9.97
N ALA C 377 67.05 0.91 -11.01
CA ALA C 377 68.02 -0.12 -11.33
C ALA C 377 69.35 0.49 -11.77
N ASN C 378 69.30 1.55 -12.57
CA ASN C 378 70.53 2.21 -13.00
C ASN C 378 71.30 2.76 -11.80
N ALA C 379 70.60 3.48 -10.91
CA ALA C 379 71.24 4.02 -9.73
C ALA C 379 71.86 2.91 -8.89
N ASN C 380 71.12 1.81 -8.68
CA ASN C 380 71.64 0.73 -7.86
C ASN C 380 72.86 0.09 -8.51
N ALA C 381 72.82 -0.10 -9.83
CA ALA C 381 73.97 -0.68 -10.53
C ALA C 381 75.19 0.22 -10.40
N ARG C 382 75.00 1.53 -10.52
CA ARG C 382 76.14 2.45 -10.48
C ARG C 382 76.81 2.46 -9.11
N ILE C 383 76.02 2.56 -8.04
CA ILE C 383 76.62 2.62 -6.71
C ILE C 383 77.20 1.27 -6.29
N SER C 384 76.71 0.17 -6.87
CA SER C 384 77.30 -1.15 -6.62
C SER C 384 78.66 -1.31 -7.26
N ALA C 385 79.12 -0.32 -8.03
CA ALA C 385 80.44 -0.35 -8.65
C ALA C 385 81.41 0.65 -8.02
N MET C 386 81.04 1.26 -6.89
CA MET C 386 81.87 2.26 -6.23
C MET C 386 82.56 1.66 -5.01
N LEU C 387 83.87 1.85 -4.94
CA LEU C 387 84.67 1.27 -3.86
C LEU C 387 84.18 1.65 -2.46
N PRO C 388 83.87 2.91 -2.14
CA PRO C 388 83.42 3.21 -0.77
C PRO C 388 82.18 2.41 -0.36
N TYR C 389 81.17 2.38 -1.23
CA TYR C 389 79.93 1.70 -0.89
C TYR C 389 80.13 0.20 -0.85
N VAL C 390 80.95 -0.35 -1.76
CA VAL C 390 81.22 -1.79 -1.74
C VAL C 390 81.95 -2.17 -0.46
N LEU C 391 82.89 -1.32 -0.01
CA LEU C 391 83.57 -1.57 1.25
C LEU C 391 82.58 -1.59 2.42
N ALA C 392 81.66 -0.62 2.46
CA ALA C 392 80.65 -0.60 3.51
C ALA C 392 79.78 -1.86 3.47
N ALA C 393 79.32 -2.25 2.29
CA ALA C 393 78.51 -3.46 2.15
C ALA C 393 79.28 -4.68 2.63
N SER C 394 80.57 -4.76 2.30
CA SER C 394 81.40 -5.88 2.73
C SER C 394 81.54 -5.93 4.25
N ARG C 395 81.73 -4.76 4.88
CA ARG C 395 81.79 -4.74 6.34
C ARG C 395 80.50 -5.26 6.95
N PHE C 396 79.37 -4.85 6.38
CA PHE C 396 78.10 -5.36 6.91
C PHE C 396 77.97 -6.86 6.69
N ALA C 397 78.52 -7.39 5.58
CA ALA C 397 78.55 -8.84 5.40
C ALA C 397 79.33 -9.52 6.52
N HIS C 398 80.49 -8.97 6.86
CA HIS C 398 81.31 -9.57 7.92
C HIS C 398 80.58 -9.54 9.26
N TYR C 399 79.96 -8.42 9.59
CA TYR C 399 79.22 -8.30 10.84
C TYR C 399 78.05 -9.27 10.88
N LEU C 400 77.31 -9.38 9.78
CA LEU C 400 76.18 -10.30 9.73
C LEU C 400 76.64 -11.74 9.91
N LYS C 401 77.72 -12.13 9.24
CA LYS C 401 78.27 -13.47 9.43
C LYS C 401 78.53 -13.73 10.91
N VAL C 402 79.24 -12.81 11.57
CA VAL C 402 79.66 -13.06 12.94
C VAL C 402 78.46 -13.11 13.89
N ILE C 403 77.56 -12.12 13.81
CA ILE C 403 76.48 -12.06 14.78
C ILE C 403 75.48 -13.21 14.56
N MET C 404 75.16 -13.51 13.30
CA MET C 404 74.22 -14.59 13.03
C MET C 404 74.83 -15.94 13.37
N ARG C 405 76.14 -16.11 13.20
CA ARG C 405 76.80 -17.30 13.72
C ARG C 405 76.60 -17.42 15.22
N ASP C 406 76.67 -16.29 15.92
CA ASP C 406 76.40 -16.32 17.37
C ASP C 406 74.95 -16.71 17.67
N LYS C 407 74.02 -16.44 16.75
CA LYS C 407 72.61 -16.74 17.03
C LYS C 407 72.18 -18.15 16.61
N VAL C 408 73.02 -18.90 15.88
CA VAL C 408 72.63 -20.26 15.48
C VAL C 408 72.38 -21.10 16.73
N GLY C 409 71.25 -21.80 16.75
CA GLY C 409 70.89 -22.67 17.85
C GLY C 409 69.99 -22.04 18.90
N SER C 410 69.85 -20.73 18.92
CA SER C 410 68.91 -20.07 19.80
C SER C 410 67.49 -20.19 19.26
N PHE C 411 66.51 -20.14 20.18
CA PHE C 411 65.10 -20.18 19.80
C PHE C 411 64.73 -18.89 19.09
N MET C 412 64.53 -18.94 17.78
CA MET C 412 64.26 -17.74 17.01
C MET C 412 63.24 -18.03 15.92
N THR C 413 62.16 -17.26 15.91
CA THR C 413 61.22 -17.25 14.80
C THR C 413 61.74 -16.34 13.69
N ARG C 414 61.00 -16.30 12.58
CA ARG C 414 61.32 -15.37 11.50
C ARG C 414 61.24 -13.93 12.01
N ASP C 415 60.20 -13.62 12.78
CA ASP C 415 60.04 -12.28 13.32
C ASP C 415 61.14 -11.93 14.31
N ASN C 416 61.57 -12.90 15.13
CA ASN C 416 62.68 -12.66 16.04
C ASN C 416 63.94 -12.26 15.27
N VAL C 417 64.24 -12.97 14.19
CA VAL C 417 65.42 -12.67 13.39
C VAL C 417 65.30 -11.27 12.79
N GLN C 418 64.14 -10.97 12.22
CA GLN C 418 63.95 -9.67 11.58
C GLN C 418 64.09 -8.53 12.59
N THR C 419 63.46 -8.68 13.77
CA THR C 419 63.55 -7.65 14.80
C THR C 419 64.99 -7.48 15.27
N TYR C 420 65.70 -8.58 15.50
CA TYR C 420 67.08 -8.49 15.95
C TYR C 420 67.93 -7.76 14.93
N LEU C 421 67.81 -8.13 13.65
CA LEU C 421 68.69 -7.55 12.64
C LEU C 421 68.36 -6.07 12.40
N ASN C 422 67.07 -5.71 12.41
CA ASN C 422 66.73 -4.30 12.23
C ASN C 422 67.16 -3.47 13.43
N ASN C 423 67.08 -4.04 14.64
CA ASN C 423 67.55 -3.35 15.82
C ASN C 423 69.06 -3.15 15.78
N TRP C 424 69.80 -4.17 15.35
CA TRP C 424 71.25 -4.10 15.35
C TRP C 424 71.77 -3.07 14.35
N ILE C 425 71.17 -3.00 13.16
CA ILE C 425 71.67 -2.11 12.11
C ILE C 425 71.28 -0.66 12.33
N ALA C 426 70.30 -0.39 13.19
CA ALA C 426 69.82 0.98 13.36
C ALA C 426 70.90 1.90 13.90
N ASP C 427 71.88 1.36 14.64
CA ASP C 427 72.93 2.20 15.22
C ASP C 427 73.83 2.83 14.17
N TYR C 428 73.82 2.33 12.94
CA TYR C 428 74.72 2.81 11.90
C TYR C 428 74.05 3.76 10.93
N VAL C 429 72.82 4.19 11.22
CA VAL C 429 72.03 5.03 10.33
C VAL C 429 72.05 6.45 10.86
N LEU C 430 72.30 7.41 9.97
CA LEU C 430 72.24 8.83 10.28
C LEU C 430 71.23 9.49 9.34
N ILE C 431 70.20 10.09 9.92
CA ILE C 431 69.11 10.66 9.13
C ILE C 431 69.42 12.08 8.66
N ASN C 432 70.26 12.81 9.39
CA ASN C 432 70.45 14.24 9.16
C ASN C 432 71.38 14.47 7.97
N ASP C 433 70.78 14.84 6.83
CA ASP C 433 71.57 15.14 5.64
C ASP C 433 72.27 16.49 5.71
N ASN C 434 72.01 17.30 6.74
CA ASN C 434 72.71 18.56 6.95
C ASN C 434 73.92 18.42 7.87
N ALA C 435 74.21 17.22 8.34
CA ALA C 435 75.38 17.02 9.18
C ALA C 435 76.65 17.32 8.40
N PRO C 436 77.70 17.79 9.05
CA PRO C 436 78.95 18.07 8.35
C PRO C 436 79.60 16.81 7.83
N GLN C 437 80.62 17.00 6.99
CA GLN C 437 81.32 15.89 6.35
C GLN C 437 81.86 14.91 7.38
N GLU C 438 82.51 15.42 8.43
CA GLU C 438 83.13 14.57 9.43
C GLU C 438 82.12 13.75 10.23
N ILE C 439 80.85 14.18 10.28
CA ILE C 439 79.83 13.38 10.95
C ILE C 439 79.29 12.32 10.01
N LYS C 440 78.98 12.70 8.77
CA LYS C 440 78.50 11.72 7.79
C LYS C 440 79.52 10.61 7.58
N ALA C 441 80.80 10.92 7.67
CA ALA C 441 81.84 9.91 7.50
C ALA C 441 81.76 8.81 8.55
N GLN C 442 81.16 9.09 9.71
CA GLN C 442 81.07 8.13 10.80
C GLN C 442 79.86 7.22 10.71
N TYR C 443 78.94 7.46 9.78
CA TYR C 443 77.71 6.68 9.66
C TYR C 443 77.58 6.17 8.23
N PRO C 444 77.77 4.89 7.99
CA PRO C 444 77.74 4.40 6.60
C PRO C 444 76.37 4.46 5.94
N LEU C 445 75.28 4.63 6.71
CA LEU C 445 73.93 4.47 6.18
C LEU C 445 73.10 5.72 6.39
N ARG C 446 72.32 6.07 5.37
CA ARG C 446 71.24 7.03 5.51
C ARG C 446 69.90 6.35 5.76
N GLU C 447 69.79 5.06 5.42
CA GLU C 447 68.58 4.29 5.60
C GLU C 447 68.93 2.82 5.44
N ALA C 448 68.20 1.96 6.16
CA ALA C 448 68.43 0.53 6.04
C ALA C 448 67.16 -0.21 6.46
N ARG C 449 67.00 -1.41 5.91
CA ARG C 449 65.89 -2.27 6.29
C ARG C 449 66.27 -3.71 6.00
N VAL C 450 65.89 -4.62 6.89
CA VAL C 450 66.11 -6.05 6.73
C VAL C 450 64.76 -6.73 6.66
N ASP C 451 64.56 -7.51 5.60
CA ASP C 451 63.35 -8.29 5.40
C ASP C 451 63.70 -9.77 5.52
N VAL C 452 62.98 -10.50 6.37
CA VAL C 452 63.27 -11.90 6.63
C VAL C 452 62.04 -12.74 6.27
N SER C 453 62.29 -13.88 5.62
CA SER C 453 61.22 -14.78 5.21
C SER C 453 61.57 -16.21 5.59
N GLU C 454 60.54 -17.03 5.78
CA GLU C 454 60.72 -18.44 6.11
C GLU C 454 60.95 -19.25 4.84
N VAL C 455 61.62 -20.39 5.01
CA VAL C 455 61.79 -21.37 3.94
C VAL C 455 60.83 -22.52 4.21
N VAL C 456 59.90 -22.75 3.28
CA VAL C 456 58.83 -23.71 3.53
C VAL C 456 59.43 -25.09 3.73
N GLY C 457 58.89 -25.83 4.69
CA GLY C 457 59.30 -27.18 4.97
C GLY C 457 60.58 -27.32 5.77
N LYS C 458 61.19 -26.22 6.21
CA LYS C 458 62.48 -26.25 6.90
C LYS C 458 62.40 -25.36 8.14
N PRO C 459 61.95 -25.92 9.26
CA PRO C 459 61.90 -25.12 10.50
C PRO C 459 63.26 -24.55 10.85
N GLY C 460 63.28 -23.28 11.25
CA GLY C 460 64.50 -22.61 11.64
C GLY C 460 65.43 -22.24 10.50
N VAL C 461 64.97 -22.29 9.26
CA VAL C 461 65.77 -21.89 8.10
C VAL C 461 65.12 -20.65 7.50
N TYR C 462 65.91 -19.59 7.31
CA TYR C 462 65.38 -18.30 6.91
C TYR C 462 66.20 -17.69 5.78
N ARG C 463 65.58 -16.77 5.06
CA ARG C 463 66.23 -15.95 4.05
C ARG C 463 66.01 -14.48 4.38
N ALA C 464 67.03 -13.67 4.18
CA ALA C 464 66.95 -12.25 4.47
C ALA C 464 67.47 -11.44 3.29
N THR C 465 66.91 -10.25 3.14
CA THR C 465 67.45 -9.24 2.23
C THR C 465 67.78 -8.00 3.04
N VAL C 466 69.01 -7.51 2.88
CA VAL C 466 69.52 -6.37 3.64
C VAL C 466 69.67 -5.21 2.67
N PHE C 467 68.79 -4.23 2.76
CA PHE C 467 68.85 -3.05 1.93
C PHE C 467 69.65 -1.96 2.64
N LEU C 468 70.71 -1.49 2.00
CA LEU C 468 71.58 -0.46 2.56
C LEU C 468 71.56 0.76 1.66
N ARG C 469 71.15 1.90 2.22
CA ARG C 469 71.19 3.16 1.48
C ARG C 469 72.26 4.05 2.07
N PRO C 470 73.40 4.21 1.40
CA PRO C 470 74.50 4.99 1.97
C PRO C 470 74.26 6.48 1.80
N HIS C 471 75.16 7.27 2.38
CA HIS C 471 75.24 8.69 2.08
C HIS C 471 76.04 8.85 0.80
N PHE C 472 75.47 9.54 -0.19
CA PHE C 472 76.09 9.59 -1.50
C PHE C 472 77.07 10.75 -1.63
N GLN C 473 78.16 10.50 -2.33
CA GLN C 473 79.23 11.46 -2.52
C GLN C 473 79.08 12.16 -3.87
N LEU C 474 79.47 13.44 -3.91
CA LEU C 474 79.30 14.23 -5.11
C LEU C 474 80.19 13.69 -6.23
N GLU C 475 79.58 13.43 -7.39
CA GLU C 475 80.28 12.88 -8.53
C GLU C 475 80.47 13.87 -9.67
N GLU C 476 79.42 14.60 -10.05
CA GLU C 476 79.46 15.48 -11.21
C GLU C 476 78.54 16.66 -10.98
N LEU C 477 78.86 17.78 -11.62
CA LEU C 477 78.01 18.97 -11.58
C LEU C 477 78.09 19.67 -12.93
N THR C 478 76.95 19.82 -13.58
CA THR C 478 76.84 20.60 -14.81
C THR C 478 76.12 21.90 -14.49
N ALA C 479 76.76 23.02 -14.74
CA ALA C 479 76.23 24.32 -14.36
C ALA C 479 76.10 25.23 -15.59
N SER C 480 75.03 26.04 -15.60
CA SER C 480 74.80 27.04 -16.62
C SER C 480 74.76 28.40 -15.94
N ILE C 481 75.67 29.29 -16.34
CA ILE C 481 75.72 30.64 -15.82
C ILE C 481 74.94 31.56 -16.76
N ARG C 482 74.07 32.39 -16.20
CA ARG C 482 73.19 33.24 -17.00
C ARG C 482 73.11 34.63 -16.40
N LEU C 483 73.56 35.64 -17.13
CA LEU C 483 73.34 37.03 -16.74
C LEU C 483 71.89 37.40 -17.01
N VAL C 484 71.24 38.01 -16.02
CA VAL C 484 69.83 38.37 -16.16
C VAL C 484 69.62 39.78 -15.61
N ALA C 485 68.69 40.51 -16.25
CA ALA C 485 68.26 41.79 -15.70
C ALA C 485 67.30 41.62 -14.54
N THR C 486 66.53 40.54 -14.52
CA THR C 486 65.66 40.18 -13.40
C THR C 486 65.78 38.69 -13.15
N LEU C 487 65.77 38.30 -11.89
CA LEU C 487 65.82 36.88 -11.54
C LEU C 487 64.53 36.19 -11.94
N PRO C 488 64.56 35.15 -12.76
CA PRO C 488 63.34 34.40 -13.06
C PRO C 488 62.95 33.53 -11.87
N PRO C 489 61.66 33.14 -11.78
CA PRO C 489 61.26 32.25 -10.70
C PRO C 489 61.93 30.89 -10.85
N PRO C 490 62.16 30.18 -9.73
CA PRO C 490 62.81 28.86 -9.77
C PRO C 490 62.00 27.79 -10.49
N GLU D 3 77.90 -18.33 34.43
CA GLU D 3 76.89 -18.03 35.45
C GLU D 3 77.57 -17.61 36.76
N SER D 4 77.13 -16.48 37.32
CA SER D 4 77.67 -16.03 38.59
C SER D 4 77.36 -17.04 39.69
N THR D 5 78.30 -17.18 40.63
CA THR D 5 78.08 -18.07 41.77
C THR D 5 76.88 -17.61 42.60
N GLN D 6 76.57 -16.32 42.56
CA GLN D 6 75.38 -15.83 43.26
C GLN D 6 74.13 -16.51 42.73
N HIS D 7 74.03 -16.66 41.41
CA HIS D 7 72.86 -17.31 40.82
C HIS D 7 72.86 -18.81 41.00
N LYS D 8 74.03 -19.43 41.20
CA LYS D 8 74.05 -20.84 41.55
C LYS D 8 73.37 -21.09 42.89
N LEU D 9 73.54 -20.17 43.84
CA LEU D 9 72.88 -20.26 45.13
C LEU D 9 71.37 -20.02 45.04
N ASP D 10 70.87 -19.56 43.90
CA ASP D 10 69.41 -19.58 43.68
C ASP D 10 68.86 -21.00 43.72
N ARG D 11 69.67 -21.98 43.31
CA ARG D 11 69.21 -23.35 43.11
C ARG D 11 69.74 -24.34 44.13
N ILE D 12 70.96 -24.17 44.61
CA ILE D 12 71.63 -25.17 45.44
C ILE D 12 71.49 -24.75 46.89
N ARG D 13 70.55 -25.38 47.60
CA ARG D 13 70.29 -25.11 49.01
C ARG D 13 70.19 -23.61 49.29
N PRO D 14 69.24 -22.91 48.67
CA PRO D 14 69.21 -21.46 48.79
C PRO D 14 68.77 -21.03 50.18
N PRO D 15 69.22 -19.87 50.64
CA PRO D 15 68.71 -19.33 51.90
C PRO D 15 67.33 -18.71 51.70
N ARG D 16 66.69 -18.37 52.81
CA ARG D 16 65.42 -17.66 52.74
C ARG D 16 65.59 -16.31 52.06
N VAL D 17 66.64 -15.58 52.42
CA VAL D 17 66.91 -14.26 51.86
C VAL D 17 68.09 -14.41 50.92
N GLN D 18 67.82 -14.44 49.62
CA GLN D 18 68.81 -14.73 48.60
C GLN D 18 69.02 -13.47 47.77
N ILE D 19 70.25 -12.97 47.73
CA ILE D 19 70.57 -11.68 47.13
C ILE D 19 71.65 -11.86 46.08
N THR D 20 71.45 -11.26 44.91
CA THR D 20 72.41 -11.29 43.83
C THR D 20 72.63 -9.87 43.31
N TYR D 21 73.76 -9.66 42.63
CA TYR D 21 73.99 -8.42 41.91
C TYR D 21 73.78 -8.67 40.41
N ASP D 22 73.14 -7.73 39.74
CA ASP D 22 72.89 -7.84 38.31
C ASP D 22 73.07 -6.48 37.64
N VAL D 23 73.49 -6.52 36.38
CA VAL D 23 73.58 -5.32 35.55
C VAL D 23 72.21 -5.10 34.90
N GLU D 24 71.66 -3.93 35.10
CA GLU D 24 70.37 -3.57 34.50
C GLU D 24 70.62 -3.20 33.04
N THR D 25 70.26 -4.09 32.12
CA THR D 25 70.46 -3.84 30.70
C THR D 25 69.16 -3.64 29.93
N GLY D 26 68.01 -3.82 30.56
CA GLY D 26 66.74 -3.64 29.86
C GLY D 26 66.63 -4.57 28.66
N ASN D 27 66.22 -4.02 27.52
CA ASN D 27 66.13 -4.77 26.28
C ASN D 27 67.32 -4.52 25.36
N ALA D 28 68.45 -4.08 25.91
CA ALA D 28 69.62 -3.81 25.09
C ALA D 28 70.25 -5.10 24.56
N ILE D 29 70.85 -5.01 23.38
CA ILE D 29 71.60 -6.12 22.79
C ILE D 29 73.07 -5.76 22.79
N GLU D 30 73.91 -6.79 22.88
CA GLU D 30 75.35 -6.59 22.88
C GLU D 30 75.83 -6.19 21.49
N LYS D 31 76.76 -5.24 21.43
CA LYS D 31 77.32 -4.77 20.18
C LYS D 31 78.77 -5.23 20.10
N LYS D 32 78.98 -6.43 19.59
CA LYS D 32 80.35 -6.89 19.37
C LYS D 32 80.97 -6.15 18.18
N GLU D 33 82.23 -5.78 18.33
CA GLU D 33 82.94 -4.98 17.34
C GLU D 33 83.98 -5.82 16.62
N LEU D 34 84.16 -5.58 15.33
CA LEU D 34 85.17 -6.25 14.55
C LEU D 34 86.30 -5.29 14.19
N PRO D 35 87.55 -5.71 14.32
CA PRO D 35 88.65 -4.87 13.85
C PRO D 35 88.63 -4.76 12.34
N LEU D 36 89.26 -3.72 11.83
CA LEU D 36 89.57 -3.64 10.41
C LEU D 36 90.83 -4.45 10.17
N VAL D 37 90.75 -5.43 9.27
CA VAL D 37 91.88 -6.27 8.93
C VAL D 37 92.23 -6.05 7.47
N VAL D 38 93.44 -5.58 7.20
CA VAL D 38 93.92 -5.38 5.85
C VAL D 38 94.87 -6.52 5.51
N GLY D 39 94.53 -7.29 4.48
CA GLY D 39 95.44 -8.29 3.98
C GLY D 39 96.33 -7.75 2.89
N ILE D 40 97.64 -7.85 3.09
CA ILE D 40 98.62 -7.32 2.14
C ILE D 40 99.28 -8.49 1.42
N LEU D 41 99.28 -8.44 0.10
CA LEU D 41 99.93 -9.45 -0.74
C LEU D 41 101.04 -8.76 -1.51
N ALA D 42 102.28 -9.12 -1.21
CA ALA D 42 103.43 -8.45 -1.82
C ALA D 42 104.57 -9.42 -1.99
N ASP D 43 105.35 -9.21 -3.05
CA ASP D 43 106.53 -10.02 -3.36
C ASP D 43 107.73 -9.35 -2.70
N LEU D 44 108.03 -9.74 -1.47
CA LEU D 44 109.05 -9.08 -0.69
C LEU D 44 110.35 -9.87 -0.63
N MET D 56 100.83 -22.89 0.45
CA MET D 56 99.99 -23.49 1.49
C MET D 56 100.68 -23.40 2.85
N GLU D 57 102.01 -23.42 2.81
CA GLU D 57 102.83 -23.39 4.01
C GLU D 57 102.90 -22.00 4.64
N ARG D 58 102.80 -20.95 3.84
CA ARG D 58 102.98 -19.60 4.34
C ARG D 58 101.72 -19.12 5.06
N ARG D 59 101.79 -17.91 5.62
CA ARG D 59 100.67 -17.40 6.38
C ARG D 59 100.67 -15.88 6.33
N PHE D 60 99.53 -15.30 6.69
CA PHE D 60 99.41 -13.86 6.84
C PHE D 60 99.94 -13.47 8.21
N VAL D 61 101.14 -12.88 8.24
CA VAL D 61 101.79 -12.54 9.49
C VAL D 61 101.44 -11.10 9.87
N GLU D 62 101.01 -10.90 11.11
CA GLU D 62 100.64 -9.57 11.57
C GLU D 62 101.85 -8.66 11.61
N ILE D 63 101.72 -7.47 11.04
CA ILE D 63 102.83 -6.53 10.93
C ILE D 63 102.39 -5.18 11.46
N ASN D 64 103.29 -4.51 12.18
CA ASN D 64 102.99 -3.21 12.77
C ASN D 64 104.29 -2.45 12.93
N ARG D 65 104.19 -1.24 13.48
CA ARG D 65 105.38 -0.41 13.64
C ARG D 65 106.39 -1.03 14.61
N ASP D 66 105.92 -1.86 15.54
CA ASP D 66 106.83 -2.44 16.53
C ASP D 66 107.68 -3.55 15.93
N ASN D 67 107.06 -4.48 15.20
CA ASN D 67 107.76 -5.68 14.75
C ASN D 67 108.19 -5.62 13.29
N PHE D 68 108.18 -4.43 12.69
CA PHE D 68 108.43 -4.31 11.25
C PHE D 68 109.80 -4.88 10.88
N ASN D 69 110.82 -4.52 11.65
CA ASN D 69 112.17 -4.97 11.31
C ASN D 69 112.34 -6.46 11.57
N ASP D 70 111.63 -7.03 12.54
CA ASP D 70 111.64 -8.47 12.72
C ASP D 70 111.07 -9.18 11.51
N VAL D 71 109.97 -8.66 10.95
CA VAL D 71 109.39 -9.27 9.75
C VAL D 71 110.32 -9.11 8.56
N LEU D 72 110.97 -7.95 8.45
CA LEU D 72 111.94 -7.75 7.38
C LEU D 72 113.09 -8.74 7.51
N ALA D 73 113.58 -8.96 8.72
CA ALA D 73 114.67 -9.90 8.93
C ALA D 73 114.24 -11.32 8.60
N SER D 74 113.04 -11.71 9.04
CA SER D 74 112.57 -13.07 8.79
C SER D 74 112.35 -13.32 7.30
N ILE D 75 111.87 -12.31 6.57
CA ILE D 75 111.80 -12.42 5.12
C ILE D 75 113.21 -12.44 4.53
N ALA D 76 114.09 -11.57 5.04
CA ALA D 76 115.49 -11.47 4.66
C ALA D 76 115.65 -11.22 3.16
N PRO D 77 115.18 -10.09 2.64
CA PRO D 77 115.35 -9.80 1.22
C PRO D 77 116.81 -9.65 0.81
N GLN E 90 79.54 -77.11 5.49
CA GLN E 90 78.87 -76.01 4.80
C GLN E 90 77.39 -76.30 4.62
N LYS E 91 77.09 -77.44 3.98
CA LYS E 91 75.71 -77.79 3.70
C LYS E 91 74.92 -78.02 4.98
N LEU E 92 75.52 -78.70 5.96
CA LEU E 92 74.88 -78.83 7.27
C LEU E 92 74.80 -77.48 7.97
N GLU E 93 75.89 -76.71 7.95
CA GLU E 93 75.89 -75.41 8.62
C GLU E 93 74.86 -74.49 8.01
N ALA E 94 74.74 -74.50 6.68
CA ALA E 94 73.78 -73.62 6.01
C ALA E 94 72.35 -73.96 6.41
N SER E 95 72.04 -75.25 6.52
CA SER E 95 70.70 -75.66 6.93
C SER E 95 70.40 -75.21 8.35
N TRP E 96 71.34 -75.44 9.28
CA TRP E 96 71.10 -75.07 10.66
C TRP E 96 71.08 -73.55 10.84
N ARG E 97 71.96 -72.84 10.14
CA ARG E 97 71.98 -71.39 10.25
C ARG E 97 70.74 -70.77 9.62
N GLY E 98 70.32 -71.28 8.47
CA GLY E 98 69.07 -70.82 7.88
C GLY E 98 67.89 -71.06 8.80
N LEU E 99 67.83 -72.25 9.40
CA LEU E 99 66.76 -72.54 10.35
C LEU E 99 66.83 -71.62 11.56
N HIS E 100 68.03 -71.40 12.11
CA HIS E 100 68.17 -70.55 13.28
C HIS E 100 67.73 -69.12 12.98
N MET E 101 68.11 -68.60 11.82
CA MET E 101 67.67 -67.25 11.43
C MET E 101 66.15 -67.17 11.34
N LEU E 102 65.51 -68.16 10.74
CA LEU E 102 64.05 -68.15 10.66
C LEU E 102 63.42 -68.21 12.05
N VAL E 103 63.93 -69.10 12.91
CA VAL E 103 63.38 -69.23 14.25
C VAL E 103 63.56 -67.94 15.04
N LYS E 104 64.75 -67.36 14.96
CA LYS E 104 65.06 -66.18 15.76
C LYS E 104 64.28 -64.95 15.29
N ASN E 105 63.93 -64.89 14.01
CA ASN E 105 63.28 -63.73 13.42
C ASN E 105 61.78 -63.92 13.26
N THR E 106 61.21 -64.96 13.85
CA THR E 106 59.79 -65.24 13.76
C THR E 106 59.16 -65.06 15.14
N GLU E 107 58.08 -64.29 15.22
CA GLU E 107 57.37 -64.06 16.46
C GLU E 107 56.49 -65.27 16.78
N THR E 108 57.16 -66.36 17.19
CA THR E 108 56.45 -67.55 17.61
C THR E 108 55.68 -67.30 18.90
N GLY E 109 54.56 -67.99 19.04
CA GLY E 109 53.70 -67.76 20.18
C GLY E 109 52.38 -68.48 20.04
N ALA E 110 51.36 -67.94 20.69
CA ALA E 110 50.04 -68.57 20.65
C ALA E 110 49.51 -68.66 19.23
N ARG E 111 49.77 -67.64 18.41
CA ARG E 111 49.21 -67.56 17.08
C ARG E 111 50.14 -68.05 15.97
N LEU E 112 51.38 -68.38 16.29
CA LEU E 112 52.38 -68.72 15.28
C LEU E 112 53.27 -69.83 15.79
N LYS E 113 53.32 -70.95 15.07
CA LYS E 113 54.10 -72.11 15.47
C LYS E 113 54.96 -72.60 14.32
N LEU E 114 56.18 -73.00 14.64
CA LEU E 114 57.08 -73.66 13.71
C LEU E 114 57.26 -75.10 14.16
N ARG E 115 57.04 -76.05 13.26
CA ARG E 115 57.18 -77.46 13.54
C ARG E 115 58.16 -78.06 12.55
N LEU E 116 59.09 -78.86 13.05
CA LEU E 116 60.25 -79.31 12.28
C LEU E 116 60.27 -80.82 12.16
N LEU E 117 60.42 -81.31 10.93
CA LEU E 117 60.57 -82.73 10.66
C LEU E 117 61.94 -82.96 10.05
N ASN E 118 62.80 -83.69 10.77
CA ASN E 118 64.15 -83.99 10.32
C ASN E 118 64.11 -85.18 9.37
N VAL E 119 64.40 -84.94 8.10
CA VAL E 119 64.27 -85.98 7.07
C VAL E 119 65.07 -85.56 5.86
N THR E 120 65.70 -86.53 5.19
CA THR E 120 66.49 -86.28 4.00
C THR E 120 65.62 -86.34 2.75
N GLN E 121 66.15 -85.81 1.65
CA GLN E 121 65.43 -85.81 0.38
C GLN E 121 65.18 -87.24 -0.11
N LYS E 122 66.18 -88.11 0.03
CA LYS E 122 66.03 -89.49 -0.40
C LYS E 122 64.98 -90.22 0.44
N GLU E 123 64.95 -89.95 1.75
CA GLU E 123 63.94 -90.57 2.60
C GLU E 123 62.54 -90.13 2.21
N LEU E 124 62.35 -88.85 1.90
CA LEU E 124 61.05 -88.38 1.43
C LEU E 124 60.66 -89.06 0.12
N LEU E 125 61.61 -89.16 -0.80
CA LEU E 125 61.34 -89.82 -2.07
C LEU E 125 60.90 -91.27 -1.85
N ILE E 126 61.62 -91.99 -0.99
CA ILE E 126 61.29 -93.39 -0.73
C ILE E 126 59.93 -93.51 -0.08
N ASP E 127 59.66 -92.68 0.92
CA ASP E 127 58.37 -92.73 1.61
C ASP E 127 57.22 -92.47 0.64
N LEU E 128 57.37 -91.48 -0.24
CA LEU E 128 56.28 -91.14 -1.14
C LEU E 128 56.12 -92.18 -2.25
N GLU E 129 57.22 -92.72 -2.76
CA GLU E 129 57.12 -93.67 -3.86
C GLU E 129 56.67 -95.05 -3.41
N LYS E 130 57.03 -95.47 -2.19
CA LYS E 130 56.75 -96.83 -1.75
C LYS E 130 55.41 -96.98 -1.05
N ALA E 131 54.70 -95.88 -0.82
CA ALA E 131 53.40 -95.97 -0.17
C ALA E 131 52.45 -96.82 -1.01
N VAL E 132 51.70 -97.70 -0.35
CA VAL E 132 50.77 -98.57 -1.06
C VAL E 132 49.69 -97.75 -1.74
N GLU E 133 49.25 -96.67 -1.09
CA GLU E 133 48.31 -95.72 -1.67
C GLU E 133 48.75 -94.32 -1.28
N PHE E 134 48.23 -93.32 -2.00
CA PHE E 134 48.70 -91.95 -1.81
C PHE E 134 48.48 -91.46 -0.39
N ASP E 135 47.43 -91.94 0.28
CA ASP E 135 47.12 -91.48 1.63
C ASP E 135 47.80 -92.31 2.71
N GLN E 136 48.68 -93.24 2.33
CA GLN E 136 49.32 -94.13 3.28
C GLN E 136 50.75 -93.72 3.62
N SER E 137 51.33 -92.78 2.88
CA SER E 137 52.70 -92.37 3.14
C SER E 137 52.82 -91.69 4.49
N ALA E 138 54.00 -91.76 5.08
CA ALA E 138 54.24 -91.09 6.35
C ALA E 138 53.99 -89.60 6.25
N LEU E 139 54.43 -88.99 5.14
CA LEU E 139 54.20 -87.57 4.95
C LEU E 139 52.72 -87.23 4.90
N PHE E 140 51.93 -88.02 4.16
CA PHE E 140 50.50 -87.75 4.12
C PHE E 140 49.88 -87.87 5.51
N LYS E 141 50.20 -88.94 6.24
CA LYS E 141 49.67 -89.08 7.59
C LYS E 141 50.00 -87.86 8.42
N LYS E 142 51.28 -87.50 8.50
CA LYS E 142 51.73 -86.45 9.41
C LYS E 142 51.21 -85.07 9.01
N ILE E 143 51.07 -84.80 7.71
CA ILE E 143 50.70 -83.45 7.28
C ILE E 143 49.19 -83.32 7.15
N TYR E 144 48.53 -84.26 6.47
CA TYR E 144 47.09 -84.20 6.31
C TYR E 144 46.36 -84.76 7.53
N GLU E 145 46.56 -86.05 7.83
CA GLU E 145 45.65 -86.72 8.74
C GLU E 145 45.78 -86.21 10.17
N GLU E 146 47.02 -86.04 10.63
CA GLU E 146 47.23 -85.75 12.05
C GLU E 146 46.82 -84.33 12.42
N GLU E 147 46.83 -83.39 11.47
CA GLU E 147 46.44 -82.03 11.78
C GLU E 147 45.20 -81.57 11.03
N TYR E 148 45.23 -81.56 9.70
CA TYR E 148 44.08 -81.06 8.95
C TYR E 148 42.89 -82.00 9.08
N GLY E 149 43.15 -83.30 9.14
CA GLY E 149 42.09 -84.29 9.14
C GLY E 149 41.73 -84.88 10.49
N THR E 150 42.10 -84.21 11.59
CA THR E 150 41.80 -84.69 12.92
C THR E 150 41.09 -83.62 13.73
N PHE E 151 40.07 -84.04 14.48
CA PHE E 151 39.36 -83.17 15.41
C PHE E 151 40.33 -82.53 16.39
N GLY E 152 40.34 -81.20 16.45
CA GLY E 152 41.24 -80.48 17.32
C GLY E 152 42.61 -80.17 16.74
N GLY E 153 42.91 -80.64 15.52
CA GLY E 153 44.19 -80.34 14.92
C GLY E 153 44.31 -78.90 14.47
N HIS E 154 45.56 -78.43 14.40
CA HIS E 154 45.88 -77.12 13.84
C HIS E 154 46.51 -77.34 12.47
N PRO E 155 45.79 -77.12 11.38
CA PRO E 155 46.32 -77.48 10.06
C PRO E 155 47.61 -76.74 9.74
N PHE E 156 48.52 -77.46 9.09
CA PHE E 156 49.72 -76.83 8.56
C PHE E 156 49.35 -75.75 7.55
N SER E 157 49.76 -74.51 7.83
CA SER E 157 49.47 -73.42 6.91
C SER E 157 50.39 -73.45 5.70
N LEU E 158 51.63 -73.86 5.88
CA LEU E 158 52.66 -73.77 4.85
C LEU E 158 53.73 -74.81 5.14
N LEU E 159 54.38 -75.28 4.09
CA LEU E 159 55.51 -76.20 4.21
C LEU E 159 56.72 -75.59 3.53
N VAL E 160 57.86 -75.59 4.21
CA VAL E 160 59.11 -75.15 3.63
C VAL E 160 60.06 -76.34 3.57
N GLY E 161 60.59 -76.61 2.40
CA GLY E 161 61.54 -77.68 2.23
C GLY E 161 62.93 -77.14 1.98
N ASP E 162 63.88 -77.45 2.86
CA ASP E 162 65.27 -77.05 2.68
C ASP E 162 65.96 -78.03 1.72
N TYR E 163 65.48 -78.04 0.48
CA TYR E 163 66.03 -78.88 -0.56
C TYR E 163 66.07 -78.10 -1.87
N SER E 164 66.98 -78.52 -2.75
CA SER E 164 67.06 -77.99 -4.10
C SER E 164 66.56 -79.05 -5.07
N PHE E 165 65.80 -78.63 -6.06
CA PHE E 165 65.20 -79.55 -7.03
C PHE E 165 65.76 -79.25 -8.41
N GLY E 166 66.36 -80.26 -9.03
CA GLY E 166 66.94 -80.13 -10.35
C GLY E 166 66.04 -80.71 -11.43
N ARG E 167 66.64 -80.98 -12.58
CA ARG E 167 65.92 -81.56 -13.71
C ARG E 167 65.90 -83.07 -13.67
N HIS E 168 66.54 -83.69 -12.69
CA HIS E 168 66.62 -85.13 -12.63
C HIS E 168 65.23 -85.74 -12.51
N PRO E 169 64.98 -86.90 -13.13
CA PRO E 169 63.64 -87.49 -13.07
C PRO E 169 63.13 -87.75 -11.67
N GLN E 170 63.98 -88.20 -10.74
CA GLN E 170 63.50 -88.42 -9.39
C GLN E 170 63.25 -87.11 -8.67
N ASP E 171 63.95 -86.05 -9.03
CA ASP E 171 63.67 -84.73 -8.45
C ASP E 171 62.27 -84.26 -8.84
N ILE E 172 61.91 -84.37 -10.11
CA ILE E 172 60.59 -83.95 -10.55
C ILE E 172 59.52 -84.88 -10.00
N GLY E 173 59.81 -86.18 -9.92
CA GLY E 173 58.86 -87.11 -9.32
C GLY E 173 58.58 -86.80 -7.86
N LEU E 174 59.64 -86.51 -7.11
CA LEU E 174 59.47 -86.10 -5.72
C LEU E 174 58.69 -84.81 -5.61
N LEU E 175 58.97 -83.85 -6.50
CA LEU E 175 58.20 -82.60 -6.51
C LEU E 175 56.73 -82.88 -6.75
N GLU E 176 56.42 -83.82 -7.64
CA GLU E 176 55.03 -84.16 -7.93
C GLU E 176 54.33 -84.80 -6.73
N LYS E 177 54.99 -85.77 -6.09
CA LYS E 177 54.40 -86.40 -4.91
C LYS E 177 54.20 -85.39 -3.78
N LEU E 178 55.20 -84.53 -3.56
CA LEU E 178 55.08 -83.49 -2.55
C LEU E 178 53.94 -82.55 -2.88
N SER E 179 53.77 -82.20 -4.16
CA SER E 179 52.67 -81.32 -4.55
C SER E 179 51.33 -81.98 -4.27
N ASN E 180 51.24 -83.29 -4.48
CA ASN E 180 49.99 -83.99 -4.17
C ASN E 180 49.66 -83.90 -2.69
N VAL E 181 50.66 -84.16 -1.83
CA VAL E 181 50.41 -84.06 -0.39
C VAL E 181 50.06 -82.63 -0.01
N ALA E 182 50.78 -81.66 -0.55
CA ALA E 182 50.53 -80.25 -0.25
C ALA E 182 49.12 -79.84 -0.67
N ALA E 183 48.69 -80.28 -1.86
CA ALA E 183 47.35 -79.96 -2.33
C ALA E 183 46.29 -80.58 -1.44
N ALA E 184 46.49 -81.84 -1.03
CA ALA E 184 45.49 -82.52 -0.21
C ALA E 184 45.23 -81.74 1.08
N ALA E 185 46.28 -81.27 1.73
CA ALA E 185 46.17 -80.57 3.01
C ALA E 185 46.01 -79.07 2.85
N HIS E 186 45.95 -78.55 1.62
CA HIS E 186 45.89 -77.11 1.37
C HIS E 186 47.04 -76.39 2.08
N ALA E 187 48.25 -76.91 1.91
CA ALA E 187 49.44 -76.39 2.58
C ALA E 187 50.53 -76.17 1.54
N PRO E 188 50.62 -74.96 0.98
CA PRO E 188 51.60 -74.72 -0.10
C PRO E 188 53.02 -75.04 0.34
N PHE E 189 53.78 -75.61 -0.60
CA PHE E 189 55.14 -76.07 -0.37
C PHE E 189 56.12 -75.14 -1.04
N ILE E 190 57.20 -74.80 -0.34
CA ILE E 190 58.22 -73.87 -0.84
C ILE E 190 59.58 -74.56 -0.71
N ALA E 191 60.35 -74.52 -1.80
CA ALA E 191 61.70 -75.08 -1.80
C ALA E 191 62.56 -74.27 -2.76
N ALA E 192 63.73 -74.80 -3.11
CA ALA E 192 64.70 -74.09 -3.92
C ALA E 192 64.86 -74.76 -5.28
N ALA E 193 65.03 -73.93 -6.31
CA ALA E 193 65.42 -74.43 -7.62
C ALA E 193 66.92 -74.69 -7.65
N SER E 194 67.30 -75.86 -8.12
CA SER E 194 68.71 -76.12 -8.30
C SER E 194 69.22 -75.44 -9.57
N PRO E 195 70.49 -75.02 -9.59
CA PRO E 195 71.06 -74.53 -10.85
C PRO E 195 71.06 -75.60 -11.93
N ARG E 196 71.10 -76.87 -11.56
CA ARG E 196 71.02 -77.94 -12.56
C ARG E 196 69.71 -77.93 -13.31
N LEU E 197 68.64 -77.39 -12.71
CA LEU E 197 67.40 -77.23 -13.45
C LEU E 197 67.58 -76.36 -14.68
N PHE E 198 68.50 -75.41 -14.61
CA PHE E 198 68.80 -74.51 -15.72
C PHE E 198 69.99 -74.97 -16.55
N ASP E 199 70.43 -76.22 -16.37
CA ASP E 199 71.66 -76.72 -16.99
C ASP E 199 72.86 -75.86 -16.62
N MET E 200 72.93 -75.49 -15.35
CA MET E 200 73.91 -74.54 -14.85
C MET E 200 74.66 -75.18 -13.68
N GLY E 201 75.98 -75.02 -13.66
CA GLY E 201 76.74 -75.42 -12.49
C GLY E 201 76.45 -74.57 -11.27
N SER E 202 76.28 -73.27 -11.48
CA SER E 202 76.00 -72.34 -10.40
C SER E 202 75.13 -71.23 -10.94
N PHE E 203 74.40 -70.56 -10.05
CA PHE E 203 73.57 -69.45 -10.47
C PHE E 203 74.37 -68.21 -10.80
N THR E 204 75.70 -68.24 -10.61
CA THR E 204 76.53 -67.17 -11.13
C THR E 204 76.48 -67.09 -12.65
N GLU E 205 76.04 -68.14 -13.31
CA GLU E 205 75.89 -68.18 -14.76
C GLU E 205 74.50 -67.75 -15.22
N LEU E 206 73.66 -67.26 -14.32
CA LEU E 206 72.26 -66.99 -14.64
C LEU E 206 72.10 -65.88 -15.67
N ALA E 207 73.02 -64.92 -15.69
CA ALA E 207 72.93 -63.83 -16.65
C ALA E 207 73.52 -64.19 -18.02
N VAL E 208 74.15 -65.35 -18.15
CA VAL E 208 74.85 -65.71 -19.39
C VAL E 208 73.90 -66.00 -20.55
N PRO E 209 72.90 -66.88 -20.41
CA PRO E 209 72.07 -67.20 -21.58
C PRO E 209 71.31 -65.99 -22.10
N ARG E 210 71.19 -65.91 -23.42
CA ARG E 210 70.40 -64.84 -24.03
C ARG E 210 68.93 -64.96 -23.66
N ASP E 211 68.38 -66.16 -23.75
CA ASP E 211 66.95 -66.40 -23.54
C ASP E 211 66.76 -67.59 -22.61
N LEU E 212 66.24 -67.32 -21.41
CA LEU E 212 66.03 -68.38 -20.43
C LEU E 212 64.94 -69.35 -20.87
N ALA E 213 63.87 -68.84 -21.49
CA ALA E 213 62.78 -69.71 -21.92
C ALA E 213 63.23 -70.78 -22.90
N LYS E 214 64.25 -70.47 -23.70
CA LYS E 214 64.80 -71.45 -24.63
C LYS E 214 65.34 -72.67 -23.91
N ILE E 215 65.93 -72.46 -22.73
CA ILE E 215 66.48 -73.57 -21.95
C ILE E 215 65.39 -74.59 -21.64
N PHE E 216 64.20 -74.12 -21.31
CA PHE E 216 63.14 -75.00 -20.84
C PHE E 216 62.36 -75.65 -21.98
N GLU E 217 62.84 -75.52 -23.21
CA GLU E 217 62.32 -76.29 -24.32
C GLU E 217 63.04 -77.63 -24.50
N SER E 218 64.07 -77.88 -23.70
CA SER E 218 64.88 -79.06 -23.86
C SER E 218 64.07 -80.33 -23.62
N GLN E 219 64.43 -81.40 -24.32
CA GLN E 219 63.81 -82.69 -24.10
C GLN E 219 64.06 -83.21 -22.68
N GLU E 220 65.12 -82.75 -22.03
CA GLU E 220 65.39 -83.14 -20.66
C GLU E 220 64.40 -82.55 -19.67
N LEU E 221 63.58 -81.59 -20.10
CA LEU E 221 62.63 -80.91 -19.21
C LEU E 221 61.18 -81.25 -19.56
N ILE E 222 60.96 -82.40 -20.20
CA ILE E 222 59.61 -82.85 -20.52
C ILE E 222 58.81 -83.07 -19.23
N LYS E 223 59.41 -83.75 -18.26
CA LYS E 223 58.72 -84.03 -17.00
C LYS E 223 58.44 -82.74 -16.24
N TRP E 224 59.38 -81.80 -16.25
CA TRP E 224 59.16 -80.53 -15.58
C TRP E 224 58.00 -79.75 -16.20
N ARG E 225 57.92 -79.71 -17.52
CA ARG E 225 56.82 -79.02 -18.18
C ARG E 225 55.49 -79.70 -17.88
N ALA E 226 55.47 -81.04 -17.88
CA ALA E 226 54.26 -81.75 -17.50
C ALA E 226 53.87 -81.43 -16.07
N PHE E 227 54.83 -81.36 -15.16
CA PHE E 227 54.54 -80.99 -13.78
C PHE E 227 53.93 -79.60 -13.71
N ARG E 228 54.50 -78.64 -14.44
CA ARG E 228 53.94 -77.30 -14.47
C ARG E 228 52.50 -77.30 -14.97
N GLU E 229 52.17 -78.23 -15.87
CA GLU E 229 50.80 -78.32 -16.37
C GLU E 229 49.82 -78.88 -15.33
N SER E 230 50.31 -79.58 -14.31
CA SER E 230 49.41 -80.25 -13.38
C SER E 230 48.71 -79.27 -12.46
N GLU E 231 47.53 -79.67 -11.98
CA GLU E 231 46.76 -78.82 -11.07
C GLU E 231 47.51 -78.58 -9.76
N ASP E 232 48.06 -79.64 -9.17
CA ASP E 232 48.66 -79.54 -7.84
C ASP E 232 49.97 -78.78 -7.83
N SER E 233 50.54 -78.44 -8.99
CA SER E 233 51.77 -77.65 -9.03
C SER E 233 51.58 -76.24 -8.47
N ARG E 234 50.34 -75.77 -8.35
CA ARG E 234 50.10 -74.47 -7.72
C ARG E 234 50.43 -74.48 -6.24
N TYR E 235 50.63 -75.64 -5.64
CA TYR E 235 51.05 -75.76 -4.25
C TYR E 235 52.55 -75.94 -4.10
N VAL E 236 53.31 -75.69 -5.16
CA VAL E 236 54.77 -75.74 -5.13
C VAL E 236 55.30 -74.42 -5.67
N SER E 237 56.18 -73.80 -4.90
CA SER E 237 56.92 -72.62 -5.35
C SER E 237 58.41 -72.91 -5.21
N LEU E 238 59.18 -72.48 -6.20
CA LEU E 238 60.62 -72.68 -6.21
C LEU E 238 61.31 -71.32 -6.25
N VAL E 239 62.24 -71.11 -5.33
CA VAL E 239 62.91 -69.83 -5.15
C VAL E 239 64.37 -69.98 -5.58
N LEU E 240 64.93 -68.90 -6.11
CA LEU E 240 66.32 -68.84 -6.52
C LEU E 240 66.78 -67.39 -6.45
N PRO E 241 68.10 -67.15 -6.39
CA PRO E 241 69.20 -68.08 -6.18
C PRO E 241 69.53 -68.20 -4.69
N HIS E 242 70.72 -68.69 -4.34
CA HIS E 242 71.11 -68.80 -2.94
C HIS E 242 71.38 -67.43 -2.34
N VAL E 243 71.25 -67.35 -1.02
CA VAL E 243 71.44 -66.11 -0.27
C VAL E 243 72.59 -66.29 0.70
N LEU E 244 73.46 -65.28 0.78
CA LEU E 244 74.63 -65.36 1.63
C LEU E 244 74.21 -65.34 3.09
N LEU E 245 74.72 -66.30 3.86
CA LEU E 245 74.44 -66.36 5.28
C LEU E 245 75.60 -65.75 6.06
N ALA E 271 82.46 -70.82 -3.77
CA ALA E 271 81.95 -71.88 -2.91
C ALA E 271 82.51 -71.77 -1.50
N ARG E 272 83.40 -70.80 -1.29
CA ARG E 272 83.96 -70.55 0.03
C ARG E 272 83.03 -69.75 0.93
N TYR E 273 81.98 -69.13 0.38
CA TYR E 273 81.00 -68.42 1.17
C TYR E 273 79.87 -69.36 1.59
N LEU E 274 79.27 -69.07 2.73
CA LEU E 274 78.19 -69.90 3.27
C LEU E 274 76.87 -69.51 2.58
N TRP E 275 76.52 -70.23 1.53
CA TRP E 275 75.31 -69.97 0.77
C TRP E 275 74.17 -70.79 1.34
N GLY E 276 73.03 -70.13 1.55
CA GLY E 276 71.86 -70.77 2.11
C GLY E 276 70.70 -70.80 1.12
N ASN E 277 69.74 -71.65 1.44
CA ASN E 277 68.50 -71.72 0.68
C ASN E 277 67.69 -70.44 0.88
N ALA E 278 67.24 -69.83 -0.22
CA ALA E 278 66.45 -68.62 -0.12
C ALA E 278 65.01 -68.91 0.30
N ALA E 279 64.61 -70.18 0.34
CA ALA E 279 63.32 -70.55 0.89
C ALA E 279 63.20 -70.10 2.34
N TRP E 280 64.30 -70.11 3.08
CA TRP E 280 64.29 -69.59 4.44
C TRP E 280 63.90 -68.11 4.45
N ALA E 281 64.48 -67.32 3.55
CA ALA E 281 64.18 -65.89 3.48
C ALA E 281 62.72 -65.66 3.09
N LEU E 282 62.21 -66.42 2.12
CA LEU E 282 60.81 -66.26 1.75
C LEU E 282 59.89 -66.66 2.90
N THR E 283 60.21 -67.76 3.59
CA THR E 283 59.43 -68.17 4.75
C THR E 283 59.42 -67.09 5.81
N GLN E 284 60.56 -66.45 6.03
CA GLN E 284 60.62 -65.35 7.00
C GLN E 284 59.73 -64.19 6.57
N ARG E 285 59.71 -63.88 5.27
CA ARG E 285 58.77 -62.86 4.80
C ARG E 285 57.33 -63.24 5.13
N ILE E 286 56.99 -64.51 4.91
CA ILE E 286 55.63 -64.97 5.17
C ILE E 286 55.28 -64.86 6.66
N THR E 287 56.21 -65.29 7.52
CA THR E 287 55.92 -65.28 8.96
C THR E 287 55.85 -63.84 9.49
N GLU E 288 56.70 -62.94 8.97
CA GLU E 288 56.58 -61.53 9.34
C GLU E 288 55.25 -60.95 8.91
N ALA E 289 54.82 -61.27 7.68
CA ALA E 289 53.53 -60.79 7.22
C ALA E 289 52.40 -61.28 8.12
N PHE E 290 52.43 -62.56 8.49
CA PHE E 290 51.39 -63.06 9.39
C PHE E 290 51.45 -62.36 10.75
N ALA E 291 52.64 -62.21 11.31
CA ALA E 291 52.77 -61.60 12.63
C ALA E 291 52.23 -60.18 12.62
N ARG E 292 52.52 -59.42 11.57
CA ARG E 292 52.11 -58.02 11.53
C ARG E 292 50.65 -57.84 11.13
N TYR E 293 50.14 -58.69 10.25
CA TYR E 293 48.84 -58.46 9.62
C TYR E 293 47.83 -59.59 9.79
N GLY E 294 48.25 -60.78 10.20
CA GLY E 294 47.35 -61.89 10.30
C GLY E 294 47.10 -62.64 9.02
N TRP E 295 47.69 -62.20 7.91
CA TRP E 295 47.54 -62.85 6.60
C TRP E 295 48.87 -62.72 5.87
N CYS E 296 49.07 -63.59 4.88
CA CYS E 296 50.37 -63.75 4.24
C CYS E 296 50.40 -63.28 2.80
N ALA E 297 49.54 -62.32 2.43
CA ALA E 297 49.57 -61.81 1.06
C ALA E 297 50.74 -60.86 0.84
N ALA E 298 51.08 -60.06 1.84
CA ALA E 298 52.06 -58.98 1.67
C ALA E 298 53.47 -59.53 1.80
N ILE E 299 53.90 -60.26 0.78
CA ILE E 299 55.20 -60.92 0.81
C ILE E 299 56.02 -60.64 -0.44
N ARG E 300 55.77 -59.53 -1.12
CA ARG E 300 56.52 -59.26 -2.35
C ARG E 300 56.68 -57.76 -2.57
N GLY E 301 57.79 -57.39 -3.20
CA GLY E 301 58.03 -56.02 -3.58
C GLY E 301 58.81 -55.22 -2.53
N VAL E 302 59.28 -54.06 -2.96
CA VAL E 302 60.03 -53.17 -2.08
C VAL E 302 59.16 -52.74 -0.91
N GLU E 303 57.93 -52.33 -1.19
CA GLU E 303 57.02 -51.83 -0.17
C GLU E 303 55.90 -52.79 0.18
N GLY E 304 55.76 -53.90 -0.53
CA GLY E 304 54.70 -54.85 -0.29
C GLY E 304 55.07 -56.05 0.56
N GLY E 305 56.21 -56.01 1.24
CA GLY E 305 56.62 -57.11 2.10
C GLY E 305 57.64 -58.07 1.55
N GLY E 306 58.21 -57.79 0.37
CA GLY E 306 59.21 -58.65 -0.21
C GLY E 306 60.65 -58.31 0.10
N ALA E 307 60.91 -57.36 0.99
CA ALA E 307 62.26 -56.89 1.24
C ALA E 307 62.98 -57.78 2.25
N VAL E 308 64.14 -58.30 1.87
CA VAL E 308 65.01 -59.07 2.74
C VAL E 308 66.19 -58.16 3.10
N GLU E 309 66.20 -57.68 4.33
CA GLU E 309 67.11 -56.63 4.76
C GLU E 309 68.29 -57.19 5.56
N GLY E 310 69.30 -56.36 5.72
CA GLY E 310 70.46 -56.71 6.53
C GLY E 310 71.30 -57.84 6.02
N LEU E 311 71.42 -57.99 4.70
CA LEU E 311 72.25 -59.04 4.15
C LEU E 311 73.73 -58.73 4.37
N PRO E 312 74.59 -59.75 4.40
CA PRO E 312 76.03 -59.50 4.52
C PRO E 312 76.57 -58.77 3.30
N ALA E 313 77.26 -57.66 3.55
CA ALA E 313 77.83 -56.83 2.48
C ALA E 313 79.35 -56.89 2.58
N HIS E 314 79.95 -57.86 1.89
CA HIS E 314 81.40 -58.03 1.93
C HIS E 314 82.07 -57.12 0.93
N LYS E 326 80.40 -57.48 -3.83
CA LYS E 326 79.95 -58.86 -3.94
C LYS E 326 78.45 -58.99 -3.71
N CYS E 327 77.75 -59.60 -4.66
CA CYS E 327 76.31 -59.77 -4.53
C CYS E 327 76.00 -60.72 -3.39
N PRO E 328 75.18 -60.33 -2.41
CA PRO E 328 74.76 -61.28 -1.38
C PRO E 328 73.78 -62.34 -1.87
N THR E 329 73.39 -62.31 -3.15
CA THR E 329 72.45 -63.27 -3.73
C THR E 329 73.06 -63.99 -4.93
N GLU E 330 74.38 -64.13 -4.96
CA GLU E 330 75.15 -64.89 -5.94
C GLU E 330 75.21 -64.28 -7.34
N VAL E 331 74.25 -63.42 -7.70
CA VAL E 331 74.20 -62.90 -9.06
C VAL E 331 73.18 -61.77 -9.13
N ALA E 332 73.50 -60.73 -9.89
CA ALA E 332 72.54 -59.67 -10.15
C ALA E 332 71.49 -60.17 -11.13
N ILE E 333 70.24 -59.84 -10.88
CA ILE E 333 69.13 -60.23 -11.75
C ILE E 333 68.48 -58.94 -12.24
N THR E 334 68.58 -58.68 -13.54
CA THR E 334 67.97 -57.49 -14.12
C THR E 334 66.44 -57.62 -14.09
N ASP E 335 65.77 -56.49 -14.33
CA ASP E 335 64.31 -56.49 -14.39
C ASP E 335 63.81 -57.49 -15.44
N ARG E 336 64.42 -57.46 -16.63
CA ARG E 336 63.97 -58.35 -17.70
C ARG E 336 64.19 -59.80 -17.33
N ARG E 337 65.31 -60.13 -16.70
CA ARG E 337 65.58 -61.51 -16.30
C ARG E 337 64.64 -61.94 -15.18
N GLU E 338 64.34 -61.04 -14.25
CA GLU E 338 63.36 -61.36 -13.22
C GLU E 338 62.01 -61.68 -13.83
N LYS E 339 61.58 -60.89 -14.82
CA LYS E 339 60.31 -61.17 -15.48
C LYS E 339 60.33 -62.50 -16.22
N GLU E 340 61.44 -62.80 -16.92
CA GLU E 340 61.59 -64.12 -17.55
C GLU E 340 61.41 -65.22 -16.53
N LEU E 341 62.13 -65.14 -15.40
CA LEU E 341 62.07 -66.18 -14.39
C LEU E 341 60.67 -66.33 -13.82
N ASP E 342 60.00 -65.20 -13.58
CA ASP E 342 58.61 -65.25 -13.13
C ASP E 342 57.74 -66.00 -14.13
N ALA E 343 57.92 -65.72 -15.42
CA ALA E 343 57.14 -66.41 -16.44
C ALA E 343 57.43 -67.90 -16.46
N LEU E 344 58.63 -68.31 -16.04
CA LEU E 344 59.00 -69.72 -16.08
C LEU E 344 58.63 -70.47 -14.81
N GLY E 345 58.01 -69.81 -13.85
CA GLY E 345 57.52 -70.49 -12.66
C GLY E 345 58.42 -70.44 -11.46
N PHE E 346 59.18 -69.37 -11.29
CA PHE E 346 60.13 -69.25 -10.19
C PHE E 346 59.93 -67.93 -9.47
N ILE E 347 60.32 -67.90 -8.20
CA ILE E 347 60.36 -66.68 -7.40
C ILE E 347 61.82 -66.31 -7.22
N ALA E 348 62.24 -65.18 -7.79
CA ALA E 348 63.64 -64.78 -7.80
C ALA E 348 63.90 -63.73 -6.74
N LEU E 349 65.03 -63.85 -6.06
CA LEU E 349 65.50 -62.86 -5.09
C LEU E 349 66.48 -61.93 -5.79
N CYS E 350 66.16 -60.64 -5.79
CA CYS E 350 66.87 -59.65 -6.61
C CYS E 350 67.60 -58.66 -5.72
N HIS E 351 68.93 -58.66 -5.80
CA HIS E 351 69.75 -57.78 -4.99
C HIS E 351 69.64 -56.34 -5.48
N LYS E 352 69.39 -55.41 -4.57
CA LYS E 352 69.48 -54.00 -4.90
C LYS E 352 70.95 -53.60 -4.96
N LYS E 353 71.37 -53.08 -6.11
CA LYS E 353 72.77 -52.75 -6.31
C LYS E 353 73.24 -51.75 -5.26
N ASN E 354 74.46 -51.96 -4.77
CA ASN E 354 75.11 -51.05 -3.82
C ASN E 354 74.32 -50.92 -2.53
N SER E 355 73.82 -52.06 -2.05
CA SER E 355 73.02 -52.09 -0.83
C SER E 355 73.17 -53.45 -0.16
N ASP E 356 72.61 -53.56 1.04
CA ASP E 356 72.55 -54.83 1.76
C ASP E 356 71.12 -55.39 1.75
N LEU E 357 70.42 -55.17 0.64
CA LEU E 357 69.00 -55.48 0.53
C LEU E 357 68.75 -56.28 -0.75
N ALA E 358 67.82 -57.23 -0.67
CA ALA E 358 67.30 -57.94 -1.83
C ALA E 358 65.79 -58.07 -1.68
N VAL E 359 65.11 -58.21 -2.82
CA VAL E 359 63.65 -58.15 -2.85
C VAL E 359 63.12 -59.31 -3.69
N PHE E 360 62.10 -59.99 -3.17
CA PHE E 360 61.25 -60.88 -3.97
C PHE E 360 60.23 -60.01 -4.69
N PHE E 361 60.47 -59.73 -5.98
CA PHE E 361 59.50 -58.95 -6.74
C PHE E 361 58.29 -59.79 -7.12
N GLY E 362 58.51 -61.02 -7.57
CA GLY E 362 57.44 -61.90 -7.98
C GLY E 362 57.02 -62.85 -6.87
N SER E 363 55.86 -63.45 -7.04
CA SER E 363 55.38 -64.48 -6.12
C SER E 363 54.64 -65.57 -6.88
N GLN E 364 55.21 -66.00 -8.00
CA GLN E 364 54.57 -66.98 -8.87
C GLN E 364 54.90 -68.41 -8.41
N THR E 365 53.87 -69.25 -8.33
CA THR E 365 54.10 -70.67 -8.07
C THR E 365 54.65 -71.34 -9.33
N THR E 366 54.93 -72.65 -9.22
CA THR E 366 55.42 -73.36 -10.40
C THR E 366 54.32 -73.64 -11.42
N ASN E 367 53.06 -73.42 -11.06
CA ASN E 367 51.95 -73.73 -11.95
C ASN E 367 51.96 -72.82 -13.16
N ARG E 368 51.77 -73.41 -14.35
CA ARG E 368 51.60 -72.63 -15.56
C ARG E 368 50.11 -72.47 -15.82
N PRO E 369 49.55 -71.27 -15.73
CA PRO E 369 48.10 -71.11 -15.93
C PRO E 369 47.69 -71.51 -17.34
N ARG E 370 46.53 -72.16 -17.43
CA ARG E 370 45.94 -72.45 -18.73
C ARG E 370 45.41 -71.18 -19.35
N VAL E 371 45.35 -71.16 -20.68
CA VAL E 371 44.91 -70.00 -21.46
C VAL E 371 43.55 -70.32 -22.07
N TYR E 372 42.61 -69.41 -21.90
CA TYR E 372 41.22 -69.60 -22.31
C TYR E 372 40.80 -68.50 -23.29
N ASN E 373 39.55 -68.60 -23.74
CA ASN E 373 38.98 -67.65 -24.69
C ASN E 373 38.14 -66.57 -24.01
N THR E 374 38.10 -66.51 -22.68
CA THR E 374 37.39 -65.46 -21.98
C THR E 374 38.34 -64.76 -21.01
N ASN E 375 38.11 -63.45 -20.84
CA ASN E 375 38.93 -62.67 -19.91
C ASN E 375 38.81 -63.20 -18.49
N GLU E 376 37.60 -63.55 -18.07
CA GLU E 376 37.39 -63.99 -16.70
C GLU E 376 38.13 -65.28 -16.40
N ALA E 377 38.08 -66.25 -17.32
CA ALA E 377 38.77 -67.52 -17.10
C ALA E 377 40.28 -67.30 -17.07
N ASN E 378 40.80 -66.47 -17.97
CA ASN E 378 42.23 -66.19 -17.97
C ASN E 378 42.67 -65.53 -16.66
N ALA E 379 41.92 -64.53 -16.21
CA ALA E 379 42.25 -63.86 -14.97
C ALA E 379 42.23 -64.84 -13.80
N ASN E 380 41.19 -65.68 -13.73
CA ASN E 380 41.08 -66.62 -12.63
C ASN E 380 42.22 -67.64 -12.65
N ALA E 381 42.57 -68.13 -13.84
CA ALA E 381 43.68 -69.08 -13.94
C ALA E 381 44.99 -68.42 -13.51
N ARG E 382 45.20 -67.15 -13.88
CA ARG E 382 46.44 -66.48 -13.54
C ARG E 382 46.58 -66.29 -12.04
N ILE E 383 45.54 -65.79 -11.37
CA ILE E 383 45.65 -65.52 -9.95
C ILE E 383 45.70 -66.81 -9.13
N SER E 384 45.09 -67.88 -9.62
CA SER E 384 45.18 -69.16 -8.93
C SER E 384 46.57 -69.80 -9.05
N ALA E 385 47.50 -69.15 -9.73
CA ALA E 385 48.89 -69.59 -9.79
C ALA E 385 49.82 -68.69 -9.00
N MET E 386 49.28 -67.79 -8.18
CA MET E 386 50.09 -66.84 -7.42
C MET E 386 50.15 -67.26 -5.95
N LEU E 387 51.36 -67.31 -5.42
CA LEU E 387 51.57 -67.78 -4.04
C LEU E 387 50.75 -67.01 -3.00
N PRO E 388 50.71 -65.66 -3.00
CA PRO E 388 49.92 -64.98 -1.96
C PRO E 388 48.46 -65.39 -1.95
N TYR E 389 47.83 -65.42 -3.12
CA TYR E 389 46.41 -65.77 -3.19
C TYR E 389 46.18 -67.23 -2.86
N VAL E 390 47.09 -68.11 -3.29
CA VAL E 390 46.95 -69.52 -2.96
C VAL E 390 47.08 -69.74 -1.45
N LEU E 391 47.99 -69.00 -0.80
CA LEU E 391 48.10 -69.08 0.65
C LEU E 391 46.81 -68.62 1.32
N ALA E 392 46.23 -67.52 0.84
CA ALA E 392 44.97 -67.04 1.42
C ALA E 392 43.85 -68.06 1.24
N ALA E 393 43.73 -68.62 0.04
CA ALA E 393 42.69 -69.63 -0.21
C ALA E 393 42.89 -70.85 0.66
N SER E 394 44.15 -71.27 0.85
CA SER E 394 44.45 -72.40 1.72
C SER E 394 44.06 -72.12 3.17
N ARG E 395 44.34 -70.91 3.66
CA ARG E 395 43.91 -70.54 5.00
C ARG E 395 42.40 -70.63 5.13
N PHE E 396 41.67 -70.16 4.12
CA PHE E 396 40.22 -70.26 4.19
C PHE E 396 39.76 -71.72 4.15
N ALA E 397 40.46 -72.58 3.42
CA ALA E 397 40.14 -74.00 3.47
C ALA E 397 40.30 -74.56 4.88
N HIS E 398 41.37 -74.18 5.57
CA HIS E 398 41.58 -74.66 6.94
C HIS E 398 40.46 -74.18 7.86
N TYR E 399 40.11 -72.91 7.75
CA TYR E 399 39.04 -72.36 8.59
C TYR E 399 37.72 -73.05 8.31
N LEU E 400 37.41 -73.28 7.03
CA LEU E 400 36.17 -73.95 6.67
C LEU E 400 36.12 -75.36 7.24
N LYS E 401 37.24 -76.11 7.13
CA LYS E 401 37.30 -77.44 7.71
C LYS E 401 36.96 -77.39 9.19
N VAL E 402 37.61 -76.50 9.94
CA VAL E 402 37.43 -76.49 11.39
C VAL E 402 36.01 -76.09 11.77
N ILE E 403 35.50 -74.99 11.20
CA ILE E 403 34.21 -74.49 11.65
C ILE E 403 33.08 -75.42 11.21
N MET E 404 33.15 -75.95 9.99
CA MET E 404 32.10 -76.86 9.56
C MET E 404 32.16 -78.19 10.29
N ARG E 405 33.36 -78.66 10.66
CA ARG E 405 33.44 -79.81 11.54
C ARG E 405 32.72 -79.54 12.85
N ASP E 406 32.86 -78.32 13.38
CA ASP E 406 32.12 -77.97 14.59
C ASP E 406 30.61 -77.95 14.35
N LYS E 407 30.16 -77.70 13.12
CA LYS E 407 28.73 -77.63 12.86
C LYS E 407 28.09 -78.98 12.50
N VAL E 408 28.87 -80.04 12.32
CA VAL E 408 28.29 -81.35 12.00
C VAL E 408 27.41 -81.80 13.16
N GLY E 409 26.21 -82.25 12.84
CA GLY E 409 25.27 -82.75 13.83
C GLY E 409 24.26 -81.73 14.33
N SER E 410 24.50 -80.44 14.11
CA SER E 410 23.53 -79.42 14.45
C SER E 410 22.41 -79.39 13.42
N PHE E 411 21.24 -78.89 13.85
CA PHE E 411 20.09 -78.75 12.96
C PHE E 411 20.34 -77.60 11.99
N MET E 412 20.60 -77.92 10.72
CA MET E 412 20.89 -76.89 9.73
C MET E 412 20.27 -77.24 8.39
N THR E 413 19.50 -76.30 7.85
CA THR E 413 19.05 -76.37 6.47
C THR E 413 20.16 -75.88 5.54
N ARG E 414 19.92 -75.95 4.23
CA ARG E 414 20.82 -75.37 3.26
C ARG E 414 20.96 -73.87 3.49
N ASP E 415 19.85 -73.19 3.74
CA ASP E 415 19.90 -71.75 3.97
C ASP E 415 20.64 -71.41 5.25
N ASN E 416 20.48 -72.22 6.30
CA ASN E 416 21.23 -71.98 7.54
C ASN E 416 22.73 -72.03 7.26
N VAL E 417 23.17 -73.03 6.51
CA VAL E 417 24.60 -73.17 6.20
C VAL E 417 25.08 -71.96 5.40
N GLN E 418 24.31 -71.56 4.39
CA GLN E 418 24.71 -70.44 3.56
C GLN E 418 24.80 -69.15 4.37
N THR E 419 23.79 -68.89 5.20
CA THR E 419 23.81 -67.70 6.04
C THR E 419 25.00 -67.71 6.99
N TYR E 420 25.25 -68.84 7.63
CA TYR E 420 26.37 -68.92 8.57
C TYR E 420 27.70 -68.65 7.86
N LEU E 421 27.93 -69.30 6.72
CA LEU E 421 29.21 -69.15 6.05
C LEU E 421 29.40 -67.73 5.50
N ASN E 422 28.34 -67.12 4.96
CA ASN E 422 28.47 -65.76 4.48
C ASN E 422 28.65 -64.76 5.62
N ASN E 423 28.00 -65.01 6.76
CA ASN E 423 28.21 -64.17 7.93
C ASN E 423 29.65 -64.27 8.44
N TRP E 424 30.18 -65.49 8.49
CA TRP E 424 31.51 -65.72 9.05
C TRP E 424 32.59 -65.06 8.19
N ILE E 425 32.47 -65.18 6.86
CA ILE E 425 33.51 -64.67 5.97
C ILE E 425 33.48 -63.15 5.80
N ALA E 426 32.39 -62.50 6.20
CA ALA E 426 32.26 -61.06 5.98
C ALA E 426 33.31 -60.26 6.76
N ASP E 427 33.81 -60.81 7.86
CA ASP E 427 34.78 -60.08 8.67
C ASP E 427 36.13 -59.91 7.98
N TYR E 428 36.41 -60.68 6.95
CA TYR E 428 37.69 -60.64 6.27
C TYR E 428 37.67 -59.82 4.99
N VAL E 429 36.60 -59.08 4.75
CA VAL E 429 36.39 -58.37 3.50
C VAL E 429 36.60 -56.88 3.74
N LEU E 430 37.40 -56.24 2.89
CA LEU E 430 37.61 -54.80 2.93
C LEU E 430 37.26 -54.22 1.57
N ILE E 431 36.26 -53.33 1.55
CA ILE E 431 35.78 -52.77 0.29
C ILE E 431 36.61 -51.56 -0.15
N ASN E 432 37.24 -50.86 0.78
CA ASN E 432 37.91 -49.60 0.49
C ASN E 432 39.20 -49.83 -0.28
N ASP E 433 39.18 -49.59 -1.58
CA ASP E 433 40.38 -49.75 -2.40
C ASP E 433 41.34 -48.59 -2.26
N ASN E 434 40.97 -47.54 -1.53
CA ASN E 434 41.87 -46.43 -1.25
C ASN E 434 42.59 -46.58 0.08
N ALA E 435 42.37 -47.67 0.80
CA ALA E 435 43.08 -47.91 2.03
C ALA E 435 44.57 -48.09 1.75
N PRO E 436 45.44 -47.68 2.67
CA PRO E 436 46.88 -47.82 2.46
C PRO E 436 47.30 -49.29 2.42
N GLN E 437 48.54 -49.49 2.00
CA GLN E 437 49.09 -50.85 1.87
C GLN E 437 48.96 -51.63 3.18
N GLU E 438 49.28 -51.00 4.30
CA GLU E 438 49.29 -51.69 5.59
C GLU E 438 47.89 -52.13 6.00
N ILE E 439 46.86 -51.41 5.59
CA ILE E 439 45.48 -51.82 5.91
C ILE E 439 45.04 -52.96 4.99
N LYS E 440 45.31 -52.84 3.69
CA LYS E 440 44.94 -53.90 2.75
C LYS E 440 45.63 -55.20 3.10
N ALA E 441 46.84 -55.14 3.64
CA ALA E 441 47.55 -56.35 4.05
C ALA E 441 46.77 -57.14 5.10
N GLN E 442 45.94 -56.48 5.90
CA GLN E 442 45.21 -57.13 6.98
C GLN E 442 43.91 -57.79 6.55
N TYR E 443 43.45 -57.55 5.33
CA TYR E 443 42.19 -58.11 4.84
C TYR E 443 42.44 -58.89 3.55
N PRO E 444 42.31 -60.21 3.56
CA PRO E 444 42.62 -60.99 2.35
C PRO E 444 41.64 -60.80 1.21
N LEU E 445 40.46 -60.25 1.45
CA LEU E 445 39.39 -60.25 0.46
C LEU E 445 38.89 -58.83 0.19
N ARG E 446 38.62 -58.57 -1.09
CA ARG E 446 37.84 -57.42 -1.49
C ARG E 446 36.37 -57.76 -1.72
N GLU E 447 36.07 -59.04 -1.91
CA GLU E 447 34.72 -59.52 -2.14
C GLU E 447 34.70 -61.02 -1.88
N ALA E 448 33.57 -61.50 -1.39
CA ALA E 448 33.42 -62.95 -1.21
C ALA E 448 31.94 -63.30 -1.21
N ARG E 449 31.66 -64.54 -1.60
CA ARG E 449 30.29 -65.05 -1.56
C ARG E 449 30.34 -66.56 -1.49
N VAL E 450 29.45 -67.13 -0.68
CA VAL E 450 29.32 -68.58 -0.53
C VAL E 450 27.94 -68.98 -1.04
N ASP E 451 27.90 -69.94 -1.95
CA ASP E 451 26.66 -70.50 -2.47
C ASP E 451 26.54 -71.94 -2.01
N VAL E 452 25.40 -72.30 -1.43
CA VAL E 452 25.18 -73.63 -0.90
C VAL E 452 23.98 -74.26 -1.60
N SER E 453 24.11 -75.53 -1.96
CA SER E 453 23.03 -76.26 -2.59
C SER E 453 22.84 -77.60 -1.88
N GLU E 454 21.62 -78.13 -1.98
CA GLU E 454 21.33 -79.45 -1.40
C GLU E 454 21.74 -80.55 -2.36
N VAL E 455 21.89 -81.75 -1.81
CA VAL E 455 22.13 -82.96 -2.59
C VAL E 455 20.85 -83.77 -2.56
N VAL E 456 20.26 -84.01 -3.73
CA VAL E 456 18.96 -84.66 -3.79
C VAL E 456 19.06 -86.05 -3.19
N GLY E 457 18.04 -86.42 -2.41
CA GLY E 457 17.97 -87.72 -1.80
C GLY E 457 18.82 -87.92 -0.56
N LYS E 458 19.51 -86.88 -0.09
CA LYS E 458 20.41 -87.00 1.06
C LYS E 458 20.14 -85.85 2.02
N PRO E 459 19.22 -86.03 2.96
CA PRO E 459 18.98 -84.97 3.96
C PRO E 459 20.25 -84.66 4.74
N GLY E 460 20.47 -83.37 4.99
CA GLY E 460 21.64 -82.92 5.72
C GLY E 460 22.96 -82.96 4.99
N VAL E 461 22.94 -83.21 3.68
CA VAL E 461 24.16 -83.25 2.86
C VAL E 461 24.13 -82.09 1.89
N TYR E 462 25.20 -81.29 1.86
CA TYR E 462 25.22 -80.05 1.09
C TYR E 462 26.52 -79.90 0.33
N ARG E 463 26.48 -79.09 -0.71
CA ARG E 463 27.64 -78.69 -1.48
C ARG E 463 27.73 -77.18 -1.50
N ALA E 464 28.94 -76.64 -1.45
CA ALA E 464 29.13 -75.19 -1.42
C ALA E 464 30.24 -74.80 -2.37
N THR E 465 30.11 -73.60 -2.94
CA THR E 465 31.17 -72.96 -3.69
C THR E 465 31.52 -71.65 -2.99
N VAL E 466 32.80 -71.46 -2.73
CA VAL E 466 33.31 -70.29 -2.00
C VAL E 466 34.09 -69.45 -2.99
N PHE E 467 33.56 -68.29 -3.35
CA PHE E 467 34.21 -67.37 -4.26
C PHE E 467 34.97 -66.34 -3.45
N LEU E 468 36.28 -66.25 -3.68
CA LEU E 468 37.16 -65.33 -2.98
C LEU E 468 37.79 -64.38 -3.98
N ARG E 469 37.51 -63.08 -3.82
CA ARG E 469 38.13 -62.07 -4.67
C ARG E 469 39.15 -61.29 -3.85
N PRO E 470 40.44 -61.53 -4.03
CA PRO E 470 41.44 -60.87 -3.20
C PRO E 470 41.70 -59.44 -3.67
N HIS E 471 42.50 -58.74 -2.89
CA HIS E 471 43.08 -57.47 -3.32
C HIS E 471 44.29 -57.77 -4.20
N PHE E 472 44.30 -57.24 -5.42
CA PHE E 472 45.33 -57.62 -6.38
C PHE E 472 46.56 -56.73 -6.28
N GLN E 473 47.72 -57.35 -6.43
CA GLN E 473 48.99 -56.67 -6.34
C GLN E 473 49.51 -56.31 -7.73
N LEU E 474 50.18 -55.17 -7.81
CA LEU E 474 50.68 -54.67 -9.10
C LEU E 474 51.72 -55.64 -9.67
N GLU E 475 51.54 -56.01 -10.93
CA GLU E 475 52.41 -56.94 -11.61
C GLU E 475 53.25 -56.28 -12.70
N GLU E 476 52.63 -55.50 -13.58
CA GLU E 476 53.30 -54.92 -14.74
C GLU E 476 52.70 -53.56 -15.03
N LEU E 477 53.51 -52.71 -15.68
CA LEU E 477 53.04 -51.41 -16.16
C LEU E 477 53.77 -51.08 -17.45
N THR E 478 53.02 -50.84 -18.52
CA THR E 478 53.57 -50.37 -19.78
C THR E 478 53.16 -48.92 -19.96
N ALA E 479 54.15 -48.03 -20.09
CA ALA E 479 53.89 -46.60 -20.13
C ALA E 479 54.41 -46.00 -21.43
N SER E 480 53.66 -45.05 -21.97
CA SER E 480 54.07 -44.27 -23.12
C SER E 480 54.16 -42.82 -22.70
N ILE E 481 55.34 -42.23 -22.87
CA ILE E 481 55.58 -40.83 -22.54
C ILE E 481 55.47 -40.01 -23.82
N ARG E 482 54.74 -38.91 -23.75
CA ARG E 482 54.45 -38.10 -24.94
C ARG E 482 54.54 -36.62 -24.61
N LEU E 483 55.47 -35.92 -25.24
CA LEU E 483 55.51 -34.47 -25.17
C LEU E 483 54.41 -33.90 -26.04
N VAL E 484 53.65 -32.95 -25.50
CA VAL E 484 52.56 -32.34 -26.25
C VAL E 484 52.57 -30.82 -26.04
N ALA E 485 52.14 -30.09 -27.07
CA ALA E 485 51.91 -28.66 -26.91
C ALA E 485 50.61 -28.38 -26.17
N THR E 486 49.63 -29.27 -26.29
CA THR E 486 48.37 -29.15 -25.57
C THR E 486 47.94 -30.53 -25.10
N LEU E 487 47.38 -30.59 -23.90
CA LEU E 487 46.93 -31.86 -23.34
C LEU E 487 45.71 -32.36 -24.10
N PRO E 488 45.76 -33.54 -24.70
CA PRO E 488 44.55 -34.12 -25.30
C PRO E 488 43.59 -34.58 -24.22
N PRO E 489 42.30 -34.68 -24.53
CA PRO E 489 41.36 -35.24 -23.56
C PRO E 489 41.63 -36.70 -23.33
N PRO E 490 41.29 -37.24 -22.15
CA PRO E 490 41.59 -38.63 -21.82
C PRO E 490 40.77 -39.63 -22.63
N GLU F 3 27.00 -76.18 30.95
CA GLU F 3 25.87 -75.42 31.48
C GLU F 3 26.18 -74.86 32.87
N SER F 4 25.86 -73.59 33.07
CA SER F 4 26.03 -72.97 34.37
C SER F 4 25.12 -73.61 35.40
N THR F 5 25.62 -73.70 36.63
CA THR F 5 24.80 -74.21 37.73
C THR F 5 23.57 -73.34 37.95
N GLN F 6 23.65 -72.06 37.61
CA GLN F 6 22.48 -71.20 37.71
C GLN F 6 21.35 -71.72 36.84
N HIS F 7 21.66 -72.16 35.63
CA HIS F 7 20.65 -72.68 34.73
C HIS F 7 20.18 -74.08 35.10
N LYS F 8 20.99 -74.86 35.83
CA LYS F 8 20.51 -76.12 36.36
C LYS F 8 19.37 -75.90 37.34
N LEU F 9 19.45 -74.84 38.13
CA LEU F 9 18.40 -74.49 39.08
C LEU F 9 17.13 -74.01 38.38
N ASP F 10 17.17 -73.72 37.08
CA ASP F 10 15.94 -73.51 36.32
C ASP F 10 15.04 -74.74 36.35
N ARG F 11 15.64 -75.93 36.39
CA ARG F 11 14.92 -77.18 36.22
C ARG F 11 14.78 -78.00 37.49
N ILE F 12 15.76 -77.95 38.38
CA ILE F 12 15.81 -78.86 39.54
C ILE F 12 15.31 -78.09 40.75
N ARG F 13 14.05 -78.33 41.12
CA ARG F 13 13.42 -77.71 42.28
C ARG F 13 13.64 -76.19 42.28
N PRO F 14 13.17 -75.49 41.25
CA PRO F 14 13.49 -74.06 41.14
C PRO F 14 12.74 -73.24 42.16
N PRO F 15 13.30 -72.12 42.59
CA PRO F 15 12.56 -71.20 43.46
C PRO F 15 11.55 -70.39 42.66
N ARG F 16 10.70 -69.66 43.38
CA ARG F 16 9.78 -68.73 42.72
C ARG F 16 10.53 -67.63 41.99
N VAL F 17 11.56 -67.08 42.61
CA VAL F 17 12.36 -66.01 42.02
C VAL F 17 13.71 -66.63 41.65
N GLN F 18 13.88 -66.92 40.37
CA GLN F 18 15.06 -67.60 39.86
C GLN F 18 15.88 -66.62 39.03
N ILE F 19 17.14 -66.42 39.40
CA ILE F 19 17.99 -65.39 38.82
C ILE F 19 19.26 -66.03 38.29
N THR F 20 19.64 -65.68 37.06
CA THR F 20 20.87 -66.15 36.44
C THR F 20 21.62 -64.97 35.84
N TYR F 21 22.92 -65.16 35.63
CA TYR F 21 23.72 -64.20 34.89
C TYR F 21 23.97 -64.74 33.48
N ASP F 22 23.88 -63.86 32.50
CA ASP F 22 24.10 -64.25 31.11
C ASP F 22 24.86 -63.16 30.37
N VAL F 23 25.68 -63.59 29.42
CA VAL F 23 26.39 -62.68 28.52
C VAL F 23 25.45 -62.33 27.36
N GLU F 24 25.23 -61.04 27.15
CA GLU F 24 24.36 -60.59 26.07
C GLU F 24 25.16 -60.59 24.77
N THR F 25 24.91 -61.59 23.93
CA THR F 25 25.64 -61.71 22.66
C THR F 25 24.78 -61.47 21.44
N GLY F 26 23.48 -61.29 21.59
CA GLY F 26 22.62 -61.03 20.44
C GLY F 26 22.70 -62.17 19.42
N ASN F 27 22.85 -61.81 18.15
CA ASN F 27 22.96 -62.76 17.07
C ASN F 27 24.42 -63.03 16.68
N ALA F 28 25.37 -62.72 17.54
CA ALA F 28 26.77 -62.89 17.20
C ALA F 28 27.15 -64.37 17.16
N ILE F 29 28.13 -64.68 16.33
CA ILE F 29 28.70 -66.01 16.23
C ILE F 29 30.12 -65.98 16.77
N GLU F 30 30.55 -67.10 17.34
CA GLU F 30 31.90 -67.21 17.87
C GLU F 30 32.90 -67.28 16.73
N LYS F 31 34.03 -66.61 16.90
CA LYS F 31 35.09 -66.56 15.89
C LYS F 31 36.31 -67.26 16.46
N LYS F 32 36.42 -68.57 16.17
CA LYS F 32 37.61 -69.30 16.56
C LYS F 32 38.77 -68.94 15.64
N GLU F 33 39.93 -68.72 16.22
CA GLU F 33 41.12 -68.35 15.47
C GLU F 33 42.05 -69.56 15.37
N LEU F 34 42.67 -69.71 14.21
CA LEU F 34 43.67 -70.75 14.00
C LEU F 34 45.07 -70.14 13.98
N PRO F 35 46.04 -70.76 14.62
CA PRO F 35 47.41 -70.28 14.52
C PRO F 35 47.97 -70.55 13.13
N LEU F 36 48.98 -69.78 12.76
CA LEU F 36 49.77 -70.09 11.59
C LEU F 36 50.77 -71.19 11.96
N VAL F 37 50.73 -72.30 11.24
CA VAL F 37 51.62 -73.42 11.51
C VAL F 37 52.49 -73.64 10.28
N VAL F 38 53.79 -73.47 10.44
CA VAL F 38 54.76 -73.70 9.37
C VAL F 38 55.41 -75.05 9.60
N GLY F 39 55.25 -75.95 8.64
CA GLY F 39 55.96 -77.22 8.67
C GLY F 39 57.28 -77.12 7.94
N ILE F 40 58.37 -77.48 8.61
CA ILE F 40 59.72 -77.37 8.05
C ILE F 40 60.25 -78.77 7.81
N LEU F 41 60.71 -79.03 6.59
CA LEU F 41 61.33 -80.29 6.21
C LEU F 41 62.80 -80.00 5.92
N ALA F 42 63.70 -80.54 6.73
CA ALA F 42 65.12 -80.26 6.55
C ALA F 42 65.94 -81.48 6.96
N ASP F 43 67.05 -81.67 6.24
CA ASP F 43 67.99 -82.76 6.51
C ASP F 43 69.04 -82.23 7.48
N LEU F 44 68.77 -82.41 8.77
CA LEU F 44 69.61 -81.80 9.80
C LEU F 44 70.52 -82.82 10.46
N MET F 56 57.78 -93.04 9.57
CA MET F 56 56.58 -93.22 10.38
C MET F 56 56.85 -92.88 11.84
N GLU F 57 58.07 -93.16 12.28
CA GLU F 57 58.43 -93.04 13.70
C GLU F 57 58.76 -91.62 14.10
N ARG F 58 59.17 -90.77 13.17
CA ARG F 58 59.54 -89.40 13.50
C ARG F 58 58.30 -88.52 13.61
N ARG F 59 58.50 -87.26 13.98
CA ARG F 59 57.37 -86.37 14.17
C ARG F 59 57.81 -84.93 13.92
N PHE F 60 56.82 -84.07 13.72
CA PHE F 60 57.05 -82.63 13.59
C PHE F 60 57.18 -82.05 14.99
N VAL F 61 58.41 -81.79 15.42
CA VAL F 61 58.67 -81.27 16.75
C VAL F 61 58.59 -79.75 16.71
N GLU F 62 57.84 -79.16 17.64
CA GLU F 62 57.71 -77.71 17.68
C GLU F 62 59.04 -77.09 18.10
N ILE F 63 59.43 -76.03 17.39
CA ILE F 63 60.72 -75.40 17.60
C ILE F 63 60.51 -73.89 17.72
N ASN F 64 61.28 -73.27 18.62
CA ASN F 64 61.17 -71.84 18.87
C ASN F 64 62.49 -71.35 19.42
N ARG F 65 62.57 -70.04 19.66
CA ARG F 65 63.81 -69.46 20.16
C ARG F 65 64.20 -70.02 21.52
N ASP F 66 63.22 -70.48 22.31
CA ASP F 66 63.52 -70.98 23.65
C ASP F 66 64.18 -72.34 23.63
N ASN F 67 63.67 -73.27 22.82
CA ASN F 67 64.11 -74.66 22.86
C ASN F 67 65.01 -75.02 21.69
N PHE F 68 65.51 -74.03 20.95
CA PHE F 68 66.24 -74.31 19.72
C PHE F 68 67.45 -75.19 19.97
N ASN F 69 68.23 -74.85 21.00
CA ASN F 69 69.45 -75.61 21.28
C ASN F 69 69.14 -77.00 21.81
N ASP F 70 68.03 -77.16 22.53
CA ASP F 70 67.61 -78.50 22.95
C ASP F 70 67.27 -79.37 21.75
N VAL F 71 66.60 -78.81 20.74
CA VAL F 71 66.29 -79.57 19.54
C VAL F 71 67.57 -79.87 18.76
N LEU F 72 68.50 -78.92 18.71
CA LEU F 72 69.80 -79.19 18.10
C LEU F 72 70.50 -80.35 18.81
N ALA F 73 70.47 -80.36 20.14
CA ALA F 73 71.11 -81.44 20.89
C ALA F 73 70.43 -82.77 20.62
N SER F 74 69.10 -82.79 20.59
CA SER F 74 68.38 -84.05 20.37
C SER F 74 68.64 -84.58 18.96
N ILE F 75 68.76 -83.69 17.98
CA ILE F 75 69.16 -84.12 16.65
C ILE F 75 70.62 -84.55 16.65
N ALA F 76 71.48 -83.80 17.35
CA ALA F 76 72.89 -84.07 17.54
C ALA F 76 73.61 -84.23 16.19
N PRO F 77 73.72 -83.15 15.39
CA PRO F 77 74.41 -83.27 14.10
C PRO F 77 75.91 -83.49 14.26
N GLN G 90 96.19 -43.85 29.37
CA GLN G 90 95.54 -42.72 28.73
C GLN G 90 94.05 -43.00 28.51
N LYS G 91 93.75 -44.15 27.92
CA LYS G 91 92.35 -44.48 27.62
C LYS G 91 91.54 -44.66 28.90
N LEU G 92 92.11 -45.32 29.90
CA LEU G 92 91.40 -45.45 31.18
C LEU G 92 91.32 -44.11 31.90
N GLU G 93 92.42 -43.36 31.91
CA GLU G 93 92.43 -42.06 32.59
C GLU G 93 91.43 -41.11 31.95
N ALA G 94 91.38 -41.08 30.62
CA ALA G 94 90.44 -40.21 29.92
C ALA G 94 88.99 -40.55 30.29
N SER G 95 88.68 -41.83 30.36
CA SER G 95 87.33 -42.24 30.74
C SER G 95 87.00 -41.81 32.16
N TRP G 96 87.93 -42.01 33.10
CA TRP G 96 87.66 -41.63 34.48
C TRP G 96 87.64 -40.12 34.64
N ARG G 97 88.54 -39.41 33.97
CA ARG G 97 88.57 -37.96 34.10
C ARG G 97 87.36 -37.32 33.43
N GLY G 98 86.96 -37.84 32.28
CA GLY G 98 85.73 -37.36 31.65
C GLY G 98 84.52 -37.58 32.54
N LEU G 99 84.44 -38.76 33.16
CA LEU G 99 83.35 -39.04 34.09
C LEU G 99 83.41 -38.12 35.31
N HIS G 100 84.60 -37.90 35.85
CA HIS G 100 84.74 -37.05 37.03
C HIS G 100 84.30 -35.62 36.74
N MET G 101 84.71 -35.09 35.59
CA MET G 101 84.29 -33.74 35.20
C MET G 101 82.77 -33.64 35.08
N LEU G 102 82.14 -34.65 34.46
CA LEU G 102 80.68 -34.62 34.33
C LEU G 102 80.02 -34.66 35.70
N VAL G 103 80.49 -35.55 36.58
CA VAL G 103 79.90 -35.66 37.91
C VAL G 103 80.10 -34.38 38.70
N LYS G 104 81.31 -33.82 38.66
CA LYS G 104 81.62 -32.62 39.44
C LYS G 104 80.84 -31.41 38.94
N ASN G 105 80.56 -31.34 37.65
CA ASN G 105 79.90 -30.17 37.06
C ASN G 105 78.40 -30.35 36.92
N THR G 106 77.82 -31.42 37.44
CA THR G 106 76.40 -31.67 37.35
C THR G 106 75.75 -31.48 38.73
N GLU G 107 74.68 -30.68 38.77
CA GLU G 107 73.96 -30.43 40.01
C GLU G 107 73.04 -31.61 40.32
N THR G 108 73.68 -32.70 40.75
CA THR G 108 72.93 -33.89 41.15
C THR G 108 72.14 -33.61 42.42
N GLY G 109 71.01 -34.30 42.55
CA GLY G 109 70.14 -34.07 43.70
C GLY G 109 68.82 -34.78 43.52
N ALA G 110 67.78 -34.20 44.14
CA ALA G 110 66.46 -34.80 44.07
C ALA G 110 65.96 -34.90 42.63
N ARG G 111 66.22 -33.87 41.83
CA ARG G 111 65.71 -33.79 40.46
C ARG G 111 66.66 -34.33 39.40
N LEU G 112 67.90 -34.67 39.76
CA LEU G 112 68.91 -35.02 38.76
C LEU G 112 69.77 -36.14 39.31
N LYS G 113 69.79 -37.28 38.61
CA LYS G 113 70.56 -38.44 39.03
C LYS G 113 71.43 -38.94 37.89
N LEU G 114 72.64 -39.35 38.22
CA LEU G 114 73.53 -40.03 37.31
C LEU G 114 73.72 -41.47 37.78
N ARG G 115 73.56 -42.42 36.86
CA ARG G 115 73.69 -43.84 37.17
C ARG G 115 74.68 -44.46 36.20
N LEU G 116 75.60 -45.27 36.73
CA LEU G 116 76.75 -45.73 35.98
C LEU G 116 76.75 -47.25 35.87
N LEU G 117 76.90 -47.74 34.65
CA LEU G 117 77.04 -49.17 34.38
C LEU G 117 78.43 -49.42 33.81
N ASN G 118 79.25 -50.15 34.55
CA ASN G 118 80.61 -50.46 34.14
C ASN G 118 80.57 -51.66 33.21
N VAL G 119 80.86 -51.45 31.92
CA VAL G 119 80.75 -52.49 30.91
C VAL G 119 81.59 -52.09 29.70
N THR G 120 82.21 -53.09 29.08
CA THR G 120 83.02 -52.85 27.88
C THR G 120 82.15 -52.90 26.63
N GLN G 121 82.70 -52.38 25.54
CA GLN G 121 81.99 -52.39 24.26
C GLN G 121 81.73 -53.82 23.79
N LYS G 122 82.72 -54.69 23.93
CA LYS G 122 82.56 -56.08 23.53
C LYS G 122 81.50 -56.79 24.35
N GLU G 123 81.45 -56.51 25.66
CA GLU G 123 80.41 -57.10 26.51
C GLU G 123 79.01 -56.66 26.07
N LEU G 124 78.86 -55.37 25.75
CA LEU G 124 77.57 -54.89 25.24
C LEU G 124 77.20 -55.61 23.95
N LEU G 125 78.17 -55.73 23.03
CA LEU G 125 77.90 -56.41 21.78
C LEU G 125 77.47 -57.85 22.01
N ILE G 126 78.16 -58.55 22.91
CA ILE G 126 77.82 -59.95 23.20
C ILE G 126 76.43 -60.04 23.80
N ASP G 127 76.13 -59.18 24.78
CA ASP G 127 74.82 -59.22 25.43
C ASP G 127 73.71 -58.97 24.43
N LEU G 128 73.90 -58.02 23.52
CA LEU G 128 72.83 -57.68 22.58
C LEU G 128 72.69 -58.72 21.47
N GLU G 129 73.80 -59.29 21.00
CA GLU G 129 73.72 -60.28 19.91
C GLU G 129 73.24 -61.64 20.41
N LYS G 130 73.65 -62.03 21.62
CA LYS G 130 73.37 -63.37 22.14
C LYS G 130 71.96 -63.50 22.71
N ALA G 131 71.28 -62.38 22.97
CA ALA G 131 69.96 -62.43 23.57
C ALA G 131 69.01 -63.26 22.72
N VAL G 132 68.22 -64.11 23.40
CA VAL G 132 67.29 -64.98 22.68
C VAL G 132 66.22 -64.16 21.99
N GLU G 133 65.79 -63.04 22.59
CA GLU G 133 64.87 -62.11 21.98
C GLU G 133 65.30 -60.70 22.35
N PHE G 134 64.79 -59.71 21.62
CA PHE G 134 65.27 -58.35 21.79
C PHE G 134 65.01 -57.82 23.20
N ASP G 135 63.95 -58.30 23.86
CA ASP G 135 63.63 -57.83 25.20
C ASP G 135 64.28 -58.66 26.29
N GLN G 136 65.16 -59.59 25.94
CA GLN G 136 65.79 -60.47 26.91
C GLN G 136 67.22 -60.08 27.24
N SER G 137 67.80 -59.13 26.52
CA SER G 137 69.18 -58.73 26.78
C SER G 137 69.29 -58.02 28.13
N ALA G 138 70.45 -58.14 28.75
CA ALA G 138 70.68 -57.49 30.04
C ALA G 138 70.45 -55.99 29.93
N LEU G 139 70.91 -55.38 28.83
CA LEU G 139 70.69 -53.95 28.65
C LEU G 139 69.21 -53.62 28.56
N PHE G 140 68.43 -54.41 27.82
CA PHE G 140 67.01 -54.14 27.74
C PHE G 140 66.37 -54.24 29.13
N LYS G 141 66.68 -55.30 29.88
CA LYS G 141 66.12 -55.43 31.21
C LYS G 141 66.45 -54.19 32.04
N LYS G 142 67.74 -53.85 32.13
CA LYS G 142 68.19 -52.80 33.03
C LYS G 142 67.65 -51.42 32.63
N ILE G 143 67.58 -51.14 31.34
CA ILE G 143 67.21 -49.80 30.88
C ILE G 143 65.70 -49.66 30.72
N TYR G 144 65.05 -50.61 30.03
CA TYR G 144 63.62 -50.54 29.84
C TYR G 144 62.86 -51.07 31.06
N GLU G 145 63.05 -52.36 31.37
CA GLU G 145 62.10 -53.02 32.26
C GLU G 145 62.22 -52.49 33.68
N GLU G 146 63.45 -52.34 34.17
CA GLU G 146 63.63 -52.03 35.58
C GLU G 146 63.24 -50.60 35.94
N GLU G 147 63.26 -49.68 34.98
CA GLU G 147 62.88 -48.30 35.27
C GLU G 147 61.66 -47.85 34.49
N TYR G 148 61.70 -47.84 33.16
CA TYR G 148 60.57 -47.35 32.40
C TYR G 148 59.38 -48.28 32.52
N GLY G 149 59.63 -49.59 32.59
CA GLY G 149 58.56 -50.56 32.60
C GLY G 149 58.19 -51.13 33.95
N THR G 150 58.56 -50.45 35.04
CA THR G 150 58.24 -50.92 36.38
C THR G 150 57.51 -49.85 37.17
N PHE G 151 56.49 -50.26 37.91
CA PHE G 151 55.75 -49.38 38.81
C PHE G 151 56.72 -48.72 39.80
N GLY G 152 56.74 -47.40 39.83
CA GLY G 152 57.62 -46.67 40.70
C GLY G 152 59.01 -46.39 40.16
N GLY G 153 59.33 -46.85 38.95
CA GLY G 153 60.62 -46.58 38.37
C GLY G 153 60.76 -45.13 37.91
N HIS G 154 62.02 -44.68 37.86
CA HIS G 154 62.36 -43.38 37.31
C HIS G 154 63.03 -43.59 35.96
N PRO G 155 62.31 -43.40 34.84
CA PRO G 155 62.87 -43.78 33.55
C PRO G 155 64.15 -43.04 33.23
N PHE G 156 65.09 -43.75 32.62
CA PHE G 156 66.30 -43.13 32.10
C PHE G 156 65.92 -42.06 31.09
N SER G 157 66.35 -40.83 31.34
CA SER G 157 66.07 -39.74 30.40
C SER G 157 67.00 -39.78 29.19
N LEU G 158 68.24 -40.21 29.39
CA LEU G 158 69.27 -40.15 28.36
C LEU G 158 70.32 -41.21 28.69
N LEU G 159 71.01 -41.68 27.67
CA LEU G 159 72.12 -42.61 27.81
C LEU G 159 73.35 -42.01 27.14
N VAL G 160 74.49 -42.08 27.80
CA VAL G 160 75.76 -41.64 27.21
C VAL G 160 76.71 -42.83 27.21
N GLY G 161 77.27 -43.13 26.05
CA GLY G 161 78.23 -44.20 25.94
C GLY G 161 79.63 -43.67 25.70
N ASP G 162 80.54 -43.98 26.61
CA ASP G 162 81.95 -43.61 26.44
C ASP G 162 82.62 -44.60 25.51
N TYR G 163 82.17 -44.59 24.26
CA TYR G 163 82.70 -45.46 23.23
C TYR G 163 82.78 -44.69 21.91
N SER G 164 83.69 -45.13 21.05
CA SER G 164 83.79 -44.62 19.69
C SER G 164 83.31 -45.69 18.72
N PHE G 165 82.58 -45.28 17.70
CA PHE G 165 82.01 -46.20 16.73
C PHE G 165 82.60 -45.92 15.36
N GLY G 166 83.22 -46.93 14.76
CA GLY G 166 83.80 -46.84 13.44
C GLY G 166 82.90 -47.41 12.37
N ARG G 167 83.48 -47.67 11.21
CA ARG G 167 82.75 -48.23 10.09
C ARG G 167 82.69 -49.75 10.12
N HIS G 168 83.32 -50.38 11.11
CA HIS G 168 83.40 -51.83 11.16
C HIS G 168 82.00 -52.43 11.29
N PRO G 169 81.77 -53.60 10.68
CA PRO G 169 80.42 -54.19 10.74
C PRO G 169 79.90 -54.41 12.15
N GLN G 170 80.74 -54.84 13.10
CA GLN G 170 80.19 -55.06 14.43
C GLN G 170 79.97 -53.74 15.16
N ASP G 171 80.69 -52.67 14.78
CA ASP G 171 80.41 -51.35 15.35
C ASP G 171 79.03 -50.87 14.95
N ILE G 172 78.71 -50.95 13.65
CA ILE G 172 77.39 -50.53 13.19
C ILE G 172 76.31 -51.45 13.72
N GLY G 173 76.61 -52.75 13.84
CA GLY G 173 75.65 -53.67 14.41
C GLY G 173 75.33 -53.35 15.87
N LEU G 174 76.37 -53.09 16.66
CA LEU G 174 76.17 -52.68 18.05
C LEU G 174 75.39 -51.37 18.12
N LEU G 175 75.68 -50.43 17.24
CA LEU G 175 74.93 -49.18 17.21
C LEU G 175 73.46 -49.43 16.93
N GLU G 176 73.16 -50.34 16.01
CA GLU G 176 71.76 -50.65 15.70
C GLU G 176 71.04 -51.27 16.89
N LYS G 177 71.68 -52.24 17.55
CA LYS G 177 71.07 -52.86 18.73
C LYS G 177 70.86 -51.85 19.86
N LEU G 178 71.87 -51.02 20.12
CA LEU G 178 71.75 -49.98 21.13
C LEU G 178 70.62 -49.03 20.79
N SER G 179 70.48 -48.69 19.51
CA SER G 179 69.40 -47.81 19.08
C SER G 179 68.04 -48.46 19.35
N ASN G 180 67.94 -49.77 19.15
CA ASN G 180 66.69 -50.45 19.45
C ASN G 180 66.34 -50.33 20.93
N VAL G 181 67.31 -50.60 21.79
CA VAL G 181 67.05 -50.49 23.23
C VAL G 181 66.71 -49.05 23.61
N ALA G 182 67.45 -48.09 23.07
CA ALA G 182 67.20 -46.68 23.36
C ALA G 182 65.82 -46.25 22.89
N ALA G 183 65.40 -46.70 21.71
CA ALA G 183 64.08 -46.36 21.20
C ALA G 183 62.98 -46.96 22.07
N ALA G 184 63.15 -48.21 22.49
CA ALA G 184 62.12 -48.85 23.30
C ALA G 184 61.83 -48.05 24.56
N ALA G 185 62.87 -47.61 25.25
CA ALA G 185 62.73 -46.89 26.52
C ALA G 185 62.58 -45.38 26.33
N HIS G 186 62.59 -44.88 25.09
CA HIS G 186 62.59 -43.44 24.82
C HIS G 186 63.74 -42.75 25.56
N ALA G 187 64.95 -43.27 25.39
CA ALA G 187 66.12 -42.77 26.09
C ALA G 187 67.22 -42.56 25.06
N PRO G 188 67.32 -41.36 24.49
CA PRO G 188 68.31 -41.12 23.42
C PRO G 188 69.72 -41.45 23.89
N PHE G 189 70.51 -42.01 22.97
CA PHE G 189 71.85 -42.51 23.25
C PHE G 189 72.86 -41.61 22.57
N ILE G 190 73.92 -41.27 23.30
CA ILE G 190 74.96 -40.37 22.80
C ILE G 190 76.31 -41.06 22.96
N ALA G 191 77.09 -41.09 21.87
CA ALA G 191 78.43 -41.65 21.90
C ALA G 191 79.30 -40.83 20.94
N ALA G 192 80.49 -41.35 20.66
CA ALA G 192 81.47 -40.66 19.83
C ALA G 192 81.65 -41.36 18.50
N ALA G 193 81.88 -40.56 17.46
CA ALA G 193 82.28 -41.07 16.16
C ALA G 193 83.77 -41.34 16.15
N SER G 194 84.15 -42.50 15.65
CA SER G 194 85.57 -42.76 15.48
C SER G 194 86.09 -42.09 14.22
N PRO G 195 87.37 -41.68 14.21
CA PRO G 195 87.96 -41.23 12.94
C PRO G 195 87.97 -42.30 11.89
N ARG G 196 88.00 -43.58 12.29
CA ARG G 196 87.92 -44.66 11.32
C ARG G 196 86.61 -44.65 10.55
N LEU G 197 85.54 -44.10 11.12
CA LEU G 197 84.30 -43.95 10.38
C LEU G 197 84.51 -43.09 9.13
N PHE G 198 85.44 -42.13 9.21
CA PHE G 198 85.75 -41.23 8.11
C PHE G 198 86.95 -41.70 7.30
N ASP G 199 87.39 -42.95 7.49
CA ASP G 199 88.61 -43.48 6.88
C ASP G 199 89.82 -42.62 7.24
N MET G 200 89.87 -42.19 8.50
CA MET G 200 90.91 -41.30 9.00
C MET G 200 91.61 -41.95 10.18
N GLY G 201 92.94 -41.81 10.24
CA GLY G 201 93.65 -42.22 11.43
C GLY G 201 93.35 -41.35 12.63
N SER G 202 93.19 -40.05 12.41
CA SER G 202 92.90 -39.10 13.48
C SER G 202 92.05 -37.98 12.90
N PHE G 203 91.30 -37.32 13.78
CA PHE G 203 90.49 -36.19 13.34
C PHE G 203 91.32 -34.96 13.03
N THR G 204 92.63 -35.00 13.27
CA THR G 204 93.50 -33.93 12.78
C THR G 204 93.47 -33.86 11.26
N GLU G 205 93.06 -34.93 10.58
CA GLU G 205 92.94 -34.98 9.13
C GLU G 205 91.56 -34.53 8.64
N LEU G 206 90.69 -34.04 9.53
CA LEU G 206 89.30 -33.78 9.16
C LEU G 206 89.19 -32.66 8.13
N ALA G 207 90.12 -31.72 8.12
CA ALA G 207 90.06 -30.63 7.15
C ALA G 207 90.64 -31.00 5.79
N VAL G 208 91.25 -32.18 5.66
CA VAL G 208 91.96 -32.55 4.43
C VAL G 208 91.02 -32.83 3.26
N PRO G 209 90.00 -33.70 3.39
CA PRO G 209 89.17 -34.02 2.22
C PRO G 209 88.46 -32.79 1.67
N ARG G 210 88.35 -32.72 0.34
CA ARG G 210 87.60 -31.64 -0.28
C ARG G 210 86.11 -31.73 0.05
N ASP G 211 85.55 -32.94 -0.05
CA ASP G 211 84.12 -33.16 0.15
C ASP G 211 83.91 -34.33 1.09
N LEU G 212 83.35 -34.05 2.26
CA LEU G 212 83.11 -35.09 3.26
C LEU G 212 82.06 -36.09 2.79
N ALA G 213 80.98 -35.59 2.16
CA ALA G 213 79.89 -36.47 1.76
C ALA G 213 80.37 -37.57 0.81
N LYS G 214 81.41 -37.29 0.03
CA LYS G 214 81.97 -38.28 -0.88
C LYS G 214 82.48 -39.50 -0.13
N ILE G 215 83.07 -39.29 1.04
CA ILE G 215 83.59 -40.41 1.85
C ILE G 215 82.48 -41.41 2.15
N PHE G 216 81.30 -40.91 2.47
CA PHE G 216 80.21 -41.76 2.91
C PHE G 216 79.45 -42.40 1.76
N GLU G 217 79.95 -42.29 0.53
CA GLU G 217 79.44 -43.05 -0.59
C GLU G 217 80.12 -44.40 -0.73
N SER G 218 81.13 -44.67 0.09
CA SER G 218 81.92 -45.88 -0.04
C SER G 218 81.07 -47.12 0.21
N GLN G 219 81.41 -48.19 -0.51
CA GLN G 219 80.77 -49.48 -0.27
C GLN G 219 81.00 -49.98 1.15
N GLU G 220 82.09 -49.55 1.80
CA GLU G 220 82.33 -49.92 3.18
C GLU G 220 81.32 -49.29 4.14
N LEU G 221 80.54 -48.31 3.69
CA LEU G 221 79.58 -47.62 4.55
C LEU G 221 78.14 -47.96 4.18
N ILE G 222 77.91 -49.09 3.52
CA ILE G 222 76.56 -49.53 3.20
C ILE G 222 75.75 -49.72 4.49
N LYS G 223 76.32 -50.40 5.47
CA LYS G 223 75.61 -50.67 6.71
C LYS G 223 75.33 -49.37 7.47
N TRP G 224 76.28 -48.43 7.46
CA TRP G 224 76.07 -47.15 8.12
C TRP G 224 74.93 -46.37 7.47
N ARG G 225 74.88 -46.35 6.14
CA ARG G 225 73.79 -45.66 5.46
C ARG G 225 72.45 -46.32 5.75
N ALA G 226 72.42 -47.65 5.76
CA ALA G 226 71.20 -48.36 6.12
C ALA G 226 70.77 -48.00 7.54
N PHE G 227 71.72 -47.95 8.48
CA PHE G 227 71.40 -47.56 9.85
C PHE G 227 70.81 -46.16 9.89
N ARG G 228 71.41 -45.22 9.16
CA ARG G 228 70.87 -43.86 9.10
C ARG G 228 69.44 -43.84 8.58
N GLU G 229 69.10 -44.74 7.65
CA GLU G 229 67.70 -44.81 7.20
C GLU G 229 66.74 -45.43 8.22
N SER G 230 67.23 -46.12 9.24
CA SER G 230 66.34 -46.79 10.17
C SER G 230 65.60 -45.79 11.05
N GLU G 231 64.41 -46.18 11.52
CA GLU G 231 63.63 -45.31 12.39
C GLU G 231 64.34 -45.07 13.72
N ASP G 232 64.89 -46.12 14.32
CA ASP G 232 65.45 -46.00 15.67
C ASP G 232 66.79 -45.27 15.69
N SER G 233 67.35 -44.91 14.54
CA SER G 233 68.59 -44.13 14.52
C SER G 233 68.40 -42.72 15.06
N ARG G 234 67.17 -42.22 15.15
CA ARG G 234 66.95 -40.92 15.78
C ARG G 234 67.26 -40.92 17.27
N TYR G 235 67.41 -42.10 17.87
CA TYR G 235 67.81 -42.22 19.27
C TYR G 235 69.32 -42.41 19.44
N VAL G 236 70.10 -42.14 18.40
CA VAL G 236 71.55 -42.24 18.46
C VAL G 236 72.14 -40.94 17.92
N SER G 237 73.01 -40.31 18.70
CA SER G 237 73.76 -39.15 18.27
C SER G 237 75.24 -39.45 18.44
N LEU G 238 76.04 -39.04 17.46
CA LEU G 238 77.48 -39.24 17.49
C LEU G 238 78.18 -37.89 17.44
N VAL G 239 79.07 -37.66 18.40
CA VAL G 239 79.77 -36.40 18.51
C VAL G 239 81.21 -36.57 18.07
N LEU G 240 81.82 -35.48 17.62
CA LEU G 240 83.22 -35.45 17.23
C LEU G 240 83.69 -34.01 17.27
N PRO G 241 85.01 -33.78 17.33
CA PRO G 241 86.10 -34.73 17.56
C PRO G 241 86.40 -34.85 19.05
N HIS G 242 87.59 -35.33 19.43
CA HIS G 242 87.93 -35.44 20.84
C HIS G 242 88.20 -34.06 21.44
N VAL G 243 88.06 -33.98 22.76
CA VAL G 243 88.25 -32.74 23.50
C VAL G 243 89.39 -32.93 24.49
N LEU G 244 90.23 -31.91 24.61
CA LEU G 244 91.38 -31.99 25.50
C LEU G 244 90.92 -31.97 26.96
N LEU G 245 91.39 -32.93 27.74
CA LEU G 245 91.05 -32.98 29.15
C LEU G 245 92.17 -32.37 29.98
N ALA G 271 99.52 -37.90 20.05
CA ALA G 271 98.77 -38.69 21.02
C ALA G 271 99.32 -38.51 22.42
N ARG G 272 100.23 -37.55 22.58
CA ARG G 272 100.80 -37.27 23.90
C ARG G 272 99.90 -36.41 24.78
N TYR G 273 98.78 -35.93 24.26
CA TYR G 273 97.80 -35.18 25.04
C TYR G 273 96.66 -36.09 25.47
N LEU G 274 96.06 -35.78 26.61
CA LEU G 274 94.95 -36.58 27.13
C LEU G 274 93.66 -36.16 26.43
N TRP G 275 93.27 -36.92 25.42
CA TRP G 275 92.08 -36.64 24.63
C TRP G 275 90.90 -37.43 25.18
N GLY G 276 89.79 -36.73 25.41
CA GLY G 276 88.60 -37.34 25.94
C GLY G 276 87.47 -37.41 24.92
N ASN G 277 86.42 -38.13 25.30
CA ASN G 277 85.22 -38.24 24.50
C ASN G 277 84.39 -36.96 24.63
N ALA G 278 84.01 -36.37 23.50
CA ALA G 278 83.18 -35.16 23.55
C ALA G 278 81.76 -35.44 23.99
N ALA G 279 81.36 -36.72 24.05
CA ALA G 279 80.04 -37.05 24.59
C ALA G 279 79.91 -36.62 26.05
N TRP G 280 81.00 -36.65 26.81
CA TRP G 280 80.97 -36.12 28.17
C TRP G 280 80.59 -34.64 28.16
N ALA G 281 81.20 -33.87 27.27
CA ALA G 281 80.91 -32.43 27.20
C ALA G 281 79.47 -32.16 26.77
N LEU G 282 78.98 -32.90 25.78
CA LEU G 282 77.59 -32.74 25.37
C LEU G 282 76.63 -33.12 26.50
N THR G 283 76.92 -34.22 27.20
CA THR G 283 76.11 -34.63 28.34
C THR G 283 76.10 -33.53 29.40
N GLN G 284 77.24 -32.89 29.62
CA GLN G 284 77.32 -31.79 30.58
C GLN G 284 76.44 -30.64 30.14
N ARG G 285 76.44 -30.32 28.84
CA ARG G 285 75.51 -29.30 28.35
C ARG G 285 74.07 -29.68 28.65
N ILE G 286 73.73 -30.95 28.46
CA ILE G 286 72.36 -31.40 28.68
C ILE G 286 71.98 -31.28 30.15
N THR G 287 72.86 -31.71 31.06
CA THR G 287 72.53 -31.68 32.48
C THR G 287 72.49 -30.25 33.01
N GLU G 288 73.37 -29.37 32.50
CA GLU G 288 73.28 -27.97 32.87
C GLU G 288 71.97 -27.34 32.39
N ALA G 289 71.56 -27.65 31.16
CA ALA G 289 70.28 -27.15 30.68
C ALA G 289 69.14 -27.63 31.56
N PHE G 290 69.14 -28.92 31.94
CA PHE G 290 68.08 -29.40 32.80
C PHE G 290 68.11 -28.70 34.16
N ALA G 291 69.30 -28.55 34.75
CA ALA G 291 69.39 -27.94 36.06
C ALA G 291 68.88 -26.50 36.04
N ARG G 292 69.22 -25.75 35.00
CA ARG G 292 68.82 -24.35 34.94
C ARG G 292 67.37 -24.17 34.53
N TYR G 293 66.86 -25.01 33.62
CA TYR G 293 65.58 -24.76 32.98
C TYR G 293 64.56 -25.88 33.14
N GLY G 294 64.96 -27.07 33.56
CA GLY G 294 64.03 -28.19 33.67
C GLY G 294 63.79 -28.93 32.38
N TRP G 295 64.38 -28.48 31.27
CA TRP G 295 64.27 -29.14 29.98
C TRP G 295 65.61 -29.04 29.26
N CYS G 296 65.81 -29.92 28.28
CA CYS G 296 67.11 -30.12 27.67
C CYS G 296 67.18 -29.65 26.22
N ALA G 297 66.33 -28.70 25.82
CA ALA G 297 66.39 -28.21 24.46
C ALA G 297 67.59 -27.28 24.24
N ALA G 298 67.91 -26.45 25.23
CA ALA G 298 68.90 -25.39 25.07
C ALA G 298 70.29 -25.96 25.25
N ILE G 299 70.74 -26.70 24.24
CA ILE G 299 72.03 -27.38 24.31
C ILE G 299 72.89 -27.12 23.07
N ARG G 300 72.67 -26.02 22.38
CA ARG G 300 73.43 -25.76 21.16
C ARG G 300 73.61 -24.26 20.93
N GLY G 301 74.72 -23.92 20.30
CA GLY G 301 75.00 -22.54 19.93
C GLY G 301 75.77 -21.78 20.98
N VAL G 302 76.26 -20.61 20.56
CA VAL G 302 77.01 -19.74 21.47
C VAL G 302 76.11 -19.28 22.60
N GLU G 303 74.89 -18.85 22.28
CA GLU G 303 73.97 -18.34 23.28
C GLU G 303 72.84 -19.29 23.64
N GLY G 304 72.71 -20.41 22.93
CA GLY G 304 71.61 -21.32 23.17
C GLY G 304 71.97 -22.53 24.00
N GLY G 305 73.09 -22.49 24.71
CA GLY G 305 73.48 -23.56 25.59
C GLY G 305 74.49 -24.56 25.06
N GLY G 306 75.08 -24.30 23.90
CA GLY G 306 76.09 -25.19 23.33
C GLY G 306 77.53 -24.86 23.67
N ALA G 307 77.78 -23.92 24.57
CA ALA G 307 79.13 -23.44 24.83
C ALA G 307 79.83 -24.32 25.86
N VAL G 308 81.00 -24.83 25.48
CA VAL G 308 81.87 -25.61 26.36
C VAL G 308 83.05 -24.70 26.69
N GLU G 309 83.03 -24.10 27.89
CA GLU G 309 84.00 -23.10 28.28
C GLU G 309 85.08 -23.69 29.18
N GLY G 310 86.15 -22.92 29.36
CA GLY G 310 87.22 -23.30 30.27
C GLY G 310 88.11 -24.43 29.80
N LEU G 311 88.22 -24.62 28.49
CA LEU G 311 89.05 -25.69 27.95
C LEU G 311 90.53 -25.36 28.16
N PRO G 312 91.39 -26.39 28.24
CA PRO G 312 92.83 -26.13 28.32
C PRO G 312 93.31 -25.35 27.12
N ALA G 313 94.15 -24.34 27.36
CA ALA G 313 94.71 -23.51 26.31
C ALA G 313 96.23 -23.58 26.41
N HIS G 314 96.81 -24.58 25.74
CA HIS G 314 98.26 -24.77 25.79
C HIS G 314 98.94 -23.94 24.72
N LYS G 326 97.34 -24.22 20.01
CA LYS G 326 96.89 -25.60 19.84
C LYS G 326 95.38 -25.74 20.09
N CYS G 327 94.67 -26.33 19.13
CA CYS G 327 93.23 -26.49 19.27
C CYS G 327 92.92 -27.43 20.42
N PRO G 328 92.09 -27.03 21.39
CA PRO G 328 91.63 -27.98 22.42
C PRO G 328 90.65 -29.03 21.89
N THR G 329 90.29 -28.98 20.61
CA THR G 329 89.35 -29.93 20.01
C THR G 329 89.97 -30.69 18.84
N GLU G 330 91.29 -30.83 18.83
CA GLU G 330 92.06 -31.62 17.86
C GLU G 330 92.14 -31.04 16.46
N VAL G 331 91.20 -30.16 16.09
CA VAL G 331 91.16 -29.66 14.72
C VAL G 331 90.17 -28.51 14.64
N ALA G 332 90.50 -27.48 13.88
CA ALA G 332 89.57 -26.39 13.63
C ALA G 332 88.53 -26.87 12.62
N ILE G 333 87.27 -26.53 12.87
CA ILE G 333 86.17 -26.91 11.99
C ILE G 333 85.54 -25.62 11.47
N THR G 334 85.67 -25.37 10.18
CA THR G 334 85.07 -24.20 9.55
C THR G 334 83.55 -24.32 9.55
N ASP G 335 82.89 -23.19 9.31
CA ASP G 335 81.42 -23.19 9.22
C ASP G 335 80.94 -24.16 8.15
N ARG G 336 81.56 -24.14 6.98
CA ARG G 336 81.14 -25.04 5.91
C ARG G 336 81.34 -26.50 6.30
N ARG G 337 82.46 -26.80 6.95
CA ARG G 337 82.73 -28.17 7.38
C ARG G 337 81.76 -28.62 8.46
N GLU G 338 81.43 -27.72 9.39
CA GLU G 338 80.44 -28.04 10.42
C GLU G 338 79.09 -28.35 9.78
N LYS G 339 78.70 -27.56 8.77
CA LYS G 339 77.43 -27.82 8.09
C LYS G 339 77.46 -29.17 7.36
N GLU G 340 78.57 -29.49 6.68
CA GLU G 340 78.72 -30.81 6.08
C GLU G 340 78.52 -31.91 7.11
N LEU G 341 79.20 -31.79 8.25
CA LEU G 341 79.13 -32.84 9.26
C LEU G 341 77.71 -32.97 9.81
N ASP G 342 77.05 -31.85 10.04
CA ASP G 342 75.65 -31.89 10.46
C ASP G 342 74.79 -32.63 9.45
N ALA G 343 75.01 -32.37 8.16
CA ALA G 343 74.23 -33.05 7.12
C ALA G 343 74.50 -34.55 7.11
N LEU G 344 75.67 -34.98 7.54
CA LEU G 344 76.03 -36.39 7.54
C LEU G 344 75.62 -37.11 8.81
N GLY G 345 74.94 -36.42 9.74
CA GLY G 345 74.44 -37.07 10.93
C GLY G 345 75.34 -37.01 12.14
N PHE G 346 76.11 -35.94 12.30
CA PHE G 346 77.06 -35.81 13.40
C PHE G 346 76.84 -34.48 14.12
N ILE G 347 77.25 -34.46 15.38
CA ILE G 347 77.27 -33.24 16.19
C ILE G 347 78.73 -32.87 16.41
N ALA G 348 79.17 -31.77 15.81
CA ALA G 348 80.57 -31.39 15.83
C ALA G 348 80.82 -30.34 16.91
N LEU G 349 81.95 -30.46 17.59
CA LEU G 349 82.41 -29.47 18.56
C LEU G 349 83.41 -28.55 17.87
N CYS G 350 83.12 -27.25 17.84
CA CYS G 350 83.86 -26.29 17.05
C CYS G 350 84.60 -25.32 17.96
N HIS G 351 85.93 -25.33 17.89
CA HIS G 351 86.75 -24.42 18.69
C HIS G 351 86.61 -23.00 18.18
N LYS G 352 86.40 -22.06 19.10
CA LYS G 352 86.49 -20.65 18.75
C LYS G 352 87.97 -20.25 18.69
N LYS G 353 88.41 -19.76 17.54
CA LYS G 353 89.81 -19.44 17.36
C LYS G 353 90.26 -18.41 18.38
N ASN G 354 91.47 -18.63 18.92
CA ASN G 354 92.10 -17.71 19.87
C ASN G 354 91.27 -17.59 21.16
N SER G 355 90.80 -18.72 21.66
CA SER G 355 89.98 -18.74 22.86
C SER G 355 90.12 -20.09 23.53
N ASP G 356 89.57 -20.20 24.74
CA ASP G 356 89.48 -21.45 25.47
C ASP G 356 88.06 -22.02 25.44
N LEU G 357 87.38 -21.83 24.31
CA LEU G 357 85.96 -22.10 24.19
C LEU G 357 85.69 -22.88 22.91
N ALA G 358 84.73 -23.80 22.98
CA ALA G 358 84.21 -24.51 21.83
C ALA G 358 82.70 -24.62 21.95
N VAL G 359 82.03 -24.80 20.82
CA VAL G 359 80.58 -24.73 20.76
C VAL G 359 80.04 -25.89 19.93
N PHE G 360 79.00 -26.55 20.41
CA PHE G 360 78.16 -27.45 19.62
C PHE G 360 77.16 -26.58 18.85
N PHE G 361 77.42 -26.33 17.58
CA PHE G 361 76.47 -25.53 16.80
C PHE G 361 75.25 -26.35 16.39
N GLY G 362 75.46 -27.61 16.01
CA GLY G 362 74.38 -28.47 15.58
C GLY G 362 73.96 -29.43 16.67
N SER G 363 72.78 -30.01 16.51
CA SER G 363 72.29 -31.04 17.42
C SER G 363 71.54 -32.11 16.64
N GLN G 364 72.11 -32.55 15.52
CA GLN G 364 71.49 -33.53 14.65
C GLN G 364 71.79 -34.94 15.13
N THR G 365 70.77 -35.79 15.18
CA THR G 365 70.97 -37.20 15.48
C THR G 365 71.54 -37.90 14.25
N THR G 366 71.82 -39.21 14.37
CA THR G 366 72.31 -39.93 13.20
C THR G 366 71.21 -40.21 12.18
N ASN G 367 69.95 -39.98 12.52
CA ASN G 367 68.85 -40.28 11.61
C ASN G 367 68.91 -39.39 10.38
N ARG G 368 68.74 -39.98 9.20
CA ARG G 368 68.61 -39.21 7.98
C ARG G 368 67.13 -39.04 7.66
N PRO G 369 66.57 -37.84 7.74
CA PRO G 369 65.14 -37.68 7.51
C PRO G 369 64.72 -38.09 6.10
N ARG G 370 63.55 -38.70 6.00
CA ARG G 370 62.98 -39.00 4.70
C ARG G 370 62.47 -37.71 4.06
N VAL G 371 62.41 -37.71 2.73
CA VAL G 371 62.00 -36.54 1.95
C VAL G 371 60.66 -36.84 1.32
N TYR G 372 59.73 -35.90 1.44
CA TYR G 372 58.35 -36.08 1.02
C TYR G 372 57.94 -34.99 0.04
N ASN G 373 56.72 -35.11 -0.47
CA ASN G 373 56.16 -34.16 -1.41
C ASN G 373 55.33 -33.06 -0.75
N THR G 374 55.26 -33.01 0.57
CA THR G 374 54.55 -31.94 1.26
C THR G 374 55.48 -31.25 2.23
N ASN G 375 55.27 -29.94 2.40
CA ASN G 375 56.09 -29.17 3.33
C ASN G 375 55.93 -29.67 4.76
N GLU G 376 54.69 -29.99 5.16
CA GLU G 376 54.43 -30.43 6.52
C GLU G 376 55.19 -31.72 6.85
N ALA G 377 55.15 -32.69 5.94
CA ALA G 377 55.84 -33.95 6.19
C ALA G 377 57.35 -33.75 6.24
N ASN G 378 57.90 -32.94 5.35
CA ASN G 378 59.33 -32.66 5.37
C ASN G 378 59.73 -31.99 6.67
N ALA G 379 58.97 -30.98 7.09
CA ALA G 379 59.27 -30.30 8.35
C ALA G 379 59.22 -31.28 9.52
N ASN G 380 58.19 -32.12 9.57
CA ASN G 380 58.08 -33.06 10.69
C ASN G 380 59.21 -34.07 10.68
N ALA G 381 59.58 -34.58 9.50
CA ALA G 381 60.68 -35.53 9.41
C ALA G 381 61.99 -34.90 9.88
N ARG G 382 62.22 -33.64 9.51
CA ARG G 382 63.48 -32.98 9.86
C ARG G 382 63.60 -32.78 11.37
N ILE G 383 62.55 -32.26 12.01
CA ILE G 383 62.64 -31.98 13.45
C ILE G 383 62.67 -33.27 14.26
N SER G 384 62.08 -34.35 13.75
CA SER G 384 62.14 -35.63 14.44
C SER G 384 63.52 -36.27 14.36
N ALA G 385 64.49 -35.62 13.72
CA ALA G 385 65.87 -36.07 13.69
C ALA G 385 66.79 -35.17 14.49
N MET G 386 66.25 -34.25 15.29
CA MET G 386 67.04 -33.31 16.07
C MET G 386 67.06 -33.73 17.54
N LEU G 387 68.26 -33.80 18.11
CA LEU G 387 68.42 -34.25 19.49
C LEU G 387 67.60 -33.44 20.49
N PRO G 388 67.56 -32.10 20.46
CA PRO G 388 66.76 -31.39 21.47
C PRO G 388 65.30 -31.79 21.47
N TYR G 389 64.69 -31.84 20.29
CA TYR G 389 63.27 -32.16 20.20
C TYR G 389 63.01 -33.62 20.53
N VAL G 390 63.91 -34.52 20.13
CA VAL G 390 63.76 -35.93 20.46
C VAL G 390 63.85 -36.14 21.97
N LEU G 391 64.75 -35.41 22.63
CA LEU G 391 64.83 -35.47 24.08
C LEU G 391 63.53 -34.99 24.73
N ALA G 392 62.98 -33.88 24.25
CA ALA G 392 61.72 -33.39 24.80
C ALA G 392 60.59 -34.41 24.60
N ALA G 393 60.51 -34.99 23.40
CA ALA G 393 59.47 -35.98 23.13
C ALA G 393 59.63 -37.20 24.03
N SER G 394 60.87 -37.62 24.25
CA SER G 394 61.14 -38.76 25.13
C SER G 394 60.72 -38.45 26.58
N ARG G 395 61.00 -37.24 27.06
CA ARG G 395 60.55 -36.87 28.39
C ARG G 395 59.03 -36.94 28.50
N PHE G 396 58.34 -36.44 27.48
CA PHE G 396 56.88 -36.54 27.52
C PHE G 396 56.41 -37.98 27.47
N ALA G 397 57.14 -38.86 26.77
CA ALA G 397 56.81 -40.29 26.83
C ALA G 397 56.91 -40.82 28.25
N HIS G 398 57.98 -40.45 28.96
CA HIS G 398 58.17 -40.94 30.32
C HIS G 398 57.05 -40.44 31.25
N TYR G 399 56.71 -39.16 31.13
CA TYR G 399 55.64 -38.60 31.94
C TYR G 399 54.31 -39.26 31.63
N LEU G 400 54.03 -39.49 30.34
CA LEU G 400 52.78 -40.13 29.96
C LEU G 400 52.70 -41.54 30.53
N LYS G 401 53.79 -42.30 30.44
CA LYS G 401 53.83 -43.63 31.02
C LYS G 401 53.47 -43.58 32.51
N VAL G 402 54.13 -42.70 33.27
CA VAL G 402 53.94 -42.69 34.71
C VAL G 402 52.52 -42.26 35.08
N ILE G 403 52.04 -41.15 34.51
CA ILE G 403 50.73 -40.63 34.93
C ILE G 403 49.60 -41.56 34.46
N MET G 404 49.70 -42.09 33.24
CA MET G 404 48.65 -43.00 32.78
C MET G 404 48.68 -44.32 33.54
N ARG G 405 49.87 -44.79 33.94
CA ARG G 405 49.93 -45.94 34.83
C ARG G 405 49.18 -45.65 36.13
N ASP G 406 49.32 -44.42 36.64
CA ASP G 406 48.56 -44.05 37.84
C ASP G 406 47.06 -44.02 37.58
N LYS G 407 46.64 -43.81 36.33
CA LYS G 407 45.20 -43.74 36.06
C LYS G 407 44.55 -45.09 35.70
N VAL G 408 45.33 -46.15 35.51
CA VAL G 408 44.74 -47.46 35.21
C VAL G 408 43.84 -47.88 36.35
N GLY G 409 42.63 -48.33 36.02
CA GLY G 409 41.68 -48.80 37.00
C GLY G 409 40.67 -47.76 37.47
N SER G 410 40.95 -46.47 37.26
CA SER G 410 39.98 -45.43 37.57
C SER G 410 38.87 -45.42 36.53
N PHE G 411 37.70 -44.92 36.94
CA PHE G 411 36.56 -44.76 36.03
C PHE G 411 36.85 -43.64 35.06
N MET G 412 37.12 -43.97 33.79
CA MET G 412 37.49 -42.97 32.81
C MET G 412 36.87 -43.30 31.46
N THR G 413 36.14 -42.34 30.90
CA THR G 413 35.67 -42.42 29.53
C THR G 413 36.77 -41.91 28.59
N ARG G 414 36.51 -41.99 27.29
CA ARG G 414 37.43 -41.42 26.31
C ARG G 414 37.60 -39.93 26.54
N ASP G 415 36.49 -39.22 26.76
CA ASP G 415 36.56 -37.79 27.02
C ASP G 415 37.31 -37.48 28.31
N ASN G 416 37.14 -38.30 29.34
CA ASN G 416 37.87 -38.08 30.59
C ASN G 416 39.38 -38.15 30.34
N VAL G 417 39.82 -39.16 29.59
CA VAL G 417 41.24 -39.29 29.28
C VAL G 417 41.73 -38.08 28.49
N GLN G 418 40.97 -37.70 27.47
CA GLN G 418 41.39 -36.58 26.63
C GLN G 418 41.50 -35.30 27.45
N THR G 419 40.50 -35.01 28.26
CA THR G 419 40.50 -33.81 29.09
C THR G 419 41.67 -33.82 30.06
N TYR G 420 41.89 -34.96 30.74
CA TYR G 420 43.00 -35.04 31.69
C TYR G 420 44.34 -34.79 31.00
N LEU G 421 44.56 -35.42 29.85
CA LEU G 421 45.87 -35.29 29.20
C LEU G 421 46.09 -33.89 28.66
N ASN G 422 45.06 -33.28 28.05
CA ASN G 422 45.21 -31.92 27.57
C ASN G 422 45.40 -30.93 28.70
N ASN G 423 44.70 -31.15 29.83
CA ASN G 423 44.90 -30.30 31.00
C ASN G 423 46.31 -30.43 31.55
N TRP G 424 46.83 -31.65 31.60
CA TRP G 424 48.15 -31.88 32.17
C TRP G 424 49.25 -31.24 31.34
N ILE G 425 49.17 -31.36 30.00
CA ILE G 425 50.23 -30.89 29.14
C ILE G 425 50.24 -29.38 28.97
N ALA G 426 49.13 -28.70 29.29
CA ALA G 426 49.03 -27.26 29.03
C ALA G 426 50.09 -26.47 29.80
N ASP G 427 50.53 -26.99 30.94
CA ASP G 427 51.49 -26.28 31.78
C ASP G 427 52.88 -26.17 31.16
N TYR G 428 53.15 -26.90 30.08
CA TYR G 428 54.46 -26.89 29.44
C TYR G 428 54.47 -26.07 28.15
N VAL G 429 53.39 -25.33 27.88
CA VAL G 429 53.22 -24.59 26.65
C VAL G 429 53.47 -23.12 26.91
N LEU G 430 54.29 -22.50 26.07
CA LEU G 430 54.53 -21.06 26.11
C LEU G 430 54.17 -20.48 24.75
N ILE G 431 53.20 -19.58 24.73
CA ILE G 431 52.71 -19.02 23.48
C ILE G 431 53.55 -17.83 23.00
N ASN G 432 54.23 -17.15 23.92
CA ASN G 432 54.89 -15.87 23.61
C ASN G 432 56.20 -16.13 22.88
N ASP G 433 56.18 -15.92 21.56
CA ASP G 433 57.37 -16.06 20.74
C ASP G 433 58.36 -14.91 20.91
N ASN G 434 57.97 -13.85 21.62
CA ASN G 434 58.87 -12.75 21.93
C ASN G 434 59.58 -12.92 23.27
N ALA G 435 59.36 -14.02 23.96
CA ALA G 435 60.06 -14.26 25.21
C ALA G 435 61.57 -14.42 24.95
N PRO G 436 62.40 -14.01 25.89
CA PRO G 436 63.85 -14.16 25.73
C PRO G 436 64.25 -15.63 25.69
N GLN G 437 65.50 -15.86 25.32
CA GLN G 437 66.03 -17.21 25.18
C GLN G 437 65.87 -18.00 26.49
N GLU G 438 66.18 -17.36 27.62
CA GLU G 438 66.16 -18.06 28.91
C GLU G 438 64.76 -18.46 29.32
N ILE G 439 63.73 -17.76 28.85
CA ILE G 439 62.35 -18.15 29.14
C ILE G 439 61.92 -19.30 28.23
N LYS G 440 62.18 -19.17 26.92
CA LYS G 440 61.83 -20.23 26.00
C LYS G 440 62.50 -21.54 26.35
N ALA G 441 63.70 -21.48 26.92
CA ALA G 441 64.38 -22.70 27.34
C ALA G 441 63.62 -23.48 28.40
N GLN G 442 62.75 -22.80 29.17
CA GLN G 442 62.01 -23.43 30.24
C GLN G 442 60.71 -24.07 29.80
N TYR G 443 60.28 -23.87 28.57
CA TYR G 443 59.01 -24.41 28.07
C TYR G 443 59.28 -25.20 26.80
N PRO G 444 59.14 -26.53 26.83
CA PRO G 444 59.46 -27.33 25.64
C PRO G 444 58.50 -27.12 24.49
N LEU G 445 57.32 -26.57 24.71
CA LEU G 445 56.25 -26.56 23.72
C LEU G 445 55.77 -25.15 23.41
N ARG G 446 55.50 -24.91 22.13
CA ARG G 446 54.73 -23.75 21.71
C ARG G 446 53.28 -24.06 21.46
N GLU G 447 52.95 -25.32 21.18
CA GLU G 447 51.60 -25.80 20.99
C GLU G 447 51.57 -27.29 21.29
N ALA G 448 50.44 -27.77 21.79
CA ALA G 448 50.27 -29.20 22.01
C ALA G 448 48.79 -29.54 21.98
N ARG G 449 48.50 -30.78 21.55
CA ARG G 449 47.12 -31.28 21.58
C ARG G 449 47.17 -32.80 21.68
N VAL G 450 46.26 -33.35 22.46
CA VAL G 450 46.11 -34.80 22.61
C VAL G 450 44.74 -35.19 22.10
N ASP G 451 44.72 -36.11 21.14
CA ASP G 451 43.47 -36.67 20.61
C ASP G 451 43.35 -38.11 21.07
N VAL G 452 42.21 -38.44 21.66
CA VAL G 452 41.97 -39.78 22.19
C VAL G 452 40.78 -40.40 21.49
N SER G 453 40.88 -41.69 21.17
CA SER G 453 39.81 -42.42 20.51
C SER G 453 39.58 -43.76 21.21
N GLU G 454 38.35 -44.26 21.10
CA GLU G 454 38.01 -45.56 21.66
C GLU G 454 38.42 -46.69 20.72
N VAL G 455 38.60 -47.86 21.29
CA VAL G 455 38.84 -49.09 20.53
C VAL G 455 37.55 -49.90 20.56
N VAL G 456 36.99 -50.17 19.37
CA VAL G 456 35.67 -50.79 19.31
C VAL G 456 35.72 -52.17 19.95
N GLY G 457 34.69 -52.49 20.73
CA GLY G 457 34.56 -53.78 21.35
C GLY G 457 35.42 -54.01 22.57
N LYS G 458 36.14 -52.99 23.04
CA LYS G 458 37.04 -53.12 24.19
C LYS G 458 36.80 -51.98 25.16
N PRO G 459 35.84 -52.12 26.07
CA PRO G 459 35.57 -51.05 27.03
C PRO G 459 36.82 -50.71 27.85
N GLY G 460 37.03 -49.41 28.05
CA GLY G 460 38.18 -48.96 28.81
C GLY G 460 39.52 -49.07 28.12
N VAL G 461 39.53 -49.30 26.81
CA VAL G 461 40.76 -49.38 26.02
C VAL G 461 40.78 -48.23 25.03
N TYR G 462 41.84 -47.44 25.03
CA TYR G 462 41.89 -46.21 24.26
C TYR G 462 43.20 -46.08 23.49
N ARG G 463 43.16 -45.26 22.44
CA ARG G 463 44.33 -44.87 21.67
C ARG G 463 44.43 -43.36 21.65
N ALA G 464 45.64 -42.83 21.75
CA ALA G 464 45.86 -41.40 21.77
C ALA G 464 46.97 -41.03 20.81
N THR G 465 46.88 -39.81 20.28
CA THR G 465 47.97 -39.19 19.54
C THR G 465 48.35 -37.90 20.24
N VAL G 466 49.62 -37.75 20.55
CA VAL G 466 50.14 -36.59 21.26
C VAL G 466 50.94 -35.75 20.27
N PHE G 467 50.38 -34.61 19.87
CA PHE G 467 51.05 -33.69 18.96
C PHE G 467 51.83 -32.65 19.77
N LEU G 468 53.13 -32.55 19.51
CA LEU G 468 54.01 -31.64 20.22
C LEU G 468 54.66 -30.69 19.22
N ARG G 469 54.41 -29.40 19.37
CA ARG G 469 55.06 -28.40 18.54
C ARG G 469 56.07 -27.61 19.37
N PRO G 470 57.36 -27.86 19.22
CA PRO G 470 58.35 -27.20 20.07
C PRO G 470 58.62 -25.77 19.59
N HIS G 471 59.42 -25.06 20.38
CA HIS G 471 60.01 -23.82 19.94
C HIS G 471 61.23 -24.15 19.09
N PHE G 472 61.29 -23.62 17.88
CA PHE G 472 62.32 -24.02 16.93
C PHE G 472 63.56 -23.15 17.04
N GLN G 473 64.71 -23.78 16.89
CA GLN G 473 66.01 -23.13 17.00
C GLN G 473 66.53 -22.76 15.62
N LEU G 474 67.27 -21.66 15.55
CA LEU G 474 67.79 -21.16 14.28
C LEU G 474 68.81 -22.15 13.71
N GLU G 475 68.60 -22.54 12.45
CA GLU G 475 69.47 -23.49 11.77
C GLU G 475 70.32 -22.84 10.68
N GLU G 476 69.71 -22.04 9.81
CA GLU G 476 70.41 -21.48 8.66
C GLU G 476 69.84 -20.11 8.33
N LEU G 477 70.68 -19.27 7.73
CA LEU G 477 70.23 -17.98 7.23
C LEU G 477 70.98 -17.67 5.94
N THR G 478 70.24 -17.43 4.86
CA THR G 478 70.81 -16.98 3.59
C THR G 478 70.41 -15.53 3.39
N ALA G 479 71.40 -14.65 3.30
CA ALA G 479 71.16 -13.23 3.23
C ALA G 479 71.73 -12.65 1.94
N SER G 480 71.01 -11.67 1.38
CA SER G 480 71.45 -10.91 0.22
C SER G 480 71.58 -9.45 0.64
N ILE G 481 72.76 -8.88 0.44
CA ILE G 481 73.02 -7.48 0.76
C ILE G 481 72.93 -6.68 -0.53
N ARG G 482 72.21 -5.56 -0.49
CA ARG G 482 71.94 -4.76 -1.68
C ARG G 482 72.05 -3.28 -1.34
N LEU G 483 73.01 -2.60 -1.97
CA LEU G 483 73.06 -1.15 -1.90
C LEU G 483 71.97 -0.57 -2.79
N VAL G 484 71.20 0.38 -2.27
CA VAL G 484 70.13 1.00 -3.03
C VAL G 484 70.17 2.50 -2.82
N ALA G 485 69.74 3.23 -3.86
CA ALA G 485 69.52 4.67 -3.72
C ALA G 485 68.21 4.96 -3.01
N THR G 486 67.21 4.11 -3.17
CA THR G 486 65.95 4.22 -2.45
C THR G 486 65.54 2.83 -1.97
N LEU G 487 64.96 2.78 -0.78
CA LEU G 487 64.46 1.52 -0.23
C LEU G 487 63.26 1.04 -1.02
N PRO G 488 63.29 -0.14 -1.61
CA PRO G 488 62.08 -0.69 -2.23
C PRO G 488 61.09 -1.14 -1.17
N PRO G 489 59.81 -1.23 -1.52
CA PRO G 489 58.84 -1.76 -0.56
C PRO G 489 59.11 -3.23 -0.28
N PRO G 490 58.75 -3.73 0.92
CA PRO G 490 59.02 -5.12 1.29
C PRO G 490 58.23 -6.13 0.46
N GLU H 3 43.25 -42.11 54.15
CA GLU H 3 42.10 -41.36 54.64
C GLU H 3 42.41 -40.74 56.00
N SER H 4 42.11 -39.46 56.15
CA SER H 4 42.27 -38.81 57.45
C SER H 4 41.32 -39.44 58.47
N THR H 5 41.80 -39.55 59.72
CA THR H 5 40.96 -40.07 60.79
C THR H 5 39.73 -39.19 61.01
N GLN H 6 39.81 -37.91 60.65
CA GLN H 6 38.64 -37.05 60.73
C GLN H 6 37.51 -37.58 59.86
N HIS H 7 37.84 -38.01 58.66
CA HIS H 7 36.82 -38.53 57.74
C HIS H 7 36.34 -39.93 58.12
N LYS H 8 37.14 -40.69 58.87
CA LYS H 8 36.63 -41.95 59.41
C LYS H 8 35.48 -41.69 60.37
N LEU H 9 35.58 -40.63 61.17
CA LEU H 9 34.51 -40.27 62.08
C LEU H 9 33.25 -39.78 61.36
N ASP H 10 33.32 -39.49 60.07
CA ASP H 10 32.10 -39.27 59.29
C ASP H 10 31.20 -40.50 59.31
N ARG H 11 31.79 -41.69 59.36
CA ARG H 11 31.07 -42.94 59.19
C ARG H 11 30.90 -43.74 60.48
N ILE H 12 31.89 -43.73 61.36
CA ILE H 12 31.90 -44.60 62.52
C ILE H 12 31.39 -43.81 63.73
N ARG H 13 30.13 -44.04 64.08
CA ARG H 13 29.47 -43.39 65.20
C ARG H 13 29.71 -41.88 65.21
N PRO H 14 29.26 -41.18 64.15
CA PRO H 14 29.58 -39.76 64.05
C PRO H 14 28.84 -38.94 65.08
N PRO H 15 29.40 -37.82 65.51
CA PRO H 15 28.65 -36.89 66.36
C PRO H 15 27.69 -36.06 65.53
N ARG H 16 26.82 -35.32 66.23
CA ARG H 16 25.91 -34.40 65.54
C ARG H 16 26.68 -33.31 64.79
N VAL H 17 27.71 -32.75 65.44
CA VAL H 17 28.52 -31.70 64.85
C VAL H 17 29.86 -32.32 64.50
N GLN H 18 30.05 -32.63 63.23
CA GLN H 18 31.23 -33.34 62.75
C GLN H 18 32.08 -32.39 61.90
N ILE H 19 33.33 -32.20 62.30
CA ILE H 19 34.19 -31.18 61.73
C ILE H 19 35.49 -31.83 61.23
N THR H 20 35.89 -31.48 60.01
CA THR H 20 37.13 -31.98 59.41
C THR H 20 37.90 -30.81 58.82
N TYR H 21 39.19 -31.01 58.63
CA TYR H 21 40.01 -30.06 57.88
C TYR H 21 40.28 -30.61 56.49
N ASP H 22 40.22 -29.73 55.49
CA ASP H 22 40.45 -30.14 54.12
C ASP H 22 41.23 -29.07 53.37
N VAL H 23 42.04 -29.52 52.42
CA VAL H 23 42.76 -28.61 51.53
C VAL H 23 41.86 -28.27 50.36
N GLU H 24 41.59 -26.98 50.16
CA GLU H 24 40.79 -26.52 49.04
C GLU H 24 41.63 -26.58 47.77
N THR H 25 41.35 -27.54 46.90
CA THR H 25 42.10 -27.70 45.67
C THR H 25 41.30 -27.45 44.41
N GLY H 26 39.99 -27.22 44.53
CA GLY H 26 39.18 -26.95 43.34
C GLY H 26 39.23 -28.10 42.37
N ASN H 27 39.45 -27.78 41.09
CA ASN H 27 39.57 -28.78 40.03
C ASN H 27 41.03 -29.06 39.67
N ALA H 28 41.97 -28.70 40.54
CA ALA H 28 43.38 -28.89 40.24
C ALA H 28 43.75 -30.37 40.22
N ILE H 29 44.73 -30.71 39.39
CA ILE H 29 45.27 -32.05 39.33
C ILE H 29 46.69 -32.02 39.88
N GLU H 30 47.09 -33.13 40.50
CA GLU H 30 48.43 -33.25 41.04
C GLU H 30 49.45 -33.32 39.91
N LYS H 31 50.62 -32.75 40.13
CA LYS H 31 51.69 -32.70 39.13
C LYS H 31 52.90 -33.42 39.70
N LYS H 32 52.95 -34.74 39.51
CA LYS H 32 54.13 -35.50 39.91
C LYS H 32 55.29 -35.16 38.98
N GLU H 33 56.47 -34.99 39.56
CA GLU H 33 57.66 -34.61 38.81
C GLU H 33 58.60 -35.81 38.69
N LEU H 34 59.23 -35.94 37.53
CA LEU H 34 60.22 -36.99 37.35
C LEU H 34 61.62 -36.39 37.35
N PRO H 35 62.57 -37.03 38.03
CA PRO H 35 63.96 -36.56 37.94
C PRO H 35 64.51 -36.83 36.56
N LEU H 36 65.55 -36.09 36.21
CA LEU H 36 66.35 -36.43 35.04
C LEU H 36 67.34 -37.52 35.44
N VAL H 37 67.33 -38.63 34.72
CA VAL H 37 68.22 -39.75 35.00
C VAL H 37 69.10 -39.98 33.78
N VAL H 38 70.40 -39.84 33.96
CA VAL H 38 71.36 -40.08 32.90
C VAL H 38 72.01 -41.44 33.14
N GLY H 39 71.84 -42.35 32.20
CA GLY H 39 72.53 -43.62 32.26
C GLY H 39 73.88 -43.55 31.58
N ILE H 40 74.94 -43.88 32.31
CA ILE H 40 76.31 -43.82 31.79
C ILE H 40 76.81 -45.24 31.56
N LEU H 41 77.30 -45.49 30.34
CA LEU H 41 77.87 -46.79 29.98
C LEU H 41 79.34 -46.55 29.66
N ALA H 42 80.23 -47.08 30.51
CA ALA H 42 81.65 -46.81 30.35
C ALA H 42 82.46 -48.03 30.77
N ASP H 43 83.59 -48.21 30.09
CA ASP H 43 84.53 -49.29 30.38
C ASP H 43 85.57 -48.77 31.35
N LEU H 44 85.32 -48.95 32.63
CA LEU H 44 86.14 -48.33 33.67
C LEU H 44 87.04 -49.32 34.38
N MET H 56 74.33 -59.35 33.34
CA MET H 56 73.09 -59.55 34.06
C MET H 56 73.25 -59.25 35.54
N GLU H 57 74.44 -59.54 36.07
CA GLU H 57 74.71 -59.41 37.50
C GLU H 57 75.04 -57.97 37.90
N ARG H 58 75.54 -57.16 36.99
CA ARG H 58 75.91 -55.80 37.30
C ARG H 58 74.67 -54.91 37.37
N ARG H 59 74.87 -53.67 37.80
CA ARG H 59 73.75 -52.75 37.96
C ARG H 59 74.22 -51.33 37.66
N PHE H 60 73.23 -50.46 37.42
CA PHE H 60 73.48 -49.03 37.30
C PHE H 60 73.61 -48.45 38.70
N VAL H 61 74.82 -48.11 39.11
CA VAL H 61 75.07 -47.60 40.46
C VAL H 61 75.01 -46.07 40.43
N GLU H 62 74.25 -45.50 41.35
CA GLU H 62 74.13 -44.05 41.43
C GLU H 62 75.47 -43.44 41.80
N ILE H 63 75.87 -42.38 41.09
CA ILE H 63 77.16 -41.75 41.29
C ILE H 63 76.96 -40.25 41.40
N ASN H 64 77.72 -39.63 42.30
CA ASN H 64 77.63 -38.19 42.52
C ASN H 64 78.94 -37.72 43.11
N ARG H 65 79.03 -36.41 43.39
CA ARG H 65 80.27 -35.85 43.89
C ARG H 65 80.64 -36.41 45.27
N ASP H 66 79.65 -36.87 46.04
CA ASP H 66 79.96 -37.37 47.39
C ASP H 66 80.58 -38.75 47.36
N ASN H 67 80.04 -39.67 46.57
CA ASN H 67 80.46 -41.06 46.62
C ASN H 67 81.38 -41.45 45.46
N PHE H 68 81.90 -40.46 44.73
CA PHE H 68 82.67 -40.75 43.51
C PHE H 68 83.85 -41.65 43.80
N ASN H 69 84.62 -41.33 44.83
CA ASN H 69 85.82 -42.11 45.12
C ASN H 69 85.48 -43.49 45.65
N ASP H 70 84.35 -43.64 46.35
CA ASP H 70 83.91 -44.97 46.76
C ASP H 70 83.60 -45.84 45.54
N VAL H 71 82.95 -45.27 44.53
CA VAL H 71 82.65 -46.02 43.31
C VAL H 71 83.93 -46.34 42.55
N LEU H 72 84.88 -45.40 42.52
CA LEU H 72 86.18 -45.68 41.93
C LEU H 72 86.87 -46.83 42.65
N ALA H 73 86.83 -46.83 43.99
CA ALA H 73 87.47 -47.90 44.75
C ALA H 73 86.79 -49.24 44.48
N SER H 74 85.47 -49.27 44.44
CA SER H 74 84.76 -50.52 44.23
C SER H 74 85.01 -51.05 42.81
N ILE H 75 85.13 -50.16 41.83
CA ILE H 75 85.54 -50.61 40.50
C ILE H 75 87.00 -51.04 40.52
N ALA H 76 87.85 -50.29 41.23
CA ALA H 76 89.26 -50.59 41.44
C ALA H 76 90.00 -50.76 40.13
N PRO H 77 90.12 -49.70 39.31
CA PRO H 77 90.87 -49.83 38.05
C PRO H 77 92.36 -50.05 38.28
N GLN I 90 54.05 -71.20 60.75
CA GLN I 90 54.05 -70.20 59.68
C GLN I 90 52.73 -70.21 58.93
N LYS I 91 52.37 -71.37 58.38
CA LYS I 91 51.14 -71.48 57.60
C LYS I 91 49.91 -71.18 58.45
N LEU I 92 49.86 -71.71 59.68
CA LEU I 92 48.78 -71.37 60.58
C LEU I 92 48.83 -69.89 60.98
N GLU I 93 50.02 -69.40 61.33
CA GLU I 93 50.15 -68.01 61.76
C GLU I 93 49.76 -67.05 60.65
N ALA I 94 50.16 -67.36 59.41
CA ALA I 94 49.82 -66.51 58.28
C ALA I 94 48.32 -66.43 58.08
N SER I 95 47.62 -67.55 58.23
CA SER I 95 46.16 -67.55 58.10
C SER I 95 45.52 -66.71 59.19
N TRP I 96 45.94 -66.89 60.44
CA TRP I 96 45.35 -66.13 61.52
C TRP I 96 45.71 -64.66 61.45
N ARG I 97 46.95 -64.35 61.09
CA ARG I 97 47.35 -62.95 60.97
C ARG I 97 46.68 -62.26 59.79
N GLY I 98 46.58 -62.96 58.65
CA GLY I 98 45.84 -62.40 57.54
C GLY I 98 44.38 -62.14 57.90
N LEU I 99 43.76 -63.09 58.60
CA LEU I 99 42.39 -62.91 59.03
C LEU I 99 42.28 -61.74 60.02
N HIS I 100 43.22 -61.64 60.96
CA HIS I 100 43.15 -60.59 61.97
C HIS I 100 43.28 -59.21 61.33
N MET I 101 44.19 -59.05 60.37
CA MET I 101 44.32 -57.78 59.66
C MET I 101 43.03 -57.43 58.92
N LEU I 102 42.42 -58.40 58.26
CA LEU I 102 41.16 -58.13 57.55
C LEU I 102 40.07 -57.68 58.51
N VAL I 103 39.93 -58.39 59.64
CA VAL I 103 38.90 -58.05 60.62
C VAL I 103 39.17 -56.67 61.21
N LYS I 104 40.43 -56.42 61.60
CA LYS I 104 40.76 -55.16 62.25
C LYS I 104 40.61 -53.97 61.32
N ASN I 105 40.82 -54.16 60.03
CA ASN I 105 40.80 -53.07 59.05
C ASN I 105 39.48 -52.96 58.32
N THR I 106 38.47 -53.72 58.70
CA THR I 106 37.15 -53.68 58.07
C THR I 106 36.16 -53.04 59.03
N GLU I 107 35.40 -52.06 58.53
CA GLU I 107 34.39 -51.37 59.33
C GLU I 107 33.13 -52.24 59.44
N THR I 108 33.24 -53.30 60.23
CA THR I 108 32.10 -54.17 60.47
C THR I 108 31.03 -53.43 61.26
N GLY I 109 29.77 -53.78 60.99
CA GLY I 109 28.66 -53.11 61.63
C GLY I 109 27.34 -53.56 61.07
N ALA I 110 26.35 -52.67 61.15
CA ALA I 110 25.02 -52.99 60.66
C ALA I 110 25.05 -53.32 59.17
N ARG I 111 25.89 -52.62 58.41
CA ARG I 111 25.92 -52.74 56.95
C ARG I 111 26.98 -53.70 56.44
N LEU I 112 27.84 -54.24 57.30
CA LEU I 112 28.97 -55.02 56.86
C LEU I 112 29.27 -56.12 57.87
N LYS I 113 29.17 -57.37 57.44
CA LYS I 113 29.40 -58.52 58.30
C LYS I 113 30.44 -59.44 57.69
N LEU I 114 31.30 -60.01 58.54
CA LEU I 114 32.22 -61.07 58.16
C LEU I 114 31.80 -62.34 58.86
N ARG I 115 31.68 -63.42 58.09
CA ARG I 115 31.29 -64.73 58.61
C ARG I 115 32.35 -65.75 58.22
N LEU I 116 32.75 -66.58 59.18
CA LEU I 116 33.92 -67.43 59.03
C LEU I 116 33.52 -68.90 59.14
N LEU I 117 34.00 -69.70 58.18
CA LEU I 117 33.80 -71.15 58.20
C LEU I 117 35.17 -71.81 58.28
N ASN I 118 35.42 -72.50 59.40
CA ASN I 118 36.70 -73.18 59.62
C ASN I 118 36.65 -74.54 58.93
N VAL I 119 37.44 -74.70 57.87
CA VAL I 119 37.38 -75.91 57.05
C VAL I 119 38.67 -75.99 56.23
N THR I 120 39.17 -77.21 56.06
CA THR I 120 40.38 -77.44 55.28
C THR I 120 40.03 -77.63 53.80
N GLN I 121 41.06 -77.50 52.96
CA GLN I 121 40.87 -77.67 51.52
C GLN I 121 40.40 -79.08 51.19
N LYS I 122 40.99 -80.09 51.85
CA LYS I 122 40.60 -81.47 51.62
C LYS I 122 39.15 -81.72 52.04
N GLU I 123 38.73 -81.14 53.16
CA GLU I 123 37.33 -81.28 53.58
C GLU I 123 36.38 -80.67 52.57
N LEU I 124 36.72 -79.50 52.04
CA LEU I 124 35.89 -78.90 50.99
C LEU I 124 35.81 -79.81 49.78
N LEU I 125 36.95 -80.36 49.36
CA LEU I 125 36.96 -81.24 48.20
C LEU I 125 36.08 -82.45 48.44
N ILE I 126 36.17 -83.05 49.63
CA ILE I 126 35.37 -84.24 49.94
C ILE I 126 33.89 -83.89 49.95
N ASP I 127 33.54 -82.78 50.59
CA ASP I 127 32.13 -82.38 50.67
C ASP I 127 31.55 -82.15 49.27
N LEU I 128 32.32 -81.49 48.41
CA LEU I 128 31.79 -81.17 47.08
C LEU I 128 31.74 -82.39 46.18
N GLU I 129 32.73 -83.28 46.28
CA GLU I 129 32.77 -84.44 45.40
C GLU I 129 31.77 -85.51 45.82
N LYS I 130 31.54 -85.68 47.12
CA LYS I 130 30.73 -86.79 47.61
C LYS I 130 29.25 -86.46 47.72
N ALA I 131 28.86 -85.23 47.44
CA ALA I 131 27.45 -84.88 47.48
C ALA I 131 26.67 -85.68 46.46
N VAL I 132 25.50 -86.18 46.85
CA VAL I 132 24.69 -86.99 45.95
C VAL I 132 24.22 -86.14 44.77
N GLU I 133 23.95 -84.87 45.00
CA GLU I 133 23.59 -83.93 43.94
C GLU I 133 24.25 -82.59 44.26
N PHE I 134 24.34 -81.73 43.25
CA PHE I 134 25.10 -80.49 43.40
C PHE I 134 24.53 -79.61 44.51
N ASP I 135 23.22 -79.66 44.75
CA ASP I 135 22.60 -78.82 45.76
C ASP I 135 22.56 -79.47 47.14
N GLN I 136 23.18 -80.63 47.30
CA GLN I 136 23.14 -81.35 48.56
C GLN I 136 24.41 -81.19 49.39
N SER I 137 25.46 -80.61 48.83
CA SER I 137 26.70 -80.46 49.57
C SER I 137 26.54 -79.50 50.73
N ALA I 138 27.35 -79.68 51.77
CA ALA I 138 27.29 -78.80 52.92
C ALA I 138 27.55 -77.36 52.52
N LEU I 139 28.51 -77.14 51.62
CA LEU I 139 28.80 -75.79 51.16
C LEU I 139 27.60 -75.18 50.44
N PHE I 140 26.95 -75.94 49.57
CA PHE I 140 25.77 -75.40 48.88
C PHE I 140 24.69 -75.03 49.88
N LYS I 141 24.39 -75.92 50.83
CA LYS I 141 23.37 -75.60 51.83
C LYS I 141 23.73 -74.29 52.54
N LYS I 142 24.94 -74.22 53.08
CA LYS I 142 25.32 -73.10 53.93
C LYS I 142 25.39 -71.79 53.16
N ILE I 143 25.85 -71.83 51.91
CA ILE I 143 26.08 -70.60 51.16
C ILE I 143 24.83 -70.18 50.40
N TYR I 144 24.22 -71.09 49.64
CA TYR I 144 23.02 -70.77 48.89
C TYR I 144 21.77 -70.82 49.75
N GLU I 145 21.44 -72.00 50.30
CA GLU I 145 20.10 -72.21 50.82
C GLU I 145 19.87 -71.39 52.08
N GLU I 146 20.84 -71.39 53.00
CA GLU I 146 20.59 -70.81 54.30
C GLU I 146 20.52 -69.28 54.25
N GLU I 147 21.15 -68.65 53.26
CA GLU I 147 21.10 -67.19 53.19
C GLU I 147 20.41 -66.69 51.92
N TYR I 148 20.92 -67.01 50.74
CA TYR I 148 20.33 -66.48 49.51
C TYR I 148 18.95 -67.09 49.27
N GLY I 149 18.78 -68.35 49.62
CA GLY I 149 17.55 -69.07 49.33
C GLY I 149 16.56 -69.19 50.48
N THR I 150 16.69 -68.37 51.51
CA THR I 150 15.81 -68.43 52.68
C THR I 150 15.19 -67.07 52.96
N PHE I 151 13.89 -67.07 53.26
CA PHE I 151 13.17 -65.85 53.64
C PHE I 151 13.85 -65.20 54.84
N GLY I 152 14.24 -63.94 54.68
CA GLY I 152 14.93 -63.21 55.72
C GLY I 152 16.43 -63.37 55.75
N GLY I 153 17.01 -64.17 54.85
CA GLY I 153 18.45 -64.31 54.79
C GLY I 153 19.15 -63.08 54.23
N HIS I 154 20.42 -62.93 54.62
CA HIS I 154 21.30 -61.90 54.07
C HIS I 154 22.30 -62.60 53.16
N PRO I 155 22.14 -62.51 51.84
CA PRO I 155 22.99 -63.32 50.95
C PRO I 155 24.47 -62.96 51.09
N PHE I 156 25.31 -63.98 51.00
CA PHE I 156 26.74 -63.77 50.93
C PHE I 156 27.08 -62.94 49.70
N SER I 157 27.71 -61.79 49.92
CA SER I 157 28.10 -60.94 48.80
C SER I 157 29.36 -61.46 48.11
N LEU I 158 30.26 -62.07 48.86
CA LEU I 158 31.58 -62.45 48.38
C LEU I 158 32.07 -63.60 49.23
N LEU I 159 32.90 -64.46 48.63
CA LEU I 159 33.57 -65.53 49.36
C LEU I 159 35.07 -65.39 49.16
N VAL I 160 35.83 -65.48 50.25
CA VAL I 160 37.28 -65.49 50.17
C VAL I 160 37.79 -66.81 50.72
N GLY I 161 38.62 -67.49 49.94
CA GLY I 161 39.20 -68.74 50.36
C GLY I 161 40.68 -68.58 50.63
N ASP I 162 41.09 -68.86 51.86
CA ASP I 162 42.50 -68.82 52.23
C ASP I 162 43.17 -70.14 51.82
N TYR I 163 43.21 -70.34 50.50
CA TYR I 163 43.82 -71.53 49.92
C TYR I 163 44.57 -71.13 48.66
N SER I 164 45.53 -71.96 48.29
CA SER I 164 46.26 -71.82 47.03
C SER I 164 45.88 -72.96 46.11
N PHE I 165 45.73 -72.66 44.82
CA PHE I 165 45.31 -73.65 43.84
C PHE I 165 46.39 -73.84 42.80
N GLY I 166 46.88 -75.07 42.67
CA GLY I 166 47.89 -75.43 41.71
C GLY I 166 47.30 -76.06 40.46
N ARG I 167 48.16 -76.71 39.69
CA ARG I 167 47.75 -77.38 38.46
C ARG I 167 47.26 -78.80 38.71
N HIS I 168 47.31 -79.27 39.95
CA HIS I 168 46.95 -80.65 40.24
C HIS I 168 45.48 -80.88 39.91
N PRO I 169 45.13 -82.06 39.38
CA PRO I 169 43.73 -82.28 38.96
C PRO I 169 42.70 -82.09 40.07
N GLN I 170 42.99 -82.49 41.31
CA GLN I 170 42.00 -82.26 42.37
C GLN I 170 41.88 -80.78 42.70
N ASP I 171 42.95 -80.01 42.52
CA ASP I 171 42.86 -78.56 42.74
C ASP I 171 41.91 -77.92 41.74
N ILE I 172 42.04 -78.26 40.46
CA ILE I 172 41.17 -77.69 39.44
C ILE I 172 39.74 -78.22 39.62
N GLY I 173 39.59 -79.48 40.01
CA GLY I 173 38.26 -80.00 40.28
C GLY I 173 37.57 -79.28 41.43
N LEU I 174 38.31 -79.05 42.52
CA LEU I 174 37.77 -78.28 43.63
C LEU I 174 37.41 -76.86 43.20
N LEU I 175 38.26 -76.25 42.37
CA LEU I 175 37.95 -74.92 41.87
C LEU I 175 36.66 -74.91 41.06
N GLU I 176 36.45 -75.95 40.24
CA GLU I 176 35.23 -76.04 39.45
C GLU I 176 34.00 -76.18 40.34
N LYS I 177 34.06 -77.07 41.34
CA LYS I 177 32.92 -77.25 42.24
C LYS I 177 32.63 -75.96 43.03
N LEU I 178 33.67 -75.32 43.52
CA LEU I 178 33.51 -74.05 44.22
C LEU I 178 32.89 -73.00 43.32
N SER I 179 33.31 -72.96 42.05
CA SER I 179 32.75 -72.01 41.10
C SER I 179 31.27 -72.27 40.89
N ASN I 180 30.88 -73.53 40.85
CA ASN I 180 29.46 -73.85 40.70
C ASN I 180 28.66 -73.32 41.89
N VAL I 181 29.14 -73.56 43.11
CA VAL I 181 28.44 -73.07 44.28
C VAL I 181 28.39 -71.54 44.29
N ALA I 182 29.52 -70.91 43.96
CA ALA I 182 29.59 -69.45 43.92
C ALA I 182 28.64 -68.87 42.88
N ALA I 183 28.57 -69.50 41.71
CA ALA I 183 27.67 -69.04 40.66
C ALA I 183 26.21 -69.17 41.09
N ALA I 184 25.86 -70.28 41.73
CA ALA I 184 24.47 -70.47 42.13
C ALA I 184 23.99 -69.36 43.04
N ALA I 185 24.82 -68.97 44.01
CA ALA I 185 24.46 -67.97 44.99
C ALA I 185 24.83 -66.54 44.57
N HIS I 186 25.39 -66.37 43.37
CA HIS I 186 25.90 -65.07 42.91
C HIS I 186 26.86 -64.46 43.93
N ALA I 187 27.84 -65.24 44.36
CA ALA I 187 28.79 -64.83 45.38
C ALA I 187 30.20 -65.13 44.88
N PRO I 188 30.85 -64.16 44.23
CA PRO I 188 32.17 -64.43 43.66
C PRO I 188 33.17 -64.91 44.69
N PHE I 189 34.01 -65.85 44.28
CA PHE I 189 34.97 -66.53 45.14
C PHE I 189 36.37 -66.05 44.79
N ILE I 190 37.15 -65.72 45.82
CA ILE I 190 38.50 -65.19 45.65
C ILE I 190 39.47 -66.08 46.43
N ALA I 191 40.52 -66.53 45.78
CA ALA I 191 41.55 -67.34 46.41
C ALA I 191 42.90 -66.98 45.79
N ALA I 192 43.91 -67.79 46.06
CA ALA I 192 45.27 -67.53 45.63
C ALA I 192 45.73 -68.56 44.59
N ALA I 193 46.53 -68.10 43.64
CA ALA I 193 47.17 -68.98 42.69
C ALA I 193 48.45 -69.54 43.30
N SER I 194 48.60 -70.85 43.24
CA SER I 194 49.84 -71.46 43.70
C SER I 194 50.95 -71.24 42.67
N PRO I 195 52.20 -71.12 43.12
CA PRO I 195 53.31 -71.11 42.15
C PRO I 195 53.38 -72.39 41.35
N ARG I 196 52.88 -73.51 41.88
CA ARG I 196 52.87 -74.74 41.11
C ARG I 196 51.97 -74.64 39.88
N LEU I 197 50.99 -73.73 39.89
CA LEU I 197 50.19 -73.51 38.68
C LEU I 197 51.07 -73.05 37.53
N PHE I 198 52.15 -72.32 37.82
CA PHE I 198 53.09 -71.82 36.83
C PHE I 198 54.31 -72.72 36.66
N ASP I 199 54.27 -73.93 37.22
CA ASP I 199 55.42 -74.83 37.25
C ASP I 199 56.63 -74.17 37.94
N MET I 200 56.36 -73.44 39.01
CA MET I 200 57.37 -72.73 39.78
C MET I 200 57.35 -73.22 41.22
N GLY I 201 58.53 -73.30 41.83
CA GLY I 201 58.58 -73.58 43.26
C GLY I 201 58.18 -72.39 44.09
N SER I 202 58.45 -71.19 43.61
CA SER I 202 58.12 -69.96 44.32
C SER I 202 57.90 -68.86 43.30
N PHE I 203 57.12 -67.86 43.67
CA PHE I 203 56.89 -66.73 42.78
C PHE I 203 58.10 -65.83 42.66
N THR I 204 59.19 -66.12 43.37
CA THR I 204 60.45 -65.42 43.12
C THR I 204 60.98 -65.71 41.71
N GLU I 205 60.52 -66.79 41.09
CA GLU I 205 60.88 -67.16 39.73
C GLU I 205 59.95 -66.58 38.67
N LEU I 206 59.04 -65.68 39.07
CA LEU I 206 58.00 -65.22 38.15
C LEU I 206 58.56 -64.40 37.00
N ALA I 207 59.65 -63.67 37.22
CA ALA I 207 60.25 -62.87 36.16
C ALA I 207 61.17 -63.68 35.25
N VAL I 208 61.39 -64.96 35.54
CA VAL I 208 62.35 -65.77 34.80
C VAL I 208 61.84 -66.14 33.40
N PRO I 209 60.67 -66.74 33.24
CA PRO I 209 60.24 -67.16 31.89
C PRO I 209 60.14 -65.99 30.94
N ARG I 210 60.56 -66.22 29.68
CA ARG I 210 60.42 -65.19 28.66
C ARG I 210 58.95 -64.90 28.38
N ASP I 211 58.12 -65.93 28.25
CA ASP I 211 56.72 -65.79 27.87
C ASP I 211 55.86 -66.62 28.80
N LEU I 212 55.04 -65.96 29.62
CA LEU I 212 54.18 -66.67 30.56
C LEU I 212 53.11 -67.49 29.85
N ALA I 213 52.57 -66.96 28.74
CA ALA I 213 51.49 -67.65 28.05
C ALA I 213 51.93 -69.00 27.52
N LYS I 214 53.22 -69.15 27.18
CA LYS I 214 53.75 -70.43 26.73
C LYS I 214 53.57 -71.51 27.80
N ILE I 215 53.74 -71.15 29.07
CA ILE I 215 53.60 -72.11 30.16
C ILE I 215 52.22 -72.75 30.14
N PHE I 216 51.19 -71.95 29.87
CA PHE I 216 49.83 -72.43 29.98
C PHE I 216 49.35 -73.16 28.73
N GLU I 217 50.25 -73.45 27.79
CA GLU I 217 49.96 -74.35 26.68
C GLU I 217 50.24 -75.80 27.03
N SER I 218 50.80 -76.06 28.21
CA SER I 218 51.21 -77.41 28.58
C SER I 218 50.02 -78.36 28.67
N GLN I 219 50.27 -79.62 28.31
CA GLN I 219 49.25 -80.65 28.47
C GLN I 219 48.83 -80.83 29.92
N GLU I 220 49.70 -80.48 30.87
CA GLU I 220 49.32 -80.53 32.27
C GLU I 220 48.25 -79.51 32.64
N LEU I 221 47.97 -78.54 31.77
CA LEU I 221 47.01 -77.48 32.05
C LEU I 221 45.76 -77.58 31.17
N ILE I 222 45.45 -78.79 30.70
CA ILE I 222 44.23 -79.00 29.93
C ILE I 222 43.00 -78.69 30.78
N LYS I 223 42.97 -79.22 32.00
CA LYS I 223 41.83 -79.02 32.88
C LYS I 223 41.68 -77.54 33.25
N TRP I 224 42.80 -76.85 33.49
CA TRP I 224 42.74 -75.43 33.81
C TRP I 224 42.17 -74.61 32.66
N ARG I 225 42.60 -74.91 31.42
CA ARG I 225 42.07 -74.19 30.27
C ARG I 225 40.58 -74.47 30.08
N ALA I 226 40.17 -75.73 30.28
CA ALA I 226 38.75 -76.05 30.23
C ALA I 226 37.97 -75.29 31.29
N PHE I 227 38.52 -75.20 32.50
CA PHE I 227 37.86 -74.43 33.56
C PHE I 227 37.72 -72.96 33.16
N ARG I 228 38.78 -72.38 32.62
CA ARG I 228 38.71 -71.00 32.15
C ARG I 228 37.64 -70.84 31.09
N GLU I 229 37.37 -71.88 30.31
CA GLU I 229 36.32 -71.81 29.29
C GLU I 229 34.91 -71.86 29.88
N SER I 230 34.75 -72.33 31.11
CA SER I 230 33.42 -72.54 31.67
C SER I 230 32.76 -71.22 32.02
N GLU I 231 31.42 -71.24 32.04
CA GLU I 231 30.66 -70.04 32.40
C GLU I 231 30.92 -69.63 33.84
N ASP I 232 30.88 -70.58 34.76
CA ASP I 232 30.94 -70.27 36.20
C ASP I 232 32.34 -69.86 36.64
N SER I 233 33.35 -69.95 35.78
CA SER I 233 34.68 -69.46 36.15
C SER I 233 34.72 -67.96 36.36
N ARG I 234 33.73 -67.21 35.87
CA ARG I 234 33.68 -65.79 36.16
C ARG I 234 33.41 -65.49 37.64
N TYR I 235 33.04 -66.50 38.42
CA TYR I 235 32.85 -66.35 39.86
C TYR I 235 34.07 -66.79 40.65
N VAL I 236 35.21 -66.97 39.99
CA VAL I 236 36.46 -67.33 40.64
C VAL I 236 37.53 -66.34 40.21
N SER I 237 38.22 -65.77 41.18
CA SER I 237 39.38 -64.92 40.92
C SER I 237 40.56 -65.46 41.71
N LEU I 238 41.73 -65.48 41.08
CA LEU I 238 42.95 -65.95 41.72
C LEU I 238 43.97 -64.82 41.75
N VAL I 239 44.50 -64.55 42.94
CA VAL I 239 45.44 -63.47 43.15
C VAL I 239 46.83 -64.06 43.36
N LEU I 240 47.84 -63.24 43.04
CA LEU I 240 49.24 -63.60 43.24
C LEU I 240 50.05 -62.32 43.29
N PRO I 241 51.27 -62.36 43.83
CA PRO I 241 51.90 -63.43 44.60
C PRO I 241 51.61 -63.24 46.09
N HIS I 242 52.38 -63.86 46.99
CA HIS I 242 52.16 -63.69 48.40
C HIS I 242 52.58 -62.29 48.87
N VAL I 243 51.99 -61.86 49.98
CA VAL I 243 52.25 -60.54 50.55
C VAL I 243 52.89 -60.71 51.92
N LEU I 244 53.93 -59.93 52.18
CA LEU I 244 54.64 -60.03 53.45
C LEU I 244 53.76 -59.53 54.57
N LEU I 245 53.62 -60.35 55.62
CA LEU I 245 52.82 -59.96 56.77
C LEU I 245 53.73 -59.41 57.87
N ALA I 271 62.06 -68.71 52.82
CA ALA I 271 60.76 -68.94 53.45
C ALA I 271 60.80 -68.55 54.93
N ARG I 272 61.82 -67.80 55.32
CA ARG I 272 61.94 -67.32 56.69
C ARG I 272 61.05 -66.12 56.98
N TYR I 273 60.46 -65.51 55.97
CA TYR I 273 59.52 -64.42 56.17
C TYR I 273 58.09 -64.95 56.21
N LEU I 274 57.24 -64.24 56.95
CA LEU I 274 55.85 -64.65 57.11
C LEU I 274 55.06 -64.17 55.90
N TRP I 275 54.87 -65.05 54.92
CA TRP I 275 54.16 -64.74 53.69
C TRP I 275 52.70 -65.13 53.84
N GLY I 276 51.81 -64.20 53.47
CA GLY I 276 50.38 -64.42 53.58
C GLY I 276 49.71 -64.47 52.21
N ASN I 277 48.46 -64.91 52.24
CA ASN I 277 47.63 -64.93 51.04
C ASN I 277 47.24 -63.51 50.66
N ALA I 278 47.46 -63.14 49.39
CA ALA I 278 47.08 -61.81 48.93
C ALA I 278 45.58 -61.66 48.76
N ALA I 279 44.83 -62.76 48.83
CA ALA I 279 43.38 -62.67 48.82
C ALA I 279 42.87 -61.88 50.02
N TRP I 280 43.57 -61.94 51.15
CA TRP I 280 43.21 -61.11 52.29
C TRP I 280 43.28 -59.63 51.92
N ALA I 281 44.36 -59.23 51.25
CA ALA I 281 44.54 -57.84 50.85
C ALA I 281 43.47 -57.40 49.85
N LEU I 282 43.16 -58.25 48.87
CA LEU I 282 42.10 -57.90 47.92
C LEU I 282 40.75 -57.80 48.61
N THR I 283 40.46 -58.72 49.53
CA THR I 283 39.23 -58.65 50.30
C THR I 283 39.15 -57.36 51.09
N GLN I 284 40.28 -56.93 51.65
CA GLN I 284 40.31 -55.67 52.38
C GLN I 284 40.01 -54.49 51.47
N ARG I 285 40.57 -54.51 50.26
CA ARG I 285 40.21 -53.47 49.28
C ARG I 285 38.71 -53.45 49.04
N ILE I 286 38.10 -54.63 48.89
CA ILE I 286 36.67 -54.73 48.61
C ILE I 286 35.86 -54.17 49.77
N THR I 287 36.22 -54.55 51.00
CA THR I 287 35.45 -54.11 52.16
C THR I 287 35.62 -52.61 52.40
N GLU I 288 36.82 -52.08 52.15
CA GLU I 288 37.01 -50.63 52.24
C GLU I 288 36.17 -49.90 51.20
N ALA I 289 36.14 -50.42 49.98
CA ALA I 289 35.31 -49.80 48.94
C ALA I 289 33.84 -49.80 49.36
N PHE I 290 33.35 -50.92 49.89
CA PHE I 290 31.96 -50.95 50.33
C PHE I 290 31.72 -49.96 51.46
N ALA I 291 32.63 -49.92 52.44
CA ALA I 291 32.44 -49.04 53.59
C ALA I 291 32.40 -47.58 53.16
N ARG I 292 33.27 -47.19 52.23
CA ARG I 292 33.33 -45.79 51.81
C ARG I 292 32.26 -45.42 50.80
N TYR I 293 31.84 -46.35 49.95
CA TYR I 293 31.00 -46.01 48.80
C TYR I 293 29.72 -46.82 48.68
N GLY I 294 29.57 -47.92 49.42
CA GLY I 294 28.40 -48.75 49.29
C GLY I 294 28.43 -49.73 48.14
N TRP I 295 29.48 -49.71 47.33
CA TRP I 295 29.65 -50.63 46.22
C TRP I 295 31.12 -51.00 46.10
N CYS I 296 31.40 -52.10 45.41
CA CYS I 296 32.72 -52.73 45.43
C CYS I 296 33.43 -52.64 44.08
N ALA I 297 33.10 -51.66 43.26
CA ALA I 297 33.77 -51.54 41.96
C ALA I 297 35.16 -50.94 42.09
N ALA I 298 35.34 -49.99 43.00
CA ALA I 298 36.58 -49.21 43.08
C ALA I 298 37.62 -49.99 43.87
N ILE I 299 38.16 -51.04 43.25
CA ILE I 299 39.09 -51.92 43.93
C ILE I 299 40.37 -52.16 43.12
N ARG I 300 40.74 -51.23 42.24
CA ARG I 300 41.93 -51.46 41.43
C ARG I 300 42.60 -50.13 41.10
N GLY I 301 43.90 -50.18 40.91
CA GLY I 301 44.66 -49.04 40.46
C GLY I 301 45.20 -48.18 41.60
N VAL I 302 46.10 -47.29 41.25
CA VAL I 302 46.71 -46.39 42.23
C VAL I 302 45.65 -45.48 42.84
N GLU I 303 44.79 -44.93 42.01
CA GLU I 303 43.77 -44.00 42.46
C GLU I 303 42.36 -44.57 42.46
N GLY I 304 42.16 -45.75 41.88
CA GLY I 304 40.85 -46.35 41.80
C GLY I 304 40.52 -47.35 42.90
N GLY I 305 41.30 -47.42 43.97
CA GLY I 305 41.01 -48.28 45.09
C GLY I 305 41.81 -49.56 45.19
N GLY I 306 42.83 -49.74 44.38
CA GLY I 306 43.66 -50.92 44.42
C GLY I 306 44.93 -50.83 45.24
N ALA I 307 45.13 -49.75 45.99
CA ALA I 307 46.38 -49.54 46.70
C ALA I 307 46.39 -50.27 48.03
N VAL I 308 47.39 -51.11 48.23
CA VAL I 308 47.63 -51.79 49.50
C VAL I 308 48.81 -51.08 50.17
N GLU I 309 48.52 -50.29 51.20
CA GLU I 309 49.50 -49.40 51.79
C GLU I 309 50.05 -49.96 53.09
N GLY I 310 51.14 -49.35 53.55
CA GLY I 310 51.74 -49.69 54.84
C GLY I 310 52.30 -51.09 54.93
N LEU I 311 52.86 -51.61 53.83
CA LEU I 311 53.46 -52.93 53.86
C LEU I 311 54.78 -52.90 54.63
N PRO I 312 55.22 -54.05 55.15
CA PRO I 312 56.53 -54.09 55.81
C PRO I 312 57.65 -53.79 54.83
N ALA I 313 58.51 -52.84 55.19
CA ALA I 313 59.66 -52.46 54.37
C ALA I 313 60.93 -52.80 55.13
N HIS I 314 61.47 -53.98 54.84
CA HIS I 314 62.69 -54.44 55.52
C HIS I 314 63.94 -54.00 54.76
N LYS I 326 64.06 -55.20 49.88
CA LYS I 326 63.33 -56.46 49.76
C LYS I 326 61.87 -56.22 49.37
N CYS I 327 61.42 -56.87 48.29
CA CYS I 327 60.05 -56.68 47.83
C CYS I 327 59.08 -57.24 48.88
N PRO I 328 58.11 -56.45 49.34
CA PRO I 328 57.08 -57.00 50.25
C PRO I 328 56.08 -57.90 49.55
N THR I 329 56.20 -58.13 48.25
CA THR I 329 55.29 -58.97 47.48
C THR I 329 56.03 -60.09 46.76
N GLU I 330 57.17 -60.51 47.30
CA GLU I 330 57.96 -61.65 46.84
C GLU I 330 58.70 -61.46 45.52
N VAL I 331 58.24 -60.53 44.69
CA VAL I 331 58.84 -60.36 43.36
C VAL I 331 58.30 -59.09 42.72
N ALA I 332 59.18 -58.36 42.03
CA ALA I 332 58.74 -57.22 41.25
C ALA I 332 58.05 -57.72 39.99
N ILE I 333 56.95 -57.06 39.63
CA ILE I 333 56.19 -57.42 38.45
C ILE I 333 56.16 -56.21 37.54
N THR I 334 56.82 -56.31 36.39
CA THR I 334 56.84 -55.22 35.42
C THR I 334 55.44 -55.00 34.83
N ASP I 335 55.25 -53.86 34.17
CA ASP I 335 53.99 -53.57 33.51
C ASP I 335 53.64 -54.65 32.50
N ARG I 336 54.62 -55.07 31.68
CA ARG I 336 54.36 -56.08 30.67
C ARG I 336 53.96 -57.40 31.32
N ARG I 337 54.63 -57.79 32.40
CA ARG I 337 54.31 -59.04 33.07
C ARG I 337 52.94 -58.97 33.76
N GLU I 338 52.60 -57.82 34.33
CA GLU I 338 51.27 -57.66 34.90
C GLU I 338 50.21 -57.83 33.82
N LYS I 339 50.44 -57.26 32.64
CA LYS I 339 49.48 -57.40 31.55
C LYS I 339 49.37 -58.86 31.09
N GLU I 340 50.50 -59.55 30.99
CA GLU I 340 50.47 -60.99 30.67
C GLU I 340 49.61 -61.74 31.68
N LEU I 341 49.87 -61.53 32.97
CA LEU I 341 49.13 -62.24 34.01
C LEU I 341 47.65 -61.93 33.95
N ASP I 342 47.31 -60.67 33.70
CA ASP I 342 45.91 -60.30 33.53
C ASP I 342 45.28 -61.07 32.36
N ALA I 343 46.02 -61.19 31.26
CA ALA I 343 45.49 -61.93 30.11
C ALA I 343 45.31 -63.41 30.43
N LEU I 344 46.09 -63.94 31.37
CA LEU I 344 46.01 -65.36 31.71
C LEU I 344 44.99 -65.66 32.79
N GLY I 345 44.27 -64.65 33.29
CA GLY I 345 43.22 -64.88 34.25
C GLY I 345 43.61 -64.71 35.70
N PHE I 346 44.54 -63.82 36.01
CA PHE I 346 45.03 -63.62 37.36
C PHE I 346 44.97 -62.15 37.74
N ILE I 347 44.89 -61.89 39.03
CA ILE I 347 44.97 -60.55 39.59
C ILE I 347 46.30 -60.45 40.32
N ALA I 348 47.22 -59.66 39.79
CA ALA I 348 48.57 -59.57 40.34
C ALA I 348 48.70 -58.36 41.25
N LEU I 349 49.42 -58.53 42.35
CA LEU I 349 49.76 -57.45 43.27
C LEU I 349 51.15 -56.94 42.91
N CYS I 350 51.26 -55.66 42.57
CA CYS I 350 52.47 -55.09 42.01
C CYS I 350 53.10 -54.09 42.98
N HIS I 351 54.28 -54.39 43.47
CA HIS I 351 54.99 -53.52 44.40
C HIS I 351 55.49 -52.27 43.68
N LYS I 352 55.23 -51.11 44.27
CA LYS I 352 55.84 -49.88 43.78
C LYS I 352 57.28 -49.83 44.28
N LYS I 353 58.22 -49.72 43.35
CA LYS I 353 59.63 -49.76 43.69
C LYS I 353 59.98 -48.65 44.69
N ASN I 354 60.82 -49.00 45.67
CA ASN I 354 61.32 -48.05 46.66
C ASN I 354 60.18 -47.43 47.47
N SER I 355 59.24 -48.27 47.89
CA SER I 355 58.08 -47.81 48.63
C SER I 355 57.55 -48.95 49.48
N ASP I 356 56.60 -48.61 50.36
CA ASP I 356 55.89 -49.60 51.17
C ASP I 356 54.47 -49.83 50.65
N LEU I 357 54.31 -49.80 49.33
CA LEU I 357 52.99 -49.83 48.71
C LEU I 357 52.99 -50.80 47.55
N ALA I 358 51.87 -51.49 47.36
CA ALA I 358 51.63 -52.34 46.20
C ALA I 358 50.21 -52.09 45.73
N VAL I 359 49.96 -52.40 44.45
CA VAL I 359 48.70 -52.06 43.80
C VAL I 359 48.19 -53.25 43.00
N PHE I 360 46.89 -53.53 43.12
CA PHE I 360 46.18 -54.40 42.18
C PHE I 360 45.81 -53.56 40.98
N PHE I 361 46.56 -53.66 39.89
CA PHE I 361 46.21 -52.91 38.69
C PHE I 361 45.02 -53.53 37.95
N GLY I 362 44.99 -54.85 37.84
CA GLY I 362 43.92 -55.54 37.16
C GLY I 362 42.91 -56.11 38.13
N SER I 363 41.75 -56.47 37.59
CA SER I 363 40.71 -57.11 38.38
C SER I 363 39.99 -58.18 37.54
N GLN I 364 40.78 -58.99 36.83
CA GLN I 364 40.24 -59.99 35.91
C GLN I 364 39.95 -61.29 36.67
N THR I 365 38.76 -61.84 36.46
CA THR I 365 38.44 -63.16 37.00
C THR I 365 39.18 -64.25 36.21
N THR I 366 38.99 -65.50 36.60
CA THR I 366 39.64 -66.58 35.85
C THR I 366 38.94 -66.87 34.52
N ASN I 367 37.78 -66.26 34.26
CA ASN I 367 37.04 -66.55 33.04
C ASN I 367 37.77 -66.02 31.82
N ARG I 368 37.86 -66.84 30.78
CA ARG I 368 38.40 -66.39 29.51
C ARG I 368 37.23 -66.00 28.60
N PRO I 369 37.05 -64.73 28.28
CA PRO I 369 35.90 -64.32 27.47
C PRO I 369 35.92 -64.98 26.10
N ARG I 370 34.74 -65.36 25.62
CA ARG I 370 34.60 -65.84 24.26
C ARG I 370 34.74 -64.68 23.28
N VAL I 371 35.20 -64.99 22.07
CA VAL I 371 35.44 -64.00 21.03
C VAL I 371 34.38 -64.16 19.96
N TYR I 372 33.76 -63.06 19.57
CA TYR I 372 32.62 -63.05 18.66
C TYR I 372 32.93 -62.16 17.45
N ASN I 373 31.97 -62.11 16.53
CA ASN I 373 32.09 -61.33 15.31
C ASN I 373 31.42 -59.96 15.40
N THR I 374 30.90 -59.58 16.57
CA THR I 374 30.32 -58.25 16.74
C THR I 374 30.99 -57.54 17.91
N ASN I 375 31.10 -56.22 17.78
CA ASN I 375 31.73 -55.43 18.83
C ASN I 375 30.95 -55.52 20.13
N GLU I 376 29.62 -55.48 20.05
CA GLU I 376 28.79 -55.53 21.25
C GLU I 376 29.00 -56.84 22.01
N ALA I 377 28.99 -57.97 21.30
CA ALA I 377 29.16 -59.25 21.98
C ALA I 377 30.54 -59.34 22.62
N ASN I 378 31.58 -58.90 21.91
CA ASN I 378 32.92 -58.93 22.47
C ASN I 378 33.02 -58.06 23.73
N ALA I 379 32.46 -56.85 23.67
CA ALA I 379 32.50 -55.97 24.82
C ALA I 379 31.77 -56.60 26.00
N ASN I 380 30.59 -57.15 25.76
CA ASN I 380 29.83 -57.76 26.86
C ASN I 380 30.54 -58.97 27.43
N ALA I 381 31.15 -59.79 26.58
CA ALA I 381 31.90 -60.94 27.08
C ALA I 381 33.08 -60.49 27.93
N ARG I 382 33.77 -59.42 27.52
CA ARG I 382 34.95 -58.99 28.26
C ARG I 382 34.58 -58.45 29.64
N ILE I 383 33.59 -57.58 29.73
CA ILE I 383 33.24 -56.99 31.01
C ILE I 383 32.59 -58.00 31.95
N SER I 384 31.97 -59.05 31.40
CA SER I 384 31.40 -60.11 32.23
C SER I 384 32.48 -61.03 32.81
N ALA I 385 33.75 -60.78 32.51
CA ALA I 385 34.86 -61.50 33.11
C ALA I 385 35.65 -60.63 34.10
N MET I 386 35.14 -59.44 34.43
CA MET I 386 35.84 -58.51 35.30
C MET I 386 35.23 -58.54 36.68
N LEU I 387 36.07 -58.74 37.70
CA LEU I 387 35.61 -58.87 39.08
C LEU I 387 34.76 -57.70 39.57
N PRO I 388 35.11 -56.43 39.35
CA PRO I 388 34.25 -55.34 39.84
C PRO I 388 32.82 -55.42 39.29
N TYR I 389 32.69 -55.61 37.98
CA TYR I 389 31.37 -55.64 37.37
C TYR I 389 30.60 -56.90 37.78
N VAL I 390 31.29 -58.03 37.90
CA VAL I 390 30.63 -59.25 38.36
C VAL I 390 30.12 -59.08 39.78
N LEU I 391 30.91 -58.42 40.64
CA LEU I 391 30.46 -58.15 42.00
C LEU I 391 29.21 -57.28 42.01
N ALA I 392 29.19 -56.23 41.18
CA ALA I 392 28.00 -55.38 41.11
C ALA I 392 26.78 -56.15 40.62
N ALA I 393 26.95 -56.96 39.57
CA ALA I 393 25.84 -57.75 39.05
C ALA I 393 25.32 -58.73 40.11
N SER I 394 26.23 -59.33 40.87
CA SER I 394 25.85 -60.24 41.94
C SER I 394 25.05 -59.52 43.02
N ARG I 395 25.48 -58.31 43.40
CA ARG I 395 24.72 -57.54 44.37
C ARG I 395 23.31 -57.27 43.87
N PHE I 396 23.18 -56.93 42.59
CA PHE I 396 21.84 -56.70 42.06
C PHE I 396 21.02 -57.99 42.05
N ALA I 397 21.66 -59.14 41.83
CA ALA I 397 20.93 -60.41 41.95
C ALA I 397 20.39 -60.60 43.35
N HIS I 398 21.20 -60.29 44.36
CA HIS I 398 20.75 -60.44 45.75
C HIS I 398 19.57 -59.52 46.05
N TYR I 399 19.67 -58.27 45.62
CA TYR I 399 18.59 -57.32 45.85
C TYR I 399 17.32 -57.75 45.14
N LEU I 400 17.45 -58.22 43.89
CA LEU I 400 16.28 -58.66 43.15
C LEU I 400 15.61 -59.84 43.83
N LYS I 401 16.40 -60.81 44.28
CA LYS I 401 15.85 -61.94 45.03
C LYS I 401 15.03 -61.45 46.21
N VAL I 402 15.60 -60.56 47.03
CA VAL I 402 14.93 -60.16 48.26
C VAL I 402 13.66 -59.37 47.96
N ILE I 403 13.74 -58.37 47.08
CA ILE I 403 12.57 -57.52 46.87
C ILE I 403 11.46 -58.26 46.14
N MET I 404 11.81 -59.10 45.15
CA MET I 404 10.77 -59.84 44.46
C MET I 404 10.17 -60.92 45.35
N ARG I 405 10.95 -61.52 46.25
CA ARG I 405 10.34 -62.40 47.24
C ARG I 405 9.33 -61.64 48.08
N ASP I 406 9.61 -60.38 48.41
CA ASP I 406 8.63 -59.57 49.12
C ASP I 406 7.39 -59.31 48.26
N LYS I 407 7.52 -59.33 46.94
CA LYS I 407 6.36 -59.02 46.10
C LYS I 407 5.53 -60.24 45.70
N VAL I 408 5.98 -61.46 46.00
CA VAL I 408 5.19 -62.64 45.67
C VAL I 408 3.86 -62.60 46.41
N GLY I 409 2.78 -62.86 45.69
CA GLY I 409 1.45 -62.86 46.26
C GLY I 409 0.69 -61.56 46.12
N SER I 410 1.38 -60.45 45.86
CA SER I 410 0.71 -59.18 45.59
C SER I 410 0.10 -59.17 44.19
N PHE I 411 -0.95 -58.37 44.02
CA PHE I 411 -1.61 -58.21 42.72
C PHE I 411 -0.69 -57.43 41.78
N MET I 412 -0.10 -58.11 40.81
CA MET I 412 0.88 -57.49 39.92
C MET I 412 0.69 -57.99 38.50
N THR I 413 0.48 -57.06 37.57
CA THR I 413 0.55 -57.39 36.16
C THR I 413 2.00 -57.37 35.69
N ARG I 414 2.23 -57.75 34.43
CA ARG I 414 3.56 -57.63 33.84
C ARG I 414 4.04 -56.19 33.87
N ASP I 415 3.15 -55.25 33.53
CA ASP I 415 3.53 -53.83 33.55
C ASP I 415 3.84 -53.36 34.97
N ASN I 416 3.09 -53.83 35.96
CA ASN I 416 3.37 -53.45 37.34
C ASN I 416 4.78 -53.88 37.74
N VAL I 417 5.14 -55.12 37.41
CA VAL I 417 6.47 -55.63 37.73
C VAL I 417 7.54 -54.78 37.04
N GLN I 418 7.34 -54.51 35.75
CA GLN I 418 8.33 -53.74 35.00
C GLN I 418 8.50 -52.34 35.59
N THR I 419 7.39 -51.66 35.89
CA THR I 419 7.46 -50.33 36.46
C THR I 419 8.15 -50.34 37.81
N TYR I 420 7.80 -51.30 38.67
CA TYR I 420 8.42 -51.38 39.98
C TYR I 420 9.92 -51.59 39.87
N LEU I 421 10.35 -52.52 39.03
CA LEU I 421 11.78 -52.83 38.95
C LEU I 421 12.57 -51.68 38.33
N ASN I 422 12.02 -51.03 37.31
CA ASN I 422 12.73 -49.89 36.72
C ASN I 422 12.76 -48.70 37.68
N ASN I 423 11.70 -48.51 38.47
CA ASN I 423 11.70 -47.47 39.47
C ASN I 423 12.74 -47.75 40.55
N TRP I 424 12.84 -49.01 40.99
CA TRP I 424 13.75 -49.35 42.08
C TRP I 424 15.20 -49.17 41.67
N ILE I 425 15.56 -49.60 40.46
CA ILE I 425 16.96 -49.57 40.03
C ILE I 425 17.44 -48.18 39.65
N ALA I 426 16.52 -47.23 39.43
CA ALA I 426 16.92 -45.90 38.98
C ALA I 426 17.80 -45.18 39.98
N ASP I 427 17.69 -45.51 41.27
CA ASP I 427 18.47 -44.83 42.30
C ASP I 427 19.95 -45.13 42.22
N TYR I 428 20.36 -46.17 41.50
CA TYR I 428 21.76 -46.57 41.45
C TYR I 428 22.45 -46.13 40.17
N VAL I 429 21.81 -45.27 39.39
CA VAL I 429 22.30 -44.87 38.07
C VAL I 429 22.82 -43.44 38.16
N LEU I 430 24.02 -43.22 37.64
CA LEU I 430 24.63 -41.89 37.58
C LEU I 430 24.96 -41.59 36.13
N ILE I 431 24.35 -40.52 35.59
CA ILE I 431 24.50 -40.19 34.18
C ILE I 431 25.77 -39.37 33.93
N ASN I 432 26.23 -38.62 34.94
CA ASN I 432 27.30 -37.65 34.73
C ASN I 432 28.65 -38.35 34.62
N ASP I 433 29.18 -38.43 33.40
CA ASP I 433 30.50 -39.03 33.19
C ASP I 433 31.64 -38.10 33.54
N ASN I 434 31.35 -36.85 33.89
CA ASN I 434 32.37 -35.92 34.38
C ASN I 434 32.47 -35.89 35.89
N ALA I 435 31.69 -36.71 36.59
CA ALA I 435 31.81 -36.79 38.03
C ALA I 435 33.19 -37.31 38.43
N PRO I 436 33.72 -36.89 39.57
CA PRO I 436 35.03 -37.37 40.01
C PRO I 436 34.98 -38.85 40.36
N GLN I 437 36.17 -39.40 40.57
CA GLN I 437 36.30 -40.83 40.87
C GLN I 437 35.48 -41.23 42.09
N GLU I 438 35.53 -40.41 43.15
CA GLU I 438 34.85 -40.76 44.39
C GLU I 438 33.34 -40.77 44.24
N ILE I 439 32.80 -39.97 43.33
CA ILE I 439 31.36 -39.99 43.08
C ILE I 439 30.98 -41.21 42.25
N LYS I 440 31.72 -41.46 41.16
CA LYS I 440 31.43 -42.62 40.32
C LYS I 440 31.53 -43.92 41.10
N ALA I 441 32.42 -43.97 42.10
CA ALA I 441 32.53 -45.16 42.93
C ALA I 441 31.23 -45.47 43.67
N GLN I 442 30.39 -44.47 43.93
CA GLN I 442 29.17 -44.65 44.70
C GLN I 442 27.97 -45.11 43.88
N TYR I 443 28.09 -45.12 42.54
CA TYR I 443 26.99 -45.49 41.67
C TYR I 443 27.43 -46.60 40.73
N PRO I 444 26.92 -47.81 40.89
CA PRO I 444 27.41 -48.93 40.06
C PRO I 444 27.00 -48.84 38.60
N LEU I 445 26.03 -48.00 38.24
CA LEU I 445 25.44 -48.03 36.91
C LEU I 445 25.54 -46.67 36.22
N ARG I 446 25.86 -46.71 34.94
CA ARG I 446 25.65 -45.55 34.07
C ARG I 446 24.34 -45.63 33.32
N GLU I 447 23.78 -46.82 33.16
CA GLU I 447 22.51 -47.03 32.50
C GLU I 447 21.94 -48.37 32.97
N ALA I 448 20.62 -48.46 32.98
CA ALA I 448 19.98 -49.72 33.32
C ALA I 448 18.58 -49.76 32.72
N ARG I 449 18.10 -50.97 32.45
CA ARG I 449 16.73 -51.14 31.99
C ARG I 449 16.30 -52.56 32.28
N VAL I 450 15.05 -52.70 32.73
CA VAL I 450 14.44 -54.00 33.00
C VAL I 450 13.30 -54.21 32.02
N ASP I 451 13.33 -55.32 31.30
CA ASP I 451 12.26 -55.73 30.40
C ASP I 451 11.58 -56.95 30.98
N VAL I 452 10.25 -56.89 31.08
CA VAL I 452 9.47 -57.97 31.69
C VAL I 452 8.48 -58.50 30.66
N SER I 453 8.34 -59.82 30.60
CA SER I 453 7.42 -60.46 29.68
C SER I 453 6.57 -61.48 30.40
N GLU I 454 5.38 -61.74 29.85
CA GLU I 454 4.48 -62.74 30.40
C GLU I 454 4.85 -64.13 29.89
N VAL I 455 4.48 -65.14 30.67
CA VAL I 455 4.62 -66.54 30.26
C VAL I 455 3.24 -67.05 29.88
N VAL I 456 3.09 -67.48 28.63
CA VAL I 456 1.78 -67.85 28.13
C VAL I 456 1.22 -69.02 28.92
N GLY I 457 -0.06 -68.95 29.26
CA GLY I 457 -0.74 -70.01 29.96
C GLY I 457 -0.52 -70.05 31.44
N LYS I 458 0.26 -69.12 32.01
CA LYS I 458 0.58 -69.12 33.43
C LYS I 458 0.35 -67.73 34.01
N PRO I 459 -0.87 -67.44 34.47
CA PRO I 459 -1.12 -66.13 35.10
C PRO I 459 -0.21 -65.91 36.30
N GLY I 460 0.29 -64.67 36.42
CA GLY I 460 1.18 -64.32 37.50
C GLY I 460 2.59 -64.85 37.40
N VAL I 461 2.98 -65.42 36.27
CA VAL I 461 4.34 -65.92 36.06
C VAL I 461 5.01 -65.05 34.99
N TYR I 462 6.20 -64.54 35.30
CA TYR I 462 6.86 -63.57 34.44
C TYR I 462 8.33 -63.90 34.26
N ARG I 463 8.90 -63.37 33.18
CA ARG I 463 10.33 -63.42 32.91
C ARG I 463 10.85 -62.01 32.72
N ALA I 464 12.04 -61.75 33.23
CA ALA I 464 12.64 -60.43 33.15
C ALA I 464 14.08 -60.53 32.65
N THR I 465 14.51 -59.48 31.97
CA THR I 465 15.91 -59.29 31.64
C THR I 465 16.36 -57.96 32.22
N VAL I 466 17.45 -57.99 32.99
CA VAL I 466 17.99 -56.82 33.65
C VAL I 466 19.28 -56.46 32.93
N PHE I 467 19.28 -55.34 32.21
CA PHE I 467 20.46 -54.84 31.53
C PHE I 467 21.16 -53.82 32.41
N LEU I 468 22.43 -54.07 32.72
CA LEU I 468 23.22 -53.21 33.59
C LEU I 468 24.42 -52.69 32.81
N ARG I 469 24.51 -51.37 32.67
CA ARG I 469 25.67 -50.76 32.04
C ARG I 469 26.50 -50.04 33.10
N PRO I 470 27.64 -50.59 33.51
CA PRO I 470 28.41 -49.97 34.57
C PRO I 470 29.22 -48.79 34.05
N HIS I 471 29.86 -48.08 34.99
CA HIS I 471 30.91 -47.14 34.64
C HIS I 471 32.19 -47.93 34.42
N PHE I 472 32.83 -47.73 33.27
CA PHE I 472 33.97 -48.55 32.90
C PHE I 472 35.28 -47.95 33.37
N GLN I 473 36.19 -48.82 33.77
CA GLN I 473 37.49 -48.43 34.30
C GLN I 473 38.55 -48.53 33.22
N LEU I 474 39.52 -47.62 33.26
CA LEU I 474 40.57 -47.58 32.26
C LEU I 474 41.40 -48.86 32.30
N GLU I 475 41.58 -49.48 31.14
CA GLU I 475 42.33 -50.72 31.01
C GLU I 475 43.65 -50.57 30.28
N GLU I 476 43.66 -49.90 29.13
CA GLU I 476 44.84 -49.81 28.29
C GLU I 476 44.85 -48.46 27.57
N LEU I 477 46.05 -48.01 27.23
CA LEU I 477 46.22 -46.81 26.42
C LEU I 477 47.42 -47.00 25.50
N THR I 478 47.20 -46.89 24.20
CA THR I 478 48.27 -46.89 23.22
C THR I 478 48.41 -45.47 22.68
N ALA I 479 49.59 -44.87 22.87
CA ALA I 479 49.80 -43.48 22.52
C ALA I 479 50.92 -43.35 21.50
N SER I 480 50.75 -42.42 20.57
CA SER I 480 51.77 -42.07 19.57
C SER I 480 52.15 -40.62 19.77
N ILE I 481 53.42 -40.37 20.04
CA ILE I 481 53.93 -39.02 20.21
C ILE I 481 54.55 -38.56 18.90
N ARG I 482 54.20 -37.35 18.47
CA ARG I 482 54.63 -36.83 17.18
C ARG I 482 55.02 -35.37 17.31
N LEU I 483 56.27 -35.06 17.00
CA LEU I 483 56.71 -33.68 16.89
C LEU I 483 56.22 -33.11 15.56
N VAL I 484 55.63 -31.93 15.59
CA VAL I 484 55.08 -31.31 14.39
C VAL I 484 55.47 -29.84 14.35
N ALA I 485 55.70 -29.33 13.14
CA ALA I 485 55.87 -27.89 12.97
C ALA I 485 54.54 -27.15 13.02
N THR I 486 53.45 -27.80 12.61
CA THR I 486 52.11 -27.25 12.72
C THR I 486 51.16 -28.35 13.20
N LEU I 487 50.22 -27.98 14.06
CA LEU I 487 49.23 -28.95 14.55
C LEU I 487 48.28 -29.33 13.44
N PRO I 488 48.19 -30.60 13.07
CA PRO I 488 47.17 -31.02 12.10
C PRO I 488 45.79 -30.99 12.73
N PRO I 489 44.74 -30.91 11.92
CA PRO I 489 43.38 -31.00 12.47
C PRO I 489 43.13 -32.38 13.04
N PRO I 490 42.26 -32.50 14.05
CA PRO I 490 41.98 -33.80 14.67
C PRO I 490 41.26 -34.77 13.73
N GLU J 3 -1.29 -52.60 61.28
CA GLU J 3 -2.28 -51.52 61.22
C GLU J 3 -2.31 -50.71 62.52
N SER J 4 -2.29 -49.39 62.38
CA SER J 4 -2.42 -48.53 63.54
C SER J 4 -3.79 -48.69 64.18
N THR J 5 -3.84 -48.56 65.50
CA THR J 5 -5.11 -48.62 66.22
C THR J 5 -6.04 -47.49 65.78
N GLN J 6 -5.48 -46.39 65.30
CA GLN J 6 -6.31 -45.30 64.78
C GLN J 6 -7.16 -45.78 63.62
N HIS J 7 -6.56 -46.57 62.72
CA HIS J 7 -7.29 -47.07 61.57
C HIS J 7 -8.26 -48.20 61.92
N LYS J 8 -8.02 -48.94 63.00
CA LYS J 8 -9.03 -49.88 63.48
C LYS J 8 -10.32 -49.17 63.84
N LEU J 9 -10.20 -47.98 64.43
CA LEU J 9 -11.36 -47.18 64.77
C LEU J 9 -12.09 -46.63 63.55
N ASP J 10 -11.48 -46.69 62.35
CA ASP J 10 -12.22 -46.41 61.13
C ASP J 10 -13.38 -47.39 60.95
N ARG J 11 -13.24 -48.61 61.46
CA ARG J 11 -14.17 -49.70 61.18
C ARG J 11 -15.01 -50.11 62.38
N ILE J 12 -14.45 -50.09 63.58
CA ILE J 12 -15.11 -50.64 64.76
C ILE J 12 -15.77 -49.49 65.51
N ARG J 13 -17.08 -49.37 65.36
CA ARG J 13 -17.89 -48.34 66.01
C ARG J 13 -17.24 -46.96 65.89
N PRO J 14 -17.05 -46.46 64.66
CA PRO J 14 -16.30 -45.22 64.49
C PRO J 14 -17.10 -44.03 64.99
N PRO J 15 -16.42 -42.96 65.42
CA PRO J 15 -17.11 -41.72 65.75
C PRO J 15 -17.45 -40.94 64.48
N ARG J 16 -18.27 -39.91 64.66
CA ARG J 16 -18.57 -39.01 63.55
C ARG J 16 -17.31 -38.31 63.06
N VAL J 17 -16.48 -37.84 63.98
CA VAL J 17 -15.25 -37.16 63.65
C VAL J 17 -14.11 -38.12 63.96
N GLN J 18 -13.57 -38.74 62.93
CA GLN J 18 -12.55 -39.77 63.05
C GLN J 18 -11.23 -39.25 62.49
N ILE J 19 -10.20 -39.22 63.33
CA ILE J 19 -8.94 -38.58 63.00
C ILE J 19 -7.81 -39.58 63.17
N THR J 20 -6.92 -39.64 62.18
CA THR J 20 -5.74 -40.50 62.22
C THR J 20 -4.50 -39.71 61.82
N TYR J 21 -3.34 -40.21 62.23
CA TYR J 21 -2.08 -39.66 61.75
C TYR J 21 -1.51 -40.57 60.66
N ASP J 22 -0.96 -39.97 59.62
CA ASP J 22 -0.37 -40.74 58.53
C ASP J 22 0.91 -40.08 58.02
N VAL J 23 1.83 -40.90 57.56
CA VAL J 23 3.05 -40.42 56.91
C VAL J 23 2.75 -40.19 55.44
N GLU J 24 2.99 -38.97 54.98
CA GLU J 24 2.77 -38.63 53.58
C GLU J 24 3.94 -39.16 52.75
N THR J 25 3.73 -40.26 52.03
CA THR J 25 4.79 -40.85 51.23
C THR J 25 4.56 -40.74 49.73
N GLY J 26 3.40 -40.26 49.29
CA GLY J 26 3.16 -40.11 47.86
C GLY J 26 3.24 -41.45 47.15
N ASN J 27 3.97 -41.47 46.04
CA ASN J 27 4.17 -42.68 45.25
C ASN J 27 5.51 -43.37 45.56
N ALA J 28 6.16 -43.00 46.66
CA ALA J 28 7.46 -43.55 46.98
C ALA J 28 7.37 -45.04 47.32
N ILE J 29 8.45 -45.76 47.04
CA ILE J 29 8.58 -47.16 47.40
C ILE J 29 9.65 -47.30 48.46
N GLU J 30 9.47 -48.29 49.34
CA GLU J 30 10.44 -48.55 50.39
C GLU J 30 11.73 -49.10 49.78
N LYS J 31 12.86 -48.70 50.36
CA LYS J 31 14.18 -49.11 49.88
C LYS J 31 14.87 -49.89 50.99
N LYS J 32 14.63 -51.21 51.02
CA LYS J 32 15.33 -52.05 51.98
C LYS J 32 16.78 -52.23 51.56
N GLU J 33 17.68 -52.17 52.52
CA GLU J 33 19.12 -52.26 52.29
C GLU J 33 19.63 -53.61 52.75
N LEU J 34 20.55 -54.18 51.98
CA LEU J 34 21.20 -55.41 52.38
C LEU J 34 22.61 -55.12 52.84
N PRO J 35 23.08 -55.77 53.90
CA PRO J 35 24.48 -55.63 54.30
C PRO J 35 25.39 -56.34 53.31
N LEU J 36 26.64 -55.91 53.28
CA LEU J 36 27.67 -56.71 52.64
C LEU J 36 28.05 -57.84 53.58
N VAL J 37 28.00 -59.07 53.08
CA VAL J 37 28.35 -60.24 53.87
C VAL J 37 29.50 -60.95 53.16
N VAL J 38 30.63 -61.04 53.83
CA VAL J 38 31.81 -61.72 53.31
C VAL J 38 31.91 -63.08 53.98
N GLY J 39 31.85 -64.14 53.19
CA GLY J 39 32.08 -65.48 53.70
C GLY J 39 33.54 -65.86 53.60
N ILE J 40 34.15 -66.21 54.73
CA ILE J 40 35.57 -66.54 54.78
C ILE J 40 35.71 -68.04 54.98
N LEU J 41 36.51 -68.68 54.15
CA LEU J 41 36.78 -70.11 54.24
C LEU J 41 38.27 -70.28 54.51
N ALA J 42 38.61 -70.74 55.71
CA ALA J 42 40.01 -70.84 56.09
C ALA J 42 40.23 -72.05 56.98
N ASP J 43 41.41 -72.66 56.83
CA ASP J 43 41.82 -73.80 57.63
C ASP J 43 42.54 -73.27 58.86
N LEU J 44 41.79 -73.06 59.92
CA LEU J 44 42.33 -72.40 61.11
C LEU J 44 42.62 -73.38 62.23
N MET J 56 28.77 -80.48 57.64
CA MET J 56 27.34 -80.24 57.86
C MET J 56 27.08 -79.63 59.23
N GLU J 57 27.91 -80.02 60.20
CA GLU J 57 27.70 -79.61 61.58
C GLU J 57 28.29 -78.23 61.88
N ARG J 58 29.26 -77.78 61.10
CA ARG J 58 29.88 -76.49 61.33
C ARG J 58 29.01 -75.37 60.76
N ARG J 59 29.41 -74.14 60.98
CA ARG J 59 28.61 -73.00 60.54
C ARG J 59 29.51 -71.80 60.29
N PHE J 60 28.94 -70.81 59.61
CA PHE J 60 29.61 -69.54 59.37
C PHE J 60 29.37 -68.66 60.59
N VAL J 61 30.38 -68.54 61.45
CA VAL J 61 30.26 -67.77 62.68
C VAL J 61 30.67 -66.34 62.42
N GLU J 62 29.84 -65.39 62.85
CA GLU J 62 30.13 -63.98 62.64
C GLU J 62 31.34 -63.57 63.45
N ILE J 63 32.28 -62.86 62.83
CA ILE J 63 33.52 -62.49 63.45
C ILE J 63 33.74 -61.00 63.27
N ASN J 64 34.30 -60.35 64.28
CA ASN J 64 34.52 -58.91 64.25
C ASN J 64 35.63 -58.58 65.25
N ARG J 65 35.98 -57.29 65.31
CA ARG J 65 37.08 -56.88 66.17
C ARG J 65 36.77 -57.14 67.65
N ASP J 66 35.48 -57.18 68.02
CA ASP J 66 35.12 -57.37 69.41
C ASP J 66 35.31 -58.82 69.86
N ASN J 67 34.87 -59.79 69.05
CA ASN J 67 34.83 -61.19 69.48
C ASN J 67 35.96 -62.01 68.86
N PHE J 68 36.95 -61.37 68.27
CA PHE J 68 37.98 -62.10 67.52
C PHE J 68 38.69 -63.12 68.39
N ASN J 69 39.10 -62.72 69.58
CA ASN J 69 39.84 -63.63 70.45
C ASN J 69 38.96 -64.75 70.98
N ASP J 70 37.66 -64.48 71.18
CA ASP J 70 36.75 -65.55 71.56
C ASP J 70 36.64 -66.60 70.48
N VAL J 71 36.58 -66.18 69.21
CA VAL J 71 36.53 -67.12 68.10
C VAL J 71 37.84 -67.88 68.00
N LEU J 72 38.97 -67.20 68.21
CA LEU J 72 40.26 -67.87 68.23
C LEU J 72 40.30 -68.94 69.32
N ALA J 73 39.78 -68.61 70.51
CA ALA J 73 39.76 -69.57 71.60
C ALA J 73 38.86 -70.76 71.28
N SER J 74 37.68 -70.49 70.72
CA SER J 74 36.75 -71.58 70.41
C SER J 74 37.32 -72.49 69.33
N ILE J 75 38.04 -71.94 68.36
CA ILE J 75 38.75 -72.78 67.41
C ILE J 75 39.91 -73.49 68.09
N ALA J 76 40.63 -72.77 68.96
CA ALA J 76 41.73 -73.30 69.77
C ALA J 76 42.80 -73.95 68.89
N PRO J 77 43.52 -73.18 68.07
CA PRO J 77 44.58 -73.77 67.24
C PRO J 77 45.77 -74.26 68.07
N GLN K 90 70.03 -37.23 84.13
CA GLN K 90 69.97 -36.17 83.12
C GLN K 90 68.64 -36.18 82.39
N LYS K 91 68.25 -37.36 81.89
CA LYS K 91 67.03 -37.46 81.08
C LYS K 91 65.79 -37.13 81.92
N LEU K 92 65.74 -37.61 83.16
CA LEU K 92 64.61 -37.27 84.02
C LEU K 92 64.67 -35.81 84.46
N GLU K 93 65.85 -35.34 84.83
CA GLU K 93 65.99 -33.94 85.25
C GLU K 93 65.62 -32.99 84.12
N ALA K 94 66.05 -33.29 82.89
CA ALA K 94 65.73 -32.43 81.76
C ALA K 94 64.23 -32.35 81.52
N SER K 95 63.54 -33.47 81.64
CA SER K 95 62.09 -33.48 81.48
C SER K 95 61.40 -32.63 82.55
N TRP K 96 61.82 -32.79 83.81
CA TRP K 96 61.21 -32.01 84.87
C TRP K 96 61.60 -30.54 84.79
N ARG K 97 62.87 -30.26 84.48
CA ARG K 97 63.30 -28.86 84.35
C ARG K 97 62.64 -28.20 83.15
N GLY K 98 62.53 -28.90 82.03
CA GLY K 98 61.82 -28.36 80.89
C GLY K 98 60.37 -28.08 81.21
N LEU K 99 59.71 -29.01 81.90
CA LEU K 99 58.32 -28.78 82.31
C LEU K 99 58.22 -27.61 83.27
N HIS K 100 59.13 -27.52 84.24
CA HIS K 100 59.06 -26.45 85.23
C HIS K 100 59.20 -25.08 84.57
N MET K 101 60.12 -24.96 83.61
CA MET K 101 60.30 -23.68 82.92
C MET K 101 59.06 -23.30 82.13
N LEU K 102 58.41 -24.27 81.48
CA LEU K 102 57.18 -23.97 80.76
C LEU K 102 56.09 -23.53 81.72
N VAL K 103 55.94 -24.23 82.84
CA VAL K 103 54.90 -23.89 83.81
C VAL K 103 55.16 -22.52 84.41
N LYS K 104 56.41 -22.26 84.80
CA LYS K 104 56.75 -20.99 85.45
C LYS K 104 56.60 -19.81 84.50
N ASN K 105 56.82 -20.02 83.20
CA ASN K 105 56.80 -18.92 82.24
C ASN K 105 55.49 -18.82 81.48
N THR K 106 54.46 -19.57 81.89
CA THR K 106 53.16 -19.52 81.24
C THR K 106 52.17 -18.84 82.18
N GLU K 107 51.42 -17.87 81.63
CA GLU K 107 50.41 -17.15 82.41
C GLU K 107 49.13 -18.00 82.49
N THR K 108 49.21 -19.06 83.29
CA THR K 108 48.05 -19.91 83.52
C THR K 108 46.98 -19.15 84.28
N GLY K 109 45.73 -19.49 83.99
CA GLY K 109 44.61 -18.82 84.64
C GLY K 109 43.29 -19.24 84.04
N ALA K 110 42.33 -18.32 84.07
CA ALA K 110 41.00 -18.61 83.56
C ALA K 110 41.05 -18.98 82.07
N ARG K 111 41.89 -18.28 81.30
CA ARG K 111 41.95 -18.46 79.85
C ARG K 111 43.03 -19.43 79.39
N LEU K 112 43.89 -19.91 80.28
CA LEU K 112 45.03 -20.73 79.86
C LEU K 112 45.26 -21.82 80.89
N LYS K 113 45.19 -23.07 80.44
CA LYS K 113 45.39 -24.22 81.31
C LYS K 113 46.44 -25.15 80.73
N LEU K 114 47.25 -25.73 81.60
CA LEU K 114 48.17 -26.80 81.26
C LEU K 114 47.73 -28.07 81.95
N ARG K 115 47.65 -29.16 81.21
CA ARG K 115 47.22 -30.46 81.73
C ARG K 115 48.27 -31.50 81.38
N LEU K 116 48.64 -32.31 82.36
CA LEU K 116 49.80 -33.18 82.25
C LEU K 116 49.38 -34.64 82.36
N LEU K 117 49.82 -35.45 81.39
CA LEU K 117 49.63 -36.89 81.42
C LEU K 117 51.00 -37.55 81.52
N ASN K 118 51.22 -38.28 82.60
CA ASN K 118 52.50 -38.93 82.86
C ASN K 118 52.47 -40.31 82.20
N VAL K 119 53.24 -40.49 81.13
CA VAL K 119 53.19 -41.72 80.33
C VAL K 119 54.50 -41.83 79.56
N THR K 120 54.99 -43.07 79.45
CA THR K 120 56.20 -43.34 78.69
C THR K 120 55.88 -43.52 77.21
N GLN K 121 56.92 -43.43 76.38
CA GLN K 121 56.76 -43.60 74.94
C GLN K 121 56.27 -45.01 74.61
N LYS K 122 56.82 -46.02 75.28
CA LYS K 122 56.41 -47.40 75.04
C LYS K 122 54.95 -47.62 75.45
N GLU K 123 54.53 -47.02 76.57
CA GLU K 123 53.13 -47.14 76.98
C GLU K 123 52.20 -46.53 75.94
N LEU K 124 52.56 -45.37 75.39
CA LEU K 124 51.75 -44.78 74.33
C LEU K 124 51.68 -45.69 73.11
N LEU K 125 52.82 -46.24 72.70
CA LEU K 125 52.84 -47.13 71.55
C LEU K 125 51.94 -48.34 71.79
N ILE K 126 52.02 -48.93 72.99
CA ILE K 126 51.21 -50.10 73.31
C ILE K 126 49.73 -49.75 73.29
N ASP K 127 49.36 -48.63 73.94
CA ASP K 127 47.96 -48.23 74.00
C ASP K 127 47.41 -48.00 72.60
N LEU K 128 48.19 -47.36 71.73
CA LEU K 128 47.69 -47.06 70.39
C LEU K 128 47.65 -48.28 69.50
N GLU K 129 48.62 -49.19 69.63
CA GLU K 129 48.65 -50.36 68.75
C GLU K 129 47.63 -51.41 69.18
N LYS K 130 47.41 -51.60 70.47
CA LYS K 130 46.59 -52.70 70.96
C LYS K 130 45.11 -52.36 71.03
N ALA K 131 44.73 -51.11 70.76
CA ALA K 131 43.32 -50.74 70.78
C ALA K 131 42.57 -51.53 69.72
N VAL K 132 41.38 -52.02 70.10
CA VAL K 132 40.60 -52.81 69.15
C VAL K 132 40.14 -51.96 67.96
N GLU K 133 39.96 -50.66 68.17
CA GLU K 133 39.63 -49.72 67.10
C GLU K 133 40.28 -48.38 67.42
N PHE K 134 40.37 -47.52 66.41
CA PHE K 134 41.12 -46.27 66.58
C PHE K 134 40.52 -45.38 67.66
N ASP K 135 39.20 -45.44 67.87
CA ASP K 135 38.57 -44.59 68.86
C ASP K 135 38.50 -45.24 70.24
N GLN K 136 39.09 -46.41 70.42
CA GLN K 136 39.04 -47.12 71.69
C GLN K 136 40.30 -46.95 72.54
N SER K 137 41.36 -46.37 71.98
CA SER K 137 42.60 -46.21 72.73
C SER K 137 42.41 -45.23 73.89
N ALA K 138 43.21 -45.41 74.93
CA ALA K 138 43.15 -44.50 76.08
C ALA K 138 43.45 -43.08 75.65
N LEU K 139 44.42 -42.90 74.77
CA LEU K 139 44.74 -41.56 74.28
C LEU K 139 43.55 -40.95 73.56
N PHE K 140 42.88 -41.72 72.70
CA PHE K 140 41.72 -41.18 72.00
C PHE K 140 40.63 -40.79 72.98
N LYS K 141 40.31 -41.66 73.94
CA LYS K 141 39.30 -41.31 74.93
C LYS K 141 39.66 -40.01 75.63
N LYS K 142 40.87 -39.95 76.20
CA LYS K 142 41.24 -38.82 77.04
C LYS K 142 41.33 -37.51 76.25
N ILE K 143 41.81 -37.56 75.02
CA ILE K 143 42.04 -36.33 74.27
C ILE K 143 40.79 -35.93 73.48
N TYR K 144 40.21 -36.84 72.71
CA TYR K 144 39.03 -36.51 71.93
C TYR K 144 37.77 -36.56 72.77
N GLU K 145 37.43 -37.74 73.32
CA GLU K 145 36.08 -37.95 73.82
C GLU K 145 35.83 -37.11 75.07
N GLU K 146 36.78 -37.10 76.00
CA GLU K 146 36.51 -36.49 77.30
C GLU K 146 36.47 -34.97 77.24
N GLU K 147 37.12 -34.35 76.26
CA GLU K 147 37.08 -32.88 76.17
C GLU K 147 36.41 -32.40 74.89
N TYR K 148 36.95 -32.74 73.71
CA TYR K 148 36.36 -32.23 72.48
C TYR K 148 34.98 -32.82 72.24
N GLY K 149 34.80 -34.09 72.57
CA GLY K 149 33.56 -34.79 72.27
C GLY K 149 32.57 -34.89 73.41
N THR K 150 32.70 -34.06 74.44
CA THR K 150 31.82 -34.11 75.59
C THR K 150 31.21 -32.73 75.85
N PHE K 151 29.91 -32.70 76.14
CA PHE K 151 29.20 -31.49 76.49
C PHE K 151 29.86 -30.81 77.69
N GLY K 152 30.26 -29.56 77.52
CA GLY K 152 30.93 -28.82 78.57
C GLY K 152 32.44 -28.98 78.60
N GLY K 153 33.01 -29.82 77.74
CA GLY K 153 34.45 -29.97 77.72
C GLY K 153 35.16 -28.76 77.15
N HIS K 154 36.42 -28.61 77.56
CA HIS K 154 37.31 -27.58 77.03
C HIS K 154 38.33 -28.27 76.14
N PRO K 155 38.17 -28.21 74.81
CA PRO K 155 39.02 -29.02 73.93
C PRO K 155 40.49 -28.69 74.08
N PHE K 156 41.32 -29.72 74.04
CA PHE K 156 42.76 -29.52 73.99
C PHE K 156 43.11 -28.71 72.76
N SER K 157 43.79 -27.58 72.97
CA SER K 157 44.22 -26.75 71.87
C SER K 157 45.48 -27.28 71.19
N LEU K 158 46.37 -27.91 71.96
CA LEU K 158 47.67 -28.32 71.48
C LEU K 158 48.17 -29.45 72.36
N LEU K 159 49.01 -30.31 71.78
CA LEU K 159 49.65 -31.39 72.52
C LEU K 159 51.15 -31.27 72.35
N VAL K 160 51.89 -31.35 73.45
CA VAL K 160 53.34 -31.37 73.41
C VAL K 160 53.82 -32.69 73.97
N GLY K 161 54.63 -33.40 73.20
CA GLY K 161 55.19 -34.65 73.65
C GLY K 161 56.66 -34.51 73.95
N ASP K 162 57.05 -34.73 75.20
CA ASP K 162 58.46 -34.72 75.59
C ASP K 162 59.12 -36.04 75.17
N TYR K 163 59.18 -36.25 73.86
CA TYR K 163 59.78 -37.45 73.29
C TYR K 163 60.56 -37.08 72.04
N SER K 164 61.53 -37.91 71.70
CA SER K 164 62.27 -37.80 70.46
C SER K 164 61.89 -38.96 69.55
N PHE K 165 61.74 -38.67 68.26
CA PHE K 165 61.34 -39.68 67.30
C PHE K 165 62.44 -39.89 66.28
N GLY K 166 62.90 -41.13 66.16
CA GLY K 166 63.93 -41.51 65.22
C GLY K 166 63.35 -42.12 63.96
N ARG K 167 64.21 -42.78 63.20
CA ARG K 167 63.80 -43.44 61.97
C ARG K 167 63.27 -44.86 62.20
N HIS K 168 63.29 -45.33 63.43
CA HIS K 168 62.93 -46.71 63.71
C HIS K 168 61.47 -46.95 63.33
N PRO K 169 61.12 -48.15 62.85
CA PRO K 169 59.73 -48.38 62.44
C PRO K 169 58.69 -48.14 63.52
N GLN K 170 58.94 -48.51 64.78
CA GLN K 170 57.92 -48.24 65.78
C GLN K 170 57.85 -46.75 66.13
N ASP K 171 58.94 -46.00 65.96
CA ASP K 171 58.88 -44.56 66.15
C ASP K 171 57.95 -43.90 65.14
N ILE K 172 58.12 -44.24 63.86
CA ILE K 172 57.25 -43.67 62.83
C ILE K 172 55.82 -44.18 62.98
N GLY K 173 55.65 -45.43 63.38
CA GLY K 173 54.31 -45.94 63.62
C GLY K 173 53.60 -45.21 64.74
N LEU K 174 54.31 -44.97 65.85
CA LEU K 174 53.76 -44.19 66.94
C LEU K 174 53.42 -42.78 66.48
N LEU K 175 54.30 -42.17 65.68
CA LEU K 175 54.02 -40.85 65.16
C LEU K 175 52.74 -40.84 64.33
N GLU K 176 52.53 -41.90 63.53
CA GLU K 176 51.33 -41.98 62.70
C GLU K 176 50.07 -42.08 63.57
N LYS K 177 50.09 -42.98 64.57
CA LYS K 177 48.94 -43.12 65.45
C LYS K 177 48.65 -41.83 66.22
N LEU K 178 49.71 -41.20 66.73
CA LEU K 178 49.55 -39.93 67.44
C LEU K 178 48.97 -38.88 66.52
N SER K 179 49.41 -38.86 65.26
CA SER K 179 48.87 -37.90 64.30
C SER K 179 47.38 -38.15 64.07
N ASN K 180 46.96 -39.42 64.06
CA ASN K 180 45.55 -39.71 63.90
C ASN K 180 44.73 -39.16 65.05
N VAL K 181 45.20 -39.40 66.29
CA VAL K 181 44.46 -38.88 67.44
C VAL K 181 44.44 -37.36 67.42
N ALA K 182 45.59 -36.74 67.11
CA ALA K 182 45.68 -35.29 67.05
C ALA K 182 44.75 -34.71 65.99
N ALA K 183 44.71 -35.35 64.82
CA ALA K 183 43.83 -34.87 63.75
C ALA K 183 42.36 -34.99 64.15
N ALA K 184 41.98 -36.09 64.78
CA ALA K 184 40.58 -36.26 65.15
C ALA K 184 40.11 -35.14 66.07
N ALA K 185 40.92 -34.78 67.06
CA ALA K 185 40.56 -33.76 68.02
C ALA K 185 40.96 -32.35 67.59
N HIS K 186 41.56 -32.20 66.40
CA HIS K 186 42.07 -30.90 65.94
C HIS K 186 43.02 -30.29 66.98
N ALA K 187 43.97 -31.10 67.44
CA ALA K 187 44.92 -30.67 68.48
C ALA K 187 46.32 -30.97 67.97
N PRO K 188 46.98 -30.01 67.33
CA PRO K 188 48.30 -30.27 66.76
C PRO K 188 49.29 -30.75 67.82
N PHE K 189 50.15 -31.68 67.41
CA PHE K 189 51.08 -32.37 68.30
C PHE K 189 52.50 -31.92 67.97
N ILE K 190 53.26 -31.59 69.02
CA ILE K 190 54.63 -31.11 68.88
C ILE K 190 55.55 -32.02 69.68
N ALA K 191 56.62 -32.49 69.05
CA ALA K 191 57.62 -33.29 69.73
C ALA K 191 58.98 -32.97 69.13
N ALA K 192 59.98 -33.78 69.45
CA ALA K 192 61.35 -33.54 69.01
C ALA K 192 61.78 -34.59 67.98
N ALA K 193 62.64 -34.17 67.07
CA ALA K 193 63.29 -35.06 66.14
C ALA K 193 64.56 -35.63 66.78
N SER K 194 64.72 -36.94 66.71
CA SER K 194 65.96 -37.53 67.18
C SER K 194 67.07 -37.32 66.16
N PRO K 195 68.32 -37.18 66.60
CA PRO K 195 69.43 -37.21 65.64
C PRO K 195 69.51 -38.51 64.87
N ARG K 196 68.99 -39.61 65.43
CA ARG K 196 68.96 -40.86 64.69
C ARG K 196 68.12 -40.77 63.42
N LEU K 197 67.13 -39.87 63.41
CA LEU K 197 66.35 -39.67 62.19
C LEU K 197 67.22 -39.20 61.04
N PHE K 198 68.29 -38.46 61.35
CA PHE K 198 69.23 -37.96 60.36
C PHE K 198 70.43 -38.87 60.19
N ASP K 199 70.39 -40.08 60.76
CA ASP K 199 71.53 -40.99 60.81
C ASP K 199 72.73 -40.36 61.51
N MET K 200 72.45 -39.61 62.58
CA MET K 200 73.46 -38.90 63.34
C MET K 200 73.45 -39.38 64.78
N GLY K 201 74.63 -39.48 65.39
CA GLY K 201 74.70 -39.75 66.81
C GLY K 201 74.29 -38.55 67.65
N SER K 202 74.54 -37.34 67.14
CA SER K 202 74.20 -36.12 67.85
C SER K 202 74.00 -35.02 66.83
N PHE K 203 73.20 -34.01 67.21
CA PHE K 203 73.00 -32.89 66.32
C PHE K 203 74.22 -31.99 66.22
N THR K 204 75.28 -32.25 66.99
CA THR K 204 76.54 -31.57 66.77
C THR K 204 77.11 -31.87 65.38
N GLU K 205 76.66 -32.94 64.74
CA GLU K 205 77.06 -33.32 63.40
C GLU K 205 76.14 -32.74 62.32
N LEU K 206 75.20 -31.87 62.69
CA LEU K 206 74.20 -31.41 61.73
C LEU K 206 74.81 -30.61 60.59
N ALA K 207 75.93 -29.93 60.83
CA ALA K 207 76.54 -29.13 59.77
C ALA K 207 77.43 -29.95 58.85
N VAL K 208 77.69 -31.21 59.16
CA VAL K 208 78.64 -32.03 58.40
C VAL K 208 78.15 -32.38 57.00
N PRO K 209 76.95 -32.96 56.81
CA PRO K 209 76.56 -33.37 55.46
C PRO K 209 76.48 -32.20 54.49
N ARG K 210 76.91 -32.45 53.25
CA ARG K 210 76.77 -31.42 52.22
C ARG K 210 75.30 -31.13 51.92
N ASP K 211 74.49 -32.18 51.79
CA ASP K 211 73.09 -32.03 51.39
C ASP K 211 72.21 -32.86 52.32
N LEU K 212 71.39 -32.18 53.12
CA LEU K 212 70.51 -32.86 54.06
C LEU K 212 69.45 -33.68 53.33
N ALA K 213 68.89 -33.14 52.24
CA ALA K 213 67.81 -33.83 51.54
C ALA K 213 68.26 -35.20 51.04
N LYS K 214 69.54 -35.36 50.74
CA LYS K 214 70.07 -36.64 50.30
C LYS K 214 69.90 -37.71 51.37
N ILE K 215 70.04 -37.34 52.65
CA ILE K 215 69.88 -38.30 53.73
C ILE K 215 68.50 -38.94 53.69
N PHE K 216 67.49 -38.15 53.38
CA PHE K 216 66.11 -38.61 53.46
C PHE K 216 65.65 -39.36 52.23
N GLU K 217 66.56 -39.65 51.31
CA GLU K 217 66.28 -40.56 50.19
C GLU K 217 66.55 -42.01 50.55
N SER K 218 67.06 -42.28 51.75
CA SER K 218 67.46 -43.62 52.13
C SER K 218 66.25 -44.55 52.21
N GLN K 219 66.49 -45.81 51.85
CA GLN K 219 65.45 -46.84 52.01
C GLN K 219 65.02 -47.01 53.45
N GLU K 220 65.87 -46.63 54.40
CA GLU K 220 65.48 -46.66 55.81
C GLU K 220 64.39 -45.64 56.14
N LEU K 221 64.18 -44.65 55.27
CA LEU K 221 63.22 -43.59 55.53
C LEU K 221 61.99 -43.69 54.64
N ILE K 222 61.68 -44.90 54.14
CA ILE K 222 60.46 -45.10 53.36
C ILE K 222 59.23 -44.76 54.18
N LYS K 223 59.16 -45.30 55.40
CA LYS K 223 58.00 -45.07 56.25
C LYS K 223 57.86 -43.60 56.62
N TRP K 224 58.98 -42.93 56.89
CA TRP K 224 58.93 -41.51 57.21
C TRP K 224 58.40 -40.68 56.05
N ARG K 225 58.84 -40.99 54.82
CA ARG K 225 58.33 -40.27 53.65
C ARG K 225 56.85 -40.54 53.45
N ALA K 226 56.42 -41.80 53.63
CA ALA K 226 55.00 -42.11 53.55
C ALA K 226 54.20 -41.32 54.59
N PHE K 227 54.71 -41.24 55.82
CA PHE K 227 54.05 -40.46 56.85
C PHE K 227 53.93 -39.00 56.44
N ARG K 228 55.01 -38.43 55.89
CA ARG K 228 54.96 -37.05 55.41
C ARG K 228 53.89 -36.86 54.34
N GLU K 229 53.64 -37.89 53.53
CA GLU K 229 52.58 -37.79 52.52
C GLU K 229 51.17 -37.86 53.11
N SER K 230 51.01 -38.34 54.33
CA SER K 230 49.67 -38.52 54.89
C SER K 230 49.02 -37.19 55.22
N GLU K 231 47.68 -37.16 55.18
CA GLU K 231 46.94 -35.96 55.54
C GLU K 231 47.20 -35.56 57.00
N ASP K 232 47.11 -36.53 57.90
CA ASP K 232 47.15 -36.24 59.34
C ASP K 232 48.53 -35.82 59.81
N SER K 233 49.57 -35.92 58.98
CA SER K 233 50.89 -35.45 59.36
C SER K 233 50.94 -33.93 59.55
N ARG K 234 49.96 -33.19 59.06
CA ARG K 234 49.93 -31.75 59.32
C ARG K 234 49.66 -31.43 60.78
N TYR K 235 49.25 -32.41 61.58
CA TYR K 235 49.04 -32.25 63.01
C TYR K 235 50.25 -32.71 63.83
N VAL K 236 51.39 -32.88 63.20
CA VAL K 236 52.62 -33.26 63.88
C VAL K 236 53.73 -32.32 63.43
N SER K 237 54.40 -31.69 64.39
CA SER K 237 55.58 -30.89 64.14
C SER K 237 56.73 -31.43 64.97
N LEU K 238 57.92 -31.47 64.37
CA LEU K 238 59.10 -31.97 65.03
C LEU K 238 60.14 -30.85 65.08
N VAL K 239 60.66 -30.58 66.27
CA VAL K 239 61.61 -29.50 66.47
C VAL K 239 62.99 -30.08 66.74
N LEU K 240 64.01 -29.30 66.41
CA LEU K 240 65.40 -29.66 66.65
C LEU K 240 66.23 -28.39 66.67
N PRO K 241 67.43 -28.43 67.24
CA PRO K 241 68.03 -29.51 68.05
C PRO K 241 67.71 -29.30 69.52
N HIS K 242 68.45 -29.92 70.43
CA HIS K 242 68.23 -29.73 71.85
C HIS K 242 68.66 -28.34 72.30
N VAL K 243 68.09 -27.88 73.41
CA VAL K 243 68.37 -26.57 73.96
C VAL K 243 68.97 -26.74 75.35
N LEU K 244 69.98 -25.95 75.65
CA LEU K 244 70.65 -26.02 76.94
C LEU K 244 69.72 -25.55 78.05
N LEU K 245 69.55 -26.36 79.08
CA LEU K 245 68.72 -25.98 80.21
C LEU K 245 69.59 -25.40 81.32
N ALA K 271 77.97 -34.60 76.26
CA ALA K 271 76.82 -35.09 77.02
C ALA K 271 76.87 -34.64 78.47
N ARG K 272 77.88 -33.85 78.82
CA ARG K 272 78.03 -33.37 80.19
C ARG K 272 77.13 -32.17 80.51
N TYR K 273 76.43 -31.62 79.52
CA TYR K 273 75.51 -30.53 79.74
C TYR K 273 74.07 -31.05 79.78
N LEU K 274 73.20 -30.31 80.47
CA LEU K 274 71.80 -30.70 80.59
C LEU K 274 71.04 -30.21 79.36
N TRP K 275 70.86 -31.09 78.39
CA TRP K 275 70.17 -30.77 77.15
C TRP K 275 68.70 -31.14 77.27
N GLY K 276 67.83 -30.20 76.90
CA GLY K 276 66.40 -30.40 76.97
C GLY K 276 65.74 -30.44 75.61
N ASN K 277 64.48 -30.86 75.61
CA ASN K 277 63.68 -30.89 74.40
C ASN K 277 63.29 -29.46 74.00
N ALA K 278 63.52 -29.11 72.74
CA ALA K 278 63.15 -27.78 72.26
C ALA K 278 61.65 -27.62 72.09
N ALA K 279 60.88 -28.72 72.17
CA ALA K 279 59.44 -28.62 72.15
C ALA K 279 58.92 -27.80 73.32
N TRP K 280 59.60 -27.86 74.47
CA TRP K 280 59.22 -27.00 75.59
C TRP K 280 59.33 -25.53 75.20
N ALA K 281 60.42 -25.15 74.54
CA ALA K 281 60.62 -23.77 74.14
C ALA K 281 59.58 -23.33 73.11
N LEU K 282 59.27 -24.18 72.13
CA LEU K 282 58.25 -23.83 71.16
C LEU K 282 56.88 -23.69 71.82
N THR K 283 56.56 -24.61 72.74
CA THR K 283 55.30 -24.52 73.48
C THR K 283 55.23 -23.22 74.28
N GLN K 284 56.36 -22.81 74.86
CA GLN K 284 56.39 -21.55 75.58
C GLN K 284 56.12 -20.38 74.66
N ARG K 285 56.69 -20.41 73.44
CA ARG K 285 56.36 -19.39 72.46
C ARG K 285 54.87 -19.35 72.17
N ILE K 286 54.26 -20.53 72.05
CA ILE K 286 52.83 -20.62 71.75
C ILE K 286 52.00 -20.05 72.89
N THR K 287 52.34 -20.41 74.13
CA THR K 287 51.55 -19.94 75.27
C THR K 287 51.75 -18.44 75.50
N GLU K 288 52.96 -17.92 75.27
CA GLU K 288 53.16 -16.49 75.34
C GLU K 288 52.35 -15.76 74.28
N ALA K 289 52.34 -16.28 73.05
CA ALA K 289 51.54 -15.66 72.00
C ALA K 289 50.06 -15.64 72.39
N PHE K 290 49.56 -16.75 72.94
CA PHE K 290 48.17 -16.77 73.35
C PHE K 290 47.90 -15.77 74.47
N ALA K 291 48.79 -15.72 75.46
CA ALA K 291 48.59 -14.84 76.60
C ALA K 291 48.56 -13.38 76.16
N ARG K 292 49.44 -13.01 75.23
CA ARG K 292 49.53 -11.62 74.82
C ARG K 292 48.45 -11.25 73.79
N TYR K 293 48.08 -12.17 72.91
CA TYR K 293 47.27 -11.83 71.75
C TYR K 293 45.98 -12.62 71.62
N GLY K 294 45.80 -13.70 72.37
CA GLY K 294 44.61 -14.52 72.25
C GLY K 294 44.65 -15.51 71.11
N TRP K 295 45.72 -15.51 70.30
CA TRP K 295 45.88 -16.44 69.20
C TRP K 295 47.35 -16.82 69.11
N CYS K 296 47.62 -17.94 68.44
CA CYS K 296 48.94 -18.58 68.47
C CYS K 296 49.67 -18.51 67.13
N ALA K 297 49.36 -17.52 66.29
CA ALA K 297 50.06 -17.43 65.01
C ALA K 297 51.47 -16.86 65.18
N ALA K 298 51.63 -15.87 66.06
CA ALA K 298 52.89 -15.13 66.17
C ALA K 298 53.89 -15.92 66.99
N ILE K 299 54.44 -16.97 66.38
CA ILE K 299 55.35 -17.86 67.08
C ILE K 299 56.64 -18.10 66.30
N ARG K 300 57.03 -17.17 65.42
CA ARG K 300 58.22 -17.42 64.62
C ARG K 300 58.91 -16.11 64.26
N GLY K 301 60.23 -16.18 64.08
CA GLY K 301 61.00 -15.04 63.64
C GLY K 301 61.52 -14.21 64.79
N VAL K 302 62.44 -13.29 64.45
CA VAL K 302 63.03 -12.41 65.45
C VAL K 302 61.97 -11.50 66.05
N GLU K 303 61.13 -10.92 65.20
CA GLU K 303 60.11 -9.98 65.65
C GLU K 303 58.70 -10.55 65.60
N GLY K 304 58.51 -11.75 65.05
CA GLY K 304 57.19 -12.35 64.96
C GLY K 304 56.84 -13.34 66.04
N GLY K 305 57.61 -13.39 67.13
CA GLY K 305 57.30 -14.27 68.24
C GLY K 305 58.10 -15.54 68.33
N GLY K 306 59.14 -15.71 67.52
CA GLY K 306 59.96 -16.89 67.57
C GLY K 306 61.20 -16.81 68.45
N ALA K 307 61.40 -15.72 69.17
CA ALA K 307 62.65 -15.52 69.91
C ALA K 307 62.60 -16.24 71.25
N VAL K 308 63.62 -17.05 71.51
CA VAL K 308 63.80 -17.75 72.77
C VAL K 308 64.98 -17.08 73.47
N GLU K 309 64.69 -16.21 74.43
CA GLU K 309 65.69 -15.34 75.03
C GLU K 309 66.19 -15.90 76.36
N GLY K 310 67.29 -15.32 76.82
CA GLY K 310 67.85 -15.65 78.13
C GLY K 310 68.40 -17.05 78.26
N LEU K 311 68.98 -17.59 77.19
CA LEU K 311 69.57 -18.92 77.23
C LEU K 311 70.90 -18.90 77.99
N PRO K 312 71.30 -20.04 78.56
CA PRO K 312 72.60 -20.10 79.23
C PRO K 312 73.74 -19.80 78.26
N ALA K 313 74.61 -18.87 78.63
CA ALA K 313 75.76 -18.48 77.81
C ALA K 313 77.02 -18.87 78.58
N HIS K 314 77.47 -20.09 78.38
CA HIS K 314 78.67 -20.56 79.07
C HIS K 314 79.92 -20.12 78.33
N LYS K 326 80.19 -21.39 73.45
CA LYS K 326 79.42 -22.62 73.37
C LYS K 326 77.99 -22.37 72.94
N CYS K 327 77.55 -22.97 71.84
CA CYS K 327 76.20 -22.78 71.36
C CYS K 327 75.21 -23.33 72.38
N PRO K 328 74.23 -22.54 72.83
CA PRO K 328 73.17 -23.09 73.69
C PRO K 328 72.19 -24.00 72.97
N THR K 329 72.34 -24.22 71.66
CA THR K 329 71.45 -25.06 70.87
C THR K 329 72.20 -26.20 70.20
N GLU K 330 73.32 -26.63 70.78
CA GLU K 330 74.12 -27.78 70.35
C GLU K 330 74.87 -27.59 69.04
N VAL K 331 74.44 -26.67 68.19
CA VAL K 331 75.05 -26.51 66.88
C VAL K 331 74.52 -25.24 66.24
N ALA K 332 75.39 -24.50 65.57
CA ALA K 332 74.95 -23.36 64.78
C ALA K 332 74.28 -23.86 63.52
N ILE K 333 73.20 -23.21 63.13
CA ILE K 333 72.45 -23.58 61.95
C ILE K 333 72.47 -22.38 61.01
N THR K 334 73.13 -22.51 59.87
CA THR K 334 73.18 -21.43 58.89
C THR K 334 71.80 -21.22 58.27
N ASP K 335 71.64 -20.07 57.62
CA ASP K 335 70.39 -19.77 56.93
C ASP K 335 70.04 -20.85 55.91
N ARG K 336 71.03 -21.26 55.10
CA ARG K 336 70.78 -22.28 54.09
C ARG K 336 70.37 -23.59 54.74
N ARG K 337 71.02 -23.96 55.84
CA ARG K 337 70.69 -25.19 56.55
C ARG K 337 69.30 -25.12 57.17
N GLU K 338 68.96 -23.97 57.74
CA GLU K 338 67.61 -23.80 58.27
C GLU K 338 66.56 -23.97 57.18
N LYS K 339 66.82 -23.42 56.00
CA LYS K 339 65.88 -23.56 54.90
C LYS K 339 65.77 -25.02 54.43
N GLU K 340 66.91 -25.73 54.36
CA GLU K 340 66.86 -27.16 54.07
C GLU K 340 65.99 -27.89 55.07
N LEU K 341 66.22 -27.65 56.36
CA LEU K 341 65.47 -28.35 57.39
C LEU K 341 63.98 -28.03 57.30
N ASP K 342 63.64 -26.78 57.03
CA ASP K 342 62.24 -26.40 56.84
C ASP K 342 61.63 -27.18 55.67
N ALA K 343 62.37 -27.30 54.57
CA ALA K 343 61.87 -28.06 53.43
C ALA K 343 61.67 -29.54 53.77
N LEU K 344 62.43 -30.06 54.72
CA LEU K 344 62.33 -31.47 55.08
C LEU K 344 61.29 -31.75 56.15
N GLY K 345 60.56 -30.73 56.58
CA GLY K 345 59.48 -30.93 57.54
C GLY K 345 59.86 -30.76 59.00
N PHE K 346 60.80 -29.89 59.31
CA PHE K 346 61.26 -29.68 60.67
C PHE K 346 61.21 -28.20 61.03
N ILE K 347 61.15 -27.95 62.33
CA ILE K 347 61.22 -26.60 62.88
C ILE K 347 62.54 -26.50 63.63
N ALA K 348 63.46 -25.68 63.12
CA ALA K 348 64.80 -25.60 63.68
C ALA K 348 64.95 -24.39 64.57
N LEU K 349 65.61 -24.57 65.71
CA LEU K 349 65.96 -23.49 66.61
C LEU K 349 67.37 -23.01 66.29
N CYS K 350 67.50 -21.73 65.90
CA CYS K 350 68.74 -21.19 65.37
C CYS K 350 69.35 -20.20 66.36
N HIS K 351 70.55 -20.51 66.85
CA HIS K 351 71.23 -19.63 67.78
C HIS K 351 71.76 -18.40 67.08
N LYS K 352 71.50 -17.22 67.65
CA LYS K 352 72.11 -16.00 67.16
C LYS K 352 73.56 -15.95 67.68
N LYS K 353 74.50 -15.84 66.76
CA LYS K 353 75.92 -15.87 67.12
C LYS K 353 76.26 -14.77 68.10
N ASN K 354 77.08 -15.11 69.09
CA ASN K 354 77.56 -14.16 70.10
C ASN K 354 76.40 -13.54 70.88
N SER K 355 75.48 -14.39 71.32
CA SER K 355 74.31 -13.92 72.05
C SER K 355 73.77 -15.05 72.91
N ASP K 356 72.82 -14.71 73.78
CA ASP K 356 72.08 -15.70 74.56
C ASP K 356 70.67 -15.91 74.03
N LEU K 357 70.49 -15.82 72.71
CA LEU K 357 69.19 -15.88 72.08
C LEU K 357 69.20 -16.86 70.93
N ALA K 358 68.07 -17.52 70.73
CA ALA K 358 67.84 -18.38 69.57
C ALA K 358 66.42 -18.13 69.06
N VAL K 359 66.20 -18.43 67.79
CA VAL K 359 64.96 -18.08 67.10
C VAL K 359 64.46 -19.27 66.29
N PHE K 360 63.16 -19.56 66.41
CA PHE K 360 62.46 -20.43 65.46
C PHE K 360 62.11 -19.58 64.24
N PHE K 361 62.88 -19.71 63.16
CA PHE K 361 62.55 -18.96 61.95
C PHE K 361 61.37 -19.57 61.20
N GLY K 362 61.32 -20.88 61.10
CA GLY K 362 60.26 -21.57 60.40
C GLY K 362 59.22 -22.14 61.34
N SER K 363 58.06 -22.47 60.78
CA SER K 363 57.00 -23.11 61.56
C SER K 363 56.28 -24.17 60.72
N GLN K 364 57.06 -24.99 60.02
CA GLN K 364 56.53 -26.00 59.12
C GLN K 364 56.21 -27.28 59.89
N THR K 365 55.03 -27.85 59.65
CA THR K 365 54.69 -29.15 60.21
C THR K 365 55.44 -30.25 59.45
N THR K 366 55.26 -31.50 59.85
CA THR K 366 55.90 -32.59 59.11
C THR K 366 55.22 -32.87 57.77
N ASN K 367 54.06 -32.29 57.51
CA ASN K 367 53.33 -32.57 56.28
C ASN K 367 54.11 -32.06 55.07
N ARG K 368 54.16 -32.88 54.03
CA ARG K 368 54.74 -32.45 52.76
C ARG K 368 53.60 -32.07 51.83
N PRO K 369 53.44 -30.79 51.49
CA PRO K 369 52.30 -30.40 50.66
C PRO K 369 52.34 -31.06 49.28
N ARG K 370 51.17 -31.41 48.78
CA ARG K 370 51.07 -31.90 47.42
C ARG K 370 51.24 -30.75 46.44
N VAL K 371 51.68 -31.07 45.23
CA VAL K 371 51.95 -30.08 44.19
C VAL K 371 50.90 -30.25 43.09
N TYR K 372 50.30 -29.13 42.69
CA TYR K 372 49.18 -29.12 41.78
C TYR K 372 49.48 -28.25 40.56
N ASN K 373 48.54 -28.23 39.62
CA ASN K 373 48.69 -27.46 38.40
C ASN K 373 48.04 -26.08 38.47
N THR K 374 47.53 -25.67 39.63
CA THR K 374 46.97 -24.34 39.80
C THR K 374 47.64 -23.63 40.97
N ASN K 375 47.78 -22.31 40.84
CA ASN K 375 48.40 -21.53 41.90
C ASN K 375 47.58 -21.60 43.19
N GLU K 376 46.27 -21.52 43.07
CA GLU K 376 45.41 -21.53 44.26
C GLU K 376 45.55 -22.82 45.05
N ALA K 377 45.55 -23.97 44.36
CA ALA K 377 45.69 -25.24 45.05
C ALA K 377 47.06 -25.36 45.70
N ASN K 378 48.11 -24.94 45.00
CA ASN K 378 49.46 -25.00 45.59
C ASN K 378 49.55 -24.12 46.82
N ALA K 379 49.04 -22.90 46.74
CA ALA K 379 49.05 -22.00 47.89
C ALA K 379 48.30 -22.61 49.06
N ASN K 380 47.10 -23.14 48.81
CA ASN K 380 46.31 -23.71 49.90
C ASN K 380 46.99 -24.94 50.51
N ALA K 381 47.60 -25.78 49.68
CA ALA K 381 48.33 -26.93 50.19
C ALA K 381 49.50 -26.49 51.06
N ARG K 382 50.21 -25.44 50.65
CA ARG K 382 51.39 -25.01 51.39
C ARG K 382 51.02 -24.46 52.77
N ILE K 383 50.00 -23.61 52.84
CA ILE K 383 49.63 -23.02 54.12
C ILE K 383 48.95 -24.03 55.04
N SER K 384 48.32 -25.07 54.47
CA SER K 384 47.75 -26.15 55.26
C SER K 384 48.81 -27.02 55.93
N ALA K 385 50.10 -26.75 55.67
CA ALA K 385 51.18 -27.50 56.29
C ALA K 385 51.98 -26.65 57.29
N MET K 386 51.52 -25.45 57.60
CA MET K 386 52.22 -24.56 58.50
C MET K 386 51.57 -24.55 59.89
N LEU K 387 52.39 -24.73 60.91
CA LEU K 387 51.90 -24.82 62.28
C LEU K 387 51.04 -23.63 62.71
N PRO K 388 51.42 -22.37 62.47
CA PRO K 388 50.54 -21.27 62.94
C PRO K 388 49.14 -21.33 62.37
N TYR K 389 49.02 -21.55 61.06
CA TYR K 389 47.71 -21.56 60.42
C TYR K 389 46.92 -22.81 60.82
N VAL K 390 47.59 -23.95 60.96
CA VAL K 390 46.91 -25.16 61.41
C VAL K 390 46.39 -24.98 62.83
N LEU K 391 47.16 -24.32 63.69
CA LEU K 391 46.69 -24.02 65.04
C LEU K 391 45.45 -23.15 65.01
N ALA K 392 45.45 -22.10 64.18
CA ALA K 392 44.28 -21.24 64.07
C ALA K 392 43.06 -22.02 63.57
N ALA K 393 43.24 -22.84 62.53
CA ALA K 393 42.14 -23.64 62.02
C ALA K 393 41.60 -24.57 63.09
N SER K 394 42.50 -25.18 63.87
CA SER K 394 42.08 -26.07 64.95
C SER K 394 41.27 -25.34 66.01
N ARG K 395 41.69 -24.12 66.38
CA ARG K 395 40.91 -23.34 67.33
C ARG K 395 39.51 -23.07 66.80
N PHE K 396 39.41 -22.71 65.51
CA PHE K 396 38.08 -22.49 64.96
C PHE K 396 37.26 -23.77 64.94
N ALA K 397 37.89 -24.93 64.75
CA ALA K 397 37.16 -26.19 64.87
C ALA K 397 36.58 -26.35 66.27
N HIS K 398 37.39 -26.04 67.29
CA HIS K 398 36.91 -26.19 68.67
C HIS K 398 35.74 -25.25 68.95
N TYR K 399 35.85 -24.00 68.51
CA TYR K 399 34.78 -23.05 68.71
C TYR K 399 33.51 -23.47 67.99
N LEU K 400 33.65 -23.95 66.75
CA LEU K 400 32.49 -24.38 65.98
C LEU K 400 31.81 -25.56 66.67
N LYS K 401 32.59 -26.54 67.13
CA LYS K 401 32.01 -27.65 67.88
C LYS K 401 31.18 -27.15 69.04
N VAL K 402 31.75 -26.26 69.86
CA VAL K 402 31.07 -25.84 71.08
C VAL K 402 29.80 -25.04 70.76
N ILE K 403 29.90 -24.04 69.88
CA ILE K 403 28.76 -23.17 69.65
C ILE K 403 27.64 -23.92 68.90
N MET K 404 27.99 -24.75 67.92
CA MET K 404 26.97 -25.48 67.20
C MET K 404 26.33 -26.56 68.08
N ARG K 405 27.09 -27.16 68.99
CA ARG K 405 26.48 -28.01 70.00
C ARG K 405 25.45 -27.24 70.79
N ASP K 406 25.75 -25.99 71.14
CA ASP K 406 24.76 -25.15 71.82
C ASP K 406 23.53 -24.89 70.95
N LYS K 407 23.67 -24.93 69.64
CA LYS K 407 22.52 -24.63 68.78
C LYS K 407 21.68 -25.84 68.38
N VAL K 408 22.12 -27.07 68.70
CA VAL K 408 21.34 -28.25 68.36
C VAL K 408 20.00 -28.18 69.07
N GLY K 409 18.92 -28.41 68.32
CA GLY K 409 17.59 -28.41 68.88
C GLY K 409 16.83 -27.10 68.75
N SER K 410 17.52 -26.00 68.43
CA SER K 410 16.84 -24.74 68.17
C SER K 410 16.26 -24.73 66.76
N PHE K 411 15.22 -23.92 66.56
CA PHE K 411 14.59 -23.75 65.26
C PHE K 411 15.54 -22.97 64.35
N MET K 412 16.19 -23.65 63.41
CA MET K 412 17.11 -23.00 62.49
C MET K 412 16.95 -23.55 61.09
N THR K 413 16.78 -22.66 60.12
CA THR K 413 16.87 -23.00 58.72
C THR K 413 18.33 -23.01 58.28
N ARG K 414 18.56 -23.39 57.03
CA ARG K 414 19.91 -23.30 56.46
C ARG K 414 20.43 -21.87 56.51
N ASP K 415 19.58 -20.90 56.13
CA ASP K 415 19.98 -19.50 56.15
C ASP K 415 20.24 -19.01 57.57
N ASN K 416 19.46 -19.46 58.55
CA ASN K 416 19.72 -19.10 59.94
C ASN K 416 21.12 -19.54 60.36
N VAL K 417 21.48 -20.78 60.02
CA VAL K 417 22.80 -21.29 60.39
C VAL K 417 23.89 -20.47 59.71
N GLN K 418 23.73 -20.21 58.42
CA GLN K 418 24.74 -19.46 57.68
C GLN K 418 24.92 -18.05 58.25
N THR K 419 23.80 -17.36 58.51
CA THR K 419 23.87 -16.02 59.07
C THR K 419 24.54 -16.02 60.43
N TYR K 420 24.16 -16.98 61.30
CA TYR K 420 24.76 -17.05 62.62
C TYR K 420 26.27 -17.26 62.53
N LEU K 421 26.70 -18.21 61.69
CA LEU K 421 28.12 -18.53 61.64
C LEU K 421 28.94 -17.40 61.02
N ASN K 422 28.42 -16.74 59.99
CA ASN K 422 29.14 -15.61 59.42
C ASN K 422 29.18 -14.43 60.38
N ASN K 423 28.10 -14.20 61.13
CA ASN K 423 28.09 -13.16 62.15
C ASN K 423 29.10 -13.45 63.25
N TRP K 424 29.18 -14.71 63.69
CA TRP K 424 30.06 -15.05 64.80
C TRP K 424 31.53 -14.89 64.42
N ILE K 425 31.91 -15.31 63.20
CA ILE K 425 33.32 -15.30 62.81
C ILE K 425 33.82 -13.92 62.41
N ALA K 426 32.92 -12.97 62.16
CA ALA K 426 33.34 -11.65 61.68
C ALA K 426 34.20 -10.93 62.69
N ASP K 427 34.06 -11.23 63.97
CA ASP K 427 34.83 -10.54 65.00
C ASP K 427 36.31 -10.88 64.97
N TYR K 428 36.70 -11.95 64.29
CA TYR K 428 38.09 -12.38 64.25
C TYR K 428 38.82 -11.94 62.99
N VAL K 429 38.18 -11.10 62.19
CA VAL K 429 38.72 -10.69 60.89
C VAL K 429 39.27 -9.27 61.01
N LEU K 430 40.47 -9.07 60.49
CA LEU K 430 41.09 -7.75 60.41
C LEU K 430 41.48 -7.48 58.97
N ILE K 431 40.91 -6.43 58.37
CA ILE K 431 41.14 -6.12 56.97
C ILE K 431 42.38 -5.25 56.75
N ASN K 432 42.86 -4.55 57.78
CA ASN K 432 43.91 -3.55 57.62
C ASN K 432 45.26 -4.25 57.54
N ASP K 433 45.76 -4.42 56.31
CA ASP K 433 47.07 -5.02 56.11
C ASP K 433 48.22 -4.08 56.47
N ASN K 434 47.94 -2.82 56.78
CA ASN K 434 48.95 -1.89 57.26
C ASN K 434 49.05 -1.85 58.78
N ALA K 435 48.25 -2.65 59.49
CA ALA K 435 48.34 -2.68 60.94
C ALA K 435 49.70 -3.22 61.36
N PRO K 436 50.20 -2.79 62.52
CA PRO K 436 51.50 -3.30 62.99
C PRO K 436 51.43 -4.77 63.37
N GLN K 437 52.62 -5.35 63.55
CA GLN K 437 52.72 -6.77 63.86
C GLN K 437 51.88 -7.15 65.08
N GLU K 438 51.95 -6.35 66.15
CA GLU K 438 51.25 -6.69 67.37
C GLU K 438 49.73 -6.63 67.23
N ILE K 439 49.22 -5.90 66.24
CA ILE K 439 47.79 -5.88 65.99
C ILE K 439 47.37 -7.08 65.15
N LYS K 440 48.13 -7.36 64.08
CA LYS K 440 47.85 -8.52 63.26
C LYS K 440 47.90 -9.82 64.07
N ALA K 441 48.78 -9.88 65.07
CA ALA K 441 48.87 -11.07 65.91
C ALA K 441 47.57 -11.34 66.66
N GLN K 442 46.73 -10.32 66.87
CA GLN K 442 45.49 -10.49 67.63
C GLN K 442 44.31 -10.92 66.77
N TYR K 443 44.47 -10.98 65.45
CA TYR K 443 43.37 -11.31 64.55
C TYR K 443 43.82 -12.43 63.63
N PRO K 444 43.30 -13.65 63.81
CA PRO K 444 43.78 -14.77 62.99
C PRO K 444 43.39 -14.68 61.53
N LEU K 445 42.42 -13.83 61.17
CA LEU K 445 41.84 -13.87 59.84
C LEU K 445 41.94 -12.52 59.14
N ARG K 446 42.29 -12.56 57.86
CA ARG K 446 42.12 -11.42 56.98
C ARG K 446 40.82 -11.48 56.19
N GLU K 447 40.25 -12.67 56.04
CA GLU K 447 39.00 -12.88 55.32
C GLU K 447 38.42 -14.21 55.77
N ALA K 448 37.08 -14.29 55.78
CA ALA K 448 36.44 -15.55 56.12
C ALA K 448 35.04 -15.57 55.53
N ARG K 449 34.55 -16.78 55.26
CA ARG K 449 33.19 -16.96 54.77
C ARG K 449 32.73 -18.37 55.09
N VAL K 450 31.48 -18.51 55.52
CA VAL K 450 30.88 -19.80 55.81
C VAL K 450 29.73 -20.01 54.83
N ASP K 451 29.77 -21.13 54.12
CA ASP K 451 28.73 -21.52 53.18
C ASP K 451 28.02 -22.74 53.73
N VAL K 452 26.70 -22.67 53.83
CA VAL K 452 25.89 -23.73 54.42
C VAL K 452 24.92 -24.26 53.37
N SER K 453 24.77 -25.58 53.32
CA SER K 453 23.85 -26.22 52.39
C SER K 453 22.97 -27.24 53.11
N GLU K 454 21.79 -27.47 52.55
CA GLU K 454 20.87 -28.46 53.10
C GLU K 454 21.23 -29.86 52.60
N VAL K 455 20.85 -30.86 53.39
CA VAL K 455 20.98 -32.26 53.00
C VAL K 455 19.59 -32.75 52.60
N VAL K 456 19.46 -33.18 51.34
CA VAL K 456 18.15 -33.54 50.82
C VAL K 456 17.57 -34.70 51.62
N GLY K 457 16.28 -34.60 51.92
CA GLY K 457 15.58 -35.65 52.62
C GLY K 457 15.79 -35.69 54.12
N LYS K 458 16.55 -34.76 54.68
CA LYS K 458 16.88 -34.75 56.11
C LYS K 458 16.63 -33.37 56.69
N PRO K 459 15.40 -33.09 57.14
CA PRO K 459 15.13 -31.78 57.75
C PRO K 459 16.03 -31.53 58.95
N GLY K 460 16.54 -30.30 59.04
CA GLY K 460 17.42 -29.92 60.11
C GLY K 460 18.84 -30.47 60.05
N VAL K 461 19.25 -31.03 58.91
CA VAL K 461 20.60 -31.55 58.73
C VAL K 461 21.31 -30.71 57.68
N TYR K 462 22.49 -30.21 58.00
CA TYR K 462 23.18 -29.25 57.14
C TYR K 462 24.65 -29.60 57.00
N ARG K 463 25.25 -29.09 55.93
CA ARG K 463 26.68 -29.15 55.71
C ARG K 463 27.21 -27.74 55.51
N ALA K 464 28.41 -27.49 56.02
CA ALA K 464 29.02 -26.19 55.92
C ALA K 464 30.47 -26.30 55.46
N THR K 465 30.92 -25.28 54.74
CA THR K 465 32.33 -25.10 54.45
C THR K 465 32.78 -23.77 55.02
N VAL K 466 33.84 -23.81 55.83
CA VAL K 466 34.37 -22.62 56.50
C VAL K 466 35.69 -22.28 55.83
N PHE K 467 35.70 -21.19 55.05
CA PHE K 467 36.91 -20.72 54.40
C PHE K 467 37.59 -19.70 55.30
N LEU K 468 38.86 -19.96 55.63
CA LEU K 468 39.64 -19.09 56.51
C LEU K 468 40.85 -18.58 55.74
N ARG K 469 40.97 -17.27 55.61
CA ARG K 469 42.15 -16.68 54.99
C ARG K 469 42.96 -15.96 56.05
N PRO K 470 44.10 -16.50 56.47
CA PRO K 470 44.87 -15.87 57.55
C PRO K 470 45.72 -14.72 57.03
N HIS K 471 46.34 -14.01 57.97
CA HIS K 471 47.40 -13.07 57.64
C HIS K 471 48.69 -13.86 57.43
N PHE K 472 49.32 -13.69 56.28
CA PHE K 472 50.46 -14.53 55.92
C PHE K 472 51.76 -13.92 56.41
N GLN K 473 52.65 -14.79 56.88
CA GLN K 473 53.94 -14.42 57.41
C GLN K 473 55.01 -14.53 56.34
N LEU K 474 56.03 -13.67 56.44
CA LEU K 474 57.10 -13.66 55.45
C LEU K 474 57.91 -14.95 55.51
N GLU K 475 58.07 -15.59 54.36
CA GLU K 475 58.81 -16.85 54.26
C GLU K 475 60.15 -16.71 53.56
N GLU K 476 60.19 -16.04 52.40
CA GLU K 476 61.39 -15.97 51.59
C GLU K 476 61.40 -14.64 50.83
N LEU K 477 62.61 -14.18 50.52
CA LEU K 477 62.79 -13.00 49.69
C LEU K 477 64.01 -13.18 48.81
N THR K 478 63.82 -13.06 47.50
CA THR K 478 64.92 -13.07 46.54
C THR K 478 65.08 -11.66 45.99
N ALA K 479 66.26 -11.09 46.16
CA ALA K 479 66.50 -9.69 45.80
C ALA K 479 67.62 -9.60 44.76
N SER K 480 67.48 -8.64 43.86
CA SER K 480 68.50 -8.33 42.86
C SER K 480 68.92 -6.87 43.03
N ILE K 481 70.18 -6.65 43.36
CA ILE K 481 70.72 -5.30 43.52
C ILE K 481 71.33 -4.86 42.20
N ARG K 482 71.00 -3.66 41.76
CA ARG K 482 71.44 -3.16 40.46
C ARG K 482 71.84 -1.70 40.58
N LEU K 483 73.11 -1.40 40.29
CA LEU K 483 73.57 -0.02 40.17
C LEU K 483 73.12 0.53 38.83
N VAL K 484 72.54 1.72 38.84
CA VAL K 484 72.05 2.34 37.61
C VAL K 484 72.44 3.81 37.58
N ALA K 485 72.68 4.32 36.36
CA ALA K 485 72.87 5.76 36.20
C ALA K 485 71.54 6.50 36.24
N THR K 486 70.46 5.88 35.80
CA THR K 486 69.11 6.43 35.90
C THR K 486 68.16 5.34 36.38
N LEU K 487 67.19 5.71 37.20
CA LEU K 487 66.20 4.75 37.69
C LEU K 487 65.27 4.35 36.56
N PRO K 488 65.17 3.07 36.22
CA PRO K 488 64.19 2.65 35.21
C PRO K 488 62.78 2.70 35.77
N PRO K 489 61.77 2.80 34.91
CA PRO K 489 60.39 2.77 35.40
C PRO K 489 60.07 1.42 36.01
N PRO K 490 59.16 1.37 36.99
CA PRO K 490 58.78 0.12 37.66
C PRO K 490 58.09 -0.88 36.73
N GLU L 3 14.76 -17.99 83.89
CA GLU L 3 13.75 -16.95 83.77
C GLU L 3 13.66 -16.12 85.04
N SER L 4 13.72 -14.80 84.90
CA SER L 4 13.57 -13.91 86.05
C SER L 4 12.18 -14.04 86.65
N THR L 5 12.10 -13.91 87.97
CA THR L 5 10.81 -13.95 88.65
C THR L 5 9.92 -12.80 88.19
N GLN L 6 10.52 -11.71 87.71
CA GLN L 6 9.72 -10.63 87.15
C GLN L 6 8.90 -11.11 85.96
N HIS L 7 9.50 -11.90 85.09
CA HIS L 7 8.79 -12.39 83.93
C HIS L 7 7.81 -13.52 84.26
N LYS L 8 8.01 -14.21 85.37
CA LYS L 8 6.99 -15.16 85.83
C LYS L 8 5.69 -14.44 86.15
N LEU L 9 5.79 -13.25 86.76
CA LEU L 9 4.63 -12.45 87.07
C LEU L 9 3.94 -11.89 85.83
N ASP L 10 4.55 -11.99 84.66
CA ASP L 10 3.81 -11.72 83.42
C ASP L 10 2.65 -12.67 83.24
N ARG L 11 2.77 -13.90 83.73
CA ARG L 11 1.82 -14.96 83.46
C ARG L 11 0.97 -15.36 84.65
N ILE L 12 1.52 -15.31 85.86
CA ILE L 12 0.86 -15.86 87.05
C ILE L 12 0.21 -14.70 87.80
N ARG L 13 -1.10 -14.56 87.61
CA ARG L 13 -1.90 -13.51 88.24
C ARG L 13 -1.21 -12.14 88.13
N PRO L 14 -1.01 -11.64 86.91
CA PRO L 14 -0.26 -10.41 86.74
C PRO L 14 -1.05 -9.21 87.23
N PRO L 15 -0.38 -8.15 87.67
CA PRO L 15 -1.07 -6.90 87.97
C PRO L 15 -1.40 -6.15 86.69
N ARG L 16 -2.21 -5.08 86.85
CA ARG L 16 -2.49 -4.21 85.71
C ARG L 16 -1.22 -3.54 85.21
N VAL L 17 -0.39 -3.05 86.12
CA VAL L 17 0.86 -2.38 85.77
C VAL L 17 1.99 -3.34 86.11
N GLN L 18 2.53 -3.99 85.09
CA GLN L 18 3.54 -5.03 85.25
C GLN L 18 4.88 -4.52 84.72
N ILE L 19 5.90 -4.50 85.57
CA ILE L 19 7.18 -3.87 85.26
C ILE L 19 8.30 -4.89 85.45
N THR L 20 9.20 -4.97 84.48
CA THR L 20 10.35 -5.85 84.55
C THR L 20 11.61 -5.07 84.17
N TYR L 21 12.76 -5.58 84.59
CA TYR L 21 14.04 -5.05 84.13
C TYR L 21 14.61 -5.99 83.07
N ASP L 22 15.20 -5.41 82.03
CA ASP L 22 15.80 -6.20 80.96
C ASP L 22 17.08 -5.55 80.47
N VAL L 23 18.01 -6.37 80.00
CA VAL L 23 19.24 -5.90 79.38
C VAL L 23 18.96 -5.67 77.89
N GLU L 24 19.23 -4.48 77.42
CA GLU L 24 19.02 -4.13 76.01
C GLU L 24 20.20 -4.67 75.21
N THR L 25 19.98 -5.77 74.48
CA THR L 25 21.04 -6.40 73.71
C THR L 25 20.85 -6.29 72.21
N GLY L 26 19.72 -5.77 71.75
CA GLY L 26 19.49 -5.65 70.31
C GLY L 26 19.57 -7.00 69.62
N ASN L 27 20.31 -7.05 68.52
CA ASN L 27 20.53 -8.29 67.78
C ASN L 27 21.88 -8.92 68.09
N ALA L 28 22.49 -8.58 69.23
CA ALA L 28 23.78 -9.14 69.59
C ALA L 28 23.67 -10.63 69.92
N ILE L 29 24.74 -11.36 69.64
CA ILE L 29 24.85 -12.76 70.01
C ILE L 29 25.91 -12.89 71.10
N GLU L 30 25.71 -13.87 71.98
CA GLU L 30 26.68 -14.14 73.03
C GLU L 30 27.97 -14.70 72.44
N LYS L 31 29.09 -14.29 73.01
CA LYS L 31 30.42 -14.67 72.52
C LYS L 31 31.07 -15.48 73.63
N LYS L 32 30.81 -16.79 73.67
CA LYS L 32 31.45 -17.64 74.65
C LYS L 32 32.90 -17.89 74.27
N GLU L 33 33.79 -17.79 75.26
CA GLU L 33 35.22 -17.91 75.05
C GLU L 33 35.72 -19.26 75.54
N LEU L 34 36.69 -19.82 74.84
CA LEU L 34 37.31 -21.06 75.25
C LEU L 34 38.73 -20.81 75.74
N PRO L 35 39.14 -21.44 76.84
CA PRO L 35 40.54 -21.32 77.26
C PRO L 35 41.45 -22.05 76.28
N LEU L 36 42.72 -21.68 76.30
CA LEU L 36 43.75 -22.47 75.65
C LEU L 36 44.14 -23.60 76.60
N VAL L 37 44.03 -24.83 76.12
CA VAL L 37 44.39 -26.00 76.92
C VAL L 37 45.55 -26.71 76.23
N VAL L 38 46.68 -26.79 76.91
CA VAL L 38 47.84 -27.50 76.41
C VAL L 38 47.89 -28.86 77.10
N GLY L 39 47.85 -29.92 76.31
CA GLY L 39 48.06 -31.26 76.84
C GLY L 39 49.52 -31.66 76.76
N ILE L 40 50.11 -32.00 77.91
CA ILE L 40 51.52 -32.36 77.99
C ILE L 40 51.62 -33.87 78.21
N LEU L 41 52.42 -34.53 77.38
CA LEU L 41 52.67 -35.97 77.51
C LEU L 41 54.16 -36.14 77.79
N ALA L 42 54.49 -36.61 78.99
CA ALA L 42 55.89 -36.72 79.39
C ALA L 42 56.07 -37.91 80.30
N ASP L 43 57.25 -38.53 80.21
CA ASP L 43 57.63 -39.66 81.04
C ASP L 43 58.35 -39.13 82.27
N LEU L 44 57.60 -38.91 83.34
CA LEU L 44 58.14 -38.23 84.51
C LEU L 44 58.41 -39.17 85.67
N MET L 56 44.62 -46.42 80.96
CA MET L 56 43.20 -46.08 81.08
C MET L 56 42.90 -45.41 82.41
N GLU L 57 43.69 -45.75 83.42
CA GLU L 57 43.44 -45.28 84.78
C GLU L 57 43.99 -43.89 85.04
N ARG L 58 45.01 -43.47 84.30
CA ARG L 58 45.63 -42.17 84.53
C ARG L 58 44.76 -41.06 83.95
N ARG L 59 45.19 -39.81 84.16
CA ARG L 59 44.40 -38.68 83.71
C ARG L 59 45.31 -37.50 83.45
N PHE L 60 44.77 -36.51 82.74
CA PHE L 60 45.46 -35.26 82.50
C PHE L 60 45.22 -34.37 83.71
N VAL L 61 46.22 -34.23 84.56
CA VAL L 61 46.09 -33.46 85.80
C VAL L 61 46.53 -32.02 85.55
N GLU L 62 45.69 -31.08 85.95
CA GLU L 62 46.01 -29.67 85.75
C GLU L 62 47.22 -29.28 86.59
N ILE L 63 48.16 -28.58 85.96
CA ILE L 63 49.42 -28.22 86.60
C ILE L 63 49.66 -26.73 86.39
N ASN L 64 50.19 -26.07 87.42
CA ASN L 64 50.42 -24.64 87.38
C ASN L 64 51.52 -24.31 88.38
N ARG L 65 51.87 -23.03 88.44
CA ARG L 65 52.96 -22.61 89.32
C ARG L 65 52.63 -22.86 90.78
N ASP L 66 51.35 -22.92 91.15
CA ASP L 66 50.98 -23.10 92.54
C ASP L 66 51.15 -24.55 93.00
N ASN L 67 50.66 -25.50 92.21
CA ASN L 67 50.62 -26.90 92.64
C ASN L 67 51.74 -27.74 92.04
N PHE L 68 52.76 -27.10 91.44
CA PHE L 68 53.78 -27.85 90.70
C PHE L 68 54.46 -28.88 91.59
N ASN L 69 54.86 -28.48 92.80
CA ASN L 69 55.56 -29.40 93.68
C ASN L 69 54.63 -30.48 94.22
N ASP L 70 53.34 -30.18 94.39
CA ASP L 70 52.40 -31.24 94.74
C ASP L 70 52.32 -32.31 93.67
N VAL L 71 52.29 -31.90 92.39
CA VAL L 71 52.27 -32.84 91.29
C VAL L 71 53.58 -33.62 91.24
N LEU L 72 54.70 -32.94 91.48
CA LEU L 72 55.99 -33.62 91.53
C LEU L 72 56.00 -34.68 92.63
N ALA L 73 55.47 -34.35 93.81
CA ALA L 73 55.42 -35.30 94.91
C ALA L 73 54.51 -36.47 94.57
N SER L 74 53.35 -36.20 93.97
CA SER L 74 52.42 -37.27 93.64
C SER L 74 53.00 -38.21 92.59
N ILE L 75 53.75 -37.67 91.63
CA ILE L 75 54.47 -38.53 90.69
C ILE L 75 55.60 -39.25 91.40
N ALA L 76 56.31 -38.53 92.28
CA ALA L 76 57.40 -39.05 93.10
C ALA L 76 58.49 -39.70 92.23
N PRO L 77 59.18 -38.93 91.38
CA PRO L 77 60.23 -39.52 90.54
C PRO L 77 61.41 -40.05 91.34
N GLN M 90 -2.32 -80.86 75.95
CA GLN M 90 -1.67 -80.15 74.85
C GLN M 90 -2.59 -80.06 73.63
N LYS M 91 -3.05 -81.22 73.17
CA LYS M 91 -3.89 -81.24 71.97
C LYS M 91 -5.20 -80.51 72.20
N LEU M 92 -5.81 -80.69 73.37
CA LEU M 92 -7.00 -79.93 73.71
C LEU M 92 -6.67 -78.45 73.88
N GLU M 93 -5.59 -78.15 74.61
CA GLU M 93 -5.22 -76.75 74.84
C GLU M 93 -4.90 -76.05 73.52
N ALA M 94 -4.21 -76.75 72.62
CA ALA M 94 -3.87 -76.15 71.32
C ALA M 94 -5.12 -75.80 70.53
N SER M 95 -6.11 -76.68 70.53
CA SER M 95 -7.36 -76.41 69.81
C SER M 95 -8.09 -75.22 70.41
N TRP M 96 -8.20 -75.17 71.74
CA TRP M 96 -8.90 -74.07 72.39
C TRP M 96 -8.13 -72.77 72.25
N ARG M 97 -6.80 -72.83 72.40
CA ARG M 97 -6.00 -71.61 72.27
C ARG M 97 -6.01 -71.10 70.84
N GLY M 98 -5.90 -72.00 69.86
CA GLY M 98 -6.01 -71.59 68.47
C GLY M 98 -7.35 -70.96 68.17
N LEU M 99 -8.42 -71.56 68.69
CA LEU M 99 -9.75 -71.00 68.50
C LEU M 99 -9.88 -69.64 69.16
N HIS M 100 -9.37 -69.50 70.39
CA HIS M 100 -9.46 -68.23 71.11
C HIS M 100 -8.71 -67.13 70.38
N MET M 101 -7.52 -67.45 69.86
CA MET M 101 -6.75 -66.47 69.09
C MET M 101 -7.51 -66.02 67.86
N LEU M 102 -8.14 -66.96 67.14
CA LEU M 102 -8.91 -66.59 65.97
C LEU M 102 -10.10 -65.70 66.34
N VAL M 103 -10.82 -66.07 67.39
CA VAL M 103 -11.99 -65.28 67.80
C VAL M 103 -11.56 -63.89 68.24
N LYS M 104 -10.52 -63.80 69.07
CA LYS M 104 -10.09 -62.52 69.60
C LYS M 104 -9.54 -61.59 68.52
N ASN M 105 -8.99 -62.15 67.46
CA ASN M 105 -8.36 -61.36 66.41
C ASN M 105 -9.24 -61.18 65.19
N THR M 106 -10.52 -61.52 65.29
CA THR M 106 -11.46 -61.39 64.18
C THR M 106 -12.50 -60.33 64.54
N GLU M 107 -12.69 -59.37 63.64
CA GLU M 107 -13.69 -58.32 63.82
C GLU M 107 -15.09 -58.87 63.54
N THR M 108 -15.55 -59.72 64.46
CA THR M 108 -16.91 -60.25 64.37
C THR M 108 -17.93 -59.14 64.54
N GLY M 109 -19.05 -59.29 63.85
CA GLY M 109 -20.07 -58.24 63.89
C GLY M 109 -21.19 -58.54 62.91
N ALA M 110 -21.80 -57.46 62.43
CA ALA M 110 -22.92 -57.60 61.50
C ALA M 110 -22.50 -58.28 60.20
N ARG M 111 -21.27 -58.03 59.75
CA ARG M 111 -20.78 -58.54 58.47
C ARG M 111 -19.89 -59.77 58.58
N LEU M 112 -19.57 -60.22 59.80
CA LEU M 112 -18.63 -61.31 59.99
C LEU M 112 -19.06 -62.15 61.18
N LYS M 113 -19.35 -63.42 60.92
CA LYS M 113 -19.77 -64.34 61.97
C LYS M 113 -18.89 -65.58 61.96
N LEU M 114 -18.60 -66.09 63.16
CA LEU M 114 -17.94 -67.38 63.34
C LEU M 114 -18.93 -68.33 63.99
N ARG M 115 -19.09 -69.50 63.40
CA ARG M 115 -19.99 -70.53 63.90
C ARG M 115 -19.20 -71.81 64.11
N LEU M 116 -19.43 -72.47 65.24
CA LEU M 116 -18.57 -73.54 65.71
C LEU M 116 -19.36 -74.83 65.87
N LEU M 117 -18.85 -75.91 65.31
CA LEU M 117 -19.43 -77.24 65.46
C LEU M 117 -18.43 -78.13 66.17
N ASN M 118 -18.78 -78.56 67.38
CA ASN M 118 -17.91 -79.41 68.20
C ASN M 118 -18.09 -80.86 67.76
N VAL M 119 -17.08 -81.42 67.10
CA VAL M 119 -17.18 -82.76 66.52
C VAL M 119 -15.77 -83.30 66.32
N THR M 120 -15.61 -84.60 66.55
CA THR M 120 -14.32 -85.25 66.37
C THR M 120 -14.15 -85.73 64.93
N GLN M 121 -12.91 -86.05 64.58
CA GLN M 121 -12.62 -86.53 63.24
C GLN M 121 -13.32 -87.85 62.95
N LYS M 122 -13.34 -88.75 63.94
CA LYS M 122 -14.00 -90.04 63.77
C LYS M 122 -15.50 -89.88 63.60
N GLU M 123 -16.12 -88.96 64.35
CA GLU M 123 -17.55 -88.71 64.20
C GLU M 123 -17.88 -88.19 62.80
N LEU M 124 -17.07 -87.27 62.28
CA LEU M 124 -17.26 -86.80 60.93
C LEU M 124 -17.14 -87.94 59.93
N LEU M 125 -16.12 -88.78 60.09
CA LEU M 125 -15.95 -89.91 59.20
C LEU M 125 -17.17 -90.81 59.20
N ILE M 126 -17.67 -91.12 60.39
CA ILE M 126 -18.82 -92.01 60.51
C ILE M 126 -20.06 -91.37 59.89
N ASP M 127 -20.29 -90.09 60.17
CA ASP M 127 -21.46 -89.41 59.62
C ASP M 127 -21.42 -89.39 58.10
N LEU M 128 -20.25 -89.13 57.52
CA LEU M 128 -20.16 -89.04 56.07
C LEU M 128 -20.22 -90.41 55.40
N GLU M 129 -19.62 -91.43 56.01
CA GLU M 129 -19.61 -92.75 55.39
C GLU M 129 -20.95 -93.46 55.53
N LYS M 130 -21.67 -93.26 56.63
CA LYS M 130 -22.88 -94.02 56.90
C LYS M 130 -24.14 -93.39 56.34
N ALA M 131 -24.04 -92.20 55.77
CA ALA M 131 -25.22 -91.56 55.18
C ALA M 131 -25.77 -92.41 54.05
N VAL M 132 -27.09 -92.55 54.01
CA VAL M 132 -27.72 -93.36 52.97
C VAL M 132 -27.47 -92.75 51.60
N GLU M 133 -27.46 -91.43 51.51
CA GLU M 133 -27.15 -90.71 50.29
C GLU M 133 -26.29 -89.50 50.67
N PHE M 134 -25.61 -88.93 49.67
CA PHE M 134 -24.64 -87.87 49.96
C PHE M 134 -25.30 -86.65 50.58
N ASP M 135 -26.57 -86.39 50.28
CA ASP M 135 -27.25 -85.22 50.82
C ASP M 135 -27.97 -85.52 52.13
N GLN M 136 -27.74 -86.70 52.72
CA GLN M 136 -28.42 -87.09 53.94
C GLN M 136 -27.54 -87.01 55.18
N SER M 137 -26.24 -86.82 55.01
CA SER M 137 -25.34 -86.73 56.16
C SER M 137 -25.63 -85.48 56.98
N ALA M 138 -25.34 -85.57 58.28
CA ALA M 138 -25.56 -84.42 59.16
C ALA M 138 -24.77 -83.21 58.68
N LEU M 139 -23.54 -83.45 58.23
CA LEU M 139 -22.72 -82.34 57.72
C LEU M 139 -23.35 -81.69 56.51
N PHE M 140 -23.86 -82.49 55.56
CA PHE M 140 -24.50 -81.90 54.40
C PHE M 140 -25.71 -81.08 54.81
N LYS M 141 -26.56 -81.63 55.68
CA LYS M 141 -27.72 -80.86 56.13
C LYS M 141 -27.29 -79.54 56.73
N LYS M 142 -26.38 -79.58 57.72
CA LYS M 142 -26.02 -78.39 58.48
C LYS M 142 -25.32 -77.35 57.61
N ILE M 143 -24.48 -77.77 56.67
CA ILE M 143 -23.68 -76.83 55.91
C ILE M 143 -24.41 -76.36 54.66
N TYR M 144 -24.93 -77.30 53.86
CA TYR M 144 -25.64 -76.93 52.64
C TYR M 144 -27.08 -76.52 52.94
N GLU M 145 -27.88 -77.45 53.46
CA GLU M 145 -29.33 -77.24 53.43
C GLU M 145 -29.76 -76.11 54.36
N GLU M 146 -29.21 -76.07 55.57
CA GLU M 146 -29.73 -75.16 56.57
C GLU M 146 -29.35 -73.71 56.29
N GLU M 147 -28.26 -73.47 55.55
CA GLU M 147 -27.87 -72.10 55.25
C GLU M 147 -27.91 -71.79 53.76
N TYR M 148 -27.13 -72.49 52.95
CA TYR M 148 -27.07 -72.16 51.52
C TYR M 148 -28.38 -72.50 50.83
N GLY M 149 -29.01 -73.60 51.21
CA GLY M 149 -30.21 -74.07 50.54
C GLY M 149 -31.51 -73.73 51.23
N THR M 150 -31.52 -72.72 52.08
CA THR M 150 -32.73 -72.31 52.78
C THR M 150 -32.97 -70.82 52.59
N PHE M 151 -34.25 -70.47 52.36
CA PHE M 151 -34.68 -69.07 52.26
C PHE M 151 -34.31 -68.32 53.52
N GLY M 152 -33.54 -67.25 53.37
CA GLY M 152 -33.10 -66.46 54.50
C GLY M 152 -31.79 -66.90 55.12
N GLY M 153 -31.19 -67.99 54.64
CA GLY M 153 -29.92 -68.42 55.18
C GLY M 153 -28.76 -67.53 54.78
N HIS M 154 -27.73 -67.53 55.62
CA HIS M 154 -26.45 -66.90 55.32
C HIS M 154 -25.45 -67.99 55.00
N PRO M 155 -25.11 -68.22 53.73
CA PRO M 155 -24.28 -69.37 53.39
C PRO M 155 -22.91 -69.31 54.06
N PHE M 156 -22.41 -70.48 54.46
CA PHE M 156 -21.05 -70.58 54.96
C PHE M 156 -20.08 -70.16 53.86
N SER M 157 -19.29 -69.13 54.15
CA SER M 157 -18.29 -68.68 53.20
C SER M 157 -17.09 -69.60 53.14
N LEU M 158 -16.73 -70.21 54.27
CA LEU M 158 -15.50 -70.97 54.40
C LEU M 158 -15.66 -71.93 55.57
N LEU M 159 -14.95 -73.06 55.49
CA LEU M 159 -14.91 -74.03 56.57
C LEU M 159 -13.46 -74.24 56.97
N VAL M 160 -13.20 -74.22 58.26
CA VAL M 160 -11.87 -74.52 58.79
C VAL M 160 -11.98 -75.76 59.68
N GLY M 161 -11.17 -76.76 59.40
CA GLY M 161 -11.16 -77.97 60.18
C GLY M 161 -9.89 -78.08 61.00
N ASP M 162 -10.04 -78.11 62.32
CA ASP M 162 -8.89 -78.29 63.21
C ASP M 162 -8.53 -79.77 63.30
N TYR M 163 -8.09 -80.30 62.17
CA TYR M 163 -7.68 -81.69 62.08
C TYR M 163 -6.45 -81.79 61.18
N SER M 164 -5.68 -82.85 61.37
CA SER M 164 -4.56 -83.17 60.51
C SER M 164 -4.91 -84.40 59.68
N PHE M 165 -4.50 -84.40 58.42
CA PHE M 165 -4.83 -85.48 57.50
C PHE M 165 -3.54 -86.13 57.02
N GLY M 166 -3.44 -87.43 57.23
CA GLY M 166 -2.29 -88.20 56.82
C GLY M 166 -2.54 -88.98 55.55
N ARG M 167 -1.70 -89.98 55.32
CA ARG M 167 -1.82 -90.84 54.15
C ARG M 167 -2.75 -92.03 54.39
N HIS M 168 -3.32 -92.14 55.59
CA HIS M 168 -4.17 -93.27 55.91
C HIS M 168 -5.39 -93.31 54.98
N PRO M 169 -5.84 -94.49 54.57
CA PRO M 169 -7.00 -94.55 53.66
C PRO M 169 -8.24 -93.88 54.21
N GLN M 170 -8.51 -93.99 55.51
CA GLN M 170 -9.68 -93.32 56.06
C GLN M 170 -9.48 -91.80 56.10
N ASP M 171 -8.24 -91.33 56.26
CA ASP M 171 -7.98 -89.90 56.20
C ASP M 171 -8.31 -89.34 54.82
N ILE M 172 -7.85 -90.02 53.77
CA ILE M 172 -8.13 -89.56 52.41
C ILE M 172 -9.61 -89.70 52.08
N GLY M 173 -10.24 -90.77 52.56
CA GLY M 173 -11.68 -90.92 52.34
C GLY M 173 -12.47 -89.81 52.99
N LEU M 174 -12.13 -89.46 54.24
CA LEU M 174 -12.78 -88.36 54.91
C LEU M 174 -12.54 -87.05 54.18
N LEU M 175 -11.32 -86.84 53.69
CA LEU M 175 -11.03 -85.64 52.92
C LEU M 175 -11.90 -85.56 51.66
N GLU M 176 -12.10 -86.71 51.00
CA GLU M 176 -12.92 -86.73 49.80
C GLU M 176 -14.38 -86.40 50.12
N LYS M 177 -14.93 -87.02 51.16
CA LYS M 177 -16.32 -86.71 51.54
C LYS M 177 -16.49 -85.26 51.94
N LEU M 178 -15.53 -84.73 52.72
CA LEU M 178 -15.57 -83.33 53.10
C LEU M 178 -15.49 -82.43 51.88
N SER M 179 -14.66 -82.79 50.90
CA SER M 179 -14.56 -82.01 49.68
C SER M 179 -15.89 -82.01 48.94
N ASN M 180 -16.60 -83.14 48.94
CA ASN M 180 -17.90 -83.18 48.28
C ASN M 180 -18.88 -82.22 48.95
N VAL M 181 -18.94 -82.25 50.28
CA VAL M 181 -19.84 -81.33 50.98
C VAL M 181 -19.43 -79.87 50.73
N ALA M 182 -18.13 -79.60 50.80
CA ALA M 182 -17.62 -78.24 50.57
C ALA M 182 -17.96 -77.75 49.16
N ALA M 183 -17.78 -78.62 48.16
CA ALA M 183 -18.11 -78.26 46.79
C ALA M 183 -19.59 -77.97 46.63
N ALA M 184 -20.44 -78.81 47.23
CA ALA M 184 -21.88 -78.61 47.07
C ALA M 184 -22.30 -77.23 47.56
N ALA M 185 -21.80 -76.81 48.70
CA ALA M 185 -22.18 -75.54 49.30
C ALA M 185 -21.30 -74.38 48.87
N HIS M 186 -20.33 -74.61 47.98
CA HIS M 186 -19.35 -73.59 47.58
C HIS M 186 -18.67 -72.97 48.79
N ALA M 187 -18.22 -73.82 49.71
CA ALA M 187 -17.60 -73.37 50.95
C ALA M 187 -16.25 -74.07 51.09
N PRO M 188 -15.17 -73.43 50.64
CA PRO M 188 -13.86 -74.08 50.67
C PRO M 188 -13.47 -74.50 52.08
N PHE M 189 -12.82 -75.66 52.17
CA PHE M 189 -12.45 -76.29 53.43
C PHE M 189 -10.95 -76.18 53.61
N ILE M 190 -10.52 -75.82 54.82
CA ILE M 190 -9.12 -75.64 55.15
C ILE M 190 -8.78 -76.50 56.37
N ALA M 191 -7.73 -77.30 56.27
CA ALA M 191 -7.26 -78.12 57.38
C ALA M 191 -5.75 -78.20 57.33
N ALA M 192 -5.17 -79.12 58.09
CA ALA M 192 -3.72 -79.26 58.21
C ALA M 192 -3.24 -80.57 57.61
N ALA M 193 -2.08 -80.53 56.98
CA ALA M 193 -1.42 -81.75 56.52
C ALA M 193 -0.66 -82.40 57.67
N SER M 194 -0.86 -83.68 57.87
CA SER M 194 -0.08 -84.40 58.86
C SER M 194 1.33 -84.66 58.34
N PRO M 195 2.33 -84.68 59.23
CA PRO M 195 3.65 -85.14 58.80
C PRO M 195 3.64 -86.55 58.29
N ARG M 196 2.70 -87.39 58.76
CA ARG M 196 2.60 -88.74 58.26
C ARG M 196 2.25 -88.79 56.78
N LEU M 197 1.62 -87.74 56.25
CA LEU M 197 1.40 -87.66 54.81
C LEU M 197 2.72 -87.66 54.05
N PHE M 198 3.77 -87.10 54.65
CA PHE M 198 5.09 -87.04 54.05
C PHE M 198 5.98 -88.19 54.51
N ASP M 199 5.42 -89.17 55.22
CA ASP M 199 6.18 -90.27 55.83
C ASP M 199 7.22 -89.74 56.81
N MET M 200 6.86 -88.70 57.56
CA MET M 200 7.71 -88.14 58.61
C MET M 200 6.98 -88.23 59.94
N GLY M 201 7.75 -88.39 61.01
CA GLY M 201 7.17 -88.30 62.34
C GLY M 201 6.89 -86.88 62.77
N SER M 202 7.64 -85.93 62.23
CA SER M 202 7.48 -84.52 62.57
C SER M 202 7.94 -83.70 61.38
N PHE M 203 7.42 -82.47 61.29
CA PHE M 203 7.84 -81.58 60.23
C PHE M 203 9.22 -81.00 60.46
N THR M 204 9.86 -81.30 61.59
CA THR M 204 11.27 -80.97 61.76
C THR M 204 12.14 -81.71 60.75
N GLU M 205 11.63 -82.78 60.14
CA GLU M 205 12.33 -83.54 59.13
C GLU M 205 12.06 -83.05 57.70
N LEU M 206 11.37 -81.92 57.55
CA LEU M 206 10.90 -81.50 56.24
C LEU M 206 12.05 -81.12 55.31
N ALA M 207 13.15 -80.61 55.85
CA ALA M 207 14.29 -80.24 55.03
C ALA M 207 15.19 -81.42 54.67
N VAL M 208 14.95 -82.59 55.25
CA VAL M 208 15.84 -83.74 55.07
C VAL M 208 15.77 -84.32 53.66
N PRO M 209 14.61 -84.69 53.13
CA PRO M 209 14.58 -85.33 51.81
C PRO M 209 15.17 -84.43 50.72
N ARG M 210 15.89 -85.04 49.78
CA ARG M 210 16.41 -84.29 48.65
C ARG M 210 15.28 -83.78 47.77
N ASP M 211 14.30 -84.62 47.47
CA ASP M 211 13.23 -84.29 46.54
C ASP M 211 11.89 -84.67 47.15
N LEU M 212 11.07 -83.67 47.46
CA LEU M 212 9.76 -83.93 48.06
C LEU M 212 8.82 -84.64 47.10
N ALA M 213 8.85 -84.28 45.81
CA ALA M 213 7.94 -84.87 44.85
C ALA M 213 8.12 -86.38 44.75
N LYS M 214 9.35 -86.86 44.93
CA LYS M 214 9.62 -88.29 44.90
C LYS M 214 8.83 -89.03 45.99
N ILE M 215 8.63 -88.40 47.14
CA ILE M 215 7.86 -89.02 48.22
C ILE M 215 6.46 -89.38 47.74
N PHE M 216 5.85 -88.48 46.99
CA PHE M 216 4.45 -88.65 46.60
C PHE M 216 4.27 -89.56 45.39
N GLU M 217 5.33 -90.23 44.95
CA GLU M 217 5.21 -91.30 43.97
C GLU M 217 4.92 -92.65 44.62
N SER M 218 4.93 -92.72 45.93
CA SER M 218 4.80 -93.99 46.63
C SER M 218 3.44 -94.63 46.37
N GLN M 219 3.44 -95.96 46.34
CA GLN M 219 2.18 -96.70 46.20
C GLN M 219 1.23 -96.42 47.37
N GLU M 220 1.75 -96.01 48.51
CA GLU M 220 0.89 -95.66 49.64
C GLU M 220 0.10 -94.38 49.40
N LEU M 221 0.42 -93.61 48.36
CA LEU M 221 -0.24 -92.35 48.09
C LEU M 221 -1.07 -92.39 46.80
N ILE M 222 -1.50 -93.59 46.40
CA ILE M 222 -2.37 -93.72 45.23
C ILE M 222 -3.68 -92.97 45.46
N LYS M 223 -4.29 -93.18 46.64
CA LYS M 223 -5.55 -92.53 46.93
C LYS M 223 -5.40 -91.01 47.01
N TRP M 224 -4.28 -90.53 47.58
CA TRP M 224 -4.04 -89.10 47.65
C TRP M 224 -3.91 -88.49 46.26
N ARG M 225 -3.19 -89.15 45.36
CA ARG M 225 -3.06 -88.63 43.99
C ARG M 225 -4.40 -88.64 43.27
N ALA M 226 -5.19 -89.70 43.46
CA ALA M 226 -6.53 -89.74 42.89
C ALA M 226 -7.39 -88.59 43.42
N PHE M 227 -7.30 -88.33 44.73
CA PHE M 227 -8.04 -87.21 45.30
C PHE M 227 -7.61 -85.89 44.68
N ARG M 228 -6.30 -85.69 44.53
CA ARG M 228 -5.81 -84.48 43.87
C ARG M 228 -6.36 -84.35 42.46
N GLU M 229 -6.60 -85.48 41.79
CA GLU M 229 -7.16 -85.44 40.44
C GLU M 229 -8.64 -85.05 40.41
N SER M 230 -9.35 -85.16 41.53
CA SER M 230 -10.79 -84.95 41.52
C SER M 230 -11.14 -83.47 41.38
N GLU M 231 -12.33 -83.21 40.85
CA GLU M 231 -12.81 -81.84 40.70
C GLU M 231 -12.97 -81.17 42.06
N ASP M 232 -13.61 -81.85 43.01
CA ASP M 232 -13.98 -81.22 44.28
C ASP M 232 -12.79 -80.97 45.19
N SER M 233 -11.60 -81.46 44.84
CA SER M 233 -10.41 -81.20 45.66
C SER M 233 -10.01 -79.73 45.65
N ARG M 234 -10.52 -78.94 44.70
CA ARG M 234 -10.24 -77.50 44.72
C ARG M 234 -10.92 -76.81 45.90
N TYR M 235 -11.81 -77.49 46.61
CA TYR M 235 -12.43 -76.97 47.82
C TYR M 235 -11.75 -77.45 49.09
N VAL M 236 -10.56 -78.03 48.98
CA VAL M 236 -9.78 -78.47 50.13
C VAL M 236 -8.38 -77.90 50.01
N SER M 237 -7.94 -77.21 51.06
CA SER M 237 -6.56 -76.72 51.16
C SER M 237 -5.95 -77.28 52.44
N LEU M 238 -4.69 -77.68 52.35
CA LEU M 238 -3.97 -78.24 53.49
C LEU M 238 -2.77 -77.36 53.80
N VAL M 239 -2.64 -76.97 55.06
CA VAL M 239 -1.61 -76.06 55.51
C VAL M 239 -0.60 -76.83 56.35
N LEU M 240 0.66 -76.40 56.28
CA LEU M 240 1.73 -76.97 57.08
C LEU M 240 2.79 -75.89 57.24
N PRO M 241 3.68 -76.02 58.24
CA PRO M 241 3.65 -76.97 59.37
C PRO M 241 2.92 -76.37 60.56
N HIS M 242 3.13 -76.89 61.76
CA HIS M 242 2.48 -76.34 62.95
C HIS M 242 3.09 -75.00 63.32
N VAL M 243 2.31 -74.20 64.05
CA VAL M 243 2.71 -72.86 64.47
C VAL M 243 2.75 -72.83 66.00
N LEU M 244 3.79 -72.22 66.53
CA LEU M 244 3.95 -72.12 67.99
C LEU M 244 2.89 -71.19 68.56
N LEU M 245 2.17 -71.67 69.57
CA LEU M 245 1.16 -70.85 70.22
C LEU M 245 1.72 -70.24 71.49
N ALA M 271 8.30 -81.50 71.42
CA ALA M 271 6.94 -81.85 71.78
C ALA M 271 6.51 -81.15 73.06
N ARG M 272 7.47 -80.52 73.74
CA ARG M 272 7.18 -79.77 74.95
C ARG M 272 6.61 -78.39 74.68
N TYR M 273 6.68 -77.91 73.44
CA TYR M 273 6.10 -76.63 73.06
C TYR M 273 4.65 -76.84 72.61
N LEU M 274 3.83 -75.81 72.81
CA LEU M 274 2.42 -75.89 72.43
C LEU M 274 2.30 -75.58 70.93
N TRP M 275 2.21 -76.64 70.13
CA TRP M 275 2.11 -76.52 68.69
C TRP M 275 0.65 -76.55 68.27
N GLY M 276 0.25 -75.58 67.43
CA GLY M 276 -1.11 -75.46 66.99
C GLY M 276 -1.24 -75.64 65.48
N ASN M 277 -2.47 -75.88 65.06
CA ASN M 277 -2.79 -75.99 63.64
C ASN M 277 -2.60 -74.64 62.95
N ALA M 278 -1.89 -74.63 61.83
CA ALA M 278 -1.69 -73.39 61.09
C ALA M 278 -2.94 -72.98 60.30
N ALA M 279 -3.94 -73.87 60.22
CA ALA M 279 -5.21 -73.49 59.63
C ALA M 279 -5.85 -72.32 60.37
N TRP M 280 -5.64 -72.24 61.69
CA TRP M 280 -6.11 -71.09 62.45
C TRP M 280 -5.49 -69.81 61.93
N ALA M 281 -4.17 -69.83 61.70
CA ALA M 281 -3.48 -68.63 61.22
C ALA M 281 -3.95 -68.24 59.82
N LEU M 282 -4.13 -69.22 58.93
CA LEU M 282 -4.63 -68.90 57.59
C LEU M 282 -6.06 -68.35 57.66
N THR M 283 -6.91 -68.96 58.50
CA THR M 283 -8.26 -68.45 58.69
C THR M 283 -8.23 -67.01 59.20
N GLN M 284 -7.30 -66.70 60.10
CA GLN M 284 -7.17 -65.34 60.60
C GLN M 284 -6.78 -64.38 59.48
N ARG M 285 -5.87 -64.81 58.60
CA ARG M 285 -5.54 -63.99 57.43
C ARG M 285 -6.78 -63.72 56.60
N ILE M 286 -7.60 -64.76 56.38
CA ILE M 286 -8.81 -64.60 55.58
C ILE M 286 -9.79 -63.64 56.23
N THR M 287 -10.00 -63.77 57.54
CA THR M 287 -10.97 -62.90 58.21
C THR M 287 -10.46 -61.46 58.29
N GLU M 288 -9.15 -61.28 58.47
CA GLU M 288 -8.60 -59.92 58.40
C GLU M 288 -8.78 -59.31 57.01
N ALA M 289 -8.53 -60.10 55.96
CA ALA M 289 -8.74 -59.60 54.61
C ALA M 289 -10.18 -59.19 54.40
N PHE M 290 -11.12 -60.01 54.85
CA PHE M 290 -12.53 -59.64 54.69
C PHE M 290 -12.86 -58.38 55.48
N ALA M 291 -12.39 -58.29 56.73
CA ALA M 291 -12.72 -57.13 57.54
C ALA M 291 -12.19 -55.84 56.92
N ARG M 292 -10.98 -55.90 56.38
CA ARG M 292 -10.37 -54.69 55.82
C ARG M 292 -10.88 -54.35 54.43
N TYR M 293 -11.21 -55.36 53.62
CA TYR M 293 -11.48 -55.13 52.20
C TYR M 293 -12.81 -55.68 51.70
N GLY M 294 -13.50 -56.52 52.48
CA GLY M 294 -14.74 -57.10 52.02
C GLY M 294 -14.59 -58.31 51.12
N TRP M 295 -13.35 -58.71 50.81
CA TRP M 295 -13.07 -59.86 49.97
C TRP M 295 -11.80 -60.53 50.50
N CYS M 296 -11.65 -61.81 50.17
CA CYS M 296 -10.63 -62.65 50.80
C CYS M 296 -9.50 -63.05 49.84
N ALA M 297 -9.23 -62.23 48.83
CA ALA M 297 -8.15 -62.57 47.92
C ALA M 297 -6.77 -62.27 48.52
N ALA M 298 -6.66 -61.20 49.30
CA ALA M 298 -5.36 -60.71 49.76
C ALA M 298 -4.95 -61.48 51.00
N ILE M 299 -4.55 -62.73 50.80
CA ILE M 299 -4.21 -63.60 51.92
C ILE M 299 -2.86 -64.29 51.73
N ARG M 300 -1.96 -63.70 50.95
CA ARG M 300 -0.67 -64.34 50.72
C ARG M 300 0.41 -63.30 50.50
N GLY M 301 1.64 -63.66 50.86
CA GLY M 301 2.79 -62.83 50.60
C GLY M 301 3.11 -61.86 51.73
N VAL M 302 4.31 -61.29 51.64
CA VAL M 302 4.76 -60.33 52.65
C VAL M 302 3.85 -59.10 52.65
N GLU M 303 3.52 -58.60 51.46
CA GLU M 303 2.72 -57.39 51.32
C GLU M 303 1.31 -57.66 50.82
N GLY M 304 0.99 -58.90 50.47
CA GLY M 304 -0.32 -59.20 49.93
C GLY M 304 -1.28 -59.82 50.92
N GLY M 305 -0.98 -59.72 52.21
CA GLY M 305 -1.88 -60.22 53.24
C GLY M 305 -1.56 -61.58 53.81
N GLY M 306 -0.40 -62.16 53.49
CA GLY M 306 -0.01 -63.45 54.03
C GLY M 306 0.86 -63.42 55.27
N ALA M 307 1.06 -62.26 55.89
CA ALA M 307 1.98 -62.15 57.01
C ALA M 307 1.31 -62.52 58.32
N VAL M 308 1.92 -63.44 59.06
CA VAL M 308 1.48 -63.83 60.40
C VAL M 308 2.51 -63.27 61.37
N GLU M 309 2.15 -62.17 62.03
CA GLU M 309 3.07 -61.42 62.87
C GLU M 309 2.90 -61.76 64.34
N GLY M 310 3.87 -61.32 65.14
CA GLY M 310 3.79 -61.46 66.57
C GLY M 310 3.94 -62.87 67.10
N LEU M 311 4.65 -63.73 66.37
CA LEU M 311 4.83 -65.10 66.81
C LEU M 311 5.76 -65.15 68.02
N PRO M 312 5.65 -66.18 68.86
CA PRO M 312 6.57 -66.32 69.99
C PRO M 312 8.00 -66.54 69.53
N ALA M 313 8.91 -65.70 70.02
CA ALA M 313 10.32 -65.77 69.67
C ALA M 313 11.10 -66.19 70.91
N HIS M 314 11.28 -67.49 71.09
CA HIS M 314 11.98 -68.01 72.24
C HIS M 314 13.49 -68.00 72.02
N LYS M 326 14.98 -70.31 67.87
CA LYS M 326 14.03 -71.40 67.62
C LYS M 326 12.94 -70.99 66.64
N CYS M 327 12.73 -71.80 65.61
CA CYS M 327 11.72 -71.48 64.60
C CYS M 327 10.33 -71.55 65.22
N PRO M 328 9.53 -70.48 65.14
CA PRO M 328 8.14 -70.57 65.61
C PRO M 328 7.23 -71.40 64.70
N THR M 329 7.76 -71.96 63.61
CA THR M 329 6.98 -72.75 62.66
C THR M 329 7.59 -74.14 62.47
N GLU M 330 8.28 -74.65 63.48
CA GLU M 330 8.84 -76.00 63.56
C GLU M 330 10.01 -76.28 62.63
N VAL M 331 10.17 -75.50 61.56
CA VAL M 331 11.22 -75.79 60.60
C VAL M 331 11.34 -74.63 59.62
N ALA M 332 12.56 -74.31 59.23
CA ALA M 332 12.79 -73.33 58.18
C ALA M 332 12.45 -73.95 56.85
N ILE M 333 11.75 -73.22 56.00
CA ILE M 333 11.39 -73.68 54.67
C ILE M 333 12.04 -72.73 53.67
N THR M 334 12.98 -73.25 52.89
CA THR M 334 13.65 -72.44 51.88
C THR M 334 12.67 -72.10 50.76
N ASP M 335 13.08 -71.14 49.90
CA ASP M 335 12.27 -70.77 48.76
C ASP M 335 12.02 -71.98 47.85
N ARG M 336 13.05 -72.77 47.59
CA ARG M 336 12.90 -73.93 46.73
C ARG M 336 11.95 -74.96 47.33
N ARG M 337 12.08 -75.21 48.64
CA ARG M 337 11.19 -76.16 49.29
C ARG M 337 9.75 -75.64 49.34
N GLU M 338 9.58 -74.33 49.55
CA GLU M 338 8.24 -73.76 49.49
C GLU M 338 7.62 -73.97 48.12
N LYS M 339 8.40 -73.74 47.06
CA LYS M 339 7.88 -73.96 45.70
C LYS M 339 7.53 -75.43 45.46
N GLU M 340 8.38 -76.36 45.93
CA GLU M 340 8.05 -77.78 45.84
C GLU M 340 6.72 -78.08 46.52
N LEU M 341 6.55 -77.59 47.74
CA LEU M 341 5.31 -77.86 48.49
C LEU M 341 4.11 -77.28 47.77
N ASP M 342 4.24 -76.06 47.25
CA ASP M 342 3.15 -75.47 46.48
C ASP M 342 2.79 -76.34 45.30
N ALA M 343 3.79 -76.86 44.58
CA ALA M 343 3.52 -77.74 43.46
C ALA M 343 2.82 -79.03 43.89
N LEU M 344 3.04 -79.46 45.12
CA LEU M 344 2.46 -80.71 45.60
C LEU M 344 1.07 -80.52 46.22
N GLY M 345 0.55 -79.30 46.23
CA GLY M 345 -0.80 -79.07 46.69
C GLY M 345 -0.94 -78.64 48.13
N PHE M 346 0.04 -77.93 48.68
CA PHE M 346 0.03 -77.52 50.07
C PHE M 346 0.27 -76.02 50.17
N ILE M 347 -0.18 -75.45 51.29
CA ILE M 347 0.09 -74.06 51.63
C ILE M 347 1.06 -74.07 52.80
N ALA M 348 2.27 -73.58 52.58
CA ALA M 348 3.32 -73.64 53.59
C ALA M 348 3.46 -72.30 54.30
N LEU M 349 3.65 -72.36 55.61
CA LEU M 349 3.94 -71.19 56.43
C LEU M 349 5.45 -71.07 56.58
N CYS M 350 6.02 -69.95 56.13
CA CYS M 350 7.47 -69.79 56.02
C CYS M 350 7.95 -68.73 57.01
N HIS M 351 8.77 -69.16 57.96
CA HIS M 351 9.32 -68.25 58.97
C HIS M 351 10.38 -67.36 58.35
N LYS M 352 10.27 -66.05 58.59
CA LYS M 352 11.34 -65.13 58.24
C LYS M 352 12.46 -65.26 59.27
N LYS M 353 13.66 -65.57 58.80
CA LYS M 353 14.78 -65.82 59.69
C LYS M 353 15.06 -64.58 60.55
N ASN M 354 15.39 -64.82 61.82
CA ASN M 354 15.74 -63.77 62.77
C ASN M 354 14.60 -62.77 62.97
N SER M 355 13.38 -63.30 63.10
CA SER M 355 12.22 -62.45 63.27
C SER M 355 11.11 -63.24 63.96
N ASP M 356 10.05 -62.53 64.33
CA ASP M 356 8.86 -63.15 64.92
C ASP M 356 7.71 -63.19 63.92
N LEU M 357 8.02 -63.39 62.64
CA LEU M 357 7.05 -63.33 61.57
C LEU M 357 7.19 -64.54 60.67
N ALA M 358 6.06 -64.98 60.12
CA ALA M 358 6.03 -66.02 59.11
C ALA M 358 5.01 -65.63 58.06
N VAL M 359 5.17 -66.15 56.84
CA VAL M 359 4.38 -65.72 55.70
C VAL M 359 3.87 -66.94 54.94
N PHE M 360 2.58 -66.92 54.58
CA PHE M 360 2.03 -67.81 53.57
C PHE M 360 2.37 -67.23 52.20
N PHE M 361 3.39 -67.77 51.55
CA PHE M 361 3.73 -67.28 50.20
C PHE M 361 2.75 -67.82 49.17
N GLY M 362 2.40 -69.09 49.26
CA GLY M 362 1.50 -69.71 48.31
C GLY M 362 0.07 -69.76 48.82
N SER M 363 -0.86 -70.00 47.91
CA SER M 363 -2.25 -70.19 48.26
C SER M 363 -2.88 -71.26 47.38
N GLN M 364 -2.18 -72.37 47.20
CA GLN M 364 -2.60 -73.45 46.32
C GLN M 364 -3.52 -74.41 47.07
N THR M 365 -4.65 -74.77 46.46
CA THR M 365 -5.50 -75.82 47.00
C THR M 365 -4.87 -77.18 46.74
N THR M 366 -5.51 -78.25 47.21
CA THR M 366 -4.98 -79.58 46.95
C THR M 366 -5.23 -80.04 45.51
N ASN M 367 -6.03 -79.31 44.75
CA ASN M 367 -6.35 -79.73 43.39
C ASN M 367 -5.12 -79.65 42.50
N ARG M 368 -4.93 -80.68 41.68
CA ARG M 368 -3.86 -80.66 40.69
C ARG M 368 -4.46 -80.27 39.35
N PRO M 369 -4.15 -79.11 38.80
CA PRO M 369 -4.77 -78.69 37.54
C PRO M 369 -4.44 -79.65 36.41
N ARG M 370 -5.42 -79.88 35.55
CA ARG M 370 -5.19 -80.64 34.33
C ARG M 370 -4.39 -79.81 33.34
N VAL M 371 -3.64 -80.50 32.48
CA VAL M 371 -2.78 -79.86 31.49
C VAL M 371 -3.41 -80.06 30.11
N TYR M 372 -3.53 -78.98 29.36
CA TYR M 372 -4.23 -78.97 28.08
C TYR M 372 -3.29 -78.51 26.98
N ASN M 373 -3.82 -78.48 25.76
CA ASN M 373 -3.06 -78.07 24.59
C ASN M 373 -3.28 -76.61 24.21
N THR M 374 -4.00 -75.84 25.01
CA THR M 374 -4.19 -74.42 24.73
C THR M 374 -3.79 -73.61 25.97
N ASN M 375 -3.23 -72.41 25.71
CA ASN M 375 -2.84 -71.54 26.81
C ASN M 375 -4.03 -71.15 27.66
N GLU M 376 -5.17 -70.86 27.03
CA GLU M 376 -6.35 -70.42 27.77
C GLU M 376 -6.84 -71.50 28.73
N ALA M 377 -6.91 -72.74 28.26
CA ALA M 377 -7.37 -73.84 29.13
C ALA M 377 -6.40 -74.07 30.28
N ASN M 378 -5.09 -74.04 30.00
CA ASN M 378 -4.11 -74.21 31.07
C ASN M 378 -4.23 -73.10 32.10
N ALA M 379 -4.33 -71.85 31.65
CA ALA M 379 -4.46 -70.74 32.57
C ALA M 379 -5.71 -70.88 33.43
N ASN M 380 -6.83 -71.24 32.80
CA ASN M 380 -8.08 -71.37 33.55
C ASN M 380 -8.00 -72.51 34.56
N ALA M 381 -7.41 -73.64 34.17
CA ALA M 381 -7.25 -74.75 35.11
C ALA M 381 -6.37 -74.36 36.29
N ARG M 382 -5.29 -73.62 36.03
CA ARG M 382 -4.37 -73.26 37.10
C ARG M 382 -5.03 -72.35 38.12
N ILE M 383 -5.73 -71.30 37.67
CA ILE M 383 -6.31 -70.34 38.61
C ILE M 383 -7.51 -70.93 39.33
N SER M 384 -8.19 -71.90 38.72
CA SER M 384 -9.29 -72.57 39.39
C SER M 384 -8.82 -73.52 40.49
N ALA M 385 -7.52 -73.64 40.69
CA ALA M 385 -6.95 -74.41 41.78
C ALA M 385 -6.34 -73.52 42.87
N MET M 386 -6.54 -72.20 42.80
CA MET M 386 -5.95 -71.27 43.75
C MET M 386 -6.99 -70.84 44.78
N LEU M 387 -6.63 -70.95 46.05
CA LEU M 387 -7.57 -70.65 47.13
C LEU M 387 -8.18 -69.25 47.06
N PRO M 388 -7.43 -68.16 46.83
CA PRO M 388 -8.08 -66.84 46.78
C PRO M 388 -9.16 -66.75 45.71
N TYR M 389 -8.86 -67.24 44.50
CA TYR M 389 -9.82 -67.14 43.42
C TYR M 389 -11.02 -68.05 43.65
N VAL M 390 -10.78 -69.25 44.22
CA VAL M 390 -11.88 -70.14 44.53
C VAL M 390 -12.79 -69.54 45.59
N LEU M 391 -12.20 -68.86 46.59
CA LEU M 391 -13.00 -68.17 47.59
C LEU M 391 -13.86 -67.08 46.96
N ALA M 392 -13.28 -66.30 46.05
CA ALA M 392 -14.06 -65.26 45.38
C ALA M 392 -15.20 -65.85 44.57
N ALA M 393 -14.91 -66.92 43.80
CA ALA M 393 -15.94 -67.55 42.99
C ALA M 393 -17.06 -68.12 43.87
N SER M 394 -16.69 -68.69 45.02
CA SER M 394 -17.68 -69.22 45.95
C SER M 394 -18.56 -68.11 46.52
N ARG M 395 -17.96 -66.96 46.86
CA ARG M 395 -18.76 -65.83 47.32
C ARG M 395 -19.76 -65.41 46.26
N PHE M 396 -19.33 -65.38 45.00
CA PHE M 396 -20.27 -65.02 43.95
C PHE M 396 -21.36 -66.06 43.78
N ALA M 397 -21.04 -67.34 43.99
CA ALA M 397 -22.08 -68.36 43.99
C ALA M 397 -23.12 -68.09 45.08
N HIS M 398 -22.67 -67.73 46.28
CA HIS M 398 -23.60 -67.44 47.36
C HIS M 398 -24.50 -66.26 47.02
N TYR M 399 -23.89 -65.19 46.50
CA TYR M 399 -24.68 -64.02 46.13
C TYR M 399 -25.69 -64.35 45.04
N LEU M 400 -25.27 -65.12 44.03
CA LEU M 400 -26.17 -65.49 42.96
C LEU M 400 -27.35 -66.30 43.50
N LYS M 401 -27.07 -67.27 44.36
CA LYS M 401 -28.14 -68.04 44.98
C LYS M 401 -29.15 -67.12 45.65
N VAL M 402 -28.67 -66.18 46.47
CA VAL M 402 -29.60 -65.36 47.25
C VAL M 402 -30.41 -64.43 46.34
N ILE M 403 -29.75 -63.72 45.44
CA ILE M 403 -30.47 -62.71 44.65
C ILE M 403 -31.41 -63.37 43.66
N MET M 404 -30.98 -64.46 43.02
CA MET M 404 -31.89 -65.13 42.09
C MET M 404 -33.03 -65.82 42.81
N ARG M 405 -32.81 -66.33 44.03
CA ARG M 405 -33.93 -66.80 44.82
C ARG M 405 -34.94 -65.69 45.05
N ASP M 406 -34.45 -64.46 45.27
CA ASP M 406 -35.36 -63.33 45.41
C ASP M 406 -36.09 -63.03 44.10
N LYS M 407 -35.50 -63.36 42.96
CA LYS M 407 -36.14 -63.04 41.67
C LYS M 407 -37.08 -64.13 41.16
N VAL M 408 -37.14 -65.30 41.79
CA VAL M 408 -38.06 -66.34 41.34
C VAL M 408 -39.49 -65.83 41.46
N GLY M 409 -40.28 -66.01 40.40
CA GLY M 409 -41.68 -65.61 40.38
C GLY M 409 -41.94 -64.26 39.78
N SER M 410 -40.92 -63.41 39.64
CA SER M 410 -41.08 -62.13 38.96
C SER M 410 -41.14 -62.34 37.45
N PHE M 411 -41.78 -61.39 36.76
CA PHE M 411 -41.86 -61.43 35.29
C PHE M 411 -40.48 -61.12 34.71
N MET M 412 -39.83 -62.13 34.15
CA MET M 412 -38.47 -61.95 33.64
C MET M 412 -38.26 -62.76 32.37
N THR M 413 -37.81 -62.08 31.32
CA THR M 413 -37.35 -62.74 30.11
C THR M 413 -35.88 -63.15 30.28
N ARG M 414 -35.35 -63.82 29.27
CA ARG M 414 -33.92 -64.13 29.26
C ARG M 414 -33.08 -62.86 29.29
N ASP M 415 -33.48 -61.86 28.49
CA ASP M 415 -32.74 -60.60 28.46
C ASP M 415 -32.85 -59.86 29.79
N ASN M 416 -34.02 -59.91 30.45
CA ASN M 416 -34.15 -59.28 31.75
C ASN M 416 -33.14 -59.88 32.74
N VAL M 417 -33.03 -61.21 32.75
CA VAL M 417 -32.11 -61.88 33.66
C VAL M 417 -30.68 -61.48 33.35
N GLN M 418 -30.31 -61.50 32.06
CA GLN M 418 -28.95 -61.14 31.68
C GLN M 418 -28.61 -59.71 32.09
N THR M 419 -29.52 -58.78 31.79
CA THR M 419 -29.29 -57.38 32.14
C THR M 419 -29.15 -57.22 33.65
N TYR M 420 -30.04 -57.83 34.42
CA TYR M 420 -29.97 -57.70 35.87
C TYR M 420 -28.66 -58.24 36.42
N LEU M 421 -28.25 -59.42 35.97
CA LEU M 421 -27.05 -60.03 36.52
C LEU M 421 -25.79 -59.27 36.12
N ASN M 422 -25.73 -58.77 34.88
CA ASN M 422 -24.56 -58.00 34.48
C ASN M 422 -24.52 -56.65 35.17
N ASN M 423 -25.68 -56.04 35.41
CA ASN M 423 -25.74 -54.80 36.17
C ASN M 423 -25.27 -55.02 37.60
N TRP M 424 -25.71 -56.11 38.21
CA TRP M 424 -25.39 -56.37 39.61
C TRP M 424 -23.90 -56.60 39.81
N ILE M 425 -23.27 -57.37 38.91
CA ILE M 425 -21.87 -57.74 39.09
C ILE M 425 -20.91 -56.61 38.76
N ALA M 426 -21.37 -55.57 38.04
CA ALA M 426 -20.48 -54.50 37.59
C ALA M 426 -19.85 -53.75 38.76
N ASP M 427 -20.53 -53.71 39.91
CA ASP M 427 -20.01 -52.97 41.06
C ASP M 427 -18.76 -53.59 41.66
N TYR M 428 -18.42 -54.83 41.30
CA TYR M 428 -17.28 -55.52 41.88
C TYR M 428 -16.08 -55.55 40.94
N VAL M 429 -16.12 -54.78 39.85
CA VAL M 429 -15.11 -54.83 38.80
C VAL M 429 -14.26 -53.57 38.90
N LEU M 430 -12.94 -53.74 38.88
CA LEU M 430 -11.99 -52.64 38.86
C LEU M 430 -11.10 -52.77 37.63
N ILE M 431 -11.16 -51.77 36.75
CA ILE M 431 -10.43 -51.83 35.49
C ILE M 431 -8.97 -51.40 35.65
N ASN M 432 -8.70 -50.49 36.59
CA ASN M 432 -7.39 -49.86 36.70
C ASN M 432 -6.37 -50.85 37.28
N ASP M 433 -5.47 -51.34 36.42
CA ASP M 433 -4.42 -52.25 36.88
C ASP M 433 -3.25 -51.52 37.53
N ASN M 434 -3.25 -50.19 37.53
CA ASN M 434 -2.25 -49.41 38.23
C ASN M 434 -2.68 -49.02 39.64
N ALA M 435 -3.86 -49.43 40.08
CA ALA M 435 -4.29 -49.14 41.43
C ALA M 435 -3.38 -49.85 42.44
N PRO M 436 -3.18 -49.28 43.62
CA PRO M 436 -2.33 -49.91 44.61
C PRO M 436 -2.91 -51.21 45.13
N GLN M 437 -2.09 -51.93 45.89
CA GLN M 437 -2.50 -53.25 46.41
C GLN M 437 -3.75 -53.14 47.26
N GLU M 438 -3.84 -52.13 48.13
CA GLU M 438 -4.96 -51.99 49.03
C GLU M 438 -6.27 -51.74 48.27
N ILE M 439 -6.20 -51.12 47.10
CA ILE M 439 -7.41 -50.91 46.31
C ILE M 439 -7.80 -52.18 45.58
N LYS M 440 -6.84 -52.83 44.92
CA LYS M 440 -7.13 -54.08 44.21
C LYS M 440 -7.68 -55.13 45.15
N ALA M 441 -7.26 -55.11 46.41
CA ALA M 441 -7.79 -56.07 47.38
C ALA M 441 -9.30 -55.92 47.57
N GLN M 442 -9.84 -54.73 47.35
CA GLN M 442 -11.26 -54.46 47.57
C GLN M 442 -12.14 -54.88 46.41
N TYR M 443 -11.59 -55.18 45.25
CA TYR M 443 -12.39 -55.55 44.07
C TYR M 443 -11.96 -56.91 43.57
N PRO M 444 -12.81 -57.93 43.66
CA PRO M 444 -12.39 -59.29 43.26
C PRO M 444 -12.21 -59.47 41.76
N LEU M 445 -12.72 -58.56 40.93
CA LEU M 445 -12.77 -58.80 39.50
C LEU M 445 -12.06 -57.70 38.73
N ARG M 446 -11.37 -58.09 37.66
CA ARG M 446 -10.92 -57.16 36.64
C ARG M 446 -11.84 -57.12 35.43
N GLU M 447 -12.55 -58.22 35.17
CA GLU M 447 -13.58 -58.29 34.15
C GLU M 447 -14.60 -59.33 34.57
N ALA M 448 -15.83 -59.16 34.09
CA ALA M 448 -16.87 -60.15 34.31
C ALA M 448 -17.92 -60.03 33.20
N ARG M 449 -18.60 -61.15 32.95
CA ARG M 449 -19.71 -61.15 32.00
C ARG M 449 -20.61 -62.32 32.31
N VAL M 450 -21.91 -62.11 32.20
CA VAL M 450 -22.93 -63.14 32.41
C VAL M 450 -23.65 -63.35 31.09
N ASP M 451 -23.70 -64.60 30.64
CA ASP M 451 -24.44 -64.99 29.44
C ASP M 451 -25.62 -65.86 29.85
N VAL M 452 -26.81 -65.50 29.40
CA VAL M 452 -28.02 -66.21 29.78
C VAL M 452 -28.70 -66.75 28.52
N SER M 453 -29.18 -67.99 28.59
CA SER M 453 -29.87 -68.63 27.48
C SER M 453 -31.16 -69.26 27.97
N GLU M 454 -32.12 -69.39 27.06
CA GLU M 454 -33.38 -70.04 27.36
C GLU M 454 -33.26 -71.56 27.26
N VAL M 455 -34.16 -72.26 27.92
CA VAL M 455 -34.29 -73.70 27.80
C VAL M 455 -35.52 -73.98 26.95
N VAL M 456 -35.32 -74.63 25.80
CA VAL M 456 -36.42 -74.82 24.87
C VAL M 456 -37.53 -75.63 25.51
N GLY M 457 -38.76 -75.19 25.29
CA GLY M 457 -39.92 -75.89 25.79
C GLY M 457 -40.27 -75.62 27.24
N LYS M 458 -39.53 -74.75 27.92
CA LYS M 458 -39.75 -74.48 29.35
C LYS M 458 -39.77 -72.98 29.59
N PRO M 459 -40.94 -72.35 29.48
CA PRO M 459 -41.02 -70.91 29.76
C PRO M 459 -40.53 -70.59 31.16
N GLY M 460 -39.76 -69.51 31.27
CA GLY M 460 -39.24 -69.07 32.56
C GLY M 460 -38.09 -69.89 33.13
N VAL M 461 -37.51 -70.80 32.36
CA VAL M 461 -36.38 -71.61 32.78
C VAL M 461 -35.16 -71.18 31.97
N TYR M 462 -34.06 -70.86 32.67
CA TYR M 462 -32.89 -70.30 32.02
C TYR M 462 -31.62 -70.95 32.52
N ARG M 463 -30.57 -70.86 31.71
CA ARG M 463 -29.23 -71.27 32.07
C ARG M 463 -28.28 -70.09 31.88
N ALA M 464 -27.32 -69.95 32.78
CA ALA M 464 -26.38 -68.85 32.72
C ALA M 464 -24.95 -69.36 32.89
N THR M 465 -24.01 -68.63 32.28
CA THR M 465 -22.59 -68.84 32.52
C THR M 465 -22.01 -67.52 33.02
N VAL M 466 -21.32 -67.58 34.15
CA VAL M 466 -20.74 -66.40 34.79
C VAL M 466 -19.23 -66.50 34.63
N PHE M 467 -18.66 -65.62 33.83
CA PHE M 467 -17.22 -65.56 33.63
C PHE M 467 -16.63 -64.52 34.56
N LEU M 468 -15.69 -64.95 35.40
CA LEU M 468 -15.03 -64.09 36.37
C LEU M 468 -13.54 -64.03 36.07
N ARG M 469 -13.04 -62.83 35.80
CA ARG M 469 -11.61 -62.64 35.58
C ARG M 469 -11.03 -61.88 36.76
N PRO M 470 -10.35 -62.54 37.69
CA PRO M 470 -9.85 -61.86 38.88
C PRO M 470 -8.60 -61.04 38.57
N HIS M 471 -8.19 -60.25 39.55
CA HIS M 471 -6.87 -59.64 39.54
C HIS M 471 -5.86 -60.70 39.98
N PHE M 472 -4.84 -60.93 39.16
CA PHE M 472 -3.92 -62.03 39.39
C PHE M 472 -2.75 -61.61 40.26
N GLN M 473 -2.31 -62.53 41.11
CA GLN M 473 -1.24 -62.29 42.05
C GLN M 473 0.06 -62.89 41.53
N LEU M 474 1.17 -62.21 41.82
CA LEU M 474 2.48 -62.66 41.34
C LEU M 474 2.81 -64.02 41.92
N GLU M 475 3.21 -64.94 41.04
CA GLU M 475 3.56 -66.31 41.42
C GLU M 475 5.05 -66.59 41.30
N GLU M 476 5.65 -66.27 40.15
CA GLU M 476 7.04 -66.61 39.86
C GLU M 476 7.66 -65.51 39.01
N LEU M 477 8.98 -65.39 39.11
CA LEU M 477 9.74 -64.49 38.24
C LEU M 477 11.08 -65.12 37.95
N THR M 478 11.39 -65.29 36.67
CA THR M 478 12.70 -65.74 36.23
C THR M 478 13.42 -64.56 35.60
N ALA M 479 14.59 -64.23 36.11
CA ALA M 479 15.31 -63.03 35.70
C ALA M 479 16.70 -63.39 35.19
N SER M 480 17.12 -62.70 34.13
CA SER M 480 18.46 -62.82 33.60
C SER M 480 19.15 -61.46 33.72
N ILE M 481 20.27 -61.43 34.43
CA ILE M 481 21.05 -60.21 34.61
C ILE M 481 22.20 -60.21 33.61
N ARG M 482 22.40 -59.09 32.92
CA ARG M 482 23.36 -59.00 31.83
C ARG M 482 24.09 -57.66 31.89
N LEU M 483 25.40 -57.70 32.10
CA LEU M 483 26.23 -56.51 31.96
C LEU M 483 26.43 -56.21 30.48
N VAL M 484 26.22 -54.96 30.08
CA VAL M 484 26.37 -54.56 28.69
C VAL M 484 27.13 -53.25 28.60
N ALA M 485 27.91 -53.10 27.53
CA ALA M 485 28.53 -51.81 27.24
C ALA M 485 27.53 -50.82 26.67
N THR M 486 26.50 -51.31 25.98
CA THR M 486 25.44 -50.47 25.44
C THR M 486 24.10 -51.20 25.61
N LEU M 487 23.07 -50.44 25.95
CA LEU M 487 21.75 -51.04 26.16
C LEU M 487 21.17 -51.50 24.82
N PRO M 488 20.86 -52.78 24.66
CA PRO M 488 20.17 -53.22 23.44
C PRO M 488 18.73 -52.76 23.46
N PRO M 489 18.09 -52.65 22.28
CA PRO M 489 16.67 -52.31 22.26
C PRO M 489 15.84 -53.44 22.83
N PRO M 490 14.66 -53.15 23.38
CA PRO M 490 13.83 -54.18 24.00
C PRO M 490 13.24 -55.17 23.00
N GLU N 3 -46.55 -51.69 51.41
CA GLU N 3 -47.08 -50.50 50.77
C GLU N 3 -47.35 -49.39 51.80
N SER N 4 -46.91 -48.18 51.49
CA SER N 4 -47.19 -47.04 52.35
C SER N 4 -48.68 -46.75 52.40
N THR N 5 -49.16 -46.31 53.57
CA THR N 5 -50.55 -45.92 53.71
C THR N 5 -50.89 -44.76 52.78
N GLN N 6 -49.89 -43.93 52.44
CA GLN N 6 -50.12 -42.87 51.47
C GLN N 6 -50.58 -43.43 50.14
N HIS N 7 -49.97 -44.54 49.71
CA HIS N 7 -50.34 -45.15 48.44
C HIS N 7 -51.65 -45.93 48.51
N LYS N 8 -52.06 -46.38 49.69
CA LYS N 8 -53.39 -46.96 49.83
C LYS N 8 -54.46 -45.92 49.53
N LEU N 9 -54.24 -44.68 49.94
CA LEU N 9 -55.17 -43.60 49.66
C LEU N 9 -55.22 -43.22 48.19
N ASP N 10 -54.28 -43.72 47.37
CA ASP N 10 -54.44 -43.61 45.93
C ASP N 10 -55.69 -44.33 45.45
N ARG N 11 -56.07 -45.41 46.11
CA ARG N 11 -57.13 -46.30 45.64
C ARG N 11 -58.41 -46.23 46.44
N ILE N 12 -58.33 -46.02 47.75
CA ILE N 12 -59.48 -46.11 48.64
C ILE N 12 -60.01 -44.71 48.89
N ARG N 13 -61.10 -44.36 48.21
CA ARG N 13 -61.75 -43.07 48.34
C ARG N 13 -60.74 -41.91 48.28
N PRO N 14 -60.00 -41.78 47.18
CA PRO N 14 -58.92 -40.79 47.15
C PRO N 14 -59.47 -39.38 47.11
N PRO N 15 -58.73 -38.41 47.64
CA PRO N 15 -59.11 -37.00 47.46
C PRO N 15 -58.75 -36.52 46.07
N ARG N 16 -59.24 -35.31 45.75
CA ARG N 16 -58.85 -34.67 44.49
C ARG N 16 -57.35 -34.39 44.44
N VAL N 17 -56.80 -33.91 45.54
CA VAL N 17 -55.37 -33.59 45.65
C VAL N 17 -54.75 -34.66 46.52
N GLN N 18 -54.08 -35.62 45.88
CA GLN N 18 -53.50 -36.77 46.57
C GLN N 18 -51.98 -36.66 46.52
N ILE N 19 -51.34 -36.65 47.69
CA ILE N 19 -49.92 -36.37 47.81
C ILE N 19 -49.25 -37.52 48.56
N THR N 20 -48.14 -38.01 48.02
CA THR N 20 -47.35 -39.06 48.65
C THR N 20 -45.88 -38.64 48.68
N TYR N 21 -45.13 -39.26 49.56
CA TYR N 21 -43.68 -39.11 49.57
C TYR N 21 -43.06 -40.37 48.97
N ASP N 22 -42.03 -40.18 48.15
CA ASP N 22 -41.34 -41.30 47.53
C ASP N 22 -39.84 -41.04 47.49
N VAL N 23 -39.08 -42.12 47.61
CA VAL N 23 -37.63 -42.08 47.44
C VAL N 23 -37.33 -42.15 45.94
N GLU N 24 -36.59 -41.17 45.44
CA GLU N 24 -36.20 -41.15 44.03
C GLU N 24 -35.00 -42.09 43.85
N THR N 25 -35.24 -43.27 43.27
CA THR N 25 -34.17 -44.23 43.06
C THR N 25 -33.83 -44.47 41.60
N GLY N 26 -34.58 -43.88 40.67
CA GLY N 26 -34.27 -44.05 39.26
C GLY N 26 -34.29 -45.52 38.86
N ASN N 27 -33.26 -45.95 38.12
CA ASN N 27 -33.13 -47.32 37.67
C ASN N 27 -32.22 -48.15 38.57
N ALA N 28 -31.99 -47.71 39.80
CA ALA N 28 -31.09 -48.42 40.69
C ALA N 28 -31.70 -49.73 41.19
N ILE N 29 -30.84 -50.70 41.44
CA ILE N 29 -31.25 -51.98 42.02
C ILE N 29 -30.69 -52.06 43.44
N GLU N 30 -31.44 -52.75 44.30
CA GLU N 30 -31.01 -52.93 45.68
C GLU N 30 -29.83 -53.89 45.75
N LYS N 31 -28.88 -53.59 46.63
CA LYS N 31 -27.67 -54.39 46.79
C LYS N 31 -27.68 -55.00 48.19
N LYS N 32 -28.26 -56.18 48.31
CA LYS N 32 -28.22 -56.89 49.58
C LYS N 32 -26.82 -57.45 49.82
N GLU N 33 -26.32 -57.26 51.04
CA GLU N 33 -24.99 -57.73 51.41
C GLU N 33 -25.09 -59.00 52.24
N LEU N 34 -24.16 -59.92 52.01
CA LEU N 34 -24.09 -61.13 52.80
C LEU N 34 -22.92 -61.06 53.77
N PRO N 35 -23.10 -61.48 55.02
CA PRO N 35 -21.96 -61.55 55.94
C PRO N 35 -21.02 -62.66 55.54
N LEU N 36 -19.77 -62.52 55.96
CA LEU N 36 -18.84 -63.63 55.90
C LEU N 36 -19.13 -64.57 57.06
N VAL N 37 -19.39 -65.83 56.75
CA VAL N 37 -19.67 -66.84 57.76
C VAL N 37 -18.59 -67.91 57.69
N VAL N 38 -17.85 -68.07 58.77
CA VAL N 38 -16.81 -69.09 58.86
C VAL N 38 -17.34 -70.23 59.70
N GLY N 39 -17.39 -71.43 59.12
CA GLY N 39 -17.75 -72.62 59.86
C GLY N 39 -16.52 -73.32 60.42
N ILE N 40 -16.48 -73.52 61.72
CA ILE N 40 -15.33 -74.11 62.40
C ILE N 40 -15.70 -75.51 62.86
N LEU N 41 -14.89 -76.50 62.48
CA LEU N 41 -15.06 -77.88 62.91
C LEU N 41 -13.88 -78.22 63.81
N ALA N 42 -14.15 -78.48 65.09
CA ALA N 42 -13.08 -78.74 66.04
C ALA N 42 -13.53 -79.72 67.09
N ASP N 43 -12.59 -80.58 67.53
CA ASP N 43 -12.84 -81.56 68.57
C ASP N 43 -12.47 -80.91 69.90
N LEU N 44 -13.45 -80.26 70.52
CA LEU N 44 -13.19 -79.46 71.71
C LEU N 44 -13.62 -80.18 72.99
N MET N 56 -26.40 -85.11 64.41
CA MET N 56 -27.63 -84.56 63.87
C MET N 56 -28.24 -83.55 64.84
N GLU N 57 -28.10 -83.81 66.13
CA GLU N 57 -28.68 -82.95 67.15
C GLU N 57 -27.76 -81.82 67.59
N ARG N 58 -26.51 -81.82 67.16
CA ARG N 58 -25.63 -80.70 67.43
C ARG N 58 -25.87 -79.58 66.42
N ARG N 59 -25.23 -78.45 66.64
CA ARG N 59 -25.47 -77.30 65.78
C ARG N 59 -24.21 -76.43 65.74
N PHE N 60 -24.15 -75.59 64.71
CA PHE N 60 -23.13 -74.57 64.59
C PHE N 60 -23.52 -73.40 65.48
N VAL N 61 -22.87 -73.28 66.63
CA VAL N 61 -23.19 -72.22 67.58
C VAL N 61 -22.31 -71.01 67.28
N GLU N 62 -22.93 -69.84 67.20
CA GLU N 62 -22.17 -68.63 66.91
C GLU N 62 -21.28 -68.28 68.09
N ILE N 63 -20.02 -67.96 67.80
CA ILE N 63 -19.02 -67.71 68.83
C ILE N 63 -18.33 -66.38 68.52
N ASN N 64 -18.04 -65.62 69.57
CA ASN N 64 -17.42 -64.32 69.42
C ASN N 64 -16.71 -63.99 70.73
N ARG N 65 -16.01 -62.85 70.75
CA ARG N 65 -15.23 -62.47 71.92
C ARG N 65 -16.12 -62.29 73.15
N ASP N 66 -17.40 -61.97 72.97
CA ASP N 66 -18.28 -61.73 74.10
C ASP N 66 -18.69 -63.02 74.80
N ASN N 67 -19.06 -64.05 74.04
CA ASN N 67 -19.65 -65.26 74.62
C ASN N 67 -18.67 -66.43 74.63
N PHE N 68 -17.38 -66.17 74.40
CA PHE N 68 -16.41 -67.26 74.25
C PHE N 68 -16.36 -68.14 75.49
N ASN N 69 -16.33 -67.51 76.68
CA ASN N 69 -16.26 -68.30 77.91
C ASN N 69 -17.55 -69.07 78.13
N ASP N 70 -18.69 -68.50 77.75
CA ASP N 70 -19.95 -69.24 77.87
C ASP N 70 -19.95 -70.49 77.00
N VAL N 71 -19.42 -70.40 75.78
CA VAL N 71 -19.35 -71.56 74.92
C VAL N 71 -18.34 -72.57 75.46
N LEU N 72 -17.23 -72.08 76.00
CA LEU N 72 -16.29 -72.98 76.67
C LEU N 72 -16.96 -73.73 77.81
N ALA N 73 -17.76 -73.03 78.62
CA ALA N 73 -18.45 -73.68 79.73
C ALA N 73 -19.46 -74.69 79.23
N SER N 74 -20.23 -74.34 78.20
CA SER N 74 -21.25 -75.26 77.70
C SER N 74 -20.62 -76.50 77.09
N ILE N 75 -19.46 -76.36 76.46
CA ILE N 75 -18.72 -77.53 76.00
C ILE N 75 -18.13 -78.28 77.19
N ALA N 76 -17.60 -77.54 78.17
CA ALA N 76 -17.04 -78.07 79.40
C ALA N 76 -15.96 -79.11 79.13
N PRO N 77 -14.81 -78.72 78.56
CA PRO N 77 -13.73 -79.68 78.29
C PRO N 77 -13.08 -80.21 79.56
N GLN O 90 -91.80 -23.15 57.85
CA GLN O 90 -90.39 -23.35 57.53
C GLN O 90 -90.20 -23.66 56.06
N LYS O 91 -90.88 -24.72 55.58
CA LYS O 91 -90.71 -25.13 54.19
C LYS O 91 -91.18 -24.05 53.23
N LEU O 92 -92.31 -23.40 53.53
CA LEU O 92 -92.74 -22.27 52.72
C LEU O 92 -91.78 -21.10 52.86
N GLU O 93 -91.37 -20.79 54.10
CA GLU O 93 -90.47 -19.67 54.31
C GLU O 93 -89.13 -19.89 53.63
N ALA O 94 -88.62 -21.12 53.69
CA ALA O 94 -87.34 -21.43 53.05
C ALA O 94 -87.41 -21.24 51.55
N SER O 95 -88.51 -21.65 50.93
CA SER O 95 -88.67 -21.47 49.49
C SER O 95 -88.72 -19.99 49.12
N TRP O 96 -89.50 -19.21 49.86
CA TRP O 96 -89.63 -17.79 49.55
C TRP O 96 -88.35 -17.04 49.85
N ARG O 97 -87.70 -17.35 50.97
CA ARG O 97 -86.46 -16.67 51.31
C ARG O 97 -85.34 -17.06 50.34
N GLY O 98 -85.29 -18.34 49.95
CA GLY O 98 -84.34 -18.73 48.93
C GLY O 98 -84.56 -18.01 47.62
N LEU O 99 -85.83 -17.90 47.20
CA LEU O 99 -86.14 -17.18 45.97
C LEU O 99 -85.78 -15.69 46.10
N HIS O 100 -86.11 -15.09 47.25
CA HIS O 100 -85.82 -13.67 47.43
C HIS O 100 -84.33 -13.40 47.38
N MET O 101 -83.52 -14.27 48.00
CA MET O 101 -82.08 -14.10 47.98
C MET O 101 -81.53 -14.20 46.56
N LEU O 102 -82.04 -15.14 45.77
CA LEU O 102 -81.61 -15.25 44.37
C LEU O 102 -82.01 -14.01 43.59
N VAL O 103 -83.25 -13.55 43.75
CA VAL O 103 -83.71 -12.39 43.01
C VAL O 103 -82.91 -11.15 43.39
N LYS O 104 -82.70 -10.93 44.69
CA LYS O 104 -82.00 -9.75 45.17
C LYS O 104 -80.54 -9.74 44.74
N ASN O 105 -79.92 -10.90 44.61
CA ASN O 105 -78.51 -11.01 44.32
C ASN O 105 -78.22 -11.25 42.84
N THR O 106 -79.22 -11.12 41.98
CA THR O 106 -79.06 -11.34 40.54
C THR O 106 -79.24 -10.02 39.81
N GLU O 107 -78.28 -9.70 38.95
CA GLU O 107 -78.34 -8.47 38.15
C GLU O 107 -79.30 -8.67 36.98
N THR O 108 -80.59 -8.71 37.31
CA THR O 108 -81.62 -8.80 36.30
C THR O 108 -81.66 -7.53 35.45
N GLY O 109 -82.04 -7.69 34.20
CA GLY O 109 -82.02 -6.56 33.28
C GLY O 109 -82.27 -7.01 31.85
N ALA O 110 -81.73 -6.24 30.91
CA ALA O 110 -81.92 -6.55 29.50
C ALA O 110 -81.34 -7.92 29.15
N ARG O 111 -80.21 -8.27 29.74
CA ARG O 111 -79.50 -9.49 29.40
C ARG O 111 -79.79 -10.66 30.33
N LEU O 112 -80.54 -10.46 31.41
CA LEU O 112 -80.73 -11.51 32.42
C LEU O 112 -82.14 -11.44 32.96
N LYS O 113 -82.89 -12.52 32.77
CA LYS O 113 -84.28 -12.60 33.22
C LYS O 113 -84.50 -13.83 34.09
N LEU O 114 -85.31 -13.67 35.13
CA LEU O 114 -85.79 -14.76 35.94
C LEU O 114 -87.29 -14.90 35.73
N ARG O 115 -87.74 -16.11 35.44
CA ARG O 115 -89.15 -16.40 35.22
C ARG O 115 -89.58 -17.53 36.15
N LEU O 116 -90.73 -17.37 36.78
CA LEU O 116 -91.14 -18.22 37.89
C LEU O 116 -92.44 -18.93 37.56
N LEU O 117 -92.45 -20.26 37.73
CA LEU O 117 -93.64 -21.07 37.58
C LEU O 117 -93.98 -21.67 38.94
N ASN O 118 -95.13 -21.30 39.48
CA ASN O 118 -95.58 -21.78 40.79
C ASN O 118 -96.30 -23.12 40.60
N VAL O 119 -95.67 -24.19 41.06
CA VAL O 119 -96.18 -25.54 40.82
C VAL O 119 -95.56 -26.48 41.86
N THR O 120 -96.37 -27.43 42.33
CA THR O 120 -95.90 -28.41 43.30
C THR O 120 -95.27 -29.61 42.59
N GLN O 121 -94.53 -30.41 43.37
CA GLN O 121 -93.88 -31.59 42.83
C GLN O 121 -94.90 -32.59 42.29
N LYS O 122 -96.00 -32.78 43.03
CA LYS O 122 -97.04 -33.70 42.60
C LYS O 122 -97.72 -33.23 41.32
N GLU O 123 -97.96 -31.93 41.19
CA GLU O 123 -98.55 -31.40 39.97
C GLU O 123 -97.64 -31.64 38.76
N LEU O 124 -96.33 -31.42 38.93
CA LEU O 124 -95.40 -31.72 37.84
C LEU O 124 -95.42 -33.19 37.47
N LEU O 125 -95.42 -34.06 38.48
CA LEU O 125 -95.48 -35.49 38.22
C LEU O 125 -96.73 -35.85 37.44
N ILE O 126 -97.88 -35.31 37.84
CA ILE O 126 -99.14 -35.64 37.18
C ILE O 126 -99.13 -35.11 35.74
N ASP O 127 -98.68 -33.87 35.54
CA ASP O 127 -98.65 -33.30 34.20
C ASP O 127 -97.75 -34.12 33.28
N LEU O 128 -96.60 -34.54 33.78
CA LEU O 128 -95.66 -35.27 32.93
C LEU O 128 -96.12 -36.70 32.68
N GLU O 129 -96.71 -37.36 33.68
CA GLU O 129 -97.11 -38.75 33.50
C GLU O 129 -98.37 -38.87 32.66
N LYS O 130 -99.32 -37.96 32.82
CA LYS O 130 -100.62 -38.08 32.16
C LYS O 130 -100.64 -37.51 30.76
N ALA O 131 -99.55 -36.89 30.30
CA ALA O 131 -99.53 -36.33 28.96
C ALA O 131 -99.74 -37.44 27.93
N VAL O 132 -100.54 -37.13 26.91
CA VAL O 132 -100.82 -38.10 25.86
C VAL O 132 -99.53 -38.49 25.14
N GLU O 133 -98.69 -37.51 24.84
CA GLU O 133 -97.38 -37.72 24.24
C GLU O 133 -96.37 -36.84 24.97
N PHE O 134 -95.08 -37.13 24.76
CA PHE O 134 -94.06 -36.40 25.52
C PHE O 134 -94.07 -34.91 25.23
N ASP O 135 -94.51 -34.50 24.05
CA ASP O 135 -94.52 -33.10 23.69
C ASP O 135 -95.85 -32.41 23.99
N GLN O 136 -96.76 -33.08 24.70
CA GLN O 136 -98.07 -32.53 25.00
C GLN O 136 -98.20 -32.05 26.43
N SER O 137 -97.25 -32.36 27.30
CA SER O 137 -97.32 -31.93 28.68
C SER O 137 -97.22 -30.41 28.77
N ALA O 138 -97.87 -29.85 29.80
CA ALA O 138 -97.82 -28.41 30.02
C ALA O 138 -96.38 -27.93 30.17
N LEU O 139 -95.56 -28.72 30.86
CA LEU O 139 -94.16 -28.34 31.01
C LEU O 139 -93.44 -28.29 29.67
N PHE O 140 -93.67 -29.29 28.82
CA PHE O 140 -93.02 -29.27 27.51
C PHE O 140 -93.47 -28.05 26.71
N LYS O 141 -94.78 -27.78 26.68
CA LYS O 141 -95.25 -26.61 25.95
C LYS O 141 -94.56 -25.34 26.46
N LYS O 142 -94.64 -25.11 27.78
CA LYS O 142 -94.16 -23.86 28.35
C LYS O 142 -92.65 -23.69 28.20
N ILE O 143 -91.89 -24.78 28.34
CA ILE O 143 -90.44 -24.67 28.34
C ILE O 143 -89.88 -24.75 26.92
N TYR O 144 -90.29 -25.75 26.15
CA TYR O 144 -89.78 -25.91 24.79
C TYR O 144 -90.54 -25.03 23.80
N GLU O 145 -91.85 -25.26 23.65
CA GLU O 145 -92.55 -24.72 22.48
C GLU O 145 -92.65 -23.20 22.57
N GLU O 146 -92.99 -22.68 23.74
CA GLU O 146 -93.32 -21.27 23.84
C GLU O 146 -92.09 -20.37 23.74
N GLU O 147 -90.91 -20.87 24.08
CA GLU O 147 -89.71 -20.05 23.98
C GLU O 147 -88.70 -20.60 22.97
N TYR O 148 -88.19 -21.82 23.19
CA TYR O 148 -87.17 -22.34 22.29
C TYR O 148 -87.74 -22.61 20.90
N GLY O 149 -88.97 -23.11 20.83
CA GLY O 149 -89.56 -23.50 19.58
C GLY O 149 -90.49 -22.50 18.93
N THR O 150 -90.40 -21.22 19.31
CA THR O 150 -91.26 -20.18 18.76
C THR O 150 -90.42 -19.02 18.23
N PHE O 151 -90.81 -18.52 17.06
CA PHE O 151 -90.19 -17.35 16.45
C PHE O 151 -90.24 -16.17 17.41
N GLY O 152 -89.07 -15.60 17.70
CA GLY O 152 -88.98 -14.50 18.63
C GLY O 152 -88.85 -14.87 20.09
N GLY O 153 -88.88 -16.17 20.43
CA GLY O 153 -88.73 -16.57 21.81
C GLY O 153 -87.31 -16.42 22.33
N HIS O 154 -87.20 -16.26 23.65
CA HIS O 154 -85.92 -16.26 24.35
C HIS O 154 -85.80 -17.58 25.08
N PRO O 155 -85.01 -18.53 24.57
CA PRO O 155 -84.99 -19.87 25.16
C PRO O 155 -84.56 -19.85 26.62
N PHE O 156 -85.19 -20.70 27.42
CA PHE O 156 -84.75 -20.90 28.79
C PHE O 156 -83.32 -21.42 28.80
N SER O 157 -82.43 -20.67 29.43
CA SER O 157 -81.04 -21.09 29.52
C SER O 157 -80.84 -22.20 30.55
N LEU O 158 -81.63 -22.17 31.62
CA LEU O 158 -81.44 -23.06 32.76
C LEU O 158 -82.75 -23.17 33.51
N LEU O 159 -82.94 -24.29 34.17
CA LEU O 159 -84.09 -24.53 35.03
C LEU O 159 -83.62 -24.89 36.42
N VAL O 160 -84.20 -24.25 37.44
CA VAL O 160 -83.91 -24.59 38.82
C VAL O 160 -85.19 -25.07 39.48
N GLY O 161 -85.13 -26.25 40.08
CA GLY O 161 -86.27 -26.81 40.76
C GLY O 161 -86.08 -26.82 42.26
N ASP O 162 -86.91 -26.06 42.97
CA ASP O 162 -86.88 -26.05 44.43
C ASP O 162 -87.59 -27.29 44.98
N TYR O 163 -87.01 -28.45 44.69
CA TYR O 163 -87.54 -29.72 45.15
C TYR O 163 -86.37 -30.61 45.53
N SER O 164 -86.66 -31.58 46.40
CA SER O 164 -85.70 -32.60 46.78
C SER O 164 -86.16 -33.94 46.20
N PHE O 165 -85.20 -34.73 45.72
CA PHE O 165 -85.50 -35.98 45.04
C PHE O 165 -84.86 -37.12 45.82
N GLY O 166 -85.70 -38.06 46.26
CA GLY O 166 -85.25 -39.22 47.00
C GLY O 166 -85.13 -40.44 46.12
N ARG O 167 -85.11 -41.60 46.77
CA ARG O 167 -85.00 -42.87 46.07
C ARG O 167 -86.36 -43.44 45.67
N HIS O 168 -87.44 -42.76 46.02
CA HIS O 168 -88.77 -43.29 45.77
C HIS O 168 -89.01 -43.42 44.26
N PRO O 169 -89.75 -44.45 43.84
CA PRO O 169 -89.97 -44.64 42.39
C PRO O 169 -90.58 -43.45 41.68
N GLN O 170 -91.56 -42.75 42.28
CA GLN O 170 -92.11 -41.61 41.56
C GLN O 170 -91.13 -40.44 41.54
N ASP O 171 -90.24 -40.35 42.54
CA ASP O 171 -89.21 -39.32 42.50
C ASP O 171 -88.27 -39.52 41.31
N ILE O 172 -87.80 -40.75 41.11
CA ILE O 172 -86.91 -41.02 39.99
C ILE O 172 -87.65 -40.92 38.67
N GLY O 173 -88.92 -41.34 38.63
CA GLY O 173 -89.70 -41.18 37.42
C GLY O 173 -89.89 -39.72 37.04
N LEU O 174 -90.20 -38.88 38.02
CA LEU O 174 -90.30 -37.45 37.78
C LEU O 174 -88.98 -36.87 37.31
N LEU O 175 -87.87 -37.30 37.93
CA LEU O 175 -86.57 -36.84 37.49
C LEU O 175 -86.32 -37.21 36.03
N GLU O 176 -86.72 -38.42 35.62
CA GLU O 176 -86.54 -38.85 34.24
C GLU O 176 -87.36 -38.00 33.27
N LYS O 177 -88.64 -37.79 33.59
CA LYS O 177 -89.48 -36.96 32.72
C LYS O 177 -88.96 -35.53 32.62
N LEU O 178 -88.54 -34.97 33.77
CA LEU O 178 -87.97 -33.63 33.77
C LEU O 178 -86.71 -33.58 32.93
N SER O 179 -85.89 -34.63 33.01
CA SER O 179 -84.67 -34.68 32.20
C SER O 179 -85.00 -34.70 30.72
N ASN O 180 -86.06 -35.41 30.34
CA ASN O 180 -86.47 -35.43 28.93
C ASN O 180 -86.87 -34.02 28.47
N VAL O 181 -87.66 -33.33 29.27
CA VAL O 181 -88.06 -31.97 28.88
C VAL O 181 -86.83 -31.06 28.83
N ALA O 182 -85.94 -31.17 29.81
CA ALA O 182 -84.74 -30.34 29.85
C ALA O 182 -83.85 -30.61 28.64
N ALA O 183 -83.68 -31.87 28.27
CA ALA O 183 -82.86 -32.21 27.11
C ALA O 183 -83.47 -31.67 25.84
N ALA O 184 -84.80 -31.77 25.69
CA ALA O 184 -85.43 -31.30 24.46
C ALA O 184 -85.15 -29.82 24.22
N ALA O 185 -85.27 -29.01 25.26
CA ALA O 185 -85.07 -27.58 25.15
C ALA O 185 -83.62 -27.14 25.36
N HIS O 186 -82.71 -28.07 25.61
CA HIS O 186 -81.32 -27.75 25.95
C HIS O 186 -81.26 -26.79 27.14
N ALA O 187 -81.99 -27.11 28.20
CA ALA O 187 -82.09 -26.25 29.38
C ALA O 187 -81.79 -27.11 30.60
N PRO O 188 -80.53 -27.16 31.04
CA PRO O 188 -80.16 -28.03 32.16
C PRO O 188 -80.97 -27.72 33.41
N PHE O 189 -81.34 -28.77 34.13
CA PHE O 189 -82.22 -28.70 35.29
C PHE O 189 -81.40 -28.95 36.55
N ILE O 190 -81.62 -28.12 37.57
CA ILE O 190 -80.89 -28.20 38.82
C ILE O 190 -81.89 -28.32 39.97
N ALA O 191 -81.68 -29.31 40.84
CA ALA O 191 -82.53 -29.50 42.01
C ALA O 191 -81.67 -30.02 43.15
N ALA O 192 -82.31 -30.51 44.20
CA ALA O 192 -81.62 -30.96 45.41
C ALA O 192 -81.77 -32.46 45.59
N ALA O 193 -80.72 -33.09 46.09
CA ALA O 193 -80.77 -34.49 46.49
C ALA O 193 -81.36 -34.59 47.89
N SER O 194 -82.36 -35.46 48.05
CA SER O 194 -82.91 -35.71 49.37
C SER O 194 -81.95 -36.59 50.17
N PRO O 195 -81.91 -36.43 51.50
CA PRO O 195 -81.17 -37.39 52.32
C PRO O 195 -81.71 -38.80 52.20
N ARG O 196 -83.00 -38.95 51.88
CA ARG O 196 -83.54 -40.29 51.68
C ARG O 196 -82.91 -41.00 50.49
N LEU O 197 -82.36 -40.26 49.53
CA LEU O 197 -81.62 -40.90 48.45
C LEU O 197 -80.44 -41.69 48.99
N PHE O 198 -79.83 -41.22 50.08
CA PHE O 198 -78.71 -41.87 50.73
C PHE O 198 -79.14 -42.78 51.87
N ASP O 199 -80.44 -43.05 52.00
CA ASP O 199 -81.00 -43.80 53.13
C ASP O 199 -80.65 -43.13 54.46
N MET O 200 -80.71 -41.80 54.48
CA MET O 200 -80.44 -41.01 55.67
C MET O 200 -81.67 -40.18 56.01
N GLY O 201 -81.90 -39.97 57.30
CA GLY O 201 -82.94 -39.03 57.71
C GLY O 201 -82.52 -37.60 57.56
N SER O 202 -81.23 -37.32 57.64
CA SER O 202 -80.70 -35.97 57.50
C SER O 202 -79.27 -36.07 57.00
N PHE O 203 -78.80 -35.01 56.36
CA PHE O 203 -77.43 -34.98 55.88
C PHE O 203 -76.42 -34.78 57.01
N THR O 204 -76.89 -34.62 58.25
CA THR O 204 -75.98 -34.67 59.39
C THR O 204 -75.33 -36.04 59.55
N GLU O 205 -75.91 -37.07 58.94
CA GLU O 205 -75.37 -38.42 58.95
C GLU O 205 -74.45 -38.70 57.77
N LEU O 206 -74.12 -37.69 56.97
CA LEU O 206 -73.40 -37.92 55.72
C LEU O 206 -71.98 -38.42 55.95
N ALA O 207 -71.34 -38.02 57.05
CA ALA O 207 -70.00 -38.48 57.35
C ALA O 207 -69.96 -39.84 58.00
N VAL O 208 -71.10 -40.43 58.33
CA VAL O 208 -71.16 -41.68 59.08
C VAL O 208 -70.73 -42.88 58.24
N PRO O 209 -71.33 -43.14 57.07
CA PRO O 209 -70.96 -44.36 56.33
C PRO O 209 -69.48 -44.38 55.96
N ARG O 210 -68.89 -45.57 56.04
CA ARG O 210 -67.50 -45.72 55.62
C ARG O 210 -67.34 -45.47 54.12
N ASP O 211 -68.24 -46.04 53.32
CA ASP O 211 -68.14 -45.97 51.86
C ASP O 211 -69.49 -45.58 51.28
N LEU O 212 -69.56 -44.39 50.67
CA LEU O 212 -70.81 -43.91 50.09
C LEU O 212 -71.23 -44.74 48.89
N ALA O 213 -70.27 -45.17 48.07
CA ALA O 213 -70.60 -45.91 46.86
C ALA O 213 -71.30 -47.22 47.17
N LYS O 214 -70.99 -47.82 48.32
CA LYS O 214 -71.68 -49.03 48.76
C LYS O 214 -73.19 -48.82 48.89
N ILE O 215 -73.60 -47.64 49.35
CA ILE O 215 -75.01 -47.35 49.52
C ILE O 215 -75.75 -47.48 48.19
N PHE O 216 -75.14 -47.01 47.11
CA PHE O 216 -75.81 -46.94 45.82
C PHE O 216 -75.77 -48.25 45.06
N GLU O 217 -75.29 -49.33 45.67
CA GLU O 217 -75.43 -50.67 45.13
C GLU O 217 -76.74 -51.32 45.52
N SER O 218 -77.55 -50.65 46.34
CA SER O 218 -78.75 -51.25 46.88
C SER O 218 -79.77 -51.54 45.79
N GLN O 219 -80.56 -52.60 45.98
CA GLN O 219 -81.65 -52.91 45.06
C GLN O 219 -82.68 -51.81 45.00
N GLU O 220 -82.81 -50.99 46.05
CA GLU O 220 -83.75 -49.89 46.01
C GLU O 220 -83.29 -48.76 45.09
N LEU O 221 -82.06 -48.81 44.57
CA LEU O 221 -81.52 -47.77 43.71
C LEU O 221 -81.30 -48.26 42.28
N ILE O 222 -82.04 -49.31 41.88
CA ILE O 222 -81.96 -49.80 40.51
C ILE O 222 -82.42 -48.71 39.53
N LYS O 223 -83.55 -48.07 39.83
CA LYS O 223 -84.08 -47.03 38.95
C LYS O 223 -83.14 -45.84 38.88
N TRP O 224 -82.54 -45.46 40.02
CA TRP O 224 -81.60 -44.36 40.03
C TRP O 224 -80.38 -44.65 39.17
N ARG O 225 -79.83 -45.87 39.27
CA ARG O 225 -78.68 -46.22 38.45
C ARG O 225 -79.03 -46.24 36.97
N ALA O 226 -80.22 -46.76 36.63
CA ALA O 226 -80.69 -46.72 35.26
C ALA O 226 -80.82 -45.27 34.76
N PHE O 227 -81.36 -44.38 35.60
CA PHE O 227 -81.46 -42.98 35.21
C PHE O 227 -80.09 -42.38 34.97
N ARG O 228 -79.13 -42.67 35.84
CA ARG O 228 -77.76 -42.19 35.63
C ARG O 228 -77.21 -42.71 34.31
N GLU O 229 -77.63 -43.90 33.87
CA GLU O 229 -77.17 -44.43 32.60
C GLU O 229 -77.76 -43.71 31.39
N SER O 230 -78.89 -43.00 31.56
CA SER O 230 -79.58 -42.43 30.42
C SER O 230 -78.83 -41.24 29.84
N GLU O 231 -79.06 -40.97 28.55
CA GLU O 231 -78.44 -39.81 27.92
C GLU O 231 -78.92 -38.50 28.53
N ASP O 232 -80.23 -38.35 28.73
CA ASP O 232 -80.79 -37.08 29.15
C ASP O 232 -80.50 -36.74 30.61
N SER O 233 -79.91 -37.66 31.37
CA SER O 233 -79.52 -37.35 32.74
C SER O 233 -78.41 -36.31 32.82
N ARG O 234 -77.70 -36.05 31.72
CA ARG O 234 -76.71 -34.98 31.73
C ARG O 234 -77.35 -33.61 31.86
N TYR O 235 -78.67 -33.51 31.72
CA TYR O 235 -79.40 -32.27 31.91
C TYR O 235 -80.01 -32.16 33.31
N VAL O 236 -79.61 -33.03 34.23
CA VAL O 236 -80.05 -32.97 35.62
C VAL O 236 -78.83 -32.95 36.51
N SER O 237 -78.77 -31.98 37.41
CA SER O 237 -77.76 -31.91 38.45
C SER O 237 -78.45 -31.86 39.80
N LEU O 238 -77.90 -32.57 40.78
CA LEU O 238 -78.45 -32.62 42.12
C LEU O 238 -77.43 -32.09 43.11
N VAL O 239 -77.86 -31.12 43.92
CA VAL O 239 -77.00 -30.44 44.86
C VAL O 239 -77.33 -30.90 46.28
N LEU O 240 -76.32 -30.91 47.13
CA LEU O 240 -76.49 -31.26 48.54
C LEU O 240 -75.33 -30.63 49.32
N PRO O 241 -75.48 -30.45 50.64
CA PRO O 241 -76.68 -30.60 51.46
C PRO O 241 -77.43 -29.28 51.57
N HIS O 242 -78.31 -29.11 52.54
CA HIS O 242 -79.03 -27.86 52.71
C HIS O 242 -78.11 -26.76 53.22
N VAL O 243 -78.49 -25.51 52.94
CA VAL O 243 -77.72 -24.33 53.32
C VAL O 243 -78.55 -23.49 54.27
N LEU O 244 -77.90 -23.01 55.33
CA LEU O 244 -78.59 -22.21 56.34
C LEU O 244 -78.99 -20.86 55.75
N LEU O 245 -80.25 -20.51 55.89
CA LEU O 245 -80.74 -19.22 55.43
C LEU O 245 -80.79 -18.24 56.60
N ALA O 271 -83.67 -29.21 63.36
CA ALA O 271 -84.68 -28.76 62.41
C ALA O 271 -85.26 -27.41 62.82
N ARG O 272 -84.69 -26.82 63.87
CA ARG O 272 -85.11 -25.50 64.31
C ARG O 272 -84.47 -24.37 63.50
N TYR O 273 -83.46 -24.68 62.69
CA TYR O 273 -82.84 -23.69 61.82
C TYR O 273 -83.53 -23.69 60.47
N LEU O 274 -83.55 -22.53 59.82
CA LEU O 274 -84.19 -22.41 58.51
C LEU O 274 -83.23 -22.92 57.44
N TRP O 275 -83.42 -24.18 57.04
CA TRP O 275 -82.58 -24.80 56.04
C TRP O 275 -83.20 -24.63 54.66
N GLY O 276 -82.39 -24.18 53.70
CA GLY O 276 -82.86 -23.94 52.35
C GLY O 276 -82.22 -24.90 51.35
N ASN O 277 -82.80 -24.91 50.16
CA ASN O 277 -82.27 -25.69 49.06
C ASN O 277 -80.98 -25.05 48.54
N ALA O 278 -79.92 -25.85 48.42
CA ALA O 278 -78.67 -25.33 47.90
C ALA O 278 -78.71 -25.07 46.40
N ALA O 279 -79.76 -25.53 45.71
CA ALA O 279 -79.94 -25.19 44.31
C ALA O 279 -80.05 -23.68 44.12
N TRP O 280 -80.64 -22.97 45.09
CA TRP O 280 -80.67 -21.51 45.03
C TRP O 280 -79.26 -20.94 44.99
N ALA O 281 -78.37 -21.44 45.86
CA ALA O 281 -77.00 -20.95 45.90
C ALA O 281 -76.25 -21.25 44.61
N LEU O 282 -76.42 -22.47 44.07
CA LEU O 282 -75.75 -22.79 42.81
C LEU O 282 -76.28 -21.93 41.67
N THR O 283 -77.60 -21.72 41.63
CA THR O 283 -78.19 -20.83 40.63
C THR O 283 -77.63 -19.42 40.75
N GLN O 284 -77.43 -18.95 41.98
CA GLN O 284 -76.84 -17.63 42.18
C GLN O 284 -75.42 -17.58 41.64
N ARG O 285 -74.64 -18.64 41.85
CA ARG O 285 -73.31 -18.70 41.24
C ARG O 285 -73.40 -18.59 39.73
N ILE O 286 -74.37 -19.28 39.13
CA ILE O 286 -74.53 -19.26 37.68
C ILE O 286 -74.89 -17.85 37.19
N THR O 287 -75.83 -17.20 37.87
CA THR O 287 -76.27 -15.88 37.42
C THR O 287 -75.17 -14.84 37.64
N GLU O 288 -74.41 -14.94 38.72
CA GLU O 288 -73.27 -14.06 38.90
C GLU O 288 -72.23 -14.26 37.80
N ALA O 289 -71.96 -15.53 37.46
CA ALA O 289 -70.99 -15.80 36.39
C ALA O 289 -71.47 -15.18 35.07
N PHE O 290 -72.75 -15.34 34.75
CA PHE O 290 -73.25 -14.72 33.52
C PHE O 290 -73.14 -13.21 33.56
N ALA O 291 -73.53 -12.60 34.69
CA ALA O 291 -73.49 -11.14 34.78
C ALA O 291 -72.08 -10.62 34.61
N ARG O 292 -71.10 -11.28 35.22
CA ARG O 292 -69.73 -10.79 35.15
C ARG O 292 -69.03 -11.13 33.85
N TYR O 293 -69.35 -12.27 33.23
CA TYR O 293 -68.57 -12.79 32.12
C TYR O 293 -69.37 -13.11 30.87
N GLY O 294 -70.70 -13.17 30.94
CA GLY O 294 -71.50 -13.53 29.80
C GLY O 294 -71.60 -15.02 29.53
N TRP O 295 -70.94 -15.85 30.33
CA TRP O 295 -70.99 -17.30 30.20
C TRP O 295 -70.94 -17.91 31.60
N CYS O 296 -71.42 -19.14 31.71
CA CYS O 296 -71.70 -19.75 33.00
C CYS O 296 -70.74 -20.90 33.33
N ALA O 297 -69.53 -20.88 32.78
CA ALA O 297 -68.58 -21.94 33.10
C ALA O 297 -67.95 -21.75 34.48
N ALA O 298 -67.69 -20.51 34.87
CA ALA O 298 -66.93 -20.24 36.10
C ALA O 298 -67.87 -20.29 37.30
N ILE O 299 -68.24 -21.51 37.68
CA ILE O 299 -69.19 -21.71 38.78
C ILE O 299 -68.69 -22.74 39.80
N ARG O 300 -67.38 -22.93 39.90
CA ARG O 300 -66.88 -23.93 40.83
C ARG O 300 -65.51 -23.54 41.38
N GLY O 301 -65.25 -23.95 42.61
CA GLY O 301 -63.96 -23.77 43.22
C GLY O 301 -63.84 -22.47 44.01
N VAL O 302 -62.76 -22.40 44.78
CA VAL O 302 -62.51 -21.21 45.60
C VAL O 302 -62.31 -19.98 44.73
N GLU O 303 -61.53 -20.12 43.66
CA GLU O 303 -61.20 -19.02 42.78
C GLU O 303 -61.88 -19.11 41.42
N GLY O 304 -62.58 -20.20 41.13
CA GLY O 304 -63.23 -20.37 39.85
C GLY O 304 -64.71 -20.05 39.83
N GLY O 305 -65.24 -19.39 40.85
CA GLY O 305 -66.63 -18.98 40.87
C GLY O 305 -67.58 -19.83 41.69
N GLY O 306 -67.08 -20.80 42.44
CA GLY O 306 -67.90 -21.65 43.28
C GLY O 306 -68.09 -21.20 44.71
N ALA O 307 -67.58 -20.03 45.10
CA ALA O 307 -67.63 -19.60 46.49
C ALA O 307 -68.98 -18.99 46.83
N VAL O 308 -69.61 -19.52 47.88
CA VAL O 308 -70.83 -18.97 48.45
C VAL O 308 -70.44 -18.27 49.75
N GLU O 309 -70.44 -16.95 49.73
CA GLU O 309 -69.93 -16.16 50.84
C GLU O 309 -71.07 -15.58 51.67
N GLY O 310 -70.72 -15.09 52.86
CA GLY O 310 -71.66 -14.41 53.72
C GLY O 310 -72.69 -15.31 54.39
N LEU O 311 -72.38 -16.58 54.60
CA LEU O 311 -73.32 -17.49 55.23
C LEU O 311 -73.49 -17.13 56.71
N PRO O 312 -74.63 -17.46 57.31
CA PRO O 312 -74.81 -17.23 58.75
C PRO O 312 -73.83 -18.05 59.57
N ALA O 313 -73.12 -17.38 60.48
CA ALA O 313 -72.13 -18.03 61.33
C ALA O 313 -72.62 -17.93 62.78
N HIS O 314 -73.42 -18.91 63.20
CA HIS O 314 -73.98 -18.90 64.54
C HIS O 314 -72.99 -19.43 65.56
N LYS O 326 -71.11 -23.90 64.43
CA LYS O 326 -72.13 -24.65 63.70
C LYS O 326 -71.96 -24.54 62.20
N CYS O 327 -71.95 -25.66 61.51
CA CYS O 327 -71.78 -25.67 60.06
C CYS O 327 -72.98 -24.99 59.39
N PRO O 328 -72.78 -23.96 58.56
CA PRO O 328 -73.90 -23.39 57.81
C PRO O 328 -74.40 -24.28 56.68
N THR O 329 -73.80 -25.45 56.47
CA THR O 329 -74.18 -26.37 55.40
C THR O 329 -74.53 -27.75 55.94
N GLU O 330 -74.99 -27.81 57.20
CA GLU O 330 -75.51 -29.00 57.87
C GLU O 330 -74.47 -30.05 58.24
N VAL O 331 -73.32 -30.04 57.58
CA VAL O 331 -72.34 -31.09 57.81
C VAL O 331 -71.03 -30.73 57.12
N ALA O 332 -69.91 -31.03 57.78
CA ALA O 332 -68.61 -30.88 57.14
C ALA O 332 -68.42 -32.01 56.15
N ILE O 333 -67.88 -31.68 54.98
CA ILE O 333 -67.61 -32.66 53.94
C ILE O 333 -66.11 -32.64 53.68
N THR O 334 -65.42 -33.72 54.01
CA THR O 334 -63.99 -33.82 53.76
C THR O 334 -63.72 -33.88 52.26
N ASP O 335 -62.45 -33.66 51.90
CA ASP O 335 -62.05 -33.75 50.49
C ASP O 335 -62.40 -35.11 49.91
N ARG O 336 -62.10 -36.18 50.64
CA ARG O 336 -62.38 -37.53 50.16
C ARG O 336 -63.87 -37.75 49.95
N ARG O 337 -64.68 -37.26 50.89
CA ARG O 337 -66.13 -37.42 50.76
C ARG O 337 -66.69 -36.58 49.62
N GLU O 338 -66.15 -35.38 49.42
CA GLU O 338 -66.55 -34.58 48.27
C GLU O 338 -66.25 -35.30 46.97
N LYS O 339 -65.07 -35.92 46.88
CA LYS O 339 -64.73 -36.67 45.67
C LYS O 339 -65.65 -37.87 45.47
N GLU O 340 -65.96 -38.58 46.56
CA GLU O 340 -66.94 -39.68 46.47
C GLU O 340 -68.27 -39.17 45.91
N LEU O 341 -68.79 -38.10 46.49
CA LEU O 341 -70.08 -37.57 46.04
C LEU O 341 -70.04 -37.15 44.59
N ASP O 342 -68.94 -36.51 44.17
CA ASP O 342 -68.78 -36.14 42.78
C ASP O 342 -68.84 -37.37 41.88
N ALA O 343 -68.15 -38.45 42.29
CA ALA O 343 -68.17 -39.68 41.50
C ALA O 343 -69.57 -40.29 41.44
N LEU O 344 -70.41 -40.02 42.43
CA LEU O 344 -71.75 -40.59 42.49
C LEU O 344 -72.78 -39.73 41.77
N GLY O 345 -72.38 -38.60 41.20
CA GLY O 345 -73.29 -37.79 40.43
C GLY O 345 -73.94 -36.64 41.18
N PHE O 346 -73.27 -36.05 42.15
CA PHE O 346 -73.82 -34.97 42.95
C PHE O 346 -72.86 -33.79 42.97
N ILE O 347 -73.42 -32.61 43.21
CA ILE O 347 -72.64 -31.39 43.43
C ILE O 347 -72.77 -31.05 44.91
N ALA O 348 -71.66 -31.13 45.64
CA ALA O 348 -71.67 -30.93 47.08
C ALA O 348 -71.19 -29.54 47.45
N LEU O 349 -71.86 -28.93 48.43
CA LEU O 349 -71.45 -27.66 48.98
C LEU O 349 -70.61 -27.91 50.23
N CYS O 350 -69.37 -27.43 50.22
CA CYS O 350 -68.38 -27.76 51.25
C CYS O 350 -68.04 -26.52 52.08
N HIS O 351 -68.40 -26.56 53.35
CA HIS O 351 -68.11 -25.45 54.25
C HIS O 351 -66.62 -25.36 54.54
N LYS O 352 -66.06 -24.15 54.42
CA LYS O 352 -64.70 -23.91 54.87
C LYS O 352 -64.70 -23.79 56.39
N LYS O 353 -63.92 -24.63 57.04
CA LYS O 353 -63.90 -24.66 58.49
C LYS O 353 -63.50 -23.30 59.07
N ASN O 354 -64.18 -22.91 60.14
CA ASN O 354 -63.89 -21.66 60.86
C ASN O 354 -64.10 -20.44 59.97
N SER O 355 -65.18 -20.44 59.19
CA SER O 355 -65.44 -19.35 58.27
C SER O 355 -66.95 -19.28 58.00
N ASP O 356 -67.34 -18.21 57.31
CA ASP O 356 -68.73 -18.05 56.84
C ASP O 356 -68.84 -18.30 55.34
N LEU O 357 -68.08 -19.28 54.85
CA LEU O 357 -67.93 -19.51 53.42
C LEU O 357 -68.06 -21.00 53.12
N ALA O 358 -68.67 -21.31 51.98
CA ALA O 358 -68.75 -22.66 51.47
C ALA O 358 -68.50 -22.61 49.96
N VAL O 359 -68.04 -23.74 49.41
CA VAL O 359 -67.60 -23.78 48.01
C VAL O 359 -68.18 -25.02 47.33
N PHE O 360 -68.69 -24.84 46.12
CA PHE O 360 -68.97 -25.94 45.20
C PHE O 360 -67.65 -26.30 44.52
N PHE O 361 -67.01 -27.38 44.98
CA PHE O 361 -65.77 -27.79 44.32
C PHE O 361 -66.05 -28.50 43.00
N GLY O 362 -67.04 -29.37 42.96
CA GLY O 362 -67.38 -30.10 41.77
C GLY O 362 -68.55 -29.49 41.03
N SER O 363 -68.70 -29.89 39.77
CA SER O 363 -69.83 -29.44 38.96
C SER O 363 -70.32 -30.59 38.07
N GLN O 364 -70.47 -31.77 38.66
CA GLN O 364 -70.83 -32.97 37.93
C GLN O 364 -72.35 -33.11 37.86
N THR O 365 -72.88 -33.36 36.67
CA THR O 365 -74.29 -33.68 36.52
C THR O 365 -74.56 -35.10 37.04
N THR O 366 -75.82 -35.52 37.00
CA THR O 366 -76.14 -36.88 37.44
C THR O 366 -75.73 -37.93 36.42
N ASN O 367 -75.34 -37.54 35.21
CA ASN O 367 -74.97 -38.50 34.18
C ASN O 367 -73.73 -39.28 34.58
N ARG O 368 -73.76 -40.59 34.38
CA ARG O 368 -72.58 -41.41 34.57
C ARG O 368 -71.93 -41.66 33.23
N PRO O 369 -70.76 -41.11 32.95
CA PRO O 369 -70.17 -41.28 31.62
C PRO O 369 -69.89 -42.73 31.29
N ARG O 370 -70.12 -43.10 30.05
CA ARG O 370 -69.74 -44.42 29.56
C ARG O 370 -68.22 -44.51 29.43
N VAL O 371 -67.70 -45.73 29.54
CA VAL O 371 -66.27 -45.98 29.48
C VAL O 371 -65.97 -46.70 28.17
N TYR O 372 -64.97 -46.23 27.45
CA TYR O 372 -64.63 -46.71 26.12
C TYR O 372 -63.18 -47.18 26.08
N ASN O 373 -62.77 -47.70 24.93
CA ASN O 373 -61.42 -48.20 24.73
C ASN O 373 -60.47 -47.17 24.12
N THR O 374 -60.91 -45.94 23.91
CA THR O 374 -60.04 -44.90 23.40
C THR O 374 -60.02 -43.70 24.35
N ASN O 375 -58.86 -43.04 24.43
CA ASN O 375 -58.75 -41.86 25.29
C ASN O 375 -59.72 -40.77 24.86
N GLU O 376 -59.84 -40.55 23.55
CA GLU O 376 -60.69 -39.48 23.05
C GLU O 376 -62.15 -39.69 23.44
N ALA O 377 -62.66 -40.91 23.27
CA ALA O 377 -64.05 -41.19 23.62
C ALA O 377 -64.27 -41.02 25.12
N ASN O 378 -63.34 -41.50 25.94
CA ASN O 378 -63.48 -41.34 27.38
C ASN O 378 -63.48 -39.88 27.77
N ALA O 379 -62.56 -39.10 27.22
CA ALA O 379 -62.51 -37.67 27.53
C ALA O 379 -63.80 -36.98 27.13
N ASN O 380 -64.30 -37.28 25.93
CA ASN O 380 -65.53 -36.63 25.49
C ASN O 380 -66.72 -37.04 26.36
N ALA O 381 -66.80 -38.32 26.73
CA ALA O 381 -67.89 -38.76 27.60
C ALA O 381 -67.84 -38.06 28.95
N ARG O 382 -66.64 -37.91 29.51
CA ARG O 382 -66.51 -37.30 30.84
C ARG O 382 -66.94 -35.84 30.83
N ILE O 383 -66.46 -35.07 29.86
CA ILE O 383 -66.76 -33.63 29.84
C ILE O 383 -68.22 -33.38 29.48
N SER O 384 -68.85 -34.29 28.75
CA SER O 384 -70.27 -34.15 28.44
C SER O 384 -71.16 -34.48 29.63
N ALA O 385 -70.57 -34.83 30.78
CA ALA O 385 -71.31 -35.02 32.01
C ALA O 385 -71.08 -33.89 33.01
N MET O 386 -70.39 -32.82 32.62
CA MET O 386 -70.05 -31.73 33.52
C MET O 386 -70.99 -30.54 33.28
N LEU O 387 -71.56 -30.03 34.36
CA LEU O 387 -72.52 -28.93 34.27
C LEU O 387 -72.01 -27.70 33.53
N PRO O 388 -70.80 -27.18 33.81
CA PRO O 388 -70.36 -25.97 33.07
C PRO O 388 -70.33 -26.16 31.56
N TYR O 389 -69.78 -27.28 31.11
CA TYR O 389 -69.67 -27.51 29.68
C TYR O 389 -71.03 -27.78 29.05
N VAL O 390 -71.90 -28.50 29.76
CA VAL O 390 -73.26 -28.74 29.26
C VAL O 390 -74.03 -27.42 29.14
N LEU O 391 -73.83 -26.53 30.11
CA LEU O 391 -74.46 -25.20 30.02
C LEU O 391 -73.96 -24.43 28.80
N ALA O 392 -72.66 -24.45 28.56
CA ALA O 392 -72.12 -23.76 27.38
C ALA O 392 -72.67 -24.36 26.09
N ALA O 393 -72.71 -25.70 26.00
CA ALA O 393 -73.22 -26.34 24.80
C ALA O 393 -74.69 -26.02 24.58
N SER O 394 -75.47 -25.96 25.67
CA SER O 394 -76.88 -25.60 25.57
C SER O 394 -77.06 -24.17 25.08
N ARG O 395 -76.23 -23.24 25.58
CA ARG O 395 -76.28 -21.86 25.10
C ARG O 395 -76.01 -21.82 23.59
N PHE O 396 -75.02 -22.57 23.14
CA PHE O 396 -74.75 -22.59 21.70
C PHE O 396 -75.91 -23.20 20.92
N ALA O 397 -76.59 -24.20 21.48
CA ALA O 397 -77.78 -24.72 20.83
C ALA O 397 -78.85 -23.65 20.67
N HIS O 398 -79.06 -22.84 21.72
CA HIS O 398 -80.06 -21.77 21.64
C HIS O 398 -79.69 -20.75 20.56
N TYR O 399 -78.41 -20.36 20.54
CA TYR O 399 -77.96 -19.40 19.53
C TYR O 399 -78.11 -19.96 18.13
N LEU O 400 -77.75 -21.23 17.93
CA LEU O 400 -77.88 -21.85 16.62
C LEU O 400 -79.33 -21.88 16.18
N LYS O 401 -80.24 -22.27 17.07
CA LYS O 401 -81.66 -22.25 16.75
C LYS O 401 -82.09 -20.88 16.26
N VAL O 402 -81.74 -19.83 17.00
CA VAL O 402 -82.23 -18.50 16.67
C VAL O 402 -81.64 -18.01 15.34
N ILE O 403 -80.33 -18.11 15.17
CA ILE O 403 -79.71 -17.52 13.98
C ILE O 403 -80.08 -18.32 12.73
N MET O 404 -80.12 -19.65 12.82
CA MET O 404 -80.50 -20.44 11.65
C MET O 404 -81.98 -20.27 11.32
N ARG O 405 -82.83 -20.09 12.33
CA ARG O 405 -84.22 -19.71 12.04
C ARG O 405 -84.25 -18.42 11.23
N ASP O 406 -83.38 -17.46 11.58
CA ASP O 406 -83.31 -16.24 10.79
C ASP O 406 -82.83 -16.48 9.37
N LYS O 407 -82.04 -17.53 9.15
CA LYS O 407 -81.50 -17.77 7.82
C LYS O 407 -82.39 -18.65 6.93
N VAL O 408 -83.47 -19.22 7.45
CA VAL O 408 -84.36 -20.03 6.63
C VAL O 408 -84.97 -19.16 5.53
N GLY O 409 -84.91 -19.66 4.29
CA GLY O 409 -85.46 -18.96 3.15
C GLY O 409 -84.46 -18.15 2.36
N SER O 410 -83.30 -17.83 2.93
CA SER O 410 -82.24 -17.14 2.20
C SER O 410 -81.55 -18.11 1.24
N PHE O 411 -80.97 -17.55 0.18
CA PHE O 411 -80.20 -18.32 -0.80
C PHE O 411 -78.89 -18.77 -0.16
N MET O 412 -78.79 -20.05 0.19
CA MET O 412 -77.62 -20.57 0.89
C MET O 412 -77.26 -21.94 0.35
N THR O 413 -76.03 -22.08 -0.13
CA THR O 413 -75.45 -23.38 -0.42
C THR O 413 -74.95 -24.01 0.88
N ARG O 414 -74.47 -25.25 0.76
CA ARG O 414 -73.83 -25.90 1.91
C ARG O 414 -72.61 -25.11 2.37
N ASP O 415 -71.80 -24.64 1.42
CA ASP O 415 -70.62 -23.86 1.78
C ASP O 415 -70.99 -22.53 2.42
N ASN O 416 -72.07 -21.90 1.96
CA ASN O 416 -72.52 -20.65 2.59
C ASN O 416 -72.85 -20.88 4.05
N VAL O 417 -73.59 -21.95 4.34
CA VAL O 417 -73.95 -22.27 5.71
C VAL O 417 -72.72 -22.52 6.55
N GLN O 418 -71.79 -23.31 6.02
CA GLN O 418 -70.57 -23.63 6.78
C GLN O 418 -69.77 -22.36 7.07
N THR O 419 -69.59 -21.51 6.06
CA THR O 419 -68.84 -20.28 6.25
C THR O 419 -69.51 -19.38 7.28
N TYR O 420 -70.83 -19.22 7.19
CA TYR O 420 -71.54 -18.36 8.13
C TYR O 420 -71.39 -18.88 9.55
N LEU O 421 -71.57 -20.18 9.76
CA LEU O 421 -71.54 -20.71 11.11
C LEU O 421 -70.12 -20.66 11.69
N ASN O 422 -69.10 -20.95 10.89
CA ASN O 422 -67.74 -20.86 11.40
C ASN O 422 -67.33 -19.42 11.67
N ASN O 423 -67.79 -18.48 10.83
CA ASN O 423 -67.54 -17.08 11.09
C ASN O 423 -68.21 -16.62 12.38
N TRP O 424 -69.46 -17.05 12.60
CA TRP O 424 -70.21 -16.60 13.76
C TRP O 424 -69.59 -17.08 15.06
N ILE O 425 -69.16 -18.36 15.10
CA ILE O 425 -68.66 -18.95 16.34
C ILE O 425 -67.24 -18.51 16.68
N ALA O 426 -66.51 -17.92 15.73
CA ALA O 426 -65.11 -17.58 15.98
C ALA O 426 -64.96 -16.55 17.09
N ASP O 427 -65.97 -15.70 17.31
CA ASP O 427 -65.86 -14.64 18.31
C ASP O 427 -65.83 -15.18 19.74
N TYR O 428 -66.23 -16.43 19.96
CA TYR O 428 -66.31 -17.00 21.28
C TYR O 428 -65.10 -17.87 21.62
N VAL O 429 -64.07 -17.84 20.79
CA VAL O 429 -62.91 -18.70 20.92
C VAL O 429 -61.74 -17.86 21.44
N LEU O 430 -61.08 -18.36 22.48
CA LEU O 430 -59.87 -17.75 23.02
C LEU O 430 -58.74 -18.75 22.93
N ILE O 431 -57.69 -18.40 22.19
CA ILE O 431 -56.59 -19.32 21.93
C ILE O 431 -55.56 -19.30 23.08
N ASN O 432 -55.43 -18.18 23.78
CA ASN O 432 -54.36 -17.98 24.75
C ASN O 432 -54.66 -18.76 26.03
N ASP O 433 -53.92 -19.86 26.26
CA ASP O 433 -54.09 -20.64 27.47
C ASP O 433 -53.36 -20.05 28.67
N ASN O 434 -52.61 -18.97 28.49
CA ASN O 434 -51.98 -18.27 29.60
C ASN O 434 -52.80 -17.08 30.10
N ALA O 435 -53.97 -16.84 29.53
CA ALA O 435 -54.82 -15.76 30.00
C ALA O 435 -55.29 -16.06 31.43
N PRO O 436 -55.50 -15.02 32.24
CA PRO O 436 -55.94 -15.24 33.62
C PRO O 436 -57.33 -15.85 33.68
N GLN O 437 -57.70 -16.27 34.89
CA GLN O 437 -58.99 -16.91 35.11
C GLN O 437 -60.15 -16.01 34.65
N GLU O 438 -60.07 -14.72 34.95
CA GLU O 438 -61.18 -13.82 34.61
C GLU O 438 -61.34 -13.64 33.11
N ILE O 439 -60.26 -13.79 32.34
CA ILE O 439 -60.37 -13.71 30.89
C ILE O 439 -60.94 -15.01 30.33
N LYS O 440 -60.40 -16.15 30.78
CA LYS O 440 -60.89 -17.43 30.29
C LYS O 440 -62.36 -17.62 30.61
N ALA O 441 -62.84 -17.06 31.72
CA ALA O 441 -64.25 -17.14 32.07
C ALA O 441 -65.15 -16.49 31.02
N GLN O 442 -64.64 -15.52 30.26
CA GLN O 442 -65.43 -14.79 29.28
C GLN O 442 -65.51 -15.47 27.93
N TYR O 443 -64.73 -16.52 27.69
CA TYR O 443 -64.72 -17.20 26.39
C TYR O 443 -64.99 -18.68 26.60
N PRO O 444 -66.15 -19.19 26.17
CA PRO O 444 -66.46 -20.61 26.44
C PRO O 444 -65.61 -21.60 25.67
N LEU O 445 -64.93 -21.18 24.61
CA LEU O 445 -64.27 -22.12 23.71
C LEU O 445 -62.77 -21.87 23.64
N ARG O 446 -62.01 -22.94 23.55
CA ARG O 446 -60.62 -22.87 23.12
C ARG O 446 -60.44 -23.25 21.66
N GLU O 447 -61.37 -24.04 21.11
CA GLU O 447 -61.40 -24.39 19.71
C GLU O 447 -62.83 -24.70 19.31
N ALA O 448 -63.15 -24.48 18.04
CA ALA O 448 -64.46 -24.83 17.53
C ALA O 448 -64.39 -25.03 16.03
N ARG O 449 -65.26 -25.89 15.50
CA ARG O 449 -65.37 -26.08 14.07
C ARG O 449 -66.76 -26.60 13.74
N VAL O 450 -67.34 -26.09 12.66
CA VAL O 450 -68.65 -26.52 12.18
C VAL O 450 -68.45 -27.18 10.82
N ASP O 451 -68.94 -28.42 10.69
CA ASP O 451 -68.91 -29.15 9.43
C ASP O 451 -70.33 -29.30 8.91
N VAL O 452 -70.56 -28.91 7.66
CA VAL O 452 -71.89 -28.95 7.06
C VAL O 452 -71.87 -29.85 5.84
N SER O 453 -72.89 -30.68 5.69
CA SER O 453 -73.03 -31.58 4.56
C SER O 453 -74.43 -31.46 3.97
N GLU O 454 -74.54 -31.81 2.69
CA GLU O 454 -75.82 -31.79 2.01
C GLU O 454 -76.58 -33.10 2.26
N VAL O 455 -77.89 -33.04 2.07
CA VAL O 455 -78.75 -34.22 2.13
C VAL O 455 -79.15 -34.54 0.70
N VAL O 456 -78.76 -35.73 0.23
CA VAL O 456 -78.98 -36.09 -1.17
C VAL O 456 -80.47 -36.07 -1.47
N GLY O 457 -80.82 -35.51 -2.63
CA GLY O 457 -82.19 -35.47 -3.08
C GLY O 457 -83.05 -34.38 -2.48
N LYS O 458 -82.50 -33.55 -1.60
CA LYS O 458 -83.27 -32.50 -0.92
C LYS O 458 -82.53 -31.17 -1.01
N PRO O 459 -82.77 -30.40 -2.07
CA PRO O 459 -82.12 -29.10 -2.18
C PRO O 459 -82.47 -28.20 -0.99
N GLY O 460 -81.48 -27.48 -0.50
CA GLY O 460 -81.66 -26.59 0.63
C GLY O 460 -81.78 -27.26 1.99
N VAL O 461 -81.52 -28.56 2.08
CA VAL O 461 -81.59 -29.29 3.34
C VAL O 461 -80.17 -29.73 3.71
N TYR O 462 -79.75 -29.43 4.94
CA TYR O 462 -78.37 -29.64 5.35
C TYR O 462 -78.30 -30.26 6.73
N ARG O 463 -77.18 -30.91 7.01
CA ARG O 463 -76.84 -31.42 8.33
C ARG O 463 -75.51 -30.84 8.75
N ALA O 464 -75.38 -30.52 10.04
CA ALA O 464 -74.17 -29.92 10.56
C ALA O 464 -73.71 -30.65 11.82
N THR O 465 -72.41 -30.66 12.03
CA THR O 465 -71.82 -31.09 13.29
C THR O 465 -71.02 -29.94 13.85
N VAL O 466 -71.30 -29.57 15.09
CA VAL O 466 -70.66 -28.45 15.76
C VAL O 466 -69.76 -29.02 16.85
N PHE O 467 -68.45 -28.90 16.66
CA PHE O 467 -67.47 -29.38 17.62
C PHE O 467 -67.07 -28.21 18.51
N LEU O 468 -67.21 -28.38 19.83
CA LEU O 468 -66.89 -27.35 20.81
C LEU O 468 -65.83 -27.89 21.76
N ARG O 469 -64.67 -27.24 21.79
CA ARG O 469 -63.63 -27.61 22.73
C ARG O 469 -63.51 -26.53 23.79
N PRO O 470 -64.02 -26.76 25.00
CA PRO O 470 -63.99 -25.72 26.02
C PRO O 470 -62.62 -25.60 26.66
N HIS O 471 -62.47 -24.55 27.47
CA HIS O 471 -61.34 -24.45 28.39
C HIS O 471 -61.63 -25.35 29.59
N PHE O 472 -60.69 -26.24 29.91
CA PHE O 472 -60.93 -27.27 30.91
C PHE O 472 -60.50 -26.81 32.29
N GLN O 473 -61.30 -27.15 33.28
CA GLN O 473 -61.08 -26.78 34.66
C GLN O 473 -60.37 -27.89 35.42
N LEU O 474 -59.54 -27.50 36.38
CA LEU O 474 -58.76 -28.47 37.14
C LEU O 474 -59.68 -29.35 37.97
N GLU O 475 -59.48 -30.67 37.87
CA GLU O 475 -60.28 -31.66 38.57
C GLU O 475 -59.51 -32.38 39.66
N GLU O 476 -58.31 -32.88 39.36
CA GLU O 476 -57.55 -33.71 40.28
C GLU O 476 -56.07 -33.47 40.07
N LEU O 477 -55.29 -33.71 41.12
CA LEU O 477 -53.83 -33.66 41.04
C LEU O 477 -53.27 -34.72 41.97
N THR O 478 -52.44 -35.60 41.43
CA THR O 478 -51.70 -36.58 42.21
C THR O 478 -50.23 -36.18 42.19
N ALA O 479 -49.67 -35.95 43.37
CA ALA O 479 -48.31 -35.42 43.48
C ALA O 479 -47.44 -36.37 44.29
N SER O 480 -46.19 -36.50 43.85
CA SER O 480 -45.17 -37.27 44.57
C SER O 480 -44.06 -36.30 44.96
N ILE O 481 -43.82 -36.18 46.26
CA ILE O 481 -42.75 -35.33 46.78
C ILE O 481 -41.53 -36.20 47.02
N ARG O 482 -40.37 -35.73 46.57
CA ARG O 482 -39.14 -36.52 46.64
C ARG O 482 -37.97 -35.64 47.04
N LEU O 483 -37.33 -35.95 48.16
CA LEU O 483 -36.07 -35.31 48.54
C LEU O 483 -34.95 -35.91 47.72
N VAL O 484 -34.11 -35.05 47.14
CA VAL O 484 -33.02 -35.50 46.29
C VAL O 484 -31.75 -34.73 46.64
N ALA O 485 -30.61 -35.41 46.54
CA ALA O 485 -29.33 -34.71 46.66
C ALA O 485 -28.98 -33.96 45.37
N THR O 486 -29.52 -34.41 44.24
CA THR O 486 -29.33 -33.73 42.96
C THR O 486 -30.60 -33.85 42.15
N LEU O 487 -30.97 -32.78 41.45
CA LEU O 487 -32.19 -32.78 40.65
C LEU O 487 -32.01 -33.71 39.45
N PRO O 488 -32.84 -34.73 39.30
CA PRO O 488 -32.80 -35.54 38.08
C PRO O 488 -33.37 -34.77 36.91
N PRO O 489 -32.98 -35.12 35.68
CA PRO O 489 -33.59 -34.48 34.52
C PRO O 489 -35.05 -34.84 34.41
N PRO O 490 -35.89 -33.97 33.82
CA PRO O 490 -37.32 -34.23 33.71
C PRO O 490 -37.66 -35.39 32.77
N GLU P 3 -86.39 -0.62 4.22
CA GLU P 3 -85.62 0.14 3.24
C GLU P 3 -85.74 1.64 3.50
N SER P 4 -84.60 2.33 3.48
CA SER P 4 -84.59 3.78 3.64
C SER P 4 -85.29 4.45 2.47
N THR P 5 -85.98 5.56 2.78
CA THR P 5 -86.63 6.34 1.73
C THR P 5 -85.62 6.88 0.72
N GLN P 6 -84.36 7.06 1.14
CA GLN P 6 -83.33 7.46 0.20
C GLN P 6 -83.17 6.43 -0.91
N HIS P 7 -83.23 5.15 -0.55
CA HIS P 7 -83.07 4.09 -1.54
C HIS P 7 -84.32 3.88 -2.39
N LYS P 8 -85.50 4.25 -1.88
CA LYS P 8 -86.69 4.24 -2.72
C LYS P 8 -86.54 5.21 -3.88
N LEU P 9 -85.89 6.35 -3.64
CA LEU P 9 -85.65 7.33 -4.69
C LEU P 9 -84.62 6.85 -5.71
N ASP P 10 -83.91 5.76 -5.43
CA ASP P 10 -83.10 5.12 -6.48
C ASP P 10 -83.98 4.65 -7.62
N ARG P 11 -85.21 4.25 -7.34
CA ARG P 11 -86.09 3.58 -8.29
C ARG P 11 -87.24 4.43 -8.78
N ILE P 12 -87.81 5.28 -7.94
CA ILE P 12 -89.05 5.99 -8.26
C ILE P 12 -88.68 7.39 -8.71
N ARG P 13 -88.70 7.61 -10.03
CA ARG P 13 -88.38 8.90 -10.63
C ARG P 13 -87.10 9.49 -10.06
N PRO P 14 -85.96 8.81 -10.22
CA PRO P 14 -84.74 9.26 -9.57
C PRO P 14 -84.22 10.53 -10.21
N PRO P 15 -83.50 11.37 -9.48
CA PRO P 15 -82.79 12.49 -10.09
C PRO P 15 -81.50 12.03 -10.74
N ARG P 16 -80.89 12.94 -11.50
CA ARG P 16 -79.58 12.65 -12.08
C ARG P 16 -78.54 12.44 -10.99
N VAL P 17 -78.56 13.27 -9.95
CA VAL P 17 -77.60 13.18 -8.86
C VAL P 17 -78.37 12.64 -7.65
N GLN P 18 -78.22 11.36 -7.40
CA GLN P 18 -78.95 10.65 -6.35
C GLN P 18 -77.99 10.28 -5.24
N ILE P 19 -78.28 10.73 -4.02
CA ILE P 19 -77.37 10.63 -2.89
C ILE P 19 -78.07 9.92 -1.74
N THR P 20 -77.40 8.93 -1.15
CA THR P 20 -77.92 8.20 0.00
C THR P 20 -76.84 8.12 1.08
N TYR P 21 -77.28 7.92 2.32
CA TYR P 21 -76.37 7.61 3.41
C TYR P 21 -76.38 6.12 3.69
N ASP P 22 -75.21 5.55 3.93
CA ASP P 22 -75.11 4.13 4.24
C ASP P 22 -74.07 3.89 5.32
N VAL P 23 -74.30 2.86 6.12
CA VAL P 23 -73.34 2.41 7.12
C VAL P 23 -72.36 1.46 6.45
N GLU P 24 -71.07 1.76 6.57
CA GLU P 24 -70.03 0.93 5.98
C GLU P 24 -69.78 -0.25 6.91
N THR P 25 -70.28 -1.43 6.54
CA THR P 25 -70.13 -2.62 7.36
C THR P 25 -69.21 -3.68 6.74
N GLY P 26 -68.76 -3.49 5.51
CA GLY P 26 -67.88 -4.47 4.89
C GLY P 26 -68.53 -5.84 4.82
N ASN P 27 -67.80 -6.86 5.23
CA ASN P 27 -68.28 -8.24 5.24
C ASN P 27 -68.75 -8.67 6.62
N ALA P 28 -69.05 -7.72 7.51
CA ALA P 28 -69.45 -8.07 8.85
C ALA P 28 -70.85 -8.66 8.89
N ILE P 29 -71.08 -9.54 9.86
CA ILE P 29 -72.38 -10.14 10.10
C ILE P 29 -72.93 -9.59 11.42
N GLU P 30 -74.25 -9.48 11.49
CA GLU P 30 -74.90 -9.01 12.70
C GLU P 30 -74.81 -10.07 13.80
N LYS P 31 -74.62 -9.60 15.03
CA LYS P 31 -74.45 -10.49 16.18
C LYS P 31 -75.60 -10.23 17.14
N LYS P 32 -76.70 -10.95 16.96
CA LYS P 32 -77.81 -10.86 17.89
C LYS P 32 -77.46 -11.57 19.19
N GLU P 33 -77.75 -10.93 20.31
CA GLU P 33 -77.46 -11.47 21.63
C GLU P 33 -78.75 -12.01 22.26
N LEU P 34 -78.63 -13.11 22.98
CA LEU P 34 -79.75 -13.66 23.71
C LEU P 34 -79.57 -13.43 25.20
N PRO P 35 -80.62 -13.04 25.90
CA PRO P 35 -80.52 -12.94 27.36
C PRO P 35 -80.38 -14.30 27.99
N LEU P 36 -79.83 -14.32 29.21
CA LEU P 36 -79.91 -15.50 30.04
C LEU P 36 -81.29 -15.55 30.67
N VAL P 37 -82.00 -16.65 30.49
CA VAL P 37 -83.34 -16.83 31.04
C VAL P 37 -83.30 -18.02 31.98
N VAL P 38 -83.57 -17.77 33.25
CA VAL P 38 -83.61 -18.83 34.26
C VAL P 38 -85.07 -19.13 34.56
N GLY P 39 -85.48 -20.37 34.31
CA GLY P 39 -86.80 -20.81 34.68
C GLY P 39 -86.82 -21.41 36.07
N ILE P 40 -87.65 -20.87 36.96
CA ILE P 40 -87.72 -21.31 38.35
C ILE P 40 -89.01 -22.08 38.56
N LEU P 41 -88.92 -23.27 39.12
CA LEU P 41 -90.08 -24.09 39.45
C LEU P 41 -90.10 -24.28 40.96
N ALA P 42 -91.10 -23.70 41.62
CA ALA P 42 -91.16 -23.74 43.07
C ALA P 42 -92.61 -23.84 43.53
N ASP P 43 -92.81 -24.54 44.65
CA ASP P 43 -94.12 -24.69 45.27
C ASP P 43 -94.27 -23.55 46.28
N LEU P 44 -94.87 -22.45 45.84
CA LEU P 44 -94.96 -21.25 46.65
C LEU P 44 -96.35 -21.02 47.19
N MET P 56 -101.75 -25.95 32.94
CA MET P 56 -101.75 -25.49 31.55
C MET P 56 -102.08 -24.01 31.47
N GLU P 57 -102.87 -23.52 32.41
CA GLU P 57 -103.28 -22.12 32.43
C GLU P 57 -102.34 -21.24 33.23
N ARG P 58 -101.39 -21.82 33.97
CA ARG P 58 -100.39 -21.02 34.64
C ARG P 58 -99.31 -20.59 33.63
N ARG P 59 -98.38 -19.76 34.10
CA ARG P 59 -97.36 -19.26 33.20
C ARG P 59 -96.10 -18.93 34.00
N PHE P 60 -94.99 -18.84 33.27
CA PHE P 60 -93.71 -18.40 33.85
C PHE P 60 -93.75 -16.88 33.96
N VAL P 61 -94.00 -16.37 35.15
CA VAL P 61 -94.10 -14.93 35.36
C VAL P 61 -92.71 -14.37 35.64
N GLU P 62 -92.35 -13.29 34.94
CA GLU P 62 -91.06 -12.66 35.13
C GLU P 62 -90.99 -12.02 36.51
N ILE P 63 -89.90 -12.27 37.23
CA ILE P 63 -89.74 -11.80 38.59
C ILE P 63 -88.40 -11.09 38.72
N ASN P 64 -88.37 -10.01 39.47
CA ASN P 64 -87.16 -9.22 39.66
C ASN P 64 -87.28 -8.49 40.99
N ARG P 65 -86.22 -7.75 41.33
CA ARG P 65 -86.22 -7.04 42.61
C ARG P 65 -87.33 -6.01 42.70
N ASP P 66 -87.78 -5.48 41.56
CA ASP P 66 -88.79 -4.42 41.58
C ASP P 66 -90.18 -4.96 41.91
N ASN P 67 -90.58 -6.07 41.27
CA ASN P 67 -91.94 -6.56 41.38
C ASN P 67 -92.09 -7.76 42.30
N PHE P 68 -91.05 -8.05 43.10
CA PHE P 68 -91.04 -9.27 43.89
C PHE P 68 -92.24 -9.34 44.83
N ASN P 69 -92.53 -8.25 45.53
CA ASN P 69 -93.63 -8.26 46.48
C ASN P 69 -94.98 -8.32 45.78
N ASP P 70 -95.09 -7.75 44.58
CA ASP P 70 -96.32 -7.91 43.80
C ASP P 70 -96.56 -9.36 43.43
N VAL P 71 -95.51 -10.07 43.04
CA VAL P 71 -95.65 -11.49 42.72
C VAL P 71 -95.98 -12.29 43.97
N LEU P 72 -95.37 -11.94 45.10
CA LEU P 72 -95.72 -12.59 46.36
C LEU P 72 -97.19 -12.37 46.69
N ALA P 73 -97.69 -11.15 46.50
CA ALA P 73 -99.09 -10.86 46.77
C ALA P 73 -100.00 -11.66 45.84
N SER P 74 -99.67 -11.71 44.55
CA SER P 74 -100.52 -12.42 43.60
C SER P 74 -100.52 -13.92 43.89
N ILE P 75 -99.39 -14.47 44.35
CA ILE P 75 -99.40 -15.86 44.79
C ILE P 75 -100.17 -15.99 46.10
N ALA P 76 -99.99 -15.04 47.01
CA ALA P 76 -100.69 -14.95 48.29
C ALA P 76 -100.52 -16.23 49.11
N PRO P 77 -99.31 -16.54 49.58
CA PRO P 77 -99.11 -17.75 50.39
C PRO P 77 -99.75 -17.64 51.77
N GLN Q 90 -75.43 12.27 78.71
CA GLN Q 90 -74.02 12.08 78.42
C GLN Q 90 -73.79 11.74 76.95
N LYS Q 91 -74.49 10.71 76.47
CA LYS Q 91 -74.31 10.27 75.09
C LYS Q 91 -74.74 11.35 74.10
N LEU Q 92 -75.87 12.01 74.36
CA LEU Q 92 -76.27 13.12 73.51
C LEU Q 92 -75.32 14.30 73.66
N GLU Q 93 -74.93 14.63 74.90
CA GLU Q 93 -74.04 15.76 75.12
C GLU Q 93 -72.69 15.54 74.47
N ALA Q 94 -72.15 14.32 74.56
CA ALA Q 94 -70.86 14.02 73.95
C ALA Q 94 -70.91 14.19 72.44
N SER Q 95 -72.01 13.76 71.81
CA SER Q 95 -72.15 13.92 70.37
C SER Q 95 -72.19 15.39 69.98
N TRP Q 96 -72.97 16.20 70.71
CA TRP Q 96 -73.06 17.61 70.37
C TRP Q 96 -71.78 18.35 70.69
N ARG Q 97 -71.15 18.03 71.82
CA ARG Q 97 -69.89 18.70 72.18
C ARG Q 97 -68.76 18.30 71.24
N GLY Q 98 -68.69 17.01 70.89
CA GLY Q 98 -67.71 16.60 69.90
C GLY Q 98 -67.93 17.30 68.57
N LEU Q 99 -69.19 17.39 68.14
CA LEU Q 99 -69.50 18.12 66.92
C LEU Q 99 -69.14 19.60 67.04
N HIS Q 100 -69.48 20.22 68.17
CA HIS Q 100 -69.20 21.64 68.34
C HIS Q 100 -67.70 21.91 68.30
N MET Q 101 -66.91 21.05 68.95
CA MET Q 101 -65.46 21.22 68.93
C MET Q 101 -64.91 21.10 67.51
N LEU Q 102 -65.40 20.15 66.74
CA LEU Q 102 -64.95 20.01 65.35
C LEU Q 102 -65.30 21.24 64.53
N VAL Q 103 -66.55 21.71 64.66
CA VAL Q 103 -66.99 22.87 63.90
C VAL Q 103 -66.18 24.11 64.28
N LYS Q 104 -66.00 24.33 65.59
CA LYS Q 104 -65.32 25.52 66.06
C LYS Q 104 -63.85 25.52 65.67
N ASN Q 105 -63.22 24.35 65.56
CA ASN Q 105 -61.80 24.24 65.30
C ASN Q 105 -61.48 23.99 63.83
N THR Q 106 -62.48 24.05 62.95
CA THR Q 106 -62.28 23.84 61.52
C THR Q 106 -62.45 25.16 60.78
N GLU Q 107 -61.48 25.49 59.92
CA GLU Q 107 -61.52 26.71 59.13
C GLU Q 107 -62.46 26.52 57.93
N THR Q 108 -63.76 26.49 58.23
CA THR Q 108 -64.77 26.38 57.20
C THR Q 108 -64.80 27.64 56.34
N GLY Q 109 -65.18 27.47 55.08
CA GLY Q 109 -65.18 28.59 54.15
C GLY Q 109 -65.38 28.13 52.73
N ALA Q 110 -64.82 28.88 51.80
CA ALA Q 110 -64.99 28.56 50.38
C ALA Q 110 -64.38 27.20 50.04
N ARG Q 111 -63.24 26.87 50.64
CA ARG Q 111 -62.51 25.65 50.33
C ARG Q 111 -62.84 24.48 51.25
N LEU Q 112 -63.61 24.70 52.32
CA LEU Q 112 -63.83 23.67 53.33
C LEU Q 112 -65.26 23.76 53.82
N LYS Q 113 -66.01 22.66 53.69
CA LYS Q 113 -67.40 22.61 54.10
C LYS Q 113 -67.65 21.39 54.97
N LEU Q 114 -68.47 21.57 55.99
CA LEU Q 114 -68.98 20.49 56.82
C LEU Q 114 -70.48 20.36 56.58
N ARG Q 115 -70.94 19.16 56.28
CA ARG Q 115 -72.35 18.88 56.04
C ARG Q 115 -72.80 17.78 56.98
N LEU Q 116 -73.95 17.96 57.61
CA LEU Q 116 -74.40 17.12 58.70
C LEU Q 116 -75.71 16.43 58.36
N LEU Q 117 -75.75 15.12 58.55
CA LEU Q 117 -76.95 14.31 58.39
C LEU Q 117 -77.33 13.72 59.74
N ASN Q 118 -78.49 14.11 60.25
CA ASN Q 118 -78.97 13.66 61.55
C ASN Q 118 -79.70 12.33 61.35
N VAL Q 119 -79.10 11.24 61.85
CA VAL Q 119 -79.62 9.90 61.60
C VAL Q 119 -79.04 8.97 62.66
N THR Q 120 -79.85 8.02 63.12
CA THR Q 120 -79.42 7.04 64.10
C THR Q 120 -78.79 5.84 63.41
N GLN Q 121 -78.06 5.05 64.21
CA GLN Q 121 -77.39 3.87 63.68
C GLN Q 121 -78.39 2.84 63.16
N LYS Q 122 -79.50 2.65 63.88
CA LYS Q 122 -80.54 1.73 63.43
C LYS Q 122 -81.19 2.20 62.14
N GLU Q 123 -81.40 3.50 62.00
CA GLU Q 123 -81.97 4.02 60.75
C GLU Q 123 -81.04 3.76 59.57
N LEU Q 124 -79.74 3.96 59.76
CA LEU Q 124 -78.78 3.65 58.70
C LEU Q 124 -78.83 2.17 58.35
N LEU Q 125 -78.86 1.30 59.37
CA LEU Q 125 -78.93 -0.13 59.11
C LEU Q 125 -80.18 -0.48 58.31
N ILE Q 126 -81.32 0.09 58.69
CA ILE Q 126 -82.57 -0.21 58.00
C ILE Q 126 -82.51 0.27 56.56
N ASP Q 127 -82.05 1.51 56.35
CA ASP Q 127 -81.99 2.07 55.00
C ASP Q 127 -81.10 1.23 54.11
N LEU Q 128 -79.95 0.78 54.63
CA LEU Q 128 -79.02 0.02 53.80
C LEU Q 128 -79.49 -1.40 53.57
N GLU Q 129 -80.14 -2.03 54.56
CA GLU Q 129 -80.57 -3.41 54.41
C GLU Q 129 -81.81 -3.53 53.55
N LYS Q 130 -82.75 -2.59 53.65
CA LYS Q 130 -84.04 -2.69 52.97
C LYS Q 130 -84.02 -2.12 51.57
N ALA Q 131 -82.92 -1.53 51.14
CA ALA Q 131 -82.84 -1.01 49.78
C ALA Q 131 -83.02 -2.12 48.77
N VAL Q 132 -83.84 -1.86 47.75
CA VAL Q 132 -84.10 -2.89 46.75
C VAL Q 132 -82.83 -3.21 45.96
N GLU Q 133 -81.94 -2.24 45.80
CA GLU Q 133 -80.65 -2.45 45.16
C GLU Q 133 -79.65 -1.52 45.84
N PHE Q 134 -78.36 -1.84 45.69
CA PHE Q 134 -77.34 -1.13 46.45
C PHE Q 134 -77.32 0.35 46.14
N ASP Q 135 -77.72 0.76 44.94
CA ASP Q 135 -77.70 2.16 44.57
C ASP Q 135 -79.03 2.86 44.86
N GLN Q 136 -79.95 2.19 45.53
CA GLN Q 136 -81.26 2.75 45.82
C GLN Q 136 -81.42 3.25 47.25
N SER Q 137 -80.46 2.96 48.13
CA SER Q 137 -80.55 3.40 49.51
C SER Q 137 -80.46 4.93 49.60
N ALA Q 138 -81.12 5.48 50.62
CA ALA Q 138 -81.06 6.93 50.84
C ALA Q 138 -79.62 7.40 51.00
N LEU Q 139 -78.81 6.61 51.70
CA LEU Q 139 -77.41 6.97 51.88
C LEU Q 139 -76.67 6.99 50.54
N PHE Q 140 -76.89 5.98 49.70
CA PHE Q 140 -76.24 5.99 48.40
C PHE Q 140 -76.66 7.21 47.58
N LYS Q 141 -77.96 7.47 47.52
CA LYS Q 141 -78.43 8.67 46.82
C LYS Q 141 -77.71 9.90 47.32
N LYS Q 142 -77.83 10.19 48.62
CA LYS Q 142 -77.34 11.44 49.17
C LYS Q 142 -75.83 11.59 49.03
N ILE Q 143 -75.08 10.51 49.19
CA ILE Q 143 -73.62 10.59 49.21
C ILE Q 143 -73.04 10.47 47.81
N TYR Q 144 -73.44 9.45 47.04
CA TYR Q 144 -72.91 9.27 45.70
C TYR Q 144 -73.66 10.15 44.70
N GLU Q 145 -74.97 9.91 44.52
CA GLU Q 145 -75.64 10.47 43.35
C GLU Q 145 -75.73 11.98 43.42
N GLU Q 146 -76.08 12.53 44.58
CA GLU Q 146 -76.39 13.94 44.65
C GLU Q 146 -75.15 14.82 44.58
N GLU Q 147 -73.97 14.30 44.92
CA GLU Q 147 -72.76 15.11 44.84
C GLU Q 147 -71.75 14.55 43.84
N TYR Q 148 -71.25 13.33 44.05
CA TYR Q 148 -70.22 12.80 43.17
C TYR Q 148 -70.79 12.52 41.78
N GLY Q 149 -72.03 12.07 41.70
CA GLY Q 149 -72.62 11.67 40.45
C GLY Q 149 -73.54 12.69 39.80
N THR Q 150 -73.43 13.98 40.16
CA THR Q 150 -74.26 15.02 39.58
C THR Q 150 -73.39 16.15 39.04
N PHE Q 151 -73.78 16.66 37.87
CA PHE Q 151 -73.13 17.82 37.26
C PHE Q 151 -73.18 19.01 38.20
N GLY Q 152 -72.01 19.56 38.54
CA GLY Q 152 -71.92 20.65 39.48
C GLY Q 152 -71.81 20.25 40.94
N GLY Q 153 -71.84 18.96 41.25
CA GLY Q 153 -71.73 18.55 42.64
C GLY Q 153 -70.32 18.71 43.19
N HIS Q 154 -70.23 18.90 44.50
CA HIS Q 154 -68.96 18.91 45.22
C HIS Q 154 -68.85 17.60 45.98
N PRO Q 155 -68.08 16.63 45.49
CA PRO Q 155 -68.11 15.29 46.10
C PRO Q 155 -67.67 15.33 47.55
N PHE Q 156 -68.32 14.49 48.36
CA PHE Q 156 -67.90 14.30 49.75
C PHE Q 156 -66.48 13.77 49.77
N SER Q 157 -65.59 14.51 50.43
CA SER Q 157 -64.20 14.07 50.55
C SER Q 157 -64.03 12.96 51.57
N LEU Q 158 -64.80 13.01 52.65
CA LEU Q 158 -64.65 12.11 53.78
C LEU Q 158 -65.98 12.01 54.49
N LEU Q 159 -66.20 10.89 55.18
CA LEU Q 159 -67.38 10.69 56.01
C LEU Q 159 -66.93 10.33 57.41
N VAL Q 160 -67.52 10.97 58.42
CA VAL Q 160 -67.26 10.63 59.81
C VAL Q 160 -68.58 10.20 60.44
N GLY Q 161 -68.57 9.03 61.06
CA GLY Q 161 -69.75 8.54 61.74
C GLY Q 161 -69.55 8.55 63.24
N ASP Q 162 -70.41 9.28 63.96
CA ASP Q 162 -70.38 9.30 65.41
C ASP Q 162 -71.09 8.06 65.95
N TYR Q 163 -70.49 6.90 65.67
CA TYR Q 163 -71.03 5.62 66.11
C TYR Q 163 -69.88 4.73 66.54
N SER Q 164 -70.20 3.76 67.39
CA SER Q 164 -69.27 2.71 67.80
C SER Q 164 -69.73 1.39 67.20
N PHE Q 165 -68.78 0.58 66.75
CA PHE Q 165 -69.08 -0.68 66.11
C PHE Q 165 -68.49 -1.82 66.93
N GLY Q 166 -69.34 -2.75 67.35
CA GLY Q 166 -68.93 -3.91 68.10
C GLY Q 166 -68.80 -5.14 67.23
N ARG Q 167 -68.75 -6.30 67.88
CA ARG Q 167 -68.66 -7.57 67.18
C ARG Q 167 -70.01 -8.13 66.79
N HIS Q 168 -71.09 -7.42 67.09
CA HIS Q 168 -72.43 -7.92 66.82
C HIS Q 168 -72.62 -8.09 65.31
N PRO Q 169 -73.35 -9.12 64.88
CA PRO Q 169 -73.52 -9.33 63.42
C PRO Q 169 -74.11 -8.14 62.69
N GLN Q 170 -75.08 -7.44 63.28
CA GLN Q 170 -75.65 -6.29 62.58
C GLN Q 170 -74.67 -5.12 62.55
N ASP Q 171 -73.79 -5.02 63.55
CA ASP Q 171 -72.75 -3.98 63.51
C ASP Q 171 -71.81 -4.19 62.33
N ILE Q 172 -71.31 -5.43 62.16
CA ILE Q 172 -70.41 -5.71 61.06
C ILE Q 172 -71.13 -5.62 59.73
N GLY Q 173 -72.42 -6.01 59.69
CA GLY Q 173 -73.18 -5.86 58.46
C GLY Q 173 -73.35 -4.41 58.06
N LEU Q 174 -73.70 -3.55 59.03
CA LEU Q 174 -73.80 -2.13 58.76
C LEU Q 174 -72.46 -1.56 58.30
N LEU Q 175 -71.36 -2.00 58.92
CA LEU Q 175 -70.05 -1.56 58.50
C LEU Q 175 -69.77 -1.96 57.05
N GLU Q 176 -70.17 -3.16 56.67
CA GLU Q 176 -69.98 -3.61 55.29
C GLU Q 176 -70.77 -2.75 54.30
N LYS Q 177 -72.04 -2.50 54.60
CA LYS Q 177 -72.86 -1.68 53.71
C LYS Q 177 -72.32 -0.25 53.62
N LEU Q 178 -71.94 0.32 54.76
CA LEU Q 178 -71.35 1.65 54.76
C LEU Q 178 -70.07 1.68 53.94
N SER Q 179 -69.25 0.62 54.04
CA SER Q 179 -68.03 0.55 53.25
C SER Q 179 -68.35 0.52 51.78
N ASN Q 180 -69.43 -0.17 51.39
CA ASN Q 180 -69.81 -0.19 49.99
C ASN Q 180 -70.17 1.20 49.49
N VAL Q 181 -70.97 1.93 50.26
CA VAL Q 181 -71.32 3.29 49.85
C VAL Q 181 -70.08 4.18 49.80
N ALA Q 182 -69.22 4.08 50.83
CA ALA Q 182 -68.01 4.88 50.87
C ALA Q 182 -67.10 4.58 49.69
N ALA Q 183 -66.94 3.30 49.35
CA ALA Q 183 -66.11 2.92 48.22
C ALA Q 183 -66.67 3.47 46.91
N ALA Q 184 -67.99 3.38 46.72
CA ALA Q 184 -68.59 3.86 45.48
C ALA Q 184 -68.28 5.32 45.24
N ALA Q 185 -68.42 6.15 46.27
CA ALA Q 185 -68.21 7.58 46.14
C ALA Q 185 -66.77 8.00 46.39
N HIS Q 186 -65.86 7.06 46.65
CA HIS Q 186 -64.48 7.38 47.00
C HIS Q 186 -64.42 8.35 48.18
N ALA Q 187 -65.15 8.03 49.25
CA ALA Q 187 -65.26 8.89 50.42
C ALA Q 187 -65.00 8.05 51.66
N PRO Q 188 -63.75 7.98 52.11
CA PRO Q 188 -63.42 7.12 53.26
C PRO Q 188 -64.24 7.47 54.48
N PHE Q 189 -64.62 6.42 55.21
CA PHE Q 189 -65.53 6.51 56.35
C PHE Q 189 -64.75 6.26 57.64
N ILE Q 190 -64.97 7.12 58.63
CA ILE Q 190 -64.27 7.04 59.91
C ILE Q 190 -65.29 6.94 61.03
N ALA Q 191 -65.13 5.95 61.89
CA ALA Q 191 -65.99 5.78 63.06
C ALA Q 191 -65.15 5.24 64.20
N ALA Q 192 -65.82 4.79 65.27
CA ALA Q 192 -65.15 4.33 66.47
C ALA Q 192 -65.33 2.83 66.67
N ALA Q 193 -64.30 2.20 67.24
CA ALA Q 193 -64.37 0.81 67.64
C ALA Q 193 -64.98 0.71 69.03
N SER Q 194 -65.99 -0.14 69.18
CA SER Q 194 -66.55 -0.37 70.50
C SER Q 194 -65.61 -1.27 71.32
N PRO Q 195 -65.56 -1.07 72.64
CA PRO Q 195 -64.85 -2.05 73.47
C PRO Q 195 -65.41 -3.44 73.35
N ARG Q 196 -66.70 -3.57 73.03
CA ARG Q 196 -67.28 -4.89 72.82
C ARG Q 196 -66.62 -5.63 71.67
N LEU Q 197 -66.05 -4.92 70.70
CA LEU Q 197 -65.32 -5.59 69.63
C LEU Q 197 -64.15 -6.38 70.18
N PHE Q 198 -63.55 -5.92 71.28
CA PHE Q 198 -62.43 -6.58 71.93
C PHE Q 198 -62.88 -7.49 73.08
N ASP Q 199 -64.18 -7.76 73.19
CA ASP Q 199 -64.75 -8.50 74.32
C ASP Q 199 -64.43 -7.81 75.65
N MET Q 200 -64.54 -6.49 75.65
CA MET Q 200 -64.19 -5.66 76.80
C MET Q 200 -65.40 -4.81 77.18
N GLY Q 201 -65.63 -4.66 78.49
CA GLY Q 201 -66.64 -3.72 78.93
C GLY Q 201 -66.25 -2.28 78.67
N SER Q 202 -64.97 -1.97 78.83
CA SER Q 202 -64.45 -0.63 78.65
C SER Q 202 -63.01 -0.73 78.16
N PHE Q 203 -62.55 0.32 77.48
CA PHE Q 203 -61.17 0.33 77.03
C PHE Q 203 -60.18 0.53 78.17
N THR Q 204 -60.66 0.77 79.40
CA THR Q 204 -59.76 0.76 80.55
C THR Q 204 -59.13 -0.62 80.74
N GLU Q 205 -59.71 -1.65 80.15
CA GLU Q 205 -59.18 -3.01 80.19
C GLU Q 205 -58.24 -3.32 79.02
N LEU Q 206 -57.89 -2.32 78.21
CA LEU Q 206 -57.14 -2.58 76.98
C LEU Q 206 -55.75 -3.12 77.25
N ALA Q 207 -55.14 -2.73 78.37
CA ALA Q 207 -53.79 -3.21 78.69
C ALA Q 207 -53.79 -4.59 79.34
N VAL Q 208 -54.95 -5.16 79.65
CA VAL Q 208 -55.01 -6.41 80.40
C VAL Q 208 -54.59 -7.62 79.57
N PRO Q 209 -55.14 -7.87 78.38
CA PRO Q 209 -54.78 -9.10 77.66
C PRO Q 209 -53.29 -9.14 77.32
N ARG Q 210 -52.70 -10.33 77.42
CA ARG Q 210 -51.31 -10.50 77.03
C ARG Q 210 -51.13 -10.27 75.53
N ASP Q 211 -52.01 -10.83 74.72
CA ASP Q 211 -51.89 -10.78 73.26
C ASP Q 211 -53.23 -10.37 72.65
N LEU Q 212 -53.27 -9.18 72.05
CA LEU Q 212 -54.50 -8.69 71.45
C LEU Q 212 -54.93 -9.53 70.25
N ALA Q 213 -53.97 -9.94 69.42
CA ALA Q 213 -54.30 -10.68 68.20
C ALA Q 213 -55.02 -11.98 68.51
N LYS Q 214 -54.74 -12.57 69.68
CA LYS Q 214 -55.44 -13.78 70.10
C LYS Q 214 -56.94 -13.56 70.23
N ILE Q 215 -57.36 -12.38 70.69
CA ILE Q 215 -58.78 -12.08 70.84
C ILE Q 215 -59.50 -12.22 69.50
N PHE Q 216 -58.87 -11.76 68.43
CA PHE Q 216 -59.51 -11.69 67.13
C PHE Q 216 -59.47 -13.01 66.37
N GLU Q 217 -59.04 -14.09 67.02
CA GLU Q 217 -59.17 -15.43 66.48
C GLU Q 217 -60.50 -16.07 66.84
N SER Q 218 -61.31 -15.40 67.65
CA SER Q 218 -62.55 -15.98 68.16
C SER Q 218 -63.54 -16.25 67.03
N GLN Q 219 -64.32 -17.32 67.19
CA GLN Q 219 -65.39 -17.62 66.24
C GLN Q 219 -66.42 -16.51 66.18
N GLU Q 220 -66.56 -15.71 67.24
CA GLU Q 220 -67.45 -14.56 67.21
C GLU Q 220 -66.97 -13.48 66.25
N LEU Q 221 -65.72 -13.53 65.78
CA LEU Q 221 -65.17 -12.50 64.92
C LEU Q 221 -64.94 -13.01 63.50
N ILE Q 222 -65.67 -14.05 63.10
CA ILE Q 222 -65.59 -14.55 61.73
C ILE Q 222 -66.01 -13.46 60.74
N LYS Q 223 -67.14 -12.81 61.01
CA LYS Q 223 -67.64 -11.78 60.11
C LYS Q 223 -66.69 -10.60 60.05
N TRP Q 224 -66.11 -10.20 61.19
CA TRP Q 224 -65.16 -9.10 61.20
C TRP Q 224 -63.93 -9.41 60.36
N ARG Q 225 -63.40 -10.63 60.49
CA ARG Q 225 -62.24 -11.01 59.68
C ARG Q 225 -62.59 -11.04 58.20
N ALA Q 226 -63.76 -11.56 57.86
CA ALA Q 226 -64.21 -11.53 56.47
C ALA Q 226 -64.30 -10.09 55.97
N PHE Q 227 -64.85 -9.18 56.77
CA PHE Q 227 -64.91 -7.78 56.39
C PHE Q 227 -63.52 -7.22 56.14
N ARG Q 228 -62.58 -7.51 57.04
CA ARG Q 228 -61.21 -7.05 56.85
C ARG Q 228 -60.62 -7.56 55.54
N GLU Q 229 -61.03 -8.74 55.09
CA GLU Q 229 -60.53 -9.26 53.82
C GLU Q 229 -61.16 -8.57 52.60
N SER Q 230 -62.28 -7.88 52.77
CA SER Q 230 -62.98 -7.31 51.62
C SER Q 230 -62.22 -6.11 51.04
N GLU Q 231 -62.43 -5.86 49.75
CA GLU Q 231 -61.79 -4.72 49.10
C GLU Q 231 -62.27 -3.40 49.71
N ASP Q 232 -63.57 -3.26 49.89
CA ASP Q 232 -64.13 -1.97 50.30
C ASP Q 232 -63.81 -1.63 51.75
N SER Q 233 -63.23 -2.54 52.52
CA SER Q 233 -62.84 -2.23 53.89
C SER Q 233 -61.76 -1.17 53.98
N ARG Q 234 -61.02 -0.92 52.89
CA ARG Q 234 -60.03 0.16 52.91
C ARG Q 234 -60.66 1.54 53.01
N TYR Q 235 -61.98 1.64 52.84
CA TYR Q 235 -62.71 2.89 53.01
C TYR Q 235 -63.34 3.02 54.38
N VAL Q 236 -62.93 2.19 55.34
CA VAL Q 236 -63.43 2.25 56.71
C VAL Q 236 -62.24 2.26 57.65
N SER Q 237 -62.20 3.24 58.54
CA SER Q 237 -61.20 3.31 59.60
C SER Q 237 -61.92 3.38 60.94
N LEU Q 238 -61.40 2.65 61.93
CA LEU Q 238 -61.98 2.64 63.27
C LEU Q 238 -60.93 3.14 64.25
N VAL Q 239 -61.31 4.12 65.05
CA VAL Q 239 -60.41 4.74 66.02
C VAL Q 239 -60.80 4.30 67.42
N LEU Q 240 -59.83 4.34 68.32
CA LEU Q 240 -60.03 4.02 69.72
C LEU Q 240 -58.88 4.63 70.52
N PRO Q 241 -59.05 4.80 71.83
CA PRO Q 241 -60.26 4.66 72.64
C PRO Q 241 -60.99 5.99 72.70
N HIS Q 242 -61.88 6.20 73.67
CA HIS Q 242 -62.59 7.46 73.79
C HIS Q 242 -61.65 8.56 74.31
N VAL Q 243 -62.02 9.81 74.02
CA VAL Q 243 -61.25 10.98 74.41
C VAL Q 243 -62.09 11.82 75.34
N LEU Q 244 -61.46 12.33 76.40
CA LEU Q 244 -62.16 13.15 77.38
C LEU Q 244 -62.55 14.49 76.77
N LEU Q 245 -63.82 14.84 76.90
CA LEU Q 245 -64.30 16.11 76.38
C LEU Q 245 -64.35 17.16 77.50
N ALA Q 271 -67.58 6.08 84.40
CA ALA Q 271 -68.48 6.64 83.40
C ALA Q 271 -68.98 8.03 83.82
N ARG Q 272 -68.40 8.55 84.89
CA ARG Q 272 -68.77 9.88 85.37
C ARG Q 272 -68.09 11.01 84.61
N TYR Q 273 -67.19 10.69 83.68
CA TYR Q 273 -66.55 11.69 82.82
C TYR Q 273 -67.22 11.69 81.46
N LEU Q 274 -67.20 12.85 80.81
CA LEU Q 274 -67.83 12.98 79.49
C LEU Q 274 -66.87 12.48 78.42
N TRP Q 275 -67.03 11.21 78.05
CA TRP Q 275 -66.17 10.58 77.05
C TRP Q 275 -66.77 10.76 75.67
N GLY Q 276 -65.95 11.19 74.71
CA GLY Q 276 -66.38 11.43 73.35
C GLY Q 276 -65.74 10.45 72.37
N ASN Q 277 -66.28 10.46 71.16
CA ASN Q 277 -65.75 9.66 70.07
C ASN Q 277 -64.44 10.27 69.57
N ALA Q 278 -63.40 9.45 69.47
CA ALA Q 278 -62.11 9.95 68.97
C ALA Q 278 -62.13 10.21 67.47
N ALA Q 279 -63.18 9.75 66.78
CA ALA Q 279 -63.32 10.08 65.36
C ALA Q 279 -63.43 11.59 65.15
N TRP Q 280 -64.03 12.30 66.10
CA TRP Q 280 -64.06 13.76 66.02
C TRP Q 280 -62.64 14.33 66.00
N ALA Q 281 -61.78 13.82 66.89
CA ALA Q 281 -60.40 14.31 66.96
C ALA Q 281 -59.63 13.98 65.68
N LEU Q 282 -59.81 12.77 65.14
CA LEU Q 282 -59.14 12.43 63.89
C LEU Q 282 -59.65 13.30 62.74
N THR Q 283 -60.96 13.53 62.68
CA THR Q 283 -61.53 14.41 61.67
C THR Q 283 -60.94 15.82 61.78
N GLN Q 284 -60.76 16.30 63.01
CA GLN Q 284 -60.14 17.59 63.21
C GLN Q 284 -58.71 17.63 62.69
N ARG Q 285 -57.96 16.56 62.92
CA ARG Q 285 -56.62 16.47 62.34
C ARG Q 285 -56.68 16.57 60.81
N ILE Q 286 -57.65 15.88 60.20
CA ILE Q 286 -57.78 15.89 58.75
C ILE Q 286 -58.14 17.28 58.25
N THR Q 287 -59.08 17.96 58.91
CA THR Q 287 -59.49 19.28 58.42
C THR Q 287 -58.40 20.32 58.65
N GLU Q 288 -57.65 20.20 59.75
CA GLU Q 288 -56.50 21.08 59.94
C GLU Q 288 -55.44 20.85 58.87
N ALA Q 289 -55.15 19.59 58.55
CA ALA Q 289 -54.19 19.30 57.49
C ALA Q 289 -54.64 19.91 56.18
N PHE Q 290 -55.92 19.76 55.83
CA PHE Q 290 -56.41 20.36 54.59
C PHE Q 290 -56.29 21.88 54.63
N ALA Q 291 -56.68 22.49 55.74
CA ALA Q 291 -56.64 23.95 55.82
C ALA Q 291 -55.22 24.47 55.66
N ARG Q 292 -54.24 23.81 56.29
CA ARG Q 292 -52.88 24.30 56.23
C ARG Q 292 -52.18 23.95 54.92
N TYR Q 293 -52.46 22.78 54.36
CA TYR Q 293 -51.66 22.25 53.26
C TYR Q 293 -52.44 21.94 51.99
N GLY Q 294 -53.77 21.90 52.04
CA GLY Q 294 -54.55 21.54 50.88
C GLY Q 294 -54.67 20.06 50.62
N TRP Q 295 -54.04 19.22 51.45
CA TRP Q 295 -54.11 17.77 51.33
C TRP Q 295 -54.10 17.18 52.73
N CYS Q 296 -54.59 15.94 52.85
CA CYS Q 296 -54.91 15.34 54.13
C CYS Q 296 -53.96 14.19 54.50
N ALA Q 297 -52.74 14.18 53.96
CA ALA Q 297 -51.82 13.11 54.32
C ALA Q 297 -51.21 13.30 55.70
N ALA Q 298 -50.91 14.54 56.08
CA ALA Q 298 -50.16 14.82 57.31
C ALA Q 298 -51.11 14.77 58.51
N ILE Q 299 -51.51 13.56 58.88
CA ILE Q 299 -52.49 13.39 59.95
C ILE Q 299 -52.04 12.38 61.00
N ARG Q 300 -50.73 12.16 61.13
CA ARG Q 300 -50.25 11.17 62.09
C ARG Q 300 -48.89 11.55 62.64
N GLY Q 301 -48.63 11.13 63.87
CA GLY Q 301 -47.34 11.32 64.50
C GLY Q 301 -47.24 12.62 65.27
N VAL Q 302 -46.19 12.70 66.08
CA VAL Q 302 -45.94 13.89 66.89
C VAL Q 302 -45.72 15.10 66.01
N GLU Q 303 -44.91 14.94 64.97
CA GLU Q 303 -44.56 16.04 64.08
C GLU Q 303 -45.25 15.96 62.72
N GLY Q 304 -45.91 14.86 62.40
CA GLY Q 304 -46.55 14.70 61.12
C GLY Q 304 -48.03 15.01 61.09
N GLY Q 305 -48.56 15.70 62.10
CA GLY Q 305 -49.95 16.11 62.10
C GLY Q 305 -50.90 15.25 62.89
N GLY Q 306 -50.40 14.30 63.68
CA GLY Q 306 -51.25 13.47 64.51
C GLY Q 306 -51.46 13.93 65.93
N ALA Q 307 -51.00 15.12 66.30
CA ALA Q 307 -51.03 15.57 67.69
C ALA Q 307 -52.39 16.19 68.01
N VAL Q 308 -53.01 15.70 69.07
CA VAL Q 308 -54.28 16.22 69.58
C VAL Q 308 -53.94 16.93 70.89
N GLU Q 309 -53.91 18.26 70.85
CA GLU Q 309 -53.38 19.06 71.95
C GLU Q 309 -54.50 19.63 72.81
N GLY Q 310 -54.11 20.15 73.97
CA GLY Q 310 -55.04 20.83 74.86
C GLY Q 310 -56.13 19.97 75.44
N LEU Q 311 -55.83 18.70 75.72
CA LEU Q 311 -56.83 17.82 76.32
C LEU Q 311 -57.02 18.17 77.80
N PRO Q 312 -58.17 17.83 78.37
CA PRO Q 312 -58.39 18.06 79.80
C PRO Q 312 -57.40 17.25 80.63
N ALA Q 313 -56.73 17.93 81.56
CA ALA Q 313 -55.75 17.30 82.45
C ALA Q 313 -56.29 17.43 83.88
N HIS Q 314 -57.04 16.42 84.31
CA HIS Q 314 -57.63 16.44 85.65
C HIS Q 314 -56.69 15.82 86.67
N LYS Q 326 -54.86 11.27 85.66
CA LYS Q 326 -55.91 10.60 84.90
C LYS Q 326 -55.69 10.73 83.39
N CYS Q 327 -55.67 9.60 82.69
CA CYS Q 327 -55.47 9.61 81.25
C CYS Q 327 -56.65 10.30 80.57
N PRO Q 328 -56.42 11.33 79.74
CA PRO Q 328 -57.52 11.90 78.96
C PRO Q 328 -58.01 11.02 77.82
N THR Q 329 -57.42 9.83 77.64
CA THR Q 329 -57.80 8.91 76.58
C THR Q 329 -58.20 7.54 77.12
N GLU Q 330 -58.67 7.49 78.37
CA GLU Q 330 -59.21 6.31 79.04
C GLU Q 330 -58.19 5.25 79.42
N VAL Q 331 -57.03 5.23 78.77
CA VAL Q 331 -56.05 4.18 79.04
C VAL Q 331 -54.74 4.53 78.35
N ALA Q 332 -53.63 4.26 79.03
CA ALA Q 332 -52.32 4.41 78.40
C ALA Q 332 -52.11 3.27 77.41
N ILE Q 333 -51.54 3.59 76.27
CA ILE Q 333 -51.27 2.60 75.24
C ILE Q 333 -49.77 2.58 74.99
N THR Q 334 -49.12 1.49 75.36
CA THR Q 334 -47.68 1.36 75.13
C THR Q 334 -47.39 1.30 73.63
N ASP Q 335 -46.11 1.49 73.29
CA ASP Q 335 -45.68 1.40 71.89
C ASP Q 335 -46.03 0.03 71.31
N ARG Q 336 -45.74 -1.04 72.06
CA ARG Q 336 -46.02 -2.39 71.57
C ARG Q 336 -47.51 -2.59 71.36
N ARG Q 337 -48.32 -2.08 72.29
CA ARG Q 337 -49.78 -2.20 72.17
C ARG Q 337 -50.31 -1.40 70.99
N GLU Q 338 -49.77 -0.20 70.77
CA GLU Q 338 -50.18 0.58 69.61
C GLU Q 338 -49.85 -0.17 68.32
N LYS Q 339 -48.68 -0.80 68.25
CA LYS Q 339 -48.32 -1.55 67.06
C LYS Q 339 -49.24 -2.75 66.86
N GLU Q 340 -49.56 -3.47 67.94
CA GLU Q 340 -50.56 -4.55 67.85
C GLU Q 340 -51.87 -4.04 67.27
N LEU Q 341 -52.39 -2.95 67.83
CA LEU Q 341 -53.66 -2.40 67.37
C LEU Q 341 -53.59 -2.00 65.90
N ASP Q 342 -52.49 -1.37 65.50
CA ASP Q 342 -52.30 -1.02 64.10
C ASP Q 342 -52.37 -2.26 63.22
N ALA Q 343 -51.72 -3.35 63.64
CA ALA Q 343 -51.76 -4.58 62.87
C ALA Q 343 -53.17 -5.17 62.78
N LEU Q 344 -54.01 -4.89 63.77
CA LEU Q 344 -55.36 -5.44 63.80
C LEU Q 344 -56.37 -4.57 63.08
N GLY Q 345 -55.94 -3.46 62.47
CA GLY Q 345 -56.82 -2.63 61.69
C GLY Q 345 -57.47 -1.48 62.43
N PHE Q 346 -56.78 -0.89 63.39
CA PHE Q 346 -57.33 0.20 64.18
C PHE Q 346 -56.35 1.37 64.21
N ILE Q 347 -56.89 2.56 64.47
CA ILE Q 347 -56.11 3.77 64.66
C ILE Q 347 -56.24 4.15 66.14
N ALA Q 348 -55.14 4.05 66.88
CA ALA Q 348 -55.18 4.27 68.32
C ALA Q 348 -54.70 5.67 68.66
N LEU Q 349 -55.38 6.29 69.63
CA LEU Q 349 -54.97 7.58 70.17
C LEU Q 349 -54.16 7.33 71.45
N CYS Q 350 -52.91 7.78 71.45
CA CYS Q 350 -51.95 7.45 72.50
C CYS Q 350 -51.61 8.68 73.33
N HIS Q 351 -51.98 8.65 74.62
CA HIS Q 351 -51.70 9.76 75.51
C HIS Q 351 -50.21 9.85 75.81
N LYS Q 352 -49.64 11.04 75.70
CA LYS Q 352 -48.28 11.26 76.16
C LYS Q 352 -48.31 11.41 77.68
N LYS Q 353 -47.54 10.56 78.36
CA LYS Q 353 -47.55 10.54 79.82
C LYS Q 353 -47.16 11.90 80.37
N ASN Q 354 -47.86 12.31 81.44
CA ASN Q 354 -47.58 13.57 82.14
C ASN Q 354 -47.73 14.77 81.22
N SER Q 355 -48.80 14.78 80.42
CA SER Q 355 -49.03 15.86 79.48
C SER Q 355 -50.53 15.95 79.20
N ASP Q 356 -50.92 17.02 78.50
CA ASP Q 356 -52.29 17.20 78.02
C ASP Q 356 -52.39 16.93 76.53
N LEU Q 357 -51.62 15.97 76.03
CA LEU Q 357 -51.49 15.73 74.61
C LEU Q 357 -51.62 14.24 74.32
N ALA Q 358 -52.21 13.91 73.17
CA ALA Q 358 -52.28 12.56 72.67
C ALA Q 358 -52.02 12.58 71.17
N VAL Q 359 -51.57 11.45 70.64
CA VAL Q 359 -51.09 11.38 69.25
C VAL Q 359 -51.66 10.14 68.57
N PHE Q 360 -52.14 10.31 67.35
CA PHE Q 360 -52.44 9.20 66.43
C PHE Q 360 -51.11 8.81 65.76
N PHE Q 361 -50.47 7.76 66.23
CA PHE Q 361 -49.22 7.33 65.60
C PHE Q 361 -49.48 6.63 64.27
N GLY Q 362 -50.48 5.76 64.23
CA GLY Q 362 -50.80 5.01 63.03
C GLY Q 362 -51.97 5.63 62.28
N SER Q 363 -52.13 5.23 61.03
CA SER Q 363 -53.26 5.66 60.22
C SER Q 363 -53.75 4.51 59.34
N GLN Q 364 -53.86 3.32 59.91
CA GLN Q 364 -54.24 2.13 59.17
C GLN Q 364 -55.76 2.02 59.07
N THR Q 365 -56.26 1.73 57.87
CA THR Q 365 -57.68 1.44 57.69
C THR Q 365 -58.00 0.05 58.25
N THR Q 366 -59.27 -0.34 58.18
CA THR Q 366 -59.61 -1.69 58.63
C THR Q 366 -59.19 -2.77 57.65
N ASN Q 367 -58.75 -2.39 56.45
CA ASN Q 367 -58.39 -3.37 55.43
C ASN Q 367 -57.16 -4.16 55.86
N ARG Q 368 -57.21 -5.48 55.67
CA ARG Q 368 -56.05 -6.32 55.88
C ARG Q 368 -55.40 -6.57 54.54
N PRO Q 369 -54.20 -6.06 54.27
CA PRO Q 369 -53.59 -6.24 52.95
C PRO Q 369 -53.32 -7.70 52.65
N ARG Q 370 -53.53 -8.07 51.38
CA ARG Q 370 -53.14 -9.40 50.93
C ARG Q 370 -51.62 -9.51 50.84
N VAL Q 371 -51.12 -10.73 50.97
CA VAL Q 371 -49.69 -11.00 50.95
C VAL Q 371 -49.36 -11.73 49.65
N TYR Q 372 -48.35 -11.26 48.94
CA TYR Q 372 -48.00 -11.74 47.62
C TYR Q 372 -46.55 -12.23 47.61
N ASN Q 373 -46.15 -12.76 46.46
CA ASN Q 373 -44.80 -13.28 46.27
C ASN Q 373 -43.85 -12.26 45.64
N THR Q 374 -44.28 -11.02 45.42
CA THR Q 374 -43.39 -9.99 44.91
C THR Q 374 -43.38 -8.79 45.84
N ASN Q 375 -42.22 -8.13 45.91
CA ASN Q 375 -42.08 -6.95 46.77
C ASN Q 375 -43.02 -5.84 46.31
N GLU Q 376 -43.13 -5.63 45.00
CA GLU Q 376 -43.98 -4.55 44.49
C GLU Q 376 -45.43 -4.75 44.88
N ALA Q 377 -45.95 -5.96 44.72
CA ALA Q 377 -47.35 -6.22 45.06
C ALA Q 377 -47.59 -6.05 46.55
N ASN Q 378 -46.67 -6.55 47.38
CA ASN Q 378 -46.82 -6.39 48.83
C ASN Q 378 -46.82 -4.92 49.22
N ALA Q 379 -45.87 -4.16 48.68
CA ALA Q 379 -45.82 -2.72 48.97
C ALA Q 379 -47.12 -2.03 48.57
N ASN Q 380 -47.60 -2.32 47.36
CA ASN Q 380 -48.80 -1.66 46.87
C ASN Q 380 -50.02 -2.04 47.71
N ALA Q 381 -50.13 -3.31 48.10
CA ALA Q 381 -51.23 -3.73 48.95
C ALA Q 381 -51.18 -3.04 50.30
N ARG Q 382 -49.98 -2.88 50.87
CA ARG Q 382 -49.86 -2.27 52.19
C ARG Q 382 -50.27 -0.81 52.18
N ILE Q 383 -49.77 -0.03 51.21
CA ILE Q 383 -50.07 1.39 51.19
C ILE Q 383 -51.52 1.66 50.78
N SER Q 384 -52.13 0.74 50.05
CA SER Q 384 -53.56 0.88 49.72
C SER Q 384 -54.46 0.58 50.91
N ALA Q 385 -53.90 0.26 52.07
CA ALA Q 385 -54.66 0.10 53.30
C ALA Q 385 -54.40 1.22 54.30
N MET Q 386 -53.71 2.28 53.90
CA MET Q 386 -53.37 3.39 54.77
C MET Q 386 -54.29 4.57 54.53
N LEU Q 387 -54.90 5.08 55.60
CA LEU Q 387 -55.85 6.19 55.47
C LEU Q 387 -55.30 7.41 54.75
N PRO Q 388 -54.09 7.91 55.03
CA PRO Q 388 -53.62 9.09 54.29
C PRO Q 388 -53.59 8.90 52.78
N TYR Q 389 -53.03 7.78 52.33
CA TYR Q 389 -52.90 7.53 50.91
C TYR Q 389 -54.25 7.26 50.27
N VAL Q 390 -55.14 6.55 50.97
CA VAL Q 390 -56.48 6.31 50.44
C VAL Q 390 -57.23 7.63 50.30
N LEU Q 391 -57.07 8.54 51.27
CA LEU Q 391 -57.67 9.86 51.16
C LEU Q 391 -57.16 10.62 49.94
N ALA Q 392 -55.85 10.60 49.72
CA ALA Q 392 -55.29 11.27 48.54
C ALA Q 392 -55.83 10.66 47.24
N ALA Q 393 -55.87 9.33 47.17
CA ALA Q 393 -56.37 8.67 45.96
C ALA Q 393 -57.83 9.02 45.72
N SER Q 394 -58.62 9.08 46.79
CA SER Q 394 -60.03 9.46 46.67
C SER Q 394 -60.18 10.89 46.16
N ARG Q 395 -59.36 11.81 46.66
CA ARG Q 395 -59.41 13.19 46.16
C ARG Q 395 -59.11 13.23 44.66
N PHE Q 396 -58.10 12.46 44.23
CA PHE Q 396 -57.82 12.43 42.80
C PHE Q 396 -58.97 11.82 42.01
N ALA Q 397 -59.68 10.84 42.59
CA ALA Q 397 -60.88 10.33 41.94
C ALA Q 397 -61.91 11.42 41.73
N HIS Q 398 -62.13 12.24 42.76
CA HIS Q 398 -63.11 13.32 42.66
C HIS Q 398 -62.71 14.33 41.58
N TYR Q 399 -61.44 14.72 41.57
CA TYR Q 399 -60.96 15.66 40.56
C TYR Q 399 -61.09 15.08 39.16
N LEU Q 400 -60.73 13.81 38.98
CA LEU Q 400 -60.84 13.18 37.67
C LEU Q 400 -62.29 13.16 37.21
N LYS Q 401 -63.22 12.80 38.10
CA LYS Q 401 -64.63 12.81 37.75
C LYS Q 401 -65.04 14.19 37.24
N VAL Q 402 -64.70 15.25 37.97
CA VAL Q 402 -65.18 16.58 37.61
C VAL Q 402 -64.56 17.06 36.30
N ILE Q 403 -63.24 16.94 36.16
CA ILE Q 403 -62.59 17.50 34.98
C ILE Q 403 -62.94 16.70 33.73
N MET Q 404 -62.98 15.36 33.83
CA MET Q 404 -63.34 14.56 32.67
C MET Q 404 -64.80 14.75 32.30
N ARG Q 405 -65.68 14.96 33.28
CA ARG Q 405 -67.04 15.34 32.95
C ARG Q 405 -67.07 16.62 32.14
N ASP Q 406 -66.23 17.59 32.50
CA ASP Q 406 -66.15 18.81 31.71
C ASP Q 406 -65.64 18.55 30.29
N LYS Q 407 -64.86 17.48 30.10
CA LYS Q 407 -64.30 17.22 28.78
C LYS Q 407 -65.19 16.35 27.88
N VAL Q 408 -66.27 15.77 28.40
CA VAL Q 408 -67.15 14.96 27.56
C VAL Q 408 -67.72 15.81 26.44
N GLY Q 409 -67.69 15.29 25.22
CA GLY Q 409 -68.21 15.99 24.07
C GLY Q 409 -67.19 16.82 23.30
N SER Q 410 -66.03 17.10 23.87
CA SER Q 410 -64.97 17.79 23.15
C SER Q 410 -64.25 16.82 22.22
N PHE Q 411 -63.67 17.36 21.15
CA PHE Q 411 -62.88 16.57 20.20
C PHE Q 411 -61.59 16.12 20.87
N MET Q 412 -61.48 14.83 21.17
CA MET Q 412 -60.35 14.31 21.95
C MET Q 412 -59.96 12.93 21.43
N THR Q 413 -58.71 12.80 21.00
CA THR Q 413 -58.16 11.49 20.72
C THR Q 413 -57.66 10.85 22.02
N ARG Q 414 -57.22 9.60 21.92
CA ARG Q 414 -56.59 8.95 23.06
C ARG Q 414 -55.38 9.73 23.54
N ASP Q 415 -54.55 10.19 22.61
CA ASP Q 415 -53.37 10.97 22.96
C ASP Q 415 -53.75 12.31 23.61
N ASN Q 416 -54.81 12.95 23.11
CA ASN Q 416 -55.27 14.20 23.71
C ASN Q 416 -55.62 13.98 25.19
N VAL Q 417 -56.38 12.91 25.47
CA VAL Q 417 -56.77 12.61 26.84
C VAL Q 417 -55.54 12.37 27.70
N GLN Q 418 -54.60 11.56 27.19
CA GLN Q 418 -53.42 11.24 27.97
C GLN Q 418 -52.58 12.47 28.27
N THR Q 419 -52.35 13.30 27.24
CA THR Q 419 -51.57 14.52 27.43
C THR Q 419 -52.26 15.44 28.44
N TYR Q 420 -53.57 15.62 28.31
CA TYR Q 420 -54.29 16.49 29.24
C TYR Q 420 -54.16 15.99 30.67
N LEU Q 421 -54.40 14.70 30.89
CA LEU Q 421 -54.38 14.18 32.26
C LEU Q 421 -52.99 14.24 32.87
N ASN Q 422 -51.96 13.92 32.09
CA ASN Q 422 -50.60 14.00 32.63
C ASN Q 422 -50.20 15.44 32.89
N ASN Q 423 -50.64 16.38 32.03
CA ASN Q 423 -50.38 17.79 32.27
C ASN Q 423 -51.06 18.27 33.54
N TRP Q 424 -52.30 17.85 33.76
CA TRP Q 424 -53.07 18.33 34.91
C TRP Q 424 -52.48 17.84 36.22
N ILE Q 425 -52.09 16.56 36.28
CA ILE Q 425 -51.61 15.97 37.53
C ILE Q 425 -50.21 16.40 37.90
N ALA Q 426 -49.43 16.94 36.95
CA ALA Q 426 -48.03 17.28 37.22
C ALA Q 426 -47.90 18.33 38.31
N ASP Q 427 -48.92 19.17 38.48
CA ASP Q 427 -48.86 20.24 39.48
C ASP Q 427 -48.83 19.72 40.91
N TYR Q 428 -49.22 18.47 41.15
CA TYR Q 428 -49.30 17.91 42.48
C TYR Q 428 -48.10 17.05 42.85
N VAL Q 429 -47.06 17.06 42.03
CA VAL Q 429 -45.90 16.18 42.20
C VAL Q 429 -44.74 17.00 42.74
N LEU Q 430 -44.08 16.49 43.77
CA LEU Q 430 -42.87 17.09 44.33
C LEU Q 430 -41.74 16.06 44.29
N ILE Q 431 -40.68 16.37 43.56
CA ILE Q 431 -39.57 15.42 43.39
C ILE Q 431 -38.59 15.49 44.56
N ASN Q 432 -38.49 16.63 45.23
CA ASN Q 432 -37.44 16.87 46.21
C ASN Q 432 -37.74 16.11 47.50
N ASP Q 433 -37.04 14.99 47.70
CA ASP Q 433 -37.22 14.20 48.92
C ASP Q 433 -36.51 14.83 50.12
N ASN Q 434 -35.74 15.90 49.92
CA ASN Q 434 -35.11 16.62 51.02
C ASN Q 434 -35.93 17.81 51.49
N ALA Q 435 -37.12 18.02 50.92
CA ALA Q 435 -37.97 19.11 51.38
C ALA Q 435 -38.44 18.84 52.80
N PRO Q 436 -38.63 19.89 53.60
CA PRO Q 436 -39.09 19.70 54.97
C PRO Q 436 -40.50 19.11 55.02
N GLN Q 437 -40.88 18.70 56.23
CA GLN Q 437 -42.19 18.07 56.44
C GLN Q 437 -43.33 18.95 55.94
N GLU Q 438 -43.27 20.25 56.24
CA GLU Q 438 -44.35 21.16 55.89
C GLU Q 438 -44.49 21.34 54.39
N ILE Q 439 -43.40 21.15 53.64
CA ILE Q 439 -43.48 21.22 52.18
C ILE Q 439 -44.05 19.92 51.61
N LYS Q 440 -43.53 18.78 52.08
CA LYS Q 440 -44.03 17.50 51.59
C LYS Q 440 -45.52 17.34 51.88
N ALA Q 441 -46.01 17.92 52.98
CA ALA Q 441 -47.44 17.85 53.28
C ALA Q 441 -48.31 18.52 52.23
N GLN Q 442 -47.76 19.47 51.47
CA GLN Q 442 -48.53 20.20 50.47
C GLN Q 442 -48.57 19.51 49.11
N TYR Q 443 -47.83 18.42 48.92
CA TYR Q 443 -47.79 17.73 47.63
C TYR Q 443 -48.09 16.26 47.85
N PRO Q 444 -49.25 15.77 47.43
CA PRO Q 444 -49.59 14.37 47.68
C PRO Q 444 -48.74 13.37 46.92
N LEU Q 445 -48.03 13.78 45.88
CA LEU Q 445 -47.38 12.84 44.98
C LEU Q 445 -45.87 13.09 44.90
N ARG Q 446 -45.12 11.99 44.90
CA ARG Q 446 -43.72 12.01 44.50
C ARG Q 446 -43.53 11.64 43.03
N GLU Q 447 -44.47 10.89 42.46
CA GLU Q 447 -44.45 10.50 41.06
C GLU Q 447 -45.88 10.19 40.64
N ALA Q 448 -46.17 10.42 39.35
CA ALA Q 448 -47.47 10.07 38.83
C ALA Q 448 -47.36 9.86 37.32
N ARG Q 449 -48.23 9.00 36.80
CA ARG Q 449 -48.32 8.79 35.35
C ARG Q 449 -49.71 8.27 35.02
N VAL Q 450 -50.26 8.77 33.92
CA VAL Q 450 -51.56 8.34 33.43
C VAL Q 450 -51.35 7.68 32.08
N ASP Q 451 -51.84 6.44 31.95
CA ASP Q 451 -51.80 5.70 30.70
C ASP Q 451 -53.22 5.55 30.17
N VAL Q 452 -53.42 5.91 28.90
CA VAL Q 452 -54.75 5.90 28.29
C VAL Q 452 -54.73 4.97 27.08
N SER Q 453 -55.80 4.18 26.94
CA SER Q 453 -55.93 3.26 25.83
C SER Q 453 -57.31 3.39 25.20
N GLU Q 454 -57.40 3.05 23.92
CA GLU Q 454 -58.67 3.06 23.20
C GLU Q 454 -59.43 1.77 23.45
N VAL Q 455 -60.74 1.83 23.27
CA VAL Q 455 -61.61 0.67 23.32
C VAL Q 455 -61.99 0.34 21.89
N VAL Q 456 -61.65 -0.87 21.44
CA VAL Q 456 -61.85 -1.23 20.03
C VAL Q 456 -63.33 -1.18 19.70
N GLY Q 457 -63.64 -0.63 18.52
CA GLY Q 457 -64.99 -0.56 18.03
C GLY Q 457 -65.85 0.53 18.62
N LYS Q 458 -65.30 1.38 19.50
CA LYS Q 458 -66.06 2.42 20.17
C LYS Q 458 -65.31 3.75 20.06
N PRO Q 459 -65.55 4.51 18.99
CA PRO Q 459 -64.90 5.82 18.88
C PRO Q 459 -65.23 6.72 20.05
N GLY Q 460 -64.21 7.42 20.55
CA GLY Q 460 -64.39 8.32 21.68
C GLY Q 460 -64.56 7.66 23.03
N VAL Q 461 -64.29 6.36 23.15
CA VAL Q 461 -64.39 5.64 24.42
C VAL Q 461 -62.99 5.17 24.81
N TYR Q 462 -62.59 5.49 26.04
CA TYR Q 462 -61.21 5.28 26.47
C TYR Q 462 -61.16 4.66 27.85
N ARG Q 463 -60.03 4.01 28.13
CA ARG Q 463 -59.71 3.49 29.45
C ARG Q 463 -58.38 4.07 29.90
N ALA Q 464 -58.28 4.39 31.18
CA ALA Q 464 -57.08 4.98 31.72
C ALA Q 464 -56.69 4.28 33.02
N THR Q 465 -55.38 4.24 33.26
CA THR Q 465 -54.84 3.84 34.56
C THR Q 465 -54.05 5.00 35.12
N VAL Q 466 -54.35 5.36 36.35
CA VAL Q 466 -53.71 6.50 37.03
C VAL Q 466 -52.84 5.93 38.14
N PHE Q 467 -51.53 5.98 37.93
CA PHE Q 467 -50.57 5.53 38.93
C PHE Q 467 -50.15 6.71 39.80
N LEU Q 468 -50.32 6.54 41.11
CA LEU Q 468 -49.99 7.59 42.08
C LEU Q 468 -48.95 7.05 43.05
N ARG Q 469 -47.79 7.69 43.08
CA ARG Q 469 -46.76 7.33 44.06
C ARG Q 469 -46.67 8.43 45.11
N PRO Q 470 -47.17 8.21 46.32
CA PRO Q 470 -47.15 9.26 47.33
C PRO Q 470 -45.78 9.38 47.98
N HIS Q 471 -45.65 10.40 48.83
CA HIS Q 471 -44.53 10.50 49.75
C HIS Q 471 -44.82 9.60 50.95
N PHE Q 472 -43.91 8.71 51.28
CA PHE Q 472 -44.19 7.71 52.31
C PHE Q 472 -43.78 8.19 53.70
N GLN Q 473 -44.61 7.84 54.67
CA GLN Q 473 -44.40 8.23 56.06
C GLN Q 473 -43.71 7.11 56.82
N LEU Q 474 -42.88 7.49 57.79
CA LEU Q 474 -42.11 6.52 58.56
C LEU Q 474 -43.04 5.64 59.37
N GLU Q 475 -42.85 4.32 59.27
CA GLU Q 475 -43.68 3.34 59.95
C GLU Q 475 -42.95 2.61 61.07
N GLU Q 476 -41.76 2.09 60.80
CA GLU Q 476 -41.02 1.28 61.77
C GLU Q 476 -39.53 1.50 61.57
N LEU Q 477 -38.78 1.27 62.65
CA LEU Q 477 -37.32 1.30 62.58
C LEU Q 477 -36.77 0.26 63.54
N THR Q 478 -35.97 -0.66 63.01
CA THR Q 478 -35.25 -1.63 63.83
C THR Q 478 -33.77 -1.24 63.82
N ALA Q 479 -33.21 -1.00 65.00
CA ALA Q 479 -31.85 -0.50 65.11
C ALA Q 479 -31.00 -1.44 65.95
N SER Q 480 -29.75 -1.58 65.55
CA SER Q 480 -28.75 -2.35 66.29
C SER Q 480 -27.61 -1.41 66.68
N ILE Q 481 -27.40 -1.25 67.98
CA ILE Q 481 -26.33 -0.42 68.50
C ILE Q 481 -25.12 -1.29 68.77
N ARG Q 482 -23.95 -0.85 68.32
CA ARG Q 482 -22.73 -1.65 68.43
C ARG Q 482 -21.56 -0.77 68.82
N LEU Q 483 -20.96 -1.07 69.98
CA LEU Q 483 -19.71 -0.45 70.37
C LEU Q 483 -18.58 -1.07 69.57
N VAL Q 484 -17.72 -0.22 68.99
CA VAL Q 484 -16.62 -0.70 68.18
C VAL Q 484 -15.34 0.05 68.53
N ALA Q 485 -14.21 -0.65 68.47
CA ALA Q 485 -12.92 0.04 68.59
C ALA Q 485 -12.57 0.79 67.32
N THR Q 486 -13.01 0.28 66.17
CA THR Q 486 -12.83 0.95 64.89
C THR Q 486 -14.13 0.86 64.10
N LEU Q 487 -14.47 1.93 63.39
CA LEU Q 487 -15.67 1.93 62.55
C LEU Q 487 -15.48 0.98 61.37
N PRO Q 488 -16.33 -0.01 61.19
CA PRO Q 488 -16.26 -0.83 59.97
C PRO Q 488 -16.80 -0.06 58.78
N PRO Q 489 -16.41 -0.45 57.56
CA PRO Q 489 -16.98 0.22 56.38
C PRO Q 489 -18.46 -0.10 56.25
N PRO Q 490 -19.25 0.79 55.64
CA PRO Q 490 -20.69 0.59 55.51
C PRO Q 490 -21.06 -0.59 54.61
N GLU R 3 -69.04 34.43 24.98
CA GLU R 3 -68.21 35.15 24.03
C GLU R 3 -68.28 36.67 24.26
N SER R 4 -67.12 37.31 24.29
CA SER R 4 -67.08 38.76 24.42
C SER R 4 -67.78 39.43 23.24
N THR R 5 -68.43 40.56 23.51
CA THR R 5 -69.08 41.31 22.45
C THR R 5 -68.05 41.83 21.45
N GLN R 6 -66.80 42.00 21.87
CA GLN R 6 -65.75 42.38 20.93
C GLN R 6 -65.59 41.34 19.84
N HIS R 7 -65.62 40.06 20.21
CA HIS R 7 -65.47 38.99 19.24
C HIS R 7 -66.72 38.78 18.39
N LYS R 8 -67.89 39.19 18.87
CA LYS R 8 -69.07 39.18 18.02
C LYS R 8 -68.89 40.13 16.84
N LEU R 9 -68.26 41.28 17.08
CA LEU R 9 -68.00 42.24 16.03
C LEU R 9 -66.96 41.74 15.02
N ASP R 10 -66.25 40.66 15.33
CA ASP R 10 -65.43 40.00 14.30
C ASP R 10 -66.29 39.53 13.14
N ARG R 11 -67.53 39.14 13.40
CA ARG R 11 -68.38 38.48 12.42
C ARG R 11 -69.52 39.34 11.91
N ILE R 12 -70.10 40.17 12.76
CA ILE R 12 -71.33 40.90 12.43
C ILE R 12 -70.95 42.30 11.97
N ARG R 13 -70.93 42.49 10.65
CA ARG R 13 -70.59 43.77 10.03
C ARG R 13 -69.32 44.38 10.62
N PRO R 14 -68.18 43.68 10.50
CA PRO R 14 -66.97 44.14 11.17
C PRO R 14 -66.41 45.38 10.51
N PRO R 15 -65.74 46.25 11.26
CA PRO R 15 -65.03 47.37 10.66
C PRO R 15 -63.73 46.91 10.02
N ARG R 16 -63.10 47.82 9.27
CA ARG R 16 -61.80 47.52 8.69
C ARG R 16 -60.76 47.28 9.78
N VAL R 17 -60.76 48.12 10.81
CA VAL R 17 -59.82 48.00 11.92
C VAL R 17 -60.61 47.47 13.11
N GLN R 18 -60.43 46.19 13.40
CA GLN R 18 -61.20 45.48 14.41
C GLN R 18 -60.26 45.09 15.56
N ILE R 19 -60.56 45.56 16.76
CA ILE R 19 -59.67 45.44 17.91
C ILE R 19 -60.41 44.75 19.05
N THR R 20 -59.76 43.77 19.67
CA THR R 20 -60.31 43.07 20.82
C THR R 20 -59.26 42.99 21.92
N TYR R 21 -59.72 42.81 23.15
CA TYR R 21 -58.83 42.50 24.25
C TYR R 21 -58.87 41.02 24.55
N ASP R 22 -57.70 40.43 24.83
CA ASP R 22 -57.62 39.01 25.16
C ASP R 22 -56.62 38.76 26.26
N VAL R 23 -56.86 37.72 27.05
CA VAL R 23 -55.93 37.27 28.08
C VAL R 23 -54.94 36.31 27.42
N GLU R 24 -53.66 36.62 27.54
CA GLU R 24 -52.62 35.77 26.98
C GLU R 24 -52.39 34.59 27.92
N THR R 25 -52.88 33.41 27.53
CA THR R 25 -52.75 32.22 28.37
C THR R 25 -51.84 31.16 27.79
N GLY R 26 -51.36 31.32 26.55
CA GLY R 26 -50.48 30.33 25.96
C GLY R 26 -51.15 28.97 25.88
N ASN R 27 -50.42 27.94 26.32
CA ASN R 27 -50.93 26.58 26.34
C ASN R 27 -51.42 26.16 27.72
N ALA R 28 -51.70 27.12 28.60
CA ALA R 28 -52.12 26.79 29.95
C ALA R 28 -53.53 26.20 29.96
N ILE R 29 -53.79 25.36 30.95
CA ILE R 29 -55.12 24.79 31.17
C ILE R 29 -55.67 25.33 32.48
N GLU R 30 -56.99 25.45 32.54
CA GLU R 30 -57.66 25.93 33.74
C GLU R 30 -57.58 24.89 34.85
N LYS R 31 -57.42 25.36 36.07
CA LYS R 31 -57.30 24.50 37.25
C LYS R 31 -58.48 24.77 38.17
N LYS R 32 -59.58 24.04 37.96
CA LYS R 32 -60.72 24.16 38.85
C LYS R 32 -60.40 23.48 40.18
N GLU R 33 -60.78 24.14 41.27
CA GLU R 33 -60.50 23.65 42.61
C GLU R 33 -61.77 23.06 43.22
N LEU R 34 -61.61 21.97 43.95
CA LEU R 34 -62.74 21.42 44.67
C LEU R 34 -62.59 21.68 46.17
N PRO R 35 -63.65 22.04 46.86
CA PRO R 35 -63.59 22.18 48.31
C PRO R 35 -63.47 20.81 48.97
N LEU R 36 -62.94 20.82 50.18
CA LEU R 36 -63.02 19.64 51.02
C LEU R 36 -64.41 19.61 51.67
N VAL R 37 -65.13 18.51 51.49
CA VAL R 37 -66.48 18.36 52.02
C VAL R 37 -66.48 17.17 52.96
N VAL R 38 -66.75 17.42 54.23
CA VAL R 38 -66.82 16.36 55.23
C VAL R 38 -68.29 16.07 55.52
N GLY R 39 -68.70 14.84 55.24
CA GLY R 39 -70.04 14.42 55.61
C GLY R 39 -70.07 13.85 57.02
N ILE R 40 -70.92 14.39 57.87
CA ILE R 40 -71.02 13.98 59.26
C ILE R 40 -72.34 13.24 59.45
N LEU R 41 -72.26 12.03 60.01
CA LEU R 41 -73.42 11.21 60.29
C LEU R 41 -73.48 11.04 61.81
N ALA R 42 -74.50 11.62 62.44
CA ALA R 42 -74.57 11.59 63.89
C ALA R 42 -76.03 11.54 64.34
N ASP R 43 -76.24 10.86 65.48
CA ASP R 43 -77.56 10.71 66.09
C ASP R 43 -77.74 11.86 67.07
N LEU R 44 -78.27 12.98 66.58
CA LEU R 44 -78.33 14.19 67.38
C LEU R 44 -79.74 14.47 67.91
N MET R 56 -84.94 9.28 53.51
CA MET R 56 -85.02 9.83 52.16
C MET R 56 -85.36 11.31 52.22
N GLU R 57 -86.11 11.71 53.24
CA GLU R 57 -86.60 13.08 53.36
C GLU R 57 -85.57 14.02 53.97
N ARG R 58 -84.61 13.51 54.72
CA ARG R 58 -83.62 14.36 55.36
C ARG R 58 -82.53 14.75 54.36
N ARG R 59 -81.63 15.62 54.81
CA ARG R 59 -80.58 16.10 53.94
C ARG R 59 -79.33 16.40 54.75
N PHE R 60 -78.21 16.48 54.06
CA PHE R 60 -76.95 16.92 54.64
C PHE R 60 -76.98 18.44 54.72
N VAL R 61 -77.17 18.99 55.92
CA VAL R 61 -77.27 20.43 56.10
C VAL R 61 -75.89 21.00 56.41
N GLU R 62 -75.53 22.07 55.71
CA GLU R 62 -74.23 22.69 55.92
C GLU R 62 -74.17 23.34 57.30
N ILE R 63 -73.09 23.08 58.02
CA ILE R 63 -72.94 23.54 59.39
C ILE R 63 -71.59 24.23 59.54
N ASN R 64 -71.58 25.33 60.30
CA ASN R 64 -70.35 26.08 60.52
C ASN R 64 -70.49 26.83 61.85
N ARG R 65 -69.45 27.59 62.19
CA ARG R 65 -69.46 28.31 63.46
C ARG R 65 -70.56 29.37 63.51
N ASP R 66 -71.01 29.86 62.36
CA ASP R 66 -72.02 30.92 62.36
C ASP R 66 -73.42 30.38 62.63
N ASN R 67 -73.80 29.28 61.99
CA ASN R 67 -75.17 28.79 62.07
C ASN R 67 -75.32 27.60 63.00
N PHE R 68 -74.33 27.33 63.83
CA PHE R 68 -74.34 26.11 64.65
C PHE R 68 -75.56 26.07 65.55
N ASN R 69 -75.86 27.17 66.23
CA ASN R 69 -76.99 27.16 67.15
C ASN R 69 -78.32 27.10 66.42
N ASP R 70 -78.42 27.65 65.21
CA ASP R 70 -79.62 27.49 64.42
C ASP R 70 -79.86 26.02 64.07
N VAL R 71 -78.80 25.30 63.72
CA VAL R 71 -78.93 23.87 63.42
C VAL R 71 -79.29 23.10 64.68
N LEU R 72 -78.70 23.47 65.82
CA LEU R 72 -79.07 22.84 67.08
C LEU R 72 -80.55 23.06 67.39
N ALA R 73 -81.04 24.28 67.18
CA ALA R 73 -82.43 24.58 67.44
C ALA R 73 -83.34 23.80 66.50
N SER R 74 -83.00 23.73 65.21
CA SER R 74 -83.83 23.02 64.25
C SER R 74 -83.86 21.53 64.56
N ILE R 75 -82.74 20.97 65.01
CA ILE R 75 -82.75 19.58 65.48
C ILE R 75 -83.53 19.46 66.77
N ALA R 76 -83.33 20.41 67.69
CA ALA R 76 -84.04 20.52 68.97
C ALA R 76 -83.89 19.25 69.79
N PRO R 77 -82.69 18.92 70.27
CA PRO R 77 -82.54 17.71 71.10
C PRO R 77 -83.24 17.85 72.45
N GLN S 90 -100.25 29.37 27.79
CA GLN S 90 -98.96 28.81 28.14
C GLN S 90 -98.33 28.08 26.96
N LYS S 91 -99.06 27.12 26.40
CA LYS S 91 -98.54 26.33 25.29
C LYS S 91 -98.25 27.20 24.08
N LEU S 92 -99.17 28.12 23.76
CA LEU S 92 -98.91 29.06 22.67
C LEU S 92 -97.77 30.01 23.02
N GLU S 93 -97.78 30.55 24.24
CA GLU S 93 -96.74 31.48 24.64
C GLU S 93 -95.37 30.81 24.63
N ALA S 94 -95.30 29.56 25.10
CA ALA S 94 -94.03 28.85 25.12
C ALA S 94 -93.47 28.67 23.71
N SER S 95 -94.34 28.36 22.75
CA SER S 95 -93.90 28.20 21.37
C SER S 95 -93.37 29.52 20.80
N TRP S 96 -94.13 30.61 20.99
CA TRP S 96 -93.72 31.89 20.45
C TRP S 96 -92.46 32.40 21.14
N ARG S 97 -92.38 32.24 22.47
CA ARG S 97 -91.20 32.71 23.19
C ARG S 97 -89.98 31.87 22.86
N GLY S 98 -90.16 30.55 22.75
CA GLY S 98 -89.05 29.70 22.32
C GLY S 98 -88.57 30.10 20.94
N LEU S 99 -89.51 30.34 20.02
CA LEU S 99 -89.15 30.79 18.68
C LEU S 99 -88.45 32.14 18.72
N HIS S 100 -88.97 33.08 19.52
CA HIS S 100 -88.37 34.41 19.59
C HIS S 100 -86.95 34.35 20.12
N MET S 101 -86.72 33.53 21.14
CA MET S 101 -85.37 33.38 21.69
C MET S 101 -84.41 32.82 20.65
N LEU S 102 -84.85 31.81 19.89
CA LEU S 102 -84.00 31.26 18.85
C LEU S 102 -83.66 32.29 17.79
N VAL S 103 -84.67 33.04 17.33
CA VAL S 103 -84.45 34.05 16.30
C VAL S 103 -83.52 35.14 16.81
N LYS S 104 -83.77 35.63 18.03
CA LYS S 104 -82.97 36.73 18.57
C LYS S 104 -81.52 36.33 18.80
N ASN S 105 -81.27 35.06 19.11
CA ASN S 105 -79.94 34.59 19.46
C ASN S 105 -79.21 33.92 18.30
N THR S 106 -79.77 33.99 17.09
CA THR S 106 -79.16 33.39 15.91
C THR S 106 -78.67 34.50 14.98
N GLU S 107 -77.42 34.40 14.54
CA GLU S 107 -76.83 35.38 13.63
C GLU S 107 -77.31 35.10 12.20
N THR S 108 -78.57 35.42 11.96
CA THR S 108 -79.13 35.28 10.63
C THR S 108 -78.49 36.28 9.66
N GLY S 109 -78.38 35.86 8.41
CA GLY S 109 -77.74 36.70 7.41
C GLY S 109 -77.56 35.97 6.10
N ALA S 110 -76.51 36.35 5.38
CA ALA S 110 -76.24 35.73 4.08
C ALA S 110 -76.01 34.23 4.21
N ARG S 111 -75.29 33.81 5.26
CA ARG S 111 -74.91 32.41 5.42
C ARG S 111 -75.86 31.61 6.30
N LEU S 112 -76.87 32.23 6.91
CA LEU S 112 -77.71 31.54 7.89
C LEU S 112 -79.13 32.06 7.77
N LYS S 113 -80.07 31.15 7.47
CA LYS S 113 -81.47 31.52 7.32
C LYS S 113 -82.35 30.61 8.17
N LEU S 114 -83.39 31.20 8.74
CA LEU S 114 -84.44 30.47 9.43
C LEU S 114 -85.73 30.60 8.63
N ARG S 115 -86.38 29.48 8.36
CA ARG S 115 -87.62 29.45 7.60
C ARG S 115 -88.68 28.72 8.42
N LEU S 116 -89.87 29.28 8.51
CA LEU S 116 -90.89 28.83 9.44
C LEU S 116 -92.13 28.36 8.70
N LEU S 117 -92.62 27.18 9.05
CA LEU S 117 -93.86 26.64 8.53
C LEU S 117 -94.84 26.47 9.69
N ASN S 118 -95.95 27.19 9.63
CA ASN S 118 -96.96 27.19 10.68
C ASN S 118 -97.91 26.03 10.43
N VAL S 119 -97.82 24.98 11.25
CA VAL S 119 -98.58 23.75 11.03
C VAL S 119 -98.70 23.01 12.35
N THR S 120 -99.86 22.40 12.57
CA THR S 120 -100.11 21.62 13.77
C THR S 120 -99.66 20.18 13.59
N GLN S 121 -99.52 19.48 14.72
CA GLN S 121 -99.10 18.09 14.69
C GLN S 121 -100.11 17.22 13.94
N LYS S 122 -101.39 17.46 14.17
CA LYS S 122 -102.44 16.70 13.49
C LYS S 122 -102.43 16.94 11.99
N GLU S 123 -102.22 18.19 11.57
CA GLU S 123 -102.12 18.50 10.15
C GLU S 123 -100.94 17.78 9.51
N LEU S 124 -99.79 17.75 10.18
CA LEU S 124 -98.65 16.99 9.67
C LEU S 124 -99.00 15.52 9.53
N LEU S 125 -99.65 14.95 10.54
CA LEU S 125 -100.03 13.54 10.49
C LEU S 125 -100.94 13.28 9.30
N ILE S 126 -101.94 14.14 9.10
CA ILE S 126 -102.89 13.93 8.00
C ILE S 126 -102.19 14.06 6.67
N ASP S 127 -101.35 15.08 6.50
CA ASP S 127 -100.64 15.26 5.24
C ASP S 127 -99.76 14.06 4.92
N LEU S 128 -99.06 13.53 5.93
CA LEU S 128 -98.15 12.43 5.66
C LEU S 128 -98.90 11.12 5.43
N GLU S 129 -99.99 10.88 6.15
CA GLU S 129 -100.71 9.62 6.03
C GLU S 129 -101.55 9.56 4.75
N LYS S 130 -102.16 10.68 4.35
CA LYS S 130 -103.09 10.66 3.22
C LYS S 130 -102.42 10.85 1.88
N ALA S 131 -101.11 11.07 1.85
CA ALA S 131 -100.41 11.23 0.57
C ALA S 131 -100.56 9.97 -0.26
N VAL S 132 -100.81 10.16 -1.56
CA VAL S 132 -100.97 9.03 -2.46
C VAL S 132 -99.67 8.21 -2.52
N GLU S 133 -98.53 8.90 -2.54
CA GLU S 133 -97.22 8.27 -2.51
C GLU S 133 -96.33 9.09 -1.59
N PHE S 134 -95.22 8.49 -1.16
CA PHE S 134 -94.38 9.16 -0.17
C PHE S 134 -93.85 10.50 -0.66
N ASP S 135 -93.66 10.66 -1.97
CA ASP S 135 -93.12 11.91 -2.50
C ASP S 135 -94.20 12.92 -2.86
N GLN S 136 -95.46 12.63 -2.56
CA GLN S 136 -96.56 13.52 -2.92
C GLN S 136 -97.05 14.37 -1.76
N SER S 137 -96.61 14.10 -0.54
CA SER S 137 -97.06 14.87 0.61
C SER S 137 -96.59 16.31 0.52
N ALA S 138 -97.37 17.21 1.11
CA ALA S 138 -96.99 18.62 1.13
C ALA S 138 -95.62 18.81 1.77
N LEU S 139 -95.37 18.08 2.87
CA LEU S 139 -94.07 18.20 3.52
C LEU S 139 -92.94 17.74 2.61
N PHE S 140 -93.13 16.63 1.90
CA PHE S 140 -92.08 16.18 1.00
C PHE S 140 -91.82 17.22 -0.09
N LYS S 141 -92.88 17.74 -0.71
CA LYS S 141 -92.70 18.76 -1.73
C LYS S 141 -91.89 19.93 -1.17
N LYS S 142 -92.36 20.49 -0.05
CA LYS S 142 -91.78 21.73 0.47
C LYS S 142 -90.34 21.52 0.96
N ILE S 143 -90.03 20.37 1.54
CA ILE S 143 -88.72 20.16 2.13
C ILE S 143 -87.73 19.60 1.11
N TYR S 144 -88.11 18.52 0.41
CA TYR S 144 -87.22 17.92 -0.57
C TYR S 144 -87.26 18.66 -1.90
N GLU S 145 -88.44 18.69 -2.55
CA GLU S 145 -88.46 19.05 -3.96
C GLU S 145 -88.13 20.53 -4.15
N GLU S 146 -88.74 21.40 -3.35
CA GLU S 146 -88.62 22.82 -3.60
C GLU S 146 -87.23 23.38 -3.29
N GLU S 147 -86.47 22.73 -2.42
CA GLU S 147 -85.13 23.22 -2.11
C GLU S 147 -84.02 22.25 -2.50
N TYR S 148 -84.01 21.03 -1.95
CA TYR S 148 -82.93 20.10 -2.25
C TYR S 148 -83.00 19.62 -3.69
N GLY S 149 -84.21 19.42 -4.20
CA GLY S 149 -84.39 18.86 -5.52
C GLY S 149 -84.68 19.85 -6.63
N THR S 150 -84.39 21.13 -6.43
CA THR S 150 -84.64 22.16 -7.44
C THR S 150 -83.37 22.93 -7.75
N PHE S 151 -83.14 23.19 -9.05
CA PHE S 151 -82.02 23.98 -9.51
C PHE S 151 -82.04 25.36 -8.85
N GLY S 152 -80.97 25.70 -8.14
CA GLY S 152 -80.89 26.96 -7.44
C GLY S 152 -81.42 26.95 -6.02
N GLY S 153 -81.98 25.84 -5.54
CA GLY S 153 -82.46 25.78 -4.19
C GLY S 153 -81.35 25.76 -3.16
N HIS S 154 -81.69 26.22 -1.95
CA HIS S 154 -80.80 26.13 -0.79
C HIS S 154 -81.34 25.04 0.13
N PRO S 155 -80.74 23.85 0.15
CA PRO S 155 -81.35 22.73 0.89
C PRO S 155 -81.47 23.04 2.38
N PHE S 156 -82.57 22.56 2.96
CA PHE S 156 -82.73 22.63 4.40
C PHE S 156 -81.62 21.83 5.07
N SER S 157 -80.84 22.50 5.91
CA SER S 157 -79.78 21.81 6.64
C SER S 157 -80.33 21.01 7.81
N LEU S 158 -81.41 21.49 8.43
CA LEU S 158 -81.91 20.94 9.68
C LEU S 158 -83.38 21.27 9.79
N LEU S 159 -84.13 20.41 10.46
CA LEU S 159 -85.54 20.66 10.77
C LEU S 159 -85.73 20.56 12.28
N VAL S 160 -86.42 21.54 12.86
CA VAL S 160 -86.77 21.50 14.27
C VAL S 160 -88.29 21.51 14.38
N GLY S 161 -88.83 20.54 15.10
CA GLY S 161 -90.25 20.46 15.31
C GLY S 161 -90.61 20.79 16.74
N ASP S 162 -91.41 21.85 16.93
CA ASP S 162 -91.89 22.23 18.26
C ASP S 162 -93.08 21.35 18.63
N TYR S 163 -92.79 20.06 18.78
CA TYR S 163 -93.80 19.08 19.16
C TYR S 163 -93.17 18.08 20.13
N SER S 164 -94.03 17.46 20.94
CA SER S 164 -93.63 16.37 21.82
C SER S 164 -94.20 15.07 21.28
N PHE S 165 -93.42 14.01 21.36
CA PHE S 165 -93.81 12.71 20.82
C PHE S 165 -93.89 11.70 21.95
N GLY S 166 -95.06 11.11 22.14
CA GLY S 166 -95.29 10.11 23.15
C GLY S 166 -95.23 8.70 22.59
N ARG S 167 -95.76 7.76 23.36
CA ARG S 167 -95.79 6.36 22.96
C ARG S 167 -97.01 6.01 22.13
N HIS S 168 -97.90 6.97 21.89
CA HIS S 168 -99.14 6.69 21.20
C HIS S 168 -98.84 6.22 19.77
N PRO S 169 -99.62 5.29 19.23
CA PRO S 169 -99.32 4.78 17.88
C PRO S 169 -99.25 5.85 16.80
N GLN S 170 -100.14 6.87 16.84
CA GLN S 170 -100.06 7.89 15.81
C GLN S 170 -98.83 8.78 16.02
N ASP S 171 -98.36 8.92 17.26
CA ASP S 171 -97.13 9.68 17.49
C ASP S 171 -95.93 9.00 16.85
N ILE S 172 -95.80 7.68 17.05
CA ILE S 172 -94.69 6.94 16.46
C ILE S 172 -94.83 6.88 14.94
N GLY S 173 -96.07 6.75 14.44
CA GLY S 173 -96.28 6.77 13.00
C GLY S 173 -95.87 8.08 12.37
N LEU S 174 -96.25 9.20 13.01
CA LEU S 174 -95.83 10.51 12.54
C LEU S 174 -94.32 10.65 12.59
N LEU S 175 -93.69 10.15 13.66
CA LEU S 175 -92.23 10.19 13.74
C LEU S 175 -91.60 9.42 12.59
N GLU S 176 -92.17 8.27 12.24
CA GLU S 176 -91.64 7.48 11.14
C GLU S 176 -91.76 8.20 9.80
N LYS S 177 -92.94 8.78 9.52
CA LYS S 177 -93.12 9.50 8.26
C LYS S 177 -92.19 10.72 8.19
N LEU S 178 -92.07 11.45 9.30
CA LEU S 178 -91.16 12.59 9.34
C LEU S 178 -89.72 12.15 9.12
N SER S 179 -89.34 11.01 9.70
CA SER S 179 -87.99 10.49 9.49
C SER S 179 -87.77 10.17 8.02
N ASN S 180 -88.78 9.64 7.35
CA ASN S 180 -88.65 9.36 5.92
C ASN S 180 -88.40 10.64 5.13
N VAL S 181 -89.18 11.68 5.39
CA VAL S 181 -88.96 12.94 4.67
C VAL S 181 -87.60 13.52 5.01
N ALA S 182 -87.22 13.50 6.28
CA ALA S 182 -85.92 14.03 6.70
C ALA S 182 -84.77 13.27 6.03
N ALA S 183 -84.87 11.95 5.96
CA ALA S 183 -83.85 11.14 5.32
C ALA S 183 -83.74 11.45 3.84
N ALA S 184 -84.88 11.60 3.16
CA ALA S 184 -84.84 11.86 1.72
C ALA S 184 -84.07 13.14 1.42
N ALA S 185 -84.31 14.20 2.19
CA ALA S 185 -83.68 15.49 1.97
C ALA S 185 -82.34 15.64 2.70
N HIS S 186 -81.90 14.62 3.44
CA HIS S 186 -80.71 14.72 4.30
C HIS S 186 -80.80 15.91 5.24
N ALA S 187 -81.92 16.02 5.95
CA ALA S 187 -82.18 17.15 6.83
C ALA S 187 -82.63 16.60 8.17
N PRO S 188 -81.69 16.39 9.11
CA PRO S 188 -82.05 15.78 10.39
C PRO S 188 -83.13 16.57 11.11
N PHE S 189 -84.01 15.83 11.77
CA PHE S 189 -85.20 16.37 12.43
C PHE S 189 -85.00 16.29 13.94
N ILE S 190 -85.33 17.37 14.64
CA ILE S 190 -85.16 17.46 16.09
C ILE S 190 -86.49 17.87 16.71
N ALA S 191 -86.95 17.11 17.69
CA ALA S 191 -88.17 17.43 18.42
C ALA S 191 -87.99 17.01 19.88
N ALA S 192 -89.07 16.99 20.63
CA ALA S 192 -89.04 16.71 22.05
C ALA S 192 -89.67 15.36 22.37
N ALA S 193 -89.13 14.70 23.37
CA ALA S 193 -89.73 13.49 23.92
C ALA S 193 -90.81 13.88 24.91
N SER S 194 -91.98 13.29 24.78
CA SER S 194 -93.01 13.50 25.76
C SER S 194 -92.74 12.68 27.01
N PRO S 195 -93.13 13.17 28.19
CA PRO S 195 -93.05 12.31 29.39
C PRO S 195 -93.89 11.06 29.27
N ARG S 196 -94.97 11.11 28.48
CA ARG S 196 -95.77 9.90 28.27
C ARG S 196 -94.99 8.79 27.58
N LEU S 197 -93.95 9.13 26.81
CA LEU S 197 -93.09 8.09 26.25
C LEU S 197 -92.48 7.24 27.35
N PHE S 198 -92.21 7.84 28.51
CA PHE S 198 -91.64 7.14 29.66
C PHE S 198 -92.72 6.68 30.64
N ASP S 199 -93.99 6.71 30.25
CA ASP S 199 -95.11 6.41 31.14
C ASP S 199 -95.11 7.32 32.37
N MET S 200 -94.78 8.59 32.16
CA MET S 200 -94.71 9.58 33.22
C MET S 200 -95.69 10.71 32.92
N GLY S 201 -96.29 11.27 33.97
CA GLY S 201 -97.08 12.47 33.79
C GLY S 201 -96.22 13.70 33.56
N SER S 202 -95.04 13.75 34.16
CA SER S 202 -94.14 14.88 34.03
C SER S 202 -92.72 14.36 34.18
N PHE S 203 -91.77 15.10 33.63
CA PHE S 203 -90.38 14.71 33.78
C PHE S 203 -89.85 14.95 35.18
N THR S 204 -90.64 15.55 36.07
CA THR S 204 -90.26 15.61 37.48
C THR S 204 -90.13 14.22 38.10
N GLU S 205 -90.73 13.21 37.48
CA GLU S 205 -90.65 11.83 37.92
C GLU S 205 -89.49 11.07 37.30
N LEU S 206 -88.61 11.76 36.55
CA LEU S 206 -87.59 11.06 35.77
C LEU S 206 -86.58 10.34 36.64
N ALA S 207 -86.33 10.83 37.85
CA ALA S 207 -85.37 10.18 38.75
C ALA S 207 -85.98 9.06 39.57
N VAL S 208 -87.28 8.81 39.45
CA VAL S 208 -87.97 7.83 40.29
C VAL S 208 -87.64 6.39 39.88
N PRO S 209 -87.79 5.97 38.62
CA PRO S 209 -87.54 4.57 38.29
C PRO S 209 -86.11 4.14 38.60
N ARG S 210 -85.97 2.92 39.10
CA ARG S 210 -84.64 2.37 39.32
C ARG S 210 -83.89 2.19 38.01
N ASP S 211 -84.56 1.63 37.01
CA ASP S 211 -83.94 1.32 35.72
C ASP S 211 -84.81 1.85 34.59
N LEU S 212 -84.27 2.80 33.82
CA LEU S 212 -85.03 3.38 32.72
C LEU S 212 -85.22 2.39 31.57
N ALA S 213 -84.20 1.59 31.28
CA ALA S 213 -84.28 0.65 30.16
C ALA S 213 -85.42 -0.35 30.35
N LYS S 214 -85.73 -0.68 31.60
CA LYS S 214 -86.84 -1.60 31.88
C LYS S 214 -88.16 -1.05 31.37
N ILE S 215 -88.35 0.27 31.44
CA ILE S 215 -89.58 0.89 30.94
C ILE S 215 -89.78 0.58 29.47
N PHE S 216 -88.70 0.62 28.70
CA PHE S 216 -88.80 0.51 27.25
C PHE S 216 -88.86 -0.94 26.78
N GLU S 217 -89.01 -1.90 27.68
CA GLU S 217 -89.34 -3.27 27.34
C GLU S 217 -90.83 -3.50 27.21
N SER S 218 -91.64 -2.50 27.52
CA SER S 218 -93.10 -2.67 27.57
C SER S 218 -93.66 -2.99 26.18
N GLN S 219 -94.74 -3.77 26.18
CA GLN S 219 -95.43 -4.06 24.92
C GLN S 219 -96.02 -2.82 24.28
N GLU S 220 -96.29 -1.78 25.07
CA GLU S 220 -96.76 -0.51 24.51
C GLU S 220 -95.67 0.19 23.69
N LEU S 221 -94.41 -0.25 23.78
CA LEU S 221 -93.31 0.39 23.08
C LEU S 221 -92.75 -0.47 21.96
N ILE S 222 -93.56 -1.39 21.44
CA ILE S 222 -93.14 -2.22 20.31
C ILE S 222 -92.86 -1.35 19.08
N LYS S 223 -93.78 -0.42 18.78
CA LYS S 223 -93.61 0.43 17.62
C LYS S 223 -92.40 1.34 17.77
N TRP S 224 -92.17 1.86 18.97
CA TRP S 224 -91.00 2.72 19.21
C TRP S 224 -89.70 1.95 19.00
N ARG S 225 -89.63 0.72 19.49
CA ARG S 225 -88.41 -0.08 19.29
C ARG S 225 -88.22 -0.41 17.82
N ALA S 226 -89.29 -0.72 17.10
CA ALA S 226 -89.19 -0.92 15.66
C ALA S 226 -88.67 0.33 14.96
N PHE S 227 -89.20 1.50 15.34
CA PHE S 227 -88.72 2.75 14.75
C PHE S 227 -87.25 2.96 15.03
N ARG S 228 -86.81 2.71 16.27
CA ARG S 228 -85.39 2.81 16.59
C ARG S 228 -84.56 1.86 15.72
N GLU S 229 -85.12 0.73 15.32
CA GLU S 229 -84.39 -0.20 14.47
C GLU S 229 -84.28 0.27 13.02
N SER S 230 -85.11 1.22 12.59
CA SER S 230 -85.16 1.62 11.19
C SER S 230 -83.94 2.46 10.81
N GLU S 231 -83.60 2.44 9.52
CA GLU S 231 -82.48 3.22 9.03
C GLU S 231 -82.72 4.72 9.19
N ASP S 232 -83.90 5.18 8.79
CA ASP S 232 -84.17 6.61 8.75
C ASP S 232 -84.32 7.23 10.14
N SER S 233 -84.35 6.43 11.21
CA SER S 233 -84.42 6.99 12.56
C SER S 233 -83.17 7.77 12.92
N ARG S 234 -82.06 7.60 12.20
CA ARG S 234 -80.88 8.42 12.46
C ARG S 234 -81.09 9.88 12.10
N TYR S 235 -82.18 10.21 11.41
CA TYR S 235 -82.55 11.58 11.09
C TYR S 235 -83.56 12.17 12.06
N VAL S 236 -83.79 11.51 13.19
CA VAL S 236 -84.69 12.00 14.23
C VAL S 236 -83.94 11.99 15.55
N SER S 237 -83.94 13.13 16.24
CA SER S 237 -83.40 13.24 17.58
C SER S 237 -84.48 13.80 18.50
N LEU S 238 -84.58 13.24 19.70
CA LEU S 238 -85.57 13.68 20.68
C LEU S 238 -84.84 14.18 21.92
N VAL S 239 -85.20 15.37 22.36
CA VAL S 239 -84.55 16.00 23.49
C VAL S 239 -85.52 16.00 24.68
N LEU S 240 -84.94 16.07 25.87
CA LEU S 240 -85.70 16.15 27.11
C LEU S 240 -84.79 16.70 28.19
N PRO S 241 -85.35 17.24 29.28
CA PRO S 241 -86.76 17.56 29.52
C PRO S 241 -87.06 18.99 29.08
N HIS S 242 -88.15 19.57 29.58
CA HIS S 242 -88.48 20.95 29.24
C HIS S 242 -87.52 21.93 29.91
N VAL S 243 -87.40 23.11 29.31
CA VAL S 243 -86.50 24.15 29.80
C VAL S 243 -87.34 25.36 30.19
N LEU S 244 -87.00 25.95 31.34
CA LEU S 244 -87.73 27.11 31.83
C LEU S 244 -87.47 28.31 30.94
N LEU S 245 -88.54 28.96 30.50
CA LEU S 245 -88.40 30.14 29.65
C LEU S 245 -88.54 31.41 30.49
N ALA S 271 -97.25 23.28 37.11
CA ALA S 271 -97.28 23.72 35.72
C ALA S 271 -97.49 25.23 35.64
N ARG S 272 -97.24 25.93 36.75
CA ARG S 272 -97.38 27.37 36.78
C ARG S 272 -96.18 28.10 36.17
N TYR S 273 -95.10 27.38 35.87
CA TYR S 273 -93.95 27.96 35.20
C TYR S 273 -94.05 27.77 33.70
N LEU S 274 -93.49 28.71 32.95
CA LEU S 274 -93.54 28.64 31.49
C LEU S 274 -92.43 27.70 31.00
N TRP S 275 -92.81 26.45 30.74
CA TRP S 275 -91.87 25.43 30.28
C TRP S 275 -91.88 25.39 28.75
N GLY S 276 -90.69 25.37 28.16
CA GLY S 276 -90.55 25.36 26.72
C GLY S 276 -89.89 24.08 26.23
N ASN S 277 -90.02 23.86 24.93
CA ASN S 277 -89.36 22.74 24.27
C ASN S 277 -87.84 22.95 24.27
N ALA S 278 -87.11 21.93 24.72
CA ALA S 278 -85.65 22.03 24.71
C ALA S 278 -85.05 21.91 23.31
N ALA S 279 -85.87 21.53 22.32
CA ALA S 279 -85.41 21.51 20.94
C ALA S 279 -84.98 22.91 20.49
N TRP S 280 -85.65 23.95 21.00
CA TRP S 280 -85.21 25.31 20.70
C TRP S 280 -83.79 25.55 21.20
N ALA S 281 -83.49 25.10 22.41
CA ALA S 281 -82.14 25.28 22.97
C ALA S 281 -81.10 24.51 22.17
N LEU S 282 -81.40 23.26 21.79
CA LEU S 282 -80.45 22.51 20.99
C LEU S 282 -80.26 23.15 19.61
N THR S 283 -81.34 23.62 19.00
CA THR S 283 -81.24 24.33 17.73
C THR S 283 -80.36 25.56 17.85
N GLN S 284 -80.51 26.29 18.96
CA GLN S 284 -79.67 27.46 19.20
C GLN S 284 -78.20 27.06 19.31
N ARG S 285 -77.92 25.95 20.00
CA ARG S 285 -76.54 25.45 20.02
C ARG S 285 -76.03 25.20 18.61
N ILE S 286 -76.86 24.58 17.77
CA ILE S 286 -76.46 24.27 16.40
C ILE S 286 -76.19 25.54 15.61
N THR S 287 -77.08 26.53 15.72
CA THR S 287 -76.91 27.76 14.94
C THR S 287 -75.71 28.56 15.43
N GLU S 288 -75.46 28.57 16.74
CA GLU S 288 -74.25 29.21 17.24
C GLU S 288 -72.99 28.51 16.72
N ALA S 289 -73.00 27.18 16.73
CA ALA S 289 -71.85 26.45 16.20
C ALA S 289 -71.62 26.79 14.74
N PHE S 290 -72.68 26.84 13.93
CA PHE S 290 -72.50 27.21 12.53
C PHE S 290 -71.97 28.63 12.40
N ALA S 291 -72.53 29.56 13.17
CA ALA S 291 -72.11 30.96 13.05
C ALA S 291 -70.64 31.11 13.41
N ARG S 292 -70.19 30.44 14.45
CA ARG S 292 -68.80 30.59 14.90
C ARG S 292 -67.81 29.79 14.05
N TYR S 293 -68.22 28.63 13.53
CA TYR S 293 -67.27 27.70 12.94
C TYR S 293 -67.61 27.24 11.53
N GLY S 294 -68.82 27.50 11.04
CA GLY S 294 -69.21 27.03 9.73
C GLY S 294 -69.65 25.57 9.68
N TRP S 295 -69.61 24.86 10.81
CA TRP S 295 -70.04 23.47 10.88
C TRP S 295 -70.70 23.25 12.23
N CYS S 296 -71.54 22.22 12.30
CA CYS S 296 -72.43 22.02 13.44
C CYS S 296 -72.05 20.82 14.30
N ALA S 297 -70.77 20.45 14.31
CA ALA S 297 -70.36 19.33 15.16
C ALA S 297 -70.26 19.72 16.62
N ALA S 298 -69.79 20.93 16.91
CA ALA S 298 -69.46 21.33 18.29
C ALA S 298 -70.74 21.78 18.99
N ILE S 299 -71.58 20.81 19.36
CA ILE S 299 -72.86 21.12 19.96
C ILE S 299 -73.12 20.31 21.23
N ARG S 300 -72.06 19.88 21.92
CA ARG S 300 -72.27 19.07 23.11
C ARG S 300 -71.13 19.28 24.11
N GLY S 301 -71.46 19.11 25.39
CA GLY S 301 -70.48 19.18 26.44
C GLY S 301 -70.30 20.58 27.01
N VAL S 302 -69.61 20.63 28.14
CA VAL S 302 -69.34 21.90 28.81
C VAL S 302 -68.50 22.80 27.92
N GLU S 303 -67.45 22.23 27.33
CA GLU S 303 -66.51 22.99 26.50
C GLU S 303 -66.65 22.70 25.01
N GLY S 304 -67.50 21.76 24.63
CA GLY S 304 -67.62 21.41 23.23
C GLY S 304 -68.84 21.99 22.54
N GLY S 305 -69.46 23.00 23.14
CA GLY S 305 -70.60 23.66 22.53
C GLY S 305 -71.96 23.25 23.01
N GLY S 306 -72.07 22.44 24.06
CA GLY S 306 -73.35 22.03 24.59
C GLY S 306 -73.91 22.86 25.72
N ALA S 307 -73.30 24.00 26.04
CA ALA S 307 -73.68 24.78 27.21
C ALA S 307 -74.85 25.71 26.89
N VAL S 308 -75.93 25.59 27.64
CA VAL S 308 -77.08 26.48 27.55
C VAL S 308 -77.00 27.39 28.77
N GLU S 309 -76.59 28.64 28.56
CA GLU S 309 -76.30 29.57 29.64
C GLU S 309 -77.42 30.58 29.82
N GLY S 310 -77.39 31.25 30.97
CA GLY S 310 -78.33 32.32 31.25
C GLY S 310 -79.75 31.87 31.54
N LEU S 311 -79.92 30.66 32.05
CA LEU S 311 -81.26 30.16 32.35
C LEU S 311 -81.84 30.90 33.55
N PRO S 312 -83.16 30.99 33.64
CA PRO S 312 -83.79 31.61 34.83
C PRO S 312 -83.42 30.85 36.08
N ALA S 313 -83.05 31.59 37.13
CA ALA S 313 -82.68 31.02 38.42
C ALA S 313 -83.62 31.59 39.48
N HIS S 314 -84.71 30.88 39.75
CA HIS S 314 -85.68 31.34 40.73
C HIS S 314 -85.34 30.85 42.13
N LYS S 326 -84.59 25.87 42.54
CA LYS S 326 -85.45 25.27 41.53
C LYS S 326 -84.70 24.96 40.24
N CYS S 327 -84.79 23.72 39.79
CA CYS S 327 -84.10 23.32 38.56
C CYS S 327 -84.72 24.04 37.36
N PRO S 328 -83.94 24.77 36.56
CA PRO S 328 -84.48 25.35 35.33
C PRO S 328 -84.77 24.33 34.24
N THR S 329 -84.51 23.04 34.47
CA THR S 329 -84.74 21.99 33.50
C THR S 329 -85.66 20.91 34.05
N GLU S 330 -86.53 21.27 34.98
CA GLU S 330 -87.60 20.43 35.54
C GLU S 330 -87.13 19.31 36.45
N VAL S 331 -85.87 18.89 36.33
CA VAL S 331 -85.40 17.75 37.11
C VAL S 331 -83.89 17.63 36.98
N ALA S 332 -83.23 17.30 38.07
CA ALA S 332 -81.81 17.03 38.04
C ALA S 332 -81.58 15.65 37.43
N ILE S 333 -80.62 15.56 36.53
CA ILE S 333 -80.29 14.31 35.85
C ILE S 333 -78.86 13.96 36.23
N THR S 334 -78.69 12.86 36.96
CA THR S 334 -77.35 12.41 37.35
C THR S 334 -76.58 11.93 36.12
N ASP S 335 -75.27 11.75 36.31
CA ASP S 335 -74.42 11.23 35.24
C ASP S 335 -74.91 9.86 34.78
N ARG S 336 -75.21 8.97 35.72
CA ARG S 336 -75.68 7.64 35.36
C ARG S 336 -77.00 7.71 34.60
N ARG S 337 -77.91 8.58 35.04
CA ARG S 337 -79.19 8.73 34.36
C ARG S 337 -79.02 9.32 32.96
N GLU S 338 -78.14 10.30 32.82
CA GLU S 338 -77.86 10.84 31.50
C GLU S 338 -77.34 9.76 30.57
N LYS S 339 -76.44 8.90 31.07
CA LYS S 339 -75.93 7.81 30.25
C LYS S 339 -77.02 6.83 29.85
N GLU S 340 -77.90 6.48 30.80
CA GLU S 340 -79.04 5.63 30.46
C GLU S 340 -79.86 6.24 29.34
N LEU S 341 -80.20 7.53 29.47
CA LEU S 341 -81.03 8.19 28.47
C LEU S 341 -80.34 8.21 27.11
N ASP S 342 -79.04 8.48 27.11
CA ASP S 342 -78.28 8.43 25.86
C ASP S 342 -78.38 7.05 25.22
N ALA S 343 -78.25 6.00 26.02
CA ALA S 343 -78.35 4.65 25.49
C ALA S 343 -79.74 4.36 24.93
N LEU S 344 -80.77 5.03 25.43
CA LEU S 344 -82.13 4.78 24.99
C LEU S 344 -82.53 5.64 23.79
N GLY S 345 -81.64 6.48 23.28
CA GLY S 345 -81.92 7.24 22.09
C GLY S 345 -82.41 8.66 22.31
N PHE S 346 -81.98 9.31 23.39
CA PHE S 346 -82.43 10.64 23.74
C PHE S 346 -81.23 11.55 23.98
N ILE S 347 -81.46 12.85 23.81
CA ILE S 347 -80.49 13.88 24.13
C ILE S 347 -81.03 14.63 25.35
N ALA S 348 -80.37 14.47 26.48
CA ALA S 348 -80.85 15.05 27.74
C ALA S 348 -80.14 16.35 28.04
N LEU S 349 -80.90 17.31 28.57
CA LEU S 349 -80.37 18.59 29.04
C LEU S 349 -80.16 18.49 30.55
N CYS S 350 -78.93 18.67 31.01
CA CYS S 350 -78.54 18.40 32.38
C CYS S 350 -78.18 19.70 33.10
N HIS S 351 -78.95 20.05 34.12
CA HIS S 351 -78.70 21.27 34.88
C HIS S 351 -77.44 21.11 35.73
N LYS S 352 -76.55 22.10 35.67
CA LYS S 352 -75.44 22.17 36.61
C LYS S 352 -75.95 22.68 37.94
N LYS S 353 -75.78 21.88 38.98
CA LYS S 353 -76.32 22.22 40.30
C LYS S 353 -75.77 23.56 40.77
N ASN S 354 -76.65 24.36 41.38
CA ASN S 354 -76.28 25.66 41.96
C ASN S 354 -75.74 26.61 40.89
N SER S 355 -76.40 26.65 39.74
CA SER S 355 -75.96 27.49 38.64
C SER S 355 -77.16 27.82 37.77
N ASP S 356 -76.96 28.73 36.82
CA ASP S 356 -77.95 29.08 35.81
C ASP S 356 -77.60 28.48 34.45
N LEU S 357 -77.06 27.26 34.46
CA LEU S 357 -76.48 26.65 33.29
C LEU S 357 -76.93 25.20 33.19
N ALA S 358 -77.14 24.73 31.96
CA ALA S 358 -77.40 23.32 31.68
C ALA S 358 -76.65 22.94 30.42
N VAL S 359 -76.34 21.65 30.28
CA VAL S 359 -75.47 21.16 29.22
C VAL S 359 -76.11 19.95 28.55
N PHE S 360 -76.07 19.93 27.22
CA PHE S 360 -76.31 18.71 26.44
C PHE S 360 -75.02 17.91 26.43
N PHE S 361 -74.91 16.89 27.27
CA PHE S 361 -73.71 16.07 27.26
C PHE S 361 -73.69 15.12 26.06
N GLY S 362 -74.82 14.49 25.76
CA GLY S 362 -74.91 13.57 24.66
C GLY S 362 -75.48 14.22 23.40
N SER S 363 -75.28 13.56 22.27
CA SER S 363 -75.83 14.00 21.00
C SER S 363 -76.28 12.79 20.18
N GLN S 364 -76.98 11.86 20.83
CA GLN S 364 -77.38 10.61 20.21
C GLN S 364 -78.74 10.78 19.53
N THR S 365 -78.85 10.31 18.28
CA THR S 365 -80.13 10.28 17.60
C THR S 365 -81.00 9.16 18.17
N THR S 366 -82.22 9.02 17.66
CA THR S 366 -83.08 7.92 18.10
C THR S 366 -82.65 6.57 17.53
N ASN S 367 -81.73 6.55 16.57
CA ASN S 367 -81.35 5.30 15.93
C ASN S 367 -80.59 4.41 16.90
N ARG S 368 -80.97 3.13 16.94
CA ARG S 368 -80.22 2.15 17.72
C ARG S 368 -79.24 1.46 16.78
N PRO S 369 -77.93 1.65 16.95
CA PRO S 369 -76.97 1.03 16.04
C PRO S 369 -77.04 -0.48 16.09
N ARG S 370 -76.87 -1.11 14.92
CA ARG S 370 -76.75 -2.55 14.86
C ARG S 370 -75.39 -2.99 15.38
N VAL S 371 -75.35 -4.22 15.90
CA VAL S 371 -74.14 -4.78 16.49
C VAL S 371 -73.61 -5.85 15.55
N TYR S 372 -72.32 -5.79 15.26
CA TYR S 372 -71.68 -6.65 14.27
C TYR S 372 -70.52 -7.42 14.90
N ASN S 373 -69.91 -8.28 14.10
CA ASN S 373 -68.78 -9.09 14.55
C ASN S 373 -67.43 -8.48 14.24
N THR S 374 -67.38 -7.26 13.70
CA THR S 374 -66.11 -6.60 13.43
C THR S 374 -66.10 -5.24 14.11
N ASN S 375 -64.91 -4.84 14.57
CA ASN S 375 -64.76 -3.54 15.22
C ASN S 375 -65.11 -2.40 14.27
N GLU S 376 -64.68 -2.52 13.01
CA GLU S 376 -64.94 -1.45 12.04
C GLU S 376 -66.43 -1.24 11.82
N ALA S 377 -67.19 -2.32 11.65
CA ALA S 377 -68.62 -2.18 11.43
C ALA S 377 -69.32 -1.62 12.66
N ASN S 378 -68.92 -2.07 13.85
CA ASN S 378 -69.52 -1.54 15.07
C ASN S 378 -69.24 -0.05 15.22
N ALA S 379 -67.99 0.35 15.01
CA ALA S 379 -67.64 1.77 15.09
C ALA S 379 -68.43 2.58 14.08
N ASN S 380 -68.54 2.11 12.84
CA ASN S 380 -69.26 2.85 11.82
C ASN S 380 -70.74 2.96 12.16
N ALA S 381 -71.34 1.87 12.64
CA ALA S 381 -72.75 1.90 13.02
C ALA S 381 -72.98 2.90 14.15
N ARG S 382 -72.08 2.93 15.14
CA ARG S 382 -72.27 3.81 16.28
C ARG S 382 -72.22 5.28 15.88
N ILE S 383 -71.21 5.66 15.11
CA ILE S 383 -71.05 7.08 14.75
C ILE S 383 -72.12 7.53 13.76
N SER S 384 -72.67 6.61 12.96
CA SER S 384 -73.75 6.96 12.06
C SER S 384 -75.08 7.17 12.80
N ALA S 385 -75.08 7.03 14.12
CA ALA S 385 -76.24 7.34 14.95
C ALA S 385 -76.02 8.57 15.82
N MET S 386 -74.98 9.36 15.56
CA MET S 386 -74.67 10.54 16.36
C MET S 386 -75.07 11.79 15.58
N LEU S 387 -75.83 12.65 16.24
CA LEU S 387 -76.33 13.86 15.59
C LEU S 387 -75.26 14.75 14.97
N PRO S 388 -74.13 15.05 15.64
CA PRO S 388 -73.12 15.90 14.99
C PRO S 388 -72.61 15.34 13.67
N TYR S 389 -72.26 14.05 13.66
CA TYR S 389 -71.71 13.44 12.47
C TYR S 389 -72.76 13.31 11.38
N VAL S 390 -74.00 12.98 11.76
CA VAL S 390 -75.08 12.91 10.77
C VAL S 390 -75.33 14.27 10.14
N LEU S 391 -75.27 15.34 10.95
CA LEU S 391 -75.40 16.69 10.41
C LEU S 391 -74.29 17.01 9.41
N ALA S 392 -73.05 16.65 9.75
CA ALA S 392 -71.95 16.89 8.82
C ALA S 392 -72.14 16.11 7.52
N ALA S 393 -72.51 14.84 7.62
CA ALA S 393 -72.72 14.03 6.42
C ALA S 393 -73.84 14.60 5.57
N SER S 394 -74.90 15.08 6.21
CA SER S 394 -76.00 15.70 5.48
C SER S 394 -75.57 16.97 4.76
N ARG S 395 -74.73 17.79 5.41
CA ARG S 395 -74.21 18.97 4.74
C ARG S 395 -73.42 18.57 3.50
N PHE S 396 -72.60 17.54 3.62
CA PHE S 396 -71.86 17.10 2.44
C PHE S 396 -72.78 16.57 1.36
N ALA S 397 -73.90 15.93 1.73
CA ALA S 397 -74.88 15.53 0.73
C ALA S 397 -75.42 16.74 -0.03
N HIS S 398 -75.74 17.81 0.70
CA HIS S 398 -76.27 19.01 0.05
C HIS S 398 -75.24 19.62 -0.91
N TYR S 399 -73.99 19.71 -0.45
CA TYR S 399 -72.94 20.26 -1.30
C TYR S 399 -72.72 19.42 -2.54
N LEU S 400 -72.72 18.10 -2.38
CA LEU S 400 -72.53 17.21 -3.51
C LEU S 400 -73.65 17.36 -4.51
N LYS S 401 -74.89 17.41 -4.03
CA LYS S 401 -76.03 17.63 -4.92
C LYS S 401 -75.81 18.90 -5.75
N VAL S 402 -75.48 20.01 -5.10
CA VAL S 402 -75.39 21.29 -5.80
C VAL S 402 -74.24 21.29 -6.81
N ILE S 403 -73.04 20.88 -6.38
CA ILE S 403 -71.90 21.00 -7.27
C ILE S 403 -71.99 20.00 -8.43
N MET S 404 -72.46 18.78 -8.16
CA MET S 404 -72.57 17.82 -9.24
C MET S 404 -73.69 18.18 -10.20
N ARG S 405 -74.79 18.77 -9.70
CA ARG S 405 -75.78 19.32 -10.61
C ARG S 405 -75.16 20.37 -11.52
N ASP S 406 -74.26 21.19 -10.98
CA ASP S 406 -73.55 22.14 -11.83
C ASP S 406 -72.66 21.44 -12.86
N LYS S 407 -72.21 20.22 -12.57
CA LYS S 407 -71.32 19.54 -13.51
C LYS S 407 -72.04 18.68 -14.54
N VAL S 408 -73.35 18.49 -14.44
CA VAL S 408 -74.08 17.71 -15.44
C VAL S 408 -73.96 18.38 -16.79
N GLY S 409 -73.60 17.60 -17.81
CA GLY S 409 -73.46 18.09 -19.17
C GLY S 409 -72.05 18.45 -19.58
N SER S 410 -71.15 18.66 -18.63
CA SER S 410 -69.75 18.89 -18.96
C SER S 410 -69.08 17.60 -19.39
N PHE S 411 -68.00 17.72 -20.17
CA PHE S 411 -67.21 16.57 -20.60
C PHE S 411 -66.41 16.04 -19.43
N MET S 412 -66.82 14.90 -18.88
CA MET S 412 -66.15 14.33 -17.72
C MET S 412 -66.05 12.82 -17.84
N THR S 413 -64.86 12.29 -17.63
CA THR S 413 -64.64 10.87 -17.46
C THR S 413 -64.84 10.48 -16.00
N ARG S 414 -64.78 9.18 -15.72
CA ARG S 414 -64.81 8.73 -14.33
C ARG S 414 -63.67 9.33 -13.53
N ASP S 415 -62.47 9.36 -14.12
CA ASP S 415 -61.32 9.94 -13.44
C ASP S 415 -61.48 11.44 -13.22
N ASN S 416 -62.08 12.15 -14.18
CA ASN S 416 -62.34 13.57 -13.99
C ASN S 416 -63.23 13.80 -12.78
N VAL S 417 -64.30 13.02 -12.67
CA VAL S 417 -65.23 13.17 -11.55
C VAL S 417 -64.51 12.88 -10.24
N GLN S 418 -63.74 11.80 -10.19
CA GLN S 418 -63.03 11.44 -8.96
C GLN S 418 -62.05 12.53 -8.55
N THR S 419 -61.25 13.02 -9.50
CA THR S 419 -60.29 14.07 -9.20
C THR S 419 -60.99 15.33 -8.70
N TYR S 420 -62.07 15.73 -9.38
CA TYR S 420 -62.77 16.94 -8.96
C TYR S 420 -63.31 16.80 -7.55
N LEU S 421 -63.95 15.67 -7.25
CA LEU S 421 -64.58 15.52 -5.94
C LEU S 421 -63.54 15.41 -4.83
N ASN S 422 -62.44 14.71 -5.07
CA ASN S 422 -61.40 14.62 -4.05
C ASN S 422 -60.70 15.96 -3.85
N ASN S 423 -60.51 16.72 -4.93
CA ASN S 423 -59.96 18.07 -4.82
C ASN S 423 -60.88 18.97 -4.01
N TRP S 424 -62.19 18.88 -4.27
CA TRP S 424 -63.14 19.77 -3.61
C TRP S 424 -63.22 19.51 -2.11
N ILE S 425 -63.27 18.23 -1.71
CA ILE S 425 -63.46 17.89 -0.31
C ILE S 425 -62.20 18.10 0.52
N ALA S 426 -61.04 18.22 -0.12
CA ALA S 426 -59.78 18.31 0.63
C ALA S 426 -59.73 19.53 1.52
N ASP S 427 -60.46 20.60 1.18
CA ASP S 427 -60.43 21.84 1.94
C ASP S 427 -61.09 21.72 3.31
N TYR S 428 -61.85 20.66 3.56
CA TYR S 428 -62.56 20.48 4.82
C TYR S 428 -61.86 19.50 5.75
N VAL S 429 -60.64 19.10 5.43
CA VAL S 429 -59.93 18.07 6.16
C VAL S 429 -58.84 18.73 7.00
N LEU S 430 -58.77 18.36 8.27
CA LEU S 430 -57.73 18.82 9.18
C LEU S 430 -56.99 17.61 9.75
N ILE S 431 -55.69 17.52 9.46
CA ILE S 431 -54.90 16.37 9.86
C ILE S 431 -54.44 16.46 11.32
N ASN S 432 -54.27 17.68 11.83
CA ASN S 432 -53.61 17.89 13.12
C ASN S 432 -54.56 17.56 14.27
N ASP S 433 -54.33 16.43 14.92
CA ASP S 433 -55.15 16.04 16.06
C ASP S 433 -54.77 16.76 17.34
N ASN S 434 -53.70 17.55 17.33
CA ASN S 434 -53.32 18.37 18.46
C ASN S 434 -53.88 19.79 18.37
N ALA S 435 -54.63 20.11 17.33
CA ALA S 435 -55.24 21.42 17.24
C ALA S 435 -56.24 21.61 18.38
N PRO S 436 -56.42 22.84 18.85
CA PRO S 436 -57.37 23.09 19.94
C PRO S 436 -58.81 22.82 19.50
N GLN S 437 -59.70 22.85 20.49
CA GLN S 437 -61.11 22.56 20.25
C GLN S 437 -61.70 23.51 19.21
N GLU S 438 -61.41 24.81 19.33
CA GLU S 438 -62.00 25.81 18.45
C GLU S 438 -61.53 25.63 17.00
N ILE S 439 -60.35 25.05 16.79
CA ILE S 439 -59.90 24.79 15.43
C ILE S 439 -60.56 23.55 14.87
N LYS S 440 -60.56 22.45 15.65
CA LYS S 440 -61.20 21.21 15.19
C LYS S 440 -62.68 21.45 14.88
N ALA S 441 -63.32 22.36 15.60
CA ALA S 441 -64.73 22.66 15.33
C ALA S 441 -64.95 23.19 13.93
N GLN S 442 -63.93 23.83 13.34
CA GLN S 442 -64.06 24.43 12.01
C GLN S 442 -63.85 23.44 10.87
N TYR S 443 -63.38 22.25 11.15
CA TYR S 443 -63.10 21.27 10.10
C TYR S 443 -63.86 19.98 10.38
N PRO S 444 -64.88 19.63 9.58
CA PRO S 444 -65.67 18.44 9.89
C PRO S 444 -64.93 17.13 9.70
N LEU S 445 -63.81 17.10 8.99
CA LEU S 445 -63.18 15.85 8.61
C LEU S 445 -61.74 15.76 9.10
N ARG S 446 -61.36 14.55 9.52
CA ARG S 446 -59.96 14.21 9.71
C ARG S 446 -59.39 13.46 8.53
N GLU S 447 -60.23 12.75 7.77
CA GLU S 447 -59.85 12.08 6.54
C GLU S 447 -61.08 12.00 5.64
N ALA S 448 -60.84 11.95 4.34
CA ALA S 448 -61.91 11.75 3.38
C ALA S 448 -61.35 11.14 2.11
N ARG S 449 -62.19 10.42 1.39
CA ARG S 449 -61.81 9.88 0.09
C ARG S 449 -63.08 9.60 -0.71
N VAL S 450 -63.04 9.92 -2.00
CA VAL S 450 -64.13 9.66 -2.92
C VAL S 450 -63.65 8.65 -3.96
N ASP S 451 -64.39 7.56 -4.09
CA ASP S 451 -64.12 6.54 -5.11
C ASP S 451 -65.24 6.58 -6.13
N VAL S 452 -64.89 6.65 -7.41
CA VAL S 452 -65.86 6.76 -8.48
C VAL S 452 -65.66 5.60 -9.46
N SER S 453 -66.77 5.02 -9.91
CA SER S 453 -66.75 3.91 -10.84
C SER S 453 -67.74 4.16 -11.97
N GLU S 454 -67.47 3.56 -13.12
CA GLU S 454 -68.37 3.66 -14.26
C GLU S 454 -69.50 2.63 -14.14
N VAL S 455 -70.59 2.91 -14.84
CA VAL S 455 -71.70 1.98 -14.99
C VAL S 455 -71.63 1.41 -16.38
N VAL S 456 -71.49 0.08 -16.48
CA VAL S 456 -71.26 -0.55 -17.77
C VAL S 456 -72.45 -0.29 -18.69
N GLY S 457 -72.15 0.01 -19.96
CA GLY S 457 -73.17 0.22 -20.94
C GLY S 457 -73.84 1.57 -20.92
N LYS S 458 -73.41 2.49 -20.05
CA LYS S 458 -74.05 3.79 -19.90
C LYS S 458 -72.99 4.89 -19.87
N PRO S 459 -72.58 5.39 -21.03
CA PRO S 459 -71.58 6.47 -21.05
C PRO S 459 -72.06 7.67 -20.26
N GLY S 460 -71.14 8.26 -19.48
CA GLY S 460 -71.43 9.42 -18.68
C GLY S 460 -72.26 9.16 -17.43
N VAL S 461 -72.47 7.91 -17.05
CA VAL S 461 -73.19 7.54 -15.83
C VAL S 461 -72.20 6.93 -14.85
N TYR S 462 -72.18 7.44 -13.63
CA TYR S 462 -71.17 7.06 -12.65
C TYR S 462 -71.80 6.80 -11.28
N ARG S 463 -71.08 6.03 -10.47
CA ARG S 463 -71.42 5.80 -9.07
C ARG S 463 -70.22 6.17 -8.22
N ALA S 464 -70.48 6.77 -7.07
CA ALA S 464 -69.41 7.19 -6.18
C ALA S 464 -69.71 6.75 -4.75
N THR S 465 -68.65 6.54 -3.98
CA THR S 465 -68.74 6.35 -2.55
C THR S 465 -67.89 7.42 -1.87
N VAL S 466 -68.48 8.11 -0.91
CA VAL S 466 -67.82 9.21 -0.21
C VAL S 466 -67.58 8.74 1.22
N PHE S 467 -66.32 8.49 1.56
CA PHE S 467 -65.95 8.10 2.92
C PHE S 467 -65.56 9.33 3.71
N LEU S 468 -66.23 9.56 4.83
CA LEU S 468 -65.99 10.71 5.69
C LEU S 468 -65.55 10.21 7.06
N ARG S 469 -64.34 10.61 7.47
CA ARG S 469 -63.87 10.28 8.82
C ARG S 469 -63.84 11.55 9.66
N PRO S 470 -64.79 11.74 10.55
CA PRO S 470 -64.85 12.98 11.33
C PRO S 470 -63.82 12.99 12.44
N HIS S 471 -63.71 14.14 13.10
CA HIS S 471 -63.00 14.23 14.37
C HIS S 471 -63.95 13.75 15.45
N PHE S 472 -63.52 12.78 16.25
CA PHE S 472 -64.42 12.14 17.20
C PHE S 472 -64.41 12.86 18.54
N GLN S 473 -65.56 12.86 19.19
CA GLN S 473 -65.75 13.55 20.46
C GLN S 473 -65.75 12.55 21.61
N LEU S 474 -65.20 12.98 22.74
CA LEU S 474 -65.10 12.10 23.90
C LEU S 474 -66.48 11.67 24.37
N GLU S 475 -66.66 10.36 24.55
CA GLU S 475 -67.91 9.78 24.98
C GLU S 475 -67.86 9.20 26.39
N GLU S 476 -66.84 8.41 26.69
CA GLU S 476 -66.75 7.69 27.96
C GLU S 476 -65.29 7.56 28.37
N LEU S 477 -65.07 7.46 29.67
CA LEU S 477 -63.73 7.18 30.19
C LEU S 477 -63.87 6.30 31.42
N THR S 478 -63.23 5.14 31.41
CA THR S 478 -63.15 4.26 32.56
C THR S 478 -61.73 4.32 33.10
N ALA S 479 -61.58 4.71 34.36
CA ALA S 479 -60.28 4.95 34.96
C ALA S 479 -60.08 4.09 36.19
N SER S 480 -58.86 3.60 36.36
CA SER S 480 -58.45 2.85 37.54
C SER S 480 -57.31 3.61 38.21
N ILE S 481 -57.53 3.99 39.47
CA ILE S 481 -56.52 4.69 40.25
C ILE S 481 -55.79 3.67 41.12
N ARG S 482 -54.46 3.74 41.14
CA ARG S 482 -53.64 2.75 41.83
C ARG S 482 -52.48 3.42 42.54
N LEU S 483 -52.46 3.33 43.87
CA LEU S 483 -51.29 3.76 44.63
C LEU S 483 -50.17 2.76 44.45
N VAL S 484 -48.97 3.24 44.15
CA VAL S 484 -47.83 2.36 43.92
C VAL S 484 -46.60 2.92 44.62
N ALA S 485 -45.75 2.01 45.12
CA ALA S 485 -44.46 2.42 45.64
C ALA S 485 -43.46 2.72 44.52
N THR S 486 -43.59 2.05 43.39
CA THR S 486 -42.78 2.33 42.20
C THR S 486 -43.69 2.33 40.98
N LEU S 487 -43.43 3.23 40.05
CA LEU S 487 -44.22 3.28 38.81
C LEU S 487 -43.90 2.08 37.94
N PRO S 488 -44.87 1.24 37.61
CA PRO S 488 -44.62 0.15 36.65
C PRO S 488 -44.44 0.71 35.25
N PRO S 489 -43.78 -0.03 34.36
CA PRO S 489 -43.71 0.40 32.97
C PRO S 489 -45.09 0.36 32.34
N PRO S 490 -45.35 1.23 31.34
CA PRO S 490 -46.67 1.29 30.71
C PRO S 490 -47.02 0.03 29.92
N GLU T 3 -69.21 35.85 -21.28
CA GLU T 3 -67.97 36.18 -21.97
C GLU T 3 -67.70 37.68 -21.98
N SER T 4 -66.48 38.06 -21.64
CA SER T 4 -66.09 39.47 -21.70
C SER T 4 -66.11 39.96 -23.15
N THR T 5 -66.50 41.22 -23.32
CA THR T 5 -66.46 41.83 -24.65
C THR T 5 -65.04 41.87 -25.21
N GLN T 6 -64.04 41.86 -24.34
CA GLN T 6 -62.65 41.79 -24.81
C GLN T 6 -62.43 40.50 -25.59
N HIS T 7 -62.95 39.38 -25.09
CA HIS T 7 -62.78 38.10 -25.76
C HIS T 7 -63.65 37.95 -27.00
N LYS T 8 -64.76 38.71 -27.09
CA LYS T 8 -65.52 38.75 -28.33
C LYS T 8 -64.66 39.32 -29.47
N LEU T 9 -63.87 40.34 -29.17
CA LEU T 9 -62.97 40.93 -30.15
C LEU T 9 -61.85 39.99 -30.56
N ASP T 10 -61.62 38.89 -29.84
CA ASP T 10 -60.73 37.85 -30.34
C ASP T 10 -61.22 37.29 -31.67
N ARG T 11 -62.53 37.23 -31.86
CA ARG T 11 -63.15 36.55 -33.00
C ARG T 11 -63.71 37.48 -34.05
N ILE T 12 -64.30 38.61 -33.66
CA ILE T 12 -65.05 39.46 -34.56
C ILE T 12 -64.13 40.59 -35.01
N ARG T 13 -63.64 40.47 -36.25
CA ARG T 13 -62.75 41.45 -36.86
C ARG T 13 -61.63 41.89 -35.90
N PRO T 14 -60.78 40.97 -35.45
CA PRO T 14 -59.81 41.31 -34.42
C PRO T 14 -58.73 42.22 -34.97
N PRO T 15 -58.15 43.08 -34.13
CA PRO T 15 -56.98 43.86 -34.54
C PRO T 15 -55.73 42.99 -34.54
N ARG T 16 -54.65 43.54 -35.09
CA ARG T 16 -53.36 42.86 -35.04
C ARG T 16 -52.89 42.68 -33.60
N VAL T 17 -53.04 43.72 -32.79
CA VAL T 17 -52.61 43.71 -31.40
C VAL T 17 -53.89 43.65 -30.56
N GLN T 18 -54.21 42.47 -30.05
CA GLN T 18 -55.46 42.21 -29.33
C GLN T 18 -55.13 41.94 -27.87
N ILE T 19 -55.70 42.74 -26.97
CA ILE T 19 -55.34 42.72 -25.55
C ILE T 19 -56.59 42.49 -24.72
N THR T 20 -56.49 41.56 -23.77
CA THR T 20 -57.57 41.27 -22.84
C THR T 20 -57.05 41.27 -21.41
N TYR T 21 -57.95 41.48 -20.46
CA TYR T 21 -57.64 41.29 -19.06
C TYR T 21 -58.20 39.96 -18.60
N ASP T 22 -57.44 39.24 -17.78
CA ASP T 22 -57.89 37.96 -17.26
C ASP T 22 -57.44 37.78 -15.82
N VAL T 23 -58.23 37.06 -15.05
CA VAL T 23 -57.86 36.68 -13.69
C VAL T 23 -57.03 35.41 -13.75
N GLU T 24 -55.84 35.46 -13.17
CA GLU T 24 -54.96 34.29 -13.13
C GLU T 24 -55.44 33.37 -12.01
N THR T 25 -56.08 32.26 -12.38
CA THR T 25 -56.60 31.32 -11.40
C THR T 25 -55.89 29.97 -11.41
N GLY T 26 -54.98 29.73 -12.35
CA GLY T 26 -54.28 28.46 -12.38
C GLY T 26 -55.24 27.29 -12.53
N ASN T 27 -55.05 26.28 -11.67
CA ASN T 27 -55.89 25.09 -11.67
C ASN T 27 -56.95 25.14 -10.58
N ALA T 28 -57.20 26.32 -10.01
CA ALA T 28 -58.16 26.43 -8.92
C ALA T 28 -59.59 26.15 -9.40
N ILE T 29 -60.40 25.63 -8.49
CA ILE T 29 -61.83 25.41 -8.73
C ILE T 29 -62.63 26.37 -7.86
N GLU T 30 -63.78 26.78 -8.38
CA GLU T 30 -64.67 27.66 -7.62
C GLU T 30 -65.28 26.93 -6.44
N LYS T 31 -65.44 27.63 -5.32
CA LYS T 31 -65.98 27.06 -4.11
C LYS T 31 -67.27 27.79 -3.76
N LYS T 32 -68.39 27.34 -4.32
CA LYS T 32 -69.67 27.91 -3.96
C LYS T 32 -70.06 27.46 -2.55
N GLU T 33 -70.58 28.40 -1.77
CA GLU T 33 -70.95 28.16 -0.38
C GLU T 33 -72.46 28.07 -0.26
N LEU T 34 -72.93 27.16 0.59
CA LEU T 34 -74.35 27.06 0.86
C LEU T 34 -74.65 27.65 2.24
N PRO T 35 -75.73 28.41 2.38
CA PRO T 35 -76.13 28.86 3.71
C PRO T 35 -76.66 27.70 4.54
N LEU T 36 -76.58 27.87 5.85
CA LEU T 36 -77.31 26.98 6.75
C LEU T 36 -78.77 27.40 6.75
N VAL T 37 -79.67 26.46 6.46
CA VAL T 37 -81.10 26.73 6.43
C VAL T 37 -81.77 25.84 7.45
N VAL T 38 -82.41 26.45 8.44
CA VAL T 38 -83.13 25.73 9.48
C VAL T 38 -84.62 25.82 9.16
N GLY T 39 -85.25 24.68 8.94
CA GLY T 39 -86.68 24.63 8.79
C GLY T 39 -87.39 24.44 10.11
N ILE T 40 -88.27 25.35 10.47
CA ILE T 40 -88.97 25.32 11.75
C ILE T 40 -90.42 24.93 11.50
N LEU T 41 -90.90 23.93 12.24
CA LEU T 41 -92.28 23.47 12.16
C LEU T 41 -92.91 23.67 13.53
N ALA T 42 -93.88 24.58 13.62
CA ALA T 42 -94.47 24.92 14.91
C ALA T 42 -95.94 25.26 14.73
N ASP T 43 -96.73 24.93 15.76
CA ASP T 43 -98.16 25.22 15.78
C ASP T 43 -98.34 26.58 16.44
N LEU T 44 -98.30 27.62 15.63
CA LEU T 44 -98.30 28.98 16.15
C LEU T 44 -99.66 29.65 16.03
N MET T 56 -100.70 22.29 1.57
CA MET T 56 -100.12 22.53 0.25
C MET T 56 -99.99 24.03 -0.02
N GLU T 57 -100.92 24.79 0.54
CA GLU T 57 -101.00 26.22 0.27
C GLU T 57 -100.05 27.05 1.11
N ARG T 58 -99.62 26.56 2.27
CA ARG T 58 -98.73 27.31 3.13
C ARG T 58 -97.30 27.21 2.61
N ARG T 59 -96.38 27.91 3.28
CA ARG T 59 -95.00 27.94 2.82
C ARG T 59 -94.09 28.19 4.02
N PHE T 60 -92.81 27.89 3.81
CA PHE T 60 -91.76 28.20 4.78
C PHE T 60 -91.39 29.67 4.62
N VAL T 61 -91.86 30.51 5.52
CA VAL T 61 -91.61 31.95 5.44
C VAL T 61 -90.33 32.28 6.20
N GLU T 62 -89.42 33.00 5.55
CA GLU T 62 -88.17 33.38 6.18
C GLU T 62 -88.43 34.32 7.35
N ILE T 63 -87.79 34.06 8.48
CA ILE T 63 -88.01 34.80 9.70
C ILE T 63 -86.68 35.21 10.30
N ASN T 64 -86.62 36.42 10.83
CA ASN T 64 -85.38 36.96 11.40
C ASN T 64 -85.76 38.02 12.41
N ARG T 65 -84.75 38.60 13.06
CA ARG T 65 -85.01 39.59 14.09
C ARG T 65 -85.74 40.81 13.54
N ASP T 66 -85.53 41.13 12.26
CA ASP T 66 -86.13 42.35 11.70
C ASP T 66 -87.63 42.19 11.48
N ASN T 67 -88.05 41.08 10.88
CA ASN T 67 -89.45 40.90 10.47
C ASN T 67 -90.25 40.04 11.44
N PHE T 68 -89.70 39.75 12.62
CA PHE T 68 -90.36 38.80 13.53
C PHE T 68 -91.77 39.25 13.88
N ASN T 69 -91.94 40.53 14.23
CA ASN T 69 -93.26 41.02 14.61
C ASN T 69 -94.22 41.00 13.43
N ASP T 70 -93.73 41.26 12.22
CA ASP T 70 -94.58 41.17 11.04
C ASP T 70 -95.10 39.75 10.82
N VAL T 71 -94.23 38.76 11.03
CA VAL T 71 -94.66 37.37 10.89
C VAL T 71 -95.64 37.00 11.99
N LEU T 72 -95.40 37.48 13.22
CA LEU T 72 -96.36 37.27 14.30
C LEU T 72 -97.71 37.86 13.94
N ALA T 73 -97.73 39.07 13.39
CA ALA T 73 -98.98 39.71 13.02
C ALA T 73 -99.69 38.94 11.91
N SER T 74 -98.94 38.49 10.90
CA SER T 74 -99.56 37.78 9.79
C SER T 74 -100.10 36.43 10.24
N ILE T 75 -99.44 35.78 11.21
CA ILE T 75 -100.02 34.58 11.80
C ILE T 75 -101.22 34.95 12.65
N ALA T 76 -101.11 36.05 13.41
CA ALA T 76 -102.18 36.60 14.25
C ALA T 76 -102.71 35.55 15.23
N PRO T 77 -101.90 35.13 16.21
CA PRO T 77 -102.38 34.14 17.18
C PRO T 77 -103.44 34.72 18.12
N GLN U 90 -82.86 64.64 48.11
CA GLN U 90 -81.55 64.11 48.46
C GLN U 90 -80.92 63.38 47.28
N LYS U 91 -81.67 62.43 46.72
CA LYS U 91 -81.13 61.61 45.63
C LYS U 91 -80.81 62.46 44.41
N LEU U 92 -81.70 63.41 44.07
CA LEU U 92 -81.41 64.31 42.96
C LEU U 92 -80.30 65.29 43.33
N GLU U 93 -80.34 65.84 44.54
CA GLU U 93 -79.30 66.77 44.97
C GLU U 93 -77.93 66.12 44.98
N ALA U 94 -77.86 64.87 45.46
CA ALA U 94 -76.60 64.16 45.50
C ALA U 94 -76.03 63.95 44.10
N SER U 95 -76.89 63.61 43.14
CA SER U 95 -76.44 63.41 41.77
C SER U 95 -75.90 64.71 41.18
N TRP U 96 -76.62 65.82 41.38
CA TRP U 96 -76.17 67.09 40.84
C TRP U 96 -74.92 67.59 41.56
N ARG U 97 -74.89 67.45 42.89
CA ARG U 97 -73.72 67.90 43.63
C ARG U 97 -72.50 67.03 43.33
N GLY U 98 -72.70 65.72 43.22
CA GLY U 98 -71.60 64.86 42.81
C GLY U 98 -71.08 65.21 41.44
N LEU U 99 -72.00 65.48 40.50
CA LEU U 99 -71.61 65.91 39.16
C LEU U 99 -70.89 67.27 39.22
N HIS U 100 -71.44 68.21 40.00
CA HIS U 100 -70.84 69.54 40.06
C HIS U 100 -69.42 69.48 40.60
N MET U 101 -69.20 68.68 41.65
CA MET U 101 -67.86 68.52 42.20
C MET U 101 -66.90 67.94 41.19
N LEU U 102 -67.33 66.93 40.42
CA LEU U 102 -66.47 66.34 39.41
C LEU U 102 -66.12 67.37 38.33
N VAL U 103 -67.12 68.12 37.87
CA VAL U 103 -66.88 69.11 36.82
C VAL U 103 -65.95 70.20 37.33
N LYS U 104 -66.20 70.70 38.54
CA LYS U 104 -65.41 71.80 39.08
C LYS U 104 -63.97 71.39 39.34
N ASN U 105 -63.73 70.12 39.67
CA ASN U 105 -62.39 69.65 40.02
C ASN U 105 -61.68 68.97 38.87
N THR U 106 -62.20 69.05 37.65
CA THR U 106 -61.59 68.43 36.48
C THR U 106 -61.07 69.53 35.56
N GLU U 107 -59.80 69.39 35.16
CA GLU U 107 -59.18 70.35 34.25
C GLU U 107 -59.62 70.06 32.82
N THR U 108 -60.89 70.39 32.55
CA THR U 108 -61.43 70.23 31.21
C THR U 108 -60.76 71.21 30.25
N GLY U 109 -60.66 70.79 29.00
CA GLY U 109 -60.00 71.62 27.99
C GLY U 109 -59.80 70.87 26.70
N ALA U 110 -58.74 71.23 25.99
CA ALA U 110 -58.45 70.61 24.71
C ALA U 110 -58.22 69.11 24.85
N ARG U 111 -57.53 68.70 25.92
CA ARG U 111 -57.16 67.31 26.12
C ARG U 111 -58.13 66.52 26.99
N LEU U 112 -59.13 67.17 27.59
CA LEU U 112 -60.00 66.51 28.55
C LEU U 112 -61.42 67.01 28.37
N LYS U 113 -62.34 66.10 28.09
CA LYS U 113 -63.74 66.45 27.89
C LYS U 113 -64.62 65.57 28.75
N LEU U 114 -65.67 66.16 29.31
CA LEU U 114 -66.74 65.45 29.99
C LEU U 114 -68.02 65.59 29.17
N ARG U 115 -68.68 64.47 28.92
CA ARG U 115 -69.92 64.47 28.14
C ARG U 115 -71.00 63.75 28.96
N LEU U 116 -72.18 64.35 29.00
CA LEU U 116 -73.23 63.93 29.92
C LEU U 116 -74.47 63.46 29.17
N LEU U 117 -74.94 62.27 29.50
CA LEU U 117 -76.20 61.73 28.98
C LEU U 117 -77.19 61.61 30.13
N ASN U 118 -78.30 62.33 30.03
CA ASN U 118 -79.31 62.35 31.07
C ASN U 118 -80.28 61.20 30.82
N VAL U 119 -80.24 60.17 31.65
CA VAL U 119 -81.01 58.95 31.42
C VAL U 119 -81.15 58.20 32.74
N THR U 120 -82.33 57.63 32.96
CA THR U 120 -82.62 56.85 34.16
C THR U 120 -82.17 55.40 33.98
N GLN U 121 -82.05 54.70 35.11
CA GLN U 121 -81.63 53.30 35.07
C GLN U 121 -82.64 52.44 34.32
N LYS U 122 -83.94 52.69 34.53
CA LYS U 122 -84.97 51.94 33.85
C LYS U 122 -84.94 52.18 32.35
N GLU U 123 -84.71 53.43 31.93
CA GLU U 123 -84.59 53.72 30.50
C GLU U 123 -83.40 52.98 29.89
N LEU U 124 -82.28 52.93 30.59
CA LEU U 124 -81.13 52.17 30.12
C LEU U 124 -81.48 50.70 29.96
N LEU U 125 -82.15 50.13 30.96
CA LEU U 125 -82.52 48.73 30.89
C LEU U 125 -83.44 48.46 29.71
N ILE U 126 -84.41 49.35 29.49
CA ILE U 126 -85.36 49.16 28.40
C ILE U 126 -84.64 49.24 27.05
N ASP U 127 -83.79 50.26 26.89
CA ASP U 127 -83.07 50.42 25.63
C ASP U 127 -82.20 49.20 25.34
N LEU U 128 -81.53 48.67 26.36
CA LEU U 128 -80.62 47.56 26.12
C LEU U 128 -81.38 46.25 25.90
N GLU U 129 -82.48 46.04 26.61
CA GLU U 129 -83.21 44.78 26.49
C GLU U 129 -84.03 44.72 25.20
N LYS U 130 -84.63 45.83 24.79
CA LYS U 130 -85.56 45.82 23.66
C LYS U 130 -84.87 46.00 22.32
N ALA U 131 -83.57 46.24 22.30
CA ALA U 131 -82.84 46.37 21.04
C ALA U 131 -82.96 45.09 20.24
N VAL U 132 -83.22 45.24 18.94
CA VAL U 132 -83.38 44.06 18.09
C VAL U 132 -82.08 43.28 17.96
N GLU U 133 -80.93 43.96 18.07
CA GLU U 133 -79.62 43.33 18.07
C GLU U 133 -78.72 44.16 18.96
N PHE U 134 -77.60 43.56 19.40
CA PHE U 134 -76.78 44.21 20.40
C PHE U 134 -76.23 45.55 19.90
N ASP U 135 -76.00 45.69 18.60
CA ASP U 135 -75.44 46.92 18.07
C ASP U 135 -76.50 47.93 17.66
N GLN U 136 -77.77 47.66 17.95
CA GLN U 136 -78.86 48.54 17.58
C GLN U 136 -79.36 49.41 18.73
N SER U 137 -78.92 49.16 19.94
CA SER U 137 -79.39 49.94 21.09
C SER U 137 -78.89 51.38 21.00
N ALA U 138 -79.66 52.30 21.60
CA ALA U 138 -79.27 53.70 21.61
C ALA U 138 -77.92 53.89 22.27
N LEU U 139 -77.69 53.15 23.37
CA LEU U 139 -76.38 53.21 24.02
C LEU U 139 -75.27 52.76 23.09
N PHE U 140 -75.45 51.64 22.39
CA PHE U 140 -74.40 51.17 21.49
C PHE U 140 -74.12 52.20 20.42
N LYS U 141 -75.17 52.75 19.80
CA LYS U 141 -74.97 53.78 18.78
C LYS U 141 -74.15 54.94 19.36
N LYS U 142 -74.63 55.52 20.46
CA LYS U 142 -74.03 56.74 20.98
C LYS U 142 -72.60 56.53 21.47
N ILE U 143 -72.33 55.39 22.09
CA ILE U 143 -71.02 55.17 22.70
C ILE U 143 -70.04 54.57 21.70
N TYR U 144 -70.41 53.50 21.01
CA TYR U 144 -69.52 52.87 20.05
C TYR U 144 -69.53 53.62 18.71
N GLU U 145 -70.69 53.65 18.04
CA GLU U 145 -70.69 54.01 16.63
C GLU U 145 -70.33 55.46 16.42
N GLU U 146 -70.92 56.36 17.21
CA GLU U 146 -70.78 57.78 16.93
C GLU U 146 -69.39 58.32 17.26
N GLU U 147 -68.64 57.67 18.14
CA GLU U 147 -67.31 58.15 18.47
C GLU U 147 -66.22 57.15 18.09
N TYR U 148 -66.23 55.96 18.68
CA TYR U 148 -65.18 54.99 18.39
C TYR U 148 -65.26 54.50 16.95
N GLY U 149 -66.46 54.30 16.45
CA GLY U 149 -66.65 53.73 15.13
C GLY U 149 -66.90 54.71 14.01
N THR U 150 -66.54 55.99 14.19
CA THR U 150 -66.77 57.01 13.19
C THR U 150 -65.48 57.77 12.90
N PHE U 151 -65.23 58.03 11.62
CA PHE U 151 -64.09 58.82 11.17
C PHE U 151 -64.14 60.21 11.80
N GLY U 152 -63.06 60.58 12.49
CA GLY U 152 -62.99 61.84 13.19
C GLY U 152 -63.53 61.82 14.61
N GLY U 153 -64.07 60.70 15.08
CA GLY U 153 -64.58 60.63 16.43
C GLY U 153 -63.48 60.62 17.48
N HIS U 154 -63.84 61.08 18.67
CA HIS U 154 -62.97 61.01 19.84
C HIS U 154 -63.53 59.93 20.77
N PRO U 155 -62.96 58.74 20.80
CA PRO U 155 -63.58 57.63 21.54
C PRO U 155 -63.74 57.95 23.01
N PHE U 156 -64.85 57.50 23.58
CA PHE U 156 -65.06 57.59 25.02
C PHE U 156 -63.98 56.78 25.73
N SER U 157 -63.22 57.45 26.59
CA SER U 157 -62.17 56.77 27.34
C SER U 157 -62.72 55.97 28.51
N LEU U 158 -63.79 56.46 29.11
CA LEU U 158 -64.33 55.92 30.35
C LEU U 158 -65.80 56.27 30.44
N LEU U 159 -66.58 55.43 31.12
CA LEU U 159 -67.97 55.70 31.38
C LEU U 159 -68.20 55.62 32.89
N VAL U 160 -68.89 56.61 33.45
CA VAL U 160 -69.26 56.59 34.84
C VAL U 160 -70.78 56.61 34.93
N GLY U 161 -71.34 55.65 35.65
CA GLY U 161 -72.77 55.59 35.84
C GLY U 161 -73.15 55.94 37.25
N ASP U 162 -73.93 57.01 37.41
CA ASP U 162 -74.44 57.40 38.73
C ASP U 162 -75.64 56.54 39.11
N TYR U 163 -75.37 55.25 39.28
CA TYR U 163 -76.40 54.28 39.66
C TYR U 163 -75.78 53.28 40.63
N SER U 164 -76.65 52.67 41.43
CA SER U 164 -76.26 51.58 42.31
C SER U 164 -76.87 50.28 41.80
N PHE U 165 -76.09 49.20 41.86
CA PHE U 165 -76.52 47.91 41.35
C PHE U 165 -76.61 46.92 42.50
N GLY U 166 -77.80 46.34 42.67
CA GLY U 166 -78.04 45.34 43.70
C GLY U 166 -78.02 43.92 43.14
N ARG U 167 -78.58 43.01 43.91
CA ARG U 167 -78.63 41.60 43.52
C ARG U 167 -79.84 41.26 42.67
N HIS U 168 -80.71 42.23 42.41
CA HIS U 168 -81.92 41.96 41.63
C HIS U 168 -81.55 41.45 40.24
N PRO U 169 -82.32 40.51 39.69
CA PRO U 169 -81.99 39.98 38.36
C PRO U 169 -81.92 41.04 37.28
N GLN U 170 -82.79 42.05 37.32
CA GLN U 170 -82.71 43.11 36.31
C GLN U 170 -81.48 43.98 36.51
N ASP U 171 -81.02 44.15 37.75
CA ASP U 171 -79.79 44.90 37.99
C ASP U 171 -78.57 44.20 37.38
N ILE U 172 -78.45 42.89 37.61
CA ILE U 172 -77.32 42.15 37.05
C ILE U 172 -77.45 42.05 35.54
N GLY U 173 -78.68 41.92 35.02
CA GLY U 173 -78.86 41.90 33.58
C GLY U 173 -78.45 43.22 32.93
N LEU U 174 -78.84 44.33 33.54
CA LEU U 174 -78.41 45.64 33.05
C LEU U 174 -76.90 45.76 33.11
N LEU U 175 -76.28 45.29 34.20
CA LEU U 175 -74.83 45.32 34.31
C LEU U 175 -74.19 44.53 33.18
N GLU U 176 -74.76 43.38 32.83
CA GLU U 176 -74.21 42.56 31.75
C GLU U 176 -74.31 43.28 30.41
N LYS U 177 -75.47 43.86 30.10
CA LYS U 177 -75.62 44.59 28.84
C LYS U 177 -74.68 45.79 28.76
N LEU U 178 -74.59 46.56 29.85
CA LEU U 178 -73.68 47.69 29.88
C LEU U 178 -72.25 47.24 29.71
N SER U 179 -71.88 46.10 30.31
CA SER U 179 -70.54 45.56 30.14
C SER U 179 -70.28 45.22 28.69
N ASN U 180 -71.30 44.72 27.98
CA ASN U 180 -71.12 44.41 26.57
C ASN U 180 -70.85 45.67 25.76
N VAL U 181 -71.63 46.72 26.00
CA VAL U 181 -71.39 47.97 25.27
C VAL U 181 -70.02 48.54 25.62
N ALA U 182 -69.66 48.52 26.91
CA ALA U 182 -68.36 49.03 27.35
C ALA U 182 -67.21 48.25 26.73
N ALA U 183 -67.33 46.92 26.69
CA ALA U 183 -66.30 46.10 26.08
C ALA U 183 -66.16 46.40 24.59
N ALA U 184 -67.28 46.54 23.89
CA ALA U 184 -67.21 46.79 22.45
C ALA U 184 -66.43 48.06 22.15
N ALA U 185 -66.68 49.14 22.87
CA ALA U 185 -66.03 50.41 22.63
C ALA U 185 -64.73 50.58 23.40
N HIS U 186 -64.29 49.57 24.15
CA HIS U 186 -63.10 49.66 25.00
C HIS U 186 -63.20 50.87 25.94
N ALA U 187 -64.34 51.00 26.61
CA ALA U 187 -64.60 52.14 27.50
C ALA U 187 -65.06 51.60 28.84
N PRO U 188 -64.14 51.39 29.78
CA PRO U 188 -64.51 50.80 31.07
C PRO U 188 -65.58 51.62 31.77
N PHE U 189 -66.49 50.90 32.44
CA PHE U 189 -67.67 51.46 33.06
C PHE U 189 -67.53 51.37 34.58
N ILE U 190 -67.84 52.46 35.27
CA ILE U 190 -67.72 52.55 36.73
C ILE U 190 -69.06 52.97 37.30
N ALA U 191 -69.54 52.22 38.29
CA ALA U 191 -70.76 52.57 39.00
C ALA U 191 -70.61 52.16 40.46
N ALA U 192 -71.71 52.17 41.19
CA ALA U 192 -71.70 51.90 42.62
C ALA U 192 -72.37 50.56 42.93
N ALA U 193 -71.87 49.90 43.97
CA ALA U 193 -72.50 48.70 44.50
C ALA U 193 -73.59 49.11 45.48
N SER U 194 -74.75 48.52 45.36
CA SER U 194 -75.78 48.74 46.35
C SER U 194 -75.50 47.91 47.61
N PRO U 195 -75.89 48.40 48.78
CA PRO U 195 -75.84 47.53 49.97
C PRO U 195 -76.73 46.31 49.84
N ARG U 196 -77.78 46.37 49.00
CA ARG U 196 -78.61 45.21 48.78
C ARG U 196 -77.83 44.07 48.13
N LEU U 197 -76.79 44.38 47.38
CA LEU U 197 -75.93 43.33 46.83
C LEU U 197 -75.32 42.48 47.93
N PHE U 198 -75.09 43.08 49.10
CA PHE U 198 -74.52 42.40 50.26
C PHE U 198 -75.59 41.94 51.23
N ASP U 199 -76.87 42.01 50.84
CA ASP U 199 -77.99 41.71 51.72
C ASP U 199 -78.00 42.61 52.95
N MET U 200 -77.65 43.88 52.76
CA MET U 200 -77.65 44.88 53.82
C MET U 200 -78.58 46.01 53.44
N GLY U 201 -79.21 46.61 54.46
CA GLY U 201 -79.98 47.82 54.23
C GLY U 201 -79.10 49.05 54.03
N SER U 202 -77.93 49.05 54.65
CA SER U 202 -77.00 50.16 54.53
C SER U 202 -75.59 49.63 54.73
N PHE U 203 -74.62 50.34 54.15
CA PHE U 203 -73.23 49.95 54.35
C PHE U 203 -72.72 50.24 55.75
N THR U 204 -73.54 50.86 56.62
CA THR U 204 -73.17 50.95 58.02
C THR U 204 -73.07 49.57 58.67
N GLU U 205 -73.66 48.54 58.06
CA GLU U 205 -73.59 47.17 58.53
C GLU U 205 -72.44 46.39 57.93
N LEU U 206 -71.55 47.03 57.17
CA LEU U 206 -70.53 46.32 56.43
C LEU U 206 -69.54 45.59 57.34
N ALA U 207 -69.32 46.12 58.54
CA ALA U 207 -68.38 45.48 59.47
C ALA U 207 -69.00 44.31 60.23
N VAL U 208 -70.32 44.14 60.18
CA VAL U 208 -71.01 43.14 60.99
C VAL U 208 -70.68 41.70 60.59
N PRO U 209 -70.81 41.28 59.33
CA PRO U 209 -70.58 39.87 59.00
C PRO U 209 -69.17 39.43 59.34
N ARG U 210 -69.04 38.20 59.83
CA ARG U 210 -67.71 37.65 60.08
C ARG U 210 -66.95 37.44 58.78
N ASP U 211 -67.62 36.91 57.76
CA ASP U 211 -66.97 36.56 56.50
C ASP U 211 -67.81 37.07 55.34
N LEU U 212 -67.29 38.05 54.61
CA LEU U 212 -68.00 38.62 53.47
C LEU U 212 -68.17 37.60 52.34
N ALA U 213 -67.14 36.80 52.08
CA ALA U 213 -67.20 35.84 50.98
C ALA U 213 -68.38 34.88 51.13
N LYS U 214 -68.75 34.56 52.36
CA LYS U 214 -69.88 33.68 52.61
C LYS U 214 -71.18 34.24 52.03
N ILE U 215 -71.35 35.56 52.11
CA ILE U 215 -72.56 36.19 51.59
C ILE U 215 -72.74 35.87 50.11
N PHE U 216 -71.65 35.86 49.37
CA PHE U 216 -71.72 35.71 47.92
C PHE U 216 -71.80 34.26 47.47
N GLU U 217 -71.98 33.33 48.41
CA GLU U 217 -72.30 31.95 48.08
C GLU U 217 -73.80 31.73 47.94
N SER U 218 -74.61 32.74 48.24
CA SER U 218 -76.06 32.58 48.25
C SER U 218 -76.59 32.25 46.86
N GLN U 219 -77.65 31.44 46.82
CA GLN U 219 -78.32 31.15 45.56
C GLN U 219 -78.88 32.41 44.91
N GLU U 220 -79.15 33.45 45.69
CA GLU U 220 -79.60 34.72 45.13
C GLU U 220 -78.52 35.40 44.29
N LEU U 221 -77.26 34.98 44.43
CA LEU U 221 -76.15 35.62 43.72
C LEU U 221 -75.58 34.72 42.63
N ILE U 222 -76.39 33.80 42.11
CA ILE U 222 -75.96 32.95 41.00
C ILE U 222 -75.64 33.82 39.78
N LYS U 223 -76.55 34.73 39.43
CA LYS U 223 -76.35 35.58 38.26
C LYS U 223 -75.14 36.48 38.43
N TRP U 224 -74.93 37.00 39.65
CA TRP U 224 -73.76 37.86 39.90
C TRP U 224 -72.46 37.08 39.71
N ARG U 225 -72.39 35.86 40.22
CA ARG U 225 -71.19 35.05 40.03
C ARG U 225 -70.96 34.72 38.56
N ALA U 226 -72.03 34.39 37.84
CA ALA U 226 -71.92 34.17 36.40
C ALA U 226 -71.40 35.42 35.70
N PHE U 227 -71.91 36.59 36.07
CA PHE U 227 -71.41 37.83 35.47
C PHE U 227 -69.93 38.01 35.75
N ARG U 228 -69.51 37.76 36.99
CA ARG U 228 -68.09 37.85 37.32
C ARG U 228 -67.25 36.92 36.46
N GLU U 229 -67.82 35.78 36.06
CA GLU U 229 -67.07 34.86 35.19
C GLU U 229 -66.95 35.35 33.75
N SER U 230 -67.80 36.27 33.31
CA SER U 230 -67.81 36.68 31.91
C SER U 230 -66.57 37.50 31.56
N GLU U 231 -66.19 37.45 30.28
CA GLU U 231 -65.04 38.22 29.82
C GLU U 231 -65.29 39.72 29.96
N ASP U 232 -66.46 40.18 29.54
CA ASP U 232 -66.74 41.60 29.47
C ASP U 232 -66.90 42.25 30.85
N SER U 233 -66.95 41.45 31.92
CA SER U 233 -67.03 42.02 33.27
C SER U 233 -65.78 42.80 33.66
N ARG U 234 -64.67 42.61 32.95
CA ARG U 234 -63.49 43.42 33.23
C ARG U 234 -63.68 44.89 32.85
N TYR U 235 -64.74 45.22 32.13
CA TYR U 235 -65.07 46.59 31.79
C TYR U 235 -66.11 47.20 32.74
N VAL U 236 -66.33 46.57 33.89
CA VAL U 236 -67.25 47.08 34.90
C VAL U 236 -66.53 47.06 36.24
N SER U 237 -66.54 48.20 36.93
CA SER U 237 -66.01 48.31 38.28
C SER U 237 -67.10 48.88 39.17
N LEU U 238 -67.22 48.34 40.38
CA LEU U 238 -68.22 48.77 41.33
C LEU U 238 -67.53 49.29 42.58
N VAL U 239 -67.88 50.50 42.99
CA VAL U 239 -67.24 51.14 44.13
C VAL U 239 -68.22 51.17 45.29
N LEU U 240 -67.67 51.24 46.50
CA LEU U 240 -68.45 51.34 47.71
C LEU U 240 -67.55 51.88 48.81
N PRO U 241 -68.11 52.42 49.89
CA PRO U 241 -69.53 52.76 50.12
C PRO U 241 -69.82 54.18 49.68
N HIS U 242 -70.90 54.80 50.15
CA HIS U 242 -71.20 56.17 49.79
C HIS U 242 -70.23 57.14 50.48
N VAL U 243 -70.07 58.31 49.89
CA VAL U 243 -69.19 59.36 50.38
C VAL U 243 -70.02 60.57 50.74
N LEU U 244 -69.71 61.18 51.88
CA LEU U 244 -70.46 62.34 52.35
C LEU U 244 -70.20 63.54 51.43
N LEU U 245 -71.26 64.18 50.97
CA LEU U 245 -71.12 65.34 50.12
C LEU U 245 -71.26 66.62 50.93
N ALA U 271 -79.66 58.53 57.46
CA ALA U 271 -80.11 58.99 56.15
C ALA U 271 -80.28 60.50 56.10
N ARG U 272 -80.02 61.17 57.23
CA ARG U 272 -80.15 62.62 57.28
C ARG U 272 -78.99 63.34 56.61
N TYR U 273 -77.88 62.66 56.33
CA TYR U 273 -76.74 63.26 55.66
C TYR U 273 -76.86 63.08 54.14
N LEU U 274 -76.22 63.96 53.40
CA LEU U 274 -76.24 63.91 51.94
C LEU U 274 -75.14 62.97 51.46
N TRP U 275 -75.51 61.72 51.19
CA TRP U 275 -74.58 60.69 50.77
C TRP U 275 -74.56 60.62 49.25
N GLY U 276 -73.37 60.61 48.67
CA GLY U 276 -73.19 60.58 47.24
C GLY U 276 -72.55 59.28 46.76
N ASN U 277 -72.63 59.09 45.45
CA ASN U 277 -71.99 57.95 44.81
C ASN U 277 -70.47 58.14 44.82
N ALA U 278 -69.74 57.12 45.28
CA ALA U 278 -68.28 57.20 45.29
C ALA U 278 -67.67 57.05 43.90
N ALA U 279 -68.49 56.67 42.90
CA ALA U 279 -68.01 56.65 41.53
C ALA U 279 -67.55 58.04 41.08
N TRP U 280 -68.21 59.10 41.57
CA TRP U 280 -67.75 60.45 41.26
C TRP U 280 -66.33 60.66 41.77
N ALA U 281 -66.06 60.23 43.00
CA ALA U 281 -64.71 60.40 43.57
C ALA U 281 -63.67 59.60 42.80
N LEU U 282 -63.99 58.35 42.43
CA LEU U 282 -63.04 57.58 41.64
C LEU U 282 -62.81 58.22 40.27
N THR U 283 -63.88 58.70 39.63
CA THR U 283 -63.74 59.39 38.35
C THR U 283 -62.86 60.61 38.50
N GLN U 284 -63.01 61.35 39.60
CA GLN U 284 -62.15 62.51 39.84
C GLN U 284 -60.70 62.10 39.98
N ARG U 285 -60.44 60.99 40.66
CA ARG U 285 -59.07 60.47 40.71
C ARG U 285 -58.54 60.19 39.31
N ILE U 286 -59.37 59.59 38.47
CA ILE U 286 -58.96 59.25 37.11
C ILE U 286 -58.66 60.51 36.30
N THR U 287 -59.53 61.51 36.38
CA THR U 287 -59.32 62.73 35.60
C THR U 287 -58.13 63.53 36.10
N GLU U 288 -57.92 63.55 37.43
CA GLU U 288 -56.71 64.19 37.96
C GLU U 288 -55.46 63.49 37.47
N ALA U 289 -55.46 62.15 37.49
CA ALA U 289 -54.31 61.42 36.99
C ALA U 289 -54.05 61.74 35.53
N PHE U 290 -55.10 61.79 34.71
CA PHE U 290 -54.89 62.12 33.31
C PHE U 290 -54.36 63.54 33.14
N ALA U 291 -54.92 64.50 33.89
CA ALA U 291 -54.48 65.88 33.75
C ALA U 291 -53.02 66.04 34.13
N ARG U 292 -52.58 65.34 35.18
CA ARG U 292 -51.21 65.51 35.65
C ARG U 292 -50.21 64.69 34.84
N TYR U 293 -50.59 63.49 34.38
CA TYR U 293 -49.64 62.55 33.82
C TYR U 293 -49.95 62.09 32.40
N GLY U 294 -51.15 62.35 31.89
CA GLY U 294 -51.52 61.89 30.58
C GLY U 294 -51.98 60.45 30.53
N TRP U 295 -51.99 59.75 31.66
CA TRP U 295 -52.44 58.36 31.73
C TRP U 295 -53.12 58.16 33.08
N CYS U 296 -53.96 57.12 33.14
CA CYS U 296 -54.90 56.94 34.25
C CYS U 296 -54.55 55.75 35.14
N ALA U 297 -53.28 55.35 35.17
CA ALA U 297 -52.91 54.22 36.03
C ALA U 297 -52.84 54.62 37.50
N ALA U 298 -52.35 55.84 37.78
CA ALA U 298 -52.03 56.25 39.15
C ALA U 298 -53.31 56.72 39.84
N ILE U 299 -54.16 55.76 40.20
CA ILE U 299 -55.46 56.09 40.78
C ILE U 299 -55.73 55.30 42.05
N ARG U 300 -54.69 54.85 42.75
CA ARG U 300 -54.92 54.05 43.94
C ARG U 300 -53.80 54.26 44.95
N GLY U 301 -54.13 54.11 46.23
CA GLY U 301 -53.16 54.18 47.30
C GLY U 301 -52.96 55.59 47.82
N VAL U 302 -52.29 55.65 48.98
CA VAL U 302 -52.04 56.94 49.62
C VAL U 302 -51.16 57.81 48.75
N GLU U 303 -50.10 57.23 48.19
CA GLU U 303 -49.16 57.98 47.37
C GLU U 303 -49.30 57.70 45.88
N GLY U 304 -50.10 56.71 45.50
CA GLY U 304 -50.25 56.34 44.11
C GLY U 304 -51.42 56.95 43.39
N GLY U 305 -52.08 57.96 43.97
CA GLY U 305 -53.17 58.64 43.32
C GLY U 305 -54.57 58.25 43.76
N GLY U 306 -54.71 57.47 44.82
CA GLY U 306 -56.01 57.07 45.32
C GLY U 306 -56.58 57.91 46.44
N ALA U 307 -55.93 59.03 46.80
CA ALA U 307 -56.35 59.80 47.96
C ALA U 307 -57.47 60.76 47.59
N VAL U 308 -58.57 60.69 48.34
CA VAL U 308 -59.71 61.58 48.21
C VAL U 308 -59.67 62.51 49.43
N GLU U 309 -59.20 63.72 49.23
CA GLU U 309 -58.92 64.65 50.31
C GLU U 309 -60.04 65.68 50.48
N GLY U 310 -60.02 66.35 51.63
CA GLY U 310 -60.95 67.44 51.89
C GLY U 310 -62.38 67.02 52.14
N LEU U 311 -62.60 65.82 52.66
CA LEU U 311 -63.94 65.35 52.95
C LEU U 311 -64.53 66.10 54.15
N PRO U 312 -65.86 66.21 54.21
CA PRO U 312 -66.48 66.82 55.40
C PRO U 312 -66.11 66.06 56.66
N ALA U 313 -65.80 66.79 57.71
CA ALA U 313 -65.42 66.22 59.01
C ALA U 313 -66.37 66.78 60.05
N HIS U 314 -67.52 66.14 60.23
CA HIS U 314 -68.50 66.57 61.21
C HIS U 314 -68.15 66.04 62.59
N LYS U 326 -67.50 61.11 63.11
CA LYS U 326 -68.37 60.57 62.08
C LYS U 326 -67.61 60.23 60.80
N CYS U 327 -67.66 58.98 60.39
CA CYS U 327 -66.95 58.57 59.18
C CYS U 327 -67.55 59.28 57.96
N PRO U 328 -66.76 59.99 57.16
CA PRO U 328 -67.29 60.55 55.91
C PRO U 328 -67.55 59.51 54.83
N THR U 329 -67.29 58.24 55.08
CA THR U 329 -67.51 57.16 54.11
C THR U 329 -68.49 56.11 54.64
N GLU U 330 -69.37 56.50 55.56
CA GLU U 330 -70.45 55.68 56.10
C GLU U 330 -70.01 54.56 57.04
N VAL U 331 -68.76 54.13 56.95
CA VAL U 331 -68.29 52.99 57.74
C VAL U 331 -66.78 52.88 57.61
N ALA U 332 -66.12 52.55 58.70
CA ALA U 332 -64.69 52.30 58.68
C ALA U 332 -64.45 50.91 58.09
N ILE U 333 -63.48 50.81 57.19
CA ILE U 333 -63.13 49.55 56.55
C ILE U 333 -61.72 49.17 56.96
N THR U 334 -61.59 48.07 57.70
CA THR U 334 -60.28 47.60 58.12
C THR U 334 -59.50 47.08 56.91
N ASP U 335 -58.18 46.91 57.11
CA ASP U 335 -57.33 46.34 56.07
C ASP U 335 -57.84 44.98 55.62
N ARG U 336 -58.19 44.12 56.58
CA ARG U 336 -58.68 42.79 56.23
C ARG U 336 -59.99 42.86 55.46
N ARG U 337 -60.89 43.76 55.88
CA ARG U 337 -62.15 43.92 55.17
C ARG U 337 -61.94 44.48 53.77
N GLU U 338 -61.02 45.43 53.62
CA GLU U 338 -60.70 45.95 52.30
C GLU U 338 -60.18 44.85 51.39
N LYS U 339 -59.31 43.98 51.91
CA LYS U 339 -58.79 42.89 51.11
C LYS U 339 -59.90 41.91 50.72
N GLU U 340 -60.81 41.59 51.64
CA GLU U 340 -61.96 40.77 51.30
C GLU U 340 -62.76 41.40 50.15
N LEU U 341 -63.07 42.68 50.27
CA LEU U 341 -63.88 43.34 49.25
C LEU U 341 -63.17 43.35 47.91
N ASP U 342 -61.86 43.58 47.91
CA ASP U 342 -61.09 43.50 46.68
C ASP U 342 -61.18 42.11 46.06
N ALA U 343 -61.08 41.07 46.88
CA ALA U 343 -61.20 39.70 46.36
C ALA U 343 -62.58 39.44 45.77
N LEU U 344 -63.61 40.13 46.26
CA LEU U 344 -64.96 39.89 45.79
C LEU U 344 -65.32 40.75 44.57
N GLY U 345 -64.39 41.54 44.05
CA GLY U 345 -64.64 42.32 42.85
C GLY U 345 -65.14 43.73 43.08
N PHE U 346 -64.72 44.38 44.16
CA PHE U 346 -65.16 45.73 44.47
C PHE U 346 -63.96 46.63 44.71
N ILE U 347 -64.19 47.93 44.54
CA ILE U 347 -63.22 48.96 44.87
C ILE U 347 -63.76 49.72 46.07
N ALA U 348 -63.10 49.59 47.21
CA ALA U 348 -63.59 50.18 48.45
C ALA U 348 -62.88 51.49 48.75
N LEU U 349 -63.64 52.47 49.22
CA LEU U 349 -63.10 53.74 49.70
C LEU U 349 -62.92 53.65 51.21
N CYS U 350 -61.70 53.84 51.68
CA CYS U 350 -61.32 53.57 53.07
C CYS U 350 -60.96 54.88 53.77
N HIS U 351 -61.74 55.23 54.79
CA HIS U 351 -61.48 56.44 55.56
C HIS U 351 -60.24 56.26 56.43
N LYS U 352 -59.36 57.26 56.40
CA LYS U 352 -58.27 57.30 57.36
C LYS U 352 -58.80 57.83 58.68
N LYS U 353 -58.62 57.06 59.74
CA LYS U 353 -59.17 57.41 61.04
C LYS U 353 -58.64 58.76 61.51
N ASN U 354 -59.52 59.55 62.12
CA ASN U 354 -59.17 60.86 62.67
C ASN U 354 -58.60 61.78 61.58
N SER U 355 -59.29 61.83 60.45
CA SER U 355 -58.82 62.66 59.33
C SER U 355 -60.00 62.99 58.44
N ASP U 356 -59.75 63.89 57.49
CA ASP U 356 -60.72 64.22 56.44
C ASP U 356 -60.32 63.62 55.10
N LEU U 357 -59.72 62.43 55.13
CA LEU U 357 -59.17 61.80 53.93
C LEU U 357 -59.63 60.35 53.86
N ALA U 358 -59.88 59.89 52.64
CA ALA U 358 -60.16 58.48 52.37
C ALA U 358 -59.37 58.08 51.13
N VAL U 359 -59.10 56.79 51.00
CA VAL U 359 -58.20 56.27 49.98
C VAL U 359 -58.82 55.05 49.31
N PHE U 360 -58.76 55.01 47.98
CA PHE U 360 -59.01 53.80 47.19
C PHE U 360 -57.72 52.99 47.20
N PHE U 361 -57.64 51.95 48.05
CA PHE U 361 -56.44 51.13 48.09
C PHE U 361 -56.38 50.18 46.90
N GLY U 362 -57.50 49.57 46.54
CA GLY U 362 -57.55 48.63 45.44
C GLY U 362 -58.13 49.25 44.19
N SER U 363 -57.93 48.57 43.07
CA SER U 363 -58.52 49.01 41.80
C SER U 363 -58.97 47.81 40.98
N GLN U 364 -59.62 46.85 41.62
CA GLN U 364 -60.05 45.62 40.98
C GLN U 364 -61.39 45.82 40.28
N THR U 365 -61.51 45.35 39.03
CA THR U 365 -62.79 45.34 38.34
C THR U 365 -63.68 44.24 38.91
N THR U 366 -64.89 44.10 38.37
CA THR U 366 -65.76 43.02 38.83
C THR U 366 -65.34 41.66 38.28
N ASN U 367 -64.41 41.62 37.33
CA ASN U 367 -64.00 40.36 36.73
C ASN U 367 -63.30 39.46 37.74
N ARG U 368 -63.68 38.18 37.74
CA ARG U 368 -62.98 37.20 38.55
C ARG U 368 -61.99 36.47 37.65
N PRO U 369 -60.69 36.63 37.85
CA PRO U 369 -59.73 36.00 36.95
C PRO U 369 -59.83 34.49 37.00
N ARG U 370 -59.65 33.86 35.84
CA ARG U 370 -59.53 32.41 35.79
C ARG U 370 -58.18 31.97 36.33
N VAL U 371 -58.14 30.75 36.86
CA VAL U 371 -56.93 30.19 37.47
C VAL U 371 -56.40 29.09 36.56
N TYR U 372 -55.11 29.16 36.26
CA TYR U 372 -54.46 28.27 35.30
C TYR U 372 -53.33 27.50 35.97
N ASN U 373 -52.71 26.62 35.19
CA ASN U 373 -51.62 25.80 35.67
C ASN U 373 -50.25 26.40 35.36
N THR U 374 -50.18 27.61 34.82
CA THR U 374 -48.89 28.26 34.57
C THR U 374 -48.88 29.63 35.23
N ASN U 375 -47.70 30.03 35.71
CA ASN U 375 -47.55 31.32 36.36
C ASN U 375 -47.86 32.46 35.40
N GLU U 376 -47.41 32.34 34.14
CA GLU U 376 -47.63 33.41 33.17
C GLU U 376 -49.11 33.63 32.92
N ALA U 377 -49.87 32.55 32.73
CA ALA U 377 -51.29 32.70 32.48
C ALA U 377 -52.01 33.28 33.69
N ASN U 378 -51.64 32.84 34.90
CA ASN U 378 -52.26 33.38 36.10
C ASN U 378 -51.97 34.87 36.23
N ALA U 379 -50.71 35.27 36.06
CA ALA U 379 -50.35 36.67 36.13
C ALA U 379 -51.12 37.49 35.11
N ASN U 380 -51.20 36.99 33.86
CA ASN U 380 -51.89 37.74 32.83
C ASN U 380 -53.39 37.85 33.14
N ALA U 381 -54.00 36.78 33.63
CA ALA U 381 -55.41 36.84 34.00
C ALA U 381 -55.65 37.85 35.11
N ARG U 382 -54.76 37.89 36.11
CA ARG U 382 -54.98 38.78 37.24
C ARG U 382 -54.89 40.25 36.83
N ILE U 383 -53.86 40.61 36.06
CA ILE U 383 -53.71 42.01 35.68
C ILE U 383 -54.76 42.44 34.66
N SER U 384 -55.33 41.49 33.90
CA SER U 384 -56.43 41.79 33.00
C SER U 384 -57.72 42.10 33.73
N ALA U 385 -57.74 41.98 35.06
CA ALA U 385 -58.91 42.29 35.87
C ALA U 385 -58.71 43.55 36.70
N MET U 386 -57.64 44.31 36.47
CA MET U 386 -57.34 45.52 37.23
C MET U 386 -57.71 46.76 36.44
N LEU U 387 -58.46 47.65 37.07
CA LEU U 387 -58.93 48.86 36.40
C LEU U 387 -57.82 49.72 35.79
N PRO U 388 -56.71 50.01 36.49
CA PRO U 388 -55.67 50.85 35.85
C PRO U 388 -55.14 50.26 34.54
N TYR U 389 -54.81 48.97 34.55
CA TYR U 389 -54.25 48.34 33.37
C TYR U 389 -55.28 48.21 32.27
N VAL U 390 -56.53 47.91 32.62
CA VAL U 390 -57.59 47.82 31.62
C VAL U 390 -57.82 49.18 30.97
N LEU U 391 -57.77 50.25 31.77
CA LEU U 391 -57.89 51.60 31.22
C LEU U 391 -56.76 51.89 30.23
N ALA U 392 -55.52 51.54 30.59
CA ALA U 392 -54.40 51.74 29.68
C ALA U 392 -54.58 50.95 28.38
N ALA U 393 -54.97 49.68 28.50
CA ALA U 393 -55.20 48.86 27.30
C ALA U 393 -56.29 49.47 26.43
N SER U 394 -57.35 49.98 27.05
CA SER U 394 -58.44 50.61 26.30
C SER U 394 -57.97 51.86 25.56
N ARG U 395 -57.13 52.68 26.21
CA ARG U 395 -56.58 53.84 25.52
C ARG U 395 -55.78 53.43 24.31
N PHE U 396 -54.96 52.38 24.45
CA PHE U 396 -54.20 51.92 23.30
C PHE U 396 -55.12 51.38 22.21
N ALA U 397 -56.25 50.77 22.57
CA ALA U 397 -57.23 50.37 21.56
C ALA U 397 -57.74 51.58 20.78
N HIS U 398 -58.06 52.66 21.49
CA HIS U 398 -58.57 53.86 20.83
C HIS U 398 -57.52 54.45 19.89
N TYR U 399 -56.28 54.54 20.35
CA TYR U 399 -55.21 55.07 19.52
C TYR U 399 -54.98 54.21 18.29
N LEU U 400 -54.98 52.89 18.46
CA LEU U 400 -54.78 51.99 17.33
C LEU U 400 -55.89 52.15 16.31
N LYS U 401 -57.15 52.21 16.77
CA LYS U 401 -58.26 52.44 15.87
C LYS U 401 -58.01 53.69 15.03
N VAL U 402 -57.68 54.81 15.69
CA VAL U 402 -57.58 56.08 14.97
C VAL U 402 -56.41 56.07 13.98
N ILE U 403 -55.23 55.64 14.43
CA ILE U 403 -54.05 55.74 13.56
C ILE U 403 -54.15 54.73 12.40
N MET U 404 -54.62 53.52 12.67
CA MET U 404 -54.74 52.54 11.59
C MET U 404 -55.85 52.92 10.63
N ARG U 405 -56.92 53.56 11.11
CA ARG U 405 -57.89 54.13 10.19
C ARG U 405 -57.23 55.16 9.27
N ASP U 406 -56.31 55.94 9.81
CA ASP U 406 -55.57 56.88 8.96
C ASP U 406 -54.70 56.16 7.94
N LYS U 407 -54.25 54.94 8.23
CA LYS U 407 -53.37 54.24 7.31
C LYS U 407 -54.10 53.39 6.26
N VAL U 408 -55.41 53.19 6.38
CA VAL U 408 -56.13 52.40 5.37
C VAL U 408 -55.98 53.05 4.01
N GLY U 409 -55.62 52.25 3.01
CA GLY U 409 -55.47 52.71 1.65
C GLY U 409 -54.06 53.10 1.25
N SER U 410 -53.16 53.28 2.21
CA SER U 410 -51.75 53.50 1.89
C SER U 410 -51.07 52.19 1.51
N PHE U 411 -50.00 52.31 0.70
CA PHE U 411 -49.20 51.15 0.30
C PHE U 411 -48.44 50.62 1.50
N MET U 412 -48.85 49.48 2.04
CA MET U 412 -48.25 48.94 3.24
C MET U 412 -48.15 47.43 3.16
N THR U 413 -46.94 46.91 3.33
CA THR U 413 -46.73 45.49 3.52
C THR U 413 -46.97 45.11 4.98
N ARG U 414 -46.89 43.82 5.28
CA ARG U 414 -46.95 43.36 6.66
C ARG U 414 -45.82 43.96 7.48
N ASP U 415 -44.62 43.99 6.93
CA ASP U 415 -43.47 44.55 7.63
C ASP U 415 -43.63 46.05 7.84
N ASN U 416 -44.19 46.76 6.85
CA ASN U 416 -44.45 48.19 7.01
C ASN U 416 -45.37 48.43 8.21
N VAL U 417 -46.44 47.66 8.31
CA VAL U 417 -47.38 47.81 9.42
C VAL U 417 -46.68 47.54 10.75
N GLN U 418 -45.92 46.45 10.80
CA GLN U 418 -45.26 46.09 12.05
C GLN U 418 -44.26 47.17 12.48
N THR U 419 -43.46 47.66 11.53
CA THR U 419 -42.48 48.70 11.84
C THR U 419 -43.18 49.97 12.31
N TYR U 420 -44.24 50.38 11.62
CA TYR U 420 -44.96 51.58 12.01
C TYR U 420 -45.50 51.45 13.43
N LEU U 421 -46.15 50.32 13.74
CA LEU U 421 -46.80 50.18 15.04
C LEU U 421 -45.77 50.07 16.16
N ASN U 422 -44.67 49.37 15.93
CA ASN U 422 -43.64 49.28 16.97
C ASN U 422 -42.95 50.63 17.17
N ASN U 423 -42.77 51.40 16.10
CA ASN U 423 -42.19 52.73 16.24
C ASN U 423 -43.13 53.65 16.99
N TRP U 424 -44.43 53.58 16.72
CA TRP U 424 -45.39 54.47 17.34
C TRP U 424 -45.50 54.22 18.84
N ILE U 425 -45.53 52.95 19.25
CA ILE U 425 -45.75 52.62 20.66
C ILE U 425 -44.51 52.82 21.52
N ALA U 426 -43.33 52.94 20.92
CA ALA U 426 -42.10 53.03 21.68
C ALA U 426 -42.06 54.28 22.56
N ASP U 427 -42.76 55.34 22.17
CA ASP U 427 -42.73 56.58 22.93
C ASP U 427 -43.40 56.45 24.30
N TYR U 428 -44.19 55.39 24.53
CA TYR U 428 -44.93 55.23 25.77
C TYR U 428 -44.26 54.24 26.72
N VAL U 429 -43.05 53.81 26.42
CA VAL U 429 -42.34 52.80 27.18
C VAL U 429 -41.28 53.49 28.04
N LEU U 430 -41.22 53.13 29.31
CA LEU U 430 -40.19 53.60 30.23
C LEU U 430 -39.47 52.39 30.82
N ILE U 431 -38.16 52.32 30.59
CA ILE U 431 -37.38 51.15 30.97
C ILE U 431 -36.93 51.24 32.43
N ASN U 432 -36.76 52.44 32.96
CA ASN U 432 -36.11 52.66 34.25
C ASN U 432 -37.08 52.35 35.39
N ASP U 433 -36.90 51.19 36.01
CA ASP U 433 -37.72 50.80 37.15
C ASP U 433 -37.35 51.53 38.44
N ASN U 434 -36.28 52.31 38.44
CA ASN U 434 -35.91 53.13 39.58
C ASN U 434 -36.46 54.55 39.50
N ALA U 435 -37.20 54.89 38.44
CA ALA U 435 -37.79 56.20 38.33
C ALA U 435 -38.80 56.42 39.46
N PRO U 436 -38.97 57.66 39.91
CA PRO U 436 -39.94 57.93 40.98
C PRO U 436 -41.36 57.69 40.51
N GLN U 437 -42.27 57.70 41.49
CA GLN U 437 -43.67 57.42 41.22
C GLN U 437 -44.25 58.36 40.17
N GLU U 438 -43.97 59.66 40.30
CA GLU U 438 -44.51 60.65 39.38
C GLU U 438 -44.00 60.50 37.96
N ILE U 439 -42.85 59.85 37.76
CA ILE U 439 -42.37 59.59 36.41
C ILE U 439 -43.03 58.34 35.85
N LYS U 440 -43.06 57.27 36.63
CA LYS U 440 -43.72 56.04 36.18
C LYS U 440 -45.18 56.28 35.83
N ALA U 441 -45.83 57.19 36.54
CA ALA U 441 -47.23 57.50 36.25
C ALA U 441 -47.43 58.06 34.85
N GLN U 442 -46.39 58.64 34.25
CA GLN U 442 -46.49 59.24 32.94
C GLN U 442 -46.24 58.26 31.79
N TYR U 443 -45.84 57.04 32.08
CA TYR U 443 -45.51 56.06 31.05
C TYR U 443 -46.29 54.78 31.32
N PRO U 444 -47.30 54.46 30.53
CA PRO U 444 -48.12 53.28 30.83
C PRO U 444 -47.41 51.96 30.67
N LEU U 445 -46.26 51.92 29.99
CA LEU U 445 -45.63 50.66 29.60
C LEU U 445 -44.22 50.54 30.13
N ARG U 446 -43.87 49.35 30.60
CA ARG U 446 -42.49 48.97 30.84
C ARG U 446 -41.89 48.22 29.66
N GLU U 447 -42.73 47.67 28.79
CA GLU U 447 -42.30 46.92 27.64
C GLU U 447 -43.50 46.73 26.71
N ALA U 448 -43.24 46.68 25.41
CA ALA U 448 -44.31 46.46 24.45
C ALA U 448 -43.72 45.86 23.17
N ARG U 449 -44.56 45.12 22.46
CA ARG U 449 -44.17 44.58 21.15
C ARG U 449 -45.43 44.31 20.35
N VAL U 450 -45.36 44.60 19.05
CA VAL U 450 -46.45 44.35 18.12
C VAL U 450 -45.98 43.34 17.10
N ASP U 451 -46.73 42.25 16.95
CA ASP U 451 -46.45 41.21 15.96
C ASP U 451 -47.54 41.24 14.91
N VAL U 452 -47.16 41.32 13.64
CA VAL U 452 -48.11 41.43 12.54
C VAL U 452 -47.92 40.26 11.59
N SER U 453 -49.03 39.69 11.13
CA SER U 453 -49.02 38.55 10.22
C SER U 453 -49.98 38.80 9.06
N GLU U 454 -49.69 38.18 7.93
CA GLU U 454 -50.56 38.27 6.75
C GLU U 454 -51.70 37.27 6.86
N VAL U 455 -52.79 37.60 6.16
CA VAL U 455 -53.92 36.69 6.01
C VAL U 455 -53.85 36.10 4.61
N VAL U 456 -53.72 34.77 4.52
CA VAL U 456 -53.48 34.14 3.23
C VAL U 456 -54.66 34.40 2.31
N GLY U 457 -54.35 34.67 1.04
CA GLY U 457 -55.35 34.88 0.02
C GLY U 457 -56.01 36.25 0.03
N LYS U 458 -55.57 37.16 0.90
CA LYS U 458 -56.20 38.48 1.04
C LYS U 458 -55.12 39.55 1.07
N PRO U 459 -54.70 40.04 -0.10
CA PRO U 459 -53.69 41.11 -0.12
C PRO U 459 -54.14 42.33 0.68
N GLY U 460 -53.22 42.87 1.47
CA GLY U 460 -53.50 44.04 2.27
C GLY U 460 -54.36 43.81 3.49
N VAL U 461 -54.57 42.56 3.90
CA VAL U 461 -55.33 42.22 5.10
C VAL U 461 -54.37 41.60 6.10
N TYR U 462 -54.34 42.14 7.32
CA TYR U 462 -53.34 41.74 8.32
C TYR U 462 -53.98 41.49 9.67
N ARG U 463 -53.28 40.72 10.49
CA ARG U 463 -53.63 40.50 11.89
C ARG U 463 -52.45 40.89 12.76
N ALA U 464 -52.74 41.51 13.89
CA ALA U 464 -51.70 41.95 14.81
C ALA U 464 -52.04 41.51 16.22
N THR U 465 -50.98 41.27 17.01
CA THR U 465 -51.10 41.09 18.45
C THR U 465 -50.26 42.16 19.12
N VAL U 466 -50.86 42.87 20.06
CA VAL U 466 -50.22 43.98 20.77
C VAL U 466 -50.00 43.54 22.20
N PHE U 467 -48.76 43.26 22.56
CA PHE U 467 -48.40 42.87 23.92
C PHE U 467 -48.01 44.11 24.72
N LEU U 468 -48.71 44.35 25.82
CA LEU U 468 -48.46 45.51 26.68
C LEU U 468 -48.04 45.03 28.05
N ARG U 469 -46.86 45.43 28.49
CA ARG U 469 -46.41 45.11 29.85
C ARG U 469 -46.37 46.39 30.67
N PRO U 470 -47.31 46.60 31.57
CA PRO U 470 -47.37 47.85 32.32
C PRO U 470 -46.36 47.86 33.46
N HIS U 471 -46.27 49.00 34.14
CA HIS U 471 -45.58 49.09 35.41
C HIS U 471 -46.54 48.61 36.50
N PHE U 472 -46.12 47.64 37.29
CA PHE U 472 -47.04 47.00 38.23
C PHE U 472 -47.05 47.72 39.57
N GLN U 473 -48.23 47.80 40.17
CA GLN U 473 -48.45 48.48 41.43
C GLN U 473 -48.46 47.48 42.58
N LEU U 474 -47.96 47.93 43.73
CA LEU U 474 -47.85 47.05 44.88
C LEU U 474 -49.22 46.63 45.38
N GLU U 475 -49.43 45.32 45.51
CA GLU U 475 -50.70 44.76 45.94
C GLU U 475 -50.67 44.18 47.35
N GLU U 476 -49.65 43.39 47.68
CA GLU U 476 -49.60 42.68 48.95
C GLU U 476 -48.15 42.53 49.39
N LEU U 477 -47.95 42.44 50.70
CA LEU U 477 -46.63 42.17 51.26
C LEU U 477 -46.79 41.31 52.50
N THR U 478 -46.16 40.14 52.49
CA THR U 478 -46.11 39.27 53.67
C THR U 478 -44.69 39.31 54.22
N ALA U 479 -44.55 39.73 55.47
CA ALA U 479 -43.24 39.94 56.07
C ALA U 479 -43.08 39.08 57.33
N SER U 480 -41.87 38.58 57.53
CA SER U 480 -41.50 37.84 58.73
C SER U 480 -40.37 38.59 59.42
N ILE U 481 -40.62 39.00 60.66
CA ILE U 481 -39.61 39.69 61.46
C ILE U 481 -38.90 38.67 62.34
N ARG U 482 -37.57 38.71 62.35
CA ARG U 482 -36.76 37.73 63.06
C ARG U 482 -35.61 38.40 63.79
N LEU U 483 -35.60 38.30 65.12
CA LEU U 483 -34.45 38.73 65.91
C LEU U 483 -33.34 37.71 65.76
N VAL U 484 -32.13 38.18 65.47
CA VAL U 484 -30.99 37.29 65.26
C VAL U 484 -29.76 37.84 65.99
N ALA U 485 -28.94 36.92 66.50
CA ALA U 485 -27.65 37.32 67.05
C ALA U 485 -26.63 37.60 65.95
N THR U 486 -26.75 36.94 64.81
CA THR U 486 -25.93 37.21 63.63
C THR U 486 -26.83 37.19 62.40
N LEU U 487 -26.56 38.09 61.47
CA LEU U 487 -27.32 38.12 60.22
C LEU U 487 -27.00 36.89 59.39
N PRO U 488 -27.99 36.09 59.00
CA PRO U 488 -27.73 34.98 58.08
C PRO U 488 -27.51 35.49 56.67
N PRO U 489 -26.83 34.71 55.81
CA PRO U 489 -26.67 35.13 54.42
C PRO U 489 -28.02 35.16 53.72
N PRO U 490 -28.17 36.03 52.70
CA PRO U 490 -29.44 36.15 51.97
C PRO U 490 -29.81 34.90 51.18
N GLU V 3 -51.08 70.58 -0.53
CA GLU V 3 -49.81 70.80 -1.21
C GLU V 3 -49.49 72.30 -1.26
N SER V 4 -48.28 72.67 -0.85
CA SER V 4 -47.87 74.06 -0.93
C SER V 4 -47.84 74.54 -2.38
N THR V 5 -48.20 75.80 -2.58
CA THR V 5 -48.14 76.38 -3.92
C THR V 5 -46.71 76.38 -4.45
N GLN V 6 -45.73 76.40 -3.57
CA GLN V 6 -44.33 76.30 -4.01
C GLN V 6 -44.10 75.01 -4.76
N HIS V 7 -44.65 73.90 -4.26
CA HIS V 7 -44.47 72.61 -4.92
C HIS V 7 -45.32 72.47 -6.17
N LYS V 8 -46.42 73.23 -6.29
CA LYS V 8 -47.15 73.24 -7.55
C LYS V 8 -46.30 73.81 -8.67
N LEU V 9 -45.49 74.82 -8.37
CA LEU V 9 -44.58 75.39 -9.35
C LEU V 9 -43.43 74.45 -9.71
N ASP V 10 -43.26 73.35 -8.99
CA ASP V 10 -42.36 72.29 -9.47
C ASP V 10 -42.83 71.72 -10.80
N ARG V 11 -44.14 71.72 -11.04
CA ARG V 11 -44.74 71.02 -12.17
C ARG V 11 -45.30 71.95 -13.23
N ILE V 12 -45.85 73.09 -12.86
CA ILE V 12 -46.59 73.95 -13.78
C ILE V 12 -45.66 75.06 -14.24
N ARG V 13 -45.13 74.92 -15.45
CA ARG V 13 -44.22 75.89 -16.05
C ARG V 13 -43.13 76.34 -15.08
N PRO V 14 -42.29 75.41 -14.60
CA PRO V 14 -41.34 75.75 -13.55
C PRO V 14 -40.23 76.64 -14.09
N PRO V 15 -39.65 77.48 -13.25
CA PRO V 15 -38.47 78.24 -13.66
C PRO V 15 -37.22 77.36 -13.63
N ARG V 16 -36.13 77.90 -14.18
CA ARG V 16 -34.86 77.20 -14.10
C ARG V 16 -34.43 77.03 -12.65
N VAL V 17 -34.55 78.08 -11.85
CA VAL V 17 -34.15 78.06 -10.45
C VAL V 17 -35.44 78.03 -9.63
N GLN V 18 -35.78 76.86 -9.11
CA GLN V 18 -37.04 76.62 -8.43
C GLN V 18 -36.74 76.34 -6.96
N ILE V 19 -37.30 77.16 -6.07
CA ILE V 19 -36.97 77.13 -4.65
C ILE V 19 -38.24 76.94 -3.84
N THR V 20 -38.20 76.03 -2.87
CA THR V 20 -39.31 75.78 -1.97
C THR V 20 -38.79 75.78 -0.53
N TYR V 21 -39.71 75.99 0.42
CA TYR V 21 -39.41 75.80 1.82
C TYR V 21 -40.00 74.47 2.30
N ASP V 22 -39.25 73.75 3.10
CA ASP V 22 -39.70 72.47 3.63
C ASP V 22 -39.27 72.32 5.08
N VAL V 23 -40.08 71.60 5.85
CA VAL V 23 -39.74 71.23 7.23
C VAL V 23 -38.93 69.94 7.19
N GLU V 24 -37.74 69.97 7.76
CA GLU V 24 -36.89 68.80 7.84
C GLU V 24 -37.41 67.89 8.95
N THR V 25 -38.07 66.80 8.58
CA THR V 25 -38.62 65.87 9.56
C THR V 25 -37.91 64.53 9.59
N GLY V 26 -36.97 64.28 8.67
CA GLY V 26 -36.27 63.00 8.67
C GLY V 26 -37.24 61.84 8.49
N ASN V 27 -37.07 60.81 9.33
CA ASN V 27 -37.95 59.66 9.34
C ASN V 27 -38.98 59.73 10.48
N ALA V 28 -39.28 60.91 10.98
CA ALA V 28 -40.24 61.05 12.06
C ALA V 28 -41.66 60.78 11.58
N ILE V 29 -42.48 60.25 12.47
CA ILE V 29 -43.90 60.05 12.21
C ILE V 29 -44.71 61.01 13.07
N GLU V 30 -45.86 61.42 12.55
CA GLU V 30 -46.73 62.32 13.27
C GLU V 30 -47.38 61.61 14.45
N LYS V 31 -47.55 62.34 15.55
CA LYS V 31 -48.13 61.79 16.77
C LYS V 31 -49.42 62.55 17.06
N LYS V 32 -50.52 62.09 16.48
CA LYS V 32 -51.81 62.68 16.79
C LYS V 32 -52.24 62.26 18.20
N GLU V 33 -52.79 63.20 18.95
CA GLU V 33 -53.18 62.99 20.33
C GLU V 33 -54.69 62.91 20.44
N LEU V 34 -55.16 62.05 21.34
CA LEU V 34 -56.59 61.93 21.60
C LEU V 34 -56.91 62.53 22.97
N PRO V 35 -57.98 63.32 23.07
CA PRO V 35 -58.41 63.78 24.39
C PRO V 35 -58.92 62.63 25.22
N LEU V 36 -58.92 62.82 26.53
CA LEU V 36 -59.65 61.93 27.41
C LEU V 36 -61.12 62.36 27.41
N VAL V 37 -62.00 61.43 27.08
CA VAL V 37 -63.44 61.71 27.05
C VAL V 37 -64.11 60.82 28.08
N VAL V 38 -64.76 61.45 29.06
CA VAL V 38 -65.50 60.73 30.08
C VAL V 38 -66.98 60.84 29.75
N GLY V 39 -67.63 59.70 29.54
CA GLY V 39 -69.06 59.67 29.36
C GLY V 39 -69.77 59.48 30.69
N ILE V 40 -70.66 60.41 31.03
CA ILE V 40 -71.38 60.38 32.30
C ILE V 40 -72.83 60.01 32.01
N LEU V 41 -73.32 59.00 32.72
CA LEU V 41 -74.71 58.56 32.61
C LEU V 41 -75.37 58.77 33.97
N ALA V 42 -76.33 59.70 34.04
CA ALA V 42 -76.94 60.04 35.31
C ALA V 42 -78.40 60.44 35.09
N ASP V 43 -79.21 60.13 36.10
CA ASP V 43 -80.64 60.46 36.09
C ASP V 43 -80.79 61.82 36.76
N LEU V 44 -80.75 62.88 35.96
CA LEU V 44 -80.74 64.23 36.48
C LEU V 44 -82.09 64.92 36.35
N MET V 56 -83.03 57.51 22.03
CA MET V 56 -82.43 57.70 20.71
C MET V 56 -82.33 59.17 20.36
N GLU V 57 -83.24 59.98 20.90
CA GLU V 57 -83.27 61.40 20.59
C GLU V 57 -82.31 62.22 21.43
N ARG V 58 -81.88 61.71 22.58
CA ARG V 58 -80.98 62.44 23.45
C ARG V 58 -79.55 62.32 22.96
N ARG V 59 -78.65 63.01 23.65
CA ARG V 59 -77.25 63.03 23.22
C ARG V 59 -76.34 63.26 24.43
N PHE V 60 -75.07 62.95 24.23
CA PHE V 60 -74.05 63.25 25.22
C PHE V 60 -73.64 64.71 25.05
N VAL V 61 -74.09 65.57 25.96
CA VAL V 61 -73.83 67.00 25.85
C VAL V 61 -72.57 67.35 26.64
N GLU V 62 -71.66 68.08 26.00
CA GLU V 62 -70.41 68.45 26.65
C GLU V 62 -70.67 69.39 27.80
N ILE V 63 -70.08 69.10 28.95
CA ILE V 63 -70.32 69.87 30.17
C ILE V 63 -68.98 70.26 30.78
N ASN V 64 -68.91 71.48 31.29
CA ASN V 64 -67.67 72.00 31.88
C ASN V 64 -68.04 73.06 32.90
N ARG V 65 -67.02 73.65 33.51
CA ARG V 65 -67.27 74.66 34.55
C ARG V 65 -67.96 75.90 33.98
N ASP V 66 -67.77 76.17 32.69
CA ASP V 66 -68.36 77.38 32.11
C ASP V 66 -69.86 77.23 31.89
N ASN V 67 -70.29 76.12 31.30
CA ASN V 67 -71.67 75.97 30.87
C ASN V 67 -72.51 75.12 31.81
N PHE V 68 -72.02 74.86 33.03
CA PHE V 68 -72.69 73.93 33.93
C PHE V 68 -74.12 74.38 34.23
N ASN V 69 -74.30 75.66 34.53
CA ASN V 69 -75.63 76.14 34.87
C ASN V 69 -76.56 76.16 33.68
N ASP V 70 -76.03 76.37 32.47
CA ASP V 70 -76.85 76.25 31.27
C ASP V 70 -77.37 74.83 31.11
N VAL V 71 -76.52 73.84 31.34
CA VAL V 71 -76.96 72.44 31.25
C VAL V 71 -77.97 72.12 32.34
N LEU V 72 -77.75 72.64 33.55
CA LEU V 72 -78.72 72.46 34.61
C LEU V 72 -80.07 73.07 34.24
N ALA V 73 -80.05 74.27 33.67
CA ALA V 73 -81.30 74.92 33.26
C ALA V 73 -81.99 74.14 32.15
N SER V 74 -81.24 73.66 31.17
CA SER V 74 -81.85 72.92 30.07
C SER V 74 -82.43 71.60 30.53
N ILE V 75 -81.78 70.94 31.48
CA ILE V 75 -82.38 69.76 32.09
C ILE V 75 -83.58 70.15 32.95
N ALA V 76 -83.45 71.26 33.68
CA ALA V 76 -84.51 71.83 34.51
C ALA V 76 -85.05 70.81 35.51
N PRO V 77 -84.25 70.34 36.46
CA PRO V 77 -84.76 69.39 37.46
C PRO V 77 -85.83 70.00 38.36
N GLN W 90 -99.48 38.27 -30.69
CA GLN W 90 -98.61 37.54 -29.77
C GLN W 90 -97.85 36.44 -30.49
N LYS W 91 -98.59 35.55 -31.17
CA LYS W 91 -97.97 34.43 -31.84
C LYS W 91 -97.05 34.90 -32.97
N LEU W 92 -97.50 35.89 -33.75
CA LEU W 92 -96.62 36.48 -34.75
C LEU W 92 -95.47 37.23 -34.11
N GLU W 93 -95.75 38.02 -33.07
CA GLU W 93 -94.70 38.78 -32.40
C GLU W 93 -93.66 37.85 -31.79
N ALA W 94 -94.12 36.75 -31.17
CA ALA W 94 -93.19 35.82 -30.54
C ALA W 94 -92.26 35.19 -31.58
N SER W 95 -92.78 34.85 -32.75
CA SER W 95 -91.95 34.27 -33.80
C SER W 95 -90.91 35.26 -34.28
N TRP W 96 -91.33 36.50 -34.55
CA TRP W 96 -90.39 37.50 -35.05
C TRP W 96 -89.38 37.91 -33.98
N ARG W 97 -89.83 38.04 -32.73
CA ARG W 97 -88.91 38.41 -31.66
C ARG W 97 -87.93 37.28 -31.36
N GLY W 98 -88.41 36.04 -31.34
CA GLY W 98 -87.50 34.91 -31.18
C GLY W 98 -86.47 34.85 -32.29
N LEU W 99 -86.92 35.06 -33.54
CA LEU W 99 -85.99 35.09 -34.66
C LEU W 99 -84.99 36.23 -34.53
N HIS W 100 -85.47 37.42 -34.16
CA HIS W 100 -84.59 38.57 -34.04
C HIS W 100 -83.53 38.35 -32.96
N MET W 101 -83.93 37.77 -31.82
CA MET W 101 -82.96 37.46 -30.77
C MET W 101 -81.91 36.48 -31.25
N LEU W 102 -82.30 35.44 -31.98
CA LEU W 102 -81.33 34.49 -32.50
C LEU W 102 -80.38 35.17 -33.50
N VAL W 103 -80.93 35.98 -34.41
CA VAL W 103 -80.10 36.65 -35.40
C VAL W 103 -79.13 37.61 -34.72
N LYS W 104 -79.62 38.38 -33.77
CA LYS W 104 -78.80 39.40 -33.12
C LYS W 104 -77.71 38.80 -32.26
N ASN W 105 -77.94 37.60 -31.72
CA ASN W 105 -77.01 36.98 -30.79
C ASN W 105 -76.16 35.90 -31.44
N THR W 106 -76.17 35.82 -32.76
CA THR W 106 -75.39 34.83 -33.50
C THR W 106 -74.31 35.55 -34.30
N GLU W 107 -73.08 35.09 -34.17
CA GLU W 107 -71.95 35.66 -34.90
C GLU W 107 -71.96 35.15 -36.34
N THR W 108 -72.92 35.66 -37.11
CA THR W 108 -73.00 35.33 -38.52
C THR W 108 -71.79 35.89 -39.28
N GLY W 109 -71.39 35.19 -40.33
CA GLY W 109 -70.20 35.60 -41.07
C GLY W 109 -69.81 34.54 -42.07
N ALA W 110 -68.51 34.52 -42.39
CA ALA W 110 -68.01 33.58 -43.37
C ALA W 110 -68.25 32.14 -42.94
N ARG W 111 -68.15 31.85 -41.64
CA ARG W 111 -68.24 30.49 -41.13
C ARG W 111 -69.61 30.13 -40.57
N LEU W 112 -70.55 31.06 -40.51
CA LEU W 112 -71.84 30.82 -39.86
C LEU W 112 -72.93 31.57 -40.63
N LYS W 113 -73.92 30.83 -41.11
CA LYS W 113 -75.00 31.40 -41.90
C LYS W 113 -76.34 30.94 -41.36
N LEU W 114 -77.30 31.85 -41.34
CA LEU W 114 -78.69 31.56 -41.03
C LEU W 114 -79.52 31.75 -42.29
N ARG W 115 -80.29 30.74 -42.66
CA ARG W 115 -81.15 30.77 -43.84
C ARG W 115 -82.58 30.50 -43.41
N LEU W 116 -83.50 31.31 -43.92
CA LEU W 116 -84.87 31.33 -43.41
C LEU W 116 -85.86 30.97 -44.51
N LEU W 117 -86.74 30.02 -44.22
CA LEU W 117 -87.83 29.64 -45.11
C LEU W 117 -89.15 29.96 -44.44
N ASN W 118 -89.89 30.91 -45.02
CA ASN W 118 -91.18 31.33 -44.49
C ASN W 118 -92.25 30.35 -44.96
N VAL W 119 -92.82 29.59 -44.02
CA VAL W 119 -93.76 28.53 -44.36
C VAL W 119 -94.54 28.15 -43.10
N THR W 120 -95.82 27.85 -43.28
CA THR W 120 -96.68 27.45 -42.17
C THR W 120 -96.62 25.95 -41.94
N GLN W 121 -97.10 25.53 -40.78
CA GLN W 121 -97.11 24.11 -40.43
C GLN W 121 -98.00 23.32 -41.38
N LYS W 122 -99.16 23.86 -41.72
CA LYS W 122 -100.07 23.19 -42.64
C LYS W 122 -99.46 23.06 -44.03
N GLU W 123 -98.75 24.10 -44.49
CA GLU W 123 -98.10 24.02 -45.79
C GLU W 123 -97.03 22.95 -45.81
N LEU W 124 -96.24 22.84 -44.75
CA LEU W 124 -95.25 21.76 -44.66
C LEU W 124 -95.91 20.40 -44.69
N LEU W 125 -96.99 20.25 -43.92
CA LEU W 125 -97.71 18.97 -43.91
C LEU W 125 -98.20 18.61 -45.31
N ILE W 126 -98.79 19.58 -46.01
CA ILE W 126 -99.32 19.31 -47.34
C ILE W 126 -98.20 18.96 -48.31
N ASP W 127 -97.10 19.72 -48.27
CA ASP W 127 -95.98 19.46 -49.16
C ASP W 127 -95.42 18.06 -48.94
N LEU W 128 -95.27 17.66 -47.68
CA LEU W 128 -94.68 16.36 -47.39
C LEU W 128 -95.62 15.22 -47.70
N GLU W 129 -96.92 15.38 -47.42
CA GLU W 129 -97.86 14.29 -47.66
C GLU W 129 -98.20 14.12 -49.13
N LYS W 130 -98.24 15.20 -49.90
CA LYS W 130 -98.70 15.11 -51.28
C LYS W 130 -97.59 14.82 -52.28
N ALA W 131 -96.34 14.77 -51.84
CA ALA W 131 -95.24 14.45 -52.74
C ALA W 131 -95.45 13.07 -53.34
N VAL W 132 -95.20 12.96 -54.65
CA VAL W 132 -95.39 11.68 -55.33
C VAL W 132 -94.40 10.65 -54.78
N GLU W 133 -93.19 11.08 -54.46
CA GLU W 133 -92.19 10.24 -53.81
C GLU W 133 -91.48 11.07 -52.75
N PHE W 134 -90.80 10.39 -51.83
CA PHE W 134 -90.23 11.08 -50.67
C PHE W 134 -89.20 12.12 -51.09
N ASP W 135 -88.51 11.92 -52.22
CA ASP W 135 -87.48 12.85 -52.66
C ASP W 135 -88.03 13.94 -53.58
N GLN W 136 -89.35 14.02 -53.75
CA GLN W 136 -89.96 14.98 -54.65
C GLN W 136 -90.56 16.18 -53.94
N SER W 137 -90.69 16.14 -52.62
CA SER W 137 -91.27 17.25 -51.90
C SER W 137 -90.39 18.49 -51.99
N ALA W 138 -91.02 19.66 -51.88
CA ALA W 138 -90.27 20.91 -51.92
C ALA W 138 -89.23 20.95 -50.80
N LEU W 139 -89.60 20.48 -49.61
CA LEU W 139 -88.65 20.46 -48.51
C LEU W 139 -87.44 19.58 -48.80
N PHE W 140 -87.68 18.39 -49.36
CA PHE W 140 -86.55 17.53 -49.70
C PHE W 140 -85.65 18.20 -50.73
N LYS W 141 -86.23 18.76 -51.79
CA LYS W 141 -85.41 19.44 -52.79
C LYS W 141 -84.56 20.51 -52.13
N LYS W 142 -85.20 21.42 -51.39
CA LYS W 142 -84.51 22.59 -50.85
C LYS W 142 -83.47 22.23 -49.79
N ILE W 143 -83.72 21.20 -48.99
CA ILE W 143 -82.81 20.89 -47.89
C ILE W 143 -81.75 19.89 -48.32
N TYR W 144 -82.14 18.80 -48.96
CA TYR W 144 -81.18 17.80 -49.41
C TYR W 144 -80.53 18.19 -50.73
N GLU W 145 -81.34 18.31 -51.80
CA GLU W 145 -80.76 18.33 -53.13
C GLU W 145 -79.97 19.60 -53.39
N GLU W 146 -80.54 20.75 -53.01
CA GLU W 146 -79.95 22.02 -53.41
C GLU W 146 -78.66 22.32 -52.67
N GLU W 147 -78.46 21.77 -51.46
CA GLU W 147 -77.24 22.03 -50.72
C GLU W 147 -76.41 20.78 -50.49
N TYR W 148 -76.95 19.77 -49.80
CA TYR W 148 -76.15 18.59 -49.50
C TYR W 148 -75.86 17.78 -50.75
N GLY W 149 -76.80 17.74 -51.68
CA GLY W 149 -76.67 16.92 -52.87
C GLY W 149 -76.25 17.63 -54.14
N THR W 150 -75.67 18.83 -54.02
CA THR W 150 -75.22 19.58 -55.18
C THR W 150 -73.77 19.97 -55.04
N PHE W 151 -73.02 19.85 -56.14
CA PHE W 151 -71.63 20.29 -56.22
C PHE W 151 -71.53 21.77 -55.83
N GLY W 152 -70.70 22.06 -54.83
CA GLY W 152 -70.54 23.41 -54.35
C GLY W 152 -71.51 23.85 -53.28
N GLY W 153 -72.48 23.02 -52.92
CA GLY W 153 -73.42 23.40 -51.88
C GLY W 153 -72.81 23.39 -50.49
N HIS W 154 -73.41 24.18 -49.61
CA HIS W 154 -73.05 24.19 -48.20
C HIS W 154 -74.16 23.49 -47.44
N PRO W 155 -73.96 22.24 -47.00
CA PRO W 155 -75.07 21.48 -46.41
C PRO W 155 -75.63 22.16 -45.17
N PHE W 156 -76.95 22.07 -45.03
CA PHE W 156 -77.60 22.52 -43.81
C PHE W 156 -77.08 21.72 -42.62
N SER W 157 -76.50 22.41 -41.65
CA SER W 157 -76.01 21.73 -40.46
C SER W 157 -77.13 21.35 -39.50
N LEU W 158 -78.17 22.18 -39.43
CA LEU W 158 -79.22 22.02 -38.44
C LEU W 158 -80.48 22.71 -38.96
N LEU W 159 -81.63 22.20 -38.53
CA LEU W 159 -82.91 22.81 -38.86
C LEU W 159 -83.65 23.14 -37.57
N VAL W 160 -84.15 24.36 -37.46
CA VAL W 160 -84.98 24.75 -36.33
C VAL W 160 -86.38 25.07 -36.85
N GLY W 161 -87.37 24.44 -36.26
CA GLY W 161 -88.74 24.68 -36.62
C GLY W 161 -89.47 25.44 -35.53
N ASP W 162 -89.96 26.64 -35.84
CA ASP W 162 -90.75 27.42 -34.89
C ASP W 162 -92.20 26.92 -34.89
N TYR W 163 -92.36 25.67 -34.46
CA TYR W 163 -93.67 25.04 -34.38
C TYR W 163 -93.75 24.21 -33.10
N SER W 164 -94.97 24.01 -32.63
CA SER W 164 -95.23 23.12 -31.52
C SER W 164 -95.91 21.86 -32.05
N PHE W 165 -95.53 20.71 -31.53
CA PHE W 165 -96.06 19.43 -31.99
C PHE W 165 -96.81 18.76 -30.84
N GLY W 166 -98.08 18.46 -31.07
CA GLY W 166 -98.93 17.83 -30.09
C GLY W 166 -99.08 16.34 -30.35
N ARG W 167 -100.12 15.76 -29.74
CA ARG W 167 -100.42 14.35 -29.91
C ARG W 167 -101.32 14.08 -31.10
N HIS W 168 -101.75 15.12 -31.82
CA HIS W 168 -102.66 14.94 -32.93
C HIS W 168 -102.02 14.07 -34.01
N PRO W 169 -102.80 13.22 -34.69
CA PRO W 169 -102.21 12.33 -35.70
C PRO W 169 -101.47 13.06 -36.81
N GLN W 170 -101.96 14.21 -37.28
CA GLN W 170 -101.24 14.92 -38.32
C GLN W 170 -99.98 15.56 -37.76
N ASP W 171 -99.96 15.91 -36.48
CA ASP W 171 -98.73 16.43 -35.87
C ASP W 171 -97.64 15.38 -35.87
N ILE W 172 -97.96 14.15 -35.46
CA ILE W 172 -96.97 13.08 -35.44
C ILE W 172 -96.58 12.68 -36.86
N GLY W 173 -97.55 12.68 -37.78
CA GLY W 173 -97.22 12.39 -39.17
C GLY W 173 -96.26 13.40 -39.77
N LEU W 174 -96.52 14.69 -39.51
CA LEU W 174 -95.60 15.73 -39.96
C LEU W 174 -94.23 15.57 -39.32
N LEU W 175 -94.19 15.24 -38.03
CA LEU W 175 -92.91 15.00 -37.37
C LEU W 175 -92.16 13.86 -38.04
N GLU W 176 -92.87 12.81 -38.44
CA GLU W 176 -92.24 11.68 -39.11
C GLU W 176 -91.67 12.06 -40.48
N LYS W 177 -92.47 12.77 -41.28
CA LYS W 177 -91.97 13.20 -42.60
C LYS W 177 -90.78 14.14 -42.46
N LEU W 178 -90.85 15.08 -41.51
CA LEU W 178 -89.73 15.97 -41.26
C LEU W 178 -88.51 15.20 -40.82
N SER W 179 -88.69 14.18 -39.99
CA SER W 179 -87.55 13.37 -39.55
C SER W 179 -86.92 12.65 -40.72
N ASN W 180 -87.74 12.18 -41.66
CA ASN W 180 -87.18 11.53 -42.85
C ASN W 180 -86.32 12.49 -43.65
N VAL W 181 -86.83 13.71 -43.89
CA VAL W 181 -86.03 14.69 -44.63
C VAL W 181 -84.76 15.04 -43.86
N ALA W 182 -84.88 15.24 -42.55
CA ALA W 182 -83.73 15.58 -41.72
C ALA W 182 -82.68 14.47 -41.75
N ALA W 183 -83.11 13.21 -41.66
CA ALA W 183 -82.18 12.09 -41.71
C ALA W 183 -81.48 12.02 -43.06
N ALA W 184 -82.22 12.22 -44.15
CA ALA W 184 -81.62 12.12 -45.48
C ALA W 184 -80.46 13.10 -45.63
N ALA W 185 -80.65 14.33 -45.18
CA ALA W 185 -79.64 15.37 -45.32
C ALA W 185 -78.67 15.44 -44.14
N HIS W 186 -78.80 14.55 -43.16
CA HIS W 186 -77.99 14.59 -41.94
C HIS W 186 -78.06 15.98 -41.29
N ALA W 187 -79.27 16.48 -41.12
CA ALA W 187 -79.50 17.83 -40.59
C ALA W 187 -80.53 17.72 -39.47
N PRO W 188 -80.08 17.57 -38.22
CA PRO W 188 -81.03 17.39 -37.11
C PRO W 188 -82.03 18.53 -37.01
N PHE W 189 -83.27 18.16 -36.69
CA PHE W 189 -84.40 19.08 -36.62
C PHE W 189 -84.76 19.33 -35.17
N ILE W 190 -85.02 20.60 -34.83
CA ILE W 190 -85.36 21.01 -33.47
C ILE W 190 -86.66 21.81 -33.52
N ALA W 191 -87.59 21.45 -32.65
CA ALA W 191 -88.86 22.16 -32.54
C ALA W 191 -89.34 22.10 -31.10
N ALA W 192 -90.61 22.45 -30.87
CA ALA W 192 -91.16 22.54 -29.53
C ALA W 192 -92.22 21.47 -29.30
N ALA W 193 -92.24 20.93 -28.08
CA ALA W 193 -93.33 20.06 -27.66
C ALA W 193 -94.52 20.90 -27.25
N SER W 194 -95.69 20.56 -27.76
CA SER W 194 -96.89 21.23 -27.32
C SER W 194 -97.32 20.70 -25.96
N PRO W 195 -97.95 21.53 -25.12
CA PRO W 195 -98.55 21.00 -23.89
C PRO W 195 -99.62 19.97 -24.17
N ARG W 196 -100.28 20.04 -25.33
CA ARG W 196 -101.27 19.02 -25.68
C ARG W 196 -100.66 17.64 -25.81
N LEU W 197 -99.36 17.55 -26.12
CA LEU W 197 -98.70 16.26 -26.12
C LEU W 197 -98.79 15.58 -24.76
N PHE W 198 -98.81 16.37 -23.69
CA PHE W 198 -98.90 15.88 -22.33
C PHE W 198 -100.33 15.88 -21.80
N ASP W 199 -101.32 16.04 -22.67
CA ASP W 199 -102.72 16.22 -22.27
C ASP W 199 -102.87 17.41 -21.32
N MET W 200 -102.19 18.49 -21.64
CA MET W 200 -102.09 19.66 -20.78
C MET W 200 -102.52 20.88 -21.57
N GLY W 201 -103.30 21.76 -20.93
CA GLY W 201 -103.61 23.03 -21.57
C GLY W 201 -102.44 23.97 -21.60
N SER W 202 -101.58 23.92 -20.57
CA SER W 202 -100.41 24.77 -20.49
C SER W 202 -99.35 24.03 -19.70
N PHE W 203 -98.09 24.41 -19.92
CA PHE W 203 -97.02 23.77 -19.18
C PHE W 203 -96.94 24.24 -17.74
N THR W 204 -97.81 25.19 -17.33
CA THR W 204 -97.94 25.50 -15.92
C THR W 204 -98.44 24.31 -15.12
N GLU W 205 -99.04 23.33 -15.77
CA GLU W 205 -99.54 22.11 -15.14
C GLU W 205 -98.50 20.99 -15.12
N LEU W 206 -97.26 21.27 -15.53
CA LEU W 206 -96.27 20.22 -15.72
C LEU W 206 -95.89 19.54 -14.41
N ALA W 207 -95.94 20.27 -13.29
CA ALA W 207 -95.60 19.67 -12.00
C ALA W 207 -96.76 18.91 -11.37
N VAL W 208 -97.95 18.97 -11.94
CA VAL W 208 -99.15 18.38 -11.33
C VAL W 208 -99.13 16.85 -11.35
N PRO W 209 -98.93 16.18 -12.49
CA PRO W 209 -99.01 14.72 -12.49
C PRO W 209 -97.96 14.08 -11.58
N ARG W 210 -98.35 13.00 -10.91
CA ARG W 210 -97.40 12.26 -10.09
C ARG W 210 -96.31 11.62 -10.95
N ASP W 211 -96.70 10.98 -12.05
CA ASP W 211 -95.78 10.24 -12.90
C ASP W 211 -96.00 10.62 -14.35
N LEU W 212 -95.00 11.27 -14.96
CA LEU W 212 -95.12 11.70 -16.35
C LEU W 212 -95.14 10.51 -17.31
N ALA W 213 -94.35 9.47 -17.03
CA ALA W 213 -94.29 8.32 -17.92
C ALA W 213 -95.64 7.65 -18.08
N LYS W 214 -96.47 7.71 -17.03
CA LYS W 214 -97.81 7.14 -17.10
C LYS W 214 -98.65 7.81 -18.19
N ILE W 215 -98.46 9.11 -18.39
CA ILE W 215 -99.20 9.84 -19.42
C ILE W 215 -98.95 9.22 -20.78
N PHE W 216 -97.71 8.84 -21.06
CA PHE W 216 -97.34 8.38 -22.39
C PHE W 216 -97.64 6.92 -22.63
N GLU W 217 -98.38 6.28 -21.72
CA GLU W 217 -98.94 4.96 -21.96
C GLU W 217 -100.31 5.02 -22.62
N SER W 218 -100.86 6.22 -22.81
CA SER W 218 -102.20 6.36 -23.32
C SER W 218 -102.32 5.82 -24.74
N GLN W 219 -103.50 5.29 -25.07
CA GLN W 219 -103.77 4.84 -26.43
C GLN W 219 -103.70 5.99 -27.43
N GLU W 220 -103.90 7.23 -26.99
CA GLU W 220 -103.78 8.37 -27.88
C GLU W 220 -102.34 8.64 -28.30
N LEU W 221 -101.36 8.00 -27.66
CA LEU W 221 -99.94 8.22 -27.96
C LEU W 221 -99.30 7.01 -28.62
N ILE W 222 -100.10 6.15 -29.27
CA ILE W 222 -99.55 5.01 -30.00
C ILE W 222 -98.64 5.48 -31.11
N LYS W 223 -99.09 6.47 -31.90
CA LYS W 223 -98.28 6.96 -33.01
C LYS W 223 -97.00 7.62 -32.52
N TRP W 224 -97.08 8.36 -31.41
CA TRP W 224 -95.89 8.98 -30.85
C TRP W 224 -94.87 7.94 -30.41
N ARG W 225 -95.31 6.88 -29.74
CA ARG W 225 -94.39 5.84 -29.32
C ARG W 225 -93.77 5.13 -30.52
N ALA W 226 -94.57 4.86 -31.55
CA ALA W 226 -94.03 4.29 -32.77
C ALA W 226 -93.00 5.21 -33.40
N PHE W 227 -93.26 6.51 -33.42
CA PHE W 227 -92.28 7.47 -33.94
C PHE W 227 -90.99 7.41 -33.15
N ARG W 228 -91.09 7.37 -31.82
CA ARG W 228 -89.89 7.26 -30.98
C ARG W 228 -89.11 6.00 -31.30
N GLU W 229 -89.80 4.92 -31.69
CA GLU W 229 -89.11 3.69 -32.07
C GLU W 229 -88.37 3.78 -33.40
N SER W 230 -88.72 4.74 -34.26
CA SER W 230 -88.16 4.79 -35.60
C SER W 230 -86.71 5.25 -35.58
N GLU W 231 -85.95 4.82 -36.59
CA GLU W 231 -84.54 5.21 -36.69
C GLU W 231 -84.40 6.73 -36.87
N ASP W 232 -85.19 7.32 -37.76
CA ASP W 232 -85.01 8.73 -38.11
C ASP W 232 -85.44 9.68 -37.02
N SER W 233 -86.09 9.19 -35.95
CA SER W 233 -86.46 10.06 -34.83
C SER W 233 -85.25 10.63 -34.10
N ARG W 234 -84.07 10.06 -34.30
CA ARG W 234 -82.87 10.64 -33.70
C ARG W 234 -82.51 11.99 -34.32
N TYR W 235 -83.12 12.35 -35.44
CA TYR W 235 -82.93 13.66 -36.06
C TYR W 235 -84.01 14.66 -35.68
N VAL W 236 -84.80 14.34 -34.65
CA VAL W 236 -85.82 15.25 -34.13
C VAL W 236 -85.60 15.40 -32.63
N SER W 237 -85.51 16.65 -32.18
CA SER W 237 -85.49 16.98 -30.77
C SER W 237 -86.63 17.94 -30.46
N LEU W 238 -87.29 17.73 -29.33
CA LEU W 238 -88.41 18.56 -28.92
C LEU W 238 -88.07 19.21 -27.58
N VAL W 239 -88.22 20.52 -27.51
CA VAL W 239 -87.83 21.30 -26.34
C VAL W 239 -89.08 21.83 -25.67
N LEU W 240 -89.01 21.96 -24.35
CA LEU W 240 -90.10 22.51 -23.55
C LEU W 240 -89.50 23.12 -22.29
N PRO W 241 -90.23 24.01 -21.61
CA PRO W 241 -91.48 24.67 -22.00
C PRO W 241 -91.20 25.99 -22.70
N HIS W 242 -92.17 26.89 -22.78
CA HIS W 242 -91.95 28.19 -23.41
C HIS W 242 -91.06 29.08 -22.55
N VAL W 243 -90.41 30.04 -23.20
CA VAL W 243 -89.48 30.95 -22.54
C VAL W 243 -90.00 32.37 -22.71
N LEU W 244 -89.95 33.15 -21.63
CA LEU W 244 -90.47 34.50 -21.65
C LEU W 244 -89.59 35.38 -22.54
N LEU W 245 -90.22 36.09 -23.47
CA LEU W 245 -89.50 37.00 -24.33
C LEU W 245 -89.60 38.42 -23.80
N ALA W 271 -101.27 34.09 -20.07
CA ALA W 271 -101.27 34.25 -21.52
C ALA W 271 -101.03 35.70 -21.92
N ARG W 272 -100.96 36.59 -20.92
CA ARG W 272 -100.68 37.99 -21.17
C ARG W 272 -99.19 38.26 -21.36
N TYR W 273 -98.33 37.31 -21.04
CA TYR W 273 -96.89 37.46 -21.26
C TYR W 273 -96.53 36.92 -22.64
N LEU W 274 -95.47 37.50 -23.22
CA LEU W 274 -95.03 37.08 -24.55
C LEU W 274 -94.16 35.83 -24.44
N TRP W 275 -94.78 34.67 -24.60
CA TRP W 275 -94.08 33.39 -24.50
C TRP W 275 -93.57 32.98 -25.87
N GLY W 276 -92.31 32.57 -25.92
CA GLY W 276 -91.67 32.18 -27.16
C GLY W 276 -91.29 30.70 -27.15
N ASN W 277 -91.02 30.20 -28.34
CA ASN W 277 -90.51 28.85 -28.50
C ASN W 277 -89.10 28.75 -27.94
N ALA W 278 -88.85 27.74 -27.10
CA ALA W 278 -87.52 27.56 -26.52
C ALA W 278 -86.55 26.96 -27.53
N ALA W 279 -87.03 26.50 -28.68
CA ALA W 279 -86.15 26.07 -29.75
C ALA W 279 -85.22 27.20 -30.18
N TRP W 280 -85.69 28.44 -30.13
CA TRP W 280 -84.83 29.58 -30.41
C TRP W 280 -83.66 29.63 -29.43
N ALA W 281 -83.93 29.43 -28.14
CA ALA W 281 -82.88 29.46 -27.13
C ALA W 281 -81.89 28.32 -27.33
N LEU W 282 -82.39 27.12 -27.63
CA LEU W 282 -81.47 26.01 -27.88
C LEU W 282 -80.63 26.25 -29.12
N THR W 283 -81.25 26.78 -30.19
CA THR W 283 -80.51 27.12 -31.39
C THR W 283 -79.42 28.14 -31.11
N GLN W 284 -79.73 29.13 -30.26
CA GLN W 284 -78.72 30.11 -29.87
C GLN W 284 -77.57 29.45 -29.12
N ARG W 285 -77.87 28.49 -28.24
CA ARG W 285 -76.79 27.75 -27.59
C ARG W 285 -75.91 27.06 -28.62
N ILE W 286 -76.52 26.44 -29.62
CA ILE W 286 -75.77 25.72 -30.64
C ILE W 286 -74.89 26.68 -31.43
N THR W 287 -75.43 27.82 -31.84
CA THR W 287 -74.67 28.77 -32.65
C THR W 287 -73.53 29.40 -31.84
N GLU W 288 -73.77 29.68 -30.55
CA GLU W 288 -72.68 30.17 -29.71
C GLU W 288 -71.58 29.12 -29.56
N ALA W 289 -71.97 27.86 -29.37
CA ALA W 289 -70.98 26.80 -29.27
C ALA W 289 -70.14 26.73 -30.55
N PHE W 290 -70.79 26.79 -31.71
CA PHE W 290 -70.03 26.75 -32.96
C PHE W 290 -69.11 27.96 -33.07
N ALA W 291 -69.61 29.15 -32.77
CA ALA W 291 -68.79 30.36 -32.91
C ALA W 291 -67.57 30.30 -32.01
N ARG W 292 -67.73 29.80 -30.79
CA ARG W 292 -66.61 29.78 -29.85
C ARG W 292 -65.65 28.62 -30.09
N TYR W 293 -66.17 27.47 -30.52
CA TYR W 293 -65.38 26.24 -30.53
C TYR W 293 -65.31 25.54 -31.88
N GLY W 294 -66.16 25.90 -32.84
CA GLY W 294 -66.18 25.21 -34.11
C GLY W 294 -66.97 23.93 -34.14
N TRP W 295 -67.55 23.52 -33.02
CA TRP W 295 -68.36 22.30 -32.92
C TRP W 295 -69.48 22.57 -31.93
N CYS W 296 -70.54 21.76 -32.03
CA CYS W 296 -71.79 22.04 -31.32
C CYS W 296 -72.09 21.03 -30.21
N ALA W 297 -71.06 20.41 -29.64
CA ALA W 297 -71.31 19.46 -28.55
C ALA W 297 -71.62 20.18 -27.24
N ALA W 298 -70.97 21.31 -26.99
CA ALA W 298 -71.05 21.98 -25.69
C ALA W 298 -72.31 22.83 -25.61
N ILE W 299 -73.45 22.17 -25.50
CA ILE W 299 -74.73 22.86 -25.51
C ILE W 299 -75.63 22.45 -24.34
N ARG W 300 -75.05 21.99 -23.24
CA ARG W 300 -75.88 21.54 -22.13
C ARG W 300 -75.16 21.76 -20.80
N GLY W 301 -75.95 22.02 -19.76
CA GLY W 301 -75.43 22.13 -18.41
C GLY W 301 -75.07 23.55 -18.02
N VAL W 302 -74.85 23.73 -16.72
CA VAL W 302 -74.49 25.03 -16.19
C VAL W 302 -73.15 25.49 -16.78
N GLU W 303 -72.18 24.58 -16.82
CA GLU W 303 -70.84 24.91 -17.30
C GLU W 303 -70.52 24.32 -18.66
N GLY W 304 -71.38 23.48 -19.20
CA GLY W 304 -71.13 22.84 -20.48
C GLY W 304 -71.78 23.50 -21.68
N GLY W 305 -72.28 24.73 -21.54
CA GLY W 305 -72.87 25.44 -22.66
C GLY W 305 -74.38 25.45 -22.71
N GLY W 306 -75.07 24.95 -21.69
CA GLY W 306 -76.51 24.94 -21.66
C GLY W 306 -77.17 26.13 -20.98
N ALA W 307 -76.41 27.15 -20.60
CA ALA W 307 -76.96 28.25 -19.82
C ALA W 307 -77.59 29.30 -20.73
N VAL W 308 -78.86 29.62 -20.48
CA VAL W 308 -79.59 30.68 -21.17
C VAL W 308 -79.70 31.84 -20.18
N GLU W 309 -78.93 32.89 -20.42
CA GLU W 309 -78.74 33.97 -19.46
C GLU W 309 -79.58 35.20 -19.84
N GLY W 310 -79.72 36.10 -18.87
CA GLY W 310 -80.39 37.36 -19.09
C GLY W 310 -81.87 37.27 -19.37
N LEU W 311 -82.55 36.30 -18.78
CA LEU W 311 -83.98 36.18 -18.98
C LEU W 311 -84.73 37.31 -18.27
N PRO W 312 -85.92 37.66 -18.73
CA PRO W 312 -86.72 38.69 -18.03
C PRO W 312 -87.13 38.21 -16.65
N ALA W 313 -86.83 39.03 -15.64
CA ALA W 313 -87.14 38.71 -14.24
C ALA W 313 -88.17 39.70 -13.74
N HIS W 314 -89.45 39.35 -13.90
CA HIS W 314 -90.54 40.23 -13.49
C HIS W 314 -90.84 40.04 -12.01
N LYS W 326 -91.73 35.39 -10.61
CA LYS W 326 -92.34 34.68 -11.73
C LYS W 326 -91.31 33.91 -12.54
N CYS W 327 -91.59 32.64 -12.82
CA CYS W 327 -90.66 31.82 -13.59
C CYS W 327 -90.58 32.34 -15.03
N PRO W 328 -89.39 32.67 -15.54
CA PRO W 328 -89.27 33.03 -16.96
C PRO W 328 -89.44 31.86 -17.91
N THR W 329 -89.65 30.64 -17.41
CA THR W 329 -89.81 29.45 -18.22
C THR W 329 -91.15 28.75 -17.95
N GLU W 330 -92.15 29.51 -17.51
CA GLU W 330 -93.53 29.07 -17.30
C GLU W 330 -93.76 28.14 -16.11
N VAL W 331 -92.71 27.45 -15.66
CA VAL W 331 -92.90 26.47 -14.59
C VAL W 331 -91.54 26.00 -14.09
N ALA W 332 -91.43 25.81 -12.78
CA ALA W 332 -90.23 25.22 -12.21
C ALA W 332 -90.21 23.72 -12.51
N ILE W 333 -89.04 23.23 -12.88
CA ILE W 333 -88.86 21.81 -13.18
C ILE W 333 -87.82 21.27 -12.21
N THR W 334 -88.24 20.38 -11.31
CA THR W 334 -87.33 19.78 -10.35
C THR W 334 -86.34 18.86 -11.07
N ASP W 335 -85.29 18.47 -10.34
CA ASP W 335 -84.31 17.53 -10.90
C ASP W 335 -84.98 16.23 -11.32
N ARG W 336 -85.86 15.69 -10.48
CA ARG W 336 -86.53 14.43 -10.80
C ARG W 336 -87.41 14.57 -12.02
N ARG W 337 -88.13 15.68 -12.14
CA ARG W 337 -88.99 15.89 -13.30
C ARG W 337 -88.17 16.11 -14.57
N GLU W 338 -87.04 16.81 -14.46
CA GLU W 338 -86.16 16.95 -15.61
C GLU W 338 -85.66 15.59 -16.09
N LYS W 339 -85.29 14.72 -15.14
CA LYS W 339 -84.84 13.38 -15.53
C LYS W 339 -85.96 12.57 -16.18
N GLU W 340 -87.18 12.65 -15.62
CA GLU W 340 -88.33 12.01 -16.27
C GLU W 340 -88.49 12.48 -17.70
N LEU W 341 -88.48 13.80 -17.90
CA LEU W 341 -88.68 14.36 -19.25
C LEU W 341 -87.58 13.91 -20.19
N ASP W 342 -86.33 13.90 -19.72
CA ASP W 342 -85.23 13.39 -20.53
C ASP W 342 -85.48 11.95 -20.94
N ALA W 343 -85.95 11.12 -20.02
CA ALA W 343 -86.24 9.73 -20.35
C ALA W 343 -87.36 9.61 -21.37
N LEU W 344 -88.25 10.58 -21.43
CA LEU W 344 -89.39 10.52 -22.34
C LEU W 344 -89.09 11.13 -23.70
N GLY W 345 -87.88 11.62 -23.92
CA GLY W 345 -87.49 12.10 -25.23
C GLY W 345 -87.61 13.60 -25.44
N PHE W 346 -87.41 14.39 -24.40
CA PHE W 346 -87.55 15.83 -24.47
C PHE W 346 -86.32 16.52 -23.90
N ILE W 347 -86.07 17.74 -24.36
CA ILE W 347 -85.04 18.61 -23.80
C ILE W 347 -85.74 19.70 -23.02
N ALA W 348 -85.57 19.73 -21.71
CA ALA W 348 -86.29 20.65 -20.85
C ALA W 348 -85.41 21.82 -20.46
N LEU W 349 -86.00 23.01 -20.45
CA LEU W 349 -85.33 24.23 -19.98
C LEU W 349 -85.71 24.46 -18.52
N CYS W 350 -84.71 24.51 -17.65
CA CYS W 350 -84.92 24.49 -16.20
C CYS W 350 -84.47 25.82 -15.59
N HIS W 351 -85.41 26.56 -15.03
CA HIS W 351 -85.11 27.85 -14.43
C HIS W 351 -84.35 27.67 -13.12
N LYS W 352 -83.26 28.41 -12.96
CA LYS W 352 -82.59 28.46 -11.68
C LYS W 352 -83.38 29.39 -10.76
N LYS W 353 -83.81 28.85 -9.62
CA LYS W 353 -84.64 29.61 -8.70
C LYS W 353 -83.94 30.89 -8.27
N ASN W 354 -84.71 31.98 -8.19
CA ASN W 354 -84.21 33.27 -7.70
C ASN W 354 -83.10 33.82 -8.59
N SER W 355 -83.26 33.67 -9.90
CA SER W 355 -82.24 34.12 -10.84
C SER W 355 -82.91 34.46 -12.16
N ASP W 356 -82.13 35.04 -13.07
CA ASP W 356 -82.56 35.30 -14.43
C ASP W 356 -81.93 34.33 -15.42
N LEU W 357 -81.74 33.08 -14.98
CA LEU W 357 -81.01 32.07 -15.73
C LEU W 357 -81.82 30.78 -15.80
N ALA W 358 -81.74 30.11 -16.94
CA ALA W 358 -82.28 28.76 -17.11
C ALA W 358 -81.26 27.94 -17.88
N VAL W 359 -81.33 26.61 -17.69
CA VAL W 359 -80.30 25.71 -18.21
C VAL W 359 -80.98 24.52 -18.88
N PHE W 360 -80.49 24.17 -20.07
CA PHE W 360 -80.76 22.88 -20.69
C PHE W 360 -79.82 21.86 -20.07
N PHE W 361 -80.32 21.06 -19.11
CA PHE W 361 -79.47 20.04 -18.52
C PHE W 361 -79.31 18.85 -19.45
N GLY W 362 -80.38 18.41 -20.09
CA GLY W 362 -80.35 17.27 -20.99
C GLY W 362 -80.20 17.70 -22.43
N SER W 363 -79.83 16.74 -23.28
CA SER W 363 -79.77 16.96 -24.71
C SER W 363 -80.23 15.72 -25.47
N GLN W 364 -81.33 15.12 -25.02
CA GLN W 364 -81.84 13.89 -25.59
C GLN W 364 -82.73 14.18 -26.79
N THR W 365 -82.52 13.45 -27.89
CA THR W 365 -83.43 13.53 -29.02
C THR W 365 -84.71 12.77 -28.69
N THR W 366 -85.67 12.77 -29.62
CA THR W 366 -86.90 12.03 -29.40
C THR W 366 -86.72 10.52 -29.54
N ASN W 367 -85.58 10.07 -30.05
CA ASN W 367 -85.35 8.65 -30.29
C ASN W 367 -85.29 7.90 -28.97
N ARG W 368 -85.98 6.76 -28.91
CA ARG W 368 -85.87 5.87 -27.77
C ARG W 368 -84.85 4.79 -28.11
N PRO W 369 -83.70 4.74 -27.45
CA PRO W 369 -82.69 3.73 -27.79
C PRO W 369 -83.21 2.32 -27.56
N ARG W 370 -82.84 1.43 -28.48
CA ARG W 370 -83.12 0.01 -28.29
C ARG W 370 -82.22 -0.56 -27.21
N VAL W 371 -82.70 -1.61 -26.55
CA VAL W 371 -82.00 -2.26 -25.45
C VAL W 371 -81.52 -3.62 -25.91
N TYR W 372 -80.24 -3.90 -25.66
CA TYR W 372 -79.57 -5.09 -26.16
C TYR W 372 -78.99 -5.90 -25.00
N ASN W 373 -78.38 -7.03 -25.34
CA ASN W 373 -77.78 -7.92 -24.36
C ASN W 373 -76.27 -7.71 -24.20
N THR W 374 -75.69 -6.70 -24.84
CA THR W 374 -74.28 -6.40 -24.65
C THR W 374 -74.11 -4.94 -24.23
N ASN W 375 -73.10 -4.69 -23.40
CA ASN W 375 -72.82 -3.34 -22.93
C ASN W 375 -72.50 -2.42 -24.10
N GLU W 376 -71.71 -2.90 -25.06
CA GLU W 376 -71.29 -2.05 -26.17
C GLU W 376 -72.48 -1.61 -27.01
N ALA W 377 -73.39 -2.54 -27.32
CA ALA W 377 -74.55 -2.19 -28.13
C ALA W 377 -75.45 -1.20 -27.39
N ASN W 378 -75.64 -1.42 -26.09
CA ASN W 378 -76.46 -0.49 -25.30
C ASN W 378 -75.84 0.90 -25.28
N ALA W 379 -74.54 0.97 -25.02
CA ALA W 379 -73.87 2.27 -25.01
C ALA W 379 -74.00 2.97 -26.35
N ASN W 380 -73.76 2.23 -27.45
CA ASN W 380 -73.83 2.84 -28.77
C ASN W 380 -75.24 3.32 -29.09
N ALA W 381 -76.25 2.53 -28.74
CA ALA W 381 -77.63 2.95 -28.97
C ALA W 381 -77.95 4.20 -28.16
N ARG W 382 -77.47 4.28 -26.92
CA ARG W 382 -77.78 5.43 -26.08
C ARG W 382 -77.17 6.71 -26.63
N ILE W 383 -75.89 6.68 -27.00
CA ILE W 383 -75.23 7.90 -27.45
C ILE W 383 -75.73 8.31 -28.83
N SER W 384 -76.16 7.36 -29.65
CA SER W 384 -76.72 7.71 -30.95
C SER W 384 -78.12 8.34 -30.83
N ALA W 385 -78.63 8.51 -29.62
CA ALA W 385 -79.88 9.23 -29.38
C ALA W 385 -79.65 10.57 -28.72
N MET W 386 -78.41 11.05 -28.65
CA MET W 386 -78.08 12.30 -27.98
C MET W 386 -77.81 13.39 -29.01
N LEU W 387 -78.46 14.53 -28.84
CA LEU W 387 -78.34 15.63 -29.81
C LEU W 387 -76.90 16.08 -30.06
N PRO W 388 -76.05 16.30 -29.03
CA PRO W 388 -74.68 16.76 -29.34
C PRO W 388 -73.92 15.80 -30.24
N TYR W 389 -73.97 14.50 -29.93
CA TYR W 389 -73.23 13.52 -30.72
C TYR W 389 -73.84 13.36 -32.10
N VAL W 390 -75.17 13.42 -32.20
CA VAL W 390 -75.81 13.32 -33.51
C VAL W 390 -75.43 14.52 -34.38
N LEU W 391 -75.35 15.71 -33.78
CA LEU W 391 -74.90 16.89 -34.52
C LEU W 391 -73.46 16.70 -35.02
N ALA W 392 -72.58 16.19 -34.16
CA ALA W 392 -71.20 15.96 -34.58
C ALA W 392 -71.12 14.94 -35.72
N ALA W 393 -71.85 13.84 -35.60
CA ALA W 393 -71.85 12.83 -36.66
C ALA W 393 -72.39 13.39 -37.96
N SER W 394 -73.44 14.22 -37.88
CA SER W 394 -73.98 14.87 -39.06
C SER W 394 -72.97 15.79 -39.72
N ARG W 395 -72.23 16.57 -38.92
CA ARG W 395 -71.18 17.42 -39.48
C ARG W 395 -70.15 16.58 -40.22
N PHE W 396 -69.76 15.44 -39.63
CA PHE W 396 -68.80 14.59 -40.32
C PHE W 396 -69.38 14.00 -41.60
N ALA W 397 -70.68 13.71 -41.63
CA ALA W 397 -71.31 13.29 -42.88
C ALA W 397 -71.20 14.36 -43.94
N HIS W 398 -71.43 15.62 -43.57
CA HIS W 398 -71.33 16.71 -44.54
C HIS W 398 -69.90 16.83 -45.08
N TYR W 399 -68.93 16.77 -44.18
CA TYR W 399 -67.53 16.87 -44.60
C TYR W 399 -67.15 15.71 -45.52
N LEU W 400 -67.58 14.50 -45.17
CA LEU W 400 -67.28 13.35 -46.01
C LEU W 400 -67.89 13.50 -47.41
N LYS W 401 -69.15 13.94 -47.47
CA LYS W 401 -69.77 14.18 -48.77
C LYS W 401 -68.93 15.12 -49.60
N VAL W 402 -68.53 16.26 -49.03
CA VAL W 402 -67.83 17.27 -49.82
C VAL W 402 -66.46 16.78 -50.27
N ILE W 403 -65.67 16.23 -49.33
CA ILE W 403 -64.30 15.88 -49.68
C ILE W 403 -64.26 14.68 -50.63
N MET W 404 -65.11 13.69 -50.40
CA MET W 404 -65.12 12.54 -51.30
C MET W 404 -65.68 12.90 -52.66
N ARG W 405 -66.64 13.83 -52.74
CA ARG W 405 -67.05 14.34 -54.04
C ARG W 405 -65.88 14.96 -54.77
N ASP W 406 -65.02 15.67 -54.04
CA ASP W 406 -63.81 16.22 -54.67
C ASP W 406 -62.86 15.12 -55.13
N LYS W 407 -62.89 13.95 -54.50
CA LYS W 407 -61.97 12.89 -54.88
C LYS W 407 -62.49 11.97 -55.99
N VAL W 408 -63.74 12.10 -56.40
CA VAL W 408 -64.27 11.26 -57.48
C VAL W 408 -63.48 11.53 -58.76
N GLY W 409 -63.05 10.47 -59.43
CA GLY W 409 -62.32 10.57 -60.67
C GLY W 409 -60.81 10.53 -60.54
N SER W 410 -60.28 10.75 -59.33
CA SER W 410 -58.85 10.61 -59.11
C SER W 410 -58.47 9.14 -59.01
N PHE W 411 -57.20 8.85 -59.31
CA PHE W 411 -56.66 7.49 -59.21
C PHE W 411 -56.53 7.11 -57.73
N MET W 412 -57.40 6.23 -57.25
CA MET W 412 -57.37 5.84 -55.84
C MET W 412 -57.68 4.36 -55.68
N THR W 413 -56.79 3.65 -54.99
CA THR W 413 -57.07 2.31 -54.54
C THR W 413 -57.91 2.36 -53.25
N ARG W 414 -58.30 1.19 -52.76
CA ARG W 414 -58.95 1.09 -51.46
C ARG W 414 -58.04 1.64 -50.37
N ASP W 415 -56.76 1.28 -50.41
CA ASP W 415 -55.83 1.76 -49.40
C ASP W 415 -55.63 3.27 -49.48
N ASN W 416 -55.60 3.82 -50.70
CA ASN W 416 -55.48 5.28 -50.83
C ASN W 416 -56.65 5.97 -50.14
N VAL W 417 -57.86 5.47 -50.35
CA VAL W 417 -59.04 6.07 -49.74
C VAL W 417 -58.95 5.98 -48.23
N GLN W 418 -58.58 4.81 -47.72
CA GLN W 418 -58.50 4.62 -46.27
C GLN W 418 -57.46 5.54 -45.66
N THR W 419 -56.27 5.62 -46.27
CA THR W 419 -55.23 6.49 -45.77
C THR W 419 -55.67 7.95 -45.78
N TYR W 420 -56.29 8.39 -46.87
CA TYR W 420 -56.73 9.77 -46.95
C TYR W 420 -57.76 10.09 -45.87
N LEU W 421 -58.75 9.22 -45.71
CA LEU W 421 -59.82 9.52 -44.75
C LEU W 421 -59.31 9.48 -43.31
N ASN W 422 -58.42 8.54 -42.99
CA ASN W 422 -57.87 8.49 -41.64
C ASN W 422 -56.94 9.67 -41.37
N ASN W 423 -56.19 10.11 -42.40
CA ASN W 423 -55.36 11.29 -42.24
C ASN W 423 -56.20 12.53 -42.02
N TRP W 424 -57.29 12.67 -42.77
CA TRP W 424 -58.12 13.87 -42.68
C TRP W 424 -58.80 13.99 -41.33
N ILE W 425 -59.32 12.87 -40.80
CA ILE W 425 -60.08 12.91 -39.55
C ILE W 425 -59.19 13.05 -38.32
N ALA W 426 -57.89 12.82 -38.44
CA ALA W 426 -57.01 12.84 -37.27
C ALA W 426 -56.94 14.23 -36.64
N ASP W 427 -57.19 15.29 -37.41
CA ASP W 427 -57.08 16.63 -36.87
C ASP W 427 -58.18 16.96 -35.86
N TYR W 428 -59.25 16.19 -35.82
CA TYR W 428 -60.38 16.46 -34.95
C TYR W 428 -60.37 15.61 -33.69
N VAL W 429 -59.28 14.91 -33.42
CA VAL W 429 -59.19 13.95 -32.33
C VAL W 429 -58.33 14.54 -31.22
N LEU W 430 -58.83 14.49 -29.99
CA LEU W 430 -58.08 14.93 -28.81
C LEU W 430 -58.02 13.77 -27.82
N ILE W 431 -56.81 13.31 -27.52
CA ILE W 431 -56.63 12.16 -26.64
C ILE W 431 -56.63 12.55 -25.17
N ASN W 432 -56.28 13.78 -24.84
CA ASN W 432 -56.08 14.20 -23.46
C ASN W 432 -57.42 14.35 -22.75
N ASP W 433 -57.77 13.38 -21.92
CA ASP W 433 -59.02 13.44 -21.16
C ASP W 433 -58.92 14.36 -19.95
N ASN W 434 -57.73 14.89 -19.64
CA ASN W 434 -57.56 15.87 -18.59
C ASN W 434 -57.62 17.30 -19.08
N ALA W 435 -57.85 17.51 -20.37
CA ALA W 435 -58.00 18.86 -20.89
C ALA W 435 -59.24 19.52 -20.30
N PRO W 436 -59.22 20.83 -20.10
CA PRO W 436 -60.38 21.51 -19.53
C PRO W 436 -61.58 21.47 -20.48
N GLN W 437 -62.73 21.86 -19.93
CA GLN W 437 -63.98 21.84 -20.69
C GLN W 437 -63.85 22.62 -22.00
N GLU W 438 -63.24 23.81 -21.95
CA GLU W 438 -63.16 24.67 -23.12
C GLU W 438 -62.30 24.05 -24.23
N ILE W 439 -61.31 23.24 -23.88
CA ILE W 439 -60.50 22.57 -24.89
C ILE W 439 -61.25 21.38 -25.49
N LYS W 440 -61.88 20.57 -24.64
CA LYS W 440 -62.63 19.42 -25.13
C LYS W 440 -63.77 19.86 -26.03
N ALA W 441 -64.35 21.03 -25.77
CA ALA W 441 -65.41 21.55 -26.64
C ALA W 441 -64.95 21.74 -28.08
N GLN W 442 -63.65 21.97 -28.30
CA GLN W 442 -63.12 22.25 -29.62
C GLN W 442 -62.80 20.99 -30.42
N TYR W 443 -62.82 19.82 -29.82
CA TYR W 443 -62.49 18.57 -30.51
C TYR W 443 -63.64 17.59 -30.35
N PRO W 444 -64.36 17.26 -31.43
CA PRO W 444 -65.52 16.38 -31.30
C PRO W 444 -65.19 14.93 -30.98
N LEU W 445 -63.94 14.50 -31.15
CA LEU W 445 -63.59 13.09 -31.07
C LEU W 445 -62.50 12.83 -30.04
N ARG W 446 -62.67 11.74 -29.31
CA ARG W 446 -61.58 11.17 -28.53
C ARG W 446 -60.87 10.04 -29.25
N GLU W 447 -61.52 9.47 -30.26
CA GLU W 447 -60.97 8.37 -31.06
C GLU W 447 -61.77 8.28 -32.34
N ALA W 448 -61.10 7.88 -33.41
CA ALA W 448 -61.80 7.66 -34.67
C ALA W 448 -61.00 6.68 -35.53
N ARG W 449 -61.72 5.98 -36.40
CA ARG W 449 -61.07 5.09 -37.36
C ARG W 449 -62.00 4.89 -38.54
N VAL W 450 -61.41 4.85 -39.73
CA VAL W 450 -62.15 4.62 -40.97
C VAL W 450 -61.65 3.31 -41.57
N ASP W 451 -62.57 2.41 -41.88
CA ASP W 451 -62.26 1.15 -42.54
C ASP W 451 -62.88 1.16 -43.92
N VAL W 452 -62.08 0.85 -44.94
CA VAL W 452 -62.53 0.87 -46.31
C VAL W 452 -62.37 -0.51 -46.93
N SER W 453 -63.37 -0.95 -47.68
CA SER W 453 -63.33 -2.23 -48.35
C SER W 453 -63.73 -2.06 -49.81
N GLU W 454 -63.26 -2.97 -50.65
CA GLU W 454 -63.63 -2.96 -52.06
C GLU W 454 -64.96 -3.65 -52.28
N VAL W 455 -65.58 -3.35 -53.42
CA VAL W 455 -66.79 -4.03 -53.87
C VAL W 455 -66.39 -4.94 -55.02
N VAL W 456 -66.59 -6.25 -54.84
CA VAL W 456 -66.12 -7.21 -55.84
C VAL W 456 -66.80 -6.95 -57.16
N GLY W 457 -66.01 -7.03 -58.24
CA GLY W 457 -66.52 -6.85 -59.58
C GLY W 457 -66.73 -5.42 -60.01
N LYS W 458 -66.39 -4.43 -59.18
CA LYS W 458 -66.63 -3.02 -59.48
C LYS W 458 -65.36 -2.23 -59.18
N PRO W 459 -64.46 -2.10 -60.16
CA PRO W 459 -63.26 -1.28 -59.94
C PRO W 459 -63.63 0.15 -59.59
N GLY W 460 -62.90 0.72 -58.63
CA GLY W 460 -63.14 2.08 -58.19
C GLY W 460 -64.37 2.30 -57.34
N VAL W 461 -65.02 1.24 -56.87
CA VAL W 461 -66.21 1.35 -56.01
C VAL W 461 -65.85 0.80 -54.65
N TYR W 462 -66.13 1.58 -53.59
CA TYR W 462 -65.68 1.23 -52.25
C TYR W 462 -66.80 1.47 -51.23
N ARG W 463 -66.69 0.78 -50.11
CA ARG W 463 -67.55 0.99 -48.96
C ARG W 463 -66.68 1.30 -47.75
N ALA W 464 -67.17 2.17 -46.87
CA ALA W 464 -66.41 2.57 -45.71
C ALA W 464 -67.30 2.60 -44.47
N THR W 465 -66.71 2.32 -43.33
CA THR W 465 -67.34 2.50 -42.04
C THR W 465 -66.51 3.49 -41.24
N VAL W 466 -67.16 4.52 -40.71
CA VAL W 466 -66.51 5.60 -39.98
C VAL W 466 -66.93 5.48 -38.53
N PHE W 467 -66.00 5.10 -37.68
CA PHE W 467 -66.24 4.96 -36.25
C PHE W 467 -65.83 6.24 -35.55
N LEU W 468 -66.76 6.87 -34.85
CA LEU W 468 -66.52 8.13 -34.15
C LEU W 468 -66.77 7.91 -32.67
N ARG W 469 -65.73 8.11 -31.85
CA ARG W 469 -65.88 8.02 -30.40
C ARG W 469 -65.78 9.42 -29.81
N PRO W 470 -66.88 10.02 -29.39
CA PRO W 470 -66.83 11.40 -28.90
C PRO W 470 -66.33 11.46 -27.46
N HIS W 471 -66.14 12.69 -27.00
CA HIS W 471 -65.93 12.94 -25.58
C HIS W 471 -67.30 12.94 -24.89
N PHE W 472 -67.47 12.12 -23.88
CA PHE W 472 -68.78 11.92 -23.27
C PHE W 472 -69.05 12.92 -22.15
N GLN W 473 -70.28 13.40 -22.10
CA GLN W 473 -70.71 14.37 -21.11
C GLN W 473 -71.39 13.68 -19.94
N LEU W 474 -71.19 14.24 -18.75
CA LEU W 474 -71.74 13.65 -17.54
C LEU W 474 -73.27 13.66 -17.58
N GLU W 475 -73.87 12.51 -17.31
CA GLU W 475 -75.32 12.33 -17.33
C GLU W 475 -75.92 12.13 -15.95
N GLU W 476 -75.36 11.22 -15.16
CA GLU W 476 -75.92 10.86 -13.86
C GLU W 476 -74.80 10.51 -12.90
N LEU W 477 -75.09 10.66 -11.60
CA LEU W 477 -74.17 10.25 -10.56
C LEU W 477 -74.98 9.76 -9.36
N THR W 478 -74.74 8.53 -8.94
CA THR W 478 -75.33 7.98 -7.73
C THR W 478 -74.24 7.86 -6.68
N ALA W 479 -74.43 8.53 -5.55
CA ALA W 479 -73.39 8.61 -4.53
C ALA W 479 -73.90 8.04 -3.21
N SER W 480 -73.02 7.35 -2.51
CA SER W 480 -73.27 6.84 -1.17
C SER W 480 -72.29 7.51 -0.22
N ILE W 481 -72.81 8.20 0.78
CA ILE W 481 -71.99 8.87 1.79
C ILE W 481 -71.92 7.97 3.02
N ARG W 482 -70.72 7.78 3.55
CA ARG W 482 -70.50 6.83 4.65
C ARG W 482 -69.52 7.43 5.66
N LEU W 483 -69.99 7.64 6.88
CA LEU W 483 -69.10 7.99 7.98
C LEU W 483 -68.35 6.76 8.42
N VAL W 484 -67.03 6.88 8.59
CA VAL W 484 -66.20 5.75 9.00
C VAL W 484 -65.20 6.21 10.06
N ALA W 485 -64.87 5.29 10.97
CA ALA W 485 -63.78 5.54 11.90
C ALA W 485 -62.42 5.37 11.24
N THR W 486 -62.34 4.52 10.22
CA THR W 486 -61.12 4.32 9.46
C THR W 486 -61.48 4.16 7.99
N LEU W 487 -60.65 4.74 7.12
CA LEU W 487 -60.90 4.66 5.68
C LEU W 487 -60.66 3.23 5.19
N PRO W 488 -61.66 2.58 4.61
CA PRO W 488 -61.41 1.28 3.98
C PRO W 488 -60.61 1.43 2.71
N PRO W 489 -59.90 0.39 2.28
CA PRO W 489 -59.21 0.45 0.99
C PRO W 489 -60.21 0.53 -0.14
N PRO W 490 -59.83 1.13 -1.29
CA PRO W 490 -60.76 1.31 -2.40
C PRO W 490 -61.12 -0.01 -3.09
N GLU X 3 -52.73 26.04 -63.49
CA GLU X 3 -51.28 25.91 -63.62
C GLU X 3 -50.61 27.27 -63.75
N SER X 4 -49.53 27.46 -63.00
CA SER X 4 -48.76 28.69 -63.10
C SER X 4 -48.12 28.81 -64.48
N THR X 5 -48.03 30.05 -64.97
CA THR X 5 -47.35 30.29 -66.23
C THR X 5 -45.88 29.88 -66.16
N GLN X 6 -45.29 29.91 -64.97
CA GLN X 6 -43.92 29.43 -64.82
C GLN X 6 -43.81 27.97 -65.23
N HIS X 7 -44.79 27.15 -64.85
CA HIS X 7 -44.76 25.74 -65.22
C HIS X 7 -45.14 25.48 -66.67
N LYS X 8 -45.89 26.39 -67.30
CA LYS X 8 -46.11 26.27 -68.74
C LYS X 8 -44.79 26.36 -69.49
N LEU X 9 -43.89 27.24 -69.04
CA LEU X 9 -42.58 27.38 -69.65
C LEU X 9 -41.69 26.16 -69.44
N ASP X 10 -42.06 25.24 -68.55
CA ASP X 10 -41.39 23.94 -68.49
C ASP X 10 -41.51 23.19 -69.80
N ARG X 11 -42.63 23.36 -70.50
CA ARG X 11 -42.96 22.55 -71.67
C ARG X 11 -42.87 23.30 -72.99
N ILE X 12 -43.16 24.59 -73.02
CA ILE X 12 -43.28 25.34 -74.27
C ILE X 12 -41.99 26.11 -74.48
N ARG X 13 -41.13 25.58 -75.35
CA ARG X 13 -39.86 26.21 -75.70
C ARG X 13 -39.08 26.63 -74.44
N PRO X 14 -38.73 25.68 -73.57
CA PRO X 14 -38.13 26.06 -72.29
C PRO X 14 -36.71 26.54 -72.47
N PRO X 15 -36.24 27.42 -71.60
CA PRO X 15 -34.83 27.82 -71.62
C PRO X 15 -33.96 26.73 -70.99
N ARG X 16 -32.65 26.91 -71.13
CA ARG X 16 -31.71 26.01 -70.45
C ARG X 16 -31.84 26.10 -68.94
N VAL X 17 -31.97 27.32 -68.42
CA VAL X 17 -32.10 27.56 -66.98
C VAL X 17 -33.54 27.97 -66.74
N GLN X 18 -34.35 27.04 -66.25
CA GLN X 18 -35.78 27.24 -66.06
C GLN X 18 -36.08 27.28 -64.56
N ILE X 19 -36.68 28.37 -64.10
CA ILE X 19 -36.85 28.63 -62.67
C ILE X 19 -38.33 28.88 -62.39
N THR X 20 -38.86 28.23 -61.37
CA THR X 20 -40.24 28.41 -60.93
C THR X 20 -40.28 28.63 -59.43
N TYR X 21 -41.37 29.22 -58.96
CA TYR X 21 -41.62 29.32 -57.52
C TYR X 21 -42.68 28.29 -57.14
N ASP X 22 -42.47 27.64 -56.00
CA ASP X 22 -43.41 26.63 -55.53
C ASP X 22 -43.57 26.73 -54.01
N VAL X 23 -44.76 26.42 -53.54
CA VAL X 23 -45.05 26.33 -52.12
C VAL X 23 -44.65 24.93 -51.64
N GLU X 24 -43.80 24.88 -50.63
CA GLU X 24 -43.35 23.60 -50.08
C GLU X 24 -44.42 23.09 -49.12
N THR X 25 -45.19 22.08 -49.55
CA THR X 25 -46.26 21.54 -48.74
C THR X 25 -46.01 20.11 -48.26
N GLY X 26 -44.95 19.46 -48.73
CA GLY X 26 -44.66 18.11 -48.30
C GLY X 26 -45.80 17.17 -48.63
N ASN X 27 -46.18 16.34 -47.66
CA ASN X 27 -47.28 15.40 -47.81
C ASN X 27 -48.60 15.93 -47.25
N ALA X 28 -48.71 17.24 -47.06
CA ALA X 28 -49.92 17.79 -46.46
C ALA X 28 -51.10 17.72 -47.43
N ILE X 29 -52.29 17.62 -46.87
CA ILE X 29 -53.53 17.64 -47.63
C ILE X 29 -54.27 18.93 -47.31
N GLU X 30 -55.02 19.42 -48.29
CA GLU X 30 -55.81 20.63 -48.10
C GLU X 30 -56.99 20.35 -47.19
N LYS X 31 -57.29 21.30 -46.30
CA LYS X 31 -58.38 21.17 -45.35
C LYS X 31 -59.44 22.22 -45.69
N LYS X 32 -60.40 21.83 -46.51
CA LYS X 32 -61.51 22.72 -46.80
C LYS X 32 -62.46 22.77 -45.60
N GLU X 33 -62.91 23.97 -45.27
CA GLU X 33 -63.80 24.18 -44.14
C GLU X 33 -65.21 24.45 -44.64
N LEU X 34 -66.19 23.90 -43.94
CA LEU X 34 -67.59 24.16 -44.24
C LEU X 34 -68.18 25.11 -43.20
N PRO X 35 -68.97 26.08 -43.62
CA PRO X 35 -69.67 26.93 -42.65
C PRO X 35 -70.76 26.15 -41.94
N LEU X 36 -71.13 26.62 -40.77
CA LEU X 36 -72.33 26.14 -40.11
C LEU X 36 -73.54 26.83 -40.74
N VAL X 37 -74.47 26.05 -41.26
CA VAL X 37 -75.66 26.59 -41.91
C VAL X 37 -76.88 26.13 -41.12
N VAL X 38 -77.60 27.08 -40.56
CA VAL X 38 -78.83 26.80 -39.81
C VAL X 38 -80.01 27.12 -40.71
N GLY X 39 -80.83 26.11 -40.99
CA GLY X 39 -82.08 26.33 -41.69
C GLY X 39 -83.22 26.59 -40.73
N ILE X 40 -83.92 27.70 -40.91
CA ILE X 40 -85.00 28.12 -40.02
C ILE X 40 -86.32 27.99 -40.77
N LEU X 41 -87.27 27.28 -40.17
CA LEU X 41 -88.62 27.14 -40.71
C LEU X 41 -89.57 27.86 -39.75
N ALA X 42 -90.20 28.93 -40.23
CA ALA X 42 -91.07 29.71 -39.36
C ALA X 42 -92.21 30.30 -40.17
N ASP X 43 -93.38 30.38 -39.53
CA ASP X 43 -94.58 30.96 -40.13
C ASP X 43 -94.59 32.45 -39.79
N LEU X 44 -94.01 33.24 -40.67
CA LEU X 44 -93.81 34.66 -40.39
C LEU X 44 -94.79 35.54 -41.14
N MET X 56 -92.62 25.17 -53.61
CA MET X 56 -91.58 25.03 -54.64
C MET X 56 -90.98 26.39 -55.00
N GLU X 57 -91.82 27.42 -54.95
CA GLU X 57 -91.43 28.74 -55.41
C GLU X 57 -90.63 29.53 -54.39
N ARG X 58 -90.77 29.22 -53.11
CA ARG X 58 -90.06 29.96 -52.07
C ARG X 58 -88.63 29.45 -51.94
N ARG X 59 -87.85 30.09 -51.08
CA ARG X 59 -86.45 29.73 -50.94
C ARG X 59 -85.98 30.07 -49.54
N PHE X 60 -84.86 29.46 -49.16
CA PHE X 60 -84.18 29.77 -47.90
C PHE X 60 -83.37 31.05 -48.10
N VAL X 61 -83.88 32.17 -47.60
CA VAL X 61 -83.21 33.45 -47.77
C VAL X 61 -82.25 33.66 -46.62
N GLU X 62 -81.01 34.01 -46.94
CA GLU X 62 -80.00 34.26 -45.91
C GLU X 62 -80.38 35.49 -45.10
N ILE X 63 -80.29 35.38 -43.78
CA ILE X 63 -80.70 36.45 -42.87
C ILE X 63 -79.60 36.71 -41.86
N ASN X 64 -79.40 37.97 -41.53
CA ASN X 64 -78.36 38.36 -40.60
C ASN X 64 -78.75 39.69 -39.97
N ARG X 65 -77.91 40.16 -39.05
CA ARG X 65 -78.20 41.41 -38.36
C ARG X 65 -78.28 42.59 -39.32
N ASP X 66 -77.58 42.52 -40.45
CA ASP X 66 -77.55 43.65 -41.39
C ASP X 66 -78.84 43.78 -42.17
N ASN X 67 -79.37 42.67 -42.68
CA ASN X 67 -80.51 42.72 -43.59
C ASN X 67 -81.82 42.29 -42.93
N PHE X 68 -81.85 42.21 -41.60
CA PHE X 68 -83.01 41.65 -40.91
C PHE X 68 -84.27 42.42 -41.24
N ASN X 69 -84.20 43.75 -41.18
CA ASN X 69 -85.39 44.56 -41.43
C ASN X 69 -85.80 44.52 -42.89
N ASP X 70 -84.85 44.37 -43.82
CA ASP X 70 -85.21 44.19 -45.21
C ASP X 70 -86.00 42.90 -45.43
N VAL X 71 -85.58 41.82 -44.75
CA VAL X 71 -86.32 40.56 -44.85
C VAL X 71 -87.69 40.68 -44.19
N LEU X 72 -87.76 41.39 -43.07
CA LEU X 72 -89.06 41.67 -42.45
C LEU X 72 -89.97 42.41 -43.42
N ALA X 73 -89.43 43.42 -44.11
CA ALA X 73 -90.23 44.19 -45.06
C ALA X 73 -90.69 43.32 -46.22
N SER X 74 -89.79 42.48 -46.76
CA SER X 74 -90.15 41.63 -47.89
C SER X 74 -91.21 40.61 -47.50
N ILE X 75 -91.14 40.09 -46.27
CA ILE X 75 -92.21 39.23 -45.78
C ILE X 75 -93.47 40.04 -45.53
N ALA X 76 -93.32 41.25 -44.97
CA ALA X 76 -94.39 42.19 -44.70
C ALA X 76 -95.51 41.57 -43.88
N PRO X 77 -95.25 41.21 -42.61
CA PRO X 77 -96.30 40.63 -41.77
C PRO X 77 -97.41 41.62 -41.43
N GLN Y 90 -81.20 73.04 -10.43
CA GLN Y 90 -80.32 72.36 -9.49
C GLN Y 90 -79.55 71.23 -10.18
N LYS Y 91 -80.28 70.38 -10.90
CA LYS Y 91 -79.65 69.24 -11.55
C LYS Y 91 -78.69 69.69 -12.65
N LEU Y 92 -79.08 70.69 -13.44
CA LEU Y 92 -78.18 71.22 -14.45
C LEU Y 92 -77.02 71.98 -13.81
N GLU Y 93 -77.31 72.80 -12.80
CA GLU Y 93 -76.25 73.57 -12.15
C GLU Y 93 -75.23 72.65 -11.48
N ALA Y 94 -75.72 71.59 -10.83
CA ALA Y 94 -74.81 70.65 -10.17
C ALA Y 94 -73.88 69.99 -11.19
N SER Y 95 -74.42 69.61 -12.34
CA SER Y 95 -73.59 69.00 -13.38
C SER Y 95 -72.54 69.98 -13.88
N TRP Y 96 -72.93 71.23 -14.14
CA TRP Y 96 -71.97 72.20 -14.63
C TRP Y 96 -70.96 72.60 -13.56
N ARG Y 97 -71.42 72.77 -12.32
CA ARG Y 97 -70.50 73.15 -11.26
C ARG Y 97 -69.54 72.01 -10.92
N GLY Y 98 -70.04 70.77 -10.90
CA GLY Y 98 -69.16 69.65 -10.70
C GLY Y 98 -68.11 69.55 -11.79
N LEU Y 99 -68.53 69.74 -13.04
CA LEU Y 99 -67.58 69.74 -14.16
C LEU Y 99 -66.59 70.89 -14.03
N HIS Y 100 -67.07 72.08 -13.67
CA HIS Y 100 -66.17 73.24 -13.56
C HIS Y 100 -65.12 73.01 -12.47
N MET Y 101 -65.53 72.45 -11.33
CA MET Y 101 -64.58 72.16 -10.26
C MET Y 101 -63.52 71.17 -10.71
N LEU Y 102 -63.93 70.12 -11.43
CA LEU Y 102 -62.96 69.15 -11.92
C LEU Y 102 -61.98 69.79 -12.90
N VAL Y 103 -62.50 70.58 -13.83
CA VAL Y 103 -61.64 71.23 -14.83
C VAL Y 103 -60.68 72.20 -14.16
N LYS Y 104 -61.19 73.01 -13.23
CA LYS Y 104 -60.37 74.02 -12.57
C LYS Y 104 -59.29 73.39 -11.70
N ASN Y 105 -59.56 72.24 -11.11
CA ASN Y 105 -58.64 71.60 -10.17
C ASN Y 105 -57.77 70.54 -10.83
N THR Y 106 -57.81 70.39 -12.15
CA THR Y 106 -57.02 69.41 -12.86
C THR Y 106 -55.92 70.11 -13.65
N GLU Y 107 -54.68 69.64 -13.49
CA GLU Y 107 -53.54 70.20 -14.20
C GLU Y 107 -53.51 69.66 -15.63
N THR Y 108 -54.44 70.17 -16.43
CA THR Y 108 -54.49 69.80 -17.84
C THR Y 108 -53.28 70.35 -18.57
N GLY Y 109 -52.86 69.64 -19.62
CA GLY Y 109 -51.67 70.03 -20.36
C GLY Y 109 -51.27 68.95 -21.34
N ALA Y 110 -49.97 68.92 -21.64
CA ALA Y 110 -49.45 67.94 -22.59
C ALA Y 110 -49.73 66.52 -22.12
N ARG Y 111 -49.61 66.27 -20.82
CA ARG Y 111 -49.73 64.93 -20.25
C ARG Y 111 -51.14 64.57 -19.78
N LEU Y 112 -52.06 65.53 -19.72
CA LEU Y 112 -53.36 65.30 -19.11
C LEU Y 112 -54.43 66.05 -19.90
N LYS Y 113 -55.39 65.30 -20.43
CA LYS Y 113 -56.47 65.87 -21.23
C LYS Y 113 -57.82 65.43 -20.69
N LEU Y 114 -58.78 66.36 -20.71
CA LEU Y 114 -60.17 66.07 -20.41
C LEU Y 114 -60.98 66.27 -21.68
N ARG Y 115 -61.82 65.29 -22.02
CA ARG Y 115 -62.65 65.34 -23.22
C ARG Y 115 -64.09 65.08 -22.82
N LEU Y 116 -65.01 65.89 -23.34
CA LEU Y 116 -66.38 65.94 -22.87
C LEU Y 116 -67.34 65.56 -23.99
N LEU Y 117 -68.23 64.62 -23.69
CA LEU Y 117 -69.31 64.24 -24.60
C LEU Y 117 -70.64 64.59 -23.96
N ASN Y 118 -71.35 65.53 -24.57
CA ASN Y 118 -72.64 65.99 -24.06
C ASN Y 118 -73.71 65.02 -24.54
N VAL Y 119 -74.29 64.25 -23.62
CA VAL Y 119 -75.25 63.20 -23.96
C VAL Y 119 -76.06 62.86 -22.72
N THR Y 120 -77.34 62.57 -22.92
CA THR Y 120 -78.23 62.18 -21.83
C THR Y 120 -78.16 60.68 -21.58
N GLN Y 121 -78.65 60.28 -20.42
CA GLN Y 121 -78.67 58.86 -20.07
C GLN Y 121 -79.55 58.06 -21.03
N LYS Y 122 -80.70 58.62 -21.40
CA LYS Y 122 -81.60 57.95 -22.33
C LYS Y 122 -80.97 57.80 -23.71
N GLU Y 123 -80.25 58.83 -24.17
CA GLU Y 123 -79.56 58.73 -25.45
C GLU Y 123 -78.51 57.64 -25.44
N LEU Y 124 -77.75 57.53 -24.34
CA LEU Y 124 -76.78 56.44 -24.23
C LEU Y 124 -77.47 55.09 -24.28
N LEU Y 125 -78.57 54.96 -23.54
CA LEU Y 125 -79.30 53.70 -23.54
C LEU Y 125 -79.78 53.34 -24.93
N ILE Y 126 -80.33 54.31 -25.66
CA ILE Y 126 -80.83 54.07 -27.00
C ILE Y 126 -79.69 53.65 -27.92
N ASP Y 127 -78.58 54.40 -27.88
CA ASP Y 127 -77.45 54.10 -28.75
C ASP Y 127 -76.92 52.69 -28.50
N LEU Y 128 -76.82 52.30 -27.23
CA LEU Y 128 -76.26 51.00 -26.92
C LEU Y 128 -77.23 49.86 -27.22
N GLU Y 129 -78.53 50.08 -26.99
CA GLU Y 129 -79.50 49.01 -27.22
C GLU Y 129 -79.81 48.80 -28.70
N LYS Y 130 -79.84 49.88 -29.47
CA LYS Y 130 -80.28 49.80 -30.87
C LYS Y 130 -79.14 49.50 -31.83
N ALA Y 131 -77.91 49.42 -31.35
CA ALA Y 131 -76.78 49.10 -32.22
C ALA Y 131 -76.99 47.72 -32.84
N VAL Y 132 -76.69 47.60 -34.13
CA VAL Y 132 -76.86 46.33 -34.81
C VAL Y 132 -75.89 45.28 -34.25
N GLU Y 133 -74.70 45.70 -33.86
CA GLU Y 133 -73.72 44.83 -33.20
C GLU Y 133 -73.03 45.66 -32.12
N PHE Y 134 -72.36 44.96 -31.19
CA PHE Y 134 -71.79 45.65 -30.04
C PHE Y 134 -70.73 46.67 -30.44
N ASP Y 135 -70.04 46.45 -31.56
CA ASP Y 135 -69.00 47.37 -31.98
C ASP Y 135 -69.52 48.45 -32.92
N GLN Y 136 -70.83 48.54 -33.11
CA GLN Y 136 -71.42 49.51 -34.02
C GLN Y 136 -72.03 50.71 -33.33
N SER Y 137 -72.14 50.68 -32.00
CA SER Y 137 -72.73 51.80 -31.28
C SER Y 137 -71.84 53.04 -31.36
N ALA Y 138 -72.47 54.20 -31.30
CA ALA Y 138 -71.72 55.46 -31.35
C ALA Y 138 -70.69 55.52 -30.24
N LEU Y 139 -71.06 55.06 -29.04
CA LEU Y 139 -70.13 55.06 -27.93
C LEU Y 139 -68.94 54.15 -28.21
N PHE Y 140 -69.18 52.96 -28.77
CA PHE Y 140 -68.07 52.08 -29.08
C PHE Y 140 -67.14 52.74 -30.10
N LYS Y 141 -67.71 53.30 -31.16
CA LYS Y 141 -66.87 53.97 -32.16
C LYS Y 141 -66.01 55.04 -31.49
N LYS Y 142 -66.66 55.96 -30.76
CA LYS Y 142 -65.97 57.12 -30.22
C LYS Y 142 -64.92 56.75 -29.18
N ILE Y 143 -65.21 55.76 -28.34
CA ILE Y 143 -64.32 55.43 -27.22
C ILE Y 143 -63.26 54.42 -27.64
N TYR Y 144 -63.67 53.31 -28.27
CA TYR Y 144 -62.71 52.30 -28.70
C TYR Y 144 -62.05 52.69 -30.02
N GLU Y 145 -62.83 52.79 -31.09
CA GLU Y 145 -62.22 52.78 -32.42
C GLU Y 145 -61.42 54.04 -32.68
N GLU Y 146 -61.97 55.20 -32.32
CA GLU Y 146 -61.36 56.45 -32.71
C GLU Y 146 -60.08 56.76 -31.94
N GLU Y 147 -59.91 56.20 -30.74
CA GLU Y 147 -58.70 56.46 -29.98
C GLU Y 147 -57.89 55.19 -29.73
N TYR Y 148 -58.44 54.20 -29.03
CA TYR Y 148 -57.66 53.01 -28.71
C TYR Y 148 -57.36 52.20 -29.97
N GLY Y 149 -58.30 52.17 -30.91
CA GLY Y 149 -58.16 51.34 -32.09
C GLY Y 149 -57.72 52.05 -33.35
N THR Y 150 -57.13 53.24 -33.23
CA THR Y 150 -56.66 54.00 -34.39
C THR Y 150 -55.19 54.35 -34.24
N PHE Y 151 -54.45 54.23 -35.34
CA PHE Y 151 -53.05 54.64 -35.39
C PHE Y 151 -52.92 56.11 -35.01
N GLY Y 152 -52.12 56.39 -33.99
CA GLY Y 152 -51.94 57.74 -33.52
C GLY Y 152 -52.94 58.22 -32.48
N GLY Y 153 -53.92 57.40 -32.11
CA GLY Y 153 -54.87 57.79 -31.10
C GLY Y 153 -54.27 57.80 -29.70
N HIS Y 154 -54.88 58.60 -28.82
CA HIS Y 154 -54.53 58.63 -27.41
C HIS Y 154 -55.65 57.95 -26.63
N PRO Y 155 -55.48 56.69 -26.22
CA PRO Y 155 -56.61 55.96 -25.64
C PRO Y 155 -57.17 56.64 -24.40
N PHE Y 156 -58.49 56.61 -24.27
CA PHE Y 156 -59.14 57.07 -23.06
C PHE Y 156 -58.63 56.25 -21.88
N SER Y 157 -58.08 56.94 -20.88
CA SER Y 157 -57.60 56.25 -19.69
C SER Y 157 -58.73 55.88 -18.75
N LEU Y 158 -59.77 56.71 -18.68
CA LEU Y 158 -60.85 56.56 -17.72
C LEU Y 158 -62.08 57.25 -18.29
N LEU Y 159 -63.25 56.79 -17.86
CA LEU Y 159 -64.52 57.41 -18.21
C LEU Y 159 -65.27 57.74 -16.91
N VAL Y 160 -65.84 58.94 -16.85
CA VAL Y 160 -66.67 59.34 -15.72
C VAL Y 160 -68.05 59.69 -16.26
N GLY Y 161 -69.07 59.08 -15.69
CA GLY Y 161 -70.43 59.39 -16.09
C GLY Y 161 -71.16 60.16 -15.01
N ASP Y 162 -71.63 61.36 -15.33
CA ASP Y 162 -72.43 62.15 -14.41
C ASP Y 162 -73.87 61.66 -14.44
N TYR Y 163 -74.04 60.42 -13.98
CA TYR Y 163 -75.34 59.78 -13.93
C TYR Y 163 -75.45 58.97 -12.65
N SER Y 164 -76.68 58.77 -12.19
CA SER Y 164 -76.98 57.88 -11.08
C SER Y 164 -77.69 56.64 -11.61
N PHE Y 165 -77.34 55.49 -11.08
CA PHE Y 165 -77.89 54.22 -11.53
C PHE Y 165 -78.67 53.58 -10.39
N GLY Y 166 -79.95 53.30 -10.62
CA GLY Y 166 -80.81 52.67 -9.67
C GLY Y 166 -80.97 51.18 -9.92
N ARG Y 167 -81.99 50.59 -9.32
CA ARG Y 167 -82.27 49.18 -9.47
C ARG Y 167 -83.14 48.88 -10.69
N HIS Y 168 -83.56 49.91 -11.42
CA HIS Y 168 -84.48 49.72 -12.52
C HIS Y 168 -83.83 48.86 -13.61
N PRO Y 169 -84.63 48.03 -14.30
CA PRO Y 169 -84.04 47.15 -15.32
C PRO Y 169 -83.25 47.87 -16.39
N GLN Y 170 -83.72 49.03 -16.87
CA GLN Y 170 -82.95 49.69 -17.92
C GLN Y 170 -81.70 50.36 -17.35
N ASP Y 171 -81.70 50.71 -16.07
CA ASP Y 171 -80.48 51.23 -15.44
C ASP Y 171 -79.39 50.15 -15.41
N ILE Y 172 -79.73 48.95 -14.95
CA ILE Y 172 -78.75 47.87 -14.91
C ILE Y 172 -78.36 47.45 -16.32
N GLY Y 173 -79.32 47.47 -17.26
CA GLY Y 173 -78.99 47.16 -18.64
C GLY Y 173 -78.00 48.15 -19.25
N LEU Y 174 -78.24 49.45 -19.03
CA LEU Y 174 -77.30 50.47 -19.48
C LEU Y 174 -75.94 50.29 -18.83
N LEU Y 175 -75.92 49.96 -17.54
CA LEU Y 175 -74.65 49.72 -16.86
C LEU Y 175 -73.90 48.56 -17.50
N GLU Y 176 -74.62 47.50 -17.85
CA GLU Y 176 -73.97 46.35 -18.49
C GLU Y 176 -73.38 46.71 -19.85
N LYS Y 177 -74.15 47.43 -20.67
CA LYS Y 177 -73.64 47.85 -21.98
C LYS Y 177 -72.44 48.78 -21.85
N LEU Y 178 -72.52 49.75 -20.94
CA LEU Y 178 -71.40 50.65 -20.70
C LEU Y 178 -70.18 49.88 -20.24
N SER Y 179 -70.39 48.87 -19.39
CA SER Y 179 -69.27 48.05 -18.93
C SER Y 179 -68.63 47.31 -20.10
N ASN Y 180 -69.44 46.85 -21.05
CA ASN Y 180 -68.87 46.19 -22.22
C ASN Y 180 -67.98 47.13 -23.01
N VAL Y 181 -68.47 48.34 -23.26
CA VAL Y 181 -67.66 49.31 -24.00
C VAL Y 181 -66.39 49.66 -23.21
N ALA Y 182 -66.53 49.87 -21.91
CA ALA Y 182 -65.39 50.22 -21.06
C ALA Y 182 -64.36 49.09 -21.05
N ALA Y 183 -64.81 47.84 -20.96
CA ALA Y 183 -63.90 46.71 -20.98
C ALA Y 183 -63.16 46.60 -22.30
N ALA Y 184 -63.88 46.79 -23.41
CA ALA Y 184 -63.24 46.67 -24.72
C ALA Y 184 -62.05 47.61 -24.84
N ALA Y 185 -62.23 48.86 -24.44
CA ALA Y 185 -61.19 49.88 -24.57
C ALA Y 185 -60.25 49.94 -23.38
N HIS Y 186 -60.44 49.08 -22.37
CA HIS Y 186 -59.67 49.14 -21.12
C HIS Y 186 -59.74 50.54 -20.50
N ALA Y 187 -60.96 51.05 -20.35
CA ALA Y 187 -61.18 52.39 -19.84
C ALA Y 187 -62.22 52.31 -18.73
N PRO Y 188 -61.78 52.15 -17.48
CA PRO Y 188 -62.74 51.98 -16.38
C PRO Y 188 -63.72 53.14 -16.30
N PHE Y 189 -64.97 52.81 -15.97
CA PHE Y 189 -66.08 53.74 -15.96
C PHE Y 189 -66.50 54.01 -14.53
N ILE Y 190 -66.73 55.28 -14.21
CA ILE Y 190 -67.09 55.69 -12.86
C ILE Y 190 -68.38 56.51 -12.93
N ALA Y 191 -69.35 56.14 -12.11
CA ALA Y 191 -70.61 56.88 -12.01
C ALA Y 191 -71.10 56.82 -10.56
N ALA Y 192 -72.34 57.23 -10.35
CA ALA Y 192 -72.92 57.32 -9.02
C ALA Y 192 -73.99 56.27 -8.82
N ALA Y 193 -74.08 55.77 -7.60
CA ALA Y 193 -75.17 54.90 -7.18
C ALA Y 193 -76.37 55.76 -6.80
N SER Y 194 -77.53 55.39 -7.28
CA SER Y 194 -78.74 56.07 -6.84
C SER Y 194 -79.18 55.55 -5.48
N PRO Y 195 -79.82 56.39 -4.66
CA PRO Y 195 -80.45 55.86 -3.45
C PRO Y 195 -81.53 54.86 -3.74
N ARG Y 196 -82.17 54.94 -4.91
CA ARG Y 196 -83.16 53.94 -5.29
C ARG Y 196 -82.55 52.55 -5.42
N LEU Y 197 -81.25 52.45 -5.71
CA LEU Y 197 -80.61 51.14 -5.71
C LEU Y 197 -80.71 50.48 -4.35
N PHE Y 198 -80.75 51.28 -3.27
CA PHE Y 198 -80.85 50.79 -1.91
C PHE Y 198 -82.27 50.80 -1.39
N ASP Y 199 -83.26 50.99 -2.28
CA ASP Y 199 -84.66 51.16 -1.89
C ASP Y 199 -84.83 52.34 -0.93
N MET Y 200 -84.11 53.43 -1.22
CA MET Y 200 -84.08 54.61 -0.36
C MET Y 200 -84.49 55.82 -1.17
N GLY Y 201 -85.29 56.71 -0.58
CA GLY Y 201 -85.56 57.98 -1.21
C GLY Y 201 -84.35 58.88 -1.25
N SER Y 202 -83.54 58.86 -0.20
CA SER Y 202 -82.34 59.68 -0.12
C SER Y 202 -81.30 58.93 0.69
N PHE Y 203 -80.03 59.27 0.47
CA PHE Y 203 -78.96 58.65 1.23
C PHE Y 203 -78.91 59.15 2.67
N THR Y 204 -79.74 60.13 3.04
CA THR Y 204 -79.88 60.48 4.45
C THR Y 204 -80.42 59.30 5.27
N GLU Y 205 -81.05 58.33 4.61
CA GLU Y 205 -81.56 57.13 5.24
C GLU Y 205 -80.54 55.99 5.29
N LEU Y 206 -79.29 56.24 4.87
CA LEU Y 206 -78.32 55.16 4.71
C LEU Y 206 -77.98 54.50 6.05
N ALA Y 207 -78.05 55.24 7.15
CA ALA Y 207 -77.72 54.66 8.44
C ALA Y 207 -78.89 53.89 9.07
N VAL Y 208 -80.08 53.95 8.47
CA VAL Y 208 -81.27 53.36 9.07
C VAL Y 208 -81.26 51.84 9.07
N PRO Y 209 -81.04 51.15 7.94
CA PRO Y 209 -81.13 49.68 7.95
C PRO Y 209 -80.11 49.06 8.89
N ARG Y 210 -80.51 47.98 9.57
CA ARG Y 210 -79.58 47.24 10.41
C ARG Y 210 -78.49 46.59 9.57
N ASP Y 211 -78.88 45.94 8.48
CA ASP Y 211 -77.95 45.17 7.65
C ASP Y 211 -78.15 45.56 6.19
N LEU Y 212 -77.13 46.17 5.60
CA LEU Y 212 -77.21 46.59 4.21
C LEU Y 212 -77.26 45.41 3.25
N ALA Y 213 -76.48 44.37 3.52
CA ALA Y 213 -76.42 43.22 2.61
C ALA Y 213 -77.79 42.58 2.43
N LYS Y 214 -78.64 42.67 3.46
CA LYS Y 214 -79.98 42.11 3.37
C LYS Y 214 -80.80 42.77 2.27
N ILE Y 215 -80.62 44.07 2.07
CA ILE Y 215 -81.33 44.80 1.02
C ILE Y 215 -81.06 44.16 -0.34
N PHE Y 216 -79.82 43.78 -0.59
CA PHE Y 216 -79.42 43.31 -1.90
C PHE Y 216 -79.74 41.84 -2.13
N GLU Y 217 -80.50 41.22 -1.22
CA GLU Y 217 -81.05 39.90 -1.45
C GLU Y 217 -82.40 39.96 -2.16
N SER Y 218 -82.93 41.16 -2.37
CA SER Y 218 -84.27 41.31 -2.93
C SER Y 218 -84.34 40.75 -4.34
N GLN Y 219 -85.51 40.20 -4.68
CA GLN Y 219 -85.76 39.75 -6.04
C GLN Y 219 -85.67 40.90 -7.04
N GLU Y 220 -85.89 42.13 -6.61
CA GLU Y 220 -85.73 43.28 -7.49
C GLU Y 220 -84.29 43.52 -7.88
N LEU Y 221 -83.32 42.89 -7.21
CA LEU Y 221 -81.91 43.09 -7.49
C LEU Y 221 -81.27 41.86 -8.13
N ILE Y 222 -82.06 41.01 -8.77
CA ILE Y 222 -81.53 39.85 -9.48
C ILE Y 222 -80.58 40.31 -10.59
N LYS Y 223 -81.01 41.29 -11.38
CA LYS Y 223 -80.18 41.77 -12.49
C LYS Y 223 -78.90 42.42 -11.98
N TRP Y 224 -78.98 43.17 -10.88
CA TRP Y 224 -77.79 43.79 -10.31
C TRP Y 224 -76.80 42.74 -9.82
N ARG Y 225 -77.27 41.69 -9.17
CA ARG Y 225 -76.37 40.63 -8.72
C ARG Y 225 -75.74 39.91 -9.90
N ALA Y 226 -76.52 39.65 -10.95
CA ALA Y 226 -75.97 39.06 -12.16
C ALA Y 226 -74.90 39.95 -12.77
N PHE Y 227 -75.15 41.27 -12.81
CA PHE Y 227 -74.15 42.20 -13.32
C PHE Y 227 -72.87 42.13 -12.49
N ARG Y 228 -73.00 42.11 -11.16
CA ARG Y 228 -71.83 41.99 -10.31
C ARG Y 228 -71.04 40.72 -10.60
N GLU Y 229 -71.71 39.63 -10.96
CA GLU Y 229 -70.98 38.42 -11.34
C GLU Y 229 -70.29 38.50 -12.71
N SER Y 230 -70.65 39.46 -13.56
CA SER Y 230 -70.08 39.51 -14.90
C SER Y 230 -68.61 39.93 -14.86
N GLU Y 231 -67.85 39.48 -15.86
CA GLU Y 231 -66.43 39.85 -15.94
C GLU Y 231 -66.25 41.35 -16.13
N ASP Y 232 -67.03 41.95 -17.03
CA ASP Y 232 -66.81 43.35 -17.39
C ASP Y 232 -67.28 44.32 -16.31
N SER Y 233 -67.89 43.84 -15.23
CA SER Y 233 -68.28 44.72 -14.13
C SER Y 233 -67.08 45.30 -13.39
N ARG Y 234 -65.89 44.71 -13.54
CA ARG Y 234 -64.69 45.30 -12.94
C ARG Y 234 -64.33 46.63 -13.56
N TYR Y 235 -64.91 46.97 -14.71
CA TYR Y 235 -64.70 48.27 -15.34
C TYR Y 235 -65.79 49.28 -14.98
N VAL Y 236 -66.58 49.02 -13.95
CA VAL Y 236 -67.60 49.92 -13.47
C VAL Y 236 -67.43 50.10 -11.97
N SER Y 237 -67.34 51.35 -11.53
CA SER Y 237 -67.32 51.70 -10.12
C SER Y 237 -68.45 52.68 -9.85
N LEU Y 238 -69.14 52.48 -8.73
CA LEU Y 238 -70.24 53.35 -8.34
C LEU Y 238 -69.91 53.99 -6.99
N VAL Y 239 -70.01 55.31 -6.94
CA VAL Y 239 -69.67 56.06 -5.75
C VAL Y 239 -70.95 56.57 -5.09
N LEU Y 240 -70.88 56.80 -3.79
CA LEU Y 240 -71.97 57.35 -3.01
C LEU Y 240 -71.41 57.94 -1.73
N PRO Y 241 -72.15 58.84 -1.06
CA PRO Y 241 -73.38 59.50 -1.49
C PRO Y 241 -73.07 60.81 -2.20
N HIS Y 242 -74.03 61.73 -2.29
CA HIS Y 242 -73.78 63.01 -2.94
C HIS Y 242 -72.88 63.90 -2.07
N VAL Y 243 -72.22 64.84 -2.73
CA VAL Y 243 -71.30 65.75 -2.07
C VAL Y 243 -71.81 67.18 -2.26
N LEU Y 244 -71.71 67.98 -1.21
CA LEU Y 244 -72.20 69.35 -1.26
C LEU Y 244 -71.29 70.19 -2.15
N LEU Y 245 -71.89 70.90 -3.10
CA LEU Y 245 -71.13 71.77 -3.98
C LEU Y 245 -71.19 73.20 -3.48
N ALA Y 271 -83.53 69.00 0.15
CA ALA Y 271 -83.15 69.15 -1.24
C ALA Y 271 -82.85 70.60 -1.59
N ARG Y 272 -82.82 71.45 -0.57
CA ARG Y 272 -82.53 72.86 -0.78
C ARG Y 272 -81.04 73.16 -0.92
N TYR Y 273 -80.18 72.16 -0.74
CA TYR Y 273 -78.74 72.31 -0.94
C TYR Y 273 -78.34 71.77 -2.31
N LEU Y 274 -77.28 72.35 -2.88
CA LEU Y 274 -76.81 71.92 -4.19
C LEU Y 274 -75.94 70.68 -4.04
N TRP Y 275 -76.54 69.52 -4.26
CA TRP Y 275 -75.86 68.23 -4.12
C TRP Y 275 -75.31 67.79 -5.47
N GLY Y 276 -74.03 67.42 -5.49
CA GLY Y 276 -73.38 66.99 -6.70
C GLY Y 276 -73.05 65.50 -6.68
N ASN Y 277 -72.62 65.03 -7.85
CA ASN Y 277 -72.17 63.65 -8.00
C ASN Y 277 -70.77 63.49 -7.42
N ALA Y 278 -70.60 62.49 -6.54
CA ALA Y 278 -69.27 62.26 -5.96
C ALA Y 278 -68.29 61.68 -6.97
N ALA Y 279 -68.77 61.24 -8.14
CA ALA Y 279 -67.86 60.79 -9.18
C ALA Y 279 -66.93 61.91 -9.63
N TRP Y 280 -67.39 63.16 -9.61
CA TRP Y 280 -66.51 64.28 -9.89
C TRP Y 280 -65.35 64.33 -8.90
N ALA Y 281 -65.65 64.16 -7.62
CA ALA Y 281 -64.60 64.20 -6.59
C ALA Y 281 -63.62 63.04 -6.73
N LEU Y 282 -64.13 61.83 -7.00
CA LEU Y 282 -63.23 60.70 -7.23
C LEU Y 282 -62.36 60.91 -8.46
N THR Y 283 -62.95 61.43 -9.54
CA THR Y 283 -62.19 61.74 -10.75
C THR Y 283 -61.10 62.76 -10.44
N GLN Y 284 -61.40 63.74 -9.60
CA GLN Y 284 -60.41 64.73 -9.20
C GLN Y 284 -59.27 64.07 -8.44
N ARG Y 285 -59.59 63.13 -7.54
CA ARG Y 285 -58.54 62.37 -6.87
C ARG Y 285 -57.65 61.66 -7.90
N ILE Y 286 -58.27 61.07 -8.91
CA ILE Y 286 -57.51 60.32 -9.91
C ILE Y 286 -56.59 61.24 -10.71
N THR Y 287 -57.11 62.40 -11.14
CA THR Y 287 -56.30 63.29 -11.96
C THR Y 287 -55.20 63.95 -11.14
N GLU Y 288 -55.46 64.25 -9.86
CA GLU Y 288 -54.40 64.74 -9.00
C GLU Y 288 -53.31 63.70 -8.80
N ALA Y 289 -53.70 62.44 -8.58
CA ALA Y 289 -52.71 61.38 -8.46
C ALA Y 289 -51.87 61.28 -9.72
N PHE Y 290 -52.51 61.33 -10.90
CA PHE Y 290 -51.73 61.26 -12.12
C PHE Y 290 -50.78 62.45 -12.25
N ALA Y 291 -51.27 63.66 -11.96
CA ALA Y 291 -50.45 64.84 -12.11
C ALA Y 291 -49.23 64.79 -11.20
N ARG Y 292 -49.42 64.34 -9.96
CA ARG Y 292 -48.31 64.31 -9.02
C ARG Y 292 -47.36 63.13 -9.26
N TYR Y 293 -47.89 61.97 -9.64
CA TYR Y 293 -47.11 60.74 -9.64
C TYR Y 293 -47.03 60.03 -10.97
N GLY Y 294 -47.86 60.38 -11.95
CA GLY Y 294 -47.86 59.69 -13.22
C GLY Y 294 -48.66 58.41 -13.25
N TRP Y 295 -49.23 58.00 -12.12
CA TRP Y 295 -50.06 56.81 -12.02
C TRP Y 295 -51.21 57.10 -11.07
N CYS Y 296 -52.27 56.29 -11.16
CA CYS Y 296 -53.53 56.57 -10.50
C CYS Y 296 -53.87 55.59 -9.38
N ALA Y 297 -52.85 54.95 -8.79
CA ALA Y 297 -53.14 54.02 -7.69
C ALA Y 297 -53.48 54.76 -6.40
N ALA Y 298 -52.80 55.87 -6.14
CA ALA Y 298 -52.90 56.55 -4.84
C ALA Y 298 -54.14 57.43 -4.82
N ILE Y 299 -55.30 56.79 -4.71
CA ILE Y 299 -56.57 57.50 -4.76
C ILE Y 299 -57.49 57.12 -3.61
N ARG Y 300 -56.94 56.66 -2.49
CA ARG Y 300 -57.79 56.23 -1.39
C ARG Y 300 -57.09 56.45 -0.05
N GLY Y 301 -57.89 56.70 0.98
CA GLY Y 301 -57.39 56.84 2.33
C GLY Y 301 -57.03 58.26 2.69
N VAL Y 302 -56.83 58.46 4.01
CA VAL Y 302 -56.46 59.78 4.52
C VAL Y 302 -55.11 60.19 3.95
N GLU Y 303 -54.14 59.29 3.94
CA GLU Y 303 -52.79 59.58 3.49
C GLU Y 303 -52.46 58.99 2.13
N GLY Y 304 -53.33 58.16 1.57
CA GLY Y 304 -53.03 57.50 0.31
C GLY Y 304 -53.69 58.13 -0.89
N GLY Y 305 -54.16 59.37 -0.77
CA GLY Y 305 -54.73 60.09 -1.90
C GLY Y 305 -56.24 60.10 -1.99
N GLY Y 306 -56.95 59.63 -0.98
CA GLY Y 306 -58.41 59.63 -0.97
C GLY Y 306 -59.06 60.83 -0.32
N ALA Y 307 -58.31 61.85 0.04
CA ALA Y 307 -58.85 62.96 0.82
C ALA Y 307 -59.45 64.02 -0.09
N VAL Y 308 -60.71 64.35 0.16
CA VAL Y 308 -61.44 65.41 -0.52
C VAL Y 308 -61.56 66.56 0.47
N GLU Y 309 -60.73 67.58 0.31
CA GLU Y 309 -60.62 68.66 1.28
C GLU Y 309 -61.37 69.90 0.81
N GLY Y 310 -61.55 70.84 1.73
CA GLY Y 310 -62.16 72.11 1.42
C GLY Y 310 -63.65 72.07 1.13
N LEU Y 311 -64.36 71.10 1.69
CA LEU Y 311 -65.79 70.99 1.46
C LEU Y 311 -66.53 72.12 2.19
N PRO Y 312 -67.71 72.51 1.70
CA PRO Y 312 -68.51 73.51 2.42
C PRO Y 312 -68.84 73.01 3.82
N ALA Y 313 -68.71 73.91 4.80
CA ALA Y 313 -69.00 73.59 6.20
C ALA Y 313 -70.06 74.58 6.69
N HIS Y 314 -71.32 74.23 6.49
CA HIS Y 314 -72.41 75.11 6.88
C HIS Y 314 -72.80 74.86 8.33
N LYS Y 326 -73.74 70.19 9.82
CA LYS Y 326 -74.34 69.54 8.67
C LYS Y 326 -73.30 68.79 7.83
N CYS Y 327 -73.54 67.52 7.59
CA CYS Y 327 -72.60 66.70 6.82
C CYS Y 327 -72.49 67.23 5.39
N PRO Y 328 -71.29 67.54 4.90
CA PRO Y 328 -71.15 67.87 3.47
C PRO Y 328 -71.32 66.68 2.54
N THR Y 329 -71.55 65.48 3.07
CA THR Y 329 -71.72 64.27 2.27
C THR Y 329 -73.08 63.60 2.52
N GLU Y 330 -74.07 64.37 2.94
CA GLU Y 330 -75.46 63.95 3.12
C GLU Y 330 -75.72 63.02 4.30
N VAL Y 331 -74.69 62.33 4.79
CA VAL Y 331 -74.89 61.35 5.85
C VAL Y 331 -73.54 60.89 6.38
N ALA Y 332 -73.44 60.71 7.68
CA ALA Y 332 -72.24 60.14 8.28
C ALA Y 332 -72.21 58.65 8.00
N ILE Y 333 -71.04 58.14 7.64
CA ILE Y 333 -70.87 56.71 7.36
C ILE Y 333 -69.86 56.17 8.35
N THR Y 334 -70.31 55.30 9.25
CA THR Y 334 -69.43 54.69 10.22
C THR Y 334 -68.45 53.73 9.53
N ASP Y 335 -67.40 53.34 10.26
CA ASP Y 335 -66.43 52.38 9.73
C ASP Y 335 -67.11 51.08 9.33
N ARG Y 336 -68.00 50.56 10.17
CA ARG Y 336 -68.68 49.32 9.85
C ARG Y 336 -69.55 49.47 8.61
N ARG Y 337 -70.24 50.60 8.49
CA ARG Y 337 -71.10 50.83 7.33
C ARG Y 337 -70.28 50.98 6.06
N GLU Y 338 -69.14 51.68 6.15
CA GLU Y 338 -68.24 51.80 5.00
C GLU Y 338 -67.76 50.43 4.55
N LYS Y 339 -67.41 49.56 5.50
CA LYS Y 339 -66.97 48.22 5.15
C LYS Y 339 -68.09 47.42 4.49
N GLU Y 340 -69.31 47.50 5.02
CA GLU Y 340 -70.47 46.89 4.36
C GLU Y 340 -70.59 47.35 2.92
N LEU Y 341 -70.53 48.67 2.71
CA LEU Y 341 -70.72 49.21 1.36
C LEU Y 341 -69.61 48.75 0.42
N ASP Y 342 -68.38 48.72 0.91
CA ASP Y 342 -67.28 48.20 0.12
C ASP Y 342 -67.54 46.75 -0.28
N ALA Y 343 -68.04 45.94 0.65
CA ALA Y 343 -68.33 44.54 0.33
C ALA Y 343 -69.43 44.42 -0.70
N LEU Y 344 -70.33 45.38 -0.79
CA LEU Y 344 -71.44 45.33 -1.73
C LEU Y 344 -71.09 45.93 -3.09
N GLY Y 345 -69.85 46.36 -3.29
CA GLY Y 345 -69.42 46.85 -4.59
C GLY Y 345 -69.53 48.35 -4.79
N PHE Y 346 -69.35 49.14 -3.74
CA PHE Y 346 -69.48 50.58 -3.81
C PHE Y 346 -68.23 51.25 -3.23
N ILE Y 347 -68.00 52.48 -3.69
CA ILE Y 347 -66.95 53.35 -3.15
C ILE Y 347 -67.64 54.47 -2.39
N ALA Y 348 -67.51 54.48 -1.07
CA ALA Y 348 -68.23 55.42 -0.24
C ALA Y 348 -67.34 56.60 0.14
N LEU Y 349 -67.92 57.80 0.14
CA LEU Y 349 -67.25 59.00 0.61
C LEU Y 349 -67.65 59.25 2.06
N CYS Y 350 -66.67 59.29 2.96
CA CYS Y 350 -66.91 59.32 4.39
C CYS Y 350 -66.46 60.66 4.98
N HIS Y 351 -67.40 61.41 5.52
CA HIS Y 351 -67.10 62.69 6.15
C HIS Y 351 -66.34 62.49 7.45
N LYS Y 352 -65.26 63.24 7.63
CA LYS Y 352 -64.60 63.29 8.92
C LYS Y 352 -65.39 64.22 9.84
N LYS Y 353 -65.85 63.70 10.97
CA LYS Y 353 -66.70 64.47 11.87
C LYS Y 353 -65.98 65.72 12.33
N ASN Y 354 -66.73 66.83 12.37
CA ASN Y 354 -66.22 68.12 12.84
C ASN Y 354 -65.06 68.63 11.97
N SER Y 355 -65.24 68.52 10.66
CA SER Y 355 -64.20 68.95 9.72
C SER Y 355 -64.86 69.29 8.40
N ASP Y 356 -64.07 69.87 7.50
CA ASP Y 356 -64.49 70.14 6.13
C ASP Y 356 -63.87 69.14 5.16
N LEU Y 357 -63.73 67.89 5.59
CA LEU Y 357 -62.96 66.88 4.87
C LEU Y 357 -63.77 65.59 4.81
N ALA Y 358 -63.63 64.89 3.68
CA ALA Y 358 -64.17 63.55 3.51
C ALA Y 358 -63.15 62.71 2.76
N VAL Y 359 -63.24 61.39 2.93
CA VAL Y 359 -62.23 60.47 2.44
C VAL Y 359 -62.89 59.29 1.75
N PHE Y 360 -62.39 58.91 0.59
CA PHE Y 360 -62.67 57.62 -0.04
C PHE Y 360 -61.76 56.58 0.62
N PHE Y 361 -62.30 55.80 1.55
CA PHE Y 361 -61.46 54.77 2.18
C PHE Y 361 -61.29 53.56 1.27
N GLY Y 362 -62.34 53.15 0.57
CA GLY Y 362 -62.30 52.00 -0.30
C GLY Y 362 -62.16 52.41 -1.76
N SER Y 363 -61.77 51.45 -2.59
CA SER Y 363 -61.69 51.67 -4.03
C SER Y 363 -62.15 50.41 -4.77
N GLN Y 364 -63.25 49.82 -4.33
CA GLN Y 364 -63.76 48.58 -4.88
C GLN Y 364 -64.65 48.88 -6.09
N THR Y 365 -64.44 48.13 -7.19
CA THR Y 365 -65.32 48.21 -8.33
C THR Y 365 -66.64 47.49 -8.04
N THR Y 366 -67.57 47.50 -8.99
CA THR Y 366 -68.80 46.76 -8.76
C THR Y 366 -68.62 45.26 -8.90
N ASN Y 367 -67.48 44.79 -9.39
CA ASN Y 367 -67.26 43.37 -9.61
C ASN Y 367 -67.25 42.62 -8.28
N ARG Y 368 -67.96 41.50 -8.22
CA ARG Y 368 -67.88 40.62 -7.06
C ARG Y 368 -66.89 39.50 -7.36
N PRO Y 369 -65.74 39.45 -6.69
CA PRO Y 369 -64.74 38.43 -7.03
C PRO Y 369 -65.27 37.02 -6.79
N ARG Y 370 -64.89 36.11 -7.68
CA ARG Y 370 -65.18 34.71 -7.48
C ARG Y 370 -64.31 34.14 -6.37
N VAL Y 371 -64.79 33.09 -5.73
CA VAL Y 371 -64.11 32.45 -4.60
C VAL Y 371 -63.61 31.09 -5.05
N TYR Y 372 -62.36 30.79 -4.75
CA TYR Y 372 -61.68 29.60 -5.24
C TYR Y 372 -61.12 28.80 -4.07
N ASN Y 373 -60.56 27.64 -4.40
CA ASN Y 373 -59.98 26.75 -3.40
C ASN Y 373 -58.47 26.95 -3.21
N THR Y 374 -57.87 27.94 -3.86
CA THR Y 374 -56.45 28.23 -3.66
C THR Y 374 -56.28 29.69 -3.26
N ASN Y 375 -55.27 29.93 -2.41
CA ASN Y 375 -55.01 31.29 -1.95
C ASN Y 375 -54.63 32.20 -3.11
N GLU Y 376 -53.82 31.69 -4.05
CA GLU Y 376 -53.37 32.50 -5.18
C GLU Y 376 -54.54 32.97 -6.03
N ALA Y 377 -55.47 32.06 -6.34
CA ALA Y 377 -56.61 32.44 -7.16
C ALA Y 377 -57.51 33.44 -6.44
N ASN Y 378 -57.74 33.23 -5.14
CA ASN Y 378 -58.55 34.18 -4.38
C ASN Y 378 -57.90 35.56 -4.36
N ALA Y 379 -56.60 35.61 -4.09
CA ALA Y 379 -55.89 36.88 -4.07
C ALA Y 379 -55.99 37.57 -5.44
N ASN Y 380 -55.77 36.83 -6.53
CA ASN Y 380 -55.82 37.44 -7.85
C ASN Y 380 -57.23 37.94 -8.18
N ALA Y 381 -58.25 37.16 -7.82
CA ALA Y 381 -59.62 37.58 -8.08
C ALA Y 381 -59.96 38.86 -7.31
N ARG Y 382 -59.50 38.95 -6.06
CA ARG Y 382 -59.82 40.11 -5.24
C ARG Y 382 -59.18 41.39 -5.78
N ILE Y 383 -57.89 41.34 -6.13
CA ILE Y 383 -57.22 42.54 -6.58
C ILE Y 383 -57.69 42.95 -7.98
N SER Y 384 -58.15 42.00 -8.78
CA SER Y 384 -58.70 42.32 -10.09
C SER Y 384 -60.07 42.98 -10.00
N ALA Y 385 -60.59 43.20 -8.79
CA ALA Y 385 -61.83 43.93 -8.58
C ALA Y 385 -61.61 45.29 -7.92
N MET Y 386 -60.36 45.75 -7.84
CA MET Y 386 -60.02 47.01 -7.19
C MET Y 386 -59.70 48.07 -8.23
N LEU Y 387 -60.34 49.22 -8.10
CA LEU Y 387 -60.18 50.30 -9.07
C LEU Y 387 -58.73 50.72 -9.27
N PRO Y 388 -57.90 50.93 -8.24
CA PRO Y 388 -56.51 51.35 -8.52
C PRO Y 388 -55.75 50.38 -9.40
N TYR Y 389 -55.83 49.09 -9.10
CA TYR Y 389 -55.08 48.10 -9.85
C TYR Y 389 -55.66 47.93 -11.25
N VAL Y 390 -57.00 48.00 -11.38
CA VAL Y 390 -57.61 47.89 -12.69
C VAL Y 390 -57.21 49.08 -13.57
N LEU Y 391 -57.12 50.27 -12.99
CA LEU Y 391 -56.64 51.42 -13.73
C LEU Y 391 -55.20 51.23 -14.20
N ALA Y 392 -54.33 50.73 -13.32
CA ALA Y 392 -52.95 50.47 -13.71
C ALA Y 392 -52.88 49.44 -14.84
N ALA Y 393 -53.64 48.35 -14.72
CA ALA Y 393 -53.64 47.33 -15.76
C ALA Y 393 -54.14 47.89 -17.09
N SER Y 394 -55.16 48.74 -17.03
CA SER Y 394 -55.69 49.37 -18.24
C SER Y 394 -54.65 50.28 -18.90
N ARG Y 395 -53.91 51.05 -18.08
CA ARG Y 395 -52.85 51.87 -18.66
C ARG Y 395 -51.81 51.02 -19.36
N PHE Y 396 -51.43 49.90 -18.74
CA PHE Y 396 -50.47 49.03 -19.41
C PHE Y 396 -51.04 48.44 -20.69
N ALA Y 397 -52.35 48.17 -20.73
CA ALA Y 397 -52.97 47.75 -21.99
C ALA Y 397 -52.81 48.81 -23.07
N HIS Y 398 -53.04 50.07 -22.71
CA HIS Y 398 -52.93 51.15 -23.70
C HIS Y 398 -51.49 51.27 -24.22
N TYR Y 399 -50.52 51.22 -23.31
CA TYR Y 399 -49.12 51.29 -23.71
C TYR Y 399 -48.74 50.11 -24.59
N LEU Y 400 -49.19 48.91 -24.22
CA LEU Y 400 -48.88 47.74 -25.02
C LEU Y 400 -49.46 47.87 -26.42
N LYS Y 401 -50.70 48.32 -26.53
CA LYS Y 401 -51.30 48.54 -27.85
C LYS Y 401 -50.45 49.48 -28.68
N VAL Y 402 -50.06 50.63 -28.12
CA VAL Y 402 -49.35 51.63 -28.92
C VAL Y 402 -47.96 51.13 -29.33
N ILE Y 403 -47.19 50.60 -28.38
CA ILE Y 403 -45.81 50.22 -28.70
C ILE Y 403 -45.79 49.00 -29.63
N MET Y 404 -46.65 48.02 -29.39
CA MET Y 404 -46.67 46.86 -30.27
C MET Y 404 -47.20 47.21 -31.66
N ARG Y 405 -48.14 48.15 -31.75
CA ARG Y 405 -48.53 48.66 -33.06
C ARG Y 405 -47.33 49.26 -33.78
N ASP Y 406 -46.48 49.98 -33.04
CA ASP Y 406 -45.25 50.50 -33.65
C ASP Y 406 -44.31 49.39 -34.10
N LYS Y 407 -44.38 48.22 -33.48
CA LYS Y 407 -43.46 47.14 -33.85
C LYS Y 407 -43.97 46.23 -34.97
N VAL Y 408 -45.23 46.34 -35.37
CA VAL Y 408 -45.74 45.51 -36.46
C VAL Y 408 -44.93 45.76 -37.73
N GLY Y 409 -44.50 44.68 -38.38
CA GLY Y 409 -43.75 44.77 -39.61
C GLY Y 409 -42.23 44.71 -39.44
N SER Y 410 -41.72 44.97 -38.24
CA SER Y 410 -40.30 44.81 -37.98
C SER Y 410 -39.93 43.34 -37.88
N PHE Y 411 -38.66 43.03 -38.17
CA PHE Y 411 -38.15 41.67 -38.04
C PHE Y 411 -38.05 41.30 -36.57
N MET Y 412 -38.94 40.43 -36.09
CA MET Y 412 -38.97 40.08 -34.68
C MET Y 412 -39.28 38.61 -34.51
N THR Y 413 -38.41 37.91 -33.78
CA THR Y 413 -38.68 36.56 -33.34
C THR Y 413 -39.50 36.59 -32.05
N ARG Y 414 -39.88 35.42 -31.56
CA ARG Y 414 -40.56 35.33 -30.27
C ARG Y 414 -39.68 35.89 -29.16
N ASP Y 415 -38.39 35.52 -29.17
CA ASP Y 415 -37.47 36.03 -28.16
C ASP Y 415 -37.28 37.54 -28.27
N ASN Y 416 -37.25 38.07 -29.49
CA ASN Y 416 -37.13 39.52 -29.65
C ASN Y 416 -38.31 40.23 -28.98
N VAL Y 417 -39.52 39.73 -29.21
CA VAL Y 417 -40.71 40.34 -28.60
C VAL Y 417 -40.61 40.25 -27.09
N GLN Y 418 -40.26 39.08 -26.57
CA GLN Y 418 -40.20 38.90 -25.12
C GLN Y 418 -39.17 39.83 -24.50
N THR Y 419 -37.98 39.91 -25.10
CA THR Y 419 -36.92 40.76 -24.57
C THR Y 419 -37.35 42.22 -24.61
N TYR Y 420 -37.93 42.67 -25.73
CA TYR Y 420 -38.37 44.06 -25.83
C TYR Y 420 -39.41 44.39 -24.76
N LEU Y 421 -40.40 43.53 -24.59
CA LEU Y 421 -41.47 43.85 -23.65
C LEU Y 421 -40.99 43.82 -22.21
N ASN Y 422 -40.15 42.84 -21.85
CA ASN Y 422 -39.62 42.82 -20.49
C ASN Y 422 -38.69 43.99 -20.23
N ASN Y 423 -37.90 44.39 -21.23
CA ASN Y 423 -37.05 45.58 -21.09
C ASN Y 423 -37.89 46.83 -20.90
N TRP Y 424 -38.98 46.96 -21.66
CA TRP Y 424 -39.79 48.16 -21.61
C TRP Y 424 -40.49 48.31 -20.26
N ILE Y 425 -41.03 47.21 -19.72
CA ILE Y 425 -41.81 47.29 -18.50
C ILE Y 425 -40.96 47.44 -17.25
N ALA Y 426 -39.66 47.13 -17.32
CA ALA Y 426 -38.82 47.15 -16.13
C ALA Y 426 -38.76 48.53 -15.48
N ASP Y 427 -38.93 49.59 -16.28
CA ASP Y 427 -38.83 50.95 -15.78
C ASP Y 427 -39.96 51.33 -14.83
N TYR Y 428 -41.02 50.54 -14.75
CA TYR Y 428 -42.15 50.84 -13.90
C TYR Y 428 -42.17 50.01 -12.63
N VAL Y 429 -41.09 49.29 -12.35
CA VAL Y 429 -41.02 48.35 -11.22
C VAL Y 429 -40.19 49.00 -10.12
N LEU Y 430 -40.70 48.96 -8.89
CA LEU Y 430 -39.98 49.41 -7.71
C LEU Y 430 -39.93 48.25 -6.73
N ILE Y 431 -38.72 47.81 -6.39
CA ILE Y 431 -38.54 46.65 -5.53
C ILE Y 431 -38.57 47.02 -4.05
N ASN Y 432 -38.25 48.26 -3.71
CA ASN Y 432 -38.05 48.67 -2.32
C ASN Y 432 -39.40 48.85 -1.64
N ASP Y 433 -39.78 47.87 -0.82
CA ASP Y 433 -41.01 47.94 -0.05
C ASP Y 433 -40.92 48.88 1.14
N ASN Y 434 -39.73 49.39 1.45
CA ASN Y 434 -39.55 50.39 2.50
C ASN Y 434 -39.61 51.81 1.99
N ALA Y 435 -39.86 52.01 0.70
CA ALA Y 435 -39.99 53.36 0.17
C ALA Y 435 -41.22 54.04 0.77
N PRO Y 436 -41.17 55.36 0.94
CA PRO Y 436 -42.33 56.08 1.48
C PRO Y 436 -43.51 56.02 0.52
N GLN Y 437 -44.66 56.46 1.02
CA GLN Y 437 -45.90 56.42 0.26
C GLN Y 437 -45.77 57.18 -1.06
N GLU Y 438 -45.14 58.36 -1.01
CA GLU Y 438 -45.04 59.21 -2.19
C GLU Y 438 -44.16 58.60 -3.27
N ILE Y 439 -43.21 57.74 -2.90
CA ILE Y 439 -42.39 57.06 -3.89
C ILE Y 439 -43.14 55.88 -4.49
N LYS Y 440 -43.76 55.05 -3.64
CA LYS Y 440 -44.53 53.92 -4.12
C LYS Y 440 -45.66 54.36 -5.05
N ALA Y 441 -46.22 55.54 -4.82
CA ALA Y 441 -47.26 56.05 -5.69
C ALA Y 441 -46.77 56.26 -7.12
N GLN Y 442 -45.47 56.44 -7.33
CA GLN Y 442 -44.93 56.71 -8.65
C GLN Y 442 -44.60 55.45 -9.44
N TYR Y 443 -44.66 54.28 -8.83
CA TYR Y 443 -44.33 53.02 -9.50
C TYR Y 443 -45.49 52.05 -9.37
N PRO Y 444 -46.20 51.75 -10.47
CA PRO Y 444 -47.37 50.88 -10.36
C PRO Y 444 -47.04 49.44 -10.00
N LEU Y 445 -45.79 49.00 -10.16
CA LEU Y 445 -45.46 47.58 -10.07
C LEU Y 445 -44.40 47.32 -9.02
N ARG Y 446 -44.57 46.22 -8.30
CA ARG Y 446 -43.51 45.64 -7.49
C ARG Y 446 -42.79 44.50 -8.19
N GLU Y 447 -43.45 43.85 -9.15
CA GLU Y 447 -42.88 42.79 -9.97
C GLU Y 447 -43.65 42.73 -11.28
N ALA Y 448 -42.97 42.31 -12.34
CA ALA Y 448 -43.63 42.12 -13.61
C ALA Y 448 -42.84 41.14 -14.46
N ARG Y 449 -43.56 40.40 -15.30
CA ARG Y 449 -42.91 39.49 -16.25
C ARG Y 449 -43.82 39.31 -17.45
N VAL Y 450 -43.23 39.25 -18.63
CA VAL Y 450 -43.95 39.01 -19.88
C VAL Y 450 -43.45 37.71 -20.46
N ASP Y 451 -44.37 36.78 -20.70
CA ASP Y 451 -44.07 35.50 -21.35
C ASP Y 451 -44.68 35.52 -22.76
N VAL Y 452 -43.86 35.22 -23.76
CA VAL Y 452 -44.30 35.23 -25.16
C VAL Y 452 -44.14 33.85 -25.75
N SER Y 453 -45.12 33.42 -26.54
CA SER Y 453 -45.09 32.12 -27.20
C SER Y 453 -45.48 32.27 -28.66
N GLU Y 454 -44.98 31.34 -29.48
CA GLU Y 454 -45.32 31.33 -30.89
C GLU Y 454 -46.66 30.64 -31.14
N VAL Y 455 -47.27 30.98 -32.26
CA VAL Y 455 -48.49 30.30 -32.73
C VAL Y 455 -48.08 29.38 -33.87
N VAL Y 456 -48.33 28.08 -33.71
CA VAL Y 456 -47.83 27.12 -34.68
C VAL Y 456 -48.45 27.37 -36.04
N GLY Y 457 -47.62 27.29 -37.08
CA GLY Y 457 -48.08 27.44 -38.44
C GLY Y 457 -48.33 28.87 -38.88
N LYS Y 458 -48.02 29.86 -38.06
CA LYS Y 458 -48.26 31.27 -38.37
C LYS Y 458 -47.01 32.08 -38.07
N PRO Y 459 -46.08 32.17 -39.01
CA PRO Y 459 -44.86 32.95 -38.78
C PRO Y 459 -45.19 34.40 -38.43
N GLY Y 460 -44.46 34.94 -37.45
CA GLY Y 460 -44.68 36.31 -37.03
C GLY Y 460 -45.94 36.57 -36.23
N VAL Y 461 -46.61 35.52 -35.75
CA VAL Y 461 -47.81 35.65 -34.94
C VAL Y 461 -47.51 35.11 -33.55
N TYR Y 462 -47.76 35.91 -32.52
CA TYR Y 462 -47.35 35.57 -31.16
C TYR Y 462 -48.49 35.80 -30.16
N ARG Y 463 -48.36 35.13 -29.02
CA ARG Y 463 -49.24 35.31 -27.87
C ARG Y 463 -48.39 35.64 -26.66
N ALA Y 464 -48.86 36.56 -25.83
CA ALA Y 464 -48.13 36.97 -24.64
C ALA Y 464 -49.05 36.98 -23.43
N THR Y 465 -48.46 36.74 -22.27
CA THR Y 465 -49.12 36.95 -20.99
C THR Y 465 -48.30 37.97 -20.20
N VAL Y 466 -48.97 39.00 -19.73
CA VAL Y 466 -48.34 40.09 -18.99
C VAL Y 466 -48.77 39.97 -17.53
N PHE Y 467 -47.86 39.54 -16.68
CA PHE Y 467 -48.11 39.42 -15.25
C PHE Y 467 -47.69 40.70 -14.54
N LEU Y 468 -48.63 41.31 -13.82
CA LEU Y 468 -48.39 42.57 -13.12
C LEU Y 468 -48.66 42.38 -11.64
N ARG Y 469 -47.64 42.58 -10.82
CA ARG Y 469 -47.81 42.52 -9.37
C ARG Y 469 -47.69 43.93 -8.79
N PRO Y 470 -48.79 44.54 -8.39
CA PRO Y 470 -48.74 45.93 -7.90
C PRO Y 470 -48.24 46.00 -6.47
N HIS Y 471 -48.05 47.22 -6.00
CA HIS Y 471 -47.86 47.49 -4.58
C HIS Y 471 -49.24 47.51 -3.93
N PHE Y 472 -49.44 46.70 -2.90
CA PHE Y 472 -50.77 46.53 -2.32
C PHE Y 472 -51.04 47.53 -1.22
N GLN Y 473 -52.28 48.00 -1.17
CA GLN Y 473 -52.73 48.99 -0.21
C GLN Y 473 -53.41 48.32 0.97
N LEU Y 474 -53.27 48.92 2.14
CA LEU Y 474 -53.84 48.35 3.37
C LEU Y 474 -55.36 48.35 3.30
N GLU Y 475 -55.95 47.18 3.55
CA GLU Y 475 -57.40 47.00 3.50
C GLU Y 475 -58.01 46.81 4.88
N GLU Y 476 -57.46 45.92 5.69
CA GLU Y 476 -58.05 45.56 6.97
C GLU Y 476 -56.95 45.22 7.96
N LEU Y 477 -57.26 45.42 9.24
CA LEU Y 477 -56.36 45.00 10.31
C LEU Y 477 -57.20 44.52 11.49
N THR Y 478 -56.96 43.29 11.92
CA THR Y 478 -57.58 42.74 13.12
C THR Y 478 -56.51 42.61 14.19
N ALA Y 479 -56.69 43.31 15.30
CA ALA Y 479 -55.68 43.38 16.34
C ALA Y 479 -56.22 42.84 17.66
N SER Y 480 -55.36 42.16 18.40
CA SER Y 480 -55.66 41.67 19.74
C SER Y 480 -54.70 42.34 20.71
N ILE Y 481 -55.24 43.02 21.72
CA ILE Y 481 -54.43 43.68 22.74
C ILE Y 481 -54.40 42.79 23.97
N ARG Y 482 -53.20 42.58 24.52
CA ARG Y 482 -53.00 41.66 25.63
C ARG Y 482 -52.04 42.25 26.64
N LEU Y 483 -52.53 42.49 27.85
CA LEU Y 483 -51.66 42.84 28.96
C LEU Y 483 -50.91 41.60 29.42
N VAL Y 484 -49.60 41.72 29.58
CA VAL Y 484 -48.78 40.59 30.02
C VAL Y 484 -47.81 41.05 31.10
N ALA Y 485 -47.49 40.14 32.01
CA ALA Y 485 -46.40 40.38 32.95
C ALA Y 485 -45.03 40.19 32.31
N THR Y 486 -44.93 39.29 31.34
CA THR Y 486 -43.71 39.09 30.56
C THR Y 486 -44.08 38.95 29.08
N LEU Y 487 -43.25 39.51 28.22
CA LEU Y 487 -43.46 39.39 26.79
C LEU Y 487 -43.24 37.96 26.33
N PRO Y 488 -44.21 37.30 25.72
CA PRO Y 488 -43.96 35.99 25.13
C PRO Y 488 -43.14 36.11 23.87
N PRO Y 489 -42.44 35.05 23.46
CA PRO Y 489 -41.73 35.10 22.20
C PRO Y 489 -42.70 35.20 21.03
N PRO Y 490 -42.28 35.81 19.91
CA PRO Y 490 -43.16 36.00 18.75
C PRO Y 490 -43.56 34.69 18.08
N GLU Z 3 -33.97 60.19 -42.40
CA GLU Z 3 -32.53 60.02 -42.54
C GLU Z 3 -31.83 61.37 -42.62
N SER Z 4 -30.77 61.55 -41.83
CA SER Z 4 -29.97 62.77 -41.91
C SER Z 4 -29.30 62.85 -43.27
N THR Z 5 -29.20 64.08 -43.80
CA THR Z 5 -28.52 64.30 -45.06
C THR Z 5 -27.06 63.88 -44.98
N GLN Z 6 -26.47 63.90 -43.79
CA GLN Z 6 -25.11 63.41 -43.63
C GLN Z 6 -25.00 61.95 -44.05
N HIS Z 7 -25.97 61.13 -43.65
CA HIS Z 7 -25.94 59.72 -43.99
C HIS Z 7 -26.31 59.47 -45.45
N LYS Z 8 -27.04 60.38 -46.09
CA LYS Z 8 -27.24 60.26 -47.53
C LYS Z 8 -25.91 60.33 -48.28
N LEU Z 9 -25.01 61.21 -47.82
CA LEU Z 9 -23.70 61.33 -48.42
C LEU Z 9 -22.82 60.10 -48.19
N ASP Z 10 -23.21 59.20 -47.28
CA ASP Z 10 -22.54 57.90 -47.21
C ASP Z 10 -22.66 57.14 -48.52
N ARG Z 11 -23.77 57.30 -49.22
CA ARG Z 11 -24.11 56.50 -50.39
C ARG Z 11 -23.97 57.24 -51.71
N ILE Z 12 -24.30 58.53 -51.76
CA ILE Z 12 -24.37 59.27 -53.01
C ILE Z 12 -23.06 60.03 -53.20
N ARG Z 13 -22.20 59.49 -54.05
CA ARG Z 13 -20.90 60.08 -54.38
C ARG Z 13 -20.15 60.51 -53.12
N PRO Z 14 -19.82 59.55 -52.23
CA PRO Z 14 -19.22 59.93 -50.95
C PRO Z 14 -17.81 60.43 -51.13
N PRO Z 15 -17.34 61.31 -50.26
CA PRO Z 15 -15.92 61.69 -50.27
C PRO Z 15 -15.08 60.61 -49.59
N ARG Z 16 -13.76 60.76 -49.71
CA ARG Z 16 -12.85 59.85 -49.02
C ARG Z 16 -13.01 59.96 -47.51
N VAL Z 17 -13.11 61.17 -46.99
CA VAL Z 17 -13.27 61.41 -45.56
C VAL Z 17 -14.71 61.84 -45.35
N GLN Z 18 -15.53 60.92 -44.85
CA GLN Z 18 -16.96 61.13 -44.70
C GLN Z 18 -17.30 61.18 -43.22
N ILE Z 19 -17.89 62.29 -42.77
CA ILE Z 19 -18.09 62.56 -41.36
C ILE Z 19 -19.57 62.84 -41.10
N THR Z 20 -20.11 62.22 -40.07
CA THR Z 20 -21.50 62.42 -39.67
C THR Z 20 -21.55 62.65 -38.15
N TYR Z 21 -22.64 63.25 -37.70
CA TYR Z 21 -22.92 63.35 -36.28
C TYR Z 21 -23.99 62.35 -35.90
N ASP Z 22 -23.81 61.70 -34.74
CA ASP Z 22 -24.76 60.71 -34.28
C ASP Z 22 -24.94 60.80 -32.77
N VAL Z 23 -26.14 60.48 -32.32
CA VAL Z 23 -26.44 60.41 -30.90
C VAL Z 23 -26.07 59.02 -30.40
N GLU Z 24 -25.18 58.95 -29.42
CA GLU Z 24 -24.79 57.68 -28.83
C GLU Z 24 -25.91 57.20 -27.90
N THR Z 25 -26.65 56.18 -28.32
CA THR Z 25 -27.76 55.66 -27.52
C THR Z 25 -27.54 54.25 -27.03
N GLY Z 26 -26.46 53.58 -27.42
CA GLY Z 26 -26.20 52.24 -26.95
C GLY Z 26 -27.33 51.29 -27.33
N ASN Z 27 -27.79 50.52 -26.35
CA ASN Z 27 -28.89 49.58 -26.53
C ASN Z 27 -30.21 50.13 -25.99
N ALA Z 28 -30.29 51.44 -25.78
CA ALA Z 28 -31.50 52.03 -25.22
C ALA Z 28 -32.66 51.97 -26.21
N ILE Z 29 -33.87 51.86 -25.66
CA ILE Z 29 -35.09 51.89 -26.45
C ILE Z 29 -35.83 53.19 -26.14
N GLU Z 30 -36.52 53.70 -27.15
CA GLU Z 30 -37.31 54.91 -26.98
C GLU Z 30 -38.50 54.64 -26.07
N LYS Z 31 -38.87 55.64 -25.27
CA LYS Z 31 -39.98 55.52 -24.32
C LYS Z 31 -41.02 56.57 -24.68
N LYS Z 32 -41.93 56.20 -25.58
CA LYS Z 32 -43.05 57.08 -25.89
C LYS Z 32 -44.00 57.14 -24.71
N GLU Z 33 -44.49 58.34 -24.41
CA GLU Z 33 -45.36 58.57 -23.28
C GLU Z 33 -46.78 58.83 -23.76
N LEU Z 34 -47.75 58.30 -23.03
CA LEU Z 34 -49.14 58.56 -23.35
C LEU Z 34 -49.74 59.53 -22.34
N PRO Z 35 -50.52 60.51 -22.79
CA PRO Z 35 -51.22 61.36 -21.84
C PRO Z 35 -52.32 60.58 -21.13
N LEU Z 36 -52.73 61.09 -19.98
CA LEU Z 36 -53.95 60.62 -19.34
C LEU Z 36 -55.12 61.32 -20.00
N VAL Z 37 -56.08 60.55 -20.49
CA VAL Z 37 -57.26 61.10 -21.14
C VAL Z 37 -58.49 60.65 -20.36
N VAL Z 38 -59.23 61.61 -19.83
CA VAL Z 38 -60.45 61.33 -19.10
C VAL Z 38 -61.63 61.66 -20.02
N GLY Z 39 -62.44 60.67 -20.32
CA GLY Z 39 -63.67 60.89 -21.05
C GLY Z 39 -64.82 61.21 -20.13
N ILE Z 40 -65.46 62.35 -20.32
CA ILE Z 40 -66.57 62.79 -19.47
C ILE Z 40 -67.86 62.66 -20.25
N LEU Z 41 -68.83 61.97 -19.65
CA LEU Z 41 -70.17 61.80 -20.23
C LEU Z 41 -71.16 62.49 -19.31
N ALA Z 42 -71.75 63.58 -19.78
CA ALA Z 42 -72.62 64.39 -18.94
C ALA Z 42 -73.76 64.97 -19.77
N ASP Z 43 -74.92 65.11 -19.13
CA ASP Z 43 -76.11 65.69 -19.73
C ASP Z 43 -76.12 67.18 -19.41
N LEU Z 44 -75.55 67.98 -20.30
CA LEU Z 44 -75.33 69.39 -20.00
C LEU Z 44 -76.27 70.30 -20.76
N MET Z 56 -74.05 59.87 -32.99
CA MET Z 56 -73.03 59.63 -34.01
C MET Z 56 -72.38 60.95 -34.45
N GLU Z 57 -73.17 62.02 -34.47
CA GLU Z 57 -72.70 63.30 -34.98
C GLU Z 57 -71.91 64.09 -33.95
N ARG Z 58 -72.11 63.83 -32.66
CA ARG Z 58 -71.41 64.56 -31.61
C ARG Z 58 -69.98 64.02 -31.46
N ARG Z 59 -69.20 64.71 -30.63
CA ARG Z 59 -67.81 64.32 -30.45
C ARG Z 59 -67.38 64.64 -29.03
N PHE Z 60 -66.28 64.02 -28.62
CA PHE Z 60 -65.62 64.34 -27.36
C PHE Z 60 -64.80 65.61 -27.56
N VAL Z 61 -65.26 66.73 -27.02
CA VAL Z 61 -64.59 68.01 -27.21
C VAL Z 61 -63.64 68.24 -26.04
N GLU Z 62 -62.39 68.59 -26.36
CA GLU Z 62 -61.40 68.85 -25.33
C GLU Z 62 -61.80 70.07 -24.52
N ILE Z 63 -61.71 69.96 -23.19
CA ILE Z 63 -62.14 71.01 -22.29
C ILE Z 63 -61.04 71.26 -21.27
N ASN Z 64 -60.82 72.53 -20.94
CA ASN Z 64 -59.79 72.92 -19.99
C ASN Z 64 -60.18 74.26 -19.39
N ARG Z 65 -59.34 74.76 -18.49
CA ARG Z 65 -59.63 76.01 -17.80
C ARG Z 65 -59.66 77.20 -18.77
N ASP Z 66 -59.02 77.10 -19.93
CA ASP Z 66 -58.99 78.23 -20.85
C ASP Z 66 -60.27 78.34 -21.67
N ASN Z 67 -60.77 77.23 -22.23
CA ASN Z 67 -61.88 77.27 -23.15
C ASN Z 67 -63.20 76.87 -22.50
N PHE Z 68 -63.25 76.81 -21.16
CA PHE Z 68 -64.42 76.27 -20.47
C PHE Z 68 -65.68 77.05 -20.83
N ASN Z 69 -65.60 78.38 -20.80
CA ASN Z 69 -66.79 79.18 -21.06
C ASN Z 69 -67.19 79.13 -22.53
N ASP Z 70 -66.23 78.94 -23.45
CA ASP Z 70 -66.57 78.74 -24.84
C ASP Z 70 -67.37 77.46 -25.03
N VAL Z 71 -66.98 76.39 -24.33
CA VAL Z 71 -67.71 75.13 -24.43
C VAL Z 71 -69.09 75.26 -23.78
N LEU Z 72 -69.17 76.00 -22.68
CA LEU Z 72 -70.47 76.28 -22.07
C LEU Z 72 -71.37 77.04 -23.04
N ALA Z 73 -70.81 78.04 -23.73
CA ALA Z 73 -71.59 78.82 -24.69
C ALA Z 73 -72.06 77.96 -25.85
N SER Z 74 -71.18 77.10 -26.38
CA SER Z 74 -71.54 76.27 -27.52
C SER Z 74 -72.60 75.24 -27.11
N ILE Z 75 -72.52 74.71 -25.90
CA ILE Z 75 -73.60 73.86 -25.40
C ILE Z 75 -74.86 74.69 -25.18
N ALA Z 76 -74.71 75.90 -24.63
CA ALA Z 76 -75.78 76.86 -24.40
C ALA Z 76 -76.91 76.26 -23.57
N PRO Z 77 -76.67 75.91 -22.30
CA PRO Z 77 -77.76 75.37 -21.48
C PRO Z 77 -78.83 76.41 -21.18
N GLN AA 90 -56.42 66.44 -63.90
CA GLN AA 90 -56.30 65.82 -62.59
C GLN AA 90 -55.72 64.41 -62.70
N LYS AA 91 -56.40 63.56 -63.47
CA LYS AA 91 -55.94 62.18 -63.63
C LYS AA 91 -54.58 62.13 -64.31
N LEU AA 92 -54.38 62.95 -65.35
CA LEU AA 92 -53.06 63.03 -65.98
C LEU AA 92 -52.04 63.65 -65.04
N GLU AA 93 -52.41 64.74 -64.36
CA GLU AA 93 -51.49 65.41 -63.46
C GLU AA 93 -51.07 64.50 -62.31
N ALA AA 94 -52.03 63.74 -61.77
CA ALA AA 94 -51.72 62.82 -60.68
C ALA AA 94 -50.71 61.78 -61.11
N SER AA 95 -50.86 61.25 -62.33
CA SER AA 95 -49.91 60.26 -62.83
C SER AA 95 -48.52 60.86 -62.98
N TRP AA 96 -48.42 62.04 -63.58
CA TRP AA 96 -47.12 62.66 -63.78
C TRP AA 96 -46.51 63.10 -62.46
N ARG AA 97 -47.32 63.64 -61.54
CA ARG AA 97 -46.80 64.06 -60.25
C ARG AA 97 -46.37 62.86 -59.41
N GLY AA 98 -47.17 61.79 -59.41
CA GLY AA 98 -46.76 60.58 -58.71
C GLY AA 98 -45.47 60.03 -59.27
N LEU AA 99 -45.35 60.01 -60.60
CA LEU AA 99 -44.11 59.55 -61.23
C LEU AA 99 -42.94 60.46 -60.86
N HIS AA 100 -43.15 61.77 -60.88
CA HIS AA 100 -42.08 62.71 -60.59
C HIS AA 100 -41.57 62.54 -59.16
N MET AA 101 -42.49 62.39 -58.20
CA MET AA 101 -42.07 62.16 -56.81
C MET AA 101 -41.26 60.87 -56.69
N LEU AA 102 -41.70 59.80 -57.35
CA LEU AA 102 -40.95 58.55 -57.28
C LEU AA 102 -39.55 58.71 -57.85
N VAL AA 103 -39.44 59.36 -59.01
CA VAL AA 103 -38.14 59.55 -59.64
C VAL AA 103 -37.25 60.42 -58.77
N LYS AA 104 -37.80 61.54 -58.27
CA LYS AA 104 -37.00 62.48 -57.50
C LYS AA 104 -36.54 61.89 -56.17
N ASN AA 105 -37.32 60.98 -55.59
CA ASN AA 105 -37.03 60.43 -54.27
C ASN AA 105 -36.34 59.07 -54.35
N THR AA 106 -35.94 58.62 -55.53
CA THR AA 106 -35.27 57.35 -55.70
C THR AA 106 -33.82 57.60 -56.08
N GLU AA 107 -32.90 56.93 -55.38
CA GLU AA 107 -31.47 57.05 -55.64
C GLU AA 107 -31.09 56.21 -56.86
N THR AA 108 -31.50 56.69 -58.03
CA THR AA 108 -31.15 56.02 -59.28
C THR AA 108 -29.65 56.11 -59.52
N GLY AA 109 -29.11 55.07 -60.15
CA GLY AA 109 -27.69 55.01 -60.39
C GLY AA 109 -27.28 53.69 -60.98
N ALA AA 110 -26.02 53.32 -60.74
CA ALA AA 110 -25.49 52.06 -61.26
C ALA AA 110 -26.31 50.87 -60.76
N ARG AA 111 -26.75 50.93 -59.50
CA ARG AA 111 -27.42 49.80 -58.86
C ARG AA 111 -28.94 49.88 -58.93
N LEU AA 112 -29.52 50.96 -59.43
CA LEU AA 112 -30.97 51.16 -59.36
C LEU AA 112 -31.43 51.91 -60.60
N LYS AA 113 -32.29 51.29 -61.39
CA LYS AA 113 -32.81 51.89 -62.61
C LYS AA 113 -34.34 51.87 -62.60
N LEU AA 114 -34.92 52.94 -63.12
CA LEU AA 114 -36.35 53.02 -63.38
C LEU AA 114 -36.57 53.06 -64.88
N ARG AA 115 -37.45 52.20 -65.38
CA ARG AA 115 -37.77 52.12 -66.80
C ARG AA 115 -39.27 52.27 -66.97
N LEU AA 116 -39.67 53.09 -67.93
CA LEU AA 116 -41.06 53.53 -68.05
C LEU AA 116 -41.64 53.11 -69.39
N LEU AA 117 -42.83 52.50 -69.35
CA LEU AA 117 -43.57 52.12 -70.54
C LEU AA 117 -44.88 52.90 -70.56
N ASN AA 118 -45.03 53.78 -71.54
CA ASN AA 118 -46.23 54.60 -71.67
C ASN AA 118 -47.30 53.79 -72.39
N VAL AA 119 -48.36 53.42 -71.68
CA VAL AA 119 -49.39 52.53 -72.23
C VAL AA 119 -50.64 52.67 -71.37
N THR AA 120 -51.80 52.62 -72.02
CA THR AA 120 -53.08 52.70 -71.33
C THR AA 120 -53.54 51.32 -70.87
N GLN AA 121 -54.50 51.32 -69.95
CA GLN AA 121 -55.04 50.07 -69.44
C GLN AA 121 -55.71 49.26 -70.54
N LYS AA 122 -56.47 49.94 -71.41
CA LYS AA 122 -57.13 49.26 -72.52
C LYS AA 122 -56.12 48.66 -73.49
N GLU AA 123 -55.03 49.38 -73.77
CA GLU AA 123 -54.00 48.84 -74.64
C GLU AA 123 -53.37 47.58 -74.05
N LEU AA 124 -53.10 47.59 -72.74
CA LEU AA 124 -52.59 46.40 -72.08
C LEU AA 124 -53.56 45.24 -72.21
N LEU AA 125 -54.84 45.52 -71.98
CA LEU AA 125 -55.84 44.46 -72.07
C LEU AA 125 -55.88 43.87 -73.48
N ILE AA 126 -55.83 44.74 -74.50
CA ILE AA 126 -55.89 44.26 -75.88
C ILE AA 126 -54.65 43.44 -76.21
N ASP AA 127 -53.48 43.93 -75.81
CA ASP AA 127 -52.24 43.20 -76.09
C ASP AA 127 -52.27 41.82 -75.44
N LEU AA 128 -52.72 41.74 -74.20
CA LEU AA 128 -52.69 40.46 -73.50
C LEU AA 128 -53.75 39.50 -74.02
N GLU AA 129 -54.94 40.02 -74.36
CA GLU AA 129 -56.02 39.15 -74.80
C GLU AA 129 -55.82 38.66 -76.23
N LYS AA 130 -55.25 39.49 -77.10
CA LYS AA 130 -55.18 39.17 -78.52
C LYS AA 130 -53.92 38.41 -78.90
N ALA AA 131 -53.00 38.19 -77.97
CA ALA AA 131 -51.81 37.43 -78.28
C ALA AA 131 -52.17 36.01 -78.69
N VAL AA 132 -51.51 35.52 -79.75
CA VAL AA 132 -51.80 34.18 -80.23
C VAL AA 132 -51.44 33.13 -79.17
N GLU AA 133 -50.38 33.38 -78.41
CA GLU AA 133 -49.98 32.52 -77.31
C GLU AA 133 -49.49 33.42 -76.17
N PHE AA 134 -49.43 32.86 -74.96
CA PHE AA 134 -49.13 33.67 -73.79
C PHE AA 134 -47.77 34.35 -73.89
N ASP AA 135 -46.80 33.72 -74.56
CA ASP AA 135 -45.46 34.28 -74.66
C ASP AA 135 -45.29 35.19 -75.86
N GLN AA 136 -46.36 35.48 -76.60
CA GLN AA 136 -46.27 36.29 -77.81
C GLN AA 136 -46.72 37.74 -77.60
N SER AA 137 -47.30 38.06 -76.45
CA SER AA 137 -47.78 39.41 -76.22
C SER AA 137 -46.61 40.38 -76.12
N ALA AA 138 -46.88 41.65 -76.46
CA ALA AA 138 -45.84 42.67 -76.37
C ALA AA 138 -45.31 42.78 -74.96
N LEU AA 139 -46.19 42.71 -73.96
CA LEU AA 139 -45.75 42.78 -72.58
C LEU AA 139 -44.83 41.61 -72.22
N PHE AA 140 -45.19 40.41 -72.64
CA PHE AA 140 -44.33 39.26 -72.34
C PHE AA 140 -42.96 39.43 -72.98
N LYS AA 141 -42.92 39.81 -74.26
CA LYS AA 141 -41.63 40.02 -74.90
C LYS AA 141 -40.80 41.03 -74.12
N LYS AA 142 -41.37 42.21 -73.86
CA LYS AA 142 -40.61 43.30 -73.27
C LYS AA 142 -40.17 43.00 -71.85
N ILE AA 143 -41.01 42.31 -71.07
CA ILE AA 143 -40.70 42.10 -69.66
C ILE AA 143 -39.90 40.82 -69.45
N TYR AA 144 -40.34 39.71 -70.02
CA TYR AA 144 -39.61 38.45 -69.86
C TYR AA 144 -38.44 38.35 -70.83
N GLU AA 145 -38.72 38.34 -72.14
CA GLU AA 145 -37.72 37.89 -73.09
C GLU AA 145 -36.56 38.87 -73.18
N GLU AA 146 -36.87 40.17 -73.26
CA GLU AA 146 -35.82 41.14 -73.56
C GLU AA 146 -34.87 41.34 -72.39
N GLU AA 147 -35.30 41.08 -71.16
CA GLU AA 147 -34.41 41.27 -70.01
C GLU AA 147 -34.13 39.96 -69.27
N TYR AA 148 -35.14 39.30 -68.72
CA TYR AA 148 -34.90 38.09 -67.94
C TYR AA 148 -34.42 36.96 -68.83
N GLY AA 149 -34.93 36.88 -70.05
CA GLY AA 149 -34.64 35.77 -70.93
C GLY AA 149 -33.58 36.04 -72.00
N THR AA 150 -32.75 37.06 -71.82
CA THR AA 150 -31.73 37.42 -72.80
C THR AA 150 -30.36 37.51 -72.14
N PHE AA 151 -29.35 36.95 -72.80
CA PHE AA 151 -27.97 37.04 -72.35
C PHE AA 151 -27.56 38.50 -72.18
N GLY AA 152 -27.11 38.85 -70.98
CA GLY AA 152 -26.74 40.20 -70.67
C GLY AA 152 -27.86 41.11 -70.20
N GLY AA 153 -29.10 40.61 -70.13
CA GLY AA 153 -30.20 41.42 -69.65
C GLY AA 153 -30.15 41.65 -68.14
N HIS AA 154 -30.78 42.75 -67.72
CA HIS AA 154 -30.98 43.05 -66.30
C HIS AA 154 -32.45 42.84 -65.98
N PRO AA 155 -32.81 41.74 -65.33
CA PRO AA 155 -34.23 41.41 -65.16
C PRO AA 155 -34.97 42.49 -64.37
N PHE AA 156 -36.22 42.74 -64.78
CA PHE AA 156 -37.09 43.61 -64.01
C PHE AA 156 -37.31 43.01 -62.63
N SER AA 157 -36.95 43.78 -61.60
CA SER AA 157 -37.14 43.32 -60.23
C SER AA 157 -38.60 43.45 -59.79
N LEU AA 158 -39.30 44.47 -60.28
CA LEU AA 158 -40.62 44.83 -59.81
C LEU AA 158 -41.33 45.57 -60.93
N LEU AA 159 -42.65 45.46 -60.98
CA LEU AA 159 -43.47 46.23 -61.89
C LEU AA 159 -44.50 47.01 -61.09
N VAL AA 160 -44.66 48.30 -61.40
CA VAL AA 160 -45.69 49.12 -60.79
C VAL AA 160 -46.63 49.61 -61.88
N GLY AA 161 -47.91 49.38 -61.70
CA GLY AA 161 -48.91 49.83 -62.64
C GLY AA 161 -49.73 50.96 -62.06
N ASP AA 162 -49.69 52.12 -62.73
CA ASP AA 162 -50.49 53.27 -62.33
C ASP AA 162 -51.91 53.10 -62.87
N TYR AA 163 -52.59 52.08 -62.35
CA TYR AA 163 -53.96 51.78 -62.73
C TYR AA 163 -54.73 51.34 -61.50
N SER AA 164 -56.04 51.49 -61.57
CA SER AA 164 -56.95 50.98 -60.55
C SER AA 164 -57.75 49.83 -61.12
N PHE AA 165 -57.99 48.81 -60.30
CA PHE AA 165 -58.68 47.61 -60.75
C PHE AA 165 -59.95 47.43 -59.94
N GLY AA 166 -61.09 47.40 -60.64
CA GLY AA 166 -62.38 47.21 -60.02
C GLY AA 166 -62.86 45.77 -60.13
N ARG AA 167 -64.15 45.59 -59.90
CA ARG AA 167 -64.76 44.26 -59.99
C ARG AA 167 -65.19 43.90 -61.40
N HIS AA 168 -65.00 44.80 -62.36
CA HIS AA 168 -65.40 44.55 -63.74
C HIS AA 168 -64.72 43.29 -64.26
N PRO AA 169 -65.42 42.44 -65.01
CA PRO AA 169 -64.79 41.20 -65.51
C PRO AA 169 -63.54 41.43 -66.33
N GLN AA 170 -63.50 42.50 -67.13
CA GLN AA 170 -62.29 42.80 -67.90
C GLN AA 170 -61.16 43.27 -66.99
N ASP AA 171 -61.48 43.96 -65.89
CA ASP AA 171 -60.45 44.34 -64.94
C ASP AA 171 -59.78 43.12 -64.32
N ILE AA 172 -60.59 42.15 -63.88
CA ILE AA 172 -60.03 40.93 -63.29
C ILE AA 172 -59.30 40.11 -64.34
N GLY AA 173 -59.82 40.07 -65.57
CA GLY AA 173 -59.12 39.38 -66.64
C GLY AA 173 -57.75 39.98 -66.93
N LEU AA 174 -57.69 41.31 -67.00
CA LEU AA 174 -56.41 41.98 -67.19
C LEU AA 174 -55.48 41.69 -66.02
N LEU AA 175 -56.00 41.70 -64.79
CA LEU AA 175 -55.18 41.37 -63.64
C LEU AA 175 -54.61 39.96 -63.75
N GLU AA 176 -55.41 39.01 -64.22
CA GLU AA 176 -54.95 37.63 -64.37
C GLU AA 176 -53.83 37.54 -65.41
N LYS AA 177 -54.02 38.19 -66.58
CA LYS AA 177 -52.99 38.15 -67.62
C LYS AA 177 -51.69 38.82 -67.13
N LEU AA 178 -51.82 39.96 -66.47
CA LEU AA 178 -50.66 40.64 -65.91
C LEU AA 178 -49.96 39.76 -64.89
N SER AA 179 -50.73 39.04 -64.06
CA SER AA 179 -50.14 38.15 -63.07
C SER AA 179 -49.36 37.04 -63.75
N ASN AA 180 -49.87 36.53 -64.87
CA ASN AA 180 -49.15 35.49 -65.59
C ASN AA 180 -47.81 36.01 -66.10
N VAL AA 181 -47.81 37.21 -66.71
CA VAL AA 181 -46.56 37.77 -67.19
C VAL AA 181 -45.59 38.04 -66.03
N ALA AA 182 -46.11 38.59 -64.94
CA ALA AA 182 -45.29 38.88 -63.77
C ALA AA 182 -44.69 37.60 -63.17
N ALA AA 183 -45.50 36.54 -63.10
CA ALA AA 183 -45.00 35.27 -62.58
C ALA AA 183 -43.91 34.69 -63.46
N ALA AA 184 -44.09 34.75 -64.78
CA ALA AA 184 -43.10 34.18 -65.68
C ALA AA 184 -41.74 34.81 -65.47
N ALA AA 185 -41.68 36.13 -65.32
CA ALA AA 185 -40.43 36.85 -65.19
C ALA AA 185 -39.98 37.01 -63.73
N HIS AA 186 -40.74 36.47 -62.78
CA HIS AA 186 -40.48 36.67 -61.35
C HIS AA 186 -40.36 38.15 -61.01
N ALA AA 187 -41.34 38.93 -61.43
CA ALA AA 187 -41.34 40.38 -61.25
C ALA AA 187 -42.69 40.79 -60.68
N PRO AA 188 -42.80 40.88 -59.35
CA PRO AA 188 -44.10 41.18 -58.74
C PRO AA 188 -44.67 42.50 -59.24
N PHE AA 189 -45.99 42.52 -59.42
CA PHE AA 189 -46.72 43.64 -60.00
C PHE AA 189 -47.53 44.32 -58.90
N ILE AA 190 -47.45 45.65 -58.85
CA ILE AA 190 -48.13 46.44 -57.82
C ILE AA 190 -49.03 47.46 -58.52
N ALA AA 191 -50.29 47.51 -58.12
CA ALA AA 191 -51.24 48.48 -58.65
C ALA AA 191 -52.19 48.89 -57.53
N ALA AA 192 -53.27 49.56 -57.89
CA ALA AA 192 -54.22 50.11 -56.93
C ALA AA 192 -55.57 49.40 -57.03
N ALA AA 193 -56.22 49.24 -55.88
CA ALA AA 193 -57.57 48.73 -55.83
C ALA AA 193 -58.55 49.87 -56.06
N SER AA 194 -59.48 49.67 -56.98
CA SER AA 194 -60.51 50.67 -57.19
C SER AA 194 -61.55 50.60 -56.07
N PRO AA 195 -62.16 51.73 -55.70
CA PRO AA 195 -63.30 51.66 -54.78
C PRO AA 195 -64.44 50.84 -55.33
N ARG AA 196 -64.57 50.74 -56.66
CA ARG AA 196 -65.61 49.91 -57.22
C ARG AA 196 -65.43 48.43 -56.89
N LEU AA 197 -64.20 48.01 -56.58
CA LEU AA 197 -63.99 46.63 -56.12
C LEU AA 197 -64.77 46.37 -54.84
N PHE AA 198 -64.95 47.39 -54.01
CA PHE AA 198 -65.68 47.28 -52.75
C PHE AA 198 -67.13 47.73 -52.88
N ASP AA 199 -67.63 47.92 -54.11
CA ASP AA 199 -68.96 48.48 -54.36
C ASP AA 199 -69.11 49.86 -53.71
N MET AA 200 -68.05 50.66 -53.80
CA MET AA 200 -68.01 51.99 -53.22
C MET AA 200 -67.73 53.01 -54.33
N GLY AA 201 -68.35 54.18 -54.24
CA GLY AA 201 -67.99 55.25 -55.14
C GLY AA 201 -66.65 55.88 -54.81
N SER AA 202 -66.30 55.90 -53.53
CA SER AA 202 -65.05 56.47 -53.07
C SER AA 202 -64.63 55.76 -51.80
N PHE AA 203 -63.33 55.76 -51.53
CA PHE AA 203 -62.84 55.14 -50.30
C PHE AA 203 -63.16 55.96 -49.07
N THR AA 204 -63.81 57.11 -49.21
CA THR AA 204 -64.36 57.82 -48.05
C THR AA 204 -65.45 57.00 -47.37
N GLU AA 205 -66.04 56.04 -48.06
CA GLU AA 205 -67.05 55.15 -47.52
C GLU AA 205 -66.47 53.87 -46.92
N LEU AA 206 -65.14 53.79 -46.78
CA LEU AA 206 -64.51 52.53 -46.38
C LEU AA 206 -64.84 52.14 -44.95
N ALA AA 207 -65.07 53.11 -44.07
CA ALA AA 207 -65.41 52.81 -42.69
C ALA AA 207 -66.90 52.52 -42.49
N VAL AA 208 -67.72 52.64 -43.54
CA VAL AA 208 -69.16 52.50 -43.41
C VAL AA 208 -69.59 51.05 -43.20
N PRO AA 209 -69.21 50.09 -44.04
CA PRO AA 209 -69.71 48.71 -43.86
C PRO AA 209 -69.31 48.13 -42.51
N ARG AA 210 -70.23 47.38 -41.91
CA ARG AA 210 -69.90 46.70 -40.66
C ARG AA 210 -68.83 45.65 -40.87
N ASP AA 211 -68.95 44.85 -41.93
CA ASP AA 211 -68.04 43.73 -42.19
C ASP AA 211 -67.59 43.77 -43.64
N LEU AA 212 -66.31 44.01 -43.86
CA LEU AA 212 -65.77 44.09 -45.22
C LEU AA 212 -65.81 42.73 -45.91
N ALA AA 213 -65.56 41.65 -45.17
CA ALA AA 213 -65.51 40.33 -45.78
C ALA AA 213 -66.85 39.94 -46.38
N LYS AA 214 -67.96 40.44 -45.83
CA LYS AA 214 -69.27 40.17 -46.37
C LYS AA 214 -69.40 40.68 -47.80
N ILE AA 215 -68.79 41.83 -48.09
CA ILE AA 215 -68.85 42.41 -49.44
C ILE AA 215 -68.29 41.43 -50.47
N PHE AA 216 -67.21 40.75 -50.13
CA PHE AA 216 -66.52 39.91 -51.08
C PHE AA 216 -67.13 38.51 -51.21
N GLU AA 217 -68.30 38.29 -50.61
CA GLU AA 217 -69.09 37.10 -50.87
C GLU AA 217 -70.03 37.26 -52.05
N SER AA 218 -70.10 38.46 -52.62
CA SER AA 218 -71.06 38.74 -53.68
C SER AA 218 -70.79 37.91 -54.92
N GLN AA 219 -71.87 37.55 -55.61
CA GLN AA 219 -71.73 36.85 -56.89
C GLN AA 219 -70.99 37.69 -57.92
N GLU AA 220 -70.99 39.00 -57.78
CA GLU AA 220 -70.21 39.85 -58.68
C GLU AA 220 -68.70 39.68 -58.48
N LEU AA 221 -68.26 39.01 -57.42
CA LEU AA 221 -66.84 38.84 -57.13
C LEU AA 221 -66.40 37.38 -57.25
N ILE AA 222 -67.10 36.61 -58.08
CA ILE AA 222 -66.70 35.23 -58.34
C ILE AA 222 -65.33 35.19 -59.01
N LYS AA 223 -65.14 36.02 -60.04
CA LYS AA 223 -63.89 36.03 -60.77
C LYS AA 223 -62.75 36.51 -59.89
N TRP AA 224 -63.00 37.51 -59.03
CA TRP AA 224 -61.96 37.98 -58.12
C TRP AA 224 -61.53 36.90 -57.14
N ARG AA 225 -62.50 36.15 -56.58
CA ARG AA 225 -62.15 35.08 -55.66
C ARG AA 225 -61.37 33.97 -56.37
N ALA AA 226 -61.78 33.63 -57.60
CA ALA AA 226 -61.02 32.67 -58.38
C ALA AA 226 -59.60 33.15 -58.63
N PHE AA 227 -59.44 34.44 -58.96
CA PHE AA 227 -58.10 35.00 -59.15
C PHE AA 227 -57.27 34.88 -57.87
N ARG AA 228 -57.86 35.22 -56.73
CA ARG AA 228 -57.15 35.08 -55.46
C ARG AA 228 -56.74 33.63 -55.23
N GLU AA 229 -57.50 32.68 -55.75
CA GLU AA 229 -57.14 31.26 -55.61
C GLU AA 229 -55.97 30.85 -56.49
N SER AA 230 -55.65 31.61 -57.54
CA SER AA 230 -54.66 31.20 -58.50
C SER AA 230 -53.25 31.30 -57.92
N GLU AA 231 -52.33 30.50 -58.48
CA GLU AA 231 -50.94 30.54 -58.03
C GLU AA 231 -50.30 31.89 -58.34
N ASP AA 232 -50.48 32.39 -59.55
CA ASP AA 232 -49.77 33.59 -60.00
C ASP AA 232 -50.30 34.87 -59.35
N SER AA 233 -51.39 34.81 -58.59
CA SER AA 233 -51.87 35.99 -57.87
C SER AA 233 -50.89 36.46 -56.81
N ARG AA 234 -49.94 35.62 -56.38
CA ARG AA 234 -48.93 36.07 -55.44
C ARG AA 234 -47.99 37.10 -56.06
N TYR AA 235 -48.04 37.29 -57.37
CA TYR AA 235 -47.24 38.31 -58.05
C TYR AA 235 -48.04 39.59 -58.31
N VAL AA 236 -49.19 39.74 -57.67
CA VAL AA 236 -50.01 40.93 -57.77
C VAL AA 236 -50.32 41.44 -56.38
N SER AA 237 -50.06 42.71 -56.14
CA SER AA 237 -50.44 43.38 -54.90
C SER AA 237 -51.27 44.61 -55.24
N LEU AA 238 -52.33 44.82 -54.48
CA LEU AA 238 -53.20 45.97 -54.68
C LEU AA 238 -53.20 46.83 -53.43
N VAL AA 239 -52.93 48.12 -53.61
CA VAL AA 239 -52.84 49.06 -52.50
C VAL AA 239 -54.07 49.95 -52.50
N LEU AA 240 -54.39 50.48 -51.33
CA LEU AA 240 -55.49 51.42 -51.15
C LEU AA 240 -55.25 52.19 -49.86
N PRO AA 241 -55.90 53.34 -49.68
CA PRO AA 241 -56.68 54.12 -50.65
C PRO AA 241 -55.77 55.13 -51.36
N HIS AA 242 -56.33 56.18 -51.97
CA HIS AA 242 -55.51 57.17 -52.65
C HIS AA 242 -54.77 58.04 -51.63
N VAL AA 243 -53.66 58.62 -52.09
CA VAL AA 243 -52.81 59.46 -51.25
C VAL AA 243 -52.81 60.88 -51.82
N LEU AA 244 -52.95 61.86 -50.94
CA LEU AA 244 -52.98 63.25 -51.36
C LEU AA 244 -51.62 63.67 -51.90
N LEU AA 245 -51.61 64.23 -53.10
CA LEU AA 245 -50.36 64.70 -53.69
C LEU AA 245 -50.22 66.21 -53.46
N ALA AA 271 -63.63 65.65 -54.79
CA ALA AA 271 -62.63 65.31 -55.79
C ALA AA 271 -61.83 66.54 -56.23
N ARG AA 272 -61.92 67.60 -55.43
CA ARG AA 272 -61.18 68.82 -55.71
C ARG AA 272 -59.72 68.74 -55.27
N TYR AA 273 -59.33 67.69 -54.57
CA TYR AA 273 -57.94 67.48 -54.19
C TYR AA 273 -57.25 66.56 -55.18
N LEU AA 274 -55.94 66.74 -55.34
CA LEU AA 274 -55.18 65.94 -56.28
C LEU AA 274 -54.82 64.60 -55.62
N TRP AA 275 -55.64 63.59 -55.88
CA TRP AA 275 -55.44 62.26 -55.31
C TRP AA 275 -54.61 61.41 -56.25
N GLY AA 276 -53.58 60.76 -55.72
CA GLY AA 276 -52.69 59.93 -56.49
C GLY AA 276 -52.80 58.46 -56.12
N ASN AA 277 -52.19 57.64 -56.96
CA ASN AA 277 -52.11 56.20 -56.70
C ASN AA 277 -51.13 55.93 -55.57
N ALA AA 278 -51.56 55.16 -54.57
CA ALA AA 278 -50.68 54.83 -53.46
C ALA AA 278 -49.61 53.81 -53.86
N ALA AA 279 -49.74 53.20 -55.04
CA ALA AA 279 -48.69 52.32 -55.54
C ALA AA 279 -47.39 53.08 -55.73
N TRP AA 280 -47.46 54.37 -56.07
CA TRP AA 280 -46.25 55.18 -56.13
C TRP AA 280 -45.54 55.22 -54.78
N ALA AA 281 -46.32 55.44 -53.71
CA ALA AA 281 -45.73 55.50 -52.37
C ALA AA 281 -45.14 54.16 -51.95
N LEU AA 282 -45.83 53.06 -52.25
CA LEU AA 282 -45.27 51.75 -51.91
C LEU AA 282 -44.00 51.47 -52.72
N THR AA 283 -44.00 51.83 -54.00
CA THR AA 283 -42.81 51.68 -54.82
C THR AA 283 -41.65 52.48 -54.25
N GLN AA 284 -41.94 53.69 -53.76
CA GLN AA 284 -40.90 54.50 -53.14
C GLN AA 284 -40.35 53.84 -51.89
N ARG AA 285 -41.22 53.24 -51.08
CA ARG AA 285 -40.73 52.46 -49.93
C ARG AA 285 -39.78 51.37 -50.39
N ILE AA 286 -40.14 50.66 -51.47
CA ILE AA 286 -39.32 49.56 -51.96
C ILE AA 286 -37.96 50.07 -52.44
N THR AA 287 -37.96 51.16 -53.20
CA THR AA 287 -36.70 51.66 -53.74
C THR AA 287 -35.82 52.23 -52.64
N GLU AA 288 -36.41 52.88 -51.63
CA GLU AA 288 -35.62 53.33 -50.49
C GLU AA 288 -35.02 52.16 -49.74
N ALA AA 289 -35.79 51.09 -49.54
CA ALA AA 289 -35.26 49.90 -48.88
C ALA AA 289 -34.08 49.33 -49.66
N PHE AA 290 -34.21 49.23 -50.99
CA PHE AA 290 -33.11 48.72 -51.78
C PHE AA 290 -31.89 49.63 -51.68
N ALA AA 291 -32.10 50.94 -51.77
CA ALA AA 291 -30.98 51.88 -51.74
C ALA AA 291 -30.24 51.80 -50.42
N ARG AA 292 -30.96 51.68 -49.31
CA ARG AA 292 -30.32 51.66 -48.00
C ARG AA 292 -29.74 50.29 -47.63
N TYR AA 293 -30.37 49.21 -48.09
CA TYR AA 293 -30.04 47.88 -47.58
C TYR AA 293 -29.70 46.86 -48.65
N GLY AA 294 -29.98 47.13 -49.93
CA GLY AA 294 -29.73 46.16 -50.98
C GLY AA 294 -30.81 45.10 -51.14
N TRP AA 295 -31.83 45.13 -50.30
CA TRP AA 295 -32.95 44.20 -50.39
C TRP AA 295 -34.23 44.93 -50.03
N CYS AA 296 -35.37 44.37 -50.43
CA CYS AA 296 -36.64 45.08 -50.40
C CYS AA 296 -37.62 44.48 -49.37
N ALA AA 297 -37.12 43.83 -48.34
CA ALA AA 297 -38.02 43.26 -47.34
C ALA AA 297 -38.56 44.32 -46.38
N ALA AA 298 -37.74 45.31 -46.03
CA ALA AA 298 -38.09 46.27 -44.98
C ALA AA 298 -38.97 47.37 -45.58
N ILE AA 299 -40.22 47.02 -45.84
CA ILE AA 299 -41.13 47.95 -46.50
C ILE AA 299 -42.47 48.07 -45.78
N ARG AA 300 -42.50 47.78 -44.48
CA ARG AA 300 -43.78 47.84 -43.78
C ARG AA 300 -43.57 48.24 -42.32
N GLY AA 301 -44.57 48.88 -41.75
CA GLY AA 301 -44.57 49.22 -40.35
C GLY AA 301 -43.97 50.58 -40.05
N VAL AA 302 -44.19 51.03 -38.82
CA VAL AA 302 -43.67 52.32 -38.38
C VAL AA 302 -42.14 52.32 -38.41
N GLU AA 303 -41.54 51.25 -37.90
CA GLU AA 303 -40.09 51.15 -37.81
C GLU AA 303 -39.47 50.19 -38.82
N GLY AA 304 -40.28 49.40 -39.52
CA GLY AA 304 -39.78 48.43 -40.46
C GLY AA 304 -39.73 48.88 -41.90
N GLY AA 305 -39.89 50.17 -42.18
CA GLY AA 305 -39.77 50.69 -43.52
C GLY AA 305 -41.05 51.01 -44.24
N GLY AA 306 -42.19 50.98 -43.57
CA GLY AA 306 -43.47 51.30 -44.17
C GLY AA 306 -43.95 52.73 -44.01
N ALA AA 307 -43.14 53.63 -43.48
CA ALA AA 307 -43.60 54.98 -43.17
C ALA AA 307 -43.51 55.87 -44.40
N VAL AA 308 -44.63 56.48 -44.75
CA VAL AA 308 -44.72 57.47 -45.82
C VAL AA 308 -44.83 58.84 -45.14
N GLU AA 309 -43.74 59.60 -45.15
CA GLU AA 309 -43.63 60.82 -44.38
C GLU AA 309 -43.84 62.05 -45.24
N GLY AA 310 -44.04 63.19 -44.57
CA GLY AA 310 -44.14 64.47 -45.25
C GLY AA 310 -45.35 64.63 -46.14
N LEU AA 311 -46.48 64.03 -45.77
CA LEU AA 311 -47.69 64.17 -46.56
C LEU AA 311 -48.28 65.57 -46.40
N PRO AA 312 -49.06 66.02 -47.37
CA PRO AA 312 -49.74 67.32 -47.22
C PRO AA 312 -50.71 67.31 -46.06
N ALA AA 313 -50.58 68.29 -45.17
CA ALA AA 313 -51.45 68.42 -44.01
C ALA AA 313 -52.25 69.72 -44.15
N HIS AA 314 -53.46 69.62 -44.69
CA HIS AA 314 -54.29 70.79 -44.91
C HIS AA 314 -55.19 71.05 -43.70
N LYS AA 326 -57.93 67.15 -42.15
CA LYS AA 326 -58.26 66.35 -43.32
C LYS AA 326 -57.26 65.21 -43.53
N CYS AA 327 -57.76 63.99 -43.66
CA CYS AA 327 -56.89 62.84 -43.84
C CYS AA 327 -56.15 62.95 -45.17
N PRO AA 328 -54.82 62.87 -45.18
CA PRO AA 328 -54.09 62.83 -46.46
C PRO AA 328 -54.22 61.52 -47.21
N THR AA 329 -54.96 60.55 -46.69
CA THR AA 329 -55.15 59.24 -47.31
C THR AA 329 -56.62 58.92 -47.51
N GLU AA 330 -57.46 59.96 -47.65
CA GLU AA 330 -58.88 59.87 -47.99
C GLU AA 330 -59.79 59.34 -46.89
N VAL AA 331 -59.23 58.59 -45.94
CA VAL AA 331 -60.06 57.97 -44.92
C VAL AA 331 -59.18 57.39 -43.83
N ALA AA 332 -59.61 57.52 -42.58
CA ALA AA 332 -58.92 56.87 -41.48
C ALA AA 332 -59.24 55.38 -41.50
N ILE AA 333 -58.23 54.56 -41.25
CA ILE AA 333 -58.40 53.11 -41.23
C ILE AA 333 -57.99 52.62 -39.85
N THR AA 334 -58.97 52.12 -39.09
CA THR AA 334 -58.70 51.59 -37.77
C THR AA 334 -57.83 50.33 -37.87
N ASP AA 335 -57.27 49.92 -36.73
CA ASP AA 335 -56.49 48.69 -36.68
C ASP AA 335 -57.31 47.50 -37.14
N ARG AA 336 -58.55 47.38 -36.66
CA ARG AA 336 -59.40 46.26 -37.04
C ARG AA 336 -59.68 46.27 -38.54
N ARG AA 337 -59.94 47.45 -39.12
CA ARG AA 337 -60.22 47.53 -40.54
C ARG AA 337 -58.97 47.24 -41.37
N GLU AA 338 -57.80 47.69 -40.91
CA GLU AA 338 -56.57 47.34 -41.59
C GLU AA 338 -56.37 45.83 -41.60
N LYS AA 339 -56.64 45.17 -40.48
CA LYS AA 339 -56.50 43.72 -40.44
C LYS AA 339 -57.50 43.02 -41.36
N GLU AA 340 -58.74 43.51 -41.40
CA GLU AA 340 -59.71 42.97 -42.36
C GLU AA 340 -59.19 43.10 -43.79
N LEU AA 341 -58.73 44.28 -44.17
CA LEU AA 341 -58.24 44.50 -45.53
C LEU AA 341 -57.06 43.60 -45.84
N ASP AA 342 -56.15 43.44 -44.88
CA ASP AA 342 -55.03 42.53 -45.06
C ASP AA 342 -55.53 41.11 -45.33
N ALA AA 343 -56.55 40.67 -44.56
CA ALA AA 343 -57.09 39.33 -44.77
C ALA AA 343 -57.74 39.20 -46.15
N LEU AA 344 -58.23 40.29 -46.72
CA LEU AA 344 -58.90 40.24 -48.01
C LEU AA 344 -57.96 40.40 -49.19
N GLY AA 345 -56.65 40.53 -48.95
CA GLY AA 345 -55.69 40.58 -50.01
C GLY AA 345 -55.28 41.97 -50.46
N PHE AA 346 -55.26 42.95 -49.55
CA PHE AA 346 -54.94 44.32 -49.89
C PHE AA 346 -53.85 44.84 -48.96
N ILE AA 347 -53.13 45.85 -49.45
CA ILE AA 347 -52.14 46.58 -48.66
C ILE AA 347 -52.71 47.97 -48.42
N ALA AA 348 -53.06 48.27 -47.18
CA ALA AA 348 -53.72 49.53 -46.86
C ALA AA 348 -52.71 50.54 -46.32
N LEU AA 349 -52.88 51.79 -46.73
CA LEU AA 349 -52.09 52.91 -46.21
C LEU AA 349 -52.88 53.58 -45.09
N CYS AA 350 -52.31 53.62 -43.89
CA CYS AA 350 -53.02 54.04 -42.69
C CYS AA 350 -52.45 55.34 -42.15
N HIS AA 351 -53.26 56.40 -42.18
CA HIS AA 351 -52.83 57.70 -41.69
C HIS AA 351 -52.71 57.70 -40.17
N LYS AA 352 -51.59 58.20 -39.67
CA LYS AA 352 -51.45 58.43 -38.24
C LYS AA 352 -52.21 59.70 -37.88
N LYS AA 353 -53.16 59.58 -36.95
CA LYS AA 353 -54.02 60.69 -36.60
C LYS AA 353 -53.19 61.88 -36.10
N ASN AA 354 -53.59 63.08 -36.52
CA ASN AA 354 -52.96 64.32 -36.08
C ASN AA 354 -51.47 64.36 -36.47
N SER AA 355 -51.19 63.97 -37.70
CA SER AA 355 -49.81 63.92 -38.18
C SER AA 355 -49.81 64.04 -39.69
N ASP AA 356 -48.61 64.19 -40.25
CA ASP AA 356 -48.40 64.20 -41.69
C ASP AA 356 -47.77 62.89 -42.17
N LEU AA 357 -48.16 61.79 -41.55
CA LEU AA 357 -47.52 60.50 -41.78
C LEU AA 357 -48.57 59.41 -41.96
N ALA AA 358 -48.29 58.46 -42.83
CA ALA AA 358 -49.10 57.27 -43.01
C ALA AA 358 -48.16 56.08 -43.14
N VAL AA 359 -48.68 54.89 -42.84
CA VAL AA 359 -47.86 53.69 -42.75
C VAL AA 359 -48.55 52.54 -43.46
N PHE AA 360 -47.79 51.78 -44.25
CA PHE AA 360 -48.20 50.46 -44.74
C PHE AA 360 -47.91 49.47 -43.64
N PHE AA 361 -48.92 49.06 -42.87
CA PHE AA 361 -48.69 48.06 -41.83
C PHE AA 361 -48.55 46.67 -42.41
N GLY AA 362 -49.38 46.31 -43.38
CA GLY AA 362 -49.33 45.00 -44.00
C GLY AA 362 -48.60 45.02 -45.32
N SER AA 363 -48.23 43.84 -45.79
CA SER AA 363 -47.60 43.69 -47.09
C SER AA 363 -48.09 42.41 -47.78
N GLN AA 364 -49.40 42.18 -47.73
CA GLN AA 364 -50.00 40.97 -48.26
C GLN AA 364 -50.30 41.13 -49.75
N THR AA 365 -49.90 40.14 -50.55
CA THR AA 365 -50.27 40.12 -51.96
C THR AA 365 -51.76 39.75 -52.10
N THR AA 366 -52.24 39.70 -53.34
CA THR AA 366 -53.63 39.32 -53.54
C THR AA 366 -53.85 37.81 -53.38
N ASN AA 367 -52.79 37.02 -53.24
CA ASN AA 367 -52.94 35.58 -53.15
C ASN AA 367 -53.61 35.18 -51.84
N ARG AA 368 -54.58 34.28 -51.92
CA ARG AA 368 -55.17 33.71 -50.71
C ARG AA 368 -54.50 32.38 -50.43
N PRO AA 369 -53.72 32.26 -49.35
CA PRO AA 369 -53.00 31.00 -49.09
C PRO AA 369 -53.96 29.84 -48.90
N ARG AA 370 -53.57 28.68 -49.43
CA ARG AA 370 -54.31 27.45 -49.17
C ARG AA 370 -54.08 27.00 -47.73
N VAL AA 371 -55.06 26.29 -47.18
CA VAL AA 371 -55.03 25.82 -45.81
C VAL AA 371 -54.83 24.32 -45.81
N TYR AA 372 -53.87 23.85 -45.02
CA TYR AA 372 -53.46 22.46 -45.00
C TYR AA 372 -53.61 21.88 -43.60
N ASN AA 373 -53.28 20.59 -43.48
CA ASN AA 373 -53.37 19.87 -42.21
C ASN AA 373 -52.04 19.80 -41.47
N THR AA 374 -50.99 20.45 -41.96
CA THR AA 374 -49.71 20.47 -41.25
C THR AA 374 -49.28 21.91 -41.03
N ASN AA 375 -48.61 22.13 -39.90
CA ASN AA 375 -48.13 23.48 -39.57
C ASN AA 375 -47.14 23.98 -40.60
N GLU AA 376 -46.23 23.12 -41.06
CA GLU AA 376 -45.22 23.52 -42.02
C GLU AA 376 -45.86 24.00 -43.33
N ALA AA 377 -46.82 23.23 -43.85
CA ALA AA 377 -47.45 23.62 -45.10
C ALA AA 377 -48.20 24.93 -44.95
N ASN AA 378 -48.92 25.11 -43.83
CA ASN AA 378 -49.65 26.35 -43.61
C ASN AA 378 -48.69 27.53 -43.54
N ALA AA 379 -47.60 27.38 -42.79
CA ALA AA 379 -46.63 28.46 -42.67
C ALA AA 379 -46.04 28.81 -44.04
N ASN AA 380 -45.66 27.80 -44.82
CA ASN AA 380 -45.07 28.05 -46.12
C ASN AA 380 -46.07 28.71 -47.07
N ALA AA 381 -47.33 28.28 -47.04
CA ALA AA 381 -48.35 28.90 -47.87
C ALA AA 381 -48.55 30.36 -47.49
N ARG AA 382 -48.53 30.66 -46.19
CA ARG AA 382 -48.79 32.03 -45.76
C ARG AA 382 -47.66 32.98 -46.18
N ILE AA 383 -46.41 32.60 -45.94
CA ILE AA 383 -45.30 33.49 -46.27
C ILE AA 383 -45.11 33.62 -47.77
N SER AA 384 -45.53 32.63 -48.55
CA SER AA 384 -45.46 32.72 -50.01
C SER AA 384 -46.53 33.66 -50.58
N ALA AA 385 -47.37 34.24 -49.73
CA ALA AA 385 -48.34 35.25 -50.15
C ALA AA 385 -47.96 36.64 -49.65
N MET AA 386 -46.75 36.82 -49.11
CA MET AA 386 -46.32 38.08 -48.55
C MET AA 386 -45.37 38.79 -49.51
N LEU AA 387 -45.68 40.04 -49.83
CA LEU AA 387 -44.89 40.80 -50.81
C LEU AA 387 -43.40 40.86 -50.48
N PRO AA 388 -42.96 41.15 -49.26
CA PRO AA 388 -41.50 41.21 -49.01
C PRO AA 388 -40.78 39.91 -49.36
N TYR AA 389 -41.34 38.78 -48.91
CA TYR AA 389 -40.68 37.50 -49.14
C TYR AA 389 -40.76 37.10 -50.62
N VAL AA 390 -41.88 37.41 -51.28
CA VAL AA 390 -41.99 37.14 -52.71
C VAL AA 390 -40.97 37.95 -53.50
N LEU AA 391 -40.77 39.21 -53.10
CA LEU AA 391 -39.75 40.04 -53.76
C LEU AA 391 -38.36 39.44 -53.58
N ALA AA 392 -38.03 38.99 -52.37
CA ALA AA 392 -36.74 38.38 -52.14
C ALA AA 392 -36.55 37.11 -52.97
N ALA AA 393 -37.58 36.26 -53.01
CA ALA AA 393 -37.50 35.03 -53.80
C ALA AA 393 -37.33 35.35 -55.29
N SER AA 394 -38.02 36.37 -55.77
CA SER AA 394 -37.88 36.79 -57.16
C SER AA 394 -36.47 37.27 -57.46
N ARG AA 395 -35.88 38.06 -56.55
CA ARG AA 395 -34.50 38.48 -56.74
C ARG AA 395 -33.57 37.29 -56.84
N PHE AA 396 -33.78 36.29 -55.98
CA PHE AA 396 -32.92 35.10 -56.07
C PHE AA 396 -33.15 34.36 -57.39
N ALA AA 397 -34.38 34.36 -57.91
CA ALA AA 397 -34.60 33.77 -59.23
C ALA AA 397 -33.79 34.49 -60.30
N HIS AA 398 -33.77 35.82 -60.25
CA HIS AA 398 -33.00 36.58 -61.24
C HIS AA 398 -31.51 36.26 -61.14
N TYR AA 399 -30.98 36.23 -59.93
CA TYR AA 399 -29.57 35.93 -59.73
C TYR AA 399 -29.24 34.52 -60.22
N LEU AA 400 -30.11 33.55 -59.90
CA LEU AA 400 -29.87 32.18 -60.33
C LEU AA 400 -29.86 32.08 -61.84
N LYS AA 401 -30.82 32.73 -62.51
CA LYS AA 401 -30.83 32.76 -63.97
C LYS AA 401 -29.50 33.26 -64.51
N VAL AA 402 -29.03 34.41 -64.00
CA VAL AA 402 -27.83 35.02 -64.58
C VAL AA 402 -26.59 34.17 -64.32
N ILE AA 403 -26.38 33.72 -63.08
CA ILE AA 403 -25.15 33.01 -62.78
C ILE AA 403 -25.13 31.63 -63.43
N MET AA 404 -26.27 30.92 -63.43
CA MET AA 404 -26.29 29.62 -64.07
C MET AA 404 -26.18 29.74 -65.59
N ARG AA 405 -26.72 30.79 -66.19
CA ARG AA 405 -26.45 31.02 -67.61
C ARG AA 405 -24.96 31.19 -67.85
N ASP AA 406 -24.26 31.86 -66.92
CA ASP AA 406 -22.81 31.95 -67.04
C ASP AA 406 -22.14 30.59 -66.91
N LYS AA 407 -22.75 29.64 -66.20
CA LYS AA 407 -22.10 28.35 -66.01
C LYS AA 407 -22.44 27.31 -67.08
N VAL AA 408 -23.37 27.58 -67.99
CA VAL AA 408 -23.68 26.62 -69.04
C VAL AA 408 -22.45 26.40 -69.91
N GLY AA 409 -22.15 25.13 -70.18
CA GLY AA 409 -21.01 24.76 -70.99
C GLY AA 409 -19.75 24.43 -70.21
N SER AA 410 -19.65 24.86 -68.95
CA SER AA 410 -18.52 24.48 -68.11
C SER AA 410 -18.65 23.03 -67.65
N PHE AA 411 -17.50 22.41 -67.35
CA PHE AA 411 -17.47 21.04 -66.84
C PHE AA 411 -18.00 21.03 -65.41
N MET AA 412 -19.20 20.50 -65.21
CA MET AA 412 -19.85 20.53 -63.90
C MET AA 412 -20.59 19.23 -63.65
N THR AA 413 -20.25 18.57 -62.56
CA THR AA 413 -21.04 17.45 -62.07
C THR AA 413 -22.22 17.98 -61.26
N ARG AA 414 -23.10 17.08 -60.82
CA ARG AA 414 -24.19 17.46 -59.92
C ARG AA 414 -23.62 18.05 -58.63
N ASP AA 415 -22.58 17.42 -58.09
CA ASP AA 415 -21.97 17.92 -56.86
C ASP AA 415 -21.33 19.29 -57.08
N ASN AA 416 -20.70 19.51 -58.23
CA ASN AA 416 -20.12 20.82 -58.51
C ASN AA 416 -21.19 21.91 -58.50
N VAL AA 417 -22.33 21.63 -59.14
CA VAL AA 417 -23.43 22.60 -59.16
C VAL AA 417 -23.92 22.88 -57.74
N GLN AA 418 -24.13 21.82 -56.96
CA GLN AA 418 -24.63 21.99 -55.61
C GLN AA 418 -23.66 22.81 -54.76
N THR AA 419 -22.37 22.49 -54.83
CA THR AA 419 -21.37 23.21 -54.05
C THR AA 419 -21.33 24.68 -54.47
N TYR AA 420 -21.33 24.95 -55.77
CA TYR AA 420 -21.29 26.32 -56.25
C TYR AA 420 -22.48 27.12 -55.75
N LEU AA 421 -23.70 26.56 -55.89
CA LEU AA 421 -24.89 27.30 -55.51
C LEU AA 421 -24.97 27.53 -54.01
N ASN AA 422 -24.60 26.52 -53.21
CA ASN AA 422 -24.63 26.71 -51.77
C ASN AA 422 -23.55 27.70 -51.32
N ASN AA 423 -22.39 27.69 -51.98
CA ASN AA 423 -21.36 28.67 -51.69
C ASN AA 423 -21.82 30.07 -52.03
N TRP AA 424 -22.48 30.23 -53.17
CA TRP AA 424 -22.88 31.56 -53.62
C TRP AA 424 -23.93 32.17 -52.71
N ILE AA 425 -24.92 31.37 -52.29
CA ILE AA 425 -26.03 31.90 -51.50
C ILE AA 425 -25.66 32.16 -50.04
N ALA AA 426 -24.54 31.61 -49.57
CA ALA AA 426 -24.18 31.75 -48.16
C ALA AA 426 -23.96 33.20 -47.75
N ASP AA 427 -23.57 34.06 -48.70
CA ASP AA 427 -23.28 35.45 -48.38
C ASP AA 427 -24.51 36.25 -47.99
N TYR AA 428 -25.71 35.74 -48.27
CA TYR AA 428 -26.94 36.48 -48.00
C TYR AA 428 -27.65 36.00 -46.74
N VAL AA 429 -27.00 35.17 -45.94
CA VAL AA 429 -27.61 34.53 -44.79
C VAL AA 429 -27.06 35.17 -43.52
N LEU AA 430 -27.96 35.55 -42.62
CA LEU AA 430 -27.59 36.12 -41.32
C LEU AA 430 -28.21 35.26 -40.22
N ILE AA 431 -27.35 34.68 -39.39
CA ILE AA 431 -27.81 33.74 -38.36
C ILE AA 431 -28.28 34.48 -37.10
N ASN AA 432 -27.75 35.67 -36.85
CA ASN AA 432 -27.97 36.35 -35.58
C ASN AA 432 -29.36 36.96 -35.52
N ASP AA 433 -30.26 36.33 -34.77
CA ASP AA 433 -31.61 36.85 -34.60
C ASP AA 433 -31.68 37.99 -33.61
N ASN AA 434 -30.60 38.32 -32.93
CA ASN AA 434 -30.54 39.49 -32.06
C ASN AA 434 -29.99 40.72 -32.75
N ALA AA 435 -29.68 40.63 -34.04
CA ALA AA 435 -29.24 41.80 -34.78
C ALA AA 435 -30.35 42.85 -34.83
N PRO AA 436 -30.00 44.14 -34.87
CA PRO AA 436 -31.02 45.18 -34.95
C PRO AA 436 -31.75 45.15 -36.28
N GLN AA 437 -32.82 45.93 -36.34
CA GLN AA 437 -33.67 45.97 -37.53
C GLN AA 437 -32.86 46.34 -38.77
N GLU AA 438 -31.97 47.34 -38.65
CA GLU AA 438 -31.23 47.81 -39.81
C GLU AA 438 -30.26 46.77 -40.35
N ILE AA 439 -29.76 45.89 -39.48
CA ILE AA 439 -28.88 44.82 -39.94
C ILE AA 439 -29.69 43.71 -40.62
N LYS AA 440 -30.78 43.28 -39.97
CA LYS AA 440 -31.62 42.24 -40.56
C LYS AA 440 -32.18 42.66 -41.92
N ALA AA 441 -32.41 43.96 -42.10
CA ALA AA 441 -32.89 44.45 -43.39
C ALA AA 441 -31.89 44.17 -44.52
N GLN AA 442 -30.61 44.05 -44.21
CA GLN AA 442 -29.57 43.86 -45.22
C GLN AA 442 -29.37 42.41 -45.62
N TYR AA 443 -29.97 41.46 -44.92
CA TYR AA 443 -29.78 40.04 -45.20
C TYR AA 443 -31.14 39.38 -45.42
N PRO AA 444 -31.46 38.96 -46.63
CA PRO AA 444 -32.81 38.41 -46.88
C PRO AA 444 -33.04 37.06 -46.25
N LEU AA 445 -32.00 36.34 -45.81
CA LEU AA 445 -32.16 34.96 -45.40
C LEU AA 445 -31.67 34.74 -43.97
N ARG AA 446 -32.41 33.94 -43.23
CA ARG AA 446 -31.91 33.36 -41.99
C ARG AA 446 -31.35 31.97 -42.19
N GLU AA 447 -31.77 31.28 -43.24
CA GLU AA 447 -31.28 29.95 -43.58
C GLU AA 447 -31.52 29.72 -45.07
N ALA AA 448 -30.66 28.90 -45.67
CA ALA AA 448 -30.85 28.54 -47.07
C ALA AA 448 -30.15 27.22 -47.34
N ARG AA 449 -30.66 26.48 -48.32
CA ARG AA 449 -30.00 25.27 -48.78
C ARG AA 449 -30.46 24.97 -50.19
N VAL AA 450 -29.51 24.53 -51.02
CA VAL AA 450 -29.78 24.12 -52.39
C VAL AA 450 -29.51 22.63 -52.51
N ASP AA 451 -30.49 21.89 -53.00
CA ASP AA 451 -30.37 20.47 -53.28
C ASP AA 451 -30.41 20.27 -54.79
N VAL AA 452 -29.42 19.55 -55.32
CA VAL AA 452 -29.30 19.34 -56.76
C VAL AA 452 -29.34 17.84 -57.05
N SER AA 453 -30.07 17.46 -58.09
CA SER AA 453 -30.21 16.07 -58.48
C SER AA 453 -29.95 15.92 -59.97
N GLU AA 454 -29.51 14.74 -60.37
CA GLU AA 454 -29.29 14.43 -61.77
C GLU AA 454 -30.59 14.00 -62.44
N VAL AA 455 -30.64 14.16 -63.76
CA VAL AA 455 -31.75 13.67 -64.57
C VAL AA 455 -31.27 12.45 -65.32
N VAL AA 456 -31.92 11.31 -65.08
CA VAL AA 456 -31.44 10.06 -65.63
C VAL AA 456 -31.47 10.11 -67.15
N GLY AA 457 -30.40 9.60 -67.77
CA GLY AA 457 -30.31 9.53 -69.21
C GLY AA 457 -29.90 10.80 -69.90
N LYS AA 458 -29.64 11.89 -69.16
CA LYS AA 458 -29.30 13.18 -69.74
C LYS AA 458 -28.06 13.74 -69.05
N PRO AA 459 -26.87 13.41 -69.54
CA PRO AA 459 -25.65 13.98 -68.94
C PRO AA 459 -25.66 15.51 -69.01
N GLY AA 460 -25.21 16.13 -67.92
CA GLY AA 460 -25.17 17.58 -67.84
C GLY AA 460 -26.50 18.26 -67.64
N VAL AA 461 -27.58 17.52 -67.35
CA VAL AA 461 -28.89 18.08 -67.09
C VAL AA 461 -29.25 17.84 -65.63
N TYR AA 462 -29.63 18.90 -64.92
CA TYR AA 462 -29.83 18.81 -63.48
C TYR AA 462 -31.12 19.51 -63.06
N ARG AA 463 -31.61 19.13 -61.89
CA ARG AA 463 -32.73 19.78 -61.24
C ARG AA 463 -32.30 20.22 -59.85
N ALA AA 464 -32.76 21.39 -59.43
CA ALA AA 464 -32.41 21.93 -58.13
C ALA AA 464 -33.65 22.40 -57.39
N THR AA 465 -33.58 22.34 -56.07
CA THR AA 465 -34.55 22.98 -55.20
C THR AA 465 -33.83 23.95 -54.30
N VAL AA 466 -34.28 25.20 -54.28
CA VAL AA 466 -33.68 26.25 -53.48
C VAL AA 466 -34.63 26.56 -52.34
N PHE AA 467 -34.23 26.21 -51.12
CA PHE AA 467 -35.01 26.49 -49.92
C PHE AA 467 -34.52 27.79 -49.30
N LEU AA 468 -35.42 28.76 -49.14
CA LEU AA 468 -35.10 30.08 -48.61
C LEU AA 468 -35.91 30.31 -47.34
N ARG AA 469 -35.22 30.50 -46.22
CA ARG AA 469 -35.90 30.83 -44.97
C ARG AA 469 -35.62 32.28 -44.62
N PRO AA 470 -36.57 33.19 -44.80
CA PRO AA 470 -36.30 34.60 -44.54
C PRO AA 470 -36.35 34.92 -43.06
N HIS AA 471 -35.98 36.15 -42.73
CA HIS AA 471 -36.27 36.71 -41.42
C HIS AA 471 -37.71 37.17 -41.41
N PHE AA 472 -38.49 36.71 -40.42
CA PHE AA 472 -39.92 36.96 -40.42
C PHE AA 472 -40.27 38.24 -39.68
N GLN AA 473 -41.26 38.94 -40.19
CA GLN AA 473 -41.71 40.21 -39.63
C GLN AA 473 -42.93 40.00 -38.75
N LEU AA 474 -43.02 40.80 -37.69
CA LEU AA 474 -44.12 40.67 -36.74
C LEU AA 474 -45.45 40.98 -37.42
N GLU AA 475 -46.41 40.07 -37.24
CA GLU AA 475 -47.73 40.19 -37.84
C GLU AA 475 -48.83 40.47 -36.84
N GLU AA 476 -48.89 39.71 -35.74
CA GLU AA 476 -49.97 39.80 -34.79
C GLU AA 476 -49.45 39.50 -33.38
N LEU AA 477 -50.12 40.06 -32.39
CA LEU AA 477 -49.83 39.76 -30.99
C LEU AA 477 -51.14 39.75 -30.21
N THR AA 478 -51.42 38.64 -29.55
CA THR AA 478 -52.56 38.53 -28.64
C THR AA 478 -52.01 38.47 -27.22
N ALA AA 479 -52.37 39.44 -26.40
CA ALA AA 479 -51.81 39.56 -25.06
C ALA AA 479 -52.91 39.48 -24.01
N SER AA 480 -52.59 38.84 -22.89
CA SER AA 480 -53.47 38.76 -21.73
C SER AA 480 -52.77 39.41 -20.55
N ILE AA 481 -53.39 40.44 -19.99
CA ILE AA 481 -52.84 41.14 -18.84
C ILE AA 481 -53.51 40.59 -17.59
N ARG AA 482 -52.71 40.27 -16.57
CA ARG AA 482 -53.19 39.63 -15.36
C ARG AA 482 -52.52 40.25 -14.14
N LEU AA 483 -53.31 40.83 -13.26
CA LEU AA 483 -52.82 41.26 -11.95
C LEU AA 483 -52.66 40.05 -11.05
N VAL AA 484 -51.52 39.94 -10.40
CA VAL AA 484 -51.24 38.80 -9.53
C VAL AA 484 -50.62 39.27 -8.22
N ALA AA 485 -50.95 38.58 -7.13
CA ALA AA 485 -50.25 38.82 -5.87
C ALA AA 485 -48.87 38.19 -5.86
N THR AA 486 -48.68 37.08 -6.58
CA THR AA 486 -47.38 36.46 -6.75
C THR AA 486 -47.21 36.04 -8.20
N LEU AA 487 -46.00 36.20 -8.72
CA LEU AA 487 -45.72 35.80 -10.10
C LEU AA 487 -45.74 34.29 -10.22
N PRO AA 488 -46.59 33.71 -11.06
CA PRO AA 488 -46.53 32.26 -11.30
C PRO AA 488 -45.32 31.91 -12.13
N PRO AA 489 -44.87 30.66 -12.08
CA PRO AA 489 -43.77 30.24 -12.96
C PRO AA 489 -44.21 30.27 -14.41
N PRO AA 490 -43.29 30.49 -15.35
CA PRO AA 490 -43.64 30.56 -16.78
C PRO AA 490 -44.11 29.22 -17.34
N GLU BA 3 -6.93 36.58 -71.68
CA GLU BA 3 -5.62 36.14 -71.21
C GLU BA 3 -4.59 37.27 -71.24
N SER BA 4 -3.85 37.42 -70.15
CA SER BA 4 -2.78 38.40 -70.12
C SER BA 4 -1.68 38.03 -71.11
N THR BA 5 -1.05 39.04 -71.68
CA THR BA 5 0.07 38.80 -72.59
C THR BA 5 1.22 38.12 -71.87
N GLN BA 6 1.33 38.30 -70.55
CA GLN BA 6 2.35 37.59 -69.79
C GLN BA 6 2.18 36.09 -69.91
N HIS BA 7 0.94 35.61 -69.84
CA HIS BA 7 0.67 34.18 -69.93
C HIS BA 7 0.79 33.65 -71.36
N LYS BA 8 0.61 34.50 -72.37
CA LYS BA 8 0.90 34.07 -73.74
C LYS BA 8 2.37 33.71 -73.88
N LEU BA 9 3.25 34.44 -73.21
CA LEU BA 9 4.68 34.15 -73.23
C LEU BA 9 5.02 32.87 -72.48
N ASP BA 10 4.09 32.31 -71.69
CA ASP BA 10 4.29 30.97 -71.16
C ASP BA 10 4.43 29.94 -72.29
N ARG BA 11 3.78 30.19 -73.41
CA ARG BA 11 3.65 29.20 -74.49
C ARG BA 11 4.44 29.54 -75.73
N ILE BA 12 4.55 30.81 -76.10
CA ILE BA 12 5.14 31.21 -77.37
C ILE BA 12 6.59 31.60 -77.12
N ARG BA 13 7.50 30.71 -77.48
CA ARG BA 13 8.94 30.91 -77.32
C ARG BA 13 9.29 31.47 -75.95
N PRO BA 14 8.98 30.74 -74.87
CA PRO BA 14 9.15 31.29 -73.53
C PRO BA 14 10.62 31.42 -73.18
N PRO BA 15 10.97 32.36 -72.30
CA PRO BA 15 12.34 32.42 -71.78
C PRO BA 15 12.55 31.38 -70.69
N ARG BA 16 13.82 31.21 -70.30
CA ARG BA 16 14.13 30.34 -69.17
C ARG BA 16 13.49 30.86 -67.89
N VAL BA 17 13.56 32.17 -67.66
CA VAL BA 17 13.01 32.79 -66.48
C VAL BA 17 11.76 33.55 -66.93
N GLN BA 18 10.60 32.97 -66.67
CA GLN BA 18 9.33 33.49 -67.13
C GLN BA 18 8.51 33.96 -65.93
N ILE BA 19 8.15 35.24 -65.91
CA ILE BA 19 7.54 35.88 -64.75
C ILE BA 19 6.22 36.51 -65.16
N THR BA 20 5.19 36.27 -64.36
CA THR BA 20 3.87 36.86 -64.58
C THR BA 20 3.34 37.45 -63.28
N TYR BA 21 2.40 38.38 -63.41
CA TYR BA 21 1.68 38.89 -62.25
C TYR BA 21 0.30 38.23 -62.19
N ASP BA 22 -0.12 37.87 -60.98
CA ASP BA 22 -1.42 37.25 -60.80
C ASP BA 22 -2.10 37.76 -59.53
N VAL BA 23 -3.42 37.81 -59.56
CA VAL BA 23 -4.22 38.15 -58.39
C VAL BA 23 -4.46 36.87 -57.59
N GLU BA 24 -4.07 36.89 -56.33
CA GLU BA 24 -4.26 35.74 -55.45
C GLU BA 24 -5.71 35.72 -54.99
N THR BA 25 -6.51 34.83 -55.56
CA THR BA 25 -7.93 34.75 -55.20
C THR BA 25 -8.29 33.47 -54.44
N GLY BA 26 -7.38 32.52 -54.31
CA GLY BA 26 -7.69 31.29 -53.58
C GLY BA 26 -8.84 30.55 -54.22
N ASN BA 27 -9.79 30.12 -53.40
CA ASN BA 27 -10.98 29.42 -53.86
C ASN BA 27 -12.19 30.34 -54.01
N ALA BA 28 -11.98 31.65 -54.02
CA ALA BA 28 -13.09 32.59 -54.09
C ALA BA 28 -13.79 32.52 -55.44
N ILE BA 29 -15.10 32.83 -55.43
CA ILE BA 29 -15.90 32.92 -56.64
C ILE BA 29 -16.29 34.37 -56.86
N GLU BA 30 -16.43 34.75 -58.11
CA GLU BA 30 -16.84 36.10 -58.47
C GLU BA 30 -18.30 36.32 -58.08
N LYS BA 31 -18.60 37.52 -57.61
CA LYS BA 31 -19.94 37.88 -57.17
C LYS BA 31 -20.46 39.01 -58.06
N LYS BA 32 -21.08 38.66 -59.18
CA LYS BA 32 -21.69 39.66 -60.04
C LYS BA 32 -22.97 40.18 -59.39
N GLU BA 33 -23.16 41.50 -59.46
CA GLU BA 33 -24.30 42.16 -58.85
C GLU BA 33 -25.30 42.57 -59.91
N LEU BA 34 -26.58 42.43 -59.60
CA LEU BA 34 -27.62 42.91 -60.49
C LEU BA 34 -28.23 44.18 -59.94
N PRO BA 35 -28.52 45.16 -60.79
CA PRO BA 35 -29.24 46.35 -60.33
C PRO BA 35 -30.69 46.01 -60.02
N LEU BA 36 -31.31 46.83 -59.18
CA LEU BA 36 -32.76 46.81 -59.06
C LEU BA 36 -33.33 47.55 -60.25
N VAL BA 37 -34.24 46.91 -60.98
CA VAL BA 37 -34.89 47.51 -62.13
C VAL BA 37 -36.39 47.53 -61.87
N VAL BA 38 -36.95 48.72 -61.83
CA VAL BA 38 -38.38 48.91 -61.63
C VAL BA 38 -39.02 49.24 -62.97
N GLY BA 39 -39.93 48.39 -63.42
CA GLY BA 39 -40.71 48.68 -64.61
C GLY BA 39 -41.99 49.42 -64.28
N ILE BA 40 -42.17 50.59 -64.87
CA ILE BA 40 -43.33 51.43 -64.59
C ILE BA 40 -44.26 51.39 -65.79
N LEU BA 41 -45.53 51.11 -65.54
CA LEU BA 41 -46.54 51.08 -66.59
C LEU BA 41 -47.57 52.17 -66.27
N ALA BA 42 -47.62 53.21 -67.09
CA ALA BA 42 -48.49 54.35 -66.79
C ALA BA 42 -49.02 54.94 -68.09
N ASP BA 43 -50.25 55.42 -68.02
CA ASP BA 43 -50.93 56.08 -69.13
C ASP BA 43 -50.61 57.57 -69.06
N LEU BA 44 -49.54 57.96 -69.72
CA LEU BA 44 -49.04 59.33 -69.59
C LEU BA 44 -49.39 60.19 -70.80
N MET BA 56 -46.01 46.88 -79.45
CA MET BA 56 -44.80 46.23 -79.94
C MET BA 56 -43.71 47.24 -80.26
N GLU BA 57 -44.13 48.42 -80.72
CA GLU BA 57 -43.20 49.43 -81.17
C GLU BA 57 -42.64 50.28 -80.02
N ARG BA 58 -43.34 50.35 -78.90
CA ARG BA 58 -42.88 51.15 -77.78
C ARG BA 58 -41.84 50.37 -76.97
N ARG BA 59 -41.27 51.03 -75.96
CA ARG BA 59 -40.22 50.41 -75.19
C ARG BA 59 -40.19 51.00 -73.79
N PHE BA 60 -39.48 50.31 -72.90
CA PHE BA 60 -39.24 50.78 -71.55
C PHE BA 60 -38.06 51.73 -71.58
N VAL BA 61 -38.34 53.04 -71.50
CA VAL BA 61 -37.29 54.05 -71.59
C VAL BA 61 -36.80 54.37 -70.18
N GLU BA 62 -35.49 54.37 -70.00
CA GLU BA 62 -34.89 54.65 -68.70
C GLU BA 62 -35.17 56.10 -68.31
N ILE BA 63 -35.63 56.31 -67.08
CA ILE BA 63 -36.02 57.62 -66.61
C ILE BA 63 -35.33 57.89 -65.28
N ASN BA 64 -34.91 59.13 -65.07
CA ASN BA 64 -34.20 59.51 -63.86
C ASN BA 64 -34.38 61.01 -63.66
N ARG BA 65 -33.81 61.52 -62.56
CA ARG BA 65 -33.97 62.93 -62.25
C ARG BA 65 -33.34 63.83 -63.31
N ASP BA 66 -32.33 63.33 -64.03
CA ASP BA 66 -31.64 64.14 -65.02
C ASP BA 66 -32.48 64.33 -66.28
N ASN BA 67 -33.08 63.26 -66.80
CA ASN BA 67 -33.74 63.31 -68.10
C ASN BA 67 -35.26 63.36 -67.99
N PHE BA 68 -35.79 63.63 -66.80
CA PHE BA 68 -37.24 63.54 -66.58
C PHE BA 68 -38.01 64.46 -67.52
N ASN BA 69 -37.57 65.70 -67.65
CA ASN BA 69 -38.29 66.66 -68.49
C ASN BA 69 -38.15 66.31 -69.97
N ASP BA 70 -37.02 65.73 -70.38
CA ASP BA 70 -36.89 65.27 -71.75
C ASP BA 70 -37.89 64.16 -72.06
N VAL BA 71 -38.09 63.23 -71.13
CA VAL BA 71 -39.07 62.17 -71.32
C VAL BA 71 -40.48 62.75 -71.33
N LEU BA 72 -40.75 63.72 -70.46
CA LEU BA 72 -42.04 64.40 -70.48
C LEU BA 72 -42.29 65.07 -71.84
N ALA BA 73 -41.26 65.72 -72.38
CA ALA BA 73 -41.40 66.38 -73.68
C ALA BA 73 -41.63 65.36 -74.78
N SER BA 74 -40.88 64.26 -74.77
CA SER BA 74 -41.03 63.25 -75.81
C SER BA 74 -42.40 62.60 -75.76
N ILE BA 75 -42.94 62.39 -74.56
CA ILE BA 75 -44.32 61.94 -74.45
C ILE BA 75 -45.27 63.03 -74.88
N ALA BA 76 -45.00 64.27 -74.47
CA ALA BA 76 -45.75 65.46 -74.85
C ALA BA 76 -47.23 65.32 -74.49
N PRO BA 77 -47.59 65.27 -73.20
CA PRO BA 77 -49.00 65.17 -72.82
C PRO BA 77 -49.78 66.44 -73.14
N GLN CA 90 -37.54 100.52 -43.05
CA GLN CA 90 -37.26 99.92 -41.75
C GLN CA 90 -36.64 98.54 -41.92
N LYS CA 91 -37.28 97.69 -42.73
CA LYS CA 91 -36.81 96.31 -42.89
C LYS CA 91 -35.43 96.26 -43.54
N LEU CA 92 -35.20 97.10 -44.55
CA LEU CA 92 -33.88 97.13 -45.17
C LEU CA 92 -32.86 97.78 -44.24
N GLU CA 93 -33.23 98.87 -43.59
CA GLU CA 93 -32.31 99.55 -42.67
C GLU CA 93 -31.92 98.63 -41.52
N ALA CA 94 -32.89 97.89 -40.97
CA ALA CA 94 -32.59 96.98 -39.86
C ALA CA 94 -31.61 95.90 -40.27
N SER CA 95 -31.77 95.36 -41.48
CA SER CA 95 -30.83 94.34 -41.97
C SER CA 95 -29.43 94.92 -42.13
N TRP CA 96 -29.32 96.11 -42.71
CA TRP CA 96 -28.00 96.70 -42.89
C TRP CA 96 -27.41 97.15 -41.56
N ARG CA 97 -28.22 97.74 -40.69
CA ARG CA 97 -27.72 98.16 -39.38
C ARG CA 97 -27.34 96.96 -38.52
N GLY CA 98 -28.14 95.89 -38.55
CA GLY CA 98 -27.76 94.68 -37.84
C GLY CA 98 -26.48 94.10 -38.36
N LEU CA 99 -26.31 94.06 -39.68
CA LEU CA 99 -25.07 93.57 -40.26
C LEU CA 99 -23.89 94.47 -39.88
N HIS CA 100 -24.08 95.79 -39.93
CA HIS CA 100 -23.00 96.71 -39.63
C HIS CA 100 -22.51 96.54 -38.19
N MET CA 101 -23.45 96.38 -37.26
CA MET CA 101 -23.07 96.20 -35.85
C MET CA 101 -22.29 94.91 -35.66
N LEU CA 102 -22.70 93.83 -36.33
CA LEU CA 102 -21.96 92.58 -36.24
C LEU CA 102 -20.56 92.74 -36.81
N VAL CA 103 -20.44 93.37 -37.97
CA VAL CA 103 -19.14 93.56 -38.59
C VAL CA 103 -18.24 94.44 -37.73
N LYS CA 104 -18.79 95.55 -37.23
CA LYS CA 104 -18.00 96.49 -36.45
C LYS CA 104 -17.55 95.89 -35.12
N ASN CA 105 -18.33 95.00 -34.54
CA ASN CA 105 -18.04 94.43 -33.23
C ASN CA 105 -17.37 93.07 -33.29
N THR CA 106 -16.96 92.62 -34.48
CA THR CA 106 -16.29 91.33 -34.63
C THR CA 106 -14.83 91.58 -34.97
N GLU CA 107 -13.94 90.89 -34.25
CA GLU CA 107 -12.50 91.00 -34.48
C GLU CA 107 -12.11 90.12 -35.68
N THR CA 108 -12.49 90.59 -36.86
CA THR CA 108 -12.12 89.91 -38.09
C THR CA 108 -10.62 89.98 -38.31
N GLY CA 109 -10.08 88.93 -38.92
CA GLY CA 109 -8.65 88.88 -39.18
C GLY CA 109 -8.24 87.53 -39.72
N ALA CA 110 -7.00 87.14 -39.40
CA ALA CA 110 -6.47 85.88 -39.90
C ALA CA 110 -7.31 84.70 -39.42
N ARG CA 111 -7.77 84.74 -38.16
CA ARG CA 111 -8.49 83.63 -37.56
C ARG CA 111 -10.01 83.75 -37.64
N LEU CA 112 -10.54 84.87 -38.12
CA LEU CA 112 -11.98 85.09 -38.09
C LEU CA 112 -12.42 85.83 -39.35
N LYS CA 113 -13.30 85.20 -40.12
CA LYS CA 113 -13.79 85.77 -41.37
C LYS CA 113 -15.31 85.80 -41.38
N LEU CA 114 -15.88 86.85 -41.94
CA LEU CA 114 -17.29 86.95 -42.22
C LEU CA 114 -17.49 86.97 -43.73
N ARG CA 115 -18.39 86.15 -44.22
CA ARG CA 115 -18.68 86.04 -45.65
C ARG CA 115 -20.17 86.22 -45.86
N LEU CA 116 -20.54 87.05 -46.83
CA LEU CA 116 -21.91 87.51 -47.00
C LEU CA 116 -22.47 87.07 -48.34
N LEU CA 117 -23.64 86.43 -48.30
CA LEU CA 117 -24.38 86.07 -49.50
C LEU CA 117 -25.68 86.86 -49.52
N ASN CA 118 -25.85 87.69 -50.54
CA ASN CA 118 -27.03 88.54 -50.66
C ASN CA 118 -28.11 87.76 -51.41
N VAL CA 119 -29.18 87.38 -50.70
CA VAL CA 119 -30.20 86.50 -51.27
C VAL CA 119 -31.47 86.68 -50.45
N THR CA 120 -32.61 86.67 -51.15
CA THR CA 120 -33.91 86.76 -50.50
C THR CA 120 -34.39 85.40 -50.04
N GLN CA 121 -35.37 85.41 -49.13
CA GLN CA 121 -35.93 84.16 -48.62
C GLN CA 121 -36.58 83.35 -49.73
N LYS CA 122 -37.32 84.01 -50.62
CA LYS CA 122 -37.96 83.32 -51.73
C LYS CA 122 -36.93 82.71 -52.68
N GLU CA 123 -35.84 83.42 -52.94
CA GLU CA 123 -34.79 82.87 -53.80
C GLU CA 123 -34.19 81.61 -53.18
N LEU CA 124 -33.95 81.62 -51.86
CA LEU CA 124 -33.45 80.42 -51.19
C LEU CA 124 -34.44 79.27 -51.31
N LEU CA 125 -35.72 79.56 -51.08
CA LEU CA 125 -36.73 78.51 -51.19
C LEU CA 125 -36.76 77.92 -52.59
N ILE CA 126 -36.69 78.78 -53.61
CA ILE CA 126 -36.73 78.31 -55.00
C ILE CA 126 -35.50 77.46 -55.31
N ASP CA 127 -34.32 77.95 -54.91
CA ASP CA 127 -33.10 77.21 -55.19
C ASP CA 127 -33.12 75.84 -54.53
N LEU CA 128 -33.61 75.77 -53.29
CA LEU CA 128 -33.60 74.49 -52.58
C LEU CA 128 -34.67 73.54 -53.10
N GLU CA 129 -35.84 74.06 -53.48
CA GLU CA 129 -36.92 73.18 -53.93
C GLU CA 129 -36.70 72.70 -55.35
N LYS CA 130 -36.15 73.54 -56.23
CA LYS CA 130 -36.06 73.21 -57.64
C LYS CA 130 -34.82 72.42 -58.00
N ALA CA 131 -33.90 72.21 -57.07
CA ALA CA 131 -32.70 71.44 -57.35
C ALA CA 131 -33.08 70.01 -57.73
N VAL CA 132 -32.42 69.49 -58.76
CA VAL CA 132 -32.73 68.14 -59.21
C VAL CA 132 -32.37 67.10 -58.14
N GLU CA 133 -31.37 67.40 -57.31
CA GLU CA 133 -30.99 66.54 -56.19
C GLU CA 133 -30.50 67.44 -55.06
N PHE CA 134 -30.43 66.88 -53.85
CA PHE CA 134 -30.12 67.70 -52.68
C PHE CA 134 -28.74 68.33 -52.77
N ASP CA 135 -27.78 67.67 -53.43
CA ASP CA 135 -26.44 68.22 -53.53
C ASP CA 135 -26.24 69.11 -54.74
N GLN CA 136 -27.29 69.39 -55.50
CA GLN CA 136 -27.18 70.21 -56.70
C GLN CA 136 -27.61 71.66 -56.50
N SER CA 137 -28.21 71.99 -55.36
CA SER CA 137 -28.67 73.34 -55.11
C SER CA 137 -27.48 74.31 -55.00
N ALA CA 138 -27.73 75.57 -55.36
CA ALA CA 138 -26.68 76.58 -55.27
C ALA CA 138 -26.18 76.71 -53.84
N LEU CA 139 -27.10 76.65 -52.86
CA LEU CA 139 -26.69 76.72 -51.47
C LEU CA 139 -25.78 75.55 -51.10
N PHE CA 140 -26.13 74.33 -51.53
CA PHE CA 140 -25.29 73.19 -51.23
C PHE CA 140 -23.91 73.36 -51.84
N LYS CA 141 -23.85 73.74 -53.12
CA LYS CA 141 -22.55 73.94 -53.75
C LYS CA 141 -21.72 74.95 -52.95
N LYS CA 142 -22.29 76.13 -52.71
CA LYS CA 142 -21.53 77.22 -52.11
C LYS CA 142 -21.10 76.92 -50.68
N ILE CA 143 -21.95 76.25 -49.91
CA ILE CA 143 -21.65 76.04 -48.50
C ILE CA 143 -20.86 74.75 -48.29
N TYR CA 144 -21.33 73.63 -48.84
CA TYR CA 144 -20.62 72.37 -48.65
C TYR CA 144 -19.45 72.24 -49.61
N GLU CA 145 -19.72 72.23 -50.93
CA GLU CA 145 -18.72 71.76 -51.87
C GLU CA 145 -17.54 72.72 -51.95
N GLU CA 146 -17.81 74.02 -52.04
CA GLU CA 146 -16.76 74.98 -52.32
C GLU CA 146 -15.82 75.19 -51.13
N GLU CA 147 -16.28 74.94 -49.91
CA GLU CA 147 -15.40 75.12 -48.75
C GLU CA 147 -15.14 73.82 -48.00
N TYR CA 148 -16.18 73.19 -47.46
CA TYR CA 148 -15.97 71.97 -46.69
C TYR CA 148 -15.47 70.83 -47.57
N GLY CA 149 -15.98 70.74 -48.78
CA GLY CA 149 -15.67 69.63 -49.66
C GLY CA 149 -14.60 69.87 -50.70
N THR CA 150 -13.79 70.91 -50.53
CA THR CA 150 -12.75 71.25 -51.49
C THR CA 150 -11.39 71.33 -50.79
N PHE CA 151 -10.38 70.77 -51.43
CA PHE CA 151 -9.00 70.83 -50.95
C PHE CA 151 -8.57 72.29 -50.77
N GLY CA 152 -8.15 72.63 -49.56
CA GLY CA 152 -7.74 73.99 -49.25
C GLY CA 152 -8.87 74.90 -48.79
N GLY CA 153 -10.11 74.44 -48.79
CA GLY CA 153 -11.20 75.27 -48.32
C GLY CA 153 -11.17 75.49 -46.83
N HIS CA 154 -11.79 76.60 -46.42
CA HIS CA 154 -11.98 76.93 -45.00
C HIS CA 154 -13.46 76.73 -44.69
N PRO CA 155 -13.83 75.62 -44.05
CA PRO CA 155 -15.26 75.30 -43.89
C PRO CA 155 -16.01 76.38 -43.13
N PHE CA 156 -17.22 76.66 -43.57
CA PHE CA 156 -18.11 77.54 -42.82
C PHE CA 156 -18.34 76.96 -41.44
N SER CA 157 -18.04 77.75 -40.42
CA SER CA 157 -18.26 77.31 -39.05
C SER CA 157 -19.72 77.46 -38.62
N LEU CA 158 -20.41 78.48 -39.15
CA LEU CA 158 -21.75 78.82 -38.70
C LEU CA 158 -22.43 79.60 -39.81
N LEU CA 159 -23.76 79.50 -39.86
CA LEU CA 159 -24.56 80.25 -40.80
C LEU CA 159 -25.59 81.06 -40.03
N VAL CA 160 -25.71 82.35 -40.35
CA VAL CA 160 -26.74 83.20 -39.77
C VAL CA 160 -27.65 83.67 -40.88
N GLY CA 161 -28.94 83.43 -40.73
CA GLY CA 161 -29.91 83.89 -41.69
C GLY CA 161 -30.72 85.05 -41.15
N ASP CA 162 -30.63 86.20 -41.80
CA ASP CA 162 -31.44 87.36 -41.43
C ASP CA 162 -32.85 87.20 -41.97
N TYR CA 163 -33.55 86.18 -41.45
CA TYR CA 163 -34.91 85.89 -41.86
C TYR CA 163 -35.71 85.47 -40.64
N SER CA 164 -37.02 85.64 -40.73
CA SER CA 164 -37.95 85.16 -39.72
C SER CA 164 -38.77 84.01 -40.32
N PHE CA 165 -39.01 82.99 -39.50
CA PHE CA 165 -39.71 81.80 -39.96
C PHE CA 165 -41.01 81.65 -39.17
N GLY CA 166 -42.12 81.62 -39.89
CA GLY CA 166 -43.44 81.44 -39.30
C GLY CA 166 -43.91 80.01 -39.38
N ARG CA 167 -45.21 79.82 -39.17
CA ARG CA 167 -45.82 78.49 -39.23
C ARG CA 167 -46.22 78.10 -40.65
N HIS CA 168 -46.01 78.97 -41.63
CA HIS CA 168 -46.47 78.71 -42.98
C HIS CA 168 -45.78 77.46 -43.53
N PRO CA 169 -46.48 76.65 -44.34
CA PRO CA 169 -45.84 75.42 -44.84
C PRO CA 169 -44.55 75.65 -45.60
N GLN CA 170 -44.44 76.72 -46.41
CA GLN CA 170 -43.19 76.93 -47.12
C GLN CA 170 -42.10 77.44 -46.19
N ASP CA 171 -42.45 78.11 -45.11
CA ASP CA 171 -41.45 78.51 -44.11
C ASP CA 171 -40.81 77.28 -43.47
N ILE CA 172 -41.63 76.33 -43.02
CA ILE CA 172 -41.10 75.12 -42.41
C ILE CA 172 -40.37 74.27 -43.44
N GLY CA 173 -40.86 74.24 -44.68
CA GLY CA 173 -40.15 73.51 -45.72
C GLY CA 173 -38.78 74.08 -46.01
N LEU CA 174 -38.69 75.41 -46.09
CA LEU CA 174 -37.40 76.07 -46.25
C LEU CA 174 -36.48 75.77 -45.07
N LEU CA 175 -37.03 75.80 -43.86
CA LEU CA 175 -36.24 75.48 -42.68
C LEU CA 175 -35.69 74.06 -42.77
N GLU CA 176 -36.49 73.13 -43.26
CA GLU CA 176 -36.04 71.74 -43.39
C GLU CA 176 -34.91 71.61 -44.40
N LYS CA 177 -35.08 72.23 -45.59
CA LYS CA 177 -34.01 72.18 -46.60
C LYS CA 177 -32.73 72.84 -46.09
N LEU CA 178 -32.87 74.00 -45.45
CA LEU CA 178 -31.71 74.68 -44.88
C LEU CA 178 -31.03 73.82 -43.84
N SER CA 179 -31.82 73.12 -43.02
CA SER CA 179 -31.25 72.23 -42.02
C SER CA 179 -30.47 71.10 -42.69
N ASN CA 180 -30.96 70.60 -43.82
CA ASN CA 180 -30.23 69.55 -44.53
C ASN CA 180 -28.87 70.05 -45.01
N VAL CA 181 -28.85 71.24 -45.63
CA VAL CA 181 -27.57 71.78 -46.09
C VAL CA 181 -26.64 72.04 -44.92
N ALA CA 182 -27.17 72.62 -43.83
CA ALA CA 182 -26.37 72.89 -42.65
C ALA CA 182 -25.80 71.62 -42.03
N ALA CA 183 -26.63 70.57 -41.96
CA ALA CA 183 -26.16 69.30 -41.40
C ALA CA 183 -25.06 68.69 -42.27
N ALA CA 184 -25.22 68.74 -43.59
CA ALA CA 184 -24.22 68.14 -44.46
C ALA CA 184 -22.85 68.77 -44.24
N ALA CA 185 -22.80 70.09 -44.13
CA ALA CA 185 -21.54 70.81 -43.97
C ALA CA 185 -21.13 70.97 -42.51
N HIS CA 186 -21.92 70.46 -41.57
CA HIS CA 186 -21.66 70.66 -40.14
C HIS CA 186 -21.53 72.15 -39.81
N ALA CA 187 -22.49 72.94 -40.29
CA ALA CA 187 -22.47 74.39 -40.10
C ALA CA 187 -23.82 74.80 -39.53
N PRO CA 188 -23.94 74.89 -38.20
CA PRO CA 188 -25.23 75.22 -37.59
C PRO CA 188 -25.79 76.53 -38.10
N PHE CA 189 -27.10 76.57 -38.27
CA PHE CA 189 -27.81 77.69 -38.88
C PHE CA 189 -28.64 78.39 -37.82
N ILE CA 190 -28.55 79.72 -37.78
CA ILE CA 190 -29.26 80.54 -36.80
C ILE CA 190 -30.12 81.55 -37.54
N ALA CA 191 -31.40 81.62 -37.16
CA ALA CA 191 -32.30 82.61 -37.72
C ALA CA 191 -33.28 83.04 -36.63
N ALA CA 192 -34.33 83.74 -37.02
CA ALA CA 192 -35.31 84.28 -36.08
C ALA CA 192 -36.64 83.55 -36.21
N ALA CA 193 -37.34 83.45 -35.08
CA ALA CA 193 -38.70 82.96 -35.05
C ALA CA 193 -39.66 84.13 -35.30
N SER CA 194 -40.59 83.92 -36.21
CA SER CA 194 -41.62 84.93 -36.41
C SER CA 194 -42.66 84.86 -35.30
N PRO CA 195 -43.27 85.99 -34.92
CA PRO CA 195 -44.42 85.93 -34.03
C PRO CA 195 -45.58 85.13 -34.61
N ARG CA 196 -45.66 85.04 -35.94
CA ARG CA 196 -46.70 84.22 -36.55
C ARG CA 196 -46.57 82.75 -36.18
N LEU CA 197 -45.35 82.30 -35.87
CA LEU CA 197 -45.17 80.92 -35.41
C LEU CA 197 -45.94 80.66 -34.13
N PHE CA 198 -46.10 81.69 -33.29
CA PHE CA 198 -46.83 81.59 -32.04
C PHE CA 198 -48.29 82.02 -32.18
N ASP CA 199 -48.76 82.21 -33.42
CA ASP CA 199 -50.09 82.77 -33.69
C ASP CA 199 -50.24 84.16 -33.08
N MET CA 200 -49.17 84.95 -33.15
CA MET CA 200 -49.14 86.29 -32.58
C MET CA 200 -48.85 87.30 -33.68
N GLY CA 201 -49.48 88.47 -33.59
CA GLY CA 201 -49.12 89.55 -34.49
C GLY CA 201 -47.78 90.17 -34.14
N SER CA 202 -47.42 90.18 -32.87
CA SER CA 202 -46.16 90.74 -32.41
C SER CA 202 -45.75 90.03 -31.13
N PHE CA 203 -44.45 90.03 -30.86
CA PHE CA 203 -43.98 89.43 -29.62
C PHE CA 203 -44.31 90.26 -28.40
N THR CA 204 -44.88 91.46 -28.57
CA THR CA 204 -45.43 92.18 -27.43
C THR CA 204 -46.55 91.40 -26.74
N GLU CA 205 -47.15 90.44 -27.43
CA GLU CA 205 -48.18 89.57 -26.89
C GLU CA 205 -47.63 88.29 -26.27
N LEU CA 206 -46.30 88.16 -26.15
CA LEU CA 206 -45.71 86.90 -25.72
C LEU CA 206 -46.10 86.54 -24.29
N ALA CA 207 -46.35 87.54 -23.44
CA ALA CA 207 -46.71 87.25 -22.06
C ALA CA 207 -48.19 86.93 -21.87
N VAL CA 208 -49.01 87.08 -22.90
CA VAL CA 208 -50.46 86.93 -22.78
C VAL CA 208 -50.89 85.48 -22.54
N PRO CA 209 -50.49 84.50 -23.36
CA PRO CA 209 -51.01 83.14 -23.16
C PRO CA 209 -50.63 82.57 -21.81
N ARG CA 210 -51.56 81.82 -21.20
CA ARG CA 210 -51.25 81.13 -19.95
C ARG CA 210 -50.19 80.07 -20.16
N ASP CA 211 -50.31 79.28 -21.23
CA ASP CA 211 -49.42 78.14 -21.46
C ASP CA 211 -48.95 78.17 -22.91
N LEU CA 212 -47.66 78.41 -23.11
CA LEU CA 212 -47.10 78.47 -24.46
C LEU CA 212 -47.16 77.11 -25.14
N ALA CA 213 -46.87 76.03 -24.41
CA ALA CA 213 -46.83 74.70 -25.02
C ALA CA 213 -48.17 74.33 -25.64
N LYS CA 214 -49.27 74.86 -25.10
CA LYS CA 214 -50.58 74.60 -25.66
C LYS CA 214 -50.69 75.12 -27.09
N ILE CA 215 -50.07 76.26 -27.39
CA ILE CA 215 -50.11 76.82 -28.73
C ILE CA 215 -49.57 75.82 -29.75
N PHE CA 216 -48.51 75.12 -29.39
CA PHE CA 216 -47.81 74.26 -30.33
C PHE CA 216 -48.44 72.88 -30.47
N GLU CA 217 -49.61 72.67 -29.88
CA GLU CA 217 -50.40 71.48 -30.12
C GLU CA 217 -51.34 71.65 -31.32
N SER CA 218 -51.38 72.82 -31.92
CA SER CA 218 -52.32 73.11 -32.99
C SER CA 218 -52.02 72.26 -34.23
N GLN CA 219 -53.10 71.89 -34.92
CA GLN CA 219 -52.95 71.19 -36.20
C GLN CA 219 -52.18 72.00 -37.22
N GLU CA 220 -52.16 73.33 -37.08
CA GLU CA 220 -51.35 74.17 -37.95
C GLU CA 220 -49.86 73.95 -37.76
N LEU CA 221 -49.44 73.34 -36.65
CA LEU CA 221 -48.03 73.15 -36.33
C LEU CA 221 -47.60 71.69 -36.46
N ILE CA 222 -48.32 70.91 -37.26
CA ILE CA 222 -47.93 69.53 -37.50
C ILE CA 222 -46.55 69.46 -38.15
N LYS CA 223 -46.35 70.26 -39.21
CA LYS CA 223 -45.07 70.25 -39.91
C LYS CA 223 -43.94 70.73 -39.01
N TRP CA 224 -44.19 71.74 -38.19
CA TRP CA 224 -43.16 72.22 -37.27
C TRP CA 224 -42.75 71.16 -36.27
N ARG CA 225 -43.73 70.43 -35.72
CA ARG CA 225 -43.41 69.34 -34.78
C ARG CA 225 -42.63 68.24 -35.48
N ALA CA 226 -43.03 67.88 -36.70
CA ALA CA 226 -42.27 66.89 -37.46
C ALA CA 226 -40.84 67.36 -37.69
N PHE CA 227 -40.66 68.64 -38.03
CA PHE CA 227 -39.31 69.17 -38.21
C PHE CA 227 -38.50 69.05 -36.93
N ARG CA 228 -39.12 69.39 -35.79
CA ARG CA 228 -38.43 69.25 -34.51
C ARG CA 228 -38.01 67.81 -34.26
N GLU CA 229 -38.78 66.84 -34.74
CA GLU CA 229 -38.38 65.44 -34.58
C GLU CA 229 -37.23 65.02 -35.49
N SER CA 230 -36.92 65.77 -36.53
CA SER CA 230 -35.90 65.35 -37.47
C SER CA 230 -34.51 65.45 -36.87
N GLU CA 231 -33.58 64.61 -37.36
CA GLU CA 231 -32.20 64.67 -36.91
C GLU CA 231 -31.56 66.02 -37.23
N ASP CA 232 -31.73 66.48 -38.47
CA ASP CA 232 -31.02 67.67 -38.94
C ASP CA 232 -31.52 68.96 -38.31
N SER CA 233 -32.63 68.92 -37.56
CA SER CA 233 -33.10 70.11 -36.85
C SER CA 233 -32.12 70.58 -35.77
N ARG CA 234 -31.20 69.73 -35.34
CA ARG CA 234 -30.20 70.19 -34.37
C ARG CA 234 -29.23 71.21 -34.97
N TYR CA 235 -29.24 71.39 -36.28
CA TYR CA 235 -28.43 72.40 -36.95
C TYR CA 235 -29.22 73.67 -37.24
N VAL CA 236 -30.36 73.86 -36.60
CA VAL CA 236 -31.17 75.06 -36.75
C VAL CA 236 -31.53 75.57 -35.36
N SER CA 237 -31.22 76.83 -35.10
CA SER CA 237 -31.64 77.51 -33.89
C SER CA 237 -32.44 78.74 -34.26
N LEU CA 238 -33.51 79.00 -33.52
CA LEU CA 238 -34.37 80.14 -33.77
C LEU CA 238 -34.39 81.02 -32.52
N VAL CA 239 -34.11 82.31 -32.71
CA VAL CA 239 -34.02 83.24 -31.60
C VAL CA 239 -35.22 84.17 -31.63
N LEU CA 240 -35.58 84.69 -30.46
CA LEU CA 240 -36.66 85.65 -30.31
C LEU CA 240 -36.44 86.41 -29.01
N PRO CA 241 -37.07 87.58 -28.85
CA PRO CA 241 -37.81 88.36 -29.85
C PRO CA 241 -36.89 89.34 -30.56
N HIS CA 242 -37.42 90.38 -31.19
CA HIS CA 242 -36.59 91.38 -31.85
C HIS CA 242 -35.86 92.24 -30.82
N VAL CA 243 -34.75 92.84 -31.26
CA VAL CA 243 -33.93 93.68 -30.40
C VAL CA 243 -33.89 95.09 -31.00
N LEU CA 244 -33.98 96.08 -30.14
CA LEU CA 244 -33.97 97.46 -30.58
C LEU CA 244 -32.60 97.83 -31.13
N LEU CA 245 -32.58 98.38 -32.34
CA LEU CA 245 -31.33 98.82 -32.94
C LEU CA 245 -31.13 100.31 -32.71
N ALA CA 271 -44.50 99.80 -33.94
CA ALA CA 271 -43.73 99.59 -35.16
C ALA CA 271 -42.90 100.82 -35.52
N ARG CA 272 -42.97 101.86 -34.69
CA ARG CA 272 -42.24 103.09 -34.94
C ARG CA 272 -40.76 103.00 -34.54
N TYR CA 273 -40.35 101.92 -33.89
CA TYR CA 273 -38.95 101.73 -33.53
C TYR CA 273 -38.28 100.79 -34.52
N LEU CA 274 -36.95 100.93 -34.64
CA LEU CA 274 -36.17 100.10 -35.55
C LEU CA 274 -35.84 98.79 -34.86
N TRP CA 275 -36.64 97.76 -35.12
CA TRP CA 275 -36.46 96.45 -34.53
C TRP CA 275 -35.63 95.57 -35.45
N GLY CA 276 -34.60 94.93 -34.89
CA GLY CA 276 -33.71 94.08 -35.64
C GLY CA 276 -33.82 92.62 -35.25
N ASN CA 277 -33.21 91.78 -36.07
CA ASN CA 277 -33.15 90.35 -35.81
C ASN CA 277 -32.18 90.07 -34.67
N ALA CA 278 -32.62 89.30 -33.67
CA ALA CA 278 -31.74 88.96 -32.55
C ALA CA 278 -30.68 87.94 -32.95
N ALA CA 279 -30.80 87.33 -34.13
CA ALA CA 279 -29.75 86.45 -34.61
C ALA CA 279 -28.43 87.20 -34.78
N TRP CA 280 -28.48 88.48 -35.13
CA TRP CA 280 -27.25 89.27 -35.17
C TRP CA 280 -26.58 89.32 -33.80
N ALA CA 281 -27.37 89.54 -32.75
CA ALA CA 281 -26.82 89.62 -31.40
C ALA CA 281 -26.24 88.27 -30.97
N LEU CA 282 -26.94 87.17 -31.26
CA LEU CA 282 -26.40 85.86 -30.90
C LEU CA 282 -25.12 85.56 -31.66
N THR CA 283 -25.09 85.91 -32.96
CA THR CA 283 -23.88 85.73 -33.76
C THR CA 283 -22.72 86.54 -33.18
N GLN CA 284 -23.02 87.75 -32.72
CA GLN CA 284 -21.99 88.57 -32.09
C GLN CA 284 -21.46 87.91 -30.83
N ARG CA 285 -22.34 87.31 -30.03
CA ARG CA 285 -21.89 86.55 -28.87
C ARG CA 285 -20.95 85.42 -29.30
N ILE CA 286 -21.30 84.74 -30.39
CA ILE CA 286 -20.48 83.62 -30.87
C ILE CA 286 -19.12 84.09 -31.32
N THR CA 287 -19.08 85.19 -32.08
CA THR CA 287 -17.80 85.68 -32.61
C THR CA 287 -16.94 86.25 -31.49
N GLU CA 288 -17.55 86.92 -30.49
CA GLU CA 288 -16.78 87.36 -29.34
C GLU CA 288 -16.19 86.18 -28.58
N ALA CA 289 -16.99 85.13 -28.36
CA ALA CA 289 -16.48 83.96 -27.68
C ALA CA 289 -15.30 83.36 -28.44
N PHE CA 290 -15.42 83.26 -29.77
CA PHE CA 290 -14.31 82.73 -30.54
C PHE CA 290 -13.08 83.61 -30.44
N ALA CA 291 -13.26 84.93 -30.54
CA ALA CA 291 -12.14 85.85 -30.51
C ALA CA 291 -11.41 85.77 -29.18
N ARG CA 292 -12.15 85.66 -28.08
CA ARG CA 292 -11.52 85.65 -26.77
C ARG CA 292 -10.96 84.28 -26.40
N TYR CA 293 -11.62 83.19 -26.81
CA TYR CA 293 -11.32 81.87 -26.29
C TYR CA 293 -10.95 80.84 -27.34
N GLY CA 294 -11.19 81.10 -28.63
CA GLY CA 294 -10.93 80.13 -29.66
C GLY CA 294 -12.01 79.09 -29.84
N TRP CA 295 -13.06 79.12 -29.02
CA TRP CA 295 -14.17 78.20 -29.12
C TRP CA 295 -15.46 78.96 -28.79
N CYS CA 296 -16.59 78.39 -29.20
CA CYS CA 296 -17.87 79.10 -29.19
C CYS CA 296 -18.86 78.52 -28.18
N ALA CA 297 -18.38 77.87 -27.12
CA ALA CA 297 -19.31 77.33 -26.14
C ALA CA 297 -19.85 78.42 -25.22
N ALA CA 298 -19.02 79.39 -24.84
CA ALA CA 298 -19.39 80.38 -23.82
C ALA CA 298 -20.23 81.48 -24.45
N ILE CA 299 -21.50 81.14 -24.73
CA ILE CA 299 -22.39 82.07 -25.40
C ILE CA 299 -23.73 82.21 -24.69
N ARG CA 300 -23.78 81.95 -23.38
CA ARG CA 300 -25.06 82.00 -22.70
C ARG CA 300 -24.88 82.39 -21.24
N GLY CA 301 -25.90 83.04 -20.68
CA GLY CA 301 -25.91 83.39 -19.28
C GLY CA 301 -25.31 84.75 -19.00
N VAL CA 302 -25.52 85.22 -17.77
CA VAL CA 302 -24.99 86.52 -17.35
C VAL CA 302 -23.47 86.50 -17.37
N GLU CA 303 -22.87 85.44 -16.84
CA GLU CA 303 -21.42 85.34 -16.74
C GLU CA 303 -20.82 84.34 -17.72
N GLY CA 304 -21.63 83.57 -18.44
CA GLY CA 304 -21.14 82.59 -19.37
C GLY CA 304 -21.07 83.03 -20.82
N GLY CA 305 -21.19 84.32 -21.09
CA GLY CA 305 -21.07 84.83 -22.45
C GLY CA 305 -22.37 85.15 -23.16
N GLY CA 306 -23.51 85.12 -22.47
CA GLY CA 306 -24.78 85.44 -23.08
C GLY CA 306 -25.23 86.88 -22.97
N ALA CA 307 -24.42 87.77 -22.41
CA ALA CA 307 -24.85 89.13 -22.13
C ALA CA 307 -24.73 90.01 -23.38
N VAL CA 308 -25.82 90.67 -23.73
CA VAL CA 308 -25.88 91.63 -24.84
C VAL CA 308 -25.99 93.01 -24.21
N GLU CA 309 -24.88 93.73 -24.18
CA GLU CA 309 -24.75 94.95 -23.40
C GLU CA 309 -24.96 96.19 -24.28
N GLY CA 310 -25.19 97.31 -23.61
CA GLY CA 310 -25.27 98.61 -24.26
C GLY CA 310 -26.45 98.78 -25.20
N LEU CA 311 -27.59 98.22 -24.86
CA LEU CA 311 -28.79 98.36 -25.67
C LEU CA 311 -29.39 99.76 -25.51
N PRO CA 312 -30.13 100.23 -26.52
CA PRO CA 312 -30.80 101.53 -26.37
C PRO CA 312 -31.78 101.52 -25.22
N ALA CA 313 -31.67 102.52 -24.34
CA ALA CA 313 -32.55 102.66 -23.18
C ALA CA 313 -33.34 103.94 -23.35
N HIS CA 314 -34.48 103.85 -24.03
CA HIS CA 314 -35.32 105.02 -24.25
C HIS CA 314 -36.21 105.29 -23.05
N LYS CA 326 -39.08 101.46 -21.49
CA LYS CA 326 -39.35 100.69 -22.70
C LYS CA 326 -38.37 99.54 -22.86
N CYS CA 327 -38.89 98.32 -22.94
CA CYS CA 327 -38.02 97.15 -23.09
C CYS CA 327 -37.27 97.23 -24.42
N PRO CA 328 -35.94 97.13 -24.42
CA PRO CA 328 -35.21 97.05 -25.70
C PRO CA 328 -35.37 95.72 -26.42
N THR CA 329 -36.13 94.77 -25.88
CA THR CA 329 -36.34 93.45 -26.48
C THR CA 329 -37.81 93.18 -26.73
N GLU CA 330 -38.62 94.23 -26.91
CA GLU CA 330 -40.04 94.17 -27.26
C GLU CA 330 -40.96 93.66 -26.17
N VAL CA 331 -40.43 92.91 -25.20
CA VAL CA 331 -41.28 92.30 -24.18
C VAL CA 331 -40.39 91.72 -23.09
N ALA CA 332 -40.81 91.88 -21.84
CA ALA CA 332 -40.12 91.22 -20.74
C ALA CA 332 -40.46 89.74 -20.76
N ILE CA 333 -39.47 88.91 -20.50
CA ILE CA 333 -39.65 87.47 -20.48
C ILE CA 333 -39.30 86.98 -19.08
N THR CA 334 -40.29 86.48 -18.36
CA THR CA 334 -40.05 85.96 -17.02
C THR CA 334 -39.22 84.68 -17.09
N ASP CA 335 -38.67 84.29 -15.94
CA ASP CA 335 -37.90 83.06 -15.85
C ASP CA 335 -38.72 81.86 -16.31
N ARG CA 336 -39.97 81.76 -15.83
CA ARG CA 336 -40.82 80.64 -16.21
C ARG CA 336 -41.09 80.64 -17.71
N ARG CA 337 -41.32 81.83 -18.29
CA ARG CA 337 -41.56 81.93 -19.72
C ARG CA 337 -40.32 81.58 -20.52
N GLU CA 338 -39.15 82.01 -20.05
CA GLU CA 338 -37.91 81.64 -20.73
C GLU CA 338 -37.74 80.13 -20.73
N LYS CA 339 -38.04 79.48 -19.61
CA LYS CA 339 -37.91 78.03 -19.55
C LYS CA 339 -38.92 77.34 -20.48
N GLU CA 340 -40.16 77.83 -20.53
CA GLU CA 340 -41.11 77.32 -21.51
C GLU CA 340 -40.56 77.42 -22.92
N LEU CA 341 -40.07 78.60 -23.29
CA LEU CA 341 -39.56 78.81 -24.65
C LEU CA 341 -38.39 77.88 -24.95
N ASP CA 342 -37.49 77.71 -23.98
CA ASP CA 342 -36.38 76.78 -24.14
C ASP CA 342 -36.89 75.37 -24.40
N ALA CA 343 -37.92 74.95 -23.66
CA ALA CA 343 -38.49 73.61 -23.87
C ALA CA 343 -39.11 73.48 -25.25
N LEU CA 344 -39.58 74.58 -25.84
CA LEU CA 344 -40.23 74.53 -27.13
C LEU CA 344 -39.26 74.67 -28.29
N GLY CA 345 -37.96 74.75 -28.02
CA GLY CA 345 -36.96 74.79 -29.08
C GLY CA 345 -36.55 76.18 -29.52
N PHE CA 346 -36.54 77.16 -28.63
CA PHE CA 346 -36.19 78.52 -28.97
C PHE CA 346 -35.11 79.05 -28.04
N ILE CA 347 -34.40 80.07 -28.51
CA ILE CA 347 -33.41 80.79 -27.73
C ILE CA 347 -33.95 82.19 -27.49
N ALA CA 348 -34.30 82.50 -26.25
CA ALA CA 348 -34.95 83.76 -25.93
C ALA CA 348 -33.95 84.77 -25.39
N LEU CA 349 -34.08 86.00 -25.83
CA LEU CA 349 -33.29 87.12 -25.31
C LEU CA 349 -34.09 87.82 -24.22
N CYS CA 350 -33.56 87.83 -23.00
CA CYS CA 350 -34.29 88.29 -21.82
C CYS CA 350 -33.72 89.61 -21.31
N HIS CA 351 -34.54 90.65 -21.31
CA HIS CA 351 -34.10 91.96 -20.85
C HIS CA 351 -33.99 91.96 -19.32
N LYS CA 352 -32.87 92.47 -18.81
CA LYS CA 352 -32.74 92.71 -17.38
C LYS CA 352 -33.50 93.99 -17.03
N LYS CA 353 -34.44 93.87 -16.11
CA LYS CA 353 -35.29 95.01 -15.76
C LYS CA 353 -34.46 96.18 -15.27
N ASN CA 354 -34.85 97.38 -15.69
CA ASN CA 354 -34.20 98.62 -15.28
C ASN CA 354 -32.72 98.63 -15.65
N SER CA 355 -32.43 98.25 -16.89
CA SER CA 355 -31.05 98.19 -17.36
C SER CA 355 -31.03 98.31 -18.87
N ASP CA 356 -29.82 98.46 -19.42
CA ASP CA 356 -29.60 98.44 -20.86
C ASP CA 356 -28.98 97.13 -21.32
N LEU CA 357 -29.33 96.02 -20.67
CA LEU CA 357 -28.71 94.73 -20.91
C LEU CA 357 -29.77 93.66 -21.08
N ALA CA 358 -29.48 92.69 -21.94
CA ALA CA 358 -30.29 91.50 -22.11
C ALA CA 358 -29.38 90.30 -22.23
N VAL CA 359 -29.90 89.12 -21.91
CA VAL CA 359 -29.11 87.90 -21.79
C VAL CA 359 -29.82 86.75 -22.50
N PHE CA 360 -29.06 86.00 -23.29
CA PHE CA 360 -29.48 84.67 -23.76
C PHE CA 360 -29.20 83.68 -22.64
N PHE CA 361 -30.25 83.29 -21.89
CA PHE CA 361 -30.04 82.30 -20.84
C PHE CA 361 -29.89 80.89 -21.40
N GLY CA 362 -30.70 80.54 -22.38
CA GLY CA 362 -30.66 79.22 -22.99
C GLY CA 362 -29.92 79.21 -24.31
N SER CA 363 -29.55 78.01 -24.75
CA SER CA 363 -28.90 77.84 -26.04
C SER CA 363 -29.39 76.56 -26.72
N GLN CA 364 -30.70 76.34 -26.69
CA GLN CA 364 -31.31 75.13 -27.23
C GLN CA 364 -31.56 75.29 -28.73
N THR CA 365 -31.19 74.28 -29.51
CA THR CA 365 -31.53 74.26 -30.93
C THR CA 365 -33.02 73.93 -31.10
N THR CA 366 -33.50 73.89 -32.34
CA THR CA 366 -34.89 73.51 -32.55
C THR CA 366 -35.13 72.01 -32.37
N ASN CA 367 -34.08 71.21 -32.25
CA ASN CA 367 -34.23 69.77 -32.13
C ASN CA 367 -34.94 69.41 -30.84
N ARG CA 368 -35.89 68.48 -30.93
CA ARG CA 368 -36.52 67.93 -29.74
C ARG CA 368 -35.88 66.60 -29.42
N PRO CA 369 -35.12 66.47 -28.33
CA PRO CA 369 -34.42 65.21 -28.06
C PRO CA 369 -35.41 64.06 -27.87
N ARG CA 370 -35.01 62.89 -28.35
CA ARG CA 370 -35.78 61.68 -28.09
C ARG CA 370 -35.57 61.25 -26.64
N VAL CA 371 -36.56 60.53 -26.11
CA VAL CA 371 -36.55 60.07 -24.72
C VAL CA 371 -36.37 58.56 -24.71
N TYR CA 372 -35.43 58.09 -23.89
CA TYR CA 372 -35.00 56.71 -23.87
C TYR CA 372 -35.18 56.12 -22.48
N ASN CA 373 -34.89 54.82 -22.36
CA ASN CA 373 -35.01 54.11 -21.10
C ASN CA 373 -33.69 54.04 -20.33
N THR CA 374 -32.63 54.70 -20.79
CA THR CA 374 -31.37 54.73 -20.07
C THR CA 374 -30.93 56.17 -19.85
N ASN CA 375 -30.28 56.41 -18.71
CA ASN CA 375 -29.81 57.75 -18.40
C ASN CA 375 -28.78 58.23 -19.41
N GLU CA 376 -27.87 57.35 -19.82
CA GLU CA 376 -26.82 57.74 -20.76
C GLU CA 376 -27.39 58.19 -22.09
N ALA CA 377 -28.36 57.45 -22.63
CA ALA CA 377 -28.96 57.84 -23.90
C ALA CA 377 -29.72 59.15 -23.78
N ASN CA 378 -30.46 59.34 -22.68
CA ASN CA 378 -31.19 60.58 -22.49
C ASN CA 378 -30.24 61.76 -22.40
N ALA CA 379 -29.16 61.61 -21.61
CA ALA CA 379 -28.17 62.67 -21.49
C ALA CA 379 -27.56 63.01 -22.85
N ASN CA 380 -27.16 61.98 -23.61
CA ASN CA 380 -26.53 62.23 -24.90
C ASN CA 380 -27.51 62.89 -25.88
N ALA CA 381 -28.77 62.46 -25.87
CA ALA CA 381 -29.77 63.08 -26.73
C ALA CA 381 -29.96 64.55 -26.36
N ARG CA 382 -29.97 64.86 -25.06
CA ARG CA 382 -30.23 66.23 -24.63
C ARG CA 382 -29.10 67.17 -25.05
N ILE CA 383 -27.85 66.76 -24.83
CA ILE CA 383 -26.73 67.64 -25.17
C ILE CA 383 -26.51 67.74 -26.67
N SER CA 384 -26.94 66.73 -27.44
CA SER CA 384 -26.89 66.78 -28.89
C SER CA 384 -27.89 67.78 -29.47
N ALA CA 385 -28.71 68.41 -28.63
CA ALA CA 385 -29.66 69.42 -29.08
C ALA CA 385 -29.30 70.82 -28.62
N MET CA 386 -28.13 71.01 -28.03
CA MET CA 386 -27.71 72.30 -27.52
C MET CA 386 -26.71 72.97 -28.46
N LEU CA 387 -26.98 74.23 -28.78
CA LEU CA 387 -26.15 74.97 -29.73
C LEU CA 387 -24.67 75.00 -29.37
N PRO CA 388 -24.26 75.28 -28.13
CA PRO CA 388 -22.81 75.32 -27.86
C PRO CA 388 -22.10 74.01 -28.19
N TYR CA 389 -22.67 72.89 -27.74
CA TYR CA 389 -22.04 71.60 -27.96
C TYR CA 389 -22.08 71.18 -29.42
N VAL CA 390 -23.19 71.49 -30.11
CA VAL CA 390 -23.28 71.19 -31.53
C VAL CA 390 -22.25 72.00 -32.32
N LEU CA 391 -22.03 73.26 -31.93
CA LEU CA 391 -21.00 74.06 -32.56
C LEU CA 391 -19.62 73.45 -32.37
N ALA CA 392 -19.32 73.02 -31.14
CA ALA CA 392 -18.02 72.37 -30.88
C ALA CA 392 -17.86 71.10 -31.72
N ALA CA 393 -18.90 70.26 -31.76
CA ALA CA 393 -18.83 69.04 -32.55
C ALA CA 393 -18.61 69.36 -34.02
N SER CA 394 -19.28 70.40 -34.53
CA SER CA 394 -19.11 70.81 -35.91
C SER CA 394 -17.69 71.26 -36.20
N ARG CA 395 -17.09 72.04 -35.28
CA ARG CA 395 -15.70 72.44 -35.47
C ARG CA 395 -14.79 71.23 -35.54
N PHE CA 396 -15.01 70.24 -34.67
CA PHE CA 396 -14.19 69.05 -34.74
C PHE CA 396 -14.40 68.29 -36.05
N ALA CA 397 -15.62 68.31 -36.59
CA ALA CA 397 -15.84 67.72 -37.91
C ALA CA 397 -14.98 68.42 -38.97
N HIS CA 398 -14.95 69.75 -38.92
CA HIS CA 398 -14.16 70.50 -39.91
C HIS CA 398 -12.68 70.18 -39.79
N TYR CA 399 -12.16 70.14 -38.57
CA TYR CA 399 -10.77 69.82 -38.35
C TYR CA 399 -10.44 68.41 -38.82
N LEU CA 400 -11.32 67.45 -38.51
CA LEU CA 400 -11.09 66.07 -38.92
C LEU CA 400 -11.06 65.96 -40.44
N LYS CA 401 -12.02 66.61 -41.12
CA LYS CA 401 -12.01 66.63 -42.58
C LYS CA 401 -10.67 67.11 -43.10
N VAL CA 402 -10.19 68.26 -42.60
CA VAL CA 402 -8.98 68.86 -43.16
C VAL CA 402 -7.75 68.00 -42.89
N ILE CA 403 -7.56 67.56 -41.64
CA ILE CA 403 -6.33 66.85 -41.31
C ILE CA 403 -6.32 65.46 -41.94
N MET CA 404 -7.46 64.77 -41.96
CA MET CA 404 -7.48 63.44 -42.57
C MET CA 404 -7.35 63.53 -44.08
N ARG CA 405 -7.88 64.58 -44.71
CA ARG CA 405 -7.58 64.83 -46.10
C ARG CA 405 -6.09 64.95 -46.32
N ASP CA 406 -5.39 65.64 -45.40
CA ASP CA 406 -3.94 65.72 -45.49
C ASP CA 406 -3.27 64.36 -45.34
N LYS CA 407 -3.92 63.41 -44.66
CA LYS CA 407 -3.28 62.11 -44.46
C LYS CA 407 -3.61 61.06 -45.52
N VAL CA 408 -4.53 61.34 -46.45
CA VAL CA 408 -4.84 60.38 -47.50
C VAL CA 408 -3.60 60.13 -48.33
N GLY CA 409 -3.29 58.85 -48.56
CA GLY CA 409 -2.16 58.47 -49.37
C GLY CA 409 -0.89 58.16 -48.59
N SER CA 410 -0.81 58.54 -47.32
CA SER CA 410 0.31 58.15 -46.48
C SER CA 410 0.17 56.71 -46.00
N PHE CA 411 1.29 56.08 -45.69
CA PHE CA 411 1.31 54.72 -45.16
C PHE CA 411 0.78 54.74 -43.73
N MET CA 412 -0.45 54.29 -43.54
CA MET CA 412 -1.06 54.27 -42.21
C MET CA 412 -1.84 52.98 -41.99
N THR CA 413 -1.57 52.31 -40.88
CA THR CA 413 -2.39 51.22 -40.40
C THR CA 413 -3.56 51.77 -39.60
N ARG CA 414 -4.47 50.88 -39.20
CA ARG CA 414 -5.56 51.28 -38.30
C ARG CA 414 -5.01 51.90 -37.03
N ASP CA 415 -4.00 51.27 -36.43
CA ASP CA 415 -3.42 51.79 -35.20
C ASP CA 415 -2.72 53.13 -35.42
N ASN CA 416 -2.08 53.33 -36.57
CA ASN CA 416 -1.48 54.62 -36.88
C ASN CA 416 -2.55 55.72 -36.88
N VAL CA 417 -3.69 55.44 -37.52
CA VAL CA 417 -4.76 56.43 -37.58
C VAL CA 417 -5.28 56.74 -36.18
N GLN CA 418 -5.51 55.69 -35.39
CA GLN CA 418 -6.04 55.87 -34.04
C GLN CA 418 -5.08 56.69 -33.18
N THR CA 419 -3.79 56.34 -33.22
CA THR CA 419 -2.80 57.06 -32.43
C THR CA 419 -2.72 58.51 -32.86
N TYR CA 420 -2.70 58.77 -34.17
CA TYR CA 420 -2.64 60.14 -34.65
C TYR CA 420 -3.84 60.96 -34.17
N LEU CA 421 -5.05 60.39 -34.30
CA LEU CA 421 -6.24 61.16 -33.97
C LEU CA 421 -6.35 61.40 -32.47
N ASN CA 422 -6.00 60.40 -31.65
CA ASN CA 422 -6.04 60.61 -30.21
C ASN CA 422 -4.97 61.61 -29.77
N ASN CA 423 -3.79 61.56 -30.39
CA ASN CA 423 -2.74 62.54 -30.10
C ASN CA 423 -3.18 63.95 -30.47
N TRP CA 424 -3.82 64.10 -31.64
CA TRP CA 424 -4.20 65.43 -32.10
C TRP CA 424 -5.27 66.06 -31.21
N ILE CA 425 -6.26 65.28 -30.78
CA ILE CA 425 -7.38 65.84 -30.01
C ILE CA 425 -7.04 66.09 -28.55
N ALA CA 426 -5.94 65.52 -28.05
CA ALA CA 426 -5.62 65.65 -26.63
C ALA CA 426 -5.37 67.10 -26.23
N ASP CA 427 -4.95 67.94 -27.17
CA ASP CA 427 -4.64 69.33 -26.85
C ASP CA 427 -5.89 70.15 -26.50
N TYR CA 428 -7.07 69.66 -26.83
CA TYR CA 428 -8.30 70.40 -26.60
C TYR CA 428 -9.03 69.95 -25.34
N VAL CA 429 -8.41 69.11 -24.54
CA VAL CA 429 -9.03 68.51 -23.37
C VAL CA 429 -8.50 69.20 -22.12
N LEU CA 430 -9.42 69.57 -21.22
CA LEU CA 430 -9.07 70.13 -19.92
C LEU CA 430 -9.74 69.31 -18.84
N ILE CA 431 -8.94 68.70 -17.96
CA ILE CA 431 -9.47 67.82 -16.93
C ILE CA 431 -9.87 68.57 -15.65
N ASN CA 432 -9.37 69.78 -15.44
CA ASN CA 432 -9.55 70.49 -14.17
C ASN CA 432 -10.94 71.12 -14.14
N ASP CA 433 -11.86 70.45 -13.47
CA ASP CA 433 -13.21 70.98 -13.30
C ASP CA 433 -13.29 72.13 -12.30
N ASN CA 434 -12.21 72.43 -11.60
CA ASN CA 434 -12.14 73.60 -10.72
C ASN CA 434 -11.58 74.83 -11.41
N ALA CA 435 -11.24 74.74 -12.70
CA ALA CA 435 -10.75 75.91 -13.41
C ALA CA 435 -11.85 76.96 -13.51
N PRO CA 436 -11.47 78.24 -13.56
CA PRO CA 436 -12.48 79.30 -13.67
C PRO CA 436 -13.18 79.27 -15.02
N GLN CA 437 -14.28 80.03 -15.09
CA GLN CA 437 -15.10 80.07 -16.30
C GLN CA 437 -14.27 80.42 -17.53
N GLU CA 438 -13.40 81.43 -17.42
CA GLU CA 438 -12.63 81.89 -18.56
C GLU CA 438 -11.62 80.86 -19.05
N ILE CA 439 -11.22 79.93 -18.19
CA ILE CA 439 -10.32 78.87 -18.63
C ILE CA 439 -11.10 77.74 -19.29
N LYS CA 440 -12.22 77.33 -18.68
CA LYS CA 440 -13.04 76.30 -19.27
C LYS CA 440 -13.56 76.71 -20.64
N ALA CA 441 -13.81 78.01 -20.84
CA ALA CA 441 -14.25 78.49 -22.15
C ALA CA 441 -13.23 78.23 -23.25
N GLN CA 442 -11.95 78.07 -22.91
CA GLN CA 442 -10.91 77.87 -23.90
C GLN CA 442 -10.70 76.40 -24.27
N TYR CA 443 -11.36 75.48 -23.60
CA TYR CA 443 -11.18 74.05 -23.83
C TYR CA 443 -12.52 73.40 -24.06
N PRO CA 444 -12.83 72.99 -25.29
CA PRO CA 444 -14.16 72.44 -25.56
C PRO CA 444 -14.42 71.09 -24.91
N LEU CA 445 -13.39 70.39 -24.45
CA LEU CA 445 -13.53 69.00 -24.04
C LEU CA 445 -13.06 68.78 -22.62
N ARG CA 446 -13.83 67.99 -21.88
CA ARG CA 446 -13.37 67.42 -20.62
C ARG CA 446 -12.82 66.02 -20.79
N GLU CA 447 -13.21 65.33 -21.86
CA GLU CA 447 -12.76 63.98 -22.15
C GLU CA 447 -13.00 63.72 -23.63
N ALA CA 448 -12.13 62.90 -24.23
CA ALA CA 448 -12.32 62.54 -25.63
C ALA CA 448 -11.61 61.22 -25.90
N ARG CA 449 -12.11 60.49 -26.89
CA ARG CA 449 -11.48 59.25 -27.32
C ARG CA 449 -11.90 58.95 -28.76
N VAL CA 450 -10.95 58.50 -29.57
CA VAL CA 450 -11.21 58.11 -30.94
C VAL CA 450 -10.94 56.62 -31.07
N ASP CA 451 -11.93 55.89 -31.56
CA ASP CA 451 -11.82 54.46 -31.81
C ASP CA 451 -11.85 54.21 -33.31
N VAL CA 452 -10.86 53.50 -33.83
CA VAL CA 452 -10.73 53.26 -35.26
C VAL CA 452 -10.80 51.77 -35.52
N SER CA 453 -11.52 51.39 -36.57
CA SER CA 453 -11.65 49.99 -36.96
C SER CA 453 -11.38 49.82 -38.45
N GLU CA 454 -10.94 48.63 -38.82
CA GLU CA 454 -10.69 48.30 -40.22
C GLU CA 454 -11.98 47.86 -40.91
N VAL CA 455 -12.03 48.07 -42.22
CA VAL CA 455 -13.11 47.59 -43.06
C VAL CA 455 -12.62 46.34 -43.77
N VAL CA 456 -13.29 45.20 -43.53
CA VAL CA 456 -12.81 43.93 -44.07
C VAL CA 456 -12.81 43.98 -45.59
N GLY CA 457 -11.74 43.45 -46.18
CA GLY CA 457 -11.62 43.36 -47.61
C GLY CA 457 -11.19 44.64 -48.31
N LYS CA 458 -10.93 45.71 -47.58
CA LYS CA 458 -10.58 47.01 -48.15
C LYS CA 458 -9.34 47.57 -47.48
N PRO CA 459 -8.15 47.22 -47.98
CA PRO CA 459 -6.92 47.77 -47.38
C PRO CA 459 -6.91 49.29 -47.42
N GLY CA 460 -6.48 49.90 -46.32
CA GLY CA 460 -6.43 51.34 -46.23
C GLY CA 460 -7.76 52.04 -46.05
N VAL CA 461 -8.84 51.32 -45.75
CA VAL CA 461 -10.16 51.90 -45.53
C VAL CA 461 -10.55 51.68 -44.07
N TYR CA 462 -10.92 52.74 -43.38
CA TYR CA 462 -11.15 52.68 -41.94
C TYR CA 462 -12.43 53.40 -41.56
N ARG CA 463 -12.95 53.04 -40.39
CA ARG CA 463 -14.07 53.72 -39.76
C ARG CA 463 -13.65 54.16 -38.37
N ALA CA 464 -14.13 55.32 -37.96
CA ALA CA 464 -13.78 55.87 -36.66
C ALA CA 464 -15.03 56.37 -35.94
N THR CA 465 -15.01 56.30 -34.62
CA THR CA 465 -15.98 56.96 -33.77
C THR CA 465 -15.25 57.92 -32.86
N VAL CA 466 -15.68 59.18 -32.87
CA VAL CA 466 -15.05 60.24 -32.08
C VAL CA 466 -16.02 60.60 -30.97
N PHE CA 467 -15.67 60.20 -29.74
CA PHE CA 467 -16.48 60.53 -28.57
C PHE CA 467 -15.96 61.83 -27.96
N LEU CA 468 -16.86 62.81 -27.83
CA LEU CA 468 -16.52 64.12 -27.28
C LEU CA 468 -17.35 64.36 -26.02
N ARG CA 469 -16.68 64.58 -24.91
CA ARG CA 469 -17.38 64.93 -23.68
C ARG CA 469 -17.08 66.39 -23.33
N PRO CA 470 -18.02 67.29 -23.50
CA PRO CA 470 -17.75 68.72 -23.25
C PRO CA 470 -17.83 69.04 -21.77
N HIS CA 471 -17.46 70.28 -21.45
CA HIS CA 471 -17.74 70.86 -20.14
C HIS CA 471 -19.19 71.33 -20.14
N PHE CA 472 -19.97 70.85 -19.18
CA PHE CA 472 -21.41 71.12 -19.20
C PHE CA 472 -21.74 72.40 -18.46
N GLN CA 473 -22.69 73.14 -19.02
CA GLN CA 473 -23.15 74.41 -18.48
C GLN CA 473 -24.37 74.21 -17.59
N LEU CA 474 -24.51 75.07 -16.59
CA LEU CA 474 -25.63 74.96 -15.66
C LEU CA 474 -26.94 75.26 -16.37
N GLU CA 475 -27.91 74.35 -16.22
CA GLU CA 475 -29.22 74.49 -16.85
C GLU CA 475 -30.33 74.79 -15.86
N GLU CA 476 -30.41 74.05 -14.76
CA GLU CA 476 -31.51 74.16 -13.82
C GLU CA 476 -31.01 73.85 -12.41
N LEU CA 477 -31.69 74.42 -11.42
CA LEU CA 477 -31.41 74.12 -10.03
C LEU CA 477 -32.71 74.14 -9.24
N THR CA 478 -33.03 73.04 -8.57
CA THR CA 478 -34.17 72.97 -7.66
C THR CA 478 -33.63 72.91 -6.23
N ALA CA 479 -34.03 73.87 -5.41
CA ALA CA 479 -33.49 74.00 -4.06
C ALA CA 479 -34.61 73.91 -3.02
N SER CA 480 -34.28 73.31 -1.89
CA SER CA 480 -35.20 73.21 -0.75
C SER CA 480 -34.53 73.86 0.45
N ILE CA 481 -35.13 74.93 0.95
CA ILE CA 481 -34.61 75.64 2.12
C ILE CA 481 -35.29 75.08 3.37
N ARG CA 482 -34.50 74.76 4.38
CA ARG CA 482 -35.01 74.12 5.60
C ARG CA 482 -34.35 74.72 6.83
N LEU CA 483 -35.16 75.34 7.70
CA LEU CA 483 -34.68 75.78 9.00
C LEU CA 483 -34.57 74.58 9.92
N VAL CA 484 -33.43 74.45 10.60
CA VAL CA 484 -33.21 73.32 11.50
C VAL CA 484 -32.60 73.81 12.80
N ALA CA 485 -32.93 73.12 13.89
CA ALA CA 485 -32.25 73.38 15.15
C ALA CA 485 -30.86 72.74 15.19
N THR CA 486 -30.68 71.62 14.50
CA THR CA 486 -29.38 70.98 14.34
C THR CA 486 -29.19 70.56 12.88
N LEU CA 487 -27.98 70.68 12.38
CA LEU CA 487 -27.69 70.27 11.00
C LEU CA 487 -27.73 68.76 10.88
N PRO CA 488 -28.59 68.19 10.03
CA PRO CA 488 -28.57 66.75 9.82
C PRO CA 488 -27.35 66.32 9.03
N PRO CA 489 -26.93 65.07 9.13
CA PRO CA 489 -25.82 64.59 8.32
C PRO CA 489 -26.17 64.62 6.85
N PRO CA 490 -25.18 64.81 5.96
CA PRO CA 490 -25.42 64.86 4.51
C PRO CA 490 -25.92 63.54 3.94
N GLU DA 3 12.08 70.26 -49.96
CA GLU DA 3 13.36 69.75 -49.50
C GLU DA 3 14.43 70.83 -49.53
N SER DA 4 15.13 71.00 -48.42
CA SER DA 4 16.23 71.96 -48.37
C SER DA 4 17.34 71.55 -49.32
N THR DA 5 18.00 72.55 -49.92
CA THR DA 5 19.13 72.28 -50.79
C THR DA 5 20.26 71.59 -50.03
N GLN DA 6 20.33 71.80 -48.72
CA GLN DA 6 21.32 71.08 -47.92
C GLN DA 6 21.12 69.58 -48.02
N HIS DA 7 19.87 69.12 -47.95
CA HIS DA 7 19.60 67.70 -48.03
C HIS DA 7 19.72 67.15 -49.45
N LYS DA 8 19.60 68.00 -50.47
CA LYS DA 8 19.90 67.55 -51.83
C LYS DA 8 21.36 67.14 -51.94
N LEU DA 9 22.26 67.90 -51.29
CA LEU DA 9 23.67 67.58 -51.29
C LEU DA 9 24.00 66.31 -50.52
N ASP DA 10 23.05 65.75 -49.75
CA ASP DA 10 23.23 64.41 -49.23
C ASP DA 10 23.38 63.38 -50.33
N ARG DA 11 22.75 63.60 -51.47
CA ARG DA 11 22.64 62.61 -52.53
C ARG DA 11 23.44 62.94 -53.78
N ILE DA 12 23.58 64.22 -54.13
CA ILE DA 12 24.18 64.62 -55.40
C ILE DA 12 25.62 65.01 -55.13
N ARG DA 13 26.54 64.10 -55.45
CA ARG DA 13 27.97 64.32 -55.28
C ARG DA 13 28.29 64.89 -53.89
N PRO DA 14 27.98 64.16 -52.82
CA PRO DA 14 28.14 64.73 -51.49
C PRO DA 14 29.61 64.84 -51.12
N PRO DA 15 29.97 65.79 -50.27
CA PRO DA 15 31.33 65.83 -49.73
C PRO DA 15 31.51 64.79 -48.63
N ARG DA 16 32.77 64.62 -48.21
CA ARG DA 16 33.04 63.73 -47.08
C ARG DA 16 32.38 64.24 -45.81
N VAL DA 17 32.47 65.54 -45.57
CA VAL DA 17 31.88 66.16 -44.38
C VAL DA 17 30.65 66.93 -44.84
N GLN DA 18 29.48 66.36 -44.62
CA GLN DA 18 28.22 66.90 -45.09
C GLN DA 18 27.40 67.40 -43.91
N ILE DA 19 27.05 68.67 -43.92
CA ILE DA 19 26.43 69.34 -42.77
C ILE DA 19 25.11 69.98 -43.21
N THR DA 20 24.06 69.76 -42.43
CA THR DA 20 22.76 70.36 -42.68
C THR DA 20 22.23 70.98 -41.40
N TYR DA 21 21.29 71.90 -41.54
CA TYR DA 21 20.55 72.43 -40.40
C TYR DA 21 19.17 71.79 -40.36
N ASP DA 22 18.70 71.45 -39.17
CA ASP DA 22 17.39 70.84 -39.00
C ASP DA 22 16.70 71.36 -37.74
N VAL DA 23 15.38 71.42 -37.79
CA VAL DA 23 14.58 71.78 -36.62
C VAL DA 23 14.32 70.51 -35.82
N GLU DA 24 14.68 70.53 -34.55
CA GLU DA 24 14.48 69.38 -33.66
C GLU DA 24 13.02 69.38 -33.21
N THR DA 25 12.21 68.48 -33.78
CA THR DA 25 10.80 68.41 -33.46
C THR DA 25 10.40 67.16 -32.70
N GLY DA 26 11.32 66.21 -32.52
CA GLY DA 26 10.97 64.99 -31.80
C GLY DA 26 9.83 64.26 -32.46
N ASN DA 27 8.85 63.85 -31.66
CA ASN DA 27 7.65 63.18 -32.16
C ASN DA 27 6.46 64.13 -32.26
N ALA DA 28 6.70 65.43 -32.33
CA ALA DA 28 5.61 66.40 -32.43
C ALA DA 28 4.92 66.30 -33.78
N ILE DA 29 3.62 66.61 -33.79
CA ILE DA 29 2.84 66.70 -35.01
C ILE DA 29 2.45 68.16 -35.23
N GLU DA 30 2.35 68.53 -36.50
CA GLU DA 30 1.93 69.88 -36.86
C GLU DA 30 0.47 70.10 -36.48
N LYS DA 31 0.18 71.31 -36.00
CA LYS DA 31 -1.16 71.66 -35.54
C LYS DA 31 -1.66 72.77 -36.46
N LYS DA 32 -2.26 72.39 -37.58
CA LYS DA 32 -2.84 73.38 -38.48
C LYS DA 32 -4.14 73.93 -37.90
N GLU DA 33 -4.30 75.24 -37.97
CA GLU DA 33 -5.43 75.94 -37.38
C GLU DA 33 -6.40 76.37 -38.48
N LEU DA 34 -7.69 76.31 -38.18
CA LEU DA 34 -8.71 76.77 -39.09
C LEU DA 34 -9.34 78.06 -38.58
N PRO DA 35 -9.57 79.04 -39.45
CA PRO DA 35 -10.29 80.24 -39.02
C PRO DA 35 -11.75 79.90 -38.73
N LEU DA 36 -12.38 80.76 -37.96
CA LEU DA 36 -13.84 80.74 -37.83
C LEU DA 36 -14.43 81.50 -39.02
N VAL DA 37 -15.28 80.84 -39.78
CA VAL DA 37 -15.93 81.45 -40.93
C VAL DA 37 -17.43 81.49 -40.67
N VAL DA 38 -17.98 82.69 -40.63
CA VAL DA 38 -19.41 82.88 -40.47
C VAL DA 38 -20.01 83.19 -41.84
N GLY DA 39 -20.93 82.35 -42.28
CA GLY DA 39 -21.68 82.64 -43.49
C GLY DA 39 -22.96 83.40 -43.19
N ILE DA 40 -23.13 84.57 -43.79
CA ILE DA 40 -24.28 85.42 -43.55
C ILE DA 40 -25.17 85.37 -44.78
N LEU DA 41 -26.46 85.10 -44.56
CA LEU DA 41 -27.46 85.08 -45.63
C LEU DA 41 -28.47 86.18 -45.32
N ALA DA 42 -28.51 87.22 -46.14
CA ALA DA 42 -29.38 88.34 -45.87
C ALA DA 42 -29.87 88.94 -47.18
N ASP DA 43 -31.10 89.48 -47.14
CA ASP DA 43 -31.73 90.14 -48.28
C ASP DA 43 -31.40 91.62 -48.20
N LEU DA 44 -30.33 92.03 -48.86
CA LEU DA 44 -29.82 93.38 -48.71
C LEU DA 44 -30.13 94.26 -49.90
N MET DA 56 -26.89 80.85 -58.56
CA MET DA 56 -25.67 80.14 -58.92
C MET DA 56 -24.53 81.12 -59.20
N GLU DA 57 -24.90 82.31 -59.67
CA GLU DA 57 -23.91 83.29 -60.10
C GLU DA 57 -23.36 84.13 -58.95
N ARG DA 58 -24.08 84.24 -57.84
CA ARG DA 58 -23.63 85.04 -56.71
C ARG DA 58 -22.59 84.27 -55.91
N ARG DA 59 -22.03 84.92 -54.88
CA ARG DA 59 -20.98 84.31 -54.10
C ARG DA 59 -21.00 84.88 -52.69
N PHE DA 60 -20.30 84.19 -51.80
CA PHE DA 60 -20.10 84.67 -50.43
C PHE DA 60 -18.91 85.63 -50.45
N VAL DA 61 -19.18 86.92 -50.37
CA VAL DA 61 -18.13 87.93 -50.45
C VAL DA 61 -17.65 88.27 -49.04
N GLU DA 62 -16.35 88.25 -48.84
CA GLU DA 62 -15.77 88.55 -47.53
C GLU DA 62 -16.03 90.01 -47.17
N ILE DA 63 -16.52 90.23 -45.95
CA ILE DA 63 -16.90 91.56 -45.49
C ILE DA 63 -16.24 91.83 -44.15
N ASN DA 64 -15.80 93.06 -43.95
CA ASN DA 64 -15.11 93.43 -42.73
C ASN DA 64 -15.27 94.93 -42.53
N ARG DA 65 -14.70 95.44 -41.44
CA ARG DA 65 -14.85 96.86 -41.13
C ARG DA 65 -14.20 97.75 -42.19
N ASP DA 66 -13.21 97.23 -42.92
CA ASP DA 66 -12.51 98.04 -43.90
C ASP DA 66 -13.33 98.23 -45.18
N ASN DA 67 -13.89 97.14 -45.72
CA ASN DA 67 -14.54 97.19 -47.02
C ASN DA 67 -16.06 97.25 -46.93
N PHE DA 68 -16.61 97.52 -45.74
CA PHE DA 68 -18.06 97.45 -45.54
C PHE DA 68 -18.80 98.35 -46.50
N ASN DA 69 -18.35 99.60 -46.64
CA ASN DA 69 -19.04 100.53 -47.51
C ASN DA 69 -18.85 100.18 -48.99
N ASP DA 70 -17.73 99.58 -49.35
CA ASP DA 70 -17.58 99.08 -50.72
C ASP DA 70 -18.59 98.00 -51.02
N VAL DA 71 -18.82 97.08 -50.09
CA VAL DA 71 -19.82 96.04 -50.28
C VAL DA 71 -21.22 96.65 -50.33
N LEU DA 72 -21.48 97.65 -49.48
CA LEU DA 72 -22.76 98.35 -49.52
C LEU DA 72 -22.98 99.00 -50.88
N ALA DA 73 -21.94 99.65 -51.43
CA ALA DA 73 -22.06 100.29 -52.73
C ALA DA 73 -22.28 99.26 -53.82
N SER DA 74 -21.55 98.14 -53.77
CA SER DA 74 -21.70 97.11 -54.80
C SER DA 74 -23.08 96.48 -54.77
N ILE DA 75 -23.65 96.30 -53.58
CA ILE DA 75 -25.04 95.86 -53.48
C ILE DA 75 -25.98 96.96 -53.94
N ALA DA 76 -25.68 98.20 -53.55
CA ALA DA 76 -26.43 99.40 -53.93
C ALA DA 76 -27.90 99.28 -53.56
N PRO DA 77 -28.25 99.19 -52.28
CA PRO DA 77 -29.66 99.06 -51.89
C PRO DA 77 -30.48 100.31 -52.24
N GLN EA 90 -17.64 41.98 -101.17
CA GLN EA 90 -18.09 41.65 -99.82
C GLN EA 90 -17.89 40.17 -99.52
N LYS EA 91 -18.46 39.31 -100.36
CA LYS EA 91 -18.37 37.88 -100.12
C LYS EA 91 -16.93 37.39 -100.18
N LEU EA 92 -16.16 37.88 -101.16
CA LEU EA 92 -14.74 37.56 -101.20
C LEU EA 92 -14.00 38.18 -100.02
N GLU EA 93 -14.28 39.46 -99.73
CA GLU EA 93 -13.61 40.12 -98.62
C GLU EA 93 -13.91 39.43 -97.29
N ALA EA 94 -15.16 39.01 -97.10
CA ALA EA 94 -15.54 38.34 -95.85
C ALA EA 94 -14.77 37.04 -95.69
N SER EA 95 -14.64 36.26 -96.76
CA SER EA 95 -13.90 35.00 -96.69
C SER EA 95 -12.43 35.25 -96.36
N TRP EA 96 -11.80 36.21 -97.03
CA TRP EA 96 -10.39 36.48 -96.78
C TRP EA 96 -10.19 37.10 -95.41
N ARG EA 97 -11.07 38.01 -95.00
CA ARG EA 97 -10.93 38.63 -93.68
C ARG EA 97 -11.19 37.61 -92.57
N GLY EA 98 -12.19 36.76 -92.74
CA GLY EA 98 -12.42 35.70 -91.77
C GLY EA 98 -11.22 34.77 -91.66
N LEU EA 99 -10.65 34.40 -92.80
CA LEU EA 99 -9.47 33.55 -92.80
C LEU EA 99 -8.29 34.24 -92.13
N HIS EA 100 -8.08 35.52 -92.45
CA HIS EA 100 -6.96 36.25 -91.86
C HIS EA 100 -7.10 36.36 -90.35
N MET EA 101 -8.31 36.62 -89.87
CA MET EA 101 -8.54 36.68 -88.43
C MET EA 101 -8.23 35.35 -87.76
N LEU EA 102 -8.66 34.24 -88.38
CA LEU EA 102 -8.36 32.93 -87.81
C LEU EA 102 -6.86 32.67 -87.78
N VAL EA 103 -6.17 32.96 -88.87
CA VAL EA 103 -4.73 32.72 -88.94
C VAL EA 103 -4.00 33.57 -87.91
N LYS EA 104 -4.34 34.86 -87.85
CA LYS EA 104 -3.64 35.78 -86.96
C LYS EA 104 -3.88 35.46 -85.49
N ASN EA 105 -5.02 34.87 -85.16
CA ASN EA 105 -5.39 34.59 -83.78
C ASN EA 105 -5.15 33.14 -83.38
N THR EA 106 -4.45 32.38 -84.20
CA THR EA 106 -4.15 30.98 -83.92
C THR EA 106 -2.65 30.82 -83.69
N GLU EA 107 -2.29 30.18 -82.58
CA GLU EA 107 -0.89 29.92 -82.26
C GLU EA 107 -0.38 28.74 -83.09
N THR EA 108 -0.21 29.01 -84.39
CA THR EA 108 0.35 28.01 -85.29
C THR EA 108 1.81 27.73 -84.93
N GLY EA 109 2.22 26.49 -85.14
CA GLY EA 109 3.58 26.09 -84.76
C GLY EA 109 3.77 24.60 -84.93
N ALA EA 110 4.67 24.06 -84.11
CA ALA EA 110 4.97 22.63 -84.19
C ALA EA 110 3.75 21.77 -83.90
N ARG EA 111 2.88 22.22 -83.00
CA ARG EA 111 1.73 21.43 -82.55
C ARG EA 111 0.41 21.83 -83.21
N LEU EA 112 0.40 22.89 -84.02
CA LEU EA 112 -0.84 23.40 -84.58
C LEU EA 112 -0.60 23.90 -85.99
N LYS EA 113 -1.31 23.30 -86.96
CA LYS EA 113 -1.15 23.64 -88.36
C LYS EA 113 -2.50 23.94 -88.99
N LEU EA 114 -2.53 24.96 -89.84
CA LEU EA 114 -3.68 25.26 -90.67
C LEU EA 114 -3.33 24.98 -92.12
N ARG EA 115 -4.16 24.21 -92.80
CA ARG EA 115 -3.98 23.85 -94.19
C ARG EA 115 -5.21 24.26 -94.98
N LEU EA 116 -5.01 24.86 -96.14
CA LEU EA 116 -6.06 25.55 -96.86
C LEU EA 116 -6.24 24.95 -98.25
N LEU EA 117 -7.49 24.63 -98.59
CA LEU EA 117 -7.83 24.14 -99.93
C LEU EA 117 -8.78 25.13 -100.57
N ASN EA 118 -8.33 25.76 -101.65
CA ASN EA 118 -9.12 26.77 -102.36
C ASN EA 118 -10.05 26.05 -103.33
N VAL EA 119 -11.35 26.05 -103.03
CA VAL EA 119 -12.32 25.30 -103.81
C VAL EA 119 -13.71 25.90 -103.57
N THR EA 120 -14.52 25.94 -104.63
CA THR EA 120 -15.87 26.46 -104.53
C THR EA 120 -16.85 25.36 -104.11
N GLN EA 121 -18.03 25.78 -103.69
CA GLN EA 121 -19.06 24.83 -103.27
C GLN EA 121 -19.49 23.94 -104.44
N LYS EA 122 -19.64 24.52 -105.62
CA LYS EA 122 -20.03 23.75 -106.79
C LYS EA 122 -18.96 22.73 -107.17
N GLU EA 123 -17.69 23.11 -107.08
CA GLU EA 123 -16.61 22.17 -107.39
C GLU EA 123 -16.62 21.00 -106.41
N LEU EA 124 -16.83 21.26 -105.13
CA LEU EA 124 -16.94 20.18 -104.16
C LEU EA 124 -18.11 19.26 -104.48
N LEU EA 125 -19.26 19.85 -104.82
CA LEU EA 125 -20.42 19.05 -105.17
C LEU EA 125 -20.13 18.15 -106.36
N ILE EA 126 -19.50 18.71 -107.40
CA ILE EA 126 -19.20 17.93 -108.59
C ILE EA 126 -18.20 16.83 -108.28
N ASP EA 127 -17.15 17.14 -107.51
CA ASP EA 127 -16.15 16.13 -107.17
C ASP EA 127 -16.78 14.98 -106.40
N LEU EA 128 -17.67 15.29 -105.45
CA LEU EA 128 -18.25 14.25 -104.62
C LEU EA 128 -19.29 13.43 -105.38
N GLU EA 129 -20.11 14.07 -106.22
CA GLU EA 129 -21.14 13.33 -106.94
C GLU EA 129 -20.57 12.52 -108.10
N LYS EA 130 -19.54 13.03 -108.76
CA LYS EA 130 -19.01 12.40 -109.97
C LYS EA 130 -18.11 11.21 -109.67
N ALA EA 131 -17.58 11.10 -108.46
CA ALA EA 131 -16.64 10.04 -108.14
C ALA EA 131 -17.24 8.68 -108.41
N VAL EA 132 -16.44 7.80 -109.01
CA VAL EA 132 -16.92 6.46 -109.38
C VAL EA 132 -17.27 5.67 -108.11
N GLU EA 133 -16.48 5.85 -107.06
CA GLU EA 133 -16.74 5.24 -105.76
C GLU EA 133 -16.44 6.27 -104.68
N PHE EA 134 -16.95 6.02 -103.48
CA PHE EA 134 -16.86 7.03 -102.42
C PHE EA 134 -15.41 7.34 -102.05
N ASP EA 135 -14.51 6.38 -102.20
CA ASP EA 135 -13.10 6.60 -101.85
C ASP EA 135 -12.27 7.13 -103.02
N GLN EA 136 -12.92 7.49 -104.13
CA GLN EA 136 -12.21 7.95 -105.32
C GLN EA 136 -12.27 9.46 -105.51
N SER EA 137 -13.12 10.16 -104.77
CA SER EA 137 -13.23 11.60 -104.92
C SER EA 137 -11.94 12.28 -104.49
N ALA EA 138 -11.68 13.45 -105.09
CA ALA EA 138 -10.49 14.20 -104.73
C ALA EA 138 -10.48 14.55 -103.25
N LEU EA 139 -11.65 14.90 -102.72
CA LEU EA 139 -11.74 15.22 -101.29
C LEU EA 139 -11.38 14.02 -100.43
N PHE EA 140 -11.90 12.83 -100.77
CA PHE EA 140 -11.56 11.66 -99.99
C PHE EA 140 -10.06 11.39 -100.04
N LYS EA 141 -9.47 11.44 -101.23
CA LYS EA 141 -8.03 11.23 -101.33
C LYS EA 141 -7.28 12.19 -100.44
N LYS EA 142 -7.54 13.50 -100.61
CA LYS EA 142 -6.75 14.52 -99.93
C LYS EA 142 -6.95 14.48 -98.41
N ILE EA 143 -8.16 14.19 -97.94
CA ILE EA 143 -8.44 14.26 -96.51
C ILE EA 143 -8.14 12.95 -95.81
N TYR EA 144 -8.67 11.83 -96.34
CA TYR EA 144 -8.44 10.54 -95.73
C TYR EA 144 -7.08 9.96 -96.13
N GLU EA 145 -6.88 9.70 -97.43
CA GLU EA 145 -5.78 8.84 -97.83
C GLU EA 145 -4.43 9.50 -97.59
N GLU EA 146 -4.31 10.78 -97.95
CA GLU EA 146 -3.00 11.40 -97.95
C GLU EA 146 -2.49 11.69 -96.55
N GLU EA 147 -3.38 11.83 -95.56
CA GLU EA 147 -2.94 12.09 -94.20
C GLU EA 147 -3.31 10.98 -93.22
N TYR EA 148 -4.59 10.69 -93.05
CA TYR EA 148 -5.00 9.69 -92.06
C TYR EA 148 -4.57 8.30 -92.49
N GLY EA 149 -4.67 8.00 -93.78
CA GLY EA 149 -4.40 6.67 -94.28
C GLY EA 149 -3.02 6.47 -94.88
N THR EA 150 -2.06 7.31 -94.53
CA THR EA 150 -0.70 7.19 -95.05
C THR EA 150 0.30 7.17 -93.90
N PHE EA 151 1.30 6.28 -94.01
CA PHE EA 151 2.40 6.20 -93.06
C PHE EA 151 3.11 7.54 -92.97
N GLY EA 152 3.17 8.09 -91.76
CA GLY EA 152 3.79 9.38 -91.54
C GLY EA 152 2.88 10.57 -91.67
N GLY EA 153 1.61 10.37 -92.03
CA GLY EA 153 0.69 11.48 -92.14
C GLY EA 153 0.27 12.04 -90.79
N HIS EA 154 -0.10 13.32 -90.81
CA HIS EA 154 -0.71 13.98 -89.66
C HIS EA 154 -2.19 14.14 -89.95
N PRO EA 155 -3.07 13.33 -89.36
CA PRO EA 155 -4.48 13.36 -89.74
C PRO EA 155 -5.11 14.71 -89.49
N PHE EA 156 -6.01 15.11 -90.39
CA PHE EA 156 -6.81 16.30 -90.18
C PHE EA 156 -7.65 16.13 -88.93
N SER EA 157 -7.46 17.03 -87.97
CA SER EA 157 -8.24 16.99 -86.74
C SER EA 157 -9.65 17.51 -86.95
N LEU EA 158 -9.82 18.48 -87.84
CA LEU EA 158 -11.08 19.19 -88.01
C LEU EA 158 -11.10 19.81 -89.39
N LEU EA 159 -12.30 19.97 -89.95
CA LEU EA 159 -12.50 20.64 -91.21
C LEU EA 159 -13.46 21.80 -91.01
N VAL EA 160 -13.12 22.96 -91.53
CA VAL EA 160 -14.01 24.11 -91.50
C VAL EA 160 -14.33 24.50 -92.94
N GLY EA 161 -15.61 24.59 -93.25
CA GLY EA 161 -16.05 24.98 -94.57
C GLY EA 161 -16.66 26.36 -94.57
N ASP EA 162 -16.05 27.28 -95.31
CA ASP EA 162 -16.60 28.63 -95.44
C ASP EA 162 -17.72 28.65 -96.48
N TYR EA 163 -18.79 27.94 -96.15
CA TYR EA 163 -19.96 27.86 -97.01
C TYR EA 163 -21.21 27.90 -96.15
N SER EA 164 -22.31 28.31 -96.76
CA SER EA 164 -23.62 28.28 -96.13
C SER EA 164 -24.45 27.19 -96.80
N PHE EA 165 -25.24 26.47 -96.01
CA PHE EA 165 -26.03 25.36 -96.51
C PHE EA 165 -27.50 25.66 -96.27
N GLY EA 166 -28.28 25.63 -97.33
CA GLY EA 166 -29.70 25.88 -97.27
C GLY EA 166 -30.51 24.60 -97.33
N ARG EA 167 -31.79 24.75 -97.66
CA ARG EA 167 -32.69 23.61 -97.78
C ARG EA 167 -32.68 23.01 -99.18
N HIS EA 168 -31.88 23.56 -100.10
CA HIS EA 168 -31.86 23.08 -101.46
C HIS EA 168 -31.41 21.62 -101.51
N PRO EA 169 -31.99 20.80 -102.39
CA PRO EA 169 -31.60 19.38 -102.44
C PRO EA 169 -30.11 19.17 -102.69
N GLN EA 170 -29.48 19.99 -103.54
CA GLN EA 170 -28.05 19.83 -103.76
C GLN EA 170 -27.25 20.26 -102.53
N ASP EA 171 -27.74 21.23 -101.75
CA ASP EA 171 -27.07 21.61 -100.52
C ASP EA 171 -27.05 20.45 -99.52
N ILE EA 172 -28.20 19.80 -99.34
CA ILE EA 172 -28.26 18.67 -98.42
C ILE EA 172 -27.46 17.49 -98.95
N GLY EA 173 -27.49 17.27 -100.27
CA GLY EA 173 -26.68 16.20 -100.83
C GLY EA 173 -25.20 16.42 -100.62
N LEU EA 174 -24.74 17.66 -100.84
CA LEU EA 174 -23.34 17.98 -100.59
C LEU EA 174 -23.01 17.80 -99.12
N LEU EA 175 -23.91 18.22 -98.22
CA LEU EA 175 -23.68 18.02 -96.80
C LEU EA 175 -23.53 16.54 -96.46
N GLU EA 176 -24.36 15.70 -97.09
CA GLU EA 176 -24.28 14.26 -96.83
C GLU EA 176 -22.95 13.68 -97.31
N LYS EA 177 -22.53 14.04 -98.53
CA LYS EA 177 -21.24 13.53 -99.03
C LYS EA 177 -20.09 14.02 -98.18
N LEU EA 178 -20.12 15.30 -97.78
CA LEU EA 178 -19.08 15.83 -96.91
C LEU EA 178 -19.07 15.10 -95.58
N SER EA 179 -20.25 14.79 -95.04
CA SER EA 179 -20.32 14.05 -93.79
C SER EA 179 -19.70 12.68 -93.93
N ASN EA 180 -19.90 12.03 -95.09
CA ASN EA 180 -19.30 10.73 -95.31
C ASN EA 180 -17.77 10.82 -95.29
N VAL EA 181 -17.22 11.81 -96.00
CA VAL EA 181 -15.77 11.97 -96.00
C VAL EA 181 -15.26 12.30 -94.59
N ALA EA 182 -15.96 13.19 -93.89
CA ALA EA 182 -15.57 13.58 -92.54
C ALA EA 182 -15.60 12.38 -91.59
N ALA EA 183 -16.65 11.56 -91.69
CA ALA EA 183 -16.74 10.37 -90.85
C ALA EA 183 -15.61 9.40 -91.14
N ALA EA 184 -15.30 9.19 -92.42
CA ALA EA 184 -14.26 8.22 -92.75
C ALA EA 184 -12.93 8.60 -92.10
N ALA EA 185 -12.57 9.87 -92.15
CA ALA EA 185 -11.29 10.33 -91.62
C ALA EA 185 -11.37 10.75 -90.16
N HIS EA 186 -12.52 10.62 -89.52
CA HIS EA 186 -12.73 11.09 -88.14
C HIS EA 186 -12.34 12.56 -88.00
N ALA EA 187 -12.80 13.38 -88.94
CA ALA EA 187 -12.47 14.80 -88.97
C ALA EA 187 -13.76 15.60 -89.04
N PRO EA 188 -14.30 16.03 -87.89
CA PRO EA 188 -15.58 16.74 -87.89
C PRO EA 188 -15.55 17.97 -88.76
N PHE EA 189 -16.66 18.22 -89.45
CA PHE EA 189 -16.80 19.30 -90.42
C PHE EA 189 -17.70 20.39 -89.84
N ILE EA 190 -17.29 21.64 -89.99
CA ILE EA 190 -18.03 22.79 -89.46
C ILE EA 190 -18.28 23.76 -90.60
N ALA EA 191 -19.54 24.18 -90.75
CA ALA EA 191 -19.92 25.17 -91.75
C ALA EA 191 -21.04 26.04 -91.18
N ALA EA 192 -21.69 26.80 -92.05
CA ALA EA 192 -22.73 27.74 -91.64
C ALA EA 192 -24.09 27.33 -92.16
N ALA EA 193 -25.11 27.57 -91.36
CA ALA EA 193 -26.49 27.38 -91.81
C ALA EA 193 -26.95 28.61 -92.58
N SER EA 194 -27.51 28.40 -93.75
CA SER EA 194 -28.10 29.51 -94.49
C SER EA 194 -29.43 29.92 -93.87
N PRO EA 195 -29.78 31.20 -93.93
CA PRO EA 195 -31.14 31.60 -93.55
C PRO EA 195 -32.19 30.94 -94.39
N ARG EA 196 -31.87 30.57 -95.64
CA ARG EA 196 -32.82 29.86 -96.47
C ARG EA 196 -33.20 28.50 -95.89
N LEU EA 197 -32.33 27.91 -95.08
CA LEU EA 197 -32.69 26.68 -94.39
C LEU EA 197 -33.90 26.89 -93.50
N PHE EA 198 -34.06 28.09 -92.95
CA PHE EA 198 -35.17 28.45 -92.09
C PHE EA 198 -36.30 29.14 -92.84
N ASP EA 199 -36.22 29.15 -94.17
CA ASP EA 199 -37.18 29.89 -95.01
C ASP EA 199 -37.18 31.38 -94.69
N MET EA 200 -36.01 31.93 -94.42
CA MET EA 200 -35.85 33.35 -94.19
C MET EA 200 -34.85 33.93 -95.18
N GLY EA 201 -35.06 35.19 -95.56
CA GLY EA 201 -34.08 35.88 -96.38
C GLY EA 201 -32.86 36.31 -95.60
N SER EA 202 -33.01 36.52 -94.30
CA SER EA 202 -31.90 36.94 -93.45
C SER EA 202 -32.18 36.47 -92.03
N PHE EA 203 -31.12 36.32 -91.25
CA PHE EA 203 -31.28 35.91 -89.86
C PHE EA 203 -31.78 37.05 -88.98
N THR EA 204 -31.96 38.26 -89.54
CA THR EA 204 -32.66 39.30 -88.80
C THR EA 204 -34.11 38.93 -88.52
N GLU EA 205 -34.65 37.94 -89.24
CA GLU EA 205 -36.00 37.44 -89.05
C GLU EA 205 -36.07 36.27 -88.06
N LEU EA 206 -34.97 35.95 -87.39
CA LEU EA 206 -34.91 34.73 -86.59
C LEU EA 206 -35.84 34.78 -85.39
N ALA EA 207 -36.08 35.96 -84.82
CA ALA EA 207 -36.95 36.08 -83.67
C ALA EA 207 -38.43 36.14 -84.06
N VAL EA 208 -38.76 36.22 -85.34
CA VAL EA 208 -40.13 36.42 -85.78
C VAL EA 208 -41.00 35.18 -85.56
N PRO EA 209 -40.63 33.99 -86.03
CA PRO EA 209 -41.54 32.83 -85.88
C PRO EA 209 -41.81 32.52 -84.40
N ARG EA 210 -43.05 32.13 -84.12
CA ARG EA 210 -43.40 31.71 -82.78
C ARG EA 210 -42.65 30.44 -82.37
N ASP EA 211 -42.63 29.45 -83.27
CA ASP EA 211 -42.05 28.15 -82.98
C ASP EA 211 -41.12 27.74 -84.12
N LEU EA 212 -39.83 27.65 -83.82
CA LEU EA 212 -38.85 27.27 -84.84
C LEU EA 212 -39.02 25.83 -85.27
N ALA EA 213 -39.33 24.92 -84.33
CA ALA EA 213 -39.45 23.51 -84.67
C ALA EA 213 -40.53 23.26 -85.71
N LYS EA 214 -41.59 24.07 -85.69
CA LYS EA 214 -42.65 23.95 -86.67
C LYS EA 214 -42.13 24.15 -88.09
N ILE EA 215 -41.15 25.04 -88.28
CA ILE EA 215 -40.58 25.28 -89.60
C ILE EA 215 -40.02 23.99 -90.18
N PHE EA 216 -39.35 23.20 -89.36
CA PHE EA 216 -38.65 22.02 -89.84
C PHE EA 216 -39.55 20.81 -90.01
N GLU EA 217 -40.86 20.99 -89.89
CA GLU EA 217 -41.83 19.97 -90.26
C GLU EA 217 -42.20 20.03 -91.73
N SER EA 218 -41.72 21.04 -92.45
CA SER EA 218 -42.13 21.27 -93.83
C SER EA 218 -41.69 20.12 -94.73
N GLN EA 219 -42.52 19.84 -95.74
CA GLN EA 219 -42.14 18.84 -96.74
C GLN EA 219 -40.87 19.20 -97.48
N GLU EA 220 -40.53 20.49 -97.54
CA GLU EA 220 -39.28 20.89 -98.16
C GLU EA 220 -38.05 20.46 -97.37
N LEU EA 221 -38.21 20.00 -96.13
CA LEU EA 221 -37.09 19.62 -95.28
C LEU EA 221 -37.06 18.12 -95.01
N ILE EA 222 -37.65 17.32 -95.89
CA ILE EA 222 -37.59 15.87 -95.76
C ILE EA 222 -36.15 15.39 -95.81
N LYS EA 223 -35.39 15.88 -96.80
CA LYS EA 223 -34.00 15.46 -96.95
C LYS EA 223 -33.16 15.90 -95.75
N TRP EA 224 -33.41 17.10 -95.23
CA TRP EA 224 -32.67 17.58 -94.07
C TRP EA 224 -32.94 16.70 -92.85
N ARG EA 225 -34.20 16.32 -92.62
CA ARG EA 225 -34.51 15.45 -91.49
C ARG EA 225 -33.88 14.07 -91.67
N ALA EA 226 -33.91 13.53 -92.89
CA ALA EA 226 -33.24 12.27 -93.17
C ALA EA 226 -31.74 12.38 -92.89
N PHE EA 227 -31.12 13.48 -93.31
CA PHE EA 227 -29.71 13.69 -93.02
C PHE EA 227 -29.44 13.71 -91.53
N ARG EA 228 -30.28 14.43 -90.77
CA ARG EA 228 -30.14 14.46 -89.32
C ARG EA 228 -30.25 13.05 -88.73
N GLU EA 229 -31.03 12.18 -89.37
CA GLU EA 229 -31.15 10.81 -88.88
C GLU EA 229 -29.91 9.96 -89.15
N SER EA 230 -29.05 10.36 -90.07
CA SER EA 230 -27.93 9.52 -90.48
C SER EA 230 -26.85 9.47 -89.41
N GLU EA 231 -26.08 8.38 -89.41
CA GLU EA 231 -24.97 8.24 -88.47
C GLU EA 231 -23.92 9.32 -88.69
N ASP EA 232 -23.52 9.53 -89.95
CA ASP EA 232 -22.38 10.39 -90.24
C ASP EA 232 -22.69 11.87 -90.04
N SER EA 233 -23.94 12.24 -89.77
CA SER EA 233 -24.26 13.64 -89.51
C SER EA 233 -23.65 14.15 -88.21
N ARG EA 234 -23.20 13.26 -87.33
CA ARG EA 234 -22.51 13.71 -86.12
C ARG EA 234 -21.15 14.34 -86.44
N TYR EA 235 -20.67 14.21 -87.68
CA TYR EA 235 -19.45 14.86 -88.13
C TYR EA 235 -19.71 16.16 -88.86
N VAL EA 236 -20.93 16.70 -88.78
CA VAL EA 236 -21.28 17.97 -89.39
C VAL EA 236 -21.93 18.84 -88.34
N SER EA 237 -21.41 20.06 -88.16
CA SER EA 237 -22.01 21.05 -87.29
C SER EA 237 -22.27 22.31 -88.11
N LEU EA 238 -23.41 22.94 -87.87
CA LEU EA 238 -23.80 24.15 -88.59
C LEU EA 238 -23.96 25.29 -87.60
N VAL EA 239 -23.31 26.41 -87.88
CA VAL EA 239 -23.29 27.56 -87.00
C VAL EA 239 -24.12 28.68 -87.62
N LEU EA 240 -24.74 29.47 -86.76
CA LEU EA 240 -25.53 30.63 -87.16
C LEU EA 240 -25.54 31.61 -85.99
N PRO EA 241 -25.83 32.90 -86.25
CA PRO EA 241 -25.94 33.56 -87.54
C PRO EA 241 -24.60 34.16 -87.96
N HIS EA 242 -24.58 35.11 -88.89
CA HIS EA 242 -23.34 35.73 -89.31
C HIS EA 242 -22.78 36.64 -88.22
N VAL EA 243 -21.47 36.87 -88.27
CA VAL EA 243 -20.77 37.69 -87.30
C VAL EA 243 -20.17 38.90 -88.03
N LEU EA 244 -20.30 40.06 -87.40
CA LEU EA 244 -19.77 41.29 -87.99
C LEU EA 244 -18.25 41.26 -87.98
N LEU EA 245 -17.65 41.51 -89.14
CA LEU EA 245 -16.19 41.55 -89.24
C LEU EA 245 -15.71 42.99 -89.18
N ALA EA 271 -27.12 44.83 -95.21
CA ALA EA 271 -26.26 44.21 -96.20
C ALA EA 271 -25.03 45.07 -96.48
N ARG EA 272 -25.04 46.29 -95.95
CA ARG EA 272 -23.91 47.19 -96.09
C ARG EA 272 -22.79 46.89 -95.12
N TYR EA 273 -23.03 46.07 -94.10
CA TYR EA 273 -21.99 45.67 -93.17
C TYR EA 273 -21.30 44.40 -93.66
N LEU EA 274 -20.04 44.25 -93.30
CA LEU EA 274 -19.27 43.07 -93.72
C LEU EA 274 -19.59 41.91 -92.79
N TRP EA 275 -20.49 41.04 -93.23
CA TRP EA 275 -20.92 39.88 -92.45
C TRP EA 275 -20.10 38.67 -92.85
N GLY EA 276 -19.56 37.96 -91.85
CA GLY EA 276 -18.73 36.81 -92.07
C GLY EA 276 -19.35 35.54 -91.51
N ASN EA 277 -18.82 34.41 -91.97
CA ASN EA 277 -19.22 33.11 -91.47
C ASN EA 277 -18.80 32.96 -90.02
N ALA EA 278 -19.73 32.52 -89.16
CA ALA EA 278 -19.40 32.30 -87.75
C ALA EA 278 -18.60 31.01 -87.54
N ALA EA 279 -18.49 30.17 -88.57
CA ALA EA 279 -17.62 29.01 -88.49
C ALA EA 279 -16.18 29.41 -88.22
N TRP EA 280 -15.75 30.57 -88.73
CA TRP EA 280 -14.43 31.09 -88.41
C TRP EA 280 -14.28 31.31 -86.92
N ALA EA 281 -15.29 31.93 -86.30
CA ALA EA 281 -15.22 32.20 -84.86
C ALA EA 281 -15.21 30.91 -84.05
N LEU EA 282 -16.04 29.94 -84.43
CA LEU EA 282 -16.02 28.66 -83.72
C LEU EA 282 -14.69 27.94 -83.88
N THR EA 283 -14.14 27.96 -85.11
CA THR EA 283 -12.82 27.39 -85.34
C THR EA 283 -11.77 28.05 -84.48
N GLN EA 284 -11.86 29.37 -84.33
CA GLN EA 284 -10.93 30.09 -83.47
C GLN EA 284 -11.06 29.65 -82.02
N ARG EA 285 -12.29 29.44 -81.55
CA ARG EA 285 -12.48 28.90 -80.21
C ARG EA 285 -11.80 27.54 -80.08
N ILE EA 286 -11.94 26.69 -81.09
CA ILE EA 286 -11.34 25.36 -81.04
C ILE EA 286 -9.82 25.45 -81.02
N THR EA 287 -9.23 26.30 -81.85
CA THR EA 287 -7.77 26.39 -81.91
C THR EA 287 -7.21 27.03 -80.63
N GLU EA 288 -7.93 28.00 -80.06
CA GLU EA 288 -7.52 28.55 -78.77
C GLU EA 288 -7.57 27.48 -77.68
N ALA EA 289 -8.63 26.67 -77.66
CA ALA EA 289 -8.72 25.60 -76.68
C ALA EA 289 -7.56 24.63 -76.82
N PHE EA 290 -7.24 24.24 -78.06
CA PHE EA 290 -6.10 23.34 -78.25
C PHE EA 290 -4.80 23.98 -77.81
N ALA EA 291 -4.57 25.25 -78.17
CA ALA EA 291 -3.32 25.89 -77.82
C ALA EA 291 -3.15 25.98 -76.30
N ARG EA 292 -4.22 26.29 -75.60
CA ARG EA 292 -4.13 26.46 -74.15
C ARG EA 292 -4.12 25.13 -73.39
N TYR EA 293 -4.83 24.12 -73.89
CA TYR EA 293 -5.07 22.91 -73.11
C TYR EA 293 -4.69 21.61 -73.81
N GLY EA 294 -4.41 21.63 -75.12
CA GLY EA 294 -4.09 20.41 -75.84
C GLY EA 294 -5.29 19.58 -76.26
N TRP EA 295 -6.50 20.02 -75.92
CA TRP EA 295 -7.74 19.34 -76.28
C TRP EA 295 -8.81 20.39 -76.55
N CYS EA 296 -9.82 19.99 -77.32
CA CYS EA 296 -10.78 20.94 -77.88
C CYS EA 296 -12.17 20.80 -77.25
N ALA EA 297 -12.27 20.35 -76.01
CA ALA EA 297 -13.58 20.25 -75.39
C ALA EA 297 -14.10 21.60 -74.92
N ALA EA 298 -13.22 22.47 -74.43
CA ALA EA 298 -13.63 23.71 -73.77
C ALA EA 298 -13.89 24.77 -74.83
N ILE EA 299 -15.02 24.63 -75.53
CA ILE EA 299 -15.34 25.54 -76.63
C ILE EA 299 -16.75 26.08 -76.53
N ARG EA 300 -17.32 26.14 -75.33
CA ARG EA 300 -18.69 26.63 -75.19
C ARG EA 300 -18.88 27.31 -73.86
N GLY EA 301 -19.80 28.27 -73.83
CA GLY EA 301 -20.20 28.93 -72.61
C GLY EA 301 -19.37 30.18 -72.30
N VAL EA 302 -19.89 30.94 -71.34
CA VAL EA 302 -19.22 32.17 -70.92
C VAL EA 302 -17.85 31.86 -70.33
N GLU EA 303 -17.78 30.83 -69.49
CA GLU EA 303 -16.55 30.46 -68.81
C GLU EA 303 -15.94 29.17 -69.32
N GLY EA 304 -16.61 28.46 -70.23
CA GLY EA 304 -16.10 27.19 -70.69
C GLY EA 304 -15.44 27.26 -72.06
N GLY EA 305 -15.07 28.45 -72.51
CA GLY EA 305 -14.35 28.61 -73.76
C GLY EA 305 -15.18 28.99 -74.97
N GLY EA 306 -16.45 29.34 -74.80
CA GLY EA 306 -17.29 29.75 -75.90
C GLY EA 306 -17.38 31.24 -76.16
N ALA EA 307 -16.57 32.05 -75.49
CA ALA EA 307 -16.70 33.50 -75.60
C ALA EA 307 -15.93 34.03 -76.81
N VAL EA 308 -16.62 34.80 -77.65
CA VAL EA 308 -16.03 35.49 -78.79
C VAL EA 308 -16.00 36.97 -78.43
N GLU EA 309 -14.83 37.46 -78.06
CA GLU EA 309 -14.68 38.81 -77.53
C GLU EA 309 -14.18 39.78 -78.60
N GLY EA 310 -14.27 41.06 -78.27
CA GLY EA 310 -13.73 42.11 -79.12
C GLY EA 310 -14.49 42.32 -80.42
N LEU EA 311 -15.78 42.04 -80.45
CA LEU EA 311 -16.57 42.24 -81.65
C LEU EA 311 -16.76 43.73 -81.92
N PRO EA 312 -16.99 44.10 -83.18
CA PRO EA 312 -17.25 45.52 -83.50
C PRO EA 312 -18.55 46.00 -82.87
N ALA EA 313 -18.46 47.07 -82.10
CA ALA EA 313 -19.62 47.65 -81.41
C ALA EA 313 -19.91 49.01 -82.05
N HIS EA 314 -20.75 49.00 -83.08
CA HIS EA 314 -21.09 50.23 -83.78
C HIS EA 314 -22.20 50.98 -83.06
N LYS EA 326 -26.30 48.26 -82.18
CA LYS EA 326 -26.41 47.29 -83.27
C LYS EA 326 -25.80 45.94 -82.89
N CYS EA 327 -26.56 44.87 -83.08
CA CYS EA 327 -26.07 43.53 -82.74
C CYS EA 327 -24.91 43.16 -83.65
N PRO EA 328 -23.74 42.81 -83.11
CA PRO EA 328 -22.65 42.31 -83.96
C PRO EA 328 -22.89 40.90 -84.50
N THR EA 329 -24.02 40.27 -84.18
CA THR EA 329 -24.35 38.92 -84.61
C THR EA 329 -25.69 38.88 -85.35
N GLU EA 330 -26.07 40.00 -85.97
CA GLU EA 330 -27.25 40.13 -86.83
C GLU EA 330 -28.60 40.08 -86.12
N VAL EA 331 -28.65 39.50 -84.93
CA VAL EA 331 -29.93 39.34 -84.25
C VAL EA 331 -29.70 38.88 -82.82
N ALA EA 332 -30.49 39.38 -81.90
CA ALA EA 332 -30.47 38.90 -80.53
C ALA EA 332 -31.15 37.54 -80.47
N ILE EA 333 -30.54 36.60 -79.76
CA ILE EA 333 -31.10 35.27 -79.60
C ILE EA 333 -31.37 35.08 -78.11
N THR EA 334 -32.64 34.95 -77.74
CA THR EA 334 -33.01 34.73 -76.35
C THR EA 334 -32.57 33.34 -75.91
N ASP EA 335 -32.61 33.11 -74.60
CA ASP EA 335 -32.28 31.80 -74.05
C ASP EA 335 -33.19 30.72 -74.63
N ARG EA 336 -34.49 31.01 -74.70
CA ARG EA 336 -35.44 30.03 -75.22
C ARG EA 336 -35.17 29.73 -76.69
N ARG EA 337 -34.89 30.76 -77.49
CA ARG EA 337 -34.60 30.54 -78.90
C ARG EA 337 -33.29 29.80 -79.09
N GLU EA 338 -32.28 30.11 -78.26
CA GLU EA 338 -31.04 29.35 -78.31
C GLU EA 338 -31.28 27.87 -78.03
N LYS EA 339 -32.10 27.57 -77.02
CA LYS EA 339 -32.41 26.17 -76.72
C LYS EA 339 -33.16 25.50 -77.87
N GLU EA 340 -34.12 26.21 -78.48
CA GLU EA 340 -34.80 25.67 -79.66
C GLU EA 340 -33.80 25.33 -80.76
N LEU EA 341 -32.90 26.26 -81.07
CA LEU EA 341 -31.92 26.02 -82.13
C LEU EA 341 -31.02 24.85 -81.81
N ASP EA 342 -30.57 24.76 -80.55
CA ASP EA 342 -29.77 23.61 -80.14
C ASP EA 342 -30.51 22.31 -80.36
N ALA EA 343 -31.81 22.28 -80.01
CA ALA EA 343 -32.61 21.08 -80.23
C ALA EA 343 -32.74 20.75 -81.72
N LEU EA 344 -32.67 21.75 -82.58
CA LEU EA 344 -32.83 21.53 -84.01
C LEU EA 344 -31.53 21.19 -84.72
N GLY EA 345 -30.42 21.11 -83.99
CA GLY EA 345 -29.17 20.69 -84.57
C GLY EA 345 -28.25 21.80 -85.02
N PHE EA 346 -28.27 22.94 -84.36
CA PHE EA 346 -27.47 24.09 -84.74
C PHE EA 346 -26.67 24.59 -83.55
N ILE EA 347 -25.58 25.29 -83.84
CA ILE EA 347 -24.77 25.98 -82.84
C ILE EA 347 -24.98 27.47 -83.05
N ALA EA 348 -25.60 28.13 -82.08
CA ALA EA 348 -25.95 29.53 -82.22
C ALA EA 348 -24.96 30.41 -81.49
N LEU EA 349 -24.61 31.53 -82.11
CA LEU EA 349 -23.77 32.55 -81.50
C LEU EA 349 -24.68 33.62 -80.89
N CYS EA 350 -24.57 33.82 -79.58
CA CYS EA 350 -25.51 34.65 -78.82
C CYS EA 350 -24.81 35.91 -78.31
N HIS EA 351 -25.25 37.06 -78.79
CA HIS EA 351 -24.68 38.33 -78.37
C HIS EA 351 -25.10 38.68 -76.95
N LYS EA 352 -24.14 39.05 -76.12
CA LYS EA 352 -24.45 39.60 -74.81
C LYS EA 352 -24.89 41.05 -74.99
N LYS EA 353 -26.09 41.36 -74.51
CA LYS EA 353 -26.66 42.68 -74.71
C LYS EA 353 -25.76 43.75 -74.08
N ASN EA 354 -25.63 44.88 -74.78
CA ASN EA 354 -24.85 46.02 -74.30
C ASN EA 354 -23.38 45.67 -74.08
N SER EA 355 -22.81 44.93 -75.03
CA SER EA 355 -21.43 44.51 -74.92
C SER EA 355 -20.87 44.23 -76.31
N ASP EA 356 -19.56 44.00 -76.37
CA ASP EA 356 -18.88 43.61 -77.60
C ASP EA 356 -18.53 42.12 -77.60
N LEU EA 357 -19.37 41.29 -76.99
CA LEU EA 357 -19.07 39.88 -76.79
C LEU EA 357 -20.28 39.05 -77.21
N ALA EA 358 -19.99 37.85 -77.72
CA ALA EA 358 -21.00 36.86 -78.04
C ALA EA 358 -20.48 35.50 -77.61
N VAL EA 359 -21.38 34.57 -77.34
CA VAL EA 359 -21.03 33.28 -76.75
C VAL EA 359 -21.73 32.16 -77.51
N PHE EA 360 -20.97 31.10 -77.82
CA PHE EA 360 -21.54 29.81 -78.23
C PHE EA 360 -21.95 29.08 -76.95
N PHE EA 361 -23.24 29.09 -76.63
CA PHE EA 361 -23.71 28.35 -75.46
C PHE EA 361 -23.76 26.86 -75.74
N GLY EA 362 -24.27 26.48 -76.91
CA GLY EA 362 -24.40 25.09 -77.27
C GLY EA 362 -23.25 24.60 -78.13
N SER EA 363 -23.12 23.29 -78.22
CA SER EA 363 -22.14 22.67 -79.09
C SER EA 363 -22.71 21.41 -79.74
N GLN EA 364 -23.94 21.50 -80.21
CA GLN EA 364 -24.64 20.35 -80.78
C GLN EA 364 -24.31 20.20 -82.26
N THR EA 365 -24.00 18.97 -82.67
CA THR EA 365 -23.84 18.67 -84.08
C THR EA 365 -25.20 18.61 -84.76
N THR EA 366 -25.22 18.38 -86.07
CA THR EA 366 -26.50 18.24 -86.75
C THR EA 366 -27.18 16.90 -86.49
N ASN EA 367 -26.49 15.96 -85.87
CA ASN EA 367 -27.06 14.64 -85.64
C ASN EA 367 -28.21 14.71 -84.64
N ARG EA 368 -29.30 14.01 -84.95
CA ARG EA 368 -30.40 13.90 -84.01
C ARG EA 368 -30.29 12.58 -83.28
N PRO EA 369 -30.00 12.56 -81.98
CA PRO EA 369 -29.82 11.30 -81.28
C PRO EA 369 -31.08 10.44 -81.32
N ARG EA 370 -30.90 9.14 -81.46
CA ARG EA 370 -32.00 8.20 -81.35
C ARG EA 370 -32.44 8.08 -79.89
N VAL EA 371 -33.70 7.74 -79.70
CA VAL EA 371 -34.31 7.62 -78.37
C VAL EA 371 -34.53 6.14 -78.09
N TYR EA 372 -34.09 5.69 -76.93
CA TYR EA 372 -34.11 4.28 -76.56
C TYR EA 372 -34.91 4.09 -75.28
N ASN EA 373 -35.01 2.83 -74.86
CA ASN EA 373 -35.75 2.47 -73.65
C ASN EA 373 -34.86 2.32 -72.42
N THR EA 374 -33.58 2.64 -72.51
CA THR EA 374 -32.69 2.58 -71.36
C THR EA 374 -31.98 3.92 -71.19
N ASN EA 375 -31.74 4.29 -69.93
CA ASN EA 375 -31.04 5.54 -69.64
C ASN EA 375 -29.65 5.54 -70.24
N GLU EA 376 -28.94 4.41 -70.15
CA GLU EA 376 -27.57 4.35 -70.65
C GLU EA 376 -27.51 4.59 -72.16
N ALA EA 377 -28.40 3.95 -72.91
CA ALA EA 377 -28.41 4.13 -74.36
C ALA EA 377 -28.77 5.57 -74.74
N ASN EA 378 -29.75 6.16 -74.06
CA ASN EA 378 -30.11 7.55 -74.34
C ASN EA 378 -28.95 8.47 -74.04
N ALA EA 379 -28.29 8.30 -72.90
CA ALA EA 379 -27.16 9.14 -72.55
C ALA EA 379 -26.05 9.01 -73.58
N ASN EA 380 -25.73 7.77 -73.99
CA ASN EA 380 -24.67 7.57 -74.96
C ASN EA 380 -25.02 8.19 -76.31
N ALA EA 381 -26.27 8.04 -76.75
CA ALA EA 381 -26.69 8.64 -78.01
C ALA EA 381 -26.58 10.16 -77.95
N ARG EA 382 -26.98 10.76 -76.82
CA ARG EA 382 -26.97 12.20 -76.71
C ARG EA 382 -25.56 12.77 -76.79
N ILE EA 383 -24.63 12.20 -76.02
CA ILE EA 383 -23.26 12.73 -75.98
C ILE EA 383 -22.52 12.46 -77.28
N SER EA 384 -22.88 11.39 -77.99
CA SER EA 384 -22.26 11.10 -79.27
C SER EA 384 -22.73 12.06 -80.36
N ALA EA 385 -23.62 12.98 -80.05
CA ALA EA 385 -24.04 14.03 -80.97
C ALA EA 385 -23.49 15.41 -80.59
N MET EA 386 -22.58 15.48 -79.62
CA MET EA 386 -22.04 16.75 -79.14
C MET EA 386 -20.66 16.98 -79.73
N LEU EA 387 -20.46 18.16 -80.31
CA LEU EA 387 -19.21 18.48 -80.99
C LEU EA 387 -17.97 18.32 -80.12
N PRO EA 388 -17.91 18.80 -78.86
CA PRO EA 388 -16.68 18.61 -78.08
C PRO EA 388 -16.31 17.14 -77.91
N TYR EA 389 -17.28 16.31 -77.56
CA TYR EA 389 -16.99 14.90 -77.32
C TYR EA 389 -16.64 14.18 -78.61
N VAL EA 390 -17.31 14.54 -79.72
CA VAL EA 390 -16.97 13.94 -81.00
C VAL EA 390 -15.56 14.32 -81.43
N LEU EA 391 -15.16 15.57 -81.17
CA LEU EA 391 -13.78 15.99 -81.46
C LEU EA 391 -12.78 15.18 -80.64
N ALA EA 392 -13.06 14.98 -79.36
CA ALA EA 392 -12.15 14.18 -78.53
C ALA EA 392 -12.06 12.75 -79.03
N ALA EA 393 -13.21 12.14 -79.36
CA ALA EA 393 -13.21 10.77 -79.85
C ALA EA 393 -12.44 10.65 -81.16
N SER EA 394 -12.59 11.66 -82.03
CA SER EA 394 -11.86 11.67 -83.30
C SER EA 394 -10.36 11.79 -83.07
N ARG EA 395 -9.94 12.63 -82.12
CA ARG EA 395 -8.51 12.71 -81.80
C ARG EA 395 -7.98 11.36 -81.34
N PHE EA 396 -8.76 10.65 -80.51
CA PHE EA 396 -8.31 9.34 -80.09
C PHE EA 396 -8.26 8.36 -81.25
N ALA EA 397 -9.18 8.47 -82.20
CA ALA EA 397 -9.09 7.65 -83.40
C ALA EA 397 -7.78 7.90 -84.14
N HIS EA 398 -7.40 9.17 -84.28
CA HIS EA 398 -6.15 9.49 -84.98
C HIS EA 398 -4.95 8.90 -84.25
N TYR EA 399 -4.92 9.06 -82.92
CA TYR EA 399 -3.81 8.52 -82.14
C TYR EA 399 -3.74 7.00 -82.26
N LEU EA 400 -4.90 6.34 -82.18
CA LEU EA 400 -4.93 4.89 -82.28
C LEU EA 400 -4.41 4.44 -83.64
N LYS EA 401 -4.85 5.09 -84.71
CA LYS EA 401 -4.34 4.77 -86.04
C LYS EA 401 -2.82 4.84 -86.07
N VAL EA 402 -2.25 5.95 -85.57
CA VAL EA 402 -0.80 6.14 -85.69
C VAL EA 402 -0.04 5.11 -84.84
N ILE EA 403 -0.41 4.96 -83.58
CA ILE EA 403 0.38 4.11 -82.69
C ILE EA 403 0.23 2.63 -83.07
N MET EA 404 -0.98 2.19 -83.43
CA MET EA 404 -1.13 0.81 -83.83
C MET EA 404 -0.48 0.53 -85.18
N ARG EA 405 -0.47 1.51 -86.10
CA ARG EA 405 0.33 1.34 -87.30
C ARG EA 405 1.80 1.12 -86.95
N ASP EA 406 2.29 1.83 -85.93
CA ASP EA 406 3.66 1.58 -85.49
C ASP EA 406 3.83 0.19 -84.88
N LYS EA 407 2.77 -0.39 -84.33
CA LYS EA 407 2.89 -1.71 -83.70
C LYS EA 407 2.68 -2.89 -84.65
N VAL EA 408 2.24 -2.65 -85.89
CA VAL EA 408 2.08 -3.76 -86.83
C VAL EA 408 3.42 -4.44 -87.06
N GLY EA 409 3.43 -5.78 -86.99
CA GLY EA 409 4.62 -6.57 -87.22
C GLY EA 409 5.39 -6.94 -85.97
N SER EA 410 5.16 -6.26 -84.86
CA SER EA 410 5.77 -6.64 -83.59
C SER EA 410 5.09 -7.89 -83.02
N PHE EA 411 5.83 -8.63 -82.21
CA PHE EA 411 5.29 -9.81 -81.53
C PHE EA 411 4.30 -9.36 -80.46
N MET EA 412 3.01 -9.59 -80.70
CA MET EA 412 1.99 -9.12 -79.77
C MET EA 412 0.84 -10.12 -79.67
N THR EA 413 0.54 -10.53 -78.44
CA THR EA 413 -0.66 -11.30 -78.17
C THR EA 413 -1.85 -10.36 -77.99
N ARG EA 414 -3.03 -10.93 -77.79
CA ARG EA 414 -4.21 -10.13 -77.45
C ARG EA 414 -3.99 -9.36 -76.15
N ASP EA 415 -3.42 -10.03 -75.15
CA ASP EA 415 -3.17 -9.36 -73.87
C ASP EA 415 -2.12 -8.27 -74.00
N ASN EA 416 -1.09 -8.48 -74.83
CA ASN EA 416 -0.10 -7.44 -75.06
C ASN EA 416 -0.77 -6.18 -75.61
N VAL EA 417 -1.65 -6.35 -76.60
CA VAL EA 417 -2.34 -5.21 -77.21
C VAL EA 417 -3.20 -4.51 -76.17
N GLN EA 418 -3.97 -5.28 -75.40
CA GLN EA 418 -4.84 -4.67 -74.40
C GLN EA 418 -4.03 -3.89 -73.37
N THR EA 419 -2.96 -4.49 -72.87
CA THR EA 419 -2.13 -3.83 -71.87
C THR EA 419 -1.52 -2.55 -72.43
N TYR EA 420 -0.99 -2.60 -73.65
CA TYR EA 420 -0.38 -1.43 -74.25
C TYR EA 420 -1.40 -0.31 -74.41
N LEU EA 421 -2.58 -0.62 -74.93
CA LEU EA 421 -3.55 0.42 -75.21
C LEU EA 421 -4.12 1.02 -73.93
N ASN EA 422 -4.34 0.20 -72.90
CA ASN EA 422 -4.83 0.75 -71.64
C ASN EA 422 -3.76 1.57 -70.93
N ASN EA 423 -2.50 1.14 -71.03
CA ASN EA 423 -1.40 1.93 -70.49
C ASN EA 423 -1.30 3.27 -71.18
N TRP EA 424 -1.41 3.27 -72.51
CA TRP EA 424 -1.24 4.50 -73.27
C TRP EA 424 -2.33 5.52 -72.96
N ILE EA 425 -3.58 5.06 -72.85
CA ILE EA 425 -4.70 5.98 -72.68
C ILE EA 425 -4.80 6.52 -71.26
N ALA EA 426 -4.13 5.88 -70.29
CA ALA EA 426 -4.27 6.28 -68.89
C ALA EA 426 -3.79 7.71 -68.64
N ASP EA 427 -2.84 8.19 -69.45
CA ASP EA 427 -2.29 9.52 -69.25
C ASP EA 427 -3.29 10.64 -69.54
N TYR EA 428 -4.41 10.33 -70.18
CA TYR EA 428 -5.40 11.35 -70.54
C TYR EA 428 -6.61 11.35 -69.62
N VAL EA 429 -6.55 10.63 -68.50
CA VAL EA 429 -7.69 10.43 -67.62
C VAL EA 429 -7.47 11.25 -66.36
N LEU EA 430 -8.49 12.01 -65.96
CA LEU EA 430 -8.46 12.78 -64.73
C LEU EA 430 -9.65 12.35 -63.87
N ILE EA 431 -9.35 11.83 -62.68
CA ILE EA 431 -10.38 11.28 -61.80
C ILE EA 431 -11.06 12.38 -60.98
N ASN EA 432 -10.33 13.44 -60.64
CA ASN EA 432 -10.79 14.45 -59.69
C ASN EA 432 -11.87 15.33 -60.33
N ASP EA 433 -13.13 15.13 -59.93
CA ASP EA 433 -14.21 15.94 -60.44
C ASP EA 433 -14.32 17.29 -59.75
N ASN EA 434 -13.51 17.54 -58.72
CA ASN EA 434 -13.44 18.84 -58.07
C ASN EA 434 -12.35 19.74 -58.65
N ALA EA 435 -11.62 19.27 -59.65
CA ALA EA 435 -10.61 20.11 -60.27
C ALA EA 435 -11.27 21.31 -60.96
N PRO EA 436 -10.59 22.44 -61.03
CA PRO EA 436 -11.17 23.61 -61.68
C PRO EA 436 -11.36 23.40 -63.16
N GLN EA 437 -12.06 24.36 -63.78
CA GLN EA 437 -12.38 24.27 -65.21
C GLN EA 437 -11.11 24.18 -66.05
N GLU EA 438 -10.10 24.98 -65.73
CA GLU EA 438 -8.89 25.01 -66.54
C GLU EA 438 -8.12 23.70 -66.48
N ILE EA 439 -8.26 22.95 -65.39
CA ILE EA 439 -7.62 21.64 -65.31
C ILE EA 439 -8.41 20.60 -66.07
N LYS EA 440 -9.73 20.55 -65.86
CA LYS EA 440 -10.57 19.60 -66.59
C LYS EA 440 -10.46 19.79 -68.09
N ALA EA 441 -10.24 21.02 -68.54
CA ALA EA 441 -10.08 21.27 -69.97
C ALA EA 441 -8.87 20.52 -70.55
N GLN EA 442 -7.87 20.24 -69.73
CA GLN EA 442 -6.64 19.60 -70.19
C GLN EA 442 -6.74 18.09 -70.29
N TYR EA 443 -7.77 17.47 -69.72
CA TYR EA 443 -7.91 16.02 -69.73
C TYR EA 443 -9.24 15.63 -70.36
N PRO EA 444 -9.23 15.00 -71.53
CA PRO EA 444 -10.51 14.69 -72.21
C PRO EA 444 -11.33 13.62 -71.52
N LEU EA 445 -10.76 12.82 -70.62
CA LEU EA 445 -11.43 11.65 -70.10
C LEU EA 445 -11.56 11.69 -68.58
N ARG EA 446 -12.69 11.22 -68.08
CA ARG EA 446 -12.83 10.89 -66.67
C ARG EA 446 -12.67 9.40 -66.41
N GLU EA 447 -12.90 8.57 -67.42
CA GLU EA 447 -12.70 7.14 -67.37
C GLU EA 447 -12.46 6.62 -68.78
N ALA EA 448 -11.69 5.54 -68.89
CA ALA EA 448 -11.49 4.89 -70.17
C ALA EA 448 -11.14 3.43 -69.94
N ARG EA 449 -11.45 2.60 -70.94
CA ARG EA 449 -11.07 1.20 -70.91
C ARG EA 449 -11.04 0.66 -72.33
N VAL EA 450 -10.05 -0.17 -72.62
CA VAL EA 450 -9.90 -0.82 -73.92
C VAL EA 450 -10.06 -2.32 -73.70
N ASP EA 451 -10.96 -2.93 -74.46
CA ASP EA 451 -11.17 -4.37 -74.45
C ASP EA 451 -10.74 -4.93 -75.79
N VAL EA 452 -9.87 -5.94 -75.77
CA VAL EA 452 -9.32 -6.53 -76.98
C VAL EA 452 -9.68 -8.00 -77.04
N SER EA 453 -10.07 -8.48 -78.22
CA SER EA 453 -10.43 -9.87 -78.43
C SER EA 453 -9.73 -10.40 -79.67
N GLU EA 454 -9.51 -11.71 -79.70
CA GLU EA 454 -8.92 -12.37 -80.85
C GLU EA 454 -9.97 -12.66 -81.91
N VAL EA 455 -9.52 -12.83 -83.14
CA VAL EA 455 -10.36 -13.27 -84.24
C VAL EA 455 -10.01 -14.72 -84.52
N VAL EA 456 -11.00 -15.61 -84.37
CA VAL EA 456 -10.74 -17.04 -84.48
C VAL EA 456 -10.21 -17.37 -85.87
N GLY EA 457 -9.18 -18.21 -85.90
CA GLY EA 457 -8.61 -18.67 -87.15
C GLY EA 457 -7.64 -17.70 -87.81
N LYS EA 458 -7.35 -16.57 -87.19
CA LYS EA 458 -6.48 -15.55 -87.78
C LYS EA 458 -5.45 -15.10 -86.75
N PRO EA 459 -4.30 -15.78 -86.67
CA PRO EA 459 -3.26 -15.34 -85.73
C PRO EA 459 -2.84 -13.90 -86.00
N GLY EA 460 -2.68 -13.14 -84.92
CA GLY EA 460 -2.25 -11.75 -85.02
C GLY EA 460 -3.31 -10.77 -85.47
N VAL EA 461 -4.57 -11.18 -85.56
CA VAL EA 461 -5.68 -10.32 -85.95
C VAL EA 461 -6.57 -10.11 -84.73
N TYR EA 462 -6.86 -8.85 -84.40
CA TYR EA 462 -7.57 -8.53 -83.18
C TYR EA 462 -8.65 -7.49 -83.43
N ARG EA 463 -9.63 -7.46 -82.54
CA ARG EA 463 -10.67 -6.44 -82.50
C ARG EA 463 -10.67 -5.78 -81.13
N ALA EA 464 -10.89 -4.48 -81.09
CA ALA EA 464 -10.89 -3.75 -79.83
C ALA EA 464 -12.11 -2.84 -79.75
N THR EA 465 -12.56 -2.61 -78.51
CA THR EA 465 -13.55 -1.59 -78.23
C THR EA 465 -12.96 -0.61 -77.24
N VAL EA 466 -13.03 0.67 -77.58
CA VAL EA 466 -12.46 1.74 -76.77
C VAL EA 466 -13.61 2.52 -76.17
N PHE EA 467 -13.79 2.42 -74.85
CA PHE EA 467 -14.83 3.14 -74.14
C PHE EA 467 -14.22 4.42 -73.57
N LEU EA 468 -14.80 5.56 -73.94
CA LEU EA 468 -14.34 6.87 -73.51
C LEU EA 468 -15.44 7.55 -72.72
N ARG EA 469 -15.17 7.88 -71.47
CA ARG EA 469 -16.13 8.62 -70.65
C ARG EA 469 -15.59 10.02 -70.42
N PRO EA 470 -16.09 11.02 -71.12
CA PRO EA 470 -15.55 12.38 -70.99
C PRO EA 470 -16.03 13.05 -69.71
N HIS EA 471 -15.44 14.21 -69.43
CA HIS EA 471 -15.99 15.12 -68.43
C HIS EA 471 -17.15 15.87 -69.07
N PHE EA 472 -18.32 15.82 -68.43
CA PHE EA 472 -19.53 16.35 -69.04
C PHE EA 472 -19.73 17.81 -68.69
N GLN EA 473 -20.26 18.57 -69.65
CA GLN EA 473 -20.48 19.99 -69.50
C GLN EA 473 -21.95 20.27 -69.20
N LEU EA 474 -22.18 21.29 -68.38
CA LEU EA 474 -23.54 21.64 -67.97
C LEU EA 474 -24.37 22.03 -69.17
N GLU EA 475 -25.55 21.42 -69.28
CA GLU EA 475 -26.47 21.68 -70.38
C GLU EA 475 -27.72 22.44 -69.95
N GLU EA 476 -28.39 21.98 -68.90
CA GLU EA 476 -29.66 22.53 -68.46
C GLU EA 476 -29.75 22.47 -66.95
N LEU EA 477 -30.56 23.37 -66.38
CA LEU EA 477 -30.86 23.34 -64.95
C LEU EA 477 -32.29 23.80 -64.76
N THR EA 478 -33.11 22.97 -64.14
CA THR EA 478 -34.46 23.35 -63.74
C THR EA 478 -34.49 23.52 -62.23
N ALA EA 479 -34.88 24.70 -61.77
CA ALA EA 479 -34.81 25.04 -60.36
C ALA EA 479 -36.19 25.43 -59.83
N SER EA 480 -36.47 25.00 -58.60
CA SER EA 480 -37.68 25.38 -57.89
C SER EA 480 -37.27 26.15 -56.64
N ILE EA 481 -37.75 27.38 -56.52
CA ILE EA 481 -37.47 28.23 -55.36
C ILE EA 481 -38.66 28.16 -54.41
N ARG EA 482 -38.38 27.96 -53.13
CA ARG EA 482 -39.42 27.72 -52.13
C ARG EA 482 -39.08 28.46 -50.84
N LEU EA 483 -39.92 29.41 -50.45
CA LEU EA 483 -39.83 30.03 -49.14
C LEU EA 483 -40.36 29.07 -48.09
N VAL EA 484 -39.61 28.87 -47.02
CA VAL EA 484 -40.02 27.96 -45.95
C VAL EA 484 -39.77 28.60 -44.60
N ALA EA 485 -40.65 28.28 -43.63
CA ALA EA 485 -40.40 28.68 -42.25
C ALA EA 485 -39.34 27.81 -41.60
N THR EA 486 -39.21 26.56 -42.04
CA THR EA 486 -38.18 25.66 -41.54
C THR EA 486 -37.63 24.84 -42.72
N LEU EA 487 -36.33 24.61 -42.72
CA LEU EA 487 -35.71 23.86 -43.80
C LEU EA 487 -36.12 22.39 -43.72
N PRO EA 488 -36.74 21.83 -44.75
CA PRO EA 488 -37.02 20.39 -44.74
C PRO EA 488 -35.75 19.61 -44.97
N PRO EA 489 -35.70 18.34 -44.55
CA PRO EA 489 -34.53 17.52 -44.83
C PRO EA 489 -34.42 17.24 -46.32
N PRO EA 490 -33.21 17.00 -46.84
CA PRO EA 490 -33.02 16.78 -48.28
C PRO EA 490 -33.62 15.47 -48.76
N GLU FA 3 20.82 1.57 -83.94
CA GLU FA 3 21.67 0.97 -82.90
C GLU FA 3 22.93 1.81 -82.68
N SER FA 4 23.25 2.06 -81.41
CA SER FA 4 24.46 2.77 -81.07
C SER FA 4 25.69 1.95 -81.47
N THR FA 5 26.74 2.65 -81.91
CA THR FA 5 28.00 1.98 -82.22
C THR FA 5 28.58 1.28 -81.00
N GLN FA 6 28.26 1.78 -79.80
CA GLN FA 6 28.68 1.09 -78.58
C GLN FA 6 28.12 -0.32 -78.53
N HIS FA 7 26.86 -0.49 -78.94
CA HIS FA 7 26.24 -1.81 -78.91
C HIS FA 7 26.69 -2.69 -80.07
N LYS FA 8 27.16 -2.12 -81.17
CA LYS FA 8 27.78 -2.93 -82.21
C LYS FA 8 29.02 -3.62 -81.68
N LEU FA 9 29.80 -2.94 -80.85
CA LEU FA 9 30.98 -3.52 -80.24
C LEU FA 9 30.66 -4.61 -79.24
N ASP FA 10 29.40 -4.77 -78.84
CA ASP FA 10 29.00 -5.95 -78.09
C ASP FA 10 29.23 -7.22 -78.90
N ARG FA 11 29.09 -7.14 -80.21
CA ARG FA 11 29.09 -8.32 -81.09
C ARG FA 11 30.34 -8.46 -81.94
N ILE FA 12 30.93 -7.37 -82.40
CA ILE FA 12 32.01 -7.41 -83.37
C ILE FA 12 33.33 -7.27 -82.63
N ARG FA 13 34.02 -8.39 -82.45
CA ARG FA 13 35.31 -8.45 -81.76
C ARG FA 13 35.30 -7.66 -80.45
N PRO FA 14 34.43 -8.03 -79.50
CA PRO FA 14 34.28 -7.21 -78.31
C PRO FA 14 35.50 -7.32 -77.40
N PRO FA 15 35.79 -6.29 -76.63
CA PRO FA 15 36.84 -6.39 -75.61
C PRO FA 15 36.34 -7.15 -74.39
N ARG FA 16 37.27 -7.47 -73.49
CA ARG FA 16 36.90 -8.08 -72.22
C ARG FA 16 36.02 -7.15 -71.39
N VAL FA 17 36.38 -5.87 -71.36
CA VAL FA 17 35.63 -4.87 -70.60
C VAL FA 17 34.90 -4.01 -71.61
N GLN FA 18 33.60 -4.27 -71.77
CA GLN FA 18 32.77 -3.61 -72.77
C GLN FA 18 31.78 -2.70 -72.06
N ILE FA 19 31.82 -1.41 -72.39
CA ILE FA 19 31.05 -0.40 -71.67
C ILE FA 19 30.19 0.37 -72.66
N THR FA 20 28.91 0.54 -72.33
CA THR FA 20 27.97 1.32 -73.14
C THR FA 20 27.24 2.31 -72.25
N TYR FA 21 26.69 3.34 -72.87
CA TYR FA 21 25.78 4.25 -72.20
C TYR FA 21 24.36 3.93 -72.62
N ASP FA 22 23.44 3.96 -71.65
CA ASP FA 22 22.04 3.70 -71.94
C ASP FA 22 21.15 4.63 -71.13
N VAL FA 23 20.01 4.98 -71.71
CA VAL FA 23 18.98 5.73 -71.01
C VAL FA 23 18.14 4.76 -70.21
N GLU FA 24 18.02 5.00 -68.91
CA GLU FA 24 17.21 4.17 -68.04
C GLU FA 24 15.75 4.58 -68.20
N THR FA 25 14.96 3.76 -68.90
CA THR FA 25 13.56 4.07 -69.12
C THR FA 25 12.60 3.11 -68.44
N GLY FA 26 13.10 2.05 -67.81
CA GLY FA 26 12.22 1.12 -67.12
C GLY FA 26 11.19 0.52 -68.06
N ASN FA 27 9.93 0.50 -67.62
CA ASN FA 27 8.82 -0.02 -68.39
C ASN FA 27 8.05 1.07 -69.12
N ALA FA 28 8.65 2.24 -69.31
CA ALA FA 28 7.95 3.34 -69.94
C ALA FA 28 7.77 3.11 -71.44
N ILE FA 29 6.69 3.65 -71.98
CA ILE FA 29 6.42 3.60 -73.41
C ILE FA 29 6.55 5.02 -73.97
N GLU FA 30 6.98 5.10 -75.22
CA GLU FA 30 7.12 6.39 -75.89
C GLU FA 30 5.75 6.98 -76.20
N LYS FA 31 5.63 8.30 -76.03
CA LYS FA 31 4.37 9.01 -76.24
C LYS FA 31 4.57 9.96 -77.41
N LYS FA 32 4.29 9.49 -78.62
CA LYS FA 32 4.34 10.36 -79.78
C LYS FA 32 3.13 11.29 -79.78
N GLU FA 33 3.38 12.57 -80.04
CA GLU FA 33 2.33 13.58 -80.07
C GLU FA 33 1.94 13.91 -81.50
N LEU FA 34 0.66 14.14 -81.72
CA LEU FA 34 0.19 14.57 -83.02
C LEU FA 34 -0.20 16.03 -82.99
N PRO FA 35 0.17 16.80 -84.01
CA PRO FA 35 -0.29 18.20 -84.07
C PRO FA 35 -1.77 18.26 -84.35
N LEU FA 36 -2.38 19.37 -83.96
CA LEU FA 36 -3.73 19.68 -84.42
C LEU FA 36 -3.64 20.22 -85.84
N VAL FA 37 -4.35 19.59 -86.77
CA VAL FA 37 -4.37 20.01 -88.16
C VAL FA 37 -5.79 20.41 -88.51
N VAL FA 38 -5.97 21.67 -88.89
CA VAL FA 38 -7.28 22.18 -89.31
C VAL FA 38 -7.27 22.29 -90.82
N GLY FA 39 -8.20 21.59 -91.47
CA GLY FA 39 -8.38 21.72 -92.90
C GLY FA 39 -9.43 22.76 -93.23
N ILE FA 40 -9.06 23.75 -94.02
CA ILE FA 40 -9.95 24.86 -94.36
C ILE FA 40 -10.36 24.73 -95.82
N LEU FA 41 -11.67 24.75 -96.06
CA LEU FA 41 -12.23 24.72 -97.42
C LEU FA 41 -12.89 26.07 -97.66
N ALA FA 42 -12.36 26.83 -98.60
CA ALA FA 42 -12.87 28.18 -98.85
C ALA FA 42 -12.75 28.53 -100.32
N ASP FA 43 -13.74 29.27 -100.82
CA ASP FA 43 -13.76 29.75 -102.20
C ASP FA 43 -13.09 31.12 -102.22
N LEU FA 44 -11.78 31.11 -102.41
CA LEU FA 44 -11.00 32.34 -102.29
C LEU FA 44 -10.63 32.93 -103.65
N MET FA 56 -8.26 17.61 -108.21
CA MET FA 56 -7.28 16.55 -108.01
C MET FA 56 -5.87 17.11 -107.96
N GLU FA 57 -5.61 18.14 -108.74
CA GLU FA 57 -4.28 18.73 -108.83
C GLU FA 57 -4.05 19.84 -107.82
N ARG FA 58 -5.09 20.28 -107.10
CA ARG FA 58 -4.89 21.24 -106.02
C ARG FA 58 -4.45 20.51 -104.75
N ARG FA 59 -4.11 21.29 -103.74
CA ARG FA 59 -3.60 20.70 -102.52
C ARG FA 59 -3.94 21.59 -101.33
N PHE FA 60 -3.88 20.99 -100.15
CA PHE FA 60 -4.01 21.71 -98.89
C PHE FA 60 -2.68 22.38 -98.59
N VAL FA 61 -2.59 23.68 -98.82
CA VAL FA 61 -1.35 24.42 -98.60
C VAL FA 61 -1.33 24.95 -97.18
N GLU FA 62 -0.23 24.73 -96.47
CA GLU FA 62 -0.12 25.19 -95.10
C GLU FA 62 -0.06 26.70 -95.06
N ILE FA 63 -0.85 27.31 -94.18
CA ILE FA 63 -0.97 28.76 -94.10
C ILE FA 63 -0.76 29.19 -92.66
N ASN FA 64 -0.06 30.31 -92.48
CA ASN FA 64 0.23 30.82 -91.16
C ASN FA 64 0.45 32.33 -91.28
N ARG FA 65 0.69 32.97 -90.13
CA ARG FA 65 0.83 34.42 -90.12
C ARG FA 65 2.04 34.87 -90.93
N ASP FA 66 3.04 34.01 -91.10
CA ASP FA 66 4.24 34.40 -91.83
C ASP FA 66 4.01 34.46 -93.34
N ASN FA 67 3.35 33.44 -93.90
CA ASN FA 67 3.24 33.31 -95.35
C ASN FA 67 1.86 33.69 -95.87
N PHE FA 68 1.03 34.34 -95.04
CA PHE FA 68 -0.35 34.61 -95.42
C PHE FA 68 -0.43 35.44 -96.71
N ASN FA 69 0.39 36.49 -96.80
CA ASN FA 69 0.37 37.33 -97.99
C ASN FA 69 0.88 36.58 -99.22
N ASP FA 70 1.85 35.69 -99.05
CA ASP FA 70 2.32 34.88 -100.17
C ASP FA 70 1.22 33.98 -100.70
N VAL FA 71 0.43 33.37 -99.81
CA VAL FA 71 -0.68 32.53 -100.24
C VAL FA 71 -1.77 33.38 -100.89
N LEU FA 72 -2.02 34.57 -100.35
CA LEU FA 72 -2.96 35.49 -101.00
C LEU FA 72 -2.50 35.82 -102.42
N ALA FA 73 -1.21 36.08 -102.59
CA ALA FA 73 -0.69 36.41 -103.92
C ALA FA 73 -0.81 35.21 -104.86
N SER FA 74 -0.47 34.01 -104.38
CA SER FA 74 -0.53 32.83 -105.23
C SER FA 74 -1.96 32.52 -105.64
N ILE FA 75 -2.92 32.76 -104.75
CA ILE FA 75 -4.32 32.64 -105.14
C ILE FA 75 -4.72 33.77 -106.07
N ALA FA 76 -4.25 34.99 -105.78
CA ALA FA 76 -4.47 36.18 -106.59
C ALA FA 76 -5.95 36.44 -106.83
N PRO FA 77 -6.73 36.77 -105.78
CA PRO FA 77 -8.16 37.04 -105.96
C PRO FA 77 -8.43 38.32 -106.75
N GLN GA 90 1.80 75.41 -79.62
CA GLN GA 90 1.35 75.09 -78.27
C GLN GA 90 1.53 73.61 -77.96
N LYS GA 91 0.98 72.75 -78.83
CA LYS GA 91 1.05 71.31 -78.59
C LYS GA 91 2.49 70.81 -78.61
N LEU GA 92 3.29 71.29 -79.57
CA LEU GA 92 4.70 70.94 -79.59
C LEU GA 92 5.44 71.55 -78.42
N GLU GA 93 5.19 72.84 -78.14
CA GLU GA 93 5.87 73.51 -77.04
C GLU GA 93 5.54 72.85 -75.71
N ALA GA 94 4.27 72.49 -75.50
CA ALA GA 94 3.87 71.85 -74.25
C ALA GA 94 4.58 70.52 -74.07
N SER GA 95 4.72 69.74 -75.14
CA SER GA 95 5.45 68.47 -75.05
C SER GA 95 6.91 68.69 -74.71
N TRP GA 96 7.55 69.65 -75.36
CA TRP GA 96 8.97 69.89 -75.09
C TRP GA 96 9.17 70.51 -73.71
N ARG GA 97 8.30 71.44 -73.32
CA ARG GA 97 8.43 72.05 -72.00
C ARG GA 97 8.13 71.06 -70.89
N GLY GA 98 7.12 70.22 -71.07
CA GLY GA 98 6.86 69.17 -70.10
C GLY GA 98 8.03 68.22 -69.97
N LEU GA 99 8.61 67.83 -71.11
CA LEU GA 99 9.79 66.97 -71.09
C LEU GA 99 10.97 67.68 -70.42
N HIS GA 100 11.19 68.95 -70.75
CA HIS GA 100 12.31 69.69 -70.16
C HIS GA 100 12.17 69.79 -68.66
N MET GA 101 10.96 70.07 -68.17
CA MET GA 101 10.73 70.14 -66.73
C MET GA 101 11.02 68.80 -66.05
N LEU GA 102 10.58 67.69 -66.66
CA LEU GA 102 10.85 66.38 -66.08
C LEU GA 102 12.36 66.11 -66.03
N VAL GA 103 13.06 66.38 -67.12
CA VAL GA 103 14.50 66.12 -67.18
C VAL GA 103 15.23 66.98 -66.16
N LYS GA 104 14.90 68.27 -66.10
CA LYS GA 104 15.61 69.18 -65.21
C LYS GA 104 15.36 68.86 -63.74
N ASN GA 105 14.19 68.34 -63.40
CA ASN GA 105 13.81 68.08 -62.03
C ASN GA 105 14.06 66.63 -61.60
N THR GA 106 14.68 65.82 -62.45
CA THR GA 106 14.97 64.43 -62.12
C THR GA 106 16.46 64.26 -61.88
N GLU GA 107 16.80 63.63 -60.77
CA GLU GA 107 18.20 63.37 -60.41
C GLU GA 107 18.71 62.16 -61.21
N THR GA 108 18.93 62.41 -62.50
CA THR GA 108 19.49 61.38 -63.37
C THR GA 108 20.93 61.08 -62.95
N GLY GA 109 21.35 59.84 -63.22
CA GLY GA 109 22.69 59.42 -62.81
C GLY GA 109 22.86 57.93 -62.97
N ALA GA 110 23.76 57.37 -62.16
CA ALA GA 110 24.03 55.94 -62.23
C ALA GA 110 22.77 55.13 -61.93
N ARG GA 111 21.98 55.59 -60.97
CA ARG GA 111 20.82 54.85 -60.49
C ARG GA 111 19.51 55.21 -61.20
N LEU GA 112 19.50 56.25 -62.04
CA LEU GA 112 18.26 56.75 -62.60
C LEU GA 112 18.50 57.23 -64.02
N LYS GA 113 17.81 56.63 -64.98
CA LYS GA 113 17.98 56.97 -66.39
C LYS GA 113 16.64 57.28 -67.03
N LEU GA 114 16.65 58.27 -67.91
CA LEU GA 114 15.51 58.60 -68.76
C LEU GA 114 15.89 58.30 -70.20
N ARG GA 115 15.04 57.56 -70.90
CA ARG GA 115 15.24 57.21 -72.30
C ARG GA 115 14.03 57.63 -73.10
N LEU GA 116 14.26 58.25 -74.26
CA LEU GA 116 13.22 58.92 -75.01
C LEU GA 116 13.06 58.29 -76.39
N LEU GA 117 11.82 57.96 -76.75
CA LEU GA 117 11.48 57.46 -78.07
C LEU GA 117 10.56 58.47 -78.74
N ASN GA 118 11.03 59.09 -79.81
CA ASN GA 118 10.27 60.09 -80.54
C ASN GA 118 9.37 59.38 -81.55
N VAL GA 119 8.06 59.41 -81.30
CA VAL GA 119 7.10 58.65 -82.10
C VAL GA 119 5.72 59.25 -81.89
N THR GA 120 4.94 59.31 -82.97
CA THR GA 120 3.59 59.84 -82.89
C THR GA 120 2.60 58.75 -82.47
N GLN GA 121 1.42 59.18 -82.04
CA GLN GA 121 0.38 58.25 -81.62
C GLN GA 121 -0.06 57.35 -82.77
N LYS GA 122 -0.21 57.92 -83.97
CA LYS GA 122 -0.60 57.14 -85.13
C LYS GA 122 0.46 56.12 -85.50
N GLU GA 123 1.74 56.49 -85.39
CA GLU GA 123 2.82 55.54 -85.67
C GLU GA 123 2.78 54.37 -84.68
N LEU GA 124 2.55 54.64 -83.40
CA LEU GA 124 2.42 53.56 -82.43
C LEU GA 124 1.24 52.66 -82.79
N LEU GA 125 0.10 53.26 -83.15
CA LEU GA 125 -1.06 52.45 -83.51
C LEU GA 125 -0.75 51.56 -84.70
N ILE GA 126 -0.09 52.11 -85.71
CA ILE GA 126 0.24 51.34 -86.91
C ILE GA 126 1.19 50.20 -86.56
N ASP GA 127 2.24 50.51 -85.78
CA ASP GA 127 3.21 49.49 -85.42
C ASP GA 127 2.55 48.35 -84.65
N LEU GA 128 1.65 48.67 -83.73
CA LEU GA 128 1.05 47.64 -82.90
C LEU GA 128 -0.01 46.84 -83.67
N GLU GA 129 -0.78 47.48 -84.54
CA GLU GA 129 -1.82 46.79 -85.28
C GLU GA 129 -1.25 45.93 -86.41
N LYS GA 130 -0.21 46.42 -87.07
CA LYS GA 130 0.31 45.76 -88.27
C LYS GA 130 1.24 44.60 -87.95
N ALA GA 131 1.74 44.51 -86.72
CA ALA GA 131 2.68 43.45 -86.36
C ALA GA 131 2.08 42.08 -86.64
N VAL GA 132 2.91 41.20 -87.21
CA VAL GA 132 2.43 39.87 -87.59
C VAL GA 132 2.05 39.08 -86.34
N GLU GA 133 2.78 39.25 -85.25
CA GLU GA 133 2.47 38.64 -83.96
C GLU GA 133 2.74 39.67 -82.88
N PHE GA 134 2.19 39.42 -81.68
CA PHE GA 134 2.26 40.43 -80.62
C PHE GA 134 3.70 40.74 -80.23
N ASP GA 135 4.60 39.78 -80.35
CA ASP GA 135 5.98 40.00 -79.95
C ASP GA 135 6.86 40.51 -81.09
N GLN GA 136 6.27 40.81 -82.23
CA GLN GA 136 7.03 41.26 -83.40
C GLN GA 136 6.99 42.77 -83.60
N SER GA 137 6.17 43.49 -82.85
CA SER GA 137 6.06 44.94 -83.02
C SER GA 137 7.35 45.62 -82.60
N ALA GA 138 7.62 46.78 -83.22
CA ALA GA 138 8.81 47.55 -82.86
C ALA GA 138 8.79 47.91 -81.38
N LEU GA 139 7.62 48.29 -80.87
CA LEU GA 139 7.52 48.62 -79.45
C LEU GA 139 7.84 47.42 -78.57
N PHE GA 140 7.31 46.24 -78.91
CA PHE GA 140 7.62 45.06 -78.12
C PHE GA 140 9.12 44.77 -78.15
N LYS GA 141 9.73 44.80 -79.33
CA LYS GA 141 11.17 44.57 -79.41
C LYS GA 141 11.92 45.54 -78.50
N LYS GA 142 11.67 46.83 -78.68
CA LYS GA 142 12.46 47.85 -78.00
C LYS GA 142 12.24 47.83 -76.49
N ILE GA 143 11.03 47.57 -76.03
CA ILE GA 143 10.73 47.66 -74.61
C ILE GA 143 11.00 46.33 -73.91
N TYR GA 144 10.49 45.22 -74.45
CA TYR GA 144 10.68 43.93 -73.82
C TYR GA 144 12.03 43.33 -74.20
N GLU GA 145 12.25 43.05 -75.49
CA GLU GA 145 13.34 42.16 -75.86
C GLU GA 145 14.70 42.82 -75.61
N GLU GA 146 14.83 44.09 -75.96
CA GLU GA 146 16.15 44.71 -75.93
C GLU GA 146 16.63 44.99 -74.50
N GLU GA 147 15.73 45.14 -73.54
CA GLU GA 147 16.16 45.40 -72.16
C GLU GA 147 15.75 44.29 -71.21
N TYR GA 148 14.45 44.03 -71.04
CA TYR GA 148 14.03 43.04 -70.06
C TYR GA 148 14.45 41.63 -70.49
N GLY GA 149 14.40 41.34 -71.78
CA GLY GA 149 14.68 40.02 -72.28
C GLY GA 149 16.07 39.78 -72.82
N THR GA 150 17.03 40.63 -72.49
CA THR GA 150 18.40 40.51 -72.98
C THR GA 150 19.38 40.47 -71.82
N PHE GA 151 20.36 39.57 -71.92
CA PHE GA 151 21.44 39.48 -70.95
C PHE GA 151 22.15 40.82 -70.83
N GLY GA 152 22.22 41.36 -69.62
CA GLY GA 152 22.83 42.65 -69.38
C GLY GA 152 21.93 43.85 -69.56
N GLY GA 153 20.67 43.65 -69.93
CA GLY GA 153 19.77 44.78 -70.10
C GLY GA 153 19.31 45.36 -68.78
N HIS GA 154 18.97 46.67 -68.82
CA HIS GA 154 18.38 47.36 -67.68
C HIS GA 154 16.91 47.54 -67.97
N PRO GA 155 16.02 46.73 -67.38
CA PRO GA 155 14.61 46.77 -67.78
C PRO GA 155 13.99 48.13 -67.55
N PHE GA 156 13.11 48.53 -68.47
CA PHE GA 156 12.31 49.72 -68.28
C PHE GA 156 11.44 49.57 -67.04
N SER GA 157 11.62 50.49 -66.09
CA SER GA 157 10.80 50.46 -64.88
C SER GA 157 9.40 51.00 -65.11
N LEU GA 158 9.27 51.98 -66.00
CA LEU GA 158 8.04 52.74 -66.17
C LEU GA 158 8.02 53.28 -67.60
N LEU GA 159 6.82 53.46 -68.13
CA LEU GA 159 6.62 54.10 -69.42
C LEU GA 159 5.66 55.27 -69.26
N VAL GA 160 6.03 56.42 -69.79
CA VAL GA 160 5.14 57.58 -69.79
C VAL GA 160 4.87 57.96 -71.24
N GLY GA 161 3.60 58.06 -71.59
CA GLY GA 161 3.21 58.47 -72.93
C GLY GA 161 2.62 59.86 -72.92
N ASP GA 162 3.23 60.78 -73.68
CA ASP GA 162 2.70 62.13 -73.82
C ASP GA 162 1.58 62.15 -74.86
N TYR GA 163 0.51 61.43 -74.55
CA TYR GA 163 -0.65 61.36 -75.42
C TYR GA 163 -1.90 61.41 -74.56
N SER GA 164 -3.01 61.82 -75.18
CA SER GA 164 -4.32 61.79 -74.58
C SER GA 164 -5.16 60.72 -75.26
N PHE GA 165 -5.99 60.02 -74.47
CA PHE GA 165 -6.78 58.92 -74.99
C PHE GA 165 -8.26 59.22 -74.78
N GLY GA 166 -9.00 59.26 -75.88
CA GLY GA 166 -10.43 59.51 -75.86
C GLY GA 166 -11.23 58.23 -75.93
N ARG GA 167 -12.51 58.38 -76.26
CA ARG GA 167 -13.41 57.24 -76.38
C ARG GA 167 -13.39 56.61 -77.77
N HIS GA 168 -12.58 57.14 -78.68
CA HIS GA 168 -12.56 56.64 -80.04
C HIS GA 168 -12.11 55.18 -80.06
N PRO GA 169 -12.68 54.35 -80.95
CA PRO GA 169 -12.28 52.94 -80.98
C PRO GA 169 -10.80 52.72 -81.18
N GLN GA 170 -10.14 53.53 -82.03
CA GLN GA 170 -8.70 53.35 -82.22
C GLN GA 170 -7.92 53.78 -80.99
N ASP GA 171 -8.44 54.76 -80.23
CA ASP GA 171 -7.77 55.16 -78.99
C ASP GA 171 -7.77 54.00 -77.99
N ILE GA 172 -8.93 53.38 -77.79
CA ILE GA 172 -9.03 52.27 -76.84
C ILE GA 172 -8.24 51.05 -77.36
N GLY GA 173 -8.25 50.83 -78.67
CA GLY GA 173 -7.45 49.75 -79.22
C GLY GA 173 -5.97 49.94 -79.00
N LEU GA 174 -5.48 51.16 -79.23
CA LEU GA 174 -4.08 51.48 -78.96
C LEU GA 174 -3.77 51.30 -77.47
N LEU GA 175 -4.68 51.74 -76.60
CA LEU GA 175 -4.48 51.55 -75.17
C LEU GA 175 -4.37 50.06 -74.82
N GLU GA 176 -5.19 49.22 -75.45
CA GLU GA 176 -5.14 47.79 -75.19
C GLU GA 176 -3.80 47.20 -75.63
N LYS GA 177 -3.35 47.53 -76.84
CA LYS GA 177 -2.05 47.02 -77.32
C LYS GA 177 -0.91 47.50 -76.44
N LEU GA 178 -0.93 48.79 -76.07
CA LEU GA 178 0.10 49.33 -75.19
C LEU GA 178 0.10 48.61 -73.84
N SER GA 179 -1.10 48.32 -73.33
CA SER GA 179 -1.19 47.59 -72.07
C SER GA 179 -0.57 46.20 -72.21
N ASN GA 180 -0.78 45.56 -73.35
CA ASN GA 180 -0.17 44.24 -73.56
C ASN GA 180 1.35 44.33 -73.52
N VAL GA 181 1.92 45.30 -74.23
CA VAL GA 181 3.38 45.45 -74.21
C VAL GA 181 3.87 45.78 -72.80
N ALA GA 182 3.18 46.69 -72.11
CA ALA GA 182 3.57 47.07 -70.76
C ALA GA 182 3.50 45.90 -69.80
N ALA GA 183 2.45 45.08 -69.91
CA ALA GA 183 2.31 43.91 -69.06
C ALA GA 183 3.43 42.91 -69.32
N ALA GA 184 3.76 42.68 -70.58
CA ALA GA 184 4.80 41.70 -70.89
C ALA GA 184 6.12 42.06 -70.23
N ALA GA 185 6.50 43.34 -70.28
CA ALA GA 185 7.76 43.79 -69.71
C ALA GA 185 7.65 44.22 -68.26
N HIS GA 186 6.47 44.10 -67.64
CA HIS GA 186 6.24 44.60 -66.28
C HIS GA 186 6.66 46.06 -66.14
N ALA GA 187 6.19 46.89 -67.08
CA ALA GA 187 6.57 48.30 -67.13
C ALA GA 187 5.30 49.13 -67.22
N PRO GA 188 4.74 49.54 -66.09
CA PRO GA 188 3.46 50.26 -66.10
C PRO GA 188 3.52 51.50 -66.99
N PHE GA 189 2.41 51.76 -67.68
CA PHE GA 189 2.31 52.82 -68.67
C PHE GA 189 1.41 53.92 -68.12
N ILE GA 190 1.83 55.17 -68.28
CA ILE GA 190 1.10 56.32 -67.79
C ILE GA 190 0.88 57.29 -68.94
N ALA GA 191 -0.36 57.71 -69.13
CA ALA GA 191 -0.70 58.70 -70.15
C ALA GA 191 -1.84 59.57 -69.60
N ALA GA 192 -2.44 60.37 -70.49
CA ALA GA 192 -3.48 61.31 -70.11
C ALA GA 192 -4.84 60.88 -70.64
N ALA GA 193 -5.88 61.20 -69.88
CA ALA GA 193 -7.25 61.02 -70.32
C ALA GA 193 -7.69 62.24 -71.10
N SER GA 194 -8.26 62.02 -72.26
CA SER GA 194 -8.81 63.14 -73.02
C SER GA 194 -10.15 63.56 -72.43
N PRO GA 195 -10.49 64.85 -72.51
CA PRO GA 195 -11.87 65.25 -72.15
C PRO GA 195 -12.91 64.59 -73.02
N ARG GA 196 -12.56 64.20 -74.25
CA ARG GA 196 -13.51 63.48 -75.09
C ARG GA 196 -13.90 62.12 -74.50
N LEU GA 197 -13.04 61.54 -73.66
CA LEU GA 197 -13.42 60.31 -72.96
C LEU GA 197 -14.64 60.54 -72.09
N PHE GA 198 -14.80 61.75 -71.57
CA PHE GA 198 -15.92 62.13 -70.73
C PHE GA 198 -17.03 62.82 -71.52
N ASP GA 199 -16.97 62.80 -72.85
CA ASP GA 199 -17.90 63.53 -73.71
C ASP GA 199 -17.88 65.02 -73.39
N MET GA 200 -16.68 65.56 -73.16
CA MET GA 200 -16.48 66.95 -72.84
C MET GA 200 -15.53 67.57 -73.84
N GLY GA 201 -15.78 68.83 -74.21
CA GLY GA 201 -14.82 69.56 -75.02
C GLY GA 201 -13.56 69.95 -74.26
N SER GA 202 -13.70 70.18 -72.95
CA SER GA 202 -12.59 70.59 -72.11
C SER GA 202 -12.89 70.14 -70.69
N PHE GA 203 -11.82 69.94 -69.92
CA PHE GA 203 -12.01 69.56 -68.53
C PHE GA 203 -12.51 70.71 -67.66
N THR GA 204 -12.64 71.92 -68.22
CA THR GA 204 -13.32 72.99 -67.50
C THR GA 204 -14.78 72.63 -67.23
N GLU GA 205 -15.33 71.65 -67.95
CA GLU GA 205 -16.69 71.18 -67.77
C GLU GA 205 -16.79 70.02 -66.78
N LEU GA 206 -15.69 69.67 -66.11
CA LEU GA 206 -15.67 68.45 -65.29
C LEU GA 206 -16.63 68.54 -64.11
N ALA GA 207 -16.89 69.75 -63.60
CA ALA GA 207 -17.77 69.89 -62.46
C ALA GA 207 -19.25 69.95 -62.84
N VAL GA 208 -19.56 70.00 -64.13
CA VAL GA 208 -20.94 70.18 -64.61
C VAL GA 208 -21.81 68.95 -64.36
N PRO GA 209 -21.44 67.75 -64.80
CA PRO GA 209 -22.35 66.61 -64.64
C PRO GA 209 -22.66 66.33 -63.18
N ARG GA 210 -23.91 65.94 -62.92
CA ARG GA 210 -24.29 65.55 -61.56
C ARG GA 210 -23.56 64.26 -61.15
N ASP GA 211 -23.54 63.26 -62.02
CA ASP GA 211 -22.97 61.97 -61.72
C ASP GA 211 -22.04 61.54 -62.83
N LEU GA 212 -20.74 61.43 -62.52
CA LEU GA 212 -19.75 61.06 -63.52
C LEU GA 212 -19.93 59.61 -63.97
N ALA GA 213 -20.24 58.70 -63.03
CA ALA GA 213 -20.36 57.29 -63.38
C ALA GA 213 -21.44 57.05 -64.42
N LYS GA 214 -22.47 57.90 -64.42
CA LYS GA 214 -23.53 57.79 -65.42
C LYS GA 214 -22.99 57.96 -66.83
N ILE GA 215 -21.99 58.83 -67.01
CA ILE GA 215 -21.41 59.05 -68.33
C ILE GA 215 -20.84 57.77 -68.89
N PHE GA 216 -20.20 56.97 -68.06
CA PHE GA 216 -19.48 55.79 -68.50
C PHE GA 216 -20.39 54.58 -68.68
N GLU GA 217 -21.70 54.76 -68.59
CA GLU GA 217 -22.65 53.73 -68.96
C GLU GA 217 -23.01 53.77 -70.44
N SER GA 218 -22.51 54.78 -71.16
CA SER GA 218 -22.91 54.98 -72.54
C SER GA 218 -22.47 53.81 -73.42
N GLN GA 219 -23.27 53.54 -74.45
CA GLN GA 219 -22.90 52.53 -75.44
C GLN GA 219 -21.62 52.89 -76.19
N GLU GA 220 -21.27 54.17 -76.24
CA GLU GA 220 -20.00 54.57 -76.83
C GLU GA 220 -18.80 54.13 -76.00
N LEU GA 221 -19.00 53.71 -74.75
CA LEU GA 221 -17.91 53.32 -73.87
C LEU GA 221 -17.89 51.82 -73.60
N ILE GA 222 -18.48 51.02 -74.49
CA ILE GA 222 -18.42 49.57 -74.35
C ILE GA 222 -16.99 49.08 -74.39
N LYS GA 223 -16.21 49.57 -75.36
CA LYS GA 223 -14.83 49.11 -75.49
C LYS GA 223 -14.00 49.54 -74.29
N TRP GA 224 -14.23 50.75 -73.77
CA TRP GA 224 -13.50 51.21 -72.59
C TRP GA 224 -13.81 50.34 -71.37
N ARG GA 225 -15.08 49.99 -71.16
CA ARG GA 225 -15.42 49.13 -70.03
C ARG GA 225 -14.81 47.75 -70.18
N ALA GA 226 -14.82 47.20 -71.41
CA ALA GA 226 -14.16 45.93 -71.65
C ALA GA 226 -12.67 46.02 -71.35
N PHE GA 227 -12.02 47.12 -71.76
CA PHE GA 227 -10.60 47.30 -71.47
C PHE GA 227 -10.36 47.33 -69.97
N ARG GA 228 -11.19 48.08 -69.23
CA ARG GA 228 -11.08 48.11 -67.78
C ARG GA 228 -11.20 46.71 -67.18
N GLU GA 229 -11.98 45.84 -67.83
CA GLU GA 229 -12.13 44.47 -67.36
C GLU GA 229 -10.89 43.62 -67.57
N SER GA 230 -10.02 43.98 -68.52
CA SER GA 230 -8.90 43.12 -68.89
C SER GA 230 -7.85 43.09 -67.79
N GLU GA 231 -7.08 42.00 -67.77
CA GLU GA 231 -6.01 41.86 -66.78
C GLU GA 231 -4.92 42.91 -67.01
N ASP GA 232 -4.50 43.10 -68.26
CA ASP GA 232 -3.36 43.97 -68.54
C ASP GA 232 -3.67 45.45 -68.35
N SER GA 233 -4.94 45.82 -68.10
CA SER GA 233 -5.26 47.22 -67.84
C SER GA 233 -4.65 47.73 -66.54
N ARG GA 234 -4.22 46.85 -65.64
CA ARG GA 234 -3.53 47.32 -64.43
C ARG GA 234 -2.17 47.95 -64.75
N TYR GA 235 -1.67 47.80 -65.96
CA TYR GA 235 -0.44 48.43 -66.40
C TYR GA 235 -0.67 49.72 -67.15
N VAL GA 236 -1.88 50.27 -67.09
CA VAL GA 236 -2.21 51.55 -67.72
C VAL GA 236 -2.84 52.45 -66.67
N SER GA 237 -2.31 53.64 -66.50
CA SER GA 237 -2.91 54.66 -65.66
C SER GA 237 -3.14 55.91 -66.50
N LEU GA 238 -4.29 56.55 -66.29
CA LEU GA 238 -4.64 57.76 -67.03
C LEU GA 238 -4.84 58.90 -66.04
N VAL GA 239 -4.17 60.02 -66.29
CA VAL GA 239 -4.20 61.17 -65.40
C VAL GA 239 -5.00 62.29 -66.04
N LEU GA 240 -5.57 63.13 -65.20
CA LEU GA 240 -6.33 64.30 -65.63
C LEU GA 240 -6.37 65.30 -64.48
N PRO GA 241 -6.66 66.57 -64.77
CA PRO GA 241 -6.76 67.22 -66.08
C PRO GA 241 -5.41 67.79 -66.49
N HIS GA 242 -5.35 68.75 -67.40
CA HIS GA 242 -4.08 69.33 -67.80
C HIS GA 242 -3.54 70.25 -66.71
N VAL GA 243 -2.22 70.45 -66.75
CA VAL GA 243 -1.53 71.29 -65.78
C VAL GA 243 -0.90 72.47 -66.51
N LEU GA 244 -1.02 73.65 -65.93
CA LEU GA 244 -0.48 74.86 -66.53
C LEU GA 244 1.04 74.81 -66.51
N LEU GA 245 1.65 75.05 -67.65
CA LEU GA 245 3.10 75.05 -67.75
C LEU GA 245 3.63 76.48 -67.70
N ALA GA 271 -8.01 78.50 -74.21
CA ALA GA 271 -6.92 77.74 -74.82
C ALA GA 271 -5.69 78.62 -75.04
N ARG GA 272 -5.73 79.85 -74.51
CA ARG GA 272 -4.60 80.76 -74.64
C ARG GA 272 -3.48 80.48 -73.66
N TYR GA 273 -3.70 79.60 -72.67
CA TYR GA 273 -2.65 79.20 -71.75
C TYR GA 273 -1.96 77.95 -72.25
N LEU GA 274 -0.70 77.76 -71.83
CA LEU GA 274 0.08 76.60 -72.26
C LEU GA 274 -0.23 75.44 -71.30
N TRP GA 275 -1.15 74.58 -71.71
CA TRP GA 275 -1.57 73.44 -70.91
C TRP GA 275 -0.74 72.22 -71.29
N GLY GA 276 -0.20 71.54 -70.27
CA GLY GA 276 0.62 70.37 -70.47
C GLY GA 276 -0.05 69.10 -69.96
N ASN GA 277 0.55 67.98 -70.33
CA ASN GA 277 0.09 66.68 -69.86
C ASN GA 277 0.47 66.49 -68.40
N ALA GA 278 -0.50 66.10 -67.57
CA ALA GA 278 -0.22 65.87 -66.15
C ALA GA 278 0.57 64.58 -65.93
N ALA GA 279 0.72 63.75 -66.97
CA ALA GA 279 1.57 62.57 -66.87
C ALA GA 279 3.02 62.96 -66.57
N TRP GA 280 3.47 64.11 -67.09
CA TRP GA 280 4.80 64.59 -66.74
C TRP GA 280 4.92 64.84 -65.24
N ALA GA 281 3.90 65.47 -64.65
CA ALA GA 281 3.94 65.75 -63.21
C ALA GA 281 3.92 64.47 -62.39
N LEU GA 282 3.08 63.50 -62.76
CA LEU GA 282 3.07 62.24 -62.03
C LEU GA 282 4.40 61.51 -62.18
N THR GA 283 4.96 61.51 -63.39
CA THR GA 283 6.27 60.90 -63.61
C THR GA 283 7.33 61.56 -62.73
N GLN GA 284 7.26 62.88 -62.60
CA GLN GA 284 8.20 63.60 -61.74
C GLN GA 284 8.04 63.16 -60.29
N ARG GA 285 6.80 62.98 -59.83
CA ARG GA 285 6.59 62.44 -58.50
C ARG GA 285 7.25 61.08 -58.34
N ILE GA 286 7.13 60.24 -59.36
CA ILE GA 286 7.70 58.89 -59.30
C ILE GA 286 9.23 58.95 -59.25
N THR GA 287 9.84 59.79 -60.08
CA THR GA 287 11.30 59.86 -60.11
C THR GA 287 11.85 60.50 -58.84
N GLU GA 288 11.15 61.49 -58.29
CA GLU GA 288 11.56 62.04 -57.00
C GLU GA 288 11.48 61.00 -55.89
N ALA GA 289 10.39 60.23 -55.87
CA ALA GA 289 10.27 59.17 -54.86
C ALA GA 289 11.41 58.18 -55.00
N PHE GA 290 11.73 57.77 -56.23
CA PHE GA 290 12.85 56.84 -56.39
C PHE GA 290 14.17 57.47 -55.94
N ALA GA 291 14.41 58.73 -56.30
CA ALA GA 291 15.67 59.36 -55.93
C ALA GA 291 15.82 59.45 -54.42
N ARG GA 292 14.74 59.78 -53.72
CA ARG GA 292 14.84 59.96 -52.27
C ARG GA 292 14.82 58.64 -51.52
N TYR GA 293 14.07 57.65 -51.99
CA TYR GA 293 13.79 56.46 -51.20
C TYR GA 293 14.17 55.14 -51.87
N GLY GA 294 14.46 55.14 -53.17
CA GLY GA 294 14.77 53.91 -53.86
C GLY GA 294 13.57 53.09 -54.29
N TRP GA 295 12.36 53.55 -53.99
CA TRP GA 295 11.14 52.89 -54.38
C TRP GA 295 10.09 53.95 -54.69
N CYS GA 296 9.08 53.56 -55.48
CA CYS GA 296 8.14 54.49 -56.07
C CYS GA 296 6.73 54.40 -55.48
N ALA GA 297 6.61 53.93 -54.25
CA ALA GA 297 5.28 53.85 -53.64
C ALA GA 297 4.77 55.22 -53.20
N ALA GA 298 5.65 56.06 -52.66
CA ALA GA 298 5.25 57.31 -52.03
C ALA GA 298 5.04 58.38 -53.11
N ILE GA 299 3.93 58.25 -53.83
CA ILE GA 299 3.64 59.15 -54.94
C ILE GA 299 2.23 59.72 -54.86
N ARG GA 300 1.64 59.79 -53.67
CA ARG GA 300 0.28 60.29 -53.57
C ARG GA 300 0.05 60.98 -52.23
N GLY GA 301 -0.85 61.95 -52.23
CA GLY GA 301 -1.25 62.63 -51.03
C GLY GA 301 -0.40 63.85 -50.72
N VAL GA 302 -0.91 64.66 -49.78
CA VAL GA 302 -0.21 65.88 -49.37
C VAL GA 302 1.14 65.54 -48.75
N GLU GA 303 1.17 64.54 -47.88
CA GLU GA 303 2.38 64.16 -47.17
C GLU GA 303 2.99 62.86 -47.67
N GLY GA 304 2.31 62.14 -48.56
CA GLY GA 304 2.79 60.87 -49.05
C GLY GA 304 3.48 60.91 -50.39
N GLY GA 305 3.86 62.08 -50.88
CA GLY GA 305 4.58 62.20 -52.13
C GLY GA 305 3.78 62.61 -53.35
N GLY GA 306 2.52 62.99 -53.18
CA GLY GA 306 1.68 63.40 -54.29
C GLY GA 306 1.62 64.90 -54.57
N ALA GA 307 2.41 65.71 -53.87
CA ALA GA 307 2.29 67.16 -54.00
C ALA GA 307 3.09 67.66 -55.19
N VAL GA 308 2.43 68.42 -56.06
CA VAL GA 308 3.06 69.09 -57.20
C VAL GA 308 3.09 70.58 -56.86
N GLU GA 309 4.26 71.07 -56.46
CA GLU GA 309 4.39 72.42 -55.94
C GLU GA 309 4.98 73.35 -56.99
N GLY GA 310 4.88 74.66 -56.71
CA GLY GA 310 5.48 75.66 -57.56
C GLY GA 310 4.75 75.90 -58.87
N LEU GA 311 3.45 75.62 -58.92
CA LEU GA 311 2.68 75.82 -60.14
C LEU GA 311 2.50 77.31 -60.41
N PRO GA 312 2.30 77.69 -61.68
CA PRO GA 312 2.03 79.10 -61.99
C PRO GA 312 0.73 79.56 -61.34
N ALA GA 313 0.80 80.70 -60.65
CA ALA GA 313 -0.36 81.30 -59.99
C ALA GA 313 -0.63 82.64 -60.65
N HIS GA 314 -1.46 82.64 -61.69
CA HIS GA 314 -1.77 83.86 -62.41
C HIS GA 314 -2.95 84.58 -61.78
N LYS GA 326 -7.13 81.93 -60.90
CA LYS GA 326 -7.17 80.94 -61.98
C LYS GA 326 -6.57 79.60 -61.56
N CYS GA 327 -7.32 78.52 -61.74
CA CYS GA 327 -6.84 77.21 -61.37
C CYS GA 327 -5.66 76.82 -62.26
N PRO GA 328 -4.51 76.46 -61.68
CA PRO GA 328 -3.41 75.92 -62.50
C PRO GA 328 -3.67 74.53 -63.04
N THR GA 329 -4.80 73.91 -62.69
CA THR GA 329 -5.13 72.55 -63.14
C THR GA 329 -6.45 72.53 -63.92
N GLU GA 330 -6.80 73.65 -64.56
CA GLU GA 330 -7.95 73.79 -65.46
C GLU GA 330 -9.32 73.77 -64.78
N VAL GA 331 -9.41 73.18 -63.59
CA VAL GA 331 -10.70 73.04 -62.93
C VAL GA 331 -10.49 72.56 -61.50
N ALA GA 332 -11.27 73.09 -60.57
CA ALA GA 332 -11.25 72.61 -59.20
C ALA GA 332 -11.95 71.27 -59.13
N ILE GA 333 -11.39 70.34 -58.35
CA ILE GA 333 -11.95 69.02 -58.18
C ILE GA 333 -12.25 68.82 -56.71
N THR GA 334 -13.53 68.75 -56.37
CA THR GA 334 -13.95 68.52 -54.99
C THR GA 334 -13.55 67.12 -54.53
N ASP GA 335 -13.59 66.91 -53.21
CA ASP GA 335 -13.28 65.59 -52.67
C ASP GA 335 -14.20 64.53 -53.24
N ARG GA 336 -15.50 64.82 -53.33
CA ARG GA 336 -16.44 63.85 -53.86
C ARG GA 336 -16.15 63.53 -55.33
N ARG GA 337 -15.82 64.55 -56.12
CA ARG GA 337 -15.51 64.32 -57.53
C ARG GA 337 -14.20 63.56 -57.69
N GLU GA 338 -13.20 63.86 -56.86
CA GLU GA 338 -11.97 63.09 -56.91
C GLU GA 338 -12.23 61.61 -56.61
N LYS GA 339 -13.09 61.34 -55.63
CA LYS GA 339 -13.42 59.96 -55.31
C LYS GA 339 -14.17 59.28 -56.46
N GLU GA 340 -15.13 59.98 -57.08
CA GLU GA 340 -15.78 59.46 -58.28
C GLU GA 340 -14.75 59.07 -59.34
N LEU GA 341 -13.83 59.99 -59.65
CA LEU GA 341 -12.86 59.76 -60.71
C LEU GA 341 -11.95 58.60 -60.37
N ASP GA 342 -11.55 58.49 -59.10
CA ASP GA 342 -10.77 57.34 -58.66
C ASP GA 342 -11.54 56.05 -58.90
N ALA GA 343 -12.83 56.04 -58.59
CA ALA GA 343 -13.64 54.84 -58.80
C ALA GA 343 -13.77 54.50 -60.29
N LEU GA 344 -13.65 55.49 -61.17
CA LEU GA 344 -13.80 55.26 -62.60
C LEU GA 344 -12.49 54.92 -63.29
N GLY GA 345 -11.39 54.80 -62.53
CA GLY GA 345 -10.13 54.37 -63.10
C GLY GA 345 -9.20 55.48 -63.53
N PHE GA 346 -9.20 56.62 -62.85
CA PHE GA 346 -8.39 57.76 -63.22
C PHE GA 346 -7.61 58.26 -62.02
N ILE GA 347 -6.50 58.95 -62.30
CA ILE GA 347 -5.70 59.62 -61.28
C ILE GA 347 -5.87 61.12 -61.49
N ALA GA 348 -6.53 61.78 -60.56
CA ALA GA 348 -6.87 63.19 -60.71
C ALA GA 348 -5.88 64.07 -59.96
N LEU GA 349 -5.51 65.19 -60.59
CA LEU GA 349 -4.68 66.20 -59.98
C LEU GA 349 -5.57 67.30 -59.42
N CYS GA 350 -5.49 67.53 -58.11
CA CYS GA 350 -6.44 68.39 -57.40
C CYS GA 350 -5.75 69.64 -56.89
N HIS GA 351 -6.17 70.80 -57.39
CA HIS GA 351 -5.61 72.06 -56.97
C HIS GA 351 -6.02 72.40 -55.54
N LYS GA 352 -5.06 72.80 -54.71
CA LYS GA 352 -5.39 73.34 -53.41
C LYS GA 352 -5.81 74.79 -53.58
N LYS GA 353 -7.02 75.11 -53.14
CA LYS GA 353 -7.57 76.44 -53.33
C LYS GA 353 -6.66 77.49 -52.71
N ASN GA 354 -6.49 78.61 -53.41
CA ASN GA 354 -5.71 79.76 -52.93
C ASN GA 354 -4.25 79.38 -52.67
N SER GA 355 -3.68 78.61 -53.60
CA SER GA 355 -2.31 78.13 -53.44
C SER GA 355 -1.72 77.89 -54.82
N ASP GA 356 -0.42 77.66 -54.86
CA ASP GA 356 0.29 77.26 -56.07
C ASP GA 356 0.61 75.78 -56.05
N LEU GA 357 -0.28 74.97 -55.50
CA LEU GA 357 -0.01 73.56 -55.23
C LEU GA 357 -1.19 72.72 -55.67
N ALA GA 358 -0.90 71.52 -56.17
CA ALA GA 358 -1.91 70.52 -56.48
C ALA GA 358 -1.38 69.16 -56.04
N VAL GA 359 -2.30 68.22 -55.80
CA VAL GA 359 -1.97 66.94 -55.19
C VAL GA 359 -2.68 65.82 -55.95
N PHE GA 360 -1.93 64.75 -56.25
CA PHE GA 360 -2.49 63.48 -56.69
C PHE GA 360 -2.95 62.74 -55.43
N PHE GA 361 -4.24 62.79 -55.12
CA PHE GA 361 -4.73 62.06 -53.94
C PHE GA 361 -4.80 60.56 -54.19
N GLY GA 362 -5.30 60.16 -55.36
CA GLY GA 362 -5.43 58.76 -55.70
C GLY GA 362 -4.30 58.28 -56.58
N SER GA 363 -4.15 56.96 -56.65
CA SER GA 363 -3.15 56.35 -57.52
C SER GA 363 -3.72 55.07 -58.15
N GLN GA 364 -4.95 55.14 -58.63
CA GLN GA 364 -5.66 53.99 -59.18
C GLN GA 364 -5.32 53.83 -60.66
N THR GA 365 -4.99 52.60 -61.07
CA THR GA 365 -4.81 52.31 -62.49
C THR GA 365 -6.16 52.27 -63.19
N THR GA 366 -6.16 52.00 -64.50
CA THR GA 366 -7.42 51.88 -65.21
C THR GA 366 -8.14 50.56 -64.91
N ASN GA 367 -7.47 49.61 -64.26
CA ASN GA 367 -8.06 48.30 -64.02
C ASN GA 367 -9.23 48.40 -63.05
N ARG GA 368 -10.34 47.76 -63.40
CA ARG GA 368 -11.47 47.66 -62.48
C ARG GA 368 -11.38 46.32 -61.76
N PRO GA 369 -11.13 46.32 -60.45
CA PRO GA 369 -10.96 45.04 -59.73
C PRO GA 369 -12.23 44.19 -59.80
N ARG GA 370 -12.04 42.88 -59.92
CA ARG GA 370 -13.16 41.95 -59.80
C ARG GA 370 -13.60 41.85 -58.35
N VAL GA 371 -14.86 41.48 -58.15
CA VAL GA 371 -15.47 41.39 -56.82
C VAL GA 371 -15.74 39.92 -56.51
N TYR GA 372 -15.30 39.48 -55.35
CA TYR GA 372 -15.34 38.08 -54.97
C TYR GA 372 -16.15 37.90 -53.70
N ASN GA 373 -16.33 36.65 -53.30
CA ASN GA 373 -17.08 36.31 -52.10
C ASN GA 373 -16.20 36.17 -50.86
N THR GA 374 -14.91 36.44 -50.95
CA THR GA 374 -14.04 36.40 -49.78
C THR GA 374 -13.31 37.73 -49.62
N ASN GA 375 -13.09 38.10 -48.36
CA ASN GA 375 -12.39 39.35 -48.07
C ASN GA 375 -10.98 39.34 -48.64
N GLU GA 376 -10.28 38.21 -48.53
CA GLU GA 376 -8.90 38.14 -49.01
C GLU GA 376 -8.82 38.37 -50.51
N ALA GA 377 -9.70 37.73 -51.28
CA ALA GA 377 -9.68 37.91 -52.72
C ALA GA 377 -10.03 39.34 -53.10
N ASN GA 378 -11.02 39.93 -52.43
CA ASN GA 378 -11.37 41.32 -52.72
C ASN GA 378 -10.21 42.25 -52.44
N ALA GA 379 -9.58 42.09 -51.27
CA ALA GA 379 -8.43 42.92 -50.92
C ALA GA 379 -7.31 42.77 -51.94
N ASN GA 380 -7.01 41.52 -52.33
CA ASN GA 380 -5.93 41.30 -53.28
C ASN GA 380 -6.26 41.91 -54.64
N ALA GA 381 -7.50 41.78 -55.08
CA ALA GA 381 -7.91 42.37 -56.35
C ALA GA 381 -7.78 43.89 -56.32
N ARG GA 382 -8.17 44.50 -55.20
CA ARG GA 382 -8.14 45.96 -55.12
C ARG GA 382 -6.72 46.51 -55.18
N ILE GA 383 -5.81 45.94 -54.38
CA ILE GA 383 -4.45 46.45 -54.33
C ILE GA 383 -3.67 46.14 -55.60
N SER GA 384 -4.08 45.12 -56.35
CA SER GA 384 -3.44 44.82 -57.62
C SER GA 384 -3.89 45.76 -58.73
N ALA GA 385 -4.75 46.72 -58.42
CA ALA GA 385 -5.16 47.77 -59.35
C ALA GA 385 -4.62 49.14 -58.95
N MET GA 386 -3.70 49.20 -57.99
CA MET GA 386 -3.14 50.46 -57.52
C MET GA 386 -1.74 50.67 -58.08
N LEU GA 387 -1.51 51.83 -58.67
CA LEU GA 387 -0.23 52.13 -59.30
C LEU GA 387 0.98 51.94 -58.40
N PRO GA 388 1.00 52.43 -57.15
CA PRO GA 388 2.21 52.23 -56.33
C PRO GA 388 2.58 50.77 -56.15
N TYR GA 389 1.60 49.93 -55.81
CA TYR GA 389 1.88 48.53 -55.57
C TYR GA 389 2.24 47.80 -56.85
N VAL GA 390 1.57 48.13 -57.95
CA VAL GA 390 1.91 47.53 -59.23
C VAL GA 390 3.33 47.89 -59.63
N LEU GA 391 3.75 49.13 -59.40
CA LEU GA 391 5.12 49.54 -59.67
C LEU GA 391 6.11 48.73 -58.85
N ALA GA 392 5.83 48.55 -57.56
CA ALA GA 392 6.71 47.74 -56.72
C ALA GA 392 6.80 46.29 -57.22
N ALA GA 393 5.65 45.71 -57.54
CA ALA GA 393 5.64 44.34 -58.04
C ALA GA 393 6.44 44.22 -59.34
N SER GA 394 6.30 45.21 -60.22
CA SER GA 394 7.06 45.22 -61.46
C SER GA 394 8.56 45.30 -61.21
N ARG GA 395 8.98 46.14 -60.27
CA ARG GA 395 10.39 46.20 -59.92
C ARG GA 395 10.90 44.84 -59.45
N PHE GA 396 10.10 44.18 -58.62
CA PHE GA 396 10.52 42.86 -58.16
C PHE GA 396 10.58 41.86 -59.32
N ALA GA 397 9.70 41.99 -60.31
CA ALA GA 397 9.81 41.16 -61.50
C ALA GA 397 11.13 41.39 -62.21
N HIS GA 398 11.54 42.64 -62.34
CA HIS GA 398 12.80 42.96 -63.02
C HIS GA 398 13.99 42.37 -62.28
N TYR GA 399 14.00 42.53 -60.95
CA TYR GA 399 15.09 41.99 -60.14
C TYR GA 399 15.12 40.47 -60.23
N LEU GA 400 13.96 39.83 -60.16
CA LEU GA 400 13.92 38.38 -60.25
C LEU GA 400 14.45 37.89 -61.59
N LYS GA 401 14.04 38.54 -62.68
CA LYS GA 401 14.56 38.19 -63.99
C LYS GA 401 16.09 38.24 -64.00
N VAL GA 402 16.66 39.36 -63.53
CA VAL GA 402 18.11 39.54 -63.65
C VAL GA 402 18.86 38.53 -62.77
N ILE GA 403 18.45 38.39 -61.50
CA ILE GA 403 19.22 37.54 -60.60
C ILE GA 403 19.06 36.06 -60.97
N MET GA 404 17.84 35.63 -61.33
CA MET GA 404 17.67 34.24 -61.71
C MET GA 404 18.36 33.93 -63.03
N ARG GA 405 18.41 34.90 -63.96
CA ARG GA 405 19.24 34.71 -65.14
C ARG GA 405 20.69 34.46 -64.73
N ASP GA 406 21.17 35.20 -63.73
CA ASP GA 406 22.53 34.94 -63.25
C ASP GA 406 22.67 33.55 -62.64
N LYS GA 407 21.59 32.96 -62.15
CA LYS GA 407 21.70 31.66 -61.51
C LYS GA 407 21.49 30.47 -62.46
N VAL GA 408 21.08 30.69 -63.71
CA VAL GA 408 20.91 29.59 -64.64
C VAL GA 408 22.25 28.88 -64.85
N GLY GA 409 22.24 27.55 -64.77
CA GLY GA 409 23.42 26.76 -64.98
C GLY GA 409 24.18 26.39 -63.71
N SER GA 410 23.92 27.06 -62.60
CA SER GA 410 24.50 26.69 -61.32
C SER GA 410 23.79 25.47 -60.75
N PHE GA 411 24.52 24.70 -59.92
CA PHE GA 411 23.95 23.55 -59.24
C PHE GA 411 22.95 24.03 -58.19
N MET GA 412 21.66 23.81 -58.42
CA MET GA 412 20.64 24.31 -57.51
C MET GA 412 19.49 23.30 -57.41
N THR GA 413 19.18 22.90 -56.19
CA THR GA 413 17.97 22.15 -55.92
C THR GA 413 16.80 23.10 -55.77
N ARG GA 414 15.59 22.55 -55.63
CA ARG GA 414 14.43 23.38 -55.34
C ARG GA 414 14.62 24.15 -54.05
N ASP GA 415 15.16 23.50 -53.02
CA ASP GA 415 15.40 24.16 -51.74
C ASP GA 415 16.46 25.25 -51.88
N ASN GA 416 17.50 25.02 -52.70
CA ASN GA 416 18.50 26.06 -52.91
C ASN GA 416 17.87 27.31 -53.50
N VAL GA 417 17.01 27.14 -54.50
CA VAL GA 417 16.34 28.29 -55.11
C VAL GA 417 15.47 29.00 -54.09
N GLN GA 418 14.69 28.24 -53.32
CA GLN GA 418 13.80 28.86 -52.34
C GLN GA 418 14.57 29.63 -51.28
N THR GA 419 15.64 29.02 -50.76
CA THR GA 419 16.46 29.69 -49.76
C THR GA 419 17.09 30.96 -50.31
N TYR GA 420 17.64 30.88 -51.52
CA TYR GA 420 18.27 32.05 -52.12
C TYR GA 420 17.26 33.18 -52.29
N LEU GA 421 16.09 32.87 -52.83
CA LEU GA 421 15.13 33.93 -53.12
C LEU GA 421 14.55 34.53 -51.84
N ASN GA 422 14.30 33.71 -50.82
CA ASN GA 422 13.79 34.26 -49.57
C ASN GA 422 14.86 35.08 -48.86
N ASN GA 423 16.12 34.67 -48.96
CA ASN GA 423 17.21 35.45 -48.39
C ASN GA 423 17.35 36.79 -49.10
N TRP GA 424 17.25 36.78 -50.43
CA TRP GA 424 17.46 38.00 -51.20
C TRP GA 424 16.37 39.03 -50.92
N ILE GA 425 15.11 38.60 -50.86
CA ILE GA 425 13.99 39.53 -50.69
C ILE GA 425 13.88 40.07 -49.28
N ALA GA 426 14.52 39.43 -48.29
CA ALA GA 426 14.36 39.85 -46.91
C ALA GA 426 14.87 41.26 -46.67
N ASP GA 427 15.83 41.72 -47.48
CA ASP GA 427 16.39 43.06 -47.28
C ASP GA 427 15.38 44.18 -47.54
N TYR GA 428 14.28 43.89 -48.23
CA TYR GA 428 13.31 44.90 -48.60
C TYR GA 428 12.08 44.93 -47.69
N VAL GA 429 12.12 44.19 -46.58
CA VAL GA 429 10.97 44.03 -45.69
C VAL GA 429 11.20 44.88 -44.45
N LEU GA 430 10.18 45.63 -44.05
CA LEU GA 430 10.18 46.42 -42.82
C LEU GA 430 8.98 46.02 -41.98
N ILE GA 431 9.24 45.51 -40.77
CA ILE GA 431 8.16 45.00 -39.92
C ILE GA 431 7.53 46.11 -39.09
N ASN GA 432 8.25 47.19 -38.85
CA ASN GA 432 7.81 48.21 -37.89
C ASN GA 432 6.74 49.10 -38.51
N ASP GA 433 5.49 48.87 -38.15
CA ASP GA 433 4.39 49.69 -38.65
C ASP GA 433 4.30 51.05 -37.96
N ASN GA 434 5.12 51.30 -36.94
CA ASN GA 434 5.18 52.61 -36.31
C ASN GA 434 6.29 53.49 -36.88
N ALA GA 435 7.03 53.00 -37.87
CA ALA GA 435 8.06 53.81 -38.50
C ALA GA 435 7.41 55.02 -39.19
N PRO GA 436 8.12 56.15 -39.24
CA PRO GA 436 7.56 57.33 -39.90
C PRO GA 436 7.37 57.10 -41.40
N GLN GA 437 6.69 58.05 -42.02
CA GLN GA 437 6.38 57.96 -43.45
C GLN GA 437 7.64 57.82 -44.29
N GLU GA 438 8.67 58.63 -43.98
CA GLU GA 438 9.89 58.64 -44.78
C GLU GA 438 10.64 57.31 -44.68
N ILE GA 439 10.48 56.58 -43.58
CA ILE GA 439 11.11 55.27 -43.46
C ILE GA 439 10.33 54.23 -44.23
N LYS GA 440 9.01 54.20 -44.04
CA LYS GA 440 8.17 53.24 -44.77
C LYS GA 440 8.32 53.40 -46.28
N ALA GA 441 8.55 54.63 -46.75
CA ALA GA 441 8.75 54.86 -48.18
C ALA GA 441 9.96 54.12 -48.73
N GLN GA 442 10.95 53.82 -47.89
CA GLN GA 442 12.16 53.16 -48.34
C GLN GA 442 12.07 51.64 -48.40
N TYR GA 443 10.99 51.06 -47.88
CA TYR GA 443 10.83 49.61 -47.84
C TYR GA 443 9.52 49.22 -48.50
N PRO GA 444 9.56 48.60 -49.68
CA PRO GA 444 8.30 48.30 -50.37
C PRO GA 444 7.45 47.23 -49.69
N LEU GA 445 8.01 46.45 -48.77
CA LEU GA 445 7.32 45.28 -48.24
C LEU GA 445 7.16 45.34 -46.74
N ARG GA 446 6.00 44.91 -46.27
CA ARG GA 446 5.80 44.61 -44.86
C ARG GA 446 5.96 43.11 -44.57
N GLU GA 447 5.85 42.28 -45.60
CA GLU GA 447 5.97 40.84 -45.48
C GLU GA 447 6.17 40.25 -46.87
N ALA GA 448 6.94 39.17 -46.95
CA ALA GA 448 7.15 38.51 -48.22
C ALA GA 448 7.48 37.04 -47.98
N ARG GA 449 7.17 36.22 -48.96
CA ARG GA 449 7.54 34.80 -48.92
C ARG GA 449 7.59 34.27 -50.34
N VAL GA 450 8.58 33.43 -50.62
CA VAL GA 450 8.73 32.77 -51.91
C VAL GA 450 8.59 31.27 -51.69
N ASP GA 451 7.68 30.65 -52.43
CA ASP GA 451 7.48 29.21 -52.42
C ASP GA 451 7.92 28.63 -53.75
N VAL GA 452 8.76 27.61 -53.71
CA VAL GA 452 9.31 27.01 -54.92
C VAL GA 452 8.97 25.53 -54.97
N SER GA 453 8.58 25.06 -56.14
CA SER GA 453 8.20 23.67 -56.34
C SER GA 453 8.91 23.12 -57.57
N GLU GA 454 9.11 21.80 -57.59
CA GLU GA 454 9.70 21.14 -58.74
C GLU GA 454 8.66 20.85 -59.80
N VAL GA 455 9.12 20.68 -61.03
CA VAL GA 455 8.29 20.23 -62.14
C VAL GA 455 8.64 18.78 -62.40
N VAL GA 456 7.64 17.89 -62.28
CA VAL GA 456 7.92 16.47 -62.38
C VAL GA 456 8.47 16.13 -63.76
N GLY GA 457 9.48 15.25 -63.78
CA GLY GA 457 10.06 14.80 -65.02
C GLY GA 457 11.04 15.75 -65.67
N LYS GA 458 11.35 16.89 -65.04
CA LYS GA 458 12.23 17.90 -65.62
C LYS GA 458 13.25 18.34 -64.58
N PRO GA 459 14.39 17.66 -64.50
CA PRO GA 459 15.42 18.08 -63.53
C PRO GA 459 15.86 19.52 -63.78
N GLY GA 460 16.01 20.26 -62.69
CA GLY GA 460 16.44 21.64 -62.78
C GLY GA 460 15.41 22.63 -63.29
N VAL GA 461 14.14 22.24 -63.38
CA VAL GA 461 13.06 23.13 -63.81
C VAL GA 461 12.13 23.35 -62.62
N TYR GA 462 11.86 24.61 -62.30
CA TYR GA 462 11.14 24.95 -61.07
C TYR GA 462 10.06 26.00 -61.34
N ARG GA 463 9.10 26.04 -60.45
CA ARG GA 463 8.05 27.05 -60.43
C ARG GA 463 8.03 27.71 -59.06
N ALA GA 464 7.84 29.03 -59.06
CA ALA GA 464 7.84 29.79 -57.82
C ALA GA 464 6.62 30.70 -57.76
N THR GA 465 6.15 30.94 -56.54
CA THR GA 465 5.16 31.97 -56.26
C THR GA 465 5.77 32.97 -55.29
N VAL GA 466 5.68 34.24 -55.63
CA VAL GA 466 6.27 35.32 -54.85
C VAL GA 466 5.13 36.14 -54.27
N PHE GA 467 4.90 36.01 -52.97
CA PHE GA 467 3.87 36.77 -52.27
C PHE GA 467 4.48 38.04 -51.71
N LEU GA 468 3.92 39.19 -52.08
CA LEU GA 468 4.40 40.49 -51.65
C LEU GA 468 3.29 41.20 -50.89
N ARG GA 469 3.55 41.53 -49.63
CA ARG GA 469 2.59 42.29 -48.84
C ARG GA 469 3.14 43.70 -48.61
N PRO GA 470 2.64 44.71 -49.30
CA PRO GA 470 3.20 46.05 -49.17
C PRO GA 470 2.71 46.74 -47.91
N HIS GA 471 3.28 47.91 -47.65
CA HIS GA 471 2.73 48.83 -46.66
C HIS GA 471 1.57 49.59 -47.32
N PHE GA 472 0.40 49.55 -46.71
CA PHE GA 472 -0.79 50.09 -47.35
C PHE GA 472 -0.98 51.56 -47.03
N GLN GA 473 -1.50 52.29 -48.00
CA GLN GA 473 -1.69 53.74 -47.89
C GLN GA 473 -3.15 54.04 -47.59
N LEU GA 474 -3.37 55.06 -46.77
CA LEU GA 474 -4.72 55.42 -46.36
C LEU GA 474 -5.56 55.81 -47.57
N GLU GA 475 -6.74 55.20 -47.69
CA GLU GA 475 -7.63 55.43 -48.80
C GLU GA 475 -8.91 56.17 -48.40
N GLU GA 476 -9.55 55.76 -47.33
CA GLU GA 476 -10.84 56.30 -46.93
C GLU GA 476 -10.97 56.26 -45.42
N LEU GA 477 -11.76 57.19 -44.88
CA LEU GA 477 -12.10 57.18 -43.47
C LEU GA 477 -13.53 57.67 -43.31
N THR GA 478 -14.37 56.85 -42.70
CA THR GA 478 -15.73 57.24 -42.35
C THR GA 478 -15.78 57.43 -40.83
N ALA GA 479 -16.16 58.62 -40.39
CA ALA GA 479 -16.10 58.96 -38.97
C ALA GA 479 -17.48 59.38 -38.48
N SER GA 480 -17.78 58.99 -37.24
CA SER GA 480 -19.00 59.39 -36.55
C SER GA 480 -18.61 60.16 -35.30
N ILE GA 481 -19.06 61.39 -35.19
CA ILE GA 481 -18.78 62.24 -34.03
C ILE GA 481 -19.99 62.19 -33.10
N ARG GA 482 -19.74 61.99 -31.81
CA ARG GA 482 -20.81 61.79 -30.84
C ARG GA 482 -20.49 62.53 -29.55
N LEU GA 483 -21.35 63.48 -29.19
CA LEU GA 483 -21.27 64.12 -27.88
C LEU GA 483 -21.83 63.17 -26.84
N VAL GA 484 -21.08 62.97 -25.74
CA VAL GA 484 -21.50 62.07 -24.68
C VAL GA 484 -21.28 62.73 -23.32
N ALA GA 485 -22.17 62.44 -22.38
CA ALA GA 485 -21.94 62.84 -21.00
C ALA GA 485 -20.90 61.97 -20.34
N THR GA 486 -20.82 60.69 -20.72
CA THR GA 486 -19.80 59.78 -20.24
C THR GA 486 -19.26 58.98 -21.41
N LEU GA 487 -17.95 58.73 -21.41
CA LEU GA 487 -17.32 57.94 -22.47
C LEU GA 487 -17.76 56.49 -22.36
N PRO GA 488 -18.37 55.91 -23.39
CA PRO GA 488 -18.66 54.48 -23.37
C PRO GA 488 -17.39 53.67 -23.55
N PRO GA 489 -17.38 52.41 -23.12
CA PRO GA 489 -16.22 51.56 -23.37
C PRO GA 489 -16.08 51.29 -24.86
N PRO GA 490 -14.84 51.05 -25.34
CA PRO GA 490 -14.60 50.82 -26.77
C PRO GA 490 -15.22 49.52 -27.27
N GLU HA 3 39.70 34.74 -61.58
CA GLU HA 3 40.50 34.21 -60.49
C GLU HA 3 41.75 35.03 -60.23
N SER HA 4 42.02 35.30 -58.96
CA SER HA 4 43.24 36.00 -58.58
C SER HA 4 44.47 35.16 -58.94
N THR HA 5 45.53 35.84 -59.37
CA THR HA 5 46.78 35.15 -59.66
C THR HA 5 47.32 34.44 -58.42
N GLN HA 6 46.98 34.93 -57.23
CA GLN HA 6 47.39 34.24 -56.01
C GLN HA 6 46.83 32.82 -55.98
N HIS HA 7 45.56 32.66 -56.34
CA HIS HA 7 44.94 31.34 -56.34
C HIS HA 7 45.41 30.46 -57.48
N LYS HA 8 45.90 31.05 -58.57
CA LYS HA 8 46.53 30.23 -59.62
C LYS HA 8 47.76 29.53 -59.07
N LEU HA 9 48.52 30.22 -58.23
CA LEU HA 9 49.69 29.61 -57.60
C LEU HA 9 49.35 28.53 -56.59
N ASP HA 10 48.08 28.39 -56.20
CA ASP HA 10 47.66 27.21 -55.45
C ASP HA 10 47.89 25.93 -56.24
N ARG HA 11 47.77 26.00 -57.56
CA ARG HA 11 47.77 24.82 -58.42
C ARG HA 11 49.04 24.66 -59.24
N ILE HA 12 49.63 25.75 -59.72
CA ILE HA 12 50.73 25.69 -60.68
C ILE HA 12 52.03 25.83 -59.90
N ARG HA 13 52.71 24.69 -59.71
CA ARG HA 13 53.99 24.63 -59.00
C ARG HA 13 53.97 25.43 -57.70
N PRO HA 14 53.08 25.07 -56.75
CA PRO HA 14 52.92 25.89 -55.56
C PRO HA 14 54.13 25.78 -54.65
N PRO HA 15 54.42 26.82 -53.86
CA PRO HA 15 55.46 26.72 -52.85
C PRO HA 15 54.95 25.98 -51.62
N ARG HA 16 55.88 25.66 -50.72
CA ARG HA 16 55.49 25.06 -49.46
C ARG HA 16 54.59 26.00 -48.65
N VAL HA 17 54.95 27.27 -48.60
CA VAL HA 17 54.19 28.28 -47.86
C VAL HA 17 53.48 29.14 -48.89
N GLN HA 18 52.19 28.91 -49.07
CA GLN HA 18 51.40 29.57 -50.10
C GLN HA 18 50.39 30.48 -49.43
N ILE HA 19 50.42 31.77 -49.77
CA ILE HA 19 49.65 32.80 -49.09
C ILE HA 19 48.80 33.56 -50.10
N THR HA 20 47.53 33.76 -49.78
CA THR HA 20 46.61 34.53 -50.61
C THR HA 20 45.89 35.54 -49.75
N TYR HA 21 45.36 36.58 -50.39
CA TYR HA 21 44.46 37.51 -49.72
C TYR HA 21 43.02 37.19 -50.14
N ASP HA 22 42.10 37.24 -49.19
CA ASP HA 22 40.70 36.98 -49.49
C ASP HA 22 39.80 37.93 -48.70
N VAL HA 23 38.65 38.23 -49.27
CA VAL HA 23 37.62 39.03 -48.61
C VAL HA 23 36.75 38.08 -47.81
N GLU HA 24 36.64 38.31 -46.51
CA GLU HA 24 35.79 37.50 -45.64
C GLU HA 24 34.35 37.94 -45.86
N THR HA 25 33.58 37.12 -46.58
CA THR HA 25 32.18 37.43 -46.83
C THR HA 25 31.20 36.49 -46.15
N GLY HA 26 31.69 35.45 -45.47
CA GLY HA 26 30.79 34.54 -44.78
C GLY HA 26 29.80 33.91 -45.74
N ASN HA 27 28.53 33.92 -45.35
CA ASN HA 27 27.44 33.39 -46.17
C ASN HA 27 26.68 34.49 -46.90
N ALA HA 28 27.29 35.67 -47.07
CA ALA HA 28 26.60 36.78 -47.72
C ALA HA 28 26.44 36.53 -49.22
N ILE HA 29 25.37 37.09 -49.78
CA ILE HA 29 25.12 37.04 -51.21
C ILE HA 29 25.28 38.45 -51.77
N GLU HA 30 25.74 38.52 -53.02
CA GLU HA 30 25.89 39.80 -53.69
C GLU HA 30 24.52 40.41 -53.99
N LYS HA 31 24.44 41.73 -53.87
CA LYS HA 31 23.19 42.46 -54.10
C LYS HA 31 23.40 43.40 -55.27
N LYS HA 32 23.16 42.90 -56.47
CA LYS HA 32 23.23 43.75 -57.66
C LYS HA 32 22.03 44.69 -57.69
N GLU HA 33 22.28 45.95 -57.99
CA GLU HA 33 21.24 46.96 -58.05
C GLU HA 33 20.87 47.27 -59.49
N LEU HA 34 19.60 47.52 -59.73
CA LEU HA 34 19.15 47.95 -61.04
C LEU HA 34 18.79 49.43 -60.99
N PRO HA 35 19.18 50.20 -62.01
CA PRO HA 35 18.72 51.59 -62.08
C PRO HA 35 17.23 51.65 -62.38
N LEU HA 36 16.63 52.77 -62.02
CA LEU HA 36 15.29 53.11 -62.51
C LEU HA 36 15.44 53.63 -63.93
N VAL HA 37 14.70 53.04 -64.87
CA VAL HA 37 14.73 53.45 -66.26
C VAL HA 37 13.31 53.84 -66.66
N VAL HA 38 13.13 55.10 -67.00
CA VAL HA 38 11.84 55.62 -67.45
C VAL HA 38 11.87 55.72 -68.97
N GLY HA 39 10.99 54.99 -69.63
CA GLY HA 39 10.82 55.11 -71.06
C GLY HA 39 9.80 56.17 -71.39
N ILE HA 40 10.20 57.17 -72.18
CA ILE HA 40 9.32 58.28 -72.55
C ILE HA 40 8.93 58.12 -74.01
N LEU HA 41 7.64 58.20 -74.30
CA LEU HA 41 7.11 58.11 -75.65
C LEU HA 41 6.42 59.43 -75.95
N ALA HA 42 6.97 60.22 -76.87
CA ALA HA 42 6.44 61.54 -77.14
C ALA HA 42 6.60 61.90 -78.60
N ASP HA 43 5.64 62.67 -79.11
CA ASP HA 43 5.65 63.15 -80.50
C ASP HA 43 6.34 64.50 -80.52
N LEU HA 44 7.66 64.48 -80.71
CA LEU HA 44 8.45 65.69 -80.59
C LEU HA 44 8.88 66.26 -81.93
N MET HA 56 10.99 50.91 -86.39
CA MET HA 56 11.97 49.87 -86.15
C MET HA 56 13.37 50.44 -86.18
N GLU HA 57 13.54 51.55 -86.90
CA GLU HA 57 14.84 52.17 -87.08
C GLU HA 57 15.20 53.11 -85.93
N ARG HA 58 14.21 53.64 -85.22
CA ARG HA 58 14.46 54.58 -84.14
C ARG HA 58 14.89 53.82 -82.88
N ARG HA 59 15.21 54.58 -81.83
CA ARG HA 59 15.69 53.97 -80.60
C ARG HA 59 15.35 54.86 -79.43
N PHE HA 60 15.42 54.29 -78.24
CA PHE HA 60 15.27 55.03 -77.00
C PHE HA 60 16.61 55.69 -76.68
N VAL HA 61 16.69 57.00 -76.90
CA VAL HA 61 17.95 57.72 -76.69
C VAL HA 61 17.96 58.29 -75.27
N GLU HA 62 19.06 58.05 -74.56
CA GLU HA 62 19.19 58.54 -73.18
C GLU HA 62 19.23 60.06 -73.16
N ILE HA 63 18.44 60.66 -72.28
CA ILE HA 63 18.31 62.10 -72.20
C ILE HA 63 18.51 62.54 -70.75
N ASN HA 64 19.20 63.67 -70.57
CA ASN HA 64 19.48 64.18 -69.24
C ASN HA 64 19.71 65.68 -69.36
N ARG HA 65 19.95 66.32 -68.22
CA ARG HA 65 20.13 67.77 -68.22
C ARG HA 65 21.35 68.20 -69.03
N ASP HA 66 22.32 67.32 -69.22
CA ASP HA 66 23.53 67.70 -69.94
C ASP HA 66 23.32 67.72 -71.44
N ASN HA 67 22.68 66.69 -72.00
CA ASN HA 67 22.58 66.55 -73.45
C ASN HA 67 21.22 66.95 -73.99
N PHE HA 68 20.40 67.63 -73.19
CA PHE HA 68 19.02 67.92 -73.59
C PHE HA 68 18.96 68.70 -74.89
N ASN HA 69 19.79 69.74 -75.01
CA ASN HA 69 19.75 70.56 -76.20
C ASN HA 69 20.31 69.83 -77.41
N ASP HA 70 21.26 68.93 -77.22
CA ASP HA 70 21.72 68.11 -78.33
C ASP HA 70 20.60 67.20 -78.85
N VAL HA 71 19.81 66.63 -77.96
CA VAL HA 71 18.69 65.80 -78.38
C VAL HA 71 17.63 66.65 -79.06
N LEU HA 72 17.38 67.85 -78.55
CA LEU HA 72 16.46 68.76 -79.22
C LEU HA 72 16.94 69.10 -80.62
N ALA HA 73 18.24 69.35 -80.78
CA ALA HA 73 18.79 69.66 -82.09
C ALA HA 73 18.67 68.48 -83.04
N SER HA 74 18.97 67.28 -82.55
CA SER HA 74 18.91 66.09 -83.40
C SER HA 74 17.47 65.79 -83.82
N ILE HA 75 16.51 66.02 -82.93
CA ILE HA 75 15.11 65.92 -83.33
C ILE HA 75 14.74 67.05 -84.26
N ALA HA 76 15.19 68.27 -83.96
CA ALA HA 76 15.01 69.47 -84.78
C ALA HA 76 13.53 69.74 -85.05
N PRO HA 77 12.73 70.07 -84.02
CA PRO HA 77 11.32 70.38 -84.27
C PRO HA 77 11.14 71.67 -85.06
N GLN IA 90 42.48 34.63 -93.13
CA GLN IA 90 41.47 34.76 -92.07
C GLN IA 90 41.11 33.39 -91.51
N LYS IA 91 40.65 32.49 -92.38
CA LYS IA 91 40.22 31.17 -91.93
C LYS IA 91 41.37 30.40 -91.31
N LEU IA 92 42.55 30.44 -91.94
CA LEU IA 92 43.72 29.83 -91.34
C LEU IA 92 44.13 30.56 -90.06
N GLU IA 93 44.16 31.89 -90.10
CA GLU IA 93 44.55 32.65 -88.92
C GLU IA 93 43.62 32.41 -87.75
N ALA IA 94 42.31 32.35 -88.03
CA ALA IA 94 41.33 32.12 -86.97
C ALA IA 94 41.56 30.76 -86.30
N SER IA 95 41.85 29.74 -87.11
CA SER IA 95 42.11 28.41 -86.56
C SER IA 95 43.36 28.42 -85.67
N TRP IA 96 44.45 29.01 -86.17
CA TRP IA 96 45.68 29.02 -85.40
C TRP IA 96 45.56 29.90 -84.15
N ARG IA 97 44.89 31.04 -84.28
CA ARG IA 97 44.73 31.92 -83.13
C ARG IA 97 43.76 31.32 -82.11
N GLY IA 98 42.69 30.69 -82.57
CA GLY IA 98 41.82 29.98 -81.65
C GLY IA 98 42.55 28.89 -80.90
N LEU IA 99 43.37 28.12 -81.62
CA LEU IA 99 44.16 27.07 -80.98
C LEU IA 99 45.15 27.65 -79.99
N HIS IA 100 45.82 28.75 -80.37
CA HIS IA 100 46.82 29.34 -79.49
C HIS IA 100 46.19 29.85 -78.19
N MET IA 101 45.03 30.52 -78.29
CA MET IA 101 44.33 30.95 -77.08
C MET IA 101 43.97 29.77 -76.18
N LEU IA 102 43.47 28.68 -76.76
CA LEU IA 102 43.14 27.51 -75.94
C LEU IA 102 44.38 26.94 -75.28
N VAL IA 103 45.48 26.81 -76.04
CA VAL IA 103 46.71 26.27 -75.47
C VAL IA 103 47.25 27.17 -74.36
N LYS IA 104 47.29 28.47 -74.62
CA LYS IA 104 47.86 29.41 -73.66
C LYS IA 104 47.04 29.50 -72.39
N ASN IA 105 45.72 29.32 -72.48
CA ASN IA 105 44.83 29.49 -71.34
C ASN IA 105 44.47 28.19 -70.65
N THR IA 106 45.10 27.08 -71.04
CA THR IA 106 44.85 25.78 -70.43
C THR IA 106 46.05 25.36 -69.59
N GLU IA 107 45.80 24.96 -68.35
CA GLU IA 107 46.85 24.51 -67.45
C GLU IA 107 47.25 23.07 -67.79
N THR IA 108 47.97 22.95 -68.91
CA THR IA 108 48.48 21.65 -69.31
C THR IA 108 49.55 21.17 -68.34
N GLY IA 109 49.64 19.86 -68.18
CA GLY IA 109 50.57 19.29 -67.23
C GLY IA 109 50.35 17.80 -67.06
N ALA IA 110 50.67 17.31 -65.87
CA ALA IA 110 50.53 15.88 -65.61
C ALA IA 110 49.09 15.42 -65.77
N ARG IA 111 48.13 16.22 -65.31
CA ARG IA 111 46.73 15.83 -65.28
C ARG IA 111 45.93 16.31 -66.49
N LEU IA 112 46.52 17.09 -67.39
CA LEU IA 112 45.77 17.71 -68.48
C LEU IA 112 46.63 17.76 -69.72
N LYS IA 113 46.20 17.10 -70.78
CA LYS IA 113 46.94 17.06 -72.04
C LYS IA 113 46.05 17.47 -73.19
N LEU IA 114 46.63 18.21 -74.14
CA LEU IA 114 46.00 18.54 -75.41
C LEU IA 114 46.77 17.85 -76.52
N ARG IA 115 46.05 17.11 -77.36
CA ARG IA 115 46.64 16.40 -78.48
C ARG IA 115 45.96 16.84 -79.76
N LEU IA 116 46.75 17.08 -80.80
CA LEU IA 116 46.28 17.76 -82.00
C LEU IA 116 46.47 16.87 -83.23
N LEU IA 117 45.41 16.71 -84.01
CA LEU IA 117 45.45 15.99 -85.28
C LEU IA 117 45.14 16.97 -86.40
N ASN IA 118 46.11 17.20 -87.26
CA ASN IA 118 45.95 18.12 -88.38
C ASN IA 118 45.28 17.39 -89.53
N VAL IA 119 44.04 17.77 -89.85
CA VAL IA 119 43.24 17.06 -90.84
C VAL IA 119 42.12 17.97 -91.29
N THR IA 120 41.79 17.90 -92.58
CA THR IA 120 40.71 18.69 -93.15
C THR IA 120 39.37 17.98 -93.00
N GLN IA 121 38.29 18.74 -93.18
CA GLN IA 121 36.96 18.19 -93.08
C GLN IA 121 36.72 17.13 -94.17
N LYS IA 122 37.17 17.41 -95.39
CA LYS IA 122 37.00 16.45 -96.47
C LYS IA 122 37.81 15.17 -96.23
N GLU IA 123 39.02 15.30 -95.68
CA GLU IA 123 39.80 14.12 -95.34
C GLU IA 123 39.10 13.26 -94.31
N LEU IA 124 38.51 13.88 -93.28
CA LEU IA 124 37.74 13.15 -92.30
C LEU IA 124 36.56 12.42 -92.95
N LEU IA 125 35.85 13.13 -93.83
CA LEU IA 125 34.70 12.52 -94.50
C LEU IA 125 35.13 11.30 -95.31
N ILE IA 126 36.23 11.44 -96.06
CA ILE IA 126 36.71 10.34 -96.90
C ILE IA 126 37.14 9.16 -96.02
N ASP IA 127 37.89 9.44 -94.95
CA ASP IA 127 38.36 8.37 -94.08
C ASP IA 127 37.19 7.61 -93.47
N LEU IA 128 36.16 8.33 -93.03
CA LEU IA 128 35.04 7.67 -92.37
C LEU IA 128 34.16 6.93 -93.36
N GLU IA 129 33.98 7.48 -94.57
CA GLU IA 129 33.09 6.85 -95.53
C GLU IA 129 33.72 5.63 -96.20
N LYS IA 130 35.03 5.67 -96.48
CA LYS IA 130 35.68 4.62 -97.25
C LYS IA 130 36.18 3.47 -96.39
N ALA IA 131 36.08 3.55 -95.08
CA ALA IA 131 36.50 2.46 -94.23
C ALA IA 131 35.69 1.20 -94.55
N VAL IA 132 36.38 0.06 -94.62
CA VAL IA 132 35.69 -1.18 -94.95
C VAL IA 132 34.67 -1.53 -93.87
N GLU IA 133 35.01 -1.25 -92.62
CA GLU IA 133 34.10 -1.42 -91.49
C GLU IA 133 34.27 -0.24 -90.55
N PHE IA 134 33.28 -0.06 -89.67
CA PHE IA 134 33.27 1.15 -88.83
C PHE IA 134 34.49 1.23 -87.93
N ASP IA 135 35.07 0.10 -87.54
CA ASP IA 135 36.22 0.11 -86.64
C ASP IA 135 37.55 0.14 -87.39
N GLN IA 136 37.52 0.27 -88.71
CA GLN IA 136 38.74 0.26 -89.51
C GLN IA 136 39.20 1.65 -89.93
N SER IA 137 38.40 2.68 -89.73
CA SER IA 137 38.78 4.03 -90.13
C SER IA 137 39.96 4.53 -89.31
N ALA IA 138 40.76 5.39 -89.92
CA ALA IA 138 41.91 5.97 -89.22
C ALA IA 138 41.47 6.68 -87.94
N LEU IA 139 40.36 7.41 -88.01
CA LEU IA 139 39.85 8.09 -86.83
C LEU IA 139 39.50 7.10 -85.73
N PHE IA 140 38.82 6.01 -86.08
CA PHE IA 140 38.48 5.01 -85.07
C PHE IA 140 39.74 4.43 -84.45
N LYS IA 141 40.71 4.04 -85.27
CA LYS IA 141 41.95 3.49 -84.73
C LYS IA 141 42.58 4.47 -83.74
N LYS IA 142 42.78 5.72 -84.18
CA LYS IA 142 43.54 6.68 -83.38
C LYS IA 142 42.79 7.08 -82.11
N ILE IA 143 41.47 7.16 -82.16
CA ILE IA 143 40.71 7.68 -81.02
C ILE IA 143 40.30 6.54 -80.08
N TYR IA 144 39.72 5.47 -80.62
CA TYR IA 144 39.31 4.35 -79.78
C TYR IA 144 40.48 3.43 -79.47
N GLU IA 145 41.07 2.80 -80.51
CA GLU IA 145 41.93 1.66 -80.26
C GLU IA 145 43.22 2.07 -79.58
N GLU IA 146 43.84 3.15 -80.04
CA GLU IA 146 45.19 3.47 -79.57
C GLU IA 146 45.19 3.98 -78.14
N GLU IA 147 44.08 4.56 -77.66
CA GLU IA 147 44.05 5.07 -76.30
C GLU IA 147 43.03 4.35 -75.43
N TYR IA 148 41.74 4.40 -75.77
CA TYR IA 148 40.73 3.79 -74.92
C TYR IA 148 40.85 2.26 -74.93
N GLY IA 149 41.20 1.70 -76.08
CA GLY IA 149 41.24 0.26 -76.22
C GLY IA 149 42.61 -0.40 -76.14
N THR IA 150 43.59 0.30 -75.57
CA THR IA 150 44.94 -0.24 -75.43
C THR IA 150 45.39 -0.19 -73.97
N PHE IA 151 46.03 -1.27 -73.53
CA PHE IA 151 46.63 -1.35 -72.21
C PHE IA 151 47.60 -0.20 -72.01
N GLY IA 152 47.38 0.60 -70.97
CA GLY IA 152 48.22 1.74 -70.69
C GLY IA 152 47.84 3.04 -71.38
N GLY IA 153 46.82 3.02 -72.23
CA GLY IA 153 46.39 4.23 -72.89
C GLY IA 153 45.69 5.20 -71.95
N HIS IA 154 45.74 6.48 -72.32
CA HIS IA 154 45.00 7.53 -71.62
C HIS IA 154 43.82 7.93 -72.52
N PRO IA 155 42.61 7.49 -72.22
CA PRO IA 155 41.49 7.72 -73.14
C PRO IA 155 41.24 9.20 -73.38
N PHE IA 156 40.90 9.53 -74.62
CA PHE IA 156 40.46 10.88 -74.95
C PHE IA 156 39.21 11.22 -74.16
N SER IA 157 39.29 12.28 -73.36
CA SER IA 157 38.13 12.71 -72.60
C SER IA 157 37.12 13.45 -73.47
N LEU IA 158 37.60 14.18 -74.46
CA LEU IA 158 36.75 15.07 -75.24
C LEU IA 158 37.42 15.31 -76.59
N LEU IA 159 36.61 15.55 -77.60
CA LEU IA 159 37.09 15.91 -78.93
C LEU IA 159 36.51 17.26 -79.30
N VAL IA 160 37.34 18.16 -79.83
CA VAL IA 160 36.88 19.43 -80.35
C VAL IA 160 37.26 19.49 -81.83
N GLY IA 161 36.27 19.77 -82.67
CA GLY IA 161 36.51 19.91 -84.08
C GLY IA 161 36.37 21.35 -84.53
N ASP IA 162 37.44 21.91 -85.07
CA ASP IA 162 37.41 23.26 -85.61
C ASP IA 162 36.81 23.23 -87.01
N TYR IA 163 35.53 22.88 -87.06
CA TYR IA 163 34.78 22.81 -88.30
C TYR IA 163 33.37 23.34 -88.06
N SER IA 164 32.75 23.80 -89.13
CA SER IA 164 31.35 24.20 -89.12
C SER IA 164 30.53 23.22 -89.93
N PHE IA 165 29.33 22.91 -89.45
CA PHE IA 165 28.47 21.91 -90.07
C PHE IA 165 27.17 22.55 -90.51
N GLY IA 166 26.89 22.48 -91.81
CA GLY IA 166 25.68 23.02 -92.38
C GLY IA 166 24.62 21.96 -92.59
N ARG IA 167 23.65 22.26 -93.44
CA ARG IA 167 22.57 21.35 -93.75
C ARG IA 167 22.91 20.41 -94.90
N HIS IA 168 24.09 20.54 -95.49
CA HIS IA 168 24.46 19.72 -96.64
C HIS IA 168 24.45 18.24 -96.25
N PRO IA 169 24.00 17.35 -97.15
CA PRO IA 169 23.94 15.93 -96.80
C PRO IA 169 25.28 15.34 -96.38
N GLN IA 170 26.39 15.75 -97.00
CA GLN IA 170 27.68 15.21 -96.56
C GLN IA 170 28.09 15.78 -95.20
N ASP IA 171 27.64 16.99 -94.87
CA ASP IA 171 27.92 17.54 -93.55
C ASP IA 171 27.23 16.72 -92.46
N ILE IA 172 25.96 16.39 -92.66
CA ILE IA 172 25.23 15.59 -91.68
C ILE IA 172 25.77 14.16 -91.66
N GLY IA 173 26.15 13.62 -92.83
CA GLY IA 173 26.75 12.30 -92.84
C GLY IA 173 28.06 12.24 -92.07
N LEU IA 174 28.91 13.26 -92.25
CA LEU IA 174 30.14 13.34 -91.47
C LEU IA 174 29.84 13.47 -89.99
N LEU IA 175 28.84 14.29 -89.64
CA LEU IA 175 28.47 14.41 -88.24
C LEU IA 175 28.04 13.07 -87.65
N GLU IA 176 27.32 12.28 -88.44
CA GLU IA 176 26.86 10.97 -87.96
C GLU IA 176 28.03 10.02 -87.75
N LYS IA 177 28.95 9.94 -88.72
CA LYS IA 177 30.12 9.07 -88.56
C LYS IA 177 30.98 9.51 -87.38
N LEU IA 178 31.20 10.82 -87.24
CA LEU IA 178 31.95 11.33 -86.10
C LEU IA 178 31.26 10.98 -84.79
N SER IA 179 29.93 11.07 -84.76
CA SER IA 179 29.19 10.71 -83.56
C SER IA 179 29.38 9.25 -83.21
N ASN IA 180 29.41 8.39 -84.23
CA ASN IA 180 29.64 6.97 -83.98
C ASN IA 180 31.01 6.75 -83.34
N VAL IA 181 32.05 7.38 -83.89
CA VAL IA 181 33.38 7.22 -83.31
C VAL IA 181 33.42 7.78 -81.89
N ALA IA 182 32.81 8.96 -81.69
CA ALA IA 182 32.79 9.58 -80.36
C ALA IA 182 32.06 8.70 -79.35
N ALA IA 183 30.93 8.12 -79.75
CA ALA IA 183 30.18 7.24 -78.86
C ALA IA 183 30.99 6.01 -78.49
N ALA IA 184 31.65 5.40 -79.49
CA ALA IA 184 32.42 4.19 -79.20
C ALA IA 184 33.46 4.43 -78.12
N ALA IA 185 34.19 5.54 -78.21
CA ALA IA 185 35.25 5.85 -77.26
C ALA IA 185 34.77 6.61 -76.03
N HIS IA 186 33.48 6.90 -75.92
CA HIS IA 186 32.93 7.75 -74.85
C HIS IA 186 33.68 9.07 -74.77
N ALA IA 187 33.78 9.76 -75.92
CA ALA IA 187 34.52 11.01 -76.01
C ALA IA 187 33.66 12.02 -76.75
N PRO IA 188 32.89 12.83 -76.02
CA PRO IA 188 31.98 13.78 -76.67
C PRO IA 188 32.71 14.71 -77.63
N PHE IA 189 32.06 15.00 -78.75
CA PHE IA 189 32.62 15.79 -79.83
C PHE IA 189 31.93 17.14 -79.87
N ILE IA 190 32.72 18.20 -79.99
CA ILE IA 190 32.22 19.58 -80.00
C ILE IA 190 32.71 20.26 -81.26
N ALA IA 191 31.77 20.87 -82.00
CA ALA IA 191 32.11 21.62 -83.20
C ALA IA 191 31.14 22.81 -83.28
N ALA IA 192 31.11 23.46 -84.45
CA ALA IA 192 30.33 24.67 -84.65
C ALA IA 192 29.20 24.43 -85.63
N ALA IA 193 28.09 25.12 -85.39
CA ALA IA 193 26.97 25.13 -86.32
C ALA IA 193 27.22 26.19 -87.38
N SER IA 194 27.08 25.79 -88.65
CA SER IA 194 27.16 26.76 -89.73
C SER IA 194 25.88 27.59 -89.79
N PRO IA 195 25.98 28.86 -90.19
CA PRO IA 195 24.75 29.61 -90.46
C PRO IA 195 23.92 29.00 -91.57
N ARG IA 196 24.55 28.25 -92.48
CA ARG IA 196 23.79 27.58 -93.51
C ARG IA 196 22.84 26.52 -92.94
N LEU IA 197 23.15 25.99 -91.76
CA LEU IA 197 22.21 25.07 -91.11
C LEU IA 197 20.87 25.76 -90.84
N PHE IA 198 20.90 27.07 -90.61
CA PHE IA 198 19.71 27.87 -90.36
C PHE IA 198 19.19 28.55 -91.62
N ASP IA 199 19.74 28.20 -92.79
CA ASP IA 199 19.41 28.89 -94.05
C ASP IA 199 19.75 30.38 -93.97
N MET IA 200 20.85 30.70 -93.31
CA MET IA 200 21.34 32.07 -93.20
C MET IA 200 22.73 32.17 -93.80
N GLY IA 201 23.02 33.32 -94.40
CA GLY IA 201 24.37 33.59 -94.85
C GLY IA 201 25.32 33.91 -93.72
N SER IA 202 24.81 34.49 -92.64
CA SER IA 202 25.61 34.84 -91.48
C SER IA 202 24.70 34.82 -90.26
N PHE IA 203 25.31 34.64 -89.10
CA PHE IA 203 24.54 34.65 -87.86
C PHE IA 203 24.12 36.06 -87.45
N THR IA 204 24.52 37.09 -88.21
CA THR IA 204 23.96 38.41 -88.01
C THR IA 204 22.46 38.44 -88.30
N GLU IA 205 21.95 37.46 -89.03
CA GLU IA 205 20.53 37.32 -89.33
C GLU IA 205 19.78 36.48 -88.30
N LEU IA 206 20.43 36.08 -87.21
CA LEU IA 206 19.83 35.14 -86.28
C LEU IA 206 18.58 35.70 -85.60
N ALA IA 207 18.52 37.01 -85.41
CA ALA IA 207 17.37 37.63 -84.75
C ALA IA 207 16.22 37.91 -85.70
N VAL IA 208 16.39 37.67 -87.00
CA VAL IA 208 15.38 38.03 -88.00
C VAL IA 208 14.17 37.10 -87.96
N PRO IA 209 14.32 35.77 -88.05
CA PRO IA 209 13.13 34.92 -88.11
C PRO IA 209 12.25 35.07 -86.88
N ARG IA 210 10.93 35.05 -87.09
CA ARG IA 210 10.02 35.07 -85.97
C ARG IA 210 10.14 33.81 -85.12
N ASP IA 211 10.23 32.65 -85.78
CA ASP IA 211 10.26 31.37 -85.07
C ASP IA 211 11.37 30.50 -85.65
N LEU IA 212 12.36 30.19 -84.82
CA LEU IA 212 13.49 29.37 -85.26
C LEU IA 212 13.07 27.92 -85.51
N ALA IA 213 12.18 27.39 -84.68
CA ALA IA 213 11.76 25.99 -84.82
C ALA IA 213 11.10 25.74 -86.17
N LYS IA 214 10.42 26.76 -86.72
CA LYS IA 214 9.80 26.63 -88.03
C LYS IA 214 10.84 26.33 -89.11
N ILE IA 215 12.03 26.90 -88.99
CA ILE IA 215 13.09 26.67 -89.98
C ILE IA 215 13.43 25.19 -90.06
N PHE IA 216 13.45 24.51 -88.93
CA PHE IA 216 13.91 23.14 -88.88
C PHE IA 216 12.83 22.13 -89.22
N GLU IA 217 11.67 22.58 -89.70
CA GLU IA 217 10.67 21.72 -90.29
C GLU IA 217 10.92 21.47 -91.77
N SER IA 218 11.89 22.14 -92.36
CA SER IA 218 12.11 22.08 -93.80
C SER IA 218 12.49 20.67 -94.24
N GLN IA 219 12.08 20.33 -95.46
CA GLN IA 219 12.47 19.06 -96.06
C GLN IA 219 13.98 18.95 -96.26
N GLU IA 220 14.68 20.08 -96.37
CA GLU IA 220 16.13 20.06 -96.43
C GLU IA 220 16.78 19.59 -95.14
N LEU IA 221 16.02 19.52 -94.04
CA LEU IA 221 16.56 19.14 -92.74
C LEU IA 221 16.03 17.79 -92.26
N ILE IA 222 15.62 16.93 -93.19
CA ILE IA 222 15.19 15.59 -92.84
C ILE IA 222 16.34 14.81 -92.20
N LYS IA 223 17.51 14.86 -92.82
CA LYS IA 223 18.67 14.13 -92.31
C LYS IA 223 19.11 14.66 -90.95
N TRP IA 224 19.06 15.98 -90.77
CA TRP IA 224 19.42 16.56 -89.49
C TRP IA 224 18.49 16.09 -88.37
N ARG IA 225 17.19 16.07 -88.63
CA ARG IA 225 16.24 15.60 -87.63
C ARG IA 225 16.44 14.12 -87.33
N ALA IA 226 16.70 13.32 -88.36
CA ALA IA 226 17.02 11.92 -88.13
C ALA IA 226 18.26 11.77 -87.27
N PHE IA 227 19.31 12.57 -87.55
CA PHE IA 227 20.51 12.52 -86.73
C PHE IA 227 20.21 12.88 -85.28
N ARG IA 228 19.43 13.95 -85.07
CA ARG IA 228 19.02 14.31 -83.71
C ARG IA 228 18.31 13.15 -83.03
N GLU IA 229 17.58 12.32 -83.79
CA GLU IA 229 16.89 11.18 -83.20
C GLU IA 229 17.82 10.05 -82.78
N SER IA 230 19.04 9.99 -83.32
CA SER IA 230 19.91 8.86 -83.09
C SER IA 230 20.46 8.87 -81.66
N GLU IA 231 20.83 7.67 -81.18
CA GLU IA 231 21.41 7.57 -79.85
C GLU IA 231 22.74 8.30 -79.76
N ASP IA 232 23.63 8.10 -80.74
CA ASP IA 232 24.98 8.61 -80.66
C ASP IA 232 25.07 10.13 -80.84
N SER IA 233 23.97 10.79 -81.20
CA SER IA 233 23.98 12.25 -81.29
C SER IA 233 24.19 12.92 -79.93
N ARG IA 234 24.02 12.20 -78.83
CA ARG IA 234 24.32 12.79 -77.53
C ARG IA 234 25.81 13.03 -77.35
N TYR IA 235 26.65 12.50 -78.23
CA TYR IA 235 28.09 12.73 -78.22
C TYR IA 235 28.52 13.84 -79.17
N VAL IA 236 27.58 14.62 -79.67
CA VAL IA 236 27.87 15.75 -80.55
C VAL IA 236 27.18 16.98 -80.01
N SER IA 237 27.95 18.05 -79.82
CA SER IA 237 27.41 19.35 -79.45
C SER IA 237 27.84 20.37 -80.49
N LEU IA 238 26.92 21.26 -80.86
CA LEU IA 238 27.19 22.30 -81.82
C LEU IA 238 27.01 23.65 -81.18
N VAL IA 239 28.01 24.52 -81.30
CA VAL IA 239 28.00 25.83 -80.68
C VAL IA 239 27.82 26.89 -81.75
N LEU IA 240 27.28 28.03 -81.34
CA LEU IA 240 27.08 29.19 -82.20
C LEU IA 240 26.93 30.42 -81.32
N PRO IA 241 27.16 31.62 -81.87
CA PRO IA 241 27.72 31.93 -83.18
C PRO IA 241 29.23 32.10 -83.08
N HIS IA 242 29.88 32.74 -84.05
CA HIS IA 242 31.31 32.94 -83.99
C HIS IA 242 31.68 33.97 -82.93
N VAL IA 243 32.92 33.89 -82.45
CA VAL IA 243 33.42 34.78 -81.41
C VAL IA 243 34.57 35.60 -81.99
N LEU IA 244 34.56 36.89 -81.70
CA LEU IA 244 35.59 37.79 -82.20
C LEU IA 244 36.93 37.46 -81.56
N LEU IA 245 37.96 37.27 -82.38
CA LEU IA 245 39.28 36.97 -81.87
C LEU IA 245 40.13 38.24 -81.83
N ALA IA 271 32.73 40.87 -92.75
CA ALA IA 271 33.68 39.78 -92.63
C ALA IA 271 35.11 40.30 -92.50
N ARG IA 272 35.25 41.59 -92.21
CA ARG IA 272 36.56 42.19 -92.01
C ARG IA 272 37.12 41.93 -90.62
N TYR IA 273 36.32 41.40 -89.69
CA TYR IA 273 36.79 41.04 -88.37
C TYR IA 273 37.21 39.59 -88.34
N LEU IA 274 38.16 39.27 -87.46
CA LEU IA 274 38.65 37.91 -87.33
C LEU IA 274 37.70 37.12 -86.43
N TRP IA 275 36.82 36.36 -87.07
CA TRP IA 275 35.82 35.55 -86.35
C TRP IA 275 36.34 34.13 -86.20
N GLY IA 276 36.27 33.61 -84.97
CA GLY IA 276 36.74 32.29 -84.66
C GLY IA 276 35.61 31.34 -84.27
N ASN IA 277 35.95 30.06 -84.24
CA ASN IA 277 35.00 29.04 -83.80
C ASN IA 277 34.77 29.17 -82.29
N ALA IA 278 33.50 29.20 -81.89
CA ALA IA 278 33.19 29.27 -80.46
C ALA IA 278 33.44 27.95 -79.75
N ALA IA 279 33.69 26.87 -80.50
CA ALA IA 279 34.07 25.61 -79.87
C ALA IA 279 35.36 25.76 -79.08
N TRP IA 280 36.28 26.62 -79.54
CA TRP IA 280 37.48 26.90 -78.76
C TRP IA 280 37.13 27.48 -77.40
N ALA IA 281 36.20 28.44 -77.37
CA ALA IA 281 35.80 29.04 -76.10
C ALA IA 281 35.13 28.03 -75.17
N LEU IA 282 34.26 27.19 -75.72
CA LEU IA 282 33.62 26.17 -74.88
C LEU IA 282 34.66 25.16 -74.37
N THR IA 283 35.60 24.75 -75.22
CA THR IA 283 36.66 23.85 -74.80
C THR IA 283 37.47 24.48 -73.67
N GLN IA 284 37.75 25.78 -73.77
CA GLN IA 284 38.45 26.47 -72.71
C GLN IA 284 37.67 26.46 -71.41
N ARG IA 285 36.35 26.66 -71.48
CA ARG IA 285 35.52 26.52 -70.29
C ARG IA 285 35.70 25.13 -69.68
N ILE IA 286 35.71 24.10 -70.52
CA ILE IA 286 35.81 22.73 -70.04
C ILE IA 286 37.16 22.50 -69.37
N THR IA 287 38.24 22.96 -70.00
CA THR IA 287 39.57 22.71 -69.44
C THR IA 287 39.81 23.51 -68.17
N GLU IA 288 39.27 24.73 -68.10
CA GLU IA 288 39.33 25.49 -66.85
C GLU IA 288 38.57 24.78 -65.74
N ALA IA 289 37.37 24.26 -66.05
CA ALA IA 289 36.62 23.52 -65.06
C ALA IA 289 37.40 22.31 -64.55
N PHE IA 290 38.01 21.57 -65.47
CA PHE IA 290 38.80 20.41 -65.03
C PHE IA 290 39.98 20.85 -64.17
N ALA IA 291 40.70 21.89 -64.59
CA ALA IA 291 41.87 22.33 -63.84
C ALA IA 291 41.49 22.76 -62.43
N ARG IA 292 40.37 23.49 -62.29
CA ARG IA 292 39.99 23.99 -60.98
C ARG IA 292 39.35 22.92 -60.10
N TYR IA 293 38.57 22.01 -60.69
CA TYR IA 293 37.71 21.12 -59.92
C TYR IA 293 37.93 19.64 -60.17
N GLY IA 294 38.62 19.25 -61.24
CA GLY IA 294 38.80 17.86 -61.56
C GLY IA 294 37.65 17.23 -62.32
N TRP IA 295 36.57 17.97 -62.57
CA TRP IA 295 35.44 17.50 -63.33
C TRP IA 295 34.92 18.64 -64.19
N CYS IA 296 34.16 18.29 -65.23
CA CYS IA 296 33.79 19.23 -66.28
C CYS IA 296 32.31 19.56 -66.31
N ALA IA 297 31.62 19.46 -65.17
CA ALA IA 297 30.21 19.82 -65.15
C ALA IA 297 30.01 21.33 -65.15
N ALA IA 298 30.85 22.07 -64.44
CA ALA IA 298 30.64 23.50 -64.22
C ALA IA 298 31.13 24.28 -65.44
N ILE IA 299 30.35 24.21 -66.52
CA ILE IA 299 30.75 24.85 -67.76
C ILE IA 299 29.63 25.71 -68.36
N ARG IA 300 28.71 26.20 -67.53
CA ARG IA 300 27.60 26.98 -68.07
C ARG IA 300 27.11 27.99 -67.04
N GLY IA 301 26.58 29.10 -67.55
CA GLY IA 301 25.98 30.11 -66.71
C GLY IA 301 26.97 31.17 -66.25
N VAL IA 302 26.40 32.26 -65.74
CA VAL IA 302 27.21 33.38 -65.27
C VAL IA 302 28.10 32.93 -64.12
N GLU IA 303 27.54 32.20 -63.16
CA GLU IA 303 28.27 31.76 -61.99
C GLU IA 303 28.63 30.28 -62.01
N GLY IA 304 28.16 29.53 -63.01
CA GLY IA 304 28.40 28.10 -63.03
C GLY IA 304 29.49 27.68 -63.98
N GLY IA 305 30.35 28.61 -64.40
CA GLY IA 305 31.47 28.29 -65.25
C GLY IA 305 31.30 28.51 -66.73
N GLY IA 306 30.23 29.16 -67.16
CA GLY IA 306 29.99 29.43 -68.56
C GLY IA 306 30.42 30.79 -69.06
N ALA IA 307 31.15 31.58 -68.26
CA ALA IA 307 31.49 32.94 -68.63
C ALA IA 307 32.77 32.98 -69.46
N VAL IA 308 32.69 33.59 -70.63
CA VAL IA 308 33.84 33.83 -71.49
C VAL IA 308 34.19 35.32 -71.37
N GLU IA 309 35.25 35.62 -70.64
CA GLU IA 309 35.60 36.99 -70.27
C GLU IA 309 36.70 37.54 -71.16
N GLY IA 310 36.86 38.87 -71.09
CA GLY IA 310 37.93 39.56 -71.78
C GLY IA 310 37.85 39.54 -73.29
N LEU IA 311 36.64 39.58 -73.84
CA LEU IA 311 36.46 39.61 -75.28
C LEU IA 311 36.83 40.98 -75.85
N PRO IA 312 37.21 41.05 -77.12
CA PRO IA 312 37.50 42.35 -77.74
C PRO IA 312 36.26 43.24 -77.77
N ALA IA 313 36.39 44.45 -77.22
CA ALA IA 313 35.30 45.43 -77.19
C ALA IA 313 35.69 46.60 -78.07
N HIS IA 314 35.25 46.56 -79.33
CA HIS IA 314 35.56 47.63 -80.28
C HIS IA 314 34.51 48.72 -80.24
N LYS IA 326 29.77 47.21 -80.73
CA LYS IA 326 29.80 46.03 -81.61
C LYS IA 326 29.82 44.73 -80.83
N CYS IA 327 28.91 43.84 -81.14
CA CYS IA 327 28.82 42.56 -80.42
C CYS IA 327 30.07 41.74 -80.69
N PRO IA 328 30.79 41.29 -79.66
CA PRO IA 328 31.91 40.37 -79.89
C PRO IA 328 31.48 38.96 -80.26
N THR IA 329 30.18 38.68 -80.34
CA THR IA 329 29.65 37.37 -80.68
C THR IA 329 28.74 37.43 -81.89
N GLU IA 330 28.95 38.41 -82.77
CA GLU IA 330 28.28 38.56 -84.07
C GLU IA 330 26.82 38.98 -84.00
N VAL IA 331 26.15 38.73 -82.87
CA VAL IA 331 24.73 39.01 -82.78
C VAL IA 331 24.28 38.88 -81.33
N ALA IA 332 23.40 39.77 -80.89
CA ALA IA 332 22.81 39.66 -79.57
C ALA IA 332 21.75 38.57 -79.60
N ILE IA 333 21.74 37.73 -78.58
CA ILE IA 333 20.78 36.64 -78.48
C ILE IA 333 19.95 36.87 -77.23
N THR IA 334 18.66 37.14 -77.42
CA THR IA 334 17.76 37.35 -76.29
C THR IA 334 17.57 36.05 -75.51
N ASP IA 335 17.00 36.18 -74.32
CA ASP IA 335 16.70 35.01 -73.50
C ASP IA 335 15.78 34.04 -74.24
N ARG IA 336 14.74 34.57 -74.87
CA ARG IA 336 13.80 33.72 -75.60
C ARG IA 336 14.48 33.01 -76.76
N ARG IA 337 15.34 33.72 -77.50
CA ARG IA 337 16.06 33.08 -78.60
C ARG IA 337 17.06 32.06 -78.10
N GLU IA 338 17.73 32.34 -76.99
CA GLU IA 338 18.64 31.35 -76.41
C GLU IA 338 17.88 30.08 -76.06
N LYS IA 339 16.69 30.21 -75.47
CA LYS IA 339 15.89 29.04 -75.13
C LYS IA 339 15.45 28.29 -76.38
N GLU IA 340 15.02 29.01 -77.42
CA GLU IA 340 14.70 28.36 -78.69
C GLU IA 340 15.87 27.52 -79.19
N LEU IA 341 17.07 28.12 -79.22
CA LEU IA 341 18.24 27.43 -79.74
C LEU IA 341 18.57 26.21 -78.88
N ASP IA 342 18.47 26.35 -77.55
CA ASP IA 342 18.68 25.21 -76.68
C ASP IA 342 17.71 24.08 -77.01
N ALA IA 343 16.44 24.42 -77.25
CA ALA IA 343 15.46 23.40 -77.61
C ALA IA 343 15.76 22.74 -78.95
N LEU IA 344 16.44 23.45 -79.85
CA LEU IA 344 16.76 22.91 -81.16
C LEU IA 344 18.07 22.14 -81.19
N GLY IA 345 18.76 22.01 -80.06
CA GLY IA 345 19.95 21.21 -79.98
C GLY IA 345 21.26 21.94 -80.15
N PHE IA 346 21.32 23.20 -79.74
CA PHE IA 346 22.53 24.01 -79.92
C PHE IA 346 22.95 24.61 -78.59
N ILE IA 347 24.23 24.95 -78.50
CA ILE IA 347 24.79 25.68 -77.37
C ILE IA 347 25.12 27.09 -77.86
N ALA IA 348 24.40 28.09 -77.37
CA ALA IA 348 24.56 29.45 -77.84
C ALA IA 348 25.43 30.26 -76.88
N LEU IA 349 26.30 31.09 -77.45
CA LEU IA 349 27.12 32.03 -76.69
C LEU IA 349 26.43 33.39 -76.70
N CYS IA 350 26.08 33.90 -75.53
CA CYS IA 350 25.24 35.08 -75.39
C CYS IA 350 26.04 36.25 -74.84
N HIS IA 351 26.15 37.32 -75.61
CA HIS IA 351 26.89 38.51 -75.19
C HIS IA 351 26.10 39.27 -74.14
N LYS IA 352 26.77 39.63 -73.04
CA LYS IA 352 26.17 40.54 -72.07
C LYS IA 352 26.28 41.95 -72.60
N LYS IA 353 25.14 42.62 -72.74
CA LYS IA 353 25.11 43.94 -73.34
C LYS IA 353 25.99 44.91 -72.56
N ASN IA 354 26.69 45.77 -73.30
CA ASN IA 354 27.55 46.80 -72.72
C ASN IA 354 28.67 46.21 -71.86
N SER IA 355 29.29 45.13 -72.36
CA SER IA 355 30.33 44.46 -71.60
C SER IA 355 31.26 43.74 -72.57
N ASP IA 356 32.36 43.23 -72.04
CA ASP IA 356 33.30 42.40 -72.78
C ASP IA 356 33.19 40.93 -72.40
N LEU IA 357 31.97 40.49 -72.10
CA LEU IA 357 31.73 39.15 -71.57
C LEU IA 357 30.58 38.50 -72.32
N ALA IA 358 30.68 37.18 -72.53
CA ALA IA 358 29.60 36.38 -73.08
C ALA IA 358 29.51 35.09 -72.29
N VAL IA 359 28.33 34.48 -72.30
CA VAL IA 359 28.03 33.35 -71.43
C VAL IA 359 27.37 32.24 -72.23
N PHE IA 360 27.82 31.01 -72.03
CA PHE IA 360 27.09 29.80 -72.45
C PHE IA 360 26.05 29.51 -71.38
N PHE IA 361 24.80 29.89 -71.62
CA PHE IA 361 23.75 29.58 -70.65
C PHE IA 361 23.35 28.12 -70.70
N GLY IA 362 23.23 27.56 -71.90
CA GLY IA 362 22.84 26.18 -72.07
C GLY IA 362 24.03 25.27 -72.31
N SER IA 363 23.80 23.97 -72.13
CA SER IA 363 24.81 22.97 -72.42
C SER IA 363 24.15 21.73 -73.04
N GLN IA 364 23.26 21.95 -73.99
CA GLN IA 364 22.49 20.88 -74.61
C GLN IA 364 23.26 20.29 -75.79
N THR IA 365 23.34 18.96 -75.85
CA THR IA 365 23.91 18.29 -77.02
C THR IA 365 22.91 18.35 -78.18
N THR IA 366 23.30 17.79 -79.33
CA THR IA 366 22.38 17.76 -80.45
C THR IA 366 21.28 16.71 -80.29
N ASN IA 367 21.40 15.83 -79.30
CA ASN IA 367 20.41 14.77 -79.14
C ASN IA 367 19.05 15.34 -78.76
N ARG IA 368 18.00 14.85 -79.40
CA ARG IA 368 16.65 15.20 -79.02
C ARG IA 368 16.10 14.11 -78.13
N PRO IA 369 15.86 14.37 -76.84
CA PRO IA 369 15.40 13.31 -75.94
C PRO IA 369 14.05 12.76 -76.38
N ARG IA 370 13.90 11.45 -76.22
CA ARG IA 370 12.61 10.81 -76.43
C ARG IA 370 11.66 11.16 -75.29
N VAL IA 371 10.37 11.17 -75.59
CA VAL IA 371 9.32 11.52 -74.63
C VAL IA 371 8.57 10.25 -74.26
N TYR IA 372 8.40 10.03 -72.97
CA TYR IA 372 7.81 8.81 -72.43
C TYR IA 372 6.59 9.14 -71.58
N ASN IA 373 5.94 8.08 -71.08
CA ASN IA 373 4.76 8.22 -70.25
C ASN IA 373 5.06 8.18 -68.76
N THR IA 374 6.33 8.14 -68.36
CA THR IA 374 6.69 8.20 -66.95
C THR IA 374 7.63 9.35 -66.69
N ASN IA 375 7.50 9.95 -65.51
CA ASN IA 375 8.37 11.06 -65.13
C ASN IA 375 9.83 10.63 -65.11
N GLU IA 376 10.11 9.44 -64.57
CA GLU IA 376 11.48 8.98 -64.44
C GLU IA 376 12.14 8.82 -65.80
N ALA IA 377 11.45 8.20 -66.75
CA ALA IA 377 12.03 8.02 -68.08
C ALA IA 377 12.27 9.34 -68.76
N ASN IA 378 11.31 10.27 -68.64
CA ASN IA 378 11.49 11.60 -69.25
C ASN IA 378 12.69 12.32 -68.65
N ALA IA 379 12.80 12.30 -67.32
CA ALA IA 379 13.93 12.94 -66.67
C ALA IA 379 15.24 12.32 -67.11
N ASN IA 380 15.30 10.99 -67.16
CA ASN IA 380 16.54 10.32 -67.55
C ASN IA 380 16.90 10.62 -69.00
N ALA IA 381 15.91 10.64 -69.89
CA ALA IA 381 16.18 10.98 -71.29
C ALA IA 381 16.69 12.40 -71.42
N ARG IA 382 16.12 13.33 -70.66
CA ARG IA 382 16.51 14.74 -70.78
C ARG IA 382 17.96 14.94 -70.33
N ILE IA 383 18.33 14.39 -69.18
CA ILE IA 383 19.68 14.59 -68.68
C ILE IA 383 20.71 13.81 -69.49
N SER IA 384 20.29 12.75 -70.18
CA SER IA 384 21.18 12.01 -71.05
C SER IA 384 21.54 12.78 -72.31
N ALA IA 385 20.94 13.96 -72.51
CA ALA IA 385 21.23 14.82 -73.65
C ALA IA 385 21.95 16.10 -73.26
N MET IA 386 22.47 16.19 -72.04
CA MET IA 386 23.14 17.39 -71.56
C MET IA 386 24.65 17.16 -71.55
N LEU IA 387 25.39 18.08 -72.16
CA LEU IA 387 26.83 17.94 -72.27
C LEU IA 387 27.55 17.74 -70.94
N PRO IA 388 27.26 18.49 -69.87
CA PRO IA 388 27.99 18.26 -68.60
C PRO IA 388 27.84 16.84 -68.08
N TYR IA 389 26.61 16.33 -68.06
CA TYR IA 389 26.36 14.99 -67.52
C TYR IA 389 26.93 13.92 -68.44
N VAL IA 390 26.84 14.12 -69.75
CA VAL IA 390 27.43 13.17 -70.69
C VAL IA 390 28.94 13.11 -70.52
N LEU IA 391 29.57 14.26 -70.30
CA LEU IA 391 31.01 14.28 -70.05
C LEU IA 391 31.37 13.53 -68.78
N ALA IA 392 30.59 13.72 -67.71
CA ALA IA 392 30.85 12.99 -66.47
C ALA IA 392 30.69 11.48 -66.67
N ALA IA 393 29.62 11.07 -67.36
CA ALA IA 393 29.40 9.65 -67.60
C ALA IA 393 30.52 9.06 -68.44
N SER IA 394 31.00 9.81 -69.43
CA SER IA 394 32.12 9.35 -70.26
C SER IA 394 33.39 9.19 -69.43
N ARG IA 395 33.67 10.13 -68.53
CA ARG IA 395 34.82 10.00 -67.66
C ARG IA 395 34.72 8.72 -66.84
N PHE IA 396 33.53 8.44 -66.30
CA PHE IA 396 33.37 7.21 -65.54
C PHE IA 396 33.55 5.98 -66.42
N ALA IA 397 33.14 6.05 -67.68
CA ALA IA 397 33.42 4.95 -68.60
C ALA IA 397 34.92 4.71 -68.75
N HIS IA 398 35.69 5.78 -68.89
CA HIS IA 398 37.14 5.63 -69.04
C HIS IA 398 37.76 5.02 -67.79
N TYR IA 399 37.35 5.51 -66.63
CA TYR IA 399 37.88 4.97 -65.37
C TYR IA 399 37.52 3.51 -65.21
N LEU IA 400 36.27 3.14 -65.52
CA LEU IA 400 35.84 1.75 -65.40
C LEU IA 400 36.65 0.86 -66.32
N LYS IA 401 36.86 1.29 -67.57
CA LYS IA 401 37.70 0.53 -68.49
C LYS IA 401 39.08 0.27 -67.88
N VAL IA 402 39.72 1.31 -67.37
CA VAL IA 402 41.10 1.16 -66.90
C VAL IA 402 41.17 0.27 -65.66
N ILE IA 403 40.31 0.53 -64.67
CA ILE IA 403 40.43 -0.22 -63.42
C ILE IA 403 40.00 -1.68 -63.62
N MET IA 404 38.95 -1.91 -64.41
CA MET IA 404 38.53 -3.29 -64.64
C MET IA 404 39.53 -4.05 -65.49
N ARG IA 405 40.18 -3.39 -66.45
CA ARG IA 405 41.28 -4.03 -67.16
C ARG IA 405 42.36 -4.45 -66.20
N ASP IA 406 42.65 -3.62 -65.19
CA ASP IA 406 43.62 -4.01 -64.16
C ASP IA 406 43.13 -5.21 -63.35
N LYS IA 407 41.82 -5.41 -63.24
CA LYS IA 407 41.33 -6.53 -62.44
C LYS IA 407 41.15 -7.83 -63.21
N VAL IA 408 41.26 -7.83 -64.54
CA VAL IA 408 41.13 -9.07 -65.30
C VAL IA 408 42.19 -10.07 -64.85
N GLY IA 409 41.78 -11.31 -64.59
CA GLY IA 409 42.67 -12.36 -64.18
C GLY IA 409 42.79 -12.56 -62.68
N SER IA 410 42.36 -11.58 -61.87
CA SER IA 410 42.33 -11.76 -60.44
C SER IA 410 41.14 -12.61 -60.01
N PHE IA 411 41.27 -13.28 -58.87
CA PHE IA 411 40.21 -14.11 -58.32
C PHE IA 411 39.08 -13.21 -57.83
N MET IA 412 37.97 -13.15 -58.57
CA MET IA 412 36.85 -12.30 -58.19
C MET IA 412 35.52 -12.99 -58.44
N THR IA 413 34.69 -13.02 -57.41
CA THR IA 413 33.30 -13.41 -57.54
C THR IA 413 32.47 -12.21 -58.02
N ARG IA 414 31.19 -12.46 -58.28
CA ARG IA 414 30.28 -11.37 -58.60
C ARG IA 414 30.23 -10.36 -57.45
N ASP IA 415 30.15 -10.85 -56.22
CA ASP IA 415 30.11 -9.95 -55.07
C ASP IA 415 31.41 -9.18 -54.91
N ASN IA 416 32.56 -9.80 -55.19
CA ASN IA 416 33.82 -9.07 -55.14
C ASN IA 416 33.82 -7.90 -56.10
N VAL IA 417 33.37 -8.13 -57.33
CA VAL IA 417 33.32 -7.07 -58.32
C VAL IA 417 32.39 -5.96 -57.86
N GLN IA 418 31.20 -6.33 -57.36
CA GLN IA 418 30.24 -5.32 -56.93
C GLN IA 418 30.80 -4.48 -55.78
N THR IA 419 31.40 -5.15 -54.79
CA THR IA 419 31.95 -4.44 -53.64
C THR IA 419 33.07 -3.50 -54.07
N TYR IA 420 33.97 -3.98 -54.94
CA TYR IA 420 35.07 -3.15 -55.39
C TYR IA 420 34.53 -1.91 -56.12
N LEU IA 421 33.59 -2.10 -57.03
CA LEU IA 421 33.13 -0.98 -57.84
C LEU IA 421 32.34 0.03 -57.00
N ASN IA 422 31.52 -0.44 -56.06
CA ASN IA 422 30.81 0.50 -55.20
C ASN IA 422 31.75 1.21 -54.25
N ASN IA 423 32.78 0.53 -53.77
CA ASN IA 423 33.79 1.17 -52.94
C ASN IA 423 34.54 2.24 -53.72
N TRP IA 424 34.92 1.93 -54.97
CA TRP IA 424 35.71 2.86 -55.76
C TRP IA 424 34.93 4.14 -56.09
N ILE IA 425 33.66 4.00 -56.44
CA ILE IA 425 32.88 5.15 -56.89
C ILE IA 425 32.42 6.04 -55.74
N ALA IA 426 32.44 5.54 -54.50
CA ALA IA 426 31.93 6.30 -53.38
C ALA IA 426 32.69 7.60 -53.14
N ASP IA 427 33.94 7.70 -53.61
CA ASP IA 427 34.74 8.88 -53.37
C ASP IA 427 34.30 10.08 -54.19
N TYR IA 428 33.47 9.87 -55.21
CA TYR IA 428 33.04 10.94 -56.10
C TYR IA 428 31.63 11.43 -55.78
N VAL IA 429 31.07 11.01 -54.65
CA VAL IA 429 29.69 11.30 -54.30
C VAL IA 429 29.68 12.34 -53.20
N LEU IA 430 28.83 13.36 -53.35
CA LEU IA 430 28.63 14.40 -52.35
C LEU IA 430 27.16 14.48 -52.00
N ILE IA 431 26.83 14.20 -50.73
CA ILE IA 431 25.43 14.16 -50.30
C ILE IA 431 24.89 15.55 -50.00
N ASN IA 432 25.75 16.49 -49.61
CA ASN IA 432 25.32 17.78 -49.08
C ASN IA 432 24.82 18.67 -50.21
N ASP IA 433 23.50 18.81 -50.34
CA ASP IA 433 22.94 19.69 -51.35
C ASP IA 433 23.03 21.17 -50.98
N ASN IA 434 23.47 21.48 -49.78
CA ASN IA 434 23.68 22.87 -49.35
C ASN IA 434 25.12 23.32 -49.53
N ALA IA 435 25.99 22.48 -50.08
CA ALA IA 435 27.34 22.90 -50.36
C ALA IA 435 27.33 24.00 -51.43
N PRO IA 436 28.30 24.92 -51.37
CA PRO IA 436 28.34 25.99 -52.38
C PRO IA 436 28.67 25.45 -53.76
N GLN IA 437 28.54 26.34 -54.75
CA GLN IA 437 28.77 25.97 -56.14
C GLN IA 437 30.16 25.38 -56.34
N GLU IA 438 31.18 26.00 -55.73
CA GLU IA 438 32.56 25.58 -55.95
C GLU IA 438 32.83 24.18 -55.37
N ILE IA 439 32.08 23.78 -54.35
CA ILE IA 439 32.23 22.44 -53.80
C ILE IA 439 31.51 21.42 -54.68
N LYS IA 440 30.26 21.72 -55.05
CA LYS IA 440 29.50 20.81 -55.89
C LYS IA 440 30.20 20.57 -57.22
N ALA IA 441 30.93 21.57 -57.72
CA ALA IA 441 31.68 21.39 -58.97
C ALA IA 441 32.73 20.29 -58.86
N GLN IA 442 33.23 20.02 -57.66
CA GLN IA 442 34.29 19.04 -57.47
C GLN IA 442 33.79 17.61 -57.35
N TYR IA 443 32.48 17.40 -57.29
CA TYR IA 443 31.91 16.07 -57.08
C TYR IA 443 30.86 15.82 -58.14
N PRO IA 444 31.12 14.92 -59.10
CA PRO IA 444 30.17 14.73 -60.20
C PRO IA 444 28.87 14.06 -59.77
N LEU IA 445 28.81 13.42 -58.61
CA LEU IA 445 27.68 12.58 -58.26
C LEU IA 445 27.04 13.04 -56.96
N ARG IA 446 25.71 12.99 -56.93
CA ARG IA 446 24.97 13.05 -55.68
C ARG IA 446 24.59 11.68 -55.15
N GLU IA 447 24.46 10.69 -56.05
CA GLU IA 447 24.23 9.30 -55.67
C GLU IA 447 24.81 8.41 -56.75
N ALA IA 448 25.17 7.18 -56.36
CA ALA IA 448 25.63 6.20 -57.34
C ALA IA 448 25.43 4.81 -56.76
N ARG IA 449 25.22 3.85 -57.64
CA ARG IA 449 25.13 2.45 -57.26
C ARG IA 449 25.51 1.58 -58.45
N VAL IA 450 26.30 0.55 -58.19
CA VAL IA 450 26.70 -0.42 -59.20
C VAL IA 450 26.06 -1.76 -58.84
N ASP IA 451 25.36 -2.36 -59.79
CA ASP IA 451 24.75 -3.67 -59.63
C ASP IA 451 25.44 -4.64 -60.58
N VAL IA 452 25.87 -5.78 -60.05
CA VAL IA 452 26.63 -6.76 -60.82
C VAL IA 452 25.90 -8.09 -60.79
N SER IA 453 25.80 -8.74 -61.95
CA SER IA 453 25.16 -10.03 -62.07
C SER IA 453 26.07 -11.00 -62.81
N GLU IA 454 25.87 -12.29 -62.55
CA GLU IA 454 26.63 -13.32 -63.25
C GLU IA 454 26.00 -13.64 -64.60
N VAL IA 455 26.80 -14.21 -65.49
CA VAL IA 455 26.33 -14.72 -66.77
C VAL IA 455 26.33 -16.24 -66.67
N VAL IA 456 25.15 -16.84 -66.84
CA VAL IA 456 25.00 -18.27 -66.60
C VAL IA 456 25.90 -19.05 -67.56
N GLY IA 457 26.54 -20.08 -67.03
CA GLY IA 457 27.38 -20.95 -67.84
C GLY IA 457 28.75 -20.41 -68.17
N LYS IA 458 29.12 -19.24 -67.66
CA LYS IA 458 30.39 -18.60 -67.98
C LYS IA 458 31.06 -18.13 -66.70
N PRO IA 459 31.85 -18.99 -66.06
CA PRO IA 459 32.55 -18.57 -64.84
C PRO IA 459 33.47 -17.38 -65.10
N GLY IA 460 33.48 -16.44 -64.18
CA GLY IA 460 34.29 -15.25 -64.30
C GLY IA 460 33.80 -14.21 -65.29
N VAL IA 461 32.59 -14.35 -65.82
CA VAL IA 461 32.01 -13.39 -66.76
C VAL IA 461 30.83 -12.70 -66.08
N TYR IA 462 30.83 -11.37 -66.09
CA TYR IA 462 29.84 -10.61 -65.34
C TYR IA 462 29.28 -9.46 -66.18
N ARG IA 463 28.10 -9.00 -65.78
CA ARG IA 463 27.46 -7.81 -66.33
C ARG IA 463 27.18 -6.85 -65.20
N ALA IA 464 27.34 -5.57 -65.46
CA ALA IA 464 27.11 -4.54 -64.45
C ALA IA 464 26.26 -3.42 -65.02
N THR IA 465 25.51 -2.79 -64.13
CA THR IA 465 24.82 -1.53 -64.42
C THR IA 465 25.33 -0.48 -63.44
N VAL IA 466 25.74 0.65 -63.96
CA VAL IA 466 26.30 1.74 -63.16
C VAL IA 466 25.30 2.89 -63.22
N PHE IA 467 24.62 3.13 -62.11
CA PHE IA 467 23.67 4.23 -62.01
C PHE IA 467 24.37 5.45 -61.45
N LEU IA 468 24.31 6.57 -62.17
CA LEU IA 468 24.95 7.81 -61.78
C LEU IA 468 23.90 8.91 -61.65
N ARG IA 469 23.76 9.46 -60.45
CA ARG IA 469 22.84 10.57 -60.25
C ARG IA 469 23.64 11.85 -60.03
N PRO IA 470 23.73 12.74 -61.02
CA PRO IA 470 24.56 13.94 -60.87
C PRO IA 470 23.87 15.00 -60.03
N HIS IA 471 24.62 16.04 -59.72
CA HIS IA 471 24.05 17.27 -59.18
C HIS IA 471 23.46 18.06 -60.34
N PHE IA 472 22.19 18.43 -60.24
CA PHE IA 472 21.50 19.03 -61.37
C PHE IA 472 21.62 20.54 -61.36
N GLN IA 473 21.76 21.10 -62.56
CA GLN IA 473 21.93 22.54 -62.74
C GLN IA 473 20.61 23.19 -63.12
N LEU IA 474 20.42 24.41 -62.66
CA LEU IA 474 19.18 25.13 -62.90
C LEU IA 474 18.98 25.38 -64.39
N GLU IA 475 17.81 25.01 -64.89
CA GLU IA 475 17.47 25.18 -66.30
C GLU IA 475 16.41 26.25 -66.54
N GLU IA 476 15.33 26.23 -65.77
CA GLU IA 476 14.19 27.12 -66.00
C GLU IA 476 13.54 27.47 -64.68
N LEU IA 477 12.88 28.62 -64.64
CA LEU IA 477 12.09 29.04 -63.49
C LEU IA 477 10.90 29.84 -63.99
N THR IA 478 9.69 29.40 -63.65
CA THR IA 478 8.47 30.14 -63.95
C THR IA 478 7.93 30.68 -62.63
N ALA IA 479 7.82 31.99 -62.53
CA ALA IA 479 7.44 32.65 -61.28
C ALA IA 479 6.16 33.45 -61.45
N SER IA 480 5.34 33.44 -60.41
CA SER IA 480 4.13 34.25 -60.34
C SER IA 480 4.27 35.20 -59.16
N ILE IA 481 4.16 36.50 -59.43
CA ILE IA 481 4.23 37.51 -58.40
C ILE IA 481 2.81 37.93 -58.04
N ARG IA 482 2.52 37.99 -56.74
CA ARG IA 482 1.18 38.26 -56.26
C ARG IA 482 1.23 39.22 -55.07
N LEU IA 483 0.64 40.40 -55.23
CA LEU IA 483 0.43 41.30 -54.11
C LEU IA 483 -0.71 40.76 -53.26
N VAL IA 484 -0.50 40.70 -51.95
CA VAL IA 484 -1.52 40.21 -51.04
C VAL IA 484 -1.61 41.12 -49.82
N ALA IA 485 -2.82 41.23 -49.27
CA ALA IA 485 -2.98 41.90 -47.99
C ALA IA 485 -2.55 41.01 -46.83
N THR IA 486 -2.68 39.70 -46.98
CA THR IA 486 -2.21 38.74 -45.98
C THR IA 486 -1.53 37.59 -46.71
N LEU IA 487 -0.45 37.08 -46.12
CA LEU IA 487 0.26 35.94 -46.69
C LEU IA 487 -0.60 34.68 -46.58
N PRO IA 488 -0.92 34.01 -47.67
CA PRO IA 488 -1.59 32.72 -47.57
C PRO IA 488 -0.62 31.65 -47.09
N PRO IA 489 -1.12 30.56 -46.51
CA PRO IA 489 -0.23 29.45 -46.16
C PRO IA 489 0.35 28.82 -47.41
N PRO IA 490 1.56 28.24 -47.32
CA PRO IA 490 2.22 27.65 -48.49
C PRO IA 490 1.50 26.42 -49.03
N GLU JA 3 58.16 -7.27 -55.61
CA GLU JA 3 58.38 -7.74 -54.25
C GLU JA 3 59.65 -7.15 -53.64
N SER JA 4 59.54 -6.65 -52.41
CA SER JA 4 60.71 -6.16 -51.70
C SER JA 4 61.68 -7.29 -51.42
N THR JA 5 62.97 -6.97 -51.46
CA THR JA 5 64.00 -7.95 -51.13
C THR JA 5 63.87 -8.43 -49.68
N GLN JA 6 63.28 -7.61 -48.82
CA GLN JA 6 63.02 -8.05 -47.45
C GLN JA 6 62.10 -9.26 -47.44
N HIS JA 7 61.07 -9.26 -48.28
CA HIS JA 7 60.13 -10.37 -48.33
C HIS JA 7 60.70 -11.59 -49.05
N LYS JA 8 61.68 -11.41 -49.94
CA LYS JA 8 62.37 -12.56 -50.49
C LYS JA 8 63.08 -13.34 -49.40
N LEU JA 9 63.67 -12.64 -48.43
CA LEU JA 9 64.31 -13.28 -47.30
C LEU JA 9 63.33 -14.01 -46.38
N ASP JA 10 62.03 -13.77 -46.52
CA ASP JA 10 61.05 -14.61 -45.84
C ASP JA 10 61.16 -16.06 -46.28
N ARG JA 11 61.58 -16.30 -47.52
CA ARG JA 11 61.54 -17.61 -48.14
C ARG JA 11 62.90 -18.24 -48.36
N ILE JA 12 63.91 -17.45 -48.69
CA ILE JA 12 65.21 -17.97 -49.11
C ILE JA 12 66.14 -17.92 -47.91
N ARG JA 13 66.34 -19.08 -47.28
CA ARG JA 13 67.21 -19.24 -46.13
C ARG JA 13 66.96 -18.15 -45.08
N PRO JA 14 65.75 -18.09 -44.51
CA PRO JA 14 65.41 -16.98 -43.63
C PRO JA 14 66.13 -17.10 -42.30
N PRO JA 15 66.40 -15.98 -41.63
CA PRO JA 15 66.94 -16.03 -40.27
C PRO JA 15 65.84 -16.34 -39.27
N ARG JA 16 66.25 -16.61 -38.04
CA ARG JA 16 65.30 -16.80 -36.95
C ARG JA 16 64.49 -15.53 -36.72
N VAL JA 17 65.15 -14.39 -36.70
CA VAL JA 17 64.49 -13.10 -36.48
C VAL JA 17 64.48 -12.39 -37.83
N GLN JA 18 63.32 -12.39 -38.47
CA GLN JA 18 63.17 -11.86 -39.82
C GLN JA 18 62.28 -10.62 -39.77
N ILE JA 19 62.81 -9.49 -40.23
CA ILE JA 19 62.16 -8.18 -40.07
C ILE JA 19 62.00 -7.54 -41.44
N THR JA 20 60.81 -7.00 -41.70
CA THR JA 20 60.52 -6.29 -42.93
C THR JA 20 59.84 -4.97 -42.60
N TYR JA 21 59.90 -4.03 -43.55
CA TYR JA 21 59.12 -2.81 -43.46
C TYR JA 21 57.91 -2.91 -44.37
N ASP JA 22 56.76 -2.43 -43.89
CA ASP JA 22 55.54 -2.48 -44.67
C ASP JA 22 54.73 -1.21 -44.46
N VAL JA 23 54.03 -0.79 -45.52
CA VAL JA 23 53.11 0.32 -45.45
C VAL JA 23 51.78 -0.21 -44.95
N GLU JA 24 51.28 0.37 -43.87
CA GLU JA 24 49.99 -0.03 -43.30
C GLU JA 24 48.88 0.63 -44.12
N THR JA 25 48.19 -0.15 -44.95
CA THR JA 25 47.12 0.38 -45.79
C THR JA 25 45.74 -0.13 -45.41
N GLY JA 26 45.63 -1.06 -44.47
CA GLY JA 26 44.32 -1.55 -44.07
C GLY JA 26 43.59 -2.19 -45.24
N ASN JA 27 42.33 -1.82 -45.40
CA ASN JA 27 41.50 -2.30 -46.51
C ASN JA 27 41.42 -1.30 -47.66
N ALA JA 28 42.31 -0.31 -47.69
CA ALA JA 28 42.26 0.71 -48.73
C ALA JA 28 42.58 0.12 -50.10
N ILE JA 29 41.99 0.72 -51.12
CA ILE JA 29 42.27 0.37 -52.51
C ILE JA 29 43.01 1.53 -53.16
N GLU JA 30 43.85 1.20 -54.13
CA GLU JA 30 44.60 2.22 -54.86
C GLU JA 30 43.68 2.99 -55.79
N LYS JA 31 43.92 4.30 -55.89
CA LYS JA 31 43.12 5.19 -56.71
C LYS JA 31 43.99 5.76 -57.82
N LYS JA 32 44.09 5.04 -58.92
CA LYS JA 32 44.81 5.56 -60.07
C LYS JA 32 44.00 6.67 -60.74
N GLU JA 33 44.67 7.75 -61.10
CA GLU JA 33 44.04 8.91 -61.69
C GLU JA 33 44.32 8.95 -63.19
N LEU JA 34 43.33 9.38 -63.96
CA LEU JA 34 43.51 9.57 -65.38
C LEU JA 34 43.61 11.05 -65.70
N PRO JA 35 44.51 11.44 -66.60
CA PRO JA 35 44.53 12.84 -67.05
C PRO JA 35 43.33 13.14 -67.93
N LEU JA 36 42.99 14.42 -68.01
CA LEU JA 36 42.05 14.88 -69.02
C LEU JA 36 42.80 15.02 -70.34
N VAL JA 37 42.30 14.37 -71.38
CA VAL JA 37 42.93 14.40 -72.69
C VAL JA 37 41.92 14.99 -73.67
N VAL JA 38 42.26 16.13 -74.25
CA VAL JA 38 41.42 16.79 -75.25
C VAL JA 38 42.02 16.49 -76.61
N GLY JA 39 41.24 15.83 -77.45
CA GLY JA 39 41.62 15.62 -78.84
C GLY JA 39 41.17 16.76 -79.73
N ILE JA 40 42.10 17.42 -80.40
CA ILE JA 40 41.78 18.56 -81.25
C ILE JA 40 41.92 18.13 -82.71
N LEU JA 41 40.89 18.41 -83.49
CA LEU JA 41 40.88 18.11 -84.93
C LEU JA 41 40.72 19.44 -85.66
N ALA JA 42 41.76 19.87 -86.36
CA ALA JA 42 41.73 21.16 -87.02
C ALA JA 42 42.50 21.10 -88.34
N ASP JA 43 42.04 21.88 -89.30
CA ASP JA 43 42.66 21.99 -90.61
C ASP JA 43 43.68 23.13 -90.55
N LEU JA 44 44.92 22.79 -90.22
CA LEU JA 44 45.93 23.80 -89.95
C LEU JA 44 46.93 23.94 -91.09
N MET JA 56 45.99 7.62 -92.03
CA MET JA 56 46.58 6.54 -91.25
C MET JA 56 47.95 6.93 -90.71
N GLU JA 57 48.68 7.75 -91.49
CA GLU JA 57 50.06 8.05 -91.20
C GLU JA 57 50.22 9.18 -90.18
N ARG JA 58 49.24 10.06 -90.06
CA ARG JA 58 49.33 11.18 -89.13
C ARG JA 58 49.03 10.69 -87.71
N ARG JA 59 49.18 11.60 -86.74
CA ARG JA 59 48.99 11.22 -85.35
C ARG JA 59 48.54 12.44 -84.55
N PHE JA 60 48.03 12.17 -83.36
CA PHE JA 60 47.67 13.21 -82.40
C PHE JA 60 48.93 13.63 -81.67
N VAL JA 61 49.49 14.78 -82.04
CA VAL JA 61 50.73 15.25 -81.44
C VAL JA 61 50.40 16.12 -80.23
N GLU JA 62 51.06 15.84 -79.12
CA GLU JA 62 50.84 16.59 -77.89
C GLU JA 62 51.30 18.03 -78.07
N ILE JA 63 50.46 18.98 -77.66
CA ILE JA 63 50.73 20.39 -77.86
C ILE JA 63 50.53 21.12 -76.54
N ASN JA 64 51.40 22.09 -76.27
CA ASN JA 64 51.33 22.86 -75.02
C ASN JA 64 51.99 24.20 -75.26
N ARG JA 65 51.98 25.04 -74.22
CA ARG JA 65 52.55 26.37 -74.35
C ARG JA 65 54.04 26.34 -74.66
N ASP JA 66 54.74 25.28 -74.26
CA ASP JA 66 56.19 25.23 -74.48
C ASP JA 66 56.53 24.93 -75.94
N ASN JA 67 55.86 23.95 -76.56
CA ASN JA 67 56.25 23.48 -77.88
C ASN JA 67 55.34 23.99 -78.99
N PHE JA 68 54.52 25.00 -78.69
CA PHE JA 68 53.50 25.44 -79.65
C PHE JA 68 54.13 25.87 -80.96
N ASN JA 69 55.16 26.71 -80.90
CA ASN JA 69 55.76 27.22 -82.12
C ASN JA 69 56.49 26.13 -82.89
N ASP JA 70 57.04 25.13 -82.19
CA ASP JA 70 57.64 24.00 -82.88
C ASP JA 70 56.60 23.22 -83.68
N VAL JA 71 55.41 23.02 -83.11
CA VAL JA 71 54.35 22.33 -83.83
C VAL JA 71 53.86 23.18 -84.99
N LEU JA 72 53.80 24.50 -84.79
CA LEU JA 72 53.45 25.39 -85.91
C LEU JA 72 54.46 25.28 -87.03
N ALA JA 73 55.75 25.24 -86.69
CA ALA JA 73 56.78 25.11 -87.71
C ALA JA 73 56.69 23.77 -88.43
N SER JA 74 56.45 22.68 -87.69
CA SER JA 74 56.38 21.37 -88.31
C SER JA 74 55.16 21.26 -89.22
N ILE JA 75 54.05 21.90 -88.85
CA ILE JA 75 52.92 21.97 -89.76
C ILE JA 75 53.24 22.88 -90.94
N ALA JA 76 53.90 24.02 -90.67
CA ALA JA 76 54.36 24.97 -91.66
C ALA JA 76 53.22 25.47 -92.55
N PRO JA 77 52.24 26.21 -91.99
CA PRO JA 77 51.13 26.71 -92.81
C PRO JA 77 51.58 27.73 -93.84
N GLN KA 90 61.69 67.54 -70.71
CA GLN KA 90 60.74 67.68 -69.60
C GLN KA 90 60.37 66.32 -69.01
N LYS KA 91 59.93 65.41 -69.88
CA LYS KA 91 59.47 64.10 -69.42
C LYS KA 91 60.60 63.31 -68.75
N LEU KA 92 61.80 63.36 -69.34
CA LEU KA 92 62.94 62.70 -68.71
C LEU KA 92 63.38 63.44 -67.45
N GLU KA 93 63.43 64.77 -67.51
CA GLU KA 93 63.82 65.55 -66.33
C GLU KA 93 62.87 65.33 -65.18
N ALA KA 94 61.57 65.30 -65.45
CA ALA KA 94 60.57 65.10 -64.40
C ALA KA 94 60.75 63.73 -63.75
N SER KA 95 61.02 62.70 -64.54
CA SER KA 95 61.24 61.37 -63.99
C SER KA 95 62.47 61.34 -63.10
N TRP KA 96 63.57 61.95 -63.55
CA TRP KA 96 64.78 61.95 -62.74
C TRP KA 96 64.63 62.85 -61.51
N ARG KA 97 64.00 64.02 -61.68
CA ARG KA 97 63.81 64.91 -60.54
C ARG KA 97 62.84 64.31 -59.53
N GLY KA 98 61.76 63.70 -60.00
CA GLY KA 98 60.87 63.01 -59.09
C GLY KA 98 61.56 61.89 -58.34
N LEU KA 99 62.38 61.10 -59.06
CA LEU KA 99 63.15 60.06 -58.40
C LEU KA 99 64.13 60.64 -57.39
N HIS KA 100 64.85 61.70 -57.77
CA HIS KA 100 65.85 62.28 -56.89
C HIS KA 100 65.21 62.79 -55.60
N MET KA 101 64.06 63.44 -55.71
CA MET KA 101 63.37 63.95 -54.53
C MET KA 101 62.96 62.81 -53.61
N LEU KA 102 62.46 61.71 -54.18
CA LEU KA 102 62.09 60.56 -53.36
C LEU KA 102 63.30 59.98 -52.64
N VAL KA 103 64.41 59.81 -53.36
CA VAL KA 103 65.62 59.25 -52.76
C VAL KA 103 66.15 60.17 -51.66
N LYS KA 104 66.23 61.47 -51.96
CA LYS KA 104 66.79 62.42 -51.00
C LYS KA 104 65.94 62.54 -49.75
N ASN KA 105 64.63 62.35 -49.86
CA ASN KA 105 63.72 62.52 -48.75
C ASN KA 105 63.35 61.21 -48.06
N THR KA 106 64.01 60.11 -48.40
CA THR KA 106 63.72 58.82 -47.80
C THR KA 106 64.90 58.40 -46.93
N GLU KA 107 64.61 58.01 -45.69
CA GLU KA 107 65.63 57.56 -44.75
C GLU KA 107 66.02 56.12 -45.08
N THR KA 108 66.75 55.97 -46.19
CA THR KA 108 67.25 54.66 -46.57
C THR KA 108 68.29 54.17 -45.57
N GLY KA 109 68.39 52.85 -45.44
CA GLY KA 109 69.31 52.27 -44.48
C GLY KA 109 69.05 50.80 -44.28
N ALA KA 110 69.36 50.33 -43.07
CA ALA KA 110 69.20 48.90 -42.77
C ALA KA 110 67.75 48.46 -42.94
N ARG KA 111 66.80 49.29 -42.52
CA ARG KA 111 65.39 48.93 -42.52
C ARG KA 111 64.63 49.41 -43.75
N LEU KA 112 65.25 50.19 -44.63
CA LEU KA 112 64.52 50.79 -45.75
C LEU KA 112 65.41 50.81 -46.98
N LYS KA 113 64.97 50.13 -48.04
CA LYS KA 113 65.72 50.06 -49.29
C LYS KA 113 64.85 50.51 -50.45
N LEU KA 114 65.47 51.22 -51.39
CA LEU KA 114 64.87 51.54 -52.68
C LEU KA 114 65.64 50.78 -53.75
N ARG KA 115 64.90 50.14 -54.66
CA ARG KA 115 65.51 49.39 -55.75
C ARG KA 115 64.85 49.84 -57.06
N LEU KA 116 65.68 50.06 -58.07
CA LEU KA 116 65.25 50.73 -59.28
C LEU KA 116 65.42 49.82 -60.50
N LEU KA 117 64.36 49.68 -61.29
CA LEU KA 117 64.40 48.95 -62.55
C LEU KA 117 64.14 49.93 -63.68
N ASN KA 118 65.13 50.11 -64.54
CA ASN KA 118 65.03 51.04 -65.67
C ASN KA 118 64.37 50.30 -66.82
N VAL KA 119 63.13 50.67 -67.14
CA VAL KA 119 62.34 49.96 -68.14
C VAL KA 119 61.23 50.89 -68.63
N THR KA 120 60.94 50.82 -69.92
CA THR KA 120 59.88 51.62 -70.52
C THR KA 120 58.54 50.90 -70.41
N GLN KA 121 57.47 51.68 -70.60
CA GLN KA 121 56.12 51.13 -70.51
C GLN KA 121 55.89 50.07 -71.59
N LYS KA 122 56.37 50.33 -72.81
CA LYS KA 122 56.23 49.37 -73.90
C LYS KA 122 56.99 48.09 -73.60
N GLU KA 123 58.19 48.19 -73.03
CA GLU KA 123 58.96 47.00 -72.68
C GLU KA 123 58.22 46.16 -71.64
N LEU KA 124 57.61 46.81 -70.64
CA LEU KA 124 56.81 46.09 -69.66
C LEU KA 124 55.64 45.38 -70.32
N LEU KA 125 54.93 46.09 -71.21
CA LEU KA 125 53.80 45.47 -71.89
C LEU KA 125 54.25 44.26 -72.69
N ILE KA 126 55.37 44.37 -73.40
CA ILE KA 126 55.87 43.28 -74.22
C ILE KA 126 56.25 42.09 -73.35
N ASP KA 127 56.98 42.35 -72.25
CA ASP KA 127 57.40 41.28 -71.37
C ASP KA 127 56.19 40.54 -70.79
N LEU KA 128 55.17 41.29 -70.40
CA LEU KA 128 54.02 40.65 -69.76
C LEU KA 128 53.13 39.94 -70.77
N GLU KA 129 52.99 40.48 -71.98
CA GLU KA 129 52.12 39.87 -72.98
C GLU KA 129 52.76 38.64 -73.62
N LYS KA 130 54.05 38.69 -73.90
CA LYS KA 130 54.71 37.63 -74.65
C LYS KA 130 55.19 36.48 -73.77
N ALA KA 131 55.03 36.58 -72.46
CA ALA KA 131 55.42 35.49 -71.58
C ALA KA 131 54.62 34.25 -71.90
N VAL KA 132 55.31 33.10 -71.92
CA VAL KA 132 54.63 31.85 -72.24
C VAL KA 132 53.61 31.48 -71.16
N GLU KA 133 53.91 31.80 -69.90
CA GLU KA 133 52.99 31.61 -68.78
C GLU KA 133 53.14 32.79 -67.85
N PHE KA 134 52.16 32.97 -66.95
CA PHE KA 134 52.16 34.18 -66.13
C PHE KA 134 53.38 34.25 -65.22
N ASP KA 135 53.93 33.11 -64.81
CA ASP KA 135 55.08 33.13 -63.92
C ASP KA 135 56.42 33.13 -64.66
N GLN KA 136 56.39 33.26 -65.98
CA GLN KA 136 57.60 33.24 -66.79
C GLN KA 136 58.08 34.62 -67.22
N SER KA 137 57.28 35.66 -67.00
CA SER KA 137 57.67 37.01 -67.39
C SER KA 137 58.85 37.49 -66.57
N ALA KA 138 59.67 38.36 -67.17
CA ALA KA 138 60.82 38.90 -66.46
C ALA KA 138 60.38 39.64 -65.20
N LEU KA 139 59.25 40.36 -65.29
CA LEU KA 139 58.74 41.05 -64.11
C LEU KA 139 58.36 40.07 -63.02
N PHE KA 140 57.68 38.97 -63.37
CA PHE KA 140 57.32 38.00 -62.36
C PHE KA 140 58.57 37.42 -61.71
N LYS KA 141 59.56 37.03 -62.51
CA LYS KA 141 60.80 36.49 -61.95
C LYS KA 141 61.41 37.49 -60.97
N LYS KA 142 61.64 38.71 -61.43
CA LYS KA 142 62.38 39.70 -60.63
C LYS KA 142 61.62 40.08 -59.37
N ILE KA 143 60.30 40.22 -59.44
CA ILE KA 143 59.54 40.72 -58.30
C ILE KA 143 59.13 39.58 -57.37
N TYR KA 144 58.52 38.52 -57.90
CA TYR KA 144 58.09 37.41 -57.07
C TYR KA 144 59.24 36.47 -56.74
N GLU KA 145 59.82 35.84 -57.77
CA GLU KA 145 60.67 34.68 -57.51
C GLU KA 145 61.95 35.08 -56.80
N GLU KA 146 62.60 36.14 -57.26
CA GLU KA 146 63.94 36.44 -56.77
C GLU KA 146 63.93 36.99 -55.35
N GLU KA 147 62.83 37.57 -54.88
CA GLU KA 147 62.79 38.08 -53.52
C GLU KA 147 61.75 37.37 -52.65
N TYR KA 148 60.47 37.43 -53.03
CA TYR KA 148 59.42 36.84 -52.19
C TYR KA 148 59.54 35.32 -52.18
N GLY KA 149 59.89 34.73 -53.32
CA GLY KA 149 59.92 33.29 -53.46
C GLY KA 149 61.28 32.64 -53.35
N THR KA 150 62.25 33.31 -52.73
CA THR KA 150 63.59 32.78 -52.59
C THR KA 150 64.03 32.82 -51.13
N PHE KA 151 64.67 31.75 -50.68
CA PHE KA 151 65.26 31.67 -49.35
C PHE KA 151 66.24 32.82 -49.14
N GLY KA 152 66.01 33.62 -48.10
CA GLY KA 152 66.86 34.76 -47.81
C GLY KA 152 66.49 36.05 -48.52
N GLY KA 153 65.46 36.04 -49.38
CA GLY KA 153 65.06 37.25 -50.05
C GLY KA 153 64.35 38.23 -49.12
N HIS KA 154 64.39 39.50 -49.51
CA HIS KA 154 63.66 40.57 -48.83
C HIS KA 154 62.52 41.00 -49.74
N PRO KA 155 61.28 40.57 -49.47
CA PRO KA 155 60.20 40.80 -50.43
C PRO KA 155 59.97 42.29 -50.68
N PHE KA 156 59.69 42.61 -51.94
CA PHE KA 156 59.27 43.96 -52.29
C PHE KA 156 58.01 44.32 -51.52
N SER KA 157 58.08 45.39 -50.73
CA SER KA 157 56.92 45.84 -49.98
C SER KA 157 55.92 46.58 -50.86
N LEU KA 158 56.41 47.32 -51.85
CA LEU KA 158 55.59 48.21 -52.66
C LEU KA 158 56.28 48.39 -54.01
N LEU KA 159 55.49 48.68 -55.03
CA LEU KA 159 56.00 49.02 -56.35
C LEU KA 159 55.43 50.35 -56.78
N VAL KA 160 56.28 51.24 -57.28
CA VAL KA 160 55.84 52.51 -57.83
C VAL KA 160 56.22 52.55 -59.29
N GLY KA 161 55.25 52.79 -60.16
CA GLY KA 161 55.51 52.93 -61.57
C GLY KA 161 55.41 54.38 -62.01
N ASP KA 162 56.50 54.92 -62.53
CA ASP KA 162 56.49 56.27 -63.08
C ASP KA 162 55.89 56.25 -64.49
N TYR KA 163 54.61 55.91 -64.54
CA TYR KA 163 53.89 55.85 -65.81
C TYR KA 163 52.48 56.38 -65.59
N SER KA 164 51.87 56.84 -66.68
CA SER KA 164 50.47 57.25 -66.68
C SER KA 164 49.66 56.25 -67.49
N PHE KA 165 48.47 55.93 -67.01
CA PHE KA 165 47.62 54.93 -67.64
C PHE KA 165 46.33 55.59 -68.11
N GLY KA 166 46.07 55.51 -69.40
CA GLY KA 166 44.88 56.05 -70.01
C GLY KA 166 43.81 54.98 -70.22
N ARG KA 167 42.83 55.31 -71.06
CA ARG KA 167 41.75 54.40 -71.38
C ARG KA 167 42.08 53.46 -72.52
N HIS KA 168 43.27 53.57 -73.09
CA HIS KA 168 43.62 52.76 -74.25
C HIS KA 168 43.61 51.28 -73.88
N PRO KA 169 43.20 50.40 -74.80
CA PRO KA 169 43.14 48.96 -74.46
C PRO KA 169 44.47 48.39 -73.98
N GLN KA 170 45.61 48.78 -74.56
CA GLN KA 170 46.85 48.21 -74.06
C GLN KA 170 47.24 48.81 -72.72
N ASP KA 171 46.81 50.03 -72.43
CA ASP KA 171 47.05 50.59 -71.10
C ASP KA 171 46.34 49.78 -70.02
N ILE KA 172 45.05 49.49 -70.22
CA ILE KA 172 44.30 48.70 -69.25
C ILE KA 172 44.83 47.27 -69.22
N GLY KA 173 45.22 46.71 -70.36
CA GLY KA 173 45.80 45.38 -70.36
C GLY KA 173 47.09 45.30 -69.58
N LEU KA 174 47.97 46.28 -69.76
CA LEU KA 174 49.20 46.35 -68.97
C LEU KA 174 48.88 46.49 -67.50
N LEU KA 175 47.90 47.33 -67.16
CA LEU KA 175 47.50 47.47 -65.77
C LEU KA 175 47.03 46.14 -65.19
N GLU KA 176 46.29 45.35 -65.97
CA GLU KA 176 45.82 44.05 -65.51
C GLU KA 176 46.99 43.10 -65.25
N LYS KA 177 47.92 43.02 -66.20
CA LYS KA 177 49.08 42.14 -66.02
C LYS KA 177 49.93 42.57 -64.81
N LEU KA 178 50.16 43.87 -64.69
CA LEU KA 178 50.90 44.40 -63.54
C LEU KA 178 50.18 44.07 -62.24
N SER KA 179 48.86 44.17 -62.23
CA SER KA 179 48.10 43.81 -61.04
C SER KA 179 48.29 42.35 -60.69
N ASN KA 180 48.36 41.48 -61.70
CA ASN KA 180 48.57 40.06 -61.44
C ASN KA 180 49.92 39.83 -60.77
N VAL KA 181 50.98 40.45 -61.31
CA VAL KA 181 52.29 40.27 -60.70
C VAL KA 181 52.30 40.85 -59.28
N ALA KA 182 51.72 42.04 -59.12
CA ALA KA 182 51.68 42.68 -57.81
C ALA KA 182 50.92 41.83 -56.79
N ALA KA 183 49.79 41.26 -57.20
CA ALA KA 183 49.01 40.41 -56.31
C ALA KA 183 49.78 39.16 -55.92
N ALA KA 184 50.46 38.53 -56.89
CA ALA KA 184 51.19 37.31 -56.59
C ALA KA 184 52.21 37.54 -55.48
N ALA KA 185 52.97 38.63 -55.57
CA ALA KA 185 54.01 38.92 -54.60
C ALA KA 185 53.52 39.72 -53.40
N HIS KA 186 52.23 40.04 -53.33
CA HIS KA 186 51.68 40.89 -52.27
C HIS KA 186 52.44 42.22 -52.20
N ALA KA 187 52.60 42.88 -53.34
CA ALA KA 187 53.36 44.12 -53.44
C ALA KA 187 52.50 45.14 -54.18
N PRO KA 188 51.72 45.93 -53.45
CA PRO KA 188 50.82 46.88 -54.10
C PRO KA 188 51.56 47.82 -55.04
N PHE KA 189 50.92 48.13 -56.17
CA PHE KA 189 51.51 48.90 -57.25
C PHE KA 189 50.83 50.26 -57.32
N ILE KA 190 51.63 51.31 -57.45
CA ILE KA 190 51.14 52.68 -57.49
C ILE KA 190 51.65 53.35 -58.76
N ALA KA 191 50.75 53.98 -59.50
CA ALA KA 191 51.12 54.71 -60.71
C ALA KA 191 50.18 55.91 -60.85
N ALA KA 192 50.20 56.56 -62.00
CA ALA KA 192 49.43 57.75 -62.23
C ALA KA 192 48.29 57.49 -63.22
N ALA KA 193 47.20 58.22 -63.04
CA ALA KA 193 46.10 58.23 -63.99
C ALA KA 193 46.35 59.29 -65.04
N SER KA 194 46.21 58.91 -66.31
CA SER KA 194 46.32 59.89 -67.36
C SER KA 194 45.04 60.71 -67.46
N PRO KA 195 45.14 61.98 -67.88
CA PRO KA 195 43.92 62.74 -68.18
C PRO KA 195 43.11 62.10 -69.29
N ARG KA 196 43.75 61.35 -70.18
CA ARG KA 196 43.02 60.65 -71.23
C ARG KA 196 42.08 59.60 -70.67
N LEU KA 197 42.34 59.09 -69.47
CA LEU KA 197 41.39 58.18 -68.83
C LEU KA 197 40.05 58.88 -68.60
N PHE KA 198 40.09 60.18 -68.34
CA PHE KA 198 38.89 61.00 -68.12
C PHE KA 198 38.42 61.68 -69.40
N ASP KA 199 38.99 61.34 -70.55
CA ASP KA 199 38.69 62.00 -71.82
C ASP KA 199 39.01 63.49 -71.76
N MET KA 200 40.11 63.83 -71.09
CA MET KA 200 40.60 65.19 -71.02
C MET KA 200 42.00 65.27 -71.59
N GLY KA 201 42.33 66.42 -72.21
CA GLY KA 201 43.69 66.65 -72.62
C GLY KA 201 44.62 66.97 -71.48
N SER KA 202 44.07 67.56 -70.41
CA SER KA 202 44.85 67.92 -69.24
C SER KA 202 43.94 67.93 -68.02
N PHE KA 203 44.53 67.71 -66.86
CA PHE KA 203 43.75 67.77 -65.63
C PHE KA 203 43.35 69.18 -65.25
N THR KA 204 43.80 70.20 -65.98
CA THR KA 204 43.26 71.54 -65.79
C THR KA 204 41.78 71.59 -66.10
N GLU KA 205 41.25 70.61 -66.83
CA GLU KA 205 39.83 70.50 -67.15
C GLU KA 205 39.05 69.67 -66.13
N LEU KA 206 39.69 69.27 -65.03
CA LEU KA 206 39.05 68.32 -64.11
C LEU KA 206 37.81 68.89 -63.45
N ALA KA 207 37.73 70.21 -63.29
CA ALA KA 207 36.57 70.82 -62.66
C ALA KA 207 35.42 71.08 -63.63
N VAL KA 208 35.65 70.91 -64.93
CA VAL KA 208 34.64 71.25 -65.94
C VAL KA 208 33.42 70.34 -65.92
N PRO KA 209 33.55 69.01 -65.96
CA PRO KA 209 32.36 68.16 -66.03
C PRO KA 209 31.46 68.33 -64.80
N ARG KA 210 30.15 68.32 -65.04
CA ARG KA 210 29.21 68.36 -63.92
C ARG KA 210 29.31 67.10 -63.06
N ASP KA 211 29.39 65.94 -63.69
CA ASP KA 211 29.37 64.66 -62.99
C ASP KA 211 30.48 63.76 -63.54
N LEU KA 212 31.48 63.48 -62.71
CA LEU KA 212 32.60 62.64 -63.13
C LEU KA 212 32.16 61.20 -63.40
N ALA KA 213 31.28 60.67 -62.55
CA ALA KA 213 30.85 59.29 -62.70
C ALA KA 213 30.21 59.03 -64.06
N LYS KA 214 29.59 60.05 -64.64
CA LYS KA 214 28.98 59.91 -65.96
C LYS KA 214 30.04 59.58 -67.02
N ILE KA 215 31.23 60.15 -66.88
CA ILE KA 215 32.30 59.91 -67.85
C ILE KA 215 32.62 58.42 -67.92
N PHE KA 216 32.61 57.74 -66.78
CA PHE KA 216 33.06 56.37 -66.71
C PHE KA 216 31.95 55.37 -67.06
N GLU KA 217 30.84 55.85 -67.59
CA GLU KA 217 29.81 54.98 -68.17
C GLU KA 217 30.06 54.73 -69.65
N SER KA 218 31.05 55.38 -70.24
CA SER KA 218 31.28 55.30 -71.68
C SER KA 218 31.65 53.89 -72.10
N GLN KA 219 31.24 53.53 -73.31
CA GLN KA 219 31.64 52.24 -73.88
C GLN KA 219 33.14 52.11 -74.06
N GLU KA 220 33.85 53.23 -74.15
CA GLU KA 220 35.31 53.20 -74.20
C GLU KA 220 35.92 52.71 -72.89
N LEU KA 221 35.16 52.70 -71.80
CA LEU KA 221 35.68 52.32 -70.49
C LEU KA 221 35.17 50.97 -70.02
N ILE KA 222 34.74 50.10 -70.93
CA ILE KA 222 34.31 48.77 -70.56
C ILE KA 222 35.45 47.98 -69.92
N LYS KA 223 36.62 48.01 -70.56
CA LYS KA 223 37.76 47.28 -70.02
C LYS KA 223 38.20 47.81 -68.67
N TRP KA 224 38.18 49.13 -68.48
CA TRP KA 224 38.53 49.72 -67.19
C TRP KA 224 37.57 49.27 -66.10
N ARG KA 225 36.27 49.27 -66.38
CA ARG KA 225 35.29 48.82 -65.39
C ARG KA 225 35.49 47.35 -65.06
N ALA KA 226 35.75 46.52 -66.08
CA ALA KA 226 36.03 45.11 -65.83
C ALA KA 226 37.26 44.96 -64.95
N PHE KA 227 38.31 45.74 -65.21
CA PHE KA 227 39.50 45.70 -64.37
C PHE KA 227 39.15 46.06 -62.93
N ARG KA 228 38.35 47.11 -62.74
CA ARG KA 228 37.93 47.50 -61.40
C ARG KA 228 37.19 46.36 -60.68
N GLU KA 229 36.46 45.53 -61.42
CA GLU KA 229 35.80 44.40 -60.77
C GLU KA 229 36.73 43.23 -60.45
N SER KA 230 37.95 43.20 -60.98
CA SER KA 230 38.84 42.07 -60.73
C SER KA 230 39.34 42.08 -59.29
N GLU KA 231 39.67 40.89 -58.80
CA GLU KA 231 40.23 40.79 -57.44
C GLU KA 231 41.57 41.50 -57.33
N ASP KA 232 42.46 41.27 -58.30
CA ASP KA 232 43.82 41.77 -58.21
C ASP KA 232 43.92 43.28 -58.39
N SER KA 233 42.83 43.96 -58.77
CA SER KA 233 42.86 45.41 -58.88
C SER KA 233 43.06 46.10 -57.53
N ARG KA 234 42.87 45.40 -56.42
CA ARG KA 234 43.18 46.00 -55.12
C ARG KA 234 44.67 46.23 -54.92
N TYR KA 235 45.51 45.67 -55.78
CA TYR KA 235 46.95 45.89 -55.74
C TYR KA 235 47.42 46.97 -56.70
N VAL KA 236 46.49 47.77 -57.21
CA VAL KA 236 46.81 48.88 -58.11
C VAL KA 236 46.12 50.13 -57.57
N SER KA 237 46.89 51.20 -57.40
CA SER KA 237 46.37 52.51 -57.05
C SER KA 237 46.82 53.51 -58.10
N LEU KA 238 45.92 54.42 -58.47
CA LEU KA 238 46.21 55.44 -59.47
C LEU KA 238 46.02 56.81 -58.83
N VAL KA 239 47.04 57.65 -58.94
CA VAL KA 239 47.03 58.96 -58.32
C VAL KA 239 46.90 60.03 -59.40
N LEU KA 240 46.33 61.17 -59.01
CA LEU KA 240 46.18 62.32 -59.88
C LEU KA 240 46.01 63.55 -59.01
N PRO KA 241 46.24 64.75 -59.55
CA PRO KA 241 46.82 65.06 -60.87
C PRO KA 241 48.32 65.20 -60.75
N HIS KA 242 48.99 65.85 -61.71
CA HIS KA 242 50.43 66.05 -61.63
C HIS KA 242 50.78 67.08 -60.56
N VAL KA 243 52.01 66.99 -60.07
CA VAL KA 243 52.51 67.88 -59.03
C VAL KA 243 53.69 68.67 -59.58
N LEU KA 244 53.70 69.97 -59.29
CA LEU KA 244 54.76 70.83 -59.78
C LEU KA 244 56.09 70.46 -59.13
N LEU KA 245 57.12 70.26 -59.95
CA LEU KA 245 58.44 69.95 -59.43
C LEU KA 245 59.30 71.20 -59.40
N ALA KA 271 51.95 73.80 -70.21
CA ALA KA 271 52.97 72.76 -70.36
C ALA KA 271 54.38 73.32 -70.15
N ARG KA 272 54.48 74.61 -69.88
CA ARG KA 272 55.78 75.23 -69.67
C ARG KA 272 56.36 74.94 -68.28
N TYR KA 273 55.56 74.42 -67.36
CA TYR KA 273 56.05 74.07 -66.03
C TYR KA 273 56.47 72.61 -65.99
N LEU KA 274 57.38 72.29 -65.07
CA LEU KA 274 57.86 70.92 -64.93
C LEU KA 274 56.90 70.12 -64.05
N TRP KA 275 55.99 69.39 -64.68
CA TRP KA 275 54.99 68.63 -63.97
C TRP KA 275 55.47 67.20 -63.75
N GLY KA 276 55.34 66.72 -62.53
CA GLY KA 276 55.79 65.39 -62.20
C GLY KA 276 54.68 64.44 -61.80
N ASN KA 277 54.99 63.14 -61.80
CA ASN KA 277 54.06 62.13 -61.36
C ASN KA 277 53.81 62.25 -59.85
N ALA KA 278 52.55 62.30 -59.45
CA ALA KA 278 52.22 62.37 -58.02
C ALA KA 278 52.46 61.06 -57.30
N ALA KA 279 52.71 59.98 -58.04
CA ALA KA 279 53.08 58.72 -57.41
C ALA KA 279 54.37 58.86 -56.61
N TRP KA 280 55.30 59.70 -57.06
CA TRP KA 280 56.50 59.96 -56.27
C TRP KA 280 56.12 60.55 -54.91
N ALA KA 281 55.21 61.51 -54.89
CA ALA KA 281 54.80 62.13 -53.63
C ALA KA 281 54.11 61.14 -52.71
N LEU KA 282 53.21 60.31 -53.26
CA LEU KA 282 52.55 59.30 -52.43
C LEU KA 282 53.56 58.30 -51.88
N THR KA 283 54.51 57.86 -52.72
CA THR KA 283 55.55 56.97 -52.27
C THR KA 283 56.37 57.60 -51.14
N GLN KA 284 56.64 58.89 -51.25
CA GLN KA 284 57.36 59.58 -50.19
C GLN KA 284 56.56 59.58 -48.89
N ARG KA 285 55.24 59.78 -48.98
CA ARG KA 285 54.40 59.66 -47.79
C ARG KA 285 54.54 58.27 -47.18
N ILE KA 286 54.54 57.24 -48.02
CA ILE KA 286 54.63 55.87 -47.52
C ILE KA 286 55.97 55.62 -46.84
N THR KA 287 57.07 56.06 -47.46
CA THR KA 287 58.39 55.81 -46.86
C THR KA 287 58.59 56.62 -45.60
N GLU KA 288 58.07 57.84 -45.55
CA GLU KA 288 58.14 58.61 -44.31
C GLU KA 288 57.34 57.93 -43.20
N ALA KA 289 56.15 57.43 -43.51
CA ALA KA 289 55.37 56.71 -42.52
C ALA KA 289 56.14 55.50 -42.01
N PHE KA 290 56.75 54.73 -42.91
CA PHE KA 290 57.52 53.57 -42.45
C PHE KA 290 58.69 54.00 -41.59
N ALA KA 291 59.42 55.03 -42.00
CA ALA KA 291 60.58 55.46 -41.24
C ALA KA 291 60.20 55.91 -39.84
N ARG KA 292 59.09 56.65 -39.71
CA ARG KA 292 58.69 57.16 -38.41
C ARG KA 292 58.02 56.10 -37.55
N TYR KA 293 57.22 55.21 -38.14
CA TYR KA 293 56.33 54.35 -37.38
C TYR KA 293 56.53 52.86 -37.60
N GLY KA 294 57.27 52.45 -38.63
CA GLY KA 294 57.44 51.05 -38.94
C GLY KA 294 56.30 50.42 -39.71
N TRP KA 295 55.26 51.19 -40.03
CA TRP KA 295 54.11 50.71 -40.79
C TRP KA 295 53.60 51.85 -41.67
N CYS KA 296 52.87 51.49 -42.72
CA CYS KA 296 52.53 52.43 -43.78
C CYS KA 296 51.05 52.79 -43.83
N ALA KA 297 50.35 52.68 -42.71
CA ALA KA 297 48.93 53.06 -42.71
C ALA KA 297 48.74 54.57 -42.75
N ALA KA 298 49.59 55.31 -42.02
CA ALA KA 298 49.37 56.74 -41.81
C ALA KA 298 49.89 57.52 -43.01
N ILE KA 299 49.12 57.46 -44.10
CA ILE KA 299 49.53 58.09 -45.35
C ILE KA 299 48.42 58.95 -45.96
N ARG KA 300 47.50 59.43 -45.14
CA ARG KA 300 46.39 60.23 -45.69
C ARG KA 300 45.92 61.26 -44.69
N GLY KA 301 45.38 62.36 -45.21
CA GLY KA 301 44.80 63.39 -44.38
C GLY KA 301 45.80 64.44 -43.93
N VAL KA 302 45.26 65.55 -43.43
CA VAL KA 302 46.09 66.65 -42.97
C VAL KA 302 46.97 66.20 -41.80
N GLU KA 303 46.38 65.48 -40.85
CA GLU KA 303 47.10 65.04 -39.67
C GLU KA 303 47.44 63.55 -39.68
N GLY KA 304 46.95 62.80 -40.65
CA GLY KA 304 47.18 61.37 -40.66
C GLY KA 304 48.27 60.92 -41.61
N GLY KA 305 49.13 61.83 -42.04
CA GLY KA 305 50.26 61.49 -42.88
C GLY KA 305 50.10 61.72 -44.36
N GLY KA 306 49.03 62.39 -44.80
CA GLY KA 306 48.83 62.67 -46.20
C GLY KA 306 49.35 64.00 -46.70
N ALA KA 307 50.02 64.78 -45.87
CA ALA KA 307 50.39 66.14 -46.24
C ALA KA 307 51.68 66.16 -47.06
N VAL KA 308 51.63 66.81 -48.21
CA VAL KA 308 52.77 67.01 -49.10
C VAL KA 308 53.15 68.49 -48.99
N GLU KA 309 54.17 68.79 -48.22
CA GLU KA 309 54.51 70.17 -47.89
C GLU KA 309 55.68 70.68 -48.74
N GLY KA 310 55.86 72.00 -48.69
CA GLY KA 310 56.98 72.62 -49.37
C GLY KA 310 56.89 72.66 -50.87
N LEU KA 311 55.68 72.66 -51.42
CA LEU KA 311 55.51 72.70 -52.86
C LEU KA 311 55.89 74.07 -53.41
N PRO KA 312 56.31 74.13 -54.68
CA PRO KA 312 56.61 75.44 -55.29
C PRO KA 312 55.38 76.32 -55.34
N ALA KA 313 55.52 77.55 -54.84
CA ALA KA 313 54.43 78.53 -54.82
C ALA KA 313 54.83 79.69 -55.72
N HIS KA 314 54.49 79.58 -57.00
CA HIS KA 314 54.80 80.63 -57.95
C HIS KA 314 53.76 81.72 -57.93
N LYS KA 326 49.04 80.33 -58.55
CA LYS KA 326 49.12 79.14 -59.41
C LYS KA 326 49.08 77.86 -58.60
N CYS KA 327 48.13 76.99 -58.91
CA CYS KA 327 48.01 75.72 -58.18
C CYS KA 327 49.24 74.87 -58.42
N PRO KA 328 49.94 74.42 -57.37
CA PRO KA 328 51.05 73.47 -57.58
C PRO KA 328 50.60 72.06 -57.93
N THR KA 329 49.30 71.80 -58.03
CA THR KA 329 48.76 70.49 -58.38
C THR KA 329 47.88 70.55 -59.62
N GLU KA 330 48.12 71.51 -60.50
CA GLU KA 330 47.47 71.66 -61.81
C GLU KA 330 46.02 72.10 -61.76
N VAL KA 331 45.33 71.87 -60.65
CA VAL KA 331 43.91 72.19 -60.57
C VAL KA 331 43.45 72.06 -59.13
N ALA KA 332 42.59 72.97 -58.70
CA ALA KA 332 41.98 72.85 -57.39
C ALA KA 332 40.91 71.77 -57.44
N ILE KA 333 40.83 70.97 -56.38
CA ILE KA 333 39.86 69.89 -56.29
C ILE KA 333 39.00 70.14 -55.06
N THR KA 334 37.72 70.40 -55.28
CA THR KA 334 36.80 70.63 -54.18
C THR KA 334 36.57 69.33 -53.39
N ASP KA 335 36.02 69.48 -52.20
CA ASP KA 335 35.70 68.32 -51.36
C ASP KA 335 34.78 67.36 -52.10
N ARG KA 336 33.74 67.89 -52.76
CA ARG KA 336 32.81 67.02 -53.49
C ARG KA 336 33.52 66.31 -54.64
N ARG KA 337 34.39 67.01 -55.35
CA ARG KA 337 35.13 66.40 -56.45
C ARG KA 337 36.10 65.34 -55.94
N GLU KA 338 36.77 65.60 -54.82
CA GLU KA 338 37.64 64.60 -54.23
C GLU KA 338 36.86 63.34 -53.86
N LYS KA 339 35.67 63.52 -53.29
CA LYS KA 339 34.85 62.36 -52.94
C LYS KA 339 34.42 61.58 -54.18
N GLU KA 340 34.03 62.28 -55.25
CA GLU KA 340 33.72 61.61 -56.52
C GLU KA 340 34.90 60.78 -57.00
N LEU KA 341 36.09 61.39 -57.02
CA LEU KA 341 37.28 60.69 -57.51
C LEU KA 341 37.61 59.48 -56.65
N ASP KA 342 37.44 59.61 -55.34
CA ASP KA 342 37.62 58.47 -54.46
C ASP KA 342 36.65 57.35 -54.81
N ALA KA 343 35.39 57.70 -55.07
CA ALA KA 343 34.40 56.68 -55.44
C ALA KA 343 34.76 56.00 -56.75
N LEU KA 344 35.45 56.70 -57.65
CA LEU KA 344 35.78 56.16 -58.96
C LEU KA 344 37.09 55.37 -58.96
N GLY KA 345 37.74 55.21 -57.81
CA GLY KA 345 38.93 54.41 -57.72
C GLY KA 345 40.24 55.14 -57.87
N PHE KA 346 40.31 56.41 -57.47
CA PHE KA 346 41.51 57.21 -57.62
C PHE KA 346 41.90 57.83 -56.28
N ILE KA 347 43.18 58.19 -56.18
CA ILE KA 347 43.72 58.91 -55.04
C ILE KA 347 44.10 60.30 -55.53
N ALA KA 348 43.37 61.32 -55.08
CA ALA KA 348 43.57 62.67 -55.56
C ALA KA 348 44.42 63.48 -54.60
N LEU KA 349 45.35 64.25 -55.14
CA LEU KA 349 46.15 65.20 -54.38
C LEU KA 349 45.48 66.56 -54.42
N CYS KA 350 45.14 67.10 -53.24
CA CYS KA 350 44.29 68.28 -53.14
C CYS KA 350 45.08 69.46 -52.57
N HIS KA 351 45.26 70.50 -53.38
CA HIS KA 351 45.97 71.70 -52.94
C HIS KA 351 45.17 72.46 -51.91
N LYS KA 352 45.82 72.83 -50.80
CA LYS KA 352 45.22 73.75 -49.86
C LYS KA 352 45.34 75.16 -50.40
N LYS KA 353 44.20 75.84 -50.55
CA LYS KA 353 44.19 77.16 -51.16
C LYS KA 353 45.08 78.13 -50.39
N ASN KA 354 45.79 78.97 -51.13
CA ASN KA 354 46.66 80.01 -50.56
C ASN KA 354 47.72 79.39 -49.64
N SER KA 355 48.40 78.37 -50.14
CA SER KA 355 49.40 77.67 -49.36
C SER KA 355 50.35 76.93 -50.31
N ASP KA 356 51.45 76.43 -49.75
CA ASP KA 356 52.38 75.57 -50.49
C ASP KA 356 52.21 74.12 -50.08
N LEU KA 357 50.98 73.69 -49.84
CA LEU KA 357 50.68 72.40 -49.25
C LEU KA 357 49.55 71.74 -50.02
N ALA KA 358 49.64 70.41 -50.14
CA ALA KA 358 48.57 69.61 -50.72
C ALA KA 358 48.47 68.30 -49.93
N VAL KA 359 47.30 67.69 -49.96
CA VAL KA 359 46.99 66.55 -49.10
C VAL KA 359 46.33 65.44 -49.92
N PHE KA 360 46.76 64.21 -49.67
CA PHE KA 360 46.04 63.01 -50.09
C PHE KA 360 44.95 62.74 -49.04
N PHE KA 361 43.71 63.12 -49.33
CA PHE KA 361 42.64 62.85 -48.37
C PHE KA 361 42.23 61.39 -48.40
N GLY KA 362 42.13 60.81 -49.59
CA GLY KA 362 41.72 59.43 -49.75
C GLY KA 362 42.90 58.51 -50.00
N SER KA 363 42.66 57.21 -49.80
CA SER KA 363 43.67 56.20 -50.09
C SER KA 363 43.03 54.96 -50.71
N GLN KA 364 42.13 55.17 -51.66
CA GLN KA 364 41.36 54.09 -52.27
C GLN KA 364 42.14 53.48 -53.43
N THR KA 365 42.22 52.15 -53.48
CA THR KA 365 42.81 51.47 -54.63
C THR KA 365 41.85 51.55 -55.82
N THR KA 366 42.27 50.98 -56.95
CA THR KA 366 41.36 50.94 -58.10
C THR KA 366 40.25 49.92 -57.94
N ASN KA 367 40.32 49.06 -56.93
CA ASN KA 367 39.33 48.00 -56.78
C ASN KA 367 37.97 48.59 -56.42
N ARG KA 368 36.93 48.08 -57.09
CA ARG KA 368 35.57 48.47 -56.75
C ARG KA 368 34.97 47.38 -55.86
N PRO KA 369 34.72 47.65 -54.59
CA PRO KA 369 34.22 46.59 -53.69
C PRO KA 369 32.88 46.06 -54.14
N ARG KA 370 32.70 44.74 -53.98
CA ARG KA 370 31.40 44.14 -54.20
C ARG KA 370 30.44 44.51 -53.08
N VAL KA 371 29.16 44.55 -53.41
CA VAL KA 371 28.10 44.91 -52.47
C VAL KA 371 27.33 43.65 -52.10
N TYR KA 372 27.10 43.46 -50.80
CA TYR KA 372 26.52 42.24 -50.25
C TYR KA 372 25.28 42.57 -49.44
N ASN KA 373 24.63 41.53 -48.94
CA ASN KA 373 23.43 41.66 -48.13
C ASN KA 373 23.71 41.64 -46.63
N THR KA 374 24.97 41.60 -46.20
CA THR KA 374 25.30 41.67 -44.79
C THR KA 374 26.28 42.82 -44.53
N ASN KA 375 26.15 43.42 -43.35
CA ASN KA 375 27.02 44.52 -42.98
C ASN KA 375 28.48 44.07 -42.90
N GLU KA 376 28.72 42.89 -42.33
CA GLU KA 376 30.09 42.40 -42.18
C GLU KA 376 30.78 42.23 -43.53
N ALA KA 377 30.09 41.62 -44.50
CA ALA KA 377 30.70 41.42 -45.81
C ALA KA 377 30.95 42.75 -46.49
N ASN KA 378 30.00 43.68 -46.41
CA ASN KA 378 30.19 45.00 -47.02
C ASN KA 378 31.40 45.71 -46.41
N ALA KA 379 31.48 45.72 -45.08
CA ALA KA 379 32.61 46.35 -44.43
C ALA KA 379 33.93 45.72 -44.85
N ASN KA 380 33.98 44.37 -44.88
CA ASN KA 380 35.22 43.70 -45.24
C ASN KA 380 35.60 43.99 -46.68
N ALA KA 381 34.62 44.00 -47.59
CA ALA KA 381 34.92 44.32 -48.98
C ALA KA 381 35.46 45.74 -49.10
N ARG KA 382 34.87 46.68 -48.36
CA ARG KA 382 35.28 48.08 -48.48
C ARG KA 382 36.72 48.28 -48.00
N ILE KA 383 37.08 47.73 -46.85
CA ILE KA 383 38.42 47.93 -46.33
C ILE KA 383 39.46 47.13 -47.12
N SER KA 384 39.04 46.06 -47.80
CA SER KA 384 39.94 45.30 -48.66
C SER KA 384 40.32 46.08 -49.92
N ALA KA 385 39.71 47.24 -50.14
CA ALA KA 385 40.00 48.07 -51.30
C ALA KA 385 40.76 49.34 -50.93
N MET KA 386 41.24 49.45 -49.69
CA MET KA 386 41.94 50.64 -49.23
C MET KA 386 43.44 50.40 -49.17
N LEU KA 387 44.19 51.31 -49.77
CA LEU KA 387 45.66 51.16 -49.85
C LEU KA 387 46.34 50.96 -48.51
N PRO KA 388 46.04 51.73 -47.44
CA PRO KA 388 46.76 51.49 -46.17
C PRO KA 388 46.57 50.08 -45.64
N TYR KA 389 45.34 49.60 -45.65
CA TYR KA 389 45.06 48.28 -45.10
C TYR KA 389 45.64 47.18 -45.98
N VAL KA 390 45.57 47.36 -47.31
CA VAL KA 390 46.15 46.38 -48.22
C VAL KA 390 47.67 46.32 -48.04
N LEU KA 391 48.31 47.46 -47.84
CA LEU KA 391 49.74 47.48 -47.56
C LEU KA 391 50.06 46.71 -46.28
N ALA KA 392 49.28 46.94 -45.22
CA ALA KA 392 49.51 46.20 -43.98
C ALA KA 392 49.34 44.69 -44.18
N ALA KA 393 48.27 44.29 -44.86
CA ALA KA 393 48.03 42.88 -45.11
C ALA KA 393 49.18 42.27 -45.92
N SER KA 394 49.68 43.02 -46.90
CA SER KA 394 50.80 42.55 -47.71
C SER KA 394 52.06 42.37 -46.87
N ARG KA 395 52.33 43.31 -45.96
CA ARG KA 395 53.49 43.16 -45.07
C ARG KA 395 53.36 41.89 -44.24
N PHE KA 396 52.16 41.63 -43.71
CA PHE KA 396 51.97 40.41 -42.95
C PHE KA 396 52.14 39.17 -43.81
N ALA KA 397 51.76 39.24 -45.09
CA ALA KA 397 52.04 38.13 -46.00
C ALA KA 397 53.54 37.87 -46.10
N HIS KA 398 54.32 38.94 -46.24
CA HIS KA 398 55.77 38.79 -46.36
C HIS KA 398 56.37 38.17 -45.10
N TYR KA 399 55.95 38.67 -43.94
CA TYR KA 399 56.44 38.12 -42.68
C TYR KA 399 56.06 36.66 -42.52
N LEU KA 400 54.82 36.32 -42.85
CA LEU KA 400 54.37 34.93 -42.74
C LEU KA 400 55.20 34.03 -43.64
N LYS KA 401 55.41 34.44 -44.89
CA LYS KA 401 56.26 33.67 -45.80
C LYS KA 401 57.62 33.40 -45.17
N VAL KA 402 58.28 34.45 -44.68
CA VAL KA 402 59.65 34.28 -44.19
C VAL KA 402 59.71 33.39 -42.95
N ILE KA 403 58.86 33.67 -41.96
CA ILE KA 403 58.96 32.93 -40.70
C ILE KA 403 58.52 31.48 -40.88
N MET KA 404 57.44 31.23 -41.63
CA MET KA 404 57.02 29.86 -41.84
C MET KA 404 58.00 29.08 -42.70
N ARG KA 405 58.65 29.74 -43.67
CA ARG KA 405 59.76 29.10 -44.35
C ARG KA 405 60.83 28.67 -43.36
N ASP KA 406 61.10 29.51 -42.35
CA ASP KA 406 62.04 29.12 -41.31
C ASP KA 406 61.55 27.93 -40.50
N LYS KA 407 60.24 27.72 -40.42
CA LYS KA 407 59.73 26.62 -39.60
C LYS KA 407 59.53 25.31 -40.36
N VAL KA 408 59.68 25.28 -41.70
CA VAL KA 408 59.54 24.04 -42.43
C VAL KA 408 60.58 23.04 -41.97
N GLY KA 409 60.15 21.82 -41.69
CA GLY KA 409 61.03 20.75 -41.26
C GLY KA 409 61.15 20.57 -39.75
N SER KA 410 60.70 21.54 -38.96
CA SER KA 410 60.65 21.37 -37.52
C SER KA 410 59.44 20.53 -37.11
N PHE KA 411 59.55 19.88 -35.96
CA PHE KA 411 58.46 19.07 -35.41
C PHE KA 411 57.34 20.00 -34.94
N MET KA 412 56.25 20.08 -35.69
CA MET KA 412 55.15 20.96 -35.35
C MET KA 412 53.82 20.27 -35.61
N THR KA 413 52.95 20.31 -34.62
CA THR KA 413 51.57 19.91 -34.79
C THR KA 413 50.75 21.10 -35.28
N ARG KA 414 49.48 20.86 -35.58
CA ARG KA 414 48.56 21.94 -35.91
C ARG KA 414 48.51 22.97 -34.79
N ASP KA 415 48.41 22.49 -33.55
CA ASP KA 415 48.34 23.39 -32.40
C ASP KA 415 49.65 24.15 -32.21
N ASN KA 416 50.79 23.50 -32.48
CA ASN KA 416 52.07 24.21 -32.39
C ASN KA 416 52.09 25.38 -33.37
N VAL KA 417 51.65 25.15 -34.60
CA VAL KA 417 51.64 26.21 -35.60
C VAL KA 417 50.71 27.34 -35.17
N GLN KA 418 49.52 26.99 -34.69
CA GLN KA 418 48.56 28.01 -34.28
C GLN KA 418 49.09 28.84 -33.12
N THR KA 419 49.66 28.18 -32.11
CA THR KA 419 50.22 28.89 -30.97
C THR KA 419 51.38 29.80 -31.40
N TYR KA 420 52.27 29.29 -32.25
CA TYR KA 420 53.39 30.11 -32.70
C TYR KA 420 52.90 31.35 -33.44
N LEU KA 421 51.98 31.18 -34.39
CA LEU KA 421 51.54 32.31 -35.19
C LEU KA 421 50.76 33.32 -34.37
N ASN KA 422 49.92 32.86 -33.45
CA ASN KA 422 49.18 33.80 -32.60
C ASN KA 422 50.13 34.53 -31.64
N ASN KA 423 51.15 33.84 -31.13
CA ASN KA 423 52.14 34.48 -30.29
C ASN KA 423 52.91 35.55 -31.06
N TRP KA 424 53.32 35.23 -32.29
CA TRP KA 424 54.12 36.15 -33.08
C TRP KA 424 53.37 37.42 -33.44
N ILE KA 425 52.09 37.29 -33.83
CA ILE KA 425 51.33 38.45 -34.28
C ILE KA 425 50.85 39.34 -33.14
N ALA KA 426 50.89 38.84 -31.90
CA ALA KA 426 50.36 39.61 -30.78
C ALA KA 426 51.12 40.91 -30.56
N ASP KA 427 52.40 40.97 -30.96
CA ASP KA 427 53.21 42.15 -30.75
C ASP KA 427 52.76 43.35 -31.60
N TYR KA 428 51.93 43.13 -32.62
CA TYR KA 428 51.52 44.18 -33.53
C TYR KA 428 50.13 44.70 -33.24
N VAL KA 429 49.53 44.29 -32.13
CA VAL KA 429 48.15 44.63 -31.78
C VAL KA 429 48.16 45.70 -30.71
N LEU KA 430 47.37 46.74 -30.90
CA LEU KA 430 47.17 47.80 -29.91
C LEU KA 430 45.69 47.87 -29.57
N ILE KA 431 45.37 47.64 -28.31
CA ILE KA 431 43.97 47.58 -27.88
C ILE KA 431 43.40 48.97 -27.58
N ASN KA 432 44.24 49.92 -27.22
CA ASN KA 432 43.79 51.22 -26.70
C ASN KA 432 43.35 52.11 -27.85
N ASP KA 433 42.03 52.23 -28.04
CA ASP KA 433 41.48 53.12 -29.05
C ASP KA 433 41.55 54.59 -28.67
N ASN KA 434 41.94 54.92 -27.45
CA ASN KA 434 42.14 56.30 -27.03
C ASN KA 434 43.58 56.77 -27.21
N ALA KA 435 44.46 55.92 -27.72
CA ALA KA 435 45.83 56.33 -27.96
C ALA KA 435 45.87 57.42 -29.03
N PRO KA 436 46.86 58.31 -28.99
CA PRO KA 436 46.96 59.37 -29.99
C PRO KA 436 47.29 58.82 -31.36
N GLN KA 437 47.16 59.69 -32.37
CA GLN KA 437 47.40 59.31 -33.75
C GLN KA 437 48.78 58.69 -33.94
N GLU KA 438 49.80 59.31 -33.34
CA GLU KA 438 51.18 58.86 -33.53
C GLU KA 438 51.45 57.49 -32.91
N ILE KA 439 50.65 57.08 -31.93
CA ILE KA 439 50.80 55.75 -31.37
C ILE KA 439 50.06 54.73 -32.23
N LYS KA 440 48.83 55.05 -32.64
CA LYS KA 440 48.07 54.15 -33.49
C LYS KA 440 48.80 53.87 -34.80
N ALA KA 441 49.53 54.87 -35.33
CA ALA KA 441 50.29 54.67 -36.54
C ALA KA 441 51.35 53.59 -36.39
N GLN KA 442 51.81 53.31 -35.18
CA GLN KA 442 52.85 52.32 -34.95
C GLN KA 442 52.34 50.89 -34.81
N TYR KA 443 51.03 50.69 -34.74
CA TYR KA 443 50.45 49.36 -34.56
C TYR KA 443 49.42 49.11 -35.64
N PRO KA 444 49.71 48.23 -36.60
CA PRO KA 444 48.76 48.03 -37.70
C PRO KA 444 47.46 47.38 -37.29
N LEU KA 445 47.39 46.74 -36.13
CA LEU KA 445 46.25 45.90 -35.77
C LEU KA 445 45.57 46.39 -34.51
N ARG KA 446 44.24 46.37 -34.53
CA ARG KA 446 43.47 46.48 -33.30
C ARG KA 446 43.09 45.11 -32.75
N GLU KA 447 43.10 44.08 -33.58
CA GLU KA 447 42.75 42.73 -33.18
C GLU KA 447 43.22 41.78 -34.27
N ALA KA 448 43.62 40.57 -33.87
CA ALA KA 448 44.05 39.57 -34.83
C ALA KA 448 43.84 38.18 -34.26
N ARG KA 449 43.66 37.22 -35.15
CA ARG KA 449 43.57 35.82 -34.75
C ARG KA 449 43.97 34.94 -35.92
N VAL KA 450 44.69 33.86 -35.63
CA VAL KA 450 45.10 32.89 -36.62
C VAL KA 450 44.45 31.56 -36.27
N ASP KA 451 43.71 30.99 -37.22
CA ASP KA 451 43.09 29.69 -37.08
C ASP KA 451 43.80 28.70 -38.00
N VAL KA 452 44.25 27.59 -37.46
CA VAL KA 452 45.00 26.59 -38.22
C VAL KA 452 44.23 25.28 -38.22
N SER KA 453 44.21 24.62 -39.37
CA SER KA 453 43.54 23.33 -39.52
C SER KA 453 44.45 22.33 -40.21
N GLU KA 454 44.20 21.06 -39.96
CA GLU KA 454 44.95 19.97 -40.57
C GLU KA 454 44.33 19.59 -41.91
N VAL KA 455 45.18 19.08 -42.80
CA VAL KA 455 44.73 18.55 -44.09
C VAL KA 455 44.71 17.03 -43.96
N VAL KA 456 43.52 16.44 -44.14
CA VAL KA 456 43.37 15.01 -43.92
C VAL KA 456 44.26 14.24 -44.89
N GLY KA 457 44.90 13.18 -44.38
CA GLY KA 457 45.74 12.32 -45.19
C GLY KA 457 47.13 12.85 -45.49
N LYS KA 458 47.49 14.02 -44.96
CA LYS KA 458 48.78 14.65 -45.26
C LYS KA 458 49.42 15.11 -43.96
N PRO KA 459 50.18 14.24 -43.30
CA PRO KA 459 50.87 14.65 -42.06
C PRO KA 459 51.80 15.83 -42.32
N GLY KA 460 51.77 16.80 -41.40
CA GLY KA 460 52.59 17.98 -41.51
C GLY KA 460 52.14 19.00 -42.53
N VAL KA 461 50.93 18.90 -43.05
CA VAL KA 461 50.38 19.85 -44.02
C VAL KA 461 49.20 20.54 -43.38
N TYR KA 462 49.21 21.88 -43.37
CA TYR KA 462 48.22 22.66 -42.64
C TYR KA 462 47.69 23.81 -43.49
N ARG KA 463 46.50 24.28 -43.11
CA ARG KA 463 45.90 25.47 -43.68
C ARG KA 463 45.60 26.45 -42.56
N ALA KA 464 45.80 27.74 -42.83
CA ALA KA 464 45.57 28.76 -41.82
C ALA KA 464 44.75 29.90 -42.42
N THR KA 465 43.96 30.54 -41.56
CA THR KA 465 43.30 31.80 -41.89
C THR KA 465 43.77 32.85 -40.91
N VAL KA 466 44.29 33.96 -41.43
CA VAL KA 466 44.82 35.05 -40.63
C VAL KA 466 43.83 36.20 -40.71
N PHE KA 467 43.10 36.45 -39.63
CA PHE KA 467 42.16 37.56 -39.55
C PHE KA 467 42.86 38.79 -38.99
N LEU KA 468 42.80 39.90 -39.72
CA LEU KA 468 43.47 41.14 -39.34
C LEU KA 468 42.43 42.24 -39.22
N ARG KA 469 42.30 42.81 -38.03
CA ARG KA 469 41.41 43.95 -37.85
C ARG KA 469 42.24 45.22 -37.63
N PRO KA 470 42.33 46.10 -38.61
CA PRO KA 470 43.16 47.30 -38.45
C PRO KA 470 42.47 48.36 -37.62
N HIS KA 471 43.23 49.41 -37.30
CA HIS KA 471 42.65 50.64 -36.78
C HIS KA 471 42.10 51.44 -37.97
N PHE KA 472 40.83 51.79 -37.91
CA PHE KA 472 40.17 52.40 -39.06
C PHE KA 472 40.31 53.91 -39.06
N GLN KA 473 40.50 54.46 -40.25
CA GLN KA 473 40.68 55.89 -40.45
C GLN KA 473 39.35 56.55 -40.83
N LEU KA 474 39.16 57.78 -40.35
CA LEU KA 474 37.91 58.49 -40.62
C LEU KA 474 37.74 58.73 -42.12
N GLU KA 475 36.56 58.39 -42.62
CA GLU KA 475 36.25 58.52 -44.04
C GLU KA 475 35.22 59.61 -44.33
N GLU KA 476 34.11 59.62 -43.60
CA GLU KA 476 33.01 60.54 -43.88
C GLU KA 476 32.32 60.89 -42.58
N LEU KA 477 31.70 62.07 -42.55
CA LEU KA 477 30.90 62.51 -41.41
C LEU KA 477 29.72 63.31 -41.94
N THR KA 478 28.51 62.88 -41.59
CA THR KA 478 27.29 63.61 -41.89
C THR KA 478 26.75 64.19 -40.59
N ALA KA 479 26.62 65.50 -40.53
CA ALA KA 479 26.23 66.18 -39.30
C ALA KA 479 24.96 66.98 -39.50
N SER KA 480 24.13 67.01 -38.46
CA SER KA 480 22.92 67.82 -38.42
C SER KA 480 23.05 68.78 -37.25
N ILE KA 481 22.97 70.08 -37.54
CA ILE KA 481 23.03 71.13 -36.52
C ILE KA 481 21.60 71.53 -36.17
N ARG KA 482 21.29 71.59 -34.89
CA ARG KA 482 19.94 71.87 -34.42
C ARG KA 482 19.98 72.84 -33.24
N LEU KA 483 19.40 74.02 -33.42
CA LEU KA 483 19.19 74.94 -32.31
C LEU KA 483 18.03 74.43 -31.46
N VAL KA 484 18.23 74.38 -30.16
CA VAL KA 484 17.20 73.90 -29.25
C VAL KA 484 17.10 74.82 -28.04
N ALA KA 485 15.89 74.94 -27.49
CA ALA KA 485 15.72 75.62 -26.22
C ALA KA 485 16.14 74.72 -25.05
N THR KA 486 15.97 73.42 -25.19
CA THR KA 486 16.44 72.46 -24.20
C THR KA 486 17.12 71.30 -24.92
N LEU KA 487 18.18 70.78 -24.33
CA LEU KA 487 18.89 69.64 -24.89
C LEU KA 487 18.03 68.39 -24.78
N PRO KA 488 17.71 67.72 -25.88
CA PRO KA 488 16.99 66.44 -25.79
C PRO KA 488 17.90 65.35 -25.26
N PRO KA 489 17.34 64.30 -24.68
CA PRO KA 489 18.18 63.18 -24.24
C PRO KA 489 18.83 62.49 -25.42
N PRO KA 490 20.00 61.88 -25.24
CA PRO KA 490 20.72 61.20 -26.33
C PRO KA 490 19.99 59.95 -26.84
N GLU LA 3 76.55 25.83 -32.56
CA GLU LA 3 76.71 25.34 -31.19
C GLU LA 3 77.99 25.88 -30.56
N SER LA 4 77.86 26.42 -29.34
CA SER LA 4 79.02 26.89 -28.60
C SER LA 4 79.96 25.74 -28.28
N THR LA 5 81.26 26.04 -28.27
CA THR LA 5 82.25 25.04 -27.90
C THR LA 5 82.06 24.57 -26.46
N GLN LA 6 81.46 25.41 -25.62
CA GLN LA 6 81.16 25.00 -24.25
C GLN LA 6 80.24 23.79 -24.24
N HIS LA 7 79.21 23.82 -25.08
CA HIS LA 7 78.26 22.72 -25.14
C HIS LA 7 78.83 21.49 -25.85
N LYS LA 8 79.84 21.66 -26.71
CA LYS LA 8 80.53 20.49 -27.26
C LYS LA 8 81.21 19.70 -26.16
N LEU LA 9 81.78 20.40 -25.18
CA LEU LA 9 82.39 19.75 -24.03
C LEU LA 9 81.39 19.07 -23.11
N ASP LA 10 80.08 19.30 -23.29
CA ASP LA 10 79.09 18.48 -22.61
C ASP LA 10 79.19 17.02 -23.05
N ARG LA 11 79.64 16.77 -24.27
CA ARG LA 11 79.60 15.45 -24.88
C ARG LA 11 80.98 14.82 -25.07
N ILE LA 12 82.00 15.59 -25.40
CA ILE LA 12 83.30 15.06 -25.78
C ILE LA 12 84.21 15.10 -24.56
N ARG LA 13 84.38 13.94 -23.93
CA ARG LA 13 85.22 13.78 -22.75
C ARG LA 13 84.96 14.88 -21.72
N PRO LA 14 83.73 14.98 -21.20
CA PRO LA 14 83.39 16.09 -20.33
C PRO LA 14 84.10 15.99 -18.99
N PRO LA 15 84.39 17.12 -18.35
CA PRO LA 15 84.90 17.09 -16.98
C PRO LA 15 83.78 16.78 -16.00
N ARG LA 16 84.18 16.50 -14.75
CA ARG LA 16 83.19 16.32 -13.70
C ARG LA 16 82.38 17.60 -13.47
N VAL LA 17 83.05 18.74 -13.44
CA VAL LA 17 82.41 20.03 -13.24
C VAL LA 17 82.42 20.74 -14.58
N GLN LA 18 81.27 20.75 -15.26
CA GLN LA 18 81.16 21.26 -16.62
C GLN LA 18 80.28 22.51 -16.59
N ILE LA 19 80.83 23.63 -17.06
CA ILE LA 19 80.21 24.93 -16.91
C ILE LA 19 80.08 25.59 -18.29
N THR LA 20 78.90 26.12 -18.57
CA THR LA 20 78.63 26.83 -19.81
C THR LA 20 77.94 28.16 -19.51
N TYR LA 21 78.05 29.09 -20.45
CA TYR LA 21 77.27 30.32 -20.38
C TYR LA 21 76.07 30.22 -21.32
N ASP LA 22 74.92 30.69 -20.86
CA ASP LA 22 73.70 30.66 -21.66
C ASP LA 22 72.91 31.95 -21.47
N VAL LA 23 72.21 32.35 -22.52
CA VAL LA 23 71.28 33.47 -22.45
C VAL LA 23 69.94 32.95 -21.97
N GLU LA 24 69.42 33.57 -20.92
CA GLU LA 24 68.12 33.19 -20.36
C GLU LA 24 67.03 33.86 -21.20
N THR LA 25 66.36 33.07 -22.04
CA THR LA 25 65.31 33.60 -22.90
C THR LA 25 63.91 33.10 -22.53
N GLY LA 26 63.80 32.18 -21.58
CA GLY LA 26 62.49 31.68 -21.20
C GLY LA 26 61.77 31.05 -22.37
N ASN LA 27 60.53 31.48 -22.59
CA ASN LA 27 59.71 30.99 -23.70
C ASN LA 27 59.65 31.99 -24.84
N ALA LA 28 60.54 32.96 -24.89
CA ALA LA 28 60.51 33.98 -25.93
C ALA LA 28 60.86 33.38 -27.30
N ILE LA 29 60.29 33.97 -28.34
CA ILE LA 29 60.59 33.62 -29.72
C ILE LA 29 61.35 34.77 -30.36
N GLU LA 30 62.23 34.42 -31.29
CA GLU LA 30 62.98 35.44 -32.02
C GLU LA 30 62.06 36.22 -32.95
N LYS LA 31 62.30 37.52 -33.06
CA LYS LA 31 61.49 38.40 -33.88
C LYS LA 31 62.40 38.96 -34.97
N LYS LA 32 62.48 38.24 -36.09
CA LYS LA 32 63.25 38.73 -37.22
C LYS LA 32 62.48 39.82 -37.95
N GLU LA 33 63.19 40.86 -38.35
CA GLU LA 33 62.59 42.05 -38.96
C GLU LA 33 62.89 42.06 -40.45
N LEU LA 34 61.94 42.54 -41.24
CA LEU LA 34 62.12 42.70 -42.66
C LEU LA 34 62.25 44.17 -43.01
N PRO LA 35 63.19 44.55 -43.87
CA PRO LA 35 63.23 45.93 -44.34
C PRO LA 35 62.02 46.23 -45.20
N LEU LA 36 61.71 47.52 -45.33
CA LEU LA 36 60.79 47.97 -46.35
C LEU LA 36 61.55 48.10 -47.65
N VAL LA 37 61.08 47.42 -48.69
CA VAL LA 37 61.73 47.46 -49.99
C VAL LA 37 60.74 48.05 -50.98
N VAL LA 38 61.10 49.16 -51.60
CA VAL LA 38 60.29 49.82 -52.60
C VAL LA 38 60.90 49.52 -53.96
N GLY LA 39 60.13 48.87 -54.83
CA GLY LA 39 60.56 48.67 -56.19
C GLY LA 39 60.10 49.79 -57.10
N ILE LA 40 61.03 50.45 -57.77
CA ILE LA 40 60.74 51.59 -58.63
C ILE LA 40 60.89 51.14 -60.09
N LEU LA 41 59.86 51.40 -60.89
CA LEU LA 41 59.86 51.08 -62.30
C LEU LA 41 59.72 52.39 -63.07
N ALA LA 42 60.79 52.80 -63.75
CA ALA LA 42 60.80 54.10 -64.42
C ALA LA 42 61.60 54.02 -65.71
N ASP LA 43 61.16 54.80 -66.69
CA ASP LA 43 61.83 54.90 -67.99
C ASP LA 43 62.84 56.05 -67.92
N LEU LA 44 64.07 55.71 -67.59
CA LEU LA 44 65.09 56.72 -67.31
C LEU LA 44 66.11 56.84 -68.43
N MET LA 56 65.13 40.90 -69.30
CA MET LA 56 65.50 39.75 -68.47
C MET LA 56 66.93 39.90 -67.97
N GLU LA 57 67.73 40.67 -68.72
CA GLU LA 57 69.12 40.90 -68.36
C GLU LA 57 69.27 42.00 -67.31
N ARG LA 58 68.32 42.92 -67.24
CA ARG LA 58 68.40 44.03 -66.31
C ARG LA 58 68.08 43.55 -64.89
N ARG LA 59 68.24 44.46 -63.93
CA ARG LA 59 68.03 44.10 -62.53
C ARG LA 59 67.56 45.32 -61.76
N PHE LA 60 66.98 45.06 -60.60
CA PHE LA 60 66.62 46.11 -59.66
C PHE LA 60 67.88 46.53 -58.91
N VAL LA 61 68.40 47.71 -59.21
CA VAL LA 61 69.65 48.17 -58.61
C VAL LA 61 69.33 49.05 -57.40
N GLU LA 62 69.98 48.77 -56.28
CA GLU LA 62 69.74 49.54 -55.06
C GLU LA 62 70.23 50.97 -55.25
N ILE LA 63 69.39 51.92 -54.87
CA ILE LA 63 69.68 53.33 -55.08
C ILE LA 63 69.44 54.09 -53.77
N ASN LA 64 70.32 55.04 -53.48
CA ASN LA 64 70.23 55.81 -52.25
C ASN LA 64 70.91 57.15 -52.48
N ARG LA 65 70.94 57.98 -51.44
CA ARG LA 65 71.50 59.31 -51.57
C ARG LA 65 73.01 59.27 -51.88
N ASP LA 66 73.69 58.19 -51.50
CA ASP LA 66 75.13 58.12 -51.71
C ASP LA 66 75.48 57.80 -53.16
N ASN LA 67 74.83 56.81 -53.76
CA ASN LA 67 75.23 56.33 -55.09
C ASN LA 67 74.33 56.85 -56.19
N PHE LA 68 73.51 57.87 -55.92
CA PHE LA 68 72.51 58.32 -56.89
C PHE LA 68 73.17 58.75 -58.20
N ASN LA 69 74.23 59.54 -58.13
CA ASN LA 69 74.87 60.02 -59.35
C ASN LA 69 75.60 58.91 -60.07
N ASP LA 70 76.11 57.91 -59.36
CA ASP LA 70 76.69 56.74 -60.02
C ASP LA 70 75.63 56.00 -60.83
N VAL LA 71 74.43 55.84 -60.27
CA VAL LA 71 73.35 55.18 -60.99
C VAL LA 71 72.92 56.03 -62.19
N LEU LA 72 72.85 57.35 -62.02
CA LEU LA 72 72.54 58.22 -63.14
C LEU LA 72 73.57 58.09 -64.25
N ALA LA 73 74.85 58.03 -63.88
CA ALA LA 73 75.92 57.88 -64.88
C ALA LA 73 75.81 56.54 -65.58
N SER LA 74 75.55 55.47 -64.84
CA SER LA 74 75.45 54.15 -65.45
C SER LA 74 74.27 54.07 -66.41
N ILE LA 75 73.14 54.70 -66.05
CA ILE LA 75 72.03 54.79 -66.98
C ILE LA 75 72.38 55.70 -68.15
N ALA LA 76 73.05 56.82 -67.86
CA ALA LA 76 73.53 57.79 -68.84
C ALA LA 76 72.40 58.29 -69.74
N PRO LA 77 71.41 59.01 -69.19
CA PRO LA 77 70.30 59.51 -70.01
C PRO LA 77 70.76 60.52 -71.06
N GLN MA 90 71.85 -15.70 -83.06
CA GLN MA 90 70.63 -15.13 -82.51
C GLN MA 90 69.73 -16.20 -81.93
N LYS MA 91 69.37 -17.19 -82.78
CA LYS MA 91 68.45 -18.23 -82.34
C LYS MA 91 69.06 -19.05 -81.21
N LEU MA 92 70.34 -19.39 -81.30
CA LEU MA 92 71.00 -20.06 -80.20
C LEU MA 92 71.11 -19.15 -78.99
N GLU MA 93 71.52 -17.90 -79.20
CA GLU MA 93 71.66 -16.96 -78.09
C GLU MA 93 70.34 -16.72 -77.39
N ALA MA 94 69.26 -16.59 -78.16
CA ALA MA 94 67.94 -16.36 -77.58
C ALA MA 94 67.51 -17.52 -76.71
N SER MA 95 67.77 -18.76 -77.15
CA SER MA 95 67.42 -19.92 -76.36
C SER MA 95 68.21 -19.97 -75.05
N TRP MA 96 69.52 -19.72 -75.13
CA TRP MA 96 70.35 -19.78 -73.93
C TRP MA 96 70.04 -18.62 -72.99
N ARG MA 97 69.85 -17.42 -73.54
CA ARG MA 97 69.54 -16.28 -72.69
C ARG MA 97 68.15 -16.41 -72.07
N GLY MA 98 67.19 -16.92 -72.83
CA GLY MA 98 65.89 -17.21 -72.25
C GLY MA 98 65.97 -18.21 -71.13
N LEU MA 99 66.74 -19.28 -71.34
CA LEU MA 99 66.91 -20.29 -70.29
C LEU MA 99 67.61 -19.69 -69.07
N HIS MA 100 68.67 -18.90 -69.30
CA HIS MA 100 69.41 -18.31 -68.19
C HIS MA 100 68.52 -17.39 -67.36
N MET MA 101 67.68 -16.59 -68.03
CA MET MA 101 66.78 -15.70 -67.30
C MET MA 101 65.79 -16.47 -66.46
N LEU MA 102 65.25 -17.57 -66.99
CA LEU MA 102 64.33 -18.40 -66.22
C LEU MA 102 65.05 -19.02 -65.02
N VAL MA 103 66.25 -19.56 -65.24
CA VAL MA 103 66.99 -20.20 -64.16
C VAL MA 103 67.34 -19.17 -63.07
N LYS MA 104 67.85 -18.01 -63.48
CA LYS MA 104 68.27 -16.99 -62.53
C LYS MA 104 67.11 -16.43 -61.73
N ASN MA 105 65.92 -16.38 -62.31
CA ASN MA 105 64.77 -15.76 -61.69
C ASN MA 105 63.83 -16.77 -61.02
N THR MA 106 64.26 -18.01 -60.89
CA THR MA 106 63.45 -19.06 -60.28
C THR MA 106 64.09 -19.49 -58.96
N GLU MA 107 63.28 -19.51 -57.90
CA GLU MA 107 63.76 -19.93 -56.58
C GLU MA 107 63.83 -21.46 -56.53
N THR MA 108 64.83 -21.99 -57.24
CA THR MA 108 65.07 -23.43 -57.22
C THR MA 108 65.54 -23.86 -55.83
N GLY MA 109 65.22 -25.09 -55.47
CA GLY MA 109 65.52 -25.57 -54.13
C GLY MA 109 64.85 -26.91 -53.86
N ALA MA 110 64.59 -27.16 -52.59
CA ALA MA 110 63.97 -28.43 -52.19
C ALA MA 110 62.60 -28.60 -52.84
N ARG MA 111 61.84 -27.51 -52.97
CA ARG MA 111 60.47 -27.57 -53.46
C ARG MA 111 60.32 -27.26 -54.94
N LEU MA 112 61.39 -26.84 -55.63
CA LEU MA 112 61.28 -26.37 -57.01
C LEU MA 112 62.51 -26.81 -57.78
N LYS MA 113 62.29 -27.62 -58.82
CA LYS MA 113 63.38 -28.14 -59.64
C LYS MA 113 63.12 -27.83 -61.11
N LEU MA 114 64.19 -27.49 -61.82
CA LEU MA 114 64.17 -27.36 -63.27
C LEU MA 114 65.03 -28.45 -63.86
N ARG MA 115 64.49 -29.19 -64.83
CA ARG MA 115 65.20 -30.27 -65.50
C ARG MA 115 65.17 -30.02 -67.01
N LEU MA 116 66.32 -30.21 -67.66
CA LEU MA 116 66.51 -29.76 -69.03
C LEU MA 116 66.84 -30.94 -69.92
N LEU MA 117 66.10 -31.06 -71.04
CA LEU MA 117 66.37 -32.05 -72.06
C LEU MA 117 66.77 -31.34 -73.34
N ASN MA 118 68.00 -31.55 -73.78
CA ASN MA 118 68.54 -30.90 -74.97
C ASN MA 118 68.14 -31.73 -76.20
N VAL MA 119 67.23 -31.19 -77.00
CA VAL MA 119 66.67 -31.94 -78.13
C VAL MA 119 66.09 -30.94 -79.12
N THR MA 120 66.23 -31.25 -80.41
CA THR MA 120 65.70 -30.39 -81.46
C THR MA 120 64.25 -30.78 -81.78
N GLN MA 121 63.58 -29.89 -82.50
CA GLN MA 121 62.20 -30.13 -82.90
C GLN MA 121 62.09 -31.36 -83.80
N LYS MA 122 63.02 -31.49 -84.75
CA LYS MA 122 62.99 -32.63 -85.65
C LYS MA 122 63.24 -33.94 -84.91
N GLU MA 123 64.15 -33.94 -83.94
CA GLU MA 123 64.40 -35.14 -83.16
C GLU MA 123 63.14 -35.56 -82.38
N LEU MA 124 62.44 -34.60 -81.78
CA LEU MA 124 61.20 -34.92 -81.09
C LEU MA 124 60.17 -35.49 -82.05
N LEU MA 125 60.03 -34.88 -83.22
CA LEU MA 125 59.10 -35.38 -84.22
C LEU MA 125 59.43 -36.82 -84.60
N ILE MA 126 60.71 -37.10 -84.84
CA ILE MA 126 61.11 -38.45 -85.25
C ILE MA 126 60.86 -39.44 -84.13
N ASP MA 127 61.23 -39.09 -82.90
CA ASP MA 127 61.03 -40.01 -81.77
C ASP MA 127 59.55 -40.31 -81.59
N LEU MA 128 58.69 -39.31 -81.71
CA LEU MA 128 57.26 -39.53 -81.47
C LEU MA 128 56.61 -40.27 -82.63
N GLU MA 129 57.01 -39.99 -83.87
CA GLU MA 129 56.38 -40.63 -85.01
C GLU MA 129 56.83 -42.08 -85.19
N LYS MA 130 58.11 -42.36 -84.91
CA LYS MA 130 58.67 -43.68 -85.20
C LYS MA 130 58.46 -44.68 -84.08
N ALA MA 131 57.94 -44.26 -82.93
CA ALA MA 131 57.71 -45.19 -81.84
C ALA MA 131 56.75 -46.29 -82.27
N VAL MA 132 57.07 -47.53 -81.89
CA VAL MA 132 56.22 -48.66 -82.27
C VAL MA 132 54.84 -48.52 -81.65
N GLU MA 133 54.78 -48.00 -80.41
CA GLU MA 133 53.52 -47.72 -79.73
C GLU MA 133 53.66 -46.39 -79.01
N PHE MA 134 52.52 -45.82 -78.61
CA PHE MA 134 52.54 -44.49 -78.02
C PHE MA 134 53.35 -44.42 -76.73
N ASP MA 135 53.42 -45.53 -75.99
CA ASP MA 135 54.15 -45.55 -74.73
C ASP MA 135 55.59 -45.99 -74.87
N GLN MA 136 56.09 -46.13 -76.10
CA GLN MA 136 57.44 -46.60 -76.34
C GLN MA 136 58.40 -45.48 -76.74
N SER MA 137 57.90 -44.29 -77.04
CA SER MA 137 58.76 -43.19 -77.42
C SER MA 137 59.67 -42.78 -76.27
N ALA MA 138 60.84 -42.26 -76.61
CA ALA MA 138 61.77 -41.80 -75.58
C ALA MA 138 61.14 -40.72 -74.72
N LEU MA 139 60.36 -39.83 -75.35
CA LEU MA 139 59.70 -38.79 -74.58
C LEU MA 139 58.70 -39.37 -73.59
N PHE MA 140 57.91 -40.36 -74.02
CA PHE MA 140 56.97 -40.97 -73.09
C PHE MA 140 57.70 -41.63 -71.93
N LYS MA 141 58.75 -42.40 -72.22
CA LYS MA 141 59.50 -43.03 -71.15
C LYS MA 141 60.00 -41.98 -70.17
N LYS MA 142 60.72 -40.97 -70.66
CA LYS MA 142 61.38 -40.01 -69.79
C LYS MA 142 60.38 -39.16 -69.01
N ILE MA 143 59.26 -38.79 -69.60
CA ILE MA 143 58.32 -37.90 -68.94
C ILE MA 143 57.32 -38.66 -68.08
N TYR MA 144 56.69 -39.70 -68.62
CA TYR MA 144 55.70 -40.46 -67.87
C TYR MA 144 56.37 -41.53 -66.99
N GLU MA 145 57.07 -42.48 -67.61
CA GLU MA 145 57.42 -43.70 -66.89
C GLU MA 145 58.45 -43.42 -65.81
N GLU MA 146 59.47 -42.62 -66.12
CA GLU MA 146 60.59 -42.48 -65.22
C GLU MA 146 60.26 -41.64 -63.98
N GLU MA 147 59.28 -40.76 -64.07
CA GLU MA 147 58.91 -39.94 -62.92
C GLU MA 147 57.48 -40.21 -62.44
N TYR MA 148 56.47 -39.96 -63.28
CA TYR MA 148 55.10 -40.13 -62.84
C TYR MA 148 54.78 -41.60 -62.58
N GLY MA 149 55.29 -42.49 -63.41
CA GLY MA 149 54.96 -43.89 -63.31
C GLY MA 149 55.96 -44.77 -62.59
N THR MA 150 56.82 -44.18 -61.76
CA THR MA 150 57.83 -44.93 -61.02
C THR MA 150 57.74 -44.62 -59.53
N PHE MA 151 57.86 -45.67 -58.71
CA PHE MA 151 57.90 -45.54 -57.26
C PHE MA 151 59.04 -44.60 -56.86
N GLY MA 152 58.70 -43.56 -56.10
CA GLY MA 152 59.68 -42.58 -55.67
C GLY MA 152 59.94 -41.45 -56.65
N GLY MA 153 59.30 -41.45 -57.82
CA GLY MA 153 59.50 -40.37 -58.77
C GLY MA 153 58.82 -39.08 -58.34
N HIS MA 154 59.37 -37.97 -58.84
CA HIS MA 154 58.76 -36.64 -58.68
C HIS MA 154 58.16 -36.25 -60.02
N PRO MA 155 56.84 -36.34 -60.18
CA PRO MA 155 56.25 -36.13 -61.51
C PRO MA 155 56.54 -34.74 -62.05
N PHE MA 156 56.77 -34.67 -63.35
CA PHE MA 156 56.89 -33.38 -64.02
C PHE MA 156 55.59 -32.59 -63.86
N SER MA 157 55.68 -31.43 -63.24
CA SER MA 157 54.51 -30.58 -63.06
C SER MA 157 54.11 -29.89 -64.35
N LEU MA 158 55.09 -29.53 -65.17
CA LEU MA 158 54.86 -28.71 -66.35
C LEU MA 158 56.00 -28.95 -67.33
N LEU MA 159 55.71 -28.76 -68.61
CA LEU MA 159 56.69 -28.85 -69.67
C LEU MA 159 56.70 -27.55 -70.46
N VAL MA 160 57.88 -27.00 -70.71
CA VAL MA 160 58.03 -25.82 -71.54
C VAL MA 160 58.87 -26.20 -72.75
N GLY MA 161 58.35 -25.91 -73.93
CA GLY MA 161 59.06 -26.18 -75.16
C GLY MA 161 59.52 -24.91 -75.84
N ASP MA 162 60.83 -24.73 -75.95
CA ASP MA 162 61.40 -23.58 -76.65
C ASP MA 162 61.35 -23.83 -78.16
N TYR MA 163 60.13 -23.92 -78.67
CA TYR MA 163 59.90 -24.12 -80.10
C TYR MA 163 58.70 -23.29 -80.51
N SER MA 164 58.66 -22.96 -81.81
CA SER MA 164 57.51 -22.28 -82.40
C SER MA 164 56.79 -23.26 -83.32
N PHE MA 165 55.47 -23.20 -83.31
CA PHE MA 165 54.64 -24.13 -84.06
C PHE MA 165 53.82 -23.37 -85.08
N GLY MA 166 54.00 -23.72 -86.35
CA GLY MA 166 53.28 -23.10 -87.44
C GLY MA 166 52.11 -23.93 -87.90
N ARG MA 167 51.64 -23.64 -89.11
CA ARG MA 167 50.50 -24.34 -89.68
C ARG MA 167 50.89 -25.59 -90.45
N HIS MA 168 52.19 -25.87 -90.58
CA HIS MA 168 52.62 -27.00 -91.40
C HIS MA 168 52.13 -28.30 -90.79
N PRO MA 169 51.82 -29.30 -91.64
CA PRO MA 169 51.27 -30.56 -91.12
C PRO MA 169 52.17 -31.26 -90.12
N GLN MA 170 53.49 -31.21 -90.32
CA GLN MA 170 54.39 -31.83 -89.35
C GLN MA 170 54.40 -31.07 -88.02
N ASP MA 171 54.23 -29.74 -88.06
CA ASP MA 171 54.14 -28.97 -86.83
C ASP MA 171 52.91 -29.36 -86.02
N ILE MA 172 51.75 -29.46 -86.67
CA ILE MA 172 50.52 -29.84 -85.98
C ILE MA 172 50.59 -31.29 -85.52
N GLY MA 173 51.18 -32.17 -86.33
CA GLY MA 173 51.34 -33.55 -85.91
C GLY MA 173 52.22 -33.68 -84.68
N LEU MA 174 53.33 -32.95 -84.65
CA LEU MA 174 54.18 -32.93 -83.47
C LEU MA 174 53.43 -32.38 -82.26
N LEU MA 175 52.66 -31.31 -82.46
CA LEU MA 175 51.86 -30.77 -81.37
C LEU MA 175 50.89 -31.81 -80.82
N GLU MA 176 50.28 -32.60 -81.71
CA GLU MA 176 49.34 -33.62 -81.27
C GLU MA 176 50.03 -34.72 -80.46
N LYS MA 177 51.17 -35.21 -80.97
CA LYS MA 177 51.91 -36.24 -80.23
C LYS MA 177 52.38 -35.73 -78.87
N LEU MA 178 52.89 -34.49 -78.84
CA LEU MA 178 53.31 -33.88 -77.59
C LEU MA 178 52.14 -33.75 -76.63
N SER MA 179 50.97 -33.39 -77.15
CA SER MA 179 49.79 -33.28 -76.31
C SER MA 179 49.41 -34.63 -75.71
N ASN MA 180 49.56 -35.70 -76.49
CA ASN MA 180 49.27 -37.03 -75.96
C ASN MA 180 50.21 -37.37 -74.80
N VAL MA 181 51.50 -37.11 -74.98
CA VAL MA 181 52.45 -37.39 -73.91
C VAL MA 181 52.15 -36.52 -72.69
N ALA MA 182 51.85 -35.23 -72.91
CA ALA MA 182 51.55 -34.32 -71.82
C ALA MA 182 50.29 -34.76 -71.06
N ALA MA 183 49.26 -35.18 -71.79
CA ALA MA 183 48.03 -35.63 -71.15
C ALA MA 183 48.28 -36.89 -70.33
N ALA MA 184 49.06 -37.83 -70.86
CA ALA MA 184 49.30 -39.07 -70.14
C ALA MA 184 49.91 -38.81 -68.76
N ALA MA 185 50.91 -37.93 -68.70
CA ALA MA 185 51.60 -37.62 -67.47
C ALA MA 185 50.95 -36.50 -66.67
N HIS MA 186 49.85 -35.92 -67.15
CA HIS MA 186 49.24 -34.76 -66.52
C HIS MA 186 50.25 -33.62 -66.35
N ALA MA 187 50.98 -33.32 -67.41
CA ALA MA 187 52.03 -32.30 -67.38
C ALA MA 187 51.78 -31.34 -68.53
N PRO MA 188 51.06 -30.25 -68.28
CA PRO MA 188 50.73 -29.32 -69.38
C PRO MA 188 51.96 -28.79 -70.09
N PHE MA 189 51.86 -28.66 -71.40
CA PHE MA 189 52.96 -28.29 -72.27
C PHE MA 189 52.74 -26.86 -72.77
N ILE MA 190 53.81 -26.06 -72.73
CA ILE MA 190 53.75 -24.66 -73.13
C ILE MA 190 54.82 -24.41 -74.19
N ALA MA 191 54.42 -23.80 -75.30
CA ALA MA 191 55.35 -23.45 -76.37
C ALA MA 191 54.89 -22.14 -77.01
N ALA MA 192 55.45 -21.81 -78.16
CA ALA MA 192 55.18 -20.55 -78.83
C ALA MA 192 54.44 -20.79 -80.14
N ALA MA 193 53.53 -19.87 -80.47
CA ALA MA 193 52.87 -19.86 -81.76
C ALA MA 193 53.76 -19.16 -82.77
N SER MA 194 53.99 -19.80 -83.92
CA SER MA 194 54.73 -19.17 -84.98
C SER MA 194 53.86 -18.13 -85.69
N PRO MA 195 54.45 -17.06 -86.21
CA PRO MA 195 53.68 -16.16 -87.07
C PRO MA 195 53.15 -16.83 -88.31
N ARG MA 196 53.81 -17.90 -88.77
CA ARG MA 196 53.29 -18.64 -89.92
C ARG MA 196 51.96 -19.30 -89.62
N LEU MA 197 51.65 -19.56 -88.36
CA LEU MA 197 50.32 -20.07 -88.01
C LEU MA 197 49.25 -19.07 -88.43
N PHE MA 198 49.54 -17.78 -88.37
CA PHE MA 198 48.63 -16.72 -88.76
C PHE MA 198 48.82 -16.27 -90.20
N ASP MA 199 49.60 -17.02 -90.98
CA ASP MA 199 49.98 -16.62 -92.34
C ASP MA 199 50.68 -15.26 -92.36
N MET MA 200 51.54 -15.03 -91.37
CA MET MA 200 52.30 -13.81 -91.24
C MET MA 200 53.79 -14.14 -91.26
N GLY MA 201 54.59 -13.24 -91.83
CA GLY MA 201 56.03 -13.39 -91.73
C GLY MA 201 56.57 -12.99 -90.38
N SER MA 202 55.87 -12.08 -89.70
CA SER MA 202 56.27 -11.61 -88.38
C SER MA 202 55.03 -11.14 -87.64
N PHE MA 203 55.11 -11.15 -86.32
CA PHE MA 203 53.99 -10.68 -85.52
C PHE MA 203 53.87 -9.16 -85.52
N THR MA 204 54.78 -8.45 -86.21
CA THR MA 204 54.57 -7.03 -86.45
C THR MA 204 53.36 -6.77 -87.34
N GLU MA 205 52.88 -7.79 -88.06
CA GLU MA 205 51.69 -7.70 -88.89
C GLU MA 205 50.42 -8.10 -88.14
N LEU MA 206 50.50 -8.33 -86.83
CA LEU MA 206 49.36 -8.90 -86.10
C LEU MA 206 48.18 -7.94 -86.04
N ALA MA 207 48.43 -6.64 -86.04
CA ALA MA 207 47.33 -5.68 -85.99
C ALA MA 207 46.73 -5.40 -87.37
N VAL MA 208 47.30 -5.96 -88.44
CA VAL MA 208 46.86 -5.64 -89.80
C VAL MA 208 45.50 -6.26 -90.13
N PRO MA 209 45.29 -7.57 -89.98
CA PRO MA 209 44.01 -8.15 -90.40
C PRO MA 209 42.83 -7.53 -89.65
N ARG MA 210 41.73 -7.34 -90.37
CA ARG MA 210 40.52 -6.84 -89.73
C ARG MA 210 39.97 -7.85 -88.73
N ASP MA 211 39.92 -9.13 -89.11
CA ASP MA 211 39.32 -10.17 -88.29
C ASP MA 211 40.26 -11.37 -88.24
N LEU MA 212 40.78 -11.66 -87.05
CA LEU MA 212 41.71 -12.77 -86.88
C LEU MA 212 41.02 -14.12 -87.08
N ALA MA 213 39.77 -14.24 -86.62
CA ALA MA 213 39.07 -15.52 -86.72
C ALA MA 213 38.88 -15.94 -88.17
N LYS MA 214 38.76 -14.98 -89.08
CA LYS MA 214 38.66 -15.29 -90.50
C LYS MA 214 39.87 -16.07 -91.00
N ILE MA 215 41.06 -15.74 -90.49
CA ILE MA 215 42.28 -16.43 -90.89
C ILE MA 215 42.18 -17.92 -90.64
N PHE MA 216 41.62 -18.30 -89.49
CA PHE MA 216 41.61 -19.68 -89.06
C PHE MA 216 40.48 -20.49 -89.67
N GLU MA 217 39.74 -19.92 -90.62
CA GLU MA 217 38.81 -20.68 -91.44
C GLU MA 217 39.47 -21.30 -92.65
N SER MA 218 40.75 -21.03 -92.87
CA SER MA 218 41.42 -21.46 -94.08
C SER MA 218 41.52 -22.98 -94.15
N GLN MA 219 41.49 -23.50 -95.38
CA GLN MA 219 41.68 -24.93 -95.58
C GLN MA 219 43.04 -25.41 -95.11
N GLU MA 220 44.04 -24.53 -95.06
CA GLU MA 220 45.34 -24.93 -94.56
C GLU MA 220 45.35 -25.15 -93.06
N LEU MA 221 44.27 -24.80 -92.35
CA LEU MA 221 44.20 -24.95 -90.90
C LEU MA 221 43.17 -26.01 -90.48
N ILE MA 222 42.89 -26.96 -91.37
CA ILE MA 222 41.99 -28.06 -91.03
C ILE MA 222 42.59 -28.88 -89.89
N LYS MA 223 43.87 -29.23 -89.99
CA LYS MA 223 44.51 -30.03 -88.96
C LYS MA 223 44.57 -29.29 -87.64
N TRP MA 224 44.84 -27.98 -87.68
CA TRP MA 224 44.87 -27.19 -86.46
C TRP MA 224 43.52 -27.16 -85.77
N ARG MA 225 42.44 -26.98 -86.54
CA ARG MA 225 41.10 -26.97 -85.95
C ARG MA 225 40.75 -28.33 -85.37
N ALA MA 226 41.12 -29.41 -86.07
CA ALA MA 226 40.92 -30.75 -85.53
C ALA MA 226 41.69 -30.95 -84.22
N PHE MA 227 42.94 -30.46 -84.17
CA PHE MA 227 43.72 -30.56 -82.94
C PHE MA 227 43.04 -29.80 -81.81
N ARG MA 228 42.55 -28.59 -82.09
CA ARG MA 228 41.81 -27.83 -81.07
C ARG MA 228 40.60 -28.61 -80.60
N GLU MA 229 39.99 -29.42 -81.46
CA GLU MA 229 38.84 -30.23 -81.05
C GLU MA 229 39.22 -31.38 -80.13
N SER MA 230 40.48 -31.81 -80.11
CA SER MA 230 40.86 -33.00 -79.38
C SER MA 230 40.84 -32.76 -77.87
N GLU MA 231 40.66 -33.85 -77.11
CA GLU MA 231 40.68 -33.74 -75.65
C GLU MA 231 42.06 -33.32 -75.14
N ASP MA 232 43.12 -33.94 -75.64
CA ASP MA 232 44.45 -33.72 -75.10
C ASP MA 232 45.03 -32.36 -75.45
N SER MA 233 44.37 -31.58 -76.31
CA SER MA 233 44.83 -30.22 -76.60
C SER MA 233 44.74 -29.30 -75.39
N ARG MA 234 43.97 -29.66 -74.37
CA ARG MA 234 43.95 -28.85 -73.16
C ARG MA 234 45.27 -28.88 -72.41
N TYR MA 235 46.18 -29.78 -72.79
CA TYR MA 235 47.52 -29.84 -72.22
C TYR MA 235 48.56 -29.12 -73.07
N VAL MA 236 48.11 -28.32 -74.04
CA VAL MA 236 49.00 -27.52 -74.88
C VAL MA 236 48.53 -26.07 -74.82
N SER MA 237 49.44 -25.16 -74.50
CA SER MA 237 49.19 -23.73 -74.56
C SER MA 237 50.24 -23.11 -75.48
N LEU MA 238 49.80 -22.15 -76.29
CA LEU MA 238 50.69 -21.47 -77.22
C LEU MA 238 50.70 -19.98 -76.90
N VAL MA 239 51.91 -19.44 -76.73
CA VAL MA 239 52.10 -18.05 -76.34
C VAL MA 239 52.61 -17.25 -77.53
N LEU MA 240 52.24 -15.98 -77.57
CA LEU MA 240 52.70 -15.06 -78.61
C LEU MA 240 52.61 -13.65 -78.05
N PRO MA 241 53.33 -12.68 -78.63
CA PRO MA 241 54.40 -12.81 -79.63
C PRO MA 241 55.76 -12.94 -78.96
N HIS MA 242 56.85 -12.69 -79.67
CA HIS MA 242 58.18 -12.77 -79.07
C HIS MA 242 58.42 -11.60 -78.12
N VAL MA 243 59.33 -11.82 -77.16
CA VAL MA 243 59.66 -10.83 -76.15
C VAL MA 243 61.13 -10.45 -76.29
N LEU MA 244 61.39 -9.15 -76.20
CA LEU MA 244 62.74 -8.64 -76.36
C LEU MA 244 63.61 -9.08 -75.19
N LEU MA 245 64.75 -9.68 -75.49
CA LEU MA 245 65.69 -10.09 -74.45
C LEU MA 245 66.78 -9.04 -74.30
N ALA MA 271 64.76 -7.64 -87.26
CA ALA MA 271 65.35 -8.90 -86.86
C ALA MA 271 66.73 -8.69 -86.24
N ARG MA 272 67.11 -7.42 -86.10
CA ARG MA 272 68.38 -7.10 -85.46
C ARG MA 272 68.31 -7.11 -83.94
N TYR MA 273 67.11 -7.18 -83.37
CA TYR MA 273 66.94 -7.29 -81.93
C TYR MA 273 66.87 -8.76 -81.53
N LEU MA 274 67.34 -9.05 -80.31
CA LEU MA 274 67.34 -10.42 -79.82
C LEU MA 274 65.96 -10.76 -79.29
N TRP MA 275 65.15 -11.41 -80.14
CA TRP MA 275 63.80 -11.79 -79.78
C TRP MA 275 63.78 -13.20 -79.22
N GLY MA 276 63.13 -13.37 -78.06
CA GLY MA 276 63.05 -14.64 -77.39
C GLY MA 276 61.64 -15.20 -77.38
N ASN MA 277 61.56 -16.47 -77.02
CA ASN MA 277 60.28 -17.14 -76.85
C ASN MA 277 59.58 -16.64 -75.60
N ALA MA 278 58.32 -16.24 -75.74
CA ALA MA 278 57.57 -15.77 -74.58
C ALA MA 278 57.16 -16.91 -73.64
N ALA MA 279 57.33 -18.16 -74.07
CA ALA MA 279 57.11 -19.29 -73.18
C ALA MA 279 58.02 -19.22 -71.96
N TRP MA 280 59.25 -18.70 -72.14
CA TRP MA 280 60.13 -18.49 -71.00
C TRP MA 280 59.50 -17.55 -69.97
N ALA MA 281 58.93 -16.44 -70.45
CA ALA MA 281 58.30 -15.48 -69.55
C ALA MA 281 57.09 -16.07 -68.84
N LEU MA 282 56.25 -16.82 -69.57
CA LEU MA 282 55.10 -17.45 -68.92
C LEU MA 282 55.53 -18.48 -67.90
N THR MA 283 56.55 -19.28 -68.24
CA THR MA 283 57.11 -20.24 -67.29
C THR MA 283 57.62 -19.55 -66.05
N GLN MA 284 58.26 -18.39 -66.22
CA GLN MA 284 58.74 -17.63 -65.07
C GLN MA 284 57.58 -17.17 -64.19
N ARG MA 285 56.49 -16.73 -64.80
CA ARG MA 285 55.29 -16.40 -64.03
C ARG MA 285 54.82 -17.60 -63.21
N ILE MA 286 54.83 -18.78 -63.83
CA ILE MA 286 54.38 -20.00 -63.15
C ILE MA 286 55.29 -20.33 -61.97
N THR MA 287 56.61 -20.25 -62.17
CA THR MA 287 57.53 -20.62 -61.11
C THR MA 287 57.50 -19.60 -59.97
N GLU MA 288 57.34 -18.31 -60.30
CA GLU MA 288 57.17 -17.31 -59.26
C GLU MA 288 55.89 -17.56 -58.45
N ALA MA 289 54.80 -17.89 -59.15
CA ALA MA 289 53.55 -18.19 -58.44
C ALA MA 289 53.73 -19.37 -57.50
N PHE MA 290 54.38 -20.43 -57.96
CA PHE MA 290 54.62 -21.57 -57.07
C PHE MA 290 55.48 -21.19 -55.89
N ALA MA 291 56.57 -20.44 -56.14
CA ALA MA 291 57.47 -20.08 -55.04
C ALA MA 291 56.75 -19.25 -54.00
N ARG MA 292 55.91 -18.31 -54.42
CA ARG MA 292 55.25 -17.43 -53.47
C ARG MA 292 54.04 -18.07 -52.80
N TYR MA 293 53.32 -18.95 -53.50
CA TYR MA 293 52.03 -19.43 -53.04
C TYR MA 293 51.89 -20.95 -52.97
N GLY MA 294 52.80 -21.71 -53.58
CA GLY MA 294 52.67 -23.15 -53.60
C GLY MA 294 51.72 -23.69 -54.65
N TRP MA 295 51.09 -22.84 -55.43
CA TRP MA 295 50.18 -23.23 -56.51
C TRP MA 295 50.33 -22.24 -57.65
N CYS MA 296 49.96 -22.68 -58.84
CA CYS MA 296 50.28 -21.97 -60.08
C CYS MA 296 49.06 -21.34 -60.74
N ALA MA 297 48.02 -21.03 -59.97
CA ALA MA 297 46.84 -20.40 -60.57
C ALA MA 297 47.08 -18.92 -60.88
N ALA MA 298 47.81 -18.22 -60.01
CA ALA MA 298 47.95 -16.77 -60.11
C ALA MA 298 49.02 -16.42 -61.13
N ILE MA 299 48.69 -16.58 -62.40
CA ILE MA 299 49.65 -16.34 -63.48
C ILE MA 299 49.09 -15.45 -64.58
N ARG MA 300 48.10 -14.61 -64.26
CA ARG MA 300 47.52 -13.78 -65.31
C ARG MA 300 47.03 -12.46 -64.74
N GLY MA 301 47.09 -11.42 -65.56
CA GLY MA 301 46.56 -10.13 -65.20
C GLY MA 301 47.58 -9.20 -64.56
N VAL MA 302 47.19 -7.94 -64.47
CA VAL MA 302 48.06 -6.92 -63.88
C VAL MA 302 48.33 -7.25 -62.41
N GLU MA 303 47.29 -7.62 -61.67
CA GLU MA 303 47.39 -7.89 -60.25
C GLU MA 303 47.26 -9.37 -59.90
N GLY MA 304 46.96 -10.23 -60.87
CA GLY MA 304 46.80 -11.64 -60.64
C GLY MA 304 48.01 -12.50 -60.95
N GLY MA 305 49.18 -11.91 -61.18
CA GLY MA 305 50.38 -12.67 -61.41
C GLY MA 305 50.84 -12.78 -62.85
N GLY MA 306 50.20 -12.07 -63.78
CA GLY MA 306 50.59 -12.09 -65.17
C GLY MA 306 51.56 -11.01 -65.62
N ALA MA 307 52.07 -10.19 -64.71
CA ALA MA 307 52.91 -9.07 -65.08
C ALA MA 307 54.35 -9.51 -65.33
N VAL MA 308 54.87 -9.19 -66.50
CA VAL MA 308 56.27 -9.39 -66.85
C VAL MA 308 56.94 -8.03 -66.82
N GLU MA 309 57.75 -7.78 -65.79
CA GLU MA 309 58.32 -6.48 -65.54
C GLU MA 309 59.79 -6.42 -65.95
N GLY MA 310 60.30 -5.19 -66.04
CA GLY MA 310 61.71 -4.98 -66.31
C GLY MA 310 62.14 -5.25 -67.73
N LEU MA 311 61.23 -5.15 -68.69
CA LEU MA 311 61.57 -5.39 -70.08
C LEU MA 311 62.49 -4.29 -70.62
N PRO MA 312 63.31 -4.59 -71.62
CA PRO MA 312 64.14 -3.55 -72.23
C PRO MA 312 63.29 -2.48 -72.89
N ALA MA 313 63.56 -1.22 -72.55
CA ALA MA 313 62.84 -0.08 -73.09
C ALA MA 313 63.81 0.75 -73.93
N HIS MA 314 63.92 0.41 -75.20
CA HIS MA 314 64.84 1.11 -76.10
C HIS MA 314 64.24 2.40 -76.62
N LYS MA 326 59.78 1.83 -78.75
CA LYS MA 326 59.74 0.51 -79.37
C LYS MA 326 59.09 -0.52 -78.46
N CYS MA 327 58.12 -1.26 -78.98
CA CYS MA 327 57.43 -2.28 -78.19
C CYS MA 327 58.40 -3.39 -77.82
N PRO MA 328 58.57 -3.72 -76.53
CA PRO MA 328 59.39 -4.87 -76.16
C PRO MA 328 58.75 -6.21 -76.47
N THR MA 329 57.54 -6.23 -77.02
CA THR MA 329 56.81 -7.46 -77.36
C THR MA 329 56.43 -7.52 -78.82
N GLU MA 330 57.21 -6.84 -79.68
CA GLU MA 330 57.10 -6.86 -81.14
C GLU MA 330 55.90 -6.14 -81.72
N VAL MA 331 54.84 -5.94 -80.93
CA VAL MA 331 53.62 -5.36 -81.47
C VAL MA 331 52.67 -5.02 -80.33
N ALA MA 332 51.99 -3.90 -80.44
CA ALA MA 332 50.93 -3.57 -79.50
C ALA MA 332 49.72 -4.42 -79.79
N ILE MA 333 49.08 -4.93 -78.75
CA ILE MA 333 47.89 -5.76 -78.88
C ILE MA 333 46.77 -5.04 -78.13
N THR MA 334 45.77 -4.56 -78.86
CA THR MA 334 44.63 -3.91 -78.25
C THR MA 334 43.80 -4.91 -77.44
N ASP MA 335 42.93 -4.37 -76.59
CA ASP MA 335 42.05 -5.23 -75.79
C ASP MA 335 41.21 -6.14 -76.68
N ARG MA 336 40.64 -5.59 -77.75
CA ARG MA 336 39.83 -6.39 -78.66
C ARG MA 336 40.64 -7.50 -79.31
N ARG MA 337 41.87 -7.18 -79.74
CA ARG MA 337 42.72 -8.20 -80.37
C ARG MA 337 43.16 -9.25 -79.37
N GLU MA 338 43.44 -8.85 -78.13
CA GLU MA 338 43.75 -9.83 -77.10
C GLU MA 338 42.58 -10.79 -76.89
N LYS MA 339 41.36 -10.25 -76.85
CA LYS MA 339 40.19 -11.12 -76.68
C LYS MA 339 40.01 -12.06 -77.88
N GLU MA 340 40.23 -11.55 -79.09
CA GLU MA 340 40.20 -12.41 -80.28
C GLU MA 340 41.19 -13.56 -80.13
N LEU MA 341 42.44 -13.23 -79.80
CA LEU MA 341 43.47 -14.27 -79.69
C LEU MA 341 43.12 -15.28 -78.61
N ASP MA 342 42.60 -14.81 -77.48
CA ASP MA 342 42.16 -15.72 -76.43
C ASP MA 342 41.08 -16.67 -76.96
N ALA MA 343 40.13 -16.15 -77.73
CA ALA MA 343 39.08 -17.00 -78.28
C ALA MA 343 39.64 -18.01 -79.27
N LEU MA 344 40.77 -17.71 -79.89
CA LEU MA 344 41.36 -18.59 -80.88
C LEU MA 344 42.33 -19.61 -80.28
N GLY MA 345 42.52 -19.60 -78.96
CA GLY MA 345 43.34 -20.60 -78.31
C GLY MA 345 44.78 -20.20 -78.06
N PHE MA 346 45.05 -18.93 -77.83
CA PHE MA 346 46.40 -18.44 -77.62
C PHE MA 346 46.47 -17.62 -76.34
N ILE MA 347 47.67 -17.55 -75.77
CA ILE MA 347 47.96 -16.69 -74.63
C ILE MA 347 48.85 -15.55 -75.16
N ALA MA 348 48.32 -14.34 -75.14
CA ALA MA 348 49.02 -13.19 -75.72
C ALA MA 348 49.69 -12.35 -74.63
N LEU MA 349 50.90 -11.89 -74.92
CA LEU MA 349 51.62 -10.98 -74.06
C LEU MA 349 51.38 -9.55 -74.54
N CYS MA 350 50.82 -8.71 -73.68
CA CYS MA 350 50.34 -7.38 -74.05
C CYS MA 350 51.19 -6.31 -73.37
N HIS MA 351 51.92 -5.55 -74.18
CA HIS MA 351 52.75 -4.47 -73.67
C HIS MA 351 51.89 -3.32 -73.16
N LYS MA 352 52.19 -2.84 -71.95
CA LYS MA 352 51.58 -1.62 -71.45
C LYS MA 352 52.26 -0.43 -72.12
N LYS MA 353 51.47 0.39 -72.79
CA LYS MA 353 52.01 1.52 -73.53
C LYS MA 353 52.81 2.45 -72.61
N ASN MA 354 53.95 2.93 -73.11
CA ASN MA 354 54.79 3.89 -72.40
C ASN MA 354 55.32 3.31 -71.09
N SER MA 355 55.75 2.05 -71.13
CA SER MA 355 56.23 1.38 -69.93
C SER MA 355 57.19 0.27 -70.32
N ASP MA 356 57.85 -0.30 -69.32
CA ASP MA 356 58.71 -1.47 -69.50
C ASP MA 356 58.03 -2.74 -69.00
N LEU MA 357 56.73 -2.85 -69.19
CA LEU MA 357 55.91 -3.89 -68.60
C LEU MA 357 54.98 -4.48 -69.65
N ALA MA 358 54.77 -5.79 -69.57
CA ALA MA 358 53.79 -6.48 -70.38
C ALA MA 358 53.05 -7.48 -69.50
N VAL MA 359 51.83 -7.84 -69.90
CA VAL MA 359 50.95 -8.66 -69.07
C VAL MA 359 50.32 -9.76 -69.91
N PHE MA 360 50.31 -10.98 -69.36
CA PHE MA 360 49.46 -12.06 -69.86
C PHE MA 360 48.07 -11.85 -69.28
N PHE MA 361 47.15 -11.31 -70.08
CA PHE MA 361 45.79 -11.14 -69.58
C PHE MA 361 45.03 -12.45 -69.58
N GLY MA 362 45.17 -13.25 -70.63
CA GLY MA 362 44.47 -14.51 -70.73
C GLY MA 362 45.36 -15.68 -70.34
N SER MA 363 44.72 -16.82 -70.09
CA SER MA 363 45.45 -18.05 -69.78
C SER MA 363 44.74 -19.25 -70.41
N GLN MA 364 44.35 -19.10 -71.68
CA GLN MA 364 43.58 -20.12 -72.38
C GLN MA 364 44.51 -21.12 -73.06
N THR MA 365 44.25 -22.41 -72.86
CA THR MA 365 44.97 -23.44 -73.59
C THR MA 365 44.49 -23.47 -75.05
N THR MA 366 45.10 -24.35 -75.85
CA THR MA 366 44.65 -24.46 -77.24
C THR MA 366 43.33 -25.19 -77.38
N ASN MA 367 42.82 -25.81 -76.33
CA ASN MA 367 41.58 -26.56 -76.41
C ASN MA 367 40.40 -25.64 -76.71
N ARG MA 368 39.55 -26.06 -77.64
CA ARG MA 368 38.31 -25.35 -77.90
C ARG MA 368 37.18 -26.03 -77.16
N PRO MA 369 36.60 -25.43 -76.14
CA PRO MA 369 35.57 -26.13 -75.36
C PRO MA 369 34.36 -26.47 -76.21
N ARG MA 370 33.81 -27.65 -75.96
CA ARG MA 370 32.55 -28.03 -76.60
C ARG MA 370 31.40 -27.23 -75.99
N VAL MA 371 30.33 -27.05 -76.78
CA VAL MA 371 29.17 -26.27 -76.38
C VAL MA 371 28.01 -27.24 -76.16
N TYR MA 372 27.33 -27.09 -75.04
CA TYR MA 372 26.28 -28.00 -74.61
C TYR MA 372 24.98 -27.24 -74.38
N ASN MA 373 23.92 -27.98 -74.04
CA ASN MA 373 22.61 -27.40 -73.80
C ASN MA 373 22.35 -27.10 -72.32
N THR MA 374 23.32 -27.29 -71.44
CA THR MA 374 23.15 -26.96 -70.04
C THR MA 374 24.24 -26.00 -69.59
N ASN MA 375 23.89 -25.11 -68.66
CA ASN MA 375 24.86 -24.15 -68.14
C ASN MA 375 26.02 -24.87 -67.46
N GLU MA 376 25.72 -25.91 -66.69
CA GLU MA 376 26.76 -26.62 -65.95
C GLU MA 376 27.79 -27.24 -66.88
N ALA MA 377 27.33 -27.91 -67.94
CA ALA MA 377 28.25 -28.54 -68.87
C ALA MA 377 29.10 -27.49 -69.58
N ASN MA 378 28.49 -26.38 -70.00
CA ASN MA 378 29.25 -25.32 -70.65
C ASN MA 378 30.30 -24.75 -69.72
N ALA MA 379 29.92 -24.47 -68.47
CA ALA MA 379 30.89 -23.93 -67.51
C ALA MA 379 32.03 -24.90 -67.28
N ASN MA 380 31.73 -26.18 -67.12
CA ASN MA 380 32.79 -27.15 -66.88
C ASN MA 380 33.70 -27.29 -68.09
N ALA MA 381 33.13 -27.29 -69.31
CA ALA MA 381 33.95 -27.36 -70.51
C ALA MA 381 34.87 -26.16 -70.63
N ARG MA 382 34.36 -24.96 -70.32
CA ARG MA 382 35.17 -23.75 -70.47
C ARG MA 382 36.35 -23.75 -69.50
N ILE MA 383 36.11 -24.06 -68.23
CA ILE MA 383 37.18 -23.99 -67.24
C ILE MA 383 38.19 -25.11 -67.43
N SER MA 384 37.78 -26.22 -68.03
CA SER MA 384 38.72 -27.30 -68.33
C SER MA 384 39.61 -26.99 -69.53
N ALA MA 385 39.44 -25.81 -70.13
CA ALA MA 385 40.33 -25.35 -71.19
C ALA MA 385 41.25 -24.23 -70.73
N MET MA 386 41.27 -23.91 -69.43
CA MET MA 386 42.06 -22.81 -68.91
C MET MA 386 43.33 -23.33 -68.24
N LEU MA 387 44.47 -22.75 -68.62
CA LEU MA 387 45.76 -23.21 -68.11
C LEU MA 387 45.86 -23.23 -66.58
N PRO MA 388 45.46 -22.18 -65.84
CA PRO MA 388 45.60 -22.26 -64.38
C PRO MA 388 44.87 -23.43 -63.75
N TYR MA 389 43.63 -23.66 -64.17
CA TYR MA 389 42.84 -24.74 -63.59
C TYR MA 389 43.37 -26.10 -64.03
N VAL MA 390 43.81 -26.22 -65.28
CA VAL MA 390 44.40 -27.48 -65.75
C VAL MA 390 45.67 -27.79 -64.97
N LEU MA 391 46.48 -26.77 -64.68
CA LEU MA 391 47.68 -26.96 -63.88
C LEU MA 391 47.33 -27.45 -62.48
N ALA MA 392 46.32 -26.85 -61.85
CA ALA MA 392 45.91 -27.31 -60.52
C ALA MA 392 45.41 -28.75 -60.55
N ALA MA 393 44.59 -29.09 -61.55
CA ALA MA 393 44.07 -30.45 -61.65
C ALA MA 393 45.19 -31.45 -61.88
N SER MA 394 46.20 -31.08 -62.68
CA SER MA 394 47.35 -31.95 -62.91
C SER MA 394 48.15 -32.16 -61.64
N ARG MA 395 48.34 -31.10 -60.85
CA ARG MA 395 49.02 -31.24 -59.56
C ARG MA 395 48.27 -32.23 -58.67
N PHE MA 396 46.95 -32.12 -58.63
CA PHE MA 396 46.18 -33.06 -57.82
C PHE MA 396 46.29 -34.48 -58.35
N ALA MA 397 46.38 -34.65 -59.68
CA ALA MA 397 46.62 -35.98 -60.22
C ALA MA 397 47.95 -36.55 -59.74
N HIS MA 398 48.99 -35.72 -59.72
CA HIS MA 398 50.31 -36.18 -59.25
C HIS MA 398 50.23 -36.60 -57.78
N TYR MA 399 49.60 -35.77 -56.96
CA TYR MA 399 49.47 -36.09 -55.55
C TYR MA 399 48.69 -37.37 -55.34
N LEU MA 400 47.58 -37.54 -56.08
CA LEU MA 400 46.77 -38.74 -55.95
C LEU MA 400 47.58 -39.98 -56.32
N LYS MA 401 48.32 -39.91 -57.43
CA LYS MA 401 49.18 -41.02 -57.82
C LYS MA 401 50.11 -41.41 -56.68
N VAL MA 402 50.81 -40.43 -56.11
CA VAL MA 402 51.83 -40.73 -55.11
C VAL MA 402 51.19 -41.31 -53.83
N ILE MA 403 50.16 -40.65 -53.31
CA ILE MA 403 49.62 -41.07 -52.02
C ILE MA 403 48.90 -42.42 -52.16
N MET MA 404 48.15 -42.62 -53.24
CA MET MA 404 47.47 -43.90 -53.41
C MET MA 404 48.46 -45.02 -53.70
N ARG MA 405 49.56 -44.75 -54.40
CA ARG MA 405 50.62 -45.74 -54.51
C ARG MA 405 51.11 -46.13 -53.13
N ASP MA 406 51.23 -45.16 -52.22
CA ASP MA 406 51.62 -45.50 -50.85
C ASP MA 406 50.58 -46.35 -50.14
N LYS MA 407 49.31 -46.22 -50.53
CA LYS MA 407 48.27 -46.97 -49.83
C LYS MA 407 47.99 -48.36 -50.41
N VAL MA 408 48.60 -48.73 -51.55
CA VAL MA 408 48.38 -50.05 -52.11
C VAL MA 408 48.90 -51.11 -51.14
N GLY MA 409 48.07 -52.12 -50.87
CA GLY MA 409 48.41 -53.20 -49.98
C GLY MA 409 47.91 -53.05 -48.56
N SER MA 410 47.54 -51.84 -48.15
CA SER MA 410 46.95 -51.64 -46.84
C SER MA 410 45.50 -52.13 -46.82
N PHE MA 411 45.02 -52.48 -45.62
CA PHE MA 411 43.63 -52.91 -45.45
C PHE MA 411 42.71 -51.71 -45.59
N MET MA 412 42.00 -51.62 -46.71
CA MET MA 412 41.15 -50.47 -46.99
C MET MA 412 39.85 -50.92 -47.63
N THR MA 413 38.74 -50.56 -47.02
CA THR MA 413 37.43 -50.68 -47.64
C THR MA 413 37.21 -49.49 -48.58
N ARG MA 414 36.08 -49.52 -49.29
CA ARG MA 414 35.70 -48.36 -50.11
C ARG MA 414 35.53 -47.12 -49.24
N ASP MA 415 34.89 -47.27 -48.09
CA ASP MA 415 34.69 -46.13 -47.20
C ASP MA 415 36.01 -45.61 -46.65
N ASN MA 416 36.95 -46.51 -46.35
CA ASN MA 416 38.27 -46.06 -45.88
C ASN MA 416 38.95 -45.19 -46.93
N VAL MA 417 38.90 -45.61 -48.19
CA VAL MA 417 39.51 -44.84 -49.27
C VAL MA 417 38.83 -43.48 -49.39
N GLN MA 418 37.50 -43.47 -49.36
CA GLN MA 418 36.77 -42.20 -49.51
C GLN MA 418 37.11 -41.25 -48.36
N THR MA 419 37.11 -41.76 -47.13
CA THR MA 419 37.41 -40.93 -45.98
C THR MA 419 38.83 -40.38 -46.06
N TYR MA 420 39.80 -41.22 -46.41
CA TYR MA 420 41.18 -40.77 -46.50
C TYR MA 420 41.33 -39.68 -47.56
N LEU MA 421 40.74 -39.88 -48.73
CA LEU MA 421 40.92 -38.91 -49.81
C LEU MA 421 40.22 -37.59 -49.50
N ASN MA 422 39.03 -37.64 -48.91
CA ASN MA 422 38.34 -36.40 -48.57
C ASN MA 422 39.04 -35.68 -47.43
N ASN MA 423 39.60 -36.42 -46.48
CA ASN MA 423 40.39 -35.81 -45.42
C ASN MA 423 41.64 -35.14 -45.97
N TRP MA 424 42.32 -35.81 -46.90
CA TRP MA 424 43.58 -35.29 -47.44
C TRP MA 424 43.36 -34.00 -48.22
N ILE MA 425 42.31 -33.95 -49.05
CA ILE MA 425 42.09 -32.80 -49.92
C ILE MA 425 41.52 -31.59 -49.20
N ALA MA 426 41.01 -31.76 -47.98
CA ALA MA 426 40.36 -30.65 -47.28
C ALA MA 426 41.32 -29.51 -46.99
N ASP MA 427 42.60 -29.80 -46.83
CA ASP MA 427 43.58 -28.77 -46.49
C ASP MA 427 43.79 -27.76 -47.60
N TYR MA 428 43.40 -28.07 -48.82
CA TYR MA 428 43.62 -27.20 -49.96
C TYR MA 428 42.39 -26.36 -50.32
N VAL MA 429 41.38 -26.36 -49.48
CA VAL MA 429 40.11 -25.72 -49.74
C VAL MA 429 40.02 -24.45 -48.90
N LEU MA 430 39.67 -23.34 -49.54
CA LEU MA 430 39.43 -22.07 -48.87
C LEU MA 430 38.00 -21.64 -49.14
N ILE MA 431 37.21 -21.50 -48.09
CA ILE MA 431 35.79 -21.19 -48.24
C ILE MA 431 35.54 -19.69 -48.38
N ASN MA 432 36.41 -18.86 -47.81
CA ASN MA 432 36.18 -17.42 -47.73
C ASN MA 432 36.43 -16.76 -49.08
N ASP MA 433 35.34 -16.34 -49.74
CA ASP MA 433 35.46 -15.66 -51.03
C ASP MA 433 35.79 -14.18 -50.89
N ASN MA 434 35.86 -13.66 -49.66
CA ASN MA 434 36.29 -12.29 -49.43
C ASN MA 434 37.77 -12.18 -49.10
N ALA MA 435 38.50 -13.29 -49.08
CA ALA MA 435 39.93 -13.25 -48.84
C ALA MA 435 40.64 -12.48 -49.95
N PRO MA 436 41.73 -11.79 -49.64
CA PRO MA 436 42.45 -11.04 -50.68
C PRO MA 436 43.06 -11.96 -51.73
N GLN MA 437 43.53 -11.33 -52.80
CA GLN MA 437 44.12 -12.07 -53.91
C GLN MA 437 45.26 -12.96 -53.46
N GLU MA 438 46.13 -12.45 -52.58
CA GLU MA 438 47.30 -13.20 -52.15
C GLU MA 438 46.91 -14.43 -51.34
N ILE MA 439 45.80 -14.38 -50.61
CA ILE MA 439 45.35 -15.56 -49.87
C ILE MA 439 44.72 -16.57 -50.83
N LYS MA 440 43.84 -16.11 -51.72
CA LYS MA 440 43.20 -17.03 -52.66
C LYS MA 440 44.23 -17.72 -53.54
N ALA MA 441 45.33 -17.05 -53.86
CA ALA MA 441 46.39 -17.66 -54.65
C ALA MA 441 46.98 -18.89 -53.98
N GLN MA 442 46.93 -18.98 -52.66
CA GLN MA 442 47.52 -20.08 -51.91
C GLN MA 442 46.62 -21.30 -51.78
N TYR MA 443 45.36 -21.21 -52.17
CA TYR MA 443 44.43 -22.33 -52.05
C TYR MA 443 43.79 -22.61 -53.39
N PRO MA 444 44.11 -23.74 -54.03
CA PRO MA 444 43.57 -23.99 -55.38
C PRO MA 444 42.07 -24.25 -55.43
N LEU MA 445 41.44 -24.57 -54.30
CA LEU MA 445 40.06 -25.04 -54.31
C LEU MA 445 39.16 -24.14 -53.48
N ARG MA 446 37.95 -23.93 -53.97
CA ARG MA 446 36.86 -23.40 -53.16
C ARG MA 446 35.93 -24.49 -52.66
N GLU MA 447 35.92 -25.64 -53.31
CA GLU MA 447 35.10 -26.79 -52.93
C GLU MA 447 35.73 -28.03 -53.54
N ALA MA 448 35.59 -29.16 -52.86
CA ALA MA 448 36.09 -30.42 -53.40
C ALA MA 448 35.32 -31.57 -52.76
N ARG MA 449 35.19 -32.67 -53.51
CA ARG MA 449 34.59 -33.89 -52.97
C ARG MA 449 35.10 -35.07 -53.77
N VAL MA 450 35.37 -36.16 -53.06
CA VAL MA 450 35.81 -37.41 -53.67
C VAL MA 450 34.75 -38.47 -53.43
N ASP MA 451 34.28 -39.10 -54.51
CA ASP MA 451 33.31 -40.19 -54.43
C ASP MA 451 34.00 -41.47 -54.85
N VAL MA 452 33.90 -42.51 -54.01
CA VAL MA 452 34.55 -43.79 -54.27
C VAL MA 452 33.50 -44.88 -54.34
N SER MA 453 33.65 -45.78 -55.31
CA SER MA 453 32.74 -46.90 -55.50
C SER MA 453 33.54 -48.18 -55.66
N GLU MA 454 32.90 -49.30 -55.33
CA GLU MA 454 33.53 -50.61 -55.49
C GLU MA 454 33.35 -51.12 -56.92
N VAL MA 455 34.21 -52.05 -57.30
CA VAL MA 455 34.10 -52.76 -58.57
C VAL MA 455 33.62 -54.16 -58.27
N VAL MA 456 32.44 -54.51 -58.79
CA VAL MA 456 31.83 -55.79 -58.45
C VAL MA 456 32.73 -56.93 -58.89
N GLY MA 457 32.86 -57.92 -58.01
CA GLY MA 457 33.64 -59.10 -58.30
C GLY MA 457 35.13 -58.95 -58.10
N LYS MA 458 35.62 -57.79 -57.68
CA LYS MA 458 37.05 -57.54 -57.52
C LYS MA 458 37.31 -56.91 -56.15
N PRO MA 459 37.53 -57.72 -55.12
CA PRO MA 459 37.84 -57.17 -53.80
C PRO MA 459 39.09 -56.31 -53.85
N GLY MA 460 39.04 -55.18 -53.14
CA GLY MA 460 40.16 -54.25 -53.10
C GLY MA 460 40.37 -53.41 -54.34
N VAL MA 461 39.44 -53.42 -55.29
CA VAL MA 461 39.53 -52.63 -56.51
C VAL MA 461 38.44 -51.56 -56.47
N TYR MA 462 38.82 -50.30 -56.69
CA TYR MA 462 37.90 -49.18 -56.50
C TYR MA 462 38.03 -48.18 -57.65
N ARG MA 463 36.97 -47.42 -57.85
CA ARG MA 463 36.95 -46.29 -58.77
C ARG MA 463 36.56 -45.04 -58.00
N ALA MA 464 37.17 -43.91 -58.34
CA ALA MA 464 36.91 -42.66 -57.66
C ALA MA 464 36.65 -41.55 -58.68
N THR MA 465 35.84 -40.60 -58.28
CA THR MA 465 35.66 -39.35 -59.01
C THR MA 465 36.04 -38.21 -58.08
N VAL MA 466 36.95 -37.36 -58.53
CA VAL MA 466 37.46 -36.25 -57.74
C VAL MA 466 36.92 -34.96 -58.38
N PHE MA 467 36.01 -34.29 -57.66
CA PHE MA 467 35.43 -33.04 -58.13
C PHE MA 467 36.22 -31.89 -57.52
N LEU MA 468 36.73 -30.99 -58.36
CA LEU MA 468 37.52 -29.86 -57.94
C LEU MA 468 36.85 -28.58 -58.40
N ARG MA 469 36.45 -27.73 -57.47
CA ARG MA 469 35.88 -26.43 -57.80
C ARG MA 469 36.88 -25.34 -57.46
N PRO MA 470 37.57 -24.76 -58.44
CA PRO MA 470 38.59 -23.76 -58.14
C PRO MA 470 37.97 -22.41 -57.82
N HIS MA 471 38.83 -21.50 -57.35
CA HIS MA 471 38.48 -20.08 -57.30
C HIS MA 471 38.60 -19.50 -58.70
N PHE MA 472 37.54 -18.85 -59.17
CA PHE MA 472 37.47 -18.42 -60.56
C PHE MA 472 38.00 -17.00 -60.73
N GLN MA 473 38.74 -16.80 -61.81
CA GLN MA 473 39.36 -15.53 -62.12
C GLN MA 473 38.49 -14.72 -63.07
N LEU MA 474 38.54 -13.40 -62.92
CA LEU MA 474 37.72 -12.53 -63.74
C LEU MA 474 38.13 -12.61 -65.20
N GLU MA 475 37.15 -12.81 -66.08
CA GLU MA 475 37.39 -12.94 -67.51
C GLU MA 475 36.84 -11.77 -68.32
N GLU MA 476 35.60 -11.36 -68.07
CA GLU MA 476 34.94 -10.35 -68.87
C GLU MA 476 33.97 -9.56 -67.99
N LEU MA 477 33.72 -8.32 -68.40
CA LEU MA 477 32.71 -7.49 -67.75
C LEU MA 477 32.04 -6.63 -68.80
N THR MA 478 30.72 -6.70 -68.88
CA THR MA 478 29.93 -5.83 -69.74
C THR MA 478 29.16 -4.88 -68.83
N ALA MA 479 29.37 -3.58 -69.02
CA ALA MA 479 28.82 -2.57 -68.14
C ALA MA 479 27.95 -1.59 -68.92
N SER MA 480 26.84 -1.19 -68.31
CA SER MA 480 25.96 -0.17 -68.86
C SER MA 480 25.93 1.00 -67.87
N ILE MA 481 26.37 2.16 -68.33
CA ILE MA 481 26.35 3.38 -67.51
C ILE MA 481 25.07 4.14 -67.82
N ARG MA 482 24.39 4.60 -66.78
CA ARG MA 482 23.09 5.25 -66.93
C ARG MA 482 22.98 6.43 -65.98
N LEU MA 483 22.79 7.63 -66.54
CA LEU MA 483 22.46 8.81 -65.74
C LEU MA 483 21.01 8.74 -65.34
N VAL MA 484 20.72 8.97 -64.06
CA VAL MA 484 19.36 8.90 -63.55
C VAL MA 484 19.09 10.09 -62.63
N ALA MA 485 17.86 10.58 -62.65
CA ALA MA 485 17.44 11.58 -61.67
C ALA MA 485 17.16 10.94 -60.32
N THR MA 486 16.81 9.66 -60.30
CA THR MA 486 16.59 8.91 -59.06
C THR MA 486 17.07 7.49 -59.25
N LEU MA 487 17.70 6.93 -58.23
CA LEU MA 487 18.22 5.57 -58.31
C LEU MA 487 17.06 4.58 -58.36
N PRO MA 488 16.94 3.77 -59.39
CA PRO MA 488 15.94 2.70 -59.40
C PRO MA 488 16.34 1.59 -58.44
N PRO MA 489 15.37 0.82 -57.95
CA PRO MA 489 15.72 -0.33 -57.10
C PRO MA 489 16.46 -1.37 -57.91
N PRO MA 490 17.34 -2.17 -57.27
CA PRO MA 490 18.12 -3.18 -57.99
C PRO MA 490 17.27 -4.32 -58.55
N GLU NA 3 60.66 -49.51 -36.76
CA GLU NA 3 60.20 -49.66 -35.38
C GLU NA 3 61.30 -49.25 -34.39
N SER NA 4 60.93 -48.44 -33.40
CA SER NA 4 61.86 -48.04 -32.36
C SER NA 4 62.30 -49.24 -31.54
N THR NA 5 63.57 -49.22 -31.11
CA THR NA 5 64.08 -50.28 -30.24
C THR NA 5 63.31 -50.34 -28.92
N GLN NA 6 62.73 -49.21 -28.49
CA GLN NA 6 61.89 -49.23 -27.31
C GLN NA 6 60.71 -50.18 -27.49
N HIS NA 7 60.11 -50.18 -28.68
CA HIS NA 7 58.96 -51.05 -28.93
C HIS NA 7 59.36 -52.50 -29.17
N LYS NA 8 60.60 -52.75 -29.61
CA LYS NA 8 61.08 -54.14 -29.66
C LYS NA 8 61.11 -54.75 -28.28
N LEU NA 9 61.45 -53.96 -27.26
CA LEU NA 9 61.47 -54.44 -25.89
C LEU NA 9 60.06 -54.68 -25.34
N ASP NA 10 59.01 -54.23 -26.04
CA ASP NA 10 57.66 -54.68 -25.69
C ASP NA 10 57.52 -56.19 -25.81
N ARG NA 11 58.24 -56.79 -26.75
CA ARG NA 11 58.06 -58.18 -27.15
C ARG NA 11 59.18 -59.10 -26.70
N ILE NA 12 60.42 -58.65 -26.69
CA ILE NA 12 61.58 -59.51 -26.47
C ILE NA 12 61.99 -59.37 -25.02
N ARG NA 13 61.63 -60.36 -24.21
CA ARG NA 13 61.95 -60.39 -22.78
C ARG NA 13 61.66 -59.05 -22.11
N PRO NA 14 60.40 -58.61 -22.11
CA PRO NA 14 60.09 -57.28 -21.60
C PRO NA 14 60.25 -57.23 -20.08
N PRO NA 15 60.56 -56.06 -19.54
CA PRO NA 15 60.53 -55.89 -18.08
C PRO NA 15 59.09 -55.69 -17.60
N ARG NA 16 58.92 -55.74 -16.27
CA ARG NA 16 57.61 -55.43 -15.69
C ARG NA 16 57.20 -54.00 -15.99
N VAL NA 17 58.12 -53.06 -15.86
CA VAL NA 17 57.85 -51.65 -16.10
C VAL NA 17 58.53 -51.29 -17.43
N GLN NA 18 57.74 -51.24 -18.49
CA GLN NA 18 58.23 -51.02 -19.84
C GLN NA 18 57.78 -49.64 -20.31
N ILE NA 19 58.74 -48.80 -20.68
CA ILE NA 19 58.49 -47.38 -20.97
C ILE NA 19 59.00 -47.06 -22.36
N THR NA 20 58.18 -46.38 -23.15
CA THR NA 20 58.54 -45.94 -24.50
C THR NA 20 58.18 -44.47 -24.68
N TYR NA 21 58.84 -43.82 -25.62
CA TYR NA 21 58.47 -42.48 -26.03
C TYR NA 21 57.68 -42.56 -27.34
N ASP NA 22 56.61 -41.77 -27.43
CA ASP NA 22 55.81 -41.74 -28.64
C ASP NA 22 55.37 -40.31 -28.96
N VAL NA 23 55.23 -40.03 -30.25
CA VAL NA 23 54.68 -38.76 -30.71
C VAL NA 23 53.17 -38.85 -30.72
N GLU NA 24 52.51 -37.92 -30.04
CA GLU NA 24 51.06 -37.89 -29.97
C GLU NA 24 50.53 -37.24 -31.25
N THR NA 25 50.01 -38.06 -32.16
CA THR NA 25 49.50 -37.56 -33.43
C THR NA 25 47.99 -37.67 -33.58
N GLY NA 26 47.30 -38.32 -32.64
CA GLY NA 26 45.85 -38.43 -32.74
C GLY NA 26 45.44 -39.15 -34.01
N ASN NA 27 44.47 -38.57 -34.71
CA ASN NA 27 43.97 -39.12 -35.97
C ASN NA 27 44.58 -38.42 -37.18
N ALA NA 28 45.71 -37.74 -37.01
CA ALA NA 28 46.31 -37.01 -38.11
C ALA NA 28 46.92 -37.95 -39.14
N ILE NA 29 46.93 -37.50 -40.40
CA ILE NA 29 47.56 -38.22 -41.49
C ILE NA 29 48.78 -37.44 -41.95
N GLU NA 30 49.79 -38.17 -42.41
CA GLU NA 30 51.00 -37.54 -42.92
C GLU NA 30 50.73 -36.84 -44.24
N LYS NA 31 51.36 -35.69 -44.43
CA LYS NA 31 51.16 -34.86 -45.62
C LYS NA 31 52.49 -34.78 -46.36
N LYS NA 32 52.73 -35.73 -47.24
CA LYS NA 32 53.92 -35.67 -48.08
C LYS NA 32 53.77 -34.59 -49.14
N GLU NA 33 54.80 -33.78 -49.33
CA GLU NA 33 54.80 -32.70 -50.29
C GLU NA 33 55.60 -33.09 -51.52
N LEU NA 34 55.13 -32.66 -52.69
CA LEU NA 34 55.85 -32.89 -53.92
C LEU NA 34 56.46 -31.59 -54.41
N PRO NA 35 57.70 -31.62 -54.89
CA PRO NA 35 58.27 -30.41 -55.49
C PRO NA 35 57.59 -30.09 -56.82
N LEU NA 36 57.68 -28.83 -57.21
CA LEU NA 36 57.34 -28.45 -58.57
C LEU NA 36 58.52 -28.82 -59.46
N VAL NA 37 58.26 -29.60 -60.51
CA VAL NA 37 59.29 -30.02 -61.44
C VAL NA 37 58.91 -29.50 -62.81
N VAL NA 38 59.75 -28.63 -63.37
CA VAL NA 38 59.53 -28.08 -64.70
C VAL NA 38 60.47 -28.80 -65.66
N GLY NA 39 59.89 -29.47 -66.66
CA GLY NA 39 60.68 -30.07 -67.71
C GLY NA 39 60.87 -29.12 -68.87
N ILE NA 40 62.13 -28.84 -69.23
CA ILE NA 40 62.46 -27.90 -70.28
C ILE NA 40 62.97 -28.68 -71.49
N LEU NA 41 62.39 -28.40 -72.66
CA LEU NA 41 62.82 -29.01 -73.91
C LEU NA 41 63.32 -27.89 -74.81
N ALA NA 42 64.62 -27.89 -75.10
CA ALA NA 42 65.21 -26.82 -75.88
C ALA NA 42 66.33 -27.36 -76.75
N ASP NA 43 66.47 -26.75 -77.93
CA ASP NA 43 67.53 -27.09 -78.88
C ASP NA 43 68.73 -26.20 -78.57
N LEU NA 44 69.64 -26.70 -77.75
CA LEU NA 44 70.75 -25.91 -77.25
C LEU NA 44 72.07 -26.29 -77.89
N MET NA 56 67.13 -41.48 -76.70
CA MET NA 56 66.86 -42.47 -75.66
C MET NA 56 67.96 -42.46 -74.60
N GLU NA 57 69.17 -42.12 -75.02
CA GLU NA 57 70.31 -42.09 -74.10
C GLU NA 57 70.53 -40.74 -73.46
N ARG NA 58 69.81 -39.70 -73.89
CA ARG NA 58 69.87 -38.42 -73.21
C ARG NA 58 69.00 -38.46 -71.96
N ARG NA 59 69.05 -37.38 -71.18
CA ARG NA 59 68.29 -37.36 -69.95
C ARG NA 59 67.94 -35.91 -69.60
N PHE NA 60 66.95 -35.78 -68.72
CA PHE NA 60 66.57 -34.47 -68.17
C PHE NA 60 67.56 -34.13 -67.06
N VAL NA 61 68.51 -33.26 -67.37
CA VAL NA 61 69.55 -32.89 -66.40
C VAL NA 61 69.04 -31.73 -65.55
N GLU NA 62 69.19 -31.85 -64.24
CA GLU NA 62 68.74 -30.79 -63.34
C GLU NA 62 69.64 -29.57 -63.50
N ILE NA 63 69.02 -28.40 -63.62
CA ILE NA 63 69.74 -27.17 -63.88
C ILE NA 63 69.30 -26.11 -62.87
N ASN NA 64 70.24 -25.32 -62.40
CA ASN NA 64 69.96 -24.29 -61.41
C ASN NA 64 71.01 -23.20 -61.55
N ARG NA 65 70.88 -22.15 -60.74
CA ARG NA 65 71.81 -21.02 -60.83
C ARG NA 65 73.23 -21.45 -60.52
N ASP NA 66 73.42 -22.50 -59.71
CA ASP NA 66 74.77 -22.90 -59.31
C ASP NA 66 75.52 -23.60 -60.45
N ASN NA 67 74.86 -24.54 -61.14
CA ASN NA 67 75.55 -25.38 -62.10
C ASN NA 67 75.28 -24.98 -63.55
N PHE NA 68 74.71 -23.79 -63.77
CA PHE NA 68 74.27 -23.39 -65.11
C PHE NA 68 75.42 -23.42 -66.09
N ASN NA 69 76.57 -22.84 -65.71
CA ASN NA 69 77.69 -22.79 -66.63
C ASN NA 69 78.30 -24.17 -66.87
N ASP NA 70 78.25 -25.05 -65.87
CA ASP NA 70 78.69 -26.42 -66.08
C ASP NA 70 77.83 -27.13 -67.12
N VAL NA 71 76.51 -26.93 -67.05
CA VAL NA 71 75.62 -27.53 -68.04
C VAL NA 71 75.85 -26.92 -69.41
N LEU NA 72 76.09 -25.60 -69.46
CA LEU NA 72 76.44 -24.97 -70.73
C LEU NA 72 77.72 -25.57 -71.32
N ALA NA 73 78.73 -25.80 -70.47
CA ALA NA 73 79.97 -26.39 -70.94
C ALA NA 73 79.75 -27.80 -71.45
N SER NA 74 78.97 -28.61 -70.71
CA SER NA 74 78.74 -29.99 -71.13
C SER NA 74 77.95 -30.05 -72.42
N ILE NA 75 77.03 -29.11 -72.64
CA ILE NA 75 76.36 -29.02 -73.92
C ILE NA 75 77.32 -28.52 -74.99
N ALA NA 76 78.14 -27.53 -74.64
CA ALA NA 76 79.18 -26.95 -75.49
C ALA NA 76 78.61 -26.46 -76.81
N PRO NA 77 77.77 -25.41 -76.81
CA PRO NA 77 77.22 -24.90 -78.07
C PRO NA 77 78.27 -24.20 -78.93
N GLN OA 90 90.45 16.96 -59.73
CA GLN OA 90 89.24 17.57 -59.18
C GLN OA 90 88.30 16.51 -58.61
N LYS OA 91 87.96 15.52 -59.44
CA LYS OA 91 87.02 14.49 -59.02
C LYS OA 91 87.58 13.67 -57.86
N LEU OA 92 88.86 13.30 -57.93
CA LEU OA 92 89.48 12.62 -56.81
C LEU OA 92 89.61 13.53 -55.60
N GLU OA 93 90.03 14.78 -55.81
CA GLU OA 93 90.20 15.71 -54.69
C GLU OA 93 88.87 15.98 -54.00
N ALA OA 94 87.80 16.15 -54.78
CA ALA OA 94 86.49 16.42 -54.20
C ALA OA 94 86.02 15.25 -53.33
N SER OA 95 86.27 14.02 -53.78
CA SER OA 95 85.90 12.85 -53.00
C SER OA 95 86.67 12.80 -51.68
N TRP OA 96 87.98 13.04 -51.73
CA TRP OA 96 88.77 12.99 -50.52
C TRP OA 96 88.46 14.16 -49.59
N ARG OA 97 88.28 15.35 -50.16
CA ARG OA 97 87.97 16.52 -49.33
C ARG OA 97 86.58 16.41 -48.72
N GLY OA 98 85.60 15.94 -49.50
CA GLY OA 98 84.29 15.69 -48.94
C GLY OA 98 84.34 14.67 -47.82
N LEU OA 99 85.09 13.59 -48.04
CA LEU OA 99 85.27 12.59 -46.99
C LEU OA 99 85.97 13.18 -45.77
N HIS OA 100 87.03 13.96 -45.99
CA HIS OA 100 87.77 14.53 -44.87
C HIS OA 100 86.89 15.47 -44.05
N MET OA 101 86.08 16.29 -44.71
CA MET OA 101 85.18 17.19 -44.01
C MET OA 101 84.17 16.41 -43.17
N LEU OA 102 83.61 15.33 -43.71
CA LEU OA 102 82.67 14.51 -42.94
C LEU OA 102 83.34 13.90 -41.73
N VAL OA 103 84.53 13.33 -41.93
CA VAL OA 103 85.24 12.69 -40.82
C VAL OA 103 85.59 13.71 -39.74
N LYS OA 104 86.12 14.86 -40.15
CA LYS OA 104 86.56 15.87 -39.19
C LYS OA 104 85.39 16.47 -38.42
N ASN OA 105 84.21 16.54 -39.03
CA ASN OA 105 83.06 17.18 -38.42
C ASN OA 105 82.11 16.18 -37.75
N THR OA 106 82.48 14.92 -37.64
CA THR OA 106 81.65 13.90 -37.02
C THR OA 106 82.28 13.48 -35.70
N GLU OA 107 81.48 13.47 -34.64
CA GLU OA 107 81.95 13.06 -33.31
C GLU OA 107 82.00 11.53 -33.23
N THR OA 108 82.99 10.96 -33.93
CA THR OA 108 83.21 9.53 -33.89
C THR OA 108 83.65 9.09 -32.50
N GLY OA 109 83.32 7.85 -32.16
CA GLY OA 109 83.63 7.35 -30.83
C GLY OA 109 82.93 6.04 -30.55
N ALA OA 110 82.63 5.80 -29.27
CA ALA OA 110 81.99 4.55 -28.89
C ALA OA 110 80.61 4.41 -29.52
N ARG OA 111 79.86 5.51 -29.62
CA ARG OA 111 78.50 5.48 -30.13
C ARG OA 111 78.37 5.78 -31.62
N LEU OA 112 79.46 6.17 -32.28
CA LEU OA 112 79.37 6.62 -33.67
C LEU OA 112 80.61 6.14 -34.42
N LYS OA 113 80.41 5.37 -35.49
CA LYS OA 113 81.49 4.84 -36.28
C LYS OA 113 81.26 5.12 -37.76
N LEU OA 114 82.34 5.45 -38.45
CA LEU OA 114 82.36 5.57 -39.90
C LEU OA 114 83.22 4.46 -40.48
N ARG OA 115 82.68 3.72 -41.43
CA ARG OA 115 83.39 2.62 -42.09
C ARG OA 115 83.40 2.86 -43.58
N LEU OA 116 84.55 2.67 -44.21
CA LEU OA 116 84.77 3.09 -45.59
C LEU OA 116 85.12 1.90 -46.46
N LEU OA 117 84.42 1.78 -47.59
CA LEU OA 117 84.68 0.77 -48.60
C LEU OA 117 85.12 1.47 -49.88
N ASN OA 118 86.36 1.23 -50.29
CA ASN OA 118 86.93 1.85 -51.48
C ASN OA 118 86.55 1.01 -52.70
N VAL OA 119 85.67 1.55 -53.54
CA VAL OA 119 85.11 0.80 -54.66
C VAL OA 119 84.56 1.79 -55.67
N THR OA 120 84.73 1.46 -56.96
CA THR OA 120 84.22 2.30 -58.04
C THR OA 120 82.78 1.94 -58.37
N GLN OA 121 82.11 2.84 -59.09
CA GLN OA 121 80.72 2.62 -59.47
C GLN OA 121 80.59 1.42 -60.39
N LYS OA 122 81.52 1.26 -61.34
CA LYS OA 122 81.49 0.11 -62.24
C LYS OA 122 81.70 -1.19 -61.48
N GLU OA 123 82.59 -1.19 -60.48
CA GLU OA 123 82.80 -2.40 -59.69
C GLU OA 123 81.54 -2.79 -58.93
N LEU OA 124 80.84 -1.82 -58.35
CA LEU OA 124 79.57 -2.10 -57.70
C LEU OA 124 78.56 -2.68 -58.68
N LEU OA 125 78.47 -2.07 -59.86
CA LEU OA 125 77.54 -2.58 -60.86
C LEU OA 125 77.87 -4.02 -61.23
N ILE OA 126 79.15 -4.32 -61.43
CA ILE OA 126 79.55 -5.67 -61.82
C ILE OA 126 79.24 -6.66 -60.70
N ASP OA 127 79.59 -6.31 -59.46
CA ASP OA 127 79.36 -7.20 -58.34
C ASP OA 127 77.87 -7.50 -58.18
N LEU OA 128 77.02 -6.49 -58.33
CA LEU OA 128 75.59 -6.70 -58.14
C LEU OA 128 74.96 -7.43 -59.31
N GLU OA 129 75.41 -7.18 -60.53
CA GLU OA 129 74.80 -7.83 -61.69
C GLU OA 129 75.24 -9.27 -61.86
N LYS OA 130 76.50 -9.58 -61.54
CA LYS OA 130 77.05 -10.90 -61.80
C LYS OA 130 76.85 -11.87 -60.65
N ALA OA 131 76.26 -11.42 -59.53
CA ALA OA 131 76.00 -12.32 -58.42
C ALA OA 131 75.04 -13.42 -58.85
N VAL OA 132 75.36 -14.66 -58.47
CA VAL OA 132 74.52 -15.78 -58.86
C VAL OA 132 73.14 -15.66 -58.22
N GLU OA 133 73.05 -15.06 -57.04
CA GLU OA 133 71.78 -14.81 -56.37
C GLU OA 133 71.93 -13.51 -55.59
N PHE OA 134 70.79 -12.90 -55.25
CA PHE OA 134 70.82 -11.56 -54.68
C PHE OA 134 71.60 -11.50 -53.38
N ASP OA 135 71.64 -12.60 -52.62
CA ASP OA 135 72.34 -12.61 -51.35
C ASP OA 135 73.79 -13.06 -51.48
N GLN OA 136 74.28 -13.23 -52.70
CA GLN OA 136 75.64 -13.71 -52.93
C GLN OA 136 76.62 -12.61 -53.32
N SER OA 137 76.13 -11.40 -53.60
CA SER OA 137 77.01 -10.31 -54.00
C SER OA 137 77.91 -9.89 -52.83
N ALA OA 138 79.11 -9.41 -53.17
CA ALA OA 138 80.03 -8.94 -52.14
C ALA OA 138 79.39 -7.85 -51.29
N LEU OA 139 78.64 -6.96 -51.93
CA LEU OA 139 77.96 -5.90 -51.18
C LEU OA 139 76.94 -6.48 -50.21
N PHE OA 140 76.14 -7.44 -50.65
CA PHE OA 140 75.17 -8.05 -49.73
C PHE OA 140 75.89 -8.71 -48.56
N LYS OA 141 76.92 -9.50 -48.84
CA LYS OA 141 77.69 -10.10 -47.75
C LYS OA 141 78.15 -9.05 -46.76
N LYS OA 142 78.92 -8.07 -47.24
CA LYS OA 142 79.56 -7.10 -46.36
C LYS OA 142 78.56 -6.26 -45.58
N ILE OA 143 77.45 -5.89 -46.20
CA ILE OA 143 76.51 -4.97 -45.56
C ILE OA 143 75.48 -5.72 -44.72
N TYR OA 144 74.83 -6.73 -45.28
CA TYR OA 144 73.83 -7.49 -44.54
C TYR OA 144 74.48 -8.55 -43.66
N GLU OA 145 75.16 -9.53 -44.27
CA GLU OA 145 75.50 -10.74 -43.52
C GLU OA 145 76.51 -10.45 -42.43
N GLU OA 146 77.55 -9.67 -42.73
CA GLU OA 146 78.65 -9.53 -41.80
C GLU OA 146 78.30 -8.68 -40.58
N GLU OA 147 77.31 -7.79 -40.70
CA GLU OA 147 76.94 -6.97 -39.55
C GLU OA 147 75.51 -7.23 -39.08
N TYR OA 148 74.51 -6.99 -39.93
CA TYR OA 148 73.13 -7.14 -39.49
C TYR OA 148 72.80 -8.60 -39.24
N GLY OA 149 73.35 -9.51 -40.04
CA GLY OA 149 73.01 -10.91 -39.95
C GLY OA 149 74.01 -11.78 -39.19
N THR OA 150 74.85 -11.19 -38.35
CA THR OA 150 75.84 -11.95 -37.59
C THR OA 150 75.71 -11.63 -36.10
N PHE OA 151 75.83 -12.66 -35.27
CA PHE OA 151 75.84 -12.52 -33.82
C PHE OA 151 76.98 -11.61 -33.39
N GLY OA 152 76.64 -10.53 -32.68
CA GLY OA 152 77.62 -9.55 -32.27
C GLY OA 152 77.88 -8.43 -33.26
N GLY OA 153 77.24 -8.45 -34.43
CA GLY OA 153 77.46 -7.38 -35.40
C GLY OA 153 76.80 -6.08 -34.99
N HIS OA 154 77.38 -4.98 -35.47
CA HIS OA 154 76.80 -3.65 -35.31
C HIS OA 154 76.23 -3.23 -36.66
N PRO OA 155 74.91 -3.33 -36.86
CA PRO OA 155 74.35 -3.13 -38.20
C PRO OA 155 74.65 -1.73 -38.74
N PHE OA 156 74.90 -1.66 -40.04
CA PHE OA 156 75.04 -0.38 -40.70
C PHE OA 156 73.76 0.41 -40.56
N SER OA 157 73.86 1.60 -39.98
CA SER OA 157 72.68 2.46 -39.82
C SER OA 157 72.29 3.14 -41.13
N LEU OA 158 73.28 3.50 -41.93
CA LEU OA 158 73.08 4.30 -43.12
C LEU OA 158 74.22 4.02 -44.09
N LEU OA 159 73.95 4.21 -45.39
CA LEU OA 159 74.97 4.10 -46.41
C LEU OA 159 75.00 5.38 -47.22
N VAL OA 160 76.18 5.91 -47.46
CA VAL OA 160 76.36 7.08 -48.31
C VAL OA 160 77.25 6.68 -49.48
N GLY OA 161 76.77 6.94 -50.69
CA GLY OA 161 77.55 6.66 -51.88
C GLY OA 161 78.02 7.94 -52.54
N ASP OA 162 79.34 8.11 -52.67
CA ASP OA 162 79.90 9.25 -53.38
C ASP OA 162 79.84 8.99 -54.88
N TYR OA 163 78.62 8.93 -55.40
CA TYR OA 163 78.38 8.70 -56.82
C TYR OA 163 77.22 9.56 -57.26
N SER OA 164 77.19 9.84 -58.56
CA SER OA 164 76.07 10.53 -59.20
C SER OA 164 75.34 9.54 -60.10
N PHE OA 165 74.02 9.63 -60.13
CA PHE OA 165 73.20 8.71 -60.90
C PHE OA 165 72.42 9.48 -61.95
N GLY OA 166 72.61 9.12 -63.22
CA GLY OA 166 71.92 9.73 -64.33
C GLY OA 166 70.73 8.91 -64.79
N ARG OA 167 70.25 9.22 -65.98
CA ARG OA 167 69.14 8.51 -66.58
C ARG OA 167 69.57 7.27 -67.34
N HIS OA 168 70.86 6.98 -67.37
CA HIS OA 168 71.37 5.86 -68.16
C HIS OA 168 70.80 4.55 -67.61
N PRO OA 169 70.51 3.58 -68.47
CA PRO OA 169 69.92 2.32 -67.97
C PRO OA 169 70.76 1.61 -66.93
N GLN OA 170 72.10 1.60 -67.07
CA GLN OA 170 72.90 0.94 -66.06
C GLN OA 170 72.93 1.73 -64.75
N ASP OA 171 72.78 3.05 -64.82
CA ASP OA 171 72.68 3.84 -63.60
C ASP OA 171 71.44 3.48 -62.80
N ILE OA 172 70.28 3.42 -63.47
CA ILE OA 172 69.05 3.07 -62.79
C ILE OA 172 69.08 1.62 -62.33
N GLY OA 173 69.70 0.74 -63.11
CA GLY OA 173 69.84 -0.65 -62.69
C GLY OA 173 70.69 -0.79 -61.44
N LEU OA 174 71.83 -0.09 -61.40
CA LEU OA 174 72.66 -0.10 -60.21
C LEU OA 174 71.90 0.47 -59.01
N LEU OA 175 71.12 1.53 -59.23
CA LEU OA 175 70.31 2.10 -58.15
C LEU OA 175 69.32 1.07 -57.62
N GLU OA 176 68.70 0.30 -58.52
CA GLU OA 176 67.76 -0.72 -58.11
C GLU OA 176 68.43 -1.80 -57.26
N LYS OA 177 69.57 -2.31 -57.72
CA LYS OA 177 70.30 -3.34 -56.97
C LYS OA 177 70.75 -2.81 -55.60
N LEU OA 178 71.29 -1.60 -55.58
CA LEU OA 178 71.69 -0.98 -54.33
C LEU OA 178 70.50 -0.82 -53.39
N SER OA 179 69.34 -0.45 -53.93
CA SER OA 179 68.15 -0.33 -53.11
C SER OA 179 67.76 -1.67 -52.52
N ASN OA 180 67.93 -2.75 -53.29
CA ASN OA 180 67.63 -4.07 -52.75
C ASN OA 180 68.52 -4.41 -51.57
N VAL OA 181 69.82 -4.17 -51.71
CA VAL OA 181 70.73 -4.44 -50.59
C VAL OA 181 70.40 -3.55 -49.40
N ALA OA 182 70.15 -2.26 -49.65
CA ALA OA 182 69.83 -1.34 -48.58
C ALA OA 182 68.55 -1.75 -47.85
N ALA OA 183 67.53 -2.16 -48.61
CA ALA OA 183 66.28 -2.59 -48.00
C ALA OA 183 66.48 -3.84 -47.15
N ALA OA 184 67.26 -4.80 -47.65
CA ALA OA 184 67.47 -6.03 -46.90
C ALA OA 184 68.06 -5.76 -45.52
N ALA OA 185 69.07 -4.90 -45.46
CA ALA OA 185 69.75 -4.60 -44.21
C ALA OA 185 69.11 -3.45 -43.43
N HIS OA 186 68.01 -2.88 -43.93
CA HIS OA 186 67.39 -1.70 -43.32
C HIS OA 186 68.41 -0.58 -43.13
N ALA OA 187 69.14 -0.26 -44.20
CA ALA OA 187 70.20 0.74 -44.17
C ALA OA 187 70.00 1.70 -45.33
N PRO OA 188 69.28 2.80 -45.12
CA PRO OA 188 68.99 3.72 -46.22
C PRO OA 188 70.24 4.22 -46.90
N PHE OA 189 70.16 4.36 -48.22
CA PHE OA 189 71.29 4.70 -49.07
C PHE OA 189 71.11 6.12 -49.60
N ILE OA 190 72.17 6.92 -49.53
CA ILE OA 190 72.15 8.31 -49.94
C ILE OA 190 73.23 8.52 -50.99
N ALA OA 191 72.86 9.11 -52.12
CA ALA OA 191 73.81 9.45 -53.17
C ALA OA 191 73.36 10.75 -53.84
N ALA OA 192 73.96 11.07 -54.97
CA ALA OA 192 73.70 12.32 -55.67
C ALA OA 192 72.99 12.08 -56.99
N ALA OA 193 72.12 13.03 -57.35
CA ALA OA 193 71.48 13.04 -58.65
C ALA OA 193 72.39 13.72 -59.66
N SER OA 194 72.62 13.06 -60.79
CA SER OA 194 73.38 13.69 -61.85
C SER OA 194 72.52 14.73 -62.58
N PRO OA 195 73.13 15.81 -63.07
CA PRO OA 195 72.37 16.71 -63.96
C PRO OA 195 71.86 16.01 -65.20
N ARG OA 196 72.54 14.95 -65.65
CA ARG OA 196 72.05 14.19 -66.79
C ARG OA 196 70.69 13.56 -66.52
N LEU OA 197 70.35 13.29 -65.26
CA LEU OA 197 69.02 12.79 -64.95
C LEU OA 197 67.95 13.79 -65.38
N PHE OA 198 68.26 15.08 -65.33
CA PHE OA 198 67.34 16.14 -65.73
C PHE OA 198 67.55 16.59 -67.17
N ASP OA 199 68.32 15.83 -67.95
CA ASP OA 199 68.71 16.21 -69.31
C ASP OA 199 69.44 17.56 -69.32
N MET OA 200 70.32 17.74 -68.35
CA MET OA 200 71.04 18.99 -68.15
C MET OA 200 72.53 18.70 -68.16
N GLY OA 201 73.30 19.60 -68.79
CA GLY OA 201 74.75 19.51 -68.69
C GLY OA 201 75.25 19.81 -67.29
N SER OA 202 74.62 20.78 -66.63
CA SER OA 202 75.01 21.21 -65.30
C SER OA 202 73.76 21.68 -64.56
N PHE OA 203 73.82 21.63 -63.23
CA PHE OA 203 72.69 22.13 -62.45
C PHE OA 203 72.60 23.65 -62.47
N THR OA 204 73.55 24.35 -63.09
CA THR OA 204 73.38 25.79 -63.32
C THR OA 204 72.18 26.05 -64.23
N GLU OA 205 71.72 25.05 -64.96
CA GLU OA 205 70.55 25.15 -65.82
C GLU OA 205 69.25 24.76 -65.10
N LEU OA 206 69.30 24.54 -63.79
CA LEU OA 206 68.14 24.00 -63.07
C LEU OA 206 66.96 24.96 -63.08
N ALA OA 207 67.22 26.27 -63.10
CA ALA OA 207 66.13 27.24 -63.09
C ALA OA 207 65.54 27.49 -64.48
N VAL OA 208 66.12 26.92 -65.53
CA VAL OA 208 65.70 27.22 -66.89
C VAL OA 208 64.34 26.62 -67.25
N PRO OA 209 64.09 25.31 -67.06
CA PRO OA 209 62.81 24.75 -67.50
C PRO OA 209 61.63 25.39 -66.78
N ARG OA 210 60.54 25.60 -67.51
CA ARG OA 210 59.33 26.12 -66.90
C ARG OA 210 58.75 25.12 -65.90
N ASP OA 211 58.69 23.84 -66.28
CA ASP OA 211 58.07 22.80 -65.45
C ASP OA 211 58.99 21.60 -65.37
N LEU OA 212 59.50 21.33 -64.16
CA LEU OA 212 60.41 20.20 -63.97
C LEU OA 212 59.72 18.86 -64.19
N ALA OA 213 58.48 18.73 -63.71
CA ALA OA 213 57.78 17.45 -63.80
C ALA OA 213 57.61 17.01 -65.25
N LYS OA 214 57.52 17.97 -66.17
CA LYS OA 214 57.42 17.64 -67.59
C LYS OA 214 58.64 16.87 -68.08
N ILE OA 215 59.83 17.20 -67.57
CA ILE OA 215 61.05 16.49 -67.97
C ILE OA 215 60.92 15.00 -67.69
N PHE OA 216 60.36 14.65 -66.56
CA PHE OA 216 60.33 13.27 -66.11
C PHE OA 216 59.19 12.46 -66.73
N GLU OA 217 58.49 13.02 -67.72
CA GLU OA 217 57.55 12.28 -68.53
C GLU OA 217 58.22 11.62 -69.73
N SER OA 218 59.51 11.88 -69.94
CA SER OA 218 60.20 11.40 -71.13
C SER OA 218 60.27 9.88 -71.16
N GLN OA 219 60.22 9.33 -72.38
CA GLN OA 219 60.39 7.89 -72.56
C GLN OA 219 61.76 7.42 -72.08
N GLU OA 220 62.76 8.31 -72.05
CA GLU OA 220 64.06 7.95 -71.50
C GLU OA 220 64.01 7.71 -70.00
N LEU OA 221 62.95 8.09 -69.31
CA LEU OA 221 62.84 7.96 -67.86
C LEU OA 221 61.81 6.91 -67.45
N ILE OA 222 61.52 5.96 -68.34
CA ILE OA 222 60.62 4.87 -68.00
C ILE OA 222 61.18 4.05 -66.84
N LYS OA 223 62.47 3.69 -66.93
CA LYS OA 223 63.08 2.89 -65.89
C LYS OA 223 63.12 3.64 -64.56
N TRP OA 224 63.41 4.94 -64.60
CA TRP OA 224 63.44 5.74 -63.39
C TRP OA 224 62.07 5.79 -62.72
N ARG OA 225 61.01 5.99 -63.51
CA ARG OA 225 59.66 5.99 -62.94
C ARG OA 225 59.30 4.63 -62.35
N ALA OA 226 59.65 3.56 -63.05
CA ALA OA 226 59.43 2.22 -62.51
C ALA OA 226 60.16 2.04 -61.18
N PHE OA 227 61.42 2.50 -61.11
CA PHE OA 227 62.16 2.43 -59.86
C PHE OA 227 61.46 3.19 -58.76
N ARG OA 228 60.99 4.40 -59.06
CA ARG OA 228 60.25 5.19 -58.06
C ARG OA 228 59.02 4.43 -57.57
N GLU OA 229 58.40 3.61 -58.42
CA GLU OA 229 57.24 2.84 -57.98
C GLU OA 229 57.60 1.66 -57.09
N SER OA 230 58.87 1.23 -57.08
CA SER OA 230 59.23 0.02 -56.35
C SER OA 230 59.22 0.26 -54.84
N GLU OA 231 59.00 -0.81 -54.08
CA GLU OA 231 59.00 -0.71 -52.63
C GLU OA 231 60.37 -0.30 -52.10
N ASP OA 232 61.43 -0.91 -52.60
CA ASP OA 232 62.76 -0.69 -52.03
C ASP OA 232 63.33 0.68 -52.37
N SER OA 233 62.68 1.46 -53.23
CA SER OA 233 63.14 2.81 -53.52
C SER OA 233 63.08 3.73 -52.31
N ARG OA 234 62.29 3.39 -51.28
CA ARG OA 234 62.27 4.21 -50.07
C ARG OA 234 63.59 4.16 -49.31
N TYR OA 235 64.49 3.25 -49.67
CA TYR OA 235 65.82 3.17 -49.08
C TYR OA 235 66.87 3.86 -49.92
N VAL OA 236 66.47 4.69 -50.87
CA VAL OA 236 67.38 5.46 -51.71
C VAL OA 236 66.94 6.91 -51.70
N SER OA 237 67.86 7.81 -51.37
CA SER OA 237 67.64 9.24 -51.46
C SER OA 237 68.71 9.85 -52.35
N LEU OA 238 68.31 10.78 -53.21
CA LEU OA 238 69.22 11.46 -54.10
C LEU OA 238 69.21 12.95 -53.80
N VAL OA 239 70.38 13.53 -53.61
CA VAL OA 239 70.51 14.93 -53.25
C VAL OA 239 71.07 15.70 -54.44
N LEU OA 240 70.78 16.99 -54.48
CA LEU OA 240 71.27 17.89 -55.51
C LEU OA 240 71.18 19.32 -54.98
N PRO OA 241 71.91 20.26 -55.57
CA PRO OA 241 72.98 20.11 -56.56
C PRO OA 241 74.32 19.97 -55.86
N HIS OA 242 75.44 20.21 -56.54
CA HIS OA 242 76.74 20.11 -55.90
C HIS OA 242 76.97 21.28 -54.94
N VAL OA 243 77.87 21.07 -53.98
CA VAL OA 243 78.20 22.05 -52.97
C VAL OA 243 79.67 22.42 -53.12
N LEU OA 244 79.96 23.72 -53.00
CA LEU OA 244 81.33 24.20 -53.14
C LEU OA 244 82.17 23.74 -51.96
N LEU OA 245 83.31 23.13 -52.25
CA LEU OA 245 84.21 22.67 -51.20
C LEU OA 245 85.32 23.70 -50.98
N ALA OA 271 83.52 24.98 -64.24
CA ALA OA 271 84.09 23.77 -63.67
C ALA OA 271 85.44 24.05 -63.01
N ARG OA 272 85.79 25.32 -62.91
CA ARG OA 272 87.05 25.72 -62.27
C ARG OA 272 86.96 25.75 -60.74
N TYR OA 273 85.78 25.53 -60.18
CA TYR OA 273 85.61 25.45 -58.73
C TYR OA 273 85.54 23.99 -58.30
N LEU OA 274 85.97 23.71 -57.08
CA LEU OA 274 85.96 22.33 -56.57
C LEU OA 274 84.57 22.00 -56.04
N TRP OA 275 83.76 21.38 -56.89
CA TRP OA 275 82.39 21.02 -56.54
C TRP OA 275 82.37 19.62 -55.95
N GLY OA 276 81.69 19.46 -54.81
CA GLY OA 276 81.59 18.20 -54.12
C GLY OA 276 80.17 17.65 -54.13
N ASN OA 277 80.07 16.39 -53.74
CA ASN OA 277 78.78 15.73 -53.59
C ASN OA 277 78.06 16.25 -52.36
N ALA OA 278 76.80 16.66 -52.53
CA ALA OA 278 76.02 17.15 -51.39
C ALA OA 278 75.59 16.03 -50.44
N ALA OA 279 75.76 14.77 -50.86
CA ALA OA 279 75.50 13.66 -49.96
C ALA OA 279 76.42 13.71 -48.74
N TRP OA 280 77.64 14.21 -48.90
CA TRP OA 280 78.52 14.40 -47.74
C TRP OA 280 77.88 15.36 -46.74
N ALA OA 281 77.33 16.48 -47.23
CA ALA OA 281 76.71 17.45 -46.34
C ALA OA 281 75.47 16.88 -45.65
N LEU OA 282 74.65 16.13 -46.38
CA LEU OA 282 73.48 15.51 -45.76
C LEU OA 282 73.90 14.47 -44.71
N THR OA 283 74.93 13.68 -45.02
CA THR OA 283 75.45 12.72 -44.06
C THR OA 283 75.95 13.42 -42.80
N GLN OA 284 76.61 14.57 -42.98
CA GLN OA 284 77.06 15.35 -41.83
C GLN OA 284 75.89 15.82 -40.98
N ARG OA 285 74.80 16.26 -41.63
CA ARG OA 285 73.60 16.61 -40.87
C ARG OA 285 73.11 15.41 -40.06
N ILE OA 286 73.10 14.23 -40.68
CA ILE OA 286 72.64 13.02 -39.99
C ILE OA 286 73.52 12.68 -38.80
N THR OA 287 74.84 12.74 -38.98
CA THR OA 287 75.74 12.36 -37.89
C THR OA 287 75.71 13.40 -36.77
N GLU OA 288 75.55 14.68 -37.11
CA GLU OA 288 75.38 15.69 -36.07
C GLU OA 288 74.09 15.47 -35.29
N ALA OA 289 73.00 15.17 -36.00
CA ALA OA 289 71.74 14.88 -35.31
C ALA OA 289 71.90 13.71 -34.36
N PHE OA 290 72.55 12.63 -34.81
CA PHE OA 290 72.76 11.50 -33.91
C PHE OA 290 73.62 11.87 -32.72
N ALA OA 291 74.70 12.62 -32.95
CA ALA OA 291 75.59 12.97 -31.86
C ALA OA 291 74.87 13.81 -30.81
N ARG OA 292 74.05 14.76 -31.25
CA ARG OA 292 73.38 15.65 -30.31
C ARG OA 292 72.17 15.00 -29.64
N TYR OA 293 71.43 14.18 -30.37
CA TYR OA 293 70.13 13.72 -29.92
C TYR OA 293 69.97 12.20 -29.83
N GLY OA 294 70.88 11.42 -30.41
CA GLY OA 294 70.74 9.99 -30.42
C GLY OA 294 69.82 9.44 -31.47
N TRP OA 295 69.19 10.30 -32.29
CA TRP OA 295 68.32 9.89 -33.37
C TRP OA 295 68.50 10.87 -34.53
N CYS OA 296 68.13 10.43 -35.73
CA CYS OA 296 68.47 11.12 -36.96
C CYS OA 296 67.28 11.76 -37.66
N ALA OA 297 66.23 12.09 -36.92
CA ALA OA 297 65.08 12.72 -37.55
C ALA OA 297 65.33 14.20 -37.86
N ALA OA 298 66.02 14.90 -36.97
CA ALA OA 298 66.17 16.36 -37.07
C ALA OA 298 67.26 16.70 -38.08
N ILE OA 299 66.95 16.51 -39.36
CA ILE OA 299 67.94 16.71 -40.41
C ILE OA 299 67.42 17.61 -41.54
N ARG OA 300 66.45 18.46 -41.26
CA ARG OA 300 65.89 19.30 -42.31
C ARG OA 300 65.41 20.63 -41.75
N GLY OA 301 65.46 21.66 -42.60
CA GLY OA 301 64.94 22.96 -42.25
C GLY OA 301 65.97 23.86 -41.60
N VAL OA 302 65.61 25.14 -41.52
CA VAL OA 302 66.49 26.14 -40.92
C VAL OA 302 66.73 25.82 -39.45
N GLU OA 303 65.66 25.48 -38.73
CA GLU OA 303 65.74 25.22 -37.30
C GLU OA 303 65.63 23.75 -36.95
N GLY OA 304 65.29 22.88 -37.91
CA GLY OA 304 65.12 21.47 -37.64
C GLY OA 304 66.31 20.61 -37.97
N GLY OA 305 67.50 21.18 -38.16
CA GLY OA 305 68.70 20.42 -38.39
C GLY OA 305 69.15 20.29 -39.83
N GLY OA 306 68.55 21.02 -40.75
CA GLY OA 306 68.94 20.98 -42.15
C GLY OA 306 69.92 22.05 -42.59
N ALA OA 307 70.48 22.83 -41.67
CA ALA OA 307 71.33 23.96 -42.03
C ALA OA 307 72.77 23.51 -42.25
N VAL OA 308 73.32 23.84 -43.41
CA VAL OA 308 74.71 23.57 -43.76
C VAL OA 308 75.43 24.91 -43.74
N GLU OA 309 76.19 25.16 -42.68
CA GLU OA 309 76.75 26.47 -42.40
C GLU OA 309 78.21 26.56 -42.83
N GLY OA 310 78.71 27.79 -42.86
CA GLY OA 310 80.11 28.04 -43.14
C GLY OA 310 80.57 27.65 -44.53
N LEU OA 311 79.71 27.81 -45.53
CA LEU OA 311 80.09 27.51 -46.91
C LEU OA 311 81.02 28.59 -47.45
N PRO OA 312 81.84 28.26 -48.45
CA PRO OA 312 82.69 29.28 -49.08
C PRO OA 312 81.85 30.37 -49.73
N ALA OA 313 82.17 31.62 -49.40
CA ALA OA 313 81.47 32.79 -49.95
C ALA OA 313 82.47 33.58 -50.77
N HIS OA 314 82.55 33.27 -52.07
CA HIS OA 314 83.49 33.94 -52.95
C HIS OA 314 82.87 35.19 -53.56
N LYS OA 326 78.43 34.67 -55.85
CA LYS OA 326 78.46 33.32 -56.39
C LYS OA 326 77.79 32.31 -55.45
N CYS OA 327 76.81 31.58 -55.97
CA CYS OA 327 76.11 30.60 -55.15
C CYS OA 327 77.07 29.48 -54.75
N PRO OA 328 77.21 29.17 -53.46
CA PRO OA 328 78.01 28.01 -53.06
C PRO OA 328 77.35 26.68 -53.36
N THR OA 329 76.16 26.66 -53.95
CA THR OA 329 75.44 25.44 -54.28
C THR OA 329 75.09 25.36 -55.76
N GLU OA 330 75.88 26.02 -56.61
CA GLU OA 330 75.80 25.99 -58.07
C GLU OA 330 74.60 26.71 -58.67
N VAL OA 331 73.54 26.91 -57.91
CA VAL OA 331 72.33 27.52 -58.47
C VAL OA 331 71.37 27.86 -57.33
N ALA OA 332 70.70 29.00 -57.44
CA ALA OA 332 69.65 29.34 -56.50
C ALA OA 332 68.42 28.50 -56.80
N ILE OA 333 67.77 28.02 -55.75
CA ILE OA 333 66.57 27.21 -55.90
C ILE OA 333 65.43 27.93 -55.19
N THR OA 334 64.46 28.41 -55.95
CA THR OA 334 63.31 29.08 -55.38
C THR OA 334 62.47 28.10 -54.56
N ASP OA 335 61.58 28.64 -53.73
CA ASP OA 335 60.67 27.80 -52.94
C ASP OA 335 59.85 26.90 -53.84
N ARG OA 336 59.29 27.45 -54.92
CA ARG OA 336 58.47 26.65 -55.82
C ARG OA 336 59.29 25.54 -56.47
N ARG OA 337 60.54 25.85 -56.85
CA ARG OA 337 61.41 24.86 -57.46
C ARG OA 337 61.79 23.77 -56.47
N GLU OA 338 62.08 24.15 -55.22
CA GLU OA 338 62.37 23.16 -54.20
C GLU OA 338 61.18 22.22 -54.00
N LYS OA 339 59.96 22.77 -54.00
CA LYS OA 339 58.78 21.92 -53.84
C LYS OA 339 58.59 20.99 -55.03
N GLU OA 340 58.81 21.49 -56.26
CA GLU OA 340 58.80 20.62 -57.43
C GLU OA 340 59.78 19.46 -57.26
N LEU OA 341 61.03 19.78 -56.90
CA LEU OA 341 62.05 18.76 -56.76
C LEU OA 341 61.67 17.74 -55.68
N ASP OA 342 61.14 18.22 -54.56
CA ASP OA 342 60.68 17.32 -53.52
C ASP OA 342 59.61 16.37 -54.06
N ALA OA 343 58.67 16.89 -54.86
CA ALA OA 343 57.64 16.04 -55.44
C ALA OA 343 58.22 15.00 -56.40
N LEU OA 344 59.35 15.30 -57.01
CA LEU OA 344 59.96 14.40 -57.98
C LEU OA 344 60.90 13.39 -57.35
N GLY OA 345 61.04 13.39 -56.03
CA GLY OA 345 61.84 12.41 -55.34
C GLY OA 345 63.28 12.80 -55.09
N PHE OA 346 63.55 14.07 -54.83
CA PHE OA 346 64.91 14.55 -54.60
C PHE OA 346 64.96 15.38 -53.33
N ILE OA 347 66.15 15.48 -52.76
CA ILE OA 347 66.43 16.33 -51.62
C ILE OA 347 67.33 17.46 -52.11
N ALA OA 348 66.82 18.68 -52.13
CA ALA OA 348 67.54 19.81 -52.69
C ALA OA 348 68.20 20.63 -51.60
N LEU OA 349 69.43 21.08 -51.87
CA LEU OA 349 70.15 21.99 -50.99
C LEU OA 349 69.95 23.41 -51.49
N CYS OA 350 69.36 24.26 -50.65
CA CYS OA 350 68.91 25.60 -51.05
C CYS OA 350 69.76 26.66 -50.39
N HIS OA 351 70.50 27.43 -51.20
CA HIS OA 351 71.34 28.49 -50.68
C HIS OA 351 70.49 29.65 -50.17
N LYS OA 352 70.79 30.14 -48.98
CA LYS OA 352 70.17 31.37 -48.50
C LYS OA 352 70.87 32.55 -49.16
N LYS OA 353 70.09 33.38 -49.84
CA LYS OA 353 70.67 34.49 -50.59
C LYS OA 353 71.45 35.41 -49.66
N ASN OA 354 72.60 35.88 -50.16
CA ASN OA 354 73.45 36.82 -49.43
C ASN OA 354 73.92 36.25 -48.09
N SER OA 355 74.34 34.99 -48.12
CA SER OA 355 74.79 34.32 -46.91
C SER OA 355 75.76 33.21 -47.29
N ASP OA 356 76.41 32.64 -46.28
CA ASP OA 356 77.27 31.47 -46.43
C ASP OA 356 76.58 30.20 -45.94
N LEU OA 357 75.28 30.11 -46.13
CA LEU OA 357 74.47 29.04 -45.55
C LEU OA 357 73.54 28.46 -46.60
N ALA OA 358 73.30 27.16 -46.52
CA ALA OA 358 72.32 26.48 -47.34
C ALA OA 358 71.56 25.48 -46.46
N VAL OA 359 70.35 25.13 -46.88
CA VAL OA 359 69.43 24.35 -46.07
C VAL OA 359 68.80 23.25 -46.90
N PHE OA 360 68.75 22.04 -46.35
CA PHE OA 360 67.91 20.95 -46.87
C PHE OA 360 66.50 21.16 -46.30
N PHE OA 361 65.61 21.73 -47.10
CA PHE OA 361 64.24 21.92 -46.62
C PHE OA 361 63.46 20.61 -46.60
N GLY OA 362 63.60 19.80 -47.64
CA GLY OA 362 62.90 18.55 -47.74
C GLY OA 362 63.78 17.37 -47.36
N SER OA 363 63.14 16.23 -47.10
CA SER OA 363 63.86 15.00 -46.82
C SER OA 363 63.15 13.80 -47.45
N GLN OA 364 62.74 13.95 -48.70
CA GLN OA 364 61.97 12.93 -49.39
C GLN OA 364 62.91 11.90 -50.03
N THR OA 365 62.60 10.62 -49.85
CA THR OA 365 63.33 9.57 -50.55
C THR OA 365 62.92 9.54 -52.02
N THR OA 366 63.53 8.65 -52.80
CA THR OA 366 63.12 8.53 -54.19
C THR OA 366 61.79 7.83 -54.36
N ASN OA 367 61.24 7.24 -53.30
CA ASN OA 367 60.00 6.49 -53.41
C ASN OA 367 58.83 7.42 -53.74
N ARG OA 368 57.99 7.00 -54.68
CA ARG OA 368 56.77 7.71 -54.98
C ARG OA 368 55.63 7.02 -54.24
N PRO OA 369 55.02 7.65 -53.24
CA PRO OA 369 53.97 6.97 -52.48
C PRO OA 369 52.77 6.63 -53.34
N ARG OA 370 52.19 5.46 -53.08
CA ARG OA 370 50.94 5.09 -53.73
C ARG OA 370 49.79 5.93 -53.16
N VAL OA 371 48.75 6.11 -53.97
CA VAL OA 371 47.59 6.91 -53.60
C VAL OA 371 46.41 5.98 -53.39
N TYR OA 372 45.73 6.14 -52.26
CA TYR OA 372 44.66 5.24 -51.84
C TYR OA 372 43.37 6.02 -51.63
N ASN OA 373 42.31 5.28 -51.32
CA ASN OA 373 40.99 5.86 -51.08
C ASN OA 373 40.71 6.15 -49.61
N THR OA 374 41.68 5.94 -48.71
CA THR OA 374 41.49 6.29 -47.31
C THR OA 374 42.58 7.24 -46.85
N ASN OA 375 42.22 8.12 -45.92
CA ASN OA 375 43.18 9.09 -45.38
C ASN OA 375 44.32 8.38 -44.68
N GLU OA 376 44.01 7.33 -43.90
CA GLU OA 376 45.04 6.62 -43.14
C GLU OA 376 46.08 6.01 -44.07
N ALA OA 377 45.63 5.34 -45.13
CA ALA OA 377 46.57 4.70 -46.05
C ALA OA 377 47.43 5.73 -46.76
N ASN OA 378 46.82 6.84 -47.20
CA ASN OA 378 47.59 7.89 -47.85
C ASN OA 378 48.64 8.46 -46.92
N ALA OA 379 48.24 8.77 -45.68
CA ALA OA 379 49.19 9.30 -44.70
C ALA OA 379 50.35 8.33 -44.48
N ASN OA 380 50.03 7.04 -44.29
CA ASN OA 380 51.07 6.06 -44.02
C ASN OA 380 52.00 5.89 -45.21
N ALA OA 381 51.45 5.89 -46.42
CA ALA OA 381 52.29 5.80 -47.62
C ALA OA 381 53.21 6.99 -47.73
N ARG OA 382 52.71 8.19 -47.42
CA ARG OA 382 53.51 9.41 -47.56
C ARG OA 382 54.69 9.42 -46.59
N ILE OA 383 54.43 9.12 -45.31
CA ILE OA 383 55.50 9.19 -44.32
C ILE OA 383 56.50 8.04 -44.49
N SER OA 384 56.07 6.93 -45.07
CA SER OA 384 56.99 5.84 -45.36
C SER OA 384 57.91 6.15 -46.55
N ALA OA 385 57.79 7.32 -47.15
CA ALA OA 385 58.70 7.77 -48.19
C ALA OA 385 59.60 8.92 -47.73
N MET OA 386 59.63 9.22 -46.43
CA MET OA 386 60.40 10.31 -45.88
C MET OA 386 61.66 9.78 -45.21
N LEU OA 387 62.81 10.33 -45.59
CA LEU OA 387 64.09 9.86 -45.06
C LEU OA 387 64.17 9.87 -43.54
N PRO OA 388 63.75 10.91 -42.81
CA PRO OA 388 63.86 10.85 -41.34
C PRO OA 388 63.12 9.67 -40.72
N TYR OA 389 61.88 9.46 -41.15
CA TYR OA 389 61.07 8.39 -40.57
C TYR OA 389 61.59 7.03 -40.99
N VAL OA 390 62.04 6.89 -42.24
CA VAL OA 390 62.61 5.62 -42.69
C VAL OA 390 63.88 5.30 -41.91
N LEU OA 391 64.70 6.31 -41.61
CA LEU OA 391 65.88 6.11 -40.79
C LEU OA 391 65.50 5.63 -39.38
N ALA OA 392 64.50 6.25 -38.78
CA ALA OA 392 64.05 5.81 -37.45
C ALA OA 392 63.55 4.37 -37.48
N ALA OA 393 62.73 4.04 -38.49
CA ALA OA 393 62.20 2.68 -38.60
C ALA OA 393 63.32 1.68 -38.78
N SER OA 394 64.32 2.02 -39.58
CA SER OA 394 65.48 1.15 -39.78
C SER OA 394 66.26 0.92 -38.49
N ARG OA 395 66.46 1.99 -37.70
CA ARG OA 395 67.12 1.81 -36.41
C ARG OA 395 66.35 0.86 -35.53
N PHE OA 396 65.02 1.00 -35.50
CA PHE OA 396 64.23 0.06 -34.69
C PHE OA 396 64.34 -1.36 -35.22
N ALA OA 397 64.46 -1.53 -36.54
CA ALA OA 397 64.71 -2.86 -37.09
C ALA OA 397 66.01 -3.43 -36.55
N HIS OA 398 67.07 -2.62 -36.52
CA HIS OA 398 68.35 -3.10 -36.02
C HIS OA 398 68.26 -3.50 -34.55
N TYR OA 399 67.63 -2.66 -33.74
CA TYR OA 399 67.47 -2.97 -32.33
C TYR OA 399 66.66 -4.24 -32.12
N LEU OA 400 65.57 -4.39 -32.87
CA LEU OA 400 64.74 -5.59 -32.75
C LEU OA 400 65.54 -6.83 -33.10
N LYS OA 401 66.30 -6.78 -34.19
CA LYS OA 401 67.15 -7.90 -34.57
C LYS OA 401 68.07 -8.29 -33.41
N VAL OA 402 68.77 -7.32 -32.83
CA VAL OA 402 69.77 -7.65 -31.81
C VAL OA 402 69.11 -8.19 -30.54
N ILE OA 403 68.08 -7.51 -30.04
CA ILE OA 403 67.51 -7.92 -28.76
C ILE OA 403 66.77 -9.25 -28.89
N MET OA 404 66.02 -9.44 -29.99
CA MET OA 404 65.32 -10.70 -30.16
C MET OA 404 66.29 -11.85 -30.41
N ARG OA 405 67.40 -11.59 -31.09
CA ARG OA 405 68.44 -12.61 -31.18
C ARG OA 405 68.93 -13.00 -29.80
N ASP OA 406 69.09 -12.03 -28.90
CA ASP OA 406 69.46 -12.36 -27.53
C ASP OA 406 68.39 -13.19 -26.83
N LYS OA 407 67.12 -13.06 -27.23
CA LYS OA 407 66.06 -13.79 -26.55
C LYS OA 407 65.79 -15.19 -27.13
N VAL OA 408 66.38 -15.56 -28.26
CA VAL OA 408 66.16 -16.89 -28.82
C VAL OA 408 66.63 -17.94 -27.81
N GLY OA 409 65.80 -18.95 -27.60
CA GLY OA 409 66.13 -20.04 -26.70
C GLY OA 409 65.64 -19.86 -25.27
N SER OA 410 65.25 -18.65 -24.88
CA SER OA 410 64.64 -18.43 -23.58
C SER OA 410 63.18 -18.89 -23.57
N PHE OA 411 62.70 -19.26 -22.38
CA PHE OA 411 61.30 -19.66 -22.21
C PHE OA 411 60.40 -18.44 -22.38
N MET OA 412 59.64 -18.38 -23.47
CA MET OA 412 58.88 -17.19 -23.82
C MET OA 412 57.57 -17.60 -24.46
N THR OA 413 56.45 -17.20 -23.85
CA THR OA 413 55.16 -17.32 -24.51
C THR OA 413 54.94 -16.14 -25.45
N ARG OA 414 53.83 -16.18 -26.19
CA ARG OA 414 53.46 -15.04 -27.02
C ARG OA 414 53.29 -13.79 -26.17
N ASP OA 415 52.64 -13.91 -25.03
CA ASP OA 415 52.44 -12.78 -24.14
C ASP OA 415 53.77 -12.27 -23.58
N ASN OA 416 54.70 -13.17 -23.25
CA ASN OA 416 56.01 -12.75 -22.78
C ASN OA 416 56.70 -11.88 -23.81
N VAL OA 417 56.69 -12.32 -25.08
CA VAL OA 417 57.31 -11.56 -26.16
C VAL OA 417 56.65 -10.19 -26.28
N GLN OA 418 55.32 -10.16 -26.28
CA GLN OA 418 54.61 -8.90 -26.46
C GLN OA 418 54.90 -7.93 -25.32
N THR OA 419 54.85 -8.42 -24.08
CA THR OA 419 55.14 -7.58 -22.93
C THR OA 419 56.56 -7.05 -22.98
N TYR OA 420 57.53 -7.91 -23.30
CA TYR OA 420 58.92 -7.47 -23.39
C TYR OA 420 59.09 -6.38 -24.44
N LEU OA 421 58.56 -6.60 -25.64
CA LEU OA 421 58.77 -5.63 -26.72
C LEU OA 421 58.09 -4.31 -26.42
N ASN OA 422 56.88 -4.34 -25.87
CA ASN OA 422 56.21 -3.08 -25.54
C ASN OA 422 56.91 -2.37 -24.39
N ASN OA 423 57.45 -3.12 -23.43
CA ASN OA 423 58.22 -2.51 -22.36
C ASN OA 423 59.49 -1.85 -22.89
N TRP OA 424 60.17 -2.52 -23.81
CA TRP OA 424 61.44 -2.03 -24.32
C TRP OA 424 61.25 -0.74 -25.12
N ILE OA 425 60.22 -0.69 -25.98
CA ILE OA 425 60.04 0.45 -26.87
C ILE OA 425 59.48 1.67 -26.17
N ALA OA 426 58.90 1.52 -24.98
CA ALA OA 426 58.27 2.63 -24.30
C ALA OA 426 59.24 3.76 -23.98
N ASP OA 427 60.52 3.42 -23.82
CA ASP OA 427 61.52 4.43 -23.47
C ASP OA 427 61.76 5.46 -24.57
N TYR OA 428 61.35 5.16 -25.80
CA TYR OA 428 61.60 6.04 -26.93
C TYR OA 428 60.39 6.89 -27.31
N VAL OA 429 59.35 6.89 -26.48
CA VAL OA 429 58.09 7.57 -26.79
C VAL OA 429 58.01 8.85 -25.96
N LEU OA 430 57.65 9.95 -26.61
CA LEU OA 430 57.40 11.23 -25.95
C LEU OA 430 55.99 11.69 -26.29
N ILE OA 431 55.16 11.84 -25.26
CA ILE OA 431 53.75 12.20 -25.47
C ILE OA 431 53.58 13.71 -25.61
N ASN OA 432 54.47 14.50 -25.02
CA ASN OA 432 54.28 15.95 -24.92
C ASN OA 432 54.54 16.61 -26.26
N ASP OA 433 53.46 16.98 -26.96
CA ASP OA 433 53.58 17.67 -28.24
C ASP OA 433 53.95 19.14 -28.08
N ASN OA 434 53.99 19.65 -26.85
CA ASN OA 434 54.43 21.02 -26.59
C ASN OA 434 55.91 21.10 -26.23
N ALA OA 435 56.63 19.98 -26.25
CA ALA OA 435 58.05 20.01 -25.99
C ALA OA 435 58.78 20.78 -27.08
N PRO OA 436 59.87 21.47 -26.75
CA PRO OA 436 60.61 22.22 -27.77
C PRO OA 436 61.23 21.29 -28.80
N GLN OA 437 61.73 21.91 -29.87
CA GLN OA 437 62.32 21.15 -30.98
C GLN OA 437 63.45 20.24 -30.50
N GLU OA 438 64.32 20.76 -29.63
CA GLU OA 438 65.48 19.99 -29.19
C GLU OA 438 65.08 18.79 -28.34
N ILE OA 439 63.93 18.83 -27.69
CA ILE OA 439 63.45 17.68 -26.94
C ILE OA 439 62.82 16.65 -27.88
N LYS OA 440 61.97 17.11 -28.79
CA LYS OA 440 61.33 16.19 -29.73
C LYS OA 440 62.37 15.47 -30.58
N ALA OA 441 63.48 16.13 -30.88
CA ALA OA 441 64.55 15.49 -31.65
C ALA OA 441 65.14 14.26 -30.95
N GLN OA 442 65.04 14.19 -29.62
CA GLN OA 442 65.62 13.09 -28.87
C GLN OA 442 64.69 11.89 -28.73
N TYR OA 443 63.44 11.99 -29.18
CA TYR OA 443 62.49 10.89 -29.05
C TYR OA 443 61.89 10.60 -30.41
N PRO OA 444 62.22 9.47 -31.03
CA PRO OA 444 61.69 9.20 -32.38
C PRO OA 444 60.20 8.95 -32.44
N LEU OA 445 59.55 8.66 -31.32
CA LEU OA 445 58.17 8.18 -31.33
C LEU OA 445 57.26 9.09 -30.50
N ARG OA 446 56.07 9.34 -31.05
CA ARG OA 446 54.97 9.89 -30.29
C ARG OA 446 54.02 8.81 -29.77
N GLU OA 447 53.99 7.65 -30.43
CA GLU OA 447 53.19 6.51 -30.02
C GLU OA 447 53.81 5.25 -30.61
N ALA OA 448 53.64 4.13 -29.91
CA ALA OA 448 54.11 2.86 -30.44
C ALA OA 448 53.32 1.74 -29.80
N ARG OA 449 53.18 0.64 -30.54
CA ARG OA 449 52.54 -0.56 -30.02
C ARG OA 449 53.05 -1.76 -30.80
N VAL OA 450 53.30 -2.85 -30.08
CA VAL OA 450 53.74 -4.11 -30.68
C VAL OA 450 52.66 -5.14 -30.44
N ASP OA 451 52.18 -5.77 -31.51
CA ASP OA 451 51.21 -6.85 -31.44
C ASP OA 451 51.89 -8.15 -31.86
N VAL OA 452 51.74 -9.18 -31.03
CA VAL OA 452 52.41 -10.47 -31.25
C VAL OA 452 51.35 -11.56 -31.36
N SER OA 453 51.55 -12.47 -32.31
CA SER OA 453 50.63 -13.57 -32.53
C SER OA 453 51.41 -14.87 -32.66
N GLU OA 454 50.76 -15.98 -32.31
CA GLU OA 454 51.36 -17.30 -32.44
C GLU OA 454 51.20 -17.82 -33.87
N VAL OA 455 52.07 -18.74 -34.23
CA VAL OA 455 51.96 -19.45 -35.51
C VAL OA 455 51.46 -20.86 -35.19
N VAL OA 456 50.31 -21.22 -35.77
CA VAL OA 456 49.67 -22.49 -35.43
C VAL OA 456 50.59 -23.65 -35.80
N GLY OA 457 50.67 -24.63 -34.92
CA GLY OA 457 51.45 -25.82 -35.16
C GLY OA 457 52.93 -25.68 -34.94
N LYS OA 458 53.42 -24.51 -34.51
CA LYS OA 458 54.85 -24.26 -34.34
C LYS OA 458 55.10 -23.65 -32.97
N PRO OA 459 55.30 -24.47 -31.95
CA PRO OA 459 55.61 -23.92 -30.62
C PRO OA 459 56.85 -23.04 -30.65
N GLY OA 460 56.77 -21.92 -29.95
CA GLY OA 460 57.89 -20.98 -29.90
C GLY OA 460 58.14 -20.16 -31.15
N VAL OA 461 57.21 -20.16 -32.10
CA VAL OA 461 57.34 -19.37 -33.33
C VAL OA 461 56.26 -18.31 -33.33
N TYR OA 462 56.65 -17.06 -33.54
CA TYR OA 462 55.75 -15.92 -33.37
C TYR OA 462 55.88 -14.94 -34.52
N ARG OA 463 54.82 -14.16 -34.72
CA ARG OA 463 54.80 -13.04 -35.66
C ARG OA 463 54.42 -11.78 -34.90
N ALA OA 464 55.06 -10.67 -35.26
CA ALA OA 464 54.81 -9.41 -34.60
C ALA OA 464 54.62 -8.31 -35.63
N THR OA 465 53.79 -7.33 -35.27
CA THR OA 465 53.69 -6.08 -36.01
C THR OA 465 54.08 -4.94 -35.08
N VAL OA 466 54.99 -4.11 -35.54
CA VAL OA 466 55.51 -2.99 -34.75
C VAL OA 466 55.00 -1.71 -35.40
N PHE OA 467 54.05 -1.06 -34.73
CA PHE OA 467 53.50 0.21 -35.20
C PHE OA 467 54.29 1.36 -34.58
N LEU OA 468 54.82 2.23 -35.41
CA LEU OA 468 55.62 3.37 -34.97
C LEU OA 468 54.96 4.65 -35.45
N ARG OA 469 54.57 5.51 -34.52
CA ARG OA 469 54.03 6.82 -34.87
C ARG OA 469 55.05 7.89 -34.51
N PRO OA 470 55.74 8.48 -35.49
CA PRO OA 470 56.76 9.47 -35.18
C PRO OA 470 56.15 10.83 -34.87
N HIS OA 471 57.02 11.75 -34.45
CA HIS OA 471 56.67 13.16 -34.39
C HIS OA 471 56.82 13.74 -35.80
N PHE OA 472 55.76 14.38 -36.30
CA PHE OA 472 55.75 14.81 -37.69
C PHE OA 472 56.31 16.21 -37.85
N GLN OA 473 57.05 16.40 -38.93
CA GLN OA 473 57.70 17.67 -39.25
C GLN OA 473 56.84 18.47 -40.22
N LEU OA 474 56.88 19.79 -40.07
CA LEU OA 474 56.06 20.67 -40.91
C LEU OA 474 56.49 20.57 -42.37
N GLU OA 475 55.52 20.36 -43.25
CA GLU OA 475 55.76 20.20 -44.67
C GLU OA 475 55.26 21.36 -45.51
N GLU OA 476 54.01 21.79 -45.31
CA GLU OA 476 53.40 22.82 -46.11
C GLU OA 476 52.43 23.62 -45.27
N LEU OA 477 52.20 24.87 -45.68
CA LEU OA 477 51.19 25.72 -45.04
C LEU OA 477 50.56 26.59 -46.11
N THR OA 478 49.24 26.51 -46.25
CA THR OA 478 48.47 27.39 -47.11
C THR OA 478 47.69 28.36 -46.23
N ALA OA 479 47.92 29.65 -46.41
CA ALA OA 479 47.34 30.66 -45.54
C ALA OA 479 46.51 31.65 -46.34
N SER OA 480 45.40 32.08 -45.76
CA SER OA 480 44.54 33.11 -46.32
C SER OA 480 44.49 34.28 -45.34
N ILE OA 481 44.95 35.44 -45.79
CA ILE OA 481 44.93 36.65 -44.98
C ILE OA 481 43.68 37.43 -45.31
N ARG OA 482 42.97 37.88 -44.28
CA ARG OA 482 41.68 38.55 -44.48
C ARG OA 482 41.57 39.74 -43.53
N LEU OA 483 41.43 40.94 -44.10
CA LEU OA 483 41.10 42.12 -43.32
C LEU OA 483 39.63 42.08 -42.95
N VAL OA 484 39.33 42.31 -41.67
CA VAL OA 484 37.96 42.27 -41.20
C VAL OA 484 37.69 43.46 -40.30
N ALA OA 485 36.45 43.98 -40.35
CA ALA OA 485 36.03 44.98 -39.38
C ALA OA 485 35.74 44.36 -38.02
N THR OA 486 35.28 43.10 -38.00
CA THR OA 486 35.06 42.35 -36.78
C THR OA 486 35.59 40.94 -36.97
N LEU OA 487 36.18 40.38 -35.92
CA LEU OA 487 36.68 39.00 -35.98
C LEU OA 487 35.50 38.03 -36.05
N PRO OA 488 35.41 37.19 -37.06
CA PRO OA 488 34.39 36.14 -37.05
C PRO OA 488 34.76 35.03 -36.08
N PRO OA 489 33.77 34.26 -35.61
CA PRO OA 489 34.10 33.13 -34.74
C PRO OA 489 34.87 32.07 -35.50
N PRO OA 490 35.71 31.28 -34.82
CA PRO OA 490 36.53 30.27 -35.48
C PRO OA 490 35.71 29.13 -36.09
N GLU PA 3 78.30 -16.39 -13.27
CA GLU PA 3 77.80 -16.48 -11.90
C GLU PA 3 78.86 -16.06 -10.88
N SER PA 4 78.47 -15.21 -9.94
CA SER PA 4 79.38 -14.81 -8.88
C SER PA 4 79.80 -16.02 -8.05
N THR PA 5 81.04 -16.00 -7.58
CA THR PA 5 81.52 -17.07 -6.71
C THR PA 5 80.73 -17.12 -5.41
N GLN PA 6 80.14 -16.00 -4.99
CA GLN PA 6 79.28 -16.01 -3.82
C GLN PA 6 78.11 -16.95 -4.01
N HIS PA 7 77.50 -16.92 -5.20
CA HIS PA 7 76.36 -17.78 -5.48
C HIS PA 7 76.75 -19.23 -5.71
N LYS PA 8 78.00 -19.50 -6.10
CA LYS PA 8 78.47 -20.88 -6.14
C LYS PA 8 78.46 -21.50 -4.75
N LEU PA 9 78.82 -20.71 -3.73
CA LEU PA 9 78.80 -21.19 -2.36
C LEU PA 9 77.40 -21.43 -1.83
N ASP PA 10 76.36 -20.96 -2.54
CA ASP PA 10 74.99 -21.38 -2.21
C ASP PA 10 74.84 -22.88 -2.33
N ARG PA 11 75.55 -23.51 -3.26
CA ARG PA 11 75.35 -24.90 -3.62
C ARG PA 11 76.45 -25.83 -3.14
N ILE PA 12 77.70 -25.37 -3.15
CA ILE PA 12 78.86 -26.24 -2.91
C ILE PA 12 79.26 -26.10 -1.46
N ARG PA 13 78.85 -27.06 -0.64
CA ARG PA 13 79.15 -27.10 0.79
C ARG PA 13 78.87 -25.76 1.48
N PRO PA 14 77.62 -25.29 1.44
CA PRO PA 14 77.34 -23.95 1.93
C PRO PA 14 77.45 -23.88 3.45
N PRO PA 15 77.82 -22.73 4.00
CA PRO PA 15 77.77 -22.55 5.45
C PRO PA 15 76.34 -22.34 5.93
N ARG PA 16 76.17 -22.37 7.25
CA ARG PA 16 74.87 -22.08 7.83
C ARG PA 16 74.44 -20.65 7.51
N VAL PA 17 75.35 -19.69 7.64
CA VAL PA 17 75.08 -18.29 7.36
C VAL PA 17 75.76 -17.95 6.04
N GLN PA 18 74.97 -17.86 4.99
CA GLN PA 18 75.47 -17.68 3.63
C GLN PA 18 75.04 -16.30 3.13
N ILE PA 19 76.01 -15.46 2.77
CA ILE PA 19 75.78 -14.06 2.46
C ILE PA 19 76.32 -13.76 1.06
N THR PA 20 75.51 -13.08 0.25
CA THR PA 20 75.93 -12.66 -1.08
C THR PA 20 75.59 -11.18 -1.27
N TYR PA 21 76.28 -10.55 -2.21
CA TYR PA 21 75.92 -9.20 -2.64
C TYR PA 21 75.15 -9.28 -3.95
N ASP PA 22 74.11 -8.46 -4.09
CA ASP PA 22 73.32 -8.43 -5.31
C ASP PA 22 72.91 -7.01 -5.66
N VAL PA 23 72.76 -6.75 -6.95
CA VAL PA 23 72.25 -5.48 -7.44
C VAL PA 23 70.72 -5.56 -7.46
N GLU PA 24 70.08 -4.64 -6.77
CA GLU PA 24 68.62 -4.59 -6.74
C GLU PA 24 68.12 -3.95 -8.03
N THR PA 25 67.59 -4.77 -8.94
CA THR PA 25 67.10 -4.26 -10.22
C THR PA 25 65.59 -4.35 -10.39
N GLY PA 26 64.88 -4.98 -9.46
CA GLY PA 26 63.44 -5.08 -9.58
C GLY PA 26 63.04 -5.80 -10.85
N ASN PA 27 62.08 -5.22 -11.57
CA ASN PA 27 61.61 -5.77 -12.84
C ASN PA 27 62.24 -5.09 -14.04
N ALA PA 28 63.36 -4.40 -13.85
CA ALA PA 28 63.99 -3.67 -14.95
C ALA PA 28 64.60 -4.64 -15.96
N ILE PA 29 64.66 -4.19 -17.21
CA ILE PA 29 65.30 -4.93 -18.29
C ILE PA 29 66.54 -4.16 -18.74
N GLU PA 30 67.54 -4.90 -19.20
CA GLU PA 30 68.77 -4.29 -19.69
C GLU PA 30 68.52 -3.59 -21.02
N LYS PA 31 69.18 -2.46 -21.21
CA LYS PA 31 69.03 -1.64 -22.41
C LYS PA 31 70.37 -1.60 -23.13
N LYS PA 32 70.60 -2.56 -24.02
CA LYS PA 32 71.81 -2.55 -24.82
C LYS PA 32 71.71 -1.46 -25.89
N GLU PA 33 72.80 -0.72 -26.08
CA GLU PA 33 72.84 0.38 -27.02
C GLU PA 33 73.59 -0.03 -28.27
N LEU PA 34 73.11 0.43 -29.42
CA LEU PA 34 73.84 0.19 -30.64
C LEU PA 34 74.48 1.49 -31.13
N PRO PA 35 75.71 1.43 -31.61
CA PRO PA 35 76.32 2.62 -32.21
C PRO PA 35 75.66 2.94 -33.55
N LEU PA 36 75.78 4.20 -33.95
CA LEU PA 36 75.45 4.58 -35.31
C LEU PA 36 76.63 4.23 -36.20
N VAL PA 37 76.40 3.45 -37.25
CA VAL PA 37 77.44 3.00 -38.15
C VAL PA 37 77.10 3.50 -39.54
N VAL PA 38 77.93 4.36 -40.09
CA VAL PA 38 77.73 4.90 -41.44
C VAL PA 38 78.68 4.17 -42.38
N GLY PA 39 78.10 3.47 -43.36
CA GLY PA 39 78.91 2.86 -44.40
C GLY PA 39 79.14 3.82 -45.55
N ILE PA 40 80.39 4.06 -45.89
CA ILE PA 40 80.76 4.99 -46.95
C ILE PA 40 81.29 4.20 -48.13
N LEU PA 41 80.72 4.45 -49.31
CA LEU PA 41 81.13 3.81 -50.55
C LEU PA 41 81.66 4.90 -51.46
N ALA PA 42 82.97 4.88 -51.73
CA ALA PA 42 83.58 5.95 -52.50
C ALA PA 42 84.72 5.40 -53.35
N ASP PA 43 84.91 6.02 -54.52
CA ASP PA 43 85.96 5.65 -55.46
C ASP PA 43 87.17 6.52 -55.14
N LEU PA 44 88.03 6.03 -54.25
CA LEU PA 44 89.12 6.84 -53.74
C LEU PA 44 90.47 6.45 -54.34
N MET PA 56 85.19 -8.81 -53.21
CA MET PA 56 85.05 -9.79 -52.14
C MET PA 56 86.20 -9.67 -51.15
N GLU PA 57 87.37 -9.27 -51.65
CA GLU PA 57 88.57 -9.22 -50.85
C GLU PA 57 88.68 -7.94 -50.01
N ARG PA 58 88.02 -6.87 -50.41
CA ARG PA 58 88.11 -5.61 -49.70
C ARG PA 58 87.21 -5.65 -48.45
N ARG PA 59 87.28 -4.58 -47.66
CA ARG PA 59 86.51 -4.54 -46.43
C ARG PA 59 86.16 -3.09 -46.11
N PHE PA 60 85.16 -2.93 -45.25
CA PHE PA 60 84.80 -1.63 -44.71
C PHE PA 60 85.78 -1.30 -43.60
N VAL PA 61 86.72 -0.40 -43.85
CA VAL PA 61 87.73 -0.05 -42.87
C VAL PA 61 87.25 1.14 -42.04
N GLU PA 62 87.38 1.03 -40.73
CA GLU PA 62 86.96 2.09 -39.83
C GLU PA 62 87.85 3.31 -40.00
N ILE PA 63 87.24 4.48 -40.14
CA ILE PA 63 87.96 5.71 -40.40
C ILE PA 63 87.51 6.78 -39.41
N ASN PA 64 88.47 7.58 -38.95
CA ASN PA 64 88.18 8.64 -37.99
C ASN PA 64 89.25 9.71 -38.13
N ARG PA 65 89.13 10.75 -37.30
CA ARG PA 65 90.09 11.87 -37.39
C ARG PA 65 91.50 11.43 -37.03
N ASP PA 66 91.65 10.36 -36.25
CA ASP PA 66 92.99 9.94 -35.84
C ASP PA 66 93.73 9.20 -36.95
N ASN PA 67 93.07 8.26 -37.62
CA ASN PA 67 93.75 7.39 -38.58
C ASN PA 67 93.50 7.80 -40.02
N PHE PA 68 92.97 9.00 -40.26
CA PHE PA 68 92.57 9.40 -41.61
C PHE PA 68 93.74 9.33 -42.57
N ASN PA 69 94.88 9.88 -42.18
CA ASN PA 69 96.02 9.90 -43.10
C ASN PA 69 96.61 8.52 -43.31
N ASP PA 70 96.53 7.63 -42.32
CA ASP PA 70 96.94 6.25 -42.52
C ASP PA 70 96.07 5.56 -43.57
N VAL PA 71 94.76 5.81 -43.54
CA VAL PA 71 93.87 5.23 -44.53
C VAL PA 71 94.14 5.84 -45.90
N LEU PA 72 94.41 7.14 -45.95
CA LEU PA 72 94.78 7.77 -47.21
C LEU PA 72 96.05 7.15 -47.78
N ALA PA 73 97.05 6.92 -46.94
CA ALA PA 73 98.30 6.32 -47.38
C ALA PA 73 98.08 4.90 -47.88
N SER PA 74 97.29 4.11 -47.15
CA SER PA 74 97.05 2.73 -47.55
C SER PA 74 96.28 2.66 -48.86
N ILE PA 75 95.35 3.59 -49.08
CA ILE PA 75 94.69 3.68 -50.38
C ILE PA 75 95.67 4.18 -51.43
N ALA PA 76 96.47 5.19 -51.08
CA ALA PA 76 97.53 5.76 -51.91
C ALA PA 76 96.98 6.25 -53.25
N PRO PA 77 96.14 7.29 -53.26
CA PRO PA 77 95.63 7.80 -54.55
C PRO PA 77 96.73 8.43 -55.40
N GLN QA 90 -44.92 -39.38 90.04
CA GLN QA 90 -43.73 -39.16 89.22
C GLN QA 90 -44.10 -39.20 87.74
N LYS QA 91 -44.67 -40.32 87.29
CA LYS QA 91 -45.00 -40.48 85.88
C LYS QA 91 -46.02 -39.45 85.43
N LEU QA 92 -47.05 -39.20 86.25
CA LEU QA 92 -47.99 -38.14 85.94
C LEU QA 92 -47.32 -36.78 86.03
N GLU QA 93 -46.53 -36.54 87.08
CA GLU QA 93 -45.89 -35.25 87.24
C GLU QA 93 -44.92 -34.97 86.10
N ALA QA 94 -44.17 -35.98 85.66
CA ALA QA 94 -43.23 -35.80 84.57
C ALA QA 94 -43.94 -35.41 83.29
N SER QA 95 -45.09 -36.04 83.01
CA SER QA 95 -45.86 -35.71 81.82
C SER QA 95 -46.36 -34.27 81.87
N TRP QA 96 -46.94 -33.87 83.01
CA TRP QA 96 -47.48 -32.51 83.12
C TRP QA 96 -46.37 -31.48 83.13
N ARG QA 97 -45.25 -31.77 83.80
CA ARG QA 97 -44.14 -30.82 83.83
C ARG QA 97 -43.45 -30.73 82.48
N GLY QA 98 -43.28 -31.86 81.80
CA GLY QA 98 -42.75 -31.81 80.45
C GLY QA 98 -43.64 -31.00 79.53
N LEU QA 99 -44.94 -31.19 79.62
CA LEU QA 99 -45.88 -30.42 78.81
C LEU QA 99 -45.81 -28.94 79.15
N HIS QA 100 -45.75 -28.61 80.45
CA HIS QA 100 -45.73 -27.21 80.86
C HIS QA 100 -44.47 -26.51 80.36
N MET QA 101 -43.31 -27.17 80.46
CA MET QA 101 -42.09 -26.58 79.91
C MET QA 101 -42.20 -26.33 78.42
N LEU QA 102 -42.75 -27.28 77.67
CA LEU QA 102 -42.92 -27.07 76.23
C LEU QA 102 -43.86 -25.91 75.95
N VAL QA 103 -44.99 -25.85 76.66
CA VAL QA 103 -45.94 -24.76 76.45
C VAL QA 103 -45.31 -23.42 76.80
N LYS QA 104 -44.65 -23.35 77.95
CA LYS QA 104 -44.10 -22.09 78.42
C LYS QA 104 -42.97 -21.59 77.53
N ASN QA 105 -42.22 -22.50 76.91
CA ASN QA 105 -41.05 -22.13 76.12
C ASN QA 105 -41.32 -22.06 74.63
N THR QA 106 -42.59 -22.18 74.22
CA THR QA 106 -42.97 -22.10 72.81
C THR QA 106 -43.71 -20.81 72.55
N GLU QA 107 -43.29 -20.08 71.51
CA GLU QA 107 -43.93 -18.83 71.13
C GLU QA 107 -45.22 -19.12 70.36
N THR QA 108 -46.23 -19.57 71.11
CA THR QA 108 -47.54 -19.81 70.51
C THR QA 108 -48.18 -18.49 70.07
N GLY QA 109 -48.97 -18.57 69.02
CA GLY QA 109 -49.59 -17.37 68.47
C GLY QA 109 -50.27 -17.65 67.16
N ALA QA 110 -50.32 -16.64 66.31
CA ALA QA 110 -50.99 -16.78 65.02
C ALA QA 110 -50.36 -17.87 64.18
N ARG QA 111 -49.02 -17.95 64.19
CA ARG QA 111 -48.28 -18.86 63.32
C ARG QA 111 -47.92 -20.19 63.98
N LEU QA 112 -48.21 -20.38 65.26
CA LEU QA 112 -47.75 -21.55 65.99
C LEU QA 112 -48.80 -21.98 66.99
N LYS QA 113 -49.32 -23.18 66.84
CA LYS QA 113 -50.35 -23.71 67.73
C LYS QA 113 -49.94 -25.06 68.27
N LEU QA 114 -50.27 -25.29 69.54
CA LEU QA 114 -50.13 -26.59 70.17
C LEU QA 114 -51.53 -27.11 70.50
N ARG QA 115 -51.81 -28.34 70.08
CA ARG QA 115 -53.09 -28.98 70.32
C ARG QA 115 -52.87 -30.30 71.03
N LEU QA 116 -53.67 -30.57 72.05
CA LEU QA 116 -53.41 -31.65 72.98
C LEU QA 116 -54.57 -32.65 72.99
N LEU QA 117 -54.25 -33.93 72.84
CA LEU QA 117 -55.22 -35.01 72.93
C LEU QA 117 -54.84 -35.88 74.12
N ASN QA 118 -55.72 -35.91 75.12
CA ASN QA 118 -55.50 -36.69 76.33
C ASN QA 118 -55.93 -38.13 76.06
N VAL QA 119 -54.97 -39.06 76.04
CA VAL QA 119 -55.25 -40.44 75.66
C VAL QA 119 -54.10 -41.31 76.15
N THR QA 120 -54.42 -42.51 76.60
CA THR QA 120 -53.43 -43.46 77.07
C THR QA 120 -52.88 -44.29 75.92
N GLN QA 121 -51.74 -44.95 76.18
CA GLN QA 121 -51.13 -45.79 75.17
C GLN QA 121 -52.04 -46.97 74.80
N LYS QA 122 -52.66 -47.58 75.81
CA LYS QA 122 -53.57 -48.70 75.54
C LYS QA 122 -54.79 -48.26 74.75
N GLU QA 123 -55.33 -47.07 75.05
CA GLU QA 123 -56.46 -46.56 74.29
C GLU QA 123 -56.09 -46.34 72.82
N LEU QA 124 -54.90 -45.80 72.57
CA LEU QA 124 -54.43 -45.65 71.20
C LEU QA 124 -54.32 -47.00 70.50
N LEU QA 125 -53.74 -47.99 71.20
CA LEU QA 125 -53.59 -49.31 70.62
C LEU QA 125 -54.95 -49.91 70.26
N ILE QA 126 -55.93 -49.79 71.17
CA ILE QA 126 -57.25 -50.35 70.93
C ILE QA 126 -57.91 -49.63 69.76
N ASP QA 127 -57.84 -48.30 69.73
CA ASP QA 127 -58.47 -47.54 68.66
C ASP QA 127 -57.89 -47.93 67.31
N LEU QA 128 -56.56 -48.08 67.23
CA LEU QA 128 -55.94 -48.38 65.95
C LEU QA 128 -56.18 -49.82 65.53
N GLU QA 129 -56.19 -50.75 66.48
CA GLU QA 129 -56.34 -52.16 66.12
C GLU QA 129 -57.79 -52.51 65.78
N LYS QA 130 -58.76 -51.92 66.45
CA LYS QA 130 -60.16 -52.31 66.30
C LYS QA 130 -60.87 -51.57 65.18
N ALA QA 131 -60.23 -50.60 64.55
CA ALA QA 131 -60.86 -49.89 63.44
C ALA QA 131 -61.18 -50.86 62.32
N VAL QA 132 -62.38 -50.72 61.74
CA VAL QA 132 -62.80 -51.63 60.68
C VAL QA 132 -61.89 -51.48 59.47
N GLU QA 133 -61.45 -50.26 59.19
CA GLU QA 133 -60.49 -49.98 58.13
C GLU QA 133 -59.51 -48.93 58.64
N PHE QA 134 -58.37 -48.81 57.95
CA PHE QA 134 -57.30 -47.95 58.46
C PHE QA 134 -57.73 -46.50 58.56
N ASP QA 135 -58.66 -46.06 57.71
CA ASP QA 135 -59.09 -44.66 57.72
C ASP QA 135 -60.28 -44.42 58.65
N GLN QA 136 -60.70 -45.43 59.40
CA GLN QA 136 -61.86 -45.31 60.27
C GLN QA 136 -61.50 -45.09 61.74
N SER QA 137 -60.24 -45.22 62.12
CA SER QA 137 -59.84 -45.05 63.50
C SER QA 137 -60.03 -43.61 63.95
N ALA QA 138 -60.29 -43.42 65.24
CA ALA QA 138 -60.44 -42.08 65.78
C ALA QA 138 -59.20 -41.23 65.52
N LEU QA 139 -58.02 -41.83 65.67
CA LEU QA 139 -56.79 -41.10 65.41
C LEU QA 139 -56.72 -40.65 63.96
N PHE QA 140 -57.06 -41.54 63.02
CA PHE QA 140 -57.03 -41.15 61.61
C PHE QA 140 -58.01 -40.03 61.35
N LYS QA 141 -59.24 -40.13 61.85
CA LYS QA 141 -60.21 -39.06 61.64
C LYS QA 141 -59.64 -37.73 62.15
N LYS QA 142 -59.21 -37.71 63.41
CA LYS QA 142 -58.82 -36.47 64.05
C LYS QA 142 -57.57 -35.87 63.43
N ILE QA 143 -56.62 -36.70 63.00
CA ILE QA 143 -55.34 -36.17 62.52
C ILE QA 143 -55.38 -35.92 61.02
N TYR QA 144 -55.84 -36.88 60.23
CA TYR QA 144 -55.92 -36.70 58.79
C TYR QA 144 -57.16 -35.92 58.39
N GLU QA 145 -58.35 -36.48 58.65
CA GLU QA 145 -59.55 -35.98 57.99
C GLU QA 145 -59.91 -34.59 58.47
N GLU QA 146 -59.87 -34.36 59.78
CA GLU QA 146 -60.41 -33.12 60.33
C GLU QA 146 -59.53 -31.92 60.00
N GLU QA 147 -58.23 -32.12 59.77
CA GLU QA 147 -57.36 -30.99 59.47
C GLU QA 147 -56.75 -31.08 58.08
N TYR QA 148 -55.97 -32.12 57.79
CA TYR QA 148 -55.31 -32.19 56.49
C TYR QA 148 -56.33 -32.41 55.36
N GLY QA 149 -57.36 -33.18 55.63
CA GLY QA 149 -58.33 -33.55 54.62
C GLY QA 149 -59.63 -32.77 54.62
N THR QA 150 -59.66 -31.60 55.25
CA THR QA 150 -60.86 -30.77 55.30
C THR QA 150 -60.56 -29.37 54.79
N PHE QA 151 -61.48 -28.84 53.98
CA PHE QA 151 -61.42 -27.47 53.50
C PHE QA 151 -61.32 -26.51 54.67
N GLY QA 152 -60.26 -25.69 54.68
CA GLY QA 152 -60.04 -24.75 55.75
C GLY QA 152 -59.26 -25.28 56.95
N GLY QA 153 -58.90 -26.55 56.96
CA GLY QA 153 -58.13 -27.10 58.06
C GLY QA 153 -56.68 -26.62 58.06
N HIS QA 154 -56.08 -26.63 59.24
CA HIS QA 154 -54.66 -26.35 59.41
C HIS QA 154 -53.96 -27.68 59.70
N PRO QA 155 -53.28 -28.27 58.72
CA PRO QA 155 -52.74 -29.62 58.93
C PRO QA 155 -51.76 -29.68 60.09
N PHE QA 156 -51.81 -30.78 60.82
CA PHE QA 156 -50.82 -31.05 61.86
C PHE QA 156 -49.44 -31.15 61.23
N SER QA 157 -48.53 -30.28 61.68
CA SER QA 157 -47.17 -30.32 61.17
C SER QA 157 -46.37 -31.46 61.77
N LEU QA 158 -46.64 -31.80 63.03
CA LEU QA 158 -45.83 -32.75 63.77
C LEU QA 158 -46.68 -33.34 64.89
N LEU QA 159 -46.37 -34.57 65.26
CA LEU QA 159 -47.00 -35.23 66.39
C LEU QA 159 -45.93 -35.62 67.39
N VAL QA 160 -46.16 -35.35 68.67
CA VAL QA 160 -45.28 -35.80 69.73
C VAL QA 160 -46.08 -36.68 70.66
N GLY QA 161 -45.57 -37.89 70.91
CA GLY QA 161 -46.21 -38.81 71.82
C GLY QA 161 -45.41 -38.97 73.09
N ASP QA 162 -46.02 -38.62 74.22
CA ASP QA 162 -45.38 -38.80 75.52
C ASP QA 162 -45.55 -40.26 75.95
N TYR QA 163 -44.90 -41.14 75.20
CA TYR QA 163 -44.92 -42.57 75.47
C TYR QA 163 -43.54 -43.14 75.20
N SER QA 164 -43.25 -44.27 75.85
CA SER QA 164 -42.04 -45.03 75.60
C SER QA 164 -42.40 -46.34 74.93
N PHE QA 165 -41.57 -46.76 73.97
CA PHE QA 165 -41.84 -47.94 73.17
C PHE QA 165 -40.72 -48.95 73.37
N GLY QA 166 -41.09 -50.14 73.85
CA GLY QA 166 -40.16 -51.22 74.08
C GLY QA 166 -40.16 -52.22 72.94
N ARG QA 167 -39.65 -53.41 73.23
CA ARG QA 167 -39.58 -54.48 72.25
C ARG QA 167 -40.84 -55.34 72.23
N HIS QA 168 -41.81 -55.04 73.09
CA HIS QA 168 -43.01 -55.86 73.18
C HIS QA 168 -43.76 -55.85 71.86
N PRO QA 169 -44.34 -56.98 71.44
CA PRO QA 169 -45.03 -57.01 70.14
C PRO QA 169 -46.14 -55.98 70.00
N GLN QA 170 -46.90 -55.69 71.06
CA GLN QA 170 -47.94 -54.68 70.95
C GLN QA 170 -47.34 -53.28 70.87
N ASP QA 171 -46.16 -53.06 71.46
CA ASP QA 171 -45.50 -51.77 71.33
C ASP QA 171 -45.10 -51.52 69.88
N ILE QA 172 -44.50 -52.50 69.23
CA ILE QA 172 -44.09 -52.35 67.83
C ILE QA 172 -45.33 -52.26 66.93
N GLY QA 173 -46.38 -53.03 67.24
CA GLY QA 173 -47.60 -52.93 66.47
C GLY QA 173 -48.23 -51.54 66.56
N LEU QA 174 -48.27 -50.97 67.77
CA LEU QA 174 -48.76 -49.61 67.93
C LEU QA 174 -47.89 -48.63 67.18
N LEU QA 175 -46.57 -48.81 67.23
CA LEU QA 175 -45.68 -47.94 66.48
C LEU QA 175 -45.97 -48.00 64.99
N GLU QA 176 -46.27 -49.20 64.48
CA GLU QA 176 -46.56 -49.35 63.06
C GLU QA 176 -47.86 -48.65 62.68
N LYS QA 177 -48.93 -48.85 63.47
CA LYS QA 177 -50.20 -48.18 63.18
C LYS QA 177 -50.05 -46.66 63.26
N LEU QA 178 -49.34 -46.18 64.29
CA LEU QA 178 -49.10 -44.75 64.41
C LEU QA 178 -48.33 -44.22 63.22
N SER QA 179 -47.34 -45.00 62.75
CA SER QA 179 -46.58 -44.59 61.57
C SER QA 179 -47.46 -44.48 60.35
N ASN QA 180 -48.41 -45.41 60.21
CA ASN QA 180 -49.34 -45.33 59.08
C ASN QA 180 -50.15 -44.04 59.12
N VAL QA 181 -50.71 -43.72 60.30
CA VAL QA 181 -51.49 -42.50 60.42
C VAL QA 181 -50.62 -41.27 60.16
N ALA QA 182 -49.40 -41.26 60.72
CA ALA QA 182 -48.48 -40.14 60.53
C ALA QA 182 -48.11 -39.97 59.06
N ALA QA 183 -47.85 -41.07 58.37
CA ALA QA 183 -47.52 -41.01 56.95
C ALA QA 183 -48.68 -40.47 56.13
N ALA QA 184 -49.90 -40.94 56.42
CA ALA QA 184 -51.05 -40.48 55.65
C ALA QA 184 -51.19 -38.97 55.71
N ALA QA 185 -51.05 -38.38 56.89
CA ALA QA 185 -51.22 -36.95 57.08
C ALA QA 185 -49.94 -36.15 56.86
N HIS QA 186 -48.83 -36.81 56.51
CA HIS QA 186 -47.51 -36.15 56.41
C HIS QA 186 -47.19 -35.38 57.70
N ALA QA 187 -47.29 -36.08 58.82
CA ALA QA 187 -47.08 -35.47 60.14
C ALA QA 187 -46.16 -36.37 60.94
N PRO QA 188 -44.85 -36.12 60.90
CA PRO QA 188 -43.90 -37.01 61.60
C PRO QA 188 -44.22 -37.12 63.09
N PHE QA 189 -44.04 -38.33 63.61
CA PHE QA 189 -44.37 -38.67 64.98
C PHE QA 189 -43.08 -38.88 65.77
N ILE QA 190 -43.03 -38.29 66.96
CA ILE QA 190 -41.85 -38.34 67.82
C ILE QA 190 -42.26 -38.89 69.18
N ALA QA 191 -41.54 -39.91 69.65
CA ALA QA 191 -41.79 -40.49 70.95
C ALA QA 191 -40.44 -40.92 71.54
N ALA QA 192 -40.48 -41.71 72.60
CA ALA QA 192 -39.29 -42.12 73.32
C ALA QA 192 -39.04 -43.61 73.18
N ALA QA 193 -37.76 -43.97 73.16
CA ALA QA 193 -37.36 -45.37 73.18
C ALA QA 193 -37.30 -45.84 74.63
N SER QA 194 -37.95 -46.97 74.90
CA SER QA 194 -37.85 -47.57 76.22
C SER QA 194 -36.49 -48.24 76.38
N PRO QA 195 -35.93 -48.25 77.60
CA PRO QA 195 -34.74 -49.07 77.83
C PRO QA 195 -34.99 -50.54 77.58
N ARG QA 196 -36.23 -51.01 77.72
CA ARG QA 196 -36.52 -52.40 77.42
C ARG QA 196 -36.29 -52.73 75.94
N LEU QA 197 -36.36 -51.73 75.06
CA LEU QA 197 -36.02 -51.97 73.65
C LEU QA 197 -34.59 -52.45 73.52
N PHE QA 198 -33.70 -52.00 74.41
CA PHE QA 198 -32.29 -52.39 74.44
C PHE QA 198 -32.03 -53.55 75.40
N ASP QA 199 -33.08 -54.18 75.93
CA ASP QA 199 -32.95 -55.22 76.96
C ASP QA 199 -32.22 -54.68 78.20
N MET QA 200 -32.52 -53.44 78.55
CA MET QA 200 -31.97 -52.80 79.74
C MET QA 200 -33.10 -52.40 80.67
N GLY QA 201 -32.84 -52.46 81.98
CA GLY QA 201 -33.80 -51.94 82.93
C GLY QA 201 -33.81 -50.42 83.00
N SER QA 202 -32.67 -49.80 82.69
CA SER QA 202 -32.53 -48.36 82.72
C SER QA 202 -31.44 -47.96 81.74
N PHE QA 203 -31.52 -46.74 81.24
CA PHE QA 203 -30.49 -46.25 80.33
C PHE QA 203 -29.18 -45.93 81.05
N THR QA 204 -29.14 -46.08 82.38
CA THR QA 204 -27.86 -46.02 83.08
C THR QA 204 -26.93 -47.15 82.64
N GLU QA 205 -27.47 -48.20 82.05
CA GLU QA 205 -26.70 -49.33 81.54
C GLU QA 205 -26.28 -49.15 80.08
N LEU QA 206 -26.54 -47.99 79.48
CA LEU QA 206 -26.34 -47.81 78.05
C LEU QA 206 -24.87 -47.94 77.65
N ALA QA 207 -23.95 -47.59 78.54
CA ALA QA 207 -22.53 -47.67 78.24
C ALA QA 207 -21.94 -49.05 78.47
N VAL QA 208 -22.72 -49.99 78.99
CA VAL QA 208 -22.20 -51.30 79.38
C VAL QA 208 -21.92 -52.20 78.16
N PRO QA 209 -22.86 -52.42 77.24
CA PRO QA 209 -22.60 -53.36 76.14
C PRO QA 209 -21.41 -52.91 75.30
N ARG QA 210 -20.60 -53.88 74.87
CA ARG QA 210 -19.50 -53.57 73.96
C ARG QA 210 -20.04 -53.08 72.62
N ASP QA 211 -21.05 -53.74 72.09
CA ASP QA 211 -21.58 -53.42 70.76
C ASP QA 211 -23.11 -53.35 70.83
N LEU QA 212 -23.65 -52.16 70.55
CA LEU QA 212 -25.10 -51.98 70.59
C LEU QA 212 -25.79 -52.69 69.44
N ALA QA 213 -25.18 -52.68 68.25
CA ALA QA 213 -25.81 -53.30 67.09
C ALA QA 213 -26.03 -54.78 67.29
N LYS QA 214 -25.17 -55.44 68.06
CA LYS QA 214 -25.33 -56.85 68.37
C LYS QA 214 -26.64 -57.12 69.10
N ILE QA 215 -27.06 -56.20 69.96
CA ILE QA 215 -28.31 -56.36 70.71
C ILE QA 215 -29.49 -56.50 69.75
N PHE QA 216 -29.47 -55.74 68.67
CA PHE QA 216 -30.61 -55.66 67.77
C PHE QA 216 -30.61 -56.78 66.73
N GLU QA 217 -29.73 -57.76 66.87
CA GLU QA 217 -29.81 -59.00 66.09
C GLU QA 217 -30.71 -60.03 66.74
N SER QA 218 -31.21 -59.76 67.94
CA SER QA 218 -31.96 -60.76 68.69
C SER QA 218 -33.26 -61.13 67.99
N GLN QA 219 -33.67 -62.38 68.16
CA GLN QA 219 -34.95 -62.83 67.63
C GLN QA 219 -36.13 -62.10 68.26
N GLU QA 220 -35.96 -61.54 69.46
CA GLU QA 220 -37.01 -60.71 70.05
C GLU QA 220 -37.22 -59.41 69.29
N LEU QA 221 -36.31 -59.03 68.39
CA LEU QA 221 -36.39 -57.78 67.66
C LEU QA 221 -36.67 -57.98 66.18
N ILE QA 222 -37.27 -59.11 65.82
CA ILE QA 222 -37.65 -59.35 64.43
C ILE QA 222 -38.67 -58.30 63.97
N LYS QA 223 -39.69 -58.07 64.80
CA LYS QA 223 -40.72 -57.10 64.43
C LYS QA 223 -40.17 -55.69 64.33
N TRP QA 224 -39.25 -55.33 65.23
CA TRP QA 224 -38.65 -54.01 65.18
C TRP QA 224 -37.85 -53.81 63.90
N ARG QA 225 -37.06 -54.81 63.50
CA ARG QA 225 -36.31 -54.70 62.25
C ARG QA 225 -37.23 -54.62 61.05
N ALA QA 226 -38.30 -55.41 61.05
CA ALA QA 226 -39.29 -55.30 59.98
C ALA QA 226 -39.89 -53.90 59.92
N PHE QA 227 -40.23 -53.33 61.09
CA PHE QA 227 -40.77 -51.98 61.12
C PHE QA 227 -39.76 -50.98 60.56
N ARG QA 228 -38.50 -51.09 60.96
CA ARG QA 228 -37.46 -50.23 60.40
C ARG QA 228 -37.40 -50.35 58.88
N GLU QA 229 -37.72 -51.54 58.34
CA GLU QA 229 -37.70 -51.72 56.90
C GLU QA 229 -38.86 -51.04 56.18
N SER QA 230 -39.95 -50.73 56.90
CA SER QA 230 -41.15 -50.22 56.24
C SER QA 230 -40.96 -48.79 55.75
N GLU QA 231 -41.75 -48.42 54.75
CA GLU QA 231 -41.69 -47.06 54.22
C GLU QA 231 -42.12 -46.04 55.27
N ASP QA 232 -43.24 -46.30 55.95
CA ASP QA 232 -43.82 -45.31 56.85
C ASP QA 232 -43.03 -45.11 58.14
N SER QA 233 -42.01 -45.93 58.39
CA SER QA 233 -41.16 -45.72 59.57
C SER QA 233 -40.35 -44.43 59.49
N ARG QA 234 -40.24 -43.81 58.31
CA ARG QA 234 -39.58 -42.52 58.23
C ARG QA 234 -40.39 -41.42 58.92
N TYR QA 235 -41.64 -41.69 59.29
CA TYR QA 235 -42.48 -40.77 60.02
C TYR QA 235 -42.48 -41.03 61.52
N VAL QA 236 -41.55 -41.84 62.01
CA VAL QA 236 -41.41 -42.13 63.43
C VAL QA 236 -39.98 -41.90 63.84
N SER QA 237 -39.78 -41.09 64.87
CA SER QA 237 -38.47 -40.88 65.47
C SER QA 237 -38.55 -41.24 66.95
N LEU QA 238 -37.52 -41.91 67.45
CA LEU QA 238 -37.46 -42.29 68.85
C LEU QA 238 -36.25 -41.66 69.49
N VAL QA 239 -36.46 -40.98 70.62
CA VAL QA 239 -35.41 -40.26 71.32
C VAL QA 239 -35.06 -41.00 72.60
N LEU QA 240 -33.83 -40.80 73.05
CA LEU QA 240 -33.34 -41.37 74.30
C LEU QA 240 -32.13 -40.55 74.75
N PRO QA 241 -31.77 -40.61 76.03
CA PRO QA 241 -32.49 -41.22 77.16
C PRO QA 241 -33.39 -40.19 77.83
N HIS QA 242 -33.82 -40.42 79.06
CA HIS QA 242 -34.66 -39.46 79.76
C HIS QA 242 -33.86 -38.23 80.16
N VAL QA 243 -34.58 -37.12 80.36
CA VAL QA 243 -33.97 -35.85 80.72
C VAL QA 243 -34.49 -35.44 82.09
N LEU QA 244 -33.58 -34.99 82.94
CA LEU QA 244 -33.94 -34.57 84.29
C LEU QA 244 -34.80 -33.32 84.25
N LEU QA 245 -35.95 -33.36 84.91
CA LEU QA 245 -36.84 -32.21 84.95
C LEU QA 245 -36.64 -31.43 86.25
N ALA QA 271 -34.26 -43.86 90.82
CA ALA QA 271 -35.53 -43.39 90.28
C ALA QA 271 -36.14 -42.32 91.17
N ARG QA 272 -35.35 -41.78 92.09
CA ARG QA 272 -35.80 -40.71 92.96
C ARG QA 272 -35.80 -39.35 92.29
N TYR QA 273 -35.20 -39.22 91.11
CA TYR QA 273 -35.22 -37.98 90.36
C TYR QA 273 -36.39 -37.97 89.38
N LEU QA 274 -36.88 -36.78 89.07
CA LEU QA 274 -38.01 -36.63 88.15
C LEU QA 274 -37.47 -36.68 86.72
N TRP QA 275 -37.58 -37.84 86.10
CA TRP QA 275 -37.10 -38.05 84.74
C TRP QA 275 -38.26 -37.88 83.76
N GLY QA 276 -38.04 -37.07 82.72
CA GLY QA 276 -39.06 -36.79 81.74
C GLY QA 276 -38.70 -37.36 80.37
N ASN QA 277 -39.69 -37.38 79.50
CA ASN QA 277 -39.49 -37.80 78.12
C ASN QA 277 -38.67 -36.75 77.37
N ALA QA 278 -37.61 -37.21 76.69
CA ALA QA 278 -36.79 -36.29 75.91
C ALA QA 278 -37.49 -35.83 74.64
N ALA QA 279 -38.61 -36.46 74.27
CA ALA QA 279 -39.39 -35.98 73.14
C ALA QA 279 -39.88 -34.56 73.37
N TRP QA 280 -40.16 -34.20 74.63
CA TRP QA 280 -40.51 -32.81 74.93
C TRP QA 280 -39.38 -31.87 74.55
N ALA QA 281 -38.14 -32.23 74.91
CA ALA QA 281 -37.00 -31.38 74.58
C ALA QA 281 -36.79 -31.26 73.08
N LEU QA 282 -36.92 -32.37 72.35
CA LEU QA 282 -36.78 -32.31 70.90
C LEU QA 282 -37.90 -31.47 70.28
N THR QA 283 -39.13 -31.63 70.76
CA THR QA 283 -40.24 -30.82 70.27
C THR QA 283 -39.97 -29.35 70.52
N GLN QA 284 -39.40 -29.01 71.68
CA GLN QA 284 -39.05 -27.63 71.96
C GLN QA 284 -38.00 -27.11 70.98
N ARG QA 285 -37.00 -27.93 70.66
CA ARG QA 285 -36.06 -27.54 69.63
C ARG QA 285 -36.78 -27.23 68.32
N ILE QA 286 -37.74 -28.07 67.95
CA ILE QA 286 -38.45 -27.88 66.69
C ILE QA 286 -39.26 -26.59 66.71
N THR QA 287 -39.97 -26.33 67.81
CA THR QA 287 -40.82 -25.13 67.86
C THR QA 287 -39.99 -23.86 67.95
N GLU QA 288 -38.85 -23.91 68.63
CA GLU QA 288 -37.93 -22.77 68.61
C GLU QA 288 -37.40 -22.51 67.21
N ALA QA 289 -37.02 -23.58 66.50
CA ALA QA 289 -36.56 -23.40 65.13
C ALA QA 289 -37.64 -22.77 64.26
N PHE QA 290 -38.87 -23.24 64.38
CA PHE QA 290 -39.94 -22.64 63.58
C PHE QA 290 -40.15 -21.17 63.96
N ALA QA 291 -40.17 -20.87 65.26
CA ALA QA 291 -40.41 -19.49 65.69
C ALA QA 291 -39.33 -18.56 65.16
N ARG QA 292 -38.07 -18.99 65.21
CA ARG QA 292 -36.98 -18.12 64.78
C ARG QA 292 -36.84 -18.04 63.27
N TYR QA 293 -37.10 -19.13 62.56
CA TYR QA 293 -36.74 -19.23 61.14
C TYR QA 293 -37.88 -19.57 60.21
N GLY QA 294 -39.02 -20.04 60.72
CA GLY QA 294 -40.12 -20.44 59.87
C GLY QA 294 -40.02 -21.84 59.32
N TRP QA 295 -38.93 -22.56 59.60
CA TRP QA 295 -38.74 -23.93 59.16
C TRP QA 295 -38.03 -24.69 60.27
N CYS QA 296 -38.12 -26.02 60.21
CA CYS QA 296 -37.72 -26.88 61.32
C CYS QA 296 -36.50 -27.74 61.00
N ALA QA 297 -35.65 -27.30 60.09
CA ALA QA 297 -34.45 -28.07 59.79
C ALA QA 297 -33.39 -27.92 60.87
N ALA QA 298 -33.24 -26.70 61.43
CA ALA QA 298 -32.13 -26.41 62.34
C ALA QA 298 -32.48 -26.90 63.74
N ILE QA 299 -32.41 -28.22 63.91
CA ILE QA 299 -32.78 -28.82 65.19
C ILE QA 299 -31.73 -29.79 65.70
N ARG QA 300 -30.47 -29.63 65.30
CA ARG QA 300 -29.45 -30.57 65.73
C ARG QA 300 -28.09 -29.89 65.81
N GLY QA 301 -27.25 -30.40 66.71
CA GLY QA 301 -25.89 -29.93 66.83
C GLY QA 301 -25.74 -28.77 67.80
N VAL QA 302 -24.48 -28.52 68.17
CA VAL QA 302 -24.17 -27.46 69.11
C VAL QA 302 -24.60 -26.11 68.54
N GLU QA 303 -24.29 -25.86 67.28
CA GLU QA 303 -24.59 -24.59 66.65
C GLU QA 303 -25.75 -24.67 65.66
N GLY QA 304 -26.26 -25.86 65.39
CA GLY QA 304 -27.32 -26.00 64.40
C GLY QA 304 -28.71 -26.14 64.98
N GLY QA 305 -28.89 -25.77 66.24
CA GLY QA 305 -30.19 -25.79 66.85
C GLY QA 305 -30.52 -27.00 67.70
N GLY QA 306 -29.56 -27.86 68.00
CA GLY QA 306 -29.79 -29.04 68.81
C GLY QA 306 -29.45 -28.90 70.28
N ALA QA 307 -29.16 -27.70 70.78
CA ALA QA 307 -28.72 -27.52 72.15
C ALA QA 307 -29.90 -27.37 73.10
N VAL QA 308 -29.93 -28.21 74.13
CA VAL QA 308 -30.92 -28.13 75.19
C VAL QA 308 -30.20 -27.55 76.40
N GLU QA 309 -30.48 -26.28 76.70
CA GLU QA 309 -29.73 -25.53 77.70
C GLU QA 309 -30.49 -25.45 79.01
N GLY QA 310 -29.75 -25.05 80.06
CA GLY QA 310 -30.34 -24.79 81.36
C GLY QA 310 -30.90 -26.00 82.07
N LEU QA 311 -30.26 -27.16 81.91
CA LEU QA 311 -30.69 -28.37 82.58
C LEU QA 311 -30.32 -28.33 84.06
N PRO QA 312 -31.05 -29.07 84.90
CA PRO QA 312 -30.70 -29.12 86.33
C PRO QA 312 -29.32 -29.73 86.54
N ALA QA 313 -28.47 -29.00 87.25
CA ALA QA 313 -27.10 -29.45 87.55
C ALA QA 313 -27.01 -29.68 89.05
N HIS QA 314 -27.21 -30.93 89.47
CA HIS QA 314 -27.16 -31.27 90.89
C HIS QA 314 -25.76 -31.67 91.31
N LYS QA 326 -23.62 -35.23 88.51
CA LYS QA 326 -24.70 -36.10 88.06
C LYS QA 326 -25.20 -35.73 86.67
N CYS QA 327 -25.24 -36.69 85.78
CA CYS QA 327 -25.67 -36.44 84.40
C CYS QA 327 -27.14 -36.03 84.39
N PRO QA 328 -27.50 -34.89 83.82
CA PRO QA 328 -28.93 -34.55 83.67
C PRO QA 328 -29.64 -35.36 82.59
N THR QA 329 -28.94 -36.27 81.90
CA THR QA 329 -29.51 -37.10 80.85
C THR QA 329 -29.33 -38.58 81.15
N GLU QA 330 -29.22 -38.94 82.43
CA GLU QA 330 -29.18 -40.32 82.92
C GLU QA 330 -27.90 -41.08 82.62
N VAL QA 331 -27.14 -40.67 81.62
CA VAL QA 331 -25.96 -41.41 81.23
C VAL QA 331 -25.16 -40.59 80.23
N ALA QA 332 -23.83 -40.62 80.35
CA ALA QA 332 -22.98 -39.99 79.37
C ALA QA 332 -22.94 -40.86 78.12
N ILE QA 333 -23.02 -40.23 76.95
CA ILE QA 333 -22.99 -40.94 75.69
C ILE QA 333 -21.79 -40.45 74.91
N THR QA 334 -20.81 -41.32 74.71
CA THR QA 334 -19.62 -40.97 73.96
C THR QA 334 -19.98 -40.73 72.48
N ASP QA 335 -19.03 -40.13 71.75
CA ASP QA 335 -19.21 -39.90 70.32
C ASP QA 335 -19.46 -41.21 69.59
N ARG QA 336 -18.67 -42.24 69.90
CA ARG QA 336 -18.83 -43.53 69.24
C ARG QA 336 -20.21 -44.13 69.54
N ARG QA 337 -20.65 -44.05 70.79
CA ARG QA 337 -21.97 -44.58 71.14
C ARG QA 337 -23.08 -43.78 70.50
N GLU QA 338 -22.93 -42.46 70.43
CA GLU QA 338 -23.93 -41.65 69.73
C GLU QA 338 -24.04 -42.07 68.28
N LYS QA 339 -22.90 -42.32 67.62
CA LYS QA 339 -22.93 -42.77 66.23
C LYS QA 339 -23.58 -44.14 66.09
N GLU QA 340 -23.27 -45.07 67.00
CA GLU QA 340 -23.94 -46.36 67.01
C GLU QA 340 -25.46 -46.19 67.08
N LEU QA 341 -25.92 -45.37 68.03
CA LEU QA 341 -27.36 -45.18 68.21
C LEU QA 341 -27.99 -44.55 66.97
N ASP QA 342 -27.31 -43.57 66.38
CA ASP QA 342 -27.80 -42.98 65.15
C ASP QA 342 -27.95 -44.04 64.06
N ALA QA 343 -26.97 -44.93 63.94
CA ALA QA 343 -27.05 -46.00 62.94
C ALA QA 343 -28.20 -46.97 63.23
N LEU QA 344 -28.59 -47.11 64.49
CA LEU QA 344 -29.66 -48.03 64.86
C LEU QA 344 -31.04 -47.40 64.80
N GLY QA 345 -31.14 -46.13 64.41
CA GLY QA 345 -32.42 -45.50 64.22
C GLY QA 345 -32.94 -44.69 65.39
N PHE QA 346 -32.05 -44.10 66.18
CA PHE QA 346 -32.46 -43.35 67.36
C PHE QA 346 -31.85 -41.96 67.33
N ILE QA 347 -32.49 -41.04 68.06
CA ILE QA 347 -31.98 -39.70 68.28
C ILE QA 347 -31.55 -39.61 69.74
N ALA QA 348 -30.25 -39.48 69.97
CA ALA QA 348 -29.72 -39.49 71.32
C ALA QA 348 -29.44 -38.07 71.81
N LEU QA 349 -29.76 -37.83 73.07
CA LEU QA 349 -29.45 -36.56 73.74
C LEU QA 349 -28.15 -36.74 74.53
N CYS QA 350 -27.14 -35.95 74.20
CA CYS QA 350 -25.79 -36.14 74.70
C CYS QA 350 -25.41 -35.00 75.64
N HIS QA 351 -25.13 -35.34 76.90
CA HIS QA 351 -24.75 -34.35 77.90
C HIS QA 351 -23.33 -33.87 77.65
N LYS QA 352 -23.14 -32.56 77.63
CA LYS QA 352 -21.80 -31.99 77.60
C LYS QA 352 -21.21 -32.07 79.00
N LYS QA 353 -20.07 -32.74 79.14
CA LYS QA 353 -19.47 -32.97 80.44
C LYS QA 353 -19.19 -31.66 81.15
N ASN QA 354 -19.43 -31.64 82.46
CA ASN QA 354 -19.16 -30.48 83.31
C ASN QA 354 -19.96 -29.25 82.87
N SER QA 355 -21.23 -29.46 82.53
CA SER QA 355 -22.07 -28.36 82.05
C SER QA 355 -23.53 -28.68 82.35
N ASP QA 356 -24.38 -27.69 82.12
CA ASP QA 356 -25.83 -27.85 82.23
C ASP QA 356 -26.49 -27.90 80.85
N LEU QA 357 -25.81 -28.49 79.88
CA LEU QA 357 -26.27 -28.47 78.50
C LEU QA 357 -26.17 -29.88 77.91
N ALA QA 358 -27.11 -30.22 77.04
CA ALA QA 358 -27.08 -31.46 76.28
C ALA QA 358 -27.49 -31.15 74.85
N VAL QA 359 -27.05 -31.99 73.91
CA VAL QA 359 -27.19 -31.71 72.50
C VAL QA 359 -27.73 -32.94 71.78
N PHE QA 360 -28.71 -32.75 70.90
CA PHE QA 360 -29.11 -33.74 69.90
C PHE QA 360 -28.15 -33.60 68.72
N PHE QA 361 -27.15 -34.48 68.65
CA PHE QA 361 -26.24 -34.42 67.50
C PHE QA 361 -26.87 -34.98 66.25
N GLY QA 362 -27.61 -36.09 66.37
CA GLY QA 362 -28.25 -36.71 65.24
C GLY QA 362 -29.71 -36.34 65.13
N SER QA 363 -30.27 -36.59 63.95
CA SER QA 363 -31.69 -36.38 63.71
C SER QA 363 -32.25 -37.48 62.81
N GLN QA 364 -31.87 -38.72 63.09
CA GLN QA 364 -32.24 -39.86 62.28
C GLN QA 364 -33.59 -40.42 62.72
N THR QA 365 -34.49 -40.67 61.76
CA THR QA 365 -35.74 -41.35 62.05
C THR QA 365 -35.49 -42.83 62.28
N THR QA 366 -36.55 -43.59 62.59
CA THR QA 366 -36.37 -45.03 62.77
C THR QA 366 -36.20 -45.76 61.43
N ASN QA 367 -36.42 -45.10 60.31
CA ASN QA 367 -36.33 -45.77 59.02
C ASN QA 367 -34.89 -46.20 58.73
N ARG QA 368 -34.72 -47.43 58.26
CA ARG QA 368 -33.42 -47.88 57.81
C ARG QA 368 -33.36 -47.74 56.30
N PRO QA 369 -32.53 -46.85 55.77
CA PRO QA 369 -32.51 -46.63 54.32
C PRO QA 369 -32.09 -47.89 53.57
N ARG QA 370 -32.72 -48.11 52.42
CA ARG QA 370 -32.31 -49.18 51.52
C ARG QA 370 -30.99 -48.81 50.85
N VAL QA 371 -30.22 -49.83 50.50
CA VAL QA 371 -28.90 -49.66 49.88
C VAL QA 371 -29.02 -50.07 48.41
N TYR QA 372 -28.52 -49.22 47.53
CA TYR QA 372 -28.65 -49.40 46.09
C TYR QA 372 -27.27 -49.42 45.44
N ASN QA 373 -27.27 -49.63 44.12
CA ASN QA 373 -26.05 -49.69 43.34
C ASN QA 373 -25.68 -48.36 42.68
N THR QA 374 -26.42 -47.29 42.95
CA THR QA 374 -26.08 -45.97 42.43
C THR QA 374 -25.92 -44.99 43.57
N ASN QA 375 -25.00 -44.04 43.39
CA ASN QA 375 -24.78 -43.01 44.40
C ASN QA 375 -26.03 -42.18 44.63
N GLU QA 376 -26.73 -41.82 43.56
CA GLU QA 376 -27.90 -40.97 43.67
C GLU QA 376 -29.00 -41.64 44.49
N ALA QA 377 -29.28 -42.92 44.22
CA ALA QA 377 -30.31 -43.62 44.97
C ALA QA 377 -29.94 -43.76 46.43
N ASN QA 378 -28.67 -44.07 46.71
CA ASN QA 378 -28.22 -44.18 48.10
C ASN QA 378 -28.36 -42.85 48.83
N ALA QA 379 -27.93 -41.77 48.20
CA ALA QA 379 -28.05 -40.45 48.81
C ALA QA 379 -29.51 -40.11 49.08
N ASN QA 380 -30.38 -40.36 48.10
CA ASN QA 380 -31.79 -40.03 48.27
C ASN QA 380 -32.43 -40.87 49.36
N ALA QA 381 -32.09 -42.16 49.44
CA ALA QA 381 -32.62 -43.01 50.50
C ALA QA 381 -32.16 -42.54 51.87
N ARG QA 382 -30.90 -42.13 51.98
CA ARG QA 382 -30.36 -41.71 53.27
C ARG QA 382 -31.05 -40.45 53.77
N ILE QA 383 -31.19 -39.43 52.92
CA ILE QA 383 -31.80 -38.19 53.36
C ILE QA 383 -33.30 -38.32 53.56
N SER QA 384 -33.94 -39.32 52.93
CA SER QA 384 -35.35 -39.58 53.16
C SER QA 384 -35.61 -40.19 54.52
N ALA QA 385 -34.56 -40.49 55.29
CA ALA QA 385 -34.69 -41.03 56.64
C ALA QA 385 -34.24 -40.06 57.71
N MET QA 386 -34.07 -38.78 57.37
CA MET QA 386 -33.61 -37.78 58.33
C MET QA 386 -34.77 -36.89 58.74
N LEU QA 387 -34.97 -36.74 60.05
CA LEU QA 387 -36.09 -35.97 60.57
C LEU QA 387 -36.17 -34.54 60.03
N PRO QA 388 -35.08 -33.76 59.96
CA PRO QA 388 -35.24 -32.38 59.44
C PRO QA 388 -35.79 -32.33 58.02
N TYR QA 389 -35.25 -33.17 57.13
CA TYR QA 389 -35.68 -33.15 55.74
C TYR QA 389 -37.09 -33.71 55.59
N VAL QA 390 -37.43 -34.74 56.37
CA VAL QA 390 -38.79 -35.28 56.34
C VAL QA 390 -39.79 -34.24 56.81
N LEU QA 391 -39.43 -33.47 57.83
CA LEU QA 391 -40.31 -32.40 58.29
C LEU QA 391 -40.52 -31.34 57.22
N ALA QA 392 -39.44 -30.96 56.52
CA ALA QA 392 -39.57 -29.98 55.45
C ALA QA 392 -40.46 -30.52 54.32
N ALA QA 393 -40.25 -31.77 53.92
CA ALA QA 393 -41.06 -32.37 52.86
C ALA QA 393 -42.52 -32.44 53.27
N SER QA 394 -42.78 -32.76 54.53
CA SER QA 394 -44.16 -32.81 55.03
C SER QA 394 -44.81 -31.43 55.00
N ARG QA 395 -44.06 -30.39 55.39
CA ARG QA 395 -44.60 -29.05 55.30
C ARG QA 395 -44.98 -28.70 53.87
N PHE QA 396 -44.12 -29.07 52.92
CA PHE QA 396 -44.46 -28.81 51.52
C PHE QA 396 -45.68 -29.61 51.08
N ALA QA 397 -45.86 -30.82 51.61
CA ALA QA 397 -47.09 -31.56 51.33
C ALA QA 397 -48.32 -30.80 51.81
N HIS QA 398 -48.25 -30.24 53.02
CA HIS QA 398 -49.39 -29.51 53.55
C HIS QA 398 -49.70 -28.28 52.70
N TYR QA 399 -48.65 -27.54 52.33
CA TYR QA 399 -48.85 -26.35 51.50
C TYR QA 399 -49.43 -26.72 50.14
N LEU QA 400 -48.93 -27.79 49.53
CA LEU QA 400 -49.43 -28.22 48.23
C LEU QA 400 -50.89 -28.60 48.32
N LYS QA 401 -51.27 -29.36 49.36
CA LYS QA 401 -52.67 -29.69 49.56
C LYS QA 401 -53.54 -28.44 49.60
N VAL QA 402 -53.14 -27.45 50.41
CA VAL QA 402 -54.00 -26.28 50.60
C VAL QA 402 -54.09 -25.45 49.32
N ILE QA 403 -52.96 -25.16 48.68
CA ILE QA 403 -53.00 -24.27 47.53
C ILE QA 403 -53.67 -24.95 46.34
N MET QA 404 -53.41 -26.24 46.13
CA MET QA 404 -54.05 -26.93 45.02
C MET QA 404 -55.54 -27.13 45.27
N ARG QA 405 -55.95 -27.35 46.51
CA ARG QA 405 -57.38 -27.35 46.80
C ARG QA 405 -58.01 -26.02 46.42
N ASP QA 406 -57.29 -24.91 46.67
CA ASP QA 406 -57.79 -23.61 46.24
C ASP QA 406 -57.87 -23.50 44.72
N LYS QA 407 -57.05 -24.25 43.99
CA LYS QA 407 -57.07 -24.14 42.53
C LYS QA 407 -58.05 -25.09 41.84
N VAL QA 408 -58.65 -26.04 42.55
CA VAL QA 408 -59.62 -26.94 41.92
C VAL QA 408 -60.78 -26.13 41.35
N GLY QA 409 -61.15 -26.42 40.11
CA GLY QA 409 -62.24 -25.75 39.45
C GLY QA 409 -61.84 -24.57 38.59
N SER QA 410 -60.64 -24.02 38.77
CA SER QA 410 -60.15 -22.96 37.91
C SER QA 410 -59.69 -23.53 36.57
N PHE QA 411 -59.74 -22.69 35.53
CA PHE QA 411 -59.29 -23.08 34.19
C PHE QA 411 -57.77 -23.22 34.20
N MET QA 412 -57.27 -24.45 34.16
CA MET QA 412 -55.83 -24.68 34.20
C MET QA 412 -55.43 -25.80 33.27
N THR QA 413 -54.47 -25.52 32.40
CA THR QA 413 -53.81 -26.55 31.60
C THR QA 413 -52.71 -27.20 32.44
N ARG QA 414 -52.07 -28.23 31.87
CA ARG QA 414 -50.91 -28.82 32.51
C ARG QA 414 -49.81 -27.78 32.70
N ASP QA 415 -49.56 -26.97 31.67
CA ASP QA 415 -48.54 -25.93 31.77
C ASP QA 415 -48.90 -24.88 32.81
N ASN QA 416 -50.18 -24.51 32.91
CA ASN QA 416 -50.59 -23.56 33.95
C ASN QA 416 -50.24 -24.09 35.34
N VAL QA 417 -50.56 -25.36 35.60
CA VAL QA 417 -50.27 -25.96 36.89
C VAL QA 417 -48.77 -25.96 37.15
N GLN QA 418 -47.98 -26.36 36.14
CA GLN QA 418 -46.54 -26.43 36.32
C GLN QA 418 -45.96 -25.04 36.61
N THR QA 419 -46.39 -24.04 35.84
CA THR QA 419 -45.88 -22.69 36.04
C THR QA 419 -46.25 -22.16 37.42
N TYR QA 420 -47.50 -22.37 37.83
CA TYR QA 420 -47.92 -21.90 39.14
C TYR QA 420 -47.10 -22.55 40.25
N LEU QA 421 -46.92 -23.87 40.18
CA LEU QA 421 -46.24 -24.56 41.26
C LEU QA 421 -44.75 -24.20 41.31
N ASN QA 422 -44.10 -24.07 40.16
CA ASN QA 422 -42.70 -23.66 40.17
C ASN QA 422 -42.54 -22.22 40.62
N ASN QA 423 -43.47 -21.35 40.26
CA ASN QA 423 -43.44 -19.98 40.74
C ASN QA 423 -43.62 -19.92 42.25
N TRP QA 424 -44.55 -20.71 42.78
CA TRP QA 424 -44.85 -20.67 44.21
C TRP QA 424 -43.68 -21.15 45.05
N ILE QA 425 -43.01 -22.22 44.62
CA ILE QA 425 -41.95 -22.83 45.42
C ILE QA 425 -40.64 -22.06 45.34
N ALA QA 426 -40.48 -21.18 44.35
CA ALA QA 426 -39.21 -20.48 44.17
C ALA QA 426 -38.85 -19.60 45.37
N ASP QA 427 -39.84 -19.18 46.15
CA ASP QA 427 -39.58 -18.27 47.27
C ASP QA 427 -38.86 -18.96 48.42
N TYR QA 428 -38.82 -20.29 48.44
CA TYR QA 428 -38.22 -21.04 49.54
C TYR QA 428 -36.83 -21.56 49.21
N VAL QA 429 -36.26 -21.11 48.10
CA VAL QA 429 -34.99 -21.63 47.59
C VAL QA 429 -33.91 -20.59 47.84
N LEU QA 430 -32.77 -21.04 48.37
CA LEU QA 430 -31.60 -20.19 48.59
C LEU QA 430 -30.40 -20.81 47.90
N ILE QA 431 -29.84 -20.08 46.92
CA ILE QA 431 -28.74 -20.61 46.12
C ILE QA 431 -27.40 -20.44 46.82
N ASN QA 432 -27.27 -19.44 47.69
CA ASN QA 432 -25.98 -19.06 48.25
C ASN QA 432 -25.54 -20.06 49.31
N ASP QA 433 -24.60 -20.94 48.96
CA ASP QA 433 -24.07 -21.90 49.92
C ASP QA 433 -23.09 -21.28 50.91
N ASN QA 434 -22.72 -20.02 50.71
CA ASN QA 434 -21.86 -19.31 51.66
C ASN QA 434 -22.64 -18.49 52.67
N ALA QA 435 -23.97 -18.54 52.63
CA ALA QA 435 -24.75 -17.85 53.64
C ALA QA 435 -24.50 -18.47 55.01
N PRO QA 436 -24.57 -17.67 56.08
CA PRO QA 436 -24.35 -18.22 57.42
C PRO QA 436 -25.46 -19.19 57.83
N GLN QA 437 -25.21 -19.86 58.95
CA GLN QA 437 -26.15 -20.86 59.46
C GLN QA 437 -27.54 -20.27 59.65
N GLU QA 438 -27.63 -19.07 60.23
CA GLU QA 438 -28.92 -18.48 60.56
C GLU QA 438 -29.72 -18.13 59.30
N ILE QA 439 -29.04 -17.87 58.18
CA ILE QA 439 -29.75 -17.61 56.94
C ILE QA 439 -30.22 -18.92 56.30
N LYS QA 440 -29.33 -19.91 56.23
CA LYS QA 440 -29.70 -21.20 55.64
C LYS QA 440 -30.85 -21.84 56.40
N ALA QA 441 -30.94 -21.59 57.71
CA ALA QA 441 -32.05 -22.12 58.49
C ALA QA 441 -33.40 -21.61 58.01
N GLN QA 442 -33.44 -20.43 57.40
CA GLN QA 442 -34.69 -19.82 56.96
C GLN QA 442 -35.17 -20.30 55.60
N TYR QA 443 -34.37 -21.09 54.90
CA TYR QA 443 -34.69 -21.52 53.54
C TYR QA 443 -34.56 -23.02 53.46
N PRO QA 444 -35.67 -23.77 53.36
CA PRO QA 444 -35.56 -25.24 53.37
C PRO QA 444 -34.91 -25.83 52.14
N LEU QA 445 -34.80 -25.09 51.04
CA LEU QA 445 -34.40 -25.66 49.76
C LEU QA 445 -33.15 -24.98 49.22
N ARG QA 446 -32.27 -25.76 48.63
CA ARG QA 446 -31.23 -25.24 47.76
C ARG QA 446 -31.59 -25.32 46.29
N GLU QA 447 -32.46 -26.26 45.93
CA GLU QA 447 -33.00 -26.38 44.59
C GLU QA 447 -34.37 -27.03 44.66
N ALA QA 448 -35.21 -26.74 43.67
CA ALA QA 448 -36.51 -27.40 43.58
C ALA QA 448 -36.99 -27.33 42.15
N ARG QA 449 -37.78 -28.33 41.77
CA ARG QA 449 -38.42 -28.34 40.45
C ARG QA 449 -39.68 -29.19 40.53
N VAL QA 450 -40.76 -28.69 39.92
CA VAL QA 450 -42.02 -29.43 39.83
C VAL QA 450 -42.25 -29.78 38.37
N ASP QA 451 -42.51 -31.06 38.11
CA ASP QA 451 -42.82 -31.55 36.77
C ASP QA 451 -44.27 -32.04 36.77
N VAL QA 452 -45.05 -31.58 35.80
CA VAL QA 452 -46.48 -31.89 35.73
C VAL QA 452 -46.77 -32.56 34.40
N SER QA 453 -47.55 -33.64 34.44
CA SER QA 453 -47.95 -34.37 33.25
C SER QA 453 -49.46 -34.57 33.24
N GLU QA 454 -50.01 -34.73 32.04
CA GLU QA 454 -51.44 -35.00 31.89
C GLU QA 454 -51.73 -36.48 32.07
N VAL QA 455 -52.98 -36.78 32.39
CA VAL QA 455 -53.47 -38.15 32.45
C VAL QA 455 -54.36 -38.36 31.24
N VAL QA 456 -53.98 -39.32 30.39
CA VAL QA 456 -54.66 -39.49 29.12
C VAL QA 456 -56.12 -39.84 29.35
N GLY QA 457 -56.99 -39.24 28.55
CA GLY QA 457 -58.41 -39.50 28.60
C GLY QA 457 -59.16 -38.82 29.73
N LYS QA 458 -58.49 -37.98 30.52
CA LYS QA 458 -59.11 -37.34 31.68
C LYS QA 458 -58.77 -35.86 31.67
N PRO QA 459 -59.58 -35.04 30.99
CA PRO QA 459 -59.33 -33.60 30.99
C PRO QA 459 -59.34 -33.01 32.40
N GLY QA 460 -58.40 -32.12 32.66
CA GLY QA 460 -58.29 -31.50 33.97
C GLY QA 460 -57.71 -32.36 35.06
N VAL QA 461 -57.17 -33.54 34.74
CA VAL QA 461 -56.56 -34.43 35.73
C VAL QA 461 -55.06 -34.50 35.45
N TYR QA 462 -54.26 -34.26 36.47
CA TYR QA 462 -52.81 -34.14 36.29
C TYR QA 462 -52.06 -34.92 37.38
N ARG QA 463 -50.81 -35.24 37.06
CA ARG QA 463 -49.87 -35.83 38.00
C ARG QA 463 -48.64 -34.94 38.06
N ALA QA 464 -48.07 -34.81 39.25
CA ALA QA 464 -46.89 -33.98 39.45
C ALA QA 464 -45.84 -34.73 40.26
N THR QA 465 -44.59 -34.39 40.00
CA THR QA 465 -43.47 -34.79 40.85
C THR QA 465 -42.79 -33.53 41.37
N VAL QA 466 -42.59 -33.47 42.66
CA VAL QA 466 -41.99 -32.30 43.32
C VAL QA 466 -40.63 -32.74 43.84
N PHE QA 467 -39.57 -32.26 43.20
CA PHE QA 467 -38.21 -32.56 43.63
C PHE QA 467 -37.73 -31.47 44.56
N LEU QA 468 -37.29 -31.86 45.76
CA LEU QA 468 -36.82 -30.93 46.78
C LEU QA 468 -35.38 -31.27 47.14
N ARG QA 469 -34.47 -30.33 46.91
CA ARG QA 469 -33.08 -30.52 47.31
C ARG QA 469 -32.77 -29.63 48.50
N PRO QA 470 -32.68 -30.17 49.71
CA PRO QA 470 -32.46 -29.33 50.88
C PRO QA 470 -31.01 -28.90 51.01
N HIS QA 471 -30.76 -28.00 51.95
CA HIS QA 471 -29.41 -27.70 52.40
C HIS QA 471 -28.98 -28.81 53.36
N PHE QA 472 -27.84 -29.44 53.09
CA PHE QA 472 -27.45 -30.62 53.84
C PHE QA 472 -26.61 -30.25 55.06
N GLN QA 473 -26.83 -30.99 56.14
CA GLN QA 473 -26.16 -30.76 57.41
C GLN QA 473 -25.00 -31.74 57.58
N LEU QA 474 -23.93 -31.26 58.21
CA LEU QA 474 -22.74 -32.07 58.40
C LEU QA 474 -23.04 -33.29 59.25
N GLU QA 475 -22.66 -34.46 58.76
CA GLU QA 475 -22.88 -35.72 59.45
C GLU QA 475 -21.59 -36.35 59.98
N GLU QA 476 -20.55 -36.43 59.15
CA GLU QA 476 -19.33 -37.13 59.51
C GLU QA 476 -18.14 -36.44 58.85
N LEU QA 477 -16.97 -36.60 59.47
CA LEU QA 477 -15.72 -36.12 58.90
C LEU QA 477 -14.61 -37.07 59.30
N THR QA 478 -13.92 -37.63 58.31
CA THR QA 478 -12.74 -38.47 58.54
C THR QA 478 -11.52 -37.68 58.08
N ALA QA 479 -10.60 -37.43 59.00
CA ALA QA 479 -9.45 -36.57 58.74
C ALA QA 479 -8.15 -37.33 58.93
N SER QA 480 -7.19 -37.04 58.08
CA SER QA 480 -5.84 -37.57 58.19
C SER QA 480 -4.88 -36.39 58.39
N ILE QA 481 -4.13 -36.42 59.47
CA ILE QA 481 -3.14 -35.39 59.77
C ILE QA 481 -1.77 -35.90 59.35
N ARG QA 482 -1.02 -35.07 58.63
CA ARG QA 482 0.26 -35.47 58.07
C ARG QA 482 1.28 -34.34 58.23
N LEU QA 483 2.33 -34.61 59.00
CA LEU QA 483 3.47 -33.71 59.04
C LEU QA 483 4.27 -33.84 57.75
N VAL QA 484 4.60 -32.71 57.13
CA VAL QA 484 5.36 -32.73 55.90
C VAL QA 484 6.46 -31.67 55.96
N ALA QA 485 7.57 -31.96 55.29
CA ALA QA 485 8.60 -30.95 55.10
C ALA QA 485 8.22 -29.96 54.01
N THR QA 486 7.45 -30.40 53.01
CA THR QA 486 6.94 -29.53 51.96
C THR QA 486 5.49 -29.89 51.70
N LEU QA 487 4.66 -28.87 51.45
CA LEU QA 487 3.26 -29.09 51.14
C LEU QA 487 3.12 -29.76 49.77
N PRO QA 488 2.51 -30.92 49.67
CA PRO QA 488 2.22 -31.49 48.36
C PRO QA 488 1.09 -30.74 47.69
N PRO QA 489 1.00 -30.80 46.36
CA PRO QA 489 -0.15 -30.19 45.68
C PRO QA 489 -1.43 -30.92 46.04
N PRO QA 490 -2.58 -30.22 46.04
CA PRO QA 490 -3.86 -30.83 46.43
C PRO QA 490 -4.32 -31.92 45.47
N GLU RA 3 -66.38 -8.76 45.22
CA GLU RA 3 -66.28 -7.67 44.25
C GLU RA 3 -66.55 -6.31 44.90
N SER RA 4 -65.69 -5.35 44.63
CA SER RA 4 -65.90 -3.99 45.11
C SER RA 4 -67.16 -3.39 44.48
N THR RA 5 -67.87 -2.58 45.27
CA THR RA 5 -69.05 -1.88 44.75
C THR RA 5 -68.67 -0.93 43.61
N GLN RA 6 -67.43 -0.47 43.57
CA GLN RA 6 -66.98 0.34 42.45
C GLN RA 6 -67.08 -0.43 41.14
N HIS RA 7 -66.70 -1.72 41.16
CA HIS RA 7 -66.75 -2.53 39.96
C HIS RA 7 -68.17 -2.97 39.60
N LYS RA 8 -69.09 -3.02 40.57
CA LYS RA 8 -70.49 -3.24 40.24
C LYS RA 8 -71.02 -2.12 39.37
N LEU RA 9 -70.61 -0.88 39.66
CA LEU RA 9 -70.99 0.27 38.85
C LEU RA 9 -70.40 0.24 37.45
N ASP RA 10 -69.42 -0.62 37.19
CA ASP RA 10 -68.99 -0.85 35.81
C ASP RA 10 -70.12 -1.39 34.96
N ARG RA 11 -71.04 -2.14 35.55
CA ARG RA 11 -72.06 -2.89 34.84
C ARG RA 11 -73.47 -2.34 35.01
N ILE RA 12 -73.82 -1.83 36.18
CA ILE RA 12 -75.19 -1.46 36.50
C ILE RA 12 -75.32 0.04 36.30
N ARG RA 13 -75.92 0.43 35.18
CA ARG RA 13 -76.15 1.82 34.82
C ARG RA 13 -74.89 2.67 35.03
N PRO RA 14 -73.81 2.39 34.32
CA PRO RA 14 -72.55 3.07 34.61
C PRO RA 14 -72.59 4.52 34.13
N PRO RA 15 -71.83 5.40 34.76
CA PRO RA 15 -71.69 6.76 34.26
C PRO RA 15 -70.73 6.81 33.08
N ARG RA 16 -70.69 7.96 32.42
CA ARG RA 16 -69.72 8.18 31.36
C ARG RA 16 -68.30 8.10 31.90
N VAL RA 17 -68.05 8.74 33.03
CA VAL RA 17 -66.73 8.75 33.65
C VAL RA 17 -66.82 7.83 34.87
N GLN RA 18 -66.28 6.63 34.74
CA GLN RA 18 -66.39 5.60 35.76
C GLN RA 18 -65.00 5.33 36.33
N ILE RA 19 -64.86 5.51 37.64
CA ILE RA 19 -63.55 5.48 38.32
C ILE RA 19 -63.59 4.45 39.43
N THR RA 20 -62.55 3.62 39.50
CA THR RA 20 -62.40 2.63 40.56
C THR RA 20 -61.00 2.71 41.14
N TYR RA 21 -60.84 2.19 42.36
CA TYR RA 21 -59.53 2.02 42.95
C TYR RA 21 -59.11 0.56 42.85
N ASP RA 22 -57.84 0.32 42.51
CA ASP RA 22 -57.34 -1.04 42.39
C ASP RA 22 -55.93 -1.13 42.95
N VAL RA 23 -55.62 -2.29 43.52
CA VAL RA 23 -54.27 -2.59 43.98
C VAL RA 23 -53.49 -3.12 42.79
N GLU RA 24 -52.36 -2.48 42.50
CA GLU RA 24 -51.50 -2.90 41.40
C GLU RA 24 -50.66 -4.08 41.87
N THR RA 25 -50.99 -5.29 41.42
CA THR RA 25 -50.26 -6.49 41.82
C THR RA 25 -49.47 -7.14 40.70
N GLY RA 26 -49.59 -6.66 39.47
CA GLY RA 26 -48.84 -7.24 38.36
C GLY RA 26 -49.18 -8.71 38.17
N ASN RA 27 -48.16 -9.53 38.03
CA ASN RA 27 -48.31 -10.97 37.89
C ASN RA 27 -48.11 -11.72 39.21
N ALA RA 28 -48.13 -11.02 40.34
CA ALA RA 28 -47.88 -11.66 41.63
C ALA RA 28 -49.00 -12.63 41.98
N ILE RA 29 -48.64 -13.67 42.73
CA ILE RA 29 -49.59 -14.63 43.26
C ILE RA 29 -49.65 -14.46 44.77
N GLU RA 30 -50.81 -14.75 45.33
CA GLU RA 30 -51.00 -14.67 46.78
C GLU RA 30 -50.26 -15.80 47.47
N LYS RA 31 -49.67 -15.49 48.63
CA LYS RA 31 -48.90 -16.45 49.40
C LYS RA 31 -49.59 -16.66 50.74
N LYS RA 32 -50.53 -17.59 50.78
CA LYS RA 32 -51.16 -17.93 52.04
C LYS RA 32 -50.19 -18.74 52.90
N GLU RA 33 -50.14 -18.40 54.19
CA GLU RA 33 -49.23 -19.03 55.14
C GLU RA 33 -49.99 -20.00 56.02
N LEU RA 34 -49.35 -21.12 56.34
CA LEU RA 34 -49.93 -22.07 57.27
C LEU RA 34 -49.22 -21.98 58.61
N PRO RA 35 -49.95 -22.05 59.72
CA PRO RA 35 -49.30 -22.12 61.03
C PRO RA 35 -48.63 -23.47 61.22
N LEU RA 36 -47.65 -23.50 62.11
CA LEU RA 36 -47.13 -24.76 62.61
C LEU RA 36 -48.08 -25.30 63.67
N VAL RA 37 -48.55 -26.52 63.48
CA VAL RA 37 -49.47 -27.15 64.42
C VAL RA 37 -48.81 -28.41 64.96
N VAL RA 38 -48.58 -28.44 66.27
CA VAL RA 38 -47.99 -29.59 66.94
C VAL RA 38 -49.12 -30.33 67.63
N GLY RA 39 -49.33 -31.59 67.24
CA GLY RA 39 -50.26 -32.45 67.91
C GLY RA 39 -49.61 -33.20 69.05
N ILE RA 40 -50.11 -33.03 70.27
CA ILE RA 40 -49.54 -33.67 71.45
C ILE RA 40 -50.47 -34.79 71.90
N LEU RA 41 -49.91 -35.97 72.09
CA LEU RA 41 -50.64 -37.13 72.59
C LEU RA 41 -50.02 -37.55 73.91
N ALA RA 42 -50.75 -37.37 75.01
CA ALA RA 42 -50.20 -37.65 76.32
C ALA RA 42 -51.28 -38.20 77.22
N ASP RA 43 -50.87 -39.09 78.14
CA ASP RA 43 -51.75 -39.69 79.12
C ASP RA 43 -51.73 -38.81 80.37
N LEU RA 44 -52.66 -37.87 80.44
CA LEU RA 44 -52.63 -36.87 81.49
C LEU RA 44 -53.69 -37.11 82.55
N MET RA 56 -63.37 -41.43 70.08
CA MET RA 56 -64.14 -40.69 69.08
C MET RA 56 -64.61 -39.35 69.66
N GLU RA 57 -64.92 -39.36 70.95
CA GLU RA 57 -65.57 -38.22 71.59
C GLU RA 57 -64.59 -37.14 72.03
N ARG RA 58 -63.33 -37.49 72.27
CA ARG RA 58 -62.34 -36.51 72.69
C ARG RA 58 -61.86 -35.69 71.49
N ARG RA 59 -61.03 -34.69 71.76
CA ARG RA 59 -60.58 -33.80 70.70
C ARG RA 59 -59.21 -33.23 71.06
N PHE RA 60 -58.56 -32.68 70.05
CA PHE RA 60 -57.30 -31.96 70.23
C PHE RA 60 -57.62 -30.55 70.69
N VAL RA 61 -57.46 -30.29 71.97
CA VAL RA 61 -57.78 -28.98 72.53
C VAL RA 61 -56.55 -28.09 72.46
N GLU RA 62 -56.73 -26.88 71.95
CA GLU RA 62 -55.63 -25.94 71.84
C GLU RA 62 -55.14 -25.51 73.22
N ILE RA 63 -53.83 -25.53 73.41
CA ILE RA 63 -53.23 -25.26 74.71
C ILE RA 63 -52.12 -24.23 74.53
N ASN RA 64 -52.02 -23.30 75.48
CA ASN RA 64 -51.02 -22.25 75.42
C ASN RA 64 -50.74 -21.77 76.84
N ARG RA 65 -49.82 -20.82 76.96
CA ARG RA 65 -49.44 -20.32 78.27
C ARG RA 65 -50.61 -19.67 79.00
N ASP RA 66 -51.58 -19.13 78.26
CA ASP RA 66 -52.70 -18.42 78.90
C ASP RA 66 -53.69 -19.39 79.53
N ASN RA 67 -54.07 -20.46 78.82
CA ASN RA 67 -55.15 -21.33 79.27
C ASN RA 67 -54.64 -22.64 79.85
N PHE RA 68 -53.34 -22.72 80.17
CA PHE RA 68 -52.76 -24.00 80.58
C PHE RA 68 -53.45 -24.56 81.83
N ASN RA 69 -53.62 -23.71 82.84
CA ASN RA 69 -54.21 -24.20 84.09
C ASN RA 69 -55.68 -24.55 83.91
N ASP RA 70 -56.39 -23.86 83.02
CA ASP RA 70 -57.77 -24.24 82.73
C ASP RA 70 -57.84 -25.63 82.11
N VAL RA 71 -56.92 -25.95 81.20
CA VAL RA 71 -56.89 -27.29 80.62
C VAL RA 71 -56.49 -28.32 81.65
N LEU RA 72 -55.57 -27.96 82.55
CA LEU RA 72 -55.23 -28.86 83.65
C LEU RA 72 -56.44 -29.13 84.53
N ALA RA 73 -57.22 -28.09 84.84
CA ALA RA 73 -58.41 -28.27 85.65
C ALA RA 73 -59.44 -29.14 84.94
N SER RA 74 -59.65 -28.91 83.65
CA SER RA 74 -60.64 -29.68 82.91
C SER RA 74 -60.24 -31.15 82.80
N ILE RA 75 -58.93 -31.42 82.68
CA ILE RA 75 -58.47 -32.80 82.74
C ILE RA 75 -58.61 -33.34 84.16
N ALA RA 76 -58.26 -32.52 85.16
CA ALA RA 76 -58.39 -32.82 86.57
C ALA RA 76 -57.65 -34.11 86.94
N PRO RA 77 -56.32 -34.13 86.85
CA PRO RA 77 -55.56 -35.35 87.20
C PRO RA 77 -55.66 -35.68 88.69
N GLN SA 90 -29.20 -4.25 111.78
CA GLN SA 90 -28.02 -3.94 110.97
C GLN SA 90 -28.36 -3.97 109.48
N LYS SA 91 -28.96 -5.08 109.04
CA LYS SA 91 -29.26 -5.24 107.61
C LYS SA 91 -30.25 -4.20 107.12
N LEU SA 92 -31.27 -3.90 107.94
CA LEU SA 92 -32.21 -2.85 107.56
C LEU SA 92 -31.57 -1.47 107.67
N GLU SA 93 -30.81 -1.24 108.74
CA GLU SA 93 -30.15 0.05 108.91
C GLU SA 93 -29.17 0.32 107.78
N ALA SA 94 -28.40 -0.69 107.39
CA ALA SA 94 -27.43 -0.53 106.31
C ALA SA 94 -28.12 -0.16 105.00
N SER SA 95 -29.25 -0.81 104.71
CA SER SA 95 -30.00 -0.50 103.50
C SER SA 95 -30.50 0.93 103.51
N TRP SA 96 -31.07 1.37 104.65
CA TRP SA 96 -31.58 2.73 104.72
C TRP SA 96 -30.44 3.75 104.74
N ARG SA 97 -29.37 3.47 105.47
CA ARG SA 97 -28.24 4.39 105.51
C ARG SA 97 -27.53 4.46 104.17
N GLY SA 98 -27.35 3.33 103.50
CA GLY SA 98 -26.80 3.35 102.16
C GLY SA 98 -27.66 4.15 101.20
N LEU SA 99 -28.98 3.96 101.28
CA LEU SA 99 -29.89 4.75 100.46
C LEU SA 99 -29.81 6.23 100.78
N HIS SA 100 -29.80 6.57 102.07
CA HIS SA 100 -29.79 7.98 102.48
C HIS SA 100 -28.52 8.68 101.99
N MET SA 101 -27.37 8.02 102.12
CA MET SA 101 -26.12 8.59 101.59
C MET SA 101 -26.21 8.83 100.09
N LEU SA 102 -26.76 7.88 99.34
CA LEU SA 102 -26.88 8.06 97.89
C LEU SA 102 -27.77 9.24 97.56
N VAL SA 103 -28.93 9.33 98.23
CA VAL SA 103 -29.85 10.42 97.98
C VAL SA 103 -29.22 11.77 98.35
N LYS SA 104 -28.60 11.83 99.53
CA LYS SA 104 -28.03 13.08 100.00
C LYS SA 104 -26.87 13.55 99.14
N ASN SA 105 -26.14 12.63 98.52
CA ASN SA 105 -24.96 12.97 97.74
C ASN SA 105 -25.23 13.03 96.24
N THR SA 106 -26.48 12.96 95.83
CA THR SA 106 -26.85 13.01 94.42
C THR SA 106 -27.57 14.32 94.13
N GLU SA 107 -27.12 15.02 93.09
CA GLU SA 107 -27.72 16.29 92.68
C GLU SA 107 -29.00 16.01 91.89
N THR SA 108 -30.03 15.57 92.62
CA THR SA 108 -31.32 15.33 92.00
C THR SA 108 -31.94 16.65 91.53
N GLY SA 109 -32.76 16.56 90.49
CA GLY SA 109 -33.36 17.76 89.91
C GLY SA 109 -34.00 17.46 88.58
N ALA SA 110 -34.03 18.49 87.73
CA ALA SA 110 -34.67 18.36 86.43
C ALA SA 110 -34.01 17.26 85.59
N ARG SA 111 -32.68 17.19 85.64
CA ARG SA 111 -31.92 16.25 84.82
C ARG SA 111 -31.61 14.92 85.50
N LEU SA 112 -31.88 14.78 86.80
CA LEU SA 112 -31.46 13.59 87.53
C LEU SA 112 -32.56 13.18 88.51
N LYS SA 113 -33.09 11.97 88.34
CA LYS SA 113 -34.14 11.46 89.21
C LYS SA 113 -33.74 10.11 89.78
N LEU SA 114 -34.11 9.90 91.04
CA LEU SA 114 -34.00 8.60 91.70
C LEU SA 114 -35.42 8.09 91.96
N ARG SA 115 -35.66 6.82 91.63
CA ARG SA 115 -36.97 6.20 91.83
C ARG SA 115 -36.77 4.89 92.58
N LEU SA 116 -37.59 4.65 93.57
CA LEU SA 116 -37.37 3.58 94.53
C LEU SA 116 -38.52 2.58 94.51
N LEU SA 117 -38.19 1.30 94.38
CA LEU SA 117 -39.16 0.22 94.45
C LEU SA 117 -38.83 -0.63 95.68
N ASN SA 118 -39.75 -0.65 96.64
CA ASN SA 118 -39.56 -1.41 97.87
C ASN SA 118 -40.01 -2.85 97.62
N VAL SA 119 -39.05 -3.78 97.58
CA VAL SA 119 -39.34 -5.16 97.21
C VAL SA 119 -38.20 -6.04 97.74
N THR SA 120 -38.56 -7.22 98.22
CA THR SA 120 -37.58 -8.18 98.72
C THR SA 120 -37.05 -9.05 97.58
N GLN SA 121 -35.92 -9.70 97.84
CA GLN SA 121 -35.29 -10.56 96.83
C GLN SA 121 -36.21 -11.72 96.47
N LYS SA 122 -36.86 -12.32 97.47
CA LYS SA 122 -37.78 -13.43 97.23
C LYS SA 122 -38.97 -12.98 96.39
N GLU SA 123 -39.51 -11.79 96.66
CA GLU SA 123 -40.62 -11.27 95.86
C GLU SA 123 -40.21 -11.08 94.41
N LEU SA 124 -39.00 -10.56 94.17
CA LEU SA 124 -38.50 -10.42 92.81
C LEU SA 124 -38.39 -11.78 92.13
N LEU SA 125 -37.82 -12.76 92.83
CA LEU SA 125 -37.70 -14.09 92.26
C LEU SA 125 -39.05 -14.67 91.90
N ILE SA 126 -40.03 -14.50 92.78
CA ILE SA 126 -41.37 -15.04 92.54
C ILE SA 126 -42.02 -14.36 91.35
N ASP SA 127 -41.92 -13.03 91.30
CA ASP SA 127 -42.51 -12.29 90.19
C ASP SA 127 -41.90 -12.70 88.86
N LEU SA 128 -40.59 -12.89 88.83
CA LEU SA 128 -39.94 -13.22 87.56
C LEU SA 128 -40.16 -14.68 87.17
N GLU SA 129 -40.21 -15.59 88.14
CA GLU SA 129 -40.38 -17.01 87.81
C GLU SA 129 -41.82 -17.34 87.45
N LYS SA 130 -42.79 -16.76 88.14
CA LYS SA 130 -44.19 -17.13 87.96
C LYS SA 130 -44.87 -16.38 86.82
N ALA SA 131 -44.18 -15.45 86.18
CA ALA SA 131 -44.77 -14.73 85.05
C ALA SA 131 -45.10 -15.70 83.94
N VAL SA 132 -46.28 -15.51 83.34
CA VAL SA 132 -46.70 -16.40 82.27
C VAL SA 132 -45.80 -16.26 81.04
N GLU SA 133 -45.32 -15.05 80.77
CA GLU SA 133 -44.35 -14.80 79.71
C GLU SA 133 -43.37 -13.75 80.20
N PHE SA 134 -42.23 -13.63 79.51
CA PHE SA 134 -41.17 -12.76 80.02
C PHE SA 134 -41.60 -11.31 80.11
N ASP SA 135 -42.52 -10.87 79.25
CA ASP SA 135 -42.94 -9.48 79.26
C ASP SA 135 -44.15 -9.24 80.17
N GLN SA 136 -44.58 -10.25 80.92
CA GLN SA 136 -45.74 -10.13 81.78
C GLN SA 136 -45.39 -9.92 83.25
N SER SA 137 -44.13 -10.04 83.63
CA SER SA 137 -43.73 -9.86 85.03
C SER SA 137 -43.92 -8.41 85.44
N ALA SA 138 -44.20 -8.21 86.73
CA ALA SA 138 -44.37 -6.86 87.26
C ALA SA 138 -43.12 -6.02 87.02
N LEU SA 139 -41.94 -6.64 87.17
CA LEU SA 139 -40.71 -5.92 86.91
C LEU SA 139 -40.60 -5.49 85.46
N PHE SA 140 -40.95 -6.38 84.53
CA PHE SA 140 -40.90 -6.00 83.12
C PHE SA 140 -41.85 -4.85 82.85
N LYS SA 141 -43.09 -4.94 83.34
CA LYS SA 141 -44.03 -3.85 83.12
C LYS SA 141 -43.47 -2.53 83.65
N LYS SA 142 -43.07 -2.52 84.92
CA LYS SA 142 -42.65 -1.27 85.57
C LYS SA 142 -41.40 -0.69 84.93
N ILE SA 143 -40.44 -1.52 84.56
CA ILE SA 143 -39.16 -1.02 84.07
C ILE SA 143 -39.20 -0.76 82.56
N TYR SA 144 -39.64 -1.74 81.78
CA TYR SA 144 -39.69 -1.57 80.33
C TYR SA 144 -40.92 -0.79 79.90
N GLU SA 145 -42.11 -1.35 80.16
CA GLU SA 145 -43.30 -0.85 79.47
C GLU SA 145 -43.66 0.56 79.93
N GLU SA 146 -43.64 0.80 81.23
CA GLU SA 146 -44.18 2.04 81.75
C GLU SA 146 -43.28 3.25 81.46
N GLU SA 147 -41.98 3.04 81.24
CA GLU SA 147 -41.10 4.16 80.93
C GLU SA 147 -40.48 4.05 79.54
N TYR SA 148 -39.71 3.00 79.27
CA TYR SA 148 -39.03 2.90 77.98
C TYR SA 148 -40.03 2.68 76.86
N GLY SA 149 -41.08 1.92 77.11
CA GLY SA 149 -42.03 1.55 76.09
C GLY SA 149 -43.32 2.34 76.06
N THR SA 150 -43.33 3.54 76.64
CA THR SA 150 -44.52 4.37 76.70
C THR SA 150 -44.22 5.77 76.18
N PHE SA 151 -45.14 6.30 75.38
CA PHE SA 151 -45.06 7.67 74.89
C PHE SA 151 -44.95 8.65 76.05
N GLY SA 152 -43.90 9.46 76.06
CA GLY SA 152 -43.67 10.41 77.13
C GLY SA 152 -42.91 9.88 78.33
N GLY SA 153 -42.55 8.59 78.34
CA GLY SA 153 -41.79 8.06 79.45
C GLY SA 153 -40.35 8.53 79.47
N HIS SA 154 -39.76 8.49 80.66
CA HIS SA 154 -38.34 8.77 80.84
C HIS SA 154 -37.64 7.45 81.18
N PRO SA 155 -36.96 6.82 80.23
CA PRO SA 155 -36.44 5.47 80.45
C PRO SA 155 -35.49 5.41 81.64
N PHE SA 156 -35.59 4.33 82.40
CA PHE SA 156 -34.62 4.05 83.45
C PHE SA 156 -33.23 3.95 82.84
N SER SA 157 -32.32 4.81 83.31
CA SER SA 157 -30.95 4.76 82.82
C SER SA 157 -30.16 3.61 83.44
N LEU SA 158 -30.43 3.29 84.70
CA LEU SA 158 -29.65 2.33 85.46
C LEU SA 158 -30.54 1.75 86.55
N LEU SA 159 -30.23 0.53 86.96
CA LEU SA 159 -30.90 -0.12 88.09
C LEU SA 159 -29.86 -0.54 89.10
N VAL SA 160 -30.09 -0.25 90.37
CA VAL SA 160 -29.24 -0.70 91.45
C VAL SA 160 -30.07 -1.58 92.37
N GLY SA 161 -29.59 -2.80 92.61
CA GLY SA 161 -30.24 -3.70 93.52
C GLY SA 161 -29.47 -3.83 94.81
N ASP SA 162 -30.09 -3.47 95.93
CA ASP SA 162 -29.47 -3.65 97.24
C ASP SA 162 -29.63 -5.10 97.69
N TYR SA 163 -28.98 -5.99 96.94
CA TYR SA 163 -29.01 -7.41 97.24
C TYR SA 163 -27.64 -8.01 96.99
N SER SA 164 -27.38 -9.12 97.64
CA SER SA 164 -26.17 -9.90 97.41
C SER SA 164 -26.53 -11.21 96.72
N PHE SA 165 -25.73 -11.62 95.76
CA PHE SA 165 -26.00 -12.81 94.97
C PHE SA 165 -24.90 -13.84 95.21
N GLY SA 166 -25.28 -15.01 95.69
CA GLY SA 166 -24.37 -16.10 95.93
C GLY SA 166 -24.38 -17.11 94.80
N ARG SA 167 -23.83 -18.29 95.09
CA ARG SA 167 -23.76 -19.37 94.12
C ARG SA 167 -25.02 -20.22 94.08
N HIS SA 168 -26.00 -19.92 94.93
CA HIS SA 168 -27.19 -20.75 95.02
C HIS SA 168 -27.94 -20.75 93.69
N PRO SA 169 -28.56 -21.87 93.31
CA PRO SA 169 -29.25 -21.91 92.01
C PRO SA 169 -30.32 -20.85 91.85
N GLN SA 170 -31.11 -20.53 92.89
CA GLN SA 170 -32.11 -19.50 92.70
C GLN SA 170 -31.48 -18.10 92.65
N ASP SA 171 -30.32 -17.91 93.27
CA ASP SA 171 -29.62 -16.64 93.14
C ASP SA 171 -29.20 -16.39 91.68
N ILE SA 172 -28.57 -17.39 91.06
CA ILE SA 172 -28.16 -17.24 89.67
C ILE SA 172 -29.37 -17.16 88.74
N GLY SA 173 -30.44 -17.91 89.06
CA GLY SA 173 -31.64 -17.81 88.25
C GLY SA 173 -32.27 -16.43 88.31
N LEU SA 174 -32.35 -15.85 89.50
CA LEU SA 174 -32.83 -14.49 89.65
C LEU SA 174 -31.95 -13.52 88.89
N LEU SA 175 -30.63 -13.70 88.98
CA LEU SA 175 -29.72 -12.84 88.24
C LEU SA 175 -29.98 -12.93 86.74
N GLU SA 176 -30.26 -14.13 86.23
CA GLU SA 176 -30.55 -14.31 84.82
C GLU SA 176 -31.83 -13.57 84.42
N LYS SA 177 -32.90 -13.74 85.19
CA LYS SA 177 -34.16 -13.07 84.88
C LYS SA 177 -34.00 -11.55 84.96
N LEU SA 178 -33.32 -11.06 85.98
CA LEU SA 178 -33.05 -9.63 86.11
C LEU SA 178 -32.26 -9.12 84.92
N SER SA 179 -31.27 -9.91 84.47
CA SER SA 179 -30.50 -9.52 83.30
C SER SA 179 -31.38 -9.41 82.07
N ASN SA 180 -32.36 -10.31 81.95
CA ASN SA 180 -33.26 -10.24 80.79
C ASN SA 180 -34.07 -8.94 80.82
N VAL SA 181 -34.63 -8.60 81.98
CA VAL SA 181 -35.40 -7.36 82.06
C VAL SA 181 -34.49 -6.16 81.80
N ALA SA 182 -33.31 -6.16 82.40
CA ALA SA 182 -32.37 -5.06 82.23
C ALA SA 182 -31.96 -4.90 80.76
N ALA SA 183 -31.69 -6.01 80.08
CA ALA SA 183 -31.32 -5.96 78.67
C ALA SA 183 -32.47 -5.42 77.82
N ALA SA 184 -33.69 -5.87 78.09
CA ALA SA 184 -34.82 -5.42 77.29
C ALA SA 184 -34.94 -3.91 77.31
N ALA SA 185 -34.83 -3.30 78.49
CA ALA SA 185 -34.99 -1.87 78.65
C ALA SA 185 -33.69 -1.09 78.46
N HIS SA 186 -32.58 -1.77 78.17
CA HIS SA 186 -31.26 -1.13 78.08
C HIS SA 186 -30.95 -0.36 79.37
N ALA SA 187 -31.11 -1.02 80.51
CA ALA SA 187 -30.92 -0.39 81.81
C ALA SA 187 -30.00 -1.30 82.62
N PRO SA 188 -28.69 -1.07 82.56
CA PRO SA 188 -27.75 -1.94 83.27
C PRO SA 188 -28.05 -2.04 84.76
N PHE SA 189 -27.87 -3.23 85.30
CA PHE SA 189 -28.24 -3.57 86.67
C PHE SA 189 -26.97 -3.78 87.49
N ILE SA 190 -26.93 -3.20 88.68
CA ILE SA 190 -25.77 -3.27 89.56
C ILE SA 190 -26.22 -3.82 90.91
N ALA SA 191 -25.51 -4.82 91.41
CA ALA SA 191 -25.79 -5.38 92.72
C ALA SA 191 -24.47 -5.84 93.34
N ALA SA 192 -24.55 -6.59 94.43
CA ALA SA 192 -23.37 -7.02 95.16
C ALA SA 192 -23.15 -8.52 95.00
N ALA SA 193 -21.88 -8.91 95.04
CA ALA SA 193 -21.50 -10.31 95.09
C ALA SA 193 -21.45 -10.77 96.53
N SER SA 194 -22.08 -11.90 96.81
CA SER SA 194 -21.97 -12.47 98.14
C SER SA 194 -20.63 -13.17 98.32
N PRO SA 195 -20.09 -13.19 99.55
CA PRO SA 195 -18.90 -14.03 99.80
C PRO SA 195 -19.18 -15.50 99.54
N ARG SA 196 -20.44 -15.93 99.66
CA ARG SA 196 -20.77 -17.31 99.35
C ARG SA 196 -20.54 -17.65 97.90
N LEU SA 197 -20.56 -16.66 97.00
CA LEU SA 197 -20.20 -16.92 95.61
C LEU SA 197 -18.77 -17.42 95.50
N PHE SA 198 -17.90 -16.97 96.39
CA PHE SA 198 -16.50 -17.37 96.44
C PHE SA 198 -16.25 -18.51 97.41
N ASP SA 199 -17.31 -19.11 97.95
CA ASP SA 199 -17.21 -20.15 98.98
C ASP SA 199 -16.50 -19.63 100.23
N MET SA 200 -16.78 -18.38 100.59
CA MET SA 200 -16.25 -17.77 101.80
C MET SA 200 -17.40 -17.34 102.70
N GLY SA 201 -17.17 -17.41 104.01
CA GLY SA 201 -18.13 -16.86 104.94
C GLY SA 201 -18.11 -15.35 104.98
N SER SA 202 -16.96 -14.74 104.68
CA SER SA 202 -16.81 -13.31 104.69
C SER SA 202 -15.70 -12.92 103.72
N PHE SA 203 -15.78 -11.71 103.20
CA PHE SA 203 -14.73 -11.22 102.33
C PHE SA 203 -13.44 -10.91 103.07
N THR SA 204 -13.42 -11.01 104.40
CA THR SA 204 -12.15 -10.94 105.12
C THR SA 204 -11.22 -12.07 104.73
N GLU SA 205 -11.75 -13.14 104.13
CA GLU SA 205 -10.96 -14.27 103.65
C GLU SA 205 -10.53 -14.11 102.19
N LEU SA 206 -10.78 -12.95 101.58
CA LEU SA 206 -10.56 -12.82 100.13
C LEU SA 206 -9.09 -12.95 99.75
N ALA SA 207 -8.18 -12.63 100.66
CA ALA SA 207 -6.75 -12.74 100.36
C ALA SA 207 -6.20 -14.13 100.59
N VAL SA 208 -6.96 -15.03 101.20
CA VAL SA 208 -6.46 -16.36 101.57
C VAL SA 208 -6.17 -17.25 100.36
N PRO SA 209 -7.09 -17.46 99.42
CA PRO SA 209 -6.81 -18.40 98.32
C PRO SA 209 -5.61 -17.97 97.49
N ARG SA 210 -4.81 -18.95 97.07
CA ARG SA 210 -3.69 -18.66 96.18
C ARG SA 210 -4.19 -18.17 94.82
N ASP SA 211 -5.21 -18.82 94.27
CA ASP SA 211 -5.69 -18.53 92.93
C ASP SA 211 -7.22 -18.45 92.95
N LEU SA 212 -7.75 -17.25 92.71
CA LEU SA 212 -9.20 -17.05 92.72
C LEU SA 212 -9.88 -17.79 91.57
N ALA SA 213 -9.26 -17.78 90.39
CA ALA SA 213 -9.86 -18.41 89.23
C ALA SA 213 -10.13 -19.90 89.45
N LYS SA 214 -9.30 -20.53 90.28
CA LYS SA 214 -9.50 -21.95 90.60
C LYS SA 214 -10.84 -22.18 91.29
N ILE SA 215 -11.26 -21.24 92.14
CA ILE SA 215 -12.52 -21.38 92.85
C ILE SA 215 -13.68 -21.52 91.86
N PHE SA 216 -13.62 -20.77 90.77
CA PHE SA 216 -14.75 -20.70 89.85
C PHE SA 216 -14.74 -21.83 88.83
N GLU SA 217 -13.88 -22.83 89.01
CA GLU SA 217 -13.94 -24.07 88.24
C GLU SA 217 -14.85 -25.11 88.88
N SER SA 218 -15.37 -24.83 90.07
CA SER SA 218 -16.14 -25.81 90.81
C SER SA 218 -17.43 -26.17 90.08
N GLN SA 219 -17.85 -27.43 90.25
CA GLN SA 219 -19.12 -27.87 89.69
C GLN SA 219 -20.30 -27.11 90.29
N GLU SA 220 -20.14 -26.53 91.48
CA GLU SA 220 -21.19 -25.70 92.05
C GLU SA 220 -21.39 -24.40 91.26
N LEU SA 221 -20.44 -24.02 90.40
CA LEU SA 221 -20.51 -22.77 89.66
C LEU SA 221 -20.80 -22.97 88.17
N ILE SA 222 -21.40 -24.10 87.81
CA ILE SA 222 -21.76 -24.33 86.42
C ILE SA 222 -22.77 -23.29 85.94
N LYS SA 223 -23.81 -23.06 86.75
CA LYS SA 223 -24.83 -22.09 86.37
C LYS SA 223 -24.27 -20.68 86.27
N TRP SA 224 -23.37 -20.31 87.19
CA TRP SA 224 -22.75 -18.99 87.14
C TRP SA 224 -21.93 -18.81 85.87
N ARG SA 225 -21.15 -19.82 85.50
CA ARG SA 225 -20.36 -19.73 84.26
C ARG SA 225 -21.27 -19.63 83.04
N ALA SA 226 -22.34 -20.43 83.01
CA ALA SA 226 -23.30 -20.32 81.92
C ALA SA 226 -23.90 -18.92 81.85
N PHE SA 227 -24.24 -18.34 83.00
CA PHE SA 227 -24.75 -16.97 83.02
C PHE SA 227 -23.72 -16.01 82.44
N ARG SA 228 -22.46 -16.16 82.83
CA ARG SA 228 -21.40 -15.30 82.29
C ARG SA 228 -21.30 -15.41 80.77
N GLU SA 229 -21.60 -16.59 80.21
CA GLU SA 229 -21.58 -16.70 78.75
C GLU SA 229 -22.80 -16.10 78.05
N SER SA 230 -23.87 -15.78 78.78
CA SER SA 230 -25.07 -15.25 78.13
C SER SA 230 -24.84 -13.83 77.63
N GLU SA 231 -25.60 -13.47 76.59
CA GLU SA 231 -25.51 -12.10 76.05
C GLU SA 231 -25.95 -11.07 77.08
N ASP SA 232 -27.08 -11.32 77.73
CA ASP SA 232 -27.68 -10.33 78.62
C ASP SA 232 -26.90 -10.13 79.91
N SER SA 233 -25.89 -10.95 80.18
CA SER SA 233 -25.06 -10.74 81.37
C SER SA 233 -24.25 -9.45 81.31
N ARG SA 234 -24.10 -8.84 80.13
CA ARG SA 234 -23.44 -7.55 80.08
C ARG SA 234 -24.24 -6.44 80.74
N TYR SA 235 -25.51 -6.69 81.08
CA TYR SA 235 -26.34 -5.74 81.79
C TYR SA 235 -26.39 -6.00 83.29
N VAL SA 236 -25.46 -6.81 83.80
CA VAL SA 236 -25.36 -7.10 85.22
C VAL SA 236 -23.92 -6.86 85.65
N SER SA 237 -23.73 -6.07 86.70
CA SER SA 237 -22.43 -5.88 87.31
C SER SA 237 -22.54 -6.21 88.79
N LEU SA 238 -21.51 -6.88 89.33
CA LEU SA 238 -21.49 -7.28 90.72
C LEU SA 238 -20.27 -6.65 91.39
N VAL SA 239 -20.51 -5.96 92.50
CA VAL SA 239 -19.45 -5.24 93.19
C VAL SA 239 -19.14 -5.95 94.50
N LEU SA 240 -17.90 -5.78 94.95
CA LEU SA 240 -17.44 -6.33 96.22
C LEU SA 240 -16.23 -5.53 96.67
N PRO SA 241 -15.87 -5.59 97.96
CA PRO SA 241 -16.60 -6.19 99.08
C PRO SA 241 -17.51 -5.16 99.73
N HIS SA 242 -17.94 -5.36 100.96
CA HIS SA 242 -18.78 -4.39 101.65
C HIS SA 242 -17.97 -3.16 102.05
N VAL SA 243 -18.68 -2.05 102.22
CA VAL SA 243 -18.06 -0.78 102.58
C VAL SA 243 -18.61 -0.34 103.93
N LEU SA 244 -17.72 0.14 104.79
CA LEU SA 244 -18.11 0.57 106.12
C LEU SA 244 -18.99 1.81 106.03
N LEU SA 245 -20.15 1.77 106.69
CA LEU SA 245 -21.04 2.91 106.72
C LEU SA 245 -20.85 3.70 108.01
N ALA SA 271 -18.50 -8.62 112.50
CA ALA SA 271 -19.89 -8.31 112.18
C ALA SA 271 -20.44 -7.20 113.06
N ARG SA 272 -19.61 -6.68 113.97
CA ARG SA 272 -20.03 -5.61 114.85
C ARG SA 272 -20.07 -4.25 114.17
N TYR SA 273 -19.47 -4.12 112.99
CA TYR SA 273 -19.50 -2.85 112.25
C TYR SA 273 -20.66 -2.84 111.27
N LEU SA 274 -21.11 -1.64 110.92
CA LEU SA 274 -22.22 -1.49 109.98
C LEU SA 274 -21.70 -1.55 108.55
N TRP SA 275 -21.77 -2.72 107.95
CA TRP SA 275 -21.26 -2.94 106.60
C TRP SA 275 -22.38 -2.74 105.59
N GLY SA 276 -22.10 -1.96 104.56
CA GLY SA 276 -23.09 -1.68 103.54
C GLY SA 276 -22.75 -2.24 102.17
N ASN SA 277 -23.75 -2.29 101.30
CA ASN SA 277 -23.55 -2.71 99.93
C ASN SA 277 -22.72 -1.67 99.17
N ALA SA 278 -21.65 -2.12 98.50
CA ALA SA 278 -20.82 -1.21 97.72
C ALA SA 278 -21.50 -0.75 96.43
N ALA SA 279 -22.62 -1.37 96.08
CA ALA SA 279 -23.40 -0.90 94.94
C ALA SA 279 -23.88 0.54 95.15
N TRP SA 280 -24.19 0.91 96.40
CA TRP SA 280 -24.54 2.30 96.68
C TRP SA 280 -23.39 3.22 96.30
N ALA SA 281 -22.16 2.86 96.67
CA ALA SA 281 -21.00 3.70 96.36
C ALA SA 281 -20.77 3.80 94.86
N LEU SA 282 -20.88 2.67 94.14
CA LEU SA 282 -20.71 2.73 92.69
C LEU SA 282 -21.80 3.58 92.04
N THR SA 283 -23.05 3.43 92.50
CA THR SA 283 -24.13 4.25 91.99
C THR SA 283 -23.86 5.73 92.23
N GLN SA 284 -23.30 6.05 93.39
CA GLN SA 284 -22.96 7.44 93.69
C GLN SA 284 -21.90 7.95 92.72
N ARG SA 285 -20.90 7.11 92.40
CA ARG SA 285 -19.93 7.49 91.38
C ARG SA 285 -20.63 7.80 90.06
N ILE SA 286 -21.60 6.96 89.69
CA ILE SA 286 -22.29 7.13 88.41
C ILE SA 286 -23.09 8.43 88.40
N THR SA 287 -23.81 8.71 89.48
CA THR SA 287 -24.65 9.91 89.52
C THR SA 287 -23.79 11.17 89.60
N GLU SA 288 -22.67 11.12 90.31
CA GLU SA 288 -21.74 12.26 90.30
C GLU SA 288 -21.19 12.50 88.91
N ALA SA 289 -20.79 11.44 88.21
CA ALA SA 289 -20.31 11.59 86.85
C ALA SA 289 -21.37 12.23 85.97
N PHE SA 290 -22.61 11.76 86.07
CA PHE SA 290 -23.67 12.37 85.26
C PHE SA 290 -23.87 13.83 85.60
N ALA SA 291 -23.91 14.15 86.89
CA ALA SA 291 -24.15 15.53 87.31
C ALA SA 291 -23.05 16.46 86.80
N ARG SA 292 -21.79 16.01 86.88
CA ARG SA 292 -20.69 16.87 86.46
C ARG SA 292 -20.53 16.93 84.94
N TYR SA 293 -20.76 15.82 84.24
CA TYR SA 293 -20.37 15.70 82.85
C TYR SA 293 -21.50 15.38 81.88
N GLY SA 294 -22.67 14.96 82.37
CA GLY SA 294 -23.76 14.56 81.51
C GLY SA 294 -23.66 13.15 80.97
N TRP SA 295 -22.60 12.41 81.30
CA TRP SA 295 -22.41 11.04 80.87
C TRP SA 295 -21.71 10.27 81.98
N CYS SA 296 -21.85 8.95 81.94
CA CYS SA 296 -21.46 8.09 83.06
C CYS SA 296 -20.24 7.22 82.78
N ALA SA 297 -19.38 7.63 81.86
CA ALA SA 297 -18.18 6.84 81.59
C ALA SA 297 -17.14 6.98 82.69
N ALA SA 298 -16.98 8.20 83.23
CA ALA SA 298 -15.88 8.49 84.15
C ALA SA 298 -16.24 8.02 85.55
N ILE SA 299 -16.18 6.71 85.74
CA ILE SA 299 -16.57 6.11 87.02
C ILE SA 299 -15.53 5.13 87.55
N ARG SA 300 -14.27 5.29 87.15
CA ARG SA 300 -13.25 4.35 87.59
C ARG SA 300 -11.89 5.02 87.70
N GLY SA 301 -11.07 4.49 88.60
CA GLY SA 301 -9.71 4.97 88.75
C GLY SA 301 -9.58 6.12 89.73
N VAL SA 302 -8.33 6.38 90.12
CA VAL SA 302 -8.05 7.46 91.06
C VAL SA 302 -8.47 8.80 90.48
N GLU SA 303 -8.12 9.04 89.22
CA GLU SA 303 -8.42 10.31 88.56
C GLU SA 303 -9.56 10.23 87.57
N GLY SA 304 -10.07 9.05 87.27
CA GLY SA 304 -11.10 8.90 86.27
C GLY SA 304 -12.50 8.76 86.83
N GLY SA 305 -12.71 9.12 88.09
CA GLY SA 305 -14.02 9.10 88.70
C GLY SA 305 -14.36 7.90 89.55
N GLY SA 306 -13.39 7.04 89.86
CA GLY SA 306 -13.64 5.89 90.70
C GLY SA 306 -13.38 6.07 92.18
N ALA SA 307 -13.04 7.26 92.63
CA ALA SA 307 -12.61 7.46 94.01
C ALA SA 307 -13.81 7.61 94.94
N VAL SA 308 -13.83 6.82 96.00
CA VAL SA 308 -14.85 6.87 97.05
C VAL SA 308 -14.15 7.45 98.28
N GLU SA 309 -14.37 8.74 98.54
CA GLU SA 309 -13.64 9.46 99.56
C GLU SA 309 -14.46 9.60 100.84
N GLY SA 310 -13.78 10.01 101.91
CA GLY SA 310 -14.44 10.28 103.16
C GLY SA 310 -14.93 9.07 103.93
N LEU SA 311 -14.33 7.91 103.71
CA LEU SA 311 -14.76 6.70 104.39
C LEU SA 311 -14.39 6.77 105.88
N PRO SA 312 -15.14 6.06 106.73
CA PRO SA 312 -14.80 6.02 108.16
C PRO SA 312 -13.43 5.40 108.38
N ALA SA 313 -12.58 6.10 109.13
CA ALA SA 313 -11.23 5.63 109.44
C ALA SA 313 -11.15 5.39 110.94
N HIS SA 314 -11.49 4.18 111.36
CA HIS SA 314 -11.44 3.83 112.77
C HIS SA 314 -10.05 3.42 113.19
N LYS SA 326 -7.90 -0.19 110.56
CA LYS SA 326 -9.01 -1.03 110.10
C LYS SA 326 -9.45 -0.67 108.69
N CYS SA 327 -9.45 -1.65 107.80
CA CYS SA 327 -9.85 -1.40 106.42
C CYS SA 327 -11.32 -0.99 106.37
N PRO SA 328 -11.66 0.15 105.77
CA PRO SA 328 -13.07 0.50 105.58
C PRO SA 328 -13.77 -0.31 104.49
N THR SA 329 -13.07 -1.23 103.83
CA THR SA 329 -13.63 -2.07 102.78
C THR SA 329 -13.49 -3.56 103.10
N GLU SA 330 -13.42 -3.90 104.38
CA GLU SA 330 -13.40 -5.27 104.89
C GLU SA 330 -12.11 -6.05 104.63
N VAL SA 331 -11.34 -5.65 103.63
CA VAL SA 331 -10.14 -6.40 103.27
C VAL SA 331 -9.33 -5.59 102.27
N ALA SA 332 -8.01 -5.61 102.41
CA ALA SA 332 -7.14 -5.00 101.42
C ALA SA 332 -7.09 -5.89 100.19
N ILE SA 333 -7.10 -5.28 99.02
CA ILE SA 333 -7.07 -6.00 97.76
C ILE SA 333 -5.83 -5.53 97.01
N THR SA 334 -4.87 -6.43 96.80
CA THR SA 334 -3.67 -6.10 96.06
C THR SA 334 -4.00 -5.87 94.58
N ASP SA 335 -3.05 -5.27 93.87
CA ASP SA 335 -3.21 -5.04 92.43
C ASP SA 335 -3.45 -6.35 91.70
N ARG SA 336 -2.68 -7.38 92.03
CA ARG SA 336 -2.86 -8.68 91.36
C ARG SA 336 -4.23 -9.25 91.66
N ARG SA 337 -4.68 -9.15 92.91
CA ARG SA 337 -6.00 -9.65 93.28
C ARG SA 337 -7.12 -8.87 92.59
N GLU SA 338 -6.96 -7.55 92.49
CA GLU SA 338 -7.95 -6.75 91.76
C GLU SA 338 -8.03 -7.18 90.31
N LYS SA 339 -6.88 -7.44 89.67
CA LYS SA 339 -6.89 -7.88 88.28
C LYS SA 339 -7.55 -9.26 88.14
N GLU SA 340 -7.28 -10.18 89.07
CA GLU SA 340 -7.98 -11.47 89.07
C GLU SA 340 -9.49 -11.26 89.13
N LEU SA 341 -9.95 -10.44 90.09
CA LEU SA 341 -11.38 -10.24 90.26
C LEU SA 341 -12.00 -9.60 89.02
N ASP SA 342 -11.29 -8.67 88.41
CA ASP SA 342 -11.76 -8.09 87.15
C ASP SA 342 -11.91 -9.16 86.08
N ALA SA 343 -10.94 -10.07 85.99
CA ALA SA 343 -11.04 -11.13 84.99
C ALA SA 343 -12.21 -12.07 85.27
N LEU SA 344 -12.61 -12.20 86.52
CA LEU SA 344 -13.68 -13.11 86.90
C LEU SA 344 -15.06 -12.47 86.81
N GLY SA 345 -15.15 -11.21 86.37
CA GLY SA 345 -16.42 -10.56 86.17
C GLY SA 345 -16.94 -9.74 87.34
N PHE SA 346 -16.05 -9.16 88.14
CA PHE SA 346 -16.45 -8.39 89.31
C PHE SA 346 -15.81 -7.01 89.27
N ILE SA 347 -16.43 -6.08 89.99
CA ILE SA 347 -15.91 -4.73 90.20
C ILE SA 347 -15.51 -4.62 91.67
N ALA SA 348 -14.22 -4.53 91.94
CA ALA SA 348 -13.72 -4.53 93.31
C ALA SA 348 -13.43 -3.11 93.77
N LEU SA 349 -13.82 -2.83 95.01
CA LEU SA 349 -13.48 -1.57 95.67
C LEU SA 349 -12.20 -1.76 96.48
N CYS SA 350 -11.18 -0.96 96.18
CA CYS SA 350 -9.84 -1.17 96.69
C CYS SA 350 -9.44 -0.03 97.63
N HIS SA 351 -9.25 -0.35 98.91
CA HIS SA 351 -8.84 0.64 99.90
C HIS SA 351 -7.41 1.10 99.64
N LYS SA 352 -7.21 2.41 99.63
CA LYS SA 352 -5.85 2.95 99.62
C LYS SA 352 -5.29 2.87 101.03
N LYS SA 353 -4.15 2.19 101.17
CA LYS SA 353 -3.57 1.96 102.49
C LYS SA 353 -3.29 3.27 103.21
N ASN SA 354 -3.56 3.29 104.52
CA ASN SA 354 -3.30 4.45 105.37
C ASN SA 354 -4.05 5.69 104.86
N SER SA 355 -5.34 5.53 104.59
CA SER SA 355 -6.14 6.60 104.05
C SER SA 355 -7.61 6.32 104.33
N ASP SA 356 -8.44 7.32 104.11
CA ASP SA 356 -9.90 7.16 104.18
C ASP SA 356 -10.52 7.11 102.79
N LEU SA 357 -9.83 6.46 101.86
CA LEU SA 357 -10.20 6.49 100.45
C LEU SA 357 -10.12 5.09 99.87
N ALA SA 358 -11.03 4.79 98.95
CA ALA SA 358 -11.02 3.55 98.20
C ALA SA 358 -11.44 3.85 96.76
N VAL SA 359 -11.01 3.00 95.84
CA VAL SA 359 -11.15 3.26 94.41
C VAL SA 359 -11.70 2.02 93.70
N PHE SA 360 -12.65 2.24 92.79
CA PHE SA 360 -13.05 1.26 91.79
C PHE SA 360 -12.06 1.36 90.64
N PHE SA 361 -11.08 0.45 90.58
CA PHE SA 361 -10.13 0.48 89.47
C PHE SA 361 -10.75 -0.07 88.20
N GLY SA 362 -11.51 -1.15 88.31
CA GLY SA 362 -12.13 -1.77 87.16
C GLY SA 362 -13.59 -1.42 87.03
N SER SA 363 -14.15 -1.67 85.85
CA SER SA 363 -15.57 -1.46 85.61
C SER SA 363 -16.13 -2.56 84.71
N GLN SA 364 -15.76 -3.80 85.00
CA GLN SA 364 -16.13 -4.95 84.17
C GLN SA 364 -17.50 -5.48 84.59
N THR SA 365 -18.38 -5.72 83.62
CA THR SA 365 -19.66 -6.36 83.90
C THR SA 365 -19.42 -7.86 84.18
N THR SA 366 -20.50 -8.58 84.47
CA THR SA 366 -20.36 -10.02 84.66
C THR SA 366 -20.15 -10.77 83.34
N ASN SA 367 -20.32 -10.11 82.21
CA ASN SA 367 -20.23 -10.80 80.92
C ASN SA 367 -18.80 -11.24 80.66
N ARG SA 368 -18.65 -12.48 80.20
CA ARG SA 368 -17.35 -12.97 79.78
C ARG SA 368 -17.25 -12.86 78.27
N PRO SA 369 -16.41 -11.98 77.73
CA PRO SA 369 -16.36 -11.79 76.28
C PRO SA 369 -15.94 -13.06 75.56
N ARG SA 370 -16.55 -13.29 74.40
CA ARG SA 370 -16.11 -14.36 73.53
C ARG SA 370 -14.79 -14.01 72.87
N VAL SA 371 -14.01 -15.05 72.56
CA VAL SA 371 -12.69 -14.90 71.94
C VAL SA 371 -12.78 -15.31 70.48
N TYR SA 372 -12.24 -14.49 69.60
CA TYR SA 372 -12.35 -14.65 68.16
C TYR SA 372 -10.98 -14.72 67.51
N ASN SA 373 -10.97 -14.93 66.20
CA ASN SA 373 -9.75 -15.01 65.43
C ASN SA 373 -9.35 -13.69 64.77
N THR SA 374 -10.07 -12.60 65.03
CA THR SA 374 -9.70 -11.29 64.50
C THR SA 374 -9.58 -10.28 65.64
N ASN SA 375 -8.65 -9.34 65.46
CA ASN SA 375 -8.43 -8.31 66.48
C ASN SA 375 -9.68 -7.44 66.67
N GLU SA 376 -10.34 -7.09 65.57
CA GLU SA 376 -11.52 -6.23 65.66
C GLU SA 376 -12.63 -6.88 66.47
N ALA SA 377 -12.91 -8.15 66.20
CA ALA SA 377 -13.97 -8.83 66.95
C ALA SA 377 -13.60 -8.96 68.42
N ASN SA 378 -12.35 -9.30 68.72
CA ASN SA 378 -11.92 -9.41 70.12
C ASN SA 378 -12.08 -8.07 70.84
N ALA SA 379 -11.59 -6.99 70.21
CA ALA SA 379 -11.73 -5.68 70.82
C ALA SA 379 -13.19 -5.32 71.06
N ASN SA 380 -14.05 -5.57 70.06
CA ASN SA 380 -15.46 -5.21 70.21
C ASN SA 380 -16.12 -6.04 71.31
N ALA SA 381 -15.80 -7.34 71.39
CA ALA SA 381 -16.35 -8.16 72.44
C ALA SA 381 -15.91 -7.66 73.82
N ARG SA 382 -14.64 -7.27 73.94
CA ARG SA 382 -14.12 -6.85 75.23
C ARG SA 382 -14.80 -5.57 75.72
N ILE SA 383 -14.93 -4.57 74.86
CA ILE SA 383 -15.52 -3.31 75.29
C ILE SA 383 -17.03 -3.44 75.47
N SER SA 384 -17.67 -4.42 74.83
CA SER SA 384 -19.08 -4.68 75.03
C SER SA 384 -19.37 -5.27 76.41
N ALA SA 385 -18.33 -5.60 77.17
CA ALA SA 385 -18.48 -6.15 78.51
C ALA SA 385 -18.09 -5.17 79.60
N MET SA 386 -17.86 -3.90 79.26
CA MET SA 386 -17.43 -2.90 80.22
C MET SA 386 -18.58 -1.98 80.60
N LEU SA 387 -18.78 -1.81 81.90
CA LEU SA 387 -19.91 -1.01 82.40
C LEU SA 387 -19.97 0.40 81.85
N PRO SA 388 -18.88 1.19 81.79
CA PRO SA 388 -19.01 2.56 81.25
C PRO SA 388 -19.53 2.59 79.82
N TYR SA 389 -18.99 1.74 78.97
CA TYR SA 389 -19.38 1.75 77.57
C TYR SA 389 -20.80 1.21 77.39
N VAL SA 390 -21.16 0.18 78.17
CA VAL SA 390 -22.52 -0.35 78.10
C VAL SA 390 -23.53 0.70 78.56
N LEU SA 391 -23.19 1.47 79.59
CA LEU SA 391 -24.06 2.56 80.03
C LEU SA 391 -24.24 3.59 78.93
N ALA SA 392 -23.15 3.98 78.26
CA ALA SA 392 -23.26 4.93 77.17
C ALA SA 392 -24.14 4.39 76.03
N ALA SA 393 -23.92 3.14 75.64
CA ALA SA 393 -24.72 2.54 74.59
C ALA SA 393 -26.19 2.50 74.97
N SER SA 394 -26.47 2.19 76.24
CA SER SA 394 -27.85 2.16 76.73
C SER SA 394 -28.49 3.54 76.66
N ARG SA 395 -27.75 4.59 77.05
CA ARG SA 395 -28.28 5.94 76.94
C ARG SA 395 -28.63 6.27 75.50
N PHE SA 396 -27.76 5.89 74.57
CA PHE SA 396 -28.07 6.15 73.16
C PHE SA 396 -29.28 5.35 72.71
N ALA SA 397 -29.48 4.15 73.24
CA ALA SA 397 -30.72 3.41 72.96
C ALA SA 397 -31.94 4.19 73.40
N HIS SA 398 -31.88 4.76 74.61
CA HIS SA 398 -33.02 5.52 75.12
C HIS SA 398 -33.31 6.74 74.25
N TYR SA 399 -32.26 7.47 73.89
CA TYR SA 399 -32.42 8.65 73.03
C TYR SA 399 -33.00 8.26 71.68
N LEU SA 400 -32.49 7.19 71.09
CA LEU SA 400 -32.98 6.74 69.79
C LEU SA 400 -34.46 6.38 69.87
N LYS SA 401 -34.84 5.63 70.90
CA LYS SA 401 -36.25 5.30 71.09
C LYS SA 401 -37.11 6.57 71.10
N VAL SA 402 -36.72 7.54 71.93
CA VAL SA 402 -37.58 8.72 72.10
C VAL SA 402 -37.67 9.55 70.81
N ILE SA 403 -36.52 9.84 70.20
CA ILE SA 403 -36.55 10.74 69.04
C ILE SA 403 -37.20 10.06 67.83
N MET SA 404 -36.91 8.78 67.60
CA MET SA 404 -37.53 8.11 66.46
C MET SA 404 -39.02 7.89 66.70
N ARG SA 405 -39.44 7.67 67.95
CA ARG SA 405 -40.87 7.69 68.23
C ARG SA 405 -41.48 9.03 67.83
N ASP SA 406 -40.75 10.13 68.08
CA ASP SA 406 -41.24 11.43 67.63
C ASP SA 406 -41.29 11.54 66.11
N LYS SA 407 -40.49 10.75 65.39
CA LYS SA 407 -40.49 10.87 63.93
C LYS SA 407 -41.45 9.91 63.22
N VAL SA 408 -42.09 8.98 63.93
CA VAL SA 408 -43.05 8.09 63.29
C VAL SA 408 -44.19 8.90 62.70
N GLY SA 409 -44.52 8.62 61.44
CA GLY SA 409 -45.61 9.29 60.76
C GLY SA 409 -45.21 10.49 59.91
N SER SA 410 -43.99 11.00 60.08
CA SER SA 410 -43.49 12.06 59.21
C SER SA 410 -43.01 11.48 57.88
N PHE SA 411 -43.02 12.31 56.85
CA PHE SA 411 -42.55 11.91 55.52
C PHE SA 411 -41.03 11.78 55.56
N MET SA 412 -40.54 10.55 55.57
CA MET SA 412 -39.10 10.30 55.63
C MET SA 412 -38.72 9.15 54.70
N THR SA 413 -37.70 9.39 53.88
CA THR SA 413 -37.06 8.34 53.11
C THR SA 413 -35.97 7.68 53.96
N ARG SA 414 -35.36 6.63 53.42
CA ARG SA 414 -34.20 6.03 54.07
C ARG SA 414 -33.09 7.06 54.26
N ASP SA 415 -32.83 7.87 53.23
CA ASP SA 415 -31.78 8.88 53.33
C ASP SA 415 -32.14 9.96 54.35
N ASN SA 416 -33.43 10.33 54.43
CA ASN SA 416 -33.84 11.30 55.44
C ASN SA 416 -33.52 10.79 56.84
N VAL SA 417 -33.84 9.52 57.10
CA VAL SA 417 -33.59 8.94 58.42
C VAL SA 417 -32.10 8.93 58.70
N GLN SA 418 -31.30 8.51 57.72
CA GLN SA 418 -29.85 8.42 57.93
C GLN SA 418 -29.27 9.80 58.20
N THR SA 419 -29.65 10.79 57.41
CA THR SA 419 -29.15 12.15 57.61
C THR SA 419 -29.56 12.69 58.98
N TYR SA 420 -30.82 12.49 59.37
CA TYR SA 420 -31.27 12.98 60.66
C TYR SA 420 -30.47 12.34 61.79
N LEU SA 421 -30.31 11.02 61.77
CA LEU SA 421 -29.64 10.34 62.87
C LEU SA 421 -28.16 10.69 62.93
N ASN SA 422 -27.50 10.80 61.79
CA ASN SA 422 -26.09 11.18 61.79
C ASN SA 422 -25.92 12.63 62.25
N ASN SA 423 -26.83 13.52 61.86
CA ASN SA 423 -26.80 14.90 62.33
C ASN SA 423 -26.98 14.96 63.85
N TRP SA 424 -27.94 14.21 64.37
CA TRP SA 424 -28.24 14.26 65.80
C TRP SA 424 -27.09 13.76 66.65
N ILE SA 425 -26.45 12.66 66.24
CA ILE SA 425 -25.40 12.07 67.07
C ILE SA 425 -24.08 12.82 66.99
N ALA SA 426 -23.92 13.71 66.01
CA ALA SA 426 -22.64 14.39 65.83
C ALA SA 426 -22.29 15.27 67.01
N ASP SA 427 -23.29 15.73 67.77
CA ASP SA 427 -23.03 16.62 68.90
C ASP SA 427 -22.33 15.92 70.07
N TYR SA 428 -22.30 14.59 70.08
CA TYR SA 428 -21.75 13.83 71.18
C TYR SA 428 -20.35 13.30 70.89
N VAL SA 429 -19.75 13.71 69.78
CA VAL SA 429 -18.47 13.21 69.33
C VAL SA 429 -17.39 14.24 69.62
N LEU SA 430 -16.29 13.80 70.21
CA LEU SA 430 -15.12 14.64 70.45
C LEU SA 430 -13.93 14.01 69.73
N ILE SA 431 -13.34 14.75 68.80
CA ILE SA 431 -12.25 14.22 67.99
C ILE SA 431 -10.89 14.36 68.67
N ASN SA 432 -10.74 15.34 69.57
CA ASN SA 432 -9.44 15.70 70.12
C ASN SA 432 -9.04 14.71 71.21
N ASP SA 433 -8.14 13.79 70.88
CA ASP SA 433 -7.62 12.84 71.86
C ASP SA 433 -6.62 13.45 72.83
N ASN SA 434 -6.21 14.69 72.62
CA ASN SA 434 -5.34 15.39 73.56
C ASN SA 434 -6.11 16.22 74.58
N ALA SA 435 -7.44 16.20 74.53
CA ALA SA 435 -8.22 16.93 75.51
C ALA SA 435 -8.01 16.33 76.90
N PRO SA 436 -8.13 17.14 77.95
CA PRO SA 436 -7.95 16.62 79.31
C PRO SA 436 -9.06 15.66 79.70
N GLN SA 437 -8.83 14.97 80.82
CA GLN SA 437 -9.77 13.98 81.32
C GLN SA 437 -11.18 14.57 81.48
N GLU SA 438 -11.26 15.77 82.07
CA GLU SA 438 -12.56 16.37 82.36
C GLU SA 438 -13.33 16.75 81.10
N ILE SA 439 -12.65 16.95 79.98
CA ILE SA 439 -13.35 17.22 78.73
C ILE SA 439 -13.80 15.92 78.08
N LYS SA 440 -12.92 14.91 78.05
CA LYS SA 440 -13.28 13.63 77.47
C LYS SA 440 -14.47 13.01 78.21
N ALA SA 441 -14.56 13.23 79.52
CA ALA SA 441 -15.70 12.72 80.28
C ALA SA 441 -17.02 13.28 79.79
N GLN SA 442 -17.03 14.44 79.15
CA GLN SA 442 -18.26 15.07 78.69
C GLN SA 442 -18.71 14.60 77.31
N TYR SA 443 -17.91 13.82 76.61
CA TYR SA 443 -18.26 13.36 75.26
C TYR SA 443 -18.14 11.85 75.20
N PRO SA 444 -19.24 11.12 75.12
CA PRO SA 444 -19.15 9.65 75.14
C PRO SA 444 -18.48 9.06 73.92
N LEU SA 445 -18.37 9.79 72.82
CA LEU SA 445 -17.96 9.21 71.54
C LEU SA 445 -16.70 9.86 71.02
N ARG SA 446 -15.80 9.03 70.49
CA ARG SA 446 -14.72 9.53 69.65
C ARG SA 446 -15.07 9.47 68.17
N GLU SA 447 -16.03 8.64 67.80
CA GLU SA 447 -16.46 8.49 66.41
C GLU SA 447 -17.79 7.75 66.41
N ALA SA 448 -18.64 8.08 65.45
CA ALA SA 448 -19.93 7.42 65.33
C ALA SA 448 -20.41 7.47 63.89
N ARG SA 449 -21.23 6.49 63.52
CA ARG SA 449 -21.85 6.49 62.20
C ARG SA 449 -23.13 5.67 62.27
N VAL SA 450 -24.16 6.12 61.58
CA VAL SA 450 -25.43 5.43 61.48
C VAL SA 450 -25.65 5.04 60.03
N ASP SA 451 -25.87 3.76 59.78
CA ASP SA 451 -26.18 3.25 58.45
C ASP SA 451 -27.64 2.78 58.44
N VAL SA 452 -28.41 3.27 57.49
CA VAL SA 452 -29.83 2.96 57.39
C VAL SA 452 -30.11 2.25 56.08
N SER SA 453 -30.94 1.21 56.13
CA SER SA 453 -31.33 0.45 54.96
C SER SA 453 -32.84 0.29 54.90
N GLU SA 454 -33.35 0.09 53.69
CA GLU SA 454 -34.76 -0.13 53.46
C GLU SA 454 -35.11 -1.60 53.57
N VAL SA 455 -36.35 -1.88 53.97
CA VAL SA 455 -36.87 -3.24 54.03
C VAL SA 455 -37.74 -3.44 52.78
N VAL SA 456 -37.34 -4.40 51.95
CA VAL SA 456 -38.03 -4.60 50.68
C VAL SA 456 -39.49 -4.94 50.92
N GLY SA 457 -40.37 -4.36 50.11
CA GLY SA 457 -41.79 -4.63 50.18
C GLY SA 457 -42.54 -3.92 51.28
N LYS SA 458 -41.87 -3.08 52.07
CA LYS SA 458 -42.49 -2.40 53.21
C LYS SA 458 -42.14 -0.92 53.17
N PRO SA 459 -42.93 -0.11 52.46
CA PRO SA 459 -42.66 1.33 52.44
C PRO SA 459 -42.68 1.93 53.84
N GLY SA 460 -41.71 2.79 54.12
CA GLY SA 460 -41.60 3.43 55.41
C GLY SA 460 -41.07 2.56 56.53
N VAL SA 461 -40.52 1.40 56.22
CA VAL SA 461 -39.94 0.50 57.23
C VAL SA 461 -38.44 0.41 56.97
N TYR SA 462 -37.64 0.67 58.01
CA TYR SA 462 -36.19 0.77 57.84
C TYR SA 462 -35.47 0.00 58.94
N ARG SA 463 -34.21 -0.33 58.65
CA ARG SA 463 -33.29 -0.92 59.62
C ARG SA 463 -32.05 -0.05 59.70
N ALA SA 464 -31.51 0.10 60.90
CA ALA SA 464 -30.33 0.93 61.09
C ALA SA 464 -29.30 0.18 61.94
N THR SA 465 -28.04 0.49 61.70
CA THR SA 465 -26.94 0.06 62.57
C THR SA 465 -26.24 1.30 63.07
N VAL SA 466 -26.12 1.43 64.39
CA VAL SA 466 -25.51 2.57 65.05
C VAL SA 466 -24.16 2.12 65.58
N PHE SA 467 -23.08 2.56 64.94
CA PHE SA 467 -21.72 2.25 65.38
C PHE SA 467 -21.24 3.33 66.33
N LEU SA 468 -20.81 2.95 67.53
CA LEU SA 468 -20.36 3.88 68.55
C LEU SA 468 -18.92 3.54 68.94
N ARG SA 469 -18.02 4.49 68.75
CA ARG SA 469 -16.64 4.30 69.17
C ARG SA 469 -16.35 5.21 70.36
N PRO SA 470 -16.26 4.68 71.56
CA PRO SA 470 -16.04 5.53 72.74
C PRO SA 470 -14.59 5.95 72.86
N HIS SA 471 -14.34 6.85 73.81
CA HIS SA 471 -12.99 7.13 74.28
C HIS SA 471 -12.60 6.03 75.26
N PHE SA 472 -11.48 5.36 75.01
CA PHE SA 472 -11.12 4.19 75.79
C PHE SA 472 -10.29 4.56 77.01
N GLN SA 473 -10.56 3.86 78.11
CA GLN SA 473 -9.89 4.09 79.37
C GLN SA 473 -8.73 3.11 79.54
N LEU SA 474 -7.66 3.59 80.18
CA LEU SA 474 -6.47 2.76 80.37
C LEU SA 474 -6.79 1.54 81.23
N GLU SA 475 -6.39 0.37 80.76
CA GLU SA 475 -6.65 -0.90 81.45
C GLU SA 475 -5.41 -1.54 82.02
N GLU SA 476 -4.35 -1.66 81.22
CA GLU SA 476 -3.14 -2.36 81.63
C GLU SA 476 -1.94 -1.71 80.98
N LEU SA 477 -0.78 -1.85 81.63
CA LEU SA 477 0.48 -1.38 81.09
C LEU SA 477 1.57 -2.36 81.50
N THR SA 478 2.28 -2.90 80.51
CA THR SA 478 3.44 -3.74 80.75
C THR SA 478 4.69 -2.96 80.33
N ALA SA 479 5.60 -2.75 81.26
CA ALA SA 479 6.76 -1.91 81.02
C ALA SA 479 8.05 -2.69 81.23
N SER SA 480 9.04 -2.39 80.40
CA SER SA 480 10.38 -2.94 80.53
C SER SA 480 11.35 -1.78 80.74
N ILE SA 481 12.07 -1.81 81.84
CA ILE SA 481 13.08 -0.79 82.16
C ILE SA 481 14.44 -1.32 81.74
N ARG SA 482 15.20 -0.50 81.02
CA ARG SA 482 16.48 -0.92 80.47
C ARG SA 482 17.51 0.19 80.64
N LEU SA 483 18.56 -0.08 81.41
CA LEU SA 483 19.70 0.82 81.48
C LEU SA 483 20.53 0.67 80.21
N VAL SA 484 20.87 1.79 79.59
CA VAL SA 484 21.65 1.78 78.37
C VAL SA 484 22.76 2.82 78.43
N ALA SA 485 23.88 2.52 77.78
CA ALA SA 485 24.91 3.53 77.59
C ALA SA 485 24.54 4.51 76.49
N THR SA 486 23.81 4.06 75.48
CA THR SA 486 23.28 4.94 74.43
C THR SA 486 21.83 4.58 74.16
N LEU SA 487 21.02 5.58 73.88
CA LEU SA 487 19.61 5.37 73.57
C LEU SA 487 19.49 4.69 72.21
N PRO SA 488 18.87 3.52 72.12
CA PRO SA 488 18.61 2.92 70.81
C PRO SA 488 17.53 3.67 70.06
N PRO SA 489 17.50 3.58 68.73
CA PRO SA 489 16.43 4.23 67.98
C PRO SA 489 15.09 3.58 68.30
N PRO SA 490 13.98 4.33 68.21
CA PRO SA 490 12.65 3.79 68.51
C PRO SA 490 12.19 2.72 67.51
N GLU TA 3 -49.73 26.40 66.45
CA GLU TA 3 -49.60 27.46 65.46
C GLU TA 3 -49.89 28.83 66.06
N SER TA 4 -49.00 29.78 65.82
CA SER TA 4 -49.23 31.15 66.27
C SER TA 4 -50.45 31.76 65.60
N THR TA 5 -51.15 32.61 66.34
CA THR TA 5 -52.29 33.31 65.77
C THR TA 5 -51.87 34.22 64.62
N GLN TA 6 -50.62 34.66 64.60
CA GLN TA 6 -50.13 35.46 63.49
C GLN TA 6 -50.22 34.68 62.18
N HIS TA 7 -49.84 33.40 62.22
CA HIS TA 7 -49.89 32.58 61.03
C HIS TA 7 -51.30 32.14 60.66
N LYS TA 8 -52.22 32.13 61.62
CA LYS TA 8 -53.63 31.90 61.27
C LYS TA 8 -54.15 33.02 60.38
N LEU TA 9 -53.72 34.25 60.65
CA LEU TA 9 -54.09 35.39 59.82
C LEU TA 9 -53.44 35.36 58.44
N ASP TA 10 -52.48 34.47 58.19
CA ASP TA 10 -52.03 34.23 56.82
C ASP TA 10 -53.16 33.69 55.95
N ARG TA 11 -54.11 32.98 56.55
CA ARG TA 11 -55.13 32.24 55.83
C ARG TA 11 -56.53 32.81 55.98
N ILE TA 12 -56.89 33.32 57.14
CA ILE TA 12 -58.26 33.71 57.44
C ILE TA 12 -58.38 35.22 57.22
N ARG TA 13 -58.96 35.60 56.07
CA ARG TA 13 -59.16 36.99 55.70
C ARG TA 13 -57.91 37.83 55.92
N PRO TA 14 -56.79 37.50 55.25
CA PRO TA 14 -55.53 38.18 55.55
C PRO TA 14 -55.55 39.61 55.08
N PRO TA 15 -54.82 40.50 55.75
CA PRO TA 15 -54.65 41.86 55.24
C PRO TA 15 -53.67 41.87 54.06
N ARG TA 16 -53.62 43.02 53.38
CA ARG TA 16 -52.63 43.20 52.32
C ARG TA 16 -51.22 43.11 52.87
N VAL TA 17 -50.96 43.77 54.01
CA VAL TA 17 -49.65 43.77 54.65
C VAL TA 17 -49.76 42.86 55.86
N GLN TA 18 -49.24 41.65 55.76
CA GLN TA 18 -49.37 40.63 56.78
C GLN TA 18 -48.01 40.35 57.39
N ILE TA 19 -47.89 40.54 58.71
CA ILE TA 19 -46.61 40.51 59.39
C ILE TA 19 -46.66 39.50 60.53
N THR TA 20 -45.63 38.66 60.62
CA THR TA 20 -45.51 37.67 61.68
C THR TA 20 -44.12 37.74 62.28
N TYR TA 21 -43.99 37.25 63.51
CA TYR TA 21 -42.68 37.06 64.11
C TYR TA 21 -42.30 35.59 64.03
N ASP TA 22 -41.03 35.33 63.70
CA ASP TA 22 -40.52 33.97 63.60
C ASP TA 22 -39.12 33.87 64.18
N VAL TA 23 -38.81 32.72 64.74
CA VAL TA 23 -37.46 32.41 65.20
C VAL TA 23 -36.67 31.86 64.04
N GLU TA 24 -35.52 32.47 63.76
CA GLU TA 24 -34.64 32.04 62.69
C GLU TA 24 -33.81 30.85 63.20
N THR TA 25 -34.17 29.65 62.75
CA THR TA 25 -33.46 28.44 63.16
C THR TA 25 -32.66 27.79 62.05
N GLY TA 26 -32.76 28.28 60.81
CA GLY TA 26 -32.02 27.68 59.72
C GLY TA 26 -32.37 26.21 59.54
N ASN TA 27 -31.34 25.37 59.48
CA ASN TA 27 -31.52 23.93 59.34
C ASN TA 27 -31.31 23.19 60.66
N ALA TA 28 -31.37 23.89 61.79
CA ALA TA 28 -31.14 23.26 63.08
C ALA TA 28 -32.27 22.31 63.44
N ILE TA 29 -31.93 21.26 64.19
CA ILE TA 29 -32.90 20.31 64.72
C ILE TA 29 -32.98 20.50 66.23
N GLU TA 30 -34.16 20.26 66.78
CA GLU TA 30 -34.34 20.35 68.22
C GLU TA 30 -33.61 19.21 68.92
N LYS TA 31 -33.02 19.52 70.07
CA LYS TA 31 -32.25 18.56 70.84
C LYS TA 31 -32.97 18.37 72.18
N LYS TA 32 -33.91 17.43 72.22
CA LYS TA 32 -34.58 17.12 73.47
C LYS TA 32 -33.68 16.29 74.36
N GLU TA 33 -33.67 16.61 75.65
CA GLU TA 33 -32.79 15.99 76.63
C GLU TA 33 -33.58 15.03 77.51
N LEU TA 34 -32.94 13.94 77.89
CA LEU TA 34 -33.54 12.97 78.80
C LEU TA 34 -32.87 13.07 80.16
N PRO TA 35 -33.63 13.04 81.25
CA PRO TA 35 -32.99 12.97 82.57
C PRO TA 35 -32.32 11.62 82.75
N LEU TA 36 -31.37 11.58 83.68
CA LEU TA 36 -30.87 10.31 84.17
C LEU TA 36 -31.83 9.79 85.23
N VAL TA 37 -32.34 8.59 85.03
CA VAL TA 37 -33.27 7.98 85.97
C VAL TA 37 -32.62 6.72 86.53
N VAL TA 38 -32.44 6.68 87.84
CA VAL TA 38 -31.87 5.54 88.53
C VAL TA 38 -33.02 4.80 89.22
N GLY TA 39 -33.23 3.55 88.84
CA GLY TA 39 -34.18 2.72 89.54
C GLY TA 39 -33.54 1.95 90.67
N ILE TA 40 -34.05 2.12 91.89
CA ILE TA 40 -33.49 1.50 93.07
C ILE TA 40 -34.43 0.38 93.52
N LEU TA 41 -33.89 -0.81 93.72
CA LEU TA 41 -34.64 -1.97 94.19
C LEU TA 41 -34.06 -2.40 95.53
N ALA TA 42 -34.80 -2.18 96.60
CA ALA TA 42 -34.29 -2.44 97.94
C ALA TA 42 -35.40 -2.99 98.83
N ASP TA 43 -35.00 -3.84 99.77
CA ASP TA 43 -35.91 -4.42 100.75
C ASP TA 43 -35.89 -3.54 101.99
N LEU TA 44 -36.82 -2.59 102.07
CA LEU TA 44 -36.78 -1.58 103.11
C LEU TA 44 -37.86 -1.78 104.16
N MET TA 56 -47.23 -6.05 91.90
CA MET TA 56 -47.87 -5.39 90.76
C MET TA 56 -48.57 -4.12 91.21
N GLU TA 57 -48.94 -4.08 92.48
CA GLU TA 57 -49.61 -2.91 93.04
C GLU TA 57 -48.63 -1.80 93.41
N ARG TA 58 -47.39 -2.14 93.71
CA ARG TA 58 -46.39 -1.17 94.12
C ARG TA 58 -45.91 -0.35 92.93
N ARG TA 59 -45.08 0.65 93.20
CA ARG TA 59 -44.61 1.52 92.14
C ARG TA 59 -43.23 2.07 92.52
N PHE TA 60 -42.53 2.56 91.51
CA PHE TA 60 -41.27 3.27 91.70
C PHE TA 60 -41.60 4.69 92.15
N VAL TA 61 -41.34 5.00 93.41
CA VAL TA 61 -41.67 6.30 93.96
C VAL TA 61 -40.45 7.20 93.90
N GLU TA 62 -40.63 8.41 93.39
CA GLU TA 62 -39.51 9.35 93.28
C GLU TA 62 -39.05 9.77 94.67
N ILE TA 63 -37.74 9.72 94.88
CA ILE TA 63 -37.17 10.00 96.19
C ILE TA 63 -36.02 11.01 96.02
N ASN TA 64 -35.93 11.95 96.96
CA ASN TA 64 -34.91 12.98 96.90
C ASN TA 64 -34.66 13.47 98.33
N ARG TA 65 -33.76 14.45 98.44
CA ARG TA 65 -33.40 14.94 99.77
C ARG TA 65 -34.58 15.61 100.48
N ASP TA 66 -35.55 16.12 99.72
CA ASP TA 66 -36.66 16.82 100.35
C ASP TA 66 -37.66 15.87 100.97
N ASN TA 67 -38.06 14.81 100.25
CA ASN TA 67 -39.15 13.96 100.69
C ASN TA 67 -38.66 12.64 101.29
N PHE TA 68 -37.36 12.56 101.62
CA PHE TA 68 -36.78 11.28 102.06
C PHE TA 68 -37.50 10.75 103.29
N ASN TA 69 -37.72 11.60 104.29
CA ASN TA 69 -38.34 11.14 105.52
C ASN TA 69 -39.81 10.81 105.32
N ASP TA 70 -40.49 11.48 104.40
CA ASP TA 70 -41.86 11.11 104.06
C ASP TA 70 -41.90 9.70 103.47
N VAL TA 71 -40.95 9.38 102.59
CA VAL TA 71 -40.90 8.03 102.02
C VAL TA 71 -40.56 7.00 103.10
N LEU TA 72 -39.64 7.35 104.00
CA LEU TA 72 -39.34 6.46 105.12
C LEU TA 72 -40.57 6.21 105.97
N ALA TA 73 -41.33 7.26 106.25
CA ALA TA 73 -42.54 7.11 107.06
C ALA TA 73 -43.58 6.26 106.34
N SER TA 74 -43.75 6.47 105.03
CA SER TA 74 -44.74 5.69 104.28
C SER TA 74 -44.34 4.22 104.24
N ILE TA 75 -43.06 3.93 104.09
CA ILE TA 75 -42.61 2.55 104.19
C ILE TA 75 -42.76 2.03 105.62
N ALA TA 76 -42.40 2.86 106.60
CA ALA TA 76 -42.53 2.58 108.02
C ALA TA 76 -41.80 1.30 108.41
N PRO TA 77 -40.48 1.25 108.30
CA PRO TA 77 -39.73 0.03 108.66
C PRO TA 77 -39.84 -0.30 110.14
N GLN UA 90 97.78 -34.19 -30.91
CA GLN UA 90 96.68 -33.24 -31.01
C GLN UA 90 95.34 -33.90 -30.73
N LYS UA 91 95.04 -34.96 -31.48
CA LYS UA 91 93.76 -35.63 -31.33
C LYS UA 91 93.61 -36.24 -29.94
N LEU UA 92 94.67 -36.87 -29.44
CA LEU UA 92 94.65 -37.37 -28.07
C LEU UA 92 94.58 -36.24 -27.06
N GLU UA 93 95.40 -35.20 -27.26
CA GLU UA 93 95.40 -34.08 -26.32
C GLU UA 93 94.05 -33.38 -26.29
N ALA UA 94 93.43 -33.21 -27.46
CA ALA UA 94 92.13 -32.55 -27.52
C ALA UA 94 91.09 -33.33 -26.73
N SER UA 95 91.11 -34.66 -26.83
CA SER UA 95 90.16 -35.49 -26.08
C SER UA 95 90.38 -35.36 -24.58
N TRP UA 96 91.64 -35.46 -24.14
CA TRP UA 96 91.91 -35.38 -22.71
C TRP UA 96 91.65 -33.98 -22.17
N ARG UA 97 92.03 -32.95 -22.94
CA ARG UA 97 91.77 -31.58 -22.48
C ARG UA 97 90.29 -31.25 -22.48
N GLY UA 98 89.56 -31.69 -23.50
CA GLY UA 98 88.12 -31.52 -23.49
C GLY UA 98 87.48 -32.22 -22.31
N LEU UA 99 87.92 -33.44 -22.03
CA LEU UA 99 87.41 -34.17 -20.88
C LEU UA 99 87.77 -33.46 -19.58
N HIS UA 100 89.02 -32.99 -19.45
CA HIS UA 100 89.44 -32.33 -18.22
C HIS UA 100 88.64 -31.06 -17.98
N MET UA 101 88.39 -30.28 -19.03
CA MET UA 101 87.58 -29.07 -18.89
C MET UA 101 86.17 -29.39 -18.42
N LEU UA 102 85.56 -30.43 -18.99
CA LEU UA 102 84.22 -30.82 -18.56
C LEU UA 102 84.20 -31.24 -17.10
N VAL UA 103 85.17 -32.07 -16.70
CA VAL UA 103 85.22 -32.54 -15.32
C VAL UA 103 85.46 -31.37 -14.36
N LYS UA 104 86.39 -30.50 -14.69
CA LYS UA 104 86.74 -29.39 -13.81
C LYS UA 104 85.59 -28.40 -13.66
N ASN UA 105 84.77 -28.24 -14.69
CA ASN UA 105 83.70 -27.25 -14.70
C ASN UA 105 82.35 -27.83 -14.34
N THR UA 106 82.29 -29.09 -13.90
CA THR UA 106 81.04 -29.73 -13.53
C THR UA 106 81.01 -29.95 -12.02
N GLU UA 107 79.92 -29.54 -11.38
CA GLU UA 107 79.75 -29.70 -9.94
C GLU UA 107 79.34 -31.15 -9.63
N THR UA 108 80.31 -32.04 -9.76
CA THR UA 108 80.08 -33.44 -9.43
C THR UA 108 79.86 -33.61 -7.93
N GLY UA 109 79.04 -34.58 -7.58
CA GLY UA 109 78.72 -34.81 -6.16
C GLY UA 109 77.63 -35.84 -6.01
N ALA UA 110 76.85 -35.69 -4.95
CA ALA UA 110 75.79 -36.64 -4.66
C ALA UA 110 74.76 -36.67 -5.80
N ARG UA 111 74.43 -35.51 -6.36
CA ARG UA 111 73.38 -35.41 -7.37
C ARG UA 111 73.88 -35.47 -8.80
N LEU UA 112 75.20 -35.50 -9.03
CA LEU UA 112 75.74 -35.39 -10.37
C LEU UA 112 76.98 -36.25 -10.49
N LYS UA 113 76.96 -37.22 -11.41
CA LYS UA 113 78.08 -38.13 -11.61
C LYS UA 113 78.48 -38.16 -13.08
N LEU UA 114 79.78 -38.24 -13.33
CA LEU UA 114 80.33 -38.50 -14.65
C LEU UA 114 80.98 -39.87 -14.65
N ARG UA 115 80.63 -40.69 -15.63
CA ARG UA 115 81.17 -42.03 -15.77
C ARG UA 115 81.76 -42.18 -17.16
N LEU UA 116 82.96 -42.74 -17.24
CA LEU UA 116 83.76 -42.72 -18.46
C LEU UA 116 84.03 -44.14 -18.94
N LEU UA 117 83.79 -44.38 -20.23
CA LEU UA 117 84.11 -45.64 -20.87
C LEU UA 117 85.13 -45.38 -21.96
N ASN UA 118 86.31 -45.97 -21.81
CA ASN UA 118 87.41 -45.78 -22.74
C ASN UA 118 87.27 -46.76 -23.89
N VAL UA 119 86.89 -46.27 -25.06
CA VAL UA 119 86.58 -47.13 -26.20
C VAL UA 119 86.73 -46.33 -27.48
N THR UA 120 87.24 -46.98 -28.52
CA THR UA 120 87.42 -46.35 -29.82
C THR UA 120 86.16 -46.47 -30.67
N GLN UA 121 86.08 -45.66 -31.71
CA GLN UA 121 84.93 -45.69 -32.60
C GLN UA 121 84.80 -47.04 -33.29
N LYS UA 122 85.91 -47.61 -33.74
CA LYS UA 122 85.89 -48.91 -34.40
C LYS UA 122 85.45 -50.01 -33.45
N GLU UA 123 85.90 -49.97 -32.20
CA GLU UA 123 85.46 -50.95 -31.21
C GLU UA 123 83.95 -50.86 -30.98
N LEU UA 124 83.42 -49.65 -30.88
CA LEU UA 124 81.97 -49.49 -30.76
C LEU UA 124 81.25 -50.09 -31.96
N LEU UA 125 81.76 -49.81 -33.16
CA LEU UA 125 81.12 -50.35 -34.36
C LEU UA 125 81.13 -51.87 -34.34
N ILE UA 126 82.26 -52.47 -33.97
CA ILE UA 126 82.37 -53.93 -33.96
C ILE UA 126 81.42 -54.52 -32.93
N ASP UA 127 81.40 -53.93 -31.72
CA ASP UA 127 80.53 -54.43 -30.67
C ASP UA 127 79.07 -54.37 -31.09
N LEU UA 128 78.66 -53.27 -31.72
CA LEU UA 128 77.25 -53.13 -32.07
C LEU UA 128 76.88 -54.01 -33.27
N GLU UA 129 77.78 -54.16 -34.24
CA GLU UA 129 77.45 -54.93 -35.43
C GLU UA 129 77.49 -56.44 -35.17
N LYS UA 130 78.43 -56.91 -34.35
CA LYS UA 130 78.61 -58.35 -34.17
C LYS UA 130 77.73 -58.94 -33.08
N ALA UA 131 76.95 -58.12 -32.38
CA ALA UA 131 76.08 -58.65 -31.35
C ALA UA 131 75.07 -59.62 -31.96
N VAL UA 132 74.85 -60.74 -31.27
CA VAL UA 132 73.90 -61.73 -31.75
C VAL UA 132 72.50 -61.15 -31.83
N GLU UA 133 72.12 -60.34 -30.84
CA GLU UA 133 70.85 -59.63 -30.82
C GLU UA 133 71.11 -58.23 -30.30
N PHE UA 134 70.15 -57.33 -30.54
CA PHE UA 134 70.37 -55.93 -30.19
C PHE UA 134 70.63 -55.74 -28.70
N ASP UA 135 70.07 -56.59 -27.85
CA ASP UA 135 70.25 -56.44 -26.41
C ASP UA 135 71.47 -57.19 -25.87
N GLN UA 136 72.29 -57.79 -26.75
CA GLN UA 136 73.43 -58.56 -26.31
C GLN UA 136 74.75 -57.81 -26.43
N SER UA 137 74.76 -56.65 -27.07
CA SER UA 137 76.00 -55.90 -27.24
C SER UA 137 76.52 -55.41 -25.90
N ALA UA 138 77.84 -55.25 -25.80
CA ALA UA 138 78.44 -54.75 -24.58
C ALA UA 138 77.87 -53.38 -24.21
N LEU UA 139 77.70 -52.52 -25.22
CA LEU UA 139 77.13 -51.20 -24.96
C LEU UA 139 75.71 -51.31 -24.39
N PHE UA 140 74.88 -52.18 -24.97
CA PHE UA 140 73.52 -52.32 -24.45
C PHE UA 140 73.55 -52.80 -23.01
N LYS UA 141 74.36 -53.83 -22.71
CA LYS UA 141 74.44 -54.31 -21.34
C LYS UA 141 74.83 -53.17 -20.41
N LYS UA 142 75.93 -52.49 -20.71
CA LYS UA 142 76.49 -51.50 -19.80
C LYS UA 142 75.57 -50.29 -19.63
N ILE UA 143 74.89 -49.87 -20.68
CA ILE UA 143 74.09 -48.66 -20.62
C ILE UA 143 72.67 -48.94 -20.16
N TYR UA 144 71.99 -49.91 -20.79
CA TYR UA 144 70.62 -50.23 -20.41
C TYR UA 144 70.58 -51.15 -19.19
N GLU UA 145 71.15 -52.36 -19.31
CA GLU UA 145 70.84 -53.40 -18.32
C GLU UA 145 71.43 -53.06 -16.96
N GLU UA 146 72.69 -52.65 -16.93
CA GLU UA 146 73.38 -52.51 -15.66
C GLU UA 146 72.89 -51.32 -14.84
N GLU UA 147 72.31 -50.30 -15.48
CA GLU UA 147 71.81 -49.16 -14.72
C GLU UA 147 70.31 -48.97 -14.84
N TYR UA 148 69.78 -48.76 -16.05
CA TYR UA 148 68.35 -48.51 -16.19
C TYR UA 148 67.54 -49.75 -15.87
N GLY UA 149 68.04 -50.92 -16.25
CA GLY UA 149 67.30 -52.15 -16.09
C GLY UA 149 67.67 -53.00 -14.88
N THR UA 150 68.32 -52.43 -13.88
CA THR UA 150 68.72 -53.17 -12.68
C THR UA 150 68.19 -52.49 -11.43
N PHE UA 151 67.68 -53.30 -10.50
CA PHE UA 151 67.21 -52.82 -9.21
C PHE UA 151 68.33 -52.07 -8.48
N GLY UA 152 68.08 -50.81 -8.15
CA GLY UA 152 69.07 -49.97 -7.51
C GLY UA 152 69.99 -49.21 -8.43
N GLY UA 153 69.89 -49.39 -9.74
CA GLY UA 153 70.72 -48.65 -10.66
C GLY UA 153 70.35 -47.19 -10.74
N HIS UA 154 71.34 -46.38 -11.13
CA HIS UA 154 71.13 -44.96 -11.44
C HIS UA 154 71.21 -44.78 -12.95
N PRO UA 155 70.07 -44.63 -13.63
CA PRO UA 155 70.10 -44.63 -15.11
C PRO UA 155 70.96 -43.51 -15.66
N PHE UA 156 71.66 -43.82 -16.75
CA PHE UA 156 72.38 -42.79 -17.49
C PHE UA 156 71.39 -41.74 -18.00
N SER UA 157 71.59 -40.50 -17.59
CA SER UA 157 70.74 -39.42 -18.07
C SER UA 157 71.10 -39.00 -19.49
N LEU UA 158 72.37 -39.09 -19.86
CA LEU UA 158 72.87 -38.54 -21.11
C LEU UA 158 74.13 -39.29 -21.48
N LEU UA 159 74.39 -39.39 -22.78
CA LEU UA 159 75.63 -39.96 -23.30
C LEU UA 159 76.30 -38.94 -24.20
N VAL UA 160 77.59 -38.73 -24.01
CA VAL UA 160 78.37 -37.86 -24.88
C VAL UA 160 79.46 -38.70 -25.53
N GLY UA 161 79.53 -38.65 -26.85
CA GLY UA 161 80.54 -39.37 -27.59
C GLY UA 161 81.56 -38.43 -28.19
N ASP UA 162 82.82 -38.57 -27.78
CA ASP UA 162 83.91 -37.77 -28.34
C ASP UA 162 84.34 -38.38 -29.68
N TYR UA 163 83.41 -38.32 -30.64
CA TYR UA 163 83.66 -38.83 -31.98
C TYR UA 163 83.02 -37.89 -32.98
N SER UA 164 83.53 -37.90 -34.20
CA SER UA 164 82.95 -37.19 -35.32
C SER UA 164 82.33 -38.20 -36.28
N PHE UA 165 81.18 -37.85 -36.83
CA PHE UA 165 80.45 -38.75 -37.72
C PHE UA 165 80.33 -38.11 -39.09
N GLY UA 166 80.85 -38.78 -40.11
CA GLY UA 166 80.80 -38.32 -41.47
C GLY UA 166 79.68 -38.98 -42.25
N ARG UA 167 79.77 -38.88 -43.57
CA ARG UA 167 78.78 -39.47 -44.46
C ARG UA 167 79.07 -40.93 -44.80
N HIS UA 168 80.18 -41.47 -44.31
CA HIS UA 168 80.58 -42.83 -44.66
C HIS UA 168 79.53 -43.82 -44.19
N PRO UA 169 79.29 -44.89 -44.95
CA PRO UA 169 78.24 -45.86 -44.54
C PRO UA 169 78.43 -46.46 -43.15
N GLN UA 170 79.66 -46.77 -42.74
CA GLN UA 170 79.81 -47.32 -41.39
C GLN UA 170 79.59 -46.24 -40.32
N ASP UA 171 79.85 -44.98 -40.65
CA ASP UA 171 79.56 -43.90 -39.70
C ASP UA 171 78.06 -43.80 -39.43
N ILE UA 172 77.25 -43.81 -40.49
CA ILE UA 172 75.81 -43.74 -40.32
C ILE UA 172 75.27 -45.01 -39.68
N GLY UA 173 75.85 -46.17 -40.03
CA GLY UA 173 75.44 -47.40 -39.37
C GLY UA 173 75.71 -47.38 -37.88
N LEU UA 174 76.89 -46.91 -37.49
CA LEU UA 174 77.22 -46.77 -36.08
C LEU UA 174 76.27 -45.79 -35.40
N LEU UA 175 75.97 -44.67 -36.06
CA LEU UA 175 75.02 -43.71 -35.49
C LEU UA 175 73.66 -44.36 -35.27
N GLU UA 176 73.22 -45.19 -36.20
CA GLU UA 176 71.93 -45.87 -36.06
C GLU UA 176 71.92 -46.84 -34.87
N LYS UA 177 72.98 -47.66 -34.75
CA LYS UA 177 73.05 -48.59 -33.63
C LYS UA 177 73.12 -47.86 -32.30
N LEU UA 178 73.92 -46.79 -32.24
CA LEU UA 178 74.01 -46.00 -31.03
C LEU UA 178 72.67 -45.38 -30.69
N SER UA 179 71.93 -44.91 -31.70
CA SER UA 179 70.61 -44.35 -31.46
C SER UA 179 69.68 -45.40 -30.88
N ASN UA 180 69.79 -46.65 -31.35
CA ASN UA 180 68.96 -47.71 -30.81
C ASN UA 180 69.25 -47.93 -29.33
N VAL UA 181 70.53 -48.01 -28.97
CA VAL UA 181 70.87 -48.20 -27.55
C VAL UA 181 70.41 -46.99 -26.73
N ALA UA 182 70.64 -45.79 -27.24
CA ALA UA 182 70.23 -44.57 -26.52
C ALA UA 182 68.73 -44.53 -26.32
N ALA UA 183 67.96 -44.90 -27.34
CA ALA UA 183 66.51 -44.91 -27.24
C ALA UA 183 66.04 -45.93 -26.21
N ALA UA 184 66.64 -47.12 -26.21
CA ALA UA 184 66.21 -48.16 -25.27
C ALA UA 184 66.34 -47.68 -23.83
N ALA UA 185 67.45 -47.04 -23.50
CA ALA UA 185 67.72 -46.57 -22.15
C ALA UA 185 67.18 -45.17 -21.87
N HIS UA 186 66.55 -44.52 -22.85
CA HIS UA 186 66.13 -43.13 -22.73
C HIS UA 186 67.29 -42.23 -22.31
N ALA UA 187 68.41 -42.34 -23.03
CA ALA UA 187 69.63 -41.61 -22.71
C ALA UA 187 70.13 -40.95 -23.98
N PRO UA 188 69.73 -39.70 -24.23
CA PRO UA 188 70.11 -39.04 -25.49
C PRO UA 188 71.62 -39.00 -25.67
N PHE UA 189 72.04 -39.17 -26.91
CA PHE UA 189 73.44 -39.28 -27.30
C PHE UA 189 73.85 -38.01 -28.04
N ILE UA 190 75.01 -37.47 -27.69
CA ILE UA 190 75.53 -36.24 -28.27
C ILE UA 190 76.94 -36.49 -28.79
N ALA UA 191 77.17 -36.16 -30.06
CA ALA UA 191 78.50 -36.28 -30.65
C ALA UA 191 78.69 -35.12 -31.63
N ALA UA 192 79.72 -35.21 -32.45
CA ALA UA 192 80.09 -34.15 -33.36
C ALA UA 192 79.83 -34.54 -34.81
N ALA UA 193 79.45 -33.55 -35.61
CA ALA UA 193 79.34 -33.73 -37.05
C ALA UA 193 80.71 -33.55 -37.68
N SER UA 194 81.10 -34.48 -38.53
CA SER UA 194 82.33 -34.31 -39.27
C SER UA 194 82.14 -33.33 -40.42
N PRO UA 195 83.16 -32.57 -40.78
CA PRO UA 195 83.07 -31.76 -42.01
C PRO UA 195 82.84 -32.61 -43.24
N ARG UA 196 83.29 -33.87 -43.24
CA ARG UA 196 83.03 -34.74 -44.38
C ARG UA 196 81.54 -35.00 -44.58
N LEU UA 197 80.73 -34.89 -43.53
CA LEU UA 197 79.28 -34.99 -43.71
C LEU UA 197 78.78 -33.93 -44.67
N PHE UA 198 79.41 -32.76 -44.69
CA PHE UA 198 79.06 -31.67 -45.57
C PHE UA 198 79.89 -31.64 -46.84
N ASP UA 199 80.64 -32.72 -47.12
CA ASP UA 199 81.58 -32.77 -48.25
C ASP UA 199 82.61 -31.65 -48.16
N MET UA 200 83.09 -31.38 -46.94
CA MET UA 200 84.06 -30.33 -46.69
C MET UA 200 85.30 -30.95 -46.05
N GLY UA 201 86.46 -30.39 -46.37
CA GLY UA 201 87.66 -30.80 -45.67
C GLY UA 201 87.74 -30.23 -44.27
N SER UA 202 87.20 -29.03 -44.08
CA SER UA 202 87.22 -28.37 -42.79
C SER UA 202 85.99 -27.48 -42.69
N PHE UA 203 85.56 -27.19 -41.47
CA PHE UA 203 84.43 -26.30 -41.30
C PHE UA 203 84.77 -24.85 -41.60
N THR UA 204 86.03 -24.53 -41.91
CA THR UA 204 86.35 -23.21 -42.41
C THR UA 204 85.66 -22.91 -43.74
N GLU UA 205 85.22 -23.94 -44.44
CA GLU UA 205 84.50 -23.81 -45.70
C GLU UA 205 82.99 -23.73 -45.51
N LEU UA 206 82.51 -23.64 -44.27
CA LEU UA 206 81.08 -23.75 -44.01
C LEU UA 206 80.29 -22.59 -44.60
N ALA UA 207 80.89 -21.42 -44.73
CA ALA UA 207 80.19 -20.27 -45.28
C ALA UA 207 80.25 -20.22 -46.81
N VAL UA 208 80.95 -21.15 -47.45
CA VAL UA 208 81.15 -21.10 -48.90
C VAL UA 208 79.89 -21.48 -49.68
N PRO UA 209 79.24 -22.63 -49.42
CA PRO UA 209 78.08 -22.99 -50.24
C PRO UA 209 76.96 -21.97 -50.16
N ARG UA 210 76.31 -21.72 -51.30
CA ARG UA 210 75.16 -20.84 -51.31
C ARG UA 210 74.01 -21.43 -50.49
N ASP UA 211 73.74 -22.72 -50.69
CA ASP UA 211 72.61 -23.38 -50.04
C ASP UA 211 73.09 -24.69 -49.42
N LEU UA 212 72.99 -24.77 -48.09
CA LEU UA 212 73.44 -25.98 -47.39
C LEU UA 212 72.51 -27.16 -47.65
N ALA UA 213 71.20 -26.91 -47.72
CA ALA UA 213 70.24 -28.00 -47.91
C ALA UA 213 70.49 -28.74 -49.22
N LYS UA 214 70.99 -28.03 -50.23
CA LYS UA 214 71.31 -28.66 -51.52
C LYS UA 214 72.35 -29.76 -51.37
N ILE UA 215 73.31 -29.57 -50.45
CA ILE UA 215 74.33 -30.58 -50.21
C ILE UA 215 73.70 -31.90 -49.80
N PHE UA 216 72.68 -31.83 -48.95
CA PHE UA 216 72.11 -33.03 -48.35
C PHE UA 216 71.08 -33.70 -49.25
N GLU UA 217 70.96 -33.26 -50.50
CA GLU UA 217 70.21 -33.99 -51.52
C GLU UA 217 71.04 -35.05 -52.22
N SER UA 218 72.33 -35.11 -51.93
CA SER UA 218 73.24 -35.99 -52.66
C SER UA 218 72.89 -37.45 -52.43
N GLN UA 219 73.16 -38.27 -53.46
CA GLN UA 219 72.96 -39.72 -53.34
C GLN UA 219 73.87 -40.33 -52.29
N GLU UA 220 75.00 -39.70 -51.99
CA GLU UA 220 75.86 -40.17 -50.91
C GLU UA 220 75.23 -40.02 -49.54
N LEU UA 221 74.13 -39.26 -49.42
CA LEU UA 221 73.49 -39.01 -48.14
C LEU UA 221 72.13 -39.69 -48.03
N ILE UA 222 71.92 -40.76 -48.79
CA ILE UA 222 70.68 -41.53 -48.70
C ILE UA 222 70.53 -42.14 -47.31
N LYS UA 223 71.61 -42.76 -46.81
CA LYS UA 223 71.55 -43.39 -45.50
C LYS UA 223 71.34 -42.37 -44.39
N TRP UA 224 71.97 -41.21 -44.50
CA TRP UA 224 71.79 -40.15 -43.50
C TRP UA 224 70.34 -39.67 -43.47
N ARG UA 225 69.74 -39.46 -44.64
CA ARG UA 225 68.34 -39.03 -44.68
C ARG UA 225 67.42 -40.11 -44.11
N ALA UA 226 67.69 -41.37 -44.42
CA ALA UA 226 66.92 -42.46 -43.82
C ALA UA 226 67.05 -42.45 -42.30
N PHE UA 227 68.27 -42.26 -41.80
CA PHE UA 227 68.48 -42.19 -40.35
C PHE UA 227 67.70 -41.04 -39.74
N ARG UA 228 67.74 -39.86 -40.38
CA ARG UA 228 66.94 -38.73 -39.90
C ARG UA 228 65.46 -39.07 -39.87
N GLU UA 229 65.00 -39.93 -40.77
CA GLU UA 229 63.59 -40.32 -40.76
C GLU UA 229 63.23 -41.28 -39.63
N SER UA 230 64.21 -41.93 -39.02
CA SER UA 230 63.93 -42.97 -38.03
C SER UA 230 63.46 -42.36 -36.71
N GLU UA 231 62.70 -43.17 -35.95
CA GLU UA 231 62.20 -42.71 -34.65
C GLU UA 231 63.35 -42.45 -33.68
N ASP UA 232 64.29 -43.40 -33.59
CA ASP UA 232 65.33 -43.32 -32.57
C ASP UA 232 66.35 -42.22 -32.85
N SER UA 233 66.32 -41.57 -34.01
CA SER UA 233 67.23 -40.46 -34.28
C SER UA 233 66.99 -39.27 -33.36
N ARG UA 234 65.85 -39.19 -32.70
CA ARG UA 234 65.64 -38.12 -31.73
C ARG UA 234 66.53 -38.24 -30.51
N TYR UA 235 67.20 -39.38 -30.34
CA TYR UA 235 68.15 -39.59 -29.27
C TYR UA 235 69.60 -39.35 -29.71
N VAL UA 236 69.81 -38.74 -30.87
CA VAL UA 236 71.13 -38.40 -31.36
C VAL UA 236 71.14 -36.93 -31.74
N SER UA 237 72.10 -36.19 -31.20
CA SER UA 237 72.34 -34.81 -31.58
C SER UA 237 73.77 -34.65 -32.03
N LEU UA 238 73.98 -33.89 -33.10
CA LEU UA 238 75.31 -33.65 -33.64
C LEU UA 238 75.60 -32.16 -33.59
N VAL UA 239 76.75 -31.82 -33.03
CA VAL UA 239 77.15 -30.43 -32.86
C VAL UA 239 78.28 -30.11 -33.83
N LEU UA 240 78.40 -28.82 -34.15
CA LEU UA 240 79.45 -28.32 -35.00
C LEU UA 240 79.59 -26.83 -34.77
N PRO UA 241 80.73 -26.23 -35.12
CA PRO UA 241 81.99 -26.85 -35.55
C PRO UA 241 82.90 -27.09 -34.36
N HIS UA 242 84.20 -27.27 -34.57
CA HIS UA 242 85.14 -27.48 -33.47
C HIS UA 242 85.33 -26.18 -32.68
N VAL UA 243 85.73 -26.35 -31.42
CA VAL UA 243 85.95 -25.23 -30.51
C VAL UA 243 87.41 -25.21 -30.11
N LEU UA 244 87.99 -24.02 -30.10
CA LEU UA 244 89.40 -23.87 -29.74
C LEU UA 244 89.61 -24.17 -28.27
N LEU UA 245 90.55 -25.04 -27.97
CA LEU UA 245 90.85 -25.38 -26.59
C LEU UA 245 92.05 -24.58 -26.09
N ALA UA 271 95.69 -26.33 -39.09
CA ALA UA 271 95.42 -27.32 -38.05
C ALA UA 271 96.45 -27.24 -36.93
N ARG UA 272 97.16 -26.10 -36.85
CA ARG UA 272 98.14 -25.90 -35.81
C ARG UA 272 97.52 -25.50 -34.47
N TYR UA 273 96.23 -25.19 -34.44
CA TYR UA 273 95.52 -24.90 -33.20
C TYR UA 273 94.89 -26.17 -32.65
N LEU UA 274 94.76 -26.22 -31.32
CA LEU UA 274 94.17 -27.38 -30.66
C LEU UA 274 92.65 -27.28 -30.71
N TRP UA 275 92.05 -27.92 -31.70
CA TRP UA 275 90.61 -27.91 -31.87
C TRP UA 275 89.98 -29.10 -31.15
N GLY UA 276 88.91 -28.83 -30.39
CA GLY UA 276 88.25 -29.85 -29.63
C GLY UA 276 86.82 -30.07 -30.11
N ASN UA 277 86.26 -31.19 -29.67
CA ASN UA 277 84.86 -31.50 -29.95
C ASN UA 277 83.95 -30.54 -29.19
N ALA UA 278 82.99 -29.93 -29.91
CA ALA UA 278 82.05 -29.03 -29.26
C ALA UA 278 81.01 -29.77 -28.42
N ALA UA 279 80.96 -31.11 -28.54
CA ALA UA 279 80.08 -31.89 -27.68
C ALA UA 279 80.46 -31.72 -26.20
N TRP UA 280 81.76 -31.54 -25.92
CA TRP UA 280 82.17 -31.24 -24.55
C TRP UA 280 81.53 -29.95 -24.05
N ALA UA 281 81.53 -28.91 -24.88
CA ALA UA 281 80.94 -27.63 -24.49
C ALA UA 281 79.43 -27.75 -24.28
N LEU UA 282 78.73 -28.46 -25.17
CA LEU UA 282 77.30 -28.65 -24.97
C LEU UA 282 77.01 -29.47 -23.71
N THR UA 283 77.80 -30.51 -23.47
CA THR UA 283 77.66 -31.30 -22.25
C THR UA 283 77.86 -30.43 -21.02
N GLN UA 284 78.83 -29.53 -21.07
CA GLN UA 284 79.07 -28.61 -19.96
C GLN UA 284 77.86 -27.71 -19.74
N ARG UA 285 77.25 -27.23 -20.82
CA ARG UA 285 76.01 -26.45 -20.67
C ARG UA 285 74.95 -27.27 -19.97
N ILE UA 286 74.83 -28.55 -20.35
CA ILE UA 286 73.82 -29.42 -19.75
C ILE UA 286 74.09 -29.64 -18.25
N THR UA 287 75.35 -29.90 -17.90
CA THR UA 287 75.67 -30.17 -16.49
C THR UA 287 75.53 -28.91 -15.64
N GLU UA 288 75.88 -27.74 -16.20
CA GLU UA 288 75.64 -26.50 -15.49
C GLU UA 288 74.15 -26.26 -15.28
N ALA UA 289 73.34 -26.51 -16.31
CA ALA UA 289 71.89 -26.36 -16.14
C ALA UA 289 71.36 -27.27 -15.05
N PHE UA 290 71.81 -28.53 -15.03
CA PHE UA 290 71.35 -29.43 -13.98
C PHE UA 290 71.81 -28.95 -12.60
N ALA UA 291 73.06 -28.52 -12.49
CA ALA UA 291 73.57 -28.10 -11.19
C ALA UA 291 72.80 -26.90 -10.67
N ARG UA 292 72.49 -25.94 -11.54
CA ARG UA 292 71.81 -24.73 -11.09
C ARG UA 292 70.31 -24.92 -10.90
N TYR UA 293 69.68 -25.79 -11.69
CA TYR UA 293 68.22 -25.84 -11.73
C TYR UA 293 67.62 -27.22 -11.51
N GLY UA 294 68.41 -28.29 -11.55
CA GLY UA 294 67.88 -29.63 -11.42
C GLY UA 294 67.27 -30.20 -12.68
N TRP UA 295 67.26 -29.44 -13.78
CA TRP UA 295 66.74 -29.91 -15.05
C TRP UA 295 67.59 -29.31 -16.17
N CYS UA 296 67.56 -29.96 -17.33
CA CYS UA 296 68.50 -29.67 -18.40
C CYS UA 296 67.85 -28.99 -19.60
N ALA UA 297 66.75 -28.27 -19.39
CA ALA UA 297 66.13 -27.58 -20.51
C ALA UA 297 66.87 -26.32 -20.91
N ALA UA 298 67.40 -25.58 -19.93
CA ALA UA 298 67.97 -24.25 -20.19
C ALA UA 298 69.40 -24.41 -20.69
N ILE UA 299 69.52 -24.81 -21.95
CA ILE UA 299 70.85 -25.07 -22.53
C ILE UA 299 71.02 -24.40 -23.88
N ARG UA 300 70.29 -23.31 -24.15
CA ARG UA 300 70.42 -22.67 -25.44
C ARG UA 300 70.16 -21.18 -25.34
N GLY UA 301 70.79 -20.41 -26.23
CA GLY UA 301 70.58 -18.99 -26.31
C GLY UA 301 71.54 -18.19 -25.45
N VAL UA 302 71.54 -16.88 -25.71
CA VAL UA 302 72.40 -15.97 -24.95
C VAL UA 302 72.01 -15.97 -23.48
N GLU UA 303 70.71 -15.90 -23.20
CA GLU UA 303 70.20 -15.82 -21.84
C GLU UA 303 69.54 -17.11 -21.37
N GLY UA 304 69.38 -18.09 -22.24
CA GLY UA 304 68.70 -19.31 -21.86
C GLY UA 304 69.62 -20.47 -21.56
N GLY UA 305 70.90 -20.20 -21.32
CA GLY UA 305 71.83 -21.23 -20.95
C GLY UA 305 72.72 -21.78 -22.05
N GLY UA 306 72.71 -21.19 -23.23
CA GLY UA 306 73.55 -21.63 -24.34
C GLY UA 306 74.89 -20.94 -24.47
N ALA UA 307 75.30 -20.11 -23.52
CA ALA UA 307 76.50 -19.30 -23.66
C ALA UA 307 77.73 -20.09 -23.24
N VAL UA 308 78.70 -20.19 -24.15
CA VAL UA 308 79.99 -20.78 -23.86
C VAL UA 308 80.99 -19.64 -23.73
N GLU UA 309 81.39 -19.33 -22.49
CA GLU UA 309 82.17 -18.14 -22.19
C GLU UA 309 83.63 -18.48 -21.97
N GLY UA 310 84.46 -17.43 -22.00
CA GLY UA 310 85.87 -17.55 -21.73
C GLY UA 310 86.66 -18.34 -22.75
N LEU UA 311 86.29 -18.25 -24.02
CA LEU UA 311 87.01 -18.94 -25.07
C LEU UA 311 88.35 -18.24 -25.35
N PRO UA 312 89.34 -18.97 -25.84
CA PRO UA 312 90.61 -18.33 -26.20
C PRO UA 312 90.41 -17.28 -27.28
N ALA UA 313 91.00 -16.11 -27.08
CA ALA UA 313 90.91 -14.99 -28.02
C ALA UA 313 92.33 -14.63 -28.47
N HIS UA 314 92.75 -15.22 -29.58
CA HIS UA 314 94.09 -14.97 -30.10
C HIS UA 314 94.10 -13.78 -31.04
N LYS UA 326 90.71 -13.94 -34.79
CA LYS UA 326 90.55 -15.36 -35.09
C LYS UA 326 89.34 -15.95 -34.39
N CYS UA 327 88.46 -16.59 -35.15
CA CYS UA 327 87.27 -17.18 -34.58
C CYS UA 327 87.64 -18.35 -33.66
N PRO UA 328 87.23 -18.35 -32.39
CA PRO UA 328 87.47 -19.52 -31.54
C PRO UA 328 86.62 -20.73 -31.91
N THR UA 329 85.74 -20.63 -32.91
CA THR UA 329 84.87 -21.71 -33.32
C THR UA 329 85.07 -22.06 -34.79
N GLU UA 330 86.26 -21.81 -35.32
CA GLU UA 330 86.70 -22.18 -36.67
C GLU UA 330 86.06 -21.40 -37.80
N VAL UA 331 84.89 -20.81 -37.57
CA VAL UA 331 84.18 -20.13 -38.66
C VAL UA 331 83.02 -19.33 -38.09
N ALA UA 332 82.79 -18.14 -38.62
CA ALA UA 332 81.64 -17.36 -38.26
C ALA UA 332 80.40 -17.95 -38.92
N ILE UA 333 79.32 -18.08 -38.16
CA ILE UA 333 78.08 -18.63 -38.66
C ILE UA 333 77.02 -17.54 -38.55
N THR UA 334 76.53 -17.07 -39.70
CA THR UA 334 75.50 -16.05 -39.70
C THR UA 334 74.18 -16.61 -39.15
N ASP UA 335 73.24 -15.70 -38.87
CA ASP UA 335 71.92 -16.11 -38.41
C ASP UA 335 71.25 -17.02 -39.42
N ARG UA 336 71.30 -16.64 -40.70
CA ARG UA 336 70.66 -17.45 -41.73
C ARG UA 336 71.30 -18.84 -41.82
N ARG UA 337 72.62 -18.91 -41.74
CA ARG UA 337 73.31 -20.20 -41.79
C ARG UA 337 73.02 -21.04 -40.56
N GLU UA 338 72.96 -20.41 -39.38
CA GLU UA 338 72.57 -21.15 -38.19
C GLU UA 338 71.18 -21.75 -38.35
N LYS UA 339 70.24 -20.99 -38.90
CA LYS UA 339 68.89 -21.51 -39.12
C LYS UA 339 68.89 -22.66 -40.13
N GLU UA 340 69.66 -22.53 -41.21
CA GLU UA 340 69.80 -23.64 -42.15
C GLU UA 340 70.28 -24.90 -41.45
N LEU UA 341 71.35 -24.77 -40.65
CA LEU UA 341 71.93 -25.92 -39.98
C LEU UA 341 70.93 -26.54 -39.01
N ASP UA 342 70.20 -25.70 -38.28
CA ASP UA 342 69.16 -26.20 -37.39
C ASP UA 342 68.13 -27.01 -38.18
N ALA UA 343 67.72 -26.52 -39.34
CA ALA UA 343 66.75 -27.24 -40.15
C ALA UA 343 67.31 -28.57 -40.64
N LEU UA 344 68.62 -28.69 -40.78
CA LEU UA 344 69.23 -29.91 -41.29
C LEU UA 344 69.56 -30.91 -40.20
N GLY UA 345 69.26 -30.60 -38.94
CA GLY UA 345 69.44 -31.55 -37.86
C GLY UA 345 70.73 -31.41 -37.08
N PHE UA 346 71.26 -30.19 -36.95
CA PHE UA 346 72.52 -29.96 -36.27
C PHE UA 346 72.35 -28.87 -35.22
N ILE UA 347 73.22 -28.90 -34.22
CA ILE UA 347 73.31 -27.86 -33.21
C ILE UA 347 74.62 -27.11 -33.45
N ALA UA 348 74.52 -25.87 -33.88
CA ALA UA 348 75.70 -25.09 -34.25
C ALA UA 348 76.13 -24.17 -33.12
N LEU UA 349 77.44 -24.06 -32.94
CA LEU UA 349 78.03 -23.12 -31.99
C LEU UA 349 78.44 -21.85 -32.74
N CYS UA 350 77.88 -20.71 -32.33
CA CYS UA 350 77.99 -19.47 -33.08
C CYS UA 350 78.81 -18.46 -32.29
N HIS UA 351 79.96 -18.07 -32.84
CA HIS UA 351 80.84 -17.10 -32.18
C HIS UA 351 80.22 -15.71 -32.22
N LYS UA 352 80.18 -15.04 -31.08
CA LYS UA 352 79.82 -13.63 -31.05
C LYS UA 352 81.01 -12.81 -31.53
N LYS UA 353 80.82 -12.05 -32.60
CA LYS UA 353 81.91 -11.30 -33.21
C LYS UA 353 82.54 -10.35 -32.20
N ASN UA 354 83.88 -10.27 -32.23
CA ASN UA 354 84.65 -9.36 -31.38
C ASN UA 354 84.44 -9.66 -29.89
N SER UA 355 84.45 -10.95 -29.55
CA SER UA 355 84.23 -11.38 -28.18
C SER UA 355 84.91 -12.72 -27.97
N ASP UA 356 84.96 -13.15 -26.71
CA ASP UA 356 85.45 -14.47 -26.32
C ASP UA 356 84.31 -15.42 -25.98
N LEU UA 357 83.21 -15.32 -26.71
CA LEU UA 357 81.96 -15.98 -26.36
C LEU UA 357 81.34 -16.60 -27.62
N ALA UA 358 80.72 -17.75 -27.44
CA ALA UA 358 79.93 -18.40 -28.48
C ALA UA 358 78.68 -18.98 -27.85
N VAL UA 359 77.63 -19.14 -28.66
CA VAL UA 359 76.31 -19.52 -28.15
C VAL UA 359 75.76 -20.65 -29.01
N PHE UA 360 75.18 -21.66 -28.34
CA PHE UA 360 74.30 -22.63 -28.98
C PHE UA 360 72.92 -22.00 -29.08
N PHE UA 361 72.55 -21.48 -30.25
CA PHE UA 361 71.22 -20.91 -30.40
C PHE UA 361 70.16 -22.00 -30.53
N GLY UA 362 70.44 -23.04 -31.31
CA GLY UA 362 69.50 -24.12 -31.50
C GLY UA 362 69.79 -25.31 -30.60
N SER UA 363 68.80 -26.18 -30.47
CA SER UA 363 68.95 -27.42 -29.71
C SER UA 363 68.19 -28.54 -30.40
N GLN UA 364 68.36 -28.64 -31.73
CA GLN UA 364 67.63 -29.60 -32.54
C GLN UA 364 68.40 -30.93 -32.60
N THR UA 365 67.69 -32.04 -32.39
CA THR UA 365 68.29 -33.35 -32.57
C THR UA 365 68.43 -33.65 -34.06
N THR UA 366 68.98 -34.82 -34.40
CA THR UA 366 69.06 -35.20 -35.80
C THR UA 366 67.73 -35.64 -36.39
N ASN UA 367 66.71 -35.82 -35.56
CA ASN UA 367 65.43 -36.31 -36.05
C ASN UA 367 64.76 -35.27 -36.93
N ARG UA 368 64.24 -35.71 -38.08
CA ARG UA 368 63.43 -34.84 -38.92
C ARG UA 368 61.97 -35.08 -38.61
N PRO UA 369 61.26 -34.12 -38.03
CA PRO UA 369 59.86 -34.36 -37.67
C PRO UA 369 59.00 -34.64 -38.89
N ARG UA 370 58.05 -35.55 -38.72
CA ARG UA 370 57.06 -35.79 -39.77
C ARG UA 370 56.06 -34.65 -39.82
N VAL UA 371 55.49 -34.44 -41.00
CA VAL UA 371 54.54 -33.36 -41.25
C VAL UA 371 53.15 -33.96 -41.40
N TYR UA 372 52.19 -33.40 -40.69
CA TYR UA 372 50.84 -33.94 -40.61
C TYR UA 372 49.83 -32.88 -41.05
N ASN UA 373 48.56 -33.28 -41.07
CA ASN UA 373 47.48 -32.41 -41.49
C ASN UA 373 46.79 -31.71 -40.32
N THR UA 374 47.28 -31.87 -39.10
CA THR UA 374 46.72 -31.17 -37.95
C THR UA 374 47.80 -30.39 -37.22
N ASN UA 375 47.41 -29.23 -36.69
CA ASN UA 375 48.36 -28.40 -35.95
C ASN UA 375 48.91 -29.14 -34.74
N GLU UA 376 48.06 -29.87 -34.02
CA GLU UA 376 48.50 -30.58 -32.82
C GLU UA 376 49.57 -31.61 -33.14
N ALA UA 377 49.36 -32.40 -34.18
CA ALA UA 377 50.34 -33.42 -34.54
C ALA UA 377 51.65 -32.79 -34.99
N ASN UA 378 51.58 -31.72 -35.78
CA ASN UA 378 52.80 -31.05 -36.21
C ASN UA 378 53.57 -30.48 -35.03
N ALA UA 379 52.87 -29.80 -34.12
CA ALA UA 379 53.52 -29.26 -32.94
C ALA UA 379 54.17 -30.37 -32.12
N ASN UA 380 53.46 -31.48 -31.90
CA ASN UA 380 54.01 -32.57 -31.10
C ASN UA 380 55.22 -33.20 -31.78
N ALA UA 381 55.16 -33.38 -33.10
CA ALA UA 381 56.30 -33.94 -33.82
C ALA UA 381 57.51 -33.03 -33.71
N ARG UA 382 57.30 -31.72 -33.82
CA ARG UA 382 58.43 -30.78 -33.80
C ARG UA 382 59.13 -30.79 -32.44
N ILE UA 383 58.35 -30.71 -31.35
CA ILE UA 383 58.96 -30.66 -30.03
C ILE UA 383 59.56 -32.00 -29.61
N SER UA 384 59.08 -33.09 -30.21
CA SER UA 384 59.66 -34.41 -29.96
C SER UA 384 61.04 -34.56 -30.60
N ALA UA 385 61.48 -33.57 -31.38
CA ALA UA 385 62.80 -33.58 -32.00
C ALA UA 385 63.73 -32.55 -31.39
N MET UA 386 63.38 -31.97 -30.24
CA MET UA 386 64.19 -30.95 -29.60
C MET UA 386 64.92 -31.53 -28.40
N LEU UA 387 66.24 -31.34 -28.36
CA LEU UA 387 67.07 -31.91 -27.30
C LEU UA 387 66.61 -31.56 -25.89
N PRO UA 388 66.29 -30.31 -25.55
CA PRO UA 388 65.87 -30.03 -24.17
C PRO UA 388 64.65 -30.84 -23.74
N TYR UA 389 63.62 -30.88 -24.60
CA TYR UA 389 62.39 -31.58 -24.24
C TYR UA 389 62.61 -33.08 -24.21
N VAL UA 390 63.41 -33.61 -25.14
CA VAL UA 390 63.72 -35.03 -25.13
C VAL UA 390 64.48 -35.41 -23.86
N LEU UA 391 65.40 -34.56 -23.42
CA LEU UA 391 66.10 -34.80 -22.17
C LEU UA 391 65.13 -34.84 -20.99
N ALA UA 392 64.20 -33.89 -20.93
CA ALA UA 392 63.22 -33.89 -19.85
C ALA UA 392 62.35 -35.15 -19.87
N ALA UA 393 61.88 -35.54 -21.06
CA ALA UA 393 61.06 -36.74 -21.17
C ALA UA 393 61.84 -37.98 -20.74
N SER UA 394 63.12 -38.04 -21.11
CA SER UA 394 63.96 -39.16 -20.70
C SER UA 394 64.15 -39.21 -19.19
N ARG UA 395 64.34 -38.05 -18.55
CA ARG UA 395 64.43 -38.02 -17.11
C ARG UA 395 63.16 -38.57 -16.48
N PHE UA 396 62.00 -38.17 -17.02
CA PHE UA 396 60.77 -38.71 -16.47
C PHE UA 396 60.65 -40.21 -16.70
N ALA UA 397 61.17 -40.72 -17.82
CA ALA UA 397 61.21 -42.17 -18.01
C ALA UA 397 62.03 -42.85 -16.92
N HIS UA 398 63.17 -42.28 -16.58
CA HIS UA 398 64.01 -42.88 -15.54
C HIS UA 398 63.30 -42.88 -14.19
N TYR UA 399 62.68 -41.75 -13.86
CA TYR UA 399 61.95 -41.66 -12.58
C TYR UA 399 60.80 -42.64 -12.53
N LEU UA 400 60.06 -42.75 -13.64
CA LEU UA 400 58.93 -43.68 -13.68
C LEU UA 400 59.40 -45.11 -13.50
N LYS UA 401 60.47 -45.50 -14.20
CA LYS UA 401 61.04 -46.83 -14.02
C LYS UA 401 61.34 -47.09 -12.55
N VAL UA 402 62.05 -46.17 -11.88
CA VAL UA 402 62.49 -46.43 -10.51
C VAL UA 402 61.30 -46.50 -9.56
N ILE UA 403 60.39 -45.52 -9.61
CA ILE UA 403 59.32 -45.48 -8.63
C ILE UA 403 58.33 -46.62 -8.85
N MET UA 404 58.00 -46.92 -10.11
CA MET UA 404 57.07 -48.01 -10.35
C MET UA 404 57.69 -49.36 -10.04
N ARG UA 405 58.99 -49.54 -10.26
CA ARG UA 405 59.65 -50.74 -9.78
C ARG UA 405 59.51 -50.87 -8.27
N ASP UA 406 59.60 -49.75 -7.55
CA ASP UA 406 59.35 -49.79 -6.11
C ASP UA 406 57.91 -50.17 -5.79
N LYS UA 407 56.97 -49.91 -6.69
CA LYS UA 407 55.57 -50.21 -6.40
C LYS UA 407 55.13 -51.61 -6.83
N VAL UA 408 55.96 -52.36 -7.56
CA VAL UA 408 55.59 -53.73 -7.94
C VAL UA 408 55.38 -54.57 -6.69
N GLY UA 409 54.26 -55.28 -6.64
CA GLY UA 409 53.92 -56.15 -5.54
C GLY UA 409 53.01 -55.55 -4.49
N SER UA 410 52.90 -54.22 -4.45
CA SER UA 410 51.95 -53.58 -3.55
C SER UA 410 50.52 -53.73 -4.08
N PHE UA 411 49.56 -53.65 -3.16
CA PHE UA 411 48.13 -53.73 -3.51
C PHE UA 411 47.72 -52.43 -4.19
N MET UA 412 47.54 -52.47 -5.51
CA MET UA 412 47.18 -51.27 -6.27
C MET UA 412 46.14 -51.60 -7.33
N THR UA 413 45.08 -50.79 -7.36
CA THR UA 413 44.13 -50.81 -8.46
C THR UA 413 44.62 -49.88 -9.57
N ARG UA 414 43.89 -49.87 -10.69
CA ARG UA 414 44.18 -48.90 -11.74
C ARG UA 414 44.08 -47.48 -11.22
N ASP UA 415 43.05 -47.19 -10.43
CA ASP UA 415 42.88 -45.85 -9.87
C ASP UA 415 43.99 -45.51 -8.88
N ASN UA 416 44.46 -46.49 -8.11
CA ASN UA 416 45.58 -46.22 -7.20
C ASN UA 416 46.81 -45.79 -7.98
N VAL UA 417 47.11 -46.51 -9.07
CA VAL UA 417 48.28 -46.18 -9.88
C VAL UA 417 48.13 -44.79 -10.47
N GLN UA 418 46.95 -44.48 -11.02
CA GLN UA 418 46.74 -43.18 -11.63
C GLN UA 418 46.89 -42.06 -10.61
N THR UA 419 46.28 -42.22 -9.44
CA THR UA 419 46.36 -41.19 -8.40
C THR UA 419 47.81 -41.00 -7.96
N TYR UA 420 48.52 -42.09 -7.73
CA TYR UA 420 49.91 -41.99 -7.29
C TYR UA 420 50.76 -41.26 -8.32
N LEU UA 421 50.63 -41.63 -9.60
CA LEU UA 421 51.49 -41.03 -10.62
C LEU UA 421 51.15 -39.56 -10.85
N ASN UA 422 49.86 -39.21 -10.83
CA ASN UA 422 49.50 -37.80 -11.00
C ASN UA 422 49.93 -36.97 -9.80
N ASN UA 423 49.83 -37.53 -8.59
CA ASN UA 423 50.29 -36.84 -7.40
C ASN UA 423 51.80 -36.64 -7.45
N TRP UA 424 52.54 -37.65 -7.90
CA TRP UA 424 53.99 -37.57 -7.93
C TRP UA 424 54.49 -36.51 -8.91
N ILE UA 425 53.89 -36.47 -10.11
CA ILE UA 425 54.38 -35.57 -11.15
C ILE UA 425 53.98 -34.12 -10.91
N ALA UA 426 52.99 -33.87 -10.03
CA ALA UA 426 52.48 -32.52 -9.85
C ALA UA 426 53.56 -31.57 -9.33
N ASP UA 427 54.55 -32.08 -8.63
CA ASP UA 427 55.59 -31.24 -8.04
C ASP UA 427 56.53 -30.62 -9.08
N TYR UA 428 56.50 -31.09 -10.31
CA TYR UA 428 57.37 -30.59 -11.36
C TYR UA 428 56.66 -29.62 -12.30
N VAL UA 429 55.45 -29.21 -11.97
CA VAL UA 429 54.61 -28.39 -12.84
C VAL UA 429 54.61 -26.96 -12.32
N LEU UA 430 54.86 -26.02 -13.22
CA LEU UA 430 54.78 -24.59 -12.92
C LEU UA 430 53.83 -23.96 -13.93
N ILE UA 431 52.72 -23.40 -13.44
CA ILE UA 431 51.71 -22.85 -14.34
C ILE UA 431 51.86 -21.34 -14.56
N ASN UA 432 52.78 -20.69 -13.86
CA ASN UA 432 52.95 -19.24 -14.00
C ASN UA 432 53.85 -18.95 -15.19
N ASP UA 433 53.26 -18.54 -16.30
CA ASP UA 433 54.02 -18.22 -17.50
C ASP UA 433 54.71 -16.87 -17.43
N ASN UA 434 54.44 -16.09 -16.38
CA ASN UA 434 55.13 -14.82 -16.16
C ASN UA 434 56.35 -14.97 -15.24
N ALA UA 435 56.65 -16.17 -14.78
CA ALA UA 435 57.83 -16.37 -13.97
C ALA UA 435 59.09 -16.07 -14.79
N PRO UA 436 60.14 -15.59 -14.14
CA PRO UA 436 61.38 -15.28 -14.87
C PRO UA 436 62.03 -16.55 -15.42
N GLN UA 437 63.05 -16.32 -16.25
CA GLN UA 437 63.75 -17.42 -16.91
C GLN UA 437 64.34 -18.40 -15.90
N GLU UA 438 64.95 -17.88 -14.83
CA GLU UA 438 65.62 -18.74 -13.85
C GLU UA 438 64.62 -19.62 -13.10
N ILE UA 439 63.38 -19.16 -12.95
CA ILE UA 439 62.37 -19.98 -12.30
C ILE UA 439 61.85 -21.04 -13.25
N LYS UA 440 61.49 -20.65 -14.48
CA LYS UA 440 61.00 -21.61 -15.45
C LYS UA 440 62.02 -22.72 -15.71
N ALA UA 441 63.32 -22.39 -15.62
CA ALA UA 441 64.35 -23.39 -15.81
C ALA UA 441 64.27 -24.51 -14.78
N GLN UA 442 63.73 -24.22 -13.59
CA GLN UA 442 63.66 -25.21 -12.52
C GLN UA 442 62.46 -26.15 -12.63
N TYR UA 443 61.52 -25.87 -13.50
CA TYR UA 443 60.31 -26.70 -13.62
C TYR UA 443 60.16 -27.18 -15.06
N PRO UA 444 60.32 -28.48 -15.32
CA PRO UA 444 60.26 -28.95 -16.71
C PRO UA 444 58.88 -28.89 -17.34
N LEU UA 445 57.81 -28.75 -16.56
CA LEU UA 445 56.46 -28.92 -17.07
C LEU UA 445 55.62 -27.67 -16.86
N ARG UA 446 54.81 -27.36 -17.86
CA ARG UA 446 53.72 -26.39 -17.74
C ARG UA 446 52.40 -27.08 -17.43
N GLU UA 447 52.21 -28.30 -17.95
CA GLU UA 447 51.09 -29.15 -17.60
C GLU UA 447 51.52 -30.62 -17.72
N ALA UA 448 50.81 -31.49 -17.02
CA ALA UA 448 51.04 -32.92 -17.14
C ALA UA 448 49.79 -33.67 -16.73
N ARG UA 449 49.63 -34.87 -17.27
CA ARG UA 449 48.53 -35.75 -16.88
C ARG UA 449 48.92 -37.18 -17.20
N VAL UA 450 48.58 -38.09 -16.28
CA VAL UA 450 48.80 -39.51 -16.47
C VAL UA 450 47.45 -40.20 -16.53
N ASP UA 451 47.23 -40.98 -17.59
CA ASP UA 451 46.03 -41.78 -17.76
C ASP UA 451 46.42 -43.26 -17.67
N VAL UA 452 45.71 -44.00 -16.83
CA VAL UA 452 46.03 -45.41 -16.59
C VAL UA 452 44.81 -46.25 -16.93
N SER UA 453 45.05 -47.37 -17.60
CA SER UA 453 43.98 -48.28 -18.00
C SER UA 453 44.35 -49.72 -17.62
N GLU UA 454 43.32 -50.54 -17.42
CA GLU UA 454 43.51 -51.95 -17.11
C GLU UA 454 43.73 -52.75 -18.39
N VAL UA 455 44.39 -53.89 -18.24
CA VAL UA 455 44.54 -54.85 -19.32
C VAL UA 455 43.59 -56.01 -19.04
N VAL UA 456 42.65 -56.24 -19.96
CA VAL UA 456 41.60 -57.22 -19.72
C VAL UA 456 42.22 -58.60 -19.53
N GLY UA 457 41.69 -59.34 -18.55
CA GLY UA 457 42.13 -60.69 -18.30
C GLY UA 457 43.42 -60.82 -17.53
N LYS UA 458 44.03 -59.72 -17.09
CA LYS UA 458 45.33 -59.75 -16.41
C LYS UA 458 45.27 -58.87 -15.17
N PRO UA 459 44.84 -59.43 -14.03
CA PRO UA 459 44.80 -58.63 -12.80
C PRO UA 459 46.18 -58.08 -12.46
N GLY UA 460 46.21 -56.82 -12.04
CA GLY UA 460 47.44 -56.16 -11.66
C GLY UA 460 48.34 -55.75 -12.81
N VAL UA 461 47.87 -55.82 -14.04
CA VAL UA 461 48.63 -55.39 -15.22
C VAL UA 461 47.96 -54.15 -15.79
N TYR UA 462 48.74 -53.09 -16.00
CA TYR UA 462 48.21 -51.80 -16.39
C TYR UA 462 49.02 -51.17 -17.52
N ARG UA 463 48.38 -50.26 -18.23
CA ARG UA 463 49.01 -49.43 -19.25
C ARG UA 463 48.75 -47.97 -18.91
N ALA UA 464 49.76 -47.13 -19.12
CA ALA UA 464 49.64 -45.72 -18.83
C ALA UA 464 50.14 -44.88 -20.00
N THR UA 465 49.59 -43.68 -20.12
CA THR UA 465 50.10 -42.66 -21.02
C THR UA 465 50.43 -41.43 -20.20
N VAL UA 466 51.64 -40.92 -20.38
CA VAL UA 466 52.13 -39.77 -19.62
C VAL UA 466 52.25 -38.61 -20.60
N PHE UA 467 51.37 -37.63 -20.46
CA PHE UA 467 51.40 -36.43 -21.30
C PHE UA 467 52.20 -35.35 -20.59
N LEU UA 468 53.24 -34.85 -21.24
CA LEU UA 468 54.12 -33.83 -20.69
C LEU UA 468 54.05 -32.59 -21.58
N ARG UA 469 53.64 -31.47 -21.01
CA ARG UA 469 53.64 -30.21 -21.75
C ARG UA 469 54.72 -29.30 -21.18
N PRO UA 470 55.86 -29.16 -21.86
CA PRO UA 470 56.96 -28.37 -21.31
C PRO UA 470 56.69 -26.88 -21.46
N HIS UA 471 57.58 -26.09 -20.85
CA HIS UA 471 57.65 -24.67 -21.13
C HIS UA 471 58.44 -24.50 -22.43
N PHE UA 472 57.87 -23.80 -23.40
CA PHE UA 472 58.46 -23.73 -24.72
C PHE UA 472 59.43 -22.56 -24.84
N GLN UA 473 60.49 -22.76 -25.60
CA GLN UA 473 61.53 -21.77 -25.79
C GLN UA 473 61.37 -21.08 -27.13
N LEU UA 474 61.70 -19.79 -27.16
CA LEU UA 474 61.56 -18.99 -28.37
C LEU UA 474 62.43 -19.56 -29.49
N GLU UA 475 61.82 -19.76 -30.66
CA GLU UA 475 62.51 -20.31 -31.82
C GLU UA 475 62.68 -19.30 -32.94
N GLU UA 476 61.61 -18.59 -33.31
CA GLU UA 476 61.62 -17.70 -34.46
C GLU UA 476 60.69 -16.52 -34.18
N LEU UA 477 60.99 -15.39 -34.82
CA LEU UA 477 60.11 -14.23 -34.77
C LEU UA 477 60.16 -13.53 -36.11
N THR UA 478 59.00 -13.38 -36.75
CA THR UA 478 58.87 -12.60 -37.98
C THR UA 478 58.14 -11.31 -37.63
N ALA UA 479 58.78 -10.18 -37.90
CA ALA UA 479 58.26 -8.88 -37.51
C ALA UA 479 58.09 -7.96 -38.71
N SER UA 480 57.02 -7.19 -38.68
CA SER UA 480 56.74 -6.17 -39.69
C SER UA 480 56.69 -4.81 -38.99
N ILE UA 481 57.57 -3.90 -39.41
CA ILE UA 481 57.61 -2.55 -38.86
C ILE UA 481 56.84 -1.63 -39.79
N ARG UA 482 55.98 -0.79 -39.22
CA ARG UA 482 55.08 0.05 -40.01
C ARG UA 482 54.97 1.44 -39.39
N LEU UA 483 55.43 2.45 -40.11
CA LEU UA 483 55.19 3.83 -39.70
C LEU UA 483 53.73 4.18 -39.95
N VAL UA 484 53.09 4.78 -38.95
CA VAL UA 484 51.67 5.14 -39.06
C VAL UA 484 51.45 6.54 -38.49
N ALA UA 485 50.51 7.26 -39.11
CA ALA UA 485 50.08 8.53 -38.54
C ALA UA 485 49.14 8.33 -37.36
N THR UA 486 48.36 7.25 -37.36
CA THR UA 486 47.52 6.88 -36.23
C THR UA 486 47.66 5.38 -35.98
N LEU UA 487 47.65 4.99 -34.71
CA LEU UA 487 47.74 3.58 -34.36
C LEU UA 487 46.44 2.87 -34.73
N PRO UA 488 46.47 1.86 -35.58
CA PRO UA 488 45.26 1.08 -35.85
C PRO UA 488 44.91 0.21 -34.66
N PRO UA 489 43.66 -0.21 -34.51
CA PRO UA 489 43.32 -1.17 -33.47
C PRO UA 489 44.00 -2.51 -33.73
N PRO UA 490 44.31 -3.27 -32.68
CA PRO UA 490 45.00 -4.56 -32.84
C PRO UA 490 44.16 -5.60 -33.57
N GLU VA 3 61.00 -51.88 10.90
CA GLU VA 3 60.06 -51.58 11.98
C GLU VA 3 60.79 -51.14 13.25
N SER VA 4 60.32 -50.06 13.85
CA SER VA 4 60.88 -49.61 15.12
C SER VA 4 60.62 -50.64 16.21
N THR VA 5 61.59 -50.78 17.12
CA THR VA 5 61.41 -51.67 18.27
C THR VA 5 60.25 -51.23 19.13
N GLN VA 6 59.89 -49.95 19.10
CA GLN VA 6 58.70 -49.48 19.82
C GLN VA 6 57.46 -50.18 19.30
N HIS VA 7 57.34 -50.33 17.99
CA HIS VA 7 56.17 -50.98 17.41
C HIS VA 7 56.19 -52.49 17.57
N LYS VA 8 57.38 -53.09 17.76
CA LYS VA 8 57.42 -54.50 18.11
C LYS VA 8 56.74 -54.75 19.45
N LEU VA 9 56.94 -53.84 20.40
CA LEU VA 9 56.29 -53.95 21.70
C LEU VA 9 54.79 -53.76 21.63
N ASP VA 10 54.24 -53.26 20.51
CA ASP VA 10 52.80 -53.30 20.32
C ASP VA 10 52.27 -54.73 20.35
N ARG VA 11 53.06 -55.68 19.89
CA ARG VA 11 52.61 -57.06 19.68
C ARG VA 11 53.17 -58.05 20.70
N ILE VA 12 54.40 -57.89 21.14
CA ILE VA 12 55.08 -58.88 21.95
C ILE VA 12 54.95 -58.47 23.41
N ARG VA 13 54.06 -59.13 24.14
CA ARG VA 13 53.80 -58.87 25.55
C ARG VA 13 53.68 -57.37 25.85
N PRO VA 14 52.71 -56.69 25.25
CA PRO VA 14 52.67 -55.23 25.39
C PRO VA 14 52.25 -54.83 26.79
N PRO VA 15 52.70 -53.67 27.27
CA PRO VA 15 52.21 -53.14 28.53
C PRO VA 15 50.82 -52.53 28.35
N ARG VA 16 50.19 -52.20 29.48
CA ARG VA 16 48.91 -51.50 29.42
C ARG VA 16 49.06 -50.13 28.76
N VAL VA 17 50.12 -49.40 29.10
CA VAL VA 17 50.37 -48.07 28.56
C VAL VA 17 51.54 -48.22 27.59
N GLN VA 18 51.24 -48.24 26.30
CA GLN VA 18 52.23 -48.49 25.25
C GLN VA 18 52.42 -47.22 24.44
N ILE VA 19 53.65 -46.72 24.39
CA ILE VA 19 53.96 -45.41 23.81
C ILE VA 19 55.00 -45.58 22.72
N THR VA 20 54.75 -44.96 21.56
CA THR VA 20 55.68 -44.96 20.45
C THR VA 20 55.89 -43.55 19.95
N TYR VA 21 57.01 -43.32 19.27
CA TYR VA 21 57.23 -42.08 18.55
C TYR VA 21 56.99 -42.32 17.07
N ASP VA 22 56.35 -41.36 16.40
CA ASP VA 22 56.08 -41.48 14.98
C ASP VA 22 56.24 -40.12 14.30
N VAL VA 23 56.65 -40.15 13.04
CA VAL VA 23 56.71 -38.95 12.21
C VAL VA 23 55.33 -38.73 11.60
N GLU VA 24 54.77 -37.54 11.82
CA GLU VA 24 53.47 -37.20 11.25
C GLU VA 24 53.68 -36.80 9.79
N THR VA 25 53.30 -37.68 8.87
CA THR VA 25 53.48 -37.42 7.45
C THR VA 25 52.16 -37.24 6.69
N GLY VA 26 51.01 -37.47 7.33
CA GLY VA 26 49.74 -37.30 6.66
C GLY VA 26 49.64 -38.21 5.44
N ASN VA 27 49.22 -37.63 4.32
CA ASN VA 27 49.09 -38.36 3.07
C ASN VA 27 50.27 -38.15 2.14
N ALA VA 28 51.39 -37.65 2.65
CA ALA VA 28 52.55 -37.38 1.82
C ALA VA 28 53.16 -38.66 1.28
N ILE VA 29 53.77 -38.55 0.10
CA ILE VA 29 54.52 -39.65 -0.51
C ILE VA 29 55.99 -39.29 -0.53
N GLU VA 30 56.84 -40.31 -0.40
CA GLU VA 30 58.28 -40.09 -0.45
C GLU VA 30 58.71 -39.71 -1.85
N LYS VA 31 59.69 -38.82 -1.93
CA LYS VA 31 60.21 -38.32 -3.21
C LYS VA 31 61.69 -38.70 -3.31
N LYS VA 32 61.95 -39.89 -3.82
CA LYS VA 32 63.33 -40.29 -4.08
C LYS VA 32 63.88 -39.52 -5.28
N GLU VA 33 65.12 -39.06 -5.15
CA GLU VA 33 65.77 -38.27 -6.18
C GLU VA 33 66.80 -39.11 -6.91
N LEU VA 34 66.89 -38.91 -8.21
CA LEU VA 34 67.92 -39.58 -8.99
C LEU VA 34 69.03 -38.59 -9.34
N PRO VA 35 70.29 -39.00 -9.25
CA PRO VA 35 71.37 -38.13 -9.73
C PRO VA 35 71.35 -38.04 -11.24
N LEU VA 36 71.93 -36.95 -11.75
CA LEU VA 36 72.24 -36.87 -13.17
C LEU VA 36 73.51 -37.67 -13.42
N VAL VA 37 73.42 -38.63 -14.34
CA VAL VA 37 74.56 -39.47 -14.69
C VAL VA 37 74.88 -39.25 -16.16
N VAL VA 38 76.09 -38.77 -16.43
CA VAL VA 38 76.55 -38.54 -17.79
C VAL VA 38 77.50 -39.68 -18.15
N GLY VA 39 77.15 -40.44 -19.18
CA GLY VA 39 78.05 -41.45 -19.70
C GLY VA 39 78.94 -40.89 -20.79
N ILE VA 40 80.24 -40.99 -20.62
CA ILE VA 40 81.22 -40.43 -21.55
C ILE VA 40 81.88 -41.58 -22.30
N LEU VA 41 81.89 -41.49 -23.63
CA LEU VA 41 82.53 -42.48 -24.49
C LEU VA 41 83.62 -41.77 -25.27
N ALA VA 42 84.88 -42.12 -25.00
CA ALA VA 42 86.00 -41.43 -25.62
C ALA VA 42 87.15 -42.39 -25.85
N ASP VA 43 87.90 -42.15 -26.93
CA ASP VA 43 89.06 -42.94 -27.29
C ASP VA 43 90.28 -42.29 -26.63
N LEU VA 44 90.56 -42.70 -25.41
CA LEU VA 44 91.60 -42.04 -24.62
C LEU VA 44 92.89 -42.84 -24.58
N MET VA 56 83.40 -56.00 -23.43
CA MET VA 56 82.63 -56.61 -22.36
C MET VA 56 83.34 -56.45 -21.03
N GLU VA 57 84.67 -56.45 -21.09
CA GLU VA 57 85.50 -56.44 -19.89
C GLU VA 57 85.67 -55.05 -19.29
N ARG VA 58 85.54 -54.00 -20.08
CA ARG VA 58 85.72 -52.64 -19.59
C ARG VA 58 84.48 -52.19 -18.83
N ARG VA 59 84.53 -50.99 -18.27
CA ARG VA 59 83.42 -50.49 -17.47
C ARG VA 59 83.42 -48.98 -17.50
N PHE VA 60 82.28 -48.41 -17.11
CA PHE VA 60 82.13 -46.97 -16.96
C PHE VA 60 82.70 -46.59 -15.60
N VAL VA 61 83.90 -46.02 -15.59
CA VAL VA 61 84.57 -45.66 -14.35
C VAL VA 61 84.19 -44.24 -13.96
N GLU VA 62 83.77 -44.05 -12.72
CA GLU VA 62 83.37 -42.73 -12.25
C GLU VA 62 84.58 -41.81 -12.21
N ILE VA 63 84.42 -40.59 -12.73
CA ILE VA 63 85.52 -39.66 -12.85
C ILE VA 63 85.08 -38.30 -12.31
N ASN VA 64 85.99 -37.63 -11.60
CA ASN VA 64 85.69 -36.35 -10.98
C ASN VA 64 86.99 -35.58 -10.83
N ARG VA 65 86.89 -34.36 -10.31
CA ARG VA 65 88.07 -33.52 -10.16
C ARG VA 65 89.10 -34.14 -9.22
N ASP VA 66 88.67 -34.98 -8.28
CA ASP VA 66 89.60 -35.55 -7.31
C ASP VA 66 90.46 -36.66 -7.92
N ASN VA 67 89.84 -37.60 -8.62
CA ASN VA 67 90.53 -38.78 -9.10
C ASN VA 67 90.94 -38.69 -10.56
N PHE VA 68 90.85 -37.50 -11.17
CA PHE VA 68 91.09 -37.38 -12.61
C PHE VA 68 92.47 -37.89 -12.98
N ASN VA 69 93.50 -37.48 -12.23
CA ASN VA 69 94.86 -37.91 -12.55
C ASN VA 69 95.03 -39.41 -12.38
N ASP VA 70 94.37 -39.99 -11.38
CA ASP VA 70 94.45 -41.44 -11.20
C ASP VA 70 93.85 -42.18 -12.39
N VAL VA 71 92.72 -41.68 -12.92
CA VAL VA 71 92.13 -42.31 -14.09
C VAL VA 71 93.01 -42.12 -15.32
N LEU VA 72 93.63 -40.94 -15.46
CA LEU VA 72 94.58 -40.73 -16.54
C LEU VA 72 95.73 -41.72 -16.45
N ALA VA 73 96.26 -41.93 -15.23
CA ALA VA 73 97.36 -42.85 -15.05
C ALA VA 73 96.95 -44.29 -15.37
N SER VA 74 95.76 -44.70 -14.92
CA SER VA 74 95.30 -46.06 -15.15
C SER VA 74 95.03 -46.30 -16.63
N ILE VA 75 94.56 -45.28 -17.36
CA ILE VA 75 94.46 -45.39 -18.80
C ILE VA 75 95.86 -45.40 -19.42
N ALA VA 76 96.75 -44.54 -18.92
CA ALA VA 76 98.14 -44.45 -19.33
C ALA VA 76 98.27 -44.21 -20.83
N PRO VA 77 97.84 -43.04 -21.33
CA PRO VA 77 97.96 -42.77 -22.77
C PRO VA 77 99.41 -42.60 -23.21
#